data_5TCR
#
_entry.id   5TCR
#
_cell.length_a   1
_cell.length_b   1
_cell.length_c   1
_cell.angle_alpha   90
_cell.angle_beta   90
_cell.angle_gamma   90
#
_symmetry.space_group_name_H-M   'P 1'
#
loop_
_entity.id
_entity.type
_entity.pdbx_description
1 polymer 'Protein InvG'
2 polymer 'Lipoprotein PrgK'
3 polymer 'Protein PrgH'
#
loop_
_entity_poly.entity_id
_entity_poly.type
_entity_poly.pdbx_seq_one_letter_code
_entity_poly.pdbx_strand_id
1 'polypeptide(L)'
;MKTHILLARVLACAALVLVTPGYSSEKIPVTGSGFVAKDDSLRTFFDAMALQLKEPVIVSKMAARKKITGNFEFHDPNAL
LEKLSLQLGLIWYFDGQAIYIYDASEMRNAVVSLRNVSLNEFNNFLKRSGLYNKNYPLRGDNRKGTFYVSGPPVYVDMVV
NAATMMDKQNDGIELGRQKIGVMRLNNTFVGDRTYNLRDQKMVIPGIATAIERLLQGEEQPLGNIVSSEPPAMPAFSANG
EKGKAANYAGGMSLQEALKQNAAAGNIKIVAYPDTNSLLVKGTAEQVHFIEMLVKALDVAKRHVELSLWIVDLNKSDLER
LGTSWSGSITIGDKLGVSLNQSSISTLDGSRFIAAVNALEEKKQATVVSRPVLLTQENVPAIFDNNRTFYTKLIGERNVA
LEHVTYGTMIRVLPRFSADGQIEMSLDIEDGNDKTPQSDTTTSVDALPEVGRTLISTIARVPHGKSLLVGGYTRDANTDT
VQSIPFLGKLPLIGSLFRYSSKNKSNVVRVFMIEPKEIVDPLTPDASESVNNILKQSGAWSGDDKLQKWVRVYLDRGQEA
IK
;
A,B,C,D,E,F,G,H,I,J,K,L,M,N,O
2 'polypeptide(L)'
;CKDKDLLKGLDQEQANEVIAVLQMHNIEANKIDSGKLGYSITVAEPDFTAAVYWIKTYQLPPRPRVEIAQMFPADSLVSS
PRAEKARLYSAIEQRLEQSLQTMEGVLSARVHISYDIDAGENGRPPKPVHLSALAVYERGSPLAHQISDIKRFLKNSFAD
VDYDNISVVLSERSDAQLQAPGTPVKRNSFATSWIVLIILLSVMSAGFGVWYYKNHYARNKKGITADDKAKSSNE
;
P,R,T,V,X,a,c,e,g,i,k,m,o,q,s,u,w,y,z,1,3,5,7,9
3 'polypeptide(L)'
;SAKKNEPRFKNGIVAALAGFFILGIGTVGTLWILNSPQRQAAELDSLLGQEKERFQVLPGRDKMLYVAAQNERDTLWARQ
VLARGDYDKNARVINENEENKRISIWLDTYYPQLAYYRIHFDEPRKPVFWLSRQRNTMSKKELEVLSQKLRALMPYADSV
NITLMDDVTAAGQAEAGLKQQALPYSRRNHKGGVTFVIQGALDDVEILRARQFVDSYYRTWGGRYVQFAIELKDDWLKGR
SFQYGAEGYIKMSPGHWYFPSPL
;
Q,S,U,W,Y,Z,b,d,f,h,j,l,n,p,r,t,v,x,0,2,4,6,8,10
#
# COMPACT_ATOMS: atom_id res chain seq x y z
N GLY A 34 -50.87 -54.67 -15.10
CA GLY A 34 -50.76 -53.18 -15.19
C GLY A 34 -49.61 -52.83 -14.28
N PHE A 35 -49.83 -51.85 -13.41
CA PHE A 35 -48.79 -51.44 -12.48
C PHE A 35 -49.31 -50.90 -11.15
N VAL A 36 -48.71 -51.41 -10.06
CA VAL A 36 -49.04 -50.95 -8.72
C VAL A 36 -47.77 -50.48 -8.00
N ALA A 37 -47.81 -49.23 -7.57
CA ALA A 37 -46.70 -48.65 -6.85
C ALA A 37 -46.85 -49.03 -5.38
N LYS A 38 -45.75 -49.29 -4.67
CA LYS A 38 -45.84 -49.68 -3.26
C LYS A 38 -44.70 -48.98 -2.59
N ASP A 39 -45.04 -47.79 -2.10
CA ASP A 39 -44.07 -46.95 -1.48
C ASP A 39 -42.81 -46.69 -2.31
N ASP A 40 -42.98 -46.40 -3.60
CA ASP A 40 -41.86 -46.27 -4.47
C ASP A 40 -41.53 -44.83 -4.65
N SER A 41 -40.28 -44.52 -4.95
CA SER A 41 -39.95 -43.09 -5.17
C SER A 41 -40.54 -42.70 -6.52
N LEU A 42 -40.84 -41.40 -6.69
CA LEU A 42 -41.31 -40.85 -7.92
C LEU A 42 -40.21 -40.76 -8.88
N ARG A 43 -39.00 -40.72 -8.38
CA ARG A 43 -37.93 -40.85 -9.29
C ARG A 43 -38.10 -42.17 -10.01
N THR A 44 -38.34 -43.25 -9.29
CA THR A 44 -38.43 -44.58 -9.93
C THR A 44 -39.67 -44.61 -10.78
N PHE A 45 -40.76 -44.14 -10.19
CA PHE A 45 -42.04 -44.16 -10.84
C PHE A 45 -42.01 -43.42 -12.15
N PHE A 46 -41.46 -42.23 -12.19
CA PHE A 46 -41.50 -41.50 -13.46
C PHE A 46 -40.49 -41.97 -14.46
N ASP A 47 -39.42 -42.61 -13.98
CA ASP A 47 -38.49 -43.32 -14.83
C ASP A 47 -39.15 -44.50 -15.53
N ALA A 48 -40.06 -45.18 -14.84
CA ALA A 48 -40.87 -46.23 -15.46
C ALA A 48 -41.77 -45.62 -16.57
N MET A 49 -42.31 -44.44 -16.32
CA MET A 49 -43.05 -43.74 -17.38
C MET A 49 -42.17 -43.34 -18.53
N ALA A 50 -40.94 -42.95 -18.23
CA ALA A 50 -39.99 -42.61 -19.29
C ALA A 50 -39.61 -43.83 -20.14
N LEU A 51 -39.68 -45.03 -19.56
CA LEU A 51 -39.44 -46.25 -20.31
C LEU A 51 -40.66 -46.67 -21.08
N GLN A 52 -41.85 -46.43 -20.54
CA GLN A 52 -43.05 -46.84 -21.28
C GLN A 52 -43.46 -45.87 -22.38
N LEU A 53 -43.22 -44.58 -22.15
CA LEU A 53 -43.56 -43.58 -23.12
C LEU A 53 -42.34 -43.25 -23.95
N LYS A 54 -42.59 -43.22 -25.25
CA LYS A 54 -41.58 -42.89 -26.24
C LYS A 54 -40.89 -41.56 -25.86
N GLU A 55 -41.70 -40.53 -25.65
CA GLU A 55 -41.21 -39.22 -25.21
C GLU A 55 -40.52 -39.17 -23.86
N PRO A 56 -39.45 -38.36 -23.73
CA PRO A 56 -38.83 -38.31 -22.43
C PRO A 56 -39.83 -37.81 -21.39
N VAL A 57 -39.73 -38.33 -20.18
CA VAL A 57 -40.52 -37.81 -19.10
C VAL A 57 -39.52 -37.17 -18.18
N ILE A 58 -39.42 -35.84 -18.17
CA ILE A 58 -38.40 -35.18 -17.34
C ILE A 58 -39.09 -34.55 -16.16
N VAL A 59 -38.51 -34.79 -14.98
CA VAL A 59 -39.11 -34.39 -13.74
C VAL A 59 -38.16 -33.40 -12.98
N SER A 60 -38.73 -32.54 -12.14
CA SER A 60 -37.88 -31.70 -11.29
C SER A 60 -37.42 -32.51 -10.11
N LYS A 61 -36.51 -31.92 -9.34
CA LYS A 61 -35.99 -32.53 -8.15
C LYS A 61 -37.15 -32.85 -7.20
N MET A 62 -38.06 -31.87 -7.04
CA MET A 62 -39.21 -31.98 -6.16
C MET A 62 -40.20 -33.00 -6.64
N ALA A 63 -40.39 -33.07 -7.95
CA ALA A 63 -41.25 -34.10 -8.56
C ALA A 63 -40.73 -35.51 -8.33
N ALA A 64 -39.42 -35.69 -8.31
CA ALA A 64 -38.76 -37.00 -8.02
C ALA A 64 -38.60 -37.36 -6.55
N ARG A 65 -38.50 -36.34 -5.71
CA ARG A 65 -38.29 -36.45 -4.27
C ARG A 65 -39.40 -37.24 -3.50
N LYS A 66 -40.67 -37.03 -3.85
CA LYS A 66 -41.74 -37.66 -3.07
C LYS A 66 -41.94 -39.09 -3.58
N LYS A 67 -42.78 -39.85 -2.87
CA LYS A 67 -43.01 -41.28 -3.16
C LYS A 67 -44.43 -41.49 -3.66
N ILE A 68 -44.78 -42.73 -3.98
CA ILE A 68 -46.09 -42.96 -4.56
C ILE A 68 -46.55 -44.37 -4.26
N THR A 69 -47.83 -44.54 -3.95
CA THR A 69 -48.41 -45.85 -3.72
C THR A 69 -49.77 -45.93 -4.37
N GLY A 70 -50.05 -47.00 -5.10
CA GLY A 70 -51.35 -47.20 -5.74
C GLY A 70 -51.30 -47.79 -7.14
N ASN A 71 -52.45 -48.19 -7.65
CA ASN A 71 -52.51 -48.80 -8.97
C ASN A 71 -52.49 -47.72 -10.02
N PHE A 72 -51.34 -47.60 -10.69
CA PHE A 72 -51.06 -46.61 -11.73
C PHE A 72 -50.46 -47.19 -12.98
N GLU A 73 -51.34 -47.84 -13.73
CA GLU A 73 -50.99 -48.45 -15.01
C GLU A 73 -50.50 -47.33 -15.92
N PHE A 74 -49.52 -47.68 -16.74
CA PHE A 74 -48.90 -46.70 -17.62
C PHE A 74 -49.52 -46.74 -19.02
N HIS A 75 -50.79 -47.08 -19.12
CA HIS A 75 -51.40 -47.15 -20.45
C HIS A 75 -51.61 -45.77 -21.04
N ASP A 76 -51.66 -44.72 -20.21
CA ASP A 76 -51.83 -43.37 -20.73
C ASP A 76 -51.23 -42.42 -19.76
N PRO A 77 -49.94 -42.10 -19.96
CA PRO A 77 -49.07 -41.16 -19.20
C PRO A 77 -49.66 -39.77 -19.02
N ASN A 78 -50.31 -39.28 -20.05
CA ASN A 78 -50.90 -37.95 -19.98
C ASN A 78 -52.13 -37.87 -19.08
N ALA A 79 -53.07 -38.80 -19.25
CA ALA A 79 -54.22 -38.89 -18.40
C ALA A 79 -53.82 -39.34 -16.99
N LEU A 80 -52.76 -40.13 -16.91
CA LEU A 80 -52.22 -40.57 -15.62
C LEU A 80 -51.79 -39.35 -14.82
N LEU A 81 -51.03 -38.46 -15.45
CA LEU A 81 -50.59 -37.25 -14.79
C LEU A 81 -51.73 -36.33 -14.40
N GLU A 82 -52.83 -36.35 -15.14
CA GLU A 82 -53.98 -35.60 -14.73
C GLU A 82 -54.50 -36.27 -13.43
N LYS A 83 -54.52 -37.59 -13.39
CA LYS A 83 -54.91 -38.21 -12.13
C LYS A 83 -53.89 -37.88 -11.03
N LEU A 84 -52.62 -37.77 -11.37
CA LEU A 84 -51.62 -37.55 -10.31
C LEU A 84 -51.56 -36.11 -9.85
N SER A 85 -52.40 -35.25 -10.44
CA SER A 85 -52.51 -33.86 -9.99
C SER A 85 -53.31 -33.89 -8.71
N LEU A 86 -54.05 -34.98 -8.51
CA LEU A 86 -54.81 -35.21 -7.29
C LEU A 86 -54.18 -36.23 -6.36
N GLN A 87 -53.52 -37.22 -6.95
CA GLN A 87 -52.92 -38.23 -6.13
C GLN A 87 -51.54 -37.77 -5.59
N LEU A 88 -50.78 -37.05 -6.39
CA LEU A 88 -49.51 -36.57 -5.91
C LEU A 88 -49.54 -35.10 -5.60
N GLY A 89 -50.27 -34.36 -6.43
CA GLY A 89 -50.27 -32.90 -6.31
C GLY A 89 -49.15 -32.23 -7.09
N LEU A 90 -48.95 -32.73 -8.31
CA LEU A 90 -47.91 -32.26 -9.22
C LEU A 90 -48.61 -31.63 -10.38
N ILE A 91 -47.87 -30.79 -11.10
CA ILE A 91 -48.34 -30.19 -12.33
C ILE A 91 -47.31 -30.58 -13.41
N TRP A 92 -47.75 -30.54 -14.65
CA TRP A 92 -46.98 -31.12 -15.75
C TRP A 92 -47.25 -30.37 -17.00
N TYR A 93 -46.38 -30.58 -17.98
CA TYR A 93 -46.51 -29.94 -19.28
C TYR A 93 -46.00 -30.88 -20.39
N PHE A 94 -46.70 -30.96 -21.52
CA PHE A 94 -46.27 -31.82 -22.62
C PHE A 94 -46.11 -30.94 -23.82
N ASP A 95 -44.89 -30.77 -24.38
CA ASP A 95 -44.70 -29.86 -25.53
C ASP A 95 -44.81 -30.58 -26.84
N GLY A 96 -45.16 -31.88 -26.80
CA GLY A 96 -45.38 -32.70 -28.01
C GLY A 96 -44.20 -33.65 -28.12
N GLN A 97 -43.08 -33.29 -27.54
CA GLN A 97 -41.88 -34.13 -27.64
C GLN A 97 -41.39 -34.65 -26.30
N ALA A 98 -41.69 -33.98 -25.20
CA ALA A 98 -41.28 -34.43 -23.88
C ALA A 98 -42.18 -33.89 -22.79
N ILE A 99 -42.32 -34.62 -21.68
CA ILE A 99 -43.13 -34.16 -20.55
C ILE A 99 -42.31 -33.48 -19.46
N TYR A 100 -42.83 -32.41 -18.85
CA TYR A 100 -42.05 -31.67 -17.80
C TYR A 100 -42.87 -31.55 -16.58
N ILE A 101 -42.48 -32.32 -15.56
CA ILE A 101 -43.29 -32.50 -14.36
C ILE A 101 -42.68 -31.68 -13.23
N TYR A 102 -43.42 -30.73 -12.69
CA TYR A 102 -42.97 -29.98 -11.52
C TYR A 102 -43.96 -30.18 -10.46
N ASP A 103 -43.55 -29.80 -9.28
CA ASP A 103 -44.41 -29.82 -8.13
C ASP A 103 -45.43 -28.71 -8.28
N ALA A 104 -46.61 -28.91 -7.75
CA ALA A 104 -47.62 -27.88 -7.86
C ALA A 104 -47.16 -26.58 -7.18
N SER A 105 -46.29 -26.68 -6.18
CA SER A 105 -45.85 -25.46 -5.52
C SER A 105 -44.82 -24.72 -6.37
N GLU A 106 -44.37 -25.33 -7.46
CA GLU A 106 -43.36 -24.69 -8.31
C GLU A 106 -44.02 -23.90 -9.46
N MET A 107 -45.34 -23.81 -9.41
CA MET A 107 -46.10 -23.06 -10.34
C MET A 107 -45.69 -21.60 -10.37
N ARG A 108 -45.60 -21.06 -11.58
CA ARG A 108 -45.20 -19.69 -11.83
C ARG A 108 -46.36 -18.88 -12.38
N ASN A 109 -46.30 -17.58 -12.16
CA ASN A 109 -47.28 -16.65 -12.70
C ASN A 109 -46.60 -15.58 -13.50
N ALA A 110 -47.34 -14.98 -14.40
CA ALA A 110 -46.73 -13.88 -15.12
C ALA A 110 -47.78 -12.98 -15.59
N VAL A 111 -47.37 -11.72 -15.68
CA VAL A 111 -48.18 -10.64 -16.25
C VAL A 111 -47.47 -10.08 -17.48
N VAL A 112 -48.04 -10.34 -18.66
CA VAL A 112 -47.32 -9.99 -19.85
C VAL A 112 -48.24 -9.20 -20.73
N SER A 113 -47.76 -8.02 -21.16
CA SER A 113 -48.47 -7.11 -22.08
C SER A 113 -48.37 -7.70 -23.48
N LEU A 114 -49.31 -7.38 -24.36
CA LEU A 114 -49.30 -7.94 -25.70
C LEU A 114 -49.55 -6.79 -26.64
N ARG A 115 -48.58 -6.50 -27.52
CA ARG A 115 -48.60 -5.32 -28.37
C ARG A 115 -49.25 -5.56 -29.73
N ASN A 116 -48.65 -6.41 -30.57
CA ASN A 116 -49.02 -6.48 -31.98
C ASN A 116 -49.95 -7.61 -32.35
N VAL A 117 -50.44 -8.29 -31.32
CA VAL A 117 -51.25 -9.48 -31.43
C VAL A 117 -52.45 -9.28 -30.54
N SER A 118 -53.59 -9.72 -31.04
CA SER A 118 -54.83 -9.70 -30.31
C SER A 118 -54.76 -10.79 -29.28
N LEU A 119 -55.42 -10.55 -28.16
CA LEU A 119 -55.31 -11.45 -27.05
C LEU A 119 -55.78 -12.90 -27.44
N ASN A 120 -56.89 -13.02 -28.15
CA ASN A 120 -57.35 -14.31 -28.63
C ASN A 120 -56.48 -14.86 -29.74
N GLU A 121 -56.01 -13.98 -30.62
CA GLU A 121 -55.06 -14.33 -31.65
C GLU A 121 -53.78 -14.91 -31.04
N PHE A 122 -53.29 -14.32 -29.95
CA PHE A 122 -52.10 -14.88 -29.28
C PHE A 122 -52.33 -16.35 -28.80
N ASN A 123 -53.44 -16.59 -28.12
CA ASN A 123 -53.80 -17.95 -27.66
C ASN A 123 -53.88 -18.92 -28.83
N ASN A 124 -54.43 -18.43 -29.94
CA ASN A 124 -54.51 -19.25 -31.12
C ASN A 124 -53.17 -19.53 -31.71
N PHE A 125 -52.28 -18.57 -31.66
CA PHE A 125 -50.99 -18.80 -32.20
C PHE A 125 -50.25 -19.88 -31.38
N LEU A 126 -50.50 -19.93 -30.08
CA LEU A 126 -49.88 -20.99 -29.30
C LEU A 126 -50.48 -22.33 -29.62
N LYS A 127 -51.76 -22.34 -30.02
CA LYS A 127 -52.46 -23.57 -30.38
C LYS A 127 -51.93 -24.04 -31.75
N ARG A 128 -51.58 -23.06 -32.60
CA ARG A 128 -51.02 -23.25 -33.93
C ARG A 128 -49.61 -23.81 -33.82
N SER A 129 -48.91 -23.34 -32.80
CA SER A 129 -47.59 -23.86 -32.41
C SER A 129 -47.72 -25.28 -31.83
N GLY A 130 -48.82 -25.52 -31.15
CA GLY A 130 -49.09 -26.84 -30.59
C GLY A 130 -48.47 -26.85 -29.22
N LEU A 131 -48.32 -25.68 -28.61
CA LEU A 131 -47.63 -25.64 -27.32
C LEU A 131 -48.59 -25.31 -26.22
N TYR A 132 -49.68 -24.71 -26.63
CA TYR A 132 -50.70 -24.36 -25.72
C TYR A 132 -51.25 -25.62 -25.06
N ASN A 133 -50.94 -25.77 -23.77
CA ASN A 133 -51.54 -26.78 -22.93
C ASN A 133 -52.86 -26.33 -22.30
N LYS A 134 -53.98 -26.94 -22.75
CA LYS A 134 -55.34 -26.54 -22.32
C LYS A 134 -55.61 -26.81 -20.84
N ASN A 135 -54.75 -27.57 -20.18
CA ASN A 135 -54.96 -27.78 -18.75
C ASN A 135 -54.54 -26.59 -17.95
N TYR A 136 -53.88 -25.62 -18.57
CA TYR A 136 -53.48 -24.41 -17.85
C TYR A 136 -53.82 -23.22 -18.74
N PRO A 137 -55.12 -22.84 -18.73
CA PRO A 137 -55.70 -21.75 -19.52
C PRO A 137 -55.02 -20.45 -19.22
N LEU A 138 -54.88 -19.65 -20.26
CA LEU A 138 -54.44 -18.30 -20.10
C LEU A 138 -55.62 -17.35 -19.88
N ARG A 139 -55.36 -16.24 -19.17
CA ARG A 139 -56.44 -15.33 -18.82
C ARG A 139 -56.28 -14.04 -19.57
N GLY A 140 -57.37 -13.69 -20.25
CA GLY A 140 -57.42 -12.44 -21.01
C GLY A 140 -58.31 -11.40 -20.34
N ASP A 141 -58.52 -10.27 -21.01
CA ASP A 141 -59.37 -9.18 -20.51
C ASP A 141 -59.71 -8.28 -21.72
N ASN A 142 -60.99 -8.21 -22.10
CA ASN A 142 -61.34 -7.44 -23.29
C ASN A 142 -61.06 -5.93 -23.22
N ARG A 143 -60.86 -5.41 -22.01
CA ARG A 143 -60.66 -3.98 -21.84
C ARG A 143 -59.23 -3.63 -21.39
N LYS A 144 -58.35 -4.62 -21.40
CA LYS A 144 -56.97 -4.46 -20.99
C LYS A 144 -56.07 -5.23 -21.94
N GLY A 145 -55.05 -4.56 -22.46
CA GLY A 145 -54.12 -5.15 -23.48
C GLY A 145 -53.01 -6.09 -22.95
N THR A 146 -53.36 -6.85 -21.91
CA THR A 146 -52.46 -7.83 -21.31
C THR A 146 -53.16 -9.15 -21.17
N PHE A 147 -52.36 -10.13 -20.73
CA PHE A 147 -52.83 -11.45 -20.41
C PHE A 147 -51.99 -12.02 -19.25
N TYR A 148 -52.54 -13.03 -18.58
CA TYR A 148 -51.95 -13.59 -17.36
C TYR A 148 -51.66 -15.06 -17.64
N VAL A 149 -50.55 -15.50 -17.08
CA VAL A 149 -50.00 -16.83 -17.35
C VAL A 149 -49.91 -17.49 -16.00
N SER A 150 -50.37 -18.74 -15.93
CA SER A 150 -50.20 -19.57 -14.73
C SER A 150 -49.92 -20.96 -15.22
N GLY A 151 -49.00 -21.63 -14.53
CA GLY A 151 -48.72 -23.00 -14.90
C GLY A 151 -47.36 -23.44 -14.48
N PRO A 152 -46.92 -24.59 -14.97
CA PRO A 152 -45.59 -25.03 -14.61
C PRO A 152 -44.51 -24.16 -15.27
N PRO A 153 -43.32 -24.12 -14.65
CA PRO A 153 -42.26 -23.26 -15.19
C PRO A 153 -41.97 -23.35 -16.70
N VAL A 154 -42.00 -24.54 -17.30
CA VAL A 154 -41.84 -24.62 -18.74
C VAL A 154 -43.08 -24.10 -19.50
N TYR A 155 -44.29 -24.37 -19.06
CA TYR A 155 -45.44 -23.77 -19.75
C TYR A 155 -45.34 -22.26 -19.69
N VAL A 156 -45.09 -21.75 -18.50
CA VAL A 156 -45.10 -20.28 -18.26
C VAL A 156 -44.02 -19.61 -19.07
N ASP A 157 -42.80 -20.13 -18.96
CA ASP A 157 -41.68 -19.56 -19.73
C ASP A 157 -41.94 -19.63 -21.24
N MET A 158 -42.55 -20.71 -21.70
CA MET A 158 -42.92 -20.81 -23.12
C MET A 158 -43.89 -19.69 -23.44
N VAL A 159 -44.93 -19.52 -22.65
CA VAL A 159 -45.95 -18.51 -23.07
C VAL A 159 -45.40 -17.10 -23.06
N VAL A 160 -44.69 -16.79 -21.98
CA VAL A 160 -44.12 -15.47 -21.81
C VAL A 160 -43.11 -15.08 -22.92
N ASN A 161 -42.19 -15.99 -23.28
CA ASN A 161 -41.15 -15.75 -24.32
C ASN A 161 -41.84 -15.67 -25.66
N ALA A 162 -42.89 -16.47 -25.84
CA ALA A 162 -43.58 -16.53 -27.09
C ALA A 162 -44.19 -15.20 -27.44
N ALA A 163 -44.73 -14.49 -26.42
CA ALA A 163 -45.38 -13.20 -26.65
C ALA A 163 -44.35 -12.24 -27.20
N THR A 164 -43.16 -12.30 -26.62
CA THR A 164 -42.09 -11.44 -27.08
C THR A 164 -41.72 -11.68 -28.54
N MET A 165 -41.63 -12.97 -28.87
CA MET A 165 -41.25 -13.41 -30.21
C MET A 165 -42.32 -13.00 -31.19
N MET A 166 -43.58 -13.15 -30.83
CA MET A 166 -44.69 -12.76 -31.70
C MET A 166 -44.80 -11.27 -31.98
N ASP A 167 -44.55 -10.44 -30.99
CA ASP A 167 -44.62 -9.04 -31.30
C ASP A 167 -43.48 -8.65 -32.23
N LYS A 168 -42.32 -9.33 -32.12
CA LYS A 168 -41.18 -9.08 -33.01
C LYS A 168 -41.52 -9.56 -34.43
N GLN A 169 -42.26 -10.66 -34.52
CA GLN A 169 -42.67 -11.17 -35.81
C GLN A 169 -43.78 -10.34 -36.41
N ASN A 170 -44.58 -9.70 -35.57
CA ASN A 170 -45.65 -8.87 -36.10
C ASN A 170 -45.38 -7.41 -35.94
N ASP A 171 -44.10 -7.06 -35.92
CA ASP A 171 -43.67 -5.70 -35.79
C ASP A 171 -43.80 -4.92 -37.13
N GLY A 172 -60.46 6.71 -51.53
CA GLY A 172 -60.45 7.36 -50.24
C GLY A 172 -59.40 8.46 -50.18
N ILE A 173 -58.32 8.26 -50.93
CA ILE A 173 -57.21 9.20 -51.04
C ILE A 173 -56.36 9.15 -49.79
N GLU A 174 -56.10 7.95 -49.29
CA GLU A 174 -55.37 7.79 -48.05
C GLU A 174 -54.07 7.01 -48.22
N LEU A 175 -53.08 7.37 -47.42
CA LEU A 175 -51.77 6.73 -47.41
C LEU A 175 -51.24 6.70 -45.99
N GLY A 176 -51.42 5.56 -45.33
CA GLY A 176 -50.98 5.42 -43.96
C GLY A 176 -51.81 6.31 -43.06
N ARG A 177 -51.14 7.16 -42.30
CA ARG A 177 -51.83 8.07 -41.40
C ARG A 177 -52.17 9.41 -42.04
N GLN A 178 -51.91 9.59 -43.33
CA GLN A 178 -52.20 10.86 -43.97
C GLN A 178 -53.13 10.72 -45.15
N LYS A 179 -53.73 11.83 -45.54
CA LYS A 179 -54.63 11.83 -46.67
C LYS A 179 -54.84 13.20 -47.24
N ILE A 180 -55.46 13.24 -48.41
CA ILE A 180 -55.75 14.51 -49.06
C ILE A 180 -57.23 14.68 -49.31
N GLY A 181 -57.76 15.82 -48.89
CA GLY A 181 -59.17 16.10 -49.08
C GLY A 181 -59.37 17.14 -50.16
N VAL A 182 -60.31 16.87 -51.05
CA VAL A 182 -60.64 17.81 -52.11
C VAL A 182 -61.94 18.50 -51.76
N MET A 183 -61.89 19.82 -51.60
CA MET A 183 -63.06 20.53 -51.14
C MET A 183 -63.52 21.57 -52.14
N ARG A 184 -64.60 21.27 -52.86
CA ARG A 184 -65.12 22.22 -53.83
C ARG A 184 -65.95 23.28 -53.13
N LEU A 185 -65.73 24.52 -53.49
CA LEU A 185 -66.54 25.56 -52.89
C LEU A 185 -67.73 25.79 -53.78
N ASN A 186 -68.89 25.95 -53.17
CA ASN A 186 -70.11 26.10 -53.94
C ASN A 186 -70.68 27.50 -53.94
N ASN A 187 -70.49 28.24 -52.87
CA ASN A 187 -71.04 29.57 -52.79
C ASN A 187 -70.01 30.68 -52.96
N THR A 188 -68.77 30.33 -53.29
CA THR A 188 -67.77 31.37 -53.50
C THR A 188 -66.66 30.94 -54.44
N PHE A 189 -65.64 31.78 -54.54
CA PHE A 189 -64.52 31.55 -55.44
C PHE A 189 -63.20 31.37 -54.73
N VAL A 190 -62.41 30.42 -55.23
CA VAL A 190 -61.07 30.22 -54.73
C VAL A 190 -60.14 31.15 -55.46
N GLY A 191 -59.40 31.96 -54.73
CA GLY A 191 -58.46 32.87 -55.37
C GLY A 191 -58.68 34.31 -54.92
N ASP A 192 -57.83 35.20 -55.40
CA ASP A 192 -57.88 36.60 -55.02
C ASP A 192 -58.58 37.45 -56.07
N ARG A 193 -59.23 38.52 -55.63
CA ARG A 193 -59.93 39.43 -56.52
C ARG A 193 -59.12 40.68 -56.77
N THR A 194 -58.87 41.00 -58.02
CA THR A 194 -58.06 42.17 -58.33
C THR A 194 -58.80 43.15 -59.21
N TYR A 195 -58.70 44.44 -58.88
CA TYR A 195 -59.36 45.47 -59.66
C TYR A 195 -58.59 46.76 -59.64
N ASN A 196 -58.88 47.63 -60.61
CA ASN A 196 -58.19 48.89 -60.71
C ASN A 196 -59.05 50.08 -60.38
N LEU A 197 -58.43 51.09 -59.80
CA LEU A 197 -59.05 52.35 -59.47
C LEU A 197 -58.28 53.43 -60.19
N ARG A 198 -58.39 53.45 -61.50
CA ARG A 198 -57.71 54.45 -62.30
C ARG A 198 -56.21 54.23 -62.26
N ASP A 199 -55.55 54.94 -61.35
CA ASP A 199 -54.11 54.90 -61.26
C ASP A 199 -53.55 53.86 -60.28
N GLN A 200 -54.41 53.08 -59.62
CA GLN A 200 -53.85 52.08 -58.71
C GLN A 200 -54.59 50.74 -58.72
N LYS A 201 -53.87 49.69 -58.34
CA LYS A 201 -54.40 48.34 -58.34
C LYS A 201 -54.66 47.83 -56.94
N MET A 202 -55.86 47.30 -56.72
CA MET A 202 -56.27 46.77 -55.44
C MET A 202 -56.40 45.25 -55.47
N VAL A 203 -56.05 44.61 -54.36
CA VAL A 203 -56.17 43.14 -54.29
C VAL A 203 -56.86 42.69 -53.02
N ILE A 204 -57.87 41.83 -53.19
CA ILE A 204 -58.62 41.26 -52.09
C ILE A 204 -58.29 39.79 -51.95
N PRO A 205 -57.74 39.36 -50.83
CA PRO A 205 -57.33 38.00 -50.55
C PRO A 205 -58.54 37.10 -50.39
N GLY A 206 -58.44 35.89 -50.93
CA GLY A 206 -59.54 34.94 -50.83
C GLY A 206 -59.38 33.98 -49.67
N ILE A 207 -60.25 32.96 -49.66
CA ILE A 207 -60.27 31.96 -48.60
C ILE A 207 -59.04 31.10 -48.53
N ALA A 208 -58.37 30.91 -49.65
CA ALA A 208 -57.17 30.08 -49.66
C ALA A 208 -56.09 30.75 -48.86
N THR A 209 -55.92 32.04 -49.09
CA THR A 209 -54.92 32.82 -48.39
C THR A 209 -55.26 32.95 -46.92
N ALA A 210 -56.52 33.24 -46.62
CA ALA A 210 -56.95 33.41 -45.24
C ALA A 210 -56.67 32.18 -44.41
N ILE A 211 -57.07 31.01 -44.89
CA ILE A 211 -56.85 29.79 -44.16
C ILE A 211 -55.37 29.46 -44.02
N GLU A 212 -54.63 29.62 -45.11
CA GLU A 212 -53.21 29.36 -45.07
C GLU A 212 -52.52 30.14 -43.97
N ARG A 213 -52.81 31.43 -43.90
CA ARG A 213 -52.20 32.28 -42.90
C ARG A 213 -52.60 31.88 -41.50
N LEU A 214 -53.86 31.49 -41.34
CA LEU A 214 -54.36 31.09 -40.03
C LEU A 214 -53.64 29.87 -39.50
N LEU A 215 -53.49 28.86 -40.34
CA LEU A 215 -52.85 27.63 -39.91
C LEU A 215 -51.35 27.78 -39.76
N GLN A 216 -50.73 28.57 -40.63
CA GLN A 216 -49.30 28.75 -40.59
C GLN A 216 -48.93 30.10 -40.02
N ILE A 267 -50.48 21.35 -41.34
CA ILE A 267 -51.43 21.11 -42.41
C ILE A 267 -51.03 21.86 -43.66
N LYS A 268 -51.06 21.19 -44.80
CA LYS A 268 -50.69 21.81 -46.05
C LYS A 268 -51.91 22.04 -46.93
N ILE A 269 -52.18 23.29 -47.27
CA ILE A 269 -53.33 23.56 -48.13
C ILE A 269 -52.97 24.31 -49.39
N VAL A 270 -53.35 23.75 -50.52
CA VAL A 270 -53.07 24.34 -51.82
C VAL A 270 -54.34 24.57 -52.62
N ALA A 271 -54.46 25.78 -53.16
CA ALA A 271 -55.60 26.13 -53.97
C ALA A 271 -55.54 25.48 -55.33
N TYR A 272 -56.71 25.14 -55.88
CA TYR A 272 -56.77 24.58 -57.22
C TYR A 272 -57.95 25.17 -57.99
N PRO A 273 -57.73 26.35 -58.57
CA PRO A 273 -58.65 27.20 -59.33
C PRO A 273 -59.43 26.47 -60.39
N ASP A 274 -58.79 25.54 -61.06
CA ASP A 274 -59.41 24.81 -62.15
C ASP A 274 -60.74 24.16 -61.78
N THR A 275 -60.87 23.69 -60.54
CA THR A 275 -62.10 23.06 -60.10
C THR A 275 -62.71 23.80 -58.92
N ASN A 276 -62.27 25.05 -58.72
CA ASN A 276 -62.71 25.92 -57.64
C ASN A 276 -62.67 25.18 -56.33
N SER A 277 -61.53 24.58 -56.01
CA SER A 277 -61.45 23.77 -54.82
C SER A 277 -60.14 23.87 -54.09
N LEU A 278 -60.13 23.35 -52.87
CA LEU A 278 -58.93 23.33 -52.05
C LEU A 278 -58.41 21.93 -51.86
N LEU A 279 -57.09 21.81 -51.78
CA LEU A 279 -56.43 20.54 -51.55
C LEU A 279 -55.83 20.54 -50.16
N VAL A 280 -56.43 19.77 -49.26
CA VAL A 280 -55.97 19.76 -47.87
C VAL A 280 -55.23 18.49 -47.51
N LYS A 281 -53.95 18.59 -47.17
CA LYS A 281 -53.16 17.43 -46.83
C LYS A 281 -52.79 17.38 -45.35
N GLY A 282 -53.06 16.24 -44.73
CA GLY A 282 -52.77 16.07 -43.30
C GLY A 282 -53.35 14.75 -42.79
N THR A 283 -53.56 14.65 -41.48
CA THR A 283 -54.13 13.43 -40.93
C THR A 283 -55.61 13.46 -41.15
N ALA A 284 -56.26 12.33 -40.95
CA ALA A 284 -57.69 12.23 -41.15
C ALA A 284 -58.43 13.25 -40.30
N GLU A 285 -57.99 13.41 -39.05
CA GLU A 285 -58.62 14.36 -38.16
C GLU A 285 -58.37 15.78 -38.59
N GLN A 286 -57.16 16.06 -39.05
CA GLN A 286 -56.82 17.40 -39.51
C GLN A 286 -57.63 17.80 -40.73
N VAL A 287 -57.81 16.85 -41.65
CA VAL A 287 -58.58 17.12 -42.84
C VAL A 287 -60.03 17.38 -42.48
N HIS A 288 -60.60 16.55 -41.61
CA HIS A 288 -61.98 16.72 -41.17
C HIS A 288 -62.19 18.08 -40.52
N PHE A 289 -61.25 18.47 -39.68
CA PHE A 289 -61.26 19.74 -39.01
C PHE A 289 -61.37 20.89 -40.00
N ILE A 290 -60.49 20.88 -41.00
CA ILE A 290 -60.53 21.92 -42.02
C ILE A 290 -61.82 21.86 -42.82
N GLU A 291 -62.28 20.66 -43.12
CA GLU A 291 -63.52 20.48 -43.87
C GLU A 291 -64.65 21.24 -43.25
N MET A 292 -64.81 21.10 -41.94
CA MET A 292 -65.88 21.76 -41.24
C MET A 292 -65.72 23.27 -41.31
N LEU A 293 -64.48 23.76 -41.17
CA LEU A 293 -64.21 25.19 -41.25
C LEU A 293 -64.68 25.75 -42.56
N VAL A 294 -64.34 25.07 -43.63
CA VAL A 294 -64.74 25.47 -44.96
C VAL A 294 -66.23 25.53 -45.09
N LYS A 295 -66.93 24.52 -44.61
CA LYS A 295 -68.38 24.51 -44.68
C LYS A 295 -69.00 25.67 -43.95
N ALA A 296 -68.41 26.07 -42.84
CA ALA A 296 -68.89 27.21 -42.09
C ALA A 296 -68.76 28.51 -42.87
N LEU A 297 -67.65 28.66 -43.60
CA LEU A 297 -67.41 29.90 -44.34
C LEU A 297 -68.11 29.97 -45.71
N ASP A 298 -68.25 28.83 -46.38
CA ASP A 298 -68.83 28.76 -47.73
C ASP A 298 -70.34 29.02 -47.79
N VAL A 299 -70.75 30.28 -47.65
CA VAL A 299 -72.17 30.61 -47.66
C VAL A 299 -72.56 31.59 -48.77
N ALA A 300 -73.82 31.56 -49.16
CA ALA A 300 -74.37 32.38 -50.24
C ALA A 300 -74.49 33.84 -49.88
N LYS A 301 -74.40 34.69 -50.91
CA LYS A 301 -74.51 36.14 -50.73
C LYS A 301 -75.71 36.75 -51.44
N ARG A 302 -76.30 37.76 -50.81
CA ARG A 302 -77.40 38.52 -51.38
C ARG A 302 -76.89 39.67 -52.24
N HIS A 303 -77.76 40.20 -53.09
CA HIS A 303 -77.35 41.30 -53.95
C HIS A 303 -77.86 42.62 -53.46
N VAL A 304 -77.05 43.66 -53.68
CA VAL A 304 -77.40 45.01 -53.27
C VAL A 304 -77.32 45.97 -54.45
N GLU A 305 -78.40 46.69 -54.69
CA GLU A 305 -78.42 47.68 -55.75
C GLU A 305 -78.29 49.06 -55.16
N LEU A 306 -77.34 49.81 -55.68
CA LEU A 306 -77.08 51.15 -55.21
C LEU A 306 -77.45 52.23 -56.21
N SER A 307 -78.26 53.19 -55.77
CA SER A 307 -78.60 54.30 -56.63
C SER A 307 -78.15 55.62 -56.01
N LEU A 308 -77.45 56.42 -56.82
CA LEU A 308 -76.99 57.72 -56.38
C LEU A 308 -77.73 58.81 -57.10
N TRP A 309 -78.31 59.72 -56.35
CA TRP A 309 -79.03 60.81 -56.96
C TRP A 309 -78.21 62.07 -56.85
N ILE A 310 -77.96 62.73 -57.97
CA ILE A 310 -77.23 63.98 -57.94
C ILE A 310 -78.10 65.07 -58.53
N VAL A 311 -78.46 66.04 -57.70
CA VAL A 311 -79.34 67.10 -58.18
C VAL A 311 -78.65 68.44 -58.14
N ASP A 312 -78.74 69.17 -59.24
CA ASP A 312 -78.10 70.47 -59.37
C ASP A 312 -79.03 71.53 -59.95
N LEU A 313 -79.43 72.49 -59.12
CA LEU A 313 -80.34 73.56 -59.55
C LEU A 313 -79.65 74.92 -59.59
N ASN A 314 -79.94 75.71 -60.62
CA ASN A 314 -79.35 77.04 -60.75
C ASN A 314 -80.37 78.10 -61.15
N LYS A 315 -80.26 79.26 -60.53
CA LYS A 315 -81.14 80.37 -60.83
C LYS A 315 -80.39 81.69 -60.79
N SER A 316 -80.60 82.56 -61.77
CA SER A 316 -79.93 83.85 -61.70
C SER A 316 -80.75 84.99 -62.31
N ASP A 317 -80.38 86.21 -61.94
CA ASP A 317 -81.07 87.42 -62.38
C ASP A 317 -80.11 88.61 -62.48
N LEU A 318 -79.79 88.99 -63.70
CA LEU A 318 -78.86 90.08 -63.97
C LEU A 318 -79.52 91.30 -64.57
N GLU A 319 -79.24 92.47 -64.01
CA GLU A 319 -79.77 93.70 -64.56
C GLU A 319 -78.68 94.75 -64.70
N ARG A 320 -78.53 95.28 -65.90
CA ARG A 320 -77.54 96.33 -66.13
C ARG A 320 -78.17 97.49 -66.88
N LEU A 321 -78.07 98.69 -66.32
CA LEU A 321 -78.64 99.83 -67.01
C LEU A 321 -77.99 101.16 -66.69
N GLY A 322 -77.50 101.83 -67.71
CA GLY A 322 -76.94 103.16 -67.51
C GLY A 322 -75.79 103.46 -68.45
N THR A 323 -75.00 104.47 -68.08
CA THR A 323 -73.87 104.85 -68.92
C THR A 323 -72.58 105.02 -68.15
N SER A 324 -71.48 105.15 -68.89
CA SER A 324 -70.17 105.38 -68.29
C SER A 324 -69.36 106.30 -69.18
N TRP A 325 -68.87 107.39 -68.60
CA TRP A 325 -68.16 108.39 -69.37
C TRP A 325 -66.67 108.45 -69.08
N SER A 326 -65.86 108.40 -70.13
CA SER A 326 -64.42 108.55 -69.98
C SER A 326 -63.77 108.83 -71.30
N GLY A 327 -62.56 109.37 -71.29
CA GLY A 327 -61.85 109.61 -72.54
C GLY A 327 -61.09 110.92 -72.54
N SER A 328 -60.84 111.48 -73.72
CA SER A 328 -60.08 112.73 -73.74
C SER A 328 -60.28 113.61 -74.95
N ILE A 329 -59.57 114.73 -74.93
CA ILE A 329 -59.62 115.70 -76.02
C ILE A 329 -58.44 116.66 -76.07
N THR A 330 -57.96 116.94 -77.27
CA THR A 330 -56.94 117.96 -77.47
C THR A 330 -57.60 119.28 -77.79
N ILE A 331 -57.24 120.31 -77.05
CA ILE A 331 -57.84 121.63 -77.25
C ILE A 331 -56.83 122.71 -77.65
N GLY A 332 -56.97 123.18 -78.88
CA GLY A 332 -56.17 124.29 -79.40
C GLY A 332 -54.68 124.01 -79.48
N ASP A 333 -54.30 122.73 -79.45
CA ASP A 333 -52.90 122.34 -79.43
C ASP A 333 -52.10 123.03 -78.33
N LYS A 334 -52.76 123.35 -77.21
CA LYS A 334 -52.09 124.02 -76.11
C LYS A 334 -52.39 123.33 -74.79
N LEU A 335 -53.53 122.64 -74.73
CA LEU A 335 -53.87 121.91 -73.54
C LEU A 335 -54.83 120.80 -73.90
N GLY A 336 -55.01 119.84 -73.00
CA GLY A 336 -55.94 118.76 -73.26
C GLY A 336 -56.64 118.40 -71.98
N VAL A 337 -57.71 117.61 -72.09
CA VAL A 337 -58.50 117.22 -70.94
C VAL A 337 -58.72 115.72 -70.88
N SER A 338 -58.56 115.17 -69.69
CA SER A 338 -58.76 113.73 -69.49
C SER A 338 -59.95 113.52 -68.57
N LEU A 339 -60.84 112.62 -68.94
CA LEU A 339 -62.01 112.38 -68.11
C LEU A 339 -61.96 111.03 -67.43
N ASN A 340 -62.03 111.07 -66.11
CA ASN A 340 -62.04 109.90 -65.26
C ASN A 340 -60.86 108.98 -65.52
N GLN A 341 -59.66 109.54 -65.37
CA GLN A 341 -58.40 108.83 -65.51
C GLN A 341 -58.26 108.06 -66.81
N SER A 342 -58.51 108.72 -67.93
CA SER A 342 -58.36 108.06 -69.20
C SER A 342 -56.87 107.89 -69.50
N SER A 343 -56.53 107.00 -70.42
CA SER A 343 -55.12 106.73 -70.75
C SER A 343 -54.57 107.71 -71.77
N ILE A 344 -54.43 108.97 -71.32
CA ILE A 344 -53.95 110.12 -72.09
C ILE A 344 -52.81 109.86 -73.06
N SER A 345 -51.92 108.91 -72.75
CA SER A 345 -50.81 108.60 -73.65
C SER A 345 -51.26 108.28 -75.07
N THR A 346 -52.48 107.76 -75.21
CA THR A 346 -53.06 107.49 -76.51
C THR A 346 -54.35 108.30 -76.69
N LEU A 347 -55.06 108.52 -75.58
CA LEU A 347 -56.33 109.25 -75.58
C LEU A 347 -56.19 110.70 -76.01
N ASP A 348 -55.00 111.27 -75.87
CA ASP A 348 -54.69 112.62 -76.34
C ASP A 348 -55.15 112.84 -77.80
N GLY A 349 -54.99 111.80 -78.64
CA GLY A 349 -55.39 111.89 -80.04
C GLY A 349 -56.70 111.17 -80.33
N SER A 350 -57.56 111.03 -79.32
CA SER A 350 -58.83 110.34 -79.48
C SER A 350 -60.05 111.20 -79.17
N ARG A 351 -60.99 110.64 -78.43
CA ARG A 351 -62.25 111.33 -78.12
C ARG A 351 -62.88 110.81 -76.84
N PHE A 352 -64.08 111.32 -76.51
CA PHE A 352 -64.74 110.84 -75.29
C PHE A 352 -65.69 109.71 -75.62
N ILE A 353 -65.69 108.68 -74.80
CA ILE A 353 -66.57 107.55 -75.03
C ILE A 353 -67.70 107.47 -74.01
N ALA A 354 -68.90 107.26 -74.51
CA ALA A 354 -70.08 107.09 -73.71
C ALA A 354 -70.53 105.65 -73.80
N ALA A 355 -70.11 104.83 -72.85
CA ALA A 355 -70.53 103.45 -72.88
C ALA A 355 -71.95 103.40 -72.38
N VAL A 356 -72.78 102.59 -73.01
CA VAL A 356 -74.16 102.46 -72.62
C VAL A 356 -74.54 101.01 -72.46
N ASN A 357 -75.00 100.64 -71.28
CA ASN A 357 -75.45 99.27 -71.04
C ASN A 357 -76.96 99.24 -70.85
N ALA A 358 -77.57 98.17 -71.33
CA ALA A 358 -79.01 98.01 -71.19
C ALA A 358 -79.37 96.57 -71.43
N LEU A 359 -79.36 95.79 -70.35
CA LEU A 359 -79.65 94.38 -70.47
C LEU A 359 -80.29 93.76 -69.25
N GLU A 360 -81.37 93.04 -69.50
CA GLU A 360 -81.99 92.25 -68.45
C GLU A 360 -81.81 90.79 -68.79
N GLU A 361 -81.39 89.97 -67.83
CA GLU A 361 -81.19 88.57 -68.10
C GLU A 361 -81.70 87.64 -67.00
N LYS A 362 -82.54 86.70 -67.40
CA LYS A 362 -83.04 85.68 -66.51
C LYS A 362 -82.49 84.32 -66.92
N LYS A 363 -82.15 83.49 -65.95
CA LYS A 363 -81.64 82.17 -66.30
C LYS A 363 -82.02 81.09 -65.31
N GLN A 364 -82.37 79.94 -65.84
CA GLN A 364 -82.77 78.79 -65.04
C GLN A 364 -82.20 77.49 -65.56
N ALA A 365 -81.72 76.63 -64.67
CA ALA A 365 -81.20 75.35 -65.14
C ALA A 365 -81.36 74.24 -64.12
N THR A 366 -81.57 73.03 -64.61
CA THR A 366 -81.66 71.87 -63.74
C THR A 366 -81.02 70.65 -64.35
N VAL A 367 -80.28 69.92 -63.51
CA VAL A 367 -79.66 68.67 -63.93
C VAL A 367 -79.83 67.57 -62.90
N VAL A 368 -80.30 66.41 -63.35
CA VAL A 368 -80.41 65.25 -62.48
C VAL A 368 -79.64 64.09 -63.05
N SER A 369 -78.70 63.58 -62.27
CA SER A 369 -77.88 62.47 -62.71
C SER A 369 -78.04 61.27 -61.79
N ARG A 370 -78.16 60.09 -62.37
CA ARG A 370 -78.35 58.91 -61.56
C ARG A 370 -77.54 57.68 -61.96
N PRO A 371 -76.40 57.46 -61.31
CA PRO A 371 -75.58 56.27 -61.42
C PRO A 371 -76.24 55.09 -60.71
N VAL A 372 -76.18 53.92 -61.35
CA VAL A 372 -76.73 52.71 -60.76
C VAL A 372 -75.73 51.57 -60.78
N LEU A 373 -75.52 50.92 -59.63
CA LEU A 373 -74.53 49.86 -59.54
C LEU A 373 -74.97 48.64 -58.72
N LEU A 374 -74.88 47.46 -59.31
CA LEU A 374 -75.25 46.20 -58.63
C LEU A 374 -74.04 45.40 -58.15
N THR A 375 -74.08 44.98 -56.88
CA THR A 375 -73.03 44.15 -56.30
C THR A 375 -73.59 43.15 -55.29
N GLN A 376 -72.72 42.57 -54.49
CA GLN A 376 -73.09 41.59 -53.48
C GLN A 376 -72.57 41.97 -52.12
N GLU A 377 -73.10 41.32 -51.10
CA GLU A 377 -72.68 41.54 -49.73
C GLU A 377 -71.19 41.44 -49.59
N ASN A 378 -70.58 42.48 -49.02
CA ASN A 378 -69.15 42.50 -48.74
C ASN A 378 -68.27 42.52 -50.01
N VAL A 379 -68.84 42.88 -51.16
CA VAL A 379 -68.06 42.93 -52.38
C VAL A 379 -67.92 44.35 -52.94
N PRO A 380 -66.73 44.95 -52.84
CA PRO A 380 -66.35 46.27 -53.32
C PRO A 380 -66.67 46.40 -54.79
N ALA A 381 -67.53 47.35 -55.12
CA ALA A 381 -67.91 47.53 -56.50
C ALA A 381 -67.51 48.89 -57.00
N ILE A 382 -67.13 48.94 -58.26
CA ILE A 382 -66.65 50.18 -58.84
C ILE A 382 -67.41 50.60 -60.09
N PHE A 383 -67.83 51.86 -60.10
CA PHE A 383 -68.48 52.45 -61.26
C PHE A 383 -67.75 53.72 -61.62
N ASP A 384 -67.24 53.80 -62.84
CA ASP A 384 -66.51 55.00 -63.20
C ASP A 384 -66.79 55.46 -64.63
N ASN A 385 -67.50 56.55 -64.75
CA ASN A 385 -67.81 57.16 -66.04
C ASN A 385 -66.93 58.38 -66.20
N ASN A 386 -65.90 58.30 -67.03
CA ASN A 386 -64.97 59.41 -67.06
C ASN A 386 -64.45 59.79 -68.42
N ARG A 387 -63.68 60.87 -68.44
CA ARG A 387 -63.00 61.30 -69.65
C ARG A 387 -61.55 61.55 -69.35
N THR A 388 -60.70 61.29 -70.33
CA THR A 388 -59.29 61.50 -70.15
C THR A 388 -58.67 62.37 -71.21
N PHE A 389 -57.97 63.39 -70.73
CA PHE A 389 -57.26 64.35 -71.55
C PHE A 389 -55.79 64.00 -71.62
N TYR A 390 -55.27 63.80 -72.82
CA TYR A 390 -53.86 63.46 -72.96
C TYR A 390 -53.02 64.63 -73.43
N THR A 391 -51.76 64.64 -73.00
CA THR A 391 -50.81 65.67 -73.43
C THR A 391 -49.38 65.16 -73.51
N LYS A 392 -48.60 65.76 -74.39
CA LYS A 392 -47.21 65.37 -74.56
C LYS A 392 -46.26 66.11 -73.65
N LEU A 393 -45.28 65.38 -73.15
CA LEU A 393 -44.19 65.95 -72.37
C LEU A 393 -42.86 65.62 -73.02
N ILE A 394 -42.80 65.70 -74.34
CA ILE A 394 -41.56 65.37 -75.02
C ILE A 394 -40.49 66.38 -74.71
N GLY A 395 -39.66 66.07 -73.74
CA GLY A 395 -38.56 66.94 -73.44
C GLY A 395 -37.38 66.49 -74.25
N GLU A 396 -36.22 66.97 -73.91
CA GLU A 396 -35.03 66.58 -74.62
C GLU A 396 -34.48 65.29 -74.05
N ARG A 397 -34.37 65.15 -72.74
CA ARG A 397 -33.91 63.88 -72.22
C ARG A 397 -35.09 62.98 -72.00
N ASN A 398 -35.93 63.36 -71.06
CA ASN A 398 -37.08 62.54 -70.72
C ASN A 398 -38.28 62.96 -71.53
N VAL A 399 -39.00 61.94 -71.99
CA VAL A 399 -40.19 62.14 -72.78
C VAL A 399 -41.30 61.33 -72.17
N ALA A 400 -42.53 61.78 -72.34
CA ALA A 400 -43.64 61.04 -71.76
C ALA A 400 -44.97 61.58 -72.19
N LEU A 401 -46.01 60.83 -71.86
CA LEU A 401 -47.37 61.29 -72.04
C LEU A 401 -47.99 61.36 -70.68
N GLU A 402 -48.83 62.36 -70.48
CA GLU A 402 -49.53 62.48 -69.22
C GLU A 402 -50.96 62.77 -69.47
N HIS A 403 -51.76 62.61 -68.43
CA HIS A 403 -53.15 62.83 -68.64
C HIS A 403 -53.93 63.27 -67.43
N VAL A 404 -55.11 63.80 -67.69
CA VAL A 404 -56.01 64.25 -66.67
C VAL A 404 -57.33 63.51 -66.78
N THR A 405 -57.67 62.77 -65.73
CA THR A 405 -58.91 62.02 -65.75
C THR A 405 -59.91 62.56 -64.75
N TYR A 406 -61.15 62.72 -65.20
CA TYR A 406 -62.20 63.21 -64.33
C TYR A 406 -63.56 62.70 -64.78
N GLY A 407 -64.51 62.67 -63.85
CA GLY A 407 -65.85 62.19 -64.19
C GLY A 407 -66.63 61.76 -62.97
N THR A 408 -67.57 60.85 -63.17
CA THR A 408 -68.41 60.35 -62.09
C THR A 408 -67.89 59.02 -61.58
N MET A 409 -67.53 58.97 -60.31
CA MET A 409 -66.98 57.73 -59.79
C MET A 409 -67.55 57.32 -58.46
N ILE A 410 -67.89 56.04 -58.35
CA ILE A 410 -68.41 55.47 -57.12
C ILE A 410 -67.67 54.23 -56.69
N ARG A 411 -67.18 54.26 -55.47
CA ARG A 411 -66.59 53.06 -54.89
C ARG A 411 -67.42 52.71 -53.68
N VAL A 412 -67.93 51.49 -53.62
CA VAL A 412 -68.79 51.17 -52.50
C VAL A 412 -68.66 49.78 -51.93
N LEU A 413 -68.72 49.71 -50.61
CA LEU A 413 -68.73 48.44 -49.90
C LEU A 413 -69.95 48.33 -49.01
N PRO A 414 -70.97 47.58 -49.44
CA PRO A 414 -72.23 47.34 -48.78
C PRO A 414 -72.16 46.24 -47.74
N ARG A 415 -72.98 46.35 -46.72
CA ARG A 415 -72.99 45.34 -45.68
C ARG A 415 -74.29 45.33 -44.88
N PHE A 416 -74.91 44.16 -44.77
CA PHE A 416 -76.13 44.07 -43.99
C PHE A 416 -75.87 43.94 -42.50
N SER A 417 -76.71 44.62 -41.72
CA SER A 417 -76.61 44.56 -40.28
C SER A 417 -77.67 43.66 -39.68
N ALA A 418 -77.71 43.62 -38.36
CA ALA A 418 -78.61 42.76 -37.61
C ALA A 418 -80.08 43.07 -37.90
N ASP A 419 -80.38 44.34 -38.11
CA ASP A 419 -81.74 44.75 -38.36
C ASP A 419 -82.11 44.83 -39.83
N GLY A 420 -81.25 44.29 -40.70
CA GLY A 420 -81.54 44.36 -42.13
C GLY A 420 -81.15 45.70 -42.72
N GLN A 421 -80.40 46.49 -41.96
CA GLN A 421 -79.97 47.79 -42.40
C GLN A 421 -78.78 47.62 -43.31
N ILE A 422 -78.56 48.58 -44.21
CA ILE A 422 -77.43 48.45 -45.11
C ILE A 422 -76.42 49.55 -44.86
N GLU A 423 -75.22 49.16 -44.43
CA GLU A 423 -74.19 50.15 -44.25
C GLU A 423 -73.30 50.16 -45.45
N MET A 424 -72.87 51.35 -45.83
CA MET A 424 -72.03 51.47 -46.99
C MET A 424 -70.84 52.37 -46.79
N SER A 425 -69.69 51.90 -47.22
CA SER A 425 -68.53 52.77 -47.26
C SER A 425 -68.64 53.47 -48.60
N LEU A 426 -68.64 54.81 -48.58
CA LEU A 426 -68.86 55.53 -49.82
C LEU A 426 -67.79 56.51 -50.23
N ASP A 427 -67.30 56.35 -51.46
CA ASP A 427 -66.40 57.33 -52.03
C ASP A 427 -67.03 57.84 -53.31
N ILE A 428 -67.27 59.15 -53.36
CA ILE A 428 -67.96 59.74 -54.50
C ILE A 428 -67.20 60.88 -55.15
N GLU A 429 -67.04 60.80 -56.47
CA GLU A 429 -66.46 61.91 -57.22
C GLU A 429 -67.39 62.42 -58.28
N ASP A 430 -67.54 63.73 -58.33
CA ASP A 430 -68.31 64.37 -59.38
C ASP A 430 -67.42 65.41 -60.05
N GLY A 431 -66.74 65.03 -61.12
CA GLY A 431 -65.85 65.95 -61.80
C GLY A 431 -66.39 66.44 -63.13
N ASN A 432 -65.91 67.62 -63.55
CA ASN A 432 -66.34 68.19 -64.81
C ASN A 432 -65.28 69.13 -65.40
N ASP A 433 -65.55 69.63 -66.60
CA ASP A 433 -64.63 70.51 -67.30
C ASP A 433 -65.03 71.97 -67.22
N LYS A 434 -64.32 72.75 -66.42
CA LYS A 434 -64.58 74.17 -66.35
C LYS A 434 -63.77 74.87 -67.43
N THR A 435 -64.34 75.87 -68.08
CA THR A 435 -63.59 76.53 -69.13
C THR A 435 -63.53 78.03 -68.95
N PRO A 436 -62.50 78.67 -69.51
CA PRO A 436 -62.24 80.09 -69.60
C PRO A 436 -62.97 80.64 -70.81
N GLN A 437 -62.82 81.94 -71.05
CA GLN A 437 -63.44 82.53 -72.23
C GLN A 437 -62.87 81.87 -73.48
N SER A 438 -63.77 81.27 -74.28
CA SER A 438 -63.41 80.53 -75.49
C SER A 438 -62.78 81.39 -76.59
N ASP A 439 -62.89 82.70 -76.46
CA ASP A 439 -62.31 83.64 -77.39
C ASP A 439 -60.80 83.83 -77.17
N THR A 440 -60.25 83.24 -76.10
CA THR A 440 -58.84 83.42 -75.81
C THR A 440 -58.02 82.20 -76.17
N THR A 441 -56.70 82.38 -76.15
CA THR A 441 -55.73 81.34 -76.49
C THR A 441 -55.64 80.26 -75.41
N THR A 442 -56.20 80.54 -74.24
CA THR A 442 -56.22 79.60 -73.13
C THR A 442 -57.20 78.46 -73.42
N SER A 443 -58.04 78.62 -74.45
CA SER A 443 -58.95 77.56 -74.88
C SER A 443 -58.22 76.53 -75.77
N VAL A 444 -56.99 76.84 -76.16
CA VAL A 444 -56.18 75.97 -76.99
C VAL A 444 -55.09 75.30 -76.16
N ASP A 445 -54.36 76.10 -75.40
CA ASP A 445 -53.29 75.57 -74.55
C ASP A 445 -53.88 74.63 -73.51
N ALA A 446 -53.18 73.53 -73.24
CA ALA A 446 -53.57 72.50 -72.26
C ALA A 446 -53.88 73.04 -70.87
N LEU A 447 -55.01 73.74 -70.74
CA LEU A 447 -55.42 74.31 -69.48
C LEU A 447 -56.82 73.91 -69.01
N PRO A 448 -57.38 72.78 -69.48
CA PRO A 448 -58.71 72.30 -69.10
C PRO A 448 -58.94 72.31 -67.59
N GLU A 449 -59.28 73.46 -67.02
CA GLU A 449 -59.56 73.60 -65.60
C GLU A 449 -60.57 72.55 -65.16
N VAL A 450 -60.25 71.79 -64.13
CA VAL A 450 -61.17 70.75 -63.73
C VAL A 450 -61.87 71.06 -62.43
N GLY A 451 -63.16 70.83 -62.39
CA GLY A 451 -63.91 71.04 -61.16
C GLY A 451 -64.21 69.68 -60.57
N ARG A 452 -64.04 69.53 -59.26
CA ARG A 452 -64.31 68.23 -58.67
C ARG A 452 -65.01 68.34 -57.33
N THR A 453 -65.99 67.48 -57.10
CA THR A 453 -66.62 67.41 -55.80
C THR A 453 -66.34 66.05 -55.21
N LEU A 454 -65.72 66.02 -54.04
CA LEU A 454 -65.36 64.77 -53.42
C LEU A 454 -66.05 64.55 -52.09
N ILE A 455 -66.58 63.34 -51.91
CA ILE A 455 -67.21 62.97 -50.65
C ILE A 455 -66.72 61.62 -50.17
N SER A 456 -66.30 61.55 -48.91
CA SER A 456 -65.87 60.27 -48.36
C SER A 456 -66.45 60.07 -46.97
N THR A 457 -67.38 59.12 -46.85
CA THR A 457 -68.04 58.87 -45.58
C THR A 457 -68.61 57.45 -45.46
N ILE A 458 -69.37 57.21 -44.39
CA ILE A 458 -70.04 55.95 -44.10
C ILE A 458 -71.47 56.17 -43.65
N ALA A 459 -72.43 55.42 -44.17
CA ALA A 459 -73.80 55.64 -43.73
C ALA A 459 -74.64 54.38 -43.69
N ARG A 460 -75.57 54.33 -42.73
CA ARG A 460 -76.50 53.21 -42.60
C ARG A 460 -77.87 53.60 -43.11
N VAL A 461 -78.40 52.84 -44.05
CA VAL A 461 -79.70 53.19 -44.60
C VAL A 461 -80.67 52.00 -44.50
N PRO A 462 -81.90 52.22 -44.03
CA PRO A 462 -82.99 51.25 -43.98
C PRO A 462 -83.32 50.78 -45.38
N HIS A 463 -83.67 49.51 -45.51
CA HIS A 463 -83.98 48.96 -46.82
C HIS A 463 -85.10 49.69 -47.54
N GLY A 464 -84.82 50.17 -48.74
CA GLY A 464 -85.82 50.86 -49.53
C GLY A 464 -85.97 52.34 -49.18
N LYS A 465 -85.13 52.84 -48.29
CA LYS A 465 -85.18 54.24 -47.91
C LYS A 465 -83.97 54.98 -48.43
N SER A 466 -83.87 56.25 -48.08
CA SER A 466 -82.77 57.03 -48.58
C SER A 466 -82.25 58.02 -47.57
N LEU A 467 -81.01 58.46 -47.76
CA LEU A 467 -80.40 59.49 -46.92
C LEU A 467 -79.66 60.53 -47.71
N LEU A 468 -79.65 61.73 -47.18
CA LEU A 468 -78.87 62.80 -47.77
C LEU A 468 -77.45 62.69 -47.27
N VAL A 469 -76.53 62.37 -48.18
CA VAL A 469 -75.13 62.23 -47.82
C VAL A 469 -74.48 63.56 -47.63
N GLY A 470 -74.73 64.46 -48.56
CA GLY A 470 -74.14 65.77 -48.41
C GLY A 470 -74.57 66.69 -49.51
N GLY A 471 -74.08 67.91 -49.45
CA GLY A 471 -74.43 68.87 -50.45
C GLY A 471 -73.79 70.21 -50.25
N TYR A 472 -74.17 71.15 -51.09
CA TYR A 472 -73.61 72.47 -51.06
C TYR A 472 -74.59 73.46 -51.62
N THR A 473 -74.87 74.52 -50.87
CA THR A 473 -75.74 75.54 -51.40
C THR A 473 -75.09 76.90 -51.35
N ARG A 474 -75.55 77.78 -52.21
CA ARG A 474 -75.02 79.12 -52.25
C ARG A 474 -76.04 80.15 -52.66
N ASP A 475 -76.14 81.20 -51.87
CA ASP A 475 -77.05 82.28 -52.20
C ASP A 475 -76.26 83.58 -52.23
N ALA A 476 -76.49 84.40 -53.24
CA ALA A 476 -75.72 85.64 -53.30
C ALA A 476 -76.45 86.75 -54.01
N ASN A 477 -76.12 87.98 -53.64
CA ASN A 477 -76.73 89.14 -54.25
C ASN A 477 -75.84 90.35 -54.14
N THR A 478 -75.69 91.07 -55.24
CA THR A 478 -74.87 92.28 -55.22
C THR A 478 -75.42 93.38 -56.10
N ASP A 479 -75.07 94.61 -55.78
CA ASP A 479 -75.53 95.73 -56.56
C ASP A 479 -74.58 96.92 -56.54
N THR A 480 -74.62 97.73 -57.60
CA THR A 480 -73.78 98.91 -57.66
C THR A 480 -74.52 100.11 -58.16
N VAL A 481 -74.04 101.29 -57.74
CA VAL A 481 -74.57 102.55 -58.22
C VAL A 481 -73.44 103.52 -58.55
N GLN A 482 -73.41 104.03 -59.77
CA GLN A 482 -72.41 105.00 -60.13
C GLN A 482 -73.05 106.22 -60.72
N SER A 483 -72.47 107.39 -60.46
CA SER A 483 -73.05 108.58 -61.05
C SER A 483 -72.11 109.75 -61.09
N ILE A 484 -72.52 110.77 -61.84
CA ILE A 484 -71.78 112.00 -61.92
C ILE A 484 -72.33 112.94 -60.85
N PRO A 485 -71.51 113.30 -59.86
CA PRO A 485 -71.83 114.10 -58.68
C PRO A 485 -72.98 115.11 -58.81
N PHE A 486 -73.08 115.80 -59.93
CA PHE A 486 -74.16 116.76 -60.03
C PHE A 486 -75.12 116.47 -61.18
N LEU A 487 -74.60 115.95 -62.28
CA LEU A 487 -75.43 115.69 -63.44
C LEU A 487 -76.43 114.58 -63.22
N GLY A 488 -76.06 113.61 -62.39
CA GLY A 488 -76.94 112.48 -62.09
C GLY A 488 -78.22 112.89 -61.38
N LYS A 489 -78.31 114.12 -60.87
CA LYS A 489 -79.50 114.55 -60.16
C LYS A 489 -80.46 115.33 -61.05
N LEU A 490 -80.14 115.48 -62.33
CA LEU A 490 -81.02 116.28 -63.18
C LEU A 490 -82.29 115.53 -63.61
N PRO A 491 -83.46 116.17 -63.44
CA PRO A 491 -84.82 115.63 -63.65
C PRO A 491 -84.95 114.52 -64.69
N LEU A 492 -84.74 114.86 -65.97
CA LEU A 492 -84.86 113.89 -67.04
C LEU A 492 -83.59 113.86 -67.86
N ILE A 493 -82.47 114.05 -67.17
CA ILE A 493 -81.18 114.12 -67.81
C ILE A 493 -80.20 113.17 -67.13
N GLY A 494 -80.20 113.17 -65.80
CA GLY A 494 -79.30 112.37 -64.98
C GLY A 494 -79.23 110.90 -65.36
N SER A 495 -80.31 110.36 -65.95
CA SER A 495 -80.34 108.98 -66.43
C SER A 495 -79.23 108.67 -67.44
N LEU A 496 -78.73 109.71 -68.11
CA LEU A 496 -77.68 109.61 -69.08
C LEU A 496 -76.29 109.59 -68.46
N PHE A 497 -76.24 109.75 -67.15
CA PHE A 497 -75.00 109.79 -66.41
C PHE A 497 -74.94 108.71 -65.33
N ARG A 498 -76.10 108.38 -64.78
CA ARG A 498 -76.21 107.35 -63.77
C ARG A 498 -76.00 105.95 -64.33
N TYR A 499 -75.60 105.04 -63.46
CA TYR A 499 -75.38 103.65 -63.82
C TYR A 499 -75.69 102.73 -62.69
N SER A 500 -76.41 101.65 -62.95
CA SER A 500 -76.66 100.72 -61.88
C SER A 500 -76.65 99.29 -62.33
N SER A 501 -76.40 98.38 -61.39
CA SER A 501 -76.42 96.98 -61.73
C SER A 501 -76.90 96.12 -60.58
N LYS A 502 -77.47 94.98 -60.92
CA LYS A 502 -77.93 94.02 -59.93
C LYS A 502 -77.56 92.62 -60.36
N ASN A 503 -77.14 91.79 -59.41
CA ASN A 503 -76.80 90.42 -59.77
C ASN A 503 -77.12 89.45 -58.66
N LYS A 504 -78.19 88.68 -58.85
CA LYS A 504 -78.63 87.69 -57.89
C LYS A 504 -78.48 86.26 -58.39
N SER A 505 -78.06 85.36 -57.49
CA SER A 505 -77.95 83.97 -57.90
C SER A 505 -78.25 82.99 -56.77
N ASN A 506 -78.71 81.80 -57.14
CA ASN A 506 -79.03 80.75 -56.19
C ASN A 506 -78.59 79.39 -56.71
N VAL A 507 -77.83 78.65 -55.91
CA VAL A 507 -77.33 77.34 -56.32
C VAL A 507 -77.60 76.24 -55.30
N VAL A 508 -78.13 75.11 -55.77
CA VAL A 508 -78.37 73.97 -54.88
C VAL A 508 -77.81 72.66 -55.43
N ARG A 509 -76.90 72.03 -54.69
CA ARG A 509 -76.37 70.73 -55.08
C ARG A 509 -76.43 69.68 -53.99
N VAL A 510 -77.07 68.54 -54.27
CA VAL A 510 -77.13 67.48 -53.26
C VAL A 510 -76.85 66.09 -53.79
N PHE A 511 -76.39 65.23 -52.88
CA PHE A 511 -76.09 63.83 -53.14
C PHE A 511 -76.89 62.94 -52.21
N MET A 512 -77.76 62.11 -52.79
CA MET A 512 -78.61 61.24 -52.00
C MET A 512 -78.42 59.77 -52.34
N ILE A 513 -78.49 58.92 -51.33
CA ILE A 513 -78.31 57.48 -51.50
C ILE A 513 -79.54 56.66 -51.24
N GLU A 514 -79.81 55.73 -52.15
CA GLU A 514 -80.93 54.81 -52.01
C GLU A 514 -80.47 53.39 -52.32
N PRO A 515 -80.68 52.46 -51.39
CA PRO A 515 -80.23 51.08 -51.64
C PRO A 515 -81.34 50.07 -51.40
N LYS A 516 -81.29 48.97 -52.15
CA LYS A 516 -82.25 47.91 -51.98
C LYS A 516 -81.69 46.53 -52.29
N GLU A 517 -82.36 45.51 -51.77
CA GLU A 517 -81.94 44.14 -51.96
C GLU A 517 -82.56 43.53 -53.20
N ILE A 518 -81.73 42.92 -54.02
CA ILE A 518 -82.19 42.30 -55.24
C ILE A 518 -82.27 40.80 -55.10
N VAL A 519 -83.44 40.24 -55.40
CA VAL A 519 -83.63 38.81 -55.29
C VAL A 519 -84.19 38.17 -56.54
N ASP A 520 -84.94 38.92 -57.33
CA ASP A 520 -85.52 38.40 -58.55
C ASP A 520 -84.69 38.78 -59.77
N PRO A 521 -84.76 37.98 -60.83
CA PRO A 521 -84.15 38.18 -62.13
C PRO A 521 -84.88 39.30 -62.83
N LEU A 522 -84.20 39.96 -63.75
CA LEU A 522 -84.75 41.10 -64.45
C LEU A 522 -86.00 40.65 -65.21
N THR A 523 -87.12 41.33 -64.98
CA THR A 523 -88.38 40.97 -65.62
C THR A 523 -89.03 42.15 -66.30
N PRO A 524 -89.32 42.05 -67.60
CA PRO A 524 -89.08 40.97 -68.55
C PRO A 524 -87.61 40.86 -68.89
N ASP A 525 -87.24 39.72 -69.47
CA ASP A 525 -85.85 39.45 -69.81
C ASP A 525 -85.30 40.51 -70.75
N ALA A 526 -84.02 40.85 -70.54
CA ALA A 526 -83.36 41.90 -71.30
C ALA A 526 -83.57 41.82 -72.80
N SER A 527 -83.41 40.63 -73.37
CA SER A 527 -83.54 40.45 -74.81
C SER A 527 -84.92 40.80 -75.35
N GLU A 528 -85.95 40.67 -74.52
CA GLU A 528 -87.29 41.00 -74.95
C GLU A 528 -87.46 42.48 -75.08
N SER A 529 -86.98 43.19 -74.07
CA SER A 529 -87.07 44.64 -74.06
C SER A 529 -86.24 45.24 -75.17
N VAL A 530 -85.06 44.70 -75.41
CA VAL A 530 -84.21 45.20 -76.47
C VAL A 530 -84.89 45.08 -77.82
N ASN A 531 -85.52 43.95 -78.08
CA ASN A 531 -86.21 43.79 -79.35
C ASN A 531 -87.30 44.83 -79.53
N ASN A 532 -88.03 45.13 -78.46
CA ASN A 532 -89.06 46.14 -78.55
C ASN A 532 -88.49 47.50 -78.91
N ILE A 533 -87.35 47.82 -78.31
CA ILE A 533 -86.66 49.07 -78.58
C ILE A 533 -86.19 49.17 -80.01
N LEU A 534 -85.54 48.14 -80.50
CA LEU A 534 -85.02 48.15 -81.85
C LEU A 534 -86.11 48.27 -82.89
N LYS A 535 -87.22 47.60 -82.67
CA LYS A 535 -88.29 47.67 -83.63
C LYS A 535 -88.94 49.03 -83.66
N GLN A 536 -89.27 49.57 -82.49
CA GLN A 536 -89.91 50.87 -82.44
C GLN A 536 -89.00 51.99 -82.91
N SER A 537 -87.71 51.86 -82.62
CA SER A 537 -86.75 52.86 -83.06
C SER A 537 -86.32 52.72 -84.52
N GLY A 538 -86.77 51.65 -85.20
CA GLY A 538 -86.46 51.44 -86.60
C GLY A 538 -85.05 50.89 -86.90
N ALA A 539 -84.33 50.43 -85.87
CA ALA A 539 -82.97 49.94 -86.06
C ALA A 539 -82.96 48.45 -86.34
N TRP A 540 -83.99 47.76 -85.85
CA TRP A 540 -84.13 46.31 -86.01
C TRP A 540 -83.97 45.86 -87.44
N SER A 541 -83.19 44.81 -87.62
CA SER A 541 -82.96 44.23 -88.94
C SER A 541 -82.87 42.73 -88.86
N GLY A 542 -83.59 42.14 -87.92
CA GLY A 542 -83.58 40.70 -87.72
C GLY A 542 -84.17 39.94 -88.91
N ASP A 543 -84.96 40.62 -89.73
CA ASP A 543 -85.53 40.00 -90.91
C ASP A 543 -84.66 40.13 -92.15
N ASP A 544 -83.43 40.64 -92.01
CA ASP A 544 -82.57 40.76 -93.17
C ASP A 544 -82.25 39.39 -93.73
N LYS A 545 -82.60 39.20 -95.00
CA LYS A 545 -82.41 37.93 -95.71
C LYS A 545 -80.97 37.40 -95.73
N LEU A 546 -79.99 38.25 -95.45
CA LEU A 546 -78.62 37.84 -95.47
C LEU A 546 -78.13 37.65 -94.05
N GLN A 547 -78.19 38.72 -93.26
CA GLN A 547 -77.64 38.69 -91.92
C GLN A 547 -78.26 37.63 -91.02
N LYS A 548 -79.54 37.28 -91.25
CA LYS A 548 -80.20 36.26 -90.44
C LYS A 548 -79.48 34.91 -90.42
N TRP A 549 -78.64 34.63 -91.41
CA TRP A 549 -77.91 33.37 -91.44
C TRP A 549 -76.92 33.26 -90.29
N VAL A 550 -76.54 34.39 -89.73
CA VAL A 550 -75.65 34.44 -88.61
C VAL A 550 -76.39 34.80 -87.35
N ARG A 551 -77.23 35.84 -87.45
CA ARG A 551 -77.97 36.34 -86.29
C ARG A 551 -78.77 35.25 -85.59
N VAL A 552 -79.33 34.30 -86.34
CA VAL A 552 -80.06 33.18 -85.75
C VAL A 552 -79.28 32.42 -84.66
N TYR A 553 -77.95 32.42 -84.75
CA TYR A 553 -77.12 31.70 -83.79
C TYR A 553 -77.02 32.44 -82.48
N LEU A 554 -77.36 33.71 -82.49
CA LEU A 554 -77.26 34.54 -81.32
C LEU A 554 -78.63 34.73 -80.70
N ASP A 555 -79.62 34.91 -81.55
CA ASP A 555 -80.96 35.16 -81.09
C ASP A 555 -81.68 33.92 -80.59
N ARG A 556 -81.43 32.78 -81.23
CA ARG A 556 -82.08 31.54 -80.80
C ARG A 556 -81.08 30.45 -80.43
N GLY A 557 -79.79 30.70 -80.66
CA GLY A 557 -78.77 29.71 -80.35
C GLY A 557 -78.47 28.85 -81.56
N GLY B 34 -65.97 -37.58 6.12
CA GLY B 34 -65.48 -36.20 5.81
C GLY B 34 -64.07 -36.16 6.33
N PHE B 35 -63.76 -35.10 7.08
CA PHE B 35 -62.43 -34.98 7.64
C PHE B 35 -62.38 -34.24 8.98
N VAL B 36 -61.66 -34.84 9.94
CA VAL B 36 -61.45 -34.24 11.25
C VAL B 36 -59.96 -34.12 11.53
N ALA B 37 -59.51 -32.91 11.79
CA ALA B 37 -58.13 -32.65 12.12
C ALA B 37 -57.95 -32.90 13.61
N LYS B 38 -56.82 -33.42 14.05
CA LYS B 38 -56.60 -33.69 15.47
C LYS B 38 -55.18 -33.32 15.73
N ASP B 39 -55.02 -32.06 16.12
CA ASP B 39 -53.71 -31.53 16.35
C ASP B 39 -52.73 -31.70 15.19
N ASP B 40 -53.17 -31.45 13.96
CA ASP B 40 -52.37 -31.70 12.81
C ASP B 40 -51.72 -30.43 12.37
N SER B 41 -50.56 -30.54 11.72
CA SER B 41 -49.95 -29.29 11.23
C SER B 41 -50.77 -28.81 10.03
N LEU B 42 -50.72 -27.50 9.78
CA LEU B 42 -51.35 -26.90 8.64
C LEU B 42 -50.60 -27.20 7.42
N ARG B 43 -49.34 -27.49 7.58
CA ARG B 43 -48.64 -28.00 6.46
C ARG B 43 -49.37 -29.24 6.00
N THR B 44 -49.68 -30.15 6.89
CA THR B 44 -50.31 -31.42 6.48
C THR B 44 -51.70 -31.13 5.99
N PHE B 45 -52.39 -30.32 6.78
CA PHE B 45 -53.77 -29.99 6.49
C PHE B 45 -53.91 -29.37 5.11
N PHE B 46 -53.09 -28.40 4.79
CA PHE B 46 -53.30 -27.77 3.48
C PHE B 46 -52.78 -28.58 2.32
N ASP B 47 -51.84 -29.48 2.60
CA ASP B 47 -51.42 -30.48 1.64
C ASP B 47 -52.54 -31.43 1.30
N ALA B 48 -53.38 -31.78 2.29
CA ALA B 48 -54.59 -32.57 2.05
C ALA B 48 -55.56 -31.78 1.14
N MET B 49 -55.65 -30.48 1.36
CA MET B 49 -56.46 -29.65 0.44
C MET B 49 -55.86 -29.60 -0.95
N ALA B 50 -54.54 -29.57 -1.03
CA ALA B 50 -53.87 -29.60 -2.33
C ALA B 50 -54.11 -30.91 -3.08
N LEU B 51 -54.32 -32.00 -2.34
CA LEU B 51 -54.66 -33.28 -2.96
C LEU B 51 -56.11 -33.37 -3.32
N GLN B 52 -56.99 -32.75 -2.54
CA GLN B 52 -58.42 -32.81 -2.88
C GLN B 52 -58.84 -31.83 -3.95
N LEU B 53 -58.20 -30.67 -3.96
CA LEU B 53 -58.52 -29.67 -4.95
C LEU B 53 -57.54 -29.75 -6.11
N LYS B 54 -58.13 -29.73 -7.29
CA LYS B 54 -57.39 -29.77 -8.54
C LYS B 54 -56.30 -28.70 -8.53
N GLU B 55 -56.70 -27.45 -8.27
CA GLU B 55 -55.77 -26.34 -8.16
C GLU B 55 -54.73 -26.41 -7.05
N PRO B 56 -53.49 -25.96 -7.30
CA PRO B 56 -52.53 -26.04 -6.22
C PRO B 56 -53.02 -25.20 -5.06
N VAL B 57 -52.72 -25.64 -3.85
CA VAL B 57 -53.00 -24.85 -2.68
C VAL B 57 -51.65 -24.49 -2.14
N ILE B 58 -51.19 -23.26 -2.33
CA ILE B 58 -49.83 -22.90 -1.90
C ILE B 58 -49.96 -22.03 -0.68
N VAL B 59 -49.14 -22.36 0.33
CA VAL B 59 -49.24 -21.73 1.63
C VAL B 59 -47.89 -21.02 1.98
N SER B 60 -47.92 -20.00 2.80
CA SER B 60 -46.68 -19.41 3.28
C SER B 60 -46.13 -20.25 4.41
N LYS B 61 -44.91 -19.91 4.82
CA LYS B 61 -44.27 -20.59 5.92
C LYS B 61 -45.13 -20.49 7.17
N MET B 62 -45.66 -19.28 7.41
CA MET B 62 -46.50 -18.99 8.57
C MET B 62 -47.83 -19.69 8.51
N ALA B 63 -48.39 -19.77 7.31
CA ALA B 63 -49.64 -20.52 7.09
C ALA B 63 -49.49 -22.02 7.37
N ALA B 64 -48.32 -22.58 7.07
CA ALA B 64 -47.99 -24.00 7.37
C ALA B 64 -47.51 -24.32 8.78
N ARG B 65 -46.91 -23.34 9.41
CA ARG B 65 -46.33 -23.41 10.74
C ARG B 65 -47.35 -23.79 11.87
N LYS B 66 -48.56 -23.22 11.85
CA LYS B 66 -49.49 -23.47 12.95
C LYS B 66 -50.20 -24.80 12.71
N LYS B 67 -50.99 -25.23 13.71
CA LYS B 67 -51.68 -26.53 13.70
C LYS B 67 -53.18 -26.33 13.61
N ILE B 68 -53.93 -27.43 13.57
CA ILE B 68 -55.37 -27.29 13.36
C ILE B 68 -56.09 -28.46 13.97
N THR B 69 -57.22 -28.23 14.62
CA THR B 69 -58.05 -29.29 15.17
C THR B 69 -59.51 -28.99 14.90
N GLY B 70 -60.26 -29.97 14.43
CA GLY B 70 -61.69 -29.80 14.18
C GLY B 70 -62.19 -30.46 12.91
N ASN B 71 -63.52 -30.53 12.77
CA ASN B 71 -64.12 -31.16 11.61
C ASN B 71 -64.10 -30.20 10.44
N PHE B 72 -63.20 -30.46 9.49
CA PHE B 72 -62.99 -29.66 8.29
C PHE B 72 -62.95 -30.47 7.02
N GLU B 73 -64.14 -30.86 6.61
CA GLU B 73 -64.36 -31.62 5.39
C GLU B 73 -63.86 -30.75 4.23
N PHE B 74 -63.29 -31.42 3.25
CA PHE B 74 -62.70 -30.73 2.11
C PHE B 74 -63.69 -30.64 0.93
N HIS B 75 -64.97 -30.59 1.22
CA HIS B 75 -65.93 -30.55 0.11
C HIS B 75 -65.92 -29.21 -0.59
N ASP B 76 -65.44 -28.15 0.07
CA ASP B 76 -65.38 -26.85 -0.56
C ASP B 76 -64.28 -26.06 0.08
N PRO B 77 -63.07 -26.15 -0.48
CA PRO B 77 -61.80 -25.49 -0.11
C PRO B 77 -61.90 -23.98 0.02
N ASN B 78 -62.66 -23.37 -0.86
CA ASN B 78 -62.82 -21.92 -0.83
C ASN B 78 -63.67 -21.43 0.34
N ALA B 79 -64.84 -22.04 0.54
CA ALA B 79 -65.68 -21.73 1.66
C ALA B 79 -65.03 -22.20 2.98
N LEU B 80 -64.24 -23.27 2.89
CA LEU B 80 -63.50 -23.77 4.04
C LEU B 80 -62.55 -22.71 4.53
N LEU B 81 -61.79 -22.11 3.61
CA LEU B 81 -60.86 -21.05 3.96
C LEU B 81 -61.55 -19.81 4.50
N GLU B 82 -62.77 -19.55 4.08
CA GLU B 82 -63.51 -18.47 4.67
C GLU B 82 -63.80 -18.86 6.14
N LYS B 83 -64.16 -20.12 6.36
CA LYS B 83 -64.33 -20.53 7.76
C LYS B 83 -62.99 -20.46 8.49
N LEU B 84 -61.89 -20.75 7.82
CA LEU B 84 -60.61 -20.79 8.56
C LEU B 84 -60.02 -19.40 8.78
N SER B 85 -60.74 -18.37 8.31
CA SER B 85 -60.32 -16.98 8.58
C SER B 85 -60.70 -16.71 10.03
N LEU B 86 -61.62 -17.51 10.55
CA LEU B 86 -62.04 -17.44 11.95
C LEU B 86 -61.47 -18.54 12.80
N GLN B 87 -61.30 -19.72 12.21
CA GLN B 87 -60.79 -20.82 12.98
C GLN B 87 -59.25 -20.76 13.09
N LEU B 88 -58.58 -20.35 12.02
CA LEU B 88 -57.14 -20.24 12.08
C LEU B 88 -56.68 -18.82 12.20
N GLY B 89 -57.38 -17.94 11.48
CA GLY B 89 -56.95 -16.55 11.40
C GLY B 89 -55.96 -16.29 10.27
N LEU B 90 -56.27 -16.89 9.12
CA LEU B 90 -55.44 -16.80 7.92
C LEU B 90 -56.24 -16.06 6.91
N ILE B 91 -55.54 -15.53 5.91
CA ILE B 91 -56.16 -14.87 4.77
C ILE B 91 -55.62 -15.62 3.53
N TRP B 92 -56.37 -15.52 2.45
CA TRP B 92 -56.14 -16.36 1.27
C TRP B 92 -56.55 -15.63 0.03
N TYR B 93 -56.09 -16.14 -1.09
CA TYR B 93 -56.40 -15.57 -2.38
C TYR B 93 -56.51 -16.68 -3.45
N PHE B 94 -57.49 -16.62 -4.34
CA PHE B 94 -57.65 -17.61 -5.38
C PHE B 94 -57.61 -16.89 -6.69
N ASP B 95 -56.59 -17.12 -7.57
CA ASP B 95 -56.50 -16.39 -8.83
C ASP B 95 -57.18 -17.12 -9.97
N GLY B 96 -57.84 -18.24 -9.65
CA GLY B 96 -58.62 -19.02 -10.64
C GLY B 96 -57.83 -20.29 -10.93
N GLN B 97 -56.52 -20.25 -10.71
CA GLN B 97 -55.69 -21.41 -10.99
C GLN B 97 -54.99 -21.99 -9.76
N ALA B 98 -54.78 -21.19 -8.74
CA ALA B 98 -54.14 -21.67 -7.52
C ALA B 98 -54.50 -20.83 -6.30
N ILE B 99 -54.51 -21.43 -5.12
CA ILE B 99 -54.82 -20.68 -3.88
C ILE B 99 -53.56 -20.22 -3.15
N TYR B 100 -53.57 -19.01 -2.58
CA TYR B 100 -52.35 -18.48 -1.87
C TYR B 100 -52.72 -18.06 -0.51
N ILE B 101 -52.28 -18.85 0.46
CA ILE B 101 -52.74 -18.70 1.84
C ILE B 101 -51.62 -18.05 2.67
N TYR B 102 -51.90 -16.89 3.23
CA TYR B 102 -50.94 -16.26 4.14
C TYR B 102 -51.60 -16.09 5.44
N ASP B 103 -50.77 -15.78 6.40
CA ASP B 103 -51.25 -15.48 7.73
C ASP B 103 -51.93 -14.12 7.69
N ALA B 104 -52.91 -13.94 8.53
CA ALA B 104 -53.58 -12.65 8.55
C ALA B 104 -52.63 -11.51 8.91
N SER B 105 -51.56 -11.81 9.65
CA SER B 105 -50.63 -10.74 10.00
C SER B 105 -49.73 -10.40 8.82
N GLU B 106 -49.80 -11.18 7.75
CA GLU B 106 -48.93 -10.92 6.58
C GLU B 106 -49.65 -10.03 5.54
N MET B 107 -50.83 -9.55 5.93
CA MET B 107 -51.59 -8.66 5.13
C MET B 107 -50.81 -7.39 4.79
N ARG B 108 -50.94 -6.97 3.54
CA ARG B 108 -50.26 -5.80 3.01
C ARG B 108 -51.27 -4.71 2.68
N ASN B 109 -50.79 -3.47 2.69
CA ASN B 109 -51.59 -2.33 2.30
C ASN B 109 -50.91 -1.56 1.21
N ALA B 110 -51.68 -0.81 0.45
CA ALA B 110 -51.02 0.01 -0.54
C ALA B 110 -51.87 1.16 -0.85
N VAL B 111 -51.18 2.23 -1.21
CA VAL B 111 -51.79 3.47 -1.69
C VAL B 111 -51.33 3.73 -3.12
N VAL B 112 -52.26 3.58 -4.07
CA VAL B 112 -51.85 3.63 -5.45
C VAL B 112 -52.74 4.61 -6.15
N SER B 113 -52.09 5.56 -6.85
CA SER B 113 -52.76 6.60 -7.68
C SER B 113 -53.23 5.93 -8.96
N LEU B 114 -54.26 6.47 -9.60
CA LEU B 114 -54.78 5.86 -10.81
C LEU B 114 -54.97 6.99 -11.81
N ARG B 115 -54.24 6.91 -12.94
CA ARG B 115 -54.19 8.00 -13.90
C ARG B 115 -55.23 7.88 -15.01
N ASN B 116 -55.16 6.85 -15.86
CA ASN B 116 -55.93 6.82 -17.10
C ASN B 116 -57.19 6.00 -17.05
N VAL B 117 -57.53 5.55 -15.85
CA VAL B 117 -58.63 4.67 -15.60
C VAL B 117 -59.42 5.26 -14.44
N SER B 118 -60.74 5.16 -14.57
CA SER B 118 -61.66 5.58 -13.56
C SER B 118 -61.60 4.60 -12.45
N LEU B 119 -61.82 5.08 -11.23
CA LEU B 119 -61.65 4.25 -10.08
C LEU B 119 -62.58 2.99 -10.12
N ASN B 120 -63.84 3.16 -10.51
CA ASN B 120 -64.75 2.05 -10.67
C ASN B 120 -64.42 1.21 -11.89
N GLU B 121 -64.00 1.85 -12.96
CA GLU B 121 -63.52 1.18 -14.14
C GLU B 121 -62.33 0.27 -13.81
N PHE B 122 -61.40 0.75 -12.98
CA PHE B 122 -60.27 -0.11 -12.57
C PHE B 122 -60.74 -1.41 -11.85
N ASN B 123 -61.64 -1.27 -10.88
CA ASN B 123 -62.21 -2.43 -10.17
C ASN B 123 -62.89 -3.39 -11.14
N ASN B 124 -63.57 -2.82 -12.11
CA ASN B 124 -64.22 -3.65 -13.12
C ASN B 124 -63.24 -4.35 -13.98
N PHE B 125 -62.13 -3.69 -14.29
CA PHE B 125 -61.17 -4.34 -15.11
C PHE B 125 -60.55 -5.53 -14.37
N LEU B 126 -60.41 -5.44 -13.06
CA LEU B 126 -59.91 -6.60 -12.32
C LEU B 126 -60.93 -7.71 -12.28
N LYS B 127 -62.21 -7.35 -12.35
CA LYS B 127 -63.29 -8.33 -12.34
C LYS B 127 -63.33 -9.02 -13.73
N ARG B 128 -62.99 -8.24 -14.76
CA ARG B 128 -62.90 -8.67 -16.16
C ARG B 128 -61.73 -9.61 -16.32
N SER B 129 -60.67 -9.32 -15.60
CA SER B 129 -59.48 -10.18 -15.50
C SER B 129 -59.82 -11.48 -14.72
N GLY B 130 -60.71 -11.33 -13.74
CA GLY B 130 -61.15 -12.47 -12.97
C GLY B 130 -60.19 -12.60 -11.81
N LEU B 131 -59.57 -11.49 -11.42
CA LEU B 131 -58.55 -11.59 -10.37
C LEU B 131 -59.03 -10.93 -9.11
N TYR B 132 -59.98 -10.04 -9.31
CA TYR B 132 -60.56 -9.36 -8.23
C TYR B 132 -61.23 -10.36 -7.28
N ASN B 133 -60.61 -10.52 -6.11
CA ASN B 133 -61.20 -11.26 -5.01
C ASN B 133 -62.11 -10.40 -4.13
N LYS B 134 -63.43 -10.67 -4.19
CA LYS B 134 -64.44 -9.85 -3.49
C LYS B 134 -64.35 -9.95 -1.96
N ASN B 135 -63.58 -10.89 -1.44
CA ASN B 135 -63.42 -10.95 0.01
C ASN B 135 -62.48 -9.90 0.50
N TYR B 136 -61.78 -9.21 -0.40
CA TYR B 136 -60.88 -8.14 0.02
C TYR B 136 -61.12 -6.95 -0.91
N PRO B 137 -62.20 -6.20 -0.61
CA PRO B 137 -62.66 -5.03 -1.36
C PRO B 137 -61.60 -3.98 -1.43
N LEU B 138 -61.55 -3.32 -2.58
CA LEU B 138 -60.73 -2.15 -2.71
C LEU B 138 -61.50 -0.88 -2.33
N ARG B 139 -60.75 0.14 -1.88
CA ARG B 139 -61.39 1.34 -1.38
C ARG B 139 -61.10 2.49 -2.32
N GLY B 140 -62.20 3.11 -2.74
CA GLY B 140 -62.13 4.27 -3.62
C GLY B 140 -62.46 5.56 -2.90
N ASP B 141 -62.54 6.67 -3.63
CA ASP B 141 -62.87 7.99 -3.10
C ASP B 141 -63.30 8.88 -4.28
N ASN B 142 -64.56 9.32 -4.33
CA ASN B 142 -65.01 10.09 -5.48
C ASN B 142 -64.33 11.44 -5.69
N ARG B 143 -63.65 11.95 -4.66
CA ARG B 143 -63.02 13.26 -4.73
C ARG B 143 -61.49 13.19 -4.72
N LYS B 144 -60.96 11.97 -4.82
CA LYS B 144 -59.51 11.74 -4.81
C LYS B 144 -59.18 10.68 -5.84
N GLY B 145 -58.21 10.98 -6.70
CA GLY B 145 -57.81 10.09 -7.82
C GLY B 145 -56.90 8.89 -7.48
N THR B 146 -57.14 8.32 -6.29
CA THR B 146 -56.40 7.15 -5.82
C THR B 146 -57.35 6.11 -5.32
N PHE B 147 -56.76 4.97 -4.97
CA PHE B 147 -57.48 3.86 -4.36
C PHE B 147 -56.52 3.14 -3.40
N TYR B 148 -57.11 2.37 -2.48
CA TYR B 148 -56.37 1.73 -1.38
C TYR B 148 -56.59 0.23 -1.52
N VAL B 149 -55.53 -0.49 -1.21
CA VAL B 149 -55.46 -1.93 -1.42
C VAL B 149 -55.17 -2.52 -0.07
N SER B 150 -55.91 -3.56 0.29
CA SER B 150 -55.65 -4.34 1.51
C SER B 150 -55.91 -5.78 1.15
N GLY B 151 -55.06 -6.65 1.67
CA GLY B 151 -55.28 -8.05 1.44
C GLY B 151 -54.03 -8.86 1.54
N PRO B 152 -54.08 -10.13 1.12
CA PRO B 152 -52.88 -10.92 1.18
C PRO B 152 -51.84 -10.45 0.16
N PRO B 153 -50.56 -10.74 0.42
CA PRO B 153 -49.50 -10.27 -0.47
C PRO B 153 -49.70 -10.52 -1.98
N VAL B 154 -50.21 -11.67 -2.38
CA VAL B 154 -50.50 -11.89 -3.79
C VAL B 154 -51.71 -11.06 -4.27
N TYR B 155 -52.77 -10.93 -3.50
CA TYR B 155 -53.86 -10.05 -3.95
C TYR B 155 -53.34 -8.63 -4.13
N VAL B 156 -52.63 -8.16 -3.13
CA VAL B 156 -52.17 -6.74 -3.08
C VAL B 156 -51.23 -6.48 -4.23
N ASP B 157 -50.22 -7.34 -4.37
CA ASP B 157 -49.26 -7.17 -5.47
C ASP B 157 -49.94 -7.24 -6.84
N MET B 158 -50.93 -8.11 -6.97
CA MET B 158 -51.70 -8.17 -8.22
C MET B 158 -52.38 -6.83 -8.44
N VAL B 159 -53.07 -6.32 -7.44
CA VAL B 159 -53.85 -5.06 -7.72
C VAL B 159 -52.95 -3.90 -8.04
N VAL B 160 -51.91 -3.75 -7.24
CA VAL B 160 -50.97 -2.65 -7.39
C VAL B 160 -50.26 -2.64 -8.77
N ASN B 161 -49.75 -3.82 -9.23
CA ASN B 161 -49.05 -3.94 -10.52
C ASN B 161 -50.03 -3.74 -11.64
N ALA B 162 -51.27 -4.21 -11.43
CA ALA B 162 -52.28 -4.12 -12.45
C ALA B 162 -52.58 -2.68 -12.80
N ALA B 163 -52.58 -1.80 -11.78
CA ALA B 163 -52.89 -0.38 -12.02
C ALA B 163 -51.84 0.19 -12.93
N THR B 164 -50.59 -0.19 -12.67
CA THR B 164 -49.51 0.28 -13.51
C THR B 164 -49.66 -0.13 -14.97
N MET B 165 -50.01 -1.41 -15.14
CA MET B 165 -50.17 -2.02 -16.45
C MET B 165 -51.33 -1.36 -17.17
N MET B 166 -52.43 -1.11 -16.47
CA MET B 166 -53.58 -0.45 -17.09
C MET B 166 -53.36 0.99 -17.53
N ASP B 167 -52.62 1.76 -16.76
CA ASP B 167 -52.38 3.09 -17.23
C ASP B 167 -51.49 3.07 -18.47
N LYS B 168 -50.58 2.08 -18.56
CA LYS B 168 -49.72 1.92 -19.74
C LYS B 168 -50.57 1.49 -20.95
N GLN B 169 -51.58 0.67 -20.69
CA GLN B 169 -52.47 0.23 -21.75
C GLN B 169 -53.43 1.33 -22.14
N ASN B 170 -53.75 2.22 -21.22
CA ASN B 170 -54.66 3.30 -21.57
C ASN B 170 -53.97 4.61 -21.70
N ASP B 171 -52.69 4.57 -22.06
CA ASP B 171 -51.88 5.75 -22.22
C ASP B 171 -52.18 6.46 -23.57
N GLY B 172 -68.38 21.71 -34.68
CA GLY B 172 -67.82 22.41 -33.52
C GLY B 172 -66.54 23.14 -33.88
N ILE B 173 -65.82 22.58 -34.86
CA ILE B 173 -64.57 23.14 -35.38
C ILE B 173 -63.45 22.90 -34.39
N GLU B 174 -63.39 21.70 -33.82
CA GLU B 174 -62.41 21.41 -32.80
C GLU B 174 -61.48 20.26 -33.19
N LEU B 175 -60.24 20.35 -32.72
CA LEU B 175 -59.21 19.35 -32.96
C LEU B 175 -58.34 19.24 -31.74
N GLY B 176 -58.62 18.24 -30.91
CA GLY B 176 -57.86 18.05 -29.69
C GLY B 176 -58.12 19.20 -28.74
N ARG B 177 -57.06 19.86 -28.29
CA ARG B 177 -57.19 20.98 -27.39
C ARG B 177 -57.32 22.32 -28.10
N GLN B 178 -57.39 22.33 -29.42
CA GLN B 178 -57.50 23.60 -30.12
C GLN B 178 -58.73 23.68 -31.00
N LYS B 179 -59.08 24.90 -31.38
CA LYS B 179 -60.24 25.10 -32.22
C LYS B 179 -60.23 26.45 -32.91
N ILE B 180 -61.11 26.61 -33.88
CA ILE B 180 -61.21 27.86 -34.58
C ILE B 180 -62.59 28.45 -34.47
N GLY B 181 -62.66 29.72 -34.09
CA GLY B 181 -63.93 30.40 -33.95
C GLY B 181 -64.14 31.38 -35.07
N VAL B 182 -65.34 31.38 -35.64
CA VAL B 182 -65.69 32.30 -36.70
C VAL B 182 -66.58 33.36 -36.12
N MET B 183 -66.13 34.61 -36.17
CA MET B 183 -66.88 35.67 -35.53
C MET B 183 -67.31 36.75 -36.50
N ARG B 184 -68.58 36.75 -36.87
CA ARG B 184 -69.07 37.76 -37.79
C ARG B 184 -69.35 39.05 -37.07
N LEU B 185 -68.90 40.16 -37.63
CA LEU B 185 -69.20 41.41 -36.98
C LEU B 185 -70.49 41.95 -37.56
N ASN B 186 -71.33 42.48 -36.71
CA ASN B 186 -72.63 42.94 -37.15
C ASN B 186 -72.77 44.44 -37.20
N ASN B 187 -72.08 45.15 -36.32
CA ASN B 187 -72.21 46.60 -36.29
C ASN B 187 -71.01 47.33 -36.87
N THR B 188 -70.06 46.60 -37.45
CA THR B 188 -68.92 47.28 -38.04
C THR B 188 -68.29 46.49 -39.17
N PHE B 189 -67.14 46.97 -39.65
CA PHE B 189 -66.44 46.37 -40.77
C PHE B 189 -65.08 45.84 -40.40
N VAL B 190 -64.76 44.67 -40.94
CA VAL B 190 -63.43 44.09 -40.80
C VAL B 190 -62.53 44.67 -41.87
N GLY B 191 -61.41 45.25 -41.47
CA GLY B 191 -60.50 45.81 -42.44
C GLY B 191 -60.17 47.27 -42.16
N ASP B 192 -59.28 47.83 -42.95
CA ASP B 192 -58.84 49.20 -42.76
C ASP B 192 -59.55 50.17 -43.70
N ARG B 193 -59.74 51.41 -43.27
CA ARG B 193 -60.38 52.43 -44.07
C ARG B 193 -59.36 53.37 -44.68
N THR B 194 -59.40 53.53 -45.99
CA THR B 194 -58.43 54.37 -46.66
C THR B 194 -59.10 55.49 -47.43
N TYR B 195 -58.55 56.69 -47.32
CA TYR B 195 -59.10 57.83 -48.04
C TYR B 195 -58.03 58.84 -48.41
N ASN B 196 -58.35 59.69 -49.37
CA ASN B 196 -57.38 60.68 -49.81
C ASN B 196 -57.77 62.09 -49.44
N LEU B 197 -56.75 62.89 -49.18
CA LEU B 197 -56.88 64.31 -48.89
C LEU B 197 -56.08 65.05 -49.91
N ARG B 198 -56.56 65.04 -51.15
CA ARG B 198 -55.89 65.74 -52.22
C ARG B 198 -54.56 65.08 -52.54
N ASP B 199 -53.51 65.60 -51.93
CA ASP B 199 -52.16 65.14 -52.21
C ASP B 199 -51.66 64.04 -51.28
N GLN B 200 -52.47 63.58 -50.33
CA GLN B 200 -51.97 62.52 -49.45
C GLN B 200 -53.01 61.47 -49.10
N LYS B 201 -52.52 60.28 -48.78
CA LYS B 201 -53.38 59.15 -48.44
C LYS B 201 -53.36 58.82 -46.96
N MET B 202 -54.54 58.68 -46.39
CA MET B 202 -54.70 58.37 -44.98
C MET B 202 -55.24 56.97 -44.77
N VAL B 203 -54.78 56.30 -43.71
CA VAL B 203 -55.26 54.96 -43.40
C VAL B 203 -55.68 54.80 -41.95
N ILE B 204 -56.88 54.28 -41.74
CA ILE B 204 -57.40 54.02 -40.42
C ILE B 204 -57.47 52.53 -40.16
N PRO B 205 -56.75 52.02 -39.17
CA PRO B 205 -56.67 50.61 -38.82
C PRO B 205 -57.99 50.14 -38.25
N GLY B 206 -58.38 48.92 -38.61
CA GLY B 206 -59.63 48.36 -38.10
C GLY B 206 -59.41 47.45 -36.91
N ILE B 207 -60.47 46.75 -36.53
CA ILE B 207 -60.47 45.85 -35.38
C ILE B 207 -59.55 44.67 -35.50
N ALA B 208 -59.30 44.22 -36.73
CA ALA B 208 -58.44 43.08 -36.94
C ALA B 208 -57.03 43.43 -36.53
N THR B 209 -56.58 44.60 -36.97
CA THR B 209 -55.27 45.09 -36.67
C THR B 209 -55.11 45.39 -35.19
N ALA B 210 -56.11 46.06 -34.62
CA ALA B 210 -56.07 46.43 -33.22
C ALA B 210 -55.90 45.21 -32.32
N ILE B 211 -56.72 44.20 -32.54
CA ILE B 211 -56.64 43.01 -31.71
C ILE B 211 -55.35 42.27 -31.91
N GLU B 212 -54.92 42.13 -33.17
CA GLU B 212 -53.68 41.46 -33.47
C GLU B 212 -52.52 42.05 -32.70
N ARG B 213 -52.41 43.37 -32.73
CA ARG B 213 -51.33 44.05 -32.04
C ARG B 213 -51.41 43.87 -30.54
N LEU B 214 -52.63 43.88 -30.01
CA LEU B 214 -52.83 43.73 -28.59
C LEU B 214 -52.35 42.39 -28.09
N LEU B 215 -52.73 41.33 -28.79
CA LEU B 215 -52.34 39.99 -28.38
C LEU B 215 -50.89 39.69 -28.64
N GLN B 216 -50.36 40.21 -29.74
CA GLN B 216 -48.97 39.94 -30.09
C GLN B 216 -48.10 41.16 -29.84
N ILE B 267 -52.29 33.22 -29.49
CA ILE B 267 -53.54 33.21 -30.23
C ILE B 267 -53.32 33.75 -31.64
N LYS B 268 -53.87 33.04 -32.63
CA LYS B 268 -53.71 33.45 -34.02
C LYS B 268 -55.02 33.99 -34.57
N ILE B 269 -55.02 35.25 -35.00
CA ILE B 269 -56.26 35.80 -35.55
C ILE B 269 -56.08 36.34 -36.95
N VAL B 270 -56.91 35.85 -37.86
CA VAL B 270 -56.86 36.27 -39.25
C VAL B 270 -58.18 36.82 -39.73
N ALA B 271 -58.13 37.97 -40.38
CA ALA B 271 -59.31 38.62 -40.92
C ALA B 271 -59.82 37.89 -42.14
N TYR B 272 -61.13 37.89 -42.32
CA TYR B 272 -61.73 37.30 -43.51
C TYR B 272 -62.88 38.16 -44.03
N PRO B 273 -62.53 39.20 -44.80
CA PRO B 273 -63.35 40.24 -45.41
C PRO B 273 -64.56 39.72 -46.11
N ASP B 274 -64.43 38.61 -46.80
CA ASP B 274 -65.51 38.04 -47.58
C ASP B 274 -66.80 37.84 -46.79
N THR B 275 -66.69 37.51 -45.51
CA THR B 275 -67.87 37.30 -44.68
C THR B 275 -67.89 38.26 -43.51
N ASN B 276 -67.09 39.31 -43.60
CA ASN B 276 -66.94 40.33 -42.57
C ASN B 276 -66.73 39.70 -41.22
N SER B 277 -65.76 38.80 -41.14
CA SER B 277 -65.57 38.07 -39.90
C SER B 277 -64.13 37.81 -39.55
N LEU B 278 -63.91 37.38 -38.32
CA LEU B 278 -62.58 37.05 -37.84
C LEU B 278 -62.43 35.56 -37.60
N LEU B 279 -61.23 35.07 -37.84
CA LEU B 279 -60.91 33.68 -37.63
C LEU B 279 -59.95 33.57 -36.45
N VAL B 280 -60.45 33.06 -35.32
CA VAL B 280 -59.64 32.99 -34.11
C VAL B 280 -59.21 31.57 -33.79
N LYS B 281 -57.91 31.32 -33.81
CA LYS B 281 -57.41 29.98 -33.52
C LYS B 281 -56.65 29.91 -32.19
N GLY B 282 -57.04 28.94 -31.37
CA GLY B 282 -56.41 28.76 -30.06
C GLY B 282 -57.14 27.72 -29.24
N THR B 283 -56.99 27.76 -27.92
CA THR B 283 -57.70 26.81 -27.08
C THR B 283 -59.10 27.26 -26.91
N ALA B 284 -59.95 26.38 -26.40
CA ALA B 284 -61.36 26.72 -26.21
C ALA B 284 -61.52 27.95 -25.34
N GLU B 285 -60.71 28.05 -24.29
CA GLU B 285 -60.78 29.18 -23.40
C GLU B 285 -60.28 30.44 -24.07
N GLN B 286 -59.21 30.31 -24.86
CA GLN B 286 -58.68 31.47 -25.57
C GLN B 286 -59.66 32.01 -26.58
N VAL B 287 -60.35 31.12 -27.28
CA VAL B 287 -61.33 31.55 -28.27
C VAL B 287 -62.48 32.25 -27.58
N HIS B 288 -62.98 31.67 -26.50
CA HIS B 288 -64.07 32.27 -25.74
C HIS B 288 -63.70 33.67 -25.25
N PHE B 289 -62.50 33.80 -24.74
CA PHE B 289 -61.96 35.06 -24.27
C PHE B 289 -62.03 36.13 -25.35
N ILE B 290 -61.53 35.81 -26.54
CA ILE B 290 -61.57 36.74 -27.64
C ILE B 290 -62.99 37.03 -28.08
N GLU B 291 -63.84 36.01 -28.07
CA GLU B 291 -65.23 36.17 -28.44
C GLU B 291 -65.89 37.27 -27.65
N MET B 292 -65.70 37.25 -26.36
CA MET B 292 -66.30 38.25 -25.50
C MET B 292 -65.75 39.63 -25.81
N LEU B 293 -64.45 39.73 -26.06
CA LEU B 293 -63.83 41.00 -26.40
C LEU B 293 -64.49 41.61 -27.61
N VAL B 294 -64.66 40.80 -28.64
CA VAL B 294 -65.31 41.23 -29.86
C VAL B 294 -66.70 41.74 -29.61
N LYS B 295 -67.47 41.00 -28.83
CA LYS B 295 -68.83 41.41 -28.52
C LYS B 295 -68.87 42.75 -27.82
N ALA B 296 -67.90 43.02 -26.96
CA ALA B 296 -67.82 44.30 -26.28
C ALA B 296 -67.58 45.45 -27.25
N LEU B 297 -66.71 45.22 -28.24
CA LEU B 297 -66.37 46.27 -29.18
C LEU B 297 -67.38 46.48 -30.32
N ASP B 298 -68.01 45.41 -30.78
CA ASP B 298 -68.95 45.43 -31.90
C ASP B 298 -70.28 46.12 -31.61
N VAL B 299 -70.28 47.46 -31.54
CA VAL B 299 -71.50 48.21 -31.23
C VAL B 299 -71.89 49.19 -32.33
N ALA B 300 -73.19 49.52 -32.37
CA ALA B 300 -73.77 50.40 -33.38
C ALA B 300 -73.38 51.86 -33.21
N LYS B 301 -73.36 52.59 -34.33
CA LYS B 301 -73.01 54.00 -34.32
C LYS B 301 -74.15 54.90 -34.78
N ARG B 302 -74.23 56.08 -34.18
CA ARG B 302 -75.21 57.10 -34.53
C ARG B 302 -74.66 57.99 -35.64
N HIS B 303 -75.56 58.71 -36.29
CA HIS B 303 -75.13 59.59 -37.38
C HIS B 303 -75.10 61.03 -36.96
N VAL B 304 -74.14 61.76 -37.51
CA VAL B 304 -73.98 63.17 -37.23
C VAL B 304 -73.97 63.99 -38.50
N GLU B 305 -74.84 65.00 -38.55
CA GLU B 305 -74.88 65.88 -39.70
C GLU B 305 -74.22 67.19 -39.36
N LEU B 306 -73.29 67.60 -40.20
CA LEU B 306 -72.55 68.82 -40.00
C LEU B 306 -72.88 69.89 -41.01
N SER B 307 -73.24 71.07 -40.52
CA SER B 307 -73.49 72.20 -41.40
C SER B 307 -72.54 73.35 -41.11
N LEU B 308 -71.92 73.85 -42.16
CA LEU B 308 -71.00 74.98 -42.06
C LEU B 308 -71.59 76.19 -42.70
N TRP B 309 -71.66 77.28 -41.95
CA TRP B 309 -72.20 78.50 -42.50
C TRP B 309 -71.08 79.47 -42.78
N ILE B 310 -70.98 79.94 -44.01
CA ILE B 310 -69.97 80.92 -44.34
C ILE B 310 -70.63 82.19 -44.82
N VAL B 311 -70.46 83.27 -44.08
CA VAL B 311 -71.12 84.52 -44.45
C VAL B 311 -70.10 85.58 -44.78
N ASP B 312 -70.30 86.24 -45.92
CA ASP B 312 -69.39 87.29 -46.38
C ASP B 312 -70.13 88.55 -46.84
N LEU B 313 -69.99 89.63 -46.07
CA LEU B 313 -70.66 90.88 -46.39
C LEU B 313 -69.67 91.98 -46.79
N ASN B 314 -70.02 92.76 -47.82
CA ASN B 314 -69.15 93.84 -48.28
C ASN B 314 -69.90 95.14 -48.54
N LYS B 315 -69.31 96.24 -48.12
CA LYS B 315 -69.90 97.55 -48.34
C LYS B 315 -68.85 98.58 -48.67
N SER B 316 -69.08 99.41 -49.69
CA SER B 316 -68.09 100.45 -49.96
C SER B 316 -68.70 101.74 -50.50
N ASP B 317 -67.92 102.82 -50.40
CA ASP B 317 -68.35 104.14 -50.80
C ASP B 317 -67.18 104.99 -51.32
N LEU B 318 -67.12 105.18 -52.62
CA LEU B 318 -66.06 105.93 -53.27
C LEU B 318 -66.50 107.26 -53.84
N GLU B 319 -65.75 108.32 -53.53
CA GLU B 319 -66.07 109.62 -54.09
C GLU B 319 -64.82 110.28 -54.65
N ARG B 320 -64.88 110.68 -55.91
CA ARG B 320 -63.75 111.36 -56.53
C ARG B 320 -64.22 112.62 -57.24
N LEU B 321 -63.64 113.76 -56.89
CA LEU B 321 -64.06 114.98 -57.57
C LEU B 321 -63.00 116.06 -57.60
N GLY B 322 -62.66 116.50 -58.81
CA GLY B 322 -61.73 117.60 -58.94
C GLY B 322 -60.85 117.50 -60.17
N THR B 323 -59.75 118.24 -60.16
CA THR B 323 -58.85 118.22 -61.31
C THR B 323 -57.39 118.03 -60.93
N SER B 324 -56.56 117.79 -61.93
CA SER B 324 -55.13 117.64 -61.73
C SER B 324 -54.38 118.23 -62.92
N TRP B 325 -53.47 119.16 -62.64
CA TRP B 325 -52.76 119.86 -63.70
C TRP B 325 -51.30 119.48 -63.81
N SER B 326 -50.87 119.12 -65.01
CA SER B 326 -49.46 118.84 -65.26
C SER B 326 -49.17 118.83 -66.73
N GLY B 327 -47.91 118.99 -67.10
CA GLY B 327 -47.56 118.94 -68.52
C GLY B 327 -46.48 119.95 -68.89
N SER B 328 -46.44 120.34 -70.16
CA SER B 328 -45.42 121.31 -70.54
C SER B 328 -45.69 122.14 -71.77
N ILE B 329 -44.73 122.99 -72.09
CA ILE B 329 -44.83 123.86 -73.25
C ILE B 329 -43.50 124.42 -73.73
N THR B 330 -43.33 124.49 -75.05
CA THR B 330 -42.16 125.14 -75.63
C THR B 330 -42.50 126.58 -75.96
N ILE B 331 -41.68 127.50 -75.48
CA ILE B 331 -41.93 128.91 -75.69
C ILE B 331 -40.82 129.61 -76.48
N GLY B 332 -41.17 130.04 -77.70
CA GLY B 332 -40.28 130.83 -78.55
C GLY B 332 -39.02 130.10 -78.98
N ASP B 333 -39.00 128.77 -78.86
CA ASP B 333 -37.82 127.98 -79.16
C ASP B 333 -36.57 128.46 -78.39
N LYS B 334 -36.78 129.02 -77.21
CA LYS B 334 -35.66 129.51 -76.41
C LYS B 334 -35.75 129.04 -74.98
N LEU B 335 -36.96 128.73 -74.54
CA LEU B 335 -37.14 128.19 -73.22
C LEU B 335 -38.44 127.40 -73.15
N GLY B 336 -38.59 126.59 -72.12
CA GLY B 336 -39.82 125.84 -71.98
C GLY B 336 -40.20 125.76 -70.52
N VAL B 337 -41.43 125.34 -70.25
CA VAL B 337 -41.94 125.27 -68.89
C VAL B 337 -42.52 123.91 -68.57
N SER B 338 -42.19 123.39 -67.40
CA SER B 338 -42.71 122.11 -66.95
C SER B 338 -43.60 122.31 -65.74
N LEU B 339 -44.77 121.70 -65.74
CA LEU B 339 -45.66 121.86 -64.62
C LEU B 339 -45.80 120.61 -63.80
N ASN B 340 -45.47 120.74 -62.52
CA ASN B 340 -45.56 119.67 -61.54
C ASN B 340 -44.80 118.42 -61.97
N GLN B 341 -43.50 118.62 -62.21
CA GLN B 341 -42.58 117.55 -62.58
C GLN B 341 -43.04 116.70 -63.74
N SER B 342 -43.40 117.34 -64.84
CA SER B 342 -43.81 116.60 -66.01
C SER B 342 -42.57 115.97 -66.65
N SER B 343 -42.77 114.97 -67.50
CA SER B 343 -41.65 114.27 -68.14
C SER B 343 -41.15 114.98 -69.38
N ILE B 344 -40.55 116.15 -69.17
CA ILE B 344 -40.02 117.08 -70.19
C ILE B 344 -39.32 116.43 -71.37
N SER B 345 -38.68 115.27 -71.18
CA SER B 345 -38.00 114.58 -72.27
C SER B 345 -38.91 114.34 -73.48
N THR B 346 -40.21 114.21 -73.23
CA THR B 346 -41.20 114.06 -74.29
C THR B 346 -42.20 115.20 -74.23
N LEU B 347 -42.48 115.69 -73.02
CA LEU B 347 -43.45 116.76 -72.79
C LEU B 347 -43.04 118.09 -73.44
N ASP B 348 -41.75 118.28 -73.68
CA ASP B 348 -41.24 119.43 -74.41
C ASP B 348 -42.01 119.70 -75.71
N GLY B 349 -42.39 118.62 -76.40
CA GLY B 349 -43.14 118.75 -77.66
C GLY B 349 -44.62 118.44 -77.50
N SER B 350 -45.16 118.63 -76.29
CA SER B 350 -46.56 118.33 -76.03
C SER B 350 -47.35 119.54 -75.54
N ARG B 351 -48.16 119.33 -74.50
CA ARG B 351 -49.03 120.38 -73.99
C ARG B 351 -49.39 120.16 -72.53
N PHE B 352 -50.26 121.01 -71.97
CA PHE B 352 -50.65 120.82 -70.58
C PHE B 352 -51.93 120.02 -70.48
N ILE B 353 -51.98 119.08 -69.56
CA ILE B 353 -53.16 118.26 -69.40
C ILE B 353 -53.92 118.57 -68.12
N ALA B 354 -55.22 118.71 -68.27
CA ALA B 354 -56.13 118.95 -67.17
C ALA B 354 -56.96 117.71 -66.95
N ALA B 355 -56.52 116.85 -66.04
CA ALA B 355 -57.30 115.66 -65.76
C ALA B 355 -58.48 116.07 -64.91
N VAL B 356 -59.64 115.51 -65.20
CA VAL B 356 -60.82 115.82 -64.45
C VAL B 356 -61.53 114.56 -64.00
N ASN B 357 -61.72 114.42 -62.69
CA ASN B 357 -62.43 113.27 -62.16
C ASN B 357 -63.77 113.69 -61.58
N ALA B 358 -64.76 112.84 -61.75
CA ALA B 358 -66.09 113.13 -61.22
C ALA B 358 -66.87 111.85 -61.15
N LEU B 359 -66.77 111.16 -60.02
CA LEU B 359 -67.45 109.90 -59.86
C LEU B 359 -67.87 109.57 -58.45
N GLU B 360 -69.12 109.19 -58.30
CA GLU B 360 -69.62 108.69 -57.04
C GLU B 360 -69.95 107.23 -57.21
N GLU B 361 -69.50 106.38 -56.29
CA GLU B 361 -69.79 104.96 -56.40
C GLU B 361 -70.19 104.29 -55.10
N LYS B 362 -71.35 103.63 -55.14
CA LYS B 362 -71.83 102.86 -54.01
C LYS B 362 -71.81 101.37 -54.36
N LYS B 363 -71.44 100.53 -53.41
CA LYS B 363 -71.44 99.11 -53.69
C LYS B 363 -71.80 98.25 -52.50
N GLN B 364 -72.59 97.22 -52.77
CA GLN B 364 -73.03 96.30 -51.73
C GLN B 364 -73.02 94.86 -52.21
N ALA B 365 -72.55 93.95 -51.36
CA ALA B 365 -72.56 92.55 -51.76
C ALA B 365 -72.71 91.60 -50.59
N THR B 366 -73.39 90.47 -50.84
CA THR B 366 -73.53 89.45 -49.82
C THR B 366 -73.46 88.05 -50.40
N VAL B 367 -72.74 87.19 -49.70
CA VAL B 367 -72.62 85.79 -50.08
C VAL B 367 -72.79 84.85 -48.91
N VAL B 368 -73.66 83.85 -49.06
CA VAL B 368 -73.83 82.85 -48.04
C VAL B 368 -73.61 81.46 -48.62
N SER B 369 -72.66 80.75 -48.06
CA SER B 369 -72.34 79.41 -48.52
C SER B 369 -72.55 78.38 -47.45
N ARG B 370 -73.14 77.25 -47.80
CA ARG B 370 -73.42 76.23 -46.81
C ARG B 370 -73.11 74.80 -47.24
N PRO B 371 -71.95 74.29 -46.88
CA PRO B 371 -71.55 72.90 -47.03
C PRO B 371 -72.28 72.02 -46.03
N VAL B 372 -72.72 70.84 -46.48
CA VAL B 372 -73.39 69.89 -45.62
C VAL B 372 -72.78 68.50 -45.73
N LEU B 373 -72.45 67.88 -44.60
CA LEU B 373 -71.80 66.58 -44.63
C LEU B 373 -72.31 65.60 -43.56
N LEU B 374 -72.72 64.41 -43.99
CA LEU B 374 -73.20 63.37 -43.07
C LEU B 374 -72.18 62.26 -42.81
N THR B 375 -71.96 61.95 -41.53
CA THR B 375 -71.06 60.87 -41.13
C THR B 375 -71.56 60.14 -39.89
N GLN B 376 -70.68 59.37 -39.26
CA GLN B 376 -71.01 58.62 -38.07
C GLN B 376 -70.03 58.89 -36.95
N GLU B 377 -70.41 58.48 -35.76
CA GLU B 377 -69.57 58.65 -34.58
C GLU B 377 -68.17 58.12 -34.81
N ASN B 378 -67.18 58.94 -34.56
CA ASN B 378 -65.78 58.56 -34.67
C ASN B 378 -65.34 58.24 -36.10
N VAL B 379 -66.09 58.68 -37.12
CA VAL B 379 -65.70 58.43 -38.50
C VAL B 379 -65.35 59.71 -39.27
N PRO B 380 -64.06 59.94 -39.54
CA PRO B 380 -63.49 61.04 -40.29
C PRO B 380 -64.16 61.18 -41.63
N ALA B 381 -64.78 62.32 -41.86
CA ALA B 381 -65.49 62.54 -43.10
C ALA B 381 -64.88 63.69 -43.86
N ILE B 382 -64.89 63.55 -45.18
CA ILE B 382 -64.29 64.55 -46.03
C ILE B 382 -65.22 65.11 -47.08
N PHE B 383 -65.25 66.44 -47.16
CA PHE B 383 -66.02 67.13 -48.18
C PHE B 383 -65.12 68.11 -48.89
N ASP B 384 -64.97 67.96 -50.19
CA ASP B 384 -64.08 68.86 -50.90
C ASP B 384 -64.62 69.30 -52.25
N ASN B 385 -65.02 70.55 -52.33
CA ASN B 385 -65.49 71.14 -53.56
C ASN B 385 -64.40 72.03 -54.12
N ASN B 386 -63.70 71.60 -55.16
CA ASN B 386 -62.56 72.39 -55.59
C ASN B 386 -62.37 72.51 -57.07
N ARG B 387 -61.38 73.31 -57.44
CA ARG B 387 -60.98 73.44 -58.83
C ARG B 387 -59.49 73.26 -58.95
N THR B 388 -59.07 72.70 -60.08
CA THR B 388 -57.65 72.49 -60.28
C THR B 388 -57.15 73.07 -61.59
N PHE B 389 -56.10 73.86 -61.45
CA PHE B 389 -55.42 74.52 -62.55
C PHE B 389 -54.19 73.74 -62.94
N TYR B 390 -54.11 73.33 -64.19
CA TYR B 390 -52.94 72.57 -64.65
C TYR B 390 -51.98 73.40 -65.48
N THR B 391 -50.69 73.06 -65.39
CA THR B 391 -49.68 73.73 -66.17
C THR B 391 -48.52 72.81 -66.54
N LYS B 392 -47.88 73.11 -67.68
CA LYS B 392 -46.76 72.30 -68.15
C LYS B 392 -45.43 72.77 -67.63
N LEU B 393 -44.59 71.81 -67.29
CA LEU B 393 -43.21 72.07 -66.91
C LEU B 393 -42.26 71.32 -67.83
N ILE B 394 -42.56 71.30 -69.12
CA ILE B 394 -41.71 70.57 -70.05
C ILE B 394 -40.36 71.23 -70.16
N GLY B 395 -39.41 70.75 -69.39
CA GLY B 395 -38.07 71.24 -69.51
C GLY B 395 -37.35 70.43 -70.54
N GLU B 396 -36.05 70.56 -70.57
CA GLU B 396 -35.27 69.78 -71.51
C GLU B 396 -34.96 68.42 -70.92
N ARG B 397 -34.52 68.33 -69.68
CA ARG B 397 -34.30 67.01 -69.13
C ARG B 397 -35.56 66.52 -68.49
N ASN B 398 -35.96 67.19 -67.42
CA ASN B 398 -37.14 66.78 -66.70
C ASN B 398 -38.36 67.47 -67.22
N VAL B 399 -39.42 66.71 -67.34
CA VAL B 399 -40.69 67.22 -67.81
C VAL B 399 -41.76 66.81 -66.83
N ALA B 400 -42.82 67.59 -66.73
CA ALA B 400 -43.87 67.26 -65.80
C ALA B 400 -45.07 68.16 -65.94
N LEU B 401 -46.13 67.76 -65.26
CA LEU B 401 -47.31 68.60 -65.14
C LEU B 401 -47.47 68.94 -63.69
N GLU B 402 -47.91 70.14 -63.42
CA GLU B 402 -48.16 70.54 -62.05
C GLU B 402 -49.47 71.24 -61.96
N HIS B 403 -49.94 71.39 -60.74
CA HIS B 403 -51.23 72.00 -60.61
C HIS B 403 -51.48 72.71 -59.30
N VAL B 404 -52.49 73.56 -59.33
CA VAL B 404 -52.90 74.33 -58.18
C VAL B 404 -54.34 74.00 -57.84
N THR B 405 -54.56 73.46 -56.66
CA THR B 405 -55.90 73.12 -56.26
C THR B 405 -56.39 73.98 -55.12
N TYR B 406 -57.61 74.48 -55.24
CA TYR B 406 -58.20 75.31 -54.20
C TYR B 406 -59.71 75.22 -54.21
N GLY B 407 -60.34 75.53 -53.08
CA GLY B 407 -61.79 75.46 -53.00
C GLY B 407 -62.27 75.34 -51.58
N THR B 408 -63.45 74.74 -51.40
CA THR B 408 -64.04 74.59 -50.09
C THR B 408 -63.78 73.20 -49.54
N MET B 409 -63.09 73.11 -48.42
CA MET B 409 -62.79 71.79 -47.88
C MET B 409 -63.05 71.64 -46.40
N ILE B 410 -63.68 70.54 -46.04
CA ILE B 410 -63.96 70.22 -44.66
C ILE B 410 -63.49 68.84 -44.27
N ARG B 411 -62.68 68.78 -43.22
CA ARG B 411 -62.31 67.50 -42.66
C ARG B 411 -62.82 67.49 -41.24
N VAL B 412 -63.59 66.48 -40.88
CA VAL B 412 -64.16 66.49 -39.55
C VAL B 412 -64.25 65.16 -38.86
N LEU B 413 -63.96 65.18 -37.56
CA LEU B 413 -64.10 64.02 -36.70
C LEU B 413 -65.00 64.33 -35.52
N PRO B 414 -66.26 63.90 -35.56
CA PRO B 414 -67.31 64.09 -34.57
C PRO B 414 -67.23 63.08 -33.45
N ARG B 415 -67.66 63.48 -32.27
CA ARG B 415 -67.66 62.58 -31.15
C ARG B 415 -68.62 63.00 -30.04
N PHE B 416 -69.48 62.09 -29.63
CA PHE B 416 -70.40 62.41 -28.54
C PHE B 416 -69.78 62.30 -27.17
N SER B 417 -70.14 63.23 -26.29
CA SER B 417 -69.65 63.24 -24.93
C SER B 417 -70.69 62.72 -23.97
N ALA B 418 -70.36 62.77 -22.69
CA ALA B 418 -71.22 62.27 -21.63
C ALA B 418 -72.56 62.98 -21.57
N ASP B 419 -72.55 64.28 -21.86
CA ASP B 419 -73.76 65.07 -21.80
C ASP B 419 -74.49 65.16 -23.14
N GLY B 420 -74.11 64.35 -24.12
CA GLY B 420 -74.76 64.41 -25.42
C GLY B 420 -74.21 65.55 -26.27
N GLN B 421 -73.08 66.10 -25.84
CA GLN B 421 -72.45 67.19 -26.55
C GLN B 421 -71.68 66.63 -27.71
N ILE B 422 -71.47 67.42 -28.74
CA ILE B 422 -70.72 66.91 -29.87
C ILE B 422 -69.42 67.66 -30.05
N GLU B 423 -68.30 66.96 -29.91
CA GLU B 423 -67.03 67.60 -30.13
C GLU B 423 -66.54 67.28 -31.51
N MET B 424 -65.94 68.25 -32.15
CA MET B 424 -65.47 68.06 -33.48
C MET B 424 -64.09 68.57 -33.71
N SER B 425 -63.27 67.76 -34.37
CA SER B 425 -61.99 68.22 -34.83
C SER B 425 -62.27 68.86 -36.16
N LEU B 426 -61.92 70.13 -36.34
CA LEU B 426 -62.27 70.81 -37.57
C LEU B 426 -61.13 71.40 -38.37
N ASP B 427 -61.07 71.04 -39.63
CA ASP B 427 -60.15 71.66 -40.55
C ASP B 427 -60.95 72.27 -41.69
N ILE B 428 -60.83 73.59 -41.86
CA ILE B 428 -61.62 74.29 -42.85
C ILE B 428 -60.80 75.12 -43.82
N GLU B 429 -61.05 74.92 -45.12
CA GLU B 429 -60.43 75.75 -46.13
C GLU B 429 -61.45 76.46 -46.98
N ASP B 430 -61.25 77.76 -47.17
CA ASP B 430 -62.07 78.53 -48.07
C ASP B 430 -61.17 79.23 -49.08
N GLY B 431 -60.95 78.59 -50.22
CA GLY B 431 -60.07 79.16 -51.22
C GLY B 431 -60.82 79.73 -52.42
N ASN B 432 -60.19 80.68 -53.11
CA ASN B 432 -60.77 81.27 -54.29
C ASN B 432 -59.71 81.82 -55.24
N ASP B 433 -60.17 82.30 -56.39
CA ASP B 433 -59.29 82.82 -57.43
C ASP B 433 -59.25 84.35 -57.45
N LYS B 434 -58.14 84.92 -56.98
CA LYS B 434 -57.97 86.36 -57.03
C LYS B 434 -57.35 86.73 -58.37
N THR B 435 -57.78 87.81 -58.98
CA THR B 435 -57.21 88.15 -60.27
C THR B 435 -56.70 89.58 -60.32
N PRO B 436 -55.73 89.84 -61.21
CA PRO B 436 -55.14 91.11 -61.55
C PRO B 436 -56.00 91.79 -62.60
N GLN B 437 -55.58 92.96 -63.05
CA GLN B 437 -56.32 93.64 -64.10
C GLN B 437 -56.34 92.78 -65.35
N SER B 438 -57.54 92.43 -65.80
CA SER B 438 -57.77 91.55 -66.95
C SER B 438 -57.27 92.12 -68.28
N ASP B 439 -56.97 93.41 -68.30
CA ASP B 439 -56.45 94.07 -69.48
C ASP B 439 -54.96 93.82 -69.68
N THR B 440 -54.31 93.15 -68.72
CA THR B 440 -52.88 92.91 -68.83
C THR B 440 -52.56 91.48 -69.22
N THR B 441 -51.28 91.25 -69.56
CA THR B 441 -50.77 89.96 -69.98
C THR B 441 -50.69 88.96 -68.84
N THR B 442 -50.78 89.47 -67.61
CA THR B 442 -50.74 88.64 -66.42
C THR B 442 -52.04 87.83 -66.27
N SER B 443 -53.07 88.18 -67.07
CA SER B 443 -54.32 87.42 -67.10
C SER B 443 -54.17 86.17 -67.99
N VAL B 444 -53.07 86.07 -68.74
CA VAL B 444 -52.80 84.94 -69.61
C VAL B 444 -51.75 84.03 -69.02
N ASP B 445 -50.63 84.63 -68.58
CA ASP B 445 -49.57 83.84 -67.97
C ASP B 445 -50.07 83.18 -66.69
N ALA B 446 -49.64 81.94 -66.47
CA ALA B 446 -50.00 81.13 -65.29
C ALA B 446 -49.74 81.82 -63.96
N LEU B 447 -50.55 82.82 -63.63
CA LEU B 447 -50.41 83.57 -62.40
C LEU B 447 -51.68 83.64 -61.53
N PRO B 448 -52.63 82.70 -61.68
CA PRO B 448 -53.87 82.66 -60.91
C PRO B 448 -53.66 82.82 -59.41
N GLU B 449 -53.48 84.06 -58.94
CA GLU B 449 -53.30 84.35 -57.52
C GLU B 449 -54.39 83.68 -56.70
N VAL B 450 -54.01 82.92 -55.70
CA VAL B 450 -55.02 82.21 -54.93
C VAL B 450 -55.20 82.81 -53.56
N GLY B 451 -56.44 82.98 -53.15
CA GLY B 451 -56.71 83.47 -51.81
C GLY B 451 -57.20 82.30 -50.99
N ARG B 452 -56.71 82.17 -49.76
CA ARG B 452 -57.15 81.05 -48.93
C ARG B 452 -57.38 81.44 -47.49
N THR B 453 -58.44 80.91 -46.91
CA THR B 453 -58.68 81.12 -45.49
C THR B 453 -58.62 79.76 -44.81
N LEU B 454 -57.72 79.63 -43.85
CA LEU B 454 -57.55 78.37 -43.17
C LEU B 454 -57.86 78.43 -41.69
N ILE B 455 -58.63 77.46 -41.22
CA ILE B 455 -58.95 77.35 -39.81
C ILE B 455 -58.73 75.95 -39.29
N SER B 456 -58.01 75.83 -38.18
CA SER B 456 -57.81 74.51 -37.60
C SER B 456 -57.99 74.56 -36.08
N THR B 457 -59.07 73.95 -35.60
CA THR B 457 -59.39 73.99 -34.17
C THR B 457 -60.26 72.80 -33.72
N ILE B 458 -60.72 72.88 -32.47
CA ILE B 458 -61.59 71.87 -31.85
C ILE B 458 -62.72 72.55 -31.07
N ALA B 459 -63.95 72.09 -31.24
CA ALA B 459 -65.02 72.74 -30.48
C ALA B 459 -66.14 71.80 -30.06
N ARG B 460 -66.73 72.08 -28.90
CA ARG B 460 -67.84 71.30 -28.37
C ARG B 460 -69.14 72.06 -28.55
N VAL B 461 -70.11 71.45 -29.22
CA VAL B 461 -71.37 72.14 -29.46
C VAL B 461 -72.55 71.30 -28.96
N PRO B 462 -73.49 71.91 -28.22
CA PRO B 462 -74.73 71.31 -27.75
C PRO B 462 -75.57 70.89 -28.95
N HIS B 463 -76.29 69.78 -28.81
CA HIS B 463 -77.09 69.27 -29.90
C HIS B 463 -78.12 70.27 -30.40
N GLY B 464 -78.08 70.57 -31.69
CA GLY B 464 -79.03 71.49 -32.29
C GLY B 464 -78.67 72.96 -32.12
N LYS B 465 -77.51 73.23 -31.55
CA LYS B 465 -77.05 74.59 -31.37
C LYS B 465 -75.90 74.90 -32.27
N SER B 466 -75.36 76.10 -32.15
CA SER B 466 -74.27 76.50 -33.01
C SER B 466 -73.24 77.35 -32.31
N LEU B 467 -72.04 77.37 -32.88
CA LEU B 467 -70.95 78.22 -32.37
C LEU B 467 -70.21 78.94 -33.46
N LEU B 468 -69.72 80.12 -33.12
CA LEU B 468 -68.88 80.85 -34.02
C LEU B 468 -67.47 80.35 -33.91
N VAL B 469 -66.98 79.72 -34.96
CA VAL B 469 -65.62 79.20 -34.95
C VAL B 469 -64.60 80.27 -35.13
N GLY B 470 -64.85 81.15 -36.07
CA GLY B 470 -63.91 82.23 -36.27
C GLY B 470 -64.37 83.18 -37.33
N GLY B 471 -63.56 84.19 -37.56
CA GLY B 471 -63.92 85.16 -38.56
C GLY B 471 -62.89 86.25 -38.73
N TYR B 472 -63.23 87.21 -39.55
CA TYR B 472 -62.36 88.30 -39.85
C TYR B 472 -63.15 89.51 -40.27
N THR B 473 -62.89 90.64 -39.63
CA THR B 473 -63.56 91.85 -40.04
C THR B 473 -62.58 92.95 -40.34
N ARG B 474 -63.01 93.87 -41.18
CA ARG B 474 -62.16 95.00 -41.54
C ARG B 474 -62.94 96.25 -41.81
N ASP B 475 -62.52 97.33 -41.17
CA ASP B 475 -63.16 98.61 -41.39
C ASP B 475 -62.09 99.60 -41.80
N ALA B 476 -62.35 100.41 -42.82
CA ALA B 476 -61.34 101.35 -43.25
C ALA B 476 -61.90 102.59 -43.90
N ASN B 477 -61.15 103.68 -43.80
CA ASN B 477 -61.58 104.94 -44.38
C ASN B 477 -60.39 105.83 -44.68
N THR B 478 -60.37 106.41 -45.86
CA THR B 478 -59.29 107.31 -46.22
C THR B 478 -59.74 108.48 -47.07
N ASP B 479 -58.99 109.57 -47.02
CA ASP B 479 -59.33 110.72 -47.81
C ASP B 479 -58.13 111.57 -48.19
N THR B 480 -58.25 112.29 -49.31
CA THR B 480 -57.17 113.15 -49.75
C THR B 480 -57.66 114.50 -50.19
N VAL B 481 -56.79 115.50 -50.09
CA VAL B 481 -57.05 116.83 -50.59
C VAL B 481 -55.85 117.40 -51.32
N GLN B 482 -56.04 117.81 -52.55
CA GLN B 482 -54.94 118.41 -53.30
C GLN B 482 -55.38 119.74 -53.86
N SER B 483 -54.45 120.68 -53.92
CA SER B 483 -54.82 121.96 -54.50
C SER B 483 -53.65 122.80 -54.95
N ILE B 484 -53.96 123.84 -55.69
CA ILE B 484 -52.98 124.79 -56.13
C ILE B 484 -52.91 125.90 -55.10
N PRO B 485 -51.77 126.06 -54.41
CA PRO B 485 -51.52 126.98 -53.29
C PRO B 485 -52.33 128.27 -53.27
N PHE B 486 -52.56 128.91 -54.42
CA PHE B 486 -53.33 130.15 -54.37
C PHE B 486 -54.61 130.08 -55.17
N LEU B 487 -54.59 129.37 -56.28
CA LEU B 487 -55.76 129.32 -57.15
C LEU B 487 -56.91 128.57 -56.53
N GLY B 488 -56.60 127.58 -55.70
CA GLY B 488 -57.62 126.80 -55.04
C GLY B 488 -58.49 127.60 -54.07
N LYS B 489 -58.08 128.82 -53.73
CA LYS B 489 -58.86 129.63 -52.82
C LYS B 489 -59.79 130.61 -53.52
N LEU B 490 -59.82 130.61 -54.85
CA LEU B 490 -60.64 131.57 -55.54
C LEU B 490 -62.14 131.21 -55.53
N PRO B 491 -62.99 132.18 -55.15
CA PRO B 491 -64.46 132.07 -54.94
C PRO B 491 -65.17 130.99 -55.74
N LEU B 492 -65.25 131.18 -57.06
CA LEU B 492 -65.93 130.24 -57.92
C LEU B 492 -65.00 129.77 -59.03
N ILE B 493 -63.73 129.66 -58.68
CA ILE B 493 -62.72 129.30 -59.63
C ILE B 493 -61.88 128.14 -59.11
N GLY B 494 -61.49 128.22 -57.84
CA GLY B 494 -60.65 127.23 -57.17
C GLY B 494 -61.11 125.79 -57.36
N SER B 495 -62.41 125.57 -57.56
CA SER B 495 -62.95 124.23 -57.83
C SER B 495 -62.30 123.56 -59.03
N LEU B 496 -61.75 124.36 -59.94
CA LEU B 496 -61.09 123.88 -61.14
C LEU B 496 -59.65 123.48 -60.89
N PHE B 497 -59.17 123.69 -59.68
CA PHE B 497 -57.81 123.41 -59.29
C PHE B 497 -57.75 122.42 -58.13
N ARG B 498 -58.76 122.48 -57.26
CA ARG B 498 -58.85 121.58 -56.12
C ARG B 498 -59.19 120.17 -56.52
N TYR B 499 -58.82 119.22 -55.66
CA TYR B 499 -59.10 117.82 -55.88
C TYR B 499 -59.32 117.09 -54.58
N SER B 500 -60.35 116.27 -54.50
CA SER B 500 -60.53 115.52 -53.28
C SER B 500 -61.04 114.13 -53.52
N SER B 501 -60.78 113.25 -52.56
CA SER B 501 -61.29 111.90 -52.69
C SER B 501 -61.63 111.29 -51.35
N LYS B 502 -62.56 110.35 -51.37
CA LYS B 502 -62.97 109.63 -50.17
C LYS B 502 -63.14 108.16 -50.49
N ASN B 503 -62.71 107.29 -49.59
CA ASN B 503 -62.87 105.87 -49.82
C ASN B 503 -63.11 105.10 -48.55
N LYS B 504 -64.35 104.68 -48.35
CA LYS B 504 -64.76 103.92 -47.17
C LYS B 504 -65.15 102.50 -47.49
N SER B 505 -64.75 101.55 -46.64
CA SER B 505 -65.15 100.17 -46.85
C SER B 505 -65.37 99.40 -45.55
N ASN B 506 -66.23 98.39 -45.64
CA ASN B 506 -66.53 97.54 -44.49
C ASN B 506 -66.65 96.07 -44.92
N VAL B 507 -65.92 95.19 -44.24
CA VAL B 507 -65.94 93.76 -44.58
C VAL B 507 -66.20 92.85 -43.40
N VAL B 508 -67.13 91.91 -43.56
CA VAL B 508 -67.40 90.94 -42.49
C VAL B 508 -67.40 89.51 -42.98
N ARG B 509 -66.53 88.67 -42.41
CA ARG B 509 -66.51 87.25 -42.75
C ARG B 509 -66.54 86.32 -41.54
N VAL B 510 -67.52 85.42 -41.49
CA VAL B 510 -67.58 84.49 -40.37
C VAL B 510 -67.85 83.04 -40.75
N PHE B 511 -67.40 82.15 -39.88
CA PHE B 511 -67.58 80.71 -40.02
C PHE B 511 -68.30 80.15 -38.80
N MET B 512 -69.49 79.60 -39.01
CA MET B 512 -70.27 79.06 -37.92
C MET B 512 -70.60 77.58 -38.09
N ILE B 513 -70.62 76.86 -36.99
CA ILE B 513 -70.89 75.43 -37.01
C ILE B 513 -72.16 75.02 -36.33
N GLU B 514 -72.93 74.17 -37.00
CA GLU B 514 -74.17 73.65 -36.46
C GLU B 514 -74.23 72.13 -36.67
N PRO B 515 -74.40 71.35 -35.61
CA PRO B 515 -74.44 69.90 -35.78
C PRO B 515 -75.66 69.28 -35.13
N LYS B 516 -76.13 68.18 -35.70
CA LYS B 516 -77.26 67.46 -35.14
C LYS B 516 -77.21 65.97 -35.39
N GLU B 517 -77.95 65.22 -34.59
CA GLU B 517 -78.01 63.77 -34.68
C GLU B 517 -79.09 63.33 -35.62
N ILE B 518 -78.73 62.45 -36.54
CA ILE B 518 -79.68 61.92 -37.51
C ILE B 518 -80.12 60.52 -37.15
N VAL B 519 -81.43 60.33 -37.06
CA VAL B 519 -81.96 59.03 -36.69
C VAL B 519 -83.02 58.52 -37.68
N ASP B 520 -83.72 59.42 -38.33
CA ASP B 520 -84.74 59.04 -39.29
C ASP B 520 -84.23 59.08 -40.71
N PRO B 521 -84.80 58.27 -41.61
CA PRO B 521 -84.56 58.21 -43.03
C PRO B 521 -85.14 59.45 -43.66
N LEU B 522 -84.59 59.84 -44.80
CA LEU B 522 -84.99 61.04 -45.49
C LEU B 522 -86.47 60.95 -45.85
N THR B 523 -87.26 61.94 -45.41
CA THR B 523 -88.69 61.93 -45.67
C THR B 523 -89.16 63.23 -46.31
N PRO B 524 -89.81 63.14 -47.46
CA PRO B 524 -90.17 61.99 -48.29
C PRO B 524 -88.95 61.42 -48.97
N ASP B 525 -89.09 60.20 -49.47
CA ASP B 525 -87.99 59.50 -50.11
C ASP B 525 -87.45 60.29 -51.30
N ALA B 526 -86.13 60.24 -51.48
CA ALA B 526 -85.45 61.01 -52.52
C ALA B 526 -86.09 60.91 -53.89
N SER B 527 -86.43 59.70 -54.30
CA SER B 527 -87.01 59.49 -55.63
C SER B 527 -88.34 60.20 -55.84
N GLU B 528 -89.08 60.44 -54.76
CA GLU B 528 -90.35 61.12 -54.86
C GLU B 528 -90.13 62.58 -55.15
N SER B 529 -89.21 63.17 -54.41
CA SER B 529 -88.90 64.57 -54.58
C SER B 529 -88.29 64.84 -55.93
N VAL B 530 -87.42 63.96 -56.39
CA VAL B 530 -86.81 64.11 -57.69
C VAL B 530 -87.84 64.13 -58.79
N ASN B 531 -88.82 63.22 -58.73
CA ASN B 531 -89.85 63.21 -59.74
C ASN B 531 -90.62 64.52 -59.78
N ASN B 532 -90.90 65.08 -58.61
CA ASN B 532 -91.60 66.35 -58.56
C ASN B 532 -90.81 67.45 -59.24
N ILE B 533 -89.50 67.45 -59.01
CA ILE B 533 -88.60 68.42 -59.61
C ILE B 533 -88.56 68.30 -61.12
N LEU B 534 -88.39 67.08 -61.61
CA LEU B 534 -88.29 66.87 -63.04
C LEU B 534 -89.54 67.25 -63.77
N LYS B 535 -90.69 66.96 -63.18
CA LYS B 535 -91.94 67.29 -63.84
C LYS B 535 -92.16 68.79 -63.87
N GLN B 536 -91.98 69.46 -62.74
CA GLN B 536 -92.21 70.89 -62.72
C GLN B 536 -91.20 71.65 -63.56
N SER B 537 -89.97 71.17 -63.60
CA SER B 537 -88.93 71.80 -64.40
C SER B 537 -89.00 71.45 -65.89
N GLY B 538 -89.89 70.54 -66.27
CA GLY B 538 -90.06 70.16 -67.67
C GLY B 538 -89.02 69.21 -68.23
N ALA B 539 -88.18 68.62 -67.37
CA ALA B 539 -87.12 67.72 -67.83
C ALA B 539 -87.60 66.28 -67.90
N TRP B 540 -88.59 65.96 -67.08
CA TRP B 540 -89.16 64.62 -67.00
C TRP B 540 -89.55 64.06 -68.34
N SER B 541 -89.16 62.81 -68.58
CA SER B 541 -89.49 62.12 -69.81
C SER B 541 -89.80 60.67 -69.56
N GLY B 542 -90.34 60.38 -68.38
CA GLY B 542 -90.68 59.01 -68.01
C GLY B 542 -91.77 58.40 -68.89
N ASP B 543 -92.55 59.24 -69.56
CA ASP B 543 -93.58 58.75 -70.46
C ASP B 543 -93.09 58.55 -71.89
N ASP B 544 -91.78 58.67 -72.13
CA ASP B 544 -91.29 58.47 -73.49
C ASP B 544 -91.54 57.04 -73.91
N LYS B 545 -92.27 56.88 -75.02
CA LYS B 545 -92.64 55.58 -75.56
C LYS B 545 -91.48 54.64 -75.88
N LEU B 546 -90.27 55.18 -75.98
CA LEU B 546 -89.12 54.37 -76.29
C LEU B 546 -88.31 54.13 -75.04
N GLN B 547 -87.85 55.20 -74.42
CA GLN B 547 -86.98 55.08 -73.26
C GLN B 547 -87.58 54.31 -72.10
N LYS B 548 -88.90 54.34 -71.95
CA LYS B 548 -89.56 53.62 -70.86
C LYS B 548 -89.27 52.12 -70.85
N TRP B 549 -88.86 51.54 -71.98
CA TRP B 549 -88.54 50.13 -72.02
C TRP B 549 -87.33 49.79 -71.15
N VAL B 550 -86.52 50.78 -70.87
CA VAL B 550 -85.36 50.62 -70.03
C VAL B 550 -85.59 51.26 -68.69
N ARG B 551 -86.10 52.49 -68.71
CA ARG B 551 -86.31 53.25 -67.48
C ARG B 551 -87.14 52.50 -66.45
N VAL B 552 -88.13 51.72 -66.89
CA VAL B 552 -88.93 50.90 -65.99
C VAL B 552 -88.12 50.01 -65.04
N TYR B 553 -86.92 49.59 -65.47
CA TYR B 553 -86.08 48.72 -64.68
C TYR B 553 -85.42 49.47 -63.54
N LEU B 554 -85.38 50.78 -63.64
CA LEU B 554 -84.73 51.60 -62.66
C LEU B 554 -85.75 52.23 -61.74
N ASP B 555 -86.86 52.64 -62.32
CA ASP B 555 -87.89 53.31 -61.57
C ASP B 555 -88.74 52.37 -60.74
N ARG B 556 -89.02 51.18 -61.26
CA ARG B 556 -89.82 50.23 -60.50
C ARG B 556 -89.10 48.91 -60.27
N GLY B 557 -87.91 48.75 -60.85
CA GLY B 557 -87.16 47.52 -60.68
C GLY B 557 -87.46 46.54 -61.80
N GLY C 34 -69.10 -15.59 27.97
CA GLY C 34 -68.36 -14.45 27.35
C GLY C 34 -66.91 -14.80 27.48
N PHE C 35 -66.11 -13.85 27.98
CA PHE C 35 -64.68 -14.11 28.16
C PHE C 35 -64.06 -13.34 29.33
N VAL C 36 -63.30 -14.08 30.13
CA VAL C 36 -62.55 -13.49 31.25
C VAL C 36 -61.08 -13.81 31.13
N ALA C 37 -60.27 -12.77 31.09
CA ALA C 37 -58.83 -12.92 31.01
C ALA C 37 -58.30 -13.13 32.43
N LYS C 38 -57.28 -13.95 32.63
CA LYS C 38 -56.75 -14.19 33.97
C LYS C 38 -55.27 -14.25 33.79
N ASP C 39 -54.67 -13.09 33.96
CA ASP C 39 -53.26 -12.95 33.77
C ASP C 39 -52.73 -13.48 32.43
N ASP C 40 -53.42 -13.18 31.33
CA ASP C 40 -53.07 -13.72 30.06
C ASP C 40 -52.26 -12.73 29.30
N SER C 41 -51.42 -13.21 28.40
CA SER C 41 -50.64 -12.23 27.60
C SER C 41 -51.61 -11.59 26.60
N LEU C 42 -51.29 -10.38 26.16
CA LEU C 42 -52.03 -9.68 25.16
C LEU C 42 -51.77 -10.26 23.84
N ARG C 43 -50.64 -10.91 23.70
CA ARG C 43 -50.46 -11.66 22.52
C ARG C 43 -51.61 -12.65 22.44
N THR C 44 -51.89 -13.38 23.50
CA THR C 44 -52.93 -14.42 23.45
C THR C 44 -54.26 -13.75 23.29
N PHE C 45 -54.46 -12.73 24.11
CA PHE C 45 -55.71 -12.02 24.15
C PHE C 45 -56.06 -11.45 22.78
N PHE C 46 -55.13 -10.80 22.12
CA PHE C 46 -55.53 -10.20 20.85
C PHE C 46 -55.60 -11.19 19.71
N ASP C 47 -54.91 -12.33 19.85
CA ASP C 47 -55.07 -13.45 18.97
C ASP C 47 -56.47 -14.04 19.06
N ALA C 48 -57.04 -14.07 20.27
CA ALA C 48 -58.44 -14.47 20.46
C ALA C 48 -59.38 -13.48 19.74
N MET C 49 -59.04 -12.19 19.79
CA MET C 49 -59.82 -11.22 19.00
C MET C 49 -59.65 -11.42 17.51
N ALA C 50 -58.45 -11.80 17.09
CA ALA C 50 -58.22 -12.11 15.68
C ALA C 50 -59.01 -13.32 15.20
N LEU C 51 -59.29 -14.25 16.11
CA LEU C 51 -60.14 -15.41 15.78
C LEU C 51 -61.59 -15.07 15.83
N GLN C 52 -62.00 -14.17 16.71
CA GLN C 52 -63.43 -13.82 16.76
C GLN C 52 -63.85 -12.82 15.71
N LEU C 53 -62.95 -11.91 15.36
CA LEU C 53 -63.25 -10.91 14.38
C LEU C 53 -62.70 -11.35 13.03
N LYS C 54 -63.59 -11.22 12.05
CA LYS C 54 -63.28 -11.55 10.67
C LYS C 54 -61.97 -10.86 10.25
N GLU C 55 -61.92 -9.54 10.44
CA GLU C 55 -60.73 -8.74 10.15
C GLU C 55 -59.49 -9.07 10.95
N PRO C 56 -58.30 -9.02 10.33
CA PRO C 56 -57.12 -9.32 11.13
C PRO C 56 -57.02 -8.31 12.26
N VAL C 57 -56.52 -8.76 13.39
CA VAL C 57 -56.23 -7.86 14.48
C VAL C 57 -54.73 -7.89 14.59
N ILE C 58 -54.01 -6.88 14.11
CA ILE C 58 -52.55 -6.91 14.14
C ILE C 58 -52.07 -5.98 15.22
N VAL C 59 -51.14 -6.48 16.01
CA VAL C 59 -50.68 -5.78 17.20
C VAL C 59 -49.14 -5.50 17.08
N SER C 60 -48.66 -4.47 17.75
CA SER C 60 -47.22 -4.25 17.81
C SER C 60 -46.62 -5.15 18.85
N LYS C 61 -45.30 -5.18 18.89
CA LYS C 61 -44.58 -5.96 19.87
C LYS C 61 -44.98 -5.53 21.27
N MET C 62 -45.07 -4.21 21.48
CA MET C 62 -45.43 -3.61 22.76
C MET C 62 -46.85 -3.88 23.13
N ALA C 63 -47.74 -3.85 22.15
CA ALA C 63 -49.16 -4.21 22.36
C ALA C 63 -49.34 -5.67 22.79
N ALA C 64 -48.51 -6.56 22.28
CA ALA C 64 -48.51 -8.00 22.68
C ALA C 64 -47.76 -8.36 23.95
N ARG C 65 -46.75 -7.58 24.27
CA ARG C 65 -45.86 -7.76 25.41
C ARG C 65 -46.58 -7.75 26.81
N LYS C 66 -47.54 -6.84 27.01
CA LYS C 66 -48.15 -6.74 28.33
C LYS C 66 -49.24 -7.80 28.47
N LYS C 67 -49.79 -7.92 29.69
CA LYS C 67 -50.78 -8.95 30.02
C LYS C 67 -52.13 -8.32 30.31
N ILE C 68 -53.13 -9.14 30.60
CA ILE C 68 -54.47 -8.59 30.77
C ILE C 68 -55.28 -9.46 31.69
N THR C 69 -56.07 -8.85 32.57
CA THR C 69 -56.96 -9.58 33.45
C THR C 69 -58.30 -8.88 33.53
N GLY C 70 -59.39 -9.61 33.40
CA GLY C 70 -60.73 -9.03 33.51
C GLY C 70 -61.74 -9.58 32.51
N ASN C 71 -63.01 -9.25 32.73
CA ASN C 71 -64.07 -9.73 31.87
C ASN C 71 -64.12 -8.89 30.61
N PHE C 72 -63.64 -9.47 29.51
CA PHE C 72 -63.56 -8.83 28.19
C PHE C 72 -64.11 -9.68 27.09
N GLU C 73 -65.43 -9.72 27.05
CA GLU C 73 -66.19 -10.44 26.04
C GLU C 73 -65.83 -9.83 24.69
N PHE C 74 -65.77 -10.69 23.69
CA PHE C 74 -65.37 -10.27 22.35
C PHE C 74 -66.59 -9.96 21.47
N HIS C 75 -67.67 -9.50 22.07
CA HIS C 75 -68.85 -9.25 21.25
C HIS C 75 -68.68 -8.01 20.39
N ASP C 76 -67.75 -7.11 20.75
CA ASP C 76 -67.52 -5.92 19.95
C ASP C 76 -66.12 -5.47 20.18
N PRO C 77 -65.20 -5.95 19.34
CA PRO C 77 -63.74 -5.68 19.28
C PRO C 77 -63.38 -4.20 19.23
N ASN C 78 -64.16 -3.45 18.49
CA ASN C 78 -63.91 -2.02 18.37
C ASN C 78 -64.21 -1.22 19.63
N ALA C 79 -65.40 -1.45 20.21
CA ALA C 79 -65.77 -0.84 21.46
C ALA C 79 -64.92 -1.41 22.61
N LEU C 80 -64.52 -2.67 22.47
CA LEU C 80 -63.65 -3.31 23.46
C LEU C 80 -62.34 -2.54 23.54
N LEU C 81 -61.74 -2.27 22.38
CA LEU C 81 -60.49 -1.52 22.33
C LEU C 81 -60.63 -0.10 22.85
N GLU C 82 -61.81 0.50 22.72
CA GLU C 82 -62.02 1.79 23.33
C GLU C 82 -61.97 1.57 24.87
N LYS C 83 -62.59 0.49 25.35
CA LYS C 83 -62.45 0.24 26.78
C LYS C 83 -61.00 -0.06 27.12
N LEU C 84 -60.25 -0.71 26.25
CA LEU C 84 -58.89 -1.08 26.62
C LEU C 84 -57.90 0.08 26.50
N SER C 85 -58.40 1.24 26.10
CA SER C 85 -57.57 2.45 26.06
C SER C 85 -57.43 2.91 27.49
N LEU C 86 -58.35 2.46 28.35
CA LEU C 86 -58.30 2.73 29.78
C LEU C 86 -57.84 1.55 30.61
N GLN C 87 -58.18 0.35 30.15
CA GLN C 87 -57.79 -0.82 30.91
C GLN C 87 -56.33 -1.21 30.61
N LEU C 88 -55.91 -1.08 29.36
CA LEU C 88 -54.55 -1.42 29.03
C LEU C 88 -53.69 -0.19 28.83
N GLY C 89 -54.30 0.82 28.20
CA GLY C 89 -53.55 2.01 27.82
C GLY C 89 -52.89 1.90 26.46
N LEU C 90 -53.67 1.36 25.51
CA LEU C 90 -53.23 1.13 24.14
C LEU C 90 -54.04 2.01 23.27
N ILE C 91 -53.54 2.26 22.07
CA ILE C 91 -54.26 3.00 21.05
C ILE C 91 -54.33 2.06 19.82
N TRP C 92 -55.30 2.32 18.96
CA TRP C 92 -55.65 1.39 17.90
C TRP C 92 -56.17 2.13 16.73
N TYR C 93 -56.21 1.44 15.60
CA TYR C 93 -56.72 2.00 14.37
C TYR C 93 -57.43 0.93 13.52
N PHE C 94 -58.56 1.24 12.92
CA PHE C 94 -59.29 0.28 12.09
C PHE C 94 -59.42 0.88 10.72
N ASP C 95 -58.81 0.31 9.66
CA ASP C 95 -58.89 0.90 8.32
C ASP C 95 -60.03 0.36 7.51
N GLY C 96 -60.85 -0.49 8.15
CA GLY C 96 -62.06 -1.06 7.50
C GLY C 96 -61.76 -2.52 7.20
N GLN C 97 -60.50 -2.86 7.06
CA GLN C 97 -60.12 -4.24 6.74
C GLN C 97 -59.29 -4.93 7.82
N ALA C 98 -58.58 -4.17 8.63
CA ALA C 98 -57.79 -4.76 9.70
C ALA C 98 -57.54 -3.78 10.84
N ILE C 99 -57.37 -4.28 12.05
CA ILE C 99 -57.10 -3.41 13.22
C ILE C 99 -55.60 -3.31 13.54
N TYR C 100 -55.11 -2.13 13.92
CA TYR C 100 -53.66 -1.95 14.21
C TYR C 100 -53.49 -1.36 15.55
N ILE C 101 -53.02 -2.18 16.48
CA ILE C 101 -53.00 -1.84 17.89
C ILE C 101 -51.57 -1.51 18.30
N TYR C 102 -51.34 -0.29 18.76
CA TYR C 102 -50.03 0.08 19.29
C TYR C 102 -50.21 0.51 20.67
N ASP C 103 -49.10 0.61 21.34
CA ASP C 103 -49.07 1.11 22.70
C ASP C 103 -49.33 2.60 22.65
N ALA C 104 -49.95 3.13 23.67
CA ALA C 104 -50.20 4.55 23.69
C ALA C 104 -48.91 5.37 23.64
N SER C 105 -47.81 4.81 24.11
CA SER C 105 -46.56 5.56 24.06
C SER C 105 -45.97 5.55 22.66
N GLU C 106 -46.56 4.77 21.76
CA GLU C 106 -46.02 4.69 20.38
C GLU C 106 -46.73 5.70 19.44
N MET C 107 -47.58 6.54 20.06
CA MET C 107 -48.26 7.57 19.36
C MET C 107 -47.30 8.52 18.67
N ARG C 108 -47.66 8.89 17.45
CA ARG C 108 -46.87 9.76 16.61
C ARG C 108 -47.59 11.10 16.40
N ASN C 109 -46.80 12.13 16.12
CA ASN C 109 -47.34 13.44 15.79
C ASN C 109 -46.81 13.90 14.47
N ALA C 110 -47.54 14.81 13.84
CA ALA C 110 -46.98 15.33 12.62
C ALA C 110 -47.55 16.67 12.38
N VAL C 111 -46.72 17.46 11.71
CA VAL C 111 -47.07 18.79 11.23
C VAL C 111 -47.00 18.83 9.71
N VAL C 112 -48.16 18.90 9.07
CA VAL C 112 -48.17 18.76 7.63
C VAL C 112 -48.91 19.92 7.05
N SER C 113 -48.26 20.59 6.09
CA SER C 113 -48.82 21.73 5.33
C SER C 113 -49.82 21.17 4.31
N LEU C 114 -50.80 21.96 3.89
CA LEU C 114 -51.78 21.47 2.95
C LEU C 114 -51.92 22.54 1.89
N ARG C 115 -51.61 22.19 0.64
CA ARG C 115 -51.54 23.15 -0.46
C ARG C 115 -52.85 23.30 -1.23
N ASN C 116 -53.30 22.24 -1.91
CA ASN C 116 -54.37 22.38 -2.89
C ASN C 116 -55.74 21.98 -2.41
N VAL C 117 -55.83 21.73 -1.12
CA VAL C 117 -57.01 21.22 -0.47
C VAL C 117 -57.24 22.09 0.76
N SER C 118 -58.52 22.38 0.99
CA SER C 118 -58.97 23.12 2.13
C SER C 118 -58.86 22.22 3.32
N LEU C 119 -58.58 22.81 4.47
CA LEU C 119 -58.32 22.04 5.64
C LEU C 119 -59.53 21.11 6.01
N ASN C 120 -60.76 21.65 5.94
CA ASN C 120 -61.93 20.84 6.18
C ASN C 120 -62.22 19.88 5.04
N GLU C 121 -61.97 20.31 3.82
CA GLU C 121 -62.04 19.45 2.65
C GLU C 121 -61.11 18.25 2.79
N PHE C 122 -59.88 18.47 3.27
CA PHE C 122 -58.96 17.34 3.50
C PHE C 122 -59.54 16.29 4.49
N ASN C 123 -60.05 16.74 5.62
CA ASN C 123 -60.69 15.84 6.62
C ASN C 123 -61.84 15.08 6.00
N ASN C 124 -62.60 15.78 5.15
CA ASN C 124 -63.71 15.12 4.48
C ASN C 124 -63.24 14.12 3.49
N PHE C 125 -62.13 14.39 2.82
CA PHE C 125 -61.67 13.44 1.88
C PHE C 125 -61.21 12.16 2.59
N LEU C 126 -60.69 12.28 3.80
CA LEU C 126 -60.33 11.06 4.52
C LEU C 126 -61.56 10.31 4.98
N LYS C 127 -62.66 11.03 5.20
CA LYS C 127 -63.91 10.43 5.62
C LYS C 127 -64.53 9.71 4.40
N ARG C 128 -64.31 10.30 3.22
CA ARG C 128 -64.74 9.79 1.92
C ARG C 128 -63.97 8.52 1.58
N SER C 129 -62.71 8.52 1.96
CA SER C 129 -61.83 7.35 1.87
C SER C 129 -62.26 6.27 2.89
N GLY C 130 -62.77 6.72 4.02
CA GLY C 130 -63.27 5.81 5.04
C GLY C 130 -62.08 5.47 5.91
N LEU C 131 -61.10 6.35 5.98
CA LEU C 131 -59.89 6.01 6.73
C LEU C 131 -59.79 6.85 7.97
N TYR C 132 -60.48 7.98 7.90
CA TYR C 132 -60.51 8.86 8.99
C TYR C 132 -61.13 8.16 10.20
N ASN C 133 -60.26 7.88 11.19
CA ASN C 133 -60.70 7.42 12.49
C ASN C 133 -61.05 8.56 13.45
N LYS C 134 -62.35 8.69 13.77
CA LYS C 134 -62.85 9.82 14.59
C LYS C 134 -62.36 9.78 16.04
N ASN C 135 -61.76 8.68 16.47
CA ASN C 135 -61.22 8.66 17.83
C ASN C 135 -59.92 9.41 17.91
N TYR C 136 -59.36 9.80 16.77
CA TYR C 136 -58.12 10.57 16.80
C TYR C 136 -58.27 11.72 15.81
N PRO C 137 -58.98 12.78 16.27
CA PRO C 137 -59.29 13.98 15.51
C PRO C 137 -58.05 14.67 15.02
N LEU C 138 -58.15 15.21 13.83
CA LEU C 138 -57.12 16.08 13.32
C LEU C 138 -57.36 17.54 13.71
N ARG C 139 -56.27 18.30 13.82
CA ARG C 139 -56.39 19.68 14.29
C ARG C 139 -56.09 20.63 13.16
N GLY C 140 -57.04 21.53 12.95
CA GLY C 140 -56.90 22.56 11.93
C GLY C 140 -56.66 23.93 12.54
N ASP C 141 -56.64 24.97 11.70
CA ASP C 141 -56.43 26.36 12.12
C ASP C 141 -56.91 27.27 10.98
N ASN C 142 -57.96 28.05 11.20
CA ASN C 142 -58.49 28.86 10.11
C ASN C 142 -57.55 29.93 9.54
N ARG C 143 -56.50 30.28 10.29
CA ARG C 143 -55.58 31.32 9.87
C ARG C 143 -54.21 30.79 9.51
N LYS C 144 -54.08 29.47 9.43
CA LYS C 144 -52.81 28.82 9.11
C LYS C 144 -53.09 27.65 8.17
N GLY C 145 -52.35 27.60 7.07
CA GLY C 145 -52.56 26.56 6.01
C GLY C 145 -51.95 25.17 6.28
N THR C 146 -51.97 24.76 7.54
CA THR C 146 -51.49 23.47 7.97
C THR C 146 -52.51 22.79 8.83
N PHE C 147 -52.18 21.54 9.17
CA PHE C 147 -52.96 20.74 10.09
C PHE C 147 -52.01 19.82 10.87
N TYR C 148 -52.49 19.32 12.00
CA TYR C 148 -51.68 18.53 12.94
C TYR C 148 -52.33 17.17 13.07
N VAL C 149 -51.46 16.18 13.20
CA VAL C 149 -51.86 14.78 13.17
C VAL C 149 -51.37 14.20 14.47
N SER C 150 -52.23 13.46 15.16
CA SER C 150 -51.84 12.69 16.36
C SER C 150 -52.59 11.38 16.27
N GLY C 151 -51.89 10.33 16.67
CA GLY C 151 -52.54 9.05 16.70
C GLY C 151 -51.58 7.90 16.58
N PRO C 152 -52.10 6.69 16.36
CA PRO C 152 -51.19 5.58 16.22
C PRO C 152 -50.40 5.66 14.92
N PRO C 153 -49.23 5.01 14.88
CA PRO C 153 -48.38 5.10 13.69
C PRO C 153 -49.07 4.82 12.33
N VAL C 154 -49.97 3.86 12.23
CA VAL C 154 -50.69 3.67 10.99
C VAL C 154 -51.72 4.80 10.73
N TYR C 155 -52.44 5.28 11.72
CA TYR C 155 -53.33 6.42 11.46
C TYR C 155 -52.51 7.60 10.96
N VAL C 156 -51.44 7.89 11.66
CA VAL C 156 -50.63 9.11 11.39
C VAL C 156 -50.00 9.01 10.02
N ASP C 157 -49.35 7.88 9.74
CA ASP C 157 -48.74 7.69 8.42
C ASP C 157 -49.79 7.76 7.30
N MET C 158 -50.97 7.22 7.54
CA MET C 158 -52.05 7.32 6.56
C MET C 158 -52.37 8.79 6.34
N VAL C 159 -52.57 9.54 7.40
CA VAL C 159 -53.03 10.96 7.17
C VAL C 159 -51.97 11.78 6.47
N VAL C 160 -50.75 11.64 6.95
CA VAL C 160 -49.63 12.41 6.41
C VAL C 160 -49.37 12.11 4.91
N ASN C 161 -49.35 10.83 4.50
CA ASN C 161 -49.11 10.42 3.09
C ASN C 161 -50.28 10.84 2.25
N ALA C 162 -51.49 10.80 2.84
CA ALA C 162 -52.68 11.13 2.11
C ALA C 162 -52.66 12.56 1.64
N ALA C 163 -52.14 13.46 2.51
CA ALA C 163 -52.11 14.89 2.17
C ALA C 163 -51.24 15.07 0.95
N THR C 164 -50.13 14.34 0.92
CA THR C 164 -49.24 14.42 -0.22
C THR C 164 -49.91 13.98 -1.52
N MET C 165 -50.63 12.87 -1.41
CA MET C 165 -51.32 12.26 -2.55
C MET C 165 -52.40 13.21 -3.03
N MET C 166 -53.14 13.81 -2.11
CA MET C 166 -54.20 14.74 -2.49
C MET C 166 -53.72 16.02 -3.17
N ASP C 167 -52.62 16.59 -2.73
CA ASP C 167 -52.17 17.76 -3.42
C ASP C 167 -51.71 17.40 -4.83
N LYS C 168 -51.18 16.18 -5.02
CA LYS C 168 -50.77 15.70 -6.35
C LYS C 168 -52.01 15.48 -7.23
N GLN C 169 -53.09 15.01 -6.62
CA GLN C 169 -54.33 14.80 -7.34
C GLN C 169 -55.02 16.12 -7.62
N ASN C 170 -54.80 17.11 -6.78
CA ASN C 170 -55.45 18.40 -7.02
C ASN C 170 -54.50 19.43 -7.50
N ASP C 171 -53.43 18.98 -8.16
CA ASP C 171 -52.42 19.86 -8.69
C ASP C 171 -52.88 20.54 -10.00
N GLY C 172 -66.73 39.31 -18.56
CA GLY C 172 -65.70 39.87 -17.70
C GLY C 172 -64.43 40.16 -18.48
N ILE C 173 -64.20 39.36 -19.52
CA ILE C 173 -63.04 39.48 -20.41
C ILE C 173 -61.79 38.98 -19.72
N GLU C 174 -61.92 37.86 -19.03
CA GLU C 174 -60.79 37.32 -18.27
C GLU C 174 -60.36 35.94 -18.72
N LEU C 175 -59.07 35.68 -18.61
CA LEU C 175 -58.47 34.41 -18.96
C LEU C 175 -57.34 34.09 -18.00
N GLY C 176 -57.64 33.28 -17.00
CA GLY C 176 -56.64 32.95 -16.00
C GLY C 176 -56.30 34.17 -15.19
N ARG C 177 -55.02 34.49 -15.13
CA ARG C 177 -54.56 35.65 -14.38
C ARG C 177 -54.52 36.93 -15.21
N GLN C 178 -54.97 36.89 -16.46
CA GLN C 178 -54.92 38.09 -17.28
C GLN C 178 -56.28 38.49 -17.81
N LYS C 179 -56.38 39.73 -18.24
CA LYS C 179 -57.63 40.22 -18.78
C LYS C 179 -57.44 41.47 -19.61
N ILE C 180 -58.49 41.83 -20.34
CA ILE C 180 -58.43 43.02 -21.17
C ILE C 180 -59.52 44.01 -20.78
N GLY C 181 -59.11 45.26 -20.57
CA GLY C 181 -60.06 46.29 -20.20
C GLY C 181 -60.30 47.23 -21.37
N VAL C 182 -61.57 47.54 -21.60
CA VAL C 182 -61.94 48.47 -22.65
C VAL C 182 -62.30 49.79 -22.01
N MET C 183 -61.57 50.84 -22.34
CA MET C 183 -61.78 52.11 -21.68
C MET C 183 -62.16 53.20 -22.65
N ARG C 184 -63.44 53.57 -22.68
CA ARG C 184 -63.87 54.63 -23.57
C ARG C 184 -63.57 55.97 -22.98
N LEU C 185 -63.02 56.87 -23.78
CA LEU C 185 -62.76 58.19 -23.27
C LEU C 185 -63.96 59.06 -23.56
N ASN C 186 -64.35 59.86 -22.60
CA ASN C 186 -65.54 60.67 -22.76
C ASN C 186 -65.27 62.14 -22.97
N ASN C 187 -64.20 62.65 -22.39
CA ASN C 187 -63.92 64.06 -22.54
C ASN C 187 -62.77 64.37 -23.50
N THR C 188 -62.27 63.37 -24.20
CA THR C 188 -61.20 63.64 -25.15
C THR C 188 -61.16 62.62 -26.29
N PHE C 189 -60.12 62.72 -27.11
CA PHE C 189 -59.95 61.87 -28.28
C PHE C 189 -58.75 60.96 -28.19
N VAL C 190 -58.93 59.74 -28.64
CA VAL C 190 -57.82 58.80 -28.76
C VAL C 190 -57.14 59.01 -30.10
N GLY C 191 -55.85 59.26 -30.08
CA GLY C 191 -55.12 59.46 -31.33
C GLY C 191 -54.36 60.75 -31.34
N ASP C 192 -53.61 60.99 -32.40
CA ASP C 192 -52.77 62.17 -32.53
C ASP C 192 -53.44 63.25 -33.38
N ARG C 193 -53.14 64.51 -33.07
CA ARG C 193 -53.68 65.63 -33.82
C ARG C 193 -52.66 66.18 -34.79
N THR C 194 -53.02 66.27 -36.06
CA THR C 194 -52.09 66.75 -37.06
C THR C 194 -52.62 67.97 -37.79
N TYR C 195 -51.77 68.96 -37.98
CA TYR C 195 -52.16 70.17 -38.69
C TYR C 195 -51.02 70.79 -39.45
N ASN C 196 -51.34 71.64 -40.41
CA ASN C 196 -50.32 72.27 -41.22
C ASN C 196 -50.18 73.75 -40.95
N LEU C 197 -48.94 74.22 -41.08
CA LEU C 197 -48.59 75.62 -40.96
C LEU C 197 -47.95 76.04 -42.24
N ARG C 198 -48.75 76.09 -43.30
CA ARG C 198 -48.25 76.50 -44.60
C ARG C 198 -47.30 75.46 -45.15
N ASP C 199 -46.01 75.67 -44.91
CA ASP C 199 -44.99 74.80 -45.47
C ASP C 199 -44.55 73.66 -44.55
N GLN C 200 -45.15 73.54 -43.37
CA GLN C 200 -44.73 72.41 -42.52
C GLN C 200 -45.87 71.75 -41.77
N LYS C 201 -45.67 70.48 -41.41
CA LYS C 201 -46.67 69.68 -40.73
C LYS C 201 -46.31 69.44 -39.27
N MET C 202 -47.28 69.70 -38.39
CA MET C 202 -47.10 69.53 -36.97
C MET C 202 -47.92 68.37 -36.43
N VAL C 203 -47.38 67.66 -35.44
CA VAL C 203 -48.10 66.54 -34.85
C VAL C 203 -48.10 66.60 -33.33
N ILE C 204 -49.28 66.47 -32.74
CA ILE C 204 -49.47 66.46 -31.31
C ILE C 204 -49.86 65.07 -30.85
N PRO C 205 -49.06 64.42 -30.01
CA PRO C 205 -49.26 63.09 -29.50
C PRO C 205 -50.44 63.06 -28.54
N GLY C 206 -51.23 61.99 -28.63
CA GLY C 206 -52.38 61.86 -27.75
C GLY C 206 -52.09 61.00 -26.53
N ILE C 207 -53.16 60.67 -25.81
CA ILE C 207 -53.07 59.89 -24.58
C ILE C 207 -52.58 58.47 -24.78
N ALA C 208 -52.83 57.90 -25.94
CA ALA C 208 -52.41 56.55 -26.21
C ALA C 208 -50.90 56.48 -26.24
N THR C 209 -50.30 57.44 -26.93
CA THR C 209 -48.86 57.52 -27.04
C THR C 209 -48.23 57.83 -25.72
N ALA C 210 -48.79 58.81 -25.01
CA ALA C 210 -48.24 59.22 -23.73
C ALA C 210 -48.17 58.07 -22.75
N ILE C 211 -49.27 57.34 -22.59
CA ILE C 211 -49.28 56.23 -21.66
C ILE C 211 -48.35 55.12 -22.10
N GLU C 212 -48.37 54.80 -23.38
CA GLU C 212 -47.49 53.75 -23.90
C GLU C 212 -46.03 54.02 -23.54
N ARG C 213 -45.58 55.24 -23.78
CA ARG C 213 -44.22 55.61 -23.49
C ARG C 213 -43.91 55.54 -22.01
N LEU C 214 -44.87 55.95 -21.19
CA LEU C 214 -44.69 55.94 -19.76
C LEU C 214 -44.47 54.55 -19.23
N LEU C 215 -45.32 53.61 -19.65
CA LEU C 215 -45.21 52.25 -19.17
C LEU C 215 -44.03 51.51 -19.76
N GLN C 216 -43.71 51.77 -21.01
CA GLN C 216 -42.62 51.10 -21.67
C GLN C 216 -41.41 52.01 -21.82
N ILE C 267 -47.33 45.72 -19.32
CA ILE C 267 -48.69 46.05 -19.71
C ILE C 267 -48.75 46.41 -21.18
N LYS C 268 -49.72 45.86 -21.89
CA LYS C 268 -49.87 46.12 -23.32
C LYS C 268 -51.08 46.99 -23.59
N ILE C 269 -50.86 48.17 -24.16
CA ILE C 269 -52.00 49.03 -24.46
C ILE C 269 -52.09 49.41 -25.92
N VAL C 270 -53.25 49.15 -26.50
CA VAL C 270 -53.49 49.44 -27.90
C VAL C 270 -54.69 50.35 -28.10
N ALA C 271 -54.50 51.39 -28.88
CA ALA C 271 -55.56 52.33 -29.18
C ALA C 271 -56.58 51.74 -30.12
N TYR C 272 -57.85 52.12 -29.96
CA TYR C 272 -58.89 51.67 -30.86
C TYR C 272 -59.86 52.80 -31.18
N PRO C 273 -59.48 53.64 -32.16
CA PRO C 273 -60.11 54.85 -32.66
C PRO C 273 -61.58 54.67 -32.95
N ASP C 274 -61.95 53.53 -33.50
CA ASP C 274 -63.33 53.28 -33.89
C ASP C 274 -64.35 53.53 -32.77
N THR C 275 -63.97 53.24 -31.53
CA THR C 275 -64.86 53.44 -30.40
C THR C 275 -64.29 54.42 -29.41
N ASN C 276 -63.29 55.18 -29.85
CA ASN C 276 -62.59 56.18 -29.04
C ASN C 276 -62.18 55.58 -27.72
N SER C 277 -61.51 54.44 -27.76
CA SER C 277 -61.18 53.76 -26.53
C SER C 277 -59.82 53.09 -26.54
N LEU C 278 -59.39 52.69 -25.35
CA LEU C 278 -58.12 52.00 -25.18
C LEU C 278 -58.32 50.55 -24.80
N LEU C 279 -57.42 49.70 -25.26
CA LEU C 279 -57.43 48.29 -24.95
C LEU C 279 -56.26 47.97 -24.05
N VAL C 280 -56.54 47.70 -22.78
CA VAL C 280 -55.46 47.46 -21.82
C VAL C 280 -55.36 45.99 -21.43
N LYS C 281 -54.24 45.35 -21.75
CA LYS C 281 -54.06 43.95 -21.42
C LYS C 281 -53.02 43.73 -20.33
N GLY C 282 -53.39 42.97 -19.31
CA GLY C 282 -52.49 42.69 -18.20
C GLY C 282 -53.22 41.95 -17.08
N THR C 283 -52.68 42.03 -15.86
CA THR C 283 -53.35 41.37 -14.75
C THR C 283 -54.48 42.24 -14.28
N ALA C 284 -55.35 41.69 -13.46
CA ALA C 284 -56.49 42.43 -12.96
C ALA C 284 -56.05 43.71 -12.26
N GLU C 285 -54.98 43.62 -11.46
CA GLU C 285 -54.48 44.77 -10.76
C GLU C 285 -53.88 45.78 -11.70
N GLN C 286 -53.15 45.29 -12.72
CA GLN C 286 -52.55 46.19 -13.69
C GLN C 286 -53.59 46.95 -14.48
N VAL C 287 -54.67 46.27 -14.86
CA VAL C 287 -55.73 46.91 -15.59
C VAL C 287 -56.40 47.97 -14.75
N HIS C 288 -56.71 47.63 -13.49
CA HIS C 288 -57.32 48.57 -12.57
C HIS C 288 -56.48 49.82 -12.39
N PHE C 289 -55.18 49.61 -12.24
CA PHE C 289 -54.21 50.67 -12.09
C PHE C 289 -54.30 51.65 -13.25
N ILE C 290 -54.26 51.12 -14.47
CA ILE C 290 -54.36 51.97 -15.65
C ILE C 290 -55.70 52.65 -15.73
N GLU C 291 -56.77 51.93 -15.38
CA GLU C 291 -58.11 52.48 -15.40
C GLU C 291 -58.18 53.77 -14.63
N MET C 292 -57.64 53.76 -13.42
CA MET C 292 -57.67 54.94 -12.59
C MET C 292 -56.88 56.08 -13.22
N LEU C 293 -55.73 55.76 -13.81
CA LEU C 293 -54.91 56.77 -14.47
C LEU C 293 -55.70 57.48 -15.54
N VAL C 294 -56.37 56.70 -16.36
CA VAL C 294 -57.19 57.24 -17.42
C VAL C 294 -58.27 58.15 -16.89
N LYS C 295 -58.96 57.73 -15.84
CA LYS C 295 -60.00 58.55 -15.26
C LYS C 295 -59.47 59.88 -14.77
N ALA C 296 -58.26 59.89 -14.23
CA ALA C 296 -57.64 61.11 -13.77
C ALA C 296 -57.38 62.08 -14.92
N LEU C 297 -56.94 61.55 -16.06
CA LEU C 297 -56.60 62.40 -17.20
C LEU C 297 -57.80 62.83 -18.06
N ASP C 298 -58.81 61.97 -18.18
CA ASP C 298 -59.98 62.23 -19.02
C ASP C 298 -60.92 63.30 -18.48
N VAL C 299 -60.54 64.57 -18.61
CA VAL C 299 -61.37 65.67 -18.10
C VAL C 299 -61.78 66.66 -19.19
N ALA C 300 -62.88 67.36 -18.93
CA ALA C 300 -63.47 68.32 -19.87
C ALA C 300 -62.66 69.60 -20.01
N LYS C 301 -62.76 70.22 -21.18
CA LYS C 301 -62.06 71.47 -21.47
C LYS C 301 -62.99 72.64 -21.73
N ARG C 302 -62.57 73.82 -21.28
CA ARG C 302 -63.29 75.06 -21.52
C ARG C 302 -62.87 75.69 -22.84
N HIS C 303 -63.67 76.61 -23.35
CA HIS C 303 -63.36 77.26 -24.61
C HIS C 303 -62.81 78.65 -24.41
N VAL C 304 -61.89 79.02 -25.29
CA VAL C 304 -61.26 80.33 -25.25
C VAL C 304 -61.40 81.04 -26.58
N GLU C 305 -61.94 82.25 -26.55
CA GLU C 305 -62.07 83.04 -27.76
C GLU C 305 -61.01 84.11 -27.78
N LEU C 306 -60.28 84.17 -28.87
CA LEU C 306 -59.20 85.12 -29.04
C LEU C 306 -59.51 86.20 -30.06
N SER C 307 -59.37 87.45 -29.67
CA SER C 307 -59.55 88.54 -30.61
C SER C 307 -58.28 89.37 -30.73
N LEU C 308 -57.87 89.61 -31.96
CA LEU C 308 -56.70 90.40 -32.25
C LEU C 308 -57.08 91.71 -32.88
N TRP C 309 -56.65 92.80 -32.29
CA TRP C 309 -56.96 94.10 -32.85
C TRP C 309 -55.74 94.67 -33.54
N ILE C 310 -55.88 95.02 -34.80
CA ILE C 310 -54.77 95.63 -35.52
C ILE C 310 -55.18 97.01 -35.98
N VAL C 311 -54.51 98.03 -35.46
CA VAL C 311 -54.88 99.39 -35.82
C VAL C 311 -53.75 100.08 -36.54
N ASP C 312 -54.07 100.71 -37.67
CA ASP C 312 -53.09 101.41 -38.48
C ASP C 312 -53.56 102.79 -38.91
N LEU C 313 -52.92 103.83 -38.36
CA LEU C 313 -53.27 105.21 -38.67
C LEU C 313 -52.17 105.93 -39.46
N ASN C 314 -52.58 106.72 -40.45
CA ASN C 314 -51.62 107.46 -41.26
C ASN C 314 -52.03 108.90 -41.50
N LYS C 315 -51.07 109.81 -41.41
CA LYS C 315 -51.31 111.22 -41.64
C LYS C 315 -50.15 111.86 -42.37
N SER C 316 -50.43 112.68 -43.39
CA SER C 316 -49.32 113.35 -44.05
C SER C 316 -49.68 114.73 -44.58
N ASP C 317 -48.64 115.52 -44.84
CA ASP C 317 -48.79 116.89 -45.30
C ASP C 317 -47.63 117.31 -46.20
N LEU C 318 -47.90 117.41 -47.49
CA LEU C 318 -46.89 117.76 -48.49
C LEU C 318 -47.10 119.14 -49.11
N GLU C 319 -46.05 119.93 -49.14
CA GLU C 319 -46.14 121.24 -49.78
C GLU C 319 -44.98 121.46 -50.72
N ARG C 320 -45.28 121.78 -51.97
CA ARG C 320 -44.24 122.07 -52.95
C ARG C 320 -44.52 123.36 -53.68
N LEU C 321 -43.59 124.30 -53.66
CA LEU C 321 -43.83 125.54 -54.36
C LEU C 321 -42.57 126.25 -54.81
N GLY C 322 -42.47 126.51 -56.12
CA GLY C 322 -41.36 127.27 -56.64
C GLY C 322 -40.94 126.83 -58.02
N THR C 323 -39.72 127.21 -58.40
CA THR C 323 -39.23 126.86 -59.72
C THR C 323 -37.82 126.26 -59.70
N SER C 324 -37.42 125.72 -60.84
CA SER C 324 -36.09 125.17 -61.00
C SER C 324 -35.58 125.43 -62.41
N TRP C 325 -34.41 126.06 -62.50
CA TRP C 325 -33.87 126.45 -63.79
C TRP C 325 -32.66 125.64 -64.23
N SER C 326 -32.71 125.11 -65.45
CA SER C 326 -31.56 124.41 -66.00
C SER C 326 -31.72 124.23 -67.49
N GLY C 327 -30.62 123.98 -68.18
CA GLY C 327 -30.71 123.74 -69.62
C GLY C 327 -29.57 124.36 -70.39
N SER C 328 -29.78 124.65 -71.67
CA SER C 328 -28.68 125.25 -72.43
C SER C 328 -29.07 126.05 -73.66
N ILE C 329 -28.04 126.56 -74.33
CA ILE C 329 -28.23 127.35 -75.53
C ILE C 329 -26.98 127.46 -76.40
N THR C 330 -27.18 127.38 -77.71
CA THR C 330 -26.11 127.62 -78.67
C THR C 330 -26.12 129.08 -79.09
N ILE C 331 -24.97 129.73 -78.96
CA ILE C 331 -24.87 131.14 -79.31
C ILE C 331 -23.90 131.44 -80.43
N GLY C 332 -24.44 131.88 -81.56
CA GLY C 332 -23.66 132.32 -82.71
C GLY C 332 -22.82 131.22 -83.35
N ASP C 333 -23.14 129.96 -83.06
CA ASP C 333 -22.35 128.83 -83.54
C ASP C 333 -20.86 128.96 -83.19
N LYS C 334 -20.55 129.62 -82.08
CA LYS C 334 -19.16 129.80 -81.68
C LYS C 334 -18.97 129.45 -80.22
N LEU C 335 -20.04 129.55 -79.45
CA LEU C 335 -19.97 129.15 -78.06
C LEU C 335 -21.36 128.80 -77.56
N GLY C 336 -21.43 128.14 -76.42
CA GLY C 336 -22.71 127.79 -75.86
C GLY C 336 -22.67 127.92 -74.36
N VAL C 337 -23.84 127.89 -73.73
CA VAL C 337 -23.93 128.05 -72.29
C VAL C 337 -24.75 126.96 -71.65
N SER C 338 -24.25 126.43 -70.55
CA SER C 338 -24.95 125.39 -69.81
C SER C 338 -25.37 125.91 -68.45
N LEU C 339 -26.60 125.68 -68.07
CA LEU C 339 -27.06 126.18 -66.78
C LEU C 339 -27.30 125.06 -65.79
N ASN C 340 -26.59 125.16 -64.67
CA ASN C 340 -26.69 124.23 -63.57
C ASN C 340 -26.45 122.79 -64.00
N GLN C 341 -25.28 122.56 -64.58
CA GLN C 341 -24.82 121.25 -65.03
C GLN C 341 -25.81 120.52 -65.91
N SER C 342 -26.28 121.18 -66.95
CA SER C 342 -27.20 120.52 -67.86
C SER C 342 -26.42 119.52 -68.72
N SER C 343 -27.12 118.58 -69.33
CA SER C 343 -26.45 117.54 -70.13
C SER C 343 -26.17 118.01 -71.55
N ILE C 344 -25.23 118.96 -71.66
CA ILE C 344 -24.79 119.61 -72.90
C ILE C 344 -24.65 118.72 -74.13
N SER C 345 -24.34 117.43 -73.94
CA SER C 345 -24.20 116.52 -75.08
C SER C 345 -25.45 116.48 -75.95
N THR C 346 -26.61 116.77 -75.36
CA THR C 346 -27.86 116.86 -76.11
C THR C 346 -28.46 118.26 -75.96
N LEU C 347 -28.23 118.87 -74.79
CA LEU C 347 -28.76 120.19 -74.48
C LEU C 347 -28.21 121.30 -75.38
N ASP C 348 -27.05 121.08 -75.97
CA ASP C 348 -26.46 121.99 -76.95
C ASP C 348 -27.47 122.40 -78.02
N GLY C 349 -28.32 121.45 -78.45
CA GLY C 349 -29.32 121.72 -79.48
C GLY C 349 -30.74 121.89 -78.90
N SER C 350 -30.83 122.29 -77.63
CA SER C 350 -32.11 122.45 -76.99
C SER C 350 -32.38 123.86 -76.47
N ARG C 351 -32.88 123.96 -75.24
CA ARG C 351 -33.25 125.25 -74.68
C ARG C 351 -33.22 125.23 -73.15
N PHE C 352 -33.62 126.33 -72.52
CA PHE C 352 -33.64 126.35 -71.06
C PHE C 352 -35.00 125.97 -70.53
N ILE C 353 -35.04 125.15 -69.50
CA ILE C 353 -36.31 124.74 -68.93
C ILE C 353 -36.54 125.33 -67.56
N ALA C 354 -37.75 125.85 -67.38
CA ALA C 354 -38.20 126.40 -66.12
C ALA C 354 -39.24 125.48 -65.53
N ALA C 355 -38.80 124.59 -64.65
CA ALA C 355 -39.77 123.71 -64.03
C ALA C 355 -40.50 124.49 -62.97
N VAL C 356 -41.80 124.29 -62.86
CA VAL C 356 -42.59 124.99 -61.88
C VAL C 356 -43.45 124.03 -61.10
N ASN C 357 -43.29 124.02 -59.78
CA ASN C 357 -44.10 123.17 -58.94
C ASN C 357 -45.05 124.01 -58.10
N ALA C 358 -46.25 123.49 -57.88
CA ALA C 358 -47.23 124.19 -57.08
C ALA C 358 -48.30 123.21 -56.64
N LEU C 359 -48.06 122.59 -55.49
CA LEU C 359 -48.98 121.59 -54.99
C LEU C 359 -49.06 121.49 -53.48
N GLU C 360 -50.27 121.52 -52.97
CA GLU C 360 -50.50 121.25 -51.56
C GLU C 360 -51.25 119.95 -51.43
N GLU C 361 -50.81 119.07 -50.55
CA GLU C 361 -51.49 117.80 -50.40
C GLU C 361 -51.68 117.34 -48.96
N LYS C 362 -52.92 117.06 -48.61
CA LYS C 362 -53.26 116.53 -47.30
C LYS C 362 -53.74 115.10 -47.44
N LYS C 363 -53.36 114.24 -46.50
CA LYS C 363 -53.82 112.86 -46.58
C LYS C 363 -54.05 112.22 -45.23
N GLN C 364 -55.14 111.47 -45.14
CA GLN C 364 -55.50 110.78 -43.91
C GLN C 364 -56.02 109.38 -44.17
N ALA C 365 -55.60 108.42 -43.35
CA ALA C 365 -56.09 107.07 -43.54
C ALA C 365 -56.17 106.28 -42.25
N THR C 366 -57.16 105.39 -42.16
CA THR C 366 -57.28 104.51 -41.01
C THR C 366 -57.75 103.13 -41.39
N VAL C 367 -57.14 102.13 -40.79
CA VAL C 367 -57.52 100.74 -41.00
C VAL C 367 -57.60 99.96 -39.70
N VAL C 368 -58.71 99.28 -39.48
CA VAL C 368 -58.86 98.42 -38.33
C VAL C 368 -59.20 97.00 -38.75
N SER C 369 -58.35 96.06 -38.35
CA SER C 369 -58.56 94.67 -38.70
C SER C 369 -58.72 93.80 -37.47
N ARG C 370 -59.68 92.90 -37.51
CA ARG C 370 -59.92 92.06 -36.35
C ARG C 370 -60.17 90.58 -36.64
N PRO C 371 -59.13 89.76 -36.52
CA PRO C 371 -59.18 88.32 -36.58
C PRO C 371 -59.81 87.74 -35.32
N VAL C 372 -60.67 86.74 -35.48
CA VAL C 372 -61.30 86.08 -34.34
C VAL C 372 -61.15 84.57 -34.43
N LEU C 373 -60.69 83.95 -33.34
CA LEU C 373 -60.46 82.51 -33.36
C LEU C 373 -60.89 81.79 -32.07
N LEU C 374 -61.71 80.75 -32.21
CA LEU C 374 -62.18 79.95 -31.07
C LEU C 374 -61.46 78.62 -30.93
N THR C 375 -60.98 78.32 -29.72
CA THR C 375 -60.33 77.05 -29.42
C THR C 375 -60.64 76.58 -28.00
N GLN C 376 -59.86 75.61 -27.53
CA GLN C 376 -60.02 75.06 -26.19
C GLN C 376 -58.74 75.08 -25.41
N GLU C 377 -58.85 74.87 -24.11
CA GLU C 377 -57.70 74.85 -23.23
C GLU C 377 -56.64 73.91 -23.74
N ASN C 378 -55.42 74.41 -23.87
CA ASN C 378 -54.28 73.62 -24.28
C ASN C 378 -54.36 73.10 -25.72
N VAL C 379 -55.21 73.69 -26.56
CA VAL C 379 -55.33 73.26 -27.95
C VAL C 379 -54.87 74.33 -28.95
N PRO C 380 -53.71 74.13 -29.58
CA PRO C 380 -53.10 74.98 -30.58
C PRO C 380 -54.06 75.24 -31.71
N ALA C 381 -54.39 76.50 -31.93
CA ALA C 381 -55.32 76.86 -32.97
C ALA C 381 -54.68 77.72 -34.01
N ILE C 382 -55.10 77.52 -35.25
CA ILE C 382 -54.51 78.24 -36.36
C ILE C 382 -55.51 79.00 -37.19
N PHE C 383 -55.21 80.26 -37.44
CA PHE C 383 -56.01 81.10 -38.31
C PHE C 383 -55.12 81.71 -39.36
N ASP C 384 -55.40 81.45 -40.63
CA ASP C 384 -54.54 82.01 -41.65
C ASP C 384 -55.29 82.51 -42.87
N ASN C 385 -55.34 83.82 -43.02
CA ASN C 385 -55.98 84.46 -44.16
C ASN C 385 -54.88 84.94 -45.08
N ASN C 386 -54.67 84.27 -46.20
CA ASN C 386 -53.52 84.66 -47.02
C ASN C 386 -53.73 84.63 -48.50
N ARG C 387 -52.71 85.06 -49.22
CA ARG C 387 -52.71 85.00 -50.66
C ARG C 387 -51.42 84.37 -51.14
N THR C 388 -51.51 83.66 -52.25
CA THR C 388 -50.34 83.01 -52.78
C THR C 388 -50.08 83.34 -54.24
N PHE C 389 -48.86 83.79 -54.48
CA PHE C 389 -48.37 84.14 -55.79
C PHE C 389 -47.56 83.02 -56.38
N TYR C 390 -47.96 82.53 -57.55
CA TYR C 390 -47.24 81.43 -58.18
C TYR C 390 -46.36 81.87 -59.33
N THR C 391 -45.24 81.18 -59.53
CA THR C 391 -44.35 81.47 -60.64
C THR C 391 -43.65 80.22 -61.17
N LYS C 392 -43.31 80.25 -62.45
CA LYS C 392 -42.64 79.12 -63.08
C LYS C 392 -41.13 79.20 -62.99
N LEU C 393 -40.52 78.04 -62.76
CA LEU C 393 -39.08 77.89 -62.77
C LEU C 393 -38.67 76.85 -63.79
N ILE C 394 -39.33 76.85 -64.95
CA ILE C 394 -39.01 75.85 -65.95
C ILE C 394 -37.62 76.07 -66.50
N GLY C 395 -36.66 75.36 -65.95
CA GLY C 395 -35.32 75.43 -66.48
C GLY C 395 -35.18 74.37 -67.53
N GLU C 396 -33.96 74.10 -67.92
CA GLU C 396 -33.73 73.08 -68.90
C GLU C 396 -33.64 71.72 -68.24
N ARG C 397 -32.90 71.58 -67.15
CA ARG C 397 -32.91 70.29 -66.50
C ARG C 397 -34.02 70.23 -65.50
N ASN C 398 -33.90 71.04 -64.46
CA ASN C 398 -34.88 71.04 -63.41
C ASN C 398 -35.96 72.05 -63.69
N VAL C 399 -37.19 71.63 -63.43
CA VAL C 399 -38.34 72.48 -63.62
C VAL C 399 -39.16 72.46 -62.35
N ALA C 400 -39.89 73.53 -62.09
CA ALA C 400 -40.68 73.58 -60.88
C ALA C 400 -41.58 74.78 -60.83
N LEU C 401 -42.47 74.78 -59.85
CA LEU C 401 -43.28 75.93 -59.55
C LEU C 401 -42.92 76.38 -58.17
N GLU C 402 -42.92 77.68 -57.96
CA GLU C 402 -42.65 78.21 -56.65
C GLU C 402 -43.63 79.26 -56.31
N HIS C 403 -43.69 79.62 -55.05
CA HIS C 403 -44.66 80.60 -54.67
C HIS C 403 -44.31 81.42 -53.46
N VAL C 404 -45.02 82.53 -53.35
CA VAL C 404 -44.86 83.45 -52.25
C VAL C 404 -46.17 83.59 -51.51
N THR C 405 -46.18 83.22 -50.24
CA THR C 405 -47.40 83.30 -49.46
C THR C 405 -47.29 84.34 -48.37
N TYR C 406 -48.30 85.17 -48.25
CA TYR C 406 -48.33 86.20 -47.21
C TYR C 406 -49.74 86.56 -46.82
N GLY C 407 -49.90 87.11 -45.62
CA GLY C 407 -51.23 87.48 -45.16
C GLY C 407 -51.30 87.60 -43.65
N THR C 408 -52.49 87.39 -43.10
CA THR C 408 -52.71 87.49 -41.67
C THR C 408 -52.70 86.12 -41.03
N MET C 409 -51.76 85.89 -40.12
CA MET C 409 -51.69 84.58 -39.50
C MET C 409 -51.54 84.60 -38.00
N ILE C 410 -52.32 83.76 -37.35
CA ILE C 410 -52.27 83.62 -35.91
C ILE C 410 -52.10 82.19 -35.46
N ARG C 411 -51.07 81.94 -34.67
CA ARG C 411 -50.92 80.64 -34.05
C ARG C 411 -50.99 80.87 -32.55
N VAL C 412 -51.87 80.15 -31.87
CA VAL C 412 -52.01 80.41 -30.45
C VAL C 412 -52.26 79.21 -29.57
N LEU C 413 -51.61 79.22 -28.42
CA LEU C 413 -51.81 78.19 -27.41
C LEU C 413 -52.23 78.83 -26.08
N PRO C 414 -53.51 78.80 -25.74
CA PRO C 414 -54.14 79.34 -24.55
C PRO C 414 -54.02 78.42 -23.36
N ARG C 415 -53.96 79.01 -22.18
CA ARG C 415 -53.89 78.20 -20.98
C ARG C 415 -54.34 78.96 -19.73
N PHE C 416 -55.26 78.37 -18.98
CA PHE C 416 -55.71 79.01 -17.76
C PHE C 416 -54.78 78.79 -16.59
N SER C 417 -54.60 79.84 -15.79
CA SER C 417 -53.76 79.77 -14.62
C SER C 417 -54.59 79.65 -13.35
N ALA C 418 -53.90 79.67 -12.22
CA ALA C 418 -54.52 79.50 -10.92
C ALA C 418 -55.53 80.60 -10.61
N ASP C 419 -55.26 81.80 -11.08
CA ASP C 419 -56.14 82.92 -10.82
C ASP C 419 -57.17 83.16 -11.92
N GLY C 420 -57.32 82.22 -12.84
CA GLY C 420 -58.27 82.40 -13.93
C GLY C 420 -57.69 83.27 -15.04
N GLN C 421 -56.40 83.48 -14.99
CA GLN C 421 -55.72 84.29 -15.98
C GLN C 421 -55.49 83.46 -17.21
N ILE C 422 -55.38 84.10 -18.36
CA ILE C 422 -55.15 83.32 -19.57
C ILE C 422 -53.81 83.63 -20.18
N GLU C 423 -52.93 82.64 -20.22
CA GLU C 423 -51.65 82.86 -20.85
C GLU C 423 -51.69 82.33 -22.25
N MET C 424 -51.04 83.04 -23.15
CA MET C 424 -51.05 82.63 -24.53
C MET C 424 -49.71 82.69 -25.18
N SER C 425 -49.37 81.64 -25.90
CA SER C 425 -48.19 81.67 -26.73
C SER C 425 -48.66 82.29 -28.02
N LEU C 426 -48.04 83.37 -28.46
CA LEU C 426 -48.52 84.07 -29.64
C LEU C 426 -47.55 84.23 -30.77
N ASP C 427 -47.96 83.80 -31.95
CA ASP C 427 -47.19 84.07 -33.15
C ASP C 427 -48.10 84.83 -34.12
N ILE C 428 -47.68 86.04 -34.49
CA ILE C 428 -48.49 86.89 -35.33
C ILE C 428 -47.79 87.37 -36.58
N GLU C 429 -48.45 87.19 -37.73
CA GLU C 429 -47.94 87.73 -38.98
C GLU C 429 -48.93 88.68 -39.62
N ASP C 430 -48.43 89.84 -40.03
CA ASP C 430 -49.24 90.78 -40.79
C ASP C 430 -48.51 91.10 -42.07
N GLY C 431 -48.81 90.37 -43.15
CA GLY C 431 -48.13 90.59 -44.41
C GLY C 431 -49.01 91.28 -45.44
N ASN C 432 -48.37 91.96 -46.39
CA ASN C 432 -49.08 92.65 -47.45
C ASN C 432 -48.24 92.80 -48.71
N ASP C 433 -48.84 93.33 -49.76
CA ASP C 433 -48.19 93.51 -51.04
C ASP C 433 -47.74 94.93 -51.29
N LYS C 434 -46.43 95.18 -51.20
CA LYS C 434 -45.90 96.49 -51.49
C LYS C 434 -45.61 96.58 -52.98
N THR C 435 -45.89 97.71 -53.60
CA THR C 435 -45.64 97.78 -55.03
C THR C 435 -44.79 99.00 -55.40
N PRO C 436 -44.09 98.90 -56.54
CA PRO C 436 -43.29 99.91 -57.19
C PRO C 436 -44.19 100.77 -58.06
N GLN C 437 -43.61 101.72 -58.77
CA GLN C 437 -44.42 102.54 -59.67
C GLN C 437 -45.03 101.65 -60.75
N SER C 438 -46.36 101.66 -60.81
CA SER C 438 -47.13 100.82 -61.74
C SER C 438 -46.90 101.14 -63.22
N ASP C 439 -46.29 102.28 -63.49
CA ASP C 439 -45.96 102.69 -64.85
C ASP C 439 -44.71 101.99 -65.39
N THR C 440 -44.02 101.21 -64.55
CA THR C 440 -42.81 100.55 -64.98
C THR C 440 -43.01 99.07 -65.24
N THR C 441 -42.00 98.45 -65.86
CA THR C 441 -42.02 97.03 -66.22
C THR C 441 -41.88 96.13 -65.01
N THR C 442 -41.48 96.70 -63.88
CA THR C 442 -41.33 95.98 -62.63
C THR C 442 -42.70 95.60 -62.07
N SER C 443 -43.77 96.19 -62.61
CA SER C 443 -45.13 95.84 -62.21
C SER C 443 -45.60 94.56 -62.92
N VAL C 444 -44.83 94.10 -63.91
CA VAL C 444 -45.14 92.89 -64.66
C VAL C 444 -44.25 91.74 -64.23
N ASP C 445 -42.95 91.99 -64.18
CA ASP C 445 -42.00 90.97 -63.78
C ASP C 445 -42.27 90.56 -62.33
N ALA C 446 -42.15 89.26 -62.05
CA ALA C 446 -42.38 88.66 -60.72
C ALA C 446 -41.57 89.31 -59.61
N LEU C 447 -41.95 90.52 -59.23
CA LEU C 447 -41.26 91.26 -58.19
C LEU C 447 -42.15 91.76 -57.04
N PRO C 448 -43.32 91.14 -56.81
CA PRO C 448 -44.26 91.53 -55.75
C PRO C 448 -43.58 91.70 -54.40
N GLU C 449 -42.96 92.84 -54.16
CA GLU C 449 -42.30 93.14 -52.89
C GLU C 449 -43.25 92.88 -51.73
N VAL C 450 -42.81 92.10 -50.76
CA VAL C 450 -43.72 91.78 -49.67
C VAL C 450 -43.33 92.47 -48.39
N GLY C 451 -44.31 93.03 -47.70
CA GLY C 451 -44.04 93.66 -46.42
C GLY C 451 -44.57 92.74 -45.35
N ARG C 452 -43.81 92.53 -44.28
CA ARG C 452 -44.27 91.63 -43.23
C ARG C 452 -43.97 92.16 -41.84
N THR C 453 -44.93 92.02 -40.94
CA THR C 453 -44.68 92.36 -39.55
C THR C 453 -44.80 91.09 -38.73
N LEU C 454 -43.74 90.74 -38.02
CA LEU C 454 -43.74 89.52 -37.25
C LEU C 454 -43.58 89.76 -35.75
N ILE C 455 -44.41 89.10 -34.97
CA ILE C 455 -44.34 89.17 -33.52
C ILE C 455 -44.36 87.79 -32.89
N SER C 456 -43.42 87.52 -32.01
CA SER C 456 -43.43 86.24 -31.31
C SER C 456 -43.15 86.44 -29.84
N THR C 457 -44.17 86.20 -29.01
CA THR C 457 -44.04 86.41 -27.57
C THR C 457 -45.04 85.57 -26.75
N ILE C 458 -45.09 85.84 -25.44
CA ILE C 458 -45.98 85.20 -24.48
C ILE C 458 -46.60 86.22 -23.55
N ALA C 459 -47.91 86.14 -23.32
CA ALA C 459 -48.50 87.12 -22.41
C ALA C 459 -49.66 86.59 -21.59
N ARG C 460 -49.79 87.10 -20.37
CA ARG C 460 -50.88 86.72 -19.47
C ARG C 460 -51.92 87.81 -19.41
N VAL C 461 -53.17 87.49 -19.72
CA VAL C 461 -54.21 88.51 -19.72
C VAL C 461 -55.37 88.10 -18.82
N PRO C 462 -55.86 88.99 -17.96
CA PRO C 462 -57.03 88.83 -17.11
C PRO C 462 -58.25 88.62 -17.98
N HIS C 463 -59.17 87.78 -17.51
CA HIS C 463 -60.37 87.48 -18.27
C HIS C 463 -61.19 88.71 -18.63
N GLY C 464 -61.43 88.91 -19.92
CA GLY C 464 -62.23 90.05 -20.36
C GLY C 464 -61.45 91.34 -20.50
N LYS C 465 -60.14 91.29 -20.29
CA LYS C 465 -59.30 92.46 -20.41
C LYS C 465 -58.41 92.35 -21.62
N SER C 466 -57.55 93.34 -21.81
CA SER C 466 -56.69 93.33 -22.97
C SER C 466 -55.31 93.88 -22.67
N LEU C 467 -54.36 93.50 -23.53
CA LEU C 467 -52.99 94.02 -23.45
C LEU C 467 -52.42 94.42 -24.77
N LEU C 468 -51.56 95.41 -24.73
CA LEU C 468 -50.84 95.81 -25.91
C LEU C 468 -49.65 94.91 -26.11
N VAL C 469 -49.67 94.11 -27.15
CA VAL C 469 -48.57 93.20 -27.41
C VAL C 469 -47.39 93.90 -28.00
N GLY C 470 -47.65 94.76 -28.95
CA GLY C 470 -46.55 95.50 -29.53
C GLY C 470 -47.01 96.48 -30.56
N GLY C 471 -46.06 97.19 -31.13
CA GLY C 471 -46.41 98.17 -32.13
C GLY C 471 -45.21 98.89 -32.70
N TYR C 472 -45.50 99.86 -33.54
CA TYR C 472 -44.48 100.61 -34.20
C TYR C 472 -45.00 101.98 -34.55
N THR C 473 -44.27 103.02 -34.16
CA THR C 473 -44.68 104.34 -34.56
C THR C 473 -43.56 105.08 -35.25
N ARG C 474 -43.93 106.05 -36.07
CA ARG C 474 -42.96 106.83 -36.77
C ARG C 474 -43.40 108.26 -37.01
N ASP C 475 -42.54 109.19 -36.65
CA ASP C 475 -42.83 110.58 -36.88
C ASP C 475 -41.71 111.19 -37.68
N ALA C 476 -42.03 111.98 -38.70
CA ALA C 476 -40.95 112.54 -39.50
C ALA C 476 -41.31 113.86 -40.14
N ASN C 477 -40.30 114.68 -40.39
CA ASN C 477 -40.51 115.97 -41.00
C ASN C 477 -39.27 116.45 -41.72
N THR C 478 -39.42 116.93 -42.94
CA THR C 478 -38.29 117.44 -43.68
C THR C 478 -38.64 118.64 -44.53
N ASP C 479 -37.62 119.45 -44.83
CA ASP C 479 -37.85 120.62 -45.66
C ASP C 479 -36.62 121.03 -46.45
N THR C 480 -36.86 121.69 -47.58
CA THR C 480 -35.75 122.17 -48.40
C THR C 480 -35.97 123.58 -48.88
N VAL C 481 -34.86 124.26 -49.15
CA VAL C 481 -34.88 125.60 -49.74
C VAL C 481 -33.83 125.73 -50.83
N GLN C 482 -34.25 126.10 -52.02
CA GLN C 482 -33.30 126.31 -53.09
C GLN C 482 -33.48 127.67 -53.70
N SER C 483 -32.40 128.29 -54.12
CA SER C 483 -32.56 129.59 -54.76
C SER C 483 -31.38 129.99 -55.60
N ILE C 484 -31.60 131.05 -56.37
CA ILE C 484 -30.55 131.63 -57.18
C ILE C 484 -29.90 132.73 -56.36
N PRO C 485 -28.61 132.57 -56.02
CA PRO C 485 -27.80 133.44 -55.15
C PRO C 485 -28.19 134.92 -55.09
N PHE C 486 -28.55 135.53 -56.20
CA PHE C 486 -28.90 136.93 -56.13
C PHE C 486 -30.33 137.22 -56.57
N LEU C 487 -30.83 136.46 -57.54
CA LEU C 487 -32.16 136.72 -58.06
C LEU C 487 -33.24 136.39 -57.07
N GLY C 488 -33.00 135.40 -56.22
CA GLY C 488 -33.96 135.00 -55.21
C GLY C 488 -34.26 136.08 -54.18
N LYS C 489 -33.46 137.14 -54.13
CA LYS C 489 -33.68 138.19 -53.15
C LYS C 489 -34.47 139.37 -53.72
N LEU C 490 -34.88 139.29 -54.99
CA LEU C 490 -35.57 140.43 -55.58
C LEU C 490 -37.04 140.53 -55.13
N PRO C 491 -37.45 141.73 -54.67
CA PRO C 491 -38.76 142.08 -54.08
C PRO C 491 -39.95 141.23 -54.52
N LEU C 492 -40.34 141.36 -55.78
CA LEU C 492 -41.48 140.61 -56.31
C LEU C 492 -41.06 139.83 -57.53
N ILE C 493 -39.83 139.35 -57.52
CA ILE C 493 -39.26 138.66 -58.64
C ILE C 493 -38.67 137.34 -58.20
N GLY C 494 -37.92 137.37 -57.09
CA GLY C 494 -37.24 136.21 -56.53
C GLY C 494 -38.09 134.96 -56.39
N SER C 495 -39.41 135.13 -56.23
CA SER C 495 -40.35 134.01 -56.16
C SER C 495 -40.27 133.10 -57.39
N LEU C 496 -39.82 133.65 -58.51
CA LEU C 496 -39.69 132.93 -59.76
C LEU C 496 -38.40 132.13 -59.84
N PHE C 497 -37.55 132.26 -58.83
CA PHE C 497 -36.27 131.59 -58.76
C PHE C 497 -36.16 130.70 -57.53
N ARG C 498 -36.81 131.10 -56.45
CA ARG C 498 -36.81 130.34 -55.21
C ARG C 498 -37.63 129.07 -55.32
N TYR C 499 -37.31 128.11 -54.46
CA TYR C 499 -38.02 126.85 -54.40
C TYR C 499 -38.03 126.29 -53.01
N SER C 500 -39.19 125.84 -52.56
CA SER C 500 -39.20 125.23 -51.24
C SER C 500 -40.13 124.05 -51.14
N SER C 501 -39.86 123.19 -50.17
CA SER C 501 -40.73 122.05 -49.99
C SER C 501 -40.82 121.65 -48.53
N LYS C 502 -41.94 121.03 -48.17
CA LYS C 502 -42.16 120.53 -46.84
C LYS C 502 -42.81 119.16 -46.89
N ASN C 503 -42.40 118.27 -46.02
CA ASN C 503 -43.01 116.95 -46.01
C ASN C 503 -43.06 116.35 -44.62
N LYS C 504 -44.26 116.34 -44.05
CA LYS C 504 -44.51 115.81 -42.72
C LYS C 504 -45.35 114.54 -42.73
N SER C 505 -45.00 113.58 -41.88
CA SER C 505 -45.81 112.37 -41.80
C SER C 505 -45.85 111.77 -40.40
N ASN C 506 -46.93 111.06 -40.11
CA ASN C 506 -47.12 110.41 -38.82
C ASN C 506 -47.75 109.02 -39.00
N VAL C 507 -47.14 108.00 -38.42
CA VAL C 507 -47.63 106.63 -38.55
C VAL C 507 -47.78 105.91 -37.22
N VAL C 508 -48.94 105.28 -37.00
CA VAL C 508 -49.14 104.51 -35.78
C VAL C 508 -49.68 103.10 -36.05
N ARG C 509 -48.95 102.08 -35.62
CA ARG C 509 -49.42 100.70 -35.75
C ARG C 509 -49.34 99.90 -34.46
N VAL C 510 -50.48 99.34 -34.04
CA VAL C 510 -50.47 98.52 -32.82
C VAL C 510 -51.22 97.21 -32.92
N PHE C 511 -50.81 96.26 -32.08
CA PHE C 511 -51.40 94.95 -31.97
C PHE C 511 -51.87 94.70 -30.55
N MET C 512 -53.17 94.52 -30.36
CA MET C 512 -53.73 94.30 -29.04
C MET C 512 -54.49 92.98 -28.92
N ILE C 513 -54.38 92.36 -27.77
CA ILE C 513 -55.03 91.08 -27.51
C ILE C 513 -56.11 91.11 -26.48
N GLU C 514 -57.24 90.50 -26.81
CA GLU C 514 -58.37 90.40 -25.90
C GLU C 514 -58.90 88.96 -25.89
N PRO C 515 -58.96 88.34 -24.71
CA PRO C 515 -59.44 86.96 -24.66
C PRO C 515 -60.55 86.76 -23.64
N LYS C 516 -61.44 85.83 -23.93
CA LYS C 516 -62.52 85.53 -22.99
C LYS C 516 -62.96 84.07 -23.05
N GLU C 517 -63.61 83.63 -21.98
CA GLU C 517 -64.08 82.26 -21.86
C GLU C 517 -65.47 82.10 -22.42
N ILE C 518 -65.64 81.10 -23.27
CA ILE C 518 -66.92 80.84 -23.88
C ILE C 518 -67.61 79.66 -23.23
N VAL C 519 -68.84 79.87 -22.78
CA VAL C 519 -69.58 78.81 -22.11
C VAL C 519 -70.97 78.59 -22.71
N ASP C 520 -71.56 79.63 -23.29
CA ASP C 520 -72.88 79.51 -23.88
C ASP C 520 -72.80 79.31 -25.39
N PRO C 521 -73.82 78.68 -25.98
CA PRO C 521 -74.01 78.46 -27.39
C PRO C 521 -74.37 79.79 -28.03
N LEU C 522 -74.10 79.92 -29.32
CA LEU C 522 -74.34 81.15 -30.04
C LEU C 522 -75.82 81.49 -29.97
N THR C 523 -76.14 82.69 -29.49
CA THR C 523 -77.54 83.11 -29.37
C THR C 523 -77.80 84.45 -30.04
N PRO C 524 -78.76 84.50 -30.96
CA PRO C 524 -79.63 83.46 -31.51
C PRO C 524 -78.86 82.50 -32.39
N ASP C 525 -79.46 81.35 -32.67
CA ASP C 525 -78.82 80.34 -33.47
C ASP C 525 -78.46 80.86 -34.85
N ALA C 526 -77.31 80.41 -35.36
CA ALA C 526 -76.77 80.87 -36.63
C ALA C 526 -77.78 80.90 -37.76
N SER C 527 -78.55 79.81 -37.90
CA SER C 527 -79.52 79.71 -38.99
C SER C 527 -80.59 80.78 -38.95
N GLU C 528 -80.91 81.29 -37.76
CA GLU C 528 -81.92 82.32 -37.63
C GLU C 528 -81.40 83.63 -38.16
N SER C 529 -80.18 83.96 -37.76
CA SER C 529 -79.55 85.18 -38.19
C SER C 529 -79.31 85.18 -39.69
N VAL C 530 -78.89 84.05 -40.23
CA VAL C 530 -78.65 83.95 -41.66
C VAL C 530 -79.91 84.20 -42.44
N ASN C 531 -81.04 83.64 -42.00
CA ASN C 531 -82.28 83.88 -42.70
C ASN C 531 -82.64 85.35 -42.72
N ASN C 532 -82.40 86.05 -41.60
CA ASN C 532 -82.70 87.47 -41.56
C ASN C 532 -81.85 88.24 -42.56
N ILE C 533 -80.59 87.86 -42.68
CA ILE C 533 -79.67 88.48 -43.62
C ILE C 533 -80.10 88.27 -45.05
N LEU C 534 -80.41 87.03 -45.40
CA LEU C 534 -80.78 86.71 -46.76
C LEU C 534 -82.04 87.42 -47.20
N LYS C 535 -83.01 87.51 -46.29
CA LYS C 535 -84.25 88.17 -46.65
C LYS C 535 -84.06 89.66 -46.83
N GLN C 536 -83.39 90.31 -45.90
CA GLN C 536 -83.20 91.75 -46.01
C GLN C 536 -82.29 92.12 -47.16
N SER C 537 -81.31 91.28 -47.46
CA SER C 537 -80.42 91.53 -48.57
C SER C 537 -81.00 91.13 -49.93
N GLY C 538 -82.18 90.51 -49.94
CA GLY C 538 -82.84 90.13 -51.18
C GLY C 538 -82.29 88.87 -51.86
N ALA C 539 -81.45 88.10 -51.18
CA ALA C 539 -80.85 86.91 -51.78
C ALA C 539 -81.71 85.67 -51.52
N TRP C 540 -82.47 85.72 -50.42
CA TRP C 540 -83.33 84.62 -50.02
C TRP C 540 -84.24 84.13 -51.12
N SER C 541 -84.29 82.81 -51.28
CA SER C 541 -85.12 82.19 -52.28
C SER C 541 -85.74 80.90 -51.76
N GLY C 542 -85.99 80.86 -50.46
CA GLY C 542 -86.55 79.67 -49.83
C GLY C 542 -87.97 79.37 -50.31
N ASP C 543 -88.65 80.37 -50.86
CA ASP C 543 -89.99 80.16 -51.39
C ASP C 543 -90.00 79.75 -52.86
N ASP C 544 -88.84 79.45 -53.44
CA ASP C 544 -88.84 79.04 -54.83
C ASP C 544 -89.58 77.72 -54.98
N LYS C 545 -90.60 77.74 -55.83
CA LYS C 545 -91.45 76.58 -56.08
C LYS C 545 -90.73 75.32 -56.56
N LEU C 546 -89.51 75.46 -57.04
CA LEU C 546 -88.76 74.33 -57.52
C LEU C 546 -87.73 73.93 -56.49
N GLN C 547 -86.83 74.84 -56.16
CA GLN C 547 -85.73 74.53 -55.26
C GLN C 547 -86.17 74.05 -53.89
N LYS C 548 -87.34 74.48 -53.42
CA LYS C 548 -87.82 74.04 -52.11
C LYS C 548 -87.96 72.54 -51.96
N TRP C 549 -88.05 71.80 -53.07
CA TRP C 549 -88.17 70.35 -53.00
C TRP C 549 -86.90 69.72 -52.43
N VAL C 550 -85.80 70.43 -52.51
CA VAL C 550 -84.55 69.98 -51.98
C VAL C 550 -84.20 70.74 -50.73
N ARG C 551 -84.33 72.06 -50.78
CA ARG C 551 -83.97 72.91 -49.66
C ARG C 551 -84.63 72.50 -48.36
N VAL C 552 -85.88 72.03 -48.42
CA VAL C 552 -86.59 71.54 -47.24
C VAL C 552 -85.81 70.50 -46.41
N TYR C 553 -84.95 69.73 -47.08
CA TYR C 553 -84.18 68.69 -46.41
C TYR C 553 -83.06 69.26 -45.60
N LEU C 554 -82.69 70.49 -45.88
CA LEU C 554 -81.59 71.13 -45.23
C LEU C 554 -82.09 72.09 -44.17
N ASP C 555 -83.16 72.79 -44.50
CA ASP C 555 -83.71 73.78 -43.61
C ASP C 555 -84.52 73.18 -42.47
N ARG C 556 -85.24 72.10 -42.72
CA ARG C 556 -86.02 71.47 -41.67
C ARG C 556 -85.65 70.01 -41.45
N GLY C 557 -84.77 69.48 -42.28
CA GLY C 557 -84.36 68.08 -42.15
C GLY C 557 -85.23 67.18 -43.01
N GLY D 34 -59.71 7.49 46.67
CA GLY D 34 -58.89 8.32 45.74
C GLY D 34 -57.61 7.55 45.53
N PHE D 35 -56.48 8.25 45.67
CA PHE D 35 -55.20 7.59 45.51
C PHE D 35 -54.08 8.20 46.36
N VAL D 36 -53.34 7.31 47.04
CA VAL D 36 -52.18 7.70 47.84
C VAL D 36 -50.94 6.94 47.38
N ALA D 37 -49.93 7.69 46.99
CA ALA D 37 -48.67 7.11 46.58
C ALA D 37 -47.83 6.84 47.83
N LYS D 38 -47.07 5.75 47.86
CA LYS D 38 -46.26 5.44 49.04
C LYS D 38 -44.97 4.92 48.50
N ASP D 39 -44.05 5.86 48.34
CA ASP D 39 -42.77 5.56 47.78
C ASP D 39 -42.82 4.82 46.44
N ASP D 40 -43.68 5.26 45.52
CA ASP D 40 -43.88 4.57 44.30
C ASP D 40 -43.07 5.22 43.22
N SER D 41 -42.70 4.46 42.20
CA SER D 41 -41.94 5.11 41.10
C SER D 41 -42.95 5.95 40.31
N LEU D 42 -42.44 6.99 39.65
CA LEU D 42 -43.22 7.82 38.78
C LEU D 42 -43.51 7.13 37.53
N ARG D 43 -42.69 6.15 37.19
CA ARG D 43 -43.07 5.32 36.13
C ARG D 43 -44.41 4.72 36.48
N THR D 44 -44.56 4.17 37.66
CA THR D 44 -45.83 3.49 38.02
C THR D 44 -46.92 4.52 38.13
N PHE D 45 -46.58 5.60 38.81
CA PHE D 45 -47.53 6.66 39.08
C PHE D 45 -48.09 7.22 37.79
N PHE D 46 -47.24 7.53 36.83
CA PHE D 46 -47.81 8.14 35.63
C PHE D 46 -48.48 7.17 34.69
N ASP D 47 -48.10 5.88 34.81
CA ASP D 47 -48.82 4.80 34.16
C ASP D 47 -50.23 4.67 34.69
N ALA D 48 -50.41 4.89 35.99
CA ALA D 48 -51.75 4.93 36.59
C ALA D 48 -52.55 6.13 36.00
N MET D 49 -51.88 7.25 35.79
CA MET D 49 -52.55 8.36 35.10
C MET D 49 -52.88 8.03 33.66
N ALA D 50 -52.00 7.29 33.00
CA ALA D 50 -52.29 6.86 31.63
C ALA D 50 -53.47 5.90 31.55
N LEU D 51 -53.73 5.16 32.62
CA LEU D 51 -54.91 4.29 32.68
C LEU D 51 -56.14 5.06 33.04
N GLN D 52 -56.01 6.09 33.88
CA GLN D 52 -57.21 6.85 34.25
C GLN D 52 -57.64 7.88 33.21
N LEU D 53 -56.65 8.45 32.53
CA LEU D 53 -56.94 9.44 31.52
C LEU D 53 -56.95 8.78 30.16
N LYS D 54 -58.00 9.12 29.42
CA LYS D 54 -58.21 8.64 28.07
C LYS D 54 -56.94 8.87 27.23
N GLU D 55 -56.48 10.13 27.23
CA GLU D 55 -55.25 10.50 26.53
C GLU D 55 -53.97 9.87 27.02
N PRO D 56 -53.03 9.52 26.12
CA PRO D 56 -51.81 8.93 26.61
C PRO D 56 -51.10 9.91 27.53
N VAL D 57 -50.44 9.40 28.55
CA VAL D 57 -49.62 10.23 29.39
C VAL D 57 -48.23 9.76 29.13
N ILE D 58 -47.43 10.49 28.34
CA ILE D 58 -46.09 10.01 27.99
C ILE D 58 -45.09 10.81 28.78
N VAL D 59 -44.14 10.10 29.37
CA VAL D 59 -43.19 10.69 30.29
C VAL D 59 -41.73 10.49 29.74
N SER D 60 -40.81 11.37 30.11
CA SER D 60 -39.41 11.14 29.77
C SER D 60 -38.82 10.16 30.74
N LYS D 61 -37.59 9.74 30.43
CA LYS D 61 -36.86 8.83 31.29
C LYS D 61 -36.72 9.45 32.69
N MET D 62 -36.38 10.75 32.73
CA MET D 62 -36.18 11.49 33.96
C MET D 62 -37.45 11.68 34.72
N ALA D 63 -38.54 11.92 34.00
CA ALA D 63 -39.88 12.02 34.62
C ALA D 63 -40.32 10.71 35.28
N ALA D 64 -39.95 9.58 34.70
CA ALA D 64 -40.24 8.23 35.27
C ALA D 64 -39.28 7.73 36.35
N ARG D 65 -38.05 8.19 36.28
CA ARG D 65 -36.96 7.82 37.17
C ARG D 65 -37.22 8.12 38.68
N LYS D 66 -37.78 9.28 39.00
CA LYS D 66 -37.94 9.64 40.42
C LYS D 66 -39.19 8.96 40.97
N LYS D 67 -39.37 9.08 42.29
CA LYS D 67 -40.48 8.41 43.02
C LYS D 67 -41.46 9.44 43.54
N ILE D 68 -42.53 8.97 44.20
CA ILE D 68 -43.56 9.91 44.62
C ILE D 68 -44.27 9.38 45.82
N THR D 69 -44.58 10.24 46.79
CA THR D 69 -45.35 9.86 47.97
C THR D 69 -46.36 10.94 48.28
N GLY D 70 -47.60 10.57 48.55
CA GLY D 70 -48.64 11.53 48.92
C GLY D 70 -50.01 11.26 48.30
N ASN D 71 -51.02 11.96 48.79
CA ASN D 71 -52.36 11.77 48.30
C ASN D 71 -52.54 12.52 47.00
N PHE D 72 -52.57 11.76 45.90
CA PHE D 72 -52.70 12.27 44.52
C PHE D 72 -53.76 11.57 43.72
N GLU D 73 -54.99 11.93 44.04
CA GLU D 73 -56.17 11.40 43.37
C GLU D 73 -56.06 11.81 41.90
N PHE D 74 -56.53 10.91 41.05
CA PHE D 74 -56.43 11.12 39.61
C PHE D 74 -57.72 11.73 39.03
N HIS D 75 -58.42 12.52 39.82
CA HIS D 75 -59.66 13.08 39.31
C HIS D 75 -59.41 14.16 38.27
N ASP D 76 -58.22 14.76 38.25
CA ASP D 76 -57.91 15.78 37.28
C ASP D 76 -56.42 15.80 37.06
N PRO D 77 -55.95 15.01 36.09
CA PRO D 77 -54.56 14.83 35.63
C PRO D 77 -53.83 16.13 35.28
N ASN D 78 -54.56 17.04 34.67
CA ASN D 78 -53.97 18.32 34.30
C ASN D 78 -53.68 19.24 35.48
N ALA D 79 -54.66 19.41 36.37
CA ALA D 79 -54.48 20.18 37.57
C ALA D 79 -53.53 19.44 38.53
N LEU D 80 -53.53 18.11 38.47
CA LEU D 80 -52.62 17.30 39.27
C LEU D 80 -51.20 17.63 38.90
N LEU D 81 -50.90 17.66 37.61
CA LEU D 81 -49.57 17.99 37.13
C LEU D 81 -49.16 19.41 37.48
N GLU D 82 -50.11 20.33 37.58
CA GLU D 82 -49.78 21.65 38.04
C GLU D 82 -49.36 21.52 39.52
N LYS D 83 -50.07 20.70 40.29
CA LYS D 83 -49.61 20.50 41.65
C LYS D 83 -48.25 19.80 41.65
N LEU D 84 -48.01 18.91 40.71
CA LEU D 84 -46.74 18.16 40.77
C LEU D 84 -45.56 18.95 40.24
N SER D 85 -45.81 20.20 39.83
CA SER D 85 -44.73 21.10 39.41
C SER D 85 -44.06 21.57 40.68
N LEU D 86 -44.79 21.46 41.79
CA LEU D 86 -44.26 21.78 43.11
C LEU D 86 -43.92 20.57 43.95
N GLN D 87 -44.69 19.50 43.77
CA GLN D 87 -44.43 18.32 44.55
C GLN D 87 -43.29 17.48 43.94
N LEU D 88 -43.22 17.42 42.62
CA LEU D 88 -42.15 16.67 42.00
C LEU D 88 -41.11 17.56 41.42
N GLY D 89 -41.56 18.67 40.84
CA GLY D 89 -40.66 19.56 40.12
C GLY D 89 -40.47 19.18 38.66
N LEU D 90 -41.60 18.85 38.03
CA LEU D 90 -41.65 18.42 36.64
C LEU D 90 -42.41 19.46 35.89
N ILE D 91 -42.23 19.48 34.58
CA ILE D 91 -42.97 20.35 33.69
C ILE D 91 -43.64 19.40 32.67
N TRP D 92 -44.71 19.89 32.05
CA TRP D 92 -45.59 19.05 31.25
C TRP D 92 -46.20 19.86 30.17
N TYR D 93 -46.75 19.15 29.19
CA TYR D 93 -47.42 19.77 28.06
C TYR D 93 -48.60 18.91 27.58
N PHE D 94 -49.74 19.51 27.26
CA PHE D 94 -50.90 18.77 26.79
C PHE D 94 -51.24 19.30 25.43
N ASP D 95 -51.14 18.51 24.33
CA ASP D 95 -51.43 19.04 22.99
C ASP D 95 -52.86 18.82 22.59
N GLY D 96 -53.68 18.29 23.52
CA GLY D 96 -55.12 18.08 23.29
C GLY D 96 -55.34 16.58 23.13
N GLN D 97 -54.30 15.87 22.72
CA GLN D 97 -54.43 14.42 22.50
C GLN D 97 -53.55 13.58 23.41
N ALA D 98 -52.45 14.12 23.91
CA ALA D 98 -51.58 13.39 24.80
C ALA D 98 -50.76 14.32 25.69
N ILE D 99 -50.40 13.85 26.89
CA ILE D 99 -49.57 14.65 27.81
C ILE D 99 -48.07 14.32 27.71
N TYR D 100 -47.20 15.32 27.79
CA TYR D 100 -45.73 15.07 27.66
C TYR D 100 -45.03 15.66 28.83
N ILE D 101 -44.56 14.79 29.70
CA ILE D 101 -44.04 15.18 31.00
C ILE D 101 -42.52 15.09 30.99
N TYR D 102 -41.83 16.21 31.19
CA TYR D 102 -40.39 16.19 31.31
C TYR D 102 -40.04 16.74 32.63
N ASP D 103 -38.81 16.52 32.97
CA ASP D 103 -38.25 17.08 34.19
C ASP D 103 -38.10 18.58 34.01
N ALA D 104 -38.22 19.32 35.08
CA ALA D 104 -38.07 20.75 34.96
C ALA D 104 -36.67 21.14 34.46
N SER D 105 -35.68 20.29 34.71
CA SER D 105 -34.34 20.63 34.24
C SER D 105 -34.20 20.36 32.75
N GLU D 106 -35.21 19.75 32.14
CA GLU D 106 -35.13 19.44 30.70
C GLU D 106 -35.78 20.56 29.85
N MET D 107 -36.16 21.65 30.54
CA MET D 107 -36.69 22.79 29.90
C MET D 107 -35.75 23.38 28.87
N ARG D 108 -36.33 23.76 27.74
CA ARG D 108 -35.61 24.32 26.61
C ARG D 108 -35.96 25.79 26.41
N ASN D 109 -35.04 26.52 25.81
CA ASN D 109 -35.27 27.91 25.45
C ASN D 109 -35.04 28.12 23.99
N ALA D 110 -35.63 29.16 23.45
CA ALA D 110 -35.33 29.43 22.06
C ALA D 110 -35.55 30.86 21.80
N VAL D 111 -34.76 31.32 20.84
CA VAL D 111 -34.87 32.68 20.29
C VAL D 111 -35.22 32.60 18.81
N VAL D 112 -36.46 32.99 18.49
CA VAL D 112 -36.91 32.77 17.13
C VAL D 112 -37.44 34.07 16.61
N SER D 113 -36.92 34.47 15.42
CA SER D 113 -37.35 35.67 14.69
C SER D 113 -38.70 35.38 14.05
N LEU D 114 -39.51 36.41 13.79
CA LEU D 114 -40.82 36.18 13.21
C LEU D 114 -40.97 37.18 12.09
N ARG D 115 -41.13 36.69 10.86
CA ARG D 115 -41.11 37.53 9.66
C ARG D 115 -42.50 38.02 9.25
N ASN D 116 -43.40 37.11 8.85
CA ASN D 116 -44.62 37.51 8.16
C ASN D 116 -45.85 37.57 9.03
N VAL D 117 -45.64 37.42 10.33
CA VAL D 117 -46.67 37.33 11.32
C VAL D 117 -46.30 38.30 12.43
N SER D 118 -47.32 38.97 12.94
CA SER D 118 -47.20 39.87 14.05
C SER D 118 -47.01 39.05 15.29
N LEU D 119 -46.27 39.60 16.23
CA LEU D 119 -45.91 38.84 17.39
C LEU D 119 -47.16 38.34 18.18
N ASN D 120 -48.17 39.22 18.36
CA ASN D 120 -49.40 38.82 18.99
C ASN D 120 -50.24 37.92 18.11
N GLU D 121 -50.24 38.19 16.82
CA GLU D 121 -50.88 37.33 15.84
C GLU D 121 -50.31 35.92 15.90
N PHE D 122 -48.99 35.78 16.02
CA PHE D 122 -48.39 34.44 16.15
C PHE D 122 -48.93 33.67 17.38
N ASN D 123 -48.94 34.32 18.54
CA ASN D 123 -49.50 33.71 19.77
C ASN D 123 -50.94 33.30 19.58
N ASN D 124 -51.68 34.14 18.88
CA ASN D 124 -53.07 33.81 18.60
C ASN D 124 -53.20 32.66 17.68
N PHE D 125 -52.31 32.55 16.72
CA PHE D 125 -52.40 31.45 15.83
C PHE D 125 -52.13 30.14 16.57
N LEU D 126 -51.27 30.16 17.57
CA LEU D 126 -51.07 28.94 18.34
C LEU D 126 -52.28 28.61 19.20
N LYS D 127 -53.02 29.65 19.59
CA LYS D 127 -54.22 29.48 20.40
C LYS D 127 -55.33 28.91 19.49
N ARG D 128 -55.30 29.33 18.21
CA ARG D 128 -56.22 28.90 17.16
C ARG D 128 -55.96 27.45 16.81
N SER D 129 -54.68 27.09 16.85
CA SER D 129 -54.22 25.71 16.70
C SER D 129 -54.63 24.87 17.93
N GLY D 130 -54.64 25.51 19.08
CA GLY D 130 -55.06 24.85 20.30
C GLY D 130 -53.82 24.21 20.88
N LEU D 131 -52.65 24.77 20.57
CA LEU D 131 -51.41 24.11 21.02
C LEU D 131 -50.73 24.95 22.07
N TYR D 132 -51.08 26.23 22.03
CA TYR D 132 -50.56 27.14 22.97
C TYR D 132 -50.98 26.72 24.38
N ASN D 133 -49.98 26.26 25.13
CA ASN D 133 -50.12 26.02 26.56
C ASN D 133 -49.86 27.27 27.41
N LYS D 134 -50.93 27.80 28.03
CA LYS D 134 -50.85 29.06 28.79
C LYS D 134 -49.99 28.96 30.05
N ASN D 135 -49.62 27.76 30.46
CA ASN D 135 -48.74 27.64 31.62
C ASN D 135 -47.32 27.97 31.26
N TYR D 136 -47.02 28.11 29.98
CA TYR D 136 -45.66 28.47 29.58
C TYR D 136 -45.77 29.57 28.51
N PRO D 137 -46.00 30.81 28.99
CA PRO D 137 -46.18 32.01 28.18
C PRO D 137 -44.98 32.27 27.31
N LEU D 138 -45.27 32.75 26.11
CA LEU D 138 -44.23 33.23 25.24
C LEU D 138 -43.94 34.71 25.48
N ARG D 139 -42.71 35.12 25.20
CA ARG D 139 -42.30 36.49 25.49
C ARG D 139 -42.08 37.25 24.20
N GLY D 140 -42.78 38.37 24.13
CA GLY D 140 -42.66 39.27 22.98
C GLY D 140 -41.88 40.52 23.31
N ASP D 141 -41.82 41.46 22.35
CA ASP D 141 -41.12 42.75 22.51
C ASP D 141 -41.65 43.70 21.42
N ASN D 142 -42.34 44.76 21.79
CA ASN D 142 -42.92 45.63 20.77
C ASN D 142 -41.92 46.35 19.85
N ARG D 143 -40.65 46.40 20.24
CA ARG D 143 -39.64 47.09 19.47
C ARG D 143 -38.62 46.15 18.83
N LYS D 144 -38.88 44.86 18.91
CA LYS D 144 -37.99 43.83 18.37
C LYS D 144 -38.84 42.75 17.70
N GLY D 145 -38.49 42.42 16.46
CA GLY D 145 -39.26 41.44 15.65
C GLY D 145 -39.01 39.94 15.93
N THR D 146 -38.79 39.63 17.20
CA THR D 146 -38.56 38.28 17.66
C THR D 146 -39.45 37.98 18.84
N PHE D 147 -39.38 36.71 19.25
CA PHE D 147 -40.06 36.24 20.44
C PHE D 147 -39.22 35.11 21.07
N TYR D 148 -39.47 34.84 22.35
CA TYR D 148 -38.66 33.91 23.15
C TYR D 148 -39.61 32.81 23.62
N VAL D 149 -39.04 31.62 23.65
CA VAL D 149 -39.79 30.40 23.92
C VAL D 149 -39.13 29.78 25.12
N SER D 150 -39.93 29.36 26.10
CA SER D 150 -39.44 28.60 27.25
C SER D 150 -40.50 27.56 27.54
N GLY D 151 -40.04 26.37 27.89
CA GLY D 151 -40.98 25.34 28.26
C GLY D 151 -40.45 23.97 28.06
N PRO D 152 -41.31 22.95 28.15
CA PRO D 152 -40.83 21.61 27.93
C PRO D 152 -40.45 21.38 26.47
N PRO D 153 -39.56 20.41 26.22
CA PRO D 153 -39.11 20.16 24.85
C PRO D 153 -40.20 20.04 23.76
N VAL D 154 -41.32 19.39 24.04
CA VAL D 154 -42.39 19.36 23.07
C VAL D 154 -43.10 20.72 22.91
N TYR D 155 -43.34 21.45 23.99
CA TYR D 155 -43.92 22.79 23.80
C TYR D 155 -43.00 23.64 22.96
N VAL D 156 -41.72 23.64 23.32
CA VAL D 156 -40.72 24.53 22.68
C VAL D 156 -40.58 24.18 21.23
N ASP D 157 -40.36 22.90 20.95
CA ASP D 157 -40.23 22.46 19.55
C ASP D 157 -41.50 22.77 18.73
N MET D 158 -42.66 22.63 19.35
CA MET D 158 -43.90 23.00 18.67
C MET D 158 -43.87 24.48 18.33
N VAL D 159 -43.54 25.31 19.31
CA VAL D 159 -43.63 26.78 19.00
C VAL D 159 -42.65 27.21 17.96
N VAL D 160 -41.41 26.74 18.11
CA VAL D 160 -40.34 27.10 17.20
C VAL D 160 -40.60 26.67 15.74
N ASN D 161 -41.07 25.42 15.52
CA ASN D 161 -41.35 24.87 14.18
C ASN D 161 -42.55 25.58 13.60
N ALA D 162 -43.50 25.92 14.49
CA ALA D 162 -44.71 26.56 14.05
C ALA D 162 -44.44 27.89 13.41
N ALA D 163 -43.47 28.64 13.97
CA ALA D 163 -43.14 29.98 13.44
C ALA D 163 -42.65 29.82 12.03
N THR D 164 -41.83 28.79 11.82
CA THR D 164 -41.32 28.53 10.49
C THR D 164 -42.43 28.25 9.47
N MET D 165 -43.37 27.41 9.91
CA MET D 165 -44.49 26.98 9.09
C MET D 165 -45.36 28.17 8.78
N MET D 166 -45.61 29.02 9.77
CA MET D 166 -46.44 30.21 9.54
C MET D 166 -45.85 31.25 8.60
N ASP D 167 -44.55 31.48 8.66
CA ASP D 167 -44.02 32.41 7.73
C ASP D 167 -44.10 31.86 6.29
N LYS D 168 -44.00 30.53 6.15
CA LYS D 168 -44.13 29.88 4.84
C LYS D 168 -45.58 29.99 4.36
N GLN D 169 -46.52 29.90 5.28
CA GLN D 169 -47.93 30.04 4.93
C GLN D 169 -48.29 31.49 4.67
N ASN D 170 -47.57 32.41 5.28
CA ASN D 170 -47.88 33.81 5.04
C ASN D 170 -46.86 34.48 4.19
N ASP D 171 -46.20 33.70 3.34
CA ASP D 171 -45.18 34.19 2.46
C ASP D 171 -45.79 34.92 1.23
N GLY D 172 -55.80 56.47 -5.99
CA GLY D 172 -54.45 56.74 -5.50
C GLY D 172 -53.43 56.59 -6.62
N ILE D 173 -53.73 55.70 -7.57
CA ILE D 173 -52.89 55.43 -8.73
C ILE D 173 -51.69 54.60 -8.33
N GLU D 174 -51.90 53.61 -7.47
CA GLU D 174 -50.80 52.82 -6.96
C GLU D 174 -50.91 51.34 -7.31
N LEU D 175 -49.76 50.71 -7.50
CA LEU D 175 -49.66 49.29 -7.82
C LEU D 175 -48.44 48.71 -7.15
N GLY D 176 -48.64 48.09 -6.01
CA GLY D 176 -47.54 47.51 -5.26
C GLY D 176 -46.65 48.62 -4.73
N ARG D 177 -45.38 48.55 -5.05
CA ARG D 177 -44.42 49.57 -4.62
C ARG D 177 -44.27 50.72 -5.59
N GLN D 178 -45.06 50.75 -6.66
CA GLN D 178 -44.92 51.83 -7.62
C GLN D 178 -46.20 52.58 -7.84
N LYS D 179 -46.08 53.78 -8.40
CA LYS D 179 -47.25 54.59 -8.66
C LYS D 179 -46.98 55.67 -9.69
N ILE D 180 -48.04 56.30 -10.15
CA ILE D 180 -47.91 57.37 -11.13
C ILE D 180 -48.52 58.65 -10.61
N GLY D 181 -47.76 59.72 -10.68
CA GLY D 181 -48.24 61.01 -10.23
C GLY D 181 -48.53 61.92 -11.41
N VAL D 182 -49.68 62.59 -11.35
CA VAL D 182 -50.07 63.52 -12.39
C VAL D 182 -49.85 64.92 -11.86
N MET D 183 -48.98 65.68 -12.51
CA MET D 183 -48.64 66.99 -12.00
C MET D 183 -48.97 68.09 -12.98
N ARG D 184 -50.04 68.82 -12.72
CA ARG D 184 -50.43 69.92 -13.61
C ARG D 184 -49.61 71.14 -13.31
N LEU D 185 -49.08 71.78 -14.35
CA LEU D 185 -48.34 72.99 -14.09
C LEU D 185 -49.28 74.16 -14.19
N ASN D 186 -49.15 75.10 -13.28
CA ASN D 186 -50.07 76.21 -13.22
C ASN D 186 -49.48 77.52 -13.71
N ASN D 187 -48.18 77.72 -13.50
CA ASN D 187 -47.58 78.97 -13.91
C ASN D 187 -46.73 78.87 -15.16
N THR D 188 -46.74 77.72 -15.83
CA THR D 188 -45.95 77.60 -17.05
C THR D 188 -46.51 76.56 -18.01
N PHE D 189 -45.77 76.30 -19.07
CA PHE D 189 -46.19 75.37 -20.12
C PHE D 189 -45.31 74.16 -20.23
N VAL D 190 -45.93 73.01 -20.44
CA VAL D 190 -45.20 71.78 -20.71
C VAL D 190 -44.90 71.70 -22.19
N GLY D 191 -43.65 71.55 -22.54
CA GLY D 191 -43.28 71.46 -23.95
C GLY D 191 -42.23 72.46 -24.33
N ASP D 192 -41.78 72.39 -25.58
CA ASP D 192 -40.72 73.26 -26.07
C ASP D 192 -41.28 74.44 -26.86
N ARG D 193 -40.58 75.57 -26.82
CA ARG D 193 -40.98 76.76 -27.55
C ARG D 193 -40.17 76.92 -28.81
N THR D 194 -40.85 77.04 -29.94
CA THR D 194 -40.15 77.17 -31.21
C THR D 194 -40.51 78.45 -31.94
N TYR D 195 -39.50 79.12 -32.48
CA TYR D 195 -39.74 80.35 -33.22
C TYR D 195 -38.74 80.55 -34.33
N ASN D 196 -39.08 81.41 -35.28
CA ASN D 196 -38.20 81.66 -36.40
C ASN D 196 -37.59 83.04 -36.39
N LEU D 197 -36.36 83.11 -36.89
CA LEU D 197 -35.63 84.34 -37.06
C LEU D 197 -35.29 84.47 -38.51
N ARG D 198 -36.31 84.71 -39.33
CA ARG D 198 -36.11 84.87 -40.74
C ARG D 198 -35.67 83.56 -41.38
N ASP D 199 -34.37 83.40 -41.52
CA ASP D 199 -33.82 82.23 -42.18
C ASP D 199 -33.47 81.06 -41.27
N GLN D 200 -33.73 81.18 -39.96
CA GLN D 200 -33.40 80.04 -39.10
C GLN D 200 -34.42 79.79 -38.00
N LYS D 201 -34.47 78.54 -37.55
CA LYS D 201 -35.41 78.12 -36.51
C LYS D 201 -34.73 77.87 -35.18
N MET D 202 -35.30 78.45 -34.13
CA MET D 202 -34.77 78.32 -32.78
C MET D 202 -35.69 77.49 -31.90
N VAL D 203 -35.11 76.70 -31.00
CA VAL D 203 -35.90 75.88 -30.09
C VAL D 203 -35.46 76.03 -28.64
N ILE D 204 -36.41 76.29 -27.76
CA ILE D 204 -36.17 76.42 -26.35
C ILE D 204 -36.78 75.24 -25.61
N PRO D 205 -35.98 74.43 -24.92
CA PRO D 205 -36.39 73.25 -24.20
C PRO D 205 -37.20 73.62 -22.99
N GLY D 206 -38.25 72.85 -22.72
CA GLY D 206 -39.09 73.11 -21.56
C GLY D 206 -38.71 72.28 -20.35
N ILE D 207 -39.57 72.32 -19.34
CA ILE D 207 -39.35 71.62 -18.08
C ILE D 207 -39.34 70.12 -18.20
N ALA D 208 -40.06 69.58 -19.18
CA ALA D 208 -40.12 68.15 -19.35
C ALA D 208 -38.76 67.63 -19.76
N THR D 209 -38.15 68.32 -20.71
CA THR D 209 -36.84 67.95 -21.20
C THR D 209 -35.78 68.15 -20.13
N ALA D 210 -35.84 69.28 -19.44
CA ALA D 210 -34.86 69.58 -18.41
C ALA D 210 -34.82 68.51 -17.34
N ILE D 211 -35.98 68.16 -16.80
CA ILE D 211 -36.03 67.16 -15.76
C ILE D 211 -35.61 65.80 -16.27
N GLU D 212 -36.08 65.42 -17.45
CA GLU D 212 -35.70 64.14 -18.02
C GLU D 212 -34.20 63.98 -18.09
N ARG D 213 -33.52 65.00 -18.61
CA ARG D 213 -32.07 64.95 -18.73
C ARG D 213 -31.39 64.87 -17.39
N LEU D 214 -31.92 65.59 -16.41
CA LEU D 214 -31.35 65.61 -15.08
C LEU D 214 -31.38 64.24 -14.44
N LEU D 215 -32.53 63.58 -14.49
CA LEU D 215 -32.67 62.28 -13.88
C LEU D 215 -31.96 61.19 -14.64
N GLN D 216 -31.95 61.29 -15.97
CA GLN D 216 -31.32 60.27 -16.78
C GLN D 216 -30.01 60.76 -17.36
N ILE D 267 -36.44 56.70 -12.59
CA ILE D 267 -37.72 57.40 -12.65
C ILE D 267 -38.09 57.68 -14.09
N LYS D 268 -39.34 57.40 -14.45
CA LYS D 268 -39.81 57.62 -15.80
C LYS D 268 -40.75 58.80 -15.88
N ILE D 269 -40.41 59.82 -16.64
CA ILE D 269 -41.30 60.97 -16.75
C ILE D 269 -41.69 61.27 -18.17
N VAL D 270 -43.00 61.35 -18.40
CA VAL D 270 -43.54 61.62 -19.72
C VAL D 270 -44.45 62.83 -19.73
N ALA D 271 -44.21 63.72 -20.66
CA ALA D 271 -45.02 64.92 -20.80
C ALA D 271 -46.40 64.61 -21.36
N TYR D 272 -47.39 65.36 -20.94
CA TYR D 272 -48.73 65.19 -21.46
C TYR D 272 -49.41 66.55 -21.68
N PRO D 273 -49.10 67.17 -22.82
CA PRO D 273 -49.51 68.48 -23.31
C PRO D 273 -50.99 68.75 -23.19
N ASP D 274 -51.80 67.74 -23.46
CA ASP D 274 -53.24 67.90 -23.44
C ASP D 274 -53.78 68.50 -22.15
N THR D 275 -53.16 68.18 -21.02
CA THR D 275 -53.61 68.70 -19.73
C THR D 275 -52.53 69.52 -19.06
N ASN D 276 -51.52 69.92 -19.85
CA ASN D 276 -50.38 70.69 -19.39
C ASN D 276 -49.79 70.08 -18.15
N SER D 277 -49.50 68.79 -18.21
CA SER D 277 -49.03 68.11 -17.03
C SER D 277 -47.96 67.07 -17.29
N LEU D 278 -47.34 66.62 -16.21
CA LEU D 278 -46.31 65.59 -16.28
C LEU D 278 -46.78 64.29 -15.65
N LEU D 279 -46.33 63.19 -16.22
CA LEU D 279 -46.64 61.87 -15.73
C LEU D 279 -45.39 61.26 -15.12
N VAL D 280 -45.35 61.16 -13.79
CA VAL D 280 -44.15 60.65 -13.12
C VAL D 280 -44.34 59.26 -12.57
N LYS D 281 -43.58 58.30 -13.07
CA LYS D 281 -43.71 56.91 -12.61
C LYS D 281 -42.49 56.46 -11.82
N GLY D 282 -42.76 55.90 -10.64
CA GLY D 282 -41.69 55.42 -9.77
C GLY D 282 -42.25 55.00 -8.40
N THR D 283 -41.39 54.98 -7.39
CA THR D 283 -41.86 54.62 -6.07
C THR D 283 -42.51 55.81 -5.44
N ALA D 284 -43.23 55.59 -4.36
CA ALA D 284 -43.93 56.68 -3.69
C ALA D 284 -42.98 57.80 -3.31
N GLU D 285 -41.80 57.43 -2.81
CA GLU D 285 -40.82 58.41 -2.43
C GLU D 285 -40.26 59.14 -3.62
N GLN D 286 -40.02 58.41 -4.71
CA GLN D 286 -39.51 59.02 -5.91
C GLN D 286 -40.48 60.01 -6.51
N VAL D 287 -41.75 59.67 -6.50
CA VAL D 287 -42.77 60.57 -7.02
C VAL D 287 -42.85 61.82 -6.18
N HIS D 288 -42.87 61.66 -4.86
CA HIS D 288 -42.91 62.79 -3.94
C HIS D 288 -41.74 63.74 -4.16
N PHE D 289 -40.57 63.16 -4.31
CA PHE D 289 -39.34 63.88 -4.58
C PHE D 289 -39.49 64.77 -5.79
N ILE D 290 -39.95 64.19 -6.90
CA ILE D 290 -40.14 64.96 -8.12
C ILE D 290 -41.22 66.01 -7.95
N GLU D 291 -42.29 65.66 -7.23
CA GLU D 291 -43.37 66.59 -6.98
C GLU D 291 -42.87 67.88 -6.41
N MET D 292 -42.02 67.78 -5.39
CA MET D 292 -41.49 68.96 -4.75
C MET D 292 -40.64 69.77 -5.71
N LEU D 293 -39.84 69.09 -6.53
CA LEU D 293 -39.01 69.77 -7.51
C LEU D 293 -39.83 70.62 -8.42
N VAL D 294 -40.91 70.03 -8.93
CA VAL D 294 -41.81 70.73 -9.81
C VAL D 294 -42.39 71.95 -9.16
N LYS D 295 -42.84 71.81 -7.91
CA LYS D 295 -43.41 72.95 -7.20
C LYS D 295 -42.42 74.08 -7.04
N ALA D 296 -41.16 73.75 -6.84
CA ALA D 296 -40.12 74.76 -6.73
C ALA D 296 -39.94 75.53 -8.03
N LEU D 297 -40.00 74.84 -9.16
CA LEU D 297 -39.79 75.48 -10.45
C LEU D 297 -41.02 76.21 -11.02
N ASP D 298 -42.21 75.68 -10.77
CA ASP D 298 -43.47 76.23 -11.31
C ASP D 298 -43.89 77.57 -10.70
N VAL D 299 -43.21 78.66 -11.09
CA VAL D 299 -43.54 79.98 -10.54
C VAL D 299 -43.96 80.99 -11.61
N ALA D 300 -44.71 82.00 -11.18
CA ALA D 300 -45.25 83.03 -12.05
C ALA D 300 -44.20 84.01 -12.57
N LYS D 301 -44.46 84.56 -13.74
CA LYS D 301 -43.55 85.52 -14.37
C LYS D 301 -44.16 86.90 -14.55
N ARG D 302 -43.33 87.93 -14.40
CA ARG D 302 -43.71 89.31 -14.61
C ARG D 302 -43.53 89.70 -16.06
N HIS D 303 -44.16 90.79 -16.46
CA HIS D 303 -44.06 91.24 -17.84
C HIS D 303 -43.12 92.41 -17.99
N VAL D 304 -42.43 92.44 -19.11
CA VAL D 304 -41.48 93.50 -19.42
C VAL D 304 -41.80 94.16 -20.75
N GLU D 305 -41.94 95.47 -20.75
CA GLU D 305 -42.19 96.19 -21.97
C GLU D 305 -40.94 96.90 -22.42
N LEU D 306 -40.56 96.67 -23.67
CA LEU D 306 -39.36 97.24 -24.22
C LEU D 306 -39.64 98.29 -25.28
N SER D 307 -39.07 99.47 -25.11
CA SER D 307 -39.20 100.51 -26.10
C SER D 307 -37.84 100.91 -26.66
N LEU D 308 -37.76 100.94 -27.98
CA LEU D 308 -36.52 101.34 -28.67
C LEU D 308 -36.72 102.66 -29.35
N TRP D 309 -35.84 103.61 -29.06
CA TRP D 309 -35.94 104.90 -29.69
C TRP D 309 -34.86 105.03 -30.73
N ILE D 310 -35.26 105.35 -31.96
CA ILE D 310 -34.27 105.56 -33.00
C ILE D 310 -34.40 106.97 -33.53
N VAL D 311 -33.36 107.76 -33.34
CA VAL D 311 -33.42 109.15 -33.78
C VAL D 311 -32.40 109.43 -34.86
N ASP D 312 -32.86 110.06 -35.94
CA ASP D 312 -32.00 110.37 -37.07
C ASP D 312 -32.17 111.83 -37.55
N LEU D 313 -31.14 112.65 -37.33
CA LEU D 313 -31.18 114.05 -37.72
C LEU D 313 -30.20 114.36 -38.86
N ASN D 314 -30.64 115.17 -39.81
CA ASN D 314 -29.78 115.56 -40.94
C ASN D 314 -29.84 117.03 -41.25
N LYS D 315 -28.68 117.61 -41.53
CA LYS D 315 -28.59 119.02 -41.89
C LYS D 315 -27.56 119.24 -42.97
N SER D 316 -27.88 120.04 -43.99
CA SER D 316 -26.87 120.31 -45.00
C SER D 316 -26.97 121.70 -45.60
N ASP D 317 -25.88 122.13 -46.23
CA ASP D 317 -25.77 123.45 -46.81
C ASP D 317 -24.84 123.46 -48.04
N LEU D 318 -25.43 123.56 -49.21
CA LEU D 318 -24.71 123.53 -50.48
C LEU D 318 -24.69 124.88 -51.20
N GLU D 319 -23.52 125.32 -51.61
CA GLU D 319 -23.43 126.55 -52.38
C GLU D 319 -22.57 126.36 -53.61
N ARG D 320 -23.12 126.69 -54.77
CA ARG D 320 -22.36 126.60 -56.01
C ARG D 320 -22.47 127.87 -56.82
N LEU D 321 -21.35 128.47 -57.16
CA LEU D 321 -21.44 129.69 -57.95
C LEU D 321 -20.22 129.97 -58.80
N GLY D 322 -20.43 130.11 -60.10
CA GLY D 322 -19.34 130.47 -60.99
C GLY D 322 -19.48 129.85 -62.36
N THR D 323 -18.37 129.83 -63.09
CA THR D 323 -18.38 129.26 -64.43
C THR D 323 -17.26 128.28 -64.69
N SER D 324 -17.36 127.58 -65.81
CA SER D 324 -16.33 126.64 -66.24
C SER D 324 -16.19 126.67 -67.75
N TRP D 325 -14.97 126.90 -68.22
CA TRP D 325 -14.75 127.04 -69.65
C TRP D 325 -13.97 125.89 -70.26
N SER D 326 -14.51 125.32 -71.34
CA SER D 326 -13.82 124.28 -72.07
C SER D 326 -14.43 124.08 -73.44
N GLY D 327 -13.69 123.46 -74.34
CA GLY D 327 -14.25 123.19 -75.67
C GLY D 327 -13.25 123.39 -76.78
N SER D 328 -13.73 123.66 -77.99
CA SER D 328 -12.78 123.86 -79.08
C SER D 328 -13.26 124.66 -80.26
N ILE D 329 -12.37 124.81 -81.24
CA ILE D 329 -12.67 125.55 -82.45
C ILE D 329 -11.75 125.23 -83.62
N THR D 330 -12.33 125.15 -84.82
CA THR D 330 -11.55 125.00 -86.04
C THR D 330 -11.28 126.37 -86.64
N ILE D 331 -10.02 126.65 -86.90
CA ILE D 331 -9.64 127.95 -87.45
C ILE D 331 -8.98 127.87 -88.82
N GLY D 332 -9.69 128.39 -89.82
CA GLY D 332 -9.18 128.51 -91.18
C GLY D 332 -8.88 127.17 -91.86
N ASP D 333 -9.43 126.09 -91.33
CA ASP D 333 -9.16 124.75 -91.83
C ASP D 333 -7.66 124.45 -91.91
N LYS D 334 -6.88 125.04 -91.01
CA LYS D 334 -5.44 124.82 -91.01
C LYS D 334 -4.94 124.50 -89.62
N LEU D 335 -5.67 124.95 -88.61
CA LEU D 335 -5.32 124.65 -87.25
C LEU D 335 -6.55 124.75 -86.37
N GLY D 336 -6.47 124.21 -85.16
CA GLY D 336 -7.59 124.30 -84.25
C GLY D 336 -7.08 124.48 -82.84
N VAL D 337 -7.98 124.85 -81.94
CA VAL D 337 -7.61 125.11 -80.56
C VAL D 337 -8.47 124.35 -79.58
N SER D 338 -7.84 123.75 -78.59
CA SER D 338 -8.57 123.02 -77.55
C SER D 338 -8.40 123.72 -76.22
N LEU D 339 -9.50 123.89 -75.50
CA LEU D 339 -9.42 124.57 -74.23
C LEU D 339 -9.66 123.64 -73.06
N ASN D 340 -8.66 123.58 -72.19
CA ASN D 340 -8.69 122.78 -70.98
C ASN D 340 -8.99 121.32 -71.25
N GLN D 341 -8.14 120.72 -72.08
CA GLN D 341 -8.21 119.31 -72.44
C GLN D 341 -9.56 118.86 -72.93
N SER D 342 -10.13 119.57 -73.90
CA SER D 342 -11.40 119.17 -74.45
C SER D 342 -11.20 117.93 -75.33
N SER D 343 -12.27 117.21 -75.62
CA SER D 343 -12.19 115.98 -76.40
C SER D 343 -12.20 116.25 -77.90
N ILE D 344 -11.12 116.88 -78.37
CA ILE D 344 -10.88 117.30 -79.75
C ILE D 344 -11.35 116.34 -80.86
N SER D 345 -11.36 115.02 -80.58
CA SER D 345 -11.80 114.05 -81.57
C SER D 345 -13.22 114.35 -82.09
N THR D 346 -14.03 115.01 -81.26
CA THR D 346 -15.37 115.43 -81.66
C THR D 346 -15.49 116.94 -81.55
N LEU D 347 -14.78 117.52 -80.59
CA LEU D 347 -14.82 118.96 -80.32
C LEU D 347 -14.27 119.80 -81.48
N ASP D 348 -13.43 119.19 -82.32
CA ASP D 348 -12.92 119.84 -83.52
C ASP D 348 -14.05 120.47 -84.36
N GLY D 349 -15.21 119.80 -84.42
CA GLY D 349 -16.35 120.30 -85.18
C GLY D 349 -17.43 120.91 -84.28
N SER D 350 -17.05 121.40 -83.10
CA SER D 350 -18.00 121.97 -82.17
C SER D 350 -17.71 123.43 -81.81
N ARG D 351 -17.79 123.75 -80.52
CA ARG D 351 -17.60 125.11 -80.05
C ARG D 351 -17.16 125.17 -78.60
N PHE D 352 -17.04 126.38 -78.04
CA PHE D 352 -16.63 126.47 -76.64
C PHE D 352 -17.84 126.57 -75.74
N ILE D 353 -17.81 125.84 -74.64
CA ILE D 353 -18.92 125.86 -73.71
C ILE D 353 -18.58 126.57 -72.41
N ALA D 354 -19.50 127.43 -72.00
CA ALA D 354 -19.40 128.17 -70.76
C ALA D 354 -20.44 127.64 -69.80
N ALA D 355 -20.04 126.70 -68.95
CA ALA D 355 -20.97 126.19 -67.98
C ALA D 355 -21.12 127.22 -66.89
N VAL D 356 -22.35 127.42 -66.44
CA VAL D 356 -22.61 128.38 -65.38
C VAL D 356 -23.44 127.77 -64.28
N ASN D 357 -22.91 127.79 -63.06
CA ASN D 357 -23.65 127.27 -61.92
C ASN D 357 -24.06 128.40 -61.00
N ALA D 358 -25.23 128.27 -60.41
CA ALA D 358 -25.71 129.27 -59.47
C ALA D 358 -26.83 128.69 -58.65
N LEU D 359 -26.46 128.09 -57.52
CA LEU D 359 -27.43 127.46 -56.68
C LEU D 359 -27.10 127.46 -55.20
N GLU D 360 -28.06 127.87 -54.40
CA GLU D 360 -27.93 127.77 -52.97
C GLU D 360 -28.95 126.76 -52.48
N GLU D 361 -28.53 125.84 -51.62
CA GLU D 361 -29.45 124.84 -51.12
C GLU D 361 -29.34 124.55 -49.63
N LYS D 362 -30.46 124.68 -48.94
CA LYS D 362 -30.54 124.35 -47.53
C LYS D 362 -31.41 123.11 -47.34
N LYS D 363 -31.03 122.24 -46.42
CA LYS D 363 -31.86 121.06 -46.20
C LYS D 363 -31.86 120.59 -44.76
N GLN D 364 -33.03 120.21 -44.28
CA GLN D 364 -33.21 119.73 -42.92
C GLN D 364 -34.13 118.54 -42.84
N ALA D 365 -33.77 117.54 -42.04
CA ALA D 365 -34.66 116.40 -41.91
C ALA D 365 -34.57 115.73 -40.54
N THR D 366 -35.70 115.20 -40.09
CA THR D 366 -35.72 114.46 -38.84
C THR D 366 -36.65 113.27 -38.89
N VAL D 367 -36.17 112.16 -38.32
CA VAL D 367 -36.96 110.94 -38.23
C VAL D 367 -36.88 110.30 -36.86
N VAL D 368 -38.03 109.99 -36.28
CA VAL D 368 -38.06 109.28 -35.02
C VAL D 368 -38.89 108.01 -35.15
N SER D 369 -38.26 106.88 -34.86
CA SER D 369 -38.93 105.61 -34.94
C SER D 369 -38.96 104.90 -33.61
N ARG D 370 -40.09 104.31 -33.27
CA ARG D 370 -40.22 103.65 -31.98
C ARG D 370 -40.93 102.31 -31.99
N PRO D 371 -40.17 101.22 -32.04
CA PRO D 371 -40.63 99.85 -31.89
C PRO D 371 -41.00 99.58 -30.44
N VAL D 372 -42.10 98.86 -30.23
CA VAL D 372 -42.54 98.49 -28.89
C VAL D 372 -42.84 97.00 -28.80
N LEU D 373 -42.29 96.33 -27.80
CA LEU D 373 -42.47 94.89 -27.68
C LEU D 373 -42.68 94.40 -26.24
N LEU D 374 -43.76 93.66 -26.02
CA LEU D 374 -44.08 93.10 -24.69
C LEU D 374 -43.75 91.61 -24.56
N THR D 375 -43.05 91.26 -23.48
CA THR D 375 -42.72 89.87 -23.19
C THR D 375 -42.72 89.59 -21.69
N GLN D 376 -42.13 88.47 -21.30
CA GLN D 376 -42.06 88.06 -19.91
C GLN D 376 -40.63 87.74 -19.50
N GLU D 377 -40.44 87.66 -18.20
CA GLU D 377 -39.13 87.33 -17.65
C GLU D 377 -38.56 86.09 -18.27
N ASN D 378 -37.33 86.19 -18.78
CA ASN D 378 -36.62 85.06 -19.37
C ASN D 378 -37.25 84.52 -20.65
N VAL D 379 -38.11 85.30 -21.31
CA VAL D 379 -38.73 84.84 -22.55
C VAL D 379 -38.31 85.67 -23.77
N PRO D 380 -37.48 85.10 -24.65
CA PRO D 380 -36.97 85.66 -25.88
C PRO D 380 -38.10 86.14 -26.75
N ALA D 381 -38.12 87.43 -27.04
CA ALA D 381 -39.18 87.98 -27.84
C ALA D 381 -38.65 88.56 -29.12
N ILE D 382 -39.45 88.42 -30.18
CA ILE D 382 -39.03 88.87 -31.49
C ILE D 382 -39.98 89.85 -32.13
N PHE D 383 -39.43 90.95 -32.63
CA PHE D 383 -40.19 91.94 -33.37
C PHE D 383 -39.50 92.20 -34.69
N ASP D 384 -40.19 91.96 -35.79
CA ASP D 384 -39.54 92.17 -37.07
C ASP D 384 -40.44 92.81 -38.10
N ASN D 385 -40.17 94.07 -38.42
CA ASN D 385 -40.90 94.80 -39.43
C ASN D 385 -40.04 94.88 -40.66
N ASN D 386 -40.34 94.11 -41.69
CA ASN D 386 -39.41 94.09 -42.82
C ASN D 386 -40.04 94.05 -44.18
N ARG D 387 -39.19 94.11 -45.19
CA ARG D 387 -39.62 93.97 -46.56
C ARG D 387 -38.75 92.96 -47.27
N THR D 388 -39.34 92.24 -48.21
CA THR D 388 -38.59 91.24 -48.93
C THR D 388 -38.68 91.41 -50.43
N PHE D 389 -37.51 91.44 -51.04
CA PHE D 389 -37.33 91.56 -52.47
C PHE D 389 -37.08 90.22 -53.09
N TYR D 390 -37.90 89.81 -54.03
CA TYR D 390 -37.71 88.51 -54.67
C TYR D 390 -37.12 88.62 -56.06
N THR D 391 -36.35 87.60 -56.44
CA THR D 391 -35.76 87.54 -57.77
C THR D 391 -35.61 86.11 -58.29
N LYS D 392 -35.66 85.97 -59.61
CA LYS D 392 -35.53 84.65 -60.23
C LYS D 392 -34.09 84.28 -60.54
N LEU D 393 -33.78 83.01 -60.32
CA LEU D 393 -32.51 82.44 -60.69
C LEU D 393 -32.72 81.26 -61.62
N ILE D 394 -33.64 81.39 -62.56
CA ILE D 394 -33.91 80.29 -63.46
C ILE D 394 -32.74 80.05 -64.37
N GLY D 395 -31.89 79.11 -64.00
CA GLY D 395 -30.79 78.75 -64.85
C GLY D 395 -31.25 77.65 -65.75
N GLU D 396 -30.31 77.00 -66.40
CA GLU D 396 -30.66 75.90 -67.26
C GLU D 396 -30.76 74.61 -66.47
N ARG D 397 -29.81 74.32 -65.59
CA ARG D 397 -29.98 73.12 -64.78
C ARG D 397 -30.73 73.46 -63.54
N ASN D 398 -30.10 74.26 -62.69
CA ASN D 398 -30.71 74.61 -61.43
C ASN D 398 -31.50 75.89 -61.56
N VAL D 399 -32.66 75.87 -60.94
CA VAL D 399 -33.56 77.00 -60.94
C VAL D 399 -33.94 77.30 -59.51
N ALA D 400 -34.25 78.56 -59.22
CA ALA D 400 -34.61 78.91 -57.86
C ALA D 400 -35.10 80.33 -57.75
N LEU D 401 -35.63 80.65 -56.59
CA LEU D 401 -35.97 82.00 -56.25
C LEU D 401 -35.13 82.41 -55.08
N GLU D 402 -34.72 83.65 -55.06
CA GLU D 402 -33.95 84.15 -53.94
C GLU D 402 -34.47 85.47 -53.52
N HIS D 403 -34.05 85.89 -52.34
CA HIS D 403 -34.57 87.14 -51.87
C HIS D 403 -33.68 87.88 -50.91
N VAL D 404 -34.00 89.16 -50.77
CA VAL D 404 -33.29 90.04 -49.89
C VAL D 404 -34.24 90.61 -48.86
N THR D 405 -33.99 90.33 -47.59
CA THR D 405 -34.86 90.83 -46.55
C THR D 405 -34.16 91.84 -45.67
N TYR D 406 -34.83 92.95 -45.41
CA TYR D 406 -34.28 93.99 -44.56
C TYR D 406 -35.36 94.78 -43.86
N GLY D 407 -35.01 95.42 -42.75
CA GLY D 407 -36.01 96.20 -42.02
C GLY D 407 -35.60 96.42 -40.57
N THR D 408 -36.59 96.60 -39.71
CA THR D 408 -36.36 96.85 -38.30
C THR D 408 -36.54 95.58 -37.50
N MET D 409 -35.49 95.13 -36.84
CA MET D 409 -35.60 93.88 -36.10
C MET D 409 -35.03 93.94 -34.70
N ILE D 410 -35.79 93.41 -33.75
CA ILE D 410 -35.36 93.34 -32.37
C ILE D 410 -35.48 91.96 -31.79
N ARG D 411 -34.38 91.45 -31.26
CA ARG D 411 -34.41 90.20 -30.53
C ARG D 411 -33.99 90.52 -29.11
N VAL D 412 -34.80 90.14 -28.13
CA VAL D 412 -34.45 90.51 -26.78
C VAL D 412 -34.75 89.49 -25.72
N LEU D 413 -33.83 89.37 -24.78
CA LEU D 413 -34.00 88.52 -23.62
C LEU D 413 -33.83 89.31 -22.33
N PRO D 414 -34.92 89.69 -21.67
CA PRO D 414 -35.00 90.46 -20.44
C PRO D 414 -34.81 89.63 -19.21
N ARG D 415 -34.26 90.22 -18.17
CA ARG D 415 -34.06 89.50 -16.93
C ARG D 415 -33.92 90.42 -15.73
N PHE D 416 -34.70 90.19 -14.70
CA PHE D 416 -34.60 91.00 -13.49
C PHE D 416 -33.46 90.57 -12.59
N SER D 417 -32.79 91.57 -12.01
CA SER D 417 -31.70 91.31 -11.09
C SER D 417 -32.13 91.52 -9.66
N ALA D 418 -31.17 91.39 -8.75
CA ALA D 418 -31.41 91.50 -7.32
C ALA D 418 -31.96 92.85 -6.92
N ASP D 419 -31.50 93.89 -7.60
CA ASP D 419 -31.94 95.25 -7.28
C ASP D 419 -33.13 95.72 -8.09
N GLY D 420 -33.79 94.81 -8.82
CA GLY D 420 -34.92 95.21 -9.63
C GLY D 420 -34.48 95.80 -10.96
N GLN D 421 -33.21 95.62 -11.29
CA GLN D 421 -32.65 96.13 -12.52
C GLN D 421 -33.01 95.20 -13.63
N ILE D 422 -33.08 95.70 -14.85
CA ILE D 422 -33.42 94.83 -15.96
C ILE D 422 -32.28 94.70 -16.94
N GLU D 423 -31.76 93.48 -17.07
CA GLU D 423 -30.70 93.27 -18.04
C GLU D 423 -31.28 92.70 -19.28
N MET D 424 -30.76 93.14 -20.41
CA MET D 424 -31.27 92.67 -21.67
C MET D 424 -30.20 92.29 -22.65
N SER D 425 -30.39 91.14 -23.27
CA SER D 425 -29.53 90.77 -24.37
C SER D 425 -30.17 91.43 -25.58
N LEU D 426 -29.42 92.25 -26.30
CA LEU D 426 -30.02 92.99 -27.40
C LEU D 426 -29.39 92.80 -28.77
N ASP D 427 -30.23 92.44 -29.73
CA ASP D 427 -29.80 92.40 -31.10
C ASP D 427 -30.69 93.34 -31.90
N ILE D 428 -30.08 94.34 -32.53
CA ILE D 428 -30.84 95.36 -33.24
C ILE D 428 -30.43 95.53 -34.69
N GLU D 429 -31.40 95.49 -35.59
CA GLU D 429 -31.14 95.79 -36.98
C GLU D 429 -31.98 96.94 -37.48
N ASP D 430 -31.33 97.88 -38.15
CA ASP D 430 -32.03 98.98 -38.81
C ASP D 430 -31.63 99.00 -40.27
N GLY D 431 -32.41 98.33 -41.11
CA GLY D 431 -32.09 98.27 -42.53
C GLY D 431 -33.01 99.14 -43.38
N ASN D 432 -32.50 99.54 -44.54
CA ASN D 432 -33.27 100.34 -45.48
C ASN D 432 -32.82 100.16 -46.92
N ASP D 433 -33.54 100.79 -47.84
CA ASP D 433 -33.25 100.69 -49.25
C ASP D 433 -32.51 101.90 -49.80
N LYS D 434 -31.22 101.74 -50.08
CA LYS D 434 -30.46 102.82 -50.69
C LYS D 434 -30.59 102.73 -52.19
N THR D 435 -30.72 103.85 -52.87
CA THR D 435 -30.87 103.78 -54.32
C THR D 435 -29.87 104.65 -55.05
N PRO D 436 -29.58 104.29 -56.30
CA PRO D 436 -28.76 104.98 -57.28
C PRO D 436 -29.60 106.01 -57.99
N GLN D 437 -29.02 106.71 -58.95
CA GLN D 437 -29.78 107.68 -59.71
C GLN D 437 -30.89 106.95 -60.47
N SER D 438 -32.13 107.36 -60.20
CA SER D 438 -33.34 106.75 -60.77
C SER D 438 -33.47 106.89 -62.28
N ASP D 439 -32.66 107.78 -62.86
CA ASP D 439 -32.65 108.00 -64.30
C ASP D 439 -31.84 106.92 -65.04
N THR D 440 -31.18 106.03 -64.30
CA THR D 440 -30.37 105.00 -64.94
C THR D 440 -31.03 103.64 -64.93
N THR D 441 -30.46 102.72 -65.70
CA THR D 441 -30.96 101.35 -65.85
C THR D 441 -30.73 100.51 -64.60
N THR D 442 -29.89 101.01 -63.71
CA THR D 442 -29.60 100.33 -62.45
C THR D 442 -30.79 100.42 -61.50
N SER D 443 -31.77 101.27 -61.82
CA SER D 443 -33.00 101.37 -61.05
C SER D 443 -33.99 100.26 -61.44
N VAL D 444 -33.68 99.52 -62.51
CA VAL D 444 -34.52 98.44 -62.99
C VAL D 444 -33.89 97.09 -62.64
N ASP D 445 -32.61 96.95 -62.96
CA ASP D 445 -31.90 95.71 -62.68
C ASP D 445 -31.85 95.48 -61.17
N ALA D 446 -32.01 94.22 -60.76
CA ALA D 446 -32.00 93.78 -59.35
C ALA D 446 -30.76 94.23 -58.57
N LEU D 447 -30.67 95.52 -58.29
CA LEU D 447 -29.54 96.08 -57.58
C LEU D 447 -29.89 96.87 -56.31
N PRO D 448 -31.08 96.66 -55.70
CA PRO D 448 -31.53 97.37 -54.50
C PRO D 448 -30.47 97.40 -53.40
N GLU D 449 -29.52 98.32 -53.49
CA GLU D 449 -28.47 98.47 -52.49
C GLU D 449 -29.08 98.58 -51.10
N VAL D 450 -28.62 97.75 -50.18
CA VAL D 450 -29.22 97.78 -48.86
C VAL D 450 -28.31 98.39 -47.82
N GLY D 451 -28.86 99.25 -46.99
CA GLY D 451 -28.09 99.85 -45.93
C GLY D 451 -28.51 99.18 -44.63
N ARG D 452 -27.56 98.83 -43.78
CA ARG D 452 -27.93 98.17 -42.53
C ARG D 452 -27.11 98.65 -41.36
N THR D 453 -27.77 98.85 -40.23
CA THR D 453 -27.05 99.18 -39.00
C THR D 453 -27.27 98.05 -38.02
N LEU D 454 -26.19 97.44 -37.57
CA LEU D 454 -26.30 96.32 -36.66
C LEU D 454 -25.67 96.59 -35.31
N ILE D 455 -26.40 96.25 -34.26
CA ILE D 455 -25.88 96.37 -32.90
C ILE D 455 -26.10 95.11 -32.10
N SER D 456 -25.05 94.62 -31.46
CA SER D 456 -25.22 93.45 -30.61
C SER D 456 -24.48 93.62 -29.29
N THR D 457 -25.25 93.75 -28.20
CA THR D 457 -24.66 93.99 -26.89
C THR D 457 -25.57 93.53 -25.74
N ILE D 458 -25.17 93.89 -24.52
CA ILE D 458 -25.90 93.59 -23.28
C ILE D 458 -25.91 94.80 -22.37
N ALA D 459 -27.07 95.14 -21.79
CA ALA D 459 -27.09 96.30 -20.91
C ALA D 459 -28.07 96.18 -19.76
N ARG D 460 -27.70 96.78 -18.63
CA ARG D 460 -28.55 96.79 -17.44
C ARG D 460 -29.19 98.15 -17.27
N VAL D 461 -30.51 98.20 -17.19
CA VAL D 461 -31.17 99.48 -17.06
C VAL D 461 -32.10 99.49 -15.84
N PRO D 462 -32.06 100.55 -15.02
CA PRO D 462 -32.94 100.79 -13.89
C PRO D 462 -34.38 100.90 -14.36
N HIS D 463 -35.31 100.40 -13.57
CA HIS D 463 -36.71 100.43 -13.95
C HIS D 463 -37.22 101.83 -14.24
N GLY D 464 -37.76 102.02 -15.45
CA GLY D 464 -38.32 103.32 -15.82
C GLY D 464 -37.27 104.31 -16.33
N LYS D 465 -36.03 103.88 -16.46
CA LYS D 465 -34.98 104.74 -16.96
C LYS D 465 -34.53 104.30 -18.33
N SER D 466 -33.52 104.98 -18.85
CA SER D 466 -33.07 104.65 -20.19
C SER D 466 -31.57 104.75 -20.34
N LEU D 467 -31.04 104.07 -21.35
CA LEU D 467 -29.62 104.15 -21.69
C LEU D 467 -29.37 104.29 -23.17
N LEU D 468 -28.29 104.98 -23.49
CA LEU D 468 -27.87 105.08 -24.85
C LEU D 468 -27.07 103.85 -25.22
N VAL D 469 -27.61 103.04 -26.10
CA VAL D 469 -26.92 101.82 -26.51
C VAL D 469 -25.81 102.11 -27.48
N GLY D 470 -26.09 102.95 -28.44
CA GLY D 470 -25.04 103.29 -29.38
C GLY D 470 -25.49 104.31 -30.38
N GLY D 471 -24.59 104.66 -31.26
CA GLY D 471 -24.92 105.65 -32.26
C GLY D 471 -23.79 105.94 -33.22
N TYR D 472 -24.04 106.89 -34.07
CA TYR D 472 -23.08 107.29 -35.07
C TYR D 472 -23.28 108.71 -35.47
N THR D 473 -22.22 109.50 -35.43
CA THR D 473 -22.34 110.87 -35.88
C THR D 473 -21.32 111.20 -36.92
N ARG D 474 -21.63 112.19 -37.75
CA ARG D 474 -20.72 112.60 -38.78
C ARG D 474 -20.81 114.07 -39.07
N ASP D 475 -19.66 114.72 -39.10
CA ASP D 475 -19.61 116.13 -39.42
C ASP D 475 -18.64 116.33 -40.57
N ALA D 476 -19.01 117.11 -41.56
CA ALA D 476 -18.10 117.28 -42.69
C ALA D 476 -18.25 118.61 -43.39
N ASN D 477 -17.17 119.07 -43.99
CA ASN D 477 -17.19 120.32 -44.71
C ASN D 477 -16.12 120.38 -45.77
N THR D 478 -16.49 120.81 -46.97
CA THR D 478 -15.51 120.91 -48.05
C THR D 478 -15.75 122.11 -48.93
N ASP D 479 -14.69 122.55 -49.59
CA ASP D 479 -14.80 123.69 -50.47
C ASP D 479 -13.79 123.68 -51.60
N THR D 480 -14.15 124.31 -52.73
CA THR D 480 -13.24 124.39 -53.85
C THR D 480 -13.19 125.77 -54.46
N VAL D 481 -12.05 126.08 -55.09
CA VAL D 481 -11.89 127.32 -55.83
C VAL D 481 -11.20 127.06 -57.15
N GLN D 482 -11.82 127.48 -58.24
CA GLN D 482 -11.19 127.33 -59.54
C GLN D 482 -11.16 128.65 -60.27
N SER D 483 -10.12 128.89 -61.04
CA SER D 483 -10.10 130.13 -61.78
C SER D 483 -9.14 130.13 -62.94
N ILE D 484 -9.27 131.15 -63.77
CA ILE D 484 -8.39 131.35 -64.89
C ILE D 484 -7.25 132.24 -64.42
N PRO D 485 -6.01 131.73 -64.40
CA PRO D 485 -4.79 132.35 -63.90
C PRO D 485 -4.72 133.88 -63.95
N PHE D 486 -5.21 134.51 -65.00
CA PHE D 486 -5.12 135.95 -65.04
C PHE D 486 -6.48 136.63 -65.13
N LEU D 487 -7.42 136.01 -65.82
CA LEU D 487 -8.73 136.62 -66.02
C LEU D 487 -9.53 136.70 -64.74
N GLY D 488 -9.33 135.73 -63.86
CA GLY D 488 -10.03 135.68 -62.59
C GLY D 488 -9.72 136.86 -61.67
N LYS D 489 -8.67 137.63 -61.98
CA LYS D 489 -8.32 138.76 -61.13
C LYS D 489 -8.88 140.09 -61.64
N LEU D 490 -9.64 140.06 -62.73
CA LEU D 490 -10.14 141.32 -63.27
C LEU D 490 -11.33 141.89 -62.48
N PRO D 491 -11.25 143.18 -62.10
CA PRO D 491 -12.18 143.94 -61.24
C PRO D 491 -13.63 143.45 -61.24
N LEU D 492 -14.33 143.63 -62.37
CA LEU D 492 -15.72 143.22 -62.47
C LEU D 492 -15.89 142.30 -63.65
N ILE D 493 -14.90 141.47 -63.88
CA ILE D 493 -14.89 140.57 -65.01
C ILE D 493 -14.57 139.16 -64.56
N GLY D 494 -13.57 139.03 -63.69
CA GLY D 494 -13.09 137.75 -63.18
C GLY D 494 -14.18 136.82 -62.66
N SER D 495 -15.30 137.39 -62.18
CA SER D 495 -16.45 136.62 -61.72
C SER D 495 -16.98 135.66 -62.79
N LEU D 496 -16.73 135.98 -64.05
CA LEU D 496 -17.16 135.18 -65.19
C LEU D 496 -16.23 134.02 -65.48
N PHE D 497 -15.12 133.96 -64.75
CA PHE D 497 -14.11 132.94 -64.92
C PHE D 497 -13.89 132.12 -63.66
N ARG D 498 -14.07 132.76 -62.51
CA ARG D 498 -13.93 132.11 -61.22
C ARG D 498 -15.06 131.14 -60.93
N TYR D 499 -14.78 130.18 -60.07
CA TYR D 499 -15.75 129.19 -59.66
C TYR D 499 -15.53 128.74 -58.24
N SER D 500 -16.58 128.68 -57.45
CA SER D 500 -16.38 128.18 -56.11
C SER D 500 -17.52 127.34 -55.62
N SER D 501 -17.23 126.50 -54.64
CA SER D 501 -18.29 125.69 -54.07
C SER D 501 -18.07 125.40 -52.60
N LYS D 502 -19.17 125.18 -51.90
CA LYS D 502 -19.13 124.85 -50.48
C LYS D 502 -20.12 123.73 -50.19
N ASN D 503 -19.72 122.80 -49.33
CA ASN D 503 -20.64 121.72 -48.99
C ASN D 503 -20.46 121.26 -47.56
N LYS D 504 -21.41 121.63 -46.71
CA LYS D 504 -21.39 121.27 -45.30
C LYS D 504 -22.52 120.33 -44.92
N SER D 505 -22.21 119.35 -44.06
CA SER D 505 -23.26 118.44 -43.61
C SER D 505 -23.06 117.96 -42.18
N ASN D 506 -24.17 117.63 -41.53
CA ASN D 506 -24.15 117.14 -40.16
C ASN D 506 -25.16 116.00 -39.98
N VAL D 507 -24.71 114.88 -39.44
CA VAL D 507 -25.58 113.71 -39.25
C VAL D 507 -25.53 113.14 -37.84
N VAL D 508 -26.70 112.90 -37.25
CA VAL D 508 -26.76 112.29 -35.91
C VAL D 508 -27.71 111.10 -35.84
N ARG D 509 -27.19 109.94 -35.48
CA ARG D 509 -28.04 108.76 -35.30
C ARG D 509 -27.82 108.05 -33.98
N VAL D 510 -28.89 107.88 -33.20
CA VAL D 510 -28.76 107.17 -31.93
C VAL D 510 -29.85 106.14 -31.65
N PHE D 511 -29.48 105.16 -30.83
CA PHE D 511 -30.35 104.08 -30.38
C PHE D 511 -30.44 104.07 -28.86
N MET D 512 -31.63 104.30 -28.33
CA MET D 512 -31.82 104.34 -26.90
C MET D 512 -32.84 103.32 -26.41
N ILE D 513 -32.58 102.75 -25.24
CA ILE D 513 -33.45 101.74 -24.65
C ILE D 513 -34.15 102.17 -23.39
N GLU D 514 -35.45 101.89 -23.33
CA GLU D 514 -36.25 102.19 -22.16
C GLU D 514 -37.13 100.99 -21.81
N PRO D 515 -37.02 100.48 -20.59
CA PRO D 515 -37.83 99.30 -20.23
C PRO D 515 -38.60 99.51 -18.95
N LYS D 516 -39.76 98.87 -18.85
CA LYS D 516 -40.56 98.96 -17.65
C LYS D 516 -41.38 97.70 -17.38
N GLU D 517 -41.79 97.54 -16.13
CA GLU D 517 -42.56 96.38 -15.71
C GLU D 517 -44.05 96.62 -15.86
N ILE D 518 -44.72 95.68 -16.50
CA ILE D 518 -46.15 95.78 -16.72
C ILE D 518 -46.91 94.89 -15.76
N VAL D 519 -47.85 95.49 -15.05
CA VAL D 519 -48.64 94.74 -14.07
C VAL D 519 -50.14 94.91 -14.25
N ASP D 520 -50.56 96.04 -14.79
CA ASP D 520 -51.98 96.29 -15.00
C ASP D 520 -52.39 96.00 -16.44
N PRO D 521 -53.66 95.67 -16.66
CA PRO D 521 -54.31 95.44 -17.93
C PRO D 521 -54.46 96.78 -18.63
N LEU D 522 -54.54 96.75 -19.94
CA LEU D 522 -54.63 97.96 -20.74
C LEU D 522 -55.88 98.72 -20.35
N THR D 523 -55.71 99.99 -19.97
CA THR D 523 -56.84 100.82 -19.55
C THR D 523 -56.91 102.14 -20.30
N PRO D 524 -58.04 102.41 -20.95
CA PRO D 524 -59.28 101.67 -21.10
C PRO D 524 -59.09 100.48 -22.02
N ASP D 525 -60.03 99.54 -21.97
CA ASP D 525 -59.96 98.34 -22.76
C ASP D 525 -59.87 98.65 -24.24
N ALA D 526 -59.09 97.84 -24.96
CA ALA D 526 -58.83 98.05 -26.39
C ALA D 526 -60.07 98.32 -27.21
N SER D 527 -61.11 97.51 -27.00
CA SER D 527 -62.34 97.65 -27.78
C SER D 527 -63.03 98.99 -27.61
N GLU D 528 -62.83 99.64 -26.47
CA GLU D 528 -63.44 100.93 -26.22
C GLU D 528 -62.76 101.99 -27.04
N SER D 529 -61.44 101.95 -27.01
CA SER D 529 -60.66 102.91 -27.76
C SER D 529 -60.86 102.76 -29.25
N VAL D 530 -60.94 101.52 -29.71
CA VAL D 530 -61.16 101.27 -31.13
C VAL D 530 -62.47 101.85 -31.59
N ASN D 531 -63.54 101.67 -30.81
CA ASN D 531 -64.81 102.24 -31.19
C ASN D 531 -64.73 103.75 -31.31
N ASN D 532 -64.02 104.41 -30.41
CA ASN D 532 -63.88 105.85 -30.48
C ASN D 532 -63.19 106.27 -31.76
N ILE D 533 -62.15 105.53 -32.14
CA ILE D 533 -61.41 105.78 -33.37
C ILE D 533 -62.27 105.63 -34.60
N LEU D 534 -62.99 104.52 -34.68
CA LEU D 534 -63.82 104.26 -35.84
C LEU D 534 -64.90 105.29 -36.03
N LYS D 535 -65.51 105.71 -34.94
CA LYS D 535 -66.56 106.70 -35.04
C LYS D 535 -66.04 108.04 -35.47
N GLN D 536 -64.98 108.51 -34.83
CA GLN D 536 -64.44 109.82 -35.19
C GLN D 536 -63.85 109.84 -36.58
N SER D 537 -63.25 108.73 -37.01
CA SER D 537 -62.68 108.64 -38.34
C SER D 537 -63.71 108.36 -39.43
N GLY D 538 -64.97 108.12 -39.05
CA GLY D 538 -66.04 107.89 -40.02
C GLY D 538 -66.08 106.49 -40.63
N ALA D 539 -65.31 105.54 -40.09
CA ALA D 539 -65.26 104.19 -40.65
C ALA D 539 -66.31 103.29 -40.01
N TRP D 540 -66.68 103.61 -38.78
CA TRP D 540 -67.66 102.85 -38.02
C TRP D 540 -68.94 102.60 -38.78
N SER D 541 -69.39 101.35 -38.73
CA SER D 541 -70.62 100.95 -39.39
C SER D 541 -71.38 99.94 -38.56
N GLY D 542 -71.25 100.04 -37.25
CA GLY D 542 -71.92 99.13 -36.33
C GLY D 542 -73.43 99.23 -36.37
N ASP D 543 -73.94 100.36 -36.88
CA ASP D 543 -75.37 100.54 -37.01
C ASP D 543 -75.93 100.06 -38.35
N ASP D 544 -75.11 99.40 -39.17
CA ASP D 544 -75.61 98.92 -40.44
C ASP D 544 -76.69 97.89 -40.22
N LYS D 545 -77.87 98.16 -40.76
CA LYS D 545 -79.05 97.30 -40.62
C LYS D 545 -78.87 95.86 -41.10
N LEU D 546 -77.84 95.60 -41.89
CA LEU D 546 -77.60 94.27 -42.39
C LEU D 546 -76.48 93.63 -41.61
N GLN D 547 -75.30 94.26 -41.66
CA GLN D 547 -74.12 93.68 -41.04
C GLN D 547 -74.27 93.42 -39.55
N LYS D 548 -75.07 94.21 -38.85
CA LYS D 548 -75.27 94.02 -37.42
C LYS D 548 -75.76 92.62 -37.03
N TRP D 549 -76.37 91.90 -37.96
CA TRP D 549 -76.85 90.54 -37.67
C TRP D 549 -75.70 89.60 -37.37
N VAL D 550 -74.51 89.95 -37.83
CA VAL D 550 -73.33 89.16 -37.58
C VAL D 550 -72.45 89.85 -36.57
N ARG D 551 -72.23 91.15 -36.77
CA ARG D 551 -71.34 91.92 -35.90
C ARG D 551 -71.70 91.80 -34.43
N VAL D 552 -72.99 91.72 -34.11
CA VAL D 552 -73.42 91.53 -32.73
C VAL D 552 -72.77 90.36 -32.00
N TYR D 553 -72.38 89.32 -32.75
CA TYR D 553 -71.76 88.15 -32.16
C TYR D 553 -70.34 88.39 -31.76
N LEU D 554 -69.75 89.44 -32.30
CA LEU D 554 -68.37 89.76 -32.03
C LEU D 554 -68.27 90.87 -31.02
N ASP D 555 -69.15 91.84 -31.16
CA ASP D 555 -69.13 92.99 -30.30
C ASP D 555 -69.71 92.73 -28.92
N ARG D 556 -70.75 91.91 -28.83
CA ARG D 556 -71.33 91.61 -27.53
C ARG D 556 -71.32 90.12 -27.22
N GLY D 557 -70.90 89.30 -28.17
CA GLY D 557 -70.87 87.86 -27.96
C GLY D 557 -72.16 87.21 -28.44
N GLY E 34 -39.41 27.67 58.99
CA GLY E 34 -38.71 28.17 57.76
C GLY E 34 -37.80 27.04 57.34
N PHE E 35 -36.53 27.36 57.10
CA PHE E 35 -35.58 26.34 56.71
C PHE E 35 -34.14 26.63 57.15
N VAL E 36 -33.52 25.61 57.73
CA VAL E 36 -32.12 25.68 58.13
C VAL E 36 -31.31 24.56 57.49
N ALA E 37 -30.29 24.94 56.75
CA ALA E 37 -29.41 23.99 56.11
C ALA E 37 -28.36 23.54 57.12
N LYS E 38 -27.95 22.28 57.11
CA LYS E 38 -26.96 21.81 58.07
C LYS E 38 -26.06 20.89 57.30
N ASP E 39 -25.00 21.50 56.78
CA ASP E 39 -24.07 20.80 55.95
C ASP E 39 -24.70 20.04 54.78
N ASP E 40 -25.64 20.67 54.07
CA ASP E 40 -26.36 20.00 53.04
C ASP E 40 -25.75 20.32 51.71
N SER E 41 -25.90 19.42 50.76
CA SER E 41 -25.35 19.76 49.42
C SER E 41 -26.26 20.82 48.80
N LEU E 42 -25.71 21.62 47.89
CA LEU E 42 -26.44 22.60 47.15
C LEU E 42 -27.26 21.95 46.13
N ARG E 43 -26.87 20.76 45.73
CA ARG E 43 -27.76 20.03 44.92
C ARG E 43 -29.05 19.87 45.68
N THR E 44 -28.99 19.46 46.93
CA THR E 44 -30.24 19.21 47.69
C THR E 44 -30.93 20.52 47.92
N PHE E 45 -30.13 21.50 48.35
CA PHE E 45 -30.64 22.79 48.70
C PHE E 45 -31.37 23.43 47.54
N PHE E 46 -30.77 23.41 46.35
CA PHE E 46 -31.47 24.10 45.28
C PHE E 46 -32.62 23.33 44.69
N ASP E 47 -32.59 21.99 44.87
CA ASP E 47 -33.72 21.15 44.58
C ASP E 47 -34.91 21.47 45.47
N ALA E 48 -34.64 21.81 46.73
CA ALA E 48 -35.69 22.29 47.65
C ALA E 48 -36.27 23.64 47.12
N MET E 49 -35.41 24.48 46.60
CA MET E 49 -35.92 25.71 45.96
C MET E 49 -36.72 25.42 44.71
N ALA E 50 -36.30 24.41 43.95
CA ALA E 50 -37.07 24.01 42.77
C ALA E 50 -38.45 23.45 43.13
N LEU E 51 -38.58 22.88 44.32
CA LEU E 51 -39.89 22.41 44.80
C LEU E 51 -40.71 23.54 45.37
N GLN E 52 -40.07 24.52 46.00
CA GLN E 52 -40.86 25.63 46.55
C GLN E 52 -41.26 26.67 45.52
N LEU E 53 -40.40 26.89 44.54
CA LEU E 53 -40.68 27.86 43.52
C LEU E 53 -41.25 27.15 42.30
N LYS E 54 -42.34 27.76 41.82
CA LYS E 54 -43.04 27.28 40.64
C LYS E 54 -42.05 27.08 39.48
N GLU E 55 -41.30 28.14 39.19
CA GLU E 55 -40.26 28.09 38.17
C GLU E 55 -39.11 27.12 38.39
N PRO E 56 -38.60 26.46 37.33
CA PRO E 56 -37.51 25.56 37.57
C PRO E 56 -36.33 26.34 38.14
N VAL E 57 -35.58 25.70 39.01
CA VAL E 57 -34.34 26.30 39.49
C VAL E 57 -33.28 25.41 38.94
N ILE E 58 -32.57 25.83 37.88
CA ILE E 58 -31.57 24.95 37.27
C ILE E 58 -30.20 25.46 37.65
N VAL E 59 -29.35 24.52 38.07
CA VAL E 59 -28.06 24.84 38.63
C VAL E 59 -26.93 24.19 37.76
N SER E 60 -25.75 24.77 37.76
CA SER E 60 -24.62 24.11 37.10
C SER E 60 -24.06 23.06 38.00
N LYS E 61 -23.14 22.27 37.46
CA LYS E 61 -22.48 21.23 38.22
C LYS E 61 -21.78 21.85 39.43
N MET E 62 -21.09 22.98 39.19
CA MET E 62 -20.35 23.70 40.22
C MET E 62 -21.25 24.32 41.26
N ALA E 63 -22.39 24.82 40.82
CA ALA E 63 -23.42 25.35 41.73
C ALA E 63 -23.99 24.29 42.66
N ALA E 64 -24.13 23.06 42.17
CA ALA E 64 -24.60 21.89 42.96
C ALA E 64 -23.55 21.19 43.81
N ARG E 65 -22.31 21.26 43.38
CA ARG E 65 -21.15 20.62 44.00
C ARG E 65 -20.87 21.07 45.47
N LYS E 66 -20.99 22.36 45.77
CA LYS E 66 -20.63 22.82 47.11
C LYS E 66 -21.81 22.58 48.05
N LYS E 67 -21.56 22.83 49.35
CA LYS E 67 -22.55 22.57 50.42
C LYS E 67 -23.02 23.87 51.04
N ILE E 68 -23.93 23.78 52.00
CA ILE E 68 -24.51 25.01 52.54
C ILE E 68 -24.96 24.78 53.95
N THR E 69 -24.74 25.75 54.83
CA THR E 69 -25.21 25.68 56.20
C THR E 69 -25.75 27.04 56.63
N GLY E 70 -26.91 27.06 57.26
CA GLY E 70 -27.51 28.32 57.74
C GLY E 70 -29.01 28.43 57.53
N ASN E 71 -29.61 29.43 58.17
CA ASN E 71 -31.05 29.63 58.07
C ASN E 71 -31.36 30.33 56.77
N PHE E 72 -31.92 29.55 55.82
CA PHE E 72 -32.29 30.00 54.48
C PHE E 72 -33.68 29.61 54.09
N GLU E 73 -34.63 30.34 54.66
CA GLU E 73 -36.05 30.16 54.38
C GLU E 73 -36.25 30.43 52.89
N PHE E 74 -37.18 29.66 52.32
CA PHE E 74 -37.43 29.76 50.89
C PHE E 74 -38.61 30.69 50.58
N HIS E 75 -38.82 31.70 51.41
CA HIS E 75 -39.95 32.57 51.17
C HIS E 75 -39.73 33.48 49.97
N ASP E 76 -38.47 33.68 49.55
CA ASP E 76 -38.19 34.50 48.40
C ASP E 76 -36.88 34.07 47.81
N PRO E 77 -36.94 33.12 46.87
CA PRO E 77 -35.84 32.51 46.09
C PRO E 77 -34.92 33.51 45.40
N ASN E 78 -35.51 34.56 44.88
CA ASN E 78 -34.73 35.58 44.19
C ASN E 78 -33.87 36.43 45.11
N ALA E 79 -34.47 36.94 46.20
CA ALA E 79 -33.75 37.67 47.20
C ALA E 79 -32.80 36.74 47.98
N LEU E 80 -33.19 35.48 48.10
CA LEU E 80 -32.35 34.47 48.74
C LEU E 80 -31.05 34.33 47.98
N LEU E 81 -31.14 34.20 46.66
CA LEU E 81 -29.96 34.09 45.82
C LEU E 81 -29.10 35.34 45.85
N GLU E 82 -29.70 36.51 46.06
CA GLU E 82 -28.90 37.70 46.24
C GLU E 82 -28.12 37.52 47.56
N LYS E 83 -28.79 37.01 48.59
CA LYS E 83 -28.02 36.74 49.82
C LYS E 83 -26.97 35.68 49.56
N LEU E 84 -27.25 34.70 48.71
CA LEU E 84 -26.28 33.61 48.55
C LEU E 84 -25.13 33.98 47.63
N SER E 85 -25.14 35.22 47.13
CA SER E 85 -24.02 35.72 46.32
C SER E 85 -22.92 36.05 47.30
N LEU E 86 -23.29 36.21 48.58
CA LEU E 86 -22.34 36.44 49.66
C LEU E 86 -22.13 35.23 50.53
N GLN E 87 -23.18 34.43 50.70
CA GLN E 87 -23.04 33.27 51.55
C GLN E 87 -22.39 32.09 50.78
N LEU E 88 -22.72 31.94 49.52
CA LEU E 88 -22.13 30.87 48.75
C LEU E 88 -21.08 31.38 47.80
N GLY E 89 -21.36 32.54 47.22
CA GLY E 89 -20.49 33.07 46.17
C GLY E 89 -20.85 32.58 44.78
N LEU E 90 -22.16 32.57 44.51
CA LEU E 90 -22.72 32.10 43.25
C LEU E 90 -23.34 33.28 42.59
N ILE E 91 -23.54 33.16 41.28
CA ILE E 91 -24.24 34.16 40.50
C ILE E 91 -25.42 33.41 39.82
N TRP E 92 -26.43 34.16 39.45
CA TRP E 92 -27.70 33.59 39.03
C TRP E 92 -28.36 34.47 38.03
N TYR E 93 -29.33 33.90 37.34
CA TYR E 93 -30.09 34.64 36.33
C TYR E 93 -31.56 34.15 36.31
N PHE E 94 -32.52 35.05 36.21
CA PHE E 94 -33.93 34.66 36.16
C PHE E 94 -34.48 35.21 34.87
N ASP E 95 -34.92 34.37 33.91
CA ASP E 95 -35.43 34.88 32.63
C ASP E 95 -36.92 35.07 32.64
N GLY E 96 -37.54 34.86 33.80
CA GLY E 96 -39.00 35.08 34.00
C GLY E 96 -39.65 33.71 34.09
N GLN E 97 -39.02 32.70 33.54
CA GLN E 97 -39.58 31.35 33.56
C GLN E 97 -38.75 30.34 34.32
N ALA E 98 -37.45 30.55 34.44
CA ALA E 98 -36.60 29.63 35.16
C ALA E 98 -35.33 30.32 35.68
N ILE E 99 -34.78 29.84 36.79
CA ILE E 99 -33.54 30.41 37.35
C ILE E 99 -32.29 29.63 36.93
N TYR E 100 -31.19 30.33 36.63
CA TYR E 100 -29.94 29.64 36.17
C TYR E 100 -28.81 30.05 37.02
N ILE E 101 -28.36 29.13 37.86
CA ILE E 101 -27.41 29.43 38.92
C ILE E 101 -26.04 28.87 38.52
N TYR E 102 -25.05 29.75 38.39
CA TYR E 102 -23.69 29.30 38.14
C TYR E 102 -22.85 29.79 39.23
N ASP E 103 -21.67 29.23 39.27
CA ASP E 103 -20.66 29.66 40.21
C ASP E 103 -20.16 31.03 39.80
N ALA E 104 -19.77 31.83 40.75
CA ALA E 104 -19.27 33.14 40.40
C ALA E 104 -18.03 33.06 39.51
N SER E 105 -17.27 31.97 39.61
CA SER E 105 -16.09 31.87 38.77
C SER E 105 -16.45 31.49 37.34
N GLU E 106 -17.73 31.18 37.11
CA GLU E 106 -18.15 30.78 35.75
C GLU E 106 -18.68 32.00 34.95
N MET E 107 -18.53 33.18 35.56
CA MET E 107 -18.90 34.39 34.93
C MET E 107 -18.17 34.61 33.61
N ARG E 108 -18.91 35.09 32.64
CA ARG E 108 -18.42 35.34 31.29
C ARG E 108 -18.40 36.83 30.99
N ASN E 109 -17.53 37.22 30.07
CA ASN E 109 -17.46 38.60 29.61
C ASN E 109 -17.61 38.64 28.12
N ALA E 110 -18.02 39.79 27.61
CA ALA E 110 -18.07 39.88 26.18
C ALA E 110 -17.95 41.29 25.78
N VAL E 111 -17.38 41.44 24.60
CA VAL E 111 -17.26 42.73 23.91
C VAL E 111 -18.03 42.68 22.61
N VAL E 112 -19.15 43.40 22.56
CA VAL E 112 -20.01 43.26 21.40
C VAL E 112 -20.29 44.63 20.87
N SER E 113 -20.06 44.78 19.55
CA SER E 113 -20.33 46.02 18.79
C SER E 113 -21.84 46.11 18.56
N LEU E 114 -22.37 47.31 18.38
CA LEU E 114 -23.80 47.46 18.19
C LEU E 114 -23.98 48.40 17.03
N ARG E 115 -24.61 47.91 15.96
CA ARG E 115 -24.71 48.64 14.69
C ARG E 115 -25.97 49.50 14.58
N ASN E 116 -27.15 48.87 14.56
CA ASN E 116 -28.37 49.59 14.16
C ASN E 116 -29.24 50.06 15.30
N VAL E 117 -28.70 49.93 16.51
CA VAL E 117 -29.39 50.21 17.74
C VAL E 117 -28.47 51.08 18.57
N SER E 118 -29.08 52.06 19.23
CA SER E 118 -28.41 52.94 20.13
C SER E 118 -28.10 52.17 21.38
N LEU E 119 -27.00 52.52 22.02
CA LEU E 119 -26.55 51.75 23.13
C LEU E 119 -27.61 51.71 24.29
N ASN E 120 -28.24 52.85 24.59
CA ASN E 120 -29.30 52.87 25.58
C ASN E 120 -30.57 52.22 25.06
N GLU E 121 -30.88 52.40 23.79
CA GLU E 121 -31.97 51.72 23.14
C GLU E 121 -31.82 50.21 23.25
N PHE E 122 -30.60 49.70 23.04
CA PHE E 122 -30.38 48.25 23.19
C PHE E 122 -30.74 47.74 24.62
N ASN E 123 -30.24 48.43 25.65
CA ASN E 123 -30.56 48.08 27.05
C ASN E 123 -32.07 48.12 27.29
N ASN E 124 -32.70 49.10 26.69
CA ASN E 124 -34.15 49.19 26.83
C ASN E 124 -34.86 48.08 26.14
N PHE E 125 -34.33 47.66 25.01
CA PHE E 125 -34.98 46.59 24.33
C PHE E 125 -34.87 45.30 25.14
N LEU E 126 -33.79 45.11 25.88
CA LEU E 126 -33.72 43.93 26.73
C LEU E 126 -34.67 44.03 27.90
N LYS E 127 -34.97 45.26 28.33
CA LYS E 127 -35.88 45.50 29.44
C LYS E 127 -37.32 45.25 28.93
N ARG E 128 -37.54 45.57 27.65
CA ARG E 128 -38.79 45.38 26.93
C ARG E 128 -39.06 43.90 26.72
N SER E 129 -37.98 43.18 26.48
CA SER E 129 -37.97 41.71 26.41
C SER E 129 -38.23 41.10 27.80
N GLY E 130 -37.73 41.78 28.83
CA GLY E 130 -37.94 41.34 30.19
C GLY E 130 -36.81 40.39 30.51
N LEU E 131 -35.68 40.55 29.85
CA LEU E 131 -34.59 39.59 30.05
C LEU E 131 -33.44 40.24 30.76
N TYR E 132 -33.42 41.56 30.63
CA TYR E 132 -32.42 42.32 31.27
C TYR E 132 -32.52 42.12 32.78
N ASN E 133 -31.50 41.43 33.31
CA ASN E 133 -31.30 41.32 34.75
C ASN E 133 -30.47 42.47 35.31
N LYS E 134 -31.13 43.34 36.11
CA LYS E 134 -30.50 44.56 36.65
C LYS E 134 -29.38 44.28 37.65
N ASN E 135 -29.25 43.04 38.11
CA ASN E 135 -28.14 42.74 39.02
C ASN E 135 -26.84 42.60 38.26
N TYR E 136 -26.90 42.57 36.94
CA TYR E 136 -25.66 42.48 36.15
C TYR E 136 -25.78 43.50 35.01
N PRO E 137 -25.51 44.78 35.37
CA PRO E 137 -25.58 45.93 34.47
C PRO E 137 -24.66 45.76 33.28
N LEU E 138 -25.13 46.25 32.15
CA LEU E 138 -24.29 46.35 30.99
C LEU E 138 -23.55 47.68 30.93
N ARG E 139 -22.39 47.68 30.29
CA ARG E 139 -21.57 48.88 30.28
C ARG E 139 -21.52 49.46 28.89
N GLY E 140 -21.87 50.74 28.85
CA GLY E 140 -21.84 51.49 27.59
C GLY E 140 -20.69 52.48 27.54
N ASP E 141 -20.65 53.29 26.48
CA ASP E 141 -19.62 54.31 26.28
C ASP E 141 -20.15 55.32 25.24
N ASN E 142 -20.39 56.57 25.62
CA ASN E 142 -20.97 57.52 24.67
C ASN E 142 -20.13 57.84 23.43
N ARG E 143 -18.84 57.52 23.48
CA ARG E 143 -17.95 57.85 22.38
C ARG E 143 -17.44 56.61 21.64
N LYS E 144 -18.02 55.45 21.97
CA LYS E 144 -17.63 54.18 21.35
C LYS E 144 -18.90 53.37 21.08
N GLY E 145 -19.03 52.89 19.85
CA GLY E 145 -20.23 52.13 19.40
C GLY E 145 -20.32 50.65 19.82
N THR E 146 -19.84 50.36 21.02
CA THR E 146 -19.88 49.02 21.59
C THR E 146 -20.43 49.08 22.99
N PHE E 147 -20.61 47.86 23.53
CA PHE E 147 -21.02 47.69 24.91
C PHE E 147 -20.38 46.40 25.45
N TYR E 148 -20.32 46.28 26.76
CA TYR E 148 -19.60 45.20 27.46
C TYR E 148 -20.63 44.46 28.30
N VAL E 149 -20.43 43.16 28.36
CA VAL E 149 -21.37 42.24 28.97
C VAL E 149 -20.59 41.51 30.03
N SER E 150 -21.16 41.42 31.23
CA SER E 150 -20.59 40.60 32.31
C SER E 150 -21.76 39.95 33.00
N GLY E 151 -21.57 38.70 33.38
CA GLY E 151 -22.61 38.02 34.11
C GLY E 151 -22.54 36.54 33.97
N PRO E 152 -23.60 35.85 34.42
CA PRO E 152 -23.58 34.40 34.27
C PRO E 152 -23.72 33.99 32.81
N PRO E 153 -23.24 32.78 32.48
CA PRO E 153 -23.28 32.34 31.08
C PRO E 153 -24.62 32.50 30.34
N VAL E 154 -25.75 32.22 30.98
CA VAL E 154 -27.02 32.46 30.32
C VAL E 154 -27.35 33.96 30.18
N TYR E 155 -27.06 34.79 31.17
CA TYR E 155 -27.28 36.23 30.96
C TYR E 155 -26.44 36.71 29.79
N VAL E 156 -25.16 36.35 29.81
CA VAL E 156 -24.18 36.86 28.82
C VAL E 156 -24.56 36.41 27.44
N ASP E 157 -24.80 35.10 27.29
CA ASP E 157 -25.20 34.57 25.98
C ASP E 157 -26.51 35.20 25.50
N MET E 158 -27.44 35.44 26.39
CA MET E 158 -28.68 36.13 26.01
C MET E 158 -28.33 37.52 25.48
N VAL E 159 -27.52 38.27 26.21
CA VAL E 159 -27.29 39.68 25.74
C VAL E 159 -26.57 39.73 24.43
N VAL E 160 -25.53 38.92 24.32
CA VAL E 160 -24.69 38.89 23.13
C VAL E 160 -25.48 38.48 21.86
N ASN E 161 -26.31 37.42 21.94
CA ASN E 161 -27.10 36.90 20.80
C ASN E 161 -28.17 37.91 20.47
N ALA E 162 -28.70 38.57 21.51
CA ALA E 162 -29.77 39.52 21.32
C ALA E 162 -29.33 40.67 20.45
N ALA E 163 -28.07 41.12 20.63
CA ALA E 163 -27.56 42.27 19.86
C ALA E 163 -27.55 41.89 18.40
N THR E 164 -27.14 40.65 18.14
CA THR E 164 -27.13 40.18 16.77
C THR E 164 -28.51 40.19 16.12
N MET E 165 -29.48 39.70 16.90
CA MET E 165 -30.86 39.58 16.46
C MET E 165 -31.43 40.96 16.23
N MET E 166 -31.14 41.90 17.12
CA MET E 166 -31.63 43.26 16.95
C MET E 166 -31.08 44.03 15.75
N ASP E 167 -29.81 43.85 15.44
CA ASP E 167 -29.33 44.54 14.29
C ASP E 167 -29.97 43.95 13.02
N LYS E 168 -30.28 42.65 13.03
CA LYS E 168 -30.95 42.00 11.90
C LYS E 168 -32.39 42.51 11.79
N GLN E 169 -33.02 42.77 12.94
CA GLN E 169 -34.37 43.29 12.94
C GLN E 169 -34.38 44.77 12.58
N ASN E 170 -33.30 45.46 12.87
CA ASN E 170 -33.26 46.88 12.52
C ASN E 170 -32.39 47.16 11.35
N ASP E 171 -32.24 46.17 10.48
CA ASP E 171 -31.41 46.29 9.31
C ASP E 171 -32.13 47.09 8.18
N GLY E 172 -37.46 70.22 0.88
CA GLY E 172 -36.01 70.10 0.95
C GLY E 172 -35.44 69.58 -0.36
N ILE E 173 -36.23 68.77 -1.06
CA ILE E 173 -35.87 68.20 -2.35
C ILE E 173 -34.87 67.08 -2.16
N GLU E 174 -35.10 66.24 -1.15
CA GLU E 174 -34.16 65.18 -0.84
C GLU E 174 -34.77 63.79 -0.95
N LEU E 175 -33.93 62.83 -1.34
CA LEU E 175 -34.32 61.44 -1.47
C LEU E 175 -33.17 60.55 -1.07
N GLY E 176 -33.20 60.09 0.17
CA GLY E 176 -32.13 59.24 0.67
C GLY E 176 -30.86 60.07 0.79
N ARG E 177 -29.79 59.59 0.18
CA ARG E 177 -28.52 60.30 0.21
C ARG E 177 -28.34 61.31 -0.92
N GLN E 178 -29.36 61.50 -1.75
CA GLN E 178 -29.21 62.44 -2.86
C GLN E 178 -30.25 63.54 -2.83
N LYS E 179 -29.98 64.60 -3.56
CA LYS E 179 -30.89 65.71 -3.62
C LYS E 179 -30.64 66.60 -4.82
N ILE E 180 -31.59 67.49 -5.08
CA ILE E 180 -31.45 68.41 -6.19
C ILE E 180 -31.51 69.85 -5.72
N GLY E 181 -30.53 70.64 -6.14
CA GLY E 181 -30.49 72.03 -5.75
C GLY E 181 -30.86 72.92 -6.93
N VAL E 182 -31.70 73.90 -6.66
CA VAL E 182 -32.10 74.86 -7.68
C VAL E 182 -31.38 76.15 -7.42
N MET E 183 -30.56 76.57 -8.37
CA MET E 183 -29.74 77.75 -8.16
C MET E 183 -30.02 78.85 -9.17
N ARG E 184 -30.74 79.88 -8.74
CA ARG E 184 -31.03 80.98 -9.64
C ARG E 184 -29.87 81.92 -9.73
N LEU E 185 -29.51 82.30 -10.94
CA LEU E 185 -28.42 83.25 -11.06
C LEU E 185 -29.01 84.64 -11.07
N ASN E 186 -28.36 85.55 -10.36
CA ASN E 186 -28.89 86.89 -10.23
C ASN E 186 -28.12 87.93 -11.02
N ASN E 187 -26.82 87.74 -11.19
CA ASN E 187 -26.04 88.73 -11.90
C ASN E 187 -25.65 88.31 -13.30
N THR E 188 -26.16 87.19 -13.78
CA THR E 188 -25.82 86.76 -15.13
C THR E 188 -26.90 85.89 -15.76
N PHE E 189 -26.58 85.35 -16.94
CA PHE E 189 -27.52 84.54 -17.70
C PHE E 189 -27.07 83.11 -17.87
N VAL E 190 -28.03 82.20 -17.75
CA VAL E 190 -27.77 80.79 -18.03
C VAL E 190 -27.94 80.55 -19.50
N GLY E 191 -26.92 80.00 -20.15
CA GLY E 191 -27.01 79.72 -21.57
C GLY E 191 -25.88 80.35 -22.36
N ASP E 192 -25.84 80.07 -23.65
CA ASP E 192 -24.78 80.55 -24.51
C ASP E 192 -25.20 81.81 -25.28
N ARG E 193 -24.24 82.67 -25.59
CA ARG E 193 -24.49 83.88 -26.35
C ARG E 193 -24.06 83.73 -27.79
N THR E 194 -24.97 83.99 -28.71
CA THR E 194 -24.66 83.82 -30.12
C THR E 194 -24.84 85.11 -30.89
N TYR E 195 -23.90 85.42 -31.76
CA TYR E 195 -23.99 86.62 -32.58
C TYR E 195 -23.33 86.44 -33.92
N ASN E 196 -23.68 87.30 -34.86
CA ASN E 196 -23.12 87.21 -36.19
C ASN E 196 -22.18 88.35 -36.53
N LEU E 197 -21.18 88.03 -37.33
CA LEU E 197 -20.22 88.96 -37.85
C LEU E 197 -20.29 88.90 -39.35
N ARG E 198 -21.39 89.39 -39.90
CA ARG E 198 -21.57 89.41 -41.33
C ARG E 198 -21.71 88.00 -41.87
N ASP E 199 -20.60 87.44 -42.31
CA ASP E 199 -20.60 86.13 -42.93
C ASP E 199 -20.34 84.97 -41.98
N GLN E 200 -20.16 85.22 -40.69
CA GLN E 200 -19.93 84.09 -39.79
C GLN E 200 -20.61 84.22 -38.44
N LYS E 201 -20.88 83.06 -37.82
CA LYS E 201 -21.56 83.01 -36.53
C LYS E 201 -20.63 82.64 -35.39
N MET E 202 -20.68 83.42 -34.34
CA MET E 202 -19.86 83.22 -33.16
C MET E 202 -20.67 82.74 -31.97
N VAL E 203 -20.09 81.87 -31.15
CA VAL E 203 -20.78 81.38 -29.96
C VAL E 203 -19.92 81.46 -28.71
N ILE E 204 -20.48 82.06 -27.66
CA ILE E 204 -19.81 82.18 -26.38
C ILE E 204 -20.48 81.28 -25.36
N PRO E 205 -19.78 80.31 -24.80
CA PRO E 205 -20.27 79.34 -23.84
C PRO E 205 -20.56 80.02 -22.52
N GLY E 206 -21.66 79.61 -21.88
CA GLY E 206 -22.03 80.18 -20.60
C GLY E 206 -21.56 79.33 -19.42
N ILE E 207 -22.05 79.69 -18.24
CA ILE E 207 -21.68 79.03 -17.00
C ILE E 207 -22.12 77.59 -16.90
N ALA E 208 -23.21 77.24 -17.59
CA ALA E 208 -23.71 75.88 -17.54
C ALA E 208 -22.72 74.95 -18.21
N THR E 209 -22.24 75.38 -19.37
CA THR E 209 -21.27 74.62 -20.12
C THR E 209 -19.94 74.54 -19.41
N ALA E 210 -19.49 75.67 -18.88
CA ALA E 210 -18.21 75.72 -18.19
C ALA E 210 -18.16 74.75 -17.03
N ILE E 211 -19.18 74.79 -16.17
CA ILE E 211 -19.19 73.91 -15.02
C ILE E 211 -19.31 72.46 -15.43
N GLU E 212 -20.19 72.17 -16.39
CA GLU E 212 -20.36 70.81 -16.86
C GLU E 212 -19.04 70.20 -17.28
N ARG E 213 -18.29 70.93 -18.09
CA ARG E 213 -17.01 70.44 -18.57
C ARG E 213 -16.01 70.24 -17.45
N LEU E 214 -16.03 71.15 -16.49
CA LEU E 214 -15.12 71.06 -15.37
C LEU E 214 -15.33 69.80 -14.55
N LEU E 215 -16.59 69.53 -14.22
CA LEU E 215 -16.90 68.36 -13.42
C LEU E 215 -16.77 67.06 -14.19
N GLN E 216 -17.11 67.08 -15.46
CA GLN E 216 -17.03 65.87 -16.26
C GLN E 216 -15.86 65.92 -17.21
N ILE E 267 -21.52 64.24 -10.44
CA ILE E 267 -22.52 65.30 -10.28
C ILE E 267 -23.20 65.60 -11.61
N LYS E 268 -24.52 65.68 -11.58
CA LYS E 268 -25.28 65.96 -12.79
C LYS E 268 -25.85 67.37 -12.77
N ILE E 269 -25.47 68.19 -13.74
CA ILE E 269 -26.00 69.54 -13.77
C ILE E 269 -26.68 69.87 -15.08
N VAL E 270 -27.94 70.32 -14.96
CA VAL E 270 -28.73 70.67 -16.13
C VAL E 270 -29.24 72.10 -16.05
N ALA E 271 -29.05 72.82 -17.14
CA ALA E 271 -29.50 74.20 -17.23
C ALA E 271 -31.01 74.29 -17.36
N TYR E 272 -31.60 75.33 -16.80
CA TYR E 272 -33.03 75.54 -16.94
C TYR E 272 -33.34 77.02 -17.15
N PRO E 273 -33.21 77.47 -18.42
CA PRO E 273 -33.37 78.80 -18.96
C PRO E 273 -34.61 79.51 -18.50
N ASP E 274 -35.70 78.78 -18.41
CA ASP E 274 -36.99 79.36 -18.04
C ASP E 274 -36.96 80.16 -16.75
N THR E 275 -36.15 79.74 -15.78
CA THR E 275 -36.04 80.44 -14.51
C THR E 275 -34.63 80.94 -14.26
N ASN E 276 -33.83 80.98 -15.32
CA ASN E 276 -32.44 81.39 -15.29
C ASN E 276 -31.71 80.69 -14.17
N SER E 277 -31.81 79.37 -14.12
CA SER E 277 -31.23 78.65 -13.02
C SER E 277 -30.61 77.33 -13.39
N LEU E 278 -29.85 76.77 -12.46
CA LEU E 278 -29.21 75.48 -12.65
C LEU E 278 -29.81 74.42 -11.76
N LEU E 279 -29.86 73.20 -12.27
CA LEU E 279 -30.36 72.07 -11.53
C LEU E 279 -29.21 71.14 -11.19
N VAL E 280 -28.82 71.11 -9.92
CA VAL E 280 -27.67 70.30 -9.52
C VAL E 280 -28.07 69.07 -8.75
N LYS E 281 -27.78 67.89 -9.29
CA LYS E 281 -28.14 66.64 -8.63
C LYS E 281 -26.93 65.88 -8.12
N GLY E 282 -26.98 65.50 -6.85
CA GLY E 282 -25.88 64.77 -6.22
C GLY E 282 -26.11 64.62 -4.73
N THR E 283 -25.04 64.39 -3.97
CA THR E 283 -25.20 64.25 -2.53
C THR E 283 -25.29 65.63 -1.94
N ALA E 284 -25.71 65.70 -0.68
CA ALA E 284 -25.85 66.98 0.00
C ALA E 284 -24.57 67.78 -0.04
N GLU E 285 -23.45 67.10 0.19
CA GLU E 285 -22.16 67.77 0.17
C GLU E 285 -21.80 68.22 -1.22
N GLN E 286 -22.08 67.39 -2.23
CA GLN E 286 -21.78 67.76 -3.60
C GLN E 286 -22.58 68.96 -4.05
N VAL E 287 -23.85 69.02 -3.66
CA VAL E 287 -24.68 70.14 -4.03
C VAL E 287 -24.18 71.41 -3.37
N HIS E 288 -23.86 71.34 -2.09
CA HIS E 288 -23.32 72.48 -1.35
C HIS E 288 -22.05 73.01 -1.99
N PHE E 289 -21.17 72.10 -2.35
CA PHE E 289 -19.93 72.41 -3.02
C PHE E 289 -20.16 73.23 -4.28
N ILE E 290 -21.07 72.76 -5.14
CA ILE E 290 -21.37 73.48 -6.35
C ILE E 290 -22.03 74.81 -6.06
N GLU E 291 -22.91 74.83 -5.05
CA GLU E 291 -23.58 76.07 -4.66
C GLU E 291 -22.60 77.17 -4.41
N MET E 292 -21.57 76.88 -3.65
CA MET E 292 -20.57 77.88 -3.33
C MET E 292 -19.84 78.34 -4.58
N LEU E 293 -19.51 77.40 -5.47
CA LEU E 293 -18.84 77.74 -6.72
C LEU E 293 -19.63 78.76 -7.50
N VAL E 294 -20.92 78.49 -7.64
CA VAL E 294 -21.82 79.38 -8.34
C VAL E 294 -21.83 80.75 -7.73
N LYS E 295 -21.93 80.83 -6.41
CA LYS E 295 -21.94 82.11 -5.73
C LYS E 295 -20.68 82.90 -6.00
N ALA E 296 -19.54 82.22 -6.08
CA ALA E 296 -18.28 82.88 -6.38
C ALA E 296 -18.28 83.49 -7.78
N LEU E 297 -18.85 82.79 -8.74
CA LEU E 297 -18.86 83.26 -10.12
C LEU E 297 -19.94 84.30 -10.45
N ASP E 298 -21.11 84.16 -9.83
CA ASP E 298 -22.27 85.03 -10.09
C ASP E 298 -22.11 86.47 -9.58
N VAL E 299 -21.31 87.28 -10.27
CA VAL E 299 -21.08 88.67 -9.85
C VAL E 299 -21.49 89.69 -10.91
N ALA E 300 -21.78 90.90 -10.44
CA ALA E 300 -22.25 92.00 -11.28
C ALA E 300 -21.17 92.58 -12.18
N LYS E 301 -21.59 93.13 -13.32
CA LYS E 301 -20.67 93.72 -14.28
C LYS E 301 -20.91 95.21 -14.48
N ARG E 302 -19.82 95.95 -14.68
CA ARG E 302 -19.86 97.37 -14.98
C ARG E 302 -20.00 97.61 -16.47
N HIS E 303 -20.40 98.82 -16.84
CA HIS E 303 -20.57 99.13 -18.25
C HIS E 303 -19.44 99.97 -18.79
N VAL E 304 -19.11 99.72 -20.05
CA VAL E 304 -18.04 100.43 -20.73
C VAL E 304 -18.54 101.07 -22.02
N GLU E 305 -18.31 102.36 -22.15
CA GLU E 305 -18.69 103.07 -23.36
C GLU E 305 -17.47 103.32 -24.21
N LEU E 306 -17.55 102.93 -25.46
CA LEU E 306 -16.45 103.09 -26.39
C LEU E 306 -16.73 104.11 -27.46
N SER E 307 -15.81 105.08 -27.61
CA SER E 307 -15.94 106.04 -28.68
C SER E 307 -14.74 105.99 -29.61
N LEU E 308 -15.03 105.92 -30.90
CA LEU E 308 -14.00 105.89 -31.92
C LEU E 308 -14.00 107.17 -32.71
N TRP E 309 -12.86 107.82 -32.79
CA TRP E 309 -12.77 109.05 -33.54
C TRP E 309 -12.05 108.79 -34.83
N ILE E 310 -12.67 109.14 -35.95
CA ILE E 310 -12.01 108.98 -37.23
C ILE E 310 -11.90 110.33 -37.90
N VAL E 311 -10.67 110.79 -38.09
CA VAL E 311 -10.48 112.10 -38.69
C VAL E 311 -9.77 112.01 -40.02
N ASP E 312 -10.32 112.68 -41.01
CA ASP E 312 -9.77 112.66 -42.36
C ASP E 312 -9.67 114.06 -42.97
N LEU E 313 -8.44 114.56 -43.14
CA LEU E 313 -8.20 115.87 -43.70
C LEU E 313 -7.54 115.81 -45.07
N ASN E 314 -7.99 116.67 -45.99
CA ASN E 314 -7.42 116.71 -47.35
C ASN E 314 -7.17 118.12 -47.83
N LYS E 315 -6.02 118.30 -48.48
CA LYS E 315 -5.66 119.60 -49.03
C LYS E 315 -4.96 119.44 -50.37
N SER E 316 -5.33 120.23 -51.37
CA SER E 316 -4.61 120.14 -52.63
C SER E 316 -4.50 121.46 -53.37
N ASP E 317 -3.56 121.50 -54.31
CA ASP E 317 -3.27 122.69 -55.08
C ASP E 317 -2.76 122.36 -56.49
N LEU E 318 -3.62 122.57 -57.48
CA LEU E 318 -3.31 122.25 -58.87
C LEU E 318 -3.14 123.49 -59.74
N GLU E 319 -2.06 123.52 -60.51
CA GLU E 319 -1.86 124.63 -61.43
C GLU E 319 -1.47 124.12 -62.81
N ARG E 320 -2.22 124.54 -63.82
CA ARG E 320 -1.91 124.16 -65.19
C ARG E 320 -1.89 125.36 -66.10
N LEU E 321 -0.80 125.57 -66.80
CA LEU E 321 -0.76 126.72 -67.70
C LEU E 321 0.18 126.57 -68.87
N GLY E 322 -0.35 126.69 -70.07
CA GLY E 322 0.49 126.66 -71.26
C GLY E 322 -0.19 126.03 -72.45
N THR E 323 0.62 125.63 -73.42
CA THR E 323 0.07 125.03 -74.63
C THR E 323 0.76 123.74 -75.03
N SER E 324 0.15 123.04 -75.99
CA SER E 324 0.71 121.82 -76.53
C SER E 324 0.41 121.71 -78.01
N TRP E 325 1.47 121.55 -78.81
CA TRP E 325 1.30 121.53 -80.25
C TRP E 325 1.52 120.16 -80.88
N SER E 326 0.56 119.74 -81.69
CA SER E 326 0.72 118.49 -82.43
C SER E 326 -0.30 118.40 -83.56
N GLY E 327 -0.04 117.54 -84.53
CA GLY E 327 -1.02 117.38 -85.61
C GLY E 327 -0.35 117.21 -86.96
N SER E 328 -1.07 117.55 -88.03
CA SER E 328 -0.46 117.38 -89.36
C SER E 328 -1.01 118.23 -90.46
N ILE E 329 -0.43 118.04 -91.64
CA ILE E 329 -0.86 118.78 -92.83
C ILE E 329 -0.43 118.13 -94.14
N THR E 330 -1.33 118.17 -95.12
CA THR E 330 -1.00 117.71 -96.47
C THR E 330 -0.56 118.90 -97.30
N ILE E 331 0.61 118.78 -97.92
CA ILE E 331 1.15 119.87 -98.72
C ILE E 331 1.34 119.51 -100.20
N GLY E 332 0.54 120.17 -101.04
CA GLY E 332 0.66 120.06 -102.49
C GLY E 332 0.37 118.66 -103.03
N ASP E 333 -0.28 117.83 -102.23
CA ASP E 333 -0.53 116.43 -102.60
C ASP E 333 0.74 115.69 -103.00
N LYS E 334 1.87 116.07 -102.44
CA LYS E 334 3.13 115.42 -102.77
C LYS E 334 3.91 115.05 -101.52
N LEU E 335 3.65 115.77 -100.44
CA LEU E 335 4.28 115.44 -99.18
C LEU E 335 3.43 115.95 -98.04
N GLY E 336 3.69 115.48 -96.84
CA GLY E 336 2.95 115.95 -95.69
C GLY E 336 3.88 116.06 -94.50
N VAL E 337 3.41 116.73 -93.45
CA VAL E 337 4.21 116.94 -92.26
C VAL E 337 3.48 116.53 -91.00
N SER E 338 4.20 115.82 -90.12
CA SER E 338 3.63 115.41 -88.85
C SER E 338 4.33 116.10 -87.71
N LEU E 339 3.59 116.63 -86.76
CA LEU E 339 4.21 117.33 -85.66
C LEU E 339 4.07 116.57 -84.36
N ASN E 340 5.22 116.27 -83.77
CA ASN E 340 5.33 115.58 -82.49
C ASN E 340 4.57 114.26 -82.48
N GLN E 341 4.94 113.38 -83.42
CA GLN E 341 4.39 112.04 -83.55
C GLN E 341 2.89 111.99 -83.60
N SER E 342 2.30 112.78 -84.49
CA SER E 342 0.85 112.77 -84.63
C SER E 342 0.45 111.47 -85.35
N SER E 343 -0.82 111.10 -85.25
CA SER E 343 -1.30 109.85 -85.86
C SER E 343 -1.66 110.03 -87.32
N ILE E 344 -0.63 110.27 -88.13
CA ILE E 344 -0.70 110.53 -89.58
C ILE E 344 -1.71 109.70 -90.37
N SER E 345 -1.99 108.47 -89.93
CA SER E 345 -2.95 107.62 -90.63
C SER E 345 -4.31 108.30 -90.81
N THR E 346 -4.66 109.21 -89.89
CA THR E 346 -5.88 109.99 -90.00
C THR E 346 -5.54 111.47 -90.07
N LEU E 347 -4.46 111.87 -89.39
CA LEU E 347 -4.02 113.26 -89.34
C LEU E 347 -3.63 113.83 -90.69
N ASP E 348 -3.25 112.96 -91.64
CA ASP E 348 -2.96 113.35 -93.01
C ASP E 348 -4.06 114.25 -93.61
N GLY E 349 -5.32 113.95 -93.27
CA GLY E 349 -6.45 114.73 -93.78
C GLY E 349 -7.03 115.69 -92.73
N SER E 350 -6.20 116.10 -91.76
CA SER E 350 -6.65 116.99 -90.70
C SER E 350 -5.88 118.31 -90.63
N ARG E 351 -5.50 118.71 -89.42
CA ARG E 351 -4.83 119.98 -89.20
C ARG E 351 -3.99 119.98 -87.94
N PHE E 352 -3.39 121.12 -87.60
CA PHE E 352 -2.58 121.17 -86.38
C PHE E 352 -3.41 121.66 -85.21
N ILE E 353 -3.26 121.03 -84.07
CA ILE E 353 -4.01 121.43 -82.89
C ILE E 353 -3.14 122.08 -81.84
N ALA E 354 -3.62 123.20 -81.34
CA ALA E 354 -2.98 123.94 -80.28
C ALA E 354 -3.80 123.80 -79.02
N ALA E 355 -3.45 122.84 -78.18
CA ALA E 355 -4.17 122.69 -76.94
C ALA E 355 -3.72 123.77 -76.00
N VAL E 356 -4.65 124.36 -75.27
CA VAL E 356 -4.33 125.41 -74.33
C VAL E 356 -4.94 125.14 -72.98
N ASN E 357 -4.11 125.06 -71.96
CA ASN E 357 -4.60 124.85 -70.61
C ASN E 357 -4.40 126.10 -69.77
N ALA E 358 -5.34 126.37 -68.88
CA ALA E 358 -5.25 127.52 -68.00
C ALA E 358 -6.20 127.34 -66.85
N LEU E 359 -5.69 126.73 -65.78
CA LEU E 359 -6.52 126.46 -64.64
C LEU E 359 -5.79 126.44 -63.31
N GLU E 360 -6.33 127.17 -62.36
CA GLU E 360 -5.83 127.12 -61.00
C GLU E 360 -6.90 126.49 -60.13
N GLU E 361 -6.52 125.54 -59.29
CA GLU E 361 -7.50 124.89 -58.44
C GLU E 361 -7.05 124.66 -57.01
N LYS E 362 -7.85 125.16 -56.08
CA LYS E 362 -7.60 124.94 -54.66
C LYS E 362 -8.68 124.04 -54.09
N LYS E 363 -8.31 123.14 -53.19
CA LYS E 363 -9.33 122.29 -52.59
C LYS E 363 -9.05 121.92 -51.16
N GLN E 364 -10.09 121.93 -50.35
CA GLN E 364 -10.00 121.61 -48.94
C GLN E 364 -11.15 120.75 -48.46
N ALA E 365 -10.87 119.74 -47.65
CA ALA E 365 -11.95 118.93 -47.14
C ALA E 365 -11.66 118.34 -45.76
N THR E 366 -12.72 118.20 -44.97
CA THR E 366 -12.58 117.57 -43.66
C THR E 366 -13.77 116.71 -43.31
N VAL E 367 -13.48 115.55 -42.74
CA VAL E 367 -14.51 114.63 -42.28
C VAL E 367 -14.22 114.07 -40.90
N VAL E 368 -15.20 114.15 -40.02
CA VAL E 368 -15.06 113.55 -38.70
C VAL E 368 -16.19 112.59 -38.43
N SER E 369 -15.84 111.34 -38.16
CA SER E 369 -16.84 110.32 -37.89
C SER E 369 -16.68 109.73 -36.51
N ARG E 370 -17.79 109.54 -35.82
CA ARG E 370 -17.70 109.02 -34.47
C ARG E 370 -18.72 107.95 -34.11
N PRO E 371 -18.34 106.68 -34.20
CA PRO E 371 -19.09 105.53 -33.75
C PRO E 371 -19.09 105.45 -32.22
N VAL E 372 -20.24 105.12 -31.65
CA VAL E 372 -20.37 104.97 -30.20
C VAL E 372 -21.03 103.65 -29.83
N LEU E 373 -20.39 102.90 -28.93
CA LEU E 373 -20.93 101.58 -28.56
C LEU E 373 -20.85 101.27 -27.06
N LEU E 374 -21.99 100.88 -26.47
CA LEU E 374 -22.05 100.54 -25.05
C LEU E 374 -22.11 99.03 -24.80
N THR E 375 -21.26 98.54 -23.91
CA THR E 375 -21.24 97.12 -23.52
C THR E 375 -20.90 96.95 -22.05
N GLN E 376 -20.55 95.73 -21.67
CA GLN E 376 -20.20 95.40 -20.31
C GLN E 376 -18.87 94.68 -20.24
N GLU E 377 -18.33 94.61 -19.03
CA GLU E 377 -17.06 93.94 -18.80
C GLU E 377 -17.05 92.55 -19.38
N ASN E 378 -16.04 92.26 -20.19
CA ASN E 378 -15.87 90.93 -20.78
C ASN E 378 -16.96 90.54 -21.76
N VAL E 379 -17.73 91.50 -22.28
CA VAL E 379 -18.78 91.18 -23.24
C VAL E 379 -18.52 91.77 -24.63
N PRO E 380 -18.15 90.94 -25.61
CA PRO E 380 -17.89 91.25 -27.00
C PRO E 380 -19.05 91.99 -27.61
N ALA E 381 -18.80 93.21 -28.06
CA ALA E 381 -19.85 94.02 -28.63
C ALA E 381 -19.57 94.33 -30.07
N ILE E 382 -20.65 94.38 -30.85
CA ILE E 382 -20.51 94.61 -32.27
C ILE E 382 -21.31 95.79 -32.78
N PHE E 383 -20.64 96.65 -33.54
CA PHE E 383 -21.27 97.77 -34.19
C PHE E 383 -20.95 97.74 -35.66
N ASP E 384 -21.96 97.66 -36.52
CA ASP E 384 -21.67 97.59 -37.93
C ASP E 384 -22.62 98.42 -38.78
N ASN E 385 -22.12 99.52 -39.31
CA ASN E 385 -22.88 100.38 -40.19
C ASN E 385 -22.41 100.13 -41.61
N ASN E 386 -23.20 99.42 -42.43
CA ASN E 386 -22.68 99.06 -43.72
C ASN E 386 -23.66 99.14 -44.86
N ARG E 387 -23.15 98.89 -46.05
CA ARG E 387 -23.98 98.80 -47.24
C ARG E 387 -23.65 97.55 -48.00
N THR E 388 -24.65 96.98 -48.64
CA THR E 388 -24.44 95.77 -49.39
C THR E 388 -24.91 95.86 -50.83
N PHE E 389 -24.00 95.51 -51.72
CA PHE E 389 -24.22 95.50 -53.15
C PHE E 389 -24.52 94.10 -53.62
N TYR E 390 -25.66 93.90 -54.26
CA TYR E 390 -26.03 92.58 -54.74
C TYR E 390 -25.86 92.42 -56.23
N THR E 391 -25.54 91.20 -56.66
CA THR E 391 -25.39 90.91 -58.08
C THR E 391 -25.79 89.47 -58.41
N LYS E 392 -26.25 89.26 -59.64
CA LYS E 392 -26.66 87.94 -60.09
C LYS E 392 -25.54 87.14 -60.70
N LEU E 393 -25.54 85.85 -60.40
CA LEU E 393 -24.63 84.90 -61.00
C LEU E 393 -25.41 83.79 -61.67
N ILE E 394 -26.49 84.14 -62.35
CA ILE E 394 -27.29 83.13 -63.00
C ILE E 394 -26.55 82.49 -64.13
N GLY E 395 -25.92 81.36 -63.87
CA GLY E 395 -25.25 80.64 -64.92
C GLY E 395 -26.23 79.68 -65.51
N GLU E 396 -25.73 78.75 -66.28
CA GLU E 396 -26.60 77.76 -66.87
C GLU E 396 -26.82 76.61 -65.90
N ARG E 397 -25.78 76.09 -65.27
CA ARG E 397 -26.03 75.05 -64.29
C ARG E 397 -26.27 75.66 -62.96
N ASN E 398 -25.23 76.29 -62.41
CA ASN E 398 -25.32 76.87 -61.11
C ASN E 398 -25.75 78.31 -61.19
N VAL E 399 -26.64 78.68 -60.30
CA VAL E 399 -27.15 80.03 -60.23
C VAL E 399 -27.02 80.51 -58.81
N ALA E 400 -26.87 81.82 -58.63
CA ALA E 400 -26.73 82.34 -57.28
C ALA E 400 -26.74 83.85 -57.23
N LEU E 401 -26.82 84.37 -56.02
CA LEU E 401 -26.66 85.78 -55.80
C LEU E 401 -25.44 85.96 -54.96
N GLU E 402 -24.72 87.03 -55.21
CA GLU E 402 -23.56 87.34 -54.40
C GLU E 402 -23.55 88.78 -54.05
N HIS E 403 -22.73 89.11 -53.09
CA HIS E 403 -22.72 90.48 -52.67
C HIS E 403 -21.43 90.98 -52.10
N VAL E 404 -21.33 92.30 -52.05
CA VAL E 404 -20.18 92.98 -51.50
C VAL E 404 -20.60 93.87 -50.36
N THR E 405 -20.09 93.59 -49.18
CA THR E 405 -20.46 94.38 -48.01
C THR E 405 -19.29 95.19 -47.50
N TYR E 406 -19.53 96.46 -47.22
CA TYR E 406 -18.48 97.33 -46.70
C TYR E 406 -19.06 98.45 -45.86
N GLY E 407 -18.26 99.00 -44.98
CA GLY E 407 -18.74 100.09 -44.13
C GLY E 407 -17.90 100.25 -42.87
N THR E 408 -18.51 100.79 -41.83
CA THR E 408 -17.84 101.02 -40.57
C THR E 408 -18.11 99.91 -39.59
N MET E 409 -17.08 99.20 -39.16
CA MET E 409 -17.31 98.09 -38.25
C MET E 409 -16.36 98.06 -37.07
N ILE E 410 -16.95 97.83 -35.90
CA ILE E 410 -16.18 97.72 -34.67
C ILE E 410 -16.50 96.46 -33.90
N ARG E 411 -15.46 95.69 -33.60
CA ARG E 411 -15.63 94.55 -32.73
C ARG E 411 -14.75 94.80 -31.52
N VAL E 412 -15.32 94.74 -30.33
CA VAL E 412 -14.50 95.06 -29.17
C VAL E 412 -14.76 94.23 -27.93
N LEU E 413 -13.67 93.89 -27.26
CA LEU E 413 -13.73 93.19 -25.99
C LEU E 413 -12.99 93.98 -24.91
N PRO E 414 -13.70 94.70 -24.05
CA PRO E 414 -13.21 95.53 -22.96
C PRO E 414 -12.92 94.74 -21.71
N ARG E 415 -11.95 95.21 -20.94
CA ARG E 415 -11.61 94.53 -19.71
C ARG E 415 -10.88 95.42 -18.73
N PHE E 416 -11.37 95.49 -17.50
CA PHE E 416 -10.71 96.30 -16.49
C PHE E 416 -9.53 95.61 -15.86
N SER E 417 -8.47 96.38 -15.62
CA SER E 417 -7.28 95.86 -14.99
C SER E 417 -7.20 96.26 -13.53
N ALA E 418 -6.10 95.91 -12.89
CA ALA E 418 -5.89 96.16 -11.47
C ALA E 418 -5.89 97.64 -11.13
N ASP E 419 -5.39 98.46 -12.04
CA ASP E 419 -5.33 99.89 -11.81
C ASP E 419 -6.53 100.65 -12.35
N GLY E 420 -7.59 99.95 -12.74
CA GLY E 420 -8.75 100.62 -13.29
C GLY E 420 -8.56 100.98 -14.76
N GLN E 421 -7.54 100.40 -15.36
CA GLN E 421 -7.24 100.65 -16.76
C GLN E 421 -8.15 99.82 -17.61
N ILE E 422 -8.42 100.25 -18.82
CA ILE E 422 -9.29 99.46 -19.68
C ILE E 422 -8.55 98.93 -20.88
N GLU E 423 -8.45 97.62 -20.98
CA GLU E 423 -7.81 97.03 -22.14
C GLU E 423 -8.86 96.61 -23.11
N MET E 424 -8.58 96.80 -24.39
CA MET E 424 -9.53 96.44 -25.39
C MET E 424 -8.93 95.69 -26.55
N SER E 425 -9.60 94.63 -26.95
CA SER E 425 -9.23 93.96 -28.17
C SER E 425 -9.98 94.72 -29.25
N LEU E 426 -9.28 95.22 -30.25
CA LEU E 426 -9.93 96.05 -31.24
C LEU E 426 -9.81 95.60 -32.68
N ASP E 427 -10.95 95.46 -33.34
CA ASP E 427 -10.96 95.22 -34.76
C ASP E 427 -11.75 96.33 -35.43
N ILE E 428 -11.10 97.08 -36.32
CA ILE E 428 -11.72 98.22 -36.94
C ILE E 428 -11.70 98.19 -38.46
N GLU E 429 -12.87 98.40 -39.06
CA GLU E 429 -12.95 98.52 -40.50
C GLU E 429 -13.54 99.85 -40.93
N ASP E 430 -12.88 100.50 -41.87
CA ASP E 430 -13.41 101.72 -42.46
C ASP E 430 -13.46 101.53 -43.96
N GLY E 431 -14.60 101.09 -44.48
CA GLY E 431 -14.72 100.86 -45.90
C GLY E 431 -15.58 101.91 -46.60
N ASN E 432 -15.34 102.08 -47.90
CA ASN E 432 -16.09 103.02 -48.70
C ASN E 432 -16.14 102.63 -50.18
N ASP E 433 -16.88 103.40 -50.95
CA ASP E 433 -17.06 103.14 -52.37
C ASP E 433 -16.21 104.04 -53.25
N LYS E 434 -15.14 103.48 -53.83
CA LYS E 434 -14.31 104.25 -54.75
C LYS E 434 -14.90 104.12 -56.15
N THR E 435 -14.90 105.19 -56.92
CA THR E 435 -15.48 105.08 -58.24
C THR E 435 -14.53 105.57 -59.33
N PRO E 436 -14.71 105.07 -60.55
CA PRO E 436 -14.06 105.42 -61.79
C PRO E 436 -14.76 106.62 -62.40
N GLN E 437 -14.29 107.06 -63.56
CA GLN E 437 -14.95 108.17 -64.23
C GLN E 437 -16.39 107.77 -64.57
N SER E 438 -17.34 108.54 -64.04
CA SER E 438 -18.78 108.30 -64.19
C SER E 438 -19.28 108.39 -65.63
N ASP E 439 -18.47 108.96 -66.51
CA ASP E 439 -18.80 109.08 -67.92
C ASP E 439 -18.58 107.77 -68.69
N THR E 440 -18.00 106.76 -68.03
CA THR E 440 -17.72 105.50 -68.70
C THR E 440 -18.70 104.40 -68.34
N THR E 441 -18.65 103.31 -69.10
CA THR E 441 -19.52 102.15 -68.93
C THR E 441 -19.18 101.36 -67.68
N THR E 442 -18.02 101.62 -67.10
CA THR E 442 -17.57 100.96 -65.89
C THR E 442 -18.37 101.45 -64.68
N SER E 443 -19.13 102.55 -64.86
CA SER E 443 -20.02 103.06 -63.81
C SER E 443 -21.33 102.28 -63.77
N VAL E 444 -21.56 101.42 -64.78
CA VAL E 444 -22.76 100.61 -64.87
C VAL E 444 -22.46 99.16 -64.53
N ASP E 445 -21.41 98.61 -65.14
CA ASP E 445 -21.02 97.24 -64.87
C ASP E 445 -20.60 97.09 -63.42
N ALA E 446 -20.98 95.96 -62.81
CA ALA E 446 -20.68 95.63 -61.40
C ALA E 446 -19.20 95.72 -61.05
N LEU E 447 -18.68 96.94 -60.97
CA LEU E 447 -17.29 97.17 -60.65
C LEU E 447 -17.05 98.11 -59.46
N PRO E 448 -18.01 98.29 -58.54
CA PRO E 448 -17.88 99.16 -57.38
C PRO E 448 -16.58 98.93 -56.59
N GLU E 449 -15.49 99.52 -57.06
CA GLU E 449 -14.19 99.41 -56.39
C GLU E 449 -14.34 99.76 -54.92
N VAL E 450 -13.87 98.90 -54.04
CA VAL E 450 -14.04 99.17 -52.63
C VAL E 450 -12.74 99.54 -51.97
N GLY E 451 -12.77 100.58 -51.14
CA GLY E 451 -11.58 100.96 -50.40
C GLY E 451 -11.79 100.53 -48.97
N ARG E 452 -10.77 99.95 -48.34
CA ARG E 452 -10.94 99.51 -46.96
C ARG E 452 -9.72 99.79 -46.12
N THR E 453 -9.93 100.25 -44.90
CA THR E 453 -8.85 100.40 -43.96
C THR E 453 -9.07 99.45 -42.81
N LEU E 454 -8.11 98.57 -42.56
CA LEU E 454 -8.26 97.59 -41.51
C LEU E 454 -7.23 97.73 -40.42
N ILE E 455 -7.68 97.68 -39.17
CA ILE E 455 -6.79 97.72 -38.03
C ILE E 455 -7.10 96.63 -37.03
N SER E 456 -6.08 95.88 -36.62
CA SER E 456 -6.33 94.85 -35.61
C SER E 456 -5.23 94.88 -34.56
N THR E 457 -5.58 95.30 -33.35
CA THR E 457 -4.61 95.42 -32.27
C THR E 457 -5.22 95.33 -30.87
N ILE E 458 -4.41 95.60 -29.85
CA ILE E 458 -4.81 95.62 -28.44
C ILE E 458 -4.24 96.83 -27.73
N ALA E 459 -5.04 97.52 -26.94
CA ALA E 459 -4.48 98.68 -26.25
C ALA E 459 -5.08 98.92 -24.87
N ARG E 460 -4.26 99.44 -23.96
CA ARG E 460 -4.69 99.77 -22.61
C ARG E 460 -4.86 101.28 -22.47
N VAL E 461 -6.04 101.72 -22.07
CA VAL E 461 -6.27 103.15 -21.95
C VAL E 461 -6.77 103.51 -20.54
N PRO E 462 -6.21 104.54 -19.91
CA PRO E 462 -6.62 105.10 -18.63
C PRO E 462 -8.05 105.61 -18.74
N HIS E 463 -8.81 105.47 -17.67
CA HIS E 463 -10.20 105.90 -17.67
C HIS E 463 -10.38 107.37 -18.01
N GLY E 464 -11.16 107.64 -19.06
CA GLY E 464 -11.42 109.02 -19.45
C GLY E 464 -10.34 109.62 -20.34
N LYS E 465 -9.36 108.83 -20.72
CA LYS E 465 -8.29 109.30 -21.59
C LYS E 465 -8.39 108.69 -22.95
N SER E 466 -7.44 108.99 -23.81
CA SER E 466 -7.49 108.47 -25.16
C SER E 466 -6.13 108.11 -25.70
N LEU E 467 -6.12 107.25 -26.71
CA LEU E 467 -4.89 106.88 -27.41
C LEU E 467 -5.04 106.86 -28.91
N LEU E 468 -3.96 107.16 -29.58
CA LEU E 468 -3.93 107.06 -31.02
C LEU E 468 -3.63 105.63 -31.40
N VAL E 469 -4.61 104.96 -32.00
CA VAL E 469 -4.42 103.58 -32.40
C VAL E 469 -3.60 103.47 -33.64
N GLY E 470 -3.90 104.30 -34.62
CA GLY E 470 -3.12 104.26 -35.82
C GLY E 470 -3.54 105.30 -36.80
N GLY E 471 -2.87 105.31 -37.94
CA GLY E 471 -3.19 106.30 -38.94
C GLY E 471 -2.34 106.18 -40.17
N TYR E 472 -2.55 107.12 -41.07
CA TYR E 472 -1.85 107.15 -42.32
C TYR E 472 -1.76 108.55 -42.85
N THR E 473 -0.56 108.98 -43.19
CA THR E 473 -0.43 110.30 -43.77
C THR E 473 0.30 110.23 -45.09
N ARG E 474 0.05 111.23 -45.92
CA ARG E 474 0.71 111.30 -47.21
C ARG E 474 0.95 112.70 -47.67
N ASP E 475 2.17 112.98 -48.07
CA ASP E 475 2.51 114.29 -48.59
C ASP E 475 3.12 114.11 -49.97
N ALA E 476 2.71 114.92 -50.94
CA ALA E 476 3.27 114.74 -52.26
C ALA E 476 3.30 116.02 -53.07
N ASN E 477 4.24 116.10 -53.99
CA ASN E 477 4.36 117.26 -54.85
C ASN E 477 5.06 116.92 -56.15
N THR E 478 4.49 117.38 -57.26
CA THR E 478 5.12 117.13 -58.54
C THR E 478 4.96 118.28 -59.51
N ASP E 479 5.88 118.35 -60.47
CA ASP E 479 5.82 119.43 -61.44
C ASP E 479 6.42 119.04 -62.78
N THR E 480 5.95 119.70 -63.84
CA THR E 480 6.49 119.43 -65.17
C THR E 480 6.73 120.70 -65.95
N VAL E 481 7.68 120.61 -66.88
CA VAL E 481 7.96 121.70 -67.80
C VAL E 481 8.14 121.18 -69.22
N GLN E 482 7.38 121.70 -70.16
CA GLN E 482 7.54 121.30 -71.54
C GLN E 482 7.72 122.51 -72.41
N SER E 483 8.52 122.37 -73.46
CA SER E 483 8.68 123.52 -74.34
C SER E 483 9.22 123.16 -75.70
N ILE E 484 9.14 124.13 -76.60
CA ILE E 484 9.68 123.98 -77.92
C ILE E 484 11.10 124.51 -77.90
N PRO E 485 12.10 123.65 -78.12
CA PRO E 485 13.55 123.92 -78.05
C PRO E 485 14.01 125.34 -78.32
N PHE E 486 13.43 126.03 -79.30
CA PHE E 486 13.90 127.39 -79.54
C PHE E 486 12.81 128.43 -79.37
N LEU E 487 11.57 128.08 -79.71
CA LEU E 487 10.49 129.05 -79.65
C LEU E 487 10.14 129.42 -78.23
N GLY E 488 10.31 128.49 -77.30
CA GLY E 488 10.02 128.74 -75.90
C GLY E 488 10.89 129.83 -75.26
N LYS E 489 11.97 130.22 -75.92
CA LYS E 489 12.85 131.23 -75.37
C LYS E 489 12.55 132.63 -75.89
N LEU E 490 11.53 132.78 -76.73
CA LEU E 490 11.27 134.09 -77.29
C LEU E 490 10.56 135.03 -76.31
N PRO E 491 11.09 136.26 -76.15
CA PRO E 491 10.68 137.32 -75.19
C PRO E 491 9.22 137.29 -74.74
N LEU E 492 8.31 137.60 -75.67
CA LEU E 492 6.89 137.63 -75.36
C LEU E 492 6.13 136.73 -76.30
N ILE E 493 6.76 135.63 -76.67
CA ILE E 493 6.21 134.71 -77.63
C ILE E 493 6.23 133.30 -77.09
N GLY E 494 7.37 132.92 -76.50
CA GLY E 494 7.60 131.58 -75.96
C GLY E 494 6.50 131.07 -75.05
N SER E 495 5.77 131.97 -74.39
CA SER E 495 4.63 131.60 -73.55
C SER E 495 3.58 130.79 -74.30
N LEU E 496 3.53 130.95 -75.61
CA LEU E 496 2.59 130.26 -76.48
C LEU E 496 3.05 128.86 -76.84
N PHE E 497 4.25 128.50 -76.42
CA PHE E 497 4.85 127.21 -76.71
C PHE E 497 5.20 126.44 -75.44
N ARG E 498 5.53 127.17 -74.38
CA ARG E 498 5.86 126.58 -73.09
C ARG E 498 4.63 126.01 -72.40
N TYR E 499 4.87 125.06 -71.51
CA TYR E 499 3.82 124.43 -70.73
C TYR E 499 4.32 124.02 -69.37
N SER E 500 3.56 124.32 -68.33
CA SER E 500 3.99 123.86 -67.03
C SER E 500 2.85 123.43 -66.15
N SER E 501 3.16 122.59 -65.18
CA SER E 501 2.14 122.17 -64.26
C SER E 501 2.68 121.92 -62.86
N LYS E 502 1.81 122.07 -61.88
CA LYS E 502 2.16 121.82 -60.49
C LYS E 502 1.04 121.07 -59.80
N ASN E 503 1.38 120.12 -58.96
CA ASN E 503 0.35 119.39 -58.24
C ASN E 503 0.79 118.97 -56.86
N LYS E 504 0.27 119.66 -55.85
CA LYS E 504 0.59 119.39 -54.46
C LYS E 504 -0.59 118.85 -53.68
N SER E 505 -0.33 117.88 -52.80
CA SER E 505 -1.41 117.35 -51.97
C SER E 505 -0.96 116.91 -50.59
N ASN E 506 -1.88 116.97 -49.64
CA ASN E 506 -1.60 116.57 -48.27
C ASN E 506 -2.79 115.80 -47.68
N VAL E 507 -2.53 114.62 -47.12
CA VAL E 507 -3.59 113.79 -46.56
C VAL E 507 -3.30 113.31 -45.15
N VAL E 508 -4.27 113.46 -44.24
CA VAL E 508 -4.10 112.97 -42.88
C VAL E 508 -5.28 112.14 -42.39
N ARG E 509 -5.02 110.89 -42.02
CA ARG E 509 -6.07 110.03 -41.47
C ARG E 509 -5.68 109.36 -40.16
N VAL E 510 -6.49 109.56 -39.13
CA VAL E 510 -6.20 108.92 -37.84
C VAL E 510 -7.40 108.28 -37.16
N PHE E 511 -7.09 107.29 -36.33
CA PHE E 511 -8.06 106.55 -35.53
C PHE E 511 -7.71 106.64 -34.05
N MET E 512 -8.60 107.25 -33.27
CA MET E 512 -8.35 107.42 -31.84
C MET E 512 -9.42 106.79 -30.99
N ILE E 513 -9.01 106.23 -29.85
CA ILE E 513 -9.92 105.56 -28.94
C ILE E 513 -10.08 106.25 -27.61
N GLU E 514 -11.33 106.39 -27.17
CA GLU E 514 -11.65 106.97 -25.89
C GLU E 514 -12.68 106.10 -25.16
N PRO E 515 -12.37 105.66 -23.95
CA PRO E 515 -13.34 104.80 -23.24
C PRO E 515 -13.61 105.31 -21.83
N LYS E 516 -14.84 105.05 -21.37
CA LYS E 516 -15.20 105.44 -20.01
C LYS E 516 -16.22 104.51 -19.38
N GLU E 517 -16.29 104.54 -18.06
CA GLU E 517 -17.19 103.70 -17.30
C GLU E 517 -18.53 104.36 -17.10
N ILE E 518 -19.58 103.63 -17.40
CA ILE E 518 -20.94 104.14 -17.26
C ILE E 518 -21.60 103.59 -16.03
N VAL E 519 -22.10 104.48 -15.17
CA VAL E 519 -22.75 104.06 -13.94
C VAL E 519 -24.14 104.66 -13.75
N ASP E 520 -24.37 105.83 -14.32
CA ASP E 520 -25.66 106.48 -14.19
C ASP E 520 -26.53 106.25 -15.41
N PRO E 521 -27.85 106.31 -15.25
CA PRO E 521 -28.87 106.22 -16.27
C PRO E 521 -28.84 107.50 -17.09
N LEU E 522 -29.30 107.41 -18.32
CA LEU E 522 -29.28 108.54 -19.22
C LEU E 522 -30.10 109.68 -18.64
N THR E 523 -29.49 110.86 -18.49
CA THR E 523 -30.19 112.00 -17.91
C THR E 523 -30.11 113.24 -18.79
N PRO E 524 -31.25 113.81 -19.16
CA PRO E 524 -32.64 113.45 -18.88
C PRO E 524 -33.05 112.21 -19.64
N ASP E 525 -34.15 111.62 -19.23
CA ASP E 525 -34.65 110.39 -19.84
C ASP E 525 -34.91 110.59 -21.32
N ALA E 526 -34.61 109.55 -22.11
CA ALA E 526 -34.72 109.58 -23.56
C ALA E 526 -36.04 110.16 -24.05
N SER E 527 -37.15 109.72 -23.49
CA SER E 527 -38.46 110.18 -23.93
C SER E 527 -38.68 111.68 -23.78
N GLU E 528 -37.99 112.29 -22.81
CA GLU E 528 -38.13 113.72 -22.60
C GLU E 528 -37.46 114.47 -23.71
N SER E 529 -36.24 114.05 -24.02
CA SER E 529 -35.47 114.69 -25.07
C SER E 529 -36.12 114.52 -26.41
N VAL E 530 -36.67 113.33 -26.68
CA VAL E 530 -37.35 113.09 -27.93
C VAL E 530 -38.52 114.01 -28.12
N ASN E 531 -39.32 114.21 -27.08
CA ASN E 531 -40.44 115.11 -27.19
C ASN E 531 -40.00 116.52 -27.53
N ASN E 532 -38.91 116.97 -26.93
CA ASN E 532 -38.40 118.30 -27.24
C ASN E 532 -38.02 118.42 -28.71
N ILE E 533 -37.38 117.37 -29.23
CA ILE E 533 -36.99 117.33 -30.63
C ILE E 533 -38.16 117.37 -31.57
N LEU E 534 -39.16 116.54 -31.31
CA LEU E 534 -40.32 116.47 -32.18
C LEU E 534 -41.09 117.77 -32.21
N LYS E 535 -41.21 118.42 -31.07
CA LYS E 535 -41.94 119.66 -31.03
C LYS E 535 -41.22 120.77 -31.77
N GLN E 536 -39.93 120.93 -31.49
CA GLN E 536 -39.18 121.98 -32.15
C GLN E 536 -39.03 121.75 -33.64
N SER E 537 -38.90 120.50 -34.04
CA SER E 537 -38.79 120.16 -35.45
C SER E 537 -40.13 120.15 -36.19
N GLY E 538 -41.24 120.32 -35.47
CA GLY E 538 -42.56 120.36 -36.09
C GLY E 538 -43.15 119.00 -36.47
N ALA E 539 -42.55 117.90 -36.03
CA ALA E 539 -43.04 116.57 -36.38
C ALA E 539 -44.06 116.06 -35.38
N TRP E 540 -43.97 116.55 -34.15
CA TRP E 540 -44.85 116.16 -33.06
C TRP E 540 -46.31 116.26 -33.43
N SER E 541 -47.06 115.21 -33.10
CA SER E 541 -48.48 115.17 -33.36
C SER E 541 -49.22 114.48 -32.22
N GLY E 542 -48.69 114.61 -31.02
CA GLY E 542 -49.29 113.99 -29.85
C GLY E 542 -50.67 114.55 -29.53
N ASP E 543 -50.97 115.74 -30.02
CA ASP E 543 -52.28 116.33 -29.80
C ASP E 543 -53.30 115.98 -30.88
N ASP E 544 -52.97 115.05 -31.78
CA ASP E 544 -53.93 114.68 -32.81
C ASP E 544 -55.13 114.04 -32.17
N LYS E 545 -56.30 114.61 -32.43
CA LYS E 545 -57.57 114.16 -31.87
C LYS E 545 -57.94 112.71 -32.18
N LEU E 546 -57.29 112.10 -33.16
CA LEU E 546 -57.58 110.74 -33.51
C LEU E 546 -56.49 109.84 -32.98
N GLN E 547 -55.26 110.08 -33.41
CA GLN E 547 -54.16 109.21 -33.04
C GLN E 547 -53.93 109.09 -31.54
N LYS E 548 -54.26 110.12 -30.77
CA LYS E 548 -54.08 110.08 -29.32
C LYS E 548 -54.80 108.91 -28.64
N TRP E 549 -55.83 108.36 -29.27
CA TRP E 549 -56.55 107.23 -28.68
C TRP E 549 -55.67 106.00 -28.57
N VAL E 550 -54.62 105.95 -29.35
CA VAL E 550 -53.68 104.86 -29.31
C VAL E 550 -52.39 105.30 -28.67
N ARG E 551 -51.89 106.46 -29.10
CA ARG E 551 -50.61 106.97 -28.61
C ARG E 551 -50.55 107.06 -27.09
N VAL E 552 -51.67 107.39 -26.43
CA VAL E 552 -51.73 107.41 -24.97
C VAL E 552 -51.23 106.14 -24.29
N TYR E 553 -51.37 105.00 -24.96
CA TYR E 553 -50.97 103.72 -24.40
C TYR E 553 -49.46 103.55 -24.41
N LEU E 554 -48.79 104.34 -25.22
CA LEU E 554 -47.37 104.24 -25.36
C LEU E 554 -46.69 105.33 -24.59
N ASP E 555 -47.28 106.51 -24.62
CA ASP E 555 -46.69 107.65 -23.97
C ASP E 555 -46.90 107.66 -22.46
N ARG E 556 -48.05 107.19 -21.99
CA ARG E 556 -48.30 107.15 -20.56
C ARG E 556 -48.61 105.74 -20.05
N GLY E 557 -48.72 104.78 -20.96
CA GLY E 557 -49.03 103.41 -20.56
C GLY E 557 -50.52 103.15 -20.60
N GLY F 34 -11.74 41.47 62.79
CA GLY F 34 -11.31 41.65 61.37
C GLY F 34 -10.90 40.29 60.89
N PHE F 35 -9.72 40.21 60.28
CA PHE F 35 -9.23 38.92 59.79
C PHE F 35 -7.71 38.79 59.81
N VAL F 36 -7.25 37.65 60.35
CA VAL F 36 -5.82 37.33 60.37
C VAL F 36 -5.59 35.98 59.70
N ALA F 37 -4.75 35.99 58.68
CA ALA F 37 -4.39 34.79 57.96
C ALA F 37 -3.26 34.11 58.73
N LYS F 38 -3.21 32.78 58.78
CA LYS F 38 -2.16 32.08 59.51
C LYS F 38 -1.81 30.91 58.67
N ASP F 39 -0.82 31.14 57.81
CA ASP F 39 -0.39 30.14 56.87
C ASP F 39 -1.52 29.55 56.02
N ASP F 40 -2.41 30.38 55.49
CA ASP F 40 -3.55 29.90 54.79
C ASP F 40 -3.28 29.95 53.32
N SER F 41 -3.94 29.10 52.56
CA SER F 41 -3.73 29.17 51.09
C SER F 41 -4.45 30.42 50.60
N LEU F 42 -3.98 30.97 49.47
CA LEU F 42 -4.59 32.08 48.82
C LEU F 42 -5.82 31.65 48.14
N ARG F 43 -5.89 30.38 47.82
CA ARG F 43 -7.14 29.90 47.37
C ARG F 43 -8.16 30.19 48.45
N THR F 44 -7.87 29.85 49.69
CA THR F 44 -8.86 30.03 50.77
C THR F 44 -9.06 31.50 51.00
N PHE F 45 -7.95 32.20 51.07
CA PHE F 45 -7.94 33.61 51.36
C PHE F 45 -8.79 34.37 50.34
N PHE F 46 -8.58 34.11 49.06
CA PHE F 46 -9.34 34.92 48.11
C PHE F 46 -10.78 34.49 47.96
N ASP F 47 -11.06 33.23 48.30
CA ASP F 47 -12.42 32.75 48.44
C ASP F 47 -13.16 33.46 49.54
N ALA F 48 -12.47 33.77 50.64
CA ALA F 48 -13.04 34.59 51.71
C ALA F 48 -13.35 36.02 51.19
N MET F 49 -12.47 36.55 50.34
CA MET F 49 -12.79 37.83 49.69
C MET F 49 -13.96 37.72 48.75
N ALA F 50 -14.08 36.60 48.06
CA ALA F 50 -15.22 36.38 47.18
C ALA F 50 -16.54 36.29 47.95
N LEU F 51 -16.48 35.85 49.21
CA LEU F 51 -17.67 35.82 50.06
C LEU F 51 -17.95 37.17 50.65
N GLN F 52 -16.92 37.94 50.96
CA GLN F 52 -17.18 39.27 51.54
C GLN F 52 -17.56 40.32 50.52
N LEU F 53 -16.99 40.21 49.33
CA LEU F 53 -17.27 41.17 48.29
C LEU F 53 -18.35 40.61 47.37
N LYS F 54 -19.31 41.48 47.11
CA LYS F 54 -20.42 41.18 46.23
C LYS F 54 -19.90 40.62 44.89
N GLU F 55 -19.00 41.39 44.27
CA GLU F 55 -18.36 40.96 43.02
C GLU F 55 -17.50 39.72 43.08
N PRO F 56 -17.53 38.87 42.02
CA PRO F 56 -16.70 37.70 42.11
C PRO F 56 -15.24 38.12 42.23
N VAL F 57 -14.46 37.34 42.96
CA VAL F 57 -13.04 37.56 43.02
C VAL F 57 -12.45 36.36 42.34
N ILE F 58 -12.00 36.49 41.09
CA ILE F 58 -11.49 35.32 40.36
C ILE F 58 -9.99 35.41 40.32
N VAL F 59 -9.35 34.28 40.62
CA VAL F 59 -7.90 34.23 40.77
C VAL F 59 -7.30 33.22 39.74
N SER F 60 -6.05 33.43 39.36
CA SER F 60 -5.39 32.42 38.52
C SER F 60 -4.90 31.30 39.40
N LYS F 61 -4.43 30.24 38.75
CA LYS F 61 -3.89 29.10 39.44
C LYS F 61 -2.73 29.54 40.34
N MET F 62 -1.86 30.40 39.79
CA MET F 62 -0.69 30.92 40.48
C MET F 62 -1.05 31.83 41.61
N ALA F 63 -2.09 32.63 41.42
CA ALA F 63 -2.62 33.50 42.49
C ALA F 63 -3.18 32.70 43.66
N ALA F 64 -3.77 31.55 43.39
CA ALA F 64 -4.29 30.62 44.45
C ALA F 64 -3.28 29.68 45.09
N ARG F 65 -2.26 29.35 44.33
CA ARG F 65 -1.17 28.43 44.72
C ARG F 65 -0.38 28.85 46.00
N LYS F 66 -0.06 30.14 46.13
CA LYS F 66 0.78 30.55 47.25
C LYS F 66 -0.09 30.72 48.50
N LYS F 67 0.58 30.96 49.64
CA LYS F 67 -0.11 31.07 50.95
C LYS F 67 0.00 32.48 51.48
N ILE F 68 -0.59 32.72 52.66
CA ILE F 68 -0.62 34.09 53.15
C ILE F 68 -0.70 34.10 54.65
N THR F 69 0.03 34.99 55.31
CA THR F 69 -0.04 35.14 56.75
C THR F 69 -0.04 36.62 57.10
N GLY F 70 -0.93 37.03 58.00
CA GLY F 70 -0.98 38.43 58.44
C GLY F 70 -2.40 38.98 58.62
N ASN F 71 -2.49 40.14 59.24
CA ASN F 71 -3.77 40.76 59.49
C ASN F 71 -4.26 41.45 58.23
N PHE F 72 -5.24 40.83 57.58
CA PHE F 72 -5.85 41.29 56.33
C PHE F 72 -7.35 41.31 56.35
N GLU F 73 -7.85 42.32 57.05
CA GLU F 73 -9.28 42.57 57.18
C GLU F 73 -9.82 42.80 55.77
N PHE F 74 -11.05 42.32 55.56
CA PHE F 74 -11.66 42.40 54.25
C PHE F 74 -12.57 43.63 54.13
N HIS F 75 -12.26 44.70 54.84
CA HIS F 75 -13.13 45.87 54.77
C HIS F 75 -13.01 46.58 53.45
N ASP F 76 -11.92 46.38 52.70
CA ASP F 76 -11.77 47.01 51.41
C ASP F 76 -10.86 46.17 50.57
N PRO F 77 -11.44 45.24 49.82
CA PRO F 77 -10.82 44.28 48.87
C PRO F 77 -9.90 44.91 47.83
N ASN F 78 -10.31 46.07 47.35
CA ASN F 78 -9.50 46.76 46.35
C ASN F 78 -8.22 47.37 46.90
N ALA F 79 -8.32 48.10 48.02
CA ALA F 79 -7.17 48.63 48.68
C ALA F 79 -6.33 47.50 49.32
N LEU F 80 -7.00 46.42 49.70
CA LEU F 80 -6.32 45.25 50.24
C LEU F 80 -5.38 44.69 49.20
N LEU F 81 -5.88 44.52 47.97
CA LEU F 81 -5.08 44.01 46.88
C LEU F 81 -3.93 44.94 46.51
N GLU F 82 -4.10 46.24 46.72
CA GLU F 82 -2.99 47.14 46.52
C GLU F 82 -1.94 46.81 47.60
N LYS F 83 -2.40 46.58 48.83
CA LYS F 83 -1.43 46.17 49.84
C LYS F 83 -0.81 44.82 49.47
N LEU F 84 -1.58 43.93 48.86
CA LEU F 84 -1.04 42.59 48.61
C LEU F 84 -0.14 42.55 47.38
N SER F 85 0.04 43.71 46.73
CA SER F 85 0.98 43.79 45.61
C SER F 85 2.37 43.83 46.23
N LEU F 86 2.43 44.18 47.51
CA LEU F 86 3.67 44.16 48.27
C LEU F 86 3.79 43.00 49.23
N GLN F 87 2.65 42.56 49.76
CA GLN F 87 2.70 41.47 50.69
C GLN F 87 2.75 40.11 49.95
N LEU F 88 2.05 39.99 48.85
CA LEU F 88 2.09 38.74 48.11
C LEU F 88 2.92 38.87 46.86
N GLY F 89 2.80 40.02 46.21
CA GLY F 89 3.45 40.21 44.92
C GLY F 89 2.60 39.77 43.74
N LEU F 90 1.31 40.13 43.83
CA LEU F 90 0.30 39.79 42.84
C LEU F 90 -0.14 41.06 42.20
N ILE F 91 -0.72 40.95 41.02
CA ILE F 91 -1.32 42.06 40.32
C ILE F 91 -2.80 41.65 40.07
N TRP F 92 -3.63 42.66 39.88
CA TRP F 92 -5.07 42.47 39.88
C TRP F 92 -5.71 43.46 38.96
N TYR F 93 -6.96 43.18 38.63
CA TYR F 93 -7.75 44.04 37.77
C TYR F 93 -9.24 44.02 38.19
N PHE F 94 -9.91 45.17 38.22
CA PHE F 94 -11.32 45.21 38.58
C PHE F 94 -12.05 45.82 37.42
N ASP F 95 -12.96 45.11 36.73
CA ASP F 95 -13.65 45.67 35.57
C ASP F 95 -14.96 46.30 35.94
N GLY F 96 -15.26 46.35 37.23
CA GLY F 96 -16.48 47.01 37.76
C GLY F 96 -17.43 45.91 38.21
N GLN F 97 -17.28 44.73 37.65
CA GLN F 97 -18.17 43.62 38.00
C GLN F 97 -17.46 42.45 38.65
N ALA F 98 -16.17 42.26 38.40
CA ALA F 98 -15.43 41.17 39.00
C ALA F 98 -13.93 41.47 39.08
N ILE F 99 -13.25 40.91 40.07
CA ILE F 99 -11.79 41.11 40.20
C ILE F 99 -10.97 39.98 39.58
N TYR F 100 -9.85 40.29 38.92
CA TYR F 100 -9.03 39.23 38.26
C TYR F 100 -7.63 39.33 38.71
N ILE F 101 -7.24 38.36 39.54
CA ILE F 101 -5.97 38.41 40.26
C ILE F 101 -4.98 37.46 39.60
N TYR F 102 -3.87 37.99 39.10
CA TYR F 102 -2.82 37.14 38.58
C TYR F 102 -1.59 37.41 39.34
N ASP F 103 -0.66 36.53 39.14
CA ASP F 103 0.66 36.68 39.74
C ASP F 103 1.38 37.81 39.02
N ALA F 104 2.23 38.51 39.72
CA ALA F 104 2.94 39.59 39.09
C ALA F 104 3.81 39.09 37.92
N SER F 105 4.23 37.83 37.97
CA SER F 105 5.05 37.32 36.88
C SER F 105 4.20 37.00 35.65
N GLU F 106 2.88 37.08 35.80
CA GLU F 106 1.99 36.75 34.67
C GLU F 106 1.61 38.02 33.87
N MET F 107 2.24 39.13 34.25
CA MET F 107 2.06 40.37 33.58
C MET F 107 2.41 40.29 32.11
N ARG F 108 1.58 40.91 31.29
CA ARG F 108 1.73 40.92 29.85
C ARG F 108 2.06 42.32 29.35
N ASN F 109 2.70 42.38 28.19
CA ASN F 109 3.01 43.64 27.54
C ASN F 109 2.46 43.65 26.15
N ALA F 110 2.25 44.84 25.61
CA ALA F 110 1.81 44.85 24.24
C ALA F 110 2.19 46.14 23.64
N VAL F 111 2.42 46.05 22.34
CA VAL F 111 2.69 47.20 21.48
C VAL F 111 1.60 47.32 20.43
N VAL F 112 0.75 48.34 20.57
CA VAL F 112 -0.41 48.40 19.71
C VAL F 112 -0.45 49.75 19.08
N SER F 113 -0.56 49.75 17.75
CA SER F 113 -0.69 50.98 16.92
C SER F 113 -2.11 51.50 17.07
N LEU F 114 -2.33 52.80 16.87
CA LEU F 114 -3.65 53.36 17.05
C LEU F 114 -3.90 54.24 15.84
N ARG F 115 -4.92 53.91 15.05
CA ARG F 115 -5.17 54.56 13.76
C ARG F 115 -6.12 55.75 13.86
N ASN F 116 -7.39 55.52 14.24
CA ASN F 116 -8.43 56.54 14.07
C ASN F 116 -8.76 57.31 15.33
N VAL F 117 -7.97 57.10 16.35
CA VAL F 117 -8.17 57.64 17.67
C VAL F 117 -6.85 58.23 18.11
N SER F 118 -6.96 59.38 18.76
CA SER F 118 -5.84 60.07 19.33
C SER F 118 -5.42 59.31 20.55
N LEU F 119 -4.12 59.35 20.83
CA LEU F 119 -3.58 58.55 21.88
C LEU F 119 -4.25 58.88 23.27
N ASN F 120 -4.43 60.17 23.57
CA ASN F 120 -5.12 60.57 24.78
C ASN F 120 -6.61 60.31 24.72
N GLU F 121 -7.19 60.50 23.55
CA GLU F 121 -8.58 60.15 23.30
C GLU F 121 -8.83 58.67 23.56
N PHE F 122 -7.90 57.80 23.12
CA PHE F 122 -8.05 56.36 23.41
C PHE F 122 -8.11 56.07 24.93
N ASN F 123 -7.17 56.63 25.70
CA ASN F 123 -7.17 56.47 27.16
C ASN F 123 -8.46 56.97 27.78
N ASN F 124 -8.96 58.06 27.24
CA ASN F 124 -10.22 58.60 27.73
C ASN F 124 -11.37 57.71 27.40
N PHE F 125 -11.32 57.08 26.25
CA PHE F 125 -12.41 56.23 25.90
C PHE F 125 -12.44 55.02 26.83
N LEU F 126 -11.28 54.55 27.29
CA LEU F 126 -11.29 53.46 28.25
C LEU F 126 -11.80 53.90 29.59
N LYS F 127 -11.61 55.18 29.91
CA LYS F 127 -12.07 55.76 31.18
C LYS F 127 -13.61 55.91 31.09
N ARG F 128 -14.09 56.21 29.88
CA ARG F 128 -15.51 56.37 29.54
C ARG F 128 -16.20 55.02 29.61
N SER F 129 -15.48 53.99 29.21
CA SER F 129 -15.90 52.60 29.33
C SER F 129 -15.89 52.17 30.82
N GLY F 130 -14.96 52.73 31.57
CA GLY F 130 -14.89 52.44 33.00
C GLY F 130 -14.01 51.23 33.14
N LEU F 131 -13.12 51.00 32.18
CA LEU F 131 -12.33 49.77 32.23
C LEU F 131 -10.89 50.08 32.53
N TYR F 132 -10.55 51.32 32.23
CA TYR F 132 -9.24 51.78 32.46
C TYR F 132 -8.94 51.70 33.97
N ASN F 133 -8.06 50.77 34.31
CA ASN F 133 -7.49 50.69 35.64
C ASN F 133 -6.25 51.56 35.82
N LYS F 134 -6.39 52.64 36.64
CA LYS F 134 -5.31 53.63 36.82
C LYS F 134 -4.08 53.08 37.53
N ASN F 135 -4.17 51.89 38.10
CA ASN F 135 -2.98 51.31 38.72
C ASN F 135 -2.04 50.75 37.69
N TYR F 136 -2.48 50.67 36.44
CA TYR F 136 -1.59 50.18 35.38
C TYR F 136 -1.75 51.11 34.18
N PRO F 137 -1.04 52.27 34.27
CA PRO F 137 -1.05 53.34 33.27
C PRO F 137 -0.59 52.83 31.93
N LEU F 138 -1.23 53.38 30.90
CA LEU F 138 -0.75 53.15 29.56
C LEU F 138 0.27 54.20 29.13
N ARG F 139 1.16 53.81 28.22
CA ARG F 139 2.25 54.70 27.84
C ARG F 139 2.04 55.17 26.42
N GLY F 140 2.06 56.49 26.29
CA GLY F 140 1.93 57.13 24.98
C GLY F 140 3.24 57.72 24.49
N ASP F 141 3.20 58.42 23.36
CA ASP F 141 4.37 59.08 22.76
C ASP F 141 3.85 60.13 21.76
N ASN F 142 4.10 61.41 22.03
CA ASN F 142 3.54 62.45 21.14
C ASN F 142 4.04 62.43 19.69
N ARG F 143 5.17 61.74 19.44
CA ARG F 143 5.76 61.72 18.13
C ARG F 143 5.67 60.34 17.45
N LYS F 144 4.92 59.44 18.07
CA LYS F 144 4.75 58.08 17.56
C LYS F 144 3.29 57.67 17.74
N GLY F 145 2.68 57.17 16.66
CA GLY F 145 1.25 56.80 16.64
C GLY F 145 0.87 55.45 17.27
N THR F 146 1.57 55.08 18.33
CA THR F 146 1.34 53.86 19.07
C THR F 146 1.25 54.15 20.53
N PHE F 147 0.91 53.08 21.27
CA PHE F 147 0.88 53.10 22.73
C PHE F 147 1.28 51.72 23.25
N TYR F 148 1.68 51.66 24.51
CA TYR F 148 2.23 50.46 25.13
C TYR F 148 1.33 50.10 26.31
N VAL F 149 1.17 48.81 26.48
CA VAL F 149 0.23 48.25 27.44
C VAL F 149 1.05 47.39 28.36
N SER F 150 0.84 47.53 29.65
CA SER F 150 1.45 46.64 30.66
C SER F 150 0.40 46.41 31.72
N GLY F 151 0.34 45.18 32.19
CA GLY F 151 -0.59 44.89 33.26
C GLY F 151 -0.98 43.45 33.31
N PRO F 152 -2.01 43.13 34.11
CA PRO F 152 -2.43 41.75 34.15
C PRO F 152 -3.08 41.31 32.85
N PRO F 153 -3.06 40.00 32.57
CA PRO F 153 -3.62 39.52 31.30
C PRO F 153 -5.03 40.02 30.92
N VAL F 154 -5.96 40.14 31.86
CA VAL F 154 -7.25 40.71 31.52
C VAL F 154 -7.17 42.24 31.27
N TYR F 155 -6.40 43.00 32.02
CA TYR F 155 -6.27 44.42 31.69
C TYR F 155 -5.70 44.56 30.28
N VAL F 156 -4.63 43.84 30.03
CA VAL F 156 -3.87 43.98 28.76
C VAL F 156 -4.74 43.57 27.59
N ASP F 157 -5.36 42.40 27.69
CA ASP F 157 -6.23 41.94 26.62
C ASP F 157 -7.41 42.91 26.40
N MET F 158 -7.94 43.47 27.46
CA MET F 158 -8.99 44.48 27.32
C MET F 158 -8.45 45.66 26.53
N VAL F 159 -7.30 46.17 26.92
CA VAL F 159 -6.83 47.42 26.23
C VAL F 159 -6.53 47.18 24.78
N VAL F 160 -5.82 46.09 24.53
CA VAL F 160 -5.42 45.74 23.17
C VAL F 160 -6.60 45.51 22.22
N ASN F 161 -7.63 44.75 22.65
CA ASN F 161 -8.82 44.45 21.83
C ASN F 161 -9.62 45.71 21.64
N ALA F 162 -9.63 46.55 22.69
CA ALA F 162 -10.41 47.77 22.66
C ALA F 162 -9.94 48.69 21.55
N ALA F 163 -8.62 48.74 21.35
CA ALA F 163 -8.05 49.63 20.32
C ALA F 163 -8.57 49.20 18.97
N THR F 164 -8.61 47.88 18.78
CA THR F 164 -9.12 47.35 17.53
C THR F 164 -10.56 47.73 17.26
N MET F 165 -11.36 47.60 18.32
CA MET F 165 -12.80 47.88 18.27
C MET F 165 -13.00 49.35 18.01
N MET F 166 -12.23 50.21 18.66
CA MET F 166 -12.36 51.65 18.44
C MET F 166 -11.98 52.14 17.05
N ASP F 167 -10.95 51.58 16.45
CA ASP F 167 -10.65 52.02 15.13
C ASP F 167 -11.76 51.60 14.16
N LYS F 168 -12.40 50.44 14.43
CA LYS F 168 -13.52 49.96 13.61
C LYS F 168 -14.73 50.87 13.80
N GLN F 169 -14.91 51.37 15.03
CA GLN F 169 -16.00 52.28 15.31
C GLN F 169 -15.72 53.67 14.77
N ASN F 170 -14.46 54.02 14.66
CA ASN F 170 -14.13 55.34 14.13
C ASN F 170 -13.58 55.28 12.74
N ASP F 171 -13.96 54.24 12.00
CA ASP F 171 -13.51 54.05 10.66
C ASP F 171 -14.27 54.97 9.66
N GLY F 172 -14.91 78.18 0.84
CA GLY F 172 -13.59 77.62 0.56
C GLY F 172 -13.58 76.90 -0.77
N ILE F 173 -14.73 76.33 -1.13
CA ILE F 173 -14.93 75.59 -2.38
C ILE F 173 -14.26 74.24 -2.30
N GLU F 174 -14.41 73.57 -1.16
CA GLU F 174 -13.74 72.28 -0.95
C GLU F 174 -14.71 71.14 -0.72
N LEU F 175 -14.32 69.96 -1.17
CA LEU F 175 -15.09 68.75 -1.01
C LEU F 175 -14.16 67.57 -0.80
N GLY F 176 -13.96 67.21 0.45
CA GLY F 176 -13.06 66.11 0.77
C GLY F 176 -11.63 66.53 0.46
N ARG F 177 -10.96 65.72 -0.35
CA ARG F 177 -9.59 66.01 -0.74
C ARG F 177 -9.48 66.85 -2.00
N GLN F 178 -10.60 67.30 -2.56
CA GLN F 178 -10.52 68.08 -3.78
C GLN F 178 -11.17 69.44 -3.64
N LYS F 179 -10.84 70.34 -4.56
CA LYS F 179 -11.39 71.66 -4.54
C LYS F 179 -11.26 72.37 -5.87
N ILE F 180 -11.96 73.49 -5.99
CA ILE F 180 -11.90 74.26 -7.22
C ILE F 180 -11.43 75.68 -6.95
N GLY F 181 -10.44 76.10 -7.70
CA GLY F 181 -9.91 77.44 -7.55
C GLY F 181 -10.33 78.33 -8.68
N VAL F 182 -10.78 79.54 -8.36
CA VAL F 182 -11.17 80.51 -9.37
C VAL F 182 -10.08 81.53 -9.48
N MET F 183 -9.48 81.64 -10.66
CA MET F 183 -8.34 82.53 -10.82
C MET F 183 -8.59 83.59 -11.86
N ARG F 184 -8.85 84.82 -11.42
CA ARG F 184 -9.08 85.91 -12.35
C ARG F 184 -7.77 86.44 -12.86
N LEU F 185 -7.68 86.64 -14.17
CA LEU F 185 -6.46 87.21 -14.69
C LEU F 185 -6.61 88.71 -14.74
N ASN F 186 -5.56 89.41 -14.35
CA ASN F 186 -5.66 90.86 -14.27
C ASN F 186 -4.89 91.57 -15.37
N ASN F 187 -3.80 91.00 -15.84
CA ASN F 187 -3.02 91.67 -16.85
C ASN F 187 -3.16 91.06 -18.24
N THR F 188 -4.08 90.11 -18.41
CA THR F 188 -4.28 89.54 -19.73
C THR F 188 -5.68 89.00 -19.94
N PHE F 189 -5.88 88.32 -21.07
CA PHE F 189 -7.18 87.80 -21.45
C PHE F 189 -7.20 86.28 -21.52
N VAL F 190 -8.29 85.71 -21.05
CA VAL F 190 -8.53 84.28 -21.19
C VAL F 190 -9.18 84.02 -22.53
N GLY F 191 -8.57 83.16 -23.33
CA GLY F 191 -9.14 82.84 -24.63
C GLY F 191 -8.15 83.04 -25.75
N ASP F 192 -8.56 82.70 -26.96
CA ASP F 192 -7.70 82.80 -28.12
C ASP F 192 -7.96 84.07 -28.93
N ARG F 193 -6.92 84.58 -29.59
CA ARG F 193 -7.04 85.77 -30.40
C ARG F 193 -7.11 85.40 -31.88
N THR F 194 -8.13 85.88 -32.55
CA THR F 194 -8.30 85.56 -33.97
C THR F 194 -8.34 86.79 -34.83
N TYR F 195 -7.63 86.75 -35.95
CA TYR F 195 -7.62 87.88 -36.87
C TYR F 195 -7.45 87.45 -38.30
N ASN F 196 -7.80 88.31 -39.23
CA ASN F 196 -7.70 87.99 -40.64
C ASN F 196 -6.62 88.77 -41.35
N LEU F 197 -6.02 88.11 -42.33
CA LEU F 197 -5.02 88.69 -43.21
C LEU F 197 -5.53 88.57 -44.61
N ARG F 198 -6.57 89.34 -44.93
CA ARG F 198 -7.14 89.33 -46.25
C ARG F 198 -7.81 88.00 -46.53
N ASP F 199 -7.06 87.11 -47.17
CA ASP F 199 -7.61 85.82 -47.58
C ASP F 199 -7.42 84.69 -46.58
N GLN F 200 -6.81 84.95 -45.42
CA GLN F 200 -6.65 83.85 -44.47
C GLN F 200 -6.86 84.26 -43.02
N LYS F 201 -7.24 83.28 -42.21
CA LYS F 201 -7.51 83.49 -40.79
C LYS F 201 -6.44 82.92 -39.89
N MET F 202 -5.96 83.74 -38.96
CA MET F 202 -4.92 83.36 -38.03
C MET F 202 -5.47 83.23 -36.61
N VAL F 203 -4.94 82.27 -35.86
CA VAL F 203 -5.37 82.08 -34.48
C VAL F 203 -4.19 81.97 -33.51
N ILE F 204 -4.24 82.76 -32.45
CA ILE F 204 -3.23 82.74 -31.42
C ILE F 204 -3.80 82.14 -30.14
N PRO F 205 -3.26 81.03 -29.65
CA PRO F 205 -3.70 80.32 -28.48
C PRO F 205 -3.41 81.12 -27.23
N GLY F 206 -4.34 81.10 -26.28
CA GLY F 206 -4.16 81.82 -25.03
C GLY F 206 -3.63 80.94 -23.92
N ILE F 207 -3.64 81.49 -22.71
CA ILE F 207 -3.12 80.82 -21.53
C ILE F 207 -3.89 79.59 -21.13
N ALA F 208 -5.19 79.55 -21.45
CA ALA F 208 -5.99 78.41 -21.09
C ALA F 208 -5.53 77.19 -21.86
N THR F 209 -5.30 77.39 -23.15
CA THR F 209 -4.84 76.33 -24.01
C THR F 209 -3.45 75.89 -23.66
N ALA F 210 -2.56 76.86 -23.43
CA ALA F 210 -1.18 76.57 -23.11
C ALA F 210 -1.06 75.70 -21.88
N ILE F 211 -1.74 76.08 -20.80
CA ILE F 211 -1.67 75.31 -19.57
C ILE F 211 -2.29 73.96 -19.73
N GLU F 212 -3.45 73.89 -20.38
CA GLU F 212 -4.11 72.62 -20.60
C GLU F 212 -3.20 71.62 -21.27
N ARG F 213 -2.53 72.04 -22.34
CA ARG F 213 -1.63 71.16 -23.06
C ARG F 213 -0.45 70.73 -22.22
N LEU F 214 0.06 71.65 -21.41
CA LEU F 214 1.19 71.36 -20.56
C LEU F 214 0.88 70.27 -19.55
N LEU F 215 -0.25 70.41 -18.88
CA LEU F 215 -0.62 69.43 -17.87
C LEU F 215 -1.07 68.11 -18.46
N GLN F 216 -1.75 68.17 -19.59
CA GLN F 216 -2.23 66.95 -20.21
C GLN F 216 -1.43 66.58 -21.44
N ILE F 267 -5.14 67.06 -13.27
CA ILE F 267 -5.72 68.38 -13.00
C ILE F 267 -6.64 68.79 -14.13
N LYS F 268 -7.83 69.28 -13.77
CA LYS F 268 -8.78 69.70 -14.78
C LYS F 268 -8.93 71.21 -14.80
N ILE F 269 -8.63 71.83 -15.95
CA ILE F 269 -8.75 73.27 -16.03
C ILE F 269 -9.67 73.72 -17.14
N VAL F 270 -10.66 74.53 -16.78
CA VAL F 270 -11.63 75.04 -17.73
C VAL F 270 -11.68 76.55 -17.72
N ALA F 271 -11.62 77.13 -18.91
CA ALA F 271 -11.69 78.57 -19.07
C ALA F 271 -13.09 79.10 -18.83
N TYR F 272 -13.19 80.29 -18.27
CA TYR F 272 -14.48 80.92 -18.07
C TYR F 272 -14.42 82.41 -18.41
N PRO F 273 -14.55 82.72 -19.70
CA PRO F 273 -14.47 84.02 -20.36
C PRO F 273 -15.30 85.09 -19.70
N ASP F 274 -16.47 84.74 -19.23
CA ASP F 274 -17.39 85.68 -18.63
C ASP F 274 -16.76 86.51 -17.51
N THR F 275 -15.86 85.93 -16.73
CA THR F 275 -15.21 86.64 -15.64
C THR F 275 -13.72 86.69 -15.84
N ASN F 276 -13.27 86.42 -17.07
CA ASN F 276 -11.87 86.40 -17.44
C ASN F 276 -11.07 85.59 -16.47
N SER F 277 -11.51 84.36 -16.22
CA SER F 277 -10.85 83.56 -15.21
C SER F 277 -10.76 82.10 -15.55
N LEU F 278 -9.94 81.39 -14.78
CA LEU F 278 -9.76 79.96 -14.94
C LEU F 278 -10.35 79.18 -13.79
N LEU F 279 -10.87 78.00 -14.10
CA LEU F 279 -11.43 77.11 -13.11
C LEU F 279 -10.53 75.91 -12.96
N VAL F 280 -9.82 75.82 -11.83
CA VAL F 280 -8.87 74.73 -11.63
C VAL F 280 -9.35 73.72 -10.62
N LYS F 281 -9.57 72.48 -11.06
CA LYS F 281 -10.05 71.44 -10.16
C LYS F 281 -8.99 70.38 -9.88
N GLY F 282 -8.78 70.10 -8.60
CA GLY F 282 -7.79 69.11 -8.18
C GLY F 282 -7.62 69.12 -6.67
N THR F 283 -6.48 68.63 -6.19
CA THR F 283 -6.25 68.63 -4.76
C THR F 283 -5.79 69.99 -4.34
N ALA F 284 -5.79 70.25 -3.04
CA ALA F 284 -5.38 71.55 -2.55
C ALA F 284 -4.00 71.93 -3.01
N GLU F 285 -3.09 70.95 -3.00
CA GLU F 285 -1.73 71.20 -3.44
C GLU F 285 -1.66 71.45 -4.92
N GLN F 286 -2.44 70.69 -5.70
CA GLN F 286 -2.46 70.87 -7.14
C GLN F 286 -2.99 72.24 -7.53
N VAL F 287 -4.03 72.69 -6.84
CA VAL F 287 -4.59 74.00 -7.12
C VAL F 287 -3.59 75.08 -6.81
N HIS F 288 -2.96 74.98 -5.64
CA HIS F 288 -1.95 75.95 -5.23
C HIS F 288 -0.81 76.04 -6.25
N PHE F 289 -0.36 74.89 -6.70
CA PHE F 289 0.68 74.77 -7.69
C PHE F 289 0.32 75.55 -8.95
N ILE F 290 -0.87 75.33 -9.47
CA ILE F 290 -1.31 76.04 -10.66
C ILE F 290 -1.47 77.52 -10.38
N GLU F 291 -1.97 77.87 -9.20
CA GLU F 291 -2.14 79.26 -8.83
C GLU F 291 -0.87 80.04 -9.00
N MET F 292 0.23 79.49 -8.49
CA MET F 292 1.49 80.16 -8.58
C MET F 292 1.94 80.31 -10.02
N LEU F 293 1.72 79.27 -10.83
CA LEU F 293 2.07 79.32 -12.25
C LEU F 293 1.40 80.49 -12.93
N VAL F 294 0.11 80.61 -12.69
CA VAL F 294 -0.67 81.68 -13.25
C VAL F 294 -0.14 83.03 -12.85
N LYS F 295 0.18 83.21 -11.58
CA LYS F 295 0.71 84.47 -11.10
C LYS F 295 2.01 84.83 -11.79
N ALA F 296 2.84 83.83 -12.06
CA ALA F 296 4.09 84.07 -12.77
C ALA F 296 3.86 84.57 -14.18
N LEU F 297 2.86 84.02 -14.87
CA LEU F 297 2.61 84.40 -16.25
C LEU F 297 1.79 85.68 -16.42
N ASP F 298 0.86 85.94 -15.52
CA ASP F 298 -0.04 87.10 -15.59
C ASP F 298 0.63 88.45 -15.34
N VAL F 299 1.40 88.95 -16.32
CA VAL F 299 2.10 90.22 -16.17
C VAL F 299 1.70 91.26 -17.20
N ALA F 300 1.90 92.52 -16.86
CA ALA F 300 1.53 93.67 -17.69
C ALA F 300 2.43 93.84 -18.90
N LYS F 301 1.87 94.43 -19.96
CA LYS F 301 2.60 94.67 -21.20
C LYS F 301 2.73 96.15 -21.52
N ARG F 302 3.87 96.51 -22.11
CA ARG F 302 4.14 97.86 -22.57
C ARG F 302 3.65 98.05 -24.00
N HIS F 303 3.51 99.30 -24.42
CA HIS F 303 3.03 99.57 -25.76
C HIS F 303 4.15 99.98 -26.69
N VAL F 304 4.02 99.58 -27.94
CA VAL F 304 5.00 99.91 -28.96
C VAL F 304 4.36 100.59 -30.15
N GLU F 305 4.88 101.75 -30.52
CA GLU F 305 4.38 102.46 -31.67
C GLU F 305 5.33 102.29 -32.83
N LEU F 306 4.78 101.87 -33.96
CA LEU F 306 5.57 101.64 -35.15
C LEU F 306 5.30 102.64 -36.25
N SER F 307 6.35 103.27 -36.76
CA SER F 307 6.19 104.18 -37.87
C SER F 307 7.01 103.71 -39.07
N LEU F 308 6.36 103.65 -40.22
CA LEU F 308 7.00 103.26 -41.46
C LEU F 308 7.13 104.44 -42.39
N TRP F 309 8.33 104.72 -42.84
CA TRP F 309 8.53 105.81 -43.76
C TRP F 309 8.76 105.28 -45.14
N ILE F 310 7.96 105.73 -46.10
CA ILE F 310 8.15 105.31 -47.47
C ILE F 310 8.44 106.53 -48.32
N VAL F 311 9.63 106.58 -48.89
CA VAL F 311 10.00 107.74 -49.68
C VAL F 311 10.24 107.37 -51.13
N ASP F 312 9.64 108.12 -52.04
CA ASP F 312 9.76 107.86 -53.46
C ASP F 312 10.05 109.13 -54.27
N LEU F 313 11.26 109.22 -54.81
CA LEU F 313 11.69 110.37 -55.58
C LEU F 313 11.89 110.03 -57.06
N ASN F 314 11.45 110.94 -57.94
CA ASN F 314 11.59 110.73 -59.39
C ASN F 314 12.07 111.96 -60.11
N LYS F 315 12.99 111.76 -61.05
CA LYS F 315 13.52 112.86 -61.85
C LYS F 315 13.74 112.42 -63.29
N SER F 316 13.33 113.24 -64.25
CA SER F 316 13.60 112.85 -65.64
C SER F 316 13.85 114.04 -66.55
N ASP F 317 14.46 113.75 -67.70
CA ASP F 317 14.83 114.75 -68.67
C ASP F 317 14.80 114.20 -70.11
N LEU F 318 13.79 114.59 -70.87
CA LEU F 318 13.58 114.13 -72.23
C LEU F 318 13.82 115.20 -73.28
N GLU F 319 14.61 114.88 -74.29
CA GLU F 319 14.83 115.82 -75.38
C GLU F 319 14.65 115.14 -76.72
N ARG F 320 13.80 115.70 -77.56
CA ARG F 320 13.57 115.17 -78.89
C ARG F 320 13.66 116.26 -79.94
N LEU F 321 14.53 116.10 -80.91
CA LEU F 321 14.62 117.13 -81.94
C LEU F 321 15.11 116.63 -83.28
N GLY F 322 14.31 116.84 -84.32
CA GLY F 322 14.73 116.50 -85.66
C GLY F 322 13.60 116.03 -86.54
N THR F 323 13.96 115.37 -87.64
CA THR F 323 12.93 114.89 -88.56
C THR F 323 13.10 113.43 -88.94
N SER F 324 12.08 112.90 -89.60
CA SER F 324 12.11 111.52 -90.10
C SER F 324 11.38 111.44 -91.42
N TRP F 325 12.07 110.92 -92.43
CA TRP F 325 11.50 110.87 -93.77
C TRP F 325 11.15 109.47 -94.24
N SER F 326 9.93 109.30 -94.71
CA SER F 326 9.51 108.02 -95.29
C SER F 326 8.23 108.18 -96.08
N GLY F 327 7.96 107.24 -96.97
CA GLY F 327 6.71 107.32 -97.73
C GLY F 327 6.88 106.89 -99.17
N SER F 328 6.02 107.36 -100.06
CA SER F 328 6.15 106.94 -101.45
C SER F 328 5.56 107.86 -102.49
N ILE F 329 5.69 107.44 -103.74
CA ILE F 329 5.17 108.20 -104.86
C ILE F 329 5.00 107.38 -106.14
N THR F 330 3.91 107.63 -106.86
CA THR F 330 3.71 107.03 -108.17
C THR F 330 4.20 107.97 -109.24
N ILE F 331 5.06 107.48 -110.12
CA ILE F 331 5.63 108.31 -111.16
C ILE F 331 5.28 107.83 -112.57
N GLY F 332 4.49 108.65 -113.27
CA GLY F 332 4.15 108.43 -114.67
C GLY F 332 3.35 107.16 -114.92
N ASP F 333 2.75 106.59 -113.87
CA ASP F 333 2.03 105.33 -113.97
C ASP F 333 2.88 104.21 -114.59
N LYS F 334 4.20 104.27 -114.40
CA LYS F 334 5.08 103.26 -114.94
C LYS F 334 6.03 102.74 -113.90
N LEU F 335 6.30 103.56 -112.89
CA LEU F 335 7.15 103.13 -111.81
C LEU F 335 6.84 103.93 -110.57
N GLY F 336 7.31 103.46 -109.42
CA GLY F 336 7.08 104.20 -108.19
C GLY F 336 8.29 104.09 -107.31
N VAL F 337 8.35 104.93 -106.28
CA VAL F 337 9.49 104.96 -105.38
C VAL F 337 9.07 104.86 -103.93
N SER F 338 9.78 104.02 -103.17
CA SER F 338 9.50 103.86 -101.75
C SER F 338 10.68 104.37 -100.94
N LEU F 339 10.40 105.15 -99.92
CA LEU F 339 11.48 105.69 -99.10
C LEU F 339 11.52 105.09 -97.73
N ASN F 340 12.67 104.48 -97.42
CA ASN F 340 12.93 103.86 -96.13
C ASN F 340 11.88 102.84 -95.74
N GLN F 341 11.72 101.84 -96.61
CA GLN F 341 10.81 100.73 -96.42
C GLN F 341 9.40 101.13 -96.08
N SER F 342 8.82 102.01 -96.88
CA SER F 342 7.44 102.41 -96.63
C SER F 342 6.51 101.27 -97.05
N SER F 343 5.28 101.29 -96.57
CA SER F 343 4.32 100.21 -96.86
C SER F 343 3.61 100.42 -98.20
N ILE F 344 4.39 100.29 -99.27
CA ILE F 344 4.00 100.47 -100.67
C ILE F 344 2.61 99.95 -101.06
N SER F 345 2.14 98.88 -100.39
CA SER F 345 0.82 98.32 -100.70
C SER F 345 -0.29 99.37 -100.60
N THR F 346 -0.09 100.40 -99.77
CA THR F 346 -1.03 101.49 -99.66
C THR F 346 -0.34 102.80 -100.02
N LEU F 347 0.96 102.90 -99.71
CA LEU F 347 1.76 104.10 -99.96
C LEU F 347 1.89 104.44 -101.44
N ASP F 348 1.72 103.45 -102.32
CA ASP F 348 1.71 103.65 -103.76
C ASP F 348 0.77 104.81 -104.16
N GLY F 349 -0.38 104.92 -103.48
CA GLY F 349 -1.34 105.97 -103.78
C GLY F 349 -1.31 107.12 -102.76
N SER F 350 -0.16 107.31 -102.10
CA SER F 350 -0.03 108.36 -101.10
C SER F 350 1.06 109.39 -101.41
N ARG F 351 1.86 109.72 -100.40
CA ARG F 351 2.89 110.74 -100.55
C ARG F 351 4.03 110.55 -99.55
N PHE F 352 4.99 111.47 -99.53
CA PHE F 352 6.09 111.36 -98.58
C PHE F 352 5.80 112.13 -97.32
N ILE F 353 6.09 111.55 -96.17
CA ILE F 353 5.85 112.22 -94.92
C ILE F 353 7.13 112.64 -94.23
N ALA F 354 7.13 113.88 -93.77
CA ALA F 354 8.23 114.45 -93.02
C ALA F 354 7.79 114.63 -91.59
N ALA F 355 8.10 113.66 -90.74
CA ALA F 355 7.74 113.81 -89.35
C ALA F 355 8.72 114.75 -88.72
N VAL F 356 8.23 115.62 -87.87
CA VAL F 356 9.09 116.58 -87.19
C VAL F 356 8.83 116.58 -85.69
N ASN F 357 9.88 116.32 -84.92
CA ASN F 357 9.75 116.34 -83.47
C ASN F 357 10.52 117.52 -82.90
N ALA F 358 9.97 118.11 -81.85
CA ALA F 358 10.63 119.22 -81.19
C ALA F 358 10.05 119.40 -79.81
N LEU F 359 10.63 118.73 -78.85
CA LEU F 359 10.13 118.78 -77.50
C LEU F 359 11.18 118.62 -76.42
N GLU F 360 11.17 119.53 -75.46
CA GLU F 360 11.99 119.40 -74.29
C GLU F 360 11.08 119.17 -73.09
N GLU F 361 11.41 118.20 -72.26
CA GLU F 361 10.58 117.93 -71.10
C GLU F 361 11.34 117.65 -69.81
N LYS F 362 11.01 118.41 -68.79
CA LYS F 362 11.57 118.22 -67.46
C LYS F 362 10.50 117.72 -66.51
N LYS F 363 10.85 116.80 -65.63
CA LYS F 363 9.85 116.33 -64.68
C LYS F 363 10.43 115.97 -63.33
N GLN F 364 9.70 116.34 -62.28
CA GLN F 364 10.11 116.08 -60.92
C GLN F 364 8.95 115.64 -60.04
N ALA F 365 9.17 114.64 -59.21
CA ALA F 365 8.09 114.22 -58.32
C ALA F 365 8.59 113.65 -57.00
N THR F 366 7.81 113.87 -55.95
CA THR F 366 8.14 113.31 -54.65
C THR F 366 6.92 112.87 -53.89
N VAL F 367 7.03 111.71 -53.26
CA VAL F 367 5.96 111.17 -52.43
C VAL F 367 6.46 110.61 -51.12
N VAL F 368 5.85 111.04 -50.02
CA VAL F 368 6.19 110.50 -48.72
C VAL F 368 4.96 109.93 -48.04
N SER F 369 5.03 108.67 -47.70
CA SER F 369 3.91 108.00 -47.04
C SER F 369 4.29 107.47 -45.69
N ARG F 370 3.41 107.65 -44.71
CA ARG F 370 3.73 107.21 -43.37
C ARG F 370 2.59 106.52 -42.62
N PRO F 371 2.58 105.19 -42.63
CA PRO F 371 1.71 104.35 -41.84
C PRO F 371 2.12 104.36 -40.38
N VAL F 372 1.14 104.42 -39.49
CA VAL F 372 1.40 104.40 -38.05
C VAL F 372 0.54 103.36 -37.35
N LEU F 373 1.17 102.50 -36.54
CA LEU F 373 0.43 101.44 -35.87
C LEU F 373 0.84 101.20 -34.42
N LEU F 374 -0.14 101.20 -33.51
CA LEU F 374 0.11 100.97 -32.08
C LEU F 374 -0.29 99.56 -31.62
N THR F 375 0.62 98.89 -30.92
CA THR F 375 0.36 97.57 -30.36
C THR F 375 1.05 97.38 -29.01
N GLN F 376 1.14 96.13 -28.57
CA GLN F 376 1.77 95.78 -27.32
C GLN F 376 2.81 94.71 -27.49
N GLU F 377 3.64 94.54 -26.46
CA GLU F 377 4.68 93.54 -26.48
C GLU F 377 4.14 92.18 -26.84
N ASN F 378 4.76 91.55 -27.84
CA ASN F 378 4.39 90.21 -28.26
C ASN F 378 3.00 90.10 -28.88
N VAL F 379 2.40 91.22 -29.30
CA VAL F 379 1.08 91.18 -29.91
C VAL F 379 1.09 91.58 -31.39
N PRO F 380 0.90 90.62 -32.30
CA PRO F 380 0.84 90.77 -33.74
C PRO F 380 -0.20 91.80 -34.12
N ALA F 381 0.23 92.84 -34.78
CA ALA F 381 -0.67 93.90 -35.18
C ALA F 381 -0.74 94.04 -36.67
N ILE F 382 -1.93 94.36 -37.15
CA ILE F 382 -2.15 94.46 -38.57
C ILE F 382 -2.71 95.80 -39.02
N PHE F 383 -2.08 96.36 -40.04
CA PHE F 383 -2.55 97.60 -40.64
C PHE F 383 -2.68 97.38 -42.13
N ASP F 384 -3.86 97.57 -42.68
CA ASP F 384 -4.02 97.33 -44.10
C ASP F 384 -4.92 98.36 -44.77
N ASN F 385 -4.31 99.23 -45.57
CA ASN F 385 -5.03 100.23 -46.33
C ASN F 385 -5.07 99.77 -47.78
N ASN F 386 -6.21 99.29 -48.24
CA ASN F 386 -6.20 98.72 -49.58
C ASN F 386 -7.41 99.02 -50.43
N ARG F 387 -7.35 98.56 -51.67
CA ARG F 387 -8.48 98.67 -52.58
C ARG F 387 -8.73 97.33 -53.22
N THR F 388 -10.00 97.06 -53.49
CA THR F 388 -10.35 95.80 -54.10
C THR F 388 -11.18 95.95 -55.36
N PHE F 389 -10.68 95.29 -56.41
CA PHE F 389 -11.29 95.26 -57.71
C PHE F 389 -12.10 94.00 -57.89
N TYR F 390 -13.37 94.12 -58.18
CA TYR F 390 -14.21 92.94 -58.37
C TYR F 390 -14.52 92.65 -59.82
N THR F 391 -14.68 91.37 -60.14
CA THR F 391 -15.04 90.96 -61.49
C THR F 391 -15.89 89.70 -61.51
N LYS F 392 -16.72 89.57 -62.54
CA LYS F 392 -17.59 88.42 -62.69
C LYS F 392 -16.96 87.28 -63.44
N LEU F 393 -17.22 86.07 -62.98
CA LEU F 393 -16.81 84.86 -63.66
C LEU F 393 -18.03 84.00 -63.95
N ILE F 394 -19.11 84.62 -64.37
CA ILE F 394 -20.32 83.86 -64.65
C ILE F 394 -20.13 82.97 -65.83
N GLY F 395 -19.78 81.72 -65.59
CA GLY F 395 -19.67 80.78 -66.67
C GLY F 395 -21.01 80.12 -66.86
N GLU F 396 -21.02 79.03 -67.59
CA GLU F 396 -22.25 78.33 -67.79
C GLU F 396 -22.49 77.36 -66.66
N ARG F 397 -21.50 76.57 -66.24
CA ARG F 397 -21.73 75.72 -65.10
C ARG F 397 -21.40 76.45 -63.84
N ASN F 398 -20.12 76.76 -63.68
CA ASN F 398 -19.68 77.42 -62.48
C ASN F 398 -19.69 78.92 -62.66
N VAL F 399 -20.16 79.58 -61.62
CA VAL F 399 -20.24 81.02 -61.60
C VAL F 399 -19.58 81.52 -60.35
N ALA F 400 -19.04 82.73 -60.39
CA ALA F 400 -18.37 83.26 -59.21
C ALA F 400 -17.97 84.69 -59.37
N LEU F 401 -17.55 85.29 -58.27
CA LEU F 401 -16.96 86.60 -58.29
C LEU F 401 -15.54 86.46 -57.82
N GLU F 402 -14.66 87.23 -58.39
CA GLU F 402 -13.28 87.22 -57.97
C GLU F 402 -12.77 88.61 -57.82
N HIS F 403 -11.65 88.74 -57.17
CA HIS F 403 -11.16 90.06 -56.96
C HIS F 403 -9.66 90.18 -56.80
N VAL F 404 -9.19 91.41 -56.97
CA VAL F 404 -7.80 91.74 -56.83
C VAL F 404 -7.62 92.78 -55.74
N THR F 405 -6.89 92.43 -54.70
CA THR F 405 -6.67 93.35 -53.62
C THR F 405 -5.23 93.79 -53.53
N TYR F 406 -5.03 95.10 -53.39
CA TYR F 406 -3.68 95.64 -53.27
C TYR F 406 -3.68 96.93 -52.47
N GLY F 407 -2.52 97.26 -51.90
CA GLY F 407 -2.43 98.49 -51.12
C GLY F 407 -1.25 98.46 -50.16
N THR F 408 -1.37 99.21 -49.07
CA THR F 408 -0.31 99.30 -48.07
C THR F 408 -0.60 98.38 -46.90
N MET F 409 0.28 97.42 -46.67
CA MET F 409 0.02 96.48 -45.59
C MET F 409 1.22 96.24 -44.69
N ILE F 410 0.96 96.26 -43.40
CA ILE F 410 1.98 95.99 -42.41
C ILE F 410 1.58 94.93 -41.41
N ARG F 411 2.39 93.89 -41.29
CA ARG F 411 2.18 92.91 -40.25
C ARG F 411 3.40 92.95 -39.36
N VAL F 412 3.20 93.13 -38.07
CA VAL F 412 4.37 93.26 -37.21
C VAL F 412 4.26 92.62 -35.84
N LEU F 413 5.36 92.01 -35.43
CA LEU F 413 5.48 91.42 -34.11
C LEU F 413 6.68 92.01 -33.38
N PRO F 414 6.47 92.96 -32.47
CA PRO F 414 7.46 93.66 -31.66
C PRO F 414 7.87 92.89 -30.44
N ARG F 415 9.11 93.08 -30.02
CA ARG F 415 9.59 92.41 -28.84
C ARG F 415 10.78 93.10 -28.20
N PHE F 416 10.70 93.38 -26.91
CA PHE F 416 11.82 94.01 -26.23
C PHE F 416 12.90 93.03 -25.83
N SER F 417 14.15 93.46 -25.98
CA SER F 417 15.29 92.64 -25.61
C SER F 417 15.88 93.09 -24.29
N ALA F 418 16.98 92.44 -23.91
CA ALA F 418 17.65 92.69 -22.65
C ALA F 418 18.14 94.13 -22.52
N ASP F 419 18.57 94.71 -23.63
CA ASP F 419 19.08 96.06 -23.63
C ASP F 419 18.03 97.12 -23.94
N GLY F 420 16.75 96.75 -23.94
CA GLY F 420 15.71 97.71 -24.25
C GLY F 420 15.57 97.91 -25.76
N GLN F 421 16.18 97.02 -26.53
CA GLN F 421 16.12 97.09 -27.97
C GLN F 421 14.81 96.52 -28.44
N ILE F 422 14.34 96.94 -29.59
CA ILE F 422 13.08 96.41 -30.07
C ILE F 422 13.27 95.61 -31.34
N GLU F 423 12.98 94.33 -31.29
CA GLU F 423 13.06 93.51 -32.48
C GLU F 423 11.71 93.37 -33.08
N MET F 424 11.66 93.39 -34.39
CA MET F 424 10.40 93.28 -35.06
C MET F 424 10.42 92.33 -36.22
N SER F 425 9.39 91.50 -36.29
CA SER F 425 9.20 90.68 -37.47
C SER F 425 8.41 91.55 -38.40
N LEU F 426 8.91 91.79 -39.61
CA LEU F 426 8.25 92.71 -40.51
C LEU F 426 7.83 92.17 -41.85
N ASP F 427 6.56 92.34 -42.17
CA ASP F 427 6.07 92.03 -43.50
C ASP F 427 5.46 93.30 -44.07
N ILE F 428 6.00 93.75 -45.19
CA ILE F 428 5.56 95.00 -45.79
C ILE F 428 5.14 94.88 -47.25
N GLU F 429 3.96 95.39 -47.54
CA GLU F 429 3.50 95.45 -48.94
C GLU F 429 3.20 96.87 -49.36
N ASP F 430 3.71 97.25 -50.52
CA ASP F 430 3.39 98.53 -51.11
C ASP F 430 2.86 98.29 -52.51
N GLY F 431 1.55 98.18 -52.65
CA GLY F 431 0.96 97.92 -53.95
C GLY F 431 0.27 99.14 -54.55
N ASN F 432 0.16 99.15 -55.88
CA ASN F 432 -0.50 100.23 -56.58
C ASN F 432 -1.07 99.79 -57.92
N ASP F 433 -1.77 100.70 -58.58
CA ASP F 433 -2.41 100.43 -59.86
C ASP F 433 -1.63 100.98 -61.05
N LYS F 434 -0.97 100.10 -61.79
CA LYS F 434 -0.26 100.53 -62.99
C LYS F 434 -1.24 100.50 -64.16
N THR F 435 -1.17 101.48 -65.05
CA THR F 435 -2.11 101.48 -66.15
C THR F 435 -1.41 101.60 -67.50
N PRO F 436 -2.07 101.11 -68.55
CA PRO F 436 -1.73 101.17 -69.95
C PRO F 436 -2.21 102.49 -70.52
N GLN F 437 -1.99 102.71 -71.81
CA GLN F 437 -2.50 103.92 -72.43
C GLN F 437 -4.02 103.96 -72.33
N SER F 438 -4.53 105.01 -71.69
CA SER F 438 -5.96 105.20 -71.43
C SER F 438 -6.80 105.35 -72.68
N ASP F 439 -6.16 105.60 -73.81
CA ASP F 439 -6.84 105.74 -75.09
C ASP F 439 -7.20 104.38 -75.71
N THR F 440 -6.76 103.29 -75.09
CA THR F 440 -7.04 101.97 -75.63
C THR F 440 -8.14 101.24 -74.88
N THR F 441 -8.60 100.14 -75.48
CA THR F 441 -9.67 99.31 -74.93
C THR F 441 -9.23 98.52 -73.70
N THR F 442 -7.91 98.46 -73.50
CA THR F 442 -7.33 97.76 -72.35
C THR F 442 -7.59 98.54 -71.06
N SER F 443 -8.04 99.80 -71.18
CA SER F 443 -8.42 100.60 -70.02
C SER F 443 -9.83 100.26 -69.54
N VAL F 444 -10.56 99.46 -70.33
CA VAL F 444 -11.91 99.04 -70.00
C VAL F 444 -11.93 97.59 -69.54
N ASP F 445 -11.29 96.72 -70.34
CA ASP F 445 -11.23 95.31 -69.99
C ASP F 445 -10.48 95.12 -68.68
N ALA F 446 -10.96 94.20 -67.84
CA ALA F 446 -10.37 93.87 -66.53
C ALA F 446 -8.89 93.53 -66.58
N LEU F 447 -8.06 94.54 -66.81
CA LEU F 447 -6.62 94.35 -66.90
C LEU F 447 -5.80 95.23 -65.95
N PRO F 448 -6.37 95.75 -64.85
CA PRO F 448 -5.69 96.62 -63.88
C PRO F 448 -4.33 96.05 -63.44
N GLU F 449 -3.30 96.25 -64.25
CA GLU F 449 -1.95 95.80 -63.93
C GLU F 449 -1.56 96.25 -62.54
N VAL F 450 -1.12 95.34 -61.69
CA VAL F 450 -0.79 95.73 -60.34
C VAL F 450 0.70 95.73 -60.08
N GLY F 451 1.18 96.77 -59.44
CA GLY F 451 2.59 96.82 -59.08
C GLY F 451 2.69 96.56 -57.59
N ARG F 452 3.64 95.73 -57.18
CA ARG F 452 3.77 95.44 -55.75
C ARG F 452 5.21 95.37 -55.31
N THR F 453 5.48 95.95 -54.14
CA THR F 453 6.80 95.82 -53.55
C THR F 453 6.66 95.05 -52.25
N LEU F 454 7.36 93.94 -52.15
CA LEU F 454 7.27 93.11 -50.97
C LEU F 454 8.57 92.99 -50.21
N ILE F 455 8.49 93.15 -48.89
CA ILE F 455 9.66 92.98 -48.04
C ILE F 455 9.34 92.09 -46.85
N SER F 456 10.19 91.10 -46.61
CA SER F 456 9.98 90.25 -45.45
C SER F 456 11.30 90.00 -44.73
N THR F 457 11.43 90.57 -43.53
CA THR F 457 12.67 90.45 -42.77
C THR F 457 12.48 90.63 -41.26
N ILE F 458 13.59 90.70 -40.53
CA ILE F 458 13.63 90.91 -39.09
C ILE F 458 14.69 91.93 -38.72
N ALA F 459 14.37 92.88 -37.84
CA ALA F 459 15.40 93.86 -37.49
C ALA F 459 15.30 94.34 -36.05
N ARG F 460 16.46 94.64 -35.46
CA ARG F 460 16.54 95.17 -34.11
C ARG F 460 16.84 96.65 -34.14
N VAL F 461 16.00 97.45 -33.51
CA VAL F 461 16.21 98.89 -33.52
C VAL F 461 16.25 99.46 -32.11
N PRO F 462 17.23 100.31 -31.78
CA PRO F 462 17.37 101.04 -30.53
C PRO F 462 16.16 101.94 -30.34
N HIS F 463 15.73 102.09 -29.10
CA HIS F 463 14.56 102.92 -28.81
C HIS F 463 14.72 104.34 -29.29
N GLY F 464 13.77 104.80 -30.12
CA GLY F 464 13.79 106.16 -30.62
C GLY F 464 14.70 106.36 -31.82
N LYS F 465 15.28 105.28 -32.34
CA LYS F 465 16.13 105.37 -33.51
C LYS F 465 15.48 104.74 -34.70
N SER F 466 16.20 104.69 -35.80
CA SER F 466 15.62 104.14 -37.01
C SER F 466 16.61 103.36 -37.84
N LEU F 467 16.11 102.47 -38.68
CA LEU F 467 16.94 101.71 -39.62
C LEU F 467 16.36 101.66 -41.01
N LEU F 468 17.24 101.59 -41.98
CA LEU F 468 16.83 101.40 -43.34
C LEU F 468 16.60 99.92 -43.60
N VAL F 469 15.35 99.55 -43.82
CA VAL F 469 15.02 98.16 -44.06
C VAL F 469 15.40 97.74 -45.45
N GLY F 470 15.08 98.56 -46.41
CA GLY F 470 15.43 98.22 -47.77
C GLY F 470 15.05 99.29 -48.73
N GLY F 471 15.35 99.04 -49.99
CA GLY F 471 15.03 100.02 -51.00
C GLY F 471 15.43 99.58 -52.39
N TYR F 472 15.24 100.49 -53.32
CA TYR F 472 15.52 100.23 -54.70
C TYR F 472 15.84 101.51 -55.43
N THR F 473 16.97 101.54 -56.12
CA THR F 473 17.28 102.72 -56.89
C THR F 473 17.56 102.38 -58.33
N ARG F 474 17.36 103.35 -59.20
CA ARG F 474 17.62 103.14 -60.60
C ARG F 474 18.09 104.38 -61.30
N ASP F 475 19.18 104.26 -62.04
CA ASP F 475 19.69 105.37 -62.80
C ASP F 475 19.81 104.94 -64.25
N ALA F 476 19.38 105.78 -65.18
CA ALA F 476 19.47 105.37 -66.57
C ALA F 476 19.60 106.53 -67.52
N ASN F 477 20.23 106.27 -68.66
CA ASN F 477 20.42 107.29 -69.67
C ASN F 477 20.58 106.69 -71.04
N THR F 478 19.88 107.23 -72.02
CA THR F 478 20.01 106.74 -73.39
C THR F 478 19.92 107.83 -74.42
N ASP F 479 20.50 107.57 -75.58
CA ASP F 479 20.46 108.56 -76.65
C ASP F 479 20.53 107.93 -78.03
N THR F 480 19.96 108.63 -79.01
CA THR F 480 20.01 108.15 -80.39
C THR F 480 20.36 109.23 -81.37
N VAL F 481 20.93 108.82 -82.49
CA VAL F 481 21.23 109.72 -83.59
C VAL F 481 20.85 109.09 -84.93
N GLN F 482 20.02 109.76 -85.70
CA GLN F 482 19.66 109.25 -87.01
C GLN F 482 19.91 110.31 -88.05
N SER F 483 20.31 109.89 -89.24
CA SER F 483 20.51 110.87 -90.29
C SER F 483 20.52 110.29 -91.68
N ILE F 484 20.45 111.19 -92.64
CA ILE F 484 20.53 110.81 -94.03
C ILE F 484 22.00 110.90 -94.45
N PRO F 485 22.61 109.76 -94.80
CA PRO F 485 24.03 109.57 -95.13
C PRO F 485 24.78 110.79 -95.71
N PHE F 486 24.15 111.56 -96.59
CA PHE F 486 24.88 112.70 -97.13
C PHE F 486 24.21 114.03 -96.83
N LEU F 487 22.89 114.05 -96.79
CA LEU F 487 22.18 115.30 -96.58
C LEU F 487 22.35 115.84 -95.19
N GLY F 488 22.52 114.95 -94.21
CA GLY F 488 22.72 115.36 -92.83
C GLY F 488 24.00 116.16 -92.60
N LYS F 489 24.92 116.17 -93.56
CA LYS F 489 26.15 116.91 -93.40
C LYS F 489 26.11 118.30 -94.00
N LEU F 490 24.98 118.70 -94.57
CA LEU F 490 24.94 120.00 -95.22
C LEU F 490 24.82 121.16 -94.22
N PRO F 491 25.69 122.18 -94.38
CA PRO F 491 25.88 123.36 -93.50
C PRO F 491 24.65 123.79 -92.69
N LEU F 492 23.65 124.32 -93.39
CA LEU F 492 22.43 124.80 -92.73
C LEU F 492 21.22 124.12 -93.32
N ILE F 493 21.40 122.86 -93.69
CA ILE F 493 20.36 122.09 -94.34
C ILE F 493 20.15 120.77 -93.62
N GLY F 494 21.26 120.10 -93.30
CA GLY F 494 21.26 118.78 -92.66
C GLY F 494 20.37 118.67 -91.43
N SER F 495 20.14 119.79 -90.73
CA SER F 495 19.23 119.83 -89.59
C SER F 495 17.83 119.33 -89.93
N LEU F 496 17.44 119.43 -91.20
CA LEU F 496 16.15 119.00 -91.69
C LEU F 496 16.09 117.51 -91.96
N PHE F 497 17.22 116.83 -91.82
CA PHE F 497 17.33 115.41 -92.07
C PHE F 497 17.80 114.65 -90.84
N ARG F 498 18.61 115.29 -90.01
CA ARG F 498 19.11 114.70 -88.79
C ARG F 498 18.03 114.57 -87.72
N TYR F 499 18.25 113.64 -86.81
CA TYR F 499 17.34 113.40 -85.71
C TYR F 499 18.07 112.94 -84.48
N SER F 500 17.74 113.51 -83.33
CA SER F 500 18.40 113.02 -82.14
C SER F 500 17.48 113.00 -80.94
N SER F 501 17.82 112.16 -79.97
CA SER F 501 17.02 112.12 -78.77
C SER F 501 17.85 111.80 -77.55
N LYS F 502 17.38 112.25 -76.40
CA LYS F 502 18.03 111.99 -75.12
C LYS F 502 16.99 111.65 -74.07
N ASN F 503 17.29 110.69 -73.22
CA ASN F 503 16.34 110.34 -72.17
C ASN F 503 17.03 109.89 -70.91
N LYS F 504 17.03 110.75 -69.91
CA LYS F 504 17.64 110.49 -68.62
C LYS F 504 16.64 110.36 -67.49
N SER F 505 16.85 109.40 -66.59
CA SER F 505 15.96 109.27 -65.45
C SER F 505 16.66 108.80 -64.18
N ASN F 506 16.09 109.19 -63.04
CA ASN F 506 16.64 108.80 -61.75
C ASN F 506 15.50 108.45 -60.77
N VAL F 507 15.58 107.28 -60.15
CA VAL F 507 14.54 106.83 -59.22
C VAL F 507 15.08 106.37 -57.88
N VAL F 508 14.49 106.86 -56.79
CA VAL F 508 14.90 106.42 -55.45
C VAL F 508 13.73 106.01 -54.57
N ARG F 509 13.72 104.76 -54.11
CA ARG F 509 12.68 104.29 -53.20
C ARG F 509 13.23 103.61 -51.96
N VAL F 510 12.85 104.10 -50.78
CA VAL F 510 13.30 103.47 -49.54
C VAL F 510 12.23 103.27 -48.49
N PHE F 511 12.47 102.28 -47.64
CA PHE F 511 11.61 101.90 -46.52
C PHE F 511 12.38 101.97 -45.21
N MET F 512 11.96 102.86 -44.32
CA MET F 512 12.64 103.03 -43.06
C MET F 512 11.72 102.80 -41.86
N ILE F 513 12.27 102.21 -40.81
CA ILE F 513 11.51 101.90 -39.60
C ILE F 513 11.94 102.66 -38.38
N GLU F 514 10.95 103.20 -37.67
CA GLU F 514 11.18 103.92 -36.44
C GLU F 514 10.20 103.45 -35.36
N PRO F 515 10.71 102.99 -34.22
CA PRO F 515 9.80 102.51 -33.18
C PRO F 515 10.08 103.16 -31.83
N LYS F 516 9.03 103.31 -31.03
CA LYS F 516 9.18 103.87 -29.70
C LYS F 516 8.18 103.31 -28.70
N GLU F 517 8.50 103.44 -27.42
CA GLU F 517 7.66 102.95 -26.35
C GLU F 517 6.66 103.99 -25.90
N ILE F 518 5.41 103.59 -25.82
CA ILE F 518 4.35 104.50 -25.40
C ILE F 518 3.94 104.24 -23.98
N VAL F 519 3.97 105.28 -23.16
CA VAL F 519 3.61 105.14 -21.75
C VAL F 519 2.56 106.15 -21.30
N ASP F 520 2.50 107.31 -21.94
CA ASP F 520 1.53 108.32 -21.58
C ASP F 520 0.32 108.29 -22.49
N PRO F 521 -0.84 108.75 -22.01
CA PRO F 521 -2.08 108.92 -22.71
C PRO F 521 -1.94 110.08 -23.67
N LEU F 522 -2.74 110.07 -24.72
CA LEU F 522 -2.68 111.10 -25.75
C LEU F 522 -2.95 112.46 -25.12
N THR F 523 -2.03 113.40 -25.30
CA THR F 523 -2.18 114.73 -24.72
C THR F 523 -2.03 115.83 -25.76
N PRO F 524 -3.02 116.70 -25.90
CA PRO F 524 -4.31 116.80 -25.23
C PRO F 524 -5.25 115.70 -25.68
N ASP F 525 -6.31 115.48 -24.92
CA ASP F 525 -7.27 114.44 -25.20
C ASP F 525 -7.88 114.61 -26.58
N ALA F 526 -8.12 113.48 -27.26
CA ALA F 526 -8.62 113.47 -28.63
C ALA F 526 -9.81 114.39 -28.85
N SER F 527 -10.79 114.35 -27.96
CA SER F 527 -12.00 115.15 -28.10
C SER F 527 -11.74 116.65 -28.11
N GLU F 528 -10.67 117.08 -27.45
CA GLU F 528 -10.34 118.49 -27.41
C GLU F 528 -9.83 118.95 -28.74
N SER F 529 -8.93 118.16 -29.30
CA SER F 529 -8.34 118.47 -30.58
C SER F 529 -9.37 118.44 -31.69
N VAL F 530 -10.28 117.46 -31.63
CA VAL F 530 -11.32 117.36 -32.62
C VAL F 530 -12.20 118.58 -32.63
N ASN F 531 -12.59 119.07 -31.45
CA ASN F 531 -13.41 120.26 -31.39
C ASN F 531 -12.72 121.44 -32.03
N ASN F 532 -11.41 121.58 -31.80
CA ASN F 532 -10.67 122.68 -32.40
C ASN F 532 -10.71 122.59 -33.92
N ILE F 533 -10.57 121.38 -34.44
CA ILE F 533 -10.60 121.14 -35.87
C ILE F 533 -11.94 121.49 -36.47
N LEU F 534 -13.02 121.00 -35.86
CA LEU F 534 -14.34 121.24 -36.38
C LEU F 534 -14.71 122.70 -36.40
N LYS F 535 -14.31 123.43 -35.36
CA LYS F 535 -14.64 124.83 -35.31
C LYS F 535 -13.88 125.62 -36.35
N GLN F 536 -12.57 125.41 -36.44
CA GLN F 536 -11.78 126.14 -37.40
C GLN F 536 -12.13 125.80 -38.83
N SER F 537 -12.48 124.53 -39.08
CA SER F 537 -12.87 124.11 -40.41
C SER F 537 -14.31 124.45 -40.77
N GLY F 538 -15.09 124.99 -39.83
CA GLY F 538 -16.46 125.40 -40.08
C GLY F 538 -17.49 124.26 -40.11
N ALA F 539 -17.11 123.06 -39.69
CA ALA F 539 -18.02 121.92 -39.72
C ALA F 539 -18.81 121.80 -38.43
N TRP F 540 -18.24 122.30 -37.35
CA TRP F 540 -18.85 122.25 -36.03
C TRP F 540 -20.27 122.77 -36.01
N SER F 541 -21.14 122.01 -35.36
CA SER F 541 -22.54 122.38 -35.24
C SER F 541 -23.08 122.02 -33.87
N GLY F 542 -22.22 122.05 -32.87
CA GLY F 542 -22.60 121.70 -31.51
C GLY F 542 -23.62 122.67 -30.92
N ASP F 543 -23.72 123.87 -31.48
CA ASP F 543 -24.69 124.84 -31.01
C ASP F 543 -26.04 124.74 -31.73
N ASP F 544 -26.24 123.71 -32.56
CA ASP F 544 -27.51 123.59 -33.24
C ASP F 544 -28.62 123.37 -32.23
N LYS F 545 -29.60 124.26 -32.25
CA LYS F 545 -30.75 124.24 -31.34
C LYS F 545 -31.55 122.95 -31.34
N LEU F 546 -31.41 122.13 -32.36
CA LEU F 546 -32.15 120.90 -32.43
C LEU F 546 -31.24 119.74 -32.08
N GLN F 547 -30.17 119.57 -32.84
CA GLN F 547 -29.29 118.43 -32.65
C GLN F 547 -28.69 118.34 -31.26
N LYS F 548 -28.49 119.46 -30.58
CA LYS F 548 -27.92 119.45 -29.23
C LYS F 548 -28.70 118.60 -28.23
N TRP F 549 -29.99 118.34 -28.50
CA TRP F 549 -30.78 117.52 -27.60
C TRP F 549 -30.28 116.09 -27.54
N VAL F 550 -29.54 115.68 -28.56
CA VAL F 550 -28.97 114.36 -28.62
C VAL F 550 -27.49 114.43 -28.39
N ARG F 551 -26.82 115.36 -29.09
CA ARG F 551 -25.38 115.49 -29.02
C ARG F 551 -24.86 115.64 -27.59
N VAL F 552 -25.60 116.32 -26.72
CA VAL F 552 -25.24 116.45 -25.31
C VAL F 552 -24.94 115.12 -24.62
N TYR F 553 -25.57 114.04 -25.06
CA TYR F 553 -25.39 112.73 -24.45
C TYR F 553 -24.06 112.11 -24.82
N LEU F 554 -23.46 112.62 -25.87
CA LEU F 554 -22.22 112.09 -26.38
C LEU F 554 -21.07 112.97 -25.96
N ASP F 555 -21.30 114.27 -26.00
CA ASP F 555 -20.26 115.21 -25.67
C ASP F 555 -20.02 115.36 -24.19
N ARG F 556 -21.07 115.29 -23.38
CA ARG F 556 -20.90 115.41 -21.94
C ARG F 556 -21.43 114.19 -21.18
N GLY F 557 -22.05 113.26 -21.89
CA GLY F 557 -22.59 112.07 -21.24
C GLY F 557 -24.05 112.27 -20.86
N GLY G 34 18.54 46.48 57.41
CA GLY G 34 18.58 46.46 55.92
C GLY G 34 18.45 45.00 55.55
N PHE G 35 19.34 44.53 54.67
CA PHE G 35 19.29 43.15 54.26
C PHE G 35 20.66 42.56 53.90
N VAL G 36 20.93 41.36 54.45
CA VAL G 36 22.15 40.63 54.14
C VAL G 36 21.81 39.24 53.63
N ALA G 37 22.29 38.95 52.43
CA ALA G 37 22.08 37.65 51.82
C ALA G 37 23.15 36.70 52.36
N LYS G 38 22.85 35.44 52.58
CA LYS G 38 23.83 34.49 53.10
C LYS G 38 23.59 33.22 52.36
N ASP G 39 24.31 33.09 51.26
CA ASP G 39 24.17 31.97 50.40
C ASP G 39 22.73 31.69 49.94
N ASP G 40 21.99 32.72 49.56
CA ASP G 40 20.61 32.57 49.24
C ASP G 40 20.45 32.46 47.76
N SER G 41 19.39 31.80 47.32
CA SER G 41 19.19 31.72 45.85
C SER G 41 18.72 33.10 45.39
N LEU G 42 18.99 33.42 44.12
CA LEU G 42 18.54 34.63 43.50
C LEU G 42 17.10 34.55 43.22
N ARG G 43 16.59 33.34 43.11
CA ARG G 43 15.19 33.25 43.07
C ARG G 43 14.64 33.88 44.32
N THR G 44 15.17 33.54 45.49
CA THR G 44 14.62 34.06 46.75
C THR G 44 14.90 35.54 46.82
N PHE G 45 16.14 35.88 46.50
CA PHE G 45 16.60 37.24 46.58
C PHE G 45 15.75 38.15 45.72
N PHE G 46 15.50 37.78 44.48
CA PHE G 46 14.75 38.72 43.65
C PHE G 46 13.27 38.74 43.93
N ASP G 47 12.76 37.64 44.52
CA ASP G 47 11.42 37.61 45.06
C ASP G 47 11.25 38.56 46.21
N ALA G 48 12.29 38.71 47.04
CA ALA G 48 12.30 39.73 48.10
C ALA G 48 12.25 41.15 47.47
N MET G 49 12.95 41.34 46.37
CA MET G 49 12.83 42.61 45.66
C MET G 49 11.45 42.81 45.07
N ALA G 50 10.85 41.74 44.59
CA ALA G 50 9.49 41.83 44.08
C ALA G 50 8.47 42.18 45.17
N LEU G 51 8.76 41.81 46.41
CA LEU G 51 7.91 42.18 47.54
C LEU G 51 8.18 43.58 48.00
N GLN G 52 9.43 44.04 47.91
CA GLN G 52 9.72 45.41 48.36
C GLN G 52 9.37 46.48 47.33
N LEU G 53 9.53 46.13 46.06
CA LEU G 53 9.23 47.07 45.01
C LEU G 53 7.82 46.80 44.49
N LYS G 54 7.10 47.91 44.36
CA LYS G 54 5.75 47.91 43.85
C LYS G 54 5.69 47.15 42.51
N GLU G 55 6.56 47.56 41.58
CA GLU G 55 6.67 46.90 40.28
C GLU G 55 7.13 45.46 40.28
N PRO G 56 6.58 44.62 39.40
CA PRO G 56 7.04 43.25 39.42
C PRO G 56 8.53 43.22 39.11
N VAL G 57 9.23 42.29 39.72
CA VAL G 57 10.62 42.06 39.37
C VAL G 57 10.63 40.71 38.73
N ILE G 58 10.74 40.62 37.41
CA ILE G 58 10.67 39.31 36.75
C ILE G 58 12.05 38.95 36.30
N VAL G 59 12.43 37.70 36.58
CA VAL G 59 13.79 37.24 36.36
C VAL G 59 13.77 36.04 35.36
N SER G 60 14.85 35.83 34.64
CA SER G 60 14.96 34.63 33.81
C SER G 60 15.34 33.45 34.67
N LYS G 61 15.30 32.27 34.08
CA LYS G 61 15.69 31.06 34.75
C LYS G 61 17.13 31.18 35.25
N MET G 62 18.01 31.71 34.38
CA MET G 62 19.42 31.89 34.68
C MET G 62 19.66 32.92 35.73
N ALA G 63 18.87 34.00 35.70
CA ALA G 63 18.92 35.04 36.74
C ALA G 63 18.54 34.52 38.12
N ALA G 64 17.60 33.58 38.17
CA ALA G 64 17.16 32.91 39.44
C ALA G 64 18.02 31.74 39.92
N ARG G 65 18.66 31.08 38.98
CA ARG G 65 19.50 29.90 39.19
C ARG G 65 20.72 30.13 40.16
N LYS G 66 21.40 31.27 40.02
CA LYS G 66 22.61 31.47 40.83
C LYS G 66 22.21 31.96 42.22
N LYS G 67 23.21 32.05 43.12
CA LYS G 67 23.00 32.42 44.52
C LYS G 67 23.63 33.78 44.81
N ILE G 68 23.49 34.24 46.05
CA ILE G 68 23.98 35.59 46.35
C ILE G 68 24.32 35.70 47.80
N THR G 69 25.43 36.37 48.11
CA THR G 69 25.83 36.62 49.49
C THR G 69 26.33 38.04 49.63
N GLY G 70 25.89 38.74 50.66
CA GLY G 70 26.34 40.12 50.91
C GLY G 70 25.25 41.07 51.37
N ASN G 71 25.66 42.26 51.82
CA ASN G 71 24.72 43.23 52.31
C ASN G 71 24.10 43.96 51.14
N PHE G 72 22.84 43.64 50.85
CA PHE G 72 22.06 44.19 49.75
C PHE G 72 20.69 44.67 50.16
N GLU G 73 20.70 45.82 50.81
CA GLU G 73 19.48 46.49 51.27
C GLU G 73 18.66 46.79 50.03
N PHE G 74 17.34 46.69 50.20
CA PHE G 74 16.42 46.89 49.10
C PHE G 74 15.89 48.32 49.06
N HIS G 75 16.67 49.28 49.50
CA HIS G 75 16.17 50.65 49.51
C HIS G 75 16.09 51.23 48.12
N ASP G 76 16.83 50.66 47.15
CA ASP G 76 16.77 51.15 45.78
C ASP G 76 17.14 50.03 44.86
N PRO G 77 16.14 49.28 44.41
CA PRO G 77 16.16 48.12 43.48
C PRO G 77 16.88 48.40 42.17
N ASN G 78 16.70 49.59 41.65
CA ASN G 78 17.33 49.96 40.39
C ASN G 78 18.84 50.17 40.50
N ALA G 79 19.26 50.96 41.50
CA ALA G 79 20.66 51.16 41.77
C ALA G 79 21.30 49.86 42.31
N LEU G 80 20.50 49.06 43.00
CA LEU G 80 20.96 47.76 43.51
C LEU G 80 21.37 46.89 42.35
N LEU G 81 20.51 46.81 41.33
CA LEU G 81 20.80 46.02 40.14
C LEU G 81 22.00 46.55 39.37
N GLU G 82 22.26 47.85 39.42
CA GLU G 82 23.47 48.36 38.82
C GLU G 82 24.65 47.80 39.65
N LYS G 83 24.52 47.78 40.97
CA LYS G 83 25.60 47.15 41.74
C LYS G 83 25.67 45.66 41.41
N LEU G 84 24.56 45.01 41.15
CA LEU G 84 24.61 43.56 40.95
C LEU G 84 25.08 43.18 39.55
N SER G 85 25.37 44.18 38.73
CA SER G 85 25.94 43.93 37.39
C SER G 85 27.39 43.58 37.62
N LEU G 86 27.91 43.96 38.79
CA LEU G 86 29.27 43.61 39.20
C LEU G 86 29.34 42.53 40.24
N GLN G 87 28.32 42.48 41.10
CA GLN G 87 28.34 41.46 42.13
C GLN G 87 27.81 40.13 41.60
N LEU G 88 26.81 40.17 40.73
CA LEU G 88 26.29 38.93 40.19
C LEU G 88 26.73 38.73 38.76
N GLY G 89 26.76 39.82 38.02
CA GLY G 89 27.04 39.74 36.58
C GLY G 89 25.79 39.51 35.74
N LEU G 90 24.74 40.25 36.11
CA LEU G 90 23.43 40.17 35.46
C LEU G 90 23.20 41.48 34.80
N ILE G 91 22.29 41.47 33.83
CA ILE G 91 21.84 42.68 33.16
C ILE G 91 20.30 42.72 33.36
N TRP G 92 19.76 43.92 33.25
CA TRP G 92 18.38 44.17 33.65
C TRP G 92 17.80 45.27 32.81
N TYR G 93 16.47 45.35 32.85
CA TYR G 93 15.75 46.36 32.11
C TYR G 93 14.49 46.80 32.89
N PHE G 94 14.20 48.10 32.94
CA PHE G 94 13.02 48.59 33.64
C PHE G 94 12.19 49.33 32.64
N ASP G 95 10.96 48.88 32.31
CA ASP G 95 10.14 49.56 31.29
C ASP G 95 9.21 50.57 31.89
N GLY G 96 9.33 50.80 33.21
CA GLY G 96 8.54 51.82 33.93
C GLY G 96 7.50 51.08 34.76
N GLN G 97 7.16 49.87 34.34
CA GLN G 97 6.14 49.10 35.07
C GLN G 97 6.65 47.80 35.67
N ALA G 98 7.70 47.23 35.12
CA ALA G 98 8.27 46.01 35.65
C ALA G 98 9.75 45.85 35.30
N ILE G 99 10.51 45.16 36.14
CA ILE G 99 11.94 44.91 35.87
C ILE G 99 12.20 43.55 35.23
N TYR G 100 13.12 43.48 34.26
CA TYR G 100 13.39 42.19 33.56
C TYR G 100 14.84 41.88 33.63
N ILE G 101 15.18 40.89 34.44
CA ILE G 101 16.55 40.60 34.80
C ILE G 101 17.02 39.36 34.05
N TYR G 102 18.04 39.50 33.22
CA TYR G 102 18.63 38.35 32.55
C TYR G 102 20.04 38.28 32.93
N ASP G 103 20.61 37.15 32.62
CA ASP G 103 22.02 36.93 32.83
C ASP G 103 22.78 37.75 31.81
N ALA G 104 23.96 38.20 32.16
CA ALA G 104 24.73 38.98 31.23
C ALA G 104 25.05 38.17 29.96
N SER G 105 25.11 36.85 30.06
CA SER G 105 25.42 36.07 28.88
C SER G 105 24.19 35.95 27.97
N GLU G 106 23.04 36.42 28.44
CA GLU G 106 21.82 36.31 27.63
C GLU G 106 21.58 37.59 26.79
N MET G 107 22.57 38.49 26.84
CA MET G 107 22.56 39.68 26.07
C MET G 107 22.43 39.41 24.58
N ARG G 108 21.61 40.22 23.94
CA ARG G 108 21.33 40.10 22.52
C ARG G 108 21.88 41.31 21.77
N ASN G 109 22.15 41.11 20.49
CA ASN G 109 22.60 42.17 19.61
C ASN G 109 21.69 42.27 18.42
N ALA G 110 21.67 43.44 17.80
CA ALA G 110 20.88 43.50 16.59
C ALA G 110 21.41 44.58 15.75
N VAL G 111 21.22 44.36 14.46
CA VAL G 111 21.54 45.33 13.41
C VAL G 111 20.27 45.71 12.67
N VAL G 112 19.81 46.94 12.88
CA VAL G 112 18.51 47.30 12.35
C VAL G 112 18.67 48.57 11.57
N SER G 113 18.19 48.53 10.32
CA SER G 113 18.16 49.69 9.40
C SER G 113 17.04 50.63 9.84
N LEU G 114 17.14 51.92 9.53
CA LEU G 114 16.14 52.85 9.95
C LEU G 114 15.80 53.70 8.74
N ARG G 115 14.55 53.65 8.30
CA ARG G 115 14.13 54.27 7.04
C ARG G 115 13.60 55.69 7.22
N ASN G 116 12.49 55.87 7.93
CA ASN G 116 11.77 57.15 7.90
C ASN G 116 12.03 58.06 9.09
N VAL G 117 12.99 57.67 9.88
CA VAL G 117 13.33 58.32 11.12
C VAL G 117 14.84 58.51 11.13
N SER G 118 15.23 59.67 11.62
CA SER G 118 16.62 60.02 11.78
C SER G 118 17.14 59.24 12.95
N LEU G 119 18.43 58.91 12.88
CA LEU G 119 18.99 58.03 13.86
C LEU G 119 18.87 58.63 15.32
N ASN G 120 19.15 59.94 15.46
CA ASN G 120 18.97 60.59 16.75
C ASN G 120 17.51 60.79 17.10
N GLU G 121 16.69 61.08 16.11
CA GLU G 121 15.26 61.15 16.27
C GLU G 121 14.70 59.82 16.79
N PHE G 122 15.18 58.70 16.26
CA PHE G 122 14.73 57.38 16.77
C PHE G 122 15.03 57.20 18.28
N ASN G 123 16.26 57.50 18.69
CA ASN G 123 16.65 57.44 20.11
C ASN G 123 15.77 58.33 20.97
N ASN G 124 15.46 59.49 20.43
CA ASN G 124 14.59 60.40 21.15
C ASN G 124 13.20 59.89 21.25
N PHE G 125 12.73 59.22 20.22
CA PHE G 125 11.41 58.71 20.28
C PHE G 125 11.32 57.61 21.35
N LEU G 126 12.38 56.84 21.55
CA LEU G 126 12.34 55.86 22.62
C LEU G 126 12.39 56.51 23.98
N LYS G 127 13.00 57.70 24.06
CA LYS G 127 13.10 58.44 25.31
C LYS G 127 11.70 59.05 25.60
N ARG G 128 11.00 59.42 24.53
CA ARG G 128 9.65 59.97 24.55
C ARG G 128 8.66 58.91 24.98
N SER G 129 8.92 57.69 24.54
CA SER G 129 8.20 56.49 24.97
C SER G 129 8.51 56.16 26.44
N GLY G 130 9.73 56.46 26.84
CA GLY G 130 10.13 56.24 28.22
C GLY G 130 10.64 54.82 28.31
N LEU G 131 11.12 54.28 27.19
CA LEU G 131 11.53 52.88 27.21
C LEU G 131 13.02 52.76 27.07
N TYR G 132 13.58 53.82 26.53
CA TYR G 132 14.98 53.88 26.37
C TYR G 132 15.66 53.81 27.73
N ASN G 133 16.31 52.66 27.97
CA ASN G 133 17.20 52.48 29.10
C ASN G 133 18.63 52.96 28.83
N LYS G 134 19.03 54.06 29.50
CA LYS G 134 20.34 54.71 29.26
C LYS G 134 21.52 53.84 29.69
N ASN G 135 21.28 52.77 30.43
CA ASN G 135 22.40 51.89 30.80
C ASN G 135 22.80 51.03 29.64
N TYR G 136 22.02 51.01 28.57
CA TYR G 136 22.40 50.21 27.40
C TYR G 136 22.18 51.08 26.16
N PRO G 137 23.15 51.98 25.91
CA PRO G 137 23.16 52.94 24.81
C PRO G 137 23.06 52.26 23.48
N LEU G 138 22.33 52.90 22.59
CA LEU G 138 22.31 52.47 21.21
C LEU G 138 23.42 53.14 20.40
N ARG G 139 23.87 52.46 19.34
CA ARG G 139 25.00 52.96 18.57
C ARG G 139 24.54 53.38 17.20
N GLY G 140 24.87 54.63 16.90
CA GLY G 140 24.55 55.20 15.59
C GLY G 140 25.78 55.34 14.70
N ASP G 141 25.61 55.96 13.54
CA ASP G 141 26.70 56.20 12.57
C ASP G 141 26.22 57.30 11.61
N ASN G 142 26.87 58.46 11.63
CA ASN G 142 26.40 59.56 10.78
C ASN G 142 26.44 59.31 9.26
N ARG G 143 27.21 58.32 8.84
CA ARG G 143 27.37 58.03 7.42
C ARG G 143 26.72 56.72 7.00
N LYS G 144 25.95 56.11 7.90
CA LYS G 144 25.28 54.85 7.63
C LYS G 144 23.88 54.91 8.24
N GLY G 145 22.88 54.55 7.43
CA GLY G 145 21.45 54.64 7.84
C GLY G 145 20.92 53.49 8.72
N THR G 146 21.77 52.99 9.60
CA THR G 146 21.43 51.95 10.54
C THR G 146 21.85 52.33 11.93
N PHE G 147 21.46 51.45 12.87
CA PHE G 147 21.85 51.56 14.26
C PHE G 147 21.98 50.14 14.84
N TYR G 148 22.70 50.05 15.95
CA TYR G 148 23.06 48.77 16.56
C TYR G 148 22.47 48.77 17.98
N VAL G 149 22.02 47.59 18.36
CA VAL G 149 21.26 47.39 19.61
C VAL G 149 22.05 46.37 20.37
N SER G 150 22.28 46.65 21.66
CA SER G 150 22.88 45.67 22.58
C SER G 150 22.15 45.83 23.90
N GLY G 151 21.89 44.71 24.53
CA GLY G 151 21.27 44.77 25.83
C GLY G 151 20.53 43.51 26.18
N PRO G 152 19.72 43.56 27.25
CA PRO G 152 18.98 42.37 27.59
C PRO G 152 17.88 42.09 26.57
N PRO G 153 17.46 40.81 26.47
CA PRO G 153 16.46 40.45 25.48
C PRO G 153 15.19 41.33 25.40
N VAL G 154 14.64 41.79 26.52
CA VAL G 154 13.52 42.70 26.46
C VAL G 154 13.93 44.11 25.98
N TYR G 155 15.05 44.64 26.41
CA TYR G 155 15.46 45.93 25.86
C TYR G 155 15.63 45.83 24.34
N VAL G 156 16.34 44.79 23.92
CA VAL G 156 16.72 44.63 22.51
C VAL G 156 15.48 44.45 21.66
N ASP G 157 14.62 43.52 22.08
CA ASP G 157 13.37 43.29 21.34
C ASP G 157 12.50 44.55 21.30
N MET G 158 12.47 45.30 22.37
CA MET G 158 11.73 46.57 22.38
C MET G 158 12.34 47.48 21.32
N VAL G 159 13.65 47.65 21.32
CA VAL G 159 14.21 48.66 20.38
C VAL G 159 14.01 48.26 18.93
N VAL G 160 14.29 46.99 18.66
CA VAL G 160 14.18 46.47 17.31
C VAL G 160 12.75 46.56 16.73
N ASN G 161 11.73 46.16 17.51
CA ASN G 161 10.31 46.19 17.08
C ASN G 161 9.87 47.62 16.94
N ALA G 162 10.39 48.49 17.83
CA ALA G 162 10.00 49.87 17.82
C ALA G 162 10.36 50.54 16.52
N ALA G 163 11.53 50.19 15.97
CA ALA G 163 12.01 50.81 14.73
C ALA G 163 11.03 50.47 13.63
N THR G 164 10.57 49.22 13.64
CA THR G 164 9.61 48.80 12.64
C THR G 164 8.31 49.59 12.71
N MET G 165 7.84 49.76 13.94
CA MET G 165 6.58 50.44 14.23
C MET G 165 6.73 51.91 13.83
N MET G 166 7.85 52.52 14.13
CA MET G 166 8.07 53.92 13.77
C MET G 166 8.15 54.20 12.27
N ASP G 167 8.78 53.32 11.51
CA ASP G 167 8.78 53.58 10.10
C ASP G 167 7.37 53.45 9.52
N LYS G 168 6.55 52.56 10.10
CA LYS G 168 5.15 52.39 9.67
C LYS G 168 4.35 53.64 10.05
N GLN G 169 4.67 54.24 11.20
CA GLN G 169 4.00 55.44 11.62
C GLN G 169 4.49 56.64 10.84
N ASN G 170 5.71 56.60 10.36
CA ASN G 170 6.22 57.73 9.59
C ASN G 170 6.31 57.43 8.13
N ASP G 171 5.46 56.52 7.67
CA ASP G 171 5.44 56.12 6.29
C ASP G 171 4.70 57.17 5.40
N GLY G 172 7.96 78.98 -6.08
CA GLY G 172 8.95 78.05 -6.62
C GLY G 172 8.39 77.26 -7.80
N ILE G 173 7.07 77.05 -7.77
CA ILE G 173 6.33 76.34 -8.81
C ILE G 173 6.60 74.85 -8.71
N GLU G 174 6.60 74.32 -7.50
CA GLU G 174 6.92 72.91 -7.29
C GLU G 174 5.78 72.13 -6.66
N LEU G 175 5.69 70.86 -7.04
CA LEU G 175 4.69 69.95 -6.52
C LEU G 175 5.30 68.56 -6.39
N GLY G 176 5.73 68.22 -5.19
CA GLY G 176 6.35 66.93 -4.97
C GLY G 176 7.68 66.88 -5.69
N ARG G 177 7.85 65.86 -6.53
CA ARG G 177 9.07 65.71 -7.30
C ARG G 177 9.05 66.39 -8.65
N GLN G 178 7.98 67.13 -8.95
CA GLN G 178 7.91 67.79 -10.25
C GLN G 178 7.73 69.28 -10.14
N LYS G 179 8.02 69.98 -11.22
CA LYS G 179 7.88 71.42 -11.24
C LYS G 179 7.82 71.97 -12.64
N ILE G 180 7.44 73.23 -12.74
CA ILE G 180 7.35 73.89 -14.03
C ILE G 180 8.25 75.10 -14.09
N GLY G 181 9.07 75.18 -15.12
CA GLY G 181 9.96 76.30 -15.29
C GLY G 181 9.49 77.21 -16.40
N VAL G 182 9.50 78.52 -16.13
CA VAL G 182 9.12 79.50 -17.13
C VAL G 182 10.37 80.14 -17.67
N MET G 183 10.61 80.00 -18.95
CA MET G 183 11.85 80.50 -19.52
C MET G 183 11.62 81.52 -20.60
N ARG G 184 11.85 82.80 -20.28
CA ARG G 184 11.66 83.85 -21.26
C ARG G 184 12.86 83.94 -22.16
N LEU G 185 12.62 84.02 -23.46
CA LEU G 185 13.75 84.16 -24.36
C LEU G 185 14.01 85.64 -24.56
N ASN G 186 15.27 86.02 -24.56
CA ASN G 186 15.60 87.42 -24.66
C ASN G 186 16.20 87.82 -26.00
N ASN G 187 16.91 86.91 -26.66
CA ASN G 187 17.52 87.26 -27.92
C ASN G 187 16.81 86.64 -29.13
N THR G 188 15.67 86.01 -28.92
CA THR G 188 14.95 85.45 -30.06
C THR G 188 13.45 85.34 -29.83
N PHE G 189 12.76 84.70 -30.76
CA PHE G 189 11.32 84.56 -30.72
C PHE G 189 10.86 83.13 -30.57
N VAL G 190 9.84 82.94 -29.76
CA VAL G 190 9.19 81.64 -29.63
C VAL G 190 8.15 81.51 -30.71
N GLY G 191 8.24 80.46 -31.52
CA GLY G 191 7.25 80.27 -32.57
C GLY G 191 7.90 80.10 -33.92
N ASP G 192 7.08 79.83 -34.93
CA ASP G 192 7.56 79.60 -36.28
C ASP G 192 7.44 80.84 -37.16
N ARG G 193 8.34 80.98 -38.11
CA ARG G 193 8.33 82.10 -39.04
C ARG G 193 7.75 81.70 -40.38
N THR G 194 6.74 82.42 -40.83
CA THR G 194 6.11 82.08 -42.09
C THR G 194 6.15 83.22 -43.08
N TYR G 195 6.48 82.91 -44.33
CA TYR G 195 6.52 83.93 -45.37
C TYR G 195 6.16 83.37 -46.72
N ASN G 196 5.80 84.26 -47.64
CA ASN G 196 5.41 83.84 -48.97
C ASN G 196 6.40 84.22 -50.04
N LEU G 197 6.50 83.36 -51.04
CA LEU G 197 7.32 83.56 -52.21
C LEU G 197 6.42 83.52 -53.40
N ARG G 198 5.58 84.54 -53.53
CA ARG G 198 4.68 84.64 -54.66
C ARG G 198 3.62 83.56 -54.58
N ASP G 199 3.87 82.45 -55.24
CA ASP G 199 2.91 81.37 -55.33
C ASP G 199 3.07 80.28 -54.27
N GLN G 200 4.02 80.41 -53.35
CA GLN G 200 4.14 79.37 -52.33
C GLN G 200 4.47 79.91 -50.95
N LYS G 201 4.10 79.12 -49.93
CA LYS G 201 4.30 79.50 -48.54
C LYS G 201 5.40 78.68 -47.88
N MET G 202 6.32 79.37 -47.22
CA MET G 202 7.44 78.75 -46.54
C MET G 202 7.31 78.86 -45.03
N VAL G 203 7.75 77.83 -44.32
CA VAL G 203 7.70 77.86 -42.86
C VAL G 203 9.02 77.45 -42.22
N ILE G 204 9.49 78.27 -41.30
CA ILE G 204 10.72 78.02 -40.57
C ILE G 204 10.39 77.69 -39.12
N PRO G 205 10.73 76.50 -38.65
CA PRO G 205 10.46 76.01 -37.31
C PRO G 205 11.31 76.76 -36.30
N GLY G 206 10.72 77.07 -35.15
CA GLY G 206 11.44 77.77 -34.10
C GLY G 206 12.00 76.84 -33.05
N ILE G 207 12.49 77.44 -31.97
CA ILE G 207 13.12 76.71 -30.87
C ILE G 207 12.19 75.79 -30.13
N ALA G 208 10.91 76.12 -30.10
CA ALA G 208 9.95 75.29 -29.40
C ALA G 208 9.82 73.96 -30.07
N THR G 209 9.71 74.00 -31.40
CA THR G 209 9.59 72.81 -32.19
C THR G 209 10.86 71.99 -32.16
N ALA G 210 12.01 72.67 -32.30
CA ALA G 210 13.29 71.98 -32.30
C ALA G 210 13.51 71.18 -31.03
N ILE G 211 13.30 71.81 -29.88
CA ILE G 211 13.50 71.13 -28.63
C ILE G 211 12.51 70.02 -28.43
N GLU G 212 11.25 70.27 -28.75
CA GLU G 212 10.23 69.24 -28.61
C GLU G 212 10.62 67.97 -29.35
N ARG G 213 11.03 68.12 -30.60
CA ARG G 213 11.41 66.98 -31.40
C ARG G 213 12.61 66.26 -30.84
N LEU G 214 13.57 67.02 -30.33
CA LEU G 214 14.77 66.46 -29.76
C LEU G 214 14.48 65.57 -28.58
N LEU G 215 13.67 66.07 -27.65
CA LEU G 215 13.35 65.31 -26.46
C LEU G 215 12.41 64.16 -26.73
N GLN G 216 11.47 64.34 -27.64
CA GLN G 216 10.51 63.30 -27.95
C GLN G 216 10.82 62.63 -29.28
N ILE G 267 9.87 64.68 -20.57
CA ILE G 267 9.77 66.11 -20.35
C ILE G 267 8.72 66.73 -21.24
N LYS G 268 7.86 67.56 -20.66
CA LYS G 268 6.80 68.19 -21.44
C LYS G 268 7.09 69.67 -21.64
N ILE G 269 7.20 70.11 -22.89
CA ILE G 269 7.46 71.52 -23.13
C ILE G 269 6.43 72.16 -24.02
N VAL G 270 5.84 73.24 -23.53
CA VAL G 270 4.81 73.97 -24.26
C VAL G 270 5.18 75.42 -24.46
N ALA G 271 5.04 75.89 -25.68
CA ALA G 271 5.34 77.28 -26.01
C ALA G 271 4.27 78.20 -25.49
N TYR G 272 4.66 79.40 -25.10
CA TYR G 272 3.71 80.41 -24.66
C TYR G 272 4.07 81.79 -25.20
N PRO G 273 3.67 82.05 -26.45
CA PRO G 273 3.90 83.23 -27.28
C PRO G 273 3.63 84.53 -26.58
N ASP G 274 2.58 84.56 -25.78
CA ASP G 274 2.17 85.78 -25.10
C ASP G 274 3.29 86.44 -24.31
N THR G 275 4.18 85.66 -23.72
CA THR G 275 5.28 86.20 -22.94
C THR G 275 6.62 85.80 -23.51
N ASN G 276 6.61 85.34 -24.76
CA ASN G 276 7.78 84.87 -25.49
C ASN G 276 8.57 83.91 -24.65
N SER G 277 7.91 82.89 -24.12
CA SER G 277 8.57 81.99 -23.22
C SER G 277 8.16 80.55 -23.37
N LEU G 278 8.94 79.67 -22.73
CA LEU G 278 8.67 78.25 -22.75
C LEU G 278 8.24 77.74 -21.39
N LEU G 279 7.36 76.76 -21.39
CA LEU G 279 6.87 76.14 -20.18
C LEU G 279 7.43 74.72 -20.09
N VAL G 280 8.38 74.49 -19.20
CA VAL G 280 9.01 73.19 -19.10
C VAL G 280 8.58 72.42 -17.87
N LYS G 281 7.92 71.28 -18.07
CA LYS G 281 7.45 70.49 -16.94
C LYS G 281 8.22 69.17 -16.79
N GLY G 282 8.69 68.92 -15.58
CA GLY G 282 9.45 67.70 -15.30
C GLY G 282 10.04 67.73 -13.91
N THR G 283 11.09 66.96 -13.67
CA THR G 283 11.71 66.97 -12.36
C THR G 283 12.62 68.15 -12.27
N ALA G 284 13.07 68.47 -11.07
CA ALA G 284 13.94 69.62 -10.86
C ALA G 284 15.19 69.53 -11.72
N GLU G 285 15.75 68.33 -11.81
CA GLU G 285 16.95 68.13 -12.61
C GLU G 285 16.64 68.26 -14.09
N GLN G 286 15.50 67.73 -14.52
CA GLN G 286 15.13 67.83 -15.92
C GLN G 286 14.89 69.26 -16.34
N VAL G 287 14.26 70.05 -15.48
CA VAL G 287 14.02 71.44 -15.78
C VAL G 287 15.33 72.20 -15.89
N HIS G 288 16.22 71.98 -14.92
CA HIS G 288 17.53 72.62 -14.92
C HIS G 288 18.31 72.31 -16.20
N PHE G 289 18.28 71.05 -16.59
CA PHE G 289 18.91 70.57 -17.79
C PHE G 289 18.45 71.35 -19.01
N ILE G 290 17.13 71.47 -19.17
CA ILE G 290 16.59 72.22 -20.29
C ILE G 290 16.93 73.68 -20.19
N GLU G 291 16.89 74.23 -18.98
CA GLU G 291 17.23 75.63 -18.76
C GLU G 291 18.56 75.98 -19.36
N MET G 292 19.56 75.16 -19.08
CA MET G 292 20.89 75.40 -19.59
C MET G 292 20.92 75.34 -21.10
N LEU G 293 20.20 74.36 -21.68
CA LEU G 293 20.13 74.23 -23.13
C LEU G 293 19.64 75.50 -23.77
N VAL G 294 18.55 76.03 -23.22
CA VAL G 294 17.98 77.25 -23.70
C VAL G 294 18.95 78.40 -23.65
N LYS G 295 19.65 78.53 -22.52
CA LYS G 295 20.62 79.60 -22.38
C LYS G 295 21.71 79.52 -23.43
N ALA G 296 22.12 78.30 -23.77
CA ALA G 296 23.14 78.11 -24.80
C ALA G 296 22.65 78.58 -26.16
N LEU G 297 21.39 78.32 -26.48
CA LEU G 297 20.86 78.68 -27.79
C LEU G 297 20.42 80.14 -27.93
N ASP G 298 19.90 80.72 -26.85
CA ASP G 298 19.36 82.09 -26.85
C ASP G 298 20.43 83.18 -26.97
N VAL G 299 20.98 83.36 -28.17
CA VAL G 299 22.02 84.38 -28.38
C VAL G 299 21.63 85.43 -29.41
N ALA G 300 22.27 86.60 -29.30
CA ALA G 300 22.01 87.75 -30.16
C ALA G 300 22.53 87.57 -31.58
N LYS G 301 21.86 88.25 -32.52
CA LYS G 301 22.26 88.19 -33.92
C LYS G 301 22.68 89.53 -34.48
N ARG G 302 23.66 89.50 -35.38
CA ARG G 302 24.15 90.68 -36.08
C ARG G 302 23.33 90.93 -37.34
N HIS G 303 23.43 92.14 -37.88
CA HIS G 303 22.69 92.47 -39.08
C HIS G 303 23.56 92.47 -40.31
N VAL G 304 22.97 92.06 -41.42
CA VAL G 304 23.67 92.02 -42.69
C VAL G 304 22.92 92.79 -43.76
N GLU G 305 23.61 93.73 -44.40
CA GLU G 305 23.02 94.49 -45.48
C GLU G 305 23.51 93.98 -46.80
N LEU G 306 22.57 93.67 -47.69
CA LEU G 306 22.89 93.15 -49.00
C LEU G 306 22.60 94.12 -50.12
N SER G 307 23.59 94.39 -50.95
CA SER G 307 23.38 95.23 -52.11
C SER G 307 23.66 94.48 -53.40
N LEU G 308 22.72 94.56 -54.32
CA LEU G 308 22.84 93.92 -55.62
C LEU G 308 23.02 94.95 -56.70
N TRP G 309 24.06 94.82 -57.48
CA TRP G 309 24.29 95.76 -58.56
C TRP G 309 23.95 95.10 -59.87
N ILE G 310 23.07 95.73 -60.64
CA ILE G 310 22.75 95.19 -61.95
C ILE G 310 23.09 96.21 -63.01
N VAL G 311 24.05 95.89 -63.86
CA VAL G 311 24.47 96.83 -64.87
C VAL G 311 24.18 96.31 -66.27
N ASP G 312 23.57 97.17 -67.09
CA ASP G 312 23.21 96.80 -68.44
C ASP G 312 23.59 97.88 -69.47
N LEU G 313 24.58 97.56 -70.31
CA LEU G 313 25.05 98.50 -71.31
C LEU G 313 24.72 98.03 -72.73
N ASN G 314 24.31 98.97 -73.58
CA ASN G 314 23.97 98.66 -74.98
C ASN G 314 24.55 99.66 -75.97
N LYS G 315 25.06 99.13 -77.06
CA LYS G 315 25.61 99.96 -78.12
C LYS G 315 25.28 99.40 -79.49
N SER G 316 24.85 100.25 -80.42
CA SER G 316 24.60 99.72 -81.76
C SER G 316 24.90 100.72 -82.87
N ASP G 317 25.05 100.20 -84.08
CA ASP G 317 25.39 100.99 -85.26
C ASP G 317 24.80 100.40 -86.53
N LEU G 318 23.76 101.04 -87.05
CA LEU G 318 23.05 100.58 -88.23
C LEU G 318 23.27 101.47 -89.45
N GLU G 319 23.62 100.86 -90.58
CA GLU G 319 23.76 101.63 -91.80
C GLU G 319 23.03 100.97 -92.95
N ARG G 320 22.16 101.71 -93.61
CA ARG G 320 21.43 101.20 -94.76
C ARG G 320 21.51 102.15 -95.92
N LEU G 321 21.98 101.68 -97.06
CA LEU G 321 22.04 102.58 -98.20
C LEU G 321 21.98 101.88 -99.55
N GLY G 322 21.01 102.27 -100.36
CA GLY G 322 20.92 101.73 -101.70
C GLY G 322 19.50 101.59 -102.20
N THR G 323 19.33 100.78 -103.23
CA THR G 323 18.00 100.59 -103.79
C THR G 323 17.64 99.13 -104.00
N SER G 324 16.37 98.88 -104.29
CA SER G 324 15.88 97.54 -104.59
C SER G 324 14.80 97.60 -105.67
N TRP G 325 15.01 96.85 -106.74
CA TRP G 325 14.09 96.90 -107.87
C TRP G 325 13.26 95.64 -108.03
N SER G 326 11.94 95.83 -108.15
CA SER G 326 11.05 94.71 -108.41
C SER G 326 9.70 95.20 -108.87
N GLY G 327 8.93 94.34 -109.51
CA GLY G 327 7.58 94.74 -109.93
C GLY G 327 7.21 94.20 -111.29
N SER G 328 6.29 94.85 -111.98
CA SER G 328 5.91 94.35 -113.30
C SER G 328 5.31 95.35 -114.26
N ILE G 329 4.96 94.83 -115.44
CA ILE G 329 4.37 95.64 -116.48
C ILE G 329 3.64 94.85 -117.54
N THR G 330 2.48 95.37 -117.98
CA THR G 330 1.76 94.80 -119.10
C THR G 330 2.17 95.49 -120.38
N ILE G 331 2.57 94.70 -121.38
CA ILE G 331 3.01 95.26 -122.64
C ILE G 331 2.17 94.83 -123.84
N GLY G 332 1.47 95.81 -124.41
CA GLY G 332 0.70 95.62 -125.63
C GLY G 332 -0.47 94.64 -125.49
N ASP G 333 -0.87 94.35 -124.26
CA ASP G 333 -1.90 93.35 -123.99
C ASP G 333 -1.61 92.01 -124.65
N LYS G 334 -0.33 91.67 -124.81
CA LYS G 334 0.05 90.40 -125.42
C LYS G 334 1.09 89.68 -124.60
N LEU G 335 1.85 90.44 -123.81
CA LEU G 335 2.82 89.83 -122.94
C LEU G 335 3.11 90.77 -121.78
N GLY G 336 3.74 90.25 -120.74
CA GLY G 336 4.08 91.08 -119.61
C GLY G 336 5.43 90.67 -119.06
N VAL G 337 5.99 91.50 -118.20
CA VAL G 337 7.30 91.23 -117.63
C VAL G 337 7.30 91.34 -116.13
N SER G 338 7.94 90.38 -115.48
CA SER G 338 8.05 90.39 -114.02
C SER G 338 9.50 90.56 -113.62
N LEU G 339 9.76 91.45 -112.68
CA LEU G 339 11.12 91.68 -112.26
C LEU G 339 11.39 91.17 -110.86
N ASN G 340 12.37 90.27 -110.78
CA ASN G 340 12.81 89.67 -109.53
C ASN G 340 11.68 89.03 -108.75
N GLN G 341 11.01 88.09 -109.41
CA GLN G 341 9.92 87.30 -108.83
C GLN G 341 8.83 88.13 -108.19
N SER G 342 8.32 89.11 -108.93
CA SER G 342 7.23 89.91 -108.40
C SER G 342 5.95 89.08 -108.39
N SER G 343 4.95 89.50 -107.63
CA SER G 343 3.70 88.75 -107.51
C SER G 343 2.74 89.08 -108.63
N ILE G 344 3.10 88.66 -109.85
CA ILE G 344 2.38 88.88 -111.11
C ILE G 344 0.86 88.77 -111.05
N SER G 345 0.32 87.93 -110.14
CA SER G 345 -1.13 87.78 -110.02
C SER G 345 -1.84 89.12 -109.79
N THR G 346 -1.14 90.07 -109.18
CA THR G 346 -1.66 91.42 -108.98
C THR G 346 -0.78 92.44 -109.68
N LEU G 347 0.53 92.15 -109.75
CA LEU G 347 1.52 93.04 -110.34
C LEU G 347 1.31 93.25 -111.84
N ASP G 348 0.64 92.30 -112.50
CA ASP G 348 0.27 92.42 -113.91
C ASP G 348 -0.39 93.78 -114.22
N GLY G 349 -1.22 94.27 -113.27
CA GLY G 349 -1.91 95.55 -113.46
C GLY G 349 -1.27 96.68 -112.65
N SER G 350 0.02 96.56 -112.35
CA SER G 350 0.71 97.56 -111.56
C SER G 350 1.90 98.20 -112.28
N ARG G 351 3.03 98.33 -111.56
CA ARG G 351 4.20 98.99 -112.11
C ARG G 351 5.48 98.53 -111.42
N PHE G 352 6.62 99.12 -111.78
CA PHE G 352 7.87 98.73 -111.14
C PHE G 352 8.18 99.63 -109.97
N ILE G 353 8.62 99.04 -108.87
CA ILE G 353 8.93 99.83 -107.69
C ILE G 353 10.43 99.88 -107.41
N ALA G 354 10.90 101.08 -107.15
CA ALA G 354 12.27 101.34 -106.80
C ALA G 354 12.34 101.72 -105.33
N ALA G 355 12.60 100.75 -104.47
CA ALA G 355 12.70 101.08 -103.07
C ALA G 355 14.05 101.71 -102.85
N VAL G 356 14.08 102.73 -102.02
CA VAL G 356 15.32 103.43 -101.73
C VAL G 356 15.51 103.59 -100.23
N ASN G 357 16.62 103.07 -99.73
CA ASN G 357 16.92 103.21 -98.31
C ASN G 357 18.11 104.13 -98.13
N ALA G 358 18.07 104.91 -97.05
CA ALA G 358 19.17 105.82 -96.76
C ALA G 358 19.08 106.24 -95.31
N LEU G 359 19.71 105.47 -94.44
CA LEU G 359 19.65 105.75 -93.02
C LEU G 359 20.88 105.34 -92.24
N GLU G 360 21.39 106.27 -91.45
CA GLU G 360 22.45 105.96 -90.52
C GLU G 360 21.89 106.09 -89.11
N GLU G 361 22.16 105.10 -88.27
CA GLU G 361 21.65 105.16 -86.92
C GLU G 361 22.65 104.74 -85.84
N LYS G 362 22.85 105.63 -84.87
CA LYS G 362 23.70 105.33 -83.73
C LYS G 362 22.85 105.23 -82.47
N LYS G 363 23.16 104.30 -81.59
CA LYS G 363 22.39 104.21 -80.36
C LYS G 363 23.21 103.78 -79.16
N GLN G 364 22.94 104.40 -78.03
CA GLN G 364 23.64 104.10 -76.79
C GLN G 364 22.71 104.09 -75.59
N ALA G 365 22.87 103.12 -74.71
CA ALA G 365 22.01 103.08 -73.53
C ALA G 365 22.70 102.46 -72.33
N THR G 366 22.35 102.97 -71.14
CA THR G 366 22.86 102.40 -69.91
C THR G 366 21.84 102.40 -68.81
N VAL G 367 21.80 101.29 -68.07
CA VAL G 367 20.91 101.15 -66.93
C VAL G 367 21.60 100.54 -65.73
N VAL G 368 21.46 101.19 -64.58
CA VAL G 368 22.00 100.65 -63.35
C VAL G 368 20.92 100.52 -62.30
N SER G 369 20.72 99.31 -61.82
CA SER G 369 19.70 99.05 -60.82
C SER G 369 20.29 98.51 -59.55
N ARG G 370 19.82 99.00 -58.41
CA ARG G 370 20.37 98.56 -57.15
C ARG G 370 19.36 98.29 -56.04
N PRO G 371 18.98 97.03 -55.88
CA PRO G 371 18.17 96.53 -54.77
C PRO G 371 18.97 96.49 -53.48
N VAL G 372 18.34 96.89 -52.39
CA VAL G 372 18.99 96.88 -51.07
C VAL G 372 18.12 96.18 -50.04
N LEU G 373 18.68 95.22 -49.31
CA LEU G 373 17.91 94.47 -48.33
C LEU G 373 18.63 94.20 -47.02
N LEU G 374 18.00 94.55 -45.89
CA LEU G 374 18.58 94.33 -44.57
C LEU G 374 17.95 93.13 -43.83
N THR G 375 18.81 92.26 -43.29
CA THR G 375 18.37 91.11 -42.51
C THR G 375 19.33 90.79 -41.38
N GLN G 376 19.20 89.60 -40.81
CA GLN G 376 20.04 89.15 -39.72
C GLN G 376 20.65 87.81 -40.01
N GLU G 377 21.66 87.46 -39.22
CA GLU G 377 22.34 86.19 -39.36
C GLU G 377 21.38 85.04 -39.39
N ASN G 378 21.48 84.20 -40.41
CA ASN G 378 20.66 83.01 -40.54
C ASN G 378 19.16 83.29 -40.75
N VAL G 379 18.81 84.51 -41.15
CA VAL G 379 17.40 84.83 -41.39
C VAL G 379 17.11 85.14 -42.87
N PRO G 380 16.41 84.23 -43.56
CA PRO G 380 15.98 84.30 -44.95
C PRO G 380 15.20 85.57 -45.18
N ALA G 381 15.70 86.40 -46.07
CA ALA G 381 15.03 87.65 -46.35
C ALA G 381 14.59 87.73 -47.79
N ILE G 382 13.44 88.36 -47.98
CA ILE G 382 12.86 88.45 -49.30
C ILE G 382 12.58 89.87 -49.76
N PHE G 383 13.03 90.16 -50.98
CA PHE G 383 12.76 91.44 -51.61
C PHE G 383 12.16 91.20 -52.97
N ASP G 384 10.96 91.69 -53.21
CA ASP G 384 10.35 91.45 -54.49
C ASP G 384 9.62 92.65 -55.05
N ASN G 385 10.18 93.25 -56.09
CA ASN G 385 9.58 94.37 -56.77
C ASN G 385 8.99 93.87 -58.08
N ASN G 386 7.68 93.73 -58.17
CA ASN G 386 7.15 93.11 -59.38
C ASN G 386 5.88 93.71 -59.91
N ARG G 387 5.46 93.19 -61.05
CA ARG G 387 4.20 93.57 -61.64
C ARG G 387 3.41 92.34 -62.00
N THR G 388 2.09 92.45 -61.90
CA THR G 388 1.25 91.33 -62.23
C THR G 388 0.17 91.65 -63.25
N PHE G 389 0.15 90.81 -64.27
CA PHE G 389 -0.79 90.90 -65.37
C PHE G 389 -1.92 89.92 -65.16
N TYR G 390 -3.16 90.41 -65.12
CA TYR G 390 -4.30 89.53 -64.92
C TYR G 390 -5.07 89.27 -66.19
N THR G 391 -5.66 88.08 -66.29
CA THR G 391 -6.48 87.73 -67.44
C THR G 391 -7.62 86.77 -67.05
N LYS G 392 -8.71 86.85 -67.82
CA LYS G 392 -9.87 86.00 -67.57
C LYS G 392 -9.82 84.68 -68.30
N LEU G 393 -10.26 83.64 -67.62
CA LEU G 393 -10.40 82.32 -68.21
C LEU G 393 -11.84 81.85 -68.06
N ILE G 394 -12.79 82.75 -68.27
CA ILE G 394 -14.18 82.37 -68.11
C ILE G 394 -14.59 81.40 -69.18
N GLY G 395 -14.54 80.13 -68.87
CA GLY G 395 -15.01 79.13 -69.80
C GLY G 395 -16.46 78.90 -69.54
N GLU G 396 -16.99 77.82 -70.08
CA GLU G 396 -18.36 77.52 -69.87
C GLU G 396 -18.53 76.72 -68.58
N ARG G 397 -17.71 75.70 -68.35
CA ARG G 397 -17.84 75.01 -67.07
C ARG G 397 -16.97 75.68 -66.05
N ASN G 398 -15.67 75.60 -66.27
CA ASN G 398 -14.73 76.16 -65.33
C ASN G 398 -14.39 77.59 -65.69
N VAL G 399 -14.34 78.42 -64.68
CA VAL G 399 -14.01 79.81 -64.85
C VAL G 399 -12.91 80.15 -63.88
N ALA G 400 -12.10 81.14 -64.22
CA ALA G 400 -11.01 81.51 -63.33
C ALA G 400 -10.28 82.75 -63.79
N LEU G 401 -9.43 83.25 -62.92
CA LEU G 401 -8.53 84.32 -63.27
C LEU G 401 -7.13 83.79 -63.17
N GLU G 402 -6.27 84.23 -64.06
CA GLU G 402 -4.89 83.82 -64.00
C GLU G 402 -4.00 85.00 -64.18
N HIS G 403 -2.74 84.82 -63.86
CA HIS G 403 -1.87 85.95 -63.96
C HIS G 403 -0.42 85.62 -64.22
N VAL G 404 0.29 86.65 -64.66
CA VAL G 404 1.70 86.54 -64.93
C VAL G 404 2.46 87.54 -64.09
N THR G 405 3.33 87.04 -63.24
CA THR G 405 4.10 87.92 -62.37
C THR G 405 5.57 87.91 -62.73
N TYR G 406 6.16 89.09 -62.81
CA TYR G 406 7.57 89.22 -63.13
C TYR G 406 8.16 90.48 -62.54
N GLY G 407 9.47 90.49 -62.34
CA GLY G 407 10.12 91.67 -61.78
C GLY G 407 11.46 91.35 -61.17
N THR G 408 11.87 92.15 -60.19
CA THR G 408 13.15 91.97 -59.53
C THR G 408 12.97 91.25 -58.21
N MET G 409 13.58 90.08 -58.08
CA MET G 409 13.41 89.34 -56.85
C MET G 409 14.69 88.78 -56.27
N ILE G 410 14.83 88.96 -54.95
CA ILE G 410 15.98 88.44 -54.25
C ILE G 410 15.60 87.61 -53.04
N ARG G 411 16.10 86.40 -53.00
CA ARG G 411 15.93 85.58 -51.80
C ARG G 411 17.31 85.30 -51.28
N VAL G 412 17.55 85.61 -50.01
CA VAL G 412 18.91 85.41 -49.51
C VAL G 412 19.02 84.92 -48.09
N LEU G 413 19.98 84.03 -47.90
CA LEU G 413 20.31 83.52 -46.58
C LEU G 413 21.79 83.75 -46.27
N PRO G 414 22.11 84.77 -45.47
CA PRO G 414 23.44 85.18 -45.06
C PRO G 414 23.96 84.39 -43.88
N ARG G 415 25.27 84.23 -43.83
CA ARG G 415 25.86 83.50 -42.73
C ARG G 415 27.33 83.84 -42.52
N PHE G 416 27.71 84.21 -41.30
CA PHE G 416 29.10 84.50 -41.03
C PHE G 416 29.94 83.26 -40.79
N SER G 417 31.16 83.29 -41.31
CA SER G 417 32.09 82.19 -41.14
C SER G 417 33.14 82.51 -40.09
N ALA G 418 34.07 81.59 -39.93
CA ALA G 418 35.12 81.70 -38.92
C ALA G 418 35.99 82.93 -39.13
N ASP G 419 36.23 83.29 -40.38
CA ASP G 419 37.08 84.42 -40.69
C ASP G 419 36.31 85.73 -40.86
N GLY G 420 35.04 85.76 -40.49
CA GLY G 420 34.25 86.97 -40.65
C GLY G 420 33.75 87.11 -42.08
N GLN G 421 33.84 86.05 -42.85
CA GLN G 421 33.39 86.05 -44.22
C GLN G 421 31.91 85.87 -44.25
N ILE G 422 31.25 86.37 -45.29
CA ILE G 422 29.81 86.21 -45.36
C ILE G 422 29.40 85.31 -46.51
N GLU G 423 28.79 84.18 -46.20
CA GLU G 423 28.32 83.32 -47.26
C GLU G 423 26.86 83.55 -47.46
N MET G 424 26.45 83.52 -48.71
CA MET G 424 25.06 83.75 -49.01
C MET G 424 24.49 82.78 -49.99
N SER G 425 23.31 82.28 -49.68
CA SER G 425 22.57 81.50 -50.64
C SER G 425 21.81 82.52 -51.45
N LEU G 426 21.99 82.52 -52.77
CA LEU G 426 21.38 83.55 -53.58
C LEU G 426 20.46 83.08 -54.69
N ASP G 427 19.25 83.61 -54.69
CA ASP G 427 18.34 83.39 -55.79
C ASP G 427 17.96 84.75 -56.36
N ILE G 428 18.26 84.95 -57.63
CA ILE G 428 18.03 86.24 -58.27
C ILE G 428 17.19 86.17 -59.52
N GLU G 429 16.15 87.00 -59.58
CA GLU G 429 15.36 87.13 -60.80
C GLU G 429 15.35 88.53 -61.32
N ASP G 430 15.60 88.67 -62.62
CA ASP G 430 15.47 89.97 -63.28
C ASP G 430 14.53 89.81 -64.45
N GLY G 431 13.25 90.09 -64.23
CA GLY G 431 12.27 89.96 -65.29
C GLY G 431 11.79 91.28 -65.84
N ASN G 432 11.32 91.25 -67.09
CA ASN G 432 10.80 92.45 -67.74
C ASN G 432 9.77 92.12 -68.82
N ASP G 433 9.19 93.17 -69.39
CA ASP G 433 8.17 93.03 -70.42
C ASP G 433 8.69 93.25 -71.82
N LYS G 434 8.84 92.17 -72.58
CA LYS G 434 9.26 92.31 -73.97
C LYS G 434 8.04 92.50 -74.84
N THR G 435 8.11 93.36 -75.83
CA THR G 435 6.93 93.58 -76.66
C THR G 435 7.21 93.42 -78.14
N PRO G 436 6.18 93.09 -78.90
CA PRO G 436 6.11 92.97 -80.35
C PRO G 436 5.86 94.34 -80.94
N GLN G 437 5.75 94.42 -82.26
CA GLN G 437 5.45 95.68 -82.90
C GLN G 437 4.09 96.17 -82.41
N SER G 438 4.09 97.37 -81.81
CA SER G 438 2.90 97.98 -81.22
C SER G 438 1.80 98.33 -82.23
N ASP G 439 2.14 98.31 -83.51
CA ASP G 439 1.20 98.57 -84.57
C ASP G 439 0.31 97.36 -84.89
N THR G 440 0.59 96.21 -84.25
CA THR G 440 -0.18 95.01 -84.53
C THR G 440 -1.17 94.69 -83.41
N THR G 441 -2.07 93.75 -83.72
CA THR G 441 -3.12 93.31 -82.81
C THR G 441 -2.58 92.49 -81.65
N THR G 442 -1.33 92.04 -81.77
CA THR G 442 -0.67 91.27 -80.73
C THR G 442 -0.32 92.16 -79.54
N SER G 443 -0.42 93.49 -79.71
CA SER G 443 -0.21 94.43 -78.62
C SER G 443 -1.47 94.55 -77.74
N VAL G 444 -2.58 93.97 -78.21
CA VAL G 444 -3.84 94.00 -77.48
C VAL G 444 -4.13 92.64 -76.85
N ASP G 445 -4.01 91.58 -77.64
CA ASP G 445 -4.24 90.24 -77.13
C ASP G 445 -3.22 89.91 -76.05
N ALA G 446 -3.67 89.22 -75.00
CA ALA G 446 -2.85 88.81 -73.85
C ALA G 446 -1.59 88.04 -74.23
N LEU G 447 -0.62 88.72 -74.80
CA LEU G 447 0.62 88.11 -75.23
C LEU G 447 1.90 88.76 -74.66
N PRO G 448 1.82 89.49 -73.52
CA PRO G 448 2.96 90.15 -72.89
C PRO G 448 4.17 89.24 -72.75
N GLU G 449 4.95 89.07 -73.80
CA GLU G 449 6.15 88.25 -73.78
C GLU G 449 7.04 88.65 -72.63
N VAL G 450 7.44 87.69 -71.81
CA VAL G 450 8.23 88.05 -70.64
C VAL G 450 9.67 87.60 -70.78
N GLY G 451 10.58 88.48 -70.43
CA GLY G 451 11.99 88.13 -70.46
C GLY G 451 12.44 87.93 -69.03
N ARG G 452 13.21 86.88 -68.77
CA ARG G 452 13.65 86.64 -67.40
C ARG G 452 15.08 86.18 -67.33
N THR G 453 15.82 86.70 -66.36
CA THR G 453 17.16 86.22 -66.11
C THR G 453 17.19 85.60 -64.73
N LEU G 454 17.57 84.33 -64.67
CA LEU G 454 17.60 83.64 -63.40
C LEU G 454 18.98 83.18 -62.99
N ILE G 455 19.33 83.42 -61.73
CA ILE G 455 20.58 82.97 -61.18
C ILE G 455 20.40 82.28 -59.85
N SER G 456 20.97 81.09 -59.71
CA SER G 456 20.88 80.41 -58.42
C SER G 456 22.23 79.82 -58.04
N THR G 457 22.85 80.38 -57.01
CA THR G 457 24.18 79.94 -56.58
C THR G 457 24.48 80.25 -55.11
N ILE G 458 25.73 80.03 -54.71
CA ILE G 458 26.24 80.30 -53.37
C ILE G 458 27.60 80.97 -53.43
N ALA G 459 27.81 82.01 -52.63
CA ALA G 459 29.12 82.65 -52.70
C ALA G 459 29.58 83.24 -51.36
N ARG G 460 30.89 83.20 -51.14
CA ARG G 460 31.50 83.75 -49.93
C ARG G 460 32.17 85.07 -50.24
N VAL G 461 31.79 86.12 -49.53
CA VAL G 461 32.38 87.43 -49.80
C VAL G 461 32.97 88.04 -48.54
N PRO G 462 34.20 88.56 -48.60
CA PRO G 462 34.88 89.29 -47.53
C PRO G 462 34.08 90.53 -47.17
N HIS G 463 34.09 90.86 -45.88
CA HIS G 463 33.32 92.02 -45.42
C HIS G 463 33.71 93.32 -46.12
N GLY G 464 32.73 93.98 -46.74
CA GLY G 464 32.99 95.24 -47.40
C GLY G 464 33.52 95.09 -48.82
N LYS G 465 33.61 93.86 -49.31
CA LYS G 465 34.09 93.62 -50.66
C LYS G 465 32.97 93.15 -51.54
N SER G 466 33.29 92.83 -52.79
CA SER G 466 32.27 92.41 -53.70
C SER G 466 32.74 91.33 -54.64
N LEU G 467 31.78 90.59 -55.20
CA LEU G 467 32.06 89.57 -56.21
C LEU G 467 31.13 89.60 -57.38
N LEU G 468 31.65 89.22 -58.52
CA LEU G 468 30.83 89.08 -59.69
C LEU G 468 30.14 87.73 -59.68
N VAL G 469 28.83 87.74 -59.52
CA VAL G 469 28.07 86.51 -59.48
C VAL G 469 27.90 85.91 -60.84
N GLY G 470 27.55 86.74 -61.79
CA GLY G 470 27.40 86.23 -63.13
C GLY G 470 27.08 87.31 -64.11
N GLY G 471 26.92 86.91 -65.36
CA GLY G 471 26.60 87.89 -66.37
C GLY G 471 26.45 87.27 -67.74
N TYR G 472 26.26 88.13 -68.71
CA TYR G 472 26.05 87.73 -70.07
C TYR G 472 26.49 88.82 -71.02
N THR G 473 27.34 88.47 -71.97
CA THR G 473 27.73 89.46 -72.95
C THR G 473 27.48 88.96 -74.36
N ARG G 474 27.31 89.90 -75.27
CA ARG G 474 27.08 89.55 -76.64
C ARG G 474 27.65 90.55 -77.61
N ASP G 475 28.41 90.06 -78.58
CA ASP G 475 28.96 90.93 -79.58
C ASP G 475 28.55 90.41 -80.94
N ALA G 476 28.11 91.28 -81.84
CA ALA G 476 27.69 90.77 -83.14
C ALA G 476 27.85 91.79 -84.25
N ASN G 477 28.03 91.29 -85.46
CA ASN G 477 28.19 92.15 -86.61
C ASN G 477 27.79 91.45 -87.89
N THR G 478 27.01 92.13 -88.72
CA THR G 478 26.61 91.54 -89.98
C THR G 478 26.52 92.55 -91.10
N ASP G 479 26.66 92.07 -92.33
CA ASP G 479 26.58 92.96 -93.47
C ASP G 479 26.09 92.26 -94.72
N THR G 480 25.48 93.05 -95.62
CA THR G 480 24.98 92.49 -96.87
C THR G 480 25.33 93.37 -98.06
N VAL G 481 25.42 92.74 -99.22
CA VAL G 481 25.62 93.45 -100.48
C VAL G 481 24.71 92.89 -101.56
N GLN G 482 23.92 93.74 -102.18
CA GLN G 482 23.08 93.29 -103.27
C GLN G 482 23.29 94.15 -104.49
N SER G 483 23.21 93.56 -105.66
CA SER G 483 23.36 94.39 -106.85
C SER G 483 22.81 93.75 -108.10
N ILE G 484 22.72 94.57 -109.14
CA ILE G 484 22.30 94.12 -110.43
C ILE G 484 23.55 93.73 -111.21
N PRO G 485 23.70 92.45 -111.56
CA PRO G 485 24.86 91.82 -112.21
C PRO G 485 25.70 92.73 -113.11
N PHE G 486 25.09 93.60 -113.90
CA PHE G 486 25.91 94.43 -114.77
C PHE G 486 25.75 95.92 -114.49
N LEU G 487 24.55 96.34 -114.11
CA LEU G 487 24.30 97.75 -113.91
C LEU G 487 25.02 98.29 -112.69
N GLY G 488 25.21 97.45 -111.68
CA GLY G 488 25.89 97.85 -110.47
C GLY G 488 27.35 98.24 -110.69
N LYS G 489 27.92 97.93 -111.84
CA LYS G 489 29.31 98.26 -112.10
C LYS G 489 29.48 99.57 -112.87
N LEU G 490 28.38 100.26 -113.17
CA LEU G 490 28.51 101.47 -113.96
C LEU G 490 29.01 102.67 -113.13
N PRO G 491 30.04 103.38 -113.64
CA PRO G 491 30.79 104.49 -113.01
C PRO G 491 30.01 105.31 -111.99
N LEU G 492 29.03 106.08 -112.47
CA LEU G 492 28.23 106.93 -111.59
C LEU G 492 26.77 106.61 -111.75
N ILE G 493 26.48 105.35 -111.98
CA ILE G 493 25.13 104.90 -112.22
C ILE G 493 24.78 103.73 -111.31
N GLY G 494 25.71 102.78 -111.19
CA GLY G 494 25.54 101.57 -110.39
C GLY G 494 25.04 101.79 -108.98
N SER G 495 25.33 102.97 -108.40
CA SER G 495 24.83 103.34 -107.08
C SER G 495 23.31 103.27 -106.97
N LEU G 496 22.63 103.40 -108.11
CA LEU G 496 21.18 103.36 -108.18
C LEU G 496 20.63 101.95 -108.22
N PHE G 497 21.53 100.97 -108.28
CA PHE G 497 21.18 99.57 -108.36
C PHE G 497 21.75 98.76 -107.20
N ARG G 498 22.90 99.19 -106.70
CA ARG G 498 23.56 98.54 -105.58
C ARG G 498 22.83 98.79 -104.27
N TYR G 499 23.04 97.90 -103.32
CA TYR G 499 22.45 98.01 -102.00
C TYR G 499 23.34 97.41 -100.95
N SER G 500 23.53 98.12 -99.85
CA SER G 500 24.34 97.52 -98.80
C SER G 500 23.83 97.84 -97.42
N SER G 501 24.19 97.00 -96.47
CA SER G 501 23.79 97.27 -95.10
C SER G 501 24.81 96.78 -94.11
N LYS G 502 24.84 97.42 -92.95
CA LYS G 502 25.72 97.04 -91.86
C LYS G 502 24.98 97.09 -90.54
N ASN G 503 25.23 96.13 -89.67
CA ASN G 503 24.57 96.14 -88.38
C ASN G 503 25.44 95.57 -87.28
N LYS G 504 25.97 96.45 -86.44
CA LYS G 504 26.82 96.09 -85.33
C LYS G 504 26.19 96.34 -83.98
N SER G 505 26.39 95.41 -83.04
CA SER G 505 25.85 95.62 -81.70
C SER G 505 26.72 95.03 -80.60
N ASN G 506 26.64 95.62 -79.42
CA ASN G 506 27.40 95.17 -78.26
C ASN G 506 26.54 95.23 -76.99
N VAL G 507 26.47 94.13 -76.26
CA VAL G 507 25.67 94.07 -75.04
C VAL G 507 26.42 93.54 -73.83
N VAL G 508 26.32 94.25 -72.70
CA VAL G 508 26.96 93.77 -71.47
C VAL G 508 26.02 93.78 -70.28
N ARG G 509 25.81 92.62 -69.66
CA ARG G 509 24.99 92.53 -68.46
C ARG G 509 25.66 91.80 -67.31
N VAL G 510 25.77 92.45 -66.15
CA VAL G 510 26.37 91.78 -65.00
C VAL G 510 25.63 91.96 -63.69
N PHE G 511 25.83 90.99 -62.81
CA PHE G 511 25.26 90.96 -61.46
C PHE G 511 26.35 90.87 -60.42
N MET G 512 26.47 91.89 -59.58
CA MET G 512 27.50 91.92 -58.56
C MET G 512 26.93 92.03 -57.16
N ILE G 513 27.58 91.37 -56.21
CA ILE G 513 27.15 91.36 -54.82
C ILE G 513 28.10 92.04 -53.87
N GLU G 514 27.54 92.88 -53.00
CA GLU G 514 28.30 93.57 -51.99
C GLU G 514 27.58 93.48 -50.64
N PRO G 515 28.26 92.95 -49.61
CA PRO G 515 27.59 92.82 -48.32
C PRO G 515 28.40 93.43 -47.19
N LYS G 516 27.70 93.92 -46.18
CA LYS G 516 28.38 94.49 -45.02
C LYS G 516 27.58 94.31 -43.73
N GLU G 517 28.28 94.42 -42.60
CA GLU G 517 27.69 94.27 -41.30
C GLU G 517 27.19 95.58 -40.75
N ILE G 518 25.96 95.58 -40.30
CA ILE G 518 25.34 96.79 -39.76
C ILE G 518 25.30 96.74 -38.24
N VAL G 519 25.85 97.77 -37.62
CA VAL G 519 25.88 97.83 -36.16
C VAL G 519 25.33 99.12 -35.59
N ASP G 520 25.41 100.20 -36.35
CA ASP G 520 24.89 101.48 -35.89
C ASP G 520 23.51 101.78 -36.45
N PRO G 521 22.72 102.58 -35.75
CA PRO G 521 21.42 103.07 -36.12
C PRO G 521 21.59 104.08 -37.24
N LEU G 522 20.56 104.26 -38.04
CA LEU G 522 20.60 105.16 -39.18
C LEU G 522 20.90 106.57 -38.69
N THR G 523 21.95 107.18 -39.24
CA THR G 523 22.34 108.53 -38.82
C THR G 523 22.48 109.47 -40.01
N PRO G 524 21.77 110.59 -40.00
CA PRO G 524 20.80 111.11 -39.04
C PRO G 524 19.51 110.32 -39.07
N ASP G 525 18.70 110.47 -38.04
CA ASP G 525 17.44 109.75 -37.93
C ASP G 525 16.54 110.03 -39.12
N ALA G 526 15.82 108.99 -39.55
CA ALA G 526 14.96 109.06 -40.74
C ALA G 526 14.05 110.27 -40.76
N SER G 527 13.40 110.57 -39.65
CA SER G 527 12.46 111.69 -39.60
C SER G 527 13.11 113.04 -39.86
N GLU G 528 14.40 113.16 -39.57
CA GLU G 528 15.09 114.42 -39.81
C GLU G 528 15.30 114.62 -41.28
N SER G 529 15.77 113.57 -41.93
CA SER G 529 16.02 113.62 -43.35
C SER G 529 14.74 113.83 -44.14
N VAL G 530 13.67 113.18 -43.72
CA VAL G 530 12.39 113.34 -44.39
C VAL G 530 11.92 114.77 -44.33
N ASN G 531 12.04 115.41 -43.17
CA ASN G 531 11.62 116.79 -43.07
C ASN G 531 12.40 117.68 -44.02
N ASN G 532 13.71 117.43 -44.16
CA ASN G 532 14.51 118.22 -45.07
C ASN G 532 14.02 118.06 -46.51
N ILE G 533 13.67 116.84 -46.87
CA ILE G 533 13.16 116.55 -48.21
C ILE G 533 11.85 117.25 -48.48
N LEU G 534 10.91 117.14 -47.55
CA LEU G 534 9.61 117.73 -47.74
C LEU G 534 9.68 119.24 -47.86
N LYS G 535 10.53 119.86 -47.07
CA LYS G 535 10.62 121.30 -47.13
C LYS G 535 11.24 121.77 -48.42
N GLN G 536 12.36 121.16 -48.82
CA GLN G 536 13.01 121.58 -50.04
C GLN G 536 12.18 121.27 -51.28
N SER G 537 11.45 120.17 -51.25
CA SER G 537 10.60 119.80 -52.37
C SER G 537 9.26 120.54 -52.39
N GLY G 538 8.97 121.34 -51.35
CA GLY G 538 7.74 122.12 -51.31
C GLY G 538 6.48 121.35 -50.91
N ALA G 539 6.62 120.11 -50.44
CA ALA G 539 5.46 119.30 -50.08
C ALA G 539 5.07 119.49 -48.62
N TRP G 540 6.05 119.86 -47.80
CA TRP G 540 5.85 120.07 -46.38
C TRP G 540 4.69 120.99 -46.07
N SER G 541 3.87 120.57 -45.12
CA SER G 541 2.72 121.35 -44.69
C SER G 541 2.52 121.24 -43.20
N GLY G 542 3.61 121.07 -42.46
CA GLY G 542 3.55 120.93 -41.01
C GLY G 542 3.04 122.19 -40.32
N ASP G 543 3.12 123.33 -40.99
CA ASP G 543 2.62 124.57 -40.43
C ASP G 543 1.16 124.84 -40.76
N ASP G 544 0.45 123.87 -41.36
CA ASP G 544 -0.95 124.12 -41.67
C ASP G 544 -1.73 124.29 -40.39
N LYS G 545 -2.40 125.43 -40.28
CA LYS G 545 -3.18 125.80 -39.11
C LYS G 545 -4.28 124.82 -38.72
N LEU G 546 -4.67 123.93 -39.63
CA LEU G 546 -5.70 122.98 -39.34
C LEU G 546 -5.09 121.63 -39.07
N GLN G 547 -4.37 121.11 -40.05
CA GLN G 547 -3.81 119.77 -39.94
C GLN G 547 -2.90 119.57 -38.76
N LYS G 548 -2.20 120.62 -38.30
CA LYS G 548 -1.31 120.51 -37.16
C LYS G 548 -1.97 119.99 -35.89
N TRP G 549 -3.30 120.11 -35.78
CA TRP G 549 -3.99 119.62 -34.60
C TRP G 549 -3.90 118.12 -34.48
N VAL G 550 -3.64 117.44 -35.59
CA VAL G 550 -3.48 116.01 -35.60
C VAL G 550 -2.03 115.64 -35.79
N ARG G 551 -1.37 116.30 -36.75
CA ARG G 551 0.01 115.99 -37.06
C ARG G 551 0.92 116.05 -35.85
N VAL G 552 0.68 116.98 -34.92
CA VAL G 552 1.46 117.06 -33.69
C VAL G 552 1.57 115.74 -32.92
N TYR G 553 0.56 114.88 -33.03
CA TYR G 553 0.55 113.62 -32.32
C TYR G 553 1.50 112.61 -32.94
N LEU G 554 1.89 112.84 -34.17
CA LEU G 554 2.74 111.95 -34.89
C LEU G 554 4.16 112.46 -34.90
N ASP G 555 4.29 113.76 -35.06
CA ASP G 555 5.59 114.37 -35.15
C ASP G 555 6.28 114.52 -33.81
N ARG G 556 5.52 114.82 -32.75
CA ARG G 556 6.12 114.95 -31.43
C ARG G 556 5.53 114.00 -30.41
N GLY G 557 4.50 113.25 -30.80
CA GLY G 557 3.86 112.32 -29.88
C GLY G 557 2.69 112.98 -29.16
N GLY H 34 46.17 41.87 43.80
CA GLY H 34 45.78 41.74 42.37
C GLY H 34 45.15 40.38 42.25
N PHE H 35 45.59 39.62 41.24
CA PHE H 35 45.05 38.28 41.04
C PHE H 35 46.04 37.30 40.44
N VAL H 36 46.12 36.11 41.06
CA VAL H 36 46.95 35.03 40.54
C VAL H 36 46.11 33.78 40.33
N ALA H 37 46.14 33.29 39.10
CA ALA H 37 45.42 32.08 38.76
C ALA H 37 46.30 30.89 39.11
N LYS H 38 45.73 29.78 39.58
CA LYS H 38 46.53 28.61 39.96
C LYS H 38 45.74 27.43 39.49
N ASP H 39 46.06 27.04 38.26
CA ASP H 39 45.37 25.96 37.62
C ASP H 39 43.84 26.10 37.60
N ASP H 40 43.34 27.29 37.28
CA ASP H 40 41.94 27.54 37.35
C ASP H 40 41.33 27.41 36.00
N SER H 41 40.06 27.07 35.93
CA SER H 41 39.44 26.98 34.60
C SER H 41 39.25 28.41 34.09
N LEU H 42 39.21 28.55 32.76
CA LEU H 42 38.95 29.81 32.11
C LEU H 42 37.53 30.15 32.23
N ARG H 43 36.70 29.16 32.42
CA ARG H 43 35.37 29.47 32.75
C ARG H 43 35.41 30.32 34.00
N THR H 44 36.14 29.89 35.03
CA THR H 44 36.13 30.63 36.31
C THR H 44 36.81 31.95 36.10
N PHE H 45 37.94 31.88 35.43
CA PHE H 45 38.77 33.05 35.21
C PHE H 45 37.99 34.12 34.47
N PHE H 46 37.31 33.77 33.39
CA PHE H 46 36.65 34.85 32.68
C PHE H 46 35.36 35.33 33.32
N ASP H 47 34.77 34.46 34.16
CA ASP H 47 33.68 34.87 35.02
C ASP H 47 34.12 35.89 36.04
N ALA H 48 35.35 35.77 36.55
CA ALA H 48 35.94 36.79 37.42
C ALA H 48 36.10 38.13 36.64
N MET H 49 36.48 38.02 35.38
CA MET H 49 36.52 39.24 34.55
C MET H 49 35.13 39.82 34.32
N ALA H 50 34.15 38.95 34.16
CA ALA H 50 32.77 39.41 34.02
C ALA H 50 32.25 40.12 35.27
N LEU H 51 32.78 39.74 36.44
CA LEU H 51 32.41 40.42 37.68
C LEU H 51 33.18 41.70 37.86
N GLN H 52 34.43 41.75 37.40
CA GLN H 52 35.19 42.99 37.55
C GLN H 52 34.87 44.05 36.53
N LEU H 53 34.56 43.60 35.31
CA LEU H 53 34.25 44.53 34.25
C LEU H 53 32.73 44.67 34.15
N LYS H 54 32.34 45.93 34.06
CA LYS H 54 30.94 46.31 33.93
C LYS H 54 30.30 45.54 32.76
N GLU H 55 30.93 45.63 31.60
CA GLU H 55 30.50 44.89 30.41
C GLU H 55 30.53 43.38 30.50
N PRO H 56 29.52 42.69 29.90
CA PRO H 56 29.58 41.24 29.99
C PRO H 56 30.85 40.75 29.32
N VAL H 57 31.41 39.68 29.84
CA VAL H 57 32.54 39.04 29.19
C VAL H 57 31.99 37.72 28.76
N ILE H 58 31.68 37.52 27.47
CA ILE H 58 31.08 36.26 27.04
C ILE H 58 32.13 35.47 26.30
N VAL H 59 32.20 34.19 26.64
CA VAL H 59 33.25 33.32 26.15
C VAL H 59 32.63 32.13 25.36
N SER H 60 33.36 31.56 24.42
CA SER H 60 32.89 30.34 23.77
C SER H 60 33.18 29.16 24.65
N LYS H 61 32.64 28.01 24.25
CA LYS H 61 32.86 26.78 24.96
C LYS H 61 34.37 26.49 25.05
N MET H 62 35.06 26.69 23.93
CA MET H 62 36.49 26.45 23.82
C MET H 62 37.30 27.42 24.63
N ALA H 63 36.86 28.67 24.65
CA ALA H 63 37.48 29.70 25.49
C ALA H 63 37.38 29.40 26.98
N ALA H 64 36.27 28.80 27.40
CA ALA H 64 36.06 28.36 28.81
C ALA H 64 36.66 27.02 29.22
N ARG H 65 36.80 26.14 28.24
CA ARG H 65 37.31 24.78 28.39
C ARG H 65 38.77 24.69 28.97
N LYS H 66 39.67 25.55 28.51
CA LYS H 66 41.06 25.43 28.94
C LYS H 66 41.24 26.09 30.31
N LYS H 67 42.42 25.93 30.89
CA LYS H 67 42.74 26.43 32.24
C LYS H 67 43.76 27.54 32.17
N ILE H 68 44.12 28.10 33.33
CA ILE H 68 45.02 29.24 33.31
C ILE H 68 45.80 29.32 34.59
N THR H 69 47.08 29.65 34.52
CA THR H 69 47.91 29.83 35.70
C THR H 69 48.80 31.04 35.51
N GLY H 70 48.87 31.91 36.52
CA GLY H 70 49.75 33.09 36.45
C GLY H 70 49.13 34.36 37.03
N ASN H 71 49.96 35.38 37.21
CA ASN H 71 49.50 36.63 37.77
C ASN H 71 48.80 37.45 36.72
N PHE H 72 47.48 37.50 36.80
CA PHE H 72 46.59 38.20 35.87
C PHE H 72 45.57 39.09 36.56
N GLU H 73 46.09 40.21 37.02
CA GLU H 73 45.30 41.24 37.68
C GLU H 73 44.26 41.72 36.67
N PHE H 74 43.07 42.02 37.18
CA PHE H 74 41.96 42.42 36.35
C PHE H 74 41.85 43.95 36.24
N HIS H 75 42.97 44.65 36.33
CA HIS H 75 42.88 46.10 36.28
C HIS H 75 42.56 46.60 34.89
N ASP H 76 42.81 45.79 33.85
CA ASP H 76 42.51 46.19 32.49
C ASP H 76 42.27 44.97 31.68
N PRO H 77 41.02 44.52 31.61
CA PRO H 77 40.46 43.37 30.86
C PRO H 77 40.82 43.34 29.38
N ASN H 78 40.82 44.50 28.77
CA ASN H 78 41.15 44.58 27.36
C ASN H 78 42.62 44.36 27.05
N ALA H 79 43.51 45.02 27.78
CA ALA H 79 44.93 44.81 27.65
C ALA H 79 45.31 43.41 28.19
N LEU H 80 44.57 42.93 29.17
CA LEU H 80 44.78 41.59 29.70
C LEU H 80 44.58 40.57 28.60
N LEU H 81 43.48 40.69 27.86
CA LEU H 81 43.19 39.79 26.75
C LEU H 81 44.22 39.88 25.63
N GLU H 82 44.83 41.05 25.45
CA GLU H 82 45.90 41.14 24.49
C GLU H 82 47.07 40.29 25.05
N LYS H 83 47.32 40.39 26.35
CA LYS H 83 48.36 39.51 26.90
C LYS H 83 47.93 38.05 26.77
N LEU H 84 46.64 37.75 26.90
CA LEU H 84 46.24 36.34 26.89
C LEU H 84 46.17 35.76 25.49
N SER H 85 46.48 36.58 24.48
CA SER H 85 46.55 36.11 23.10
C SER H 85 47.86 35.34 22.98
N LEU H 86 48.77 35.62 23.91
CA LEU H 86 50.05 34.90 24.02
C LEU H 86 50.10 33.90 25.13
N GLN H 87 49.40 34.21 26.22
CA GLN H 87 49.44 33.30 27.35
C GLN H 87 48.43 32.15 27.15
N LEU H 88 47.27 32.44 26.58
CA LEU H 88 46.31 31.39 26.37
C LEU H 88 46.24 30.98 24.91
N GLY H 89 46.35 31.98 24.04
CA GLY H 89 46.17 31.74 22.62
C GLY H 89 44.72 31.85 22.16
N LEU H 90 44.07 32.88 22.68
CA LEU H 90 42.65 33.16 22.41
C LEU H 90 42.61 34.44 21.65
N ILE H 91 41.50 34.66 20.97
CA ILE H 91 41.23 35.90 20.27
C ILE H 91 39.89 36.42 20.85
N TRP H 92 39.68 37.73 20.72
CA TRP H 92 38.60 38.39 21.42
C TRP H 92 38.13 39.57 20.62
N TYR H 93 36.95 40.04 20.99
CA TYR H 93 36.34 41.19 20.33
C TYR H 93 35.54 42.03 21.34
N PHE H 94 35.63 43.35 21.28
CA PHE H 94 34.89 44.22 22.19
C PHE H 94 34.03 45.11 21.34
N ASP H 95 32.69 45.03 21.41
CA ASP H 95 31.84 45.88 20.55
C ASP H 95 31.44 47.15 21.23
N GLY H 96 31.98 47.40 22.43
CA GLY H 96 31.74 48.65 23.19
C GLY H 96 30.82 48.30 24.35
N GLN H 97 30.05 47.24 24.20
CA GLN H 97 29.11 46.85 25.26
C GLN H 97 29.39 45.49 25.88
N ALA H 98 30.06 44.60 25.16
CA ALA H 98 30.38 43.29 25.70
C ALA H 98 31.60 42.67 24.99
N ILE H 99 32.35 41.83 25.70
CA ILE H 99 33.52 41.16 25.12
C ILE H 99 33.20 39.75 24.61
N TYR H 100 33.76 39.36 23.46
CA TYR H 100 33.46 38.00 22.88
C TYR H 100 34.72 37.28 22.63
N ILE H 101 34.98 36.28 23.45
CA ILE H 101 36.28 35.61 23.49
C ILE H 101 36.14 34.24 22.82
N TYR H 102 36.89 34.02 21.74
CA TYR H 102 36.92 32.72 21.10
C TYR H 102 38.31 32.25 21.12
N ASP H 103 38.43 30.99 20.84
CA ASP H 103 39.73 30.36 20.70
C ASP H 103 40.36 30.86 19.41
N ALA H 104 41.66 30.95 19.39
CA ALA H 104 42.32 31.40 18.18
C ALA H 104 42.04 30.47 17.00
N SER H 105 41.75 29.21 17.26
CA SER H 105 41.48 28.30 16.15
C SER H 105 40.06 28.50 15.62
N GLU H 106 39.27 29.33 16.30
CA GLU H 106 37.88 29.55 15.86
C GLU H 106 37.78 30.79 14.94
N MET H 107 38.95 31.35 14.61
CA MET H 107 39.04 32.44 13.72
C MET H 107 38.43 32.14 12.36
N ARG H 108 37.71 33.12 11.84
CA ARG H 108 37.01 33.02 10.57
C ARG H 108 37.63 33.96 9.55
N ASN H 109 37.46 33.62 8.29
CA ASN H 109 37.91 34.45 7.19
C ASN H 109 36.76 34.75 6.26
N ALA H 110 36.88 35.83 5.52
CA ALA H 110 35.84 36.07 4.56
C ALA H 110 36.38 36.90 3.46
N VAL H 111 35.77 36.66 2.31
CA VAL H 111 36.03 37.43 1.08
C VAL H 111 34.75 38.14 0.66
N VAL H 112 34.73 39.46 0.80
CA VAL H 112 33.49 40.15 0.59
C VAL H 112 33.76 41.27 -0.37
N SER H 113 32.94 41.32 -1.44
CA SER H 113 32.97 42.38 -2.48
C SER H 113 32.32 43.62 -1.89
N LEU H 114 32.68 44.81 -2.39
CA LEU H 114 32.13 46.04 -1.85
C LEU H 114 31.72 46.87 -3.04
N ARG H 115 30.42 47.17 -3.14
CA ARG H 115 29.84 47.82 -4.31
C ARG H 115 29.80 49.34 -4.21
N ASN H 116 29.03 49.89 -3.26
CA ASN H 116 28.72 51.33 -3.28
C ASN H 116 29.53 52.17 -2.34
N VAL H 117 30.55 51.56 -1.77
CA VAL H 117 31.39 52.14 -0.76
C VAL H 117 32.83 51.88 -1.17
N SER H 118 33.66 52.89 -0.96
CA SER H 118 35.06 52.81 -1.20
C SER H 118 35.67 51.97 -0.12
N LEU H 119 36.73 51.26 -0.47
CA LEU H 119 37.30 50.32 0.44
C LEU H 119 37.76 51.01 1.77
N ASN H 120 38.42 52.17 1.68
CA ASN H 120 38.80 52.92 2.85
C ASN H 120 37.61 53.56 3.54
N GLU H 121 36.65 54.03 2.77
CA GLU H 121 35.40 54.54 3.29
C GLU H 121 34.68 53.47 4.10
N PHE H 122 34.66 52.22 3.62
CA PHE H 122 34.04 51.14 4.41
C PHE H 122 34.69 50.97 5.81
N ASN H 123 36.03 50.90 5.84
CA ASN H 123 36.77 50.80 7.11
C ASN H 123 36.45 51.95 8.02
N ASN H 124 36.33 53.13 7.43
CA ASN H 124 35.99 54.30 8.23
C ASN H 124 34.59 54.24 8.75
N PHE H 125 33.68 53.68 7.97
CA PHE H 125 32.35 53.60 8.45
C PHE H 125 32.28 52.63 9.64
N LEU H 126 33.10 51.60 9.66
CA LEU H 126 33.10 50.73 10.83
C LEU H 126 33.70 51.42 12.03
N LYS H 127 34.62 52.36 11.78
CA LYS H 127 35.26 53.11 12.86
C LYS H 127 34.24 54.13 13.41
N ARG H 128 33.38 54.62 12.51
CA ARG H 128 32.29 55.56 12.80
C ARG H 128 31.22 54.86 13.62
N SER H 129 31.01 53.60 13.29
CA SER H 129 30.13 52.71 14.05
C SER H 129 30.75 52.39 15.43
N GLY H 130 32.06 52.31 15.46
CA GLY H 130 32.77 52.07 16.71
C GLY H 130 32.88 50.57 16.85
N LEU H 131 32.85 49.85 15.73
CA LEU H 131 32.85 48.39 15.84
C LEU H 131 34.14 47.82 15.34
N TYR H 132 34.79 48.63 14.53
CA TYR H 132 36.05 48.27 14.01
C TYR H 132 37.05 48.06 15.15
N ASN H 133 37.40 46.79 15.36
CA ASN H 133 38.49 46.42 16.24
C ASN H 133 39.85 46.42 15.55
N LYS H 134 40.71 47.39 15.94
CA LYS H 134 42.02 47.60 15.28
C LYS H 134 43.00 46.45 15.51
N ASN H 135 42.69 45.54 16.42
CA ASN H 135 43.58 44.39 16.61
C ASN H 135 43.38 43.37 15.52
N TYR H 136 42.36 43.53 14.69
CA TYR H 136 42.15 42.59 13.59
C TYR H 136 41.83 43.42 12.34
N PRO H 137 42.90 43.97 11.73
CA PRO H 137 42.86 44.82 10.55
C PRO H 137 42.19 44.13 9.39
N LEU H 138 41.46 44.90 8.63
CA LEU H 138 40.93 44.42 7.38
C LEU H 138 41.90 44.69 6.22
N ARG H 139 41.82 43.84 5.19
CA ARG H 139 42.78 43.94 4.10
C ARG H 139 42.07 44.40 2.85
N GLY H 140 42.63 45.47 2.30
CA GLY H 140 42.12 46.05 1.06
C GLY H 140 43.04 45.76 -0.13
N ASP H 141 42.72 46.34 -1.28
CA ASP H 141 43.50 46.19 -2.51
C ASP H 141 43.09 47.32 -3.47
N ASN H 142 44.01 48.23 -3.78
CA ASN H 142 43.63 49.38 -4.62
C ASN H 142 43.17 49.05 -6.04
N ARG H 143 43.48 47.83 -6.52
CA ARG H 143 43.15 47.44 -7.87
C ARG H 143 42.07 46.36 -7.94
N LYS H 144 41.46 46.07 -6.79
CA LYS H 144 40.42 45.05 -6.70
C LYS H 144 39.33 45.56 -5.76
N GLY H 145 38.08 45.48 -6.23
CA GLY H 145 36.91 46.01 -5.49
C GLY H 145 36.35 45.13 -4.35
N THR H 146 37.26 44.45 -3.65
CA THR H 146 36.92 43.60 -2.53
C THR H 146 37.80 43.92 -1.36
N PHE H 147 37.47 43.24 -0.25
CA PHE H 147 38.26 43.31 0.97
C PHE H 147 38.16 41.97 1.69
N TYR H 148 39.11 41.71 2.59
CA TYR H 148 39.27 40.42 3.25
C TYR H 148 39.13 40.68 4.75
N VAL H 149 38.50 39.71 5.40
CA VAL H 149 38.12 39.83 6.80
C VAL H 149 38.78 38.66 7.48
N SER H 150 39.42 38.92 8.61
CA SER H 150 39.97 37.86 9.48
C SER H 150 39.72 38.30 10.90
N GLY H 151 39.37 37.34 11.73
CA GLY H 151 39.17 37.66 13.13
C GLY H 151 38.26 36.72 13.82
N PRO H 152 37.84 37.05 15.04
CA PRO H 152 36.93 36.17 15.72
C PRO H 152 35.55 36.17 15.07
N PRO H 153 34.79 35.09 15.26
CA PRO H 153 33.48 34.99 14.61
C PRO H 153 32.53 36.19 14.74
N VAL H 154 32.47 36.86 15.90
CA VAL H 154 31.67 38.06 16.00
C VAL H 154 32.30 39.25 15.25
N TYR H 155 33.61 39.44 15.29
CA TYR H 155 34.18 40.52 14.47
C TYR H 155 33.87 40.28 13.00
N VAL H 156 34.11 39.06 12.56
CA VAL H 156 34.00 38.71 11.12
C VAL H 156 32.58 38.86 10.66
N ASP H 157 31.66 38.26 11.41
CA ASP H 157 30.24 38.38 11.06
C ASP H 157 29.77 39.83 11.07
N MET H 158 30.26 40.62 12.00
CA MET H 158 29.93 42.06 12.02
C MET H 158 30.43 42.68 10.74
N VAL H 159 31.67 42.45 10.38
CA VAL H 159 32.20 43.19 9.19
C VAL H 159 31.50 42.79 7.91
N VAL H 160 31.33 41.48 7.75
CA VAL H 160 30.70 40.94 6.56
C VAL H 160 29.24 41.43 6.36
N ASN H 161 28.42 41.41 7.42
CA ASN H 161 27.00 41.83 7.37
C ASN H 161 26.94 43.32 7.16
N ALA H 162 27.91 44.03 7.75
CA ALA H 162 27.94 45.47 7.66
C ALA H 162 28.08 45.93 6.23
N ALA H 163 28.91 45.21 5.46
CA ALA H 163 29.15 45.59 4.05
C ALA H 163 27.84 45.50 3.30
N THR H 164 27.09 44.44 3.60
CA THR H 164 25.81 44.28 2.95
C THR H 164 24.84 45.43 3.24
N MET H 165 24.82 45.80 4.53
CA MET H 165 23.93 46.85 5.02
C MET H 165 24.34 48.17 4.40
N MET H 166 25.63 48.43 4.32
CA MET H 166 26.11 49.69 3.72
C MET H 166 25.83 49.84 2.23
N ASP H 167 25.95 48.78 1.47
CA ASP H 167 25.63 48.94 0.09
C ASP H 167 24.13 49.21 -0.10
N LYS H 168 23.29 48.64 0.80
CA LYS H 168 21.84 48.88 0.77
C LYS H 168 21.56 50.32 1.16
N GLN H 169 22.34 50.86 2.09
CA GLN H 169 22.18 52.24 2.50
C GLN H 169 22.73 53.19 1.48
N ASN H 170 23.71 52.75 0.71
CA ASN H 170 24.25 53.63 -0.32
C ASN H 170 23.85 53.24 -1.69
N ASP H 171 22.68 52.60 -1.80
CA ASP H 171 22.15 52.15 -3.05
C ASP H 171 21.52 53.32 -3.86
N GLY H 172 27.22 72.47 -18.70
CA GLY H 172 27.71 71.26 -19.34
C GLY H 172 26.64 70.62 -20.21
N ILE H 173 25.38 70.81 -19.82
CA ILE H 173 24.21 70.30 -20.53
C ILE H 173 24.08 68.81 -20.30
N GLU H 174 24.28 68.37 -19.07
CA GLU H 174 24.25 66.94 -18.76
C GLU H 174 23.17 66.58 -17.75
N LEU H 175 22.64 65.38 -17.92
CA LEU H 175 21.62 64.83 -17.03
C LEU H 175 21.83 63.34 -16.88
N GLY H 176 22.48 62.95 -15.80
CA GLY H 176 22.76 61.55 -15.57
C GLY H 176 23.76 61.06 -16.60
N ARG H 177 23.39 59.99 -17.30
CA ARG H 177 24.26 59.43 -18.33
C ARG H 177 24.04 60.02 -19.71
N GLN H 178 23.17 61.03 -19.83
CA GLN H 178 22.92 61.60 -21.15
C GLN H 178 23.18 63.08 -21.19
N LYS H 179 23.34 63.60 -22.40
CA LYS H 179 23.59 65.01 -22.58
C LYS H 179 23.29 65.48 -23.98
N ILE H 180 23.27 66.80 -24.14
CA ILE H 180 22.99 67.37 -25.45
C ILE H 180 24.13 68.25 -25.90
N GLY H 181 24.61 68.02 -27.11
CA GLY H 181 25.68 68.82 -27.65
C GLY H 181 25.18 69.76 -28.72
N VAL H 182 25.63 71.01 -28.65
CA VAL H 182 25.25 72.01 -29.64
C VAL H 182 26.43 72.22 -30.56
N MET H 183 26.24 71.94 -31.83
CA MET H 183 27.36 72.01 -32.76
C MET H 183 27.11 72.99 -33.87
N ARG H 184 27.77 74.15 -33.80
CA ARG H 184 27.60 75.16 -34.84
C ARG H 184 28.47 74.83 -36.02
N LEU H 185 27.90 74.91 -37.22
CA LEU H 185 28.72 74.66 -38.38
C LEU H 185 29.29 75.97 -38.85
N ASN H 186 30.57 75.95 -39.22
CA ASN H 186 31.22 77.18 -39.59
C ASN H 186 31.49 77.30 -41.08
N ASN H 187 31.71 76.19 -41.76
CA ASN H 187 32.00 76.26 -43.19
C ASN H 187 30.84 75.83 -44.07
N THR H 188 29.67 75.58 -43.49
CA THR H 188 28.54 75.21 -44.32
C THR H 188 27.20 75.57 -43.70
N PHE H 189 26.13 75.10 -44.33
CA PHE H 189 24.77 75.41 -43.89
C PHE H 189 24.00 74.19 -43.44
N VAL H 190 23.24 74.37 -42.37
CA VAL H 190 22.34 73.32 -41.91
C VAL H 190 21.03 73.46 -42.66
N GLY H 191 20.60 72.39 -43.30
CA GLY H 191 19.34 72.44 -44.03
C GLY H 191 19.49 72.01 -45.47
N ASP H 192 18.38 71.94 -46.18
CA ASP H 192 18.38 71.50 -47.56
C ASP H 192 18.35 72.67 -48.54
N ARG H 193 18.95 72.48 -49.72
CA ARG H 193 18.98 73.51 -50.75
C ARG H 193 17.95 73.23 -51.82
N THR H 194 17.08 74.19 -52.10
CA THR H 194 16.05 73.98 -53.09
C THR H 194 16.12 75.00 -54.21
N TYR H 195 15.97 74.54 -55.45
CA TYR H 195 16.01 75.43 -56.59
C TYR H 195 15.13 74.94 -57.71
N ASN H 196 14.78 75.84 -58.61
CA ASN H 196 13.93 75.49 -59.72
C ASN H 196 14.63 75.49 -61.06
N LEU H 197 14.21 74.60 -61.92
CA LEU H 197 14.67 74.47 -63.29
C LEU H 197 13.49 74.64 -64.20
N ARG H 198 12.97 75.85 -64.25
CA ARG H 198 11.84 76.15 -65.10
C ARG H 198 10.60 75.45 -64.60
N ASP H 199 10.33 74.27 -65.16
CA ASP H 199 9.13 73.53 -64.84
C ASP H 199 9.28 72.52 -63.72
N GLN H 200 10.47 72.40 -63.10
CA GLN H 200 10.58 71.43 -62.02
C GLN H 200 11.43 71.91 -60.85
N LYS H 201 11.15 71.34 -59.67
CA LYS H 201 11.85 71.71 -58.44
C LYS H 201 12.82 70.64 -57.98
N MET H 202 14.04 71.06 -57.69
CA MET H 202 15.09 70.17 -57.24
C MET H 202 15.44 70.40 -55.78
N VAL H 203 15.76 69.32 -55.07
CA VAL H 203 16.14 69.45 -53.66
C VAL H 203 17.42 68.69 -53.33
N ILE H 204 18.36 69.38 -52.69
CA ILE H 204 19.62 68.81 -52.26
C ILE H 204 19.64 68.68 -50.75
N PRO H 205 19.75 67.47 -50.22
CA PRO H 205 19.77 67.17 -48.81
C PRO H 205 21.04 67.68 -48.16
N GLY H 206 20.90 68.22 -46.95
CA GLY H 206 22.06 68.73 -46.23
C GLY H 206 22.63 67.72 -45.25
N ILE H 207 23.55 68.20 -44.41
CA ILE H 207 24.23 67.38 -43.43
C ILE H 207 23.34 66.83 -42.35
N ALA H 208 22.26 67.53 -42.04
CA ALA H 208 21.36 67.07 -41.00
C ALA H 208 20.68 65.80 -41.44
N THR H 209 20.22 65.80 -42.68
CA THR H 209 19.55 64.66 -43.25
C THR H 209 20.51 63.50 -43.43
N ALA H 210 21.70 63.79 -43.95
CA ALA H 210 22.69 62.75 -44.19
C ALA H 210 23.03 62.00 -42.92
N ILE H 211 23.35 62.73 -41.86
CA ILE H 211 23.71 62.09 -40.62
C ILE H 211 22.55 61.33 -40.01
N GLU H 212 21.36 61.93 -40.03
CA GLU H 212 20.19 61.27 -39.50
C GLU H 212 19.98 59.91 -40.12
N ARG H 213 20.05 59.85 -41.45
CA ARG H 213 19.86 58.60 -42.15
C ARG H 213 20.93 57.60 -41.83
N LEU H 214 22.15 58.06 -41.69
CA LEU H 214 23.27 57.19 -41.39
C LEU H 214 23.10 56.50 -40.06
N LEU H 215 22.75 57.27 -39.03
CA LEU H 215 22.60 56.71 -37.71
C LEU H 215 21.34 55.88 -37.56
N GLN H 216 20.27 56.29 -38.22
CA GLN H 216 19.02 55.57 -38.11
C GLN H 216 18.73 54.77 -39.38
N ILE H 267 20.92 57.48 -31.09
CA ILE H 267 21.28 58.89 -31.04
C ILE H 267 20.21 59.74 -31.72
N LYS H 268 19.83 60.82 -31.07
CA LYS H 268 18.81 61.71 -31.61
C LYS H 268 19.41 63.01 -32.08
N ILE H 269 19.28 63.32 -33.36
CA ILE H 269 19.84 64.58 -33.85
C ILE H 269 18.80 65.45 -34.53
N VAL H 270 18.70 66.68 -34.05
CA VAL H 270 17.75 67.65 -34.59
C VAL H 270 18.43 68.91 -35.07
N ALA H 271 18.08 69.32 -36.28
CA ALA H 271 18.64 70.53 -36.86
C ALA H 271 18.06 71.77 -36.21
N TYR H 272 18.86 72.82 -36.10
CA TYR H 272 18.37 74.08 -35.57
C TYR H 272 18.93 75.25 -36.38
N PRO H 273 18.28 75.56 -37.50
CA PRO H 273 18.58 76.57 -38.52
C PRO H 273 18.88 77.93 -37.95
N ASP H 274 18.17 78.32 -36.92
CA ASP H 274 18.32 79.63 -36.33
C ASP H 274 19.75 79.97 -35.96
N THR H 275 20.52 78.99 -35.51
CA THR H 275 21.90 79.22 -35.12
C THR H 275 22.86 78.40 -35.96
N ASN H 276 22.36 77.90 -37.09
CA ASN H 276 23.11 77.06 -38.02
C ASN H 276 23.80 75.95 -37.29
N SER H 277 23.06 75.22 -36.48
CA SER H 277 23.69 74.20 -35.66
C SER H 277 22.88 72.95 -35.51
N LEU H 278 23.53 71.91 -34.98
CA LEU H 278 22.89 70.64 -34.73
C LEU H 278 22.75 70.36 -33.25
N LEU H 279 21.67 69.70 -32.89
CA LEU H 279 21.41 69.31 -31.52
C LEU H 279 21.56 67.81 -31.38
N VAL H 280 22.62 67.35 -30.73
CA VAL H 280 22.87 65.92 -30.63
C VAL H 280 22.61 65.39 -29.23
N LYS H 281 21.64 64.50 -29.09
CA LYS H 281 21.31 63.94 -27.79
C LYS H 281 21.70 62.47 -27.67
N GLY H 282 22.41 62.15 -26.59
CA GLY H 282 22.86 60.78 -26.35
C GLY H 282 23.81 60.71 -25.18
N THR H 283 24.63 59.66 -25.11
CA THR H 283 25.59 59.56 -24.02
C THR H 283 26.77 60.42 -24.33
N ALA H 284 27.60 60.66 -23.33
CA ALA H 284 28.78 61.50 -23.53
C ALA H 284 29.65 60.99 -24.66
N GLU H 285 29.82 59.68 -24.72
CA GLU H 285 30.63 59.08 -25.77
C GLU H 285 29.97 59.22 -27.12
N GLN H 286 28.65 59.04 -27.16
CA GLN H 286 27.93 59.16 -28.42
C GLN H 286 27.99 60.57 -28.96
N VAL H 287 27.87 61.56 -28.09
CA VAL H 287 27.95 62.94 -28.51
C VAL H 287 29.32 63.26 -29.04
N HIS H 288 30.36 62.84 -28.32
CA HIS H 288 31.73 63.05 -28.75
C HIS H 288 31.99 62.46 -30.12
N PHE H 289 31.51 61.24 -30.32
CA PHE H 289 31.62 60.53 -31.56
C PHE H 289 31.06 61.35 -32.71
N ILE H 290 29.84 61.84 -32.55
CA ILE H 290 29.21 62.65 -33.58
C ILE H 290 29.95 63.95 -33.78
N GLU H 291 30.42 64.56 -32.68
CA GLU H 291 31.18 65.79 -32.76
C GLU H 291 32.33 65.70 -33.71
N MET H 292 33.10 64.63 -33.60
CA MET H 292 34.24 64.44 -34.45
C MET H 292 33.82 64.28 -35.90
N LEU H 293 32.74 63.54 -36.13
CA LEU H 293 32.22 63.35 -37.49
C LEU H 293 31.93 64.67 -38.15
N VAL H 294 31.22 65.53 -37.41
CA VAL H 294 30.89 66.83 -37.89
C VAL H 294 32.11 67.64 -38.25
N LYS H 295 33.12 67.63 -37.38
CA LYS H 295 34.34 68.35 -37.64
C LYS H 295 35.03 67.89 -38.90
N ALA H 296 34.97 66.59 -39.17
CA ALA H 296 35.55 66.05 -40.38
C ALA H 296 34.86 66.56 -41.63
N LEU H 297 33.53 66.67 -41.58
CA LEU H 297 32.76 67.10 -42.74
C LEU H 297 32.72 68.62 -42.96
N ASP H 298 32.71 69.39 -41.88
CA ASP H 298 32.59 70.85 -41.93
C ASP H 298 33.83 71.57 -42.46
N VAL H 299 34.05 71.51 -43.78
CA VAL H 299 35.22 72.15 -44.38
C VAL H 299 34.86 73.21 -45.42
N ALA H 300 35.79 74.14 -45.63
CA ALA H 300 35.62 75.26 -46.55
C ALA H 300 35.65 74.87 -48.01
N LYS H 301 34.95 75.65 -48.84
CA LYS H 301 34.89 75.41 -50.28
C LYS H 301 35.49 76.52 -51.11
N ARG H 302 36.13 76.15 -52.20
CA ARG H 302 36.70 77.08 -53.17
C ARG H 302 35.65 77.49 -54.20
N HIS H 303 35.92 78.59 -54.90
CA HIS H 303 34.98 79.06 -55.91
C HIS H 303 35.43 78.74 -57.30
N VAL H 304 34.46 78.46 -58.15
CA VAL H 304 34.73 78.13 -59.55
C VAL H 304 33.95 79.04 -60.48
N GLU H 305 34.66 79.68 -61.40
CA GLU H 305 34.00 80.52 -62.38
C GLU H 305 33.94 79.82 -63.72
N LEU H 306 32.75 79.76 -64.27
CA LEU H 306 32.52 79.10 -65.53
C LEU H 306 32.20 80.05 -66.66
N SER H 307 32.94 79.95 -67.75
CA SER H 307 32.65 80.76 -68.92
C SER H 307 32.33 79.88 -70.12
N LEU H 308 31.22 80.19 -70.77
CA LEU H 308 30.79 79.47 -71.96
C LEU H 308 30.92 80.34 -73.19
N TRP H 309 31.63 79.86 -74.19
CA TRP H 309 31.78 80.63 -75.39
C TRP H 309 30.92 80.03 -76.48
N ILE H 310 30.06 80.84 -77.08
CA ILE H 310 29.24 80.36 -78.16
C ILE H 310 29.54 81.17 -79.41
N VAL H 311 30.07 80.52 -80.42
CA VAL H 311 30.44 81.24 -81.64
C VAL H 311 29.63 80.76 -82.82
N ASP H 312 29.06 81.71 -83.56
CA ASP H 312 28.24 81.40 -84.71
C ASP H 312 28.59 82.25 -85.94
N LEU H 313 29.17 81.61 -86.95
CA LEU H 313 29.58 82.29 -88.17
C LEU H 313 28.75 81.87 -89.38
N ASN H 314 28.37 82.84 -90.22
CA ASN H 314 27.58 82.57 -91.42
C ASN H 314 28.09 83.28 -92.64
N LYS H 315 28.11 82.57 -93.76
CA LYS H 315 28.55 83.14 -95.01
C LYS H 315 27.70 82.63 -96.18
N SER H 316 27.27 83.51 -97.07
CA SER H 316 26.51 83.02 -98.22
C SER H 316 26.74 83.82 -99.49
N ASP H 317 26.39 83.21 -100.61
CA ASP H 317 26.59 83.80 -101.92
C ASP H 317 25.51 83.34 -102.92
N LEU H 318 24.59 84.23 -103.24
CA LEU H 318 23.47 83.94 -104.13
C LEU H 318 23.57 84.65 -105.47
N GLU H 319 23.40 83.91 -106.56
CA GLU H 319 23.38 84.53 -107.87
C GLU H 319 22.21 84.06 -108.68
N ARG H 320 21.42 84.99 -109.19
CA ARG H 320 20.28 84.65 -110.03
C ARG H 320 20.28 85.48 -111.30
N LEU H 321 20.26 84.83 -112.45
CA LEU H 321 20.24 85.60 -113.68
C LEU H 321 19.61 84.87 -114.85
N GLY H 322 18.59 85.49 -115.43
CA GLY H 322 17.97 84.93 -116.62
C GLY H 322 16.49 85.20 -116.71
N THR H 323 15.81 84.42 -117.55
CA THR H 323 14.37 84.60 -117.71
C THR H 323 13.59 83.30 -117.62
N SER H 324 12.27 83.44 -117.54
CA SER H 324 11.38 82.30 -117.51
C SER H 324 10.09 82.62 -118.27
N TRP H 325 9.77 81.78 -119.24
CA TRP H 325 8.62 82.04 -120.10
C TRP H 325 7.46 81.09 -119.87
N SER H 326 6.28 81.65 -119.66
CA SER H 326 5.07 80.84 -119.53
C SER H 326 3.83 81.69 -119.69
N GLY H 327 2.71 81.06 -119.99
CA GLY H 327 1.46 81.83 -120.11
C GLY H 327 0.58 81.34 -121.24
N SER H 328 -0.28 82.21 -121.75
CA SER H 328 -1.14 81.77 -122.83
C SER H 328 -1.70 82.85 -123.74
N ILE H 329 -2.49 82.39 -124.71
CA ILE H 329 -3.12 83.28 -125.67
C ILE H 329 -4.32 82.69 -126.39
N THR H 330 -5.35 83.51 -126.57
CA THR H 330 -6.50 83.12 -127.39
C THR H 330 -6.30 83.58 -128.81
N ILE H 331 -6.43 82.65 -129.76
CA ILE H 331 -6.23 82.98 -131.16
C ILE H 331 -7.47 82.77 -132.03
N GLY H 332 -8.00 83.87 -132.53
CA GLY H 332 -9.12 83.87 -133.46
C GLY H 332 -10.41 83.28 -132.90
N ASP H 333 -10.52 83.19 -131.58
CA ASP H 333 -11.65 82.57 -130.92
C ASP H 333 -11.94 81.16 -131.44
N LYS H 334 -10.90 80.46 -131.87
CA LYS H 334 -11.07 79.10 -132.39
C LYS H 334 -10.08 78.14 -131.77
N LEU H 335 -8.95 78.68 -131.31
CA LEU H 335 -7.98 77.86 -130.64
C LEU H 335 -7.12 78.73 -129.74
N GLY H 336 -6.39 78.10 -128.83
CA GLY H 336 -5.52 78.86 -127.96
C GLY H 336 -4.25 78.09 -127.72
N VAL H 337 -3.25 78.77 -127.16
CA VAL H 337 -1.96 78.14 -126.91
C VAL H 337 -1.49 78.32 -125.49
N SER H 338 -0.98 77.25 -124.90
CA SER H 338 -0.46 77.31 -123.54
C SER H 338 1.02 77.06 -123.54
N LEU H 339 1.78 77.89 -122.84
CA LEU H 339 3.22 77.72 -122.81
C LEU H 339 3.72 77.23 -121.49
N ASN H 340 4.39 76.08 -121.53
CA ASN H 340 4.99 75.45 -120.37
C ASN H 340 4.01 75.23 -119.24
N GLN H 341 2.94 74.48 -119.57
CA GLN H 341 1.89 74.10 -118.62
C GLN H 341 1.30 75.25 -117.86
N SER H 342 0.88 76.30 -118.56
CA SER H 342 0.26 77.42 -117.88
C SER H 342 -1.15 77.01 -117.44
N SER H 343 -1.72 77.75 -116.50
CA SER H 343 -3.05 77.42 -115.96
C SER H 343 -4.17 77.96 -116.83
N ILE H 344 -4.30 77.40 -118.04
CA ILE H 344 -5.26 77.74 -119.09
C ILE H 344 -6.68 78.10 -118.62
N SER H 345 -7.13 77.52 -117.51
CA SER H 345 -8.47 77.82 -116.99
C SER H 345 -8.70 79.31 -116.77
N THR H 346 -7.61 80.05 -116.51
CA THR H 346 -7.68 81.50 -116.37
C THR H 346 -6.77 82.16 -117.40
N LEU H 347 -5.67 81.49 -117.76
CA LEU H 347 -4.69 82.00 -118.71
C LEU H 347 -5.26 82.18 -120.12
N ASP H 348 -6.31 81.44 -120.44
CA ASP H 348 -7.03 81.59 -121.71
C ASP H 348 -7.36 83.07 -122.01
N GLY H 349 -7.71 83.84 -120.97
CA GLY H 349 -8.05 85.25 -121.15
C GLY H 349 -6.92 86.18 -120.69
N SER H 350 -5.68 85.70 -120.71
CA SER H 350 -4.55 86.49 -120.28
C SER H 350 -3.48 86.69 -121.36
N ARG H 351 -2.21 86.52 -120.98
CA ARG H 351 -1.10 86.76 -121.90
C ARG H 351 0.14 85.97 -121.51
N PHE H 352 1.25 86.18 -122.23
CA PHE H 352 2.47 85.46 -121.88
C PHE H 352 3.33 86.29 -120.96
N ILE H 353 3.89 85.67 -119.95
CA ILE H 353 4.73 86.38 -119.01
C ILE H 353 6.19 86.00 -119.13
N ALA H 354 7.03 87.02 -119.16
CA ALA H 354 8.47 86.87 -119.21
C ALA H 354 9.05 87.30 -117.88
N ALA H 355 9.26 86.34 -116.99
CA ALA H 355 9.85 86.70 -115.73
C ALA H 355 11.32 86.91 -115.94
N VAL H 356 11.88 87.92 -115.31
CA VAL H 356 13.29 88.23 -115.43
C VAL H 356 13.94 88.40 -114.08
N ASN H 357 14.95 87.61 -113.81
CA ASN H 357 15.68 87.73 -112.56
C ASN H 357 17.07 88.25 -112.80
N ALA H 358 17.56 89.07 -111.88
CA ALA H 358 18.90 89.62 -111.99
C ALA H 358 19.34 90.13 -110.65
N LEU H 359 19.97 89.25 -109.88
CA LEU H 359 20.39 89.62 -108.55
C LEU H 359 21.63 88.91 -108.06
N GLU H 360 22.57 89.68 -107.55
CA GLU H 360 23.73 89.12 -106.90
C GLU H 360 23.66 89.48 -105.43
N GLU H 361 23.88 88.51 -104.55
CA GLU H 361 23.82 88.79 -103.13
C GLU H 361 24.92 88.16 -102.30
N LYS H 362 25.63 88.99 -101.55
CA LYS H 362 26.65 88.52 -100.63
C LYS H 362 26.20 88.76 -99.20
N LYS H 363 26.49 87.83 -98.31
CA LYS H 363 26.10 88.03 -96.93
C LYS H 363 27.08 87.43 -95.93
N GLN H 364 27.34 88.17 -94.86
CA GLN H 364 28.24 87.76 -93.82
C GLN H 364 27.72 88.08 -92.43
N ALA H 365 27.86 87.15 -91.50
CA ALA H 365 27.41 87.45 -90.15
C ALA H 365 28.21 86.72 -89.07
N THR H 366 28.37 87.38 -87.92
CA THR H 366 29.04 86.75 -86.80
C THR H 366 28.40 87.12 -85.48
N VAL H 367 28.28 86.11 -84.62
CA VAL H 367 27.74 86.31 -83.28
C VAL H 367 28.57 85.59 -82.22
N VAL H 368 28.95 86.32 -81.18
CA VAL H 368 29.65 85.71 -80.06
C VAL H 368 28.91 85.97 -78.76
N SER H 369 28.54 84.90 -78.09
CA SER H 369 27.82 85.01 -76.83
C SER H 369 28.58 84.39 -75.69
N ARG H 370 28.60 85.07 -74.55
CA ARG H 370 29.35 84.55 -73.42
C ARG H 370 28.65 84.65 -72.07
N PRO H 371 28.01 83.58 -71.64
CA PRO H 371 27.45 83.40 -70.31
C PRO H 371 28.55 83.20 -69.27
N VAL H 372 28.40 83.84 -68.12
CA VAL H 372 29.35 83.70 -67.03
C VAL H 372 28.66 83.35 -65.72
N LEU H 373 29.14 82.32 -65.03
CA LEU H 373 28.49 81.88 -63.80
C LEU H 373 29.46 81.48 -62.69
N LEU H 374 29.30 82.07 -61.50
CA LEU H 374 30.15 81.76 -60.34
C LEU H 374 29.46 80.85 -59.32
N THR H 375 30.16 79.79 -58.91
CA THR H 375 29.66 78.87 -57.89
C THR H 375 30.79 78.35 -57.00
N GLN H 376 30.50 77.28 -56.27
CA GLN H 376 31.46 76.66 -55.38
C GLN H 376 31.57 75.18 -55.63
N GLU H 377 32.63 74.59 -55.08
CA GLU H 377 32.87 73.17 -55.22
C GLU H 377 31.66 72.36 -54.84
N ASN H 378 31.23 71.48 -55.73
CA ASN H 378 30.11 70.58 -55.48
C ASN H 378 28.77 71.29 -55.33
N VAL H 379 28.64 72.53 -55.80
CA VAL H 379 27.38 73.25 -55.71
C VAL H 379 26.77 73.55 -57.08
N PRO H 380 25.68 72.85 -57.45
CA PRO H 380 24.91 72.98 -58.67
C PRO H 380 24.48 74.40 -58.86
N ALA H 381 24.90 74.99 -59.96
CA ALA H 381 24.56 76.37 -60.23
C ALA H 381 23.75 76.49 -61.49
N ILE H 382 22.82 77.44 -61.47
CA ILE H 382 21.93 77.62 -62.60
C ILE H 382 21.94 79.03 -63.17
N PHE H 383 22.08 79.10 -64.48
CA PHE H 383 22.00 80.37 -65.20
C PHE H 383 20.99 80.24 -66.31
N ASP H 384 19.96 81.06 -66.29
CA ASP H 384 18.96 80.94 -67.34
C ASP H 384 18.46 82.28 -67.84
N ASN H 385 18.84 82.61 -69.06
CA ASN H 385 18.39 83.83 -69.71
C ASN H 385 17.36 83.46 -70.75
N ASN H 386 16.08 83.71 -70.47
CA ASN H 386 15.08 83.21 -71.41
C ASN H 386 13.93 84.14 -71.68
N ARG H 387 13.07 83.71 -72.59
CA ARG H 387 11.85 84.42 -72.88
C ARG H 387 10.68 83.46 -72.86
N THR H 388 9.53 83.96 -72.44
CA THR H 388 8.36 83.14 -72.37
C THR H 388 7.18 83.70 -73.12
N PHE H 389 6.63 82.86 -73.98
CA PHE H 389 5.47 83.16 -74.79
C PHE H 389 4.22 82.58 -74.17
N TYR H 390 3.24 83.42 -73.88
CA TYR H 390 2.01 82.94 -73.28
C TYR H 390 0.86 82.85 -74.25
N THR H 391 -0.03 81.89 -74.03
CA THR H 391 -1.22 81.73 -74.87
C THR H 391 -2.41 81.20 -74.08
N LYS H 392 -3.61 81.55 -74.54
CA LYS H 392 -4.83 81.11 -73.89
C LYS H 392 -5.35 79.79 -74.43
N LEU H 393 -5.85 78.97 -73.53
CA LEU H 393 -6.51 77.73 -73.86
C LEU H 393 -7.92 77.72 -73.29
N ILE H 394 -8.61 78.85 -73.36
CA ILE H 394 -9.94 78.92 -72.81
C ILE H 394 -10.89 78.06 -73.59
N GLY H 395 -11.11 76.84 -73.12
CA GLY H 395 -12.07 75.98 -73.76
C GLY H 395 -13.40 76.21 -73.10
N GLU H 396 -14.33 75.32 -73.34
CA GLU H 396 -15.62 75.45 -72.74
C GLU H 396 -15.62 74.81 -71.36
N ARG H 397 -15.08 73.61 -71.20
CA ARG H 397 -15.01 73.07 -69.86
C ARG H 397 -13.74 73.50 -69.19
N ASN H 398 -12.62 73.02 -69.73
CA ASN H 398 -11.35 73.32 -69.15
C ASN H 398 -10.75 74.56 -69.78
N VAL H 399 -10.19 75.39 -68.94
CA VAL H 399 -9.56 76.61 -69.37
C VAL H 399 -8.17 76.66 -68.78
N ALA H 400 -7.25 77.34 -69.44
CA ALA H 400 -5.90 77.41 -68.93
C ALA H 400 -5.03 78.35 -69.72
N LEU H 401 -3.85 78.61 -69.19
CA LEU H 401 -2.83 79.34 -69.90
C LEU H 401 -1.67 78.42 -70.09
N GLU H 402 -1.01 78.53 -71.22
CA GLU H 402 0.17 77.74 -71.46
C GLU H 402 1.25 78.58 -72.02
N HIS H 403 2.45 78.05 -72.01
CA HIS H 403 3.53 78.85 -72.50
C HIS H 403 4.70 78.09 -73.07
N VAL H 404 5.50 78.82 -73.81
CA VAL H 404 6.69 78.29 -74.43
C VAL H 404 7.90 79.06 -73.95
N THR H 405 8.82 78.37 -73.29
CA THR H 405 10.01 79.02 -72.78
C THR H 405 11.25 78.55 -73.50
N TYR H 406 12.09 79.49 -73.89
CA TYR H 406 13.33 79.17 -74.56
C TYR H 406 14.39 80.23 -74.34
N GLY H 407 15.65 79.86 -74.48
CA GLY H 407 16.72 80.82 -74.27
C GLY H 407 18.05 80.14 -73.99
N THR H 408 18.93 80.83 -73.27
CA THR H 408 20.23 80.32 -72.94
C THR H 408 20.25 79.75 -71.54
N MET H 409 20.54 78.47 -71.41
CA MET H 409 20.52 77.88 -70.09
C MET H 409 21.71 77.00 -69.78
N ILE H 410 22.27 77.19 -68.59
CA ILE H 410 23.38 76.39 -68.13
C ILE H 410 23.15 75.79 -66.76
N ARG H 411 23.28 74.48 -66.69
CA ARG H 411 23.25 73.82 -65.39
C ARG H 411 24.60 73.17 -65.21
N VAL H 412 25.27 73.46 -64.10
CA VAL H 412 26.60 72.90 -63.94
C VAL H 412 26.98 72.47 -62.55
N LEU H 413 27.67 71.35 -62.48
CA LEU H 413 28.21 70.83 -61.24
C LEU H 413 29.72 70.63 -61.35
N PRO H 414 30.52 71.54 -60.81
CA PRO H 414 31.97 71.56 -60.81
C PRO H 414 32.57 70.72 -59.72
N ARG H 415 33.75 70.17 -59.98
CA ARG H 415 34.41 69.36 -58.98
C ARG H 415 35.91 69.25 -59.20
N PHE H 416 36.69 69.56 -58.19
CA PHE H 416 38.14 69.44 -58.32
C PHE H 416 38.63 68.02 -58.14
N SER H 417 39.62 67.65 -58.96
CA SER H 417 40.22 66.33 -58.88
C SER H 417 41.57 66.38 -58.19
N ALA H 418 42.22 65.23 -58.15
CA ALA H 418 43.50 65.08 -57.48
C ALA H 418 44.58 65.97 -58.06
N ASP H 419 44.53 66.17 -59.37
CA ASP H 419 45.53 66.98 -60.03
C ASP H 419 45.14 68.44 -60.19
N GLY H 420 44.08 68.88 -59.50
CA GLY H 420 43.65 70.26 -59.62
C GLY H 420 42.82 70.47 -60.88
N GLN H 421 42.39 69.38 -61.49
CA GLN H 421 41.59 69.44 -62.70
C GLN H 421 40.17 69.72 -62.31
N ILE H 422 39.40 70.32 -63.21
CA ILE H 422 38.01 70.60 -62.88
C ILE H 422 37.07 69.82 -63.76
N GLU H 423 36.29 68.93 -63.15
CA GLU H 423 35.32 68.20 -63.93
C GLU H 423 33.98 68.85 -63.77
N MET H 424 33.24 68.87 -64.85
CA MET H 424 31.94 69.49 -64.82
C MET H 424 30.87 68.68 -65.48
N SER H 425 29.73 68.59 -64.80
CA SER H 425 28.57 68.01 -65.43
C SER H 425 27.92 69.16 -66.15
N LEU H 426 27.71 69.03 -67.45
CA LEU H 426 27.19 70.16 -68.22
C LEU H 426 25.91 69.93 -68.97
N ASP H 427 24.93 70.79 -68.73
CA ASP H 427 23.72 70.80 -69.53
C ASP H 427 23.59 72.17 -70.16
N ILE H 428 23.55 72.20 -71.49
CA ILE H 428 23.51 73.46 -72.21
C ILE H 428 22.37 73.58 -73.19
N GLU H 429 21.62 74.68 -73.09
CA GLU H 429 20.58 74.97 -74.06
C GLU H 429 20.80 76.28 -74.75
N ASP H 430 20.69 76.27 -76.07
CA ASP H 430 20.74 77.50 -76.85
C ASP H 430 19.50 77.58 -77.71
N GLY H 431 18.47 78.24 -77.20
CA GLY H 431 17.22 78.35 -77.95
C GLY H 431 16.99 79.72 -78.54
N ASN H 432 16.19 79.76 -79.60
CA ASN H 432 15.86 81.02 -80.26
C ASN H 432 14.52 80.95 -80.98
N ASP H 433 14.11 82.09 -81.52
CA ASP H 433 12.83 82.21 -82.21
C ASP H 433 12.98 82.18 -83.73
N LYS H 434 12.60 81.08 -84.36
CA LYS H 434 12.62 81.00 -85.80
C LYS H 434 11.30 81.52 -86.34
N THR H 435 11.32 82.25 -87.44
CA THR H 435 10.07 82.77 -87.94
C THR H 435 9.85 82.44 -89.41
N PRO H 436 8.60 82.40 -89.84
CA PRO H 436 8.09 82.23 -91.19
C PRO H 436 8.06 83.57 -91.88
N GLN H 437 7.60 83.60 -93.12
CA GLN H 437 7.48 84.86 -93.82
C GLN H 437 6.51 85.77 -93.08
N SER H 438 7.02 86.94 -92.67
CA SER H 438 6.25 87.92 -91.88
C SER H 438 5.06 88.52 -92.61
N ASP H 439 5.00 88.33 -93.92
CA ASP H 439 3.90 88.80 -94.73
C ASP H 439 2.67 87.90 -94.64
N THR H 440 2.78 86.76 -93.94
CA THR H 440 1.67 85.83 -93.84
C THR H 440 0.99 85.88 -92.48
N THR H 441 -0.19 85.24 -92.41
CA THR H 441 -1.00 85.19 -91.21
C THR H 441 -0.39 84.31 -90.12
N THR H 442 0.59 83.51 -90.50
CA THR H 442 1.29 82.63 -89.58
C THR H 442 2.19 83.43 -88.64
N SER H 443 2.42 84.72 -88.97
CA SER H 443 3.17 85.62 -88.10
C SER H 443 2.30 86.16 -86.97
N VAL H 444 0.99 85.91 -87.03
CA VAL H 444 0.05 86.35 -86.02
C VAL H 444 -0.40 85.19 -85.15
N ASP H 445 -0.81 84.10 -85.80
CA ASP H 445 -1.24 82.92 -85.06
C ASP H 445 -0.09 82.36 -84.26
N ALA H 446 -0.39 81.89 -83.04
CA ALA H 446 0.58 81.31 -82.09
C ALA H 446 1.41 80.18 -82.68
N LEU H 447 2.34 80.52 -83.57
CA LEU H 447 3.19 79.54 -84.21
C LEU H 447 4.69 79.81 -84.08
N PRO H 448 5.14 80.58 -83.08
CA PRO H 448 6.56 80.91 -82.86
C PRO H 448 7.47 79.67 -82.90
N GLU H 449 7.83 79.22 -84.10
CA GLU H 449 8.72 78.08 -84.27
C GLU H 449 9.97 78.26 -83.43
N VAL H 450 10.31 77.27 -82.62
CA VAL H 450 11.47 77.44 -81.77
C VAL H 450 12.62 76.59 -82.21
N GLY H 451 13.81 77.16 -82.23
CA GLY H 451 14.99 76.40 -82.58
C GLY H 451 15.76 76.15 -81.29
N ARG H 452 16.26 74.94 -81.10
CA ARG H 452 16.98 74.66 -79.87
C ARG H 452 18.21 73.79 -80.11
N THR H 453 19.30 74.12 -79.44
CA THR H 453 20.47 73.27 -79.47
C THR H 453 20.72 72.75 -78.08
N LEU H 454 20.74 71.43 -77.95
CA LEU H 454 20.93 70.84 -76.64
C LEU H 454 22.19 70.00 -76.54
N ILE H 455 22.93 70.20 -75.47
CA ILE H 455 24.13 69.42 -75.21
C ILE H 455 24.15 68.89 -73.78
N SER H 456 24.39 67.60 -73.63
CA SER H 456 24.49 67.05 -72.28
C SER H 456 25.68 66.09 -72.18
N THR H 457 26.70 66.50 -71.44
CA THR H 457 27.92 65.71 -71.31
C THR H 457 28.70 66.00 -70.03
N ILE H 458 29.90 65.43 -69.93
CA ILE H 458 30.83 65.61 -68.80
C ILE H 458 32.25 65.84 -69.31
N ALA H 459 32.95 66.81 -68.76
CA ALA H 459 34.32 67.02 -69.24
C ALA H 459 35.27 67.50 -68.16
N ARG H 460 36.54 67.10 -68.28
CA ARG H 460 37.59 67.51 -67.35
C ARG H 460 38.47 68.54 -68.00
N VAL H 461 38.62 69.70 -67.37
CA VAL H 461 39.43 70.74 -67.96
C VAL H 461 40.51 71.22 -66.99
N PRO H 462 41.77 71.35 -67.43
CA PRO H 462 42.90 71.89 -66.68
C PRO H 462 42.61 73.33 -66.30
N HIS H 463 43.06 73.74 -65.12
CA HIS H 463 42.81 75.08 -64.64
C HIS H 463 43.32 76.15 -65.59
N GLY H 464 42.43 77.05 -66.01
CA GLY H 464 42.81 78.15 -66.89
C GLY H 464 42.86 77.76 -68.36
N LYS H 465 42.47 76.54 -68.69
CA LYS H 465 42.45 76.08 -70.07
C LYS H 465 41.05 75.92 -70.56
N SER H 466 40.91 75.45 -71.79
CA SER H 466 39.59 75.31 -72.35
C SER H 466 39.45 74.08 -73.22
N LEU H 467 38.21 73.64 -73.41
CA LEU H 467 37.91 72.52 -74.30
C LEU H 467 36.72 72.77 -75.19
N LEU H 468 36.76 72.19 -76.36
CA LEU H 468 35.63 72.24 -77.25
C LEU H 468 34.64 71.17 -76.87
N VAL H 469 33.49 71.57 -76.39
CA VAL H 469 32.46 70.63 -75.99
C VAL H 469 31.76 70.04 -77.16
N GLY H 470 31.39 70.88 -78.10
CA GLY H 470 30.72 70.36 -79.27
C GLY H 470 30.44 71.44 -80.27
N GLY H 471 29.83 71.04 -81.36
CA GLY H 471 29.52 71.99 -82.39
C GLY H 471 28.82 71.39 -83.57
N TYR H 472 28.60 72.22 -84.57
CA TYR H 472 27.92 71.82 -85.76
C TYR H 472 28.34 72.66 -86.92
N THR H 473 28.75 72.02 -88.01
CA THR H 473 29.09 72.79 -89.19
C THR H 473 28.33 72.31 -90.39
N ARG H 474 28.17 73.21 -91.35
CA ARG H 474 27.47 72.87 -92.57
C ARG H 474 27.99 73.60 -93.77
N ASP H 475 28.28 72.84 -94.82
CA ASP H 475 28.73 73.45 -96.06
C ASP H 475 27.82 73.00 -97.18
N ALA H 476 27.41 73.91 -98.04
CA ALA H 476 26.51 73.50 -99.10
C ALA H 476 26.62 74.35 -100.35
N ASN H 477 26.30 73.76 -101.48
CA ASN H 477 26.36 74.46 -102.74
C ASN H 477 25.42 73.84 -103.76
N THR H 478 24.67 74.67 -104.44
CA THR H 478 23.77 74.17 -105.47
C THR H 478 23.65 75.09 -106.67
N ASP H 479 23.28 74.53 -107.80
CA ASP H 479 23.13 75.33 -108.99
C ASP H 479 22.12 74.75 -109.98
N THR H 480 21.53 75.63 -110.79
CA THR H 480 20.56 75.18 -111.79
C THR H 480 20.78 75.84 -113.12
N VAL H 481 20.35 75.15 -114.17
CA VAL H 481 20.38 75.70 -115.52
C VAL H 481 19.09 75.37 -116.25
N GLN H 482 18.41 76.38 -116.75
CA GLN H 482 17.20 76.15 -117.52
C GLN H 482 17.28 76.85 -118.86
N SER H 483 16.71 76.24 -119.87
CA SER H 483 16.73 76.91 -121.16
C SER H 483 15.70 76.41 -122.13
N ILE H 484 15.55 77.16 -123.21
CA ILE H 484 14.66 76.78 -124.28
C ILE H 484 15.48 75.99 -125.30
N PRO H 485 15.17 74.71 -125.48
CA PRO H 485 15.88 73.73 -126.33
C PRO H 485 16.64 74.28 -127.53
N PHE H 486 16.08 75.25 -128.25
CA PHE H 486 16.82 75.75 -129.40
C PHE H 486 17.16 77.22 -129.30
N LEU H 487 16.28 78.01 -128.69
CA LEU H 487 16.50 79.44 -128.62
C LEU H 487 17.64 79.82 -127.71
N GLY H 488 17.88 79.01 -126.69
CA GLY H 488 18.97 79.25 -125.74
C GLY H 488 20.36 79.17 -126.38
N LYS H 489 20.46 78.64 -127.60
CA LYS H 489 21.75 78.52 -128.24
C LYS H 489 22.05 79.68 -129.21
N LEU H 490 21.15 80.65 -129.31
CA LEU H 490 21.37 81.72 -130.26
C LEU H 490 22.40 82.76 -129.77
N PRO H 491 23.38 83.08 -130.61
CA PRO H 491 24.54 83.96 -130.36
C PRO H 491 24.36 85.03 -129.29
N LEU H 492 23.52 86.04 -129.59
CA LEU H 492 23.28 87.12 -128.67
C LEU H 492 21.80 87.27 -128.41
N ILE H 493 21.13 86.12 -128.37
CA ILE H 493 19.70 86.09 -128.19
C ILE H 493 19.32 85.14 -127.08
N GLY H 494 19.95 83.96 -127.07
CA GLY H 494 19.69 82.90 -126.10
C GLY H 494 19.69 83.35 -124.65
N SER H 495 20.44 84.40 -124.33
CA SER H 495 20.47 84.99 -122.99
C SER H 495 19.08 85.38 -122.48
N LEU H 496 18.16 85.65 -123.41
CA LEU H 496 16.81 86.05 -123.11
C LEU H 496 15.90 84.86 -122.81
N PHE H 497 16.44 83.65 -122.96
CA PHE H 497 15.70 82.42 -122.76
C PHE H 497 16.35 81.55 -121.67
N ARG H 498 17.67 81.64 -121.56
CA ARG H 498 18.41 80.89 -120.57
C ARG H 498 18.19 81.43 -119.16
N TYR H 499 18.41 80.56 -118.19
CA TYR H 499 18.27 80.91 -116.79
C TYR H 499 19.24 80.13 -115.93
N SER H 500 19.91 80.80 -115.02
CA SER H 500 20.79 80.06 -114.15
C SER H 500 20.81 80.59 -112.74
N SER H 501 21.18 79.73 -111.80
CA SER H 501 21.28 80.18 -110.43
C SER H 501 22.37 79.46 -109.68
N LYS H 502 22.90 80.13 -108.66
CA LYS H 502 23.92 79.56 -107.80
C LYS H 502 23.63 79.91 -106.35
N ASN H 503 23.84 78.96 -105.45
CA ASN H 503 23.61 79.26 -104.05
C ASN H 503 24.56 78.51 -103.15
N LYS H 504 25.53 79.24 -102.60
CA LYS H 504 26.54 78.68 -101.70
C LYS H 504 26.41 79.19 -100.29
N SER H 505 26.60 78.30 -99.31
CA SER H 505 26.56 78.73 -97.92
C SER H 505 27.51 77.97 -97.01
N ASN H 506 27.93 78.63 -95.94
CA ASN H 506 28.83 78.03 -94.97
C ASN H 506 28.42 78.42 -93.54
N VAL H 507 28.28 77.43 -92.67
CA VAL H 507 27.86 77.69 -91.29
C VAL H 507 28.75 77.03 -90.25
N VAL H 508 29.19 77.79 -89.24
CA VAL H 508 29.99 77.22 -88.16
C VAL H 508 29.47 77.57 -86.78
N ARG H 509 29.15 76.56 -85.98
CA ARG H 509 28.72 76.80 -84.61
C ARG H 509 29.45 75.96 -83.58
N VAL H 510 30.06 76.60 -82.59
CA VAL H 510 30.76 75.85 -81.56
C VAL H 510 30.50 76.32 -80.13
N PHE H 511 30.67 75.39 -79.20
CA PHE H 511 30.52 75.61 -77.77
C PHE H 511 31.80 75.24 -77.04
N MET H 512 32.43 76.23 -76.40
CA MET H 512 33.67 76.00 -75.70
C MET H 512 33.59 76.36 -74.22
N ILE H 513 34.27 75.59 -73.40
CA ILE H 513 34.27 75.79 -71.95
C ILE H 513 35.60 76.20 -71.38
N GLU H 514 35.56 77.22 -70.52
CA GLU H 514 36.75 77.70 -69.84
C GLU H 514 36.44 77.90 -68.36
N PRO H 515 37.21 77.26 -67.48
CA PRO H 515 36.93 77.41 -66.04
C PRO H 515 38.17 77.80 -65.26
N LYS H 516 37.96 78.54 -64.18
CA LYS H 516 39.06 78.94 -63.32
C LYS H 516 38.66 79.09 -61.86
N GLU H 517 39.65 79.03 -60.98
CA GLU H 517 39.43 79.14 -59.55
C GLU H 517 39.48 80.58 -59.09
N ILE H 518 38.48 80.98 -58.34
CA ILE H 518 38.41 82.33 -57.82
C ILE H 518 38.79 82.39 -56.37
N VAL H 519 39.76 83.24 -56.04
CA VAL H 519 40.21 83.36 -54.67
C VAL H 519 40.22 84.80 -54.16
N ASP H 520 40.38 85.75 -55.05
CA ASP H 520 40.39 87.16 -54.66
C ASP H 520 39.03 87.81 -54.87
N PRO H 521 38.72 88.86 -54.10
CA PRO H 521 37.56 89.70 -54.19
C PRO H 521 37.67 90.55 -55.44
N LEU H 522 36.54 90.98 -55.97
CA LEU H 522 36.50 91.76 -57.19
C LEU H 522 37.30 93.05 -57.01
N THR H 523 38.28 93.28 -57.88
CA THR H 523 39.12 94.47 -57.76
C THR H 523 39.17 95.25 -59.06
N PRO H 524 38.83 96.54 -59.03
CA PRO H 524 38.36 97.37 -57.93
C PRO H 524 36.94 97.01 -57.53
N ASP H 525 36.53 97.45 -56.35
CA ASP H 525 35.21 97.15 -55.83
C ASP H 525 34.12 97.63 -56.77
N ALA H 526 33.05 96.83 -56.85
CA ALA H 526 31.95 97.09 -57.77
C ALA H 526 31.44 98.51 -57.73
N SER H 527 31.24 99.05 -56.54
CA SER H 527 30.69 100.40 -56.40
C SER H 527 31.58 101.48 -57.01
N GLU H 528 32.88 101.23 -57.08
CA GLU H 528 33.80 102.20 -57.64
C GLU H 528 33.63 102.25 -59.14
N SER H 529 33.58 101.08 -59.74
CA SER H 529 33.42 100.97 -61.18
C SER H 529 32.08 101.51 -61.62
N VAL H 530 31.02 101.22 -60.86
CA VAL H 530 29.72 101.73 -61.20
C VAL H 530 29.69 103.23 -61.21
N ASN H 531 30.30 103.87 -60.22
CA ASN H 531 30.33 105.32 -60.20
C ASN H 531 31.02 105.88 -61.44
N ASN H 532 32.10 105.24 -61.88
CA ASN H 532 32.79 105.70 -63.06
C ASN H 532 31.89 105.62 -64.29
N ILE H 533 31.13 104.54 -64.38
CA ILE H 533 30.20 104.34 -65.48
C ILE H 533 29.11 105.38 -65.50
N LEU H 534 28.49 105.61 -64.36
CA LEU H 534 27.39 106.57 -64.28
C LEU H 534 27.82 107.97 -64.62
N LYS H 535 29.01 108.35 -64.16
CA LYS H 535 29.48 109.69 -64.44
C LYS H 535 29.80 109.88 -65.90
N GLN H 536 30.55 108.94 -66.48
CA GLN H 536 30.91 109.08 -67.89
C GLN H 536 29.72 108.96 -68.82
N SER H 537 28.75 108.13 -68.45
CA SER H 537 27.55 107.98 -69.24
C SER H 537 26.51 109.08 -69.03
N GLY H 538 26.76 109.99 -68.07
CA GLY H 538 25.86 111.11 -67.81
C GLY H 538 24.60 110.77 -67.01
N ALA H 539 24.54 109.58 -66.42
CA ALA H 539 23.35 109.17 -65.67
C ALA H 539 23.45 109.56 -64.21
N TRP H 540 24.69 109.66 -63.73
CA TRP H 540 24.98 110.01 -62.34
C TRP H 540 24.25 111.24 -61.86
N SER H 541 23.65 111.13 -60.69
CA SER H 541 22.93 112.25 -60.09
C SER H 541 23.14 112.29 -58.59
N GLY H 542 24.31 111.83 -58.15
CA GLY H 542 24.63 111.80 -56.72
C GLY H 542 24.71 113.19 -56.10
N ASP H 543 24.89 114.21 -56.93
CA ASP H 543 24.94 115.58 -56.44
C ASP H 543 23.57 116.26 -56.41
N ASP H 544 22.50 115.52 -56.67
CA ASP H 544 21.19 116.15 -56.63
C ASP H 544 20.87 116.62 -55.23
N LYS H 545 20.60 117.92 -55.11
CA LYS H 545 20.32 118.57 -53.84
C LYS H 545 19.16 117.99 -53.05
N LEU H 546 18.30 117.21 -53.70
CA LEU H 546 17.17 116.63 -53.03
C LEU H 546 17.44 115.17 -52.74
N GLN H 547 17.69 114.40 -53.80
CA GLN H 547 17.85 112.97 -53.65
C GLN H 547 18.99 112.57 -52.72
N LYS H 548 20.03 113.39 -52.62
CA LYS H 548 21.16 113.07 -51.74
C LYS H 548 20.77 112.86 -50.28
N TRP H 549 19.61 113.37 -49.85
CA TRP H 549 19.18 113.18 -48.48
C TRP H 549 18.89 111.73 -48.17
N VAL H 550 18.63 110.94 -49.21
CA VAL H 550 18.37 109.53 -49.07
C VAL H 550 19.56 108.74 -49.57
N ARG H 551 20.06 109.11 -50.74
CA ARG H 551 21.17 108.38 -51.36
C ARG H 551 22.36 108.23 -50.45
N VAL H 552 22.66 109.24 -49.63
CA VAL H 552 23.75 109.16 -48.66
C VAL H 552 23.71 107.91 -47.77
N TYR H 553 22.52 107.39 -47.50
CA TYR H 553 22.36 106.22 -46.64
C TYR H 553 22.78 104.95 -47.33
N LEU H 554 22.85 104.99 -48.65
CA LEU H 554 23.18 103.84 -49.43
C LEU H 554 24.62 103.89 -49.88
N ASP H 555 25.06 105.09 -50.24
CA ASP H 555 26.40 105.27 -50.75
C ASP H 555 27.46 105.28 -49.66
N ARG H 556 27.14 105.84 -48.50
CA ARG H 556 28.11 105.87 -47.41
C ARG H 556 27.59 105.19 -46.14
N GLY H 557 26.33 104.78 -46.16
CA GLY H 557 25.75 104.13 -44.98
C GLY H 557 25.05 105.14 -44.08
N GLY I 34 66.40 28.40 24.31
CA GLY I 34 65.59 28.32 23.05
C GLY I 34 64.61 27.21 23.28
N PHE I 35 64.51 26.30 22.31
CA PHE I 35 63.60 25.18 22.45
C PHE I 35 64.07 23.91 21.74
N VAL I 36 63.99 22.79 22.48
CA VAL I 36 64.31 21.48 21.92
C VAL I 36 63.14 20.52 22.10
N ALA I 37 62.68 19.99 20.99
CA ALA I 37 61.58 19.03 21.01
C ALA I 37 62.17 17.65 21.29
N LYS I 38 61.48 16.79 22.03
CA LYS I 38 62.00 15.47 22.34
C LYS I 38 60.82 14.55 22.25
N ASP I 39 60.66 14.01 21.06
CA ASP I 39 59.54 13.16 20.77
C ASP I 39 58.18 13.76 21.12
N ASP I 40 57.94 15.02 20.78
CA ASP I 40 56.75 15.68 21.18
C ASP I 40 55.77 15.66 20.06
N SER I 41 54.48 15.71 20.37
CA SER I 41 53.51 15.75 19.26
C SER I 41 53.58 17.13 18.62
N LEU I 42 53.20 17.22 17.35
CA LEU I 42 53.12 18.45 16.63
C LEU I 42 51.95 19.21 17.06
N ARG I 43 50.97 18.51 17.58
CA ARG I 43 49.93 19.24 18.21
C ARG I 43 50.55 20.11 19.28
N THR I 44 51.39 19.54 20.13
CA THR I 44 51.95 20.31 21.25
C THR I 44 52.88 21.35 20.70
N PHE I 45 53.72 20.91 19.78
CA PHE I 45 54.73 21.76 19.19
C PHE I 45 54.10 22.97 18.54
N PHE I 46 53.07 22.79 17.74
CA PHE I 46 52.55 23.98 17.07
C PHE I 46 51.69 24.85 17.95
N ASP I 47 51.14 24.25 19.03
CA ASP I 47 50.49 25.01 20.08
C ASP I 47 51.47 25.91 20.80
N ALA I 48 52.71 25.45 20.98
CA ALA I 48 53.78 26.30 21.54
C ALA I 48 54.08 27.48 20.56
N MET I 49 54.04 27.20 19.26
CA MET I 49 54.16 28.30 18.30
C MET I 49 52.99 29.25 18.35
N ALA I 50 51.80 28.71 18.58
CA ALA I 50 50.62 29.57 18.72
C ALA I 50 50.68 30.45 19.96
N LEU I 51 51.40 30.01 20.99
CA LEU I 51 51.62 30.82 22.18
C LEU I 51 52.72 31.82 21.98
N GLN I 52 53.74 31.47 21.21
CA GLN I 52 54.84 32.44 21.00
C GLN I 52 54.54 33.48 19.95
N LEU I 53 53.78 33.09 18.92
CA LEU I 53 53.43 34.00 17.88
C LEU I 53 52.06 34.59 18.14
N LYS I 54 52.02 35.90 18.00
CA LYS I 54 50.81 36.67 18.17
C LYS I 54 49.67 36.06 17.32
N GLU I 55 49.94 35.88 16.03
CA GLU I 55 49.00 35.26 15.11
C GLU I 55 48.63 33.82 15.39
N PRO I 56 47.36 33.42 15.17
CA PRO I 56 47.04 32.03 15.44
C PRO I 56 47.88 31.14 14.54
N VAL I 57 48.26 29.99 15.04
CA VAL I 57 48.92 29.01 14.21
C VAL I 57 47.94 27.88 14.13
N ILE I 58 47.24 27.73 13.00
CA ILE I 58 46.21 26.68 12.92
C ILE I 58 46.75 25.57 12.05
N VAL I 59 46.56 24.34 12.53
CA VAL I 59 47.16 23.18 11.91
C VAL I 59 46.03 22.19 11.48
N SER I 60 46.28 21.37 10.47
CA SER I 60 45.32 20.32 10.13
C SER I 60 45.51 19.15 11.06
N LYS I 61 44.59 18.20 10.98
CA LYS I 61 44.66 17.01 11.77
C LYS I 61 45.99 16.29 11.51
N MET I 62 46.36 16.19 10.22
CA MET I 62 47.58 15.53 9.79
C MET I 62 48.81 16.25 10.22
N ALA I 63 48.76 17.58 10.19
CA ALA I 63 49.87 18.42 10.68
C ALA I 63 50.10 18.25 12.18
N ALA I 64 49.05 18.03 12.95
CA ALA I 64 49.13 17.76 14.41
C ALA I 64 49.43 16.32 14.82
N ARG I 65 49.04 15.40 13.98
CA ARG I 65 49.18 13.95 14.17
C ARG I 65 50.66 13.46 14.37
N LYS I 66 51.59 13.98 13.57
CA LYS I 66 52.96 13.46 13.65
C LYS I 66 53.68 14.13 14.82
N LYS I 67 54.91 13.64 15.10
CA LYS I 67 55.72 14.10 16.24
C LYS I 67 56.95 14.84 15.76
N ILE I 68 57.75 15.33 16.70
CA ILE I 68 58.89 16.15 16.28
C ILE I 68 59.99 16.06 17.30
N THR I 69 61.24 15.98 16.86
CA THR I 69 62.39 15.98 17.75
C THR I 69 63.48 16.86 17.17
N GLY I 70 64.07 17.71 17.99
CA GLY I 70 65.17 18.58 17.54
C GLY I 70 65.12 20.00 18.09
N ASN I 71 66.21 20.73 17.90
CA ASN I 71 66.30 22.09 18.40
C ASN I 71 65.58 23.01 17.45
N PHE I 72 64.39 23.47 17.87
CA PHE I 72 63.51 24.35 17.12
C PHE I 72 63.02 25.54 17.91
N GLU I 73 63.93 26.48 18.06
CA GLU I 73 63.66 27.74 18.76
C GLU I 73 62.55 28.44 17.99
N PHE I 74 61.70 29.12 18.75
CA PHE I 74 60.55 29.79 18.17
C PHE I 74 60.84 31.26 17.89
N HIS I 75 62.07 31.60 17.60
CA HIS I 75 62.39 33.02 17.37
C HIS I 75 61.83 33.51 16.06
N ASP I 76 61.54 32.59 15.11
CA ASP I 76 60.98 33.01 13.83
C ASP I 76 60.20 31.86 13.29
N PRO I 77 58.91 31.80 13.60
CA PRO I 77 57.86 30.83 13.19
C PRO I 77 57.76 30.62 11.68
N ASN I 78 57.91 31.69 10.94
CA ASN I 78 57.82 31.59 9.48
C ASN I 78 59.03 30.91 8.84
N ALA I 79 60.23 31.33 9.23
CA ALA I 79 61.45 30.69 8.77
C ALA I 79 61.57 29.28 9.36
N LEU I 80 61.02 29.08 10.57
CA LEU I 80 61.01 27.78 11.21
C LEU I 80 60.23 26.81 10.34
N LEU I 81 59.03 27.21 9.91
CA LEU I 81 58.21 26.39 9.05
C LEU I 81 58.87 26.10 7.70
N GLU I 82 59.69 27.01 7.20
CA GLU I 82 60.43 26.73 6.00
C GLU I 82 61.43 25.59 6.35
N LYS I 83 62.06 25.68 7.52
CA LYS I 83 62.93 24.57 7.90
C LYS I 83 62.09 23.30 8.09
N LEU I 84 60.87 23.41 8.58
CA LEU I 84 60.12 22.18 8.86
C LEU I 84 59.48 21.58 7.61
N SER I 85 59.71 22.22 6.47
CA SER I 85 59.25 21.66 5.19
C SER I 85 60.21 20.53 4.85
N LEU I 86 61.39 20.57 5.47
CA LEU I 86 62.38 19.51 5.32
C LEU I 86 62.49 18.61 6.53
N GLN I 87 62.25 19.17 7.71
CA GLN I 87 62.34 18.35 8.89
C GLN I 87 61.05 17.55 9.13
N LEU I 88 59.90 18.14 8.84
CA LEU I 88 58.66 17.43 9.02
C LEU I 88 58.08 16.98 7.71
N GLY I 89 58.21 17.84 6.71
CA GLY I 89 57.57 17.58 5.42
C GLY I 89 56.14 18.10 5.34
N LEU I 90 55.97 19.32 5.87
CA LEU I 90 54.67 20.00 5.93
C LEU I 90 54.76 21.18 5.05
N ILE I 91 53.61 21.69 4.65
CA ILE I 91 53.50 22.92 3.87
C ILE I 91 52.57 23.84 4.71
N TRP I 92 52.70 25.14 4.45
CA TRP I 92 52.10 26.14 5.32
C TRP I 92 51.75 27.35 4.52
N TYR I 93 50.90 28.18 5.10
CA TYR I 93 50.47 29.42 4.47
C TYR I 93 50.26 30.52 5.53
N PHE I 94 50.68 31.75 5.27
CA PHE I 94 50.49 32.84 6.22
C PHE I 94 49.72 33.90 5.50
N ASP I 95 48.47 34.24 5.92
CA ASP I 95 47.68 35.25 5.21
C ASP I 95 47.86 36.62 5.78
N GLY I 96 48.76 36.76 6.75
CA GLY I 96 49.10 38.07 7.37
C GLY I 96 48.49 38.07 8.76
N GLN I 97 47.46 37.28 8.96
CA GLN I 97 46.79 37.26 10.28
C GLN I 97 46.86 35.91 10.97
N ALA I 98 47.01 34.82 10.24
CA ALA I 98 47.11 33.51 10.85
C ALA I 98 47.86 32.51 9.95
N ILE I 99 48.52 31.54 10.55
CA ILE I 99 49.25 30.51 9.77
C ILE I 99 48.42 29.23 9.57
N TYR I 100 48.49 28.62 8.38
CA TYR I 100 47.69 27.39 8.10
C TYR I 100 48.58 26.32 7.62
N ILE I 101 48.77 25.33 8.48
CA ILE I 101 49.78 24.30 8.27
C ILE I 101 49.10 23.00 7.85
N TYR I 102 49.41 22.51 6.65
CA TYR I 102 48.91 21.22 6.22
C TYR I 102 50.05 20.35 5.94
N ASP I 103 49.75 19.10 5.81
CA ASP I 103 50.72 18.11 5.43
C ASP I 103 51.07 18.33 3.97
N ALA I 104 52.29 18.02 3.60
CA ALA I 104 52.66 18.19 2.21
C ALA I 104 51.82 17.32 1.28
N SER I 105 51.28 16.21 1.78
CA SER I 105 50.48 15.37 0.92
C SER I 105 49.08 15.96 0.74
N GLU I 106 48.76 17.02 1.49
CA GLU I 106 47.42 17.63 1.39
C GLU I 106 47.41 18.79 0.37
N MET I 107 48.54 18.94 -0.32
CA MET I 107 48.67 19.91 -1.35
C MET I 107 47.64 19.74 -2.45
N ARG I 108 47.09 20.85 -2.89
CA ARG I 108 46.07 20.90 -3.92
C ARG I 108 46.60 21.55 -5.18
N ASN I 109 45.98 21.21 -6.30
CA ASN I 109 46.31 21.80 -7.58
C ASN I 109 45.07 22.39 -8.22
N ALA I 110 45.27 23.34 -9.11
CA ALA I 110 44.10 23.82 -9.79
C ALA I 110 44.50 24.38 -11.08
N VAL I 111 43.55 24.29 -12.00
CA VAL I 111 43.65 24.87 -13.34
C VAL I 111 42.55 25.90 -13.52
N VAL I 112 42.93 27.17 -13.55
CA VAL I 112 41.92 28.20 -13.55
C VAL I 112 42.19 29.14 -14.68
N SER I 113 41.15 29.36 -15.49
CA SER I 113 41.17 30.30 -16.64
C SER I 113 41.10 31.72 -16.09
N LEU I 114 41.60 32.71 -16.82
CA LEU I 114 41.59 34.07 -16.33
C LEU I 114 41.09 34.93 -17.47
N ARG I 115 39.95 35.61 -17.27
CA ARG I 115 39.27 36.32 -18.35
C ARG I 115 39.68 37.80 -18.43
N ASN I 116 39.39 38.60 -17.41
CA ASN I 116 39.48 40.06 -17.54
C ASN I 116 40.74 40.67 -16.96
N VAL I 117 41.67 39.81 -16.59
CA VAL I 117 42.89 40.18 -15.93
C VAL I 117 44.01 39.46 -16.65
N SER I 118 45.11 40.19 -16.79
CA SER I 118 46.31 39.68 -17.39
C SER I 118 46.95 38.76 -16.39
N LEU I 119 47.63 37.75 -16.90
CA LEU I 119 48.16 36.74 -16.05
C LEU I 119 49.15 37.32 -14.98
N ASN I 120 50.04 38.22 -15.41
CA ASN I 120 50.94 38.88 -14.48
C ASN I 120 50.22 39.89 -13.60
N GLU I 121 49.25 40.58 -14.16
CA GLU I 121 48.38 41.47 -13.42
C GLU I 121 47.66 40.72 -12.30
N PHE I 122 47.16 39.51 -12.59
CA PHE I 122 46.51 38.72 -11.53
C PHE I 122 47.48 38.42 -10.34
N ASN I 123 48.69 37.96 -10.64
CA ASN I 123 49.71 37.71 -9.60
C ASN I 123 50.00 38.96 -8.80
N ASN I 124 50.04 40.08 -9.49
CA ASN I 124 50.27 41.34 -8.81
C ASN I 124 49.13 41.72 -7.94
N PHE I 125 47.91 41.42 -8.37
CA PHE I 125 46.80 41.78 -7.57
C PHE I 125 46.81 40.95 -6.27
N LEU I 126 47.29 39.71 -6.32
CA LEU I 126 47.38 38.95 -5.09
C LEU I 126 48.47 39.50 -4.19
N LYS I 127 49.51 40.10 -4.78
CA LYS I 127 50.61 40.68 -4.04
C LYS I 127 50.10 41.98 -3.38
N ARG I 128 49.19 42.68 -4.09
CA ARG I 128 48.54 43.90 -3.66
C ARG I 128 47.59 43.61 -2.51
N SER I 129 46.95 42.45 -2.58
CA SER I 129 46.12 41.90 -1.51
C SER I 129 47.00 41.49 -0.31
N GLY I 130 48.20 41.03 -0.61
CA GLY I 130 49.13 40.65 0.44
C GLY I 130 48.86 39.20 0.75
N LEU I 131 48.32 38.47 -0.21
CA LEU I 131 47.95 37.08 0.08
C LEU I 131 48.83 36.12 -0.65
N TYR I 132 49.43 36.65 -1.69
CA TYR I 132 50.32 35.90 -2.48
C TYR I 132 51.51 35.46 -1.61
N ASN I 133 51.55 34.16 -1.33
CA ASN I 133 52.70 33.53 -0.71
C ASN I 133 53.76 33.08 -1.72
N LYS I 134 54.92 33.77 -1.70
CA LYS I 134 56.00 33.53 -2.70
C LYS I 134 56.64 32.16 -2.57
N ASN I 135 56.37 31.43 -1.49
CA ASN I 135 56.93 30.08 -1.39
C ASN I 135 56.17 29.12 -2.24
N TYR I 136 55.03 29.53 -2.79
CA TYR I 136 54.27 28.64 -3.67
C TYR I 136 53.84 29.46 -4.89
N PRO I 137 54.80 29.61 -5.83
CA PRO I 137 54.65 30.38 -7.06
C PRO I 137 53.52 29.86 -7.91
N LEU I 138 52.84 30.78 -8.55
CA LEU I 138 51.87 30.40 -9.54
C LEU I 138 52.49 30.30 -10.93
N ARG I 139 51.90 29.46 -11.78
CA ARG I 139 52.48 29.20 -13.09
C ARG I 139 51.61 29.79 -14.17
N GLY I 140 52.26 30.61 -14.99
CA GLY I 140 51.59 31.24 -16.12
C GLY I 140 52.02 30.63 -17.44
N ASP I 141 51.54 31.21 -18.55
CA ASP I 141 51.87 30.77 -19.91
C ASP I 141 51.54 31.92 -20.87
N ASN I 142 52.54 32.49 -21.53
CA ASN I 142 52.26 33.65 -22.38
C ASN I 142 51.34 33.38 -23.59
N ARG I 143 51.17 32.12 -23.96
CA ARG I 143 50.37 31.77 -25.11
C ARG I 143 49.06 31.06 -24.75
N LYS I 144 48.75 31.03 -23.46
CA LYS I 144 47.54 30.38 -22.96
C LYS I 144 46.94 31.24 -21.86
N GLY I 145 45.65 31.51 -21.97
CA GLY I 145 44.92 32.42 -21.03
C GLY I 145 44.49 31.80 -19.69
N THR I 146 45.34 30.93 -19.15
CA THR I 146 45.12 30.28 -17.88
C THR I 146 46.35 30.38 -17.02
N PHE I 147 46.18 29.90 -15.79
CA PHE I 147 47.27 29.80 -14.83
C PHE I 147 47.02 28.58 -13.93
N TYR I 148 48.08 28.11 -13.29
CA TYR I 148 48.06 26.86 -12.51
C TYR I 148 48.43 27.23 -11.08
N VAL I 149 47.78 26.54 -10.17
CA VAL I 149 47.86 26.84 -8.74
C VAL I 149 48.34 25.57 -8.10
N SER I 150 49.33 25.68 -7.22
CA SER I 150 49.79 24.56 -6.39
C SER I 150 50.09 25.13 -5.03
N GLY I 151 49.73 24.37 -4.01
CA GLY I 151 50.05 24.81 -2.67
C GLY I 151 49.15 24.22 -1.64
N PRO I 152 49.20 24.75 -0.41
CA PRO I 152 48.32 24.21 0.60
C PRO I 152 46.86 24.59 0.33
N PRO I 153 45.92 23.80 0.85
CA PRO I 153 44.51 24.06 0.59
C PRO I 153 44.01 25.51 0.79
N VAL I 154 44.46 26.21 1.82
CA VAL I 154 44.09 27.60 1.96
C VAL I 154 44.78 28.51 0.91
N TYR I 155 46.04 28.30 0.59
CA TYR I 155 46.63 29.11 -0.48
C TYR I 155 45.86 28.89 -1.77
N VAL I 156 45.63 27.63 -2.10
CA VAL I 156 45.02 27.25 -3.40
C VAL I 156 43.61 27.81 -3.49
N ASP I 157 42.81 27.55 -2.46
CA ASP I 157 41.44 28.06 -2.44
C ASP I 157 41.41 29.60 -2.52
N MET I 158 42.34 30.25 -1.86
CA MET I 158 42.45 31.71 -1.94
C MET I 158 42.70 32.10 -3.39
N VAL I 159 43.69 31.47 -4.02
CA VAL I 159 44.03 31.95 -5.41
C VAL I 159 42.91 31.72 -6.39
N VAL I 160 42.35 30.52 -6.31
CA VAL I 160 41.28 30.11 -7.22
C VAL I 160 40.03 31.00 -7.10
N ASN I 161 39.56 31.29 -5.87
CA ASN I 161 38.36 32.12 -5.61
C ASN I 161 38.66 33.54 -6.00
N ALA I 162 39.91 33.96 -5.78
CA ALA I 162 40.30 35.32 -6.07
C ALA I 162 40.15 35.63 -7.54
N ALA I 163 40.49 34.66 -8.40
CA ALA I 163 40.42 34.87 -9.85
C ALA I 163 38.98 35.14 -10.22
N THR I 164 38.08 34.37 -9.61
CA THR I 164 36.67 34.57 -9.87
C THR I 164 36.18 35.97 -9.50
N MET I 165 36.63 36.40 -8.31
CA MET I 165 36.25 37.69 -7.75
C MET I 165 36.80 38.80 -8.63
N MET I 166 38.04 38.66 -9.08
CA MET I 166 38.64 39.66 -9.95
C MET I 166 38.01 39.81 -11.32
N ASP I 167 37.61 38.72 -11.94
CA ASP I 167 36.96 38.90 -13.21
C ASP I 167 35.61 39.59 -13.02
N LYS I 168 34.93 39.36 -11.87
CA LYS I 168 33.66 40.02 -11.57
C LYS I 168 33.91 41.52 -11.31
N GLN I 169 35.04 41.83 -10.69
CA GLN I 169 35.38 43.21 -10.45
C GLN I 169 35.86 43.90 -11.71
N ASN I 170 36.41 43.15 -12.63
CA ASN I 170 36.87 43.77 -13.87
C ASN I 170 35.99 43.44 -15.02
N ASP I 171 34.72 43.17 -14.74
CA ASP I 171 33.75 42.84 -15.75
C ASP I 171 33.25 44.10 -16.51
N GLY I 172 39.50 59.79 -34.83
CA GLY I 172 39.44 58.45 -35.40
C GLY I 172 38.04 58.11 -35.87
N ILE I 173 37.05 58.70 -35.20
CA ILE I 173 35.63 58.53 -35.51
C ILE I 173 35.17 57.16 -35.05
N GLU I 174 35.59 56.75 -33.86
CA GLU I 174 35.26 55.42 -33.37
C GLU I 174 34.45 55.45 -32.08
N LEU I 175 33.58 54.46 -31.93
CA LEU I 175 32.75 54.29 -30.75
C LEU I 175 32.59 52.82 -30.45
N GLY I 176 33.38 52.31 -29.53
CA GLY I 176 33.33 50.90 -29.19
C GLY I 176 33.81 50.08 -30.37
N ARG I 177 32.99 49.14 -30.80
CA ARG I 177 33.34 48.29 -31.92
C ARG I 177 32.89 48.84 -33.27
N GLN I 178 32.34 50.05 -33.30
CA GLN I 178 31.89 50.59 -34.58
C GLN I 178 32.53 51.93 -34.89
N LYS I 179 32.46 52.30 -36.16
CA LYS I 179 33.03 53.57 -36.58
C LYS I 179 32.47 54.02 -37.91
N ILE I 180 32.77 55.27 -38.24
CA ILE I 180 32.30 55.83 -39.50
C ILE I 180 33.46 56.30 -40.35
N GLY I 181 33.49 55.87 -41.60
CA GLY I 181 34.54 56.27 -42.50
C GLY I 181 34.03 57.27 -43.52
N VAL I 182 34.80 58.32 -43.74
CA VAL I 182 34.45 59.33 -44.72
C VAL I 182 35.32 59.12 -45.94
N MET I 183 34.71 58.85 -47.07
CA MET I 183 35.49 58.52 -48.26
C MET I 183 35.21 59.48 -49.39
N ARG I 184 36.15 60.39 -49.65
CA ARG I 184 35.98 61.33 -50.74
C ARG I 184 36.34 60.69 -52.05
N LEU I 185 35.51 60.87 -53.06
CA LEU I 185 35.86 60.33 -54.34
C LEU I 185 36.61 61.38 -55.12
N ASN I 186 37.66 60.95 -55.80
CA ASN I 186 38.50 61.91 -56.49
C ASN I 186 38.34 61.87 -58.00
N ASN I 187 38.05 60.70 -58.56
CA ASN I 187 37.93 60.60 -60.00
C ASN I 187 36.50 60.49 -60.50
N THR I 188 35.52 60.64 -59.60
CA THR I 188 34.14 60.57 -60.05
C THR I 188 33.18 61.35 -59.17
N PHE I 189 31.89 61.20 -59.43
CA PHE I 189 30.86 61.93 -58.70
C PHE I 189 29.95 61.03 -57.91
N VAL I 190 29.61 61.46 -56.71
CA VAL I 190 28.63 60.78 -55.90
C VAL I 190 27.24 61.26 -56.30
N GLY I 191 26.37 60.34 -56.65
CA GLY I 191 25.01 60.72 -57.03
C GLY I 191 24.64 60.18 -58.40
N ASP I 192 23.39 60.42 -58.78
CA ASP I 192 22.87 59.92 -60.04
C ASP I 192 22.88 60.99 -61.13
N ARG I 193 23.04 60.56 -62.38
CA ARG I 193 23.05 61.48 -63.51
C ARG I 193 21.72 61.45 -64.24
N THR I 194 21.12 62.61 -64.41
CA THR I 194 19.82 62.68 -65.06
C THR I 194 19.85 63.56 -66.29
N TYR I 195 19.23 63.09 -67.37
CA TYR I 195 19.18 63.87 -68.59
C TYR I 195 17.91 63.61 -69.38
N ASN I 196 17.59 64.53 -70.28
CA ASN I 196 16.39 64.38 -71.07
C ASN I 196 16.67 64.10 -72.54
N LEU I 197 15.77 63.31 -73.12
CA LEU I 197 15.78 62.98 -74.53
C LEU I 197 14.48 63.44 -75.12
N ARG I 198 14.32 64.77 -75.20
CA ARG I 198 13.12 65.33 -75.76
C ARG I 198 11.93 65.06 -74.87
N ASP I 199 11.21 63.99 -75.17
CA ASP I 199 9.99 63.67 -74.46
C ASP I 199 10.17 62.72 -73.28
N GLN I 200 11.39 62.29 -72.99
CA GLN I 200 11.56 61.39 -71.84
C GLN I 200 12.79 61.66 -71.01
N LYS I 201 12.72 61.27 -69.74
CA LYS I 201 13.81 61.48 -68.79
C LYS I 201 14.54 60.19 -68.45
N MET I 202 15.87 60.24 -68.54
CA MET I 202 16.71 59.09 -68.27
C MET I 202 17.51 59.29 -66.99
N VAL I 203 17.72 58.21 -66.24
CA VAL I 203 18.51 58.29 -65.01
C VAL I 203 19.57 57.21 -64.92
N ILE I 204 20.80 57.63 -64.64
CA ILE I 204 21.92 56.73 -64.48
C ILE I 204 22.35 56.68 -63.02
N PRO I 205 22.27 55.52 -62.37
CA PRO I 205 22.60 55.31 -60.98
C PRO I 205 24.10 55.45 -60.76
N GLY I 206 24.47 56.07 -59.65
CA GLY I 206 25.87 56.24 -59.34
C GLY I 206 26.40 55.18 -58.39
N ILE I 207 27.61 55.40 -57.90
CA ILE I 207 28.30 54.46 -57.03
C ILE I 207 27.64 54.27 -55.69
N ALA I 208 26.93 55.28 -55.20
CA ALA I 208 26.27 55.17 -53.92
C ALA I 208 25.18 54.14 -54.00
N THR I 209 24.39 54.21 -55.05
CA THR I 209 23.31 53.29 -55.28
C THR I 209 23.82 51.89 -55.53
N ALA I 210 24.84 51.78 -56.38
CA ALA I 210 25.40 50.49 -56.72
C ALA I 210 25.87 49.73 -55.50
N ILE I 211 26.66 50.39 -54.65
CA ILE I 211 27.18 49.73 -53.47
C ILE I 211 26.08 49.40 -52.50
N GLU I 212 25.15 50.32 -52.28
CA GLU I 212 24.04 50.08 -51.39
C GLU I 212 23.30 48.81 -51.75
N ARG I 213 22.97 48.66 -53.02
CA ARG I 213 22.25 47.49 -53.48
C ARG I 213 23.05 46.23 -53.30
N LEU I 214 24.34 46.31 -53.55
CA LEU I 214 25.21 45.16 -53.42
C LEU I 214 25.25 44.63 -52.01
N LEU I 215 25.43 45.53 -51.05
CA LEU I 215 25.52 45.11 -49.66
C LEU I 215 24.18 44.71 -49.08
N GLN I 216 23.12 45.38 -49.50
CA GLN I 216 21.80 45.08 -48.98
C GLN I 216 20.96 44.34 -50.01
N ILE I 267 26.07 46.73 -43.01
CA ILE I 267 26.81 47.96 -43.25
C ILE I 267 25.87 49.05 -43.74
N LYS I 268 25.99 50.23 -43.16
CA LYS I 268 25.14 51.34 -43.54
C LYS I 268 25.93 52.39 -44.33
N ILE I 269 25.52 52.65 -45.56
CA ILE I 269 26.24 53.65 -46.35
C ILE I 269 25.33 54.74 -46.85
N VAL I 270 25.71 55.99 -46.53
CA VAL I 270 24.94 57.15 -46.93
C VAL I 270 25.77 58.13 -47.74
N ALA I 271 25.23 58.56 -48.87
CA ALA I 271 25.90 59.51 -49.72
C ALA I 271 25.89 60.90 -49.12
N TYR I 272 26.95 61.67 -49.38
CA TYR I 272 27.00 63.05 -48.91
C TYR I 272 27.60 63.95 -49.99
N PRO I 273 26.77 64.37 -50.94
CA PRO I 273 27.02 65.19 -52.13
C PRO I 273 27.83 66.42 -51.85
N ASP I 274 27.57 67.06 -50.73
CA ASP I 274 28.24 68.31 -50.39
C ASP I 274 29.77 68.22 -50.44
N THR I 275 30.33 67.08 -50.08
CA THR I 275 31.78 66.90 -50.10
C THR I 275 32.18 65.78 -51.04
N ASN I 276 31.27 65.39 -51.92
CA ASN I 276 31.47 64.32 -52.89
C ASN I 276 32.01 63.10 -52.22
N SER I 277 31.36 62.66 -51.15
CA SER I 277 31.90 61.56 -50.39
C SER I 277 30.85 60.61 -49.86
N LEU I 278 31.32 59.46 -49.38
CA LEU I 278 30.45 58.46 -48.80
C LEU I 278 30.67 58.32 -47.31
N LEU I 279 29.60 58.03 -46.59
CA LEU I 279 29.65 57.82 -45.15
C LEU I 279 29.40 56.35 -44.87
N VAL I 280 30.44 55.64 -44.46
CA VAL I 280 30.31 54.20 -44.22
C VAL I 280 30.33 53.85 -42.75
N LYS I 281 29.23 53.30 -42.24
CA LYS I 281 29.16 52.94 -40.84
C LYS I 281 29.14 51.43 -40.62
N GLY I 282 30.02 50.96 -39.74
CA GLY I 282 30.12 49.54 -39.43
C GLY I 282 31.32 49.26 -38.54
N THR I 283 31.80 48.02 -38.54
CA THR I 283 32.95 47.70 -37.73
C THR I 283 34.19 48.14 -38.45
N ALA I 284 35.30 48.17 -37.75
CA ALA I 284 36.55 48.61 -38.34
C ALA I 284 36.89 47.80 -39.58
N GLU I 285 36.68 46.49 -39.51
CA GLU I 285 36.96 45.63 -40.64
C GLU I 285 36.01 45.88 -41.78
N GLN I 286 34.73 46.09 -41.46
CA GLN I 286 33.75 46.36 -42.49
C GLN I 286 34.03 47.65 -43.22
N VAL I 287 34.45 48.68 -42.48
CA VAL I 287 34.77 49.95 -43.10
C VAL I 287 35.96 49.82 -44.00
N HIS I 288 37.01 49.14 -43.52
CA HIS I 288 38.21 48.90 -44.31
C HIS I 288 37.89 48.18 -45.61
N PHE I 289 37.06 47.16 -45.51
CA PHE I 289 36.61 46.38 -46.64
C PHE I 289 35.98 47.27 -47.70
N ILE I 290 35.05 48.11 -47.30
CA ILE I 290 34.40 49.02 -48.23
C ILE I 290 35.38 50.02 -48.79
N GLU I 291 36.29 50.51 -47.95
CA GLU I 291 37.30 51.46 -48.38
C GLU I 291 38.05 50.96 -49.58
N MET I 292 38.50 49.73 -49.51
CA MET I 292 39.26 49.15 -50.61
C MET I 292 38.40 49.04 -51.86
N LEU I 293 37.14 48.66 -51.70
CA LEU I 293 36.23 48.56 -52.84
C LEU I 293 36.14 49.86 -53.58
N VAL I 294 35.94 50.92 -52.81
CA VAL I 294 35.85 52.25 -53.37
C VAL I 294 37.09 52.64 -54.13
N LYS I 295 38.25 52.37 -53.55
CA LYS I 295 39.51 52.68 -54.22
C LYS I 295 39.65 51.96 -55.54
N ALA I 296 39.17 50.72 -55.60
CA ALA I 296 39.21 49.96 -56.84
C ALA I 296 38.34 50.59 -57.93
N LEU I 297 37.17 51.10 -57.55
CA LEU I 297 36.26 51.68 -58.52
C LEU I 297 36.57 53.12 -58.93
N ASP I 298 37.07 53.92 -57.99
CA ASP I 298 37.35 55.33 -58.21
C ASP I 298 38.54 55.62 -59.14
N VAL I 299 38.34 55.43 -60.45
CA VAL I 299 39.43 55.65 -61.42
C VAL I 299 39.09 56.71 -62.46
N ALA I 300 40.13 57.30 -63.03
CA ALA I 300 40.02 58.38 -64.01
C ALA I 300 39.52 57.91 -65.37
N LYS I 301 38.85 58.81 -66.09
CA LYS I 301 38.31 58.52 -67.41
C LYS I 301 38.95 59.35 -68.51
N ARG I 302 39.10 58.75 -69.68
CA ARG I 302 39.61 59.41 -70.87
C ARG I 302 38.47 60.07 -71.64
N HIS I 303 38.82 60.98 -72.54
CA HIS I 303 37.79 61.66 -73.32
C HIS I 303 37.72 61.14 -74.73
N VAL I 304 36.51 61.12 -75.26
CA VAL I 304 36.26 60.65 -76.61
C VAL I 304 35.53 61.70 -77.43
N GLU I 305 36.09 62.04 -78.58
CA GLU I 305 35.44 62.99 -79.46
C GLU I 305 34.81 62.27 -80.62
N LEU I 306 33.54 62.54 -80.84
CA LEU I 306 32.79 61.90 -81.90
C LEU I 306 32.43 62.84 -83.03
N SER I 307 32.77 62.46 -84.25
CA SER I 307 32.39 63.25 -85.40
C SER I 307 31.51 62.45 -86.35
N LEU I 308 30.39 63.04 -86.73
CA LEU I 308 29.45 62.42 -87.66
C LEU I 308 29.47 63.13 -88.97
N TRP I 309 29.70 62.41 -90.05
CA TRP I 309 29.70 63.03 -91.36
C TRP I 309 28.44 62.66 -92.09
N ILE I 310 27.70 63.66 -92.55
CA ILE I 310 26.50 63.40 -93.31
C ILE I 310 26.64 64.00 -94.69
N VAL I 311 26.67 63.17 -95.71
CA VAL I 311 26.85 63.67 -97.07
C VAL I 311 25.64 63.39 -97.92
N ASP I 312 25.17 64.42 -98.61
CA ASP I 312 23.99 64.31 -99.47
C ASP I 312 24.20 64.94 -100.84
N LEU I 313 24.28 64.10 -101.88
CA LEU I 313 24.49 64.57 -103.24
C LEU I 313 23.26 64.36 -104.13
N ASN I 314 22.94 65.35 -104.97
CA ASN I 314 21.80 65.25 -105.87
C ASN I 314 22.12 65.71 -107.28
N LYS I 315 21.61 64.97 -108.25
CA LYS I 315 21.81 65.30 -109.64
C LYS I 315 20.57 65.01 -110.46
N SER I 316 20.15 65.93 -111.33
CA SER I 316 18.99 65.62 -112.15
C SER I 316 19.05 66.25 -113.55
N ASP I 317 18.24 65.71 -114.45
CA ASP I 317 18.20 66.14 -115.84
C ASP I 317 16.81 65.96 -116.45
N LEU I 318 16.12 67.08 -116.63
CA LEU I 318 14.76 67.09 -117.17
C LEU I 318 14.65 67.66 -118.56
N GLU I 319 13.99 66.95 -119.45
CA GLU I 319 13.78 67.46 -120.80
C GLU I 319 12.33 67.32 -121.21
N ARG I 320 11.72 68.42 -121.62
CA ARG I 320 10.34 68.39 -122.08
C ARG I 320 10.20 69.11 -123.41
N LEU I 321 9.67 68.43 -124.41
CA LEU I 321 9.52 69.10 -125.69
C LEU I 321 8.40 68.55 -126.55
N GLY I 322 7.47 69.41 -126.93
CA GLY I 322 6.41 68.99 -127.83
C GLY I 322 5.09 69.68 -127.57
N THR I 323 4.01 69.10 -128.09
CA THR I 323 2.71 69.70 -127.91
C THR I 323 1.65 68.71 -127.44
N SER I 324 0.51 69.24 -127.04
CA SER I 324 -0.62 68.42 -126.63
C SER I 324 -1.93 69.06 -127.07
N TRP I 325 -2.73 68.31 -127.79
CA TRP I 325 -3.97 68.85 -128.36
C TRP I 325 -5.23 68.32 -127.70
N SER I 326 -6.11 69.21 -127.28
CA SER I 326 -7.40 68.81 -126.73
C SER I 326 -8.35 69.98 -126.69
N GLY I 327 -9.64 69.71 -126.59
CA GLY I 327 -10.60 70.80 -126.49
C GLY I 327 -11.87 70.54 -127.28
N SER I 328 -12.57 71.60 -127.66
CA SER I 328 -13.80 71.38 -128.42
C SER I 328 -14.27 72.52 -129.30
N ILE I 329 -15.40 72.27 -129.96
CA ILE I 329 -16.00 73.26 -130.83
C ILE I 329 -17.48 73.01 -131.13
N THR I 330 -18.25 74.09 -131.16
CA THR I 330 -19.65 74.02 -131.59
C THR I 330 -19.74 74.32 -133.06
N ILE I 331 -20.39 73.43 -133.81
CA ILE I 331 -20.52 73.60 -135.25
C ILE I 331 -21.95 73.73 -135.73
N GLY I 332 -22.29 74.91 -136.22
CA GLY I 332 -23.59 75.18 -136.83
C GLY I 332 -24.77 75.05 -135.88
N ASP I 333 -24.51 75.06 -134.57
CA ASP I 333 -25.54 74.86 -133.56
C ASP I 333 -26.33 73.57 -133.80
N LYS I 334 -25.70 72.56 -134.38
CA LYS I 334 -26.38 71.29 -134.65
C LYS I 334 -25.54 70.12 -134.18
N LEU I 335 -24.24 70.32 -134.10
CA LEU I 335 -23.37 69.28 -133.60
C LEU I 335 -22.09 69.89 -133.07
N GLY I 336 -21.34 69.14 -132.31
CA GLY I 336 -20.08 69.64 -131.80
C GLY I 336 -19.04 68.53 -131.79
N VAL I 337 -17.79 68.90 -131.61
CA VAL I 337 -16.70 67.94 -131.62
C VAL I 337 -15.82 68.06 -130.41
N SER I 338 -15.48 66.92 -129.82
CA SER I 338 -14.59 66.89 -128.66
C SER I 338 -13.29 66.21 -129.02
N LEU I 339 -12.17 66.81 -128.64
CA LEU I 339 -10.89 66.21 -128.97
C LEU I 339 -10.18 65.67 -127.76
N ASN I 340 -9.89 64.37 -127.82
CA ASN I 340 -9.18 63.66 -126.77
C ASN I 340 -9.83 63.81 -125.41
N GLN I 341 -11.10 63.40 -125.35
CA GLN I 341 -11.90 63.40 -124.13
C GLN I 341 -11.90 64.72 -123.40
N SER I 342 -12.20 65.80 -124.11
CA SER I 342 -12.29 67.09 -123.45
C SER I 342 -13.56 67.15 -122.62
N SER I 343 -13.61 68.08 -121.67
CA SER I 343 -14.77 68.19 -120.77
C SER I 343 -15.90 69.00 -121.38
N ILE I 344 -16.51 68.43 -122.43
CA ILE I 344 -17.60 68.99 -123.23
C ILE I 344 -18.67 69.78 -122.46
N SER I 345 -18.92 69.42 -121.20
CA SER I 345 -19.93 70.14 -120.41
C SER I 345 -19.66 71.65 -120.35
N THR I 346 -18.39 72.03 -120.47
CA THR I 346 -18.01 73.44 -120.52
C THR I 346 -17.30 73.75 -121.83
N LEU I 347 -16.57 72.76 -122.36
CA LEU I 347 -15.80 72.90 -123.59
C LEU I 347 -16.69 73.16 -124.82
N ASP I 348 -17.95 72.76 -124.76
CA ASP I 348 -18.93 73.04 -125.81
C ASP I 348 -18.91 74.54 -126.22
N GLY I 349 -18.72 75.43 -125.24
CA GLY I 349 -18.70 76.87 -125.51
C GLY I 349 -17.28 77.43 -125.50
N SER I 350 -16.27 76.60 -125.77
CA SER I 350 -14.89 77.04 -125.75
C SER I 350 -14.17 76.85 -127.09
N ARG I 351 -12.95 76.33 -127.03
CA ARG I 351 -12.13 76.18 -128.23
C ARG I 351 -11.08 75.07 -128.06
N PHE I 352 -10.22 74.90 -129.06
CA PHE I 352 -9.19 73.86 -128.94
C PHE I 352 -7.90 74.45 -128.40
N ILE I 353 -7.27 73.75 -127.49
CA ILE I 353 -6.04 74.22 -126.91
C ILE I 353 -4.84 73.41 -127.35
N ALA I 354 -3.79 74.13 -127.73
CA ALA I 354 -2.53 73.55 -128.13
C ALA I 354 -1.50 73.85 -127.07
N ALA I 355 -1.31 72.93 -126.14
CA ALA I 355 -0.31 73.17 -125.13
C ALA I 355 1.04 72.91 -125.74
N VAL I 356 2.00 73.75 -125.41
CA VAL I 356 3.34 73.60 -125.95
C VAL I 356 4.38 73.65 -124.84
N ASN I 357 5.17 72.60 -124.73
CA ASN I 357 6.23 72.57 -123.74
C ASN I 357 7.58 72.63 -124.40
N ALA I 358 8.51 73.32 -123.76
CA ALA I 358 9.87 73.44 -124.29
C ALA I 358 10.80 73.86 -123.18
N LEU I 359 11.35 72.89 -122.49
CA LEU I 359 12.22 73.18 -121.37
C LEU I 359 13.31 72.15 -121.12
N GLU I 360 14.52 72.64 -120.99
CA GLU I 360 15.62 71.78 -120.58
C GLU I 360 16.07 72.23 -119.21
N GLU I 361 16.27 71.29 -118.30
CA GLU I 361 16.69 71.66 -116.96
C GLU I 361 17.76 70.77 -116.37
N LYS I 362 18.85 71.38 -115.94
CA LYS I 362 19.93 70.69 -115.26
C LYS I 362 19.99 71.13 -113.81
N LYS I 363 20.26 70.20 -112.90
CA LYS I 363 20.36 70.58 -111.50
C LYS I 363 21.38 69.78 -110.72
N GLN I 364 22.11 70.48 -109.87
CA GLN I 364 23.13 69.86 -109.04
C GLN I 364 23.15 70.41 -107.63
N ALA I 365 23.29 69.53 -106.64
CA ALA I 365 23.33 70.02 -105.27
C ALA I 365 24.18 69.15 -104.36
N THR I 366 24.83 69.79 -103.40
CA THR I 366 25.61 69.05 -102.40
C THR I 366 25.50 69.66 -101.02
N VAL I 367 25.35 68.80 -100.03
CA VAL I 367 25.30 69.22 -98.64
C VAL I 367 26.16 68.35 -97.73
N VAL I 368 27.00 68.97 -96.93
CA VAL I 368 27.80 68.25 -95.97
C VAL I 368 27.56 68.79 -94.57
N SER I 369 27.13 67.92 -93.68
CA SER I 369 26.85 68.32 -92.31
C SER I 369 27.71 67.56 -91.33
N ARG I 370 28.24 68.26 -90.34
CA ARG I 370 29.12 67.61 -89.39
C ARG I 370 28.89 67.99 -87.93
N PRO I 371 28.13 67.18 -87.19
CA PRO I 371 27.94 67.26 -85.75
C PRO I 371 29.19 66.80 -85.02
N VAL I 372 29.56 67.51 -83.96
CA VAL I 372 30.72 67.15 -83.15
C VAL I 372 30.36 67.11 -81.67
N LEU I 373 30.70 66.01 -81.00
CA LEU I 373 30.34 65.86 -79.59
C LEU I 373 31.45 65.24 -78.72
N LEU I 374 31.80 65.92 -77.62
CA LEU I 374 32.82 65.44 -76.70
C LEU I 374 32.23 64.83 -75.42
N THR I 375 32.70 63.64 -75.06
CA THR I 375 32.29 62.97 -73.83
C THR I 375 33.43 62.18 -73.20
N GLN I 376 33.09 61.30 -72.27
CA GLN I 376 34.06 60.46 -71.58
C GLN I 376 33.69 59.01 -71.65
N GLU I 377 34.65 58.15 -71.32
CA GLU I 377 34.44 56.72 -71.32
C GLU I 377 33.21 56.34 -70.53
N ASN I 378 32.33 55.57 -71.14
CA ASN I 378 31.13 55.08 -70.50
C ASN I 378 30.12 56.16 -70.12
N VAL I 379 30.23 57.36 -70.69
CA VAL I 379 29.28 58.43 -70.38
C VAL I 379 28.41 58.82 -71.58
N PRO I 380 27.12 58.46 -71.55
CA PRO I 380 26.09 58.74 -72.54
C PRO I 380 26.02 60.22 -72.81
N ALA I 381 26.27 60.60 -74.05
CA ALA I 381 26.25 61.99 -74.41
C ALA I 381 25.18 62.28 -75.42
N ILE I 382 24.59 63.46 -75.30
CA ILE I 382 23.50 63.85 -76.17
C ILE I 382 23.73 65.14 -76.91
N PHE I 383 23.50 65.10 -78.21
CA PHE I 383 23.58 66.29 -79.04
C PHE I 383 22.29 66.41 -79.83
N ASP I 384 21.57 67.50 -79.67
CA ASP I 384 20.32 67.63 -80.38
C ASP I 384 20.08 69.03 -80.94
N ASN I 385 20.18 69.17 -82.24
CA ASN I 385 19.92 70.42 -82.92
C ASN I 385 18.56 70.31 -83.58
N ASN I 386 17.54 70.96 -83.04
CA ASN I 386 16.22 70.74 -83.59
C ASN I 386 15.34 71.95 -83.69
N ARG I 387 14.17 71.75 -84.27
CA ARG I 387 13.15 72.77 -84.35
C ARG I 387 11.84 72.21 -83.89
N THR I 388 11.03 73.07 -83.26
CA THR I 388 9.75 72.62 -82.78
C THR I 388 8.60 73.48 -83.27
N PHE I 389 7.62 72.81 -83.84
CA PHE I 389 6.41 73.38 -84.36
C PHE I 389 5.28 73.24 -83.36
N TYR I 390 4.69 74.35 -82.95
CA TYR I 390 3.60 74.30 -81.99
C TYR I 390 2.24 74.51 -82.62
N THR I 391 1.22 73.87 -82.05
CA THR I 391 -0.15 74.03 -82.52
C THR I 391 -1.17 73.92 -81.38
N LYS I 392 -2.30 74.60 -81.57
CA LYS I 392 -3.36 74.58 -80.57
C LYS I 392 -4.35 73.46 -80.77
N LEU I 393 -4.77 72.87 -79.65
CA LEU I 393 -5.82 71.87 -79.64
C LEU I 393 -6.94 72.32 -78.73
N ILE I 394 -7.29 73.60 -78.78
CA ILE I 394 -8.34 74.09 -77.91
C ILE I 394 -9.67 73.51 -78.30
N GLY I 395 -10.07 72.44 -77.63
CA GLY I 395 -11.36 71.88 -77.87
C GLY I 395 -12.34 72.54 -76.94
N GLU I 396 -13.50 71.95 -76.80
CA GLU I 396 -14.48 72.51 -75.91
C GLU I 396 -14.26 71.97 -74.51
N ARG I 397 -14.05 70.67 -74.33
CA ARG I 397 -13.75 70.21 -72.99
C ARG I 397 -12.28 70.28 -72.74
N ASN I 398 -11.53 69.45 -73.47
CA ASN I 398 -10.11 69.40 -73.29
C ASN I 398 -9.41 70.35 -74.21
N VAL I 399 -8.41 71.02 -73.67
CA VAL I 399 -7.62 71.97 -74.41
C VAL I 399 -6.17 71.63 -74.21
N ALA I 400 -5.34 71.97 -75.17
CA ALA I 400 -3.93 71.65 -75.04
C ALA I 400 -3.10 72.23 -76.16
N LEU I 401 -1.79 72.17 -75.98
CA LEU I 401 -0.87 72.52 -77.02
C LEU I 401 -0.10 71.28 -77.37
N GLU I 402 0.22 71.13 -78.63
CA GLU I 402 1.01 70.00 -79.06
C GLU I 402 2.07 70.45 -80.00
N HIS I 403 3.03 69.58 -80.22
CA HIS I 403 4.10 69.99 -81.07
C HIS I 403 4.81 68.89 -81.81
N VAL I 404 5.53 69.30 -82.84
CA VAL I 404 6.30 68.40 -83.66
C VAL I 404 7.76 68.79 -83.62
N THR I 405 8.60 67.90 -83.13
CA THR I 405 10.02 68.20 -83.03
C THR I 405 10.83 67.33 -83.97
N TYR I 406 11.74 67.96 -84.70
CA TYR I 406 12.60 67.23 -85.62
C TYR I 406 13.93 67.94 -85.82
N GLY I 407 14.94 67.20 -86.22
CA GLY I 407 16.25 67.80 -86.43
C GLY I 407 17.36 66.77 -86.41
N THR I 408 18.57 67.22 -86.05
CA THR I 408 19.73 66.35 -86.00
C THR I 408 19.98 65.88 -84.58
N MET I 409 19.93 64.58 -84.36
CA MET I 409 20.13 64.09 -83.00
C MET I 409 21.07 62.91 -82.90
N ILE I 410 21.97 63.00 -81.93
CA ILE I 410 22.92 61.94 -81.66
C ILE I 410 22.93 61.50 -80.22
N ARG I 411 22.72 60.21 -80.00
CA ARG I 411 22.87 59.67 -78.67
C ARG I 411 23.99 58.65 -78.74
N VAL I 412 25.00 58.79 -77.89
CA VAL I 412 26.11 57.87 -78.01
C VAL I 412 26.74 57.43 -76.71
N LEU I 413 27.09 56.15 -76.68
CA LEU I 413 27.81 55.57 -75.55
C LEU I 413 29.10 54.92 -76.02
N PRO I 414 30.24 55.57 -75.85
CA PRO I 414 31.57 55.15 -76.22
C PRO I 414 32.21 54.24 -75.20
N ARG I 415 33.07 53.35 -75.68
CA ARG I 415 33.74 52.43 -74.79
C ARG I 415 35.02 51.86 -75.37
N PHE I 416 36.12 51.96 -74.64
CA PHE I 416 37.38 51.42 -75.12
C PHE I 416 37.50 49.93 -74.88
N SER I 417 38.06 49.24 -75.87
CA SER I 417 38.27 47.80 -75.77
C SER I 417 39.72 47.48 -75.46
N ALA I 418 40.02 46.19 -75.44
CA ALA I 418 41.35 45.70 -75.09
C ALA I 418 42.42 46.19 -76.06
N ASP I 419 42.05 46.33 -77.33
CA ASP I 419 43.00 46.75 -78.33
C ASP I 419 43.00 48.26 -78.58
N GLY I 420 42.34 49.02 -77.71
CA GLY I 420 42.28 50.47 -77.90
C GLY I 420 41.22 50.85 -78.92
N GLN I 421 40.35 49.91 -79.25
CA GLN I 421 39.29 50.14 -80.21
C GLN I 421 38.17 50.86 -79.50
N ILE I 422 37.37 51.60 -80.25
CA ILE I 422 36.28 52.30 -79.61
C ILE I 422 34.93 51.80 -80.10
N GLU I 423 34.16 51.22 -79.20
CA GLU I 423 32.84 50.77 -79.58
C GLU I 423 31.83 51.79 -79.19
N MET I 424 30.85 51.99 -80.03
CA MET I 424 29.84 52.97 -79.76
C MET I 424 28.44 52.49 -80.00
N SER I 425 27.56 52.77 -79.04
CA SER I 425 26.16 52.53 -79.26
C SER I 425 25.67 53.79 -79.95
N LEU I 426 25.07 53.66 -81.12
CA LEU I 426 24.68 54.85 -81.88
C LEU I 426 23.22 54.97 -82.24
N ASP I 427 22.63 56.10 -81.88
CA ASP I 427 21.30 56.42 -82.32
C ASP I 427 21.37 57.73 -83.08
N ILE I 428 20.96 57.70 -84.35
CA ILE I 428 21.07 58.87 -85.19
C ILE I 428 19.76 59.28 -85.86
N GLU I 429 19.41 60.55 -85.71
CA GLU I 429 18.26 61.08 -86.42
C GLU I 429 18.62 62.23 -87.33
N ASP I 430 18.14 62.18 -88.56
CA ASP I 430 18.30 63.29 -89.48
C ASP I 430 16.93 63.70 -89.99
N GLY I 431 16.31 64.66 -89.34
CA GLY I 431 14.98 65.09 -89.74
C GLY I 431 14.98 66.44 -90.44
N ASN I 432 13.95 66.66 -91.24
CA ASN I 432 13.80 67.92 -91.97
C ASN I 432 12.35 68.23 -92.30
N ASP I 433 12.12 69.40 -92.88
CA ASP I 433 10.79 69.86 -93.23
C ASP I 433 10.47 69.71 -94.71
N LYS I 434 9.66 68.73 -95.05
CA LYS I 434 9.24 68.57 -96.44
C LYS I 434 8.01 69.42 -96.68
N THR I 435 7.92 70.06 -97.83
CA THR I 435 6.75 70.90 -98.07
C THR I 435 6.06 70.57 -99.37
N PRO I 436 4.76 70.88 -99.45
CA PRO I 436 3.87 70.80 -100.58
C PRO I 436 4.02 72.05 -101.42
N GLN I 437 3.24 72.15 -102.50
CA GLN I 437 3.29 73.35 -103.31
C GLN I 437 2.85 74.54 -102.47
N SER I 438 3.75 75.54 -102.37
CA SER I 438 3.54 76.73 -101.55
C SER I 438 2.39 77.63 -102.02
N ASP I 439 1.92 77.39 -103.24
CA ASP I 439 0.80 78.12 -103.80
C ASP I 439 -0.56 77.63 -103.26
N THR I 440 -0.55 76.55 -102.48
CA THR I 440 -1.80 76.01 -101.96
C THR I 440 -2.03 76.34 -100.50
N THR I 441 -3.25 76.09 -100.04
CA THR I 441 -3.68 76.36 -98.67
C THR I 441 -3.05 75.40 -97.68
N THR I 442 -2.47 74.31 -98.18
CA THR I 442 -1.81 73.32 -97.35
C THR I 442 -0.49 73.86 -96.80
N SER I 443 -0.03 75.00 -97.35
CA SER I 443 1.16 75.67 -96.84
C SER I 443 0.84 76.52 -95.59
N VAL I 444 -0.46 76.66 -95.29
CA VAL I 444 -0.92 77.44 -94.14
C VAL I 444 -1.39 76.51 -93.04
N ASP I 445 -2.25 75.56 -93.40
CA ASP I 445 -2.76 74.60 -92.43
C ASP I 445 -1.63 73.77 -91.88
N ALA I 446 -1.68 73.49 -90.56
CA ALA I 446 -0.68 72.70 -89.83
C ALA I 446 -0.40 71.33 -90.45
N LEU I 447 0.30 71.32 -91.59
CA LEU I 447 0.62 70.11 -92.28
C LEU I 447 2.12 69.91 -92.58
N PRO I 448 3.03 70.56 -91.85
CA PRO I 448 4.48 70.46 -92.05
C PRO I 448 4.97 69.02 -92.15
N GLU I 449 4.84 68.41 -93.32
CA GLU I 449 5.29 67.05 -93.56
C GLU I 449 6.73 66.89 -93.12
N VAL I 450 7.00 65.89 -92.29
CA VAL I 450 8.36 65.75 -91.79
C VAL I 450 9.06 64.56 -92.39
N GLY I 451 10.30 64.75 -92.80
CA GLY I 451 11.08 63.65 -93.33
C GLY I 451 12.09 63.26 -92.27
N ARG I 452 12.26 61.97 -92.03
CA ARG I 452 13.21 61.54 -91.01
C ARG I 452 14.02 60.33 -91.43
N THR I 453 15.30 60.36 -91.13
CA THR I 453 16.14 59.20 -91.35
C THR I 453 16.62 58.71 -90.01
N LEU I 454 16.33 57.45 -89.69
CA LEU I 454 16.71 56.90 -88.41
C LEU I 454 17.67 55.73 -88.53
N ILE I 455 18.71 55.76 -87.72
CA ILE I 455 19.68 54.67 -87.67
C ILE I 455 19.95 54.24 -86.24
N SER I 456 19.87 52.94 -85.98
CA SER I 456 20.19 52.47 -84.65
C SER I 456 21.05 51.21 -84.73
N THR I 457 22.31 51.33 -84.32
CA THR I 457 23.26 50.21 -84.41
C THR I 457 24.42 50.33 -83.42
N ILE I 458 25.40 49.44 -83.57
CA ILE I 458 26.61 49.38 -82.75
C ILE I 458 27.83 49.14 -83.62
N ALA I 459 28.90 49.89 -83.42
CA ALA I 459 30.08 49.66 -84.25
C ALA I 459 31.40 49.89 -83.53
N ARG I 460 32.42 49.11 -83.92
CA ARG I 460 33.75 49.23 -83.36
C ARG I 460 34.67 49.92 -84.36
N VAL I 461 35.29 51.01 -83.95
CA VAL I 461 36.16 51.74 -84.86
C VAL I 461 37.57 51.91 -84.27
N PRO I 462 38.62 51.64 -85.03
CA PRO I 462 40.02 51.85 -84.69
C PRO I 462 40.26 53.34 -84.43
N HIS I 463 41.13 53.65 -83.48
CA HIS I 463 41.39 55.04 -83.15
C HIS I 463 41.89 55.85 -84.33
N GLY I 464 41.19 56.95 -84.63
CA GLY I 464 41.60 57.82 -85.71
C GLY I 464 41.11 57.36 -87.09
N LYS I 465 40.32 56.29 -87.12
CA LYS I 465 39.79 55.80 -88.38
C LYS I 465 38.31 56.03 -88.47
N SER I 466 37.71 55.57 -89.54
CA SER I 466 36.29 55.79 -89.72
C SER I 466 35.58 54.61 -90.34
N LEU I 467 34.27 54.55 -90.14
CA LEU I 467 33.43 53.53 -90.77
C LEU I 467 32.16 54.09 -91.35
N LEU I 468 31.70 53.44 -92.40
CA LEU I 468 30.42 53.79 -92.97
C LEU I 468 29.33 53.08 -92.20
N VAL I 469 28.51 53.85 -91.50
CA VAL I 469 27.44 53.27 -90.72
C VAL I 469 26.29 52.85 -91.58
N GLY I 470 25.91 53.72 -92.50
CA GLY I 470 24.83 53.36 -93.38
C GLY I 470 24.57 54.41 -94.41
N GLY I 471 23.59 54.16 -95.24
CA GLY I 471 23.27 55.10 -96.28
C GLY I 471 22.12 54.67 -97.15
N TYR I 472 21.86 55.46 -98.16
CA TYR I 472 20.78 55.23 -99.07
C TYR I 472 21.07 55.84 -100.41
N THR I 473 20.96 55.05 -101.46
CA THR I 473 21.15 55.61 -102.78
C THR I 473 19.98 55.33 -103.68
N ARG I 474 19.80 56.17 -104.67
CA ARG I 474 18.71 55.98 -105.61
C ARG I 474 19.05 56.46 -107.00
N ASP I 475 18.81 55.60 -107.97
CA ASP I 475 19.03 55.97 -109.35
C ASP I 475 17.75 55.75 -110.13
N ALA I 476 17.37 56.69 -110.98
CA ALA I 476 16.13 56.51 -111.70
C ALA I 476 16.11 57.22 -113.03
N ASN I 477 15.33 56.69 -113.95
CA ASN I 477 15.22 57.27 -115.28
C ASN I 477 13.90 56.91 -115.93
N THR I 478 13.23 57.89 -116.51
CA THR I 478 11.97 57.62 -117.19
C THR I 478 11.78 58.47 -118.42
N ASP I 479 10.96 57.97 -119.33
CA ASP I 479 10.70 58.72 -120.54
C ASP I 479 9.34 58.41 -121.15
N THR I 480 8.80 59.39 -121.89
CA THR I 480 7.51 59.20 -122.53
C THR I 480 7.51 59.68 -123.95
N VAL I 481 6.62 59.10 -124.77
CA VAL I 481 6.40 59.54 -126.13
C VAL I 481 4.92 59.58 -126.45
N GLN I 482 4.43 60.72 -126.90
CA GLN I 482 3.04 60.81 -127.29
C GLN I 482 2.92 61.38 -128.68
N SER I 483 1.94 60.92 -129.43
CA SER I 483 1.78 61.48 -130.76
C SER I 483 0.41 61.26 -131.35
N ILE I 484 0.16 61.95 -132.44
CA ILE I 484 -1.05 61.81 -133.19
C ILE I 484 -0.81 60.75 -134.26
N PRO I 485 -1.50 59.60 -134.19
CA PRO I 485 -1.36 58.41 -135.05
C PRO I 485 -0.85 58.64 -136.46
N PHE I 486 -1.30 59.69 -137.15
CA PHE I 486 -0.82 59.88 -138.51
C PHE I 486 -0.07 61.20 -138.69
N LEU I 487 -0.49 62.24 -137.99
CA LEU I 487 0.12 63.55 -138.17
C LEU I 487 1.54 63.60 -137.66
N GLY I 488 1.83 62.82 -136.63
CA GLY I 488 3.15 62.77 -136.04
C GLY I 488 4.23 62.25 -136.99
N LYS I 489 3.83 61.65 -138.11
CA LYS I 489 4.80 61.10 -139.05
C LYS I 489 5.10 62.06 -140.20
N LEU I 490 4.51 63.25 -140.19
CA LEU I 490 4.74 64.15 -141.31
C LEU I 490 6.11 64.86 -141.24
N PRO I 491 6.86 64.83 -142.35
CA PRO I 491 8.25 65.32 -142.53
C PRO I 491 8.68 66.47 -141.61
N LEU I 492 8.10 67.64 -141.83
CA LEU I 492 8.43 68.82 -141.02
C LEU I 492 7.19 69.40 -140.41
N ILE I 493 6.26 68.53 -140.05
CA ILE I 493 4.99 68.93 -139.50
C ILE I 493 4.71 68.21 -138.20
N GLY I 494 4.96 66.90 -138.20
CA GLY I 494 4.71 66.02 -137.06
C GLY I 494 5.26 66.52 -135.74
N SER I 495 6.32 67.32 -135.76
CA SER I 495 6.89 67.94 -134.57
C SER I 495 5.87 68.76 -133.78
N LEU I 496 4.84 69.23 -134.47
CA LEU I 496 3.78 70.05 -133.89
C LEU I 496 2.71 69.20 -133.21
N PHE I 497 2.84 67.88 -133.33
CA PHE I 497 1.89 66.94 -132.77
C PHE I 497 2.54 65.98 -131.79
N ARG I 498 3.81 65.67 -132.03
CA ARG I 498 4.58 64.79 -131.17
C ARG I 498 4.92 65.44 -129.84
N TYR I 499 5.16 64.61 -128.84
CA TYR I 499 5.53 65.05 -127.52
C TYR I 499 6.45 64.08 -126.84
N SER I 500 7.52 64.56 -126.23
CA SER I 500 8.37 63.64 -125.52
C SER I 500 8.93 64.22 -124.25
N SER I 501 9.32 63.34 -123.33
CA SER I 501 9.91 63.82 -122.11
C SER I 501 10.93 62.85 -121.57
N LYS I 502 11.89 63.38 -120.82
CA LYS I 502 12.93 62.58 -120.18
C LYS I 502 13.16 63.08 -118.77
N ASN I 503 13.36 62.17 -117.84
CA ASN I 503 13.63 62.59 -116.48
C ASN I 503 14.56 61.64 -115.76
N LYS I 504 15.81 62.08 -115.58
CA LYS I 504 16.83 61.30 -114.91
C LYS I 504 17.25 61.89 -113.58
N SER I 505 17.47 61.04 -112.58
CA SER I 505 17.94 61.55 -111.30
C SER I 505 18.87 60.59 -110.57
N ASN I 506 19.75 61.14 -109.74
CA ASN I 506 20.69 60.36 -108.96
C ASN I 506 20.84 60.93 -107.55
N VAL I 507 20.68 60.09 -106.53
CA VAL I 507 20.76 60.53 -105.15
C VAL I 507 21.69 59.69 -104.29
N VAL I 508 22.59 60.34 -103.55
CA VAL I 508 23.48 59.62 -102.65
C VAL I 508 23.50 60.18 -101.24
N ARG I 509 23.14 59.37 -100.25
CA ARG I 509 23.21 59.79 -98.85
C ARG I 509 23.95 58.83 -97.95
N VAL I 510 24.97 59.32 -97.25
CA VAL I 510 25.71 58.45 -96.33
C VAL I 510 26.00 59.06 -94.97
N PHE I 511 26.17 58.16 -93.99
CA PHE I 511 26.50 58.50 -92.62
C PHE I 511 27.79 57.81 -92.20
N MET I 512 28.81 58.60 -91.88
CA MET I 512 30.10 58.04 -91.50
C MET I 512 30.54 58.48 -90.12
N ILE I 513 31.19 57.59 -89.39
CA ILE I 513 31.65 57.87 -88.05
C ILE I 513 33.16 57.89 -87.89
N GLU I 514 33.65 58.92 -87.21
CA GLU I 514 35.06 59.06 -86.92
C GLU I 514 35.26 59.42 -85.44
N PRO I 515 36.05 58.64 -84.72
CA PRO I 515 36.24 58.94 -83.30
C PRO I 515 37.70 58.99 -82.92
N LYS I 516 38.02 59.82 -81.93
CA LYS I 516 39.39 59.91 -81.45
C LYS I 516 39.47 60.25 -79.97
N GLU I 517 40.61 59.95 -79.37
CA GLU I 517 40.86 60.20 -77.97
C GLU I 517 41.43 61.58 -77.74
N ILE I 518 40.83 62.30 -76.81
CA ILE I 518 41.29 63.64 -76.48
C ILE I 518 42.07 63.65 -75.19
N VAL I 519 43.28 64.20 -75.25
CA VAL I 519 44.13 64.25 -74.08
C VAL I 519 44.68 65.65 -73.78
N ASP I 520 44.82 66.46 -74.82
CA ASP I 520 45.32 67.81 -74.63
C ASP I 520 44.20 68.83 -74.58
N PRO I 521 44.42 69.96 -73.91
CA PRO I 521 43.55 71.12 -73.81
C PRO I 521 43.54 71.81 -75.15
N LEU I 522 42.47 72.54 -75.42
CA LEU I 522 42.30 73.22 -76.69
C LEU I 522 43.43 74.22 -76.89
N THR I 523 44.14 74.10 -78.01
CA THR I 523 45.27 74.99 -78.28
C THR I 523 45.17 75.65 -79.65
N PRO I 524 45.20 76.98 -79.69
CA PRO I 524 45.32 77.97 -78.63
C PRO I 524 44.03 78.07 -77.84
N ASP I 525 44.12 78.69 -76.67
CA ASP I 525 42.98 78.82 -75.78
C ASP I 525 41.83 79.55 -76.47
N ALA I 526 40.61 79.10 -76.17
CA ALA I 526 39.39 79.63 -76.79
C ALA I 526 39.33 81.14 -76.83
N SER I 527 39.64 81.79 -75.70
CA SER I 527 39.56 83.24 -75.61
C SER I 527 40.48 83.96 -76.57
N GLU I 528 41.60 83.34 -76.94
CA GLU I 528 42.53 83.94 -77.85
C GLU I 528 41.96 83.97 -79.25
N SER I 529 41.42 82.83 -79.65
CA SER I 529 40.83 82.70 -80.96
C SER I 529 39.62 83.58 -81.12
N VAL I 530 38.81 83.67 -80.08
CA VAL I 530 37.64 84.54 -80.13
C VAL I 530 38.02 85.97 -80.35
N ASN I 531 39.04 86.45 -79.65
CA ASN I 531 39.47 87.82 -79.83
C ASN I 531 39.90 88.08 -81.27
N ASN I 532 40.60 87.13 -81.88
CA ASN I 532 41.02 87.28 -83.26
C ASN I 532 39.82 87.41 -84.18
N ILE I 533 38.80 86.61 -83.93
CA ILE I 533 37.57 86.64 -84.71
C ILE I 533 36.85 87.95 -84.60
N LEU I 534 36.67 88.42 -83.37
CA LEU I 534 35.95 89.66 -83.15
C LEU I 534 36.63 90.85 -83.78
N LYS I 535 37.96 90.88 -83.70
CA LYS I 535 38.67 92.00 -84.27
C LYS I 535 38.60 92.00 -85.78
N GLN I 536 38.86 90.86 -86.41
CA GLN I 536 38.83 90.80 -87.85
C GLN I 536 37.44 91.00 -88.41
N SER I 537 36.42 90.52 -87.70
CA SER I 537 35.05 90.69 -88.12
C SER I 537 34.46 92.06 -87.81
N GLY I 538 35.21 92.90 -87.08
CA GLY I 538 34.77 94.25 -86.76
C GLY I 538 33.76 94.35 -85.63
N ALA I 539 33.53 93.27 -84.88
CA ALA I 539 32.54 93.29 -83.80
C ALA I 539 33.17 93.70 -82.48
N TRP I 540 34.47 93.46 -82.35
CA TRP I 540 35.22 93.78 -81.14
C TRP I 540 35.03 95.20 -80.67
N SER I 541 34.78 95.35 -79.38
CA SER I 541 34.60 96.65 -78.78
C SER I 541 35.24 96.71 -77.40
N GLY I 542 36.31 95.96 -77.22
CA GLY I 542 37.00 95.90 -75.93
C GLY I 542 37.63 97.23 -75.54
N ASP I 543 37.84 98.11 -76.53
CA ASP I 543 38.40 99.42 -76.25
C ASP I 543 37.34 100.48 -75.97
N ASP I 544 36.07 100.09 -75.84
CA ASP I 544 35.05 101.07 -75.55
C ASP I 544 35.30 101.70 -74.19
N LYS I 545 35.44 103.02 -74.19
CA LYS I 545 35.72 103.80 -72.99
C LYS I 545 34.72 103.64 -71.85
N LEU I 546 33.54 103.12 -72.15
CA LEU I 546 32.53 102.94 -71.14
C LEU I 546 32.46 101.50 -70.73
N GLN I 547 32.17 100.63 -71.69
CA GLN I 547 31.98 99.22 -71.40
C GLN I 547 33.17 98.55 -70.75
N LYS I 548 34.39 99.02 -71.04
CA LYS I 548 35.58 98.43 -70.44
C LYS I 548 35.59 98.42 -68.92
N TRP I 549 34.80 99.28 -68.28
CA TRP I 549 34.74 99.31 -66.83
C TRP I 549 34.16 98.03 -66.26
N VAL I 550 33.41 97.30 -67.08
CA VAL I 550 32.83 96.05 -66.69
C VAL I 550 33.55 94.91 -67.36
N ARG I 551 33.78 95.04 -68.67
CA ARG I 551 34.42 93.98 -69.44
C ARG I 551 35.74 93.53 -68.85
N VAL I 552 36.52 94.45 -68.28
CA VAL I 552 37.77 94.10 -67.62
C VAL I 552 37.66 92.97 -66.59
N TYR I 553 36.50 92.84 -65.96
CA TYR I 553 36.28 91.83 -64.93
C TYR I 553 36.12 90.45 -65.53
N LEU I 554 35.82 90.40 -66.81
CA LEU I 554 35.58 89.16 -67.49
C LEU I 554 36.79 88.76 -68.29
N ASP I 555 37.41 89.74 -68.92
CA ASP I 555 38.55 89.48 -69.77
C ASP I 555 39.83 89.24 -69.00
N ARG I 556 40.03 89.93 -67.89
CA ARG I 556 41.24 89.72 -67.10
C ARG I 556 40.94 89.31 -65.66
N GLY I 557 39.66 89.29 -65.29
CA GLY I 557 39.29 88.92 -63.94
C GLY I 557 39.19 90.14 -63.04
N GLY J 34 75.72 8.42 2.29
CA GLY J 34 74.60 8.52 1.31
C GLY J 34 73.45 7.77 1.93
N PHE J 35 72.84 6.88 1.14
CA PHE J 35 71.73 6.10 1.67
C PHE J 35 71.61 4.71 1.05
N VAL J 36 71.45 3.70 1.92
CA VAL J 36 71.22 2.33 1.49
C VAL J 36 69.93 1.78 2.10
N ALA J 37 69.04 1.35 1.23
CA ALA J 37 67.79 0.77 1.65
C ALA J 37 68.03 -0.70 1.96
N LYS J 38 67.37 -1.27 2.96
CA LYS J 38 67.57 -2.67 3.31
C LYS J 38 66.22 -3.19 3.65
N ASP J 39 65.58 -3.72 2.63
CA ASP J 39 64.24 -4.22 2.76
C ASP J 39 63.25 -3.22 3.37
N ASP J 40 63.28 -1.96 2.93
CA ASP J 40 62.48 -0.95 3.53
C ASP J 40 61.24 -0.75 2.70
N SER J 41 60.18 -0.29 3.32
CA SER J 41 58.97 -0.03 2.51
C SER J 41 59.24 1.23 1.69
N LEU J 42 58.55 1.35 0.55
CA LEU J 42 58.60 2.51 -0.28
C LEU J 42 57.86 3.62 0.33
N ARG J 43 56.92 3.28 1.18
CA ARG J 43 56.34 4.32 1.94
C ARG J 43 57.45 5.02 2.70
N THR J 44 58.32 4.26 3.36
CA THR J 44 59.37 4.89 4.19
C THR J 44 60.34 5.58 3.28
N PHE J 45 60.72 4.85 2.24
CA PHE J 45 61.71 5.32 1.31
C PHE J 45 61.29 6.64 0.68
N PHE J 46 60.06 6.73 0.20
CA PHE J 46 59.71 7.97 -0.46
C PHE J 46 59.42 9.12 0.48
N ASP J 47 59.06 8.77 1.73
CA ASP J 47 58.97 9.74 2.80
C ASP J 47 60.32 10.35 3.12
N ALA J 48 61.39 9.55 3.04
CA ALA J 48 62.76 10.06 3.17
C ALA J 48 63.08 11.04 2.00
N MET J 49 62.59 10.71 0.81
CA MET J 49 62.74 11.67 -0.30
C MET J 49 61.93 12.94 -0.08
N ALA J 50 60.75 12.79 0.52
CA ALA J 50 59.94 13.96 0.85
C ALA J 50 60.60 14.86 1.89
N LEU J 51 61.43 14.28 2.76
CA LEU J 51 62.19 15.06 3.73
C LEU J 51 63.42 15.66 3.12
N GLN J 52 64.04 14.98 2.17
CA GLN J 52 65.25 15.56 1.54
C GLN J 52 64.96 16.59 0.47
N LEU J 53 63.87 16.38 -0.24
CA LEU J 53 63.50 17.30 -1.30
C LEU J 53 62.48 18.29 -0.76
N LYS J 54 62.76 19.54 -1.08
CA LYS J 54 61.89 20.65 -0.70
C LYS J 54 60.45 20.36 -1.13
N GLU J 55 60.28 20.05 -2.42
CA GLU J 55 58.98 19.68 -2.97
C GLU J 55 58.33 18.43 -2.41
N PRO J 56 56.99 18.43 -2.23
CA PRO J 56 56.40 17.22 -1.71
C PRO J 56 56.66 16.07 -2.66
N VAL J 57 56.84 14.88 -2.12
CA VAL J 57 56.94 13.70 -2.94
C VAL J 57 55.71 12.92 -2.63
N ILE J 58 54.70 12.92 -3.50
CA ILE J 58 53.44 12.23 -3.18
C ILE J 58 53.38 10.96 -4.00
N VAL J 59 53.02 9.88 -3.32
CA VAL J 59 53.07 8.55 -3.91
C VAL J 59 51.63 7.93 -3.89
N SER J 60 51.36 7.02 -4.81
CA SER J 60 50.09 6.28 -4.75
C SER J 60 50.21 5.17 -3.74
N LYS J 61 49.09 4.54 -3.45
CA LYS J 61 49.04 3.43 -2.55
C LYS J 61 49.99 2.32 -3.05
N MET J 62 49.95 2.05 -4.35
CA MET J 62 50.75 1.03 -5.00
C MET J 62 52.22 1.37 -5.00
N ALA J 63 52.51 2.65 -5.19
CA ALA J 63 53.90 3.14 -5.12
C ALA J 63 54.51 2.99 -3.73
N ALA J 64 53.70 3.14 -2.69
CA ALA J 64 54.12 2.94 -1.28
C ALA J 64 54.12 1.51 -0.77
N ARG J 65 53.26 0.69 -1.35
CA ARG J 65 53.05 -0.72 -1.00
C ARG J 65 54.33 -1.61 -1.13
N LYS J 66 55.10 -1.44 -2.20
CA LYS J 66 56.24 -2.34 -2.40
C LYS J 66 57.42 -1.87 -1.57
N LYS J 67 58.49 -2.68 -1.54
CA LYS J 67 59.68 -2.42 -0.72
C LYS J 67 60.88 -2.12 -1.60
N ILE J 68 62.02 -1.84 -0.97
CA ILE J 68 63.17 -1.42 -1.78
C ILE J 68 64.45 -1.78 -1.07
N THR J 69 65.45 -2.26 -1.80
CA THR J 69 66.76 -2.56 -1.25
C THR J 69 67.84 -2.08 -2.21
N GLY J 70 68.85 -1.40 -1.69
CA GLY J 70 69.97 -0.94 -2.52
C GLY J 70 70.46 0.47 -2.18
N ASN J 71 71.61 0.83 -2.74
CA ASN J 71 72.21 2.12 -2.47
C ASN J 71 71.53 3.16 -3.32
N PHE J 72 70.68 3.98 -2.68
CA PHE J 72 69.89 5.04 -3.29
C PHE J 72 70.00 6.36 -2.57
N GLU J 73 71.14 7.00 -2.79
CA GLU J 73 71.43 8.30 -2.22
C GLU J 73 70.39 9.27 -2.77
N PHE J 74 70.01 10.21 -1.91
CA PHE J 74 68.97 11.16 -2.26
C PHE J 74 69.56 12.47 -2.81
N HIS J 75 70.71 12.41 -3.45
CA HIS J 75 71.31 13.64 -3.94
C HIS J 75 70.55 14.20 -5.13
N ASP J 76 69.77 13.38 -5.83
CA ASP J 76 69.00 13.86 -6.96
C ASP J 76 67.81 12.97 -7.13
N PRO J 77 66.70 13.33 -6.49
CA PRO J 77 65.36 12.70 -6.48
C PRO J 77 64.78 12.43 -7.87
N ASN J 78 64.99 13.38 -8.77
CA ASN J 78 64.48 13.22 -10.12
C ASN J 78 65.21 12.18 -10.95
N ALA J 79 66.54 12.23 -10.95
CA ALA J 79 67.34 11.24 -11.60
C ALA J 79 67.24 9.89 -10.88
N LEU J 80 67.04 9.93 -9.57
CA LEU J 80 66.85 8.73 -8.77
C LEU J 80 65.62 8.00 -9.26
N LEU J 81 64.52 8.71 -9.43
CA LEU J 81 63.28 8.12 -9.92
C LEU J 81 63.42 7.58 -11.34
N GLU J 82 64.29 8.18 -12.16
CA GLU J 82 64.54 7.62 -13.45
C GLU J 82 65.25 6.26 -13.22
N LYS J 83 66.18 6.21 -12.28
CA LYS J 83 66.78 4.91 -11.99
C LYS J 83 65.72 3.97 -11.42
N LEU J 84 64.78 4.47 -10.66
CA LEU J 84 63.83 3.54 -10.01
C LEU J 84 62.73 3.09 -10.97
N SER J 85 62.78 3.57 -12.22
CA SER J 85 61.83 3.11 -13.24
C SER J 85 62.31 1.72 -13.65
N LEU J 86 63.59 1.43 -13.37
CA LEU J 86 64.17 0.12 -13.62
C LEU J 86 64.36 -0.71 -12.37
N GLN J 87 64.62 -0.04 -11.26
CA GLN J 87 64.84 -0.77 -10.04
C GLN J 87 63.49 -1.14 -9.37
N LEU J 88 62.52 -0.24 -9.43
CA LEU J 88 61.24 -0.54 -8.85
C LEU J 88 60.20 -0.87 -9.88
N GLY J 89 60.28 -0.14 -10.99
CA GLY J 89 59.24 -0.26 -12.02
C GLY J 89 58.06 0.66 -11.80
N LEU J 90 58.37 1.89 -11.42
CA LEU J 90 57.39 2.93 -11.12
C LEU J 90 57.55 3.99 -12.16
N ILE J 91 56.51 4.80 -12.31
CA ILE J 91 56.52 5.96 -13.18
C ILE J 91 56.16 7.16 -12.28
N TRP J 92 56.56 8.34 -12.73
CA TRP J 92 56.53 9.52 -11.88
C TRP J 92 56.31 10.74 -12.73
N TYR J 93 55.92 11.82 -12.06
CA TYR J 93 55.69 13.09 -12.72
C TYR J 93 56.09 14.26 -11.81
N PHE J 94 56.75 15.29 -12.34
CA PHE J 94 57.15 16.44 -11.53
C PHE J 94 56.52 17.65 -12.16
N ASP J 95 55.59 18.36 -11.48
CA ASP J 95 54.93 19.52 -12.11
C ASP J 95 55.63 20.81 -11.79
N GLY J 96 56.78 20.72 -11.11
CA GLY J 96 57.62 21.89 -10.78
C GLY J 96 57.47 22.16 -9.29
N GLN J 97 56.36 21.73 -8.72
CA GLN J 97 56.12 21.98 -7.30
C GLN J 97 56.01 20.72 -6.46
N ALA J 98 55.65 19.59 -7.05
CA ALA J 98 55.56 18.34 -6.32
C ALA J 98 55.71 17.13 -7.24
N ILE J 99 56.22 16.03 -6.69
CA ILE J 99 56.38 14.78 -7.49
C ILE J 99 55.21 13.81 -7.30
N TYR J 100 54.78 13.14 -8.37
CA TYR J 100 53.61 12.20 -8.26
C TYR J 100 54.00 10.88 -8.81
N ILE J 101 54.17 9.92 -7.90
CA ILE J 101 54.75 8.64 -8.22
C ILE J 101 53.64 7.58 -8.27
N TYR J 102 53.46 6.96 -9.42
CA TYR J 102 52.52 5.85 -9.52
C TYR J 102 53.26 4.66 -9.97
N ASP J 103 52.59 3.56 -9.85
CA ASP J 103 53.11 2.30 -10.33
C ASP J 103 53.07 2.32 -11.84
N ALA J 104 54.00 1.65 -12.47
CA ALA J 104 53.99 1.61 -13.91
C ALA J 104 52.71 0.99 -14.47
N SER J 105 52.06 0.12 -13.70
CA SER J 105 50.83 -0.48 -14.21
C SER J 105 49.66 0.49 -14.09
N GLU J 106 49.88 1.63 -13.45
CA GLU J 106 48.79 2.61 -13.28
C GLU J 106 48.80 3.66 -14.41
N MET J 107 49.68 3.43 -15.39
CA MET J 107 49.77 4.26 -16.54
C MET J 107 48.46 4.34 -17.30
N ARG J 108 48.14 5.55 -17.73
CA ARG J 108 46.92 5.84 -18.45
C ARG J 108 47.22 6.23 -19.90
N ASN J 109 46.24 6.02 -20.76
CA ASN J 109 46.34 6.43 -22.15
C ASN J 109 45.19 7.31 -22.52
N ALA J 110 45.37 8.12 -23.55
CA ALA J 110 44.24 8.89 -23.96
C ALA J 110 44.39 9.23 -25.39
N VAL J 111 43.22 9.36 -26.01
CA VAL J 111 43.09 9.83 -27.40
C VAL J 111 42.31 11.13 -27.42
N VAL J 112 43.00 12.22 -27.72
CA VAL J 112 42.35 13.51 -27.59
C VAL J 112 42.54 14.25 -28.88
N SER J 113 41.41 14.74 -29.43
CA SER J 113 41.36 15.56 -30.64
C SER J 113 41.83 16.96 -30.30
N LEU J 114 42.35 17.71 -31.26
CA LEU J 114 42.86 19.04 -30.97
C LEU J 114 42.31 19.94 -32.06
N ARG J 115 41.51 20.94 -31.67
CA ARG J 115 40.76 21.78 -32.61
C ARG J 115 41.52 23.04 -33.01
N ASN J 116 41.77 23.96 -32.06
CA ASN J 116 42.22 25.31 -32.41
C ASN J 116 43.70 25.54 -32.27
N VAL J 117 44.43 24.47 -32.03
CA VAL J 117 45.83 24.49 -31.76
C VAL J 117 46.47 23.43 -32.65
N SER J 118 47.63 23.79 -33.17
CA SER J 118 48.43 22.90 -33.97
C SER J 118 49.05 21.89 -33.06
N LEU J 119 49.25 20.69 -33.59
CA LEU J 119 49.70 19.62 -32.76
C LEU J 119 51.07 19.93 -32.07
N ASN J 120 52.02 20.50 -32.84
CA ASN J 120 53.28 20.91 -32.27
C ASN J 120 53.15 22.14 -31.39
N GLU J 121 52.29 23.06 -31.76
CA GLU J 121 51.95 24.20 -30.95
C GLU J 121 51.40 23.76 -29.59
N PHE J 122 50.53 22.75 -29.58
CA PHE J 122 50.02 22.25 -28.28
C PHE J 122 51.16 21.75 -27.35
N ASN J 123 52.07 20.92 -27.89
CA ASN J 123 53.23 20.43 -27.12
C ASN J 123 54.07 21.58 -26.60
N ASN J 124 54.22 22.60 -27.43
CA ASN J 124 54.97 23.77 -27.01
C ASN J 124 54.27 24.53 -25.93
N PHE J 125 52.95 24.57 -26.00
CA PHE J 125 52.26 25.29 -24.99
C PHE J 125 52.41 24.57 -23.64
N LEU J 126 52.50 23.26 -23.64
CA LEU J 126 52.73 22.57 -22.39
C LEU J 126 54.13 22.80 -21.87
N LYS J 127 55.08 23.04 -22.79
CA LYS J 127 56.46 23.30 -22.44
C LYS J 127 56.54 24.73 -21.86
N ARG J 128 55.69 25.62 -22.40
CA ARG J 128 55.56 27.02 -21.98
C ARG J 128 54.93 27.08 -20.60
N SER J 129 54.01 26.16 -20.36
CA SER J 129 53.40 25.95 -19.04
C SER J 129 54.44 25.36 -18.06
N GLY J 130 55.32 24.55 -18.59
CA GLY J 130 56.38 23.97 -17.78
C GLY J 130 55.82 22.69 -17.20
N LEU J 131 54.85 22.09 -17.89
CA LEU J 131 54.22 20.90 -17.32
C LEU J 131 54.56 19.68 -18.12
N TYR J 132 54.95 19.95 -19.34
CA TYR J 132 55.34 18.92 -20.22
C TYR J 132 56.57 18.19 -19.64
N ASN J 133 56.32 16.96 -19.20
CA ASN J 133 57.37 16.05 -18.82
C ASN J 133 57.95 15.24 -20.00
N LYS J 134 59.20 15.55 -20.37
CA LYS J 134 59.84 14.94 -21.56
C LYS J 134 60.10 13.45 -21.42
N ASN J 135 59.96 12.90 -20.22
CA ASN J 135 60.13 11.45 -20.09
C ASN J 135 58.92 10.71 -20.57
N TYR J 136 57.83 11.42 -20.85
CA TYR J 136 56.63 10.75 -21.38
C TYR J 136 56.12 11.60 -22.55
N PRO J 137 56.77 11.40 -23.72
CA PRO J 137 56.50 12.11 -24.97
C PRO J 137 55.07 11.90 -25.41
N LEU J 138 54.52 12.95 -25.97
CA LEU J 138 53.23 12.84 -26.62
C LEU J 138 53.38 12.47 -28.11
N ARG J 139 52.37 11.80 -28.64
CA ARG J 139 52.45 11.31 -30.01
C ARG J 139 51.50 12.07 -30.90
N GLY J 140 52.10 12.61 -31.96
CA GLY J 140 51.33 13.35 -32.96
C GLY J 140 51.17 12.57 -34.26
N ASP J 141 50.59 13.21 -35.27
CA ASP J 141 50.38 12.60 -36.60
C ASP J 141 50.10 13.74 -37.59
N ASN J 142 51.00 13.96 -38.55
CA ASN J 142 50.81 15.10 -39.47
C ASN J 142 49.55 15.06 -40.34
N ARG J 143 48.94 13.88 -40.47
CA ARG J 143 47.77 13.73 -41.32
C ARG J 143 46.48 13.47 -40.55
N LYS J 144 46.55 13.60 -39.22
CA LYS J 144 45.42 13.37 -38.34
C LYS J 144 45.42 14.44 -37.25
N GLY J 145 44.26 15.08 -37.08
CA GLY J 145 44.12 16.20 -36.10
C GLY J 145 43.95 15.82 -34.62
N THR J 146 44.63 14.76 -34.21
CA THR J 146 44.62 14.29 -32.84
C THR J 146 46.02 14.06 -32.37
N PHE J 147 46.10 13.72 -31.07
CA PHE J 147 47.34 13.34 -30.42
C PHE J 147 47.03 12.31 -29.33
N TYR J 148 48.07 11.58 -28.92
CA TYR J 148 47.92 10.44 -28.01
C TYR J 148 48.78 10.76 -26.77
N VAL J 149 48.25 10.35 -25.64
CA VAL J 149 48.81 10.68 -24.34
C VAL J 149 49.09 9.37 -23.68
N SER J 150 50.28 9.23 -23.10
CA SER J 150 50.63 8.07 -22.28
C SER J 150 51.45 8.60 -21.13
N GLY J 151 51.22 8.03 -19.96
CA GLY J 151 52.01 8.44 -18.82
C GLY J 151 51.30 8.20 -17.52
N PRO J 152 51.85 8.75 -16.43
CA PRO J 152 51.18 8.56 -15.17
C PRO J 152 49.87 9.35 -15.10
N PRO J 153 48.94 8.91 -14.25
CA PRO J 153 47.64 9.56 -14.17
C PRO J 153 47.63 11.11 -14.05
N VAL J 154 48.54 11.69 -13.27
CA VAL J 154 48.62 13.14 -13.24
C VAL J 154 49.19 13.74 -14.54
N TYR J 155 50.20 13.14 -15.14
CA TYR J 155 50.66 13.68 -16.43
C TYR J 155 49.52 13.63 -17.44
N VAL J 156 48.88 12.48 -17.52
CA VAL J 156 47.84 12.23 -18.55
C VAL J 156 46.68 13.18 -18.36
N ASP J 157 46.17 13.23 -17.14
CA ASP J 157 45.05 14.13 -16.83
C ASP J 157 45.43 15.60 -17.11
N MET J 158 46.65 15.98 -16.81
CA MET J 158 47.11 17.33 -17.11
C MET J 158 47.04 17.54 -18.62
N VAL J 159 47.59 16.61 -19.39
CA VAL J 159 47.64 16.89 -20.86
C VAL J 159 46.27 16.96 -21.48
N VAL J 160 45.45 15.98 -21.11
CA VAL J 160 44.11 15.87 -21.64
C VAL J 160 43.22 17.10 -21.33
N ASN J 161 43.23 17.59 -20.06
CA ASN J 161 42.43 18.75 -19.62
C ASN J 161 42.97 19.99 -20.27
N ALA J 162 44.30 20.02 -20.44
CA ALA J 162 44.95 21.19 -21.00
C ALA J 162 44.48 21.45 -22.40
N ALA J 163 44.27 20.37 -23.19
CA ALA J 163 43.85 20.51 -24.58
C ALA J 163 42.50 21.18 -24.61
N THR J 164 41.64 20.76 -23.68
CA THR J 164 40.33 21.36 -23.60
C THR J 164 40.37 22.85 -23.30
N MET J 165 41.23 23.19 -22.35
CA MET J 165 41.39 24.57 -21.89
C MET J 165 41.96 25.40 -23.02
N MET J 166 42.93 24.88 -23.75
CA MET J 166 43.51 25.61 -24.88
C MET J 166 42.57 25.86 -26.05
N ASP J 167 41.73 24.91 -26.38
CA ASP J 167 40.82 25.21 -27.45
C ASP J 167 39.82 26.28 -27.03
N LYS J 168 39.47 26.32 -25.73
CA LYS J 168 38.57 27.34 -25.19
C LYS J 168 39.27 28.71 -25.22
N GLN J 169 40.58 28.70 -24.96
CA GLN J 169 41.35 29.94 -25.00
C GLN J 169 41.60 30.38 -26.42
N ASN J 170 41.64 29.44 -27.35
CA ASN J 170 41.87 29.83 -28.74
C ASN J 170 40.65 29.71 -29.57
N ASP J 171 39.49 29.86 -28.93
CA ASP J 171 38.22 29.77 -29.61
C ASP J 171 37.90 31.08 -30.37
N GLY J 172 42.71 43.13 -51.69
CA GLY J 172 42.13 41.83 -52.02
C GLY J 172 40.61 41.91 -52.08
N ILE J 173 40.05 42.80 -51.26
CA ILE J 173 38.61 43.05 -51.17
C ILE J 173 37.94 41.91 -50.42
N GLU J 174 38.56 41.46 -49.34
CA GLU J 174 38.03 40.32 -48.59
C GLU J 174 37.68 40.67 -47.16
N LEU J 175 36.65 39.99 -46.66
CA LEU J 175 36.17 40.14 -45.29
C LEU J 175 35.70 38.81 -44.76
N GLY J 176 36.57 38.14 -44.02
CA GLY J 176 36.22 36.84 -43.48
C GLY J 176 36.10 35.84 -44.62
N ARG J 177 34.97 35.16 -44.69
CA ARG J 177 34.73 34.19 -45.74
C ARG J 177 34.10 34.77 -46.99
N GLN J 178 33.90 36.08 -47.04
CA GLN J 178 33.28 36.67 -48.22
C GLN J 178 34.14 37.74 -48.87
N LYS J 179 33.82 38.05 -50.11
CA LYS J 179 34.57 39.04 -50.84
C LYS J 179 33.80 39.58 -52.03
N ILE J 180 34.31 40.66 -52.59
CA ILE J 180 33.67 41.26 -53.75
C ILE J 180 34.63 41.32 -54.93
N GLY J 181 34.18 40.83 -56.07
CA GLY J 181 35.00 40.84 -57.26
C GLY J 181 34.51 41.89 -58.24
N VAL J 182 35.45 42.64 -58.79
CA VAL J 182 35.11 43.65 -59.78
C VAL J 182 35.51 43.13 -61.14
N MET J 183 34.55 42.99 -62.03
CA MET J 183 34.83 42.38 -63.32
C MET J 183 34.52 43.30 -64.47
N ARG J 184 35.55 43.88 -65.07
CA ARG J 184 35.34 44.77 -66.21
C ARG J 184 35.13 43.98 -67.46
N LEU J 185 34.12 44.35 -68.24
CA LEU J 185 33.92 43.64 -69.49
C LEU J 185 34.68 44.38 -70.56
N ASN J 186 35.34 43.62 -71.43
CA ASN J 186 36.17 44.24 -72.44
C ASN J 186 35.59 44.16 -73.84
N ASN J 187 34.83 43.11 -74.14
CA ASN J 187 34.29 42.97 -75.47
C ASN J 187 32.80 43.26 -75.55
N THR J 188 32.19 43.75 -74.48
CA THR J 188 30.78 44.08 -74.54
C THR J 188 30.38 45.15 -73.55
N PHE J 189 29.07 45.39 -73.44
CA PHE J 189 28.53 46.42 -72.59
C PHE J 189 27.67 45.89 -71.47
N VAL J 190 27.81 46.48 -70.30
CA VAL J 190 26.96 46.17 -69.17
C VAL J 190 25.71 47.02 -69.26
N GLY J 191 24.55 46.39 -69.25
CA GLY J 191 23.31 47.13 -69.32
C GLY J 191 22.42 46.66 -70.45
N ASP J 192 21.23 47.24 -70.53
CA ASP J 192 20.26 46.86 -71.53
C ASP J 192 20.24 47.81 -72.73
N ARG J 193 19.92 47.27 -73.90
CA ARG J 193 19.85 48.08 -75.11
C ARG J 193 18.42 48.41 -75.47
N THR J 194 18.14 49.69 -75.63
CA THR J 194 16.78 50.11 -75.94
C THR J 194 16.70 50.87 -77.24
N TYR J 195 15.69 50.56 -78.05
CA TYR J 195 15.50 51.25 -79.32
C TYR J 195 14.05 51.33 -79.70
N ASN J 196 13.74 52.25 -80.60
CA ASN J 196 12.37 52.43 -81.03
C ASN J 196 12.12 52.00 -82.46
N LEU J 197 10.92 51.50 -82.69
CA LEU J 197 10.44 51.10 -83.99
C LEU J 197 9.20 51.90 -84.29
N ARG J 198 9.39 53.19 -84.50
CA ARG J 198 8.28 54.06 -84.82
C ARG J 198 7.36 54.22 -83.61
N ASP J 199 6.33 53.39 -83.57
CA ASP J 199 5.33 53.48 -82.54
C ASP J 199 5.57 52.59 -81.32
N GLN J 200 6.66 51.84 -81.30
CA GLN J 200 6.89 50.99 -80.12
C GLN J 200 8.34 50.92 -79.68
N LYS J 201 8.53 50.64 -78.39
CA LYS J 201 9.87 50.57 -77.79
C LYS J 201 10.27 49.14 -77.48
N MET J 202 11.48 48.79 -77.92
CA MET J 202 12.02 47.45 -77.70
C MET J 202 13.18 47.48 -76.72
N VAL J 203 13.29 46.42 -75.92
CA VAL J 203 14.38 46.34 -74.94
C VAL J 203 15.09 44.99 -74.98
N ILE J 204 16.41 45.04 -75.09
CA ILE J 204 17.24 43.84 -75.10
C ILE J 204 18.03 43.75 -73.81
N PRO J 205 17.84 42.71 -73.02
CA PRO J 205 18.48 42.48 -71.75
C PRO J 205 19.96 42.18 -71.93
N GLY J 206 20.78 42.72 -71.05
CA GLY J 206 22.21 42.48 -71.13
C GLY J 206 22.67 41.36 -70.22
N ILE J 207 23.99 41.25 -70.09
CA ILE J 207 24.62 40.18 -69.31
C ILE J 207 24.34 40.28 -67.82
N ALA J 208 24.10 41.48 -67.31
CA ALA J 208 23.84 41.64 -65.91
C ALA J 208 22.53 40.99 -65.55
N THR J 209 21.52 41.24 -66.38
CA THR J 209 20.21 40.66 -66.18
C THR J 209 20.23 39.17 -66.37
N ALA J 210 20.89 38.71 -67.43
CA ALA J 210 20.96 37.29 -67.72
C ALA J 210 21.53 36.50 -66.56
N ILE J 211 22.68 36.93 -66.05
CA ILE J 211 23.31 36.22 -64.96
C ILE J 211 22.48 36.29 -63.71
N GLU J 212 21.95 37.46 -63.39
CA GLU J 212 21.12 37.61 -62.21
C GLU J 212 19.98 36.60 -62.19
N ARG J 213 19.28 36.49 -63.30
CA ARG J 213 18.17 35.56 -63.40
C ARG J 213 18.60 34.14 -63.26
N LEU J 214 19.75 33.81 -63.84
CA LEU J 214 20.27 32.47 -63.79
C LEU J 214 20.56 32.02 -62.38
N LEU J 215 21.26 32.87 -61.63
CA LEU J 215 21.61 32.54 -60.26
C LEU J 215 20.43 32.58 -59.31
N GLN J 216 19.53 33.52 -59.52
CA GLN J 216 18.38 33.65 -58.65
C GLN J 216 17.12 33.15 -59.31
N ILE J 267 24.47 34.26 -54.26
CA ILE J 267 25.41 35.21 -54.85
C ILE J 267 24.71 36.50 -55.23
N LYS J 268 25.32 37.62 -54.86
CA LYS J 268 24.72 38.92 -55.17
C LYS J 268 25.49 39.63 -56.26
N ILE J 269 24.84 39.93 -57.37
CA ILE J 269 25.55 40.63 -58.44
C ILE J 269 24.88 41.92 -58.84
N VAL J 270 25.65 43.00 -58.81
CA VAL J 270 25.16 44.32 -59.16
C VAL J 270 25.96 44.95 -60.27
N ALA J 271 25.25 45.47 -61.26
CA ALA J 271 25.88 46.12 -62.40
C ALA J 271 26.42 47.49 -62.01
N TYR J 272 27.53 47.88 -62.63
CA TYR J 272 28.09 49.19 -62.39
C TYR J 272 28.58 49.81 -63.69
N PRO J 273 27.65 50.43 -64.45
CA PRO J 273 27.78 51.05 -65.75
C PRO J 273 28.94 51.99 -65.87
N ASP J 274 29.20 52.75 -64.83
CA ASP J 274 30.24 53.75 -64.84
C ASP J 274 31.60 53.21 -65.27
N THR J 275 31.91 51.97 -64.91
CA THR J 275 33.19 51.37 -65.28
C THR J 275 32.99 50.13 -66.12
N ASN J 276 31.79 49.99 -66.69
CA ASN J 276 31.40 48.85 -67.51
C ASN J 276 31.76 47.56 -66.84
N SER J 277 31.35 47.40 -65.59
CA SER J 277 31.75 46.23 -64.85
C SER J 277 30.69 45.67 -63.94
N LEU J 278 30.94 44.46 -63.45
CA LEU J 278 30.03 43.80 -62.53
C LEU J 278 30.62 43.68 -61.15
N LEU J 279 29.77 43.77 -60.14
CA LEU J 279 30.16 43.64 -58.76
C LEU J 279 29.62 42.33 -58.21
N VAL J 280 30.49 41.36 -57.99
CA VAL J 280 30.05 40.05 -57.54
C VAL J 280 30.39 39.79 -56.08
N LYS J 281 29.38 39.62 -55.25
CA LYS J 281 29.62 39.38 -53.83
C LYS J 281 29.25 37.96 -53.41
N GLY J 282 30.18 37.31 -52.73
CA GLY J 282 29.97 35.94 -52.27
C GLY J 282 31.25 35.35 -51.68
N THR J 283 31.35 34.03 -51.64
CA THR J 283 32.57 33.41 -51.12
C THR J 283 33.60 33.43 -52.18
N ALA J 284 34.84 33.16 -51.80
CA ALA J 284 35.94 33.16 -52.75
C ALA J 284 35.67 32.23 -53.92
N GLU J 285 35.14 31.05 -53.62
CA GLU J 285 34.84 30.08 -54.64
C GLU J 285 33.71 30.55 -55.52
N GLN J 286 32.68 31.15 -54.91
CA GLN J 286 31.56 31.64 -55.68
C GLN J 286 31.97 32.75 -56.64
N VAL J 287 32.84 33.64 -56.18
CA VAL J 287 33.31 34.73 -57.02
C VAL J 287 34.11 34.18 -58.18
N HIS J 288 35.02 33.25 -57.90
CA HIS J 288 35.83 32.63 -58.93
C HIS J 288 34.97 31.96 -59.99
N PHE J 289 33.96 31.24 -59.53
CA PHE J 289 33.00 30.57 -60.39
C PHE J 289 32.37 31.54 -61.38
N ILE J 290 31.86 32.65 -60.86
CA ILE J 290 31.24 33.65 -61.71
C ILE J 290 32.26 34.29 -62.64
N GLU J 291 33.46 34.53 -62.14
CA GLU J 291 34.53 35.10 -62.94
C GLU J 291 34.74 34.34 -64.21
N MET J 292 34.83 33.02 -64.09
CA MET J 292 35.06 32.20 -65.25
C MET J 292 33.89 32.28 -66.22
N LEU J 293 32.67 32.29 -65.68
CA LEU J 293 31.48 32.41 -66.52
C LEU J 293 31.55 33.64 -67.39
N VAL J 294 31.87 34.76 -66.76
CA VAL J 294 31.99 36.02 -67.44
C VAL J 294 33.02 35.96 -68.54
N LYS J 295 34.18 35.39 -68.25
CA LYS J 295 35.22 35.28 -69.25
C LYS J 295 34.77 34.47 -70.45
N ALA J 296 33.98 33.44 -70.23
CA ALA J 296 33.46 32.63 -71.31
C ALA J 296 32.52 33.43 -72.21
N LEU J 297 31.70 34.28 -71.62
CA LEU J 297 30.73 35.05 -72.40
C LEU J 297 31.30 36.32 -73.06
N ASP J 298 32.25 36.97 -72.41
CA ASP J 298 32.83 38.23 -72.88
C ASP J 298 33.72 38.10 -74.12
N VAL J 299 33.12 37.90 -75.30
CA VAL J 299 33.90 37.73 -76.52
C VAL J 299 33.58 38.78 -77.59
N ALA J 300 34.54 39.00 -78.49
CA ALA J 300 34.45 40.01 -79.54
C ALA J 300 33.47 39.63 -80.64
N LYS J 301 32.91 40.66 -81.29
CA LYS J 301 31.95 40.46 -82.37
C LYS J 301 32.44 41.01 -83.70
N ARG J 302 32.09 40.31 -84.78
CA ARG J 302 32.39 40.73 -86.13
C ARG J 302 31.31 41.65 -86.67
N HIS J 303 31.62 42.37 -87.74
CA HIS J 303 30.65 43.28 -88.32
C HIS J 303 30.03 42.73 -89.58
N VAL J 304 28.76 43.05 -89.78
CA VAL J 304 28.02 42.60 -90.94
C VAL J 304 27.39 43.76 -91.67
N GLU J 305 27.68 43.87 -92.96
CA GLU J 305 27.09 44.91 -93.77
C GLU J 305 25.98 44.35 -94.63
N LEU J 306 24.82 44.98 -94.55
CA LEU J 306 23.66 44.53 -95.27
C LEU J 306 23.26 45.48 -96.38
N SER J 307 23.12 44.95 -97.59
CA SER J 307 22.66 45.75 -98.70
C SER J 307 21.36 45.20 -99.27
N LEU J 308 20.39 46.08 -99.43
CA LEU J 308 19.09 45.71 -100.00
C LEU J 308 18.92 46.32 -101.36
N TRP J 309 18.63 45.50 -102.35
CA TRP J 309 18.42 46.02 -103.68
C TRP J 309 16.95 46.00 -104.00
N ILE J 310 16.42 47.15 -104.38
CA ILE J 310 15.02 47.21 -104.78
C ILE J 310 14.93 47.67 -106.21
N VAL J 311 14.42 46.81 -107.08
CA VAL J 311 14.34 47.16 -108.49
C VAL J 311 12.92 47.22 -108.97
N ASP J 312 12.56 48.30 -109.64
CA ASP J 312 11.22 48.50 -110.15
C ASP J 312 11.18 48.96 -111.60
N LEU J 313 10.72 48.08 -112.49
CA LEU J 313 10.65 48.39 -113.92
C LEU J 313 9.21 48.51 -114.42
N ASN J 314 8.96 49.50 -115.27
CA ASN J 314 7.62 49.70 -115.82
C ASN J 314 7.63 49.97 -117.32
N LYS J 315 6.69 49.36 -118.02
CA LYS J 315 6.56 49.54 -119.45
C LYS J 315 5.10 49.59 -119.87
N SER J 316 4.73 50.54 -120.72
CA SER J 316 3.35 50.55 -121.18
C SER J 316 3.18 51.05 -122.61
N ASP J 317 2.03 50.73 -123.18
CA ASP J 317 1.71 51.07 -124.56
C ASP J 317 0.21 51.29 -124.76
N LEU J 318 -0.18 52.55 -124.91
CA LEU J 318 -1.57 52.93 -125.08
C LEU J 318 -1.92 53.44 -126.47
N GLU J 319 -2.98 52.91 -127.05
CA GLU J 319 -3.42 53.39 -128.35
C GLU J 319 -4.91 53.67 -128.35
N ARG J 320 -5.29 54.87 -128.74
CA ARG J 320 -6.69 55.23 -128.82
C ARG J 320 -7.00 55.88 -130.16
N LEU J 321 -7.96 55.34 -130.89
CA LEU J 321 -8.29 55.96 -132.16
C LEU J 321 -9.70 55.71 -132.62
N GLY J 322 -10.44 56.79 -132.86
CA GLY J 322 -11.78 56.67 -133.40
C GLY J 322 -12.72 57.74 -132.90
N THR J 323 -14.02 57.48 -133.04
CA THR J 323 -15.01 58.45 -132.61
C THR J 323 -16.11 57.85 -131.75
N SER J 324 -16.91 58.72 -131.15
CA SER J 324 -18.05 58.30 -130.36
C SER J 324 -19.21 59.29 -130.53
N TRP J 325 -20.36 58.77 -130.91
CA TRP J 325 -21.50 59.63 -131.21
C TRP J 325 -22.62 59.52 -130.18
N SER J 326 -23.05 60.68 -129.68
CA SER J 326 -24.19 60.71 -128.77
C SER J 326 -24.73 62.11 -128.64
N GLY J 327 -25.97 62.24 -128.19
CA GLY J 327 -26.52 63.58 -127.98
C GLY J 327 -27.98 63.67 -128.38
N SER J 328 -28.45 64.87 -128.71
CA SER J 328 -29.85 64.98 -129.09
C SER J 328 -30.22 66.16 -129.95
N ILE J 329 -31.51 66.23 -130.27
CA ILE J 329 -32.05 67.30 -131.09
C ILE J 329 -33.56 67.50 -130.96
N THR J 330 -33.99 68.76 -130.94
CA THR J 330 -35.41 69.07 -130.97
C THR J 330 -35.84 69.31 -132.40
N ILE J 331 -36.88 68.62 -132.83
CA ILE J 331 -37.36 68.74 -134.19
C ILE J 331 -38.79 69.26 -134.30
N GLY J 332 -38.92 70.47 -134.85
CA GLY J 332 -40.21 71.08 -135.13
C GLY J 332 -41.05 71.36 -133.90
N ASP J 333 -40.44 71.37 -132.72
CA ASP J 333 -41.15 71.54 -131.46
C ASP J 333 -42.31 70.54 -131.31
N LYS J 334 -42.16 69.35 -131.89
CA LYS J 334 -43.21 68.35 -131.79
C LYS J 334 -42.63 67.00 -131.40
N LEU J 335 -41.36 66.79 -131.69
CA LEU J 335 -40.70 65.57 -131.29
C LEU J 335 -39.21 65.81 -131.20
N GLY J 336 -38.50 64.90 -130.56
CA GLY J 336 -37.05 65.03 -130.47
C GLY J 336 -36.41 63.67 -130.58
N VAL J 337 -35.10 63.65 -130.77
CA VAL J 337 -34.37 62.41 -130.94
C VAL J 337 -33.18 62.32 -130.01
N SER J 338 -33.01 61.16 -129.39
CA SER J 338 -31.88 60.94 -128.50
C SER J 338 -30.97 59.88 -129.09
N LEU J 339 -29.67 60.12 -129.09
CA LEU J 339 -28.76 59.16 -129.66
C LEU J 339 -27.91 58.50 -128.60
N ASN J 340 -28.01 57.17 -128.56
CA ASN J 340 -27.26 56.33 -127.65
C ASN J 340 -27.41 56.75 -126.20
N GLN J 341 -28.67 56.75 -125.75
CA GLN J 341 -29.05 57.05 -124.38
C GLN J 341 -28.50 58.35 -123.86
N SER J 342 -28.68 59.44 -124.60
CA SER J 342 -28.21 60.72 -124.14
C SER J 342 -29.12 61.20 -123.01
N SER J 343 -28.65 62.16 -122.23
CA SER J 343 -29.42 62.67 -121.08
C SER J 343 -30.42 63.74 -121.49
N ILE J 344 -31.44 63.32 -122.24
CA ILE J 344 -32.51 64.14 -122.81
C ILE J 344 -33.06 65.26 -121.92
N SER J 345 -33.03 65.07 -120.60
CA SER J 345 -33.53 66.10 -119.68
C SER J 345 -32.85 67.45 -119.89
N THR J 346 -31.61 67.43 -120.39
CA THR J 346 -30.90 68.65 -120.73
C THR J 346 -30.54 68.66 -122.21
N LEU J 347 -30.29 67.46 -122.76
CA LEU J 347 -29.90 67.31 -124.16
C LEU J 347 -30.97 67.74 -125.14
N ASP J 348 -32.24 67.75 -124.71
CA ASP J 348 -33.36 68.26 -125.50
C ASP J 348 -33.05 69.64 -126.10
N GLY J 349 -32.36 70.49 -125.33
CA GLY J 349 -32.02 71.83 -125.80
C GLY J 349 -30.55 71.96 -126.23
N SER J 350 -29.94 70.85 -126.63
CA SER J 350 -28.54 70.85 -127.03
C SER J 350 -28.31 70.38 -128.47
N ARG J 351 -27.31 69.52 -128.66
CA ARG J 351 -26.95 69.07 -129.99
C ARG J 351 -26.25 67.71 -129.95
N PHE J 352 -25.79 67.22 -131.10
CA PHE J 352 -25.09 65.94 -131.12
C PHE J 352 -23.60 66.14 -131.00
N ILE J 353 -22.95 65.33 -130.19
CA ILE J 353 -21.52 65.44 -130.02
C ILE J 353 -20.76 64.28 -130.65
N ALA J 354 -19.71 64.63 -131.38
CA ALA J 354 -18.83 63.68 -132.01
C ALA J 354 -17.50 63.72 -131.30
N ALA J 355 -17.30 62.83 -130.33
CA ALA J 355 -16.04 62.81 -129.65
C ALA J 355 -15.04 62.13 -130.55
N VAL J 356 -13.83 62.66 -130.60
CA VAL J 356 -12.79 62.09 -131.44
C VAL J 356 -11.52 61.88 -130.65
N ASN J 357 -11.04 60.64 -130.60
CA ASN J 357 -9.80 60.35 -129.92
C ASN J 357 -8.72 59.97 -130.91
N ALA J 358 -7.50 60.38 -130.63
CA ALA J 358 -6.38 60.05 -131.50
C ALA J 358 -5.09 60.24 -130.74
N LEU J 359 -4.65 59.18 -130.09
CA LEU J 359 -3.45 59.26 -129.28
C LEU J 359 -2.66 57.97 -129.18
N GLU J 360 -1.37 58.08 -129.44
CA GLU J 360 -0.48 56.96 -129.21
C GLU J 360 0.45 57.32 -128.08
N GLU J 361 0.63 56.43 -127.12
CA GLU J 361 1.50 56.72 -126.00
C GLU J 361 2.41 55.58 -125.59
N LYS J 362 3.70 55.87 -125.54
CA LYS J 362 4.70 54.91 -125.08
C LYS J 362 5.29 55.40 -123.77
N LYS J 363 5.55 54.48 -122.84
CA LYS J 363 6.14 54.90 -121.58
C LYS J 363 7.09 53.87 -120.98
N GLN J 364 8.19 54.36 -120.45
CA GLN J 364 9.20 53.50 -119.84
C GLN J 364 9.76 54.11 -118.57
N ALA J 365 9.93 53.29 -117.54
CA ALA J 365 10.51 53.81 -116.32
C ALA J 365 11.31 52.78 -115.53
N THR J 366 12.35 53.25 -114.87
CA THR J 366 13.14 52.37 -114.02
C THR J 366 13.61 53.06 -112.75
N VAL J 367 13.53 52.33 -111.65
CA VAL J 367 13.99 52.82 -110.36
C VAL J 367 14.79 51.79 -109.60
N VAL J 368 15.97 52.18 -109.14
CA VAL J 368 16.79 51.30 -108.31
C VAL J 368 17.11 51.96 -106.99
N SER J 369 16.73 51.32 -105.91
CA SER J 369 16.98 51.85 -104.58
C SER J 369 17.83 50.93 -103.76
N ARG J 370 18.80 51.49 -103.05
CA ARG J 370 19.70 50.65 -102.27
C ARG J 370 20.01 51.17 -100.87
N PRO J 371 19.31 50.67 -99.87
CA PRO J 371 19.57 50.88 -98.45
C PRO J 371 20.80 50.10 -98.00
N VAL J 372 21.63 50.73 -97.18
CA VAL J 372 22.83 50.09 -96.66
C VAL J 372 22.91 50.24 -95.14
N LEU J 373 23.12 49.13 -94.43
CA LEU J 373 23.16 49.18 -92.98
C LEU J 373 24.24 48.30 -92.34
N LEU J 374 25.06 48.90 -91.48
CA LEU J 374 26.14 48.18 -90.78
C LEU J 374 25.80 47.86 -89.33
N THR J 375 26.01 46.60 -88.94
CA THR J 375 25.80 46.16 -87.57
C THR J 375 26.81 45.10 -87.15
N GLN J 376 26.51 44.40 -86.05
CA GLN J 376 27.37 43.36 -85.53
C GLN J 376 26.62 42.08 -85.30
N GLU J 377 27.36 41.00 -85.12
CA GLU J 377 26.78 39.69 -84.86
C GLU J 377 25.78 39.75 -83.74
N ASN J 378 24.58 39.26 -84.00
CA ASN J 378 23.52 39.17 -83.00
C ASN J 378 23.01 40.53 -82.52
N VAL J 379 23.26 41.61 -83.28
CA VAL J 379 22.79 42.92 -82.88
C VAL J 379 21.74 43.49 -83.84
N PRO J 380 20.47 43.54 -83.44
CA PRO J 380 19.32 44.06 -84.16
C PRO J 380 19.58 45.47 -84.61
N ALA J 381 19.55 45.69 -85.91
CA ALA J 381 19.82 47.00 -86.44
C ALA J 381 18.62 47.55 -87.18
N ILE J 382 18.44 48.86 -87.06
CA ILE J 382 17.30 49.50 -87.67
C ILE J 382 17.64 50.63 -88.61
N PHE J 383 17.06 50.58 -89.79
CA PHE J 383 17.20 51.65 -90.77
C PHE J 383 15.84 52.10 -91.22
N ASP J 384 15.53 53.37 -91.02
CA ASP J 384 14.20 53.82 -91.41
C ASP J 384 14.21 55.19 -92.06
N ASN J 385 13.96 55.22 -93.34
CA ASN J 385 13.87 56.46 -94.10
C ASN J 385 12.40 56.73 -94.37
N ASN J 386 11.80 57.69 -93.68
CA ASN J 386 10.36 57.83 -93.85
C ASN J 386 9.87 59.25 -93.87
N ARG J 387 8.56 59.38 -94.11
CA ARG J 387 7.89 60.66 -94.05
C ARG J 387 6.65 60.55 -93.20
N THR J 388 6.34 61.63 -92.51
CA THR J 388 5.17 61.62 -91.66
C THR J 388 4.21 62.76 -91.94
N PHE J 389 2.97 62.37 -92.15
CA PHE J 389 1.87 63.27 -92.41
C PHE J 389 1.07 63.53 -91.16
N TYR J 390 0.96 64.79 -90.76
CA TYR J 390 0.21 65.11 -89.54
C TYR J 390 -1.17 65.69 -89.83
N THR J 391 -2.11 65.41 -88.93
CA THR J 391 -3.46 65.96 -89.05
C THR J 391 -4.10 66.22 -87.70
N LYS J 392 -5.01 67.20 -87.66
CA LYS J 392 -5.70 67.55 -86.43
C LYS J 392 -6.96 66.77 -86.22
N LEU J 393 -7.21 66.40 -84.96
CA LEU J 393 -8.44 65.76 -84.55
C LEU J 393 -9.08 66.58 -83.45
N ILE J 394 -9.07 67.89 -83.58
CA ILE J 394 -9.65 68.73 -82.54
C ILE J 394 -11.14 68.56 -82.49
N GLY J 395 -11.60 67.69 -81.61
CA GLY J 395 -13.02 67.54 -81.43
C GLY J 395 -13.46 68.51 -80.37
N GLU J 396 -14.65 68.31 -79.88
CA GLU J 396 -15.15 69.17 -78.84
C GLU J 396 -14.69 68.68 -77.48
N ARG J 397 -14.80 67.39 -77.19
CA ARG J 397 -14.27 66.93 -75.91
C ARG J 397 -12.82 66.57 -76.07
N ASN J 398 -12.58 65.52 -76.85
CA ASN J 398 -11.23 65.05 -77.03
C ASN J 398 -10.59 65.70 -78.23
N VAL J 399 -9.35 66.07 -78.05
CA VAL J 399 -8.57 66.69 -79.09
C VAL J 399 -7.26 65.94 -79.22
N ALA J 400 -6.69 65.95 -80.41
CA ALA J 400 -5.43 65.24 -80.60
C ALA J 400 -4.83 65.49 -81.96
N LEU J 401 -3.60 65.03 -82.12
CA LEU J 401 -2.96 65.03 -83.40
C LEU J 401 -2.69 63.61 -83.76
N GLU J 402 -2.81 63.30 -85.04
CA GLU J 402 -2.51 61.96 -85.49
C GLU J 402 -1.67 62.02 -86.72
N HIS J 403 -1.10 60.89 -87.07
CA HIS J 403 -0.24 60.92 -88.20
C HIS J 403 -0.11 59.61 -88.94
N VAL J 404 0.37 59.73 -90.17
CA VAL J 404 0.60 58.59 -91.03
C VAL J 404 2.07 58.53 -91.42
N THR J 405 2.73 57.45 -91.04
CA THR J 405 4.14 57.31 -91.37
C THR J 405 4.38 56.19 -92.35
N TYR J 406 5.18 56.48 -93.37
CA TYR J 406 5.51 55.48 -94.37
C TYR J 406 6.86 55.74 -94.99
N GLY J 407 7.47 54.70 -95.54
CA GLY J 407 8.78 54.88 -96.17
C GLY J 407 9.53 53.57 -96.29
N THR J 408 10.85 53.64 -96.31
CA THR J 408 11.70 52.47 -96.44
C THR J 408 12.22 52.03 -95.09
N MET J 409 11.88 50.82 -94.67
CA MET J 409 12.32 50.37 -93.37
C MET J 409 12.88 48.98 -93.35
N ILE J 410 14.01 48.83 -92.66
CA ILE J 410 14.67 47.55 -92.51
C ILE J 410 14.97 47.22 -91.07
N ARG J 411 14.49 46.07 -90.63
CA ARG J 411 14.86 45.57 -89.32
C ARG J 411 15.59 44.26 -89.54
N VAL J 412 16.80 44.15 -89.01
CA VAL J 412 17.54 42.92 -89.28
C VAL J 412 18.36 42.38 -88.14
N LEU J 413 18.34 41.07 -88.02
CA LEU J 413 19.16 40.36 -87.05
C LEU J 413 20.03 39.32 -87.75
N PRO J 414 21.32 39.61 -87.96
CA PRO J 414 22.33 38.79 -88.60
C PRO J 414 22.95 37.78 -87.66
N ARG J 415 23.35 36.65 -88.22
CA ARG J 415 23.98 35.63 -87.41
C ARG J 415 24.82 34.67 -88.22
N PHE J 416 26.08 34.48 -87.82
CA PHE J 416 26.93 33.56 -88.54
C PHE J 416 26.70 32.11 -88.13
N SER J 417 26.76 31.22 -89.13
CA SER J 417 26.59 29.81 -88.88
C SER J 417 27.92 29.08 -88.92
N ALA J 418 27.85 27.77 -88.79
CA ALA J 418 29.04 26.92 -88.74
C ALA J 418 29.87 27.01 -90.01
N ASP J 419 29.22 27.18 -91.14
CA ASP J 419 29.92 27.25 -92.42
C ASP J 419 30.25 28.66 -92.85
N GLY J 420 30.10 29.64 -91.96
CA GLY J 420 30.39 31.02 -92.32
C GLY J 420 29.22 31.65 -93.07
N GLN J 421 28.08 30.99 -93.04
CA GLN J 421 26.90 31.48 -93.70
C GLN J 421 26.25 32.54 -92.85
N ILE J 422 25.52 33.45 -93.46
CA ILE J 422 24.88 34.48 -92.67
C ILE J 422 23.37 34.37 -92.72
N GLU J 423 22.76 34.11 -91.58
CA GLU J 423 21.31 34.06 -91.55
C GLU J 423 20.79 35.35 -91.05
N MET J 424 19.70 35.78 -91.63
CA MET J 424 19.12 37.04 -91.24
C MET J 424 17.63 36.99 -91.04
N SER J 425 17.18 37.57 -89.94
CA SER J 425 15.76 37.77 -89.76
C SER J 425 15.46 39.06 -90.46
N LEU J 426 14.53 39.05 -91.41
CA LEU J 426 14.29 40.26 -92.20
C LEU J 426 12.88 40.79 -92.18
N ASP J 427 12.75 42.07 -91.84
CA ASP J 427 11.48 42.75 -91.97
C ASP J 427 11.68 43.94 -92.89
N ILE J 428 10.95 43.96 -93.99
CA ILE J 428 11.12 45.00 -95.00
C ILE J 428 9.84 45.73 -95.34
N GLU J 429 9.90 47.06 -95.30
CA GLU J 429 8.79 47.88 -95.74
C GLU J 429 9.18 48.81 -96.86
N ASP J 430 8.37 48.84 -97.91
CA ASP J 430 8.56 49.79 -98.98
C ASP J 430 7.26 50.56 -99.18
N GLY J 431 7.14 51.71 -98.52
CA GLY J 431 5.93 52.49 -98.63
C GLY J 431 6.09 53.74 -99.48
N ASN J 432 4.97 54.22 -100.02
CA ASN J 432 4.97 55.42 -100.85
C ASN J 432 3.63 56.13 -100.83
N ASP J 433 3.58 57.28 -101.48
CA ASP J 433 2.38 58.10 -101.53
C ASP J 433 1.64 57.97 -102.85
N LYS J 434 0.51 57.26 -102.83
CA LYS J 434 -0.32 57.16 -104.03
C LYS J 434 -1.28 58.33 -104.06
N THR J 435 -1.52 58.90 -105.24
CA THR J 435 -2.42 60.04 -105.27
C THR J 435 -3.52 59.86 -106.29
N PRO J 436 -4.65 60.54 -106.08
CA PRO J 436 -5.82 60.67 -106.92
C PRO J 436 -5.59 61.77 -107.93
N GLN J 437 -6.58 62.04 -108.78
CA GLN J 437 -6.44 63.12 -109.74
C GLN J 437 -6.27 64.44 -108.98
N SER J 438 -5.15 65.11 -109.25
CA SER J 438 -4.78 66.36 -108.59
C SER J 438 -5.72 67.53 -108.86
N ASP J 439 -6.58 67.37 -109.87
CA ASP J 439 -7.56 68.38 -110.22
C ASP J 439 -8.78 68.35 -109.29
N THR J 440 -8.85 67.37 -108.39
CA THR J 440 -10.00 67.26 -107.50
C THR J 440 -9.69 67.72 -106.08
N THR J 441 -10.76 67.87 -105.30
CA THR J 441 -10.68 68.33 -103.92
C THR J 441 -10.09 67.29 -102.99
N THR J 442 -9.99 66.04 -103.48
CA THR J 442 -9.42 64.95 -102.72
C THR J 442 -7.91 65.10 -102.60
N SER J 443 -7.32 66.02 -103.41
CA SER J 443 -5.91 66.33 -103.31
C SER J 443 -5.62 67.30 -102.15
N VAL J 444 -6.68 67.85 -101.56
CA VAL J 444 -6.56 68.78 -100.44
C VAL J 444 -6.94 68.11 -99.13
N ASP J 445 -8.08 67.44 -99.13
CA ASP J 445 -8.54 66.73 -97.94
C ASP J 445 -7.55 65.63 -97.59
N ALA J 446 -7.32 65.45 -96.28
CA ALA J 446 -6.40 64.44 -95.73
C ALA J 446 -6.68 63.02 -96.21
N LEU J 447 -6.39 62.74 -97.47
CA LEU J 447 -6.61 61.44 -98.05
C LEU J 447 -5.38 60.79 -98.70
N PRO J 448 -4.15 61.19 -98.32
CA PRO J 448 -2.90 60.63 -98.87
C PRO J 448 -2.89 59.11 -98.90
N GLU J 449 -3.51 58.51 -99.90
CA GLU J 449 -3.53 57.06 -100.06
C GLU J 449 -2.13 56.50 -99.98
N VAL J 450 -1.91 55.51 -99.13
CA VAL J 450 -0.56 55.00 -98.98
C VAL J 450 -0.42 53.62 -99.57
N GLY J 451 0.66 53.42 -100.30
CA GLY J 451 0.93 52.10 -100.86
C GLY J 451 2.04 51.48 -100.05
N ARG J 452 1.92 50.21 -99.69
CA ARG J 452 2.97 49.58 -98.90
C ARG J 452 3.26 48.16 -99.34
N THR J 453 4.54 47.82 -99.38
CA THR J 453 4.92 46.44 -99.66
C THR J 453 5.61 45.90 -98.43
N LEU J 454 5.09 44.82 -97.88
CA LEU J 454 5.66 44.24 -96.69
C LEU J 454 6.18 42.84 -96.89
N ILE J 455 7.38 42.60 -96.37
CA ILE J 455 7.98 41.28 -96.43
C ILE J 455 8.53 40.85 -95.07
N SER J 456 8.17 39.66 -94.62
CA SER J 456 8.72 39.19 -93.37
C SER J 456 9.14 37.73 -93.49
N THR J 457 10.45 37.49 -93.45
CA THR J 457 10.99 36.14 -93.61
C THR J 457 12.37 35.95 -92.98
N ILE J 458 12.97 34.80 -93.25
CA ILE J 458 14.31 34.43 -92.78
C ILE J 458 15.12 33.78 -93.90
N ALA J 459 16.37 34.19 -94.08
CA ALA J 459 17.15 33.57 -95.15
C ALA J 459 18.63 33.43 -94.82
N ARG J 460 19.23 32.36 -95.36
CA ARG J 460 20.66 32.11 -95.18
C ARG J 460 21.40 32.43 -96.46
N VAL J 461 22.40 33.31 -96.38
CA VAL J 461 23.13 33.68 -97.57
C VAL J 461 24.63 33.46 -97.39
N PRO J 462 25.31 32.84 -98.36
CA PRO J 462 26.75 32.64 -98.42
C PRO J 462 27.45 34.00 -98.45
N HIS J 463 28.60 34.08 -97.80
CA HIS J 463 29.33 35.34 -97.74
C HIS J 463 29.66 35.90 -99.10
N GLY J 464 29.24 37.14 -99.36
CA GLY J 464 29.53 37.80 -100.63
C GLY J 464 28.57 37.43 -101.75
N LYS J 465 27.55 36.65 -101.44
CA LYS J 465 26.56 36.26 -102.43
C LYS J 465 25.24 36.93 -102.17
N SER J 466 24.25 36.60 -102.98
CA SER J 466 22.96 37.23 -102.81
C SER J 466 21.82 36.29 -103.08
N LEU J 467 20.64 36.63 -102.53
CA LEU J 467 19.41 35.88 -102.77
C LEU J 467 18.23 36.76 -103.07
N LEU J 468 17.33 36.23 -103.88
CA LEU J 468 16.09 36.91 -104.14
C LEU J 468 15.12 36.61 -103.03
N VAL J 469 14.78 37.62 -102.26
CA VAL J 469 13.85 37.44 -101.15
C VAL J 469 12.44 37.34 -101.62
N GLY J 470 12.07 38.22 -102.52
CA GLY J 470 10.72 38.16 -103.03
C GLY J 470 10.47 39.18 -104.09
N GLY J 471 9.26 39.19 -104.62
CA GLY J 471 8.94 40.13 -105.64
C GLY J 471 7.51 40.02 -106.12
N TYR J 472 7.21 40.79 -107.13
CA TYR J 472 5.89 40.84 -107.69
C TYR J 472 5.94 41.26 -109.13
N THR J 473 5.32 40.48 -110.01
CA THR J 473 5.27 40.89 -111.39
C THR J 473 3.86 40.92 -111.91
N ARG J 474 3.64 41.72 -112.93
CA ARG J 474 2.33 41.82 -113.52
C ARG J 474 2.37 42.09 -115.00
N ASP J 475 1.64 41.30 -115.75
CA ASP J 475 1.55 41.50 -117.17
C ASP J 475 0.09 41.64 -117.56
N ALA J 476 -0.24 42.60 -118.41
CA ALA J 476 -1.65 42.76 -118.75
C ALA J 476 -1.85 43.37 -120.12
N ASN J 477 -2.98 43.04 -120.73
CA ASN J 477 -3.30 43.56 -122.04
C ASN J 477 -4.80 43.56 -122.28
N THR J 478 -5.31 44.68 -122.79
CA THR J 478 -6.73 44.75 -123.08
C THR J 478 -7.03 45.56 -124.33
N ASP J 479 -8.18 45.28 -124.93
CA ASP J 479 -8.56 46.00 -126.12
C ASP J 479 -10.06 46.09 -126.31
N THR J 480 -10.51 47.14 -127.01
CA THR J 480 -11.93 47.31 -127.27
C THR J 480 -12.21 47.69 -128.70
N VAL J 481 -13.40 47.35 -129.16
CA VAL J 481 -13.88 47.76 -130.47
C VAL J 481 -15.32 48.22 -130.41
N GLN J 482 -15.59 49.43 -130.86
CA GLN J 482 -16.95 49.92 -130.89
C GLN J 482 -17.30 50.42 -132.26
N SER J 483 -18.55 50.24 -132.67
CA SER J 483 -18.92 50.74 -133.98
C SER J 483 -20.40 50.91 -134.16
N ILE J 484 -20.75 51.59 -135.24
CA ILE J 484 -22.13 51.77 -135.61
C ILE J 484 -22.50 50.63 -136.56
N PRO J 485 -23.42 49.76 -136.16
CA PRO J 485 -23.87 48.53 -136.84
C PRO J 485 -23.75 48.52 -138.37
N PHE J 486 -24.06 49.61 -139.05
CA PHE J 486 -23.96 49.58 -140.50
C PHE J 486 -22.97 50.59 -141.05
N LEU J 487 -22.87 51.75 -140.41
CA LEU J 487 -22.00 52.80 -140.93
C LEU J 487 -20.54 52.45 -140.80
N GLY J 488 -20.19 51.68 -139.78
CA GLY J 488 -18.82 51.27 -139.56
C GLY J 488 -18.25 50.40 -140.67
N LYS J 489 -19.09 49.88 -141.56
CA LYS J 489 -18.62 49.02 -142.63
C LYS J 489 -18.40 49.77 -143.94
N LEU J 490 -18.62 51.09 -143.95
CA LEU J 490 -18.48 51.81 -145.19
C LEU J 490 -17.02 52.08 -145.57
N PRO J 491 -16.66 51.76 -146.83
CA PRO J 491 -15.29 51.80 -147.42
C PRO J 491 -14.34 52.82 -146.81
N LEU J 492 -14.60 54.10 -147.02
CA LEU J 492 -13.74 55.16 -146.51
C LEU J 492 -14.54 56.12 -145.68
N ILE J 493 -15.53 55.59 -144.98
CA ILE J 493 -16.43 56.39 -144.19
C ILE J 493 -16.52 55.86 -142.77
N GLY J 494 -16.64 54.52 -142.65
CA GLY J 494 -16.79 53.83 -141.37
C GLY J 494 -15.78 54.22 -140.32
N SER J 495 -14.58 54.66 -140.73
CA SER J 495 -13.55 55.14 -139.83
C SER J 495 -14.04 56.28 -138.92
N LEU J 496 -15.05 57.01 -139.37
CA LEU J 496 -15.64 58.11 -138.66
C LEU J 496 -16.65 57.67 -137.62
N PHE J 497 -16.94 56.38 -137.58
CA PHE J 497 -17.91 55.80 -136.67
C PHE J 497 -17.28 54.74 -135.77
N ARG J 498 -16.27 54.05 -136.29
CA ARG J 498 -15.57 53.03 -135.54
C ARG J 498 -14.70 53.62 -134.45
N TYR J 499 -14.41 52.80 -133.43
CA TYR J 499 -13.56 53.20 -132.33
C TYR J 499 -12.79 52.03 -131.78
N SER J 500 -11.51 52.20 -131.55
CA SER J 500 -10.78 51.11 -130.96
C SER J 500 -9.73 51.56 -129.97
N SER J 501 -9.37 50.66 -129.06
CA SER J 501 -8.33 51.01 -128.11
C SER J 501 -7.50 49.80 -127.72
N LYS J 502 -6.27 50.07 -127.33
CA LYS J 502 -5.36 49.03 -126.88
C LYS J 502 -4.60 49.51 -125.66
N ASN J 503 -4.39 48.63 -124.69
CA ASN J 503 -3.65 49.03 -123.51
C ASN J 503 -2.85 47.89 -122.93
N LYS J 504 -1.54 47.94 -123.14
CA LYS J 504 -0.62 46.93 -122.66
C LYS J 504 0.32 47.44 -121.58
N SER J 505 0.58 46.62 -120.56
CA SER J 505 1.52 47.04 -119.53
C SER J 505 2.31 45.88 -118.94
N ASN J 506 3.50 46.19 -118.45
CA ASN J 506 4.38 45.20 -117.84
C ASN J 506 5.07 45.78 -116.60
N VAL J 507 4.98 45.08 -115.47
CA VAL J 507 5.58 45.56 -114.23
C VAL J 507 6.45 44.52 -113.54
N VAL J 508 7.67 44.92 -113.14
CA VAL J 508 8.54 44.01 -112.41
C VAL J 508 9.12 44.63 -111.14
N ARG J 509 8.85 44.01 -110.00
CA ARG J 509 9.43 44.47 -108.73
C ARG J 509 10.10 43.38 -107.93
N VAL J 510 11.38 43.58 -107.59
CA VAL J 510 12.07 42.57 -106.78
C VAL J 510 12.91 43.14 -105.64
N PHE J 511 13.09 42.30 -104.63
CA PHE J 511 13.88 42.59 -103.44
C PHE J 511 14.99 41.58 -103.27
N MET J 512 16.24 42.03 -103.34
CA MET J 512 17.38 41.13 -103.23
C MET J 512 18.30 41.51 -102.09
N ILE J 513 18.87 40.49 -101.44
CA ILE J 513 19.75 40.69 -100.30
C ILE J 513 21.18 40.28 -100.55
N GLU J 514 22.11 41.15 -100.15
CA GLU J 514 23.53 40.87 -100.27
C GLU J 514 24.24 41.24 -98.96
N PRO J 515 24.94 40.29 -98.36
CA PRO J 515 25.61 40.60 -97.08
C PRO J 515 27.07 40.23 -97.11
N LYS J 516 27.88 40.98 -96.36
CA LYS J 516 29.30 40.68 -96.26
C LYS J 516 29.89 41.07 -94.92
N GLU J 517 31.03 40.47 -94.60
CA GLU J 517 31.73 40.71 -93.35
C GLU J 517 32.70 41.86 -93.46
N ILE J 518 32.62 42.78 -92.53
CA ILE J 518 33.48 43.93 -92.51
C ILE J 518 34.57 43.79 -91.49
N VAL J 519 35.82 43.94 -91.93
CA VAL J 519 36.95 43.80 -91.03
C VAL J 519 37.91 44.97 -91.07
N ASP J 520 37.97 45.66 -92.21
CA ASP J 520 38.87 46.80 -92.35
C ASP J 520 38.13 48.11 -92.16
N PRO J 521 38.83 49.16 -91.73
CA PRO J 521 38.37 50.52 -91.56
C PRO J 521 38.17 51.12 -92.94
N LEU J 522 37.30 52.12 -93.02
CA LEU J 522 36.97 52.75 -94.29
C LEU J 522 38.23 53.34 -94.90
N THR J 523 38.53 52.96 -96.14
CA THR J 523 39.73 53.44 -96.81
C THR J 523 39.42 54.02 -98.18
N PRO J 524 39.82 55.28 -98.42
CA PRO J 524 40.49 56.26 -97.57
C PRO J 524 39.56 56.78 -96.50
N ASP J 525 40.14 57.40 -95.48
CA ASP J 525 39.39 57.92 -94.36
C ASP J 525 38.34 58.92 -94.82
N ALA J 526 37.17 58.89 -94.16
CA ALA J 526 36.03 59.72 -94.52
C ALA J 526 36.38 61.17 -94.74
N SER J 527 37.15 61.76 -93.83
CA SER J 527 37.49 63.17 -93.92
C SER J 527 38.27 63.53 -95.18
N GLU J 528 39.02 62.58 -95.73
CA GLU J 528 39.78 62.83 -96.93
C GLU J 528 38.87 62.94 -98.12
N SER J 529 37.94 61.99 -98.21
CA SER J 529 37.00 61.97 -99.30
C SER J 529 36.08 63.17 -99.26
N VAL J 530 35.65 63.57 -98.06
CA VAL J 530 34.80 64.73 -97.93
C VAL J 530 35.48 65.97 -98.43
N ASN J 531 36.75 66.16 -98.09
CA ASN J 531 37.46 67.33 -98.57
C ASN J 531 37.51 67.36 -100.08
N ASN J 532 37.73 66.21 -100.71
CA ASN J 532 37.76 66.16 -102.17
C ASN J 532 36.43 66.59 -102.76
N ILE J 533 35.34 66.14 -102.15
CA ILE J 533 34.00 66.50 -102.58
C ILE J 533 33.73 67.98 -102.47
N LEU J 534 34.04 68.54 -101.31
CA LEU J 534 33.79 69.95 -101.09
C LEU J 534 34.56 70.84 -102.02
N LYS J 535 35.80 70.48 -102.30
CA LYS J 535 36.60 71.29 -103.18
C LYS J 535 36.11 71.24 -104.60
N GLN J 536 35.86 70.03 -105.11
CA GLN J 536 35.39 69.91 -106.48
C GLN J 536 34.01 70.48 -106.68
N SER J 537 33.16 70.37 -105.68
CA SER J 537 31.82 70.92 -105.76
C SER J 537 31.74 72.42 -105.49
N GLY J 538 32.87 73.04 -105.10
CA GLY J 538 32.92 74.47 -104.86
C GLY J 538 32.35 74.94 -103.52
N ALA J 539 32.06 74.01 -102.61
CA ALA J 539 31.47 74.39 -101.33
C ALA J 539 32.53 74.67 -100.28
N TRP J 540 33.69 74.05 -100.46
CA TRP J 540 34.82 74.20 -99.54
C TRP J 540 35.16 75.63 -99.24
N SER J 541 35.35 75.91 -97.96
CA SER J 541 35.71 77.25 -97.52
C SER J 541 36.70 77.19 -96.37
N GLY J 542 37.53 76.16 -96.36
CA GLY J 542 38.52 75.97 -95.31
C GLY J 542 39.58 77.08 -95.28
N ASP J 543 39.73 77.79 -96.40
CA ASP J 543 40.68 78.88 -96.46
C ASP J 543 40.08 80.23 -96.06
N ASP J 544 38.84 80.24 -95.55
CA ASP J 544 38.25 81.51 -95.15
C ASP J 544 39.04 82.10 -94.00
N LYS J 545 39.53 83.32 -94.21
CA LYS J 545 40.35 84.05 -93.25
C LYS J 545 39.71 84.26 -91.88
N LEU J 546 38.39 84.10 -91.78
CA LEU J 546 37.71 84.29 -90.53
C LEU J 546 37.37 82.95 -89.93
N GLN J 547 36.60 82.16 -90.66
CA GLN J 547 36.11 80.89 -90.14
C GLN J 547 37.20 79.93 -89.73
N LYS J 548 38.38 80.00 -90.38
CA LYS J 548 39.48 79.12 -90.04
C LYS J 548 39.92 79.19 -88.58
N TRP J 549 39.62 80.28 -87.88
CA TRP J 549 39.98 80.41 -86.48
C TRP J 549 39.26 79.39 -85.62
N VAL J 550 38.14 78.88 -86.10
CA VAL J 550 37.38 77.88 -85.41
C VAL J 550 37.53 76.54 -86.09
N ARG J 551 37.40 76.53 -87.41
CA ARG J 551 37.48 75.28 -88.17
C ARG J 551 38.74 74.49 -87.89
N VAL J 552 39.87 75.16 -87.67
CA VAL J 552 41.12 74.49 -87.31
C VAL J 552 41.00 73.51 -86.14
N TYR J 553 40.08 73.76 -85.22
CA TYR J 553 39.90 72.92 -84.05
C TYR J 553 39.20 71.63 -84.38
N LEU J 554 38.54 71.60 -85.52
CA LEU J 554 37.79 70.45 -85.94
C LEU J 554 38.57 69.66 -86.97
N ASP J 555 39.22 70.37 -87.86
CA ASP J 555 39.95 69.74 -88.93
C ASP J 555 41.28 69.16 -88.49
N ARG J 556 41.97 69.82 -87.57
CA ARG J 556 43.25 69.31 -87.10
C ARG J 556 43.28 69.09 -85.59
N GLY J 557 42.20 69.47 -84.91
CA GLY J 557 42.15 69.30 -83.47
C GLY J 557 42.64 70.55 -82.74
N GLY K 34 72.51 -14.61 -18.43
CA GLY K 34 71.23 -14.23 -19.11
C GLY K 34 70.15 -14.57 -18.10
N PHE K 35 69.12 -15.29 -18.58
CA PHE K 35 68.04 -15.67 -17.69
C PHE K 35 67.37 -16.99 -18.05
N VAL K 36 67.19 -17.84 -17.04
CA VAL K 36 66.49 -19.11 -17.21
C VAL K 36 65.33 -19.21 -16.23
N ALA K 37 64.14 -19.41 -16.77
CA ALA K 37 62.95 -19.55 -15.97
C ALA K 37 62.85 -21.01 -15.52
N LYS K 38 62.39 -21.29 -14.31
CA LYS K 38 62.29 -22.68 -13.85
C LYS K 38 61.00 -22.75 -13.10
N ASP K 39 59.98 -23.12 -13.84
CA ASP K 39 58.65 -23.17 -13.31
C ASP K 39 58.19 -21.89 -12.61
N ASP K 40 58.43 -20.74 -13.21
CA ASP K 40 58.14 -19.49 -12.57
C ASP K 40 56.83 -18.96 -13.07
N SER K 41 56.15 -18.18 -12.25
CA SER K 41 54.89 -17.61 -12.76
C SER K 41 55.24 -16.53 -13.78
N LEU K 42 54.32 -16.27 -14.71
CA LEU K 42 54.45 -15.24 -15.68
C LEU K 42 54.24 -13.93 -15.05
N ARG K 43 53.53 -13.92 -13.96
CA ARG K 43 53.50 -12.72 -13.22
C ARG K 43 54.92 -12.35 -12.88
N THR K 44 55.70 -13.28 -12.37
CA THR K 44 57.07 -12.95 -11.93
C THR K 44 57.90 -12.65 -13.14
N PHE K 45 57.75 -13.51 -14.14
CA PHE K 45 58.52 -13.41 -15.35
C PHE K 45 58.31 -12.07 -16.02
N PHE K 46 57.07 -11.64 -16.18
CA PHE K 46 56.90 -10.38 -16.89
C PHE K 46 57.21 -9.15 -16.06
N ASP K 47 57.15 -9.30 -14.73
CA ASP K 47 57.65 -8.29 -13.83
C ASP K 47 59.14 -8.11 -13.95
N ALA K 48 59.87 -9.19 -14.19
CA ALA K 48 61.31 -9.11 -14.48
C ALA K 48 61.54 -8.33 -15.82
N MET K 49 60.66 -8.56 -16.79
CA MET K 49 60.74 -7.76 -18.01
C MET K 49 60.40 -6.30 -17.77
N ALA K 50 59.46 -6.05 -16.87
CA ALA K 50 59.13 -4.67 -16.52
C ALA K 50 60.28 -3.96 -15.81
N LEU K 51 61.13 -4.72 -15.11
CA LEU K 51 62.32 -4.14 -14.48
C LEU K 51 63.44 -3.98 -15.47
N GLN K 52 63.55 -4.87 -16.45
CA GLN K 52 64.64 -4.71 -17.43
C GLN K 52 64.35 -3.71 -18.52
N LEU K 53 63.08 -3.61 -18.91
CA LEU K 53 62.70 -2.69 -19.94
C LEU K 53 62.18 -1.41 -19.30
N LYS K 54 62.69 -0.32 -19.84
CA LYS K 54 62.31 1.01 -19.42
C LYS K 54 60.78 1.15 -19.41
N GLU K 55 60.17 0.83 -20.56
CA GLU K 55 58.72 0.85 -20.70
C GLU K 55 57.94 -0.11 -19.83
N PRO K 56 56.76 0.29 -19.32
CA PRO K 56 56.03 -0.65 -18.49
C PRO K 56 55.69 -1.88 -19.32
N VAL K 57 55.68 -3.03 -18.68
CA VAL K 57 55.22 -4.23 -19.34
C VAL K 57 53.95 -4.59 -18.61
N ILE K 58 52.78 -4.33 -19.19
CA ILE K 58 51.52 -4.59 -18.46
C ILE K 58 50.89 -5.83 -19.05
N VAL K 59 50.46 -6.72 -18.16
CA VAL K 59 49.97 -8.02 -18.56
C VAL K 59 48.49 -8.19 -18.09
N SER K 60 47.73 -9.01 -18.77
CA SER K 60 46.38 -9.33 -18.29
C SER K 60 46.47 -10.37 -17.20
N LYS K 61 45.35 -10.63 -16.56
CA LYS K 61 45.26 -11.63 -15.52
C LYS K 61 45.69 -12.98 -16.08
N MET K 62 45.20 -13.30 -17.30
CA MET K 62 45.48 -14.55 -17.98
C MET K 62 46.91 -14.66 -18.41
N ALA K 63 47.48 -13.54 -18.85
CA ALA K 63 48.91 -13.49 -19.20
C ALA K 63 49.82 -13.74 -18.00
N ALA K 64 49.42 -13.30 -16.81
CA ALA K 64 50.15 -13.54 -15.54
C ALA K 64 49.90 -14.88 -14.85
N ARG K 65 48.74 -15.42 -15.08
CA ARG K 65 48.26 -16.68 -14.50
C ARG K 65 49.15 -17.93 -14.83
N LYS K 66 49.60 -18.06 -16.07
CA LYS K 66 50.34 -19.27 -16.45
C LYS K 66 51.79 -19.13 -16.01
N LYS K 67 52.56 -20.22 -16.16
CA LYS K 67 53.96 -20.29 -15.71
C LYS K 67 54.89 -20.40 -16.90
N ILE K 68 56.20 -20.45 -16.63
CA ILE K 68 57.13 -20.44 -17.75
C ILE K 68 58.41 -21.13 -17.36
N THR K 69 58.98 -21.92 -18.25
CA THR K 69 60.26 -22.58 -18.01
C THR K 69 61.12 -22.50 -19.27
N GLY K 70 62.39 -22.12 -19.13
CA GLY K 70 63.30 -22.06 -20.27
C GLY K 70 64.23 -20.87 -20.28
N ASN K 71 65.23 -20.90 -21.15
CA ASN K 71 66.20 -19.83 -21.23
C ASN K 71 65.62 -18.67 -22.01
N PHE K 72 65.26 -17.62 -21.28
CA PHE K 72 64.64 -16.40 -21.81
C PHE K 72 65.30 -15.13 -21.33
N GLU K 73 66.47 -14.88 -21.92
CA GLU K 73 67.25 -13.69 -21.64
C GLU K 73 66.40 -12.49 -22.02
N PHE K 74 66.56 -11.43 -21.24
CA PHE K 74 65.76 -10.23 -21.43
C PHE K 74 66.50 -9.19 -22.28
N HIS K 75 67.35 -9.63 -23.18
CA HIS K 75 68.11 -8.66 -23.97
C HIS K 75 67.23 -7.97 -24.99
N ASP K 76 66.07 -8.56 -25.35
CA ASP K 76 65.18 -7.93 -26.31
C ASP K 76 63.80 -8.42 -26.04
N PRO K 77 63.06 -7.71 -25.19
CA PRO K 77 61.66 -7.92 -24.75
C PRO K 77 60.66 -8.07 -25.89
N ASN K 78 60.86 -7.28 -26.92
CA ASN K 78 59.95 -7.35 -28.07
C ASN K 78 60.10 -8.61 -28.90
N ALA K 79 61.34 -8.97 -29.26
CA ALA K 79 61.62 -10.19 -29.97
C ALA K 79 61.36 -11.40 -29.05
N LEU K 80 61.56 -11.22 -27.75
CA LEU K 80 61.29 -12.26 -26.77
C LEU K 80 59.81 -12.63 -26.83
N LEU K 81 58.95 -11.61 -26.81
CA LEU K 81 57.51 -11.84 -26.88
C LEU K 81 57.08 -12.47 -28.20
N GLU K 82 57.80 -12.20 -29.28
CA GLU K 82 57.52 -12.89 -30.51
C GLU K 82 57.86 -14.38 -30.29
N LYS K 83 58.98 -14.65 -29.63
CA LYS K 83 59.26 -16.06 -29.32
C LYS K 83 58.19 -16.61 -28.38
N LEU K 84 57.68 -15.81 -27.46
CA LEU K 84 56.74 -16.36 -26.48
C LEU K 84 55.33 -16.52 -27.05
N SER K 85 55.15 -16.15 -28.31
CA SER K 85 53.86 -16.36 -28.99
C SER K 85 53.81 -17.84 -29.33
N LEU K 86 54.98 -18.48 -29.35
CA LEU K 86 55.09 -19.92 -29.55
C LEU K 86 55.38 -20.70 -28.29
N GLN K 87 56.13 -20.08 -27.38
CA GLN K 87 56.47 -20.78 -26.17
C GLN K 87 55.34 -20.68 -25.14
N LEU K 88 54.66 -19.54 -25.07
CA LEU K 88 53.58 -19.41 -24.13
C LEU K 88 52.24 -19.46 -24.82
N GLY K 89 52.19 -18.85 -26.00
CA GLY K 89 50.91 -18.72 -26.70
C GLY K 89 50.14 -17.48 -26.32
N LEU K 90 50.87 -16.38 -26.20
CA LEU K 90 50.34 -15.07 -25.80
C LEU K 90 50.47 -14.17 -26.97
N ILE K 91 49.70 -13.10 -26.96
CA ILE K 91 49.79 -12.05 -27.96
C ILE K 91 50.05 -10.74 -27.17
N TRP K 92 50.61 -9.76 -27.86
CA TRP K 92 51.13 -8.58 -27.21
C TRP K 92 51.03 -7.40 -28.13
N TYR K 93 51.16 -6.22 -27.54
CA TYR K 93 51.10 -4.98 -28.29
C TYR K 93 52.06 -3.93 -27.68
N PHE K 94 52.78 -3.18 -28.48
CA PHE K 94 53.69 -2.17 -27.97
C PHE K 94 53.26 -0.86 -28.59
N ASP K 95 52.81 0.14 -27.80
CA ASP K 95 52.34 1.40 -28.38
C ASP K 95 53.43 2.44 -28.43
N GLY K 96 54.65 2.05 -28.06
CA GLY K 96 55.84 2.93 -28.14
C GLY K 96 56.19 3.32 -26.70
N GLN K 97 55.22 3.28 -25.82
CA GLN K 97 55.47 3.66 -24.42
C GLN K 97 55.27 2.53 -23.42
N ALA K 98 54.46 1.54 -23.74
CA ALA K 98 54.24 0.42 -22.84
C ALA K 98 53.80 -0.83 -23.59
N ILE K 99 54.11 -2.01 -23.06
CA ILE K 99 53.69 -3.28 -23.68
C ILE K 99 52.41 -3.85 -23.07
N TYR K 100 51.52 -4.42 -23.89
CA TYR K 100 50.23 -4.96 -23.36
C TYR K 100 50.07 -6.36 -23.79
N ILE K 101 50.22 -7.26 -22.84
CA ILE K 101 50.31 -8.69 -23.12
C ILE K 101 48.99 -9.37 -22.74
N TYR K 102 48.31 -9.97 -23.71
CA TYR K 102 47.12 -10.74 -23.42
C TYR K 102 47.34 -12.11 -23.87
N ASP K 103 46.46 -12.96 -23.43
CA ASP K 103 46.46 -14.34 -23.85
C ASP K 103 45.99 -14.39 -25.30
N ALA K 104 46.49 -15.36 -26.04
CA ALA K 104 46.06 -15.45 -27.41
C ALA K 104 44.55 -15.69 -27.53
N SER K 105 43.94 -16.29 -26.52
CA SER K 105 42.51 -16.52 -26.59
C SER K 105 41.72 -15.23 -26.32
N GLU K 106 42.43 -14.18 -25.91
CA GLU K 106 41.73 -12.91 -25.60
C GLU K 106 41.71 -11.98 -26.84
N MET K 107 42.18 -12.51 -27.97
CA MET K 107 42.17 -11.82 -29.20
C MET K 107 40.76 -11.38 -29.60
N ARG K 108 40.67 -10.16 -30.10
CA ARG K 108 39.42 -9.56 -30.52
C ARG K 108 39.40 -9.35 -32.02
N ASN K 109 38.19 -9.31 -32.57
CA ASN K 109 37.99 -9.03 -33.98
C ASN K 109 37.07 -7.85 -34.16
N ALA K 110 37.17 -7.21 -35.31
CA ALA K 110 36.21 -6.15 -35.52
C ALA K 110 36.04 -5.95 -36.96
N VAL K 111 34.83 -5.50 -37.28
CA VAL K 111 34.44 -5.11 -38.63
C VAL K 111 34.07 -3.63 -38.64
N VAL K 112 34.92 -2.81 -39.25
CA VAL K 112 34.71 -1.39 -39.14
C VAL K 112 34.72 -0.81 -40.52
N SER K 113 33.66 -0.04 -40.81
CA SER K 113 33.49 0.70 -42.08
C SER K 113 34.40 1.91 -42.05
N LEU K 114 34.82 2.41 -43.22
CA LEU K 114 35.72 3.54 -43.26
C LEU K 114 35.15 4.51 -44.28
N ARG K 115 34.80 5.71 -43.84
CA ARG K 115 34.08 6.68 -44.65
C ARG K 115 35.01 7.64 -45.40
N ASN K 116 35.76 8.49 -44.69
CA ASN K 116 36.43 9.62 -45.32
C ASN K 116 37.90 9.41 -45.60
N VAL K 117 38.35 8.18 -45.41
CA VAL K 117 39.72 7.78 -45.52
C VAL K 117 39.76 6.54 -46.38
N SER K 118 40.78 6.50 -47.23
CA SER K 118 41.03 5.38 -48.09
C SER K 118 41.59 4.28 -47.23
N LEU K 119 41.30 3.04 -47.62
CA LEU K 119 41.65 1.93 -46.81
C LEU K 119 43.19 1.85 -46.55
N ASN K 120 44.00 2.07 -47.60
CA ASN K 120 45.43 2.11 -47.43
C ASN K 120 45.90 3.37 -46.72
N GLU K 121 45.26 4.49 -46.99
CA GLU K 121 45.49 5.73 -46.28
C GLU K 121 45.26 5.55 -44.78
N PHE K 122 44.19 4.85 -44.40
CA PHE K 122 43.95 4.58 -42.96
C PHE K 122 45.13 3.81 -42.30
N ASN K 123 45.57 2.73 -42.93
CA ASN K 123 46.73 1.95 -42.44
C ASN K 123 47.96 2.83 -42.30
N ASN K 124 48.14 3.71 -43.28
CA ASN K 124 49.27 4.61 -43.23
C ASN K 124 49.15 5.61 -42.12
N PHE K 125 47.93 6.06 -41.85
CA PHE K 125 47.78 7.00 -40.80
C PHE K 125 48.10 6.34 -39.46
N LEU K 126 47.83 5.06 -39.30
CA LEU K 126 48.21 4.40 -38.06
C LEU K 126 49.71 4.23 -37.97
N LYS K 127 50.38 4.13 -39.11
CA LYS K 127 51.82 3.98 -39.17
C LYS K 127 52.46 5.35 -38.82
N ARG K 128 51.76 6.42 -39.25
CA ARG K 128 52.13 7.81 -39.02
C ARG K 128 51.98 8.14 -37.54
N SER K 129 50.95 7.56 -36.94
CA SER K 129 50.71 7.60 -35.50
C SER K 129 51.78 6.79 -34.74
N GLY K 130 52.22 5.72 -35.37
CA GLY K 130 53.26 4.89 -34.78
C GLY K 130 52.56 3.87 -33.93
N LEU K 131 51.31 3.56 -34.24
CA LEU K 131 50.57 2.65 -33.38
C LEU K 131 50.32 1.34 -34.06
N TYR K 132 50.40 1.41 -35.37
CA TYR K 132 50.23 0.26 -36.16
C TYR K 132 51.32 -0.76 -35.82
N ASN K 133 50.88 -1.85 -35.17
CA ASN K 133 51.72 -3.01 -34.95
C ASN K 133 51.68 -4.00 -36.11
N LYS K 134 52.81 -4.11 -36.84
CA LYS K 134 52.90 -4.94 -38.07
C LYS K 134 52.75 -6.44 -37.79
N ASN K 135 52.83 -6.85 -36.54
CA ASN K 135 52.62 -8.28 -36.24
C ASN K 135 51.17 -8.64 -36.30
N TYR K 136 50.28 -7.65 -36.38
CA TYR K 136 48.85 -7.96 -36.49
C TYR K 136 48.26 -7.07 -37.59
N PRO K 137 48.49 -7.51 -38.85
CA PRO K 137 48.07 -6.83 -40.07
C PRO K 137 46.58 -6.62 -40.10
N LEU K 138 46.19 -5.48 -40.64
CA LEU K 138 44.80 -5.25 -40.91
C LEU K 138 44.41 -5.72 -42.32
N ARG K 139 43.14 -6.08 -42.48
CA ARG K 139 42.71 -6.65 -43.75
C ARG K 139 41.78 -5.69 -44.46
N GLY K 140 42.16 -5.41 -45.70
CA GLY K 140 41.38 -4.54 -46.56
C GLY K 140 40.65 -5.30 -47.65
N ASP K 141 39.99 -4.58 -48.56
CA ASP K 141 39.26 -5.16 -49.68
C ASP K 141 39.04 -4.05 -50.72
N ASN K 142 39.64 -4.16 -51.90
CA ASN K 142 39.52 -3.07 -52.88
C ASN K 142 38.10 -2.78 -53.39
N ARG K 143 37.18 -3.72 -53.19
CA ARG K 143 35.82 -3.57 -53.70
C ARG K 143 34.79 -3.38 -52.58
N LYS K 144 35.27 -3.21 -51.35
CA LYS K 144 34.41 -3.03 -50.18
C LYS K 144 35.02 -1.96 -49.29
N GLY K 145 34.18 -1.00 -48.90
CA GLY K 145 34.63 0.18 -48.10
C GLY K 145 34.80 -0.05 -46.59
N THR K 146 35.25 -1.24 -46.22
CA THR K 146 35.50 -1.63 -44.84
C THR K 146 36.86 -2.24 -44.71
N PHE K 147 37.21 -2.50 -43.45
CA PHE K 147 38.44 -3.20 -43.11
C PHE K 147 38.18 -4.03 -41.83
N TYR K 148 39.05 -5.01 -41.61
CA TYR K 148 38.88 -6.01 -40.54
C TYR K 148 40.10 -5.89 -39.63
N VAL K 149 39.82 -6.06 -38.36
CA VAL K 149 40.80 -5.83 -37.30
C VAL K 149 40.88 -7.14 -36.56
N SER K 150 42.11 -7.60 -36.30
CA SER K 150 42.35 -8.77 -35.43
C SER K 150 43.58 -8.44 -34.63
N GLY K 151 43.54 -8.84 -33.36
CA GLY K 151 44.69 -8.63 -32.53
C GLY K 151 44.36 -8.58 -31.08
N PRO K 152 45.32 -8.15 -30.25
CA PRO K 152 45.03 -8.06 -28.84
C PRO K 152 44.05 -6.91 -28.55
N PRO K 153 43.32 -7.02 -27.43
CA PRO K 153 42.33 -5.99 -27.12
C PRO K 153 42.78 -4.52 -27.21
N VAL K 154 43.99 -4.18 -26.78
CA VAL K 154 44.47 -2.83 -26.97
C VAL K 154 44.80 -2.51 -28.44
N TYR K 155 45.38 -3.41 -29.20
CA TYR K 155 45.58 -3.11 -30.62
C TYR K 155 44.23 -2.86 -31.28
N VAL K 156 43.30 -3.77 -31.04
CA VAL K 156 41.99 -3.76 -31.73
C VAL K 156 41.24 -2.50 -31.37
N ASP K 157 41.13 -2.23 -30.07
CA ASP K 157 40.45 -1.01 -29.62
C ASP K 157 41.11 0.25 -30.18
N MET K 158 42.42 0.26 -30.25
CA MET K 158 43.13 1.40 -30.85
C MET K 158 42.69 1.53 -32.31
N VAL K 159 42.72 0.45 -33.05
CA VAL K 159 42.43 0.61 -34.52
C VAL K 159 41.00 1.05 -34.76
N VAL K 160 40.09 0.39 -34.06
CA VAL K 160 38.66 0.66 -34.21
C VAL K 160 38.29 2.12 -33.86
N ASN K 161 38.78 2.65 -32.72
CA ASN K 161 38.50 4.02 -32.24
C ASN K 161 39.15 5.00 -33.18
N ALA K 162 40.33 4.63 -33.68
CA ALA K 162 41.08 5.51 -34.55
C ALA K 162 40.31 5.82 -35.81
N ALA K 163 39.62 4.81 -36.35
CA ALA K 163 38.86 5.00 -37.60
C ALA K 163 37.80 6.03 -37.36
N THR K 164 37.16 5.95 -36.20
CA THR K 164 36.14 6.92 -35.86
C THR K 164 36.67 8.34 -35.80
N MET K 165 37.83 8.47 -35.15
CA MET K 165 38.49 9.74 -34.94
C MET K 165 38.91 10.31 -36.29
N MET K 166 39.45 9.48 -37.16
CA MET K 166 39.86 9.93 -38.49
C MET K 166 38.74 10.39 -39.40
N ASP K 167 37.61 9.73 -39.38
CA ASP K 167 36.55 10.22 -40.21
C ASP K 167 36.04 11.57 -39.69
N LYS K 168 36.10 11.78 -38.36
CA LYS K 168 35.71 13.06 -37.76
C LYS K 168 36.72 14.15 -38.15
N GLN K 169 37.99 13.76 -38.24
CA GLN K 169 39.02 14.70 -38.64
C GLN K 169 38.97 14.97 -40.13
N ASN K 170 38.49 14.01 -40.90
CA ASN K 170 38.41 14.23 -42.34
C ASN K 170 37.01 14.45 -42.81
N ASP K 171 36.17 14.97 -41.92
CA ASP K 171 34.79 15.22 -42.22
C ASP K 171 34.62 16.54 -43.05
N GLY K 172 36.28 25.35 -66.35
CA GLY K 172 35.29 24.28 -66.35
C GLY K 172 33.91 24.82 -66.02
N ILE K 173 33.87 25.88 -65.20
CA ILE K 173 32.64 26.54 -64.78
C ILE K 173 31.93 25.71 -63.75
N GLU K 174 32.68 25.15 -62.80
CA GLU K 174 32.10 24.26 -61.81
C GLU K 174 32.27 24.77 -60.38
N LEU K 175 31.29 24.47 -59.54
CA LEU K 175 31.29 24.84 -58.14
C LEU K 175 30.64 23.74 -57.33
N GLY K 176 31.47 22.88 -56.75
CA GLY K 176 30.95 21.78 -55.97
C GLY K 176 30.24 20.79 -56.89
N ARG K 177 28.99 20.49 -56.57
CA ARG K 177 28.21 19.57 -57.38
C ARG K 177 27.43 20.26 -58.50
N GLN K 178 27.59 21.56 -58.68
CA GLN K 178 26.84 22.25 -59.72
C GLN K 178 27.74 22.96 -60.71
N LYS K 179 27.18 23.28 -61.86
CA LYS K 179 27.92 23.97 -62.89
C LYS K 179 27.03 24.63 -63.90
N ILE K 180 27.63 25.48 -64.72
CA ILE K 180 26.88 26.18 -65.75
C ILE K 180 27.43 25.89 -67.13
N GLY K 181 26.56 25.49 -68.03
CA GLY K 181 26.97 25.19 -69.39
C GLY K 181 26.53 26.28 -70.34
N VAL K 182 27.44 26.69 -71.21
CA VAL K 182 27.13 27.70 -72.21
C VAL K 182 26.97 27.00 -73.54
N MET K 183 25.79 27.10 -74.13
CA MET K 183 25.51 26.37 -75.35
C MET K 183 25.15 27.28 -76.49
N ARG K 184 26.08 27.48 -77.42
CA ARG K 184 25.81 28.33 -78.57
C ARG K 184 25.03 27.57 -79.61
N LEU K 185 23.99 28.18 -80.14
CA LEU K 185 23.26 27.51 -81.18
C LEU K 185 23.84 27.91 -82.51
N ASN K 186 24.00 26.95 -83.40
CA ASN K 186 24.64 27.23 -84.67
C ASN K 186 23.69 27.25 -85.85
N ASN K 187 22.62 26.46 -85.80
CA ASN K 187 21.70 26.43 -86.91
C ASN K 187 20.39 27.14 -86.64
N THR K 188 20.27 27.84 -85.53
CA THR K 188 19.04 28.58 -85.27
C THR K 188 19.26 29.78 -84.37
N PHE K 189 18.15 30.40 -83.96
CA PHE K 189 18.18 31.60 -83.14
C PHE K 189 17.55 31.41 -81.78
N VAL K 190 18.20 31.99 -80.78
CA VAL K 190 17.64 32.02 -79.44
C VAL K 190 16.70 33.20 -79.32
N GLY K 191 15.46 32.95 -78.92
CA GLY K 191 14.51 34.03 -78.77
C GLY K 191 13.24 33.78 -79.56
N ASP K 192 12.28 34.68 -79.42
CA ASP K 192 11.00 34.55 -80.07
C ASP K 192 10.91 35.39 -81.34
N ARG K 193 10.13 34.93 -82.30
CA ARG K 193 9.94 35.65 -83.56
C ARG K 193 8.61 36.37 -83.58
N THR K 194 8.66 37.67 -83.84
CA THR K 194 7.44 38.45 -83.83
C THR K 194 7.19 39.13 -85.16
N TYR K 195 5.95 39.09 -85.64
CA TYR K 195 5.61 39.74 -86.89
C TYR K 195 4.18 40.23 -86.90
N ASN K 196 3.89 41.14 -87.81
CA ASN K 196 2.55 41.71 -87.89
C ASN K 196 1.80 41.29 -89.13
N LEU K 197 0.50 41.16 -88.98
CA LEU K 197 -0.42 40.85 -90.05
C LEU K 197 -1.42 41.97 -90.12
N ARG K 198 -0.96 43.13 -90.55
CA ARG K 198 -1.83 44.28 -90.69
C ARG K 198 -2.29 44.76 -89.32
N ASP K 199 -3.45 44.30 -88.90
CA ASP K 199 -4.05 44.75 -87.66
C ASP K 199 -3.72 43.89 -86.44
N GLN K 200 -2.91 42.84 -86.60
CA GLN K 200 -2.60 42.04 -85.41
C GLN K 200 -1.16 41.56 -85.35
N LYS K 201 -0.70 41.30 -84.14
CA LYS K 201 0.68 40.86 -83.89
C LYS K 201 0.75 39.40 -83.50
N MET K 202 1.64 38.68 -84.19
CA MET K 202 1.84 37.26 -83.94
C MET K 202 3.19 36.99 -83.29
N VAL K 203 3.23 36.00 -82.41
CA VAL K 203 4.48 35.64 -81.75
C VAL K 203 4.76 34.14 -81.78
N ILE K 204 5.96 33.78 -82.23
CA ILE K 204 6.38 32.40 -82.30
C ILE K 204 7.46 32.14 -81.25
N PRO K 205 7.22 31.25 -80.30
CA PRO K 205 8.11 30.92 -79.21
C PRO K 205 9.33 30.18 -79.73
N GLY K 206 10.49 30.49 -79.17
CA GLY K 206 11.72 29.83 -79.59
C GLY K 206 12.09 28.67 -78.68
N ILE K 207 13.30 28.17 -78.88
CA ILE K 207 13.82 27.02 -78.15
C ILE K 207 14.01 27.27 -76.66
N ALA K 208 14.27 28.52 -76.29
CA ALA K 208 14.48 28.83 -74.89
C ALA K 208 13.19 28.62 -74.12
N THR K 209 12.10 29.11 -74.70
CA THR K 209 10.79 28.97 -74.09
C THR K 209 10.34 27.54 -74.07
N ALA K 210 10.53 26.83 -75.19
CA ALA K 210 10.11 25.45 -75.28
C ALA K 210 10.75 24.58 -74.22
N ILE K 211 12.08 24.68 -74.09
CA ILE K 211 12.78 23.88 -73.12
C ILE K 211 12.39 24.26 -71.71
N GLU K 212 12.31 25.55 -71.43
CA GLU K 212 11.93 26.01 -70.10
C GLU K 212 10.62 25.39 -69.66
N ARG K 213 9.62 25.44 -70.53
CA ARG K 213 8.32 24.89 -70.20
C ARG K 213 8.36 23.40 -69.99
N LEU K 214 9.16 22.71 -70.80
CA LEU K 214 9.29 21.28 -70.69
C LEU K 214 9.84 20.85 -69.35
N LEU K 215 10.93 21.49 -68.93
CA LEU K 215 11.55 21.14 -67.67
C LEU K 215 10.76 21.59 -66.47
N GLN K 216 10.12 22.74 -66.57
CA GLN K 216 9.36 23.27 -65.45
C GLN K 216 7.86 23.13 -65.69
N ILE K 267 16.37 22.26 -62.90
CA ILE K 267 17.32 22.85 -63.84
C ILE K 267 16.92 24.26 -64.19
N LYS K 268 17.88 25.17 -64.16
CA LYS K 268 17.61 26.56 -64.47
C LYS K 268 18.21 26.94 -65.81
N ILE K 269 17.38 27.38 -66.76
CA ILE K 269 17.90 27.76 -68.06
C ILE K 269 17.53 29.17 -68.44
N VAL K 270 18.54 29.97 -68.76
CA VAL K 270 18.34 31.35 -69.14
C VAL K 270 18.93 31.66 -70.51
N ALA K 271 18.15 32.30 -71.34
CA ALA K 271 18.57 32.67 -72.67
C ALA K 271 19.56 33.83 -72.63
N TYR K 272 20.50 33.84 -73.56
CA TYR K 272 21.44 34.94 -73.65
C TYR K 272 21.70 35.31 -75.12
N PRO K 273 20.79 36.11 -75.69
CA PRO K 273 20.70 36.61 -77.05
C PRO K 273 21.99 37.16 -77.59
N ASP K 274 22.74 37.86 -76.76
CA ASP K 274 23.98 38.49 -77.18
C ASP K 274 24.95 37.55 -77.86
N THR K 275 24.99 36.29 -77.43
CA THR K 275 25.90 35.31 -78.03
C THR K 275 25.13 34.15 -78.62
N ASN K 276 23.83 34.34 -78.82
CA ASN K 276 22.93 33.34 -79.36
C ASN K 276 23.10 32.03 -78.64
N SER K 277 23.04 32.07 -77.31
CA SER K 277 23.30 30.88 -76.55
C SER K 277 22.43 30.72 -75.33
N LEU K 278 22.47 29.51 -74.76
CA LEU K 278 21.71 29.21 -73.56
C LEU K 278 22.62 28.99 -72.37
N LEU K 279 22.15 29.39 -71.20
CA LEU K 279 22.88 29.22 -69.95
C LEU K 279 22.17 28.17 -69.11
N VAL K 280 22.77 26.99 -69.00
CA VAL K 280 22.14 25.91 -68.27
C VAL K 280 22.80 25.63 -66.93
N LYS K 281 22.06 25.82 -65.84
CA LYS K 281 22.61 25.61 -64.51
C LYS K 281 22.01 24.39 -63.82
N GLY K 282 22.89 23.52 -63.32
CA GLY K 282 22.45 22.31 -62.64
C GLY K 282 23.63 21.40 -62.33
N THR K 283 23.37 20.11 -62.14
CA THR K 283 24.46 19.19 -61.86
C THR K 283 25.12 18.84 -63.15
N ALA K 284 26.29 18.23 -63.07
CA ALA K 284 27.03 17.86 -64.26
C ALA K 284 26.21 16.97 -65.18
N GLU K 285 25.48 16.03 -64.59
CA GLU K 285 24.64 15.14 -65.36
C GLU K 285 23.47 15.87 -65.98
N GLN K 286 22.87 16.78 -65.22
CA GLN K 286 21.75 17.56 -65.74
C GLN K 286 22.16 18.43 -66.90
N VAL K 287 23.33 19.05 -66.81
CA VAL K 287 23.81 19.89 -67.88
C VAL K 287 24.08 19.06 -69.12
N HIS K 288 24.74 17.92 -68.96
CA HIS K 288 25.01 17.02 -70.07
C HIS K 288 23.74 16.59 -70.77
N PHE K 289 22.75 16.24 -69.98
CA PHE K 289 21.44 15.84 -70.46
C PHE K 289 20.84 16.90 -71.37
N ILE K 290 20.82 18.14 -70.90
CA ILE K 290 20.29 19.23 -71.69
C ILE K 290 21.13 19.47 -72.93
N GLU K 291 22.45 19.37 -72.79
CA GLU K 291 23.36 19.55 -73.91
C GLU K 291 22.97 18.69 -75.08
N MET K 292 22.74 17.42 -74.80
CA MET K 292 22.38 16.50 -75.85
C MET K 292 21.06 16.87 -76.50
N LEU K 293 20.09 17.29 -75.68
CA LEU K 293 18.79 17.70 -76.18
C LEU K 293 18.94 18.82 -77.19
N VAL K 294 19.73 19.81 -76.83
CA VAL K 294 19.99 20.94 -77.69
C VAL K 294 20.60 20.51 -78.99
N LYS K 295 21.60 19.63 -78.94
CA LYS K 295 22.23 19.16 -80.15
C LYS K 295 21.25 18.46 -81.07
N ALA K 296 20.31 17.73 -80.50
CA ALA K 296 19.29 17.06 -81.30
C ALA K 296 18.40 18.05 -82.04
N LEU K 297 18.04 19.14 -81.38
CA LEU K 297 17.15 20.13 -81.97
C LEU K 297 17.82 21.12 -82.93
N ASP K 298 19.06 21.50 -82.63
CA ASP K 298 19.80 22.49 -83.41
C ASP K 298 20.23 22.02 -84.81
N VAL K 299 19.29 21.95 -85.74
CA VAL K 299 19.61 21.50 -87.11
C VAL K 299 19.30 22.53 -88.18
N ALA K 300 19.98 22.39 -89.31
CA ALA K 300 19.87 23.32 -90.44
C ALA K 300 18.56 23.20 -91.19
N LYS K 301 18.13 24.31 -91.80
CA LYS K 301 16.89 24.35 -92.57
C LYS K 301 17.12 24.66 -94.04
N ARG K 302 16.29 24.04 -94.88
CA ARG K 302 16.30 24.27 -96.32
C ARG K 302 15.39 25.43 -96.68
N HIS K 303 15.57 25.98 -97.88
CA HIS K 303 14.76 27.10 -98.30
C HIS K 303 13.68 26.69 -99.28
N VAL K 304 12.54 27.36 -99.19
CA VAL K 304 11.41 27.09 -100.05
C VAL K 304 10.94 28.35 -100.74
N GLU K 305 10.86 28.28 -102.07
CA GLU K 305 10.37 29.41 -102.83
C GLU K 305 8.96 29.17 -103.29
N LEU K 306 8.09 30.12 -103.00
CA LEU K 306 6.69 30.01 -103.33
C LEU K 306 6.26 30.96 -104.43
N SER K 307 5.65 30.43 -105.47
CA SER K 307 5.13 31.27 -106.53
C SER K 307 3.62 31.11 -106.66
N LEU K 308 2.91 32.23 -106.68
CA LEU K 308 1.47 32.23 -106.84
C LEU K 308 1.09 32.79 -108.18
N TRP K 309 0.31 32.04 -108.94
CA TRP K 309 -0.11 32.52 -110.23
C TRP K 309 -1.56 32.94 -110.16
N ILE K 310 -1.85 34.16 -110.55
CA ILE K 310 -3.22 34.63 -110.57
C ILE K 310 -3.60 35.01 -111.98
N VAL K 311 -4.54 34.30 -112.57
CA VAL K 311 -4.92 34.58 -113.94
C VAL K 311 -6.36 35.02 -114.04
N ASP K 312 -6.57 36.13 -114.74
CA ASP K 312 -7.91 36.70 -114.91
C ASP K 312 -8.22 37.07 -116.35
N LEU K 313 -9.15 36.32 -116.97
CA LEU K 313 -9.53 36.55 -118.35
C LEU K 313 -10.96 37.07 -118.48
N ASN K 314 -11.17 38.05 -119.37
CA ASN K 314 -12.50 38.60 -119.58
C ASN K 314 -12.85 38.77 -121.05
N LYS K 315 -14.08 38.43 -121.39
CA LYS K 315 -14.55 38.57 -122.76
C LYS K 315 -16.00 39.03 -122.78
N SER K 316 -16.33 39.99 -123.63
CA SER K 316 -17.73 40.40 -123.71
C SER K 316 -18.15 40.85 -125.10
N ASP K 317 -19.47 40.85 -125.32
CA ASP K 317 -20.06 41.19 -126.61
C ASP K 317 -21.44 41.84 -126.44
N LEU K 318 -21.49 43.16 -126.66
CA LEU K 318 -22.71 43.93 -126.51
C LEU K 318 -23.28 44.44 -127.82
N GLU K 319 -24.56 44.22 -128.03
CA GLU K 319 -25.22 44.73 -129.22
C GLU K 319 -26.50 45.45 -128.89
N ARG K 320 -26.63 46.69 -129.33
CA ARG K 320 -27.85 47.45 -129.09
C ARG K 320 -28.34 48.09 -130.37
N LEU K 321 -29.57 47.82 -130.75
CA LEU K 321 -30.07 48.43 -131.97
C LEU K 321 -31.58 48.60 -132.01
N GLY K 322 -32.02 49.84 -132.20
CA GLY K 322 -33.45 50.09 -132.35
C GLY K 322 -33.87 51.42 -131.78
N THR K 323 -35.18 51.55 -131.54
CA THR K 323 -35.69 52.81 -131.01
C THR K 323 -36.63 52.62 -129.83
N SER K 324 -36.95 53.71 -129.16
CA SER K 324 -37.89 53.70 -128.05
C SER K 324 -38.72 54.98 -128.05
N TRP K 325 -40.04 54.81 -128.06
CA TRP K 325 -40.93 55.95 -128.16
C TRP K 325 -41.69 56.25 -126.89
N SER K 326 -41.63 57.50 -126.45
CA SER K 326 -42.42 57.92 -125.29
C SER K 326 -42.49 59.43 -125.21
N GLY K 327 -43.45 59.95 -124.48
CA GLY K 327 -43.54 61.41 -124.33
C GLY K 327 -44.97 61.91 -124.35
N SER K 328 -45.16 63.17 -124.71
CA SER K 328 -46.53 63.68 -124.72
C SER K 328 -46.80 64.87 -125.62
N ILE K 329 -48.05 65.31 -125.60
CA ILE K 329 -48.50 66.44 -126.38
C ILE K 329 -49.78 67.08 -125.90
N THR K 330 -49.82 68.42 -125.94
CA THR K 330 -51.06 69.14 -125.65
C THR K 330 -51.80 69.42 -126.95
N ILE K 331 -53.07 69.05 -126.99
CA ILE K 331 -53.86 69.23 -128.18
C ILE K 331 -55.06 70.15 -127.99
N GLY K 332 -55.01 71.31 -128.65
CA GLY K 332 -56.11 72.27 -128.68
C GLY K 332 -56.46 72.86 -127.32
N ASP K 333 -55.55 72.74 -126.35
CA ASP K 333 -55.80 73.18 -124.98
C ASP K 333 -57.09 72.60 -124.40
N LYS K 334 -57.45 71.38 -124.83
CA LYS K 334 -58.66 70.74 -124.34
C LYS K 334 -58.38 69.32 -123.92
N LEU K 335 -57.35 68.72 -124.50
CA LEU K 335 -56.96 67.39 -124.12
C LEU K 335 -55.50 67.16 -124.45
N GLY K 336 -54.91 66.11 -123.89
CA GLY K 336 -53.54 65.81 -124.19
C GLY K 336 -53.35 64.32 -124.27
N VAL K 337 -52.20 63.90 -124.80
CA VAL K 337 -51.92 62.49 -124.97
C VAL K 337 -50.58 62.09 -124.39
N SER K 338 -50.56 60.98 -123.67
CA SER K 338 -49.33 60.47 -123.09
C SER K 338 -48.96 59.16 -123.73
N LEU K 339 -47.70 59.01 -124.11
CA LEU K 339 -47.28 57.77 -124.75
C LEU K 339 -46.39 56.95 -123.87
N ASN K 340 -46.82 55.72 -123.62
CA ASN K 340 -46.10 54.74 -122.83
C ASN K 340 -45.72 55.27 -121.45
N GLN K 341 -46.75 55.67 -120.71
CA GLN K 341 -46.62 56.15 -119.33
C GLN K 341 -45.61 57.25 -119.16
N SER K 342 -45.69 58.29 -119.97
CA SER K 342 -44.78 59.40 -119.82
C SER K 342 -45.16 60.20 -118.59
N SER K 343 -44.24 61.02 -118.08
CA SER K 343 -44.48 61.79 -116.86
C SER K 343 -45.22 63.09 -117.14
N ILE K 344 -46.48 62.96 -117.54
CA ILE K 344 -47.42 64.03 -117.92
C ILE K 344 -47.35 65.31 -117.07
N SER K 345 -47.00 65.19 -115.79
CA SER K 345 -46.92 66.37 -114.93
C SER K 345 -45.98 67.45 -115.49
N THR K 346 -44.99 67.03 -116.29
CA THR K 346 -44.10 67.96 -116.96
C THR K 346 -44.19 67.77 -118.47
N LEU K 347 -44.45 66.53 -118.90
CA LEU K 347 -44.53 66.19 -120.32
C LEU K 347 -45.69 66.87 -121.04
N ASP K 348 -46.71 67.28 -120.29
CA ASP K 348 -47.83 68.05 -120.83
C ASP K 348 -47.35 69.25 -121.68
N GLY K 349 -46.26 69.90 -121.24
CA GLY K 349 -45.71 71.05 -121.96
C GLY K 349 -44.45 70.69 -122.75
N SER K 350 -44.31 69.42 -123.15
CA SER K 350 -43.14 68.99 -123.88
C SER K 350 -43.47 68.39 -125.26
N ARG K 351 -42.85 67.27 -125.58
CA ARG K 351 -43.01 66.64 -126.88
C ARG K 351 -42.73 65.14 -126.84
N PHE K 352 -42.76 64.47 -128.00
CA PHE K 352 -42.47 63.04 -128.02
C PHE K 352 -41.02 62.80 -128.31
N ILE K 353 -40.42 61.87 -127.60
CA ILE K 353 -39.01 61.56 -127.83
C ILE K 353 -38.82 60.19 -128.45
N ALA K 354 -37.98 60.17 -129.48
CA ALA K 354 -37.60 58.97 -130.16
C ALA K 354 -36.16 58.64 -129.84
N ALA K 355 -35.96 57.79 -128.84
CA ALA K 355 -34.60 57.43 -128.52
C ALA K 355 -34.13 56.43 -129.55
N VAL K 356 -32.89 56.57 -129.96
CA VAL K 356 -32.33 55.67 -130.96
C VAL K 356 -30.99 55.14 -130.51
N ASN K 357 -30.88 53.81 -130.42
CA ASN K 357 -29.62 53.20 -130.03
C ASN K 357 -29.03 52.46 -131.22
N ALA K 358 -27.71 52.49 -131.32
CA ALA K 358 -27.02 51.79 -132.39
C ALA K 358 -25.57 51.64 -132.02
N LEU K 359 -25.26 50.52 -131.36
CA LEU K 359 -23.91 50.28 -130.91
C LEU K 359 -23.50 48.83 -130.85
N GLU K 360 -22.37 48.52 -131.43
CA GLU K 360 -21.78 47.21 -131.30
C GLU K 360 -20.51 47.34 -130.50
N GLU K 361 -20.31 46.48 -129.51
CA GLU K 361 -19.11 46.56 -128.70
C GLU K 361 -18.46 45.22 -128.39
N LYS K 362 -17.19 45.11 -128.72
CA LYS K 362 -16.40 43.94 -128.39
C LYS K 362 -15.35 44.28 -127.35
N LYS K 363 -15.10 43.39 -126.41
CA LYS K 363 -14.09 43.67 -125.42
C LYS K 363 -13.34 42.44 -124.95
N GLN K 364 -12.03 42.61 -124.79
CA GLN K 364 -11.16 41.53 -124.35
C GLN K 364 -10.12 42.00 -123.36
N ALA K 365 -9.89 41.22 -122.30
CA ALA K 365 -8.87 41.62 -121.35
C ALA K 365 -8.20 40.44 -120.67
N THR K 366 -6.92 40.60 -120.35
CA THR K 366 -6.18 39.58 -119.63
C THR K 366 -5.21 40.16 -118.64
N VAL K 367 -5.16 39.56 -117.46
CA VAL K 367 -4.23 39.97 -116.42
C VAL K 367 -3.56 38.77 -115.76
N VAL K 368 -2.24 38.82 -115.66
CA VAL K 368 -1.51 37.79 -114.97
C VAL K 368 -0.64 38.39 -113.88
N SER K 369 -0.86 37.96 -112.66
CA SER K 369 -0.11 38.46 -111.53
C SER K 369 0.67 37.38 -110.83
N ARG K 370 1.91 37.65 -110.48
CA ARG K 370 2.73 36.64 -109.84
C ARG K 370 3.56 37.11 -108.66
N PRO K 371 3.06 36.90 -107.45
CA PRO K 371 3.76 37.10 -106.19
C PRO K 371 4.81 36.02 -105.97
N VAL K 372 5.98 36.41 -105.49
CA VAL K 372 7.05 35.47 -105.20
C VAL K 372 7.61 35.67 -103.79
N LEU K 373 7.70 34.59 -103.02
CA LEU K 373 8.15 34.70 -101.65
C LEU K 373 9.10 33.58 -101.20
N LEU K 374 10.27 33.96 -100.67
CA LEU K 374 11.26 32.98 -100.18
C LEU K 374 11.28 32.86 -98.66
N THR K 375 11.23 31.62 -98.17
CA THR K 375 11.31 31.34 -96.74
C THR K 375 12.07 30.05 -96.45
N GLN K 376 11.92 29.53 -95.24
CA GLN K 376 12.58 28.31 -94.81
C GLN K 376 11.59 27.33 -94.22
N GLU K 377 12.04 26.09 -94.08
CA GLU K 377 11.22 25.03 -93.52
C GLU K 377 10.64 25.45 -92.19
N ASN K 378 9.32 25.32 -92.07
CA ASN K 378 8.61 25.62 -90.83
C ASN K 378 8.66 27.10 -90.42
N VAL K 379 8.96 28.00 -91.35
CA VAL K 379 8.99 29.42 -91.03
C VAL K 379 7.92 30.22 -91.77
N PRO K 380 6.87 30.67 -91.06
CA PRO K 380 5.76 31.48 -91.52
C PRO K 380 6.26 32.72 -92.20
N ALA K 381 5.92 32.86 -93.48
CA ALA K 381 6.38 34.01 -94.23
C ALA K 381 5.21 34.83 -94.70
N ILE K 382 5.43 36.14 -94.73
CA ILE K 382 4.38 37.07 -95.10
C ILE K 382 4.75 37.99 -96.25
N PHE K 383 3.85 38.05 -97.22
CA PHE K 383 4.00 38.96 -98.35
C PHE K 383 2.75 39.79 -98.48
N ASP K 384 2.86 41.09 -98.39
CA ASP K 384 1.66 41.91 -98.48
C ASP K 384 1.85 43.17 -99.29
N ASN K 385 1.26 43.20 -100.46
CA ASN K 385 1.30 44.36 -101.33
C ASN K 385 -0.05 45.05 -101.25
N ASN K 386 -0.14 46.18 -100.56
CA ASN K 386 -1.47 46.75 -100.37
C ASN K 386 -1.55 48.24 -100.46
N ARG K 387 -2.78 48.74 -100.37
CA ARG K 387 -3.02 50.16 -100.32
C ARG K 387 -3.95 50.48 -99.17
N THR K 388 -3.75 51.64 -98.58
CA THR K 388 -4.58 52.04 -97.46
C THR K 388 -5.23 53.39 -97.65
N PHE K 389 -6.54 53.39 -97.47
CA PHE K 389 -7.38 54.55 -97.56
C PHE K 389 -7.68 55.11 -96.19
N TYR K 390 -7.33 56.37 -95.96
CA TYR K 390 -7.58 56.96 -94.65
C TYR K 390 -8.76 57.91 -94.64
N THR K 391 -9.45 57.99 -93.50
CA THR K 391 -10.58 58.90 -93.35
C THR K 391 -10.70 59.42 -91.92
N LYS K 392 -11.26 60.62 -91.79
CA LYS K 392 -11.44 61.24 -90.48
C LYS K 392 -12.76 60.89 -89.84
N LEU K 393 -12.73 60.67 -88.53
CA LEU K 393 -13.91 60.46 -87.73
C LEU K 393 -13.97 61.50 -86.62
N ILE K 394 -13.63 62.74 -86.94
CA ILE K 394 -13.64 63.76 -85.91
C ILE K 394 -15.04 64.05 -85.45
N GLY K 395 -15.44 63.42 -84.37
CA GLY K 395 -16.74 63.71 -83.82
C GLY K 395 -16.58 64.83 -82.83
N GLU K 396 -17.59 65.02 -82.01
CA GLU K 396 -17.51 66.04 -81.01
C GLU K 396 -16.84 65.51 -79.76
N ARG K 397 -17.19 64.34 -79.27
CA ARG K 397 -16.48 63.81 -78.13
C ARG K 397 -15.29 63.03 -78.60
N ASN K 398 -15.58 61.91 -79.26
CA ASN K 398 -14.52 61.04 -79.72
C ASN K 398 -14.10 61.40 -81.12
N VAL K 399 -12.79 61.39 -81.32
CA VAL K 399 -12.22 61.68 -82.60
C VAL K 399 -11.27 60.58 -82.96
N ALA K 400 -11.07 60.35 -84.25
CA ALA K 400 -10.17 59.28 -84.65
C ALA K 400 -9.93 59.26 -86.14
N LEU K 401 -8.97 58.46 -86.54
CA LEU K 401 -8.75 58.19 -87.94
C LEU K 401 -8.99 56.73 -88.16
N GLU K 402 -9.56 56.39 -89.30
CA GLU K 402 -9.78 55.00 -89.64
C GLU K 402 -9.35 54.74 -91.03
N HIS K 403 -9.22 53.49 -91.36
CA HIS K 403 -8.76 53.18 -92.68
C HIS K 403 -9.20 51.85 -93.24
N VAL K 404 -9.07 51.75 -94.55
CA VAL K 404 -9.42 50.56 -95.28
C VAL K 404 -8.20 50.04 -96.01
N THR K 405 -7.78 48.83 -95.68
CA THR K 405 -6.62 48.26 -96.32
C THR K 405 -6.99 47.06 -97.18
N TYR K 406 -6.47 47.04 -98.39
CA TYR K 406 -6.72 45.93 -99.30
C TYR K 406 -5.58 45.74 -100.29
N GLY K 407 -5.47 44.54 -100.83
CA GLY K 407 -4.40 44.27 -101.79
C GLY K 407 -4.10 42.79 -101.91
N THR K 408 -2.86 42.47 -102.28
CA THR K 408 -2.45 41.09 -102.46
C THR K 408 -1.72 40.59 -101.24
N MET K 409 -2.24 39.56 -100.60
CA MET K 409 -1.59 39.08 -99.40
C MET K 409 -1.44 37.58 -99.34
N ILE K 410 -0.24 37.14 -98.95
CA ILE K 410 0.05 35.73 -98.79
C ILE K 410 0.65 35.41 -97.45
N ARG K 411 0.03 34.48 -96.74
CA ARG K 411 0.60 33.97 -95.52
C ARG K 411 0.86 32.49 -95.74
N VAL K 412 2.08 32.05 -95.52
CA VAL K 412 2.35 30.65 -95.80
C VAL K 412 3.28 29.94 -94.85
N LEU K 413 2.94 28.70 -94.55
CA LEU K 413 3.77 27.84 -93.74
C LEU K 413 4.09 26.55 -94.49
N PRO K 414 5.29 26.43 -95.06
CA PRO K 414 5.81 25.31 -95.82
C PRO K 414 6.36 24.21 -94.95
N ARG K 415 6.28 22.99 -95.43
CA ARG K 415 6.80 21.87 -94.67
C ARG K 415 7.09 20.66 -95.54
N PHE K 416 8.30 20.13 -95.45
CA PHE K 416 8.63 18.93 -96.23
C PHE K 416 8.14 17.66 -95.58
N SER K 417 7.67 16.74 -96.43
CA SER K 417 7.19 15.45 -95.96
C SER K 417 8.20 14.36 -96.24
N ALA K 418 7.82 13.14 -95.92
CA ALA K 418 8.69 11.97 -96.06
C ALA K 418 9.12 11.74 -97.50
N ASP K 419 8.23 12.04 -98.44
CA ASP K 419 8.53 11.82 -99.83
C ASP K 419 9.11 13.05 -100.54
N GLY K 420 9.50 14.08 -99.78
CA GLY K 420 10.03 15.28 -100.39
C GLY K 420 8.92 16.18 -100.90
N GLN K 421 7.69 15.91 -100.47
CA GLN K 421 6.55 16.68 -100.89
C GLN K 421 6.50 17.94 -100.04
N ILE K 422 5.90 18.99 -100.56
CA ILE K 422 5.82 20.21 -99.78
C ILE K 422 4.40 20.55 -99.42
N GLU K 423 4.08 20.56 -98.14
CA GLU K 423 2.75 20.93 -97.73
C GLU K 423 2.76 22.36 -97.29
N MET K 424 1.71 23.07 -97.63
CA MET K 424 1.63 24.46 -97.28
C MET K 424 0.30 24.87 -96.70
N SER K 425 0.36 25.62 -95.61
CA SER K 425 -0.84 26.24 -95.10
C SER K 425 -0.96 27.53 -95.88
N LEU K 426 -2.08 27.75 -96.54
CA LEU K 426 -2.20 28.93 -97.39
C LEU K 426 -3.34 29.86 -97.10
N ASP K 427 -3.02 31.12 -96.91
CA ASP K 427 -4.03 32.14 -96.80
C ASP K 427 -3.78 33.17 -97.90
N ILE K 428 -4.77 33.35 -98.76
CA ILE K 428 -4.62 34.24 -99.91
C ILE K 428 -5.68 35.30 -100.01
N GLU K 429 -5.26 36.55 -100.17
CA GLU K 429 -6.19 37.63 -100.42
C GLU K 429 -5.89 38.34 -101.72
N ASP K 430 -6.92 38.55 -102.52
CA ASP K 430 -6.80 39.34 -103.72
C ASP K 430 -7.83 40.45 -103.68
N GLY K 431 -7.44 41.62 -103.19
CA GLY K 431 -8.37 42.73 -103.07
C GLY K 431 -8.12 43.82 -104.10
N ASN K 432 -9.18 44.58 -104.41
CA ASN K 432 -9.08 45.67 -105.35
C ASN K 432 -10.12 46.76 -105.09
N ASP K 433 -10.04 47.83 -105.86
CA ASP K 433 -10.93 48.97 -105.71
C ASP K 433 -12.03 49.00 -106.76
N LYS K 434 -13.25 48.67 -106.36
CA LYS K 434 -14.37 48.74 -107.28
C LYS K 434 -14.95 50.14 -107.23
N THR K 435 -15.35 50.69 -108.36
CA THR K 435 -15.88 52.05 -108.31
C THR K 435 -17.23 52.16 -108.99
N PRO K 436 -18.02 53.15 -108.59
CA PRO K 436 -19.30 53.58 -109.11
C PRO K 436 -19.07 54.50 -110.29
N GLN K 437 -20.15 55.00 -110.88
CA GLN K 437 -20.01 55.94 -111.97
C GLN K 437 -19.28 57.19 -111.48
N SER K 438 -18.14 57.48 -112.12
CA SER K 438 -17.27 58.59 -111.74
C SER K 438 -17.89 59.97 -111.93
N ASP K 439 -19.00 60.03 -112.65
CA ASP K 439 -19.73 61.26 -112.87
C ASP K 439 -20.60 61.66 -111.67
N THR K 440 -20.67 60.79 -110.65
CA THR K 440 -21.51 61.07 -109.49
C THR K 440 -20.69 61.51 -108.28
N THR K 441 -21.41 62.02 -107.27
CA THR K 441 -20.82 62.51 -106.03
C THR K 441 -20.29 61.39 -105.15
N THR K 442 -20.68 60.15 -105.48
CA THR K 442 -20.24 58.98 -104.74
C THR K 442 -18.76 58.67 -105.05
N SER K 443 -18.21 59.33 -106.09
CA SER K 443 -16.80 59.20 -106.41
C SER K 443 -15.94 60.10 -105.51
N VAL K 444 -16.59 60.97 -104.73
CA VAL K 444 -15.90 61.89 -103.83
C VAL K 444 -16.07 61.43 -102.39
N ASP K 445 -17.30 61.14 -102.00
CA ASP K 445 -17.57 60.68 -100.65
C ASP K 445 -16.87 59.35 -100.41
N ALA K 446 -16.32 59.17 -99.20
CA ALA K 446 -15.60 57.96 -98.77
C ALA K 446 -16.39 56.67 -98.95
N LEU K 447 -16.54 56.25 -100.20
CA LEU K 447 -17.28 55.05 -100.53
C LEU K 447 -16.51 54.02 -101.37
N PRO K 448 -15.17 54.04 -101.38
CA PRO K 448 -14.33 53.12 -102.15
C PRO K 448 -14.74 51.66 -101.97
N GLU K 449 -15.76 51.22 -102.69
CA GLU K 449 -16.22 49.83 -102.64
C GLU K 449 -15.06 48.88 -102.84
N VAL K 450 -14.89 47.93 -101.95
CA VAL K 450 -13.75 47.04 -102.08
C VAL K 450 -14.16 45.65 -102.50
N GLY K 451 -13.44 45.09 -103.45
CA GLY K 451 -13.71 43.73 -103.87
C GLY K 451 -12.62 42.85 -103.30
N ARG K 452 -12.98 41.70 -102.76
CA ARG K 452 -11.96 40.83 -102.18
C ARG K 452 -12.21 39.36 -102.49
N THR K 453 -11.14 38.65 -102.80
CA THR K 453 -11.24 37.22 -102.97
C THR K 453 -10.40 36.55 -101.90
N LEU K 454 -11.03 35.71 -101.09
CA LEU K 454 -10.32 35.06 -100.02
C LEU K 454 -10.28 33.55 -100.14
N ILE K 455 -9.09 32.99 -99.94
CA ILE K 455 -8.92 31.55 -99.95
C ILE K 455 -8.15 31.06 -98.75
N SER K 456 -8.68 30.06 -98.06
CA SER K 456 -7.94 29.50 -96.94
C SER K 456 -7.99 27.99 -96.96
N THR K 457 -6.84 27.37 -97.23
CA THR K 457 -6.76 25.92 -97.34
C THR K 457 -5.36 25.35 -97.07
N ILE K 458 -5.19 24.05 -97.32
CA ILE K 458 -3.94 23.33 -97.16
C ILE K 458 -3.69 22.42 -98.35
N ALA K 459 -2.48 22.41 -98.89
CA ALA K 459 -2.24 21.52 -100.03
C ALA K 459 -0.83 20.97 -100.09
N ARG K 460 -0.72 19.74 -100.60
CA ARG K 460 0.57 19.08 -100.77
C ARG K 460 0.98 19.10 -102.23
N VAL K 461 2.15 19.63 -102.53
CA VAL K 461 2.58 19.70 -103.91
C VAL K 461 3.96 19.05 -104.10
N PRO K 462 4.13 18.21 -105.11
CA PRO K 462 5.38 17.58 -105.51
C PRO K 462 6.38 18.66 -105.90
N HIS K 463 7.66 18.42 -105.59
CA HIS K 463 8.68 19.41 -105.89
C HIS K 463 8.75 19.77 -107.36
N GLY K 464 8.62 21.06 -107.67
CA GLY K 464 8.72 21.53 -109.05
C GLY K 464 7.41 21.40 -109.82
N LYS K 465 6.35 20.99 -109.16
CA LYS K 465 5.05 20.85 -109.80
C LYS K 465 4.10 21.90 -109.30
N SER K 466 2.87 21.84 -109.76
CA SER K 466 1.90 22.84 -109.37
C SER K 466 0.52 22.27 -109.19
N LEU K 467 -0.30 22.99 -108.42
CA LEU K 467 -1.71 22.63 -108.23
C LEU K 467 -2.64 23.80 -108.33
N LEU K 468 -3.84 23.52 -108.80
CA LEU K 468 -4.88 24.52 -108.82
C LEU K 468 -5.53 24.60 -107.47
N VAL K 469 -5.35 25.71 -106.78
CA VAL K 469 -5.93 25.87 -105.47
C VAL K 469 -7.39 26.18 -105.54
N GLY K 470 -7.75 27.08 -106.42
CA GLY K 470 -9.15 27.39 -106.56
C GLY K 470 -9.40 28.39 -107.65
N GLY K 471 -10.66 28.72 -107.83
CA GLY K 471 -10.99 29.66 -108.87
C GLY K 471 -12.47 29.95 -108.94
N TYR K 472 -12.83 30.73 -109.94
CA TYR K 472 -14.18 31.14 -110.15
C TYR K 472 -14.44 31.44 -111.58
N THR K 473 -15.47 30.84 -112.15
CA THR K 473 -15.80 31.17 -113.53
C THR K 473 -17.24 31.59 -113.65
N ARG K 474 -17.52 32.36 -114.69
CA ARG K 474 -18.86 32.82 -114.94
C ARG K 474 -19.17 32.98 -116.39
N ASP K 475 -20.28 32.40 -116.81
CA ASP K 475 -20.71 32.54 -118.18
C ASP K 475 -22.12 33.09 -118.19
N ALA K 476 -22.40 34.06 -119.05
CA ALA K 476 -23.74 34.61 -119.04
C ALA K 476 -24.16 35.19 -120.39
N ASN K 477 -25.46 35.17 -120.63
CA ASN K 477 -25.98 35.69 -121.87
C ASN K 477 -27.43 36.14 -121.72
N THR K 478 -27.74 37.32 -122.23
CA THR K 478 -29.11 37.81 -122.15
C THR K 478 -29.52 38.59 -123.37
N ASP K 479 -30.82 38.64 -123.61
CA ASP K 479 -31.32 39.37 -124.76
C ASP K 479 -32.73 39.90 -124.55
N THR K 480 -33.05 40.99 -125.26
CA THR K 480 -34.38 41.56 -125.17
C THR K 480 -34.94 41.93 -126.51
N VAL K 481 -36.26 41.95 -126.61
CA VAL K 481 -36.97 42.41 -127.79
C VAL K 481 -38.14 43.29 -127.42
N GLN K 482 -38.19 44.49 -127.95
CA GLN K 482 -39.32 45.36 -127.70
C GLN K 482 -39.90 45.86 -129.00
N SER K 483 -41.20 46.04 -129.03
CA SER K 483 -41.78 46.56 -130.25
C SER K 483 -43.16 47.17 -130.07
N ILE K 484 -43.59 47.85 -131.11
CA ILE K 484 -44.92 48.41 -131.14
C ILE K 484 -45.84 47.39 -131.79
N PRO K 485 -46.81 46.86 -131.05
CA PRO K 485 -47.75 45.78 -131.43
C PRO K 485 -48.08 45.66 -132.91
N PHE K 486 -48.26 46.75 -133.63
CA PHE K 486 -48.60 46.61 -135.04
C PHE K 486 -47.57 47.25 -135.96
N LEU K 487 -46.98 48.35 -135.53
CA LEU K 487 -46.04 49.07 -136.39
C LEU K 487 -44.76 48.30 -136.60
N GLY K 488 -44.36 47.52 -135.61
CA GLY K 488 -43.14 46.73 -135.69
C GLY K 488 -43.18 45.66 -136.79
N LYS K 489 -44.35 45.37 -137.35
CA LYS K 489 -44.45 44.36 -138.37
C LYS K 489 -44.42 44.93 -139.78
N LEU K 490 -44.27 46.25 -139.92
CA LEU K 490 -44.31 46.83 -141.25
C LEU K 490 -42.99 46.62 -142.03
N PRO K 491 -43.10 46.14 -143.28
CA PRO K 491 -42.02 45.74 -144.20
C PRO K 491 -40.68 46.45 -143.99
N LEU K 492 -40.63 47.74 -144.31
CA LEU K 492 -39.41 48.52 -144.19
C LEU K 492 -39.65 49.72 -143.32
N ILE K 493 -40.50 49.54 -142.32
CA ILE K 493 -40.88 50.62 -141.44
C ILE K 493 -40.71 50.22 -139.99
N GLY K 494 -41.14 49.00 -139.66
CA GLY K 494 -41.11 48.46 -138.31
C GLY K 494 -39.76 48.58 -137.61
N SER K 495 -38.66 48.61 -138.37
CA SER K 495 -37.32 48.82 -137.83
C SER K 495 -37.20 50.09 -136.99
N LEU K 496 -38.06 51.07 -137.27
CA LEU K 496 -38.09 52.34 -136.59
C LEU K 496 -38.85 52.28 -135.27
N PHE K 497 -39.46 51.13 -134.98
CA PHE K 497 -40.25 50.93 -133.79
C PHE K 497 -39.70 49.78 -132.94
N ARG K 498 -39.11 48.79 -133.60
CA ARG K 498 -38.53 47.65 -132.92
C ARG K 498 -37.25 48.02 -132.18
N TYR K 499 -36.93 47.21 -131.19
CA TYR K 499 -35.72 47.39 -130.40
C TYR K 499 -35.18 46.07 -129.91
N SER K 500 -33.88 45.87 -130.03
CA SER K 500 -33.35 44.63 -129.51
C SER K 500 -31.98 44.80 -128.90
N SER K 501 -31.63 43.89 -128.00
CA SER K 501 -30.31 43.96 -127.41
C SER K 501 -29.77 42.59 -127.09
N LYS K 502 -28.45 42.48 -127.06
CA LYS K 502 -27.76 41.26 -126.72
C LYS K 502 -26.59 41.55 -125.81
N ASN K 503 -26.37 40.71 -124.82
CA ASN K 503 -25.23 40.93 -123.95
C ASN K 503 -24.64 39.63 -123.43
N LYS K 504 -23.49 39.27 -123.98
CA LYS K 504 -22.78 38.06 -123.61
C LYS K 504 -21.47 38.33 -122.90
N SER K 505 -21.17 37.53 -121.87
CA SER K 505 -19.89 37.69 -121.19
C SER K 505 -19.31 36.39 -120.66
N ASN K 506 -17.98 36.35 -120.55
CA ASN K 506 -17.28 35.19 -120.05
C ASN K 506 -16.14 35.60 -119.13
N VAL K 507 -16.09 35.02 -117.93
CA VAL K 507 -15.05 35.36 -116.95
C VAL K 507 -14.34 34.15 -116.38
N VAL K 508 -13.00 34.18 -116.36
CA VAL K 508 -12.24 33.09 -115.76
C VAL K 508 -11.17 33.58 -114.78
N ARG K 509 -11.25 33.13 -113.53
CA ARG K 509 -10.24 33.48 -112.54
C ARG K 509 -9.69 32.28 -111.79
N VAL K 510 -8.37 32.10 -111.82
CA VAL K 510 -7.77 30.98 -111.10
C VAL K 510 -6.52 31.34 -110.29
N PHE K 511 -6.30 30.53 -109.25
CA PHE K 511 -5.15 30.65 -108.37
C PHE K 511 -4.36 29.34 -108.36
N MET K 512 -3.11 29.40 -108.81
CA MET K 512 -2.28 28.21 -108.87
C MET K 512 -1.00 28.36 -108.06
N ILE K 513 -0.58 27.26 -107.45
CA ILE K 513 0.62 27.24 -106.62
C ILE K 513 1.74 26.41 -107.16
N GLU K 514 2.95 26.98 -107.14
CA GLU K 514 4.14 26.28 -107.58
C GLU K 514 5.27 26.49 -106.56
N PRO K 515 5.83 25.41 -106.04
CA PRO K 515 6.89 25.57 -105.03
C PRO K 515 8.13 24.77 -105.38
N LYS K 516 9.29 25.29 -104.97
CA LYS K 516 10.54 24.58 -105.21
C LYS K 516 11.58 24.85 -104.13
N GLU K 517 12.55 23.95 -104.04
CA GLU K 517 13.61 24.04 -103.04
C GLU K 517 14.78 24.84 -103.56
N ILE K 518 15.22 25.79 -102.77
CA ILE K 518 16.34 26.63 -103.14
C ILE K 518 17.60 26.22 -102.42
N VAL K 519 18.66 25.97 -103.18
CA VAL K 519 19.92 25.54 -102.59
C VAL K 519 21.11 26.37 -103.05
N ASP K 520 21.03 26.94 -104.24
CA ASP K 520 22.12 27.75 -104.76
C ASP K 520 21.85 29.24 -104.56
N PRO K 521 22.91 30.05 -104.48
CA PRO K 521 22.91 31.48 -104.39
C PRO K 521 22.49 32.04 -105.74
N LEU K 522 21.94 33.24 -105.74
CA LEU K 522 21.45 33.88 -106.93
C LEU K 522 22.59 34.03 -107.94
N THR K 523 22.40 33.50 -109.14
CA THR K 523 23.45 33.57 -110.17
C THR K 523 22.94 34.14 -111.47
N PRO K 524 23.57 35.20 -111.98
CA PRO K 524 24.70 35.97 -111.47
C PRO K 524 24.30 36.81 -110.27
N ASP K 525 25.30 37.29 -109.54
CA ASP K 525 25.06 38.07 -108.34
C ASP K 525 24.23 39.31 -108.65
N ALA K 526 23.35 39.67 -107.71
CA ALA K 526 22.42 40.78 -107.88
C ALA K 526 23.07 42.06 -108.37
N SER K 527 24.21 42.42 -107.78
CA SER K 527 24.88 43.66 -108.15
C SER K 527 25.34 43.70 -109.61
N GLU K 528 25.60 42.54 -110.19
CA GLU K 528 26.03 42.48 -111.57
C GLU K 528 24.88 42.79 -112.49
N SER K 529 23.75 42.16 -112.21
CA SER K 529 22.56 42.37 -113.00
C SER K 529 22.06 43.79 -112.90
N VAL K 530 22.11 44.36 -111.69
CA VAL K 530 21.68 45.73 -111.52
C VAL K 530 22.51 46.69 -112.33
N ASN K 531 23.83 46.49 -112.36
CA ASN K 531 24.66 47.36 -113.16
C ASN K 531 24.29 47.31 -114.64
N ASN K 532 23.98 46.10 -115.13
CA ASN K 532 23.58 45.97 -116.52
C ASN K 532 22.31 46.74 -116.80
N ILE K 533 21.36 46.68 -115.88
CA ILE K 533 20.11 47.40 -116.00
C ILE K 533 20.30 48.89 -116.02
N LEU K 534 21.07 49.40 -115.08
CA LEU K 534 21.28 50.83 -114.98
C LEU K 534 21.96 51.40 -116.21
N LYS K 535 22.93 50.66 -116.73
CA LYS K 535 23.64 51.15 -117.89
C LYS K 535 22.76 51.16 -119.12
N GLN K 536 22.06 50.07 -119.38
CA GLN K 536 21.20 50.01 -120.55
C GLN K 536 20.03 50.97 -120.47
N SER K 537 19.50 51.16 -119.27
CA SER K 537 18.40 52.09 -119.07
C SER K 537 18.83 53.56 -119.01
N GLY K 538 20.13 53.82 -119.01
CA GLY K 538 20.64 55.19 -119.00
C GLY K 538 20.63 55.89 -117.63
N ALA K 539 20.36 55.14 -116.55
CA ALA K 539 20.29 55.75 -115.23
C ALA K 539 21.65 55.75 -114.54
N TRP K 540 22.49 54.80 -114.92
CA TRP K 540 23.83 54.65 -114.35
C TRP K 540 24.62 55.94 -114.35
N SER K 541 25.24 56.22 -113.21
CA SER K 541 26.06 57.41 -113.06
C SER K 541 27.29 57.12 -112.21
N GLY K 542 27.77 55.89 -112.28
CA GLY K 542 28.93 55.47 -111.50
C GLY K 542 30.20 56.20 -111.90
N ASP K 543 30.23 56.77 -113.10
CA ASP K 543 31.38 57.52 -113.55
C ASP K 543 31.31 59.01 -113.20
N ASP K 544 30.32 59.42 -112.39
CA ASP K 544 30.24 60.83 -112.04
C ASP K 544 31.46 61.22 -111.23
N LYS K 545 32.18 62.23 -111.72
CA LYS K 545 33.40 62.72 -111.10
C LYS K 545 33.26 63.19 -109.66
N LEU K 546 32.04 63.45 -109.21
CA LEU K 546 31.82 63.91 -107.86
C LEU K 546 31.31 62.76 -107.02
N GLN K 547 30.17 62.20 -107.41
CA GLN K 547 29.54 61.17 -106.61
C GLN K 547 30.40 59.94 -106.37
N LYS K 548 31.31 59.61 -107.30
CA LYS K 548 32.18 58.46 -107.14
C LYS K 548 33.01 58.48 -105.86
N TRP K 549 33.23 59.66 -105.27
CA TRP K 549 34.00 59.74 -104.04
C TRP K 549 33.31 59.04 -102.89
N VAL K 550 32.00 58.86 -103.00
CA VAL K 550 31.23 58.18 -102.00
C VAL K 550 30.82 56.82 -102.49
N ARG K 551 30.32 56.77 -103.74
CA ARG K 551 29.82 55.52 -104.31
C ARG K 551 30.85 54.40 -104.26
N VAL K 552 32.13 54.71 -104.42
CA VAL K 552 33.20 53.72 -104.31
C VAL K 552 33.15 52.88 -103.03
N TYR K 553 32.64 53.46 -101.94
CA TYR K 553 32.57 52.78 -100.66
C TYR K 553 31.48 51.74 -100.63
N LEU K 554 30.55 51.83 -101.55
CA LEU K 554 29.43 50.95 -101.59
C LEU K 554 29.63 49.90 -102.67
N ASP K 555 30.17 50.34 -103.79
CA ASP K 555 30.36 49.46 -104.91
C ASP K 555 31.55 48.53 -104.76
N ARG K 556 32.63 49.01 -104.15
CA ARG K 556 33.79 48.16 -103.95
C ARG K 556 34.19 48.02 -102.49
N GLY K 557 33.51 48.74 -101.60
CA GLY K 557 33.83 48.68 -100.19
C GLY K 557 34.82 49.76 -99.79
N GLY L 34 57.34 -36.72 -34.29
CA GLY L 34 56.07 -36.02 -34.65
C GLY L 34 55.28 -35.96 -33.37
N PHE L 35 54.00 -36.35 -33.46
CA PHE L 35 53.15 -36.35 -32.27
C PHE L 35 52.07 -37.42 -32.27
N VAL L 36 51.97 -38.12 -31.15
CA VAL L 36 50.93 -39.13 -30.95
C VAL L 36 50.12 -38.82 -29.70
N ALA L 37 48.83 -38.68 -29.89
CA ALA L 37 47.92 -38.41 -28.79
C ALA L 37 47.56 -39.76 -28.14
N LYS L 38 47.40 -39.82 -26.83
CA LYS L 38 47.06 -41.08 -26.17
C LYS L 38 46.07 -40.72 -25.11
N ASP L 39 44.81 -40.80 -25.51
CA ASP L 39 43.73 -40.43 -24.64
C ASP L 39 43.85 -39.03 -24.03
N ASP L 40 44.23 -38.03 -24.83
CA ASP L 40 44.49 -36.73 -24.32
C ASP L 40 43.28 -35.86 -24.53
N SER L 41 43.11 -34.86 -23.68
CA SER L 41 41.95 -33.97 -23.92
C SER L 41 42.28 -33.10 -25.14
N LEU L 42 41.24 -32.64 -25.82
CA LEU L 42 41.36 -31.74 -26.93
C LEU L 42 41.71 -30.39 -26.44
N ARG L 43 41.38 -30.11 -25.22
CA ARG L 43 41.88 -28.92 -24.67
C ARG L 43 43.39 -28.97 -24.76
N THR L 44 44.00 -30.08 -24.34
CA THR L 44 45.47 -30.14 -24.33
C THR L 44 45.97 -30.17 -25.73
N PHE L 45 45.31 -31.00 -26.53
CA PHE L 45 45.70 -31.21 -27.91
C PHE L 45 45.68 -29.90 -28.67
N PHE L 46 44.63 -29.12 -28.56
CA PHE L 46 44.60 -27.92 -29.38
C PHE L 46 45.45 -26.79 -28.83
N ASP L 47 45.74 -26.85 -27.52
CA ASP L 47 46.73 -25.99 -26.92
C ASP L 47 48.12 -26.26 -27.45
N ALA L 48 48.43 -27.53 -27.72
CA ALA L 48 49.68 -27.90 -28.38
C ALA L 48 49.72 -27.30 -29.82
N MET L 49 48.58 -27.32 -30.49
CA MET L 49 48.52 -26.64 -31.80
C MET L 49 48.68 -25.14 -31.67
N ALA L 50 48.13 -24.57 -30.61
CA ALA L 50 48.32 -23.14 -30.37
C ALA L 50 49.76 -22.76 -30.09
N LEU L 51 50.54 -23.71 -29.54
CA LEU L 51 51.97 -23.48 -29.32
C LEU L 51 52.77 -23.71 -30.57
N GLN L 52 52.34 -24.65 -31.42
CA GLN L 52 53.10 -24.88 -32.66
C GLN L 52 52.80 -23.89 -33.76
N LEU L 53 51.55 -23.44 -33.81
CA LEU L 53 51.15 -22.51 -34.83
C LEU L 53 51.21 -21.09 -34.26
N LYS L 54 51.83 -20.24 -35.06
CA LYS L 54 51.96 -18.83 -34.74
C LYS L 54 50.60 -18.24 -34.36
N GLU L 55 49.62 -18.42 -35.26
CA GLU L 55 48.25 -17.98 -35.02
C GLU L 55 47.52 -18.62 -33.85
N PRO L 56 46.69 -17.85 -33.11
CA PRO L 56 46.01 -18.48 -32.02
C PRO L 56 45.12 -19.60 -32.55
N VAL L 57 44.97 -20.65 -31.78
CA VAL L 57 44.03 -21.70 -32.12
C VAL L 57 42.99 -21.61 -31.05
N ILE L 58 41.82 -21.05 -31.33
CA ILE L 58 40.80 -20.88 -30.28
C ILE L 58 39.72 -21.89 -30.52
N VAL L 59 39.33 -22.56 -29.43
CA VAL L 59 38.41 -23.68 -29.50
C VAL L 59 37.13 -23.37 -28.66
N SER L 60 36.00 -23.97 -29.00
CA SER L 60 34.83 -23.83 -28.14
C SER L 60 34.94 -24.79 -27.00
N LYS L 61 34.03 -24.66 -26.04
CA LYS L 61 33.97 -25.52 -24.90
C LYS L 61 33.83 -26.98 -25.36
N MET L 62 32.94 -27.20 -26.35
CA MET L 62 32.66 -28.51 -26.91
C MET L 62 33.83 -29.06 -27.66
N ALA L 63 34.53 -28.20 -28.39
CA ALA L 63 35.76 -28.60 -29.10
C ALA L 63 36.86 -29.04 -28.15
N ALA L 64 36.96 -28.44 -26.98
CA ALA L 64 37.93 -28.82 -25.91
C ALA L 64 37.53 -29.98 -25.01
N ARG L 65 36.24 -30.17 -24.85
CA ARG L 65 35.62 -31.19 -24.00
C ARG L 65 36.01 -32.66 -24.37
N LYS L 66 36.03 -32.99 -25.67
CA LYS L 66 36.27 -34.38 -26.05
C LYS L 66 37.77 -34.66 -26.02
N LYS L 67 38.13 -35.94 -26.21
CA LYS L 67 39.52 -36.40 -26.13
C LYS L 67 40.01 -36.86 -27.50
N ILE L 68 41.27 -37.28 -27.57
CA ILE L 68 41.82 -37.62 -28.88
C ILE L 68 42.91 -38.64 -28.74
N THR L 69 42.97 -39.60 -29.63
CA THR L 69 44.03 -40.60 -29.65
C THR L 69 44.48 -40.85 -31.07
N GLY L 70 45.78 -40.87 -31.32
CA GLY L 70 46.31 -41.15 -32.67
C GLY L 70 47.50 -40.29 -33.06
N ASN L 71 48.16 -40.68 -34.16
CA ASN L 71 49.32 -39.95 -34.62
C ASN L 71 48.88 -38.71 -35.37
N PHE L 72 49.04 -37.56 -34.74
CA PHE L 72 48.66 -36.24 -35.26
C PHE L 72 49.75 -35.20 -35.14
N GLU L 73 50.71 -35.35 -36.03
CA GLU L 73 51.85 -34.44 -36.13
C GLU L 73 51.29 -33.07 -36.44
N PHE L 74 51.94 -32.06 -35.87
CA PHE L 74 51.48 -30.68 -36.02
C PHE L 74 52.20 -29.97 -37.17
N HIS L 75 52.60 -30.70 -38.18
CA HIS L 75 53.33 -30.05 -39.27
C HIS L 75 52.42 -29.17 -40.11
N ASP L 76 51.10 -29.41 -40.08
CA ASP L 76 50.19 -28.60 -40.85
C ASP L 76 48.85 -28.63 -40.17
N PRO L 77 48.62 -27.68 -39.26
CA PRO L 77 47.40 -27.43 -38.45
C PRO L 77 46.11 -27.34 -39.26
N ASN L 78 46.21 -26.72 -40.42
CA ASN L 78 45.04 -26.57 -41.27
C ASN L 78 44.58 -27.86 -41.93
N ALA L 79 45.52 -28.59 -42.54
CA ALA L 79 45.24 -29.87 -43.12
C ALA L 79 44.95 -30.90 -42.01
N LEU L 80 45.54 -30.71 -40.84
CA LEU L 80 45.28 -31.58 -39.70
C LEU L 80 43.82 -31.48 -39.32
N LEU L 81 43.30 -30.25 -39.22
CA LEU L 81 41.91 -30.04 -38.89
C LEU L 81 40.97 -30.58 -39.95
N GLU L 82 41.39 -30.61 -41.21
CA GLU L 82 40.58 -31.25 -42.22
C GLU L 82 40.56 -32.76 -41.89
N LYS L 83 41.70 -33.31 -41.50
CA LYS L 83 41.66 -34.72 -41.10
C LYS L 83 40.80 -34.87 -39.84
N LEU L 84 40.81 -33.90 -38.94
CA LEU L 84 40.07 -34.09 -37.69
C LEU L 84 38.58 -33.85 -37.85
N SER L 85 38.15 -33.52 -39.06
CA SER L 85 36.72 -33.36 -39.35
C SER L 85 36.17 -34.78 -39.45
N LEU L 86 37.05 -35.75 -39.69
CA LEU L 86 36.70 -37.15 -39.71
C LEU L 86 37.13 -37.92 -38.48
N GLN L 87 38.25 -37.50 -37.89
CA GLN L 87 38.71 -38.20 -36.72
C GLN L 87 37.99 -37.71 -35.45
N LEU L 88 37.71 -36.42 -35.37
CA LEU L 88 37.01 -35.92 -34.21
C LEU L 88 35.57 -35.61 -34.52
N GLY L 89 35.35 -35.08 -35.72
CA GLY L 89 34.02 -34.60 -36.08
C GLY L 89 33.76 -33.16 -35.68
N LEU L 90 34.77 -32.33 -35.91
CA LEU L 90 34.74 -30.90 -35.56
C LEU L 90 34.78 -30.15 -36.85
N ILE L 91 34.36 -28.89 -36.79
CA ILE L 91 34.45 -27.98 -37.91
C ILE L 91 35.27 -26.77 -37.39
N TRP L 92 35.84 -26.04 -38.33
CA TRP L 92 36.84 -25.03 -38.01
C TRP L 92 36.80 -23.93 -39.02
N TYR L 93 37.41 -22.82 -38.65
CA TYR L 93 37.49 -21.66 -39.53
C TYR L 93 38.83 -20.92 -39.33
N PHE L 94 39.47 -20.47 -40.39
CA PHE L 94 40.73 -19.75 -40.28
C PHE L 94 40.53 -18.41 -40.92
N ASP L 95 40.59 -17.27 -40.19
CA ASP L 95 40.35 -15.96 -40.80
C ASP L 95 41.62 -15.30 -41.27
N GLY L 96 42.73 -16.03 -41.18
CA GLY L 96 44.05 -15.54 -41.67
C GLY L 96 44.89 -15.21 -40.45
N GLN L 97 44.24 -14.90 -39.35
CA GLN L 97 44.97 -14.54 -38.13
C GLN L 97 44.77 -15.49 -36.97
N ALA L 98 43.66 -16.21 -36.93
CA ALA L 98 43.41 -17.17 -35.85
C ALA L 98 42.44 -18.26 -36.29
N ILE L 99 42.57 -19.45 -35.70
CA ILE L 99 41.65 -20.57 -36.02
C ILE L 99 40.50 -20.69 -35.03
N TYR L 100 39.29 -21.00 -35.50
CA TYR L 100 38.10 -21.10 -34.59
C TYR L 100 37.45 -22.41 -34.77
N ILE L 101 37.61 -23.27 -33.76
CA ILE L 101 37.23 -24.67 -33.87
C ILE L 101 35.95 -24.89 -33.07
N TYR L 102 34.89 -25.32 -33.75
CA TYR L 102 33.65 -25.68 -33.06
C TYR L 102 33.35 -27.08 -33.36
N ASP L 103 32.44 -27.59 -32.59
CA ASP L 103 31.94 -28.94 -32.81
C ASP L 103 31.08 -28.92 -34.06
N ALA L 104 31.06 -30.03 -34.76
CA ALA L 104 30.25 -30.07 -35.96
C ALA L 104 28.76 -29.85 -35.65
N SER L 105 28.33 -30.17 -34.44
CA SER L 105 26.92 -29.97 -34.11
C SER L 105 26.63 -28.50 -33.83
N GLU L 106 27.69 -27.68 -33.76
CA GLU L 106 27.48 -26.25 -33.46
C GLU L 106 27.37 -25.41 -34.76
N MET L 107 27.34 -26.13 -35.89
CA MET L 107 27.16 -25.53 -37.16
C MET L 107 25.86 -24.73 -37.24
N ARG L 108 25.98 -23.56 -37.86
CA ARG L 108 24.88 -22.63 -38.03
C ARG L 108 24.47 -22.51 -39.48
N ASN L 109 23.23 -22.14 -39.70
CA ASN L 109 22.72 -21.89 -41.04
C ASN L 109 22.14 -20.50 -41.14
N ALA L 110 22.08 -19.98 -42.35
CA ALA L 110 21.43 -18.70 -42.45
C ALA L 110 20.92 -18.54 -43.82
N VAL L 111 19.84 -17.76 -43.86
CA VAL L 111 19.20 -17.34 -45.11
C VAL L 111 19.26 -15.83 -45.23
N VAL L 112 20.08 -15.34 -46.14
CA VAL L 112 20.32 -13.91 -46.18
C VAL L 112 20.09 -13.43 -47.57
N SER L 113 19.24 -12.40 -47.69
CA SER L 113 18.92 -11.73 -48.97
C SER L 113 20.10 -10.85 -49.34
N LEU L 114 20.28 -10.55 -50.62
CA LEU L 114 21.42 -9.75 -51.05
C LEU L 114 20.87 -8.72 -52.00
N ARG L 115 21.00 -7.43 -51.66
CA ARG L 115 20.37 -6.35 -52.40
C ARG L 115 21.27 -5.75 -53.49
N ASN L 116 22.39 -5.13 -53.10
CA ASN L 116 23.14 -4.28 -54.04
C ASN L 116 24.36 -4.95 -54.65
N VAL L 117 24.47 -6.24 -54.42
CA VAL L 117 25.60 -7.04 -54.82
C VAL L 117 25.05 -8.28 -55.48
N SER L 118 25.73 -8.67 -56.55
CA SER L 118 25.42 -9.86 -57.29
C SER L 118 25.87 -11.03 -56.47
N LEU L 119 25.15 -12.14 -56.59
CA LEU L 119 25.40 -13.26 -55.75
C LEU L 119 26.87 -13.79 -55.89
N ASN L 120 27.38 -13.88 -57.13
CA ASN L 120 28.75 -14.26 -57.35
C ASN L 120 29.73 -13.17 -56.96
N GLU L 121 29.36 -11.92 -57.20
CA GLU L 121 30.13 -10.78 -56.75
C GLU L 121 30.29 -10.79 -55.24
N PHE L 122 29.22 -11.12 -54.50
CA PHE L 122 29.34 -11.22 -53.03
C PHE L 122 30.40 -12.27 -52.59
N ASN L 123 30.34 -13.46 -53.16
CA ASN L 123 31.33 -14.52 -52.88
C ASN L 123 32.74 -14.05 -53.19
N ASN L 124 32.86 -13.33 -54.29
CA ASN L 124 34.16 -12.80 -54.65
C ASN L 124 34.63 -11.75 -53.70
N PHE L 125 33.71 -10.95 -53.19
CA PHE L 125 34.13 -9.95 -52.28
C PHE L 125 34.64 -10.60 -50.98
N LEU L 126 34.08 -11.72 -50.59
CA LEU L 126 34.61 -12.40 -49.41
C LEU L 126 35.96 -13.00 -49.68
N LYS L 127 36.22 -13.37 -50.94
CA LYS L 127 37.49 -13.95 -51.34
C LYS L 127 38.54 -12.82 -51.36
N ARG L 128 38.08 -11.61 -51.74
CA ARG L 128 38.87 -10.38 -51.80
C ARG L 128 39.23 -9.94 -50.39
N SER L 129 38.31 -10.16 -49.48
CA SER L 129 38.51 -9.96 -48.04
C SER L 129 39.48 -11.01 -47.47
N GLY L 130 39.42 -12.20 -48.04
CA GLY L 130 40.32 -13.28 -47.64
C GLY L 130 39.64 -13.98 -46.50
N LEU L 131 38.32 -13.93 -46.45
CA LEU L 131 37.63 -14.51 -45.29
C LEU L 131 36.85 -15.73 -45.70
N TYR L 132 36.57 -15.76 -46.99
CA TYR L 132 35.87 -16.85 -47.55
C TYR L 132 36.69 -18.13 -47.36
N ASN L 133 36.19 -18.99 -46.48
CA ASN L 133 36.68 -20.34 -46.32
C ASN L 133 36.05 -21.33 -47.29
N LYS L 134 36.85 -21.82 -48.26
CA LYS L 134 36.35 -22.70 -49.34
C LYS L 134 35.90 -24.07 -48.84
N ASN L 135 36.20 -24.41 -47.59
CA ASN L 135 35.70 -25.69 -47.08
C ASN L 135 34.26 -25.61 -46.70
N TYR L 136 33.68 -24.41 -46.69
CA TYR L 136 32.26 -24.28 -46.38
C TYR L 136 31.66 -23.31 -47.41
N PRO L 137 31.38 -23.87 -48.61
CA PRO L 137 30.83 -23.16 -49.76
C PRO L 137 29.51 -22.52 -49.44
N LEU L 138 29.31 -21.35 -50.01
CA LEU L 138 28.02 -20.71 -49.95
C LEU L 138 27.14 -21.13 -51.13
N ARG L 139 25.82 -21.10 -50.90
CA ARG L 139 24.89 -21.58 -51.92
C ARG L 139 24.11 -20.43 -52.50
N GLY L 140 24.19 -20.35 -53.82
CA GLY L 140 23.46 -19.32 -54.56
C GLY L 140 22.27 -19.89 -55.31
N ASP L 141 21.60 -19.06 -56.11
CA ASP L 141 20.44 -19.45 -56.92
C ASP L 141 20.25 -18.38 -58.01
N ASN L 142 20.44 -18.74 -59.27
CA ASN L 142 20.34 -17.73 -60.33
C ASN L 142 18.97 -17.05 -60.50
N ARG L 143 17.93 -17.65 -59.94
CA ARG L 143 16.58 -17.12 -60.09
C ARG L 143 16.00 -16.58 -58.79
N LYS L 144 16.84 -16.49 -57.75
CA LYS L 144 16.43 -16.00 -56.44
C LYS L 144 17.54 -15.11 -55.89
N GLY L 145 17.15 -13.92 -55.44
CA GLY L 145 18.12 -12.89 -54.94
C GLY L 145 18.64 -13.08 -53.51
N THR L 146 18.83 -14.33 -53.12
CA THR L 146 19.35 -14.68 -51.81
C THR L 146 20.47 -15.67 -51.96
N PHE L 147 21.08 -15.96 -50.79
CA PHE L 147 22.11 -16.98 -50.69
C PHE L 147 22.01 -17.62 -49.29
N TYR L 148 22.60 -18.81 -49.17
CA TYR L 148 22.48 -19.64 -47.97
C TYR L 148 23.89 -19.84 -47.42
N VAL L 149 23.95 -19.86 -46.11
CA VAL L 149 25.22 -19.87 -45.37
C VAL L 149 25.15 -21.10 -44.51
N SER L 150 26.22 -21.89 -44.51
CA SER L 150 26.38 -23.02 -43.59
C SER L 150 27.82 -23.04 -43.18
N GLY L 151 28.03 -23.35 -41.91
CA GLY L 151 29.40 -23.45 -41.43
C GLY L 151 29.52 -23.21 -39.96
N PRO L 152 30.76 -23.06 -39.48
CA PRO L 152 30.91 -22.80 -38.07
C PRO L 152 30.42 -21.40 -37.69
N PRO L 153 30.03 -21.22 -36.43
CA PRO L 153 29.50 -19.92 -36.01
C PRO L 153 30.28 -18.66 -36.41
N VAL L 154 31.61 -18.68 -36.36
CA VAL L 154 32.36 -17.55 -36.84
C VAL L 154 32.33 -17.42 -38.39
N TYR L 155 32.41 -18.50 -39.14
CA TYR L 155 32.27 -18.36 -40.59
C TYR L 155 30.90 -17.75 -40.91
N VAL L 156 29.87 -18.31 -40.31
CA VAL L 156 28.48 -17.94 -40.64
C VAL L 156 28.23 -16.50 -40.27
N ASP L 157 28.58 -16.14 -39.04
CA ASP L 157 28.40 -14.75 -38.60
C ASP L 157 29.21 -13.77 -39.47
N MET L 158 30.39 -14.16 -39.89
CA MET L 158 31.18 -13.33 -40.80
C MET L 158 30.40 -13.15 -42.09
N VAL L 159 29.92 -14.24 -42.68
CA VAL L 159 29.27 -14.07 -44.01
C VAL L 159 28.01 -13.24 -43.94
N VAL L 160 27.19 -13.56 -42.94
CA VAL L 160 25.92 -12.88 -42.77
C VAL L 160 26.08 -11.36 -42.52
N ASN L 161 27.00 -10.95 -41.63
CA ASN L 161 27.24 -9.52 -41.30
C ASN L 161 27.85 -8.84 -42.48
N ALA L 162 28.68 -9.57 -43.23
CA ALA L 162 29.36 -9.01 -44.36
C ALA L 162 28.39 -8.55 -45.41
N ALA L 163 27.31 -9.33 -45.62
CA ALA L 163 26.31 -9.00 -46.64
C ALA L 163 25.70 -7.67 -46.29
N THR L 164 25.41 -7.51 -45.00
CA THR L 164 24.85 -6.26 -44.55
C THR L 164 25.73 -5.05 -44.82
N MET L 165 27.02 -5.25 -44.51
CA MET L 165 28.03 -4.21 -44.66
C MET L 165 28.18 -3.88 -46.14
N MET L 166 28.20 -4.89 -47.00
CA MET L 166 28.33 -4.65 -48.43
C MET L 166 27.16 -3.92 -49.08
N ASP L 167 25.94 -4.22 -48.67
CA ASP L 167 24.87 -3.47 -49.26
C ASP L 167 24.93 -2.01 -48.81
N LYS L 168 25.42 -1.75 -47.59
CA LYS L 168 25.58 -0.38 -47.09
C LYS L 168 26.69 0.33 -47.88
N GLN L 169 27.73 -0.42 -48.23
CA GLN L 169 28.82 0.14 -49.01
C GLN L 169 28.43 0.32 -50.46
N ASN L 170 27.49 -0.49 -50.94
CA ASN L 170 27.07 -0.33 -52.32
C ASN L 170 25.72 0.27 -52.43
N ASP L 171 25.34 1.07 -51.44
CA ASP L 171 24.05 1.72 -51.42
C ASP L 171 24.02 2.96 -52.35
N GLY L 172 21.32 9.55 -76.28
CA GLY L 172 20.12 8.83 -75.88
C GLY L 172 19.09 9.77 -75.28
N ILE L 173 19.58 10.83 -74.65
CA ILE L 173 18.76 11.86 -74.02
C ILE L 173 18.16 11.34 -72.72
N GLU L 174 18.98 10.64 -71.94
CA GLU L 174 18.48 10.03 -70.71
C GLU L 174 19.20 10.54 -69.47
N LEU L 175 18.44 10.59 -68.37
CA LEU L 175 18.95 11.03 -67.08
C LEU L 175 18.28 10.21 -65.99
N GLY L 176 18.97 9.18 -65.52
CA GLY L 176 18.42 8.33 -64.50
C GLY L 176 17.24 7.55 -65.06
N ARG L 177 16.10 7.66 -64.40
CA ARG L 177 14.89 6.97 -64.84
C ARG L 177 14.04 7.80 -65.80
N GLN L 178 14.50 8.98 -66.19
CA GLN L 178 13.70 9.80 -67.09
C GLN L 178 14.43 10.16 -68.36
N LYS L 179 13.68 10.57 -69.36
CA LYS L 179 14.26 10.94 -70.63
C LYS L 179 13.33 11.79 -71.46
N ILE L 180 13.88 12.37 -72.52
CA ILE L 180 13.09 13.20 -73.40
C ILE L 180 13.12 12.67 -74.82
N GLY L 181 11.95 12.51 -75.41
CA GLY L 181 11.86 12.03 -76.78
C GLY L 181 11.48 13.14 -77.72
N VAL L 182 12.17 13.21 -78.85
CA VAL L 182 11.88 14.21 -79.87
C VAL L 182 11.16 13.53 -80.99
N MET L 183 9.93 13.94 -81.27
CA MET L 183 9.13 13.27 -82.26
C MET L 183 8.72 14.17 -83.39
N ARG L 184 9.37 14.03 -84.53
CA ARG L 184 9.03 14.86 -85.69
C ARG L 184 7.81 14.31 -86.38
N LEU L 185 6.86 15.18 -86.70
CA LEU L 185 5.70 14.69 -87.43
C LEU L 185 5.97 14.83 -88.90
N ASN L 186 5.60 13.82 -89.66
CA ASN L 186 5.90 13.83 -91.07
C ASN L 186 4.69 14.07 -91.96
N ASN L 187 3.52 13.64 -91.53
CA ASN L 187 2.34 13.81 -92.35
C ASN L 187 1.40 14.90 -91.86
N THR L 188 1.82 15.68 -90.86
CA THR L 188 0.96 16.75 -90.40
C THR L 188 1.73 17.89 -89.74
N PHE L 189 1.01 18.83 -89.16
CA PHE L 189 1.59 20.01 -88.55
C PHE L 189 1.36 20.10 -87.06
N VAL L 190 2.40 20.52 -86.35
CA VAL L 190 2.28 20.78 -84.92
C VAL L 190 1.77 22.18 -84.73
N GLY L 191 0.68 22.34 -84.00
CA GLY L 191 0.14 23.67 -83.76
C GLY L 191 -1.32 23.77 -84.15
N ASP L 192 -1.91 24.93 -83.89
CA ASP L 192 -3.31 25.15 -84.17
C ASP L 192 -3.52 25.91 -85.48
N ARG L 193 -4.65 25.65 -86.13
CA ARG L 193 -4.98 26.31 -87.39
C ARG L 193 -6.01 27.41 -87.15
N THR L 194 -5.69 28.61 -87.60
CA THR L 194 -6.60 29.73 -87.38
C THR L 194 -7.01 30.38 -88.69
N TYR L 195 -8.30 30.68 -88.82
CA TYR L 195 -8.79 31.33 -90.02
C TYR L 195 -9.98 32.23 -89.72
N ASN L 196 -10.24 33.14 -90.65
CA ASN L 196 -11.35 34.06 -90.46
C ASN L 196 -12.51 33.83 -91.40
N LEU L 197 -13.70 34.10 -90.89
CA LEU L 197 -14.94 34.03 -91.63
C LEU L 197 -15.57 35.38 -91.59
N ARG L 198 -14.95 36.33 -92.30
CA ARG L 198 -15.47 37.67 -92.35
C ARG L 198 -15.36 38.35 -91.00
N ASP L 199 -16.44 38.29 -90.23
CA ASP L 199 -16.52 38.96 -88.96
C ASP L 199 -16.10 38.12 -87.75
N GLN L 200 -15.69 36.87 -87.97
CA GLN L 200 -15.28 36.07 -86.80
C GLN L 200 -14.07 35.19 -87.06
N LYS L 201 -13.37 34.87 -85.98
CA LYS L 201 -12.16 34.06 -86.03
C LYS L 201 -12.38 32.66 -85.48
N MET L 202 -11.95 31.67 -86.26
CA MET L 202 -12.09 30.27 -85.89
C MET L 202 -10.74 29.64 -85.57
N VAL L 203 -10.72 28.73 -84.60
CA VAL L 203 -9.47 28.04 -84.25
C VAL L 203 -9.65 26.54 -84.15
N ILE L 204 -8.77 25.81 -84.83
CA ILE L 204 -8.78 24.36 -84.82
C ILE L 204 -7.56 23.85 -84.06
N PRO L 205 -7.75 23.12 -82.96
CA PRO L 205 -6.71 22.60 -82.10
C PRO L 205 -5.95 21.51 -82.81
N GLY L 206 -4.63 21.49 -82.62
CA GLY L 206 -3.81 20.47 -83.24
C GLY L 206 -3.52 19.30 -82.31
N ILE L 207 -2.60 18.45 -82.75
CA ILE L 207 -2.22 17.24 -82.02
C ILE L 207 -1.56 17.51 -80.69
N ALA L 208 -0.87 18.63 -80.56
CA ALA L 208 -0.20 18.95 -79.32
C ALA L 208 -1.22 19.17 -78.23
N THR L 209 -2.25 19.94 -78.56
CA THR L 209 -3.31 20.23 -77.63
C THR L 209 -4.12 19.00 -77.30
N ALA L 210 -4.46 18.22 -78.32
CA ALA L 210 -5.25 17.02 -78.12
C ALA L 210 -4.58 16.06 -77.15
N ILE L 211 -3.30 15.76 -77.38
CA ILE L 211 -2.60 14.85 -76.51
C ILE L 211 -2.45 15.39 -75.11
N GLU L 212 -2.09 16.67 -75.01
CA GLU L 212 -1.94 17.29 -73.70
C GLU L 212 -3.17 17.13 -72.85
N ARG L 213 -4.34 17.42 -73.43
CA ARG L 213 -5.58 17.31 -72.71
C ARG L 213 -5.88 15.88 -72.32
N LEU L 214 -5.58 14.95 -73.20
CA LEU L 214 -5.82 13.55 -72.93
C LEU L 214 -5.05 13.05 -71.74
N LEU L 215 -3.76 13.36 -71.70
CA LEU L 215 -2.92 12.90 -70.62
C LEU L 215 -3.18 13.63 -69.31
N GLN L 216 -3.48 14.93 -69.41
CA GLN L 216 -3.72 15.72 -68.21
C GLN L 216 -5.20 16.01 -68.04
N ILE L 267 3.17 12.79 -67.44
CA ILE L 267 3.94 13.01 -68.66
C ILE L 267 3.86 14.45 -69.10
N LYS L 268 5.00 15.04 -69.44
CA LYS L 268 5.04 16.42 -69.86
C LYS L 268 5.31 16.53 -71.34
N ILE L 269 4.39 17.14 -72.09
CA ILE L 269 4.62 17.28 -73.52
C ILE L 269 4.54 18.71 -73.98
N VAL L 270 5.59 19.15 -74.66
CA VAL L 270 5.69 20.50 -75.16
C VAL L 270 5.92 20.55 -76.66
N ALA L 271 5.13 21.34 -77.35
CA ALA L 271 5.26 21.50 -78.79
C ALA L 271 6.48 22.31 -79.15
N TYR L 272 7.08 21.98 -80.29
CA TYR L 272 8.22 22.74 -80.77
C TYR L 272 8.14 22.93 -82.29
N PRO L 273 7.37 23.94 -82.71
CA PRO L 273 7.03 24.36 -84.06
C PRO L 273 8.21 24.47 -84.98
N ASP L 274 9.32 24.95 -84.47
CA ASP L 274 10.51 25.16 -85.28
C ASP L 274 10.95 23.93 -86.06
N THR L 275 10.77 22.75 -85.48
CA THR L 275 11.16 21.51 -86.15
C THR L 275 9.98 20.60 -86.36
N ASN L 276 8.78 21.16 -86.25
CA ASN L 276 7.51 20.44 -86.39
C ASN L 276 7.53 19.19 -85.56
N SER L 277 7.86 19.32 -84.28
CA SER L 277 7.98 18.15 -83.46
C SER L 277 7.50 18.32 -82.04
N LEU L 278 7.37 17.21 -81.34
CA LEU L 278 6.94 17.20 -79.96
C LEU L 278 8.06 16.80 -79.03
N LEU L 279 8.06 17.38 -77.84
CA LEU L 279 9.03 17.07 -76.81
C LEU L 279 8.34 16.33 -75.68
N VAL L 280 8.60 15.03 -75.57
CA VAL L 280 7.93 14.22 -74.56
C VAL L 280 8.84 13.84 -73.41
N LYS L 281 8.53 14.30 -72.21
CA LYS L 281 9.37 14.01 -71.05
C LYS L 281 8.68 13.06 -70.07
N GLY L 282 9.38 12.00 -69.70
CA GLY L 282 8.85 11.02 -68.76
C GLY L 282 9.78 9.81 -68.64
N THR L 283 9.24 8.68 -68.22
CA THR L 283 10.08 7.49 -68.11
C THR L 283 10.21 6.88 -69.47
N ALA L 284 11.15 5.95 -69.61
CA ALA L 284 11.37 5.31 -70.89
C ALA L 284 10.11 4.67 -71.42
N GLU L 285 9.35 4.03 -70.54
CA GLU L 285 8.12 3.38 -70.94
C GLU L 285 7.07 4.39 -71.33
N GLN L 286 6.99 5.49 -70.58
CA GLN L 286 6.03 6.53 -70.89
C GLN L 286 6.30 7.18 -72.23
N VAL L 287 7.58 7.42 -72.52
CA VAL L 287 7.94 8.02 -73.79
C VAL L 287 7.60 7.08 -74.93
N HIS L 288 7.94 5.81 -74.79
CA HIS L 288 7.63 4.80 -75.81
C HIS L 288 6.14 4.73 -76.09
N PHE L 289 5.37 4.74 -75.02
CA PHE L 289 3.91 4.73 -75.10
C PHE L 289 3.39 5.87 -75.96
N ILE L 290 3.86 7.07 -75.67
CA ILE L 290 3.44 8.23 -76.45
C ILE L 290 3.92 8.15 -77.87
N GLU L 291 5.14 7.66 -78.07
CA GLU L 291 5.71 7.50 -79.40
C GLU L 291 4.78 6.73 -80.30
N MET L 292 4.30 5.60 -79.81
CA MET L 292 3.42 4.77 -80.59
C MET L 292 2.12 5.49 -80.92
N LEU L 293 1.58 6.22 -79.93
CA LEU L 293 0.35 6.98 -80.15
C LEU L 293 0.51 7.94 -81.30
N VAL L 294 1.61 8.67 -81.29
CA VAL L 294 1.90 9.62 -82.33
C VAL L 294 1.98 8.95 -83.69
N LYS L 295 2.67 7.83 -83.76
CA LYS L 295 2.78 7.12 -85.03
C LYS L 295 1.43 6.69 -85.56
N ALA L 296 0.52 6.31 -84.68
CA ALA L 296 -0.83 5.93 -85.08
C ALA L 296 -1.58 7.11 -85.69
N LEU L 297 -1.42 8.29 -85.12
CA LEU L 297 -2.15 9.46 -85.59
C LEU L 297 -1.53 10.16 -86.81
N ASP L 298 -0.21 10.15 -86.91
CA ASP L 298 0.52 10.84 -87.98
C ASP L 298 0.39 10.18 -89.36
N VAL L 299 -0.76 10.35 -90.01
CA VAL L 299 -0.99 9.73 -91.32
C VAL L 299 -1.30 10.76 -92.42
N ALA L 300 -1.03 10.37 -93.65
CA ALA L 300 -1.20 11.22 -94.83
C ALA L 300 -2.65 11.45 -95.19
N LYS L 301 -2.91 12.60 -95.82
CA LYS L 301 -4.26 12.97 -96.24
C LYS L 301 -4.40 13.11 -97.75
N ARG L 302 -5.56 12.72 -98.25
CA ARG L 302 -5.90 12.86 -99.67
C ARG L 302 -6.52 14.23 -99.94
N HIS L 303 -6.55 14.61 -101.20
CA HIS L 303 -7.12 15.91 -101.56
C HIS L 303 -8.49 15.79 -102.15
N VAL L 304 -9.32 16.78 -101.86
CA VAL L 304 -10.69 16.82 -102.35
C VAL L 304 -10.97 18.11 -103.09
N GLU L 305 -11.44 18.01 -104.32
CA GLU L 305 -11.80 19.19 -105.08
C GLU L 305 -13.29 19.34 -105.11
N LEU L 306 -13.75 20.53 -104.74
CA LEU L 306 -15.16 20.83 -104.69
C LEU L 306 -15.61 21.80 -105.76
N SER L 307 -16.62 21.43 -106.53
CA SER L 307 -17.17 22.33 -107.52
C SER L 307 -18.63 22.61 -107.23
N LEU L 308 -18.98 23.89 -107.23
CA LEU L 308 -20.35 24.32 -107.00
C LEU L 308 -20.93 24.89 -108.27
N TRP L 309 -22.07 24.37 -108.69
CA TRP L 309 -22.70 24.88 -109.88
C TRP L 309 -23.90 25.71 -109.50
N ILE L 310 -23.94 26.95 -109.97
CA ILE L 310 -25.08 27.80 -109.70
C ILE L 310 -25.72 28.21 -111.01
N VAL L 311 -26.95 27.77 -111.23
CA VAL L 311 -27.62 28.07 -112.48
C VAL L 311 -28.84 28.93 -112.27
N ASP L 312 -28.94 30.01 -113.03
CA ASP L 312 -30.05 30.94 -112.92
C ASP L 312 -30.66 31.30 -114.27
N LEU L 313 -31.88 30.84 -114.52
CA LEU L 313 -32.57 31.10 -115.78
C LEU L 313 -33.78 32.02 -115.60
N ASN L 314 -33.96 32.96 -116.53
CA ASN L 314 -35.09 33.88 -116.47
C ASN L 314 -35.79 34.06 -117.81
N LYS L 315 -37.10 34.08 -117.78
CA LYS L 315 -37.89 34.28 -118.98
C LYS L 315 -39.10 35.15 -118.70
N SER L 316 -39.38 36.13 -119.56
CA SER L 316 -40.58 36.93 -119.33
C SER L 316 -41.25 37.40 -120.61
N ASP L 317 -42.51 37.80 -120.48
CA ASP L 317 -43.33 38.23 -121.60
C ASP L 317 -44.37 39.27 -121.18
N LEU L 318 -44.13 40.52 -121.56
CA LEU L 318 -44.99 41.64 -121.20
C LEU L 318 -45.75 42.22 -122.38
N GLU L 319 -47.05 42.38 -122.21
CA GLU L 319 -47.84 43.00 -123.27
C GLU L 319 -48.74 44.09 -122.71
N ARG L 320 -48.64 45.29 -123.27
CA ARG L 320 -49.48 46.39 -122.84
C ARG L 320 -50.13 47.07 -124.02
N LEU L 321 -51.45 47.17 -124.03
CA LEU L 321 -52.08 47.83 -125.15
C LEU L 321 -53.43 48.44 -124.83
N GLY L 322 -53.55 49.74 -125.06
CA GLY L 322 -54.84 50.40 -124.87
C GLY L 322 -54.70 51.83 -124.40
N THR L 323 -55.80 52.36 -123.86
CA THR L 323 -55.78 53.73 -123.39
C THR L 323 -56.35 53.90 -121.99
N SER L 324 -56.15 55.08 -121.42
CA SER L 324 -56.70 55.42 -120.11
C SER L 324 -57.12 56.88 -120.07
N TRP L 325 -58.38 57.12 -119.72
CA TRP L 325 -58.91 58.47 -119.74
C TRP L 325 -59.17 59.05 -118.37
N SER L 326 -58.65 60.25 -118.14
CA SER L 326 -58.92 60.95 -116.88
C SER L 326 -58.55 62.42 -117.01
N GLY L 327 -59.08 63.24 -116.12
CA GLY L 327 -58.73 64.66 -116.16
C GLY L 327 -59.90 65.57 -115.87
N SER L 328 -59.85 66.81 -116.34
CA SER L 328 -60.96 67.70 -116.07
C SER L 328 -61.14 68.86 -117.03
N ILE L 329 -62.17 69.65 -116.74
CA ILE L 329 -62.48 70.83 -117.54
C ILE L 329 -63.35 71.85 -116.84
N THR L 330 -63.04 73.13 -117.04
CA THR L 330 -63.88 74.21 -116.56
C THR L 330 -64.86 74.62 -117.64
N ILE L 331 -66.15 74.65 -117.30
CA ILE L 331 -67.17 75.00 -118.27
C ILE L 331 -67.96 76.24 -117.90
N GLY L 332 -67.78 77.29 -118.70
CA GLY L 332 -68.54 78.53 -118.57
C GLY L 332 -68.32 79.27 -117.27
N ASP L 333 -67.23 78.95 -116.55
CA ASP L 333 -66.95 79.53 -115.25
C ASP L 333 -68.13 79.38 -114.27
N LYS L 334 -68.91 78.31 -114.43
CA LYS L 334 -70.06 78.09 -113.55
C LYS L 334 -70.08 76.67 -113.04
N LEU L 335 -69.46 75.76 -113.77
CA LEU L 335 -69.36 74.40 -113.33
C LEU L 335 -68.17 73.72 -113.98
N GLY L 336 -67.76 72.59 -113.46
CA GLY L 336 -66.66 71.87 -114.06
C GLY L 336 -66.92 70.38 -113.98
N VAL L 337 -66.13 69.61 -114.71
CA VAL L 337 -66.30 68.17 -114.76
C VAL L 337 -65.02 67.43 -114.49
N SER L 338 -65.11 66.40 -113.66
CA SER L 338 -63.94 65.57 -113.35
C SER L 338 -64.14 64.18 -113.88
N LEU L 339 -63.13 63.64 -114.54
CA LEU L 339 -63.27 62.30 -115.10
C LEU L 339 -62.42 61.29 -114.38
N ASN L 340 -63.08 60.27 -113.85
CA ASN L 340 -62.46 59.17 -113.14
C ASN L 340 -61.58 59.62 -112.00
N GLN L 341 -62.20 60.36 -111.08
CA GLN L 341 -61.56 60.85 -109.87
C GLN L 341 -60.27 61.61 -110.11
N SER L 342 -60.31 62.58 -111.00
CA SER L 342 -59.11 63.37 -111.25
C SER L 342 -58.89 64.31 -110.08
N SER L 343 -57.68 64.85 -109.94
CA SER L 343 -57.34 65.72 -108.81
C SER L 343 -57.75 67.16 -109.07
N ILE L 344 -59.05 67.40 -109.12
CA ILE L 344 -59.72 68.68 -109.39
C ILE L 344 -59.08 69.91 -108.77
N SER L 345 -58.42 69.78 -107.62
CA SER L 345 -57.78 70.92 -106.97
C SER L 345 -56.79 71.63 -107.90
N THR L 346 -56.22 70.90 -108.86
CA THR L 346 -55.33 71.47 -109.86
C THR L 346 -55.91 71.24 -111.26
N LEU L 347 -56.60 70.11 -111.43
CA LEU L 347 -57.18 69.72 -112.72
C LEU L 347 -58.26 70.69 -113.20
N ASP L 348 -58.88 71.43 -112.29
CA ASP L 348 -59.84 72.47 -112.62
C ASP L 348 -59.31 73.41 -113.72
N GLY L 349 -58.01 73.73 -113.67
CA GLY L 349 -57.41 74.61 -114.65
C GLY L 349 -56.57 73.86 -115.69
N SER L 350 -56.90 72.60 -115.93
CA SER L 350 -56.16 71.78 -116.88
C SER L 350 -57.02 71.24 -118.03
N ARG L 351 -56.84 69.95 -118.34
CA ARG L 351 -57.53 69.34 -119.45
C ARG L 351 -57.67 67.83 -119.29
N PHE L 352 -58.23 67.14 -120.29
CA PHE L 352 -58.35 65.69 -120.18
C PHE L 352 -57.17 65.00 -120.82
N ILE L 353 -56.66 63.98 -120.16
CA ILE L 353 -55.52 63.25 -120.69
C ILE L 353 -55.90 61.85 -121.15
N ALA L 354 -55.42 61.53 -122.34
CA ALA L 354 -55.61 60.22 -122.94
C ALA L 354 -54.27 59.49 -122.95
N ALA L 355 -54.03 58.69 -121.93
CA ALA L 355 -52.80 57.95 -121.91
C ALA L 355 -52.93 56.80 -122.88
N VAL L 356 -51.88 56.53 -123.63
CA VAL L 356 -51.89 55.45 -124.59
C VAL L 356 -50.68 54.56 -124.44
N ASN L 357 -50.91 53.28 -124.20
CA ASN L 357 -49.81 52.34 -124.08
C ASN L 357 -49.80 51.39 -125.26
N ALA L 358 -48.62 51.02 -125.69
CA ALA L 358 -48.48 50.09 -126.80
C ALA L 358 -47.09 49.52 -126.80
N LEU L 359 -46.91 48.41 -126.10
CA LEU L 359 -45.62 47.80 -125.99
C LEU L 359 -45.63 46.30 -125.82
N GLU L 360 -44.83 45.63 -126.63
CA GLU L 360 -44.62 44.21 -126.47
C GLU L 360 -43.17 43.99 -126.06
N GLU L 361 -42.95 43.17 -125.04
CA GLU L 361 -41.59 42.93 -124.59
C GLU L 361 -41.27 41.48 -124.27
N LYS L 362 -40.23 40.97 -124.90
CA LYS L 362 -39.73 39.64 -124.63
C LYS L 362 -38.38 39.72 -123.96
N LYS L 363 -38.13 38.83 -122.99
CA LYS L 363 -36.83 38.86 -122.34
C LYS L 363 -36.34 37.48 -121.92
N GLN L 364 -35.05 37.26 -122.13
CA GLN L 364 -34.42 36.00 -121.77
C GLN L 364 -33.05 36.19 -121.16
N ALA L 365 -32.75 35.44 -120.10
CA ALA L 365 -31.43 35.56 -119.51
C ALA L 365 -30.94 34.27 -118.88
N THR L 366 -29.63 34.07 -118.93
CA THR L 366 -29.04 32.91 -118.28
C THR L 366 -27.69 33.23 -117.66
N VAL L 367 -27.48 32.71 -116.46
CA VAL L 367 -26.21 32.87 -115.76
C VAL L 367 -25.74 31.57 -115.13
N VAL L 368 -24.49 31.22 -115.40
CA VAL L 368 -23.89 30.05 -114.78
C VAL L 368 -22.62 30.44 -114.04
N SER L 369 -22.60 30.15 -112.76
CA SER L 369 -21.44 30.47 -111.94
C SER L 369 -20.83 29.23 -111.33
N ARG L 370 -19.51 29.14 -111.34
CA ARG L 370 -18.85 27.97 -110.81
C ARG L 370 -17.62 28.23 -109.96
N PRO L 371 -17.79 28.25 -108.64
CA PRO L 371 -16.73 28.30 -107.64
C PRO L 371 -16.00 26.97 -107.56
N VAL L 372 -14.68 27.01 -107.45
CA VAL L 372 -13.87 25.81 -107.32
C VAL L 372 -12.91 25.91 -106.15
N LEU L 373 -12.90 24.90 -105.28
CA LEU L 373 -12.05 24.95 -104.09
C LEU L 373 -11.36 23.62 -103.75
N LEU L 374 -10.03 23.65 -103.60
CA LEU L 374 -9.26 22.46 -103.25
C LEU L 374 -8.84 22.42 -101.78
N THR L 375 -9.07 21.28 -101.13
CA THR L 375 -8.67 21.06 -99.75
C THR L 375 -8.24 19.62 -99.50
N GLN L 376 -8.17 19.26 -98.23
CA GLN L 376 -7.78 17.91 -97.82
C GLN L 376 -8.78 17.31 -96.87
N GLU L 377 -8.68 16.00 -96.68
CA GLU L 377 -9.55 15.28 -95.79
C GLU L 377 -9.60 15.92 -94.43
N ASN L 378 -10.81 16.20 -93.94
CA ASN L 378 -11.02 16.77 -92.62
C ASN L 378 -10.47 18.18 -92.45
N VAL L 379 -10.19 18.89 -93.54
CA VAL L 379 -9.69 20.26 -93.43
C VAL L 379 -10.67 21.30 -93.98
N PRO L 380 -11.30 22.09 -93.09
CA PRO L 380 -12.23 23.17 -93.35
C PRO L 380 -11.63 24.16 -94.31
N ALA L 381 -12.27 24.32 -95.46
CA ALA L 381 -11.76 25.23 -96.46
C ALA L 381 -12.73 26.35 -96.72
N ILE L 382 -12.18 27.52 -96.98
CA ILE L 382 -13.00 28.70 -97.19
C ILE L 382 -12.74 29.40 -98.50
N PHE L 383 -13.83 29.68 -99.22
CA PHE L 383 -13.76 30.44 -100.45
C PHE L 383 -14.73 31.59 -100.37
N ASP L 384 -14.24 32.82 -100.49
CA ASP L 384 -15.15 33.94 -100.37
C ASP L 384 -14.86 35.04 -101.38
N ASN L 385 -15.72 35.18 -102.36
CA ASN L 385 -15.61 36.23 -103.36
C ASN L 385 -16.65 37.29 -103.03
N ASN L 386 -16.23 38.44 -102.50
CA ASN L 386 -17.23 39.38 -102.05
C ASN L 386 -16.93 40.83 -102.33
N ARG L 387 -17.89 41.67 -101.98
CA ARG L 387 -17.72 43.11 -102.07
C ARG L 387 -18.15 43.75 -100.77
N THR L 388 -17.48 44.83 -100.42
CA THR L 388 -17.82 45.51 -99.19
C THR L 388 -18.10 46.99 -99.39
N PHE L 389 -19.25 47.39 -98.88
CA PHE L 389 -19.73 48.75 -98.91
C PHE L 389 -19.46 49.44 -97.60
N TYR L 390 -18.73 50.55 -97.63
CA TYR L 390 -18.41 51.26 -96.40
C TYR L 390 -19.25 52.52 -96.22
N THR L 391 -19.53 52.87 -94.97
CA THR L 391 -20.26 54.08 -94.65
C THR L 391 -19.83 54.69 -93.33
N LYS L 392 -19.98 56.02 -93.23
CA LYS L 392 -19.61 56.72 -92.02
C LYS L 392 -20.73 56.83 -91.01
N LEU L 393 -20.38 56.68 -89.75
CA LEU L 393 -21.29 56.88 -88.64
C LEU L 393 -20.75 57.94 -87.70
N ILE L 394 -20.18 59.00 -88.26
CA ILE L 394 -19.63 60.04 -87.42
C ILE L 394 -20.71 60.77 -86.66
N GLY L 395 -20.94 60.34 -85.44
CA GLY L 395 -21.89 61.04 -84.60
C GLY L 395 -21.15 62.11 -83.85
N GLU L 396 -21.79 62.64 -82.84
CA GLU L 396 -21.15 63.65 -82.05
C GLU L 396 -20.32 63.01 -80.96
N ARG L 397 -20.84 62.03 -80.24
CA ARG L 397 -19.99 61.38 -79.26
C ARG L 397 -19.25 60.25 -79.90
N ASN L 398 -20.00 59.24 -80.31
CA ASN L 398 -19.40 58.06 -80.90
C ASN L 398 -19.32 58.20 -82.40
N VAL L 399 -18.19 57.79 -82.92
CA VAL L 399 -17.93 57.82 -84.34
C VAL L 399 -17.47 56.46 -84.78
N ALA L 400 -17.72 56.12 -86.02
CA ALA L 400 -17.30 54.80 -86.50
C ALA L 400 -17.52 54.63 -87.98
N LEU L 401 -16.97 53.56 -88.50
CA LEU L 401 -17.24 53.15 -89.86
C LEU L 401 -17.93 51.82 -89.80
N GLU L 402 -18.85 51.62 -90.71
CA GLU L 402 -19.53 50.34 -90.78
C GLU L 402 -19.61 49.88 -92.19
N HIS L 403 -19.94 48.62 -92.36
CA HIS L 403 -19.97 48.12 -93.70
C HIS L 403 -20.89 46.97 -93.94
N VAL L 404 -21.19 46.76 -95.21
CA VAL L 404 -22.04 45.68 -95.65
C VAL L 404 -21.28 44.78 -96.60
N THR L 405 -21.12 43.53 -96.23
CA THR L 405 -20.40 42.59 -97.06
C THR L 405 -21.31 41.52 -97.62
N TYR L 406 -21.18 41.27 -98.91
CA TYR L 406 -21.97 40.24 -99.56
C TYR L 406 -21.26 39.67 -100.76
N GLY L 407 -21.64 38.46 -101.16
CA GLY L 407 -21.01 37.83 -102.30
C GLY L 407 -21.17 36.32 -102.30
N THR L 408 -20.24 35.63 -102.93
CA THR L 408 -20.27 34.17 -103.02
C THR L 408 -19.39 33.54 -101.98
N MET L 409 -19.98 32.76 -101.08
CA MET L 409 -19.16 32.17 -100.04
C MET L 409 -19.41 30.69 -99.82
N ILE L 410 -18.32 29.95 -99.69
CA ILE L 410 -18.40 28.53 -99.43
C ILE L 410 -17.56 28.11 -98.25
N ARG L 411 -18.18 27.45 -97.29
CA ARG L 411 -17.43 26.86 -96.20
C ARG L 411 -17.67 25.37 -96.27
N VAL L 412 -16.61 24.58 -96.31
CA VAL L 412 -16.82 23.16 -96.45
C VAL L 412 -15.88 22.26 -95.70
N LEU L 413 -16.45 21.20 -95.14
CA LEU L 413 -15.69 20.17 -94.47
C LEU L 413 -15.96 18.80 -95.08
N PRO L 414 -15.05 18.29 -95.92
CA PRO L 414 -15.11 17.03 -96.63
C PRO L 414 -14.65 15.88 -95.79
N ARG L 415 -15.20 14.70 -96.06
CA ARG L 415 -14.81 13.53 -95.32
C ARG L 415 -15.13 12.24 -96.06
N PHE L 416 -14.13 11.37 -96.21
CA PHE L 416 -14.38 10.10 -96.88
C PHE L 416 -14.99 9.07 -95.96
N SER L 417 -15.91 8.29 -96.52
CA SER L 417 -16.57 7.23 -95.77
C SER L 417 -16.01 5.87 -96.14
N ALA L 418 -16.62 4.84 -95.58
CA ALA L 418 -16.18 3.47 -95.77
C ALA L 418 -16.25 3.03 -97.22
N ASP L 419 -17.25 3.52 -97.94
CA ASP L 419 -17.44 3.16 -99.33
C ASP L 419 -16.77 4.10 -100.32
N GLY L 420 -15.92 5.01 -99.83
CA GLY L 420 -15.28 5.96 -100.71
C GLY L 420 -16.20 7.13 -101.04
N GLN L 421 -17.28 7.25 -100.28
CA GLN L 421 -18.23 8.32 -100.48
C GLN L 421 -17.70 9.58 -99.84
N ILE L 422 -18.11 10.73 -100.32
CA ILE L 422 -17.63 11.95 -99.73
C ILE L 422 -18.74 12.74 -99.06
N GLU L 423 -18.66 12.90 -97.75
CA GLU L 423 -19.66 13.69 -97.08
C GLU L 423 -19.14 15.07 -96.85
N MET L 424 -20.01 16.04 -97.01
CA MET L 424 -19.60 17.41 -96.84
C MET L 424 -20.53 18.22 -96.00
N SER L 425 -19.96 18.98 -95.08
CA SER L 425 -20.75 19.96 -94.37
C SER L 425 -20.73 21.17 -95.25
N LEU L 426 -21.89 21.68 -95.63
CA LEU L 426 -21.93 22.79 -96.57
C LEU L 426 -22.64 24.04 -96.11
N ASP L 427 -21.93 25.16 -96.20
CA ASP L 427 -22.55 26.46 -95.97
C ASP L 427 -22.36 27.28 -97.23
N ILE L 428 -23.46 27.71 -97.83
CA ILE L 428 -23.41 28.43 -99.08
C ILE L 428 -24.13 29.77 -99.05
N GLU L 429 -23.44 30.82 -99.48
CA GLU L 429 -24.07 32.12 -99.64
C GLU L 429 -23.97 32.63 -101.05
N ASP L 430 -25.09 33.10 -101.57
CA ASP L 430 -25.11 33.76 -102.87
C ASP L 430 -25.75 35.12 -102.72
N GLY L 431 -24.92 36.14 -102.50
CA GLY L 431 -25.45 37.48 -102.31
C GLY L 431 -25.21 38.39 -103.50
N ASN L 432 -26.06 39.41 -103.63
CA ASN L 432 -25.94 40.37 -104.71
C ASN L 432 -26.53 41.73 -104.33
N ASP L 433 -26.37 42.68 -105.24
CA ASP L 433 -26.84 44.04 -105.03
C ASP L 433 -28.14 44.34 -105.76
N LYS L 434 -29.24 44.42 -105.02
CA LYS L 434 -30.52 44.78 -105.61
C LYS L 434 -30.65 46.29 -105.60
N THR L 435 -31.19 46.87 -106.67
CA THR L 435 -31.29 48.32 -106.68
C THR L 435 -32.70 48.80 -106.99
N PRO L 436 -33.04 50.00 -106.53
CA PRO L 436 -34.24 50.76 -106.76
C PRO L 436 -34.12 51.52 -108.07
N GLN L 437 -35.14 52.28 -108.42
CA GLN L 437 -35.07 53.07 -109.64
C GLN L 437 -33.92 54.06 -109.53
N SER L 438 -32.97 53.95 -110.47
CA SER L 438 -31.76 54.78 -110.50
C SER L 438 -32.01 56.27 -110.70
N ASP L 439 -33.23 56.62 -111.10
CA ASP L 439 -33.61 58.00 -111.30
C ASP L 439 -33.96 58.70 -109.97
N THR L 440 -33.98 57.96 -108.87
CA THR L 440 -34.33 58.54 -107.59
C THR L 440 -33.12 58.78 -106.69
N THR L 441 -33.35 59.53 -105.62
CA THR L 441 -32.31 59.89 -104.65
C THR L 441 -31.88 58.70 -103.79
N THR L 442 -32.67 57.64 -103.83
CA THR L 442 -32.38 56.42 -103.08
C THR L 442 -31.20 55.68 -103.71
N SER L 443 -30.81 56.07 -104.93
CA SER L 443 -29.63 55.51 -105.60
C SER L 443 -28.34 56.16 -105.08
N VAL L 444 -28.48 57.23 -104.29
CA VAL L 444 -27.34 57.94 -103.73
C VAL L 444 -27.20 57.64 -102.24
N ASP L 445 -28.31 57.75 -101.51
CA ASP L 445 -28.29 57.46 -100.08
C ASP L 445 -27.95 56.01 -99.86
N ALA L 446 -27.14 55.75 -98.81
CA ALA L 446 -26.69 54.41 -98.42
C ALA L 446 -27.82 53.40 -98.22
N LEU L 447 -28.43 52.98 -99.32
CA LEU L 447 -29.54 52.03 -99.27
C LEU L 447 -29.35 50.78 -100.13
N PRO L 448 -28.11 50.39 -100.50
CA PRO L 448 -27.81 49.22 -101.32
C PRO L 448 -28.53 47.96 -100.85
N GLU L 449 -29.80 47.81 -101.21
CA GLU L 449 -30.59 46.64 -100.85
C GLU L 449 -29.84 45.36 -101.22
N VAL L 450 -29.69 44.46 -100.27
CA VAL L 450 -28.92 43.26 -100.57
C VAL L 450 -29.79 42.04 -100.67
N GLY L 451 -29.56 41.23 -101.69
CA GLY L 451 -30.30 39.99 -101.84
C GLY L 451 -29.38 38.87 -101.44
N ARG L 452 -29.88 37.90 -100.67
CA ARG L 452 -29.00 36.80 -100.26
C ARG L 452 -29.72 35.46 -100.30
N THR L 453 -29.03 34.45 -100.78
CA THR L 453 -29.55 33.10 -100.72
C THR L 453 -28.67 32.28 -99.82
N LEU L 454 -29.23 31.71 -98.77
CA LEU L 454 -28.45 30.94 -97.83
C LEU L 454 -28.86 29.49 -97.76
N ILE L 455 -27.87 28.61 -97.79
CA ILE L 455 -28.12 27.18 -97.66
C ILE L 455 -27.19 26.55 -96.64
N SER L 456 -27.75 25.79 -95.70
CA SER L 456 -26.91 25.11 -94.74
C SER L 456 -27.37 23.67 -94.54
N THR L 457 -26.56 22.72 -95.00
CA THR L 457 -26.93 21.31 -94.93
C THR L 457 -25.71 20.37 -94.95
N ILE L 458 -25.99 19.07 -95.07
CA ILE L 458 -24.98 18.01 -95.14
C ILE L 458 -25.34 17.00 -96.21
N ALA L 459 -24.39 16.60 -97.05
CA ALA L 459 -24.74 15.62 -98.08
C ALA L 459 -23.61 14.66 -98.42
N ARG L 460 -23.99 13.43 -98.76
CA ARG L 460 -23.04 12.40 -99.17
C ARG L 460 -23.08 12.22 -100.67
N VAL L 461 -21.94 12.36 -101.33
CA VAL L 461 -21.92 12.22 -102.77
C VAL L 461 -20.88 11.18 -103.22
N PRO L 462 -21.25 10.26 -104.11
CA PRO L 462 -20.38 9.27 -104.74
C PRO L 462 -19.28 9.97 -105.51
N HIS L 463 -18.09 9.39 -105.51
CA HIS L 463 -16.96 9.99 -106.20
C HIS L 463 -17.22 10.23 -107.67
N GLY L 464 -17.07 11.48 -108.11
CA GLY L 464 -17.25 11.83 -109.51
C GLY L 464 -18.70 12.05 -109.90
N LYS L 465 -19.61 12.02 -108.93
CA LYS L 465 -21.02 12.24 -109.20
C LYS L 465 -21.47 13.55 -108.61
N SER L 466 -22.75 13.85 -108.74
CA SER L 466 -23.25 15.11 -108.25
C SER L 466 -24.63 15.00 -107.65
N LEU L 467 -24.96 15.97 -106.79
CA LEU L 467 -26.30 16.05 -106.20
C LEU L 467 -26.86 17.45 -106.22
N LEU L 468 -28.18 17.51 -106.32
CA LEU L 468 -28.86 18.78 -106.22
C LEU L 468 -29.06 19.12 -104.76
N VAL L 469 -28.38 20.16 -104.30
CA VAL L 469 -28.50 20.56 -102.91
C VAL L 469 -29.77 21.29 -102.65
N GLY L 470 -30.11 22.21 -103.53
CA GLY L 470 -31.35 22.92 -103.34
C GLY L 470 -31.62 23.87 -104.46
N GLY L 471 -32.73 24.57 -104.35
CA GLY L 471 -33.09 25.51 -105.38
C GLY L 471 -34.38 26.22 -105.11
N TYR L 472 -34.78 27.01 -106.08
CA TYR L 472 -35.98 27.80 -105.99
C TYR L 472 -36.54 28.09 -107.35
N THR L 473 -37.81 27.80 -107.55
CA THR L 473 -38.42 28.12 -108.81
C THR L 473 -39.66 28.95 -108.62
N ARG L 474 -40.00 29.71 -109.65
CA ARG L 474 -41.18 30.54 -109.60
C ARG L 474 -41.84 30.70 -110.94
N ASP L 475 -43.13 30.46 -110.97
CA ASP L 475 -43.88 30.65 -112.19
C ASP L 475 -45.03 31.59 -111.92
N ALA L 476 -45.27 32.56 -112.79
CA ALA L 476 -46.35 33.50 -112.52
C ALA L 476 -46.96 34.08 -113.78
N ASN L 477 -48.23 34.45 -113.67
CA ASN L 477 -48.92 35.03 -114.80
C ASN L 477 -50.08 35.90 -114.34
N THR L 478 -50.19 37.09 -114.91
CA THR L 478 -51.29 37.97 -114.56
C THR L 478 -51.81 38.77 -115.72
N ASP L 479 -53.06 39.19 -115.62
CA ASP L 479 -53.64 39.98 -116.70
C ASP L 479 -54.73 40.92 -116.21
N THR L 480 -54.93 42.02 -116.94
CA THR L 480 -55.98 42.96 -116.59
C THR L 480 -56.77 43.41 -117.79
N VAL L 481 -58.01 43.82 -117.54
CA VAL L 481 -58.87 44.40 -118.56
C VAL L 481 -59.60 45.61 -118.02
N GLN L 482 -59.46 46.74 -118.68
CA GLN L 482 -60.19 47.92 -118.27
C GLN L 482 -60.95 48.50 -119.42
N SER L 483 -62.12 49.06 -119.15
CA SER L 483 -62.86 49.67 -120.24
C SER L 483 -63.91 50.66 -119.80
N ILE L 484 -64.42 51.39 -120.77
CA ILE L 484 -65.49 52.32 -120.53
C ILE L 484 -66.80 51.59 -120.79
N PRO L 485 -67.63 51.41 -119.75
CA PRO L 485 -68.89 50.65 -119.72
C PRO L 485 -69.65 50.55 -121.05
N PHE L 486 -69.72 51.61 -121.83
CA PHE L 486 -70.47 51.49 -123.08
C PHE L 486 -69.62 51.73 -124.31
N LEU L 487 -68.65 52.64 -124.21
CA LEU L 487 -67.85 52.99 -125.36
C LEU L 487 -66.93 51.86 -125.78
N GLY L 488 -66.49 51.06 -124.84
CA GLY L 488 -65.62 49.92 -125.12
C GLY L 488 -66.26 48.87 -126.01
N LYS L 489 -67.57 48.91 -126.20
CA LYS L 489 -68.24 47.92 -127.02
C LYS L 489 -68.46 48.38 -128.45
N LEU L 490 -68.00 49.58 -128.81
CA LEU L 490 -68.25 50.06 -130.15
C LEU L 490 -67.32 49.43 -131.20
N PRO L 491 -67.92 48.93 -132.30
CA PRO L 491 -67.29 48.17 -133.41
C PRO L 491 -65.81 48.46 -133.66
N LEU L 492 -65.50 49.66 -134.14
CA LEU L 492 -64.13 50.03 -134.45
C LEU L 492 -63.76 51.31 -133.72
N ILE L 493 -64.31 51.45 -132.52
CA ILE L 493 -64.12 52.64 -131.72
C ILE L 493 -63.66 52.28 -130.33
N GLY L 494 -64.30 51.27 -129.74
CA GLY L 494 -64.02 50.82 -128.37
C GLY L 494 -62.56 50.57 -128.07
N SER L 495 -61.76 50.23 -129.09
CA SER L 495 -60.32 50.05 -128.95
C SER L 495 -59.62 51.27 -128.35
N LEU L 496 -60.22 52.44 -128.53
CA LEU L 496 -59.70 53.71 -128.05
C LEU L 496 -60.04 53.95 -126.58
N PHE L 497 -60.82 53.05 -125.99
CA PHE L 497 -61.27 53.16 -124.62
C PHE L 497 -60.83 51.95 -123.79
N ARG L 498 -60.76 50.80 -124.44
CA ARG L 498 -60.34 49.57 -123.78
C ARG L 498 -58.86 49.57 -123.46
N TYR L 499 -58.49 48.77 -122.47
CA TYR L 499 -57.11 48.62 -122.05
C TYR L 499 -56.83 47.23 -121.55
N SER L 500 -55.73 46.64 -121.97
CA SER L 500 -55.43 45.33 -121.44
C SER L 500 -53.94 45.12 -121.22
N SER L 501 -53.62 44.20 -120.33
CA SER L 501 -52.22 43.90 -120.11
C SER L 501 -52.00 42.45 -119.76
N LYS L 502 -50.81 41.95 -120.06
CA LYS L 502 -50.43 40.59 -119.74
C LYS L 502 -49.01 40.57 -119.21
N ASN L 503 -48.75 39.76 -118.21
CA ASN L 503 -47.40 39.67 -117.69
C ASN L 503 -47.06 38.28 -117.18
N LYS L 504 -46.25 37.57 -117.95
CA LYS L 504 -45.83 36.22 -117.62
C LYS L 504 -44.35 36.13 -117.30
N SER L 505 -44.00 35.33 -116.29
CA SER L 505 -42.59 35.14 -115.98
C SER L 505 -42.26 33.75 -115.45
N ASN L 506 -41.02 33.33 -115.68
CA ASN L 506 -40.55 32.03 -115.23
C ASN L 506 -39.12 32.13 -114.69
N VAL L 507 -38.88 31.64 -113.48
CA VAL L 507 -37.57 31.70 -112.86
C VAL L 507 -37.07 30.37 -112.33
N VAL L 508 -35.84 30.00 -112.66
CA VAL L 508 -35.26 28.77 -112.14
C VAL L 508 -33.87 28.96 -111.54
N ARG L 509 -33.71 28.63 -110.27
CA ARG L 509 -32.39 28.70 -109.62
C ARG L 509 -32.00 27.44 -108.88
N VAL L 510 -30.86 26.88 -109.23
CA VAL L 510 -30.39 25.67 -108.52
C VAL L 510 -28.93 25.68 -108.13
N PHE L 511 -28.65 24.90 -107.09
CA PHE L 511 -27.30 24.71 -106.54
C PHE L 511 -26.93 23.24 -106.56
N MET L 512 -25.90 22.89 -107.32
CA MET L 512 -25.48 21.51 -107.43
C MET L 512 -24.03 21.31 -107.01
N ILE L 513 -23.77 20.16 -106.38
CA ILE L 513 -22.43 19.83 -105.89
C ILE L 513 -21.79 18.67 -106.59
N GLU L 514 -20.52 18.86 -106.96
CA GLU L 514 -19.74 17.80 -107.58
C GLU L 514 -18.35 17.73 -106.92
N PRO L 515 -17.98 16.56 -106.42
CA PRO L 515 -16.67 16.44 -105.76
C PRO L 515 -15.86 15.29 -106.30
N LYS L 516 -14.54 15.46 -106.28
CA LYS L 516 -13.65 14.41 -106.73
C LYS L 516 -12.31 14.40 -105.99
N GLU L 517 -11.63 13.26 -106.04
CA GLU L 517 -10.36 13.09 -105.38
C GLU L 517 -9.21 13.46 -106.29
N ILE L 518 -8.32 14.28 -105.77
CA ILE L 518 -7.16 14.73 -106.53
C ILE L 518 -5.92 14.00 -106.11
N VAL L 519 -5.23 13.40 -107.06
CA VAL L 519 -4.02 12.63 -106.77
C VAL L 519 -2.83 13.05 -107.63
N ASP L 520 -3.09 13.55 -108.82
CA ASP L 520 -2.02 13.96 -109.71
C ASP L 520 -1.80 15.47 -109.65
N PRO L 521 -0.59 15.92 -109.96
CA PRO L 521 -0.17 17.30 -110.08
C PRO L 521 -0.78 17.89 -111.33
N LEU L 522 -0.96 19.19 -111.35
CA LEU L 522 -1.58 19.87 -112.46
C LEU L 522 -0.78 19.62 -113.73
N THR L 523 -1.43 19.10 -114.77
CA THR L 523 -0.76 18.79 -116.02
C THR L 523 -1.44 19.42 -117.23
N PRO L 524 -0.72 20.22 -118.00
CA PRO L 524 0.68 20.64 -117.93
C PRO L 524 0.88 21.63 -116.79
N ASP L 525 2.14 21.82 -116.41
CA ASP L 525 2.48 22.71 -115.31
C ASP L 525 1.98 24.11 -115.56
N ALA L 526 1.53 24.77 -114.49
CA ALA L 526 0.93 26.11 -114.56
C ALA L 526 1.73 27.09 -115.37
N SER L 527 3.05 27.13 -115.16
CA SER L 527 3.90 28.09 -115.86
C SER L 527 3.91 27.91 -117.36
N GLU L 528 3.67 26.70 -117.83
CA GLU L 528 3.65 26.43 -119.26
C GLU L 528 2.41 27.03 -119.88
N SER L 529 1.28 26.78 -119.23
CA SER L 529 0.02 27.29 -119.72
C SER L 529 -0.02 28.80 -119.68
N VAL L 530 0.53 29.39 -118.63
CA VAL L 530 0.56 30.84 -118.53
C VAL L 530 1.34 31.45 -119.66
N ASN L 531 2.49 30.87 -119.99
CA ASN L 531 3.27 31.40 -121.10
C ASN L 531 2.49 31.38 -122.39
N ASN L 532 1.74 30.30 -122.63
CA ASN L 532 0.94 30.21 -123.84
C ASN L 532 -0.10 31.32 -123.89
N ILE L 533 -0.72 31.60 -122.75
CA ILE L 533 -1.72 32.64 -122.65
C ILE L 533 -1.13 34.01 -122.92
N LEU L 534 -0.02 34.32 -122.28
CA LEU L 534 0.59 35.63 -122.44
C LEU L 534 1.03 35.89 -123.86
N LYS L 535 1.56 34.87 -124.51
CA LYS L 535 2.01 35.06 -125.87
C LYS L 535 0.85 35.26 -126.82
N GLN L 536 -0.17 34.42 -126.74
CA GLN L 536 -1.30 34.55 -127.64
C GLN L 536 -2.09 35.81 -127.39
N SER L 537 -2.18 36.24 -126.13
CA SER L 537 -2.88 37.46 -125.79
C SER L 537 -2.06 38.73 -126.04
N GLY L 538 -0.79 38.59 -126.41
CA GLY L 538 0.05 39.74 -126.71
C GLY L 538 0.61 40.49 -125.50
N ALA L 539 0.48 39.91 -124.30
CA ALA L 539 0.96 40.58 -123.09
C ALA L 539 2.40 40.22 -122.78
N TRP L 540 2.82 39.04 -123.24
CA TRP L 540 4.16 38.53 -123.01
C TRP L 540 5.24 39.51 -123.39
N SER L 541 6.21 39.66 -122.50
CA SER L 541 7.34 40.54 -122.74
C SER L 541 8.62 39.95 -122.20
N GLY L 542 8.71 38.63 -122.22
CA GLY L 542 9.88 37.93 -121.71
C GLY L 542 11.14 38.23 -122.52
N ASP L 543 10.97 38.69 -123.76
CA ASP L 543 12.10 39.03 -124.59
C ASP L 543 12.55 40.49 -124.43
N ASP L 544 11.98 41.23 -123.48
CA ASP L 544 12.40 42.61 -123.30
C ASP L 544 13.85 42.66 -122.89
N LYS L 545 14.64 43.37 -123.69
CA LYS L 545 16.09 43.51 -123.47
C LYS L 545 16.50 44.08 -122.13
N LEU L 546 15.57 44.71 -121.41
CA LEU L 546 15.89 45.29 -120.13
C LEU L 546 15.35 44.40 -119.04
N GLN L 547 14.04 44.19 -119.04
CA GLN L 547 13.40 43.44 -117.97
C GLN L 547 13.92 42.03 -117.80
N LYS L 548 14.40 41.39 -118.87
CA LYS L 548 14.93 40.05 -118.78
C LYS L 548 16.07 39.88 -117.79
N TRP L 549 16.76 40.97 -117.43
CA TRP L 549 17.84 40.89 -116.47
C TRP L 549 17.34 40.49 -115.09
N VAL L 550 16.06 40.71 -114.84
CA VAL L 550 15.45 40.34 -113.59
C VAL L 550 14.56 39.15 -113.77
N ARG L 551 13.73 39.18 -114.82
CA ARG L 551 12.78 38.11 -115.07
C ARG L 551 13.42 36.74 -115.13
N VAL L 552 14.64 36.64 -115.66
CA VAL L 552 15.38 35.38 -115.70
C VAL L 552 15.47 34.67 -114.33
N TYR L 553 15.48 35.43 -113.25
CA TYR L 553 15.60 34.87 -111.91
C TYR L 553 14.32 34.21 -111.46
N LEU L 554 13.22 34.54 -112.11
CA LEU L 554 11.94 34.02 -111.75
C LEU L 554 11.53 32.91 -112.68
N ASP L 555 11.83 33.10 -113.95
CA ASP L 555 11.44 32.14 -114.95
C ASP L 555 12.32 30.91 -114.99
N ARG L 556 13.62 31.07 -114.75
CA ARG L 556 14.52 29.93 -114.74
C ARG L 556 15.26 29.75 -113.43
N GLY L 557 15.08 30.70 -112.50
CA GLY L 557 15.76 30.62 -111.22
C GLY L 557 17.09 31.37 -111.25
N GLY M 34 32.82 -54.09 -42.53
CA GLY M 34 31.75 -53.06 -42.64
C GLY M 34 31.40 -52.69 -41.23
N PHE M 35 30.09 -52.69 -40.92
CA PHE M 35 29.66 -52.36 -39.58
C PHE M 35 28.37 -53.06 -39.16
N VAL M 36 28.40 -53.64 -37.94
CA VAL M 36 27.24 -54.27 -37.36
C VAL M 36 26.93 -53.67 -35.99
N ALA M 37 25.72 -53.15 -35.86
CA ALA M 37 25.28 -52.57 -34.61
C ALA M 37 24.77 -53.69 -33.72
N LYS M 38 24.97 -53.63 -32.41
CA LYS M 38 24.51 -54.70 -31.52
C LYS M 38 24.01 -53.99 -30.31
N ASP M 39 22.72 -53.72 -30.35
CA ASP M 39 22.07 -52.99 -29.30
C ASP M 39 22.74 -51.67 -28.93
N ASP M 40 23.13 -50.87 -29.93
CA ASP M 40 23.87 -49.68 -29.68
C ASP M 40 22.94 -48.51 -29.69
N SER M 41 23.30 -47.45 -28.98
CA SER M 41 22.42 -46.27 -29.02
C SER M 41 22.60 -45.61 -30.39
N LEU M 42 21.58 -44.89 -30.84
CA LEU M 42 21.62 -44.14 -32.06
C LEU M 42 22.45 -42.92 -31.88
N ARG M 43 22.57 -42.49 -30.64
CA ARG M 43 23.51 -41.48 -30.42
C ARG M 43 24.86 -41.99 -30.88
N THR M 44 25.24 -43.20 -30.49
CA THR M 44 26.58 -43.71 -30.84
C THR M 44 26.61 -43.96 -32.32
N PHE M 45 25.56 -44.60 -32.79
CA PHE M 45 25.47 -44.98 -34.18
C PHE M 45 25.59 -43.78 -35.10
N PHE M 46 24.86 -42.72 -34.81
CA PHE M 46 24.94 -41.61 -35.76
C PHE M 46 26.19 -40.77 -35.61
N ASP M 47 26.80 -40.83 -34.43
CA ASP M 47 28.13 -40.27 -34.22
C ASP M 47 29.18 -40.98 -35.04
N ALA M 48 29.03 -42.29 -35.20
CA ALA M 48 29.90 -43.06 -36.12
C ALA M 48 29.68 -42.59 -37.58
N MET M 49 28.43 -42.29 -37.93
CA MET M 49 28.19 -41.70 -39.26
C MET M 49 28.79 -40.31 -39.38
N ALA M 50 28.74 -39.55 -38.30
CA ALA M 50 29.37 -38.22 -38.32
C ALA M 50 30.89 -38.29 -38.47
N LEU M 51 31.51 -39.39 -38.02
CA LEU M 51 32.94 -39.60 -38.21
C LEU M 51 33.24 -40.12 -39.58
N GLN M 52 32.36 -40.94 -40.15
CA GLN M 52 32.64 -41.46 -41.50
C GLN M 52 32.32 -40.49 -42.61
N LEU M 53 31.27 -39.68 -42.40
CA LEU M 53 30.88 -38.72 -43.39
C LEU M 53 31.48 -37.37 -43.06
N LYS M 54 32.05 -36.78 -44.10
CA LYS M 54 32.64 -35.46 -44.02
C LYS M 54 31.66 -34.47 -43.38
N GLU M 55 30.47 -34.40 -43.97
CA GLU M 55 29.39 -33.56 -43.45
C GLU M 55 28.88 -33.87 -42.06
N PRO M 56 28.55 -32.85 -41.25
CA PRO M 56 28.05 -33.19 -39.93
C PRO M 56 26.78 -34.01 -40.06
N VAL M 57 26.58 -34.93 -39.15
CA VAL M 57 25.34 -35.66 -39.09
C VAL M 57 24.70 -35.21 -37.81
N ILE M 58 23.70 -34.33 -37.85
CA ILE M 58 23.12 -33.80 -36.61
C ILE M 58 21.77 -34.46 -36.41
N VAL M 59 21.55 -34.92 -35.19
CA VAL M 59 20.38 -35.71 -34.87
C VAL M 59 19.53 -34.99 -33.76
N SER M 60 18.23 -35.24 -33.72
CA SER M 60 17.43 -34.71 -32.62
C SER M 60 17.61 -35.59 -31.42
N LYS M 61 17.07 -35.14 -30.29
CA LYS M 61 17.10 -35.89 -29.07
C LYS M 61 16.45 -37.25 -29.27
N MET M 62 15.29 -37.25 -29.96
CA MET M 62 14.52 -38.44 -30.24
C MET M 62 15.22 -39.37 -31.19
N ALA M 63 15.89 -38.79 -32.18
CA ALA M 63 16.71 -39.58 -33.12
C ALA M 63 17.88 -40.29 -32.44
N ALA M 64 18.46 -39.67 -31.42
CA ALA M 64 19.56 -40.27 -30.61
C ALA M 64 19.13 -41.21 -29.48
N ARG M 65 17.93 -40.98 -28.97
CA ARG M 65 17.34 -41.73 -27.86
C ARG M 65 17.17 -43.26 -28.11
N LYS M 66 16.74 -43.65 -29.31
CA LYS M 66 16.47 -45.06 -29.54
C LYS M 66 17.79 -45.79 -29.87
N LYS M 67 17.71 -47.12 -29.96
CA LYS M 67 18.89 -47.98 -30.18
C LYS M 67 18.82 -48.63 -31.55
N ILE M 68 19.84 -49.42 -31.89
CA ILE M 68 19.87 -49.97 -33.25
C ILE M 68 20.64 -51.26 -33.25
N THR M 69 20.17 -52.26 -33.98
CA THR M 69 20.87 -53.52 -34.14
C THR M 69 20.80 -53.97 -35.59
N GLY M 70 21.92 -54.40 -36.15
CA GLY M 70 21.95 -54.90 -37.53
C GLY M 70 23.16 -54.46 -38.34
N ASN M 71 23.35 -55.08 -39.50
CA ASN M 71 24.48 -54.77 -40.35
C ASN M 71 24.20 -53.50 -41.13
N PHE M 72 24.85 -52.41 -40.71
CA PHE M 72 24.71 -51.08 -41.28
C PHE M 72 26.02 -50.41 -41.59
N GLU M 73 26.61 -50.89 -42.68
CA GLU M 73 27.87 -50.37 -43.19
C GLU M 73 27.65 -48.90 -43.53
N PHE M 74 28.69 -48.11 -43.28
CA PHE M 74 28.60 -46.68 -43.50
C PHE M 74 29.13 -46.27 -44.88
N HIS M 75 29.01 -47.15 -45.87
CA HIS M 75 29.55 -46.80 -47.18
C HIS M 75 28.71 -45.75 -47.87
N ASP M 76 27.44 -45.57 -47.46
CA ASP M 76 26.60 -44.57 -48.07
C ASP M 76 25.56 -44.16 -47.07
N PRO M 77 25.86 -43.14 -46.27
CA PRO M 77 25.04 -42.48 -45.22
C PRO M 77 23.65 -42.06 -45.69
N ASN M 78 23.58 -41.55 -46.90
CA ASN M 78 22.30 -41.10 -47.43
C ASN M 78 21.34 -42.23 -47.77
N ALA M 79 21.84 -43.25 -48.50
CA ALA M 79 21.06 -44.42 -48.80
C ALA M 79 20.82 -45.25 -47.53
N LEU M 80 21.76 -45.18 -46.59
CA LEU M 80 21.61 -45.87 -45.31
C LEU M 80 20.40 -45.31 -44.59
N LEU M 81 20.30 -43.99 -44.52
CA LEU M 81 19.16 -43.34 -43.88
C LEU M 81 17.85 -43.63 -44.58
N GLU M 82 17.87 -43.86 -45.88
CA GLU M 82 16.66 -44.28 -46.55
C GLU M 82 16.33 -45.69 -46.03
N LYS M 83 17.33 -46.55 -45.87
CA LYS M 83 17.02 -47.84 -45.28
C LYS M 83 16.55 -47.66 -43.83
N LEU M 84 17.08 -46.69 -43.12
CA LEU M 84 16.71 -46.58 -41.70
C LEU M 84 15.36 -45.91 -41.50
N SER M 85 14.71 -45.53 -42.60
CA SER M 85 13.35 -44.97 -42.52
C SER M 85 12.43 -46.15 -42.29
N LEU M 86 12.92 -47.36 -42.60
CA LEU M 86 12.20 -48.60 -42.35
C LEU M 86 12.74 -49.38 -41.18
N GLN M 87 14.04 -49.28 -40.96
CA GLN M 87 14.61 -50.03 -39.86
C GLN M 87 14.45 -49.28 -38.53
N LEU M 88 14.57 -47.97 -38.56
CA LEU M 88 14.39 -47.20 -37.34
C LEU M 88 13.07 -46.50 -37.30
N GLY M 89 12.67 -45.99 -38.47
CA GLY M 89 11.48 -45.15 -38.54
C GLY M 89 11.74 -43.68 -38.28
N LEU M 90 12.83 -43.20 -38.88
CA LEU M 90 13.30 -41.82 -38.74
C LEU M 90 13.17 -41.19 -40.08
N ILE M 91 13.15 -39.86 -40.08
CA ILE M 91 13.16 -39.07 -41.30
C ILE M 91 14.38 -38.15 -41.18
N TRP M 92 14.86 -37.69 -42.33
CA TRP M 92 16.14 -37.01 -42.42
C TRP M 92 16.10 -36.00 -43.52
N TYR M 93 17.08 -35.11 -43.48
CA TYR M 93 17.21 -34.07 -44.49
C TYR M 93 18.70 -33.75 -44.74
N PHE M 94 19.11 -33.58 -45.99
CA PHE M 94 20.50 -33.26 -46.31
C PHE M 94 20.49 -31.96 -47.06
N ASP M 95 21.07 -30.86 -46.52
CA ASP M 95 21.04 -29.57 -47.22
C ASP M 95 22.25 -29.36 -48.09
N GLY M 96 23.10 -30.38 -48.19
CA GLY M 96 24.30 -30.34 -49.07
C GLY M 96 25.52 -30.20 -48.17
N GLN M 97 25.31 -29.66 -46.98
CA GLN M 97 26.44 -29.46 -46.05
C GLN M 97 26.32 -30.24 -44.75
N ALA M 98 25.12 -30.59 -44.34
CA ALA M 98 24.93 -31.36 -43.12
C ALA M 98 23.61 -32.15 -43.13
N ILE M 99 23.58 -33.28 -42.44
CA ILE M 99 22.34 -34.09 -42.35
C ILE M 99 21.53 -33.80 -41.09
N TYR M 100 20.20 -33.77 -41.19
CA TYR M 100 19.35 -33.46 -40.00
C TYR M 100 18.33 -34.51 -39.82
N ILE M 101 18.54 -35.32 -38.80
CA ILE M 101 17.77 -36.55 -38.60
C ILE M 101 16.75 -36.33 -37.48
N TYR M 102 15.48 -36.45 -37.79
CA TYR M 102 14.44 -36.38 -36.76
C TYR M 102 13.70 -37.64 -36.79
N ASP M 103 12.94 -37.82 -35.75
CA ASP M 103 12.05 -38.95 -35.64
C ASP M 103 10.91 -38.76 -36.62
N ALA M 104 10.38 -39.84 -37.14
CA ALA M 104 9.28 -39.71 -38.07
C ALA M 104 8.07 -39.03 -37.41
N SER M 105 7.93 -39.14 -36.10
CA SER M 105 6.79 -38.51 -35.46
C SER M 105 7.01 -37.00 -35.31
N GLU M 106 8.21 -36.54 -35.63
CA GLU M 106 8.51 -35.10 -35.49
C GLU M 106 8.26 -34.34 -36.82
N MET M 107 7.70 -35.07 -37.78
CA MET M 107 7.34 -34.52 -39.04
C MET M 107 6.36 -33.36 -38.90
N ARG M 108 6.60 -32.32 -39.67
CA ARG M 108 5.79 -31.11 -39.68
C ARG M 108 5.05 -30.97 -40.99
N ASN M 109 3.94 -30.24 -40.93
CA ASN M 109 3.15 -29.93 -42.11
C ASN M 109 2.97 -28.44 -42.24
N ALA M 110 2.71 -27.99 -43.45
CA ALA M 110 2.44 -26.58 -43.56
C ALA M 110 1.62 -26.35 -44.76
N VAL M 111 0.82 -25.29 -44.63
CA VAL M 111 0.00 -24.76 -45.71
C VAL M 111 0.44 -23.35 -46.05
N VAL M 112 1.07 -23.18 -47.21
CA VAL M 112 1.67 -21.89 -47.49
C VAL M 112 1.18 -21.45 -48.84
N SER M 113 0.66 -20.22 -48.87
CA SER M 113 0.18 -19.55 -50.10
C SER M 113 1.41 -19.08 -50.88
N LEU M 114 1.28 -18.93 -52.21
CA LEU M 114 2.41 -18.53 -53.01
C LEU M 114 1.92 -17.43 -53.93
N ARG M 115 2.49 -16.23 -53.81
CA ARG M 115 2.00 -15.05 -54.49
C ARG M 115 2.68 -14.81 -55.84
N ASN M 116 3.99 -14.53 -55.86
CA ASN M 116 4.64 -14.01 -57.06
C ASN M 116 5.40 -15.04 -57.87
N VAL M 117 5.22 -16.30 -57.50
CA VAL M 117 5.92 -17.42 -58.06
C VAL M 117 4.89 -18.47 -58.38
N SER M 118 5.10 -19.10 -59.53
CA SER M 118 4.27 -20.19 -59.99
C SER M 118 4.60 -21.39 -59.15
N LEU M 119 3.60 -22.23 -58.95
CA LEU M 119 3.78 -23.33 -58.05
C LEU M 119 4.94 -24.29 -58.49
N ASN M 120 5.03 -24.59 -59.80
CA ASN M 120 6.12 -25.38 -60.31
C ASN M 120 7.42 -24.61 -60.33
N GLU M 121 7.36 -23.33 -60.64
CA GLU M 121 8.50 -22.45 -60.57
C GLU M 121 9.08 -22.43 -59.15
N PHE M 122 8.21 -22.37 -58.13
CA PHE M 122 8.73 -22.42 -56.74
C PHE M 122 9.54 -23.71 -56.46
N ASN M 123 8.99 -24.87 -56.82
CA ASN M 123 9.69 -26.16 -56.66
C ASN M 123 11.02 -26.15 -57.38
N ASN M 124 11.02 -25.56 -58.56
CA ASN M 124 12.26 -25.46 -59.32
C ASN M 124 13.24 -24.56 -58.67
N PHE M 125 12.77 -23.50 -58.06
CA PHE M 125 13.69 -22.62 -57.42
C PHE M 125 14.35 -23.31 -56.23
N LEU M 126 13.63 -24.20 -55.55
CA LEU M 126 14.27 -24.93 -54.48
C LEU M 126 15.28 -25.93 -54.99
N LYS M 127 15.05 -26.43 -56.22
CA LYS M 127 15.94 -27.38 -56.85
C LYS M 127 17.21 -26.62 -57.30
N ARG M 128 17.02 -25.36 -57.70
CA ARG M 128 18.05 -24.42 -58.13
C ARG M 128 18.92 -24.04 -56.93
N SER M 129 18.27 -23.91 -55.79
CA SER M 129 18.92 -23.70 -54.50
C SER M 129 19.68 -24.97 -54.06
N GLY M 130 19.13 -26.12 -54.42
CA GLY M 130 19.78 -27.39 -54.13
C GLY M 130 19.30 -27.79 -52.76
N LEU M 131 18.11 -27.34 -52.38
CA LEU M 131 17.65 -27.63 -51.02
C LEU M 131 16.49 -28.57 -51.04
N TYR M 132 15.85 -28.58 -52.20
CA TYR M 132 14.75 -29.45 -52.41
C TYR M 132 15.21 -30.90 -52.26
N ASN M 133 14.76 -31.52 -51.17
CA ASN M 133 14.90 -32.95 -50.97
C ASN M 133 13.76 -33.76 -51.59
N LYS M 134 14.08 -34.51 -52.67
CA LYS M 134 13.08 -35.27 -53.44
C LYS M 134 12.43 -36.40 -52.67
N ASN M 135 12.97 -36.76 -51.50
CA ASN M 135 12.32 -37.79 -50.70
C ASN M 135 11.12 -37.26 -49.98
N TYR M 136 10.92 -35.95 -50.00
CA TYR M 136 9.74 -35.37 -49.35
C TYR M 136 9.16 -34.33 -50.31
N PRO M 137 8.40 -34.84 -51.30
CA PRO M 137 7.76 -34.06 -52.36
C PRO M 137 6.82 -33.03 -51.80
N LEU M 138 6.79 -31.89 -52.45
CA LEU M 138 5.80 -30.90 -52.15
C LEU M 138 4.53 -31.09 -52.99
N ARG M 139 3.39 -30.65 -52.45
CA ARG M 139 2.12 -30.90 -53.12
C ARG M 139 1.56 -29.59 -53.63
N GLY M 140 1.27 -29.62 -54.92
CA GLY M 140 0.67 -28.46 -55.58
C GLY M 140 -0.79 -28.68 -55.91
N ASP M 141 -1.41 -27.74 -56.62
CA ASP M 141 -2.81 -27.81 -57.04
C ASP M 141 -3.01 -26.79 -58.18
N ASN M 142 -3.30 -27.25 -59.40
CA ASN M 142 -3.41 -26.31 -60.52
C ASN M 142 -4.53 -25.27 -60.41
N ARG M 143 -5.50 -25.49 -59.54
CA ARG M 143 -6.63 -24.60 -59.40
C ARG M 143 -6.63 -23.83 -58.08
N LYS M 144 -5.55 -23.94 -57.33
CA LYS M 144 -5.41 -23.28 -56.03
C LYS M 144 -4.00 -22.73 -55.91
N GLY M 145 -3.90 -21.46 -55.54
CA GLY M 145 -2.59 -20.75 -55.46
C GLY M 145 -1.75 -21.00 -54.19
N THR M 146 -1.80 -22.23 -53.69
CA THR M 146 -1.05 -22.66 -52.53
C THR M 146 -0.33 -23.93 -52.82
N PHE M 147 0.48 -24.33 -51.83
CA PHE M 147 1.19 -25.60 -51.85
C PHE M 147 1.31 -26.11 -50.40
N TYR M 148 1.57 -27.40 -50.26
CA TYR M 148 1.56 -28.09 -48.98
C TYR M 148 2.97 -28.69 -48.79
N VAL M 149 3.40 -28.64 -47.55
CA VAL M 149 4.77 -29.01 -47.17
C VAL M 149 4.61 -30.11 -46.17
N SER M 150 5.39 -31.17 -46.33
CA SER M 150 5.47 -32.25 -45.33
C SER M 150 6.92 -32.68 -45.30
N GLY M 151 7.39 -32.96 -44.10
CA GLY M 151 8.75 -33.45 -43.99
C GLY M 151 9.35 -33.17 -42.65
N PRO M 152 10.66 -33.37 -42.52
CA PRO M 152 11.27 -33.09 -41.25
C PRO M 152 11.31 -31.59 -40.96
N PRO M 153 11.38 -31.23 -39.66
CA PRO M 153 11.35 -29.81 -39.30
C PRO M 153 12.31 -28.88 -40.07
N VAL M 154 13.53 -29.29 -40.36
CA VAL M 154 14.41 -28.47 -41.17
C VAL M 154 13.97 -28.42 -42.66
N TYR M 155 13.53 -29.51 -43.25
CA TYR M 155 13.02 -29.41 -44.62
C TYR M 155 11.85 -28.44 -44.66
N VAL M 156 10.91 -28.64 -43.74
CA VAL M 156 9.64 -27.88 -43.75
C VAL M 156 9.91 -26.42 -43.53
N ASP M 157 10.69 -26.11 -42.49
CA ASP M 157 11.03 -24.71 -42.21
C ASP M 157 11.78 -24.07 -43.39
N MET M 158 12.64 -24.82 -44.04
CA MET M 158 13.33 -24.31 -45.22
C MET M 158 12.29 -23.98 -46.28
N VAL M 159 11.39 -24.90 -46.57
CA VAL M 159 10.46 -24.62 -47.71
C VAL M 159 9.55 -23.45 -47.43
N VAL M 160 9.00 -23.45 -46.22
CA VAL M 160 8.07 -22.40 -45.82
C VAL M 160 8.69 -21.00 -45.83
N ASN M 161 9.91 -20.83 -45.27
CA ASN M 161 10.61 -19.53 -45.21
C ASN M 161 11.02 -19.13 -46.60
N ALA M 162 11.37 -20.12 -47.42
CA ALA M 162 11.83 -19.84 -48.76
C ALA M 162 10.75 -19.18 -49.57
N ALA M 163 9.50 -19.60 -49.38
CA ALA M 163 8.38 -19.05 -50.16
C ALA M 163 8.27 -17.58 -49.84
N THR M 164 8.43 -17.26 -48.55
CA THR M 164 8.38 -15.88 -48.14
C THR M 164 9.45 -15.01 -48.80
N MET M 165 10.66 -15.57 -48.81
CA MET M 165 11.83 -14.90 -49.35
C MET M 165 11.65 -14.70 -50.85
N MET M 166 11.14 -15.72 -51.54
CA MET M 166 10.91 -15.61 -52.97
C MET M 166 9.85 -14.60 -53.40
N ASP M 167 8.76 -14.49 -52.66
CA ASP M 167 7.81 -13.49 -53.04
C ASP M 167 8.39 -12.10 -52.84
N LYS M 168 9.27 -11.93 -51.82
CA LYS M 168 9.94 -10.65 -51.57
C LYS M 168 10.93 -10.34 -52.71
N GLN M 169 11.58 -11.40 -53.21
CA GLN M 169 12.50 -11.23 -54.31
C GLN M 169 11.77 -11.01 -55.62
N ASN M 170 10.56 -11.53 -55.73
CA ASN M 170 9.82 -11.34 -56.97
C ASN M 170 8.70 -10.36 -56.82
N ASP M 171 8.86 -9.44 -55.87
CA ASP M 171 7.87 -8.43 -55.61
C ASP M 171 7.91 -7.28 -56.66
N GLY M 172 0.43 -1.54 -79.78
CA GLY M 172 -0.77 -1.85 -78.99
C GLY M 172 -1.28 -0.61 -78.27
N ILE M 173 -0.36 0.29 -77.94
CA ILE M 173 -0.65 1.55 -77.27
C ILE M 173 -0.97 1.30 -75.80
N GLU M 174 -0.19 0.43 -75.17
CA GLU M 174 -0.46 0.07 -73.78
C GLU M 174 0.69 0.41 -72.85
N LEU M 175 0.33 0.75 -71.61
CA LEU M 175 1.28 1.08 -70.56
C LEU M 175 0.75 0.57 -69.23
N GLY M 176 1.23 -0.59 -68.82
CA GLY M 176 0.80 -1.19 -67.58
C GLY M 176 -0.66 -1.59 -67.72
N ARG M 177 -1.49 -1.12 -66.79
CA ARG M 177 -2.91 -1.42 -66.82
C ARG M 177 -3.74 -0.45 -67.63
N GLN M 178 -3.11 0.52 -68.29
CA GLN M 178 -3.88 1.49 -69.05
C GLN M 178 -3.48 1.54 -70.51
N LYS M 179 -4.34 2.11 -71.33
CA LYS M 179 -4.07 2.21 -72.74
C LYS M 179 -4.93 3.26 -73.41
N ILE M 180 -4.56 3.59 -74.64
CA ILE M 180 -5.32 4.57 -75.40
C ILE M 180 -5.84 3.97 -76.70
N GLY M 181 -7.13 4.14 -76.94
CA GLY M 181 -7.73 3.63 -78.15
C GLY M 181 -8.05 4.76 -79.11
N VAL M 182 -7.71 4.55 -80.37
CA VAL M 182 -8.00 5.53 -81.40
C VAL M 182 -9.18 5.03 -82.22
N MET M 183 -10.27 5.79 -82.21
CA MET M 183 -11.47 5.32 -82.86
C MET M 183 -11.92 6.25 -83.97
N ARG M 184 -11.70 5.86 -85.21
CA ARG M 184 -12.11 6.68 -86.33
C ARG M 184 -13.58 6.48 -86.61
N LEU M 185 -14.30 7.57 -86.79
CA LEU M 185 -15.70 7.42 -87.12
C LEU M 185 -15.83 7.40 -88.61
N ASN M 186 -16.68 6.50 -89.10
CA ASN M 186 -16.81 6.33 -90.54
C ASN M 186 -18.10 6.89 -91.10
N ASN M 187 -19.18 6.85 -90.33
CA ASN M 187 -20.44 7.32 -90.84
C ASN M 187 -20.86 8.67 -90.28
N THR M 188 -19.99 9.34 -89.54
CA THR M 188 -20.34 10.65 -89.02
C THR M 188 -19.14 11.54 -88.76
N PHE M 189 -19.38 12.69 -88.14
CA PHE M 189 -18.35 13.67 -87.87
C PHE M 189 -18.11 13.89 -86.40
N VAL M 190 -16.84 14.03 -86.04
CA VAL M 190 -16.47 14.39 -84.68
C VAL M 190 -16.50 15.89 -84.56
N GLY M 191 -17.25 16.41 -83.60
CA GLY M 191 -17.31 17.85 -83.40
C GLY M 191 -18.74 18.36 -83.43
N ASP M 192 -18.89 19.65 -83.18
CA ASP M 192 -20.20 20.28 -83.11
C ASP M 192 -20.56 20.98 -84.42
N ARG M 193 -21.85 21.04 -84.73
CA ARG M 193 -22.33 21.71 -85.93
C ARG M 193 -22.91 23.07 -85.60
N THR M 194 -22.41 24.09 -86.26
CA THR M 194 -22.88 25.44 -85.97
C THR M 194 -23.45 26.12 -87.21
N TYR M 195 -24.59 26.78 -87.04
CA TYR M 195 -25.21 27.48 -88.15
C TYR M 195 -25.97 28.71 -87.70
N ASN M 196 -26.23 29.61 -88.63
CA ASN M 196 -26.93 30.83 -88.30
C ASN M 196 -28.34 30.90 -88.86
N LEU M 197 -29.20 31.55 -88.11
CA LEU M 197 -30.57 31.81 -88.49
C LEU M 197 -30.78 33.29 -88.48
N ARG M 198 -30.15 33.96 -89.43
CA ARG M 198 -30.27 35.41 -89.54
C ARG M 198 -29.61 36.09 -88.36
N ASP M 199 -30.39 36.39 -87.35
CA ASP M 199 -29.91 37.12 -86.19
C ASP M 199 -29.43 36.27 -85.04
N GLN M 200 -29.45 34.94 -85.17
CA GLN M 200 -28.95 34.13 -84.06
C GLN M 200 -28.16 32.90 -84.48
N LYS M 201 -27.28 32.45 -83.59
CA LYS M 201 -26.42 31.31 -83.85
C LYS M 201 -26.84 30.07 -83.08
N MET M 202 -26.95 28.96 -83.79
CA MET M 202 -27.35 27.70 -83.20
C MET M 202 -26.19 26.71 -83.17
N VAL M 203 -26.14 25.89 -82.12
CA VAL M 203 -25.08 24.89 -82.00
C VAL M 203 -25.62 23.51 -81.66
N ILE M 204 -25.22 22.51 -82.43
CA ILE M 204 -25.61 21.13 -82.23
C ILE M 204 -24.42 20.32 -81.74
N PRO M 205 -24.47 19.75 -80.55
CA PRO M 205 -23.42 18.99 -79.92
C PRO M 205 -23.22 17.67 -80.64
N GLY M 206 -21.96 17.27 -80.79
CA GLY M 206 -21.66 16.02 -81.47
C GLY M 206 -21.45 14.87 -80.49
N ILE M 207 -20.96 13.76 -81.02
CA ILE M 207 -20.75 12.54 -80.26
C ILE M 207 -19.68 12.66 -79.19
N ALA M 208 -18.71 13.54 -79.40
CA ALA M 208 -17.65 13.71 -78.43
C ALA M 208 -18.20 14.29 -77.17
N THR M 209 -19.04 15.30 -77.32
CA THR M 209 -19.67 15.96 -76.18
C THR M 209 -20.64 15.04 -75.49
N ALA M 210 -21.46 14.34 -76.28
CA ALA M 210 -22.46 13.45 -75.72
C ALA M 210 -21.84 12.39 -74.83
N ILE M 211 -20.81 11.71 -75.34
CA ILE M 211 -20.17 10.67 -74.56
C ILE M 211 -19.47 11.23 -73.34
N GLU M 212 -18.77 12.34 -73.50
CA GLU M 212 -18.08 12.96 -72.38
C GLU M 212 -19.03 13.23 -71.23
N ARG M 213 -20.17 13.82 -71.53
CA ARG M 213 -21.15 14.13 -70.50
C ARG M 213 -21.70 12.88 -69.86
N LEU M 214 -21.92 11.85 -70.65
CA LEU M 214 -22.46 10.61 -70.14
C LEU M 214 -21.53 9.97 -69.13
N LEU M 215 -20.26 9.87 -69.46
CA LEU M 215 -19.30 9.25 -68.57
C LEU M 215 -18.97 10.10 -67.37
N GLN M 216 -18.92 11.41 -67.55
CA GLN M 216 -18.58 12.30 -66.46
C GLN M 216 -19.81 13.03 -65.95
N ILE M 267 -12.83 7.49 -67.09
CA ILE M 267 -12.42 7.39 -68.48
C ILE M 267 -12.22 8.78 -69.08
N LYS M 268 -11.11 8.96 -69.78
CA LYS M 268 -10.81 10.25 -70.38
C LYS M 268 -10.96 10.19 -71.89
N ILE M 269 -11.85 11.00 -72.45
CA ILE M 269 -12.02 10.99 -73.89
C ILE M 269 -11.83 12.35 -74.52
N VAL M 270 -10.93 12.41 -75.49
CA VAL M 270 -10.63 13.64 -76.19
C VAL M 270 -10.82 13.52 -77.68
N ALA M 271 -11.53 14.49 -78.24
CA ALA M 271 -11.79 14.52 -79.67
C ALA M 271 -10.55 14.90 -80.45
N TYR M 272 -10.40 14.34 -81.65
CA TYR M 272 -9.29 14.69 -82.50
C TYR M 272 -9.74 14.82 -83.96
N PRO M 273 -10.29 15.99 -84.29
CA PRO M 273 -10.88 16.42 -85.56
C PRO M 273 -10.04 16.11 -86.76
N ASP M 274 -8.74 16.27 -86.63
CA ASP M 274 -7.82 16.07 -87.75
C ASP M 274 -7.97 14.72 -88.43
N THR M 275 -8.29 13.67 -87.67
CA THR M 275 -8.46 12.35 -88.24
C THR M 275 -9.86 11.81 -88.01
N ASN M 276 -10.78 12.72 -87.68
CA ASN M 276 -12.17 12.42 -87.38
C ASN M 276 -12.26 11.26 -86.42
N SER M 277 -11.56 11.36 -85.30
CA SER M 277 -11.53 10.25 -84.38
C SER M 277 -11.53 10.64 -82.93
N LEU M 278 -11.75 9.66 -82.07
CA LEU M 278 -11.75 9.87 -80.63
C LEU M 278 -10.57 9.18 -79.98
N LEU M 279 -10.06 9.81 -78.93
CA LEU M 279 -8.96 9.28 -78.16
C LEU M 279 -9.48 8.84 -76.79
N VAL M 280 -9.55 7.53 -76.57
CA VAL M 280 -10.10 7.02 -75.32
C VAL M 280 -9.04 6.45 -74.41
N LYS M 281 -8.86 7.05 -73.24
CA LYS M 281 -7.84 6.57 -72.30
C LYS M 281 -8.46 5.95 -71.06
N GLY M 282 -7.98 4.74 -70.73
CA GLY M 282 -8.48 4.02 -69.57
C GLY M 282 -7.92 2.60 -69.54
N THR M 283 -8.61 1.71 -68.83
CA THR M 283 -8.13 0.33 -68.78
C THR M 283 -8.56 -0.38 -70.02
N ALA M 284 -7.99 -1.54 -70.27
CA ALA M 284 -8.32 -2.30 -71.47
C ALA M 284 -9.82 -2.56 -71.57
N GLU M 285 -10.44 -2.90 -70.45
CA GLU M 285 -11.86 -3.15 -70.43
C GLU M 285 -12.66 -1.90 -70.67
N GLN M 286 -12.21 -0.78 -70.08
CA GLN M 286 -12.91 0.48 -70.27
C GLN M 286 -12.86 0.94 -71.71
N VAL M 287 -11.71 0.76 -72.36
CA VAL M 287 -11.57 1.15 -73.74
C VAL M 287 -12.47 0.31 -74.62
N HIS M 288 -12.46 -1.01 -74.39
CA HIS M 288 -13.31 -1.92 -75.14
C HIS M 288 -14.78 -1.56 -75.03
N PHE M 289 -15.19 -1.25 -73.81
CA PHE M 289 -16.54 -0.84 -73.50
C PHE M 289 -16.95 0.35 -74.35
N ILE M 290 -16.12 1.38 -74.36
CA ILE M 290 -16.41 2.56 -75.14
C ILE M 290 -16.40 2.26 -76.62
N GLU M 291 -15.46 1.42 -77.05
CA GLU M 291 -15.37 1.02 -78.45
C GLU M 291 -16.69 0.51 -78.97
N MET M 292 -17.29 -0.39 -78.22
CA MET M 292 -18.56 -0.95 -78.64
C MET M 292 -19.64 0.10 -78.71
N LEU M 293 -19.66 1.02 -77.73
CA LEU M 293 -20.64 2.09 -77.72
C LEU M 293 -20.57 2.90 -79.00
N VAL M 294 -19.36 3.27 -79.37
CA VAL M 294 -19.12 4.02 -80.57
C VAL M 294 -19.63 3.29 -81.79
N LYS M 295 -19.33 2.00 -81.90
CA LYS M 295 -19.78 1.22 -83.03
C LYS M 295 -21.29 1.19 -83.13
N ALA M 296 -21.97 1.15 -82.01
CA ALA M 296 -23.43 1.17 -82.00
C ALA M 296 -23.97 2.49 -82.54
N LEU M 297 -23.34 3.60 -82.20
CA LEU M 297 -23.83 4.91 -82.62
C LEU M 297 -23.42 5.31 -84.05
N ASP M 298 -22.22 4.91 -84.48
CA ASP M 298 -21.67 5.28 -85.78
C ASP M 298 -22.37 4.62 -86.99
N VAL M 299 -23.57 5.09 -87.33
CA VAL M 299 -24.32 4.50 -88.45
C VAL M 299 -24.63 5.51 -89.55
N ALA M 300 -24.85 4.98 -90.76
CA ALA M 300 -25.11 5.78 -91.95
C ALA M 300 -26.48 6.43 -91.96
N LYS M 301 -26.59 7.55 -92.64
CA LYS M 301 -27.85 8.29 -92.75
C LYS M 301 -28.36 8.39 -94.17
N ARG M 302 -29.68 8.34 -94.31
CA ARG M 302 -30.37 8.49 -95.59
C ARG M 302 -30.63 9.96 -95.88
N HIS M 303 -30.92 10.27 -97.14
CA HIS M 303 -31.19 11.65 -97.51
C HIS M 303 -32.66 11.92 -97.70
N VAL M 304 -33.06 13.12 -97.34
CA VAL M 304 -34.45 13.54 -97.48
C VAL M 304 -34.57 14.82 -98.28
N GLU M 305 -35.38 14.80 -99.32
CA GLU M 305 -35.60 15.98 -100.12
C GLU M 305 -36.94 16.58 -99.79
N LEU M 306 -36.93 17.87 -99.48
CA LEU M 306 -38.14 18.58 -99.11
C LEU M 306 -38.58 19.58 -100.15
N SER M 307 -39.83 19.49 -100.57
CA SER M 307 -40.37 20.46 -101.50
C SER M 307 -41.56 21.18 -100.89
N LEU M 308 -41.54 22.50 -100.98
CA LEU M 308 -42.61 23.34 -100.47
C LEU M 308 -43.35 23.98 -101.60
N TRP M 309 -44.65 23.81 -101.64
CA TRP M 309 -45.43 24.41 -102.69
C TRP M 309 -46.19 25.59 -102.13
N ILE M 310 -46.02 26.76 -102.74
CA ILE M 310 -46.77 27.92 -102.30
C ILE M 310 -47.62 28.43 -103.45
N VAL M 311 -48.93 28.37 -103.28
CA VAL M 311 -49.82 28.80 -104.35
C VAL M 311 -50.64 29.99 -103.94
N ASP M 312 -50.66 31.00 -104.80
CA ASP M 312 -51.39 32.23 -104.54
C ASP M 312 -52.24 32.68 -105.73
N LEU M 313 -53.56 32.59 -105.58
CA LEU M 313 -54.48 32.98 -106.65
C LEU M 313 -55.29 34.22 -106.29
N ASN M 314 -55.47 35.12 -107.26
CA ASN M 314 -56.24 36.34 -107.04
C ASN M 314 -57.20 36.65 -108.17
N LYS M 315 -58.40 37.07 -107.79
CA LYS M 315 -59.42 37.43 -108.77
C LYS M 315 -60.21 38.64 -108.31
N SER M 316 -60.44 39.61 -109.20
CA SER M 316 -61.26 40.74 -108.78
C SER M 316 -62.11 41.32 -109.90
N ASP M 317 -63.13 42.08 -109.50
CA ASP M 317 -64.08 42.67 -110.43
C ASP M 317 -64.63 44.00 -109.90
N LEU M 318 -64.17 45.10 -110.49
CA LEU M 318 -64.56 46.45 -110.08
C LEU M 318 -65.44 47.15 -111.10
N GLU M 319 -66.54 47.71 -110.63
CA GLU M 319 -67.40 48.48 -111.51
C GLU M 319 -67.76 49.82 -110.90
N ARG M 320 -67.51 50.90 -111.62
CA ARG M 320 -67.86 52.23 -111.14
C ARG M 320 -68.60 53.00 -112.20
N LEU M 321 -69.78 53.49 -111.88
CA LEU M 321 -70.51 54.25 -112.89
C LEU M 321 -71.49 55.26 -112.31
N GLY M 322 -71.32 56.52 -112.68
CA GLY M 322 -72.26 57.54 -112.27
C GLY M 322 -71.61 58.89 -112.04
N THR M 323 -72.32 59.75 -111.32
CA THR M 323 -71.79 61.09 -111.05
C THR M 323 -71.87 61.49 -109.60
N SER M 324 -71.20 62.58 -109.26
CA SER M 324 -71.24 63.15 -107.91
C SER M 324 -71.21 64.66 -107.98
N TRP M 325 -72.20 65.29 -107.35
CA TRP M 325 -72.33 66.73 -107.41
C TRP M 325 -72.01 67.44 -106.11
N SER M 326 -71.14 68.44 -106.18
CA SER M 326 -70.84 69.26 -105.02
C SER M 326 -70.14 70.53 -105.43
N GLY M 327 -70.15 71.53 -104.56
CA GLY M 327 -69.44 72.77 -104.88
C GLY M 327 -70.20 74.00 -104.42
N SER M 328 -69.94 75.14 -105.06
CA SER M 328 -70.64 76.34 -104.64
C SER M 328 -70.75 77.45 -105.67
N ILE M 329 -71.40 78.53 -105.24
CA ILE M 329 -71.60 79.69 -106.08
C ILE M 329 -71.92 80.98 -105.32
N THR M 330 -71.35 82.08 -105.77
CA THR M 330 -71.69 83.39 -105.24
C THR M 330 -72.77 84.02 -106.08
N ILE M 331 -73.84 84.45 -105.43
CA ILE M 331 -74.97 85.04 -106.14
C ILE M 331 -75.26 86.49 -105.75
N GLY M 332 -75.03 87.38 -106.71
CA GLY M 332 -75.36 88.80 -106.56
C GLY M 332 -74.57 89.51 -105.48
N ASP M 333 -73.46 88.92 -105.03
CA ASP M 333 -72.68 89.45 -103.93
C ASP M 333 -73.51 89.71 -102.67
N LYS M 334 -74.57 88.93 -102.48
CA LYS M 334 -75.43 89.11 -101.31
C LYS M 334 -75.69 87.79 -100.62
N LEU M 335 -75.58 86.70 -101.36
CA LEU M 335 -75.74 85.40 -100.77
C LEU M 335 -75.02 84.37 -101.61
N GLY M 336 -74.80 83.19 -101.06
CA GLY M 336 -74.15 82.13 -101.82
C GLY M 336 -74.77 80.80 -101.47
N VAL M 337 -74.47 79.79 -102.28
CA VAL M 337 -75.04 78.47 -102.07
C VAL M 337 -73.99 77.39 -102.04
N SER M 338 -74.11 76.48 -101.09
CA SER M 338 -73.17 75.37 -100.97
C SER M 338 -73.89 74.07 -101.24
N LEU M 339 -73.31 73.21 -102.06
CA LEU M 339 -73.95 71.96 -102.37
C LEU M 339 -73.24 70.78 -101.76
N ASN M 340 -73.98 70.02 -100.96
CA ASN M 340 -73.52 68.83 -100.29
C ASN M 340 -72.25 69.07 -99.48
N GLN M 341 -72.36 70.01 -98.54
CA GLN M 341 -71.29 70.36 -97.61
C GLN M 341 -69.96 70.67 -98.28
N SER M 342 -69.98 71.55 -99.26
CA SER M 342 -68.75 71.94 -99.92
C SER M 342 -67.95 72.84 -98.97
N SER M 343 -66.65 72.98 -99.23
CA SER M 343 -65.78 73.78 -98.37
C SER M 343 -65.83 75.26 -98.71
N ILE M 344 -66.98 75.87 -98.44
CA ILE M 344 -67.32 77.27 -98.70
C ILE M 344 -66.22 78.30 -98.45
N SER M 345 -65.32 78.02 -97.49
CA SER M 345 -64.23 78.96 -97.20
C SER M 345 -63.39 79.29 -98.43
N THR M 346 -63.35 78.36 -99.40
CA THR M 346 -62.66 78.59 -100.66
C THR M 346 -63.65 78.46 -101.82
N LEU M 347 -64.65 77.58 -101.65
CA LEU M 347 -65.65 77.32 -102.68
C LEU M 347 -66.52 78.53 -103.00
N ASP M 348 -66.62 79.48 -102.07
CA ASP M 348 -67.32 80.75 -102.28
C ASP M 348 -66.90 81.42 -103.59
N GLY M 349 -65.59 81.32 -103.93
CA GLY M 349 -65.08 81.94 -105.14
C GLY M 349 -64.81 80.92 -106.25
N SER M 350 -65.53 79.79 -106.22
CA SER M 350 -65.34 78.74 -107.21
C SER M 350 -66.60 78.42 -108.01
N ARG M 351 -66.88 77.13 -108.18
CA ARG M 351 -68.01 76.69 -108.98
C ARG M 351 -68.50 75.30 -108.58
N PHE M 352 -69.48 74.76 -109.31
CA PHE M 352 -69.97 73.43 -108.97
C PHE M 352 -69.26 72.37 -109.78
N ILE M 353 -68.88 71.28 -109.14
CA ILE M 353 -68.18 70.22 -109.84
C ILE M 353 -69.03 68.97 -110.00
N ALA M 354 -69.03 68.45 -111.21
CA ALA M 354 -69.73 67.24 -111.56
C ALA M 354 -68.70 66.14 -111.81
N ALA M 355 -68.42 65.35 -110.79
CA ALA M 355 -67.48 64.28 -110.99
C ALA M 355 -68.19 63.17 -111.73
N VAL M 356 -67.51 62.56 -112.68
CA VAL M 356 -68.10 61.48 -113.44
C VAL M 356 -67.18 60.29 -113.48
N ASN M 357 -67.67 59.14 -113.02
CA ASN M 357 -66.89 57.93 -113.06
C ASN M 357 -67.48 56.95 -114.06
N ALA M 358 -66.60 56.21 -114.73
CA ALA M 358 -67.05 55.23 -115.70
C ALA M 358 -65.93 54.27 -115.98
N LEU M 359 -65.88 53.20 -115.20
CA LEU M 359 -64.82 52.23 -115.35
C LEU M 359 -65.20 50.82 -114.97
N GLU M 360 -64.88 49.89 -115.87
CA GLU M 360 -65.02 48.49 -115.58
C GLU M 360 -63.64 47.87 -115.51
N GLU M 361 -63.37 47.08 -114.49
CA GLU M 361 -62.06 46.46 -114.38
C GLU M 361 -62.07 45.01 -113.95
N LYS M 362 -61.42 44.18 -114.75
CA LYS M 362 -61.26 42.77 -114.44
C LYS M 362 -59.81 42.47 -114.16
N LYS M 363 -59.54 41.62 -113.17
CA LYS M 363 -58.15 41.28 -112.89
C LYS M 363 -57.96 39.85 -112.43
N GLN M 364 -56.90 39.24 -112.92
CA GLN M 364 -56.56 37.86 -112.58
C GLN M 364 -55.07 37.67 -112.37
N ALA M 365 -54.70 36.92 -111.34
CA ALA M 365 -53.29 36.67 -111.12
C ALA M 365 -53.01 35.34 -110.46
N THR M 366 -51.88 34.74 -110.82
CA THR M 366 -51.46 33.50 -110.20
C THR M 366 -49.96 33.44 -110.00
N VAL M 367 -49.57 32.94 -108.83
CA VAL M 367 -48.16 32.75 -108.50
C VAL M 367 -47.89 31.40 -107.85
N VAL M 368 -46.92 30.68 -108.38
CA VAL M 368 -46.51 29.43 -107.78
C VAL M 368 -45.03 29.45 -107.45
N SER M 369 -44.72 29.24 -106.19
CA SER M 369 -43.33 29.24 -105.76
C SER M 369 -42.94 27.92 -105.14
N ARG M 370 -41.75 27.44 -105.50
CA ARG M 370 -41.32 26.15 -104.99
C ARG M 370 -39.87 26.08 -104.53
N PRO M 371 -39.64 26.22 -103.23
CA PRO M 371 -38.37 26.00 -102.55
C PRO M 371 -38.05 24.52 -102.47
N VAL M 372 -36.78 24.18 -102.72
CA VAL M 372 -36.34 22.80 -102.64
C VAL M 372 -35.08 22.67 -101.78
N LEU M 373 -35.11 21.74 -100.81
CA LEU M 373 -33.97 21.60 -99.90
C LEU M 373 -33.61 20.15 -99.58
N LEU M 374 -32.34 19.80 -99.77
CA LEU M 374 -31.85 18.44 -99.48
C LEU M 374 -31.05 18.36 -98.18
N THR M 375 -31.39 17.38 -97.33
CA THR M 375 -30.69 17.13 -96.08
C THR M 375 -30.62 15.64 -95.75
N GLN M 376 -30.29 15.34 -94.51
CA GLN M 376 -30.18 13.97 -94.04
C GLN M 376 -31.00 13.75 -92.78
N GLU M 377 -31.20 12.48 -92.46
CA GLU M 377 -31.94 12.10 -91.27
C GLU M 377 -31.43 12.80 -90.05
N ASN M 378 -32.32 13.46 -89.32
CA ASN M 378 -31.98 14.14 -88.08
C ASN M 378 -31.03 15.33 -88.24
N VAL M 379 -30.91 15.87 -89.46
CA VAL M 379 -30.03 17.02 -89.67
C VAL M 379 -30.81 18.28 -90.07
N PRO M 380 -30.92 19.27 -89.18
CA PRO M 380 -31.57 20.56 -89.34
C PRO M 380 -31.01 21.27 -90.54
N ALA M 381 -31.88 21.55 -91.50
CA ALA M 381 -31.44 22.21 -92.70
C ALA M 381 -32.10 23.55 -92.86
N ILE M 382 -31.36 24.49 -93.41
CA ILE M 382 -31.85 25.84 -93.57
C ILE M 382 -31.80 26.36 -95.00
N PHE M 383 -32.91 26.91 -95.43
CA PHE M 383 -33.00 27.55 -96.73
C PHE M 383 -33.55 28.94 -96.56
N ASP M 384 -32.81 29.95 -96.97
CA ASP M 384 -33.30 31.30 -96.78
C ASP M 384 -33.01 32.20 -97.97
N ASN M 385 -34.06 32.55 -98.70
CA ASN M 385 -33.96 33.45 -99.83
C ASN M 385 -34.52 34.79 -99.39
N ASN M 386 -33.67 35.78 -99.15
CA ASN M 386 -34.21 37.02 -98.59
C ASN M 386 -33.61 38.29 -99.13
N ARG M 387 -34.17 39.41 -98.68
CA ARG M 387 -33.64 40.71 -99.00
C ARG M 387 -33.48 41.52 -97.74
N THR M 388 -32.48 42.36 -97.72
CA THR M 388 -32.25 43.19 -96.56
C THR M 388 -32.16 44.66 -96.87
N PHE M 389 -32.96 45.42 -96.14
CA PHE M 389 -33.04 46.86 -96.23
C PHE M 389 -32.22 47.50 -95.15
N TYR M 390 -31.26 48.34 -95.51
CA TYR M 390 -30.43 49.00 -94.52
C TYR M 390 -30.79 50.45 -94.30
N THR M 391 -30.59 50.93 -93.08
CA THR M 391 -30.86 52.33 -92.75
C THR M 391 -29.91 52.86 -91.68
N LYS M 392 -29.66 54.17 -91.73
CA LYS M 392 -28.78 54.80 -90.76
C LYS M 392 -29.49 55.29 -89.52
N LEU M 393 -28.84 55.12 -88.39
CA LEU M 393 -29.31 55.64 -87.12
C LEU M 393 -28.26 56.54 -86.51
N ILE M 394 -27.61 57.35 -87.34
CA ILE M 394 -26.57 58.23 -86.81
C ILE M 394 -27.15 59.28 -85.91
N GLY M 395 -27.12 59.01 -84.62
CA GLY M 395 -27.58 60.01 -83.68
C GLY M 395 -26.39 60.84 -83.30
N GLU M 396 -26.54 61.60 -82.23
CA GLU M 396 -25.45 62.41 -81.78
C GLU M 396 -24.54 61.62 -80.86
N ARG M 397 -25.08 60.88 -79.90
CA ARG M 397 -24.20 60.05 -79.09
C ARG M 397 -24.02 58.72 -79.75
N ASN M 398 -25.10 57.96 -79.80
CA ASN M 398 -25.04 56.62 -80.36
C ASN M 398 -25.36 56.65 -81.83
N VAL M 399 -24.57 55.89 -82.57
CA VAL M 399 -24.74 55.77 -84.00
C VAL M 399 -24.81 54.31 -84.35
N ALA M 400 -25.49 53.98 -85.44
CA ALA M 400 -25.60 52.58 -85.82
C ALA M 400 -26.27 52.41 -87.15
N LEU M 401 -26.22 51.18 -87.65
CA LEU M 401 -26.96 50.80 -88.82
C LEU M 401 -27.94 49.75 -88.41
N GLU M 402 -29.11 49.78 -89.01
CA GLU M 402 -30.10 48.77 -88.73
C GLU M 402 -30.70 48.27 -89.99
N HIS M 403 -31.39 47.17 -89.89
CA HIS M 403 -31.94 46.63 -91.10
C HIS M 403 -33.18 45.79 -90.93
N VAL M 404 -33.86 45.61 -92.05
CA VAL M 404 -35.07 44.82 -92.10
C VAL M 404 -34.89 43.68 -93.08
N THR M 405 -34.97 42.46 -92.59
CA THR M 405 -34.81 41.30 -93.45
C THR M 405 -36.09 40.52 -93.60
N TYR M 406 -36.41 40.18 -94.84
CA TYR M 406 -37.62 39.40 -95.11
C TYR M 406 -37.46 38.58 -96.37
N GLY M 407 -38.25 37.51 -96.48
CA GLY M 407 -38.17 36.66 -97.65
C GLY M 407 -38.73 35.27 -97.40
N THR M 408 -38.25 34.29 -98.15
CA THR M 408 -38.71 32.92 -98.03
C THR M 408 -37.76 32.11 -97.17
N MET M 409 -38.25 31.59 -96.06
CA MET M 409 -37.37 30.84 -95.18
C MET M 409 -37.94 29.52 -94.70
N ILE M 410 -37.11 28.49 -94.77
CA ILE M 410 -37.49 27.18 -94.30
C ILE M 410 -36.49 26.59 -93.33
N ARG M 411 -36.97 26.21 -92.16
CA ARG M 411 -36.13 25.48 -91.23
C ARG M 411 -36.79 24.13 -91.02
N VAL M 412 -36.03 23.06 -91.23
CA VAL M 412 -36.67 21.76 -91.13
C VAL M 412 -35.83 20.66 -90.52
N LEU M 413 -36.49 19.85 -89.70
CA LEU M 413 -35.86 18.68 -89.11
C LEU M 413 -36.66 17.43 -89.43
N PRO M 414 -36.21 16.62 -90.40
CA PRO M 414 -36.80 15.40 -90.89
C PRO M 414 -36.47 14.20 -90.05
N ARG M 415 -37.38 13.25 -90.00
CA ARG M 415 -37.12 12.05 -89.24
C ARG M 415 -37.97 10.86 -89.68
N PHE M 416 -37.34 9.74 -89.96
CA PHE M 416 -38.10 8.56 -90.36
C PHE M 416 -38.69 7.81 -89.19
N SER M 417 -39.91 7.32 -89.37
CA SER M 417 -40.59 6.55 -88.35
C SER M 417 -40.56 5.07 -88.67
N ALA M 418 -41.22 4.30 -87.82
CA ALA M 418 -41.26 2.85 -87.94
C ALA M 418 -41.86 2.38 -89.25
N ASP M 419 -42.85 3.10 -89.75
CA ASP M 419 -43.52 2.73 -90.96
C ASP M 419 -42.93 3.39 -92.21
N GLY M 420 -41.77 4.02 -92.09
CA GLY M 420 -41.17 4.68 -93.24
C GLY M 420 -41.78 6.06 -93.47
N GLN M 421 -42.52 6.54 -92.48
CA GLN M 421 -43.17 7.83 -92.58
C GLN M 421 -42.15 8.90 -92.27
N ILE M 422 -42.34 10.10 -92.79
CA ILE M 422 -41.40 11.15 -92.51
C ILE M 422 -42.02 12.26 -91.70
N GLU M 423 -41.52 12.47 -90.48
CA GLU M 423 -42.04 13.56 -89.69
C GLU M 423 -41.11 14.73 -89.80
N MET M 424 -41.69 15.91 -89.85
CA MET M 424 -40.90 17.09 -89.99
C MET M 424 -41.29 18.19 -89.05
N SER M 425 -40.29 18.80 -88.43
CA SER M 425 -40.54 20.01 -87.67
C SER M 425 -40.45 21.11 -88.69
N LEU M 426 -41.48 21.93 -88.83
CA LEU M 426 -41.49 22.93 -89.87
C LEU M 426 -41.66 24.36 -89.43
N ASP M 427 -40.73 25.22 -89.83
CA ASP M 427 -40.89 26.64 -89.64
C ASP M 427 -40.84 27.31 -91.00
N ILE M 428 -41.91 28.01 -91.35
CA ILE M 428 -42.02 28.61 -92.67
C ILE M 428 -42.31 30.10 -92.63
N GLU M 429 -41.51 30.87 -93.37
CA GLU M 429 -41.78 32.29 -93.53
C GLU M 429 -41.96 32.67 -94.97
N ASP M 430 -43.01 33.42 -95.25
CA ASP M 430 -43.22 33.98 -96.58
C ASP M 430 -43.38 35.48 -96.45
N GLY M 431 -42.28 36.21 -96.60
CA GLY M 431 -42.34 37.66 -96.47
C GLY M 431 -42.22 38.39 -97.79
N ASN M 432 -42.76 39.61 -97.83
CA ASN M 432 -42.70 40.43 -99.03
C ASN M 432 -42.76 41.92 -98.72
N ASP M 433 -42.61 42.73 -99.75
CA ASP M 433 -42.61 44.17 -99.61
C ASP M 433 -43.93 44.81 -100.01
N LYS M 434 -44.71 45.26 -99.03
CA LYS M 434 -45.95 45.95 -99.32
C LYS M 434 -45.65 47.43 -99.49
N THR M 435 -46.30 48.08 -100.44
CA THR M 435 -46.00 49.49 -100.62
C THR M 435 -47.25 50.35 -100.62
N PRO M 436 -47.10 51.64 -100.27
CA PRO M 436 -48.07 52.70 -100.28
C PRO M 436 -48.13 53.30 -101.67
N GLN M 437 -48.96 54.32 -101.85
CA GLN M 437 -49.02 54.99 -103.14
C GLN M 437 -47.65 55.59 -103.47
N SER M 438 -47.09 55.16 -104.60
CA SER M 438 -45.75 55.57 -105.05
C SER M 438 -45.63 57.06 -105.38
N ASP M 439 -46.77 57.73 -105.51
CA ASP M 439 -46.81 59.16 -105.78
C ASP M 439 -46.55 60.00 -104.53
N THR M 440 -46.46 59.36 -103.35
CA THR M 440 -46.26 60.09 -102.11
C THR M 440 -44.82 60.00 -101.61
N THR M 441 -44.52 60.84 -100.63
CA THR M 441 -43.20 60.93 -100.01
C THR M 441 -42.88 59.73 -99.14
N THR M 442 -43.91 58.94 -98.82
CA THR M 442 -43.76 57.74 -98.02
C THR M 442 -43.05 56.63 -98.82
N SER M 443 -42.94 56.83 -100.15
CA SER M 443 -42.20 55.90 -101.00
C SER M 443 -40.69 56.16 -100.93
N VAL M 444 -40.30 57.27 -100.29
CA VAL M 444 -38.90 57.63 -100.13
C VAL M 444 -38.43 57.38 -98.72
N ASP M 445 -39.20 57.86 -97.74
CA ASP M 445 -38.86 57.67 -96.35
C ASP M 445 -38.87 56.19 -96.01
N ALA M 446 -37.91 55.75 -95.19
CA ALA M 446 -37.75 54.36 -94.75
C ALA M 446 -39.00 53.76 -94.12
N LEU M 447 -40.00 53.48 -94.95
CA LEU M 447 -41.25 52.91 -94.51
C LEU M 447 -41.67 51.62 -95.20
N PRO M 448 -40.74 50.85 -95.82
CA PRO M 448 -41.02 49.60 -96.52
C PRO M 448 -41.90 48.65 -95.71
N GLU M 449 -43.20 48.86 -95.71
CA GLU M 449 -44.15 48.00 -95.00
C GLU M 449 -43.91 46.55 -95.37
N VAL M 450 -43.75 45.69 -94.38
CA VAL M 450 -43.45 44.30 -94.70
C VAL M 450 -44.63 43.40 -94.41
N GLY M 451 -44.92 42.51 -95.33
CA GLY M 451 -45.98 41.55 -95.11
C GLY M 451 -45.33 40.21 -94.82
N ARG M 452 -45.82 39.48 -93.82
CA ARG M 452 -45.21 38.20 -93.51
C ARG M 452 -46.25 37.14 -93.17
N THR M 453 -46.02 35.93 -93.67
CA THR M 453 -46.86 34.82 -93.28
C THR M 453 -46.01 33.81 -92.55
N LEU M 454 -46.40 33.50 -91.32
CA LEU M 454 -45.61 32.58 -90.52
C LEU M 454 -46.37 31.33 -90.14
N ILE M 455 -45.70 30.19 -90.31
CA ILE M 455 -46.29 28.91 -89.92
C ILE M 455 -45.31 28.10 -89.09
N SER M 456 -45.76 27.59 -87.96
CA SER M 456 -44.89 26.74 -87.16
C SER M 456 -45.67 25.52 -86.65
N THR M 457 -45.31 24.35 -87.18
CA THR M 457 -46.01 23.11 -86.81
C THR M 457 -45.16 21.85 -87.01
N ILE M 458 -45.80 20.70 -86.87
CA ILE M 458 -45.18 19.37 -87.06
C ILE M 458 -46.11 18.47 -87.85
N ALA M 459 -45.58 17.75 -88.84
CA ALA M 459 -46.46 16.87 -89.61
C ALA M 459 -45.78 15.60 -90.09
N ARG M 460 -46.56 14.52 -90.15
CA ARG M 460 -46.08 13.24 -90.65
C ARG M 460 -46.60 12.99 -92.04
N VAL M 461 -45.71 12.73 -92.99
CA VAL M 461 -46.13 12.52 -94.36
C VAL M 461 -45.61 11.20 -94.91
N PRO M 462 -46.44 10.38 -95.54
CA PRO M 462 -46.10 9.14 -96.23
C PRO M 462 -45.11 9.44 -97.35
N HIS M 463 -44.18 8.53 -97.57
CA HIS M 463 -43.18 8.72 -98.60
C HIS M 463 -43.76 8.95 -99.98
N GLY M 464 -43.42 10.07 -100.60
CA GLY M 464 -43.89 10.37 -101.95
C GLY M 464 -45.28 11.00 -101.98
N LYS M 465 -45.84 11.29 -100.82
CA LYS M 465 -47.14 11.92 -100.73
C LYS M 465 -47.03 13.33 -100.25
N SER M 466 -48.17 13.99 -100.08
CA SER M 466 -48.14 15.37 -99.65
C SER M 466 -49.26 15.72 -98.70
N LEU M 467 -49.07 16.78 -97.93
CA LEU M 467 -50.10 17.30 -97.03
C LEU M 467 -50.24 18.80 -97.10
N LEU M 468 -51.46 19.25 -96.86
CA LEU M 468 -51.71 20.66 -96.77
C LEU M 468 -51.38 21.12 -95.37
N VAL M 469 -50.34 21.94 -95.24
CA VAL M 469 -49.94 22.44 -93.94
C VAL M 469 -50.84 23.53 -93.46
N GLY M 470 -51.15 24.45 -94.34
CA GLY M 470 -52.04 25.51 -93.94
C GLY M 470 -52.34 26.44 -95.07
N GLY M 471 -53.15 27.44 -94.78
CA GLY M 471 -53.51 28.38 -95.81
C GLY M 471 -54.43 29.46 -95.31
N TYR M 472 -54.86 30.29 -96.25
CA TYR M 472 -55.71 31.41 -95.95
C TYR M 472 -56.54 31.77 -97.15
N THR M 473 -57.84 31.86 -96.96
CA THR M 473 -58.67 32.29 -98.08
C THR M 473 -59.53 33.46 -97.69
N ARG M 474 -59.92 34.23 -98.68
CA ARG M 474 -60.77 35.38 -98.44
C ARG M 474 -61.72 35.66 -99.57
N ASP M 475 -62.99 35.81 -99.25
CA ASP M 475 -63.97 36.15 -100.25
C ASP M 475 -64.69 37.41 -99.81
N ALA M 476 -64.90 38.35 -100.72
CA ALA M 476 -65.56 39.58 -100.31
C ALA M 476 -66.31 40.25 -101.44
N ASN M 477 -67.35 40.99 -101.06
CA ASN M 477 -68.14 41.70 -102.04
C ASN M 477 -68.84 42.90 -101.42
N THR M 478 -68.78 44.02 -102.10
CA THR M 478 -69.45 45.22 -101.59
C THR M 478 -70.04 46.07 -102.69
N ASP M 479 -71.04 46.85 -102.34
CA ASP M 479 -71.66 47.71 -103.31
C ASP M 479 -72.28 48.96 -102.70
N THR M 480 -72.37 50.03 -103.51
CA THR M 480 -72.97 51.27 -103.03
C THR M 480 -73.92 51.86 -104.03
N VAL M 481 -74.87 52.64 -103.53
CA VAL M 481 -75.79 53.40 -104.36
C VAL M 481 -75.98 54.80 -103.82
N GLN M 482 -75.74 55.79 -104.65
CA GLN M 482 -75.96 57.16 -104.23
C GLN M 482 -76.84 57.88 -105.21
N SER M 483 -77.68 58.78 -104.73
CA SER M 483 -78.50 59.52 -105.67
C SER M 483 -79.06 60.80 -105.11
N ILE M 484 -79.62 61.60 -106.01
CA ILE M 484 -80.28 62.82 -105.63
C ILE M 484 -81.75 62.50 -105.44
N PRO M 485 -82.27 62.64 -104.21
CA PRO M 485 -83.61 62.30 -103.76
C PRO M 485 -84.74 62.35 -104.81
N PHE M 486 -84.73 63.34 -105.69
CA PHE M 486 -85.80 63.38 -106.67
C PHE M 486 -85.30 63.29 -108.11
N LEU M 487 -84.15 63.86 -108.38
CA LEU M 487 -83.63 63.88 -109.74
C LEU M 487 -83.23 62.52 -110.22
N GLY M 488 -82.77 61.67 -109.31
CA GLY M 488 -82.36 60.32 -109.66
C GLY M 488 -83.49 59.45 -110.21
N LYS M 489 -84.74 59.88 -110.05
CA LYS M 489 -85.86 59.08 -110.53
C LYS M 489 -86.35 59.52 -111.91
N LEU M 490 -85.69 60.50 -112.52
CA LEU M 490 -86.17 60.96 -113.82
C LEU M 490 -85.80 60.02 -114.97
N PRO M 491 -86.80 59.67 -115.80
CA PRO M 491 -86.74 58.69 -116.92
C PRO M 491 -85.38 58.50 -117.58
N LEU M 492 -84.92 59.53 -118.29
CA LEU M 492 -83.63 59.46 -118.98
C LEU M 492 -82.75 60.60 -118.55
N ILE M 493 -82.86 60.97 -117.29
CA ILE M 493 -82.14 62.09 -116.74
C ILE M 493 -81.41 61.68 -115.48
N GLY M 494 -82.10 60.95 -114.60
CA GLY M 494 -81.59 60.50 -113.31
C GLY M 494 -80.22 59.85 -113.37
N SER M 495 -79.87 59.23 -114.49
CA SER M 495 -78.55 58.63 -114.71
C SER M 495 -77.41 59.62 -114.48
N LEU M 496 -77.69 60.91 -114.66
CA LEU M 496 -76.73 61.98 -114.50
C LEU M 496 -76.56 62.39 -113.05
N PHE M 497 -77.35 61.81 -112.16
CA PHE M 497 -77.34 62.12 -110.75
C PHE M 497 -77.04 60.88 -109.89
N ARG M 498 -77.46 59.73 -110.38
CA ARG M 498 -77.22 58.47 -109.69
C ARG M 498 -75.77 58.04 -109.76
N TYR M 499 -75.37 57.22 -108.81
CA TYR M 499 -74.03 56.69 -108.74
C TYR M 499 -74.00 55.31 -108.14
N SER M 500 -73.28 54.39 -108.74
CA SER M 500 -73.21 53.09 -108.13
C SER M 500 -71.84 52.45 -108.28
N SER M 501 -71.55 51.52 -107.39
CA SER M 501 -70.28 50.83 -107.49
C SER M 501 -70.37 49.40 -107.01
N LYS M 502 -69.49 48.56 -107.53
CA LYS M 502 -69.42 47.16 -107.14
C LYS M 502 -67.97 46.74 -107.00
N ASN M 503 -67.67 45.95 -105.99
CA ASN M 503 -66.31 45.50 -105.83
C ASN M 503 -66.23 44.10 -105.24
N LYS M 504 -65.90 43.14 -106.09
CA LYS M 504 -65.79 41.74 -105.69
C LYS M 504 -64.37 41.22 -105.76
N SER M 505 -63.97 40.42 -104.78
CA SER M 505 -62.64 39.83 -104.82
C SER M 505 -62.56 38.44 -104.20
N ASN M 506 -61.60 37.65 -104.67
CA ASN M 506 -61.40 36.30 -104.19
C ASN M 506 -59.91 35.99 -104.06
N VAL M 507 -59.49 35.52 -102.89
CA VAL M 507 -58.07 35.21 -102.65
C VAL M 507 -57.84 33.83 -102.09
N VAL M 508 -56.89 33.09 -102.68
CA VAL M 508 -56.55 31.77 -102.16
C VAL M 508 -55.05 31.57 -101.96
N ARG M 509 -54.63 31.28 -100.74
CA ARG M 509 -53.22 30.99 -100.47
C ARG M 509 -52.99 29.71 -99.70
N VAL M 510 -52.19 28.81 -100.24
CA VAL M 510 -51.89 27.56 -99.52
C VAL M 510 -50.44 27.15 -99.52
N PHE M 511 -50.09 26.37 -98.49
CA PHE M 511 -48.75 25.82 -98.29
C PHE M 511 -48.82 24.31 -98.20
N MET M 512 -48.18 23.63 -99.14
CA MET M 512 -48.20 22.17 -99.17
C MET M 512 -46.81 21.57 -99.11
N ILE M 513 -46.69 20.45 -98.43
CA ILE M 513 -45.42 19.75 -98.25
C ILE M 513 -45.34 18.42 -98.92
N GLU M 514 -44.24 18.19 -99.63
CA GLU M 514 -43.99 16.92 -100.28
C GLU M 514 -42.55 16.47 -100.00
N PRO M 515 -42.39 15.26 -99.45
CA PRO M 515 -41.02 14.81 -99.14
C PRO M 515 -40.74 13.43 -99.71
N LYS M 516 -39.47 13.20 -100.06
CA LYS M 516 -39.08 11.89 -100.57
C LYS M 516 -37.64 11.54 -100.20
N GLU M 517 -37.35 10.24 -100.26
CA GLU M 517 -36.03 9.73 -99.94
C GLU M 517 -35.14 9.69 -101.16
N ILE M 518 -33.94 10.23 -101.00
CA ILE M 518 -32.98 10.26 -102.09
C ILE M 518 -31.91 9.22 -101.91
N VAL M 519 -31.73 8.38 -102.92
CA VAL M 519 -30.73 7.32 -102.84
C VAL M 519 -29.77 7.30 -104.02
N ASP M 520 -30.22 7.79 -105.17
CA ASP M 520 -29.38 7.82 -106.35
C ASP M 520 -28.74 9.18 -106.56
N PRO M 521 -27.59 9.24 -107.23
CA PRO M 521 -26.87 10.41 -107.63
C PRO M 521 -27.63 11.08 -108.76
N LEU M 522 -27.43 12.39 -108.91
CA LEU M 522 -28.14 13.16 -109.91
C LEU M 522 -27.83 12.60 -111.29
N THR M 523 -28.88 12.25 -112.04
CA THR M 523 -28.70 11.69 -113.37
C THR M 523 -29.50 12.43 -114.43
N PRO M 524 -28.84 12.91 -115.48
CA PRO M 524 -27.42 12.91 -115.82
C PRO M 524 -26.64 13.84 -114.92
N ASP M 525 -25.32 13.68 -114.90
CA ASP M 525 -24.45 14.47 -114.07
C ASP M 525 -24.60 15.96 -114.37
N ALA M 526 -24.53 16.77 -113.31
CA ALA M 526 -24.74 18.21 -113.41
C ALA M 526 -23.96 18.87 -114.54
N SER M 527 -22.68 18.53 -114.68
CA SER M 527 -21.83 19.14 -115.69
C SER M 527 -22.31 18.89 -117.11
N GLU M 528 -22.99 17.77 -117.33
CA GLU M 528 -23.49 17.44 -118.65
C GLU M 528 -24.64 18.35 -119.01
N SER M 529 -25.56 18.50 -118.06
CA SER M 529 -26.72 19.33 -118.27
C SER M 529 -26.33 20.79 -118.43
N VAL M 530 -25.37 21.24 -117.65
CA VAL M 530 -24.91 22.61 -117.76
C VAL M 530 -24.35 22.90 -119.12
N ASN M 531 -23.54 21.99 -119.66
CA ASN M 531 -23.01 22.21 -120.99
C ASN M 531 -24.10 22.34 -122.03
N ASN M 532 -25.15 21.52 -121.91
CA ASN M 532 -26.26 21.61 -122.85
C ASN M 532 -26.92 22.97 -122.79
N ILE M 533 -27.10 23.49 -121.57
CA ILE M 533 -27.68 24.79 -121.36
C ILE M 533 -26.86 25.90 -121.96
N LEU M 534 -25.57 25.89 -121.68
CA LEU M 534 -24.70 26.95 -122.17
C LEU M 534 -24.64 26.99 -123.67
N LYS M 535 -24.60 25.81 -124.30
CA LYS M 535 -24.53 25.78 -125.74
C LYS M 535 -25.81 26.28 -126.38
N GLN M 536 -26.95 25.78 -125.92
CA GLN M 536 -28.21 26.20 -126.51
C GLN M 536 -28.52 27.67 -126.23
N SER M 537 -28.13 28.16 -125.07
CA SER M 537 -28.34 29.55 -124.72
C SER M 537 -27.32 30.50 -125.35
N GLY M 538 -26.29 29.96 -126.02
CA GLY M 538 -25.29 30.79 -126.68
C GLY M 538 -24.23 31.39 -125.76
N ALA M 539 -24.15 30.96 -124.50
CA ALA M 539 -23.19 31.52 -123.57
C ALA M 539 -21.87 30.75 -123.59
N TRP M 540 -21.95 29.48 -123.97
CA TRP M 540 -20.79 28.60 -124.03
C TRP M 540 -19.64 29.19 -124.81
N SER M 541 -18.45 29.09 -124.23
CA SER M 541 -17.24 29.59 -124.85
C SER M 541 -16.07 28.67 -124.60
N GLY M 542 -16.36 27.38 -124.46
CA GLY M 542 -15.32 26.39 -124.17
C GLY M 542 -14.32 26.24 -125.31
N ASP M 543 -14.70 26.67 -126.51
CA ASP M 543 -13.80 26.61 -127.66
C ASP M 543 -12.96 27.88 -127.82
N ASP M 544 -13.00 28.80 -126.85
CA ASP M 544 -12.19 30.00 -126.98
C ASP M 544 -10.72 29.64 -126.97
N LYS M 545 -10.03 30.02 -128.04
CA LYS M 545 -8.61 29.74 -128.22
C LYS M 545 -7.69 30.23 -127.12
N LEU M 546 -8.16 31.15 -126.29
CA LEU M 546 -7.35 31.68 -125.21
C LEU M 546 -7.78 31.05 -123.91
N GLN M 547 -9.03 31.26 -123.55
CA GLN M 547 -9.52 30.78 -122.26
C GLN M 547 -9.38 29.30 -122.04
N LYS M 548 -9.42 28.49 -123.10
CA LYS M 548 -9.28 27.05 -122.97
C LYS M 548 -7.98 26.60 -122.28
N TRP M 549 -6.95 27.46 -122.27
CA TRP M 549 -5.71 27.10 -121.61
C TRP M 549 -5.88 26.95 -120.12
N VAL M 550 -6.92 27.56 -119.58
CA VAL M 550 -7.23 27.47 -118.17
C VAL M 550 -8.42 26.58 -117.96
N ARG M 551 -9.47 26.80 -118.74
CA ARG M 551 -10.71 26.06 -118.59
C ARG M 551 -10.51 24.55 -118.62
N VAL M 552 -9.58 24.06 -119.44
CA VAL M 552 -9.25 22.64 -119.48
C VAL M 552 -8.97 22.01 -118.12
N TYR M 553 -8.45 22.80 -117.18
CA TYR M 553 -8.11 22.30 -115.86
C TYR M 553 -9.33 22.08 -115.00
N LEU M 554 -10.43 22.68 -115.39
CA LEU M 554 -11.65 22.61 -114.64
C LEU M 554 -12.60 21.62 -115.27
N ASP M 555 -12.63 21.64 -116.59
CA ASP M 555 -13.54 20.79 -117.32
C ASP M 555 -13.09 19.34 -117.41
N ARG M 556 -11.77 19.12 -117.53
CA ARG M 556 -11.26 17.76 -117.60
C ARG M 556 -10.26 17.45 -116.51
N GLY M 557 -9.89 18.45 -115.72
CA GLY M 557 -8.92 18.25 -114.65
C GLY M 557 -7.50 18.56 -115.13
N GLY N 34 3.20 -63.71 -41.72
CA GLY N 34 2.46 -62.41 -41.70
C GLY N 34 2.64 -61.88 -40.31
N PHE N 35 1.54 -61.46 -39.69
CA PHE N 35 1.61 -60.95 -38.32
C PHE N 35 0.36 -61.21 -37.50
N VAL N 36 0.58 -61.70 -36.27
CA VAL N 36 -0.50 -61.92 -35.31
C VAL N 36 -0.23 -61.17 -34.02
N ALA N 37 -1.15 -60.31 -33.66
CA ALA N 37 -1.04 -59.55 -32.42
C ALA N 37 -1.57 -60.42 -31.28
N LYS N 38 -0.99 -60.36 -30.09
CA LYS N 38 -1.45 -61.18 -28.97
C LYS N 38 -1.37 -60.30 -27.78
N ASP N 39 -2.49 -59.65 -27.53
CA ASP N 39 -2.58 -58.70 -26.46
C ASP N 39 -1.50 -57.61 -26.46
N ASP N 40 -1.22 -57.03 -27.62
CA ASP N 40 -0.14 -56.11 -27.73
C ASP N 40 -0.68 -54.72 -27.67
N SER N 41 0.15 -53.78 -27.22
CA SER N 41 -0.35 -52.38 -27.20
C SER N 41 -0.39 -51.89 -28.64
N LEU N 42 -1.27 -50.92 -28.92
CA LEU N 42 -1.37 -50.28 -30.19
C LEU N 42 -0.23 -49.37 -30.39
N ARG N 43 0.36 -48.93 -29.31
CA ARG N 43 1.57 -48.23 -29.47
C ARG N 43 2.53 -49.16 -30.20
N THR N 44 2.66 -50.39 -29.75
CA THR N 44 3.65 -51.30 -30.36
C THR N 44 3.20 -51.63 -31.75
N PHE N 45 1.92 -51.95 -31.85
CA PHE N 45 1.33 -52.37 -33.10
C PHE N 45 1.51 -51.31 -34.17
N PHE N 46 1.20 -50.06 -33.86
CA PHE N 46 1.31 -49.08 -34.93
C PHE N 46 2.73 -48.64 -35.23
N ASP N 47 3.62 -48.82 -34.24
CA ASP N 47 5.05 -48.68 -34.46
C ASP N 47 5.57 -49.71 -35.42
N ALA N 48 5.04 -50.93 -35.37
CA ALA N 48 5.36 -51.97 -36.34
C ALA N 48 4.88 -51.54 -37.75
N MET N 49 3.72 -50.90 -37.81
CA MET N 49 3.28 -50.34 -39.10
C MET N 49 4.17 -49.21 -39.56
N ALA N 50 4.64 -48.40 -38.63
CA ALA N 50 5.58 -47.33 -38.98
C ALA N 50 6.91 -47.85 -39.51
N LEU N 51 7.30 -49.06 -39.08
CA LEU N 51 8.51 -49.70 -39.60
C LEU N 51 8.26 -50.37 -40.93
N GLN N 52 7.05 -50.91 -41.13
CA GLN N 52 6.78 -51.56 -42.42
C GLN N 52 6.43 -50.60 -43.54
N LEU N 53 5.76 -49.52 -43.18
CA LEU N 53 5.37 -48.54 -44.16
C LEU N 53 6.39 -47.41 -44.17
N LYS N 54 6.77 -47.08 -45.41
CA LYS N 54 7.70 -46.00 -45.66
C LYS N 54 7.26 -44.72 -44.94
N GLU N 55 6.01 -44.34 -45.19
CA GLU N 55 5.40 -43.17 -44.54
C GLU N 55 5.24 -43.25 -43.03
N PRO N 56 5.45 -42.13 -42.31
CA PRO N 56 5.28 -42.23 -40.87
C PRO N 56 3.85 -42.64 -40.56
N VAL N 57 3.67 -43.41 -39.50
CA VAL N 57 2.35 -43.72 -39.03
C VAL N 57 2.26 -43.03 -37.70
N ILE N 58 1.57 -41.90 -37.61
CA ILE N 58 1.53 -41.15 -36.34
C ILE N 58 0.17 -41.36 -35.73
N VAL N 59 0.18 -41.66 -34.43
CA VAL N 59 -1.01 -42.04 -33.71
C VAL N 59 -1.28 -41.04 -32.54
N SER N 60 -2.52 -40.88 -32.14
CA SER N 60 -2.80 -40.08 -30.94
C SER N 60 -2.54 -40.90 -29.71
N LYS N 61 -2.58 -40.24 -28.57
CA LYS N 61 -2.40 -40.90 -27.30
C LYS N 61 -3.44 -42.02 -27.14
N MET N 62 -4.70 -41.70 -27.49
CA MET N 62 -5.81 -42.63 -27.40
C MET N 62 -5.69 -43.77 -28.37
N ALA N 63 -5.21 -43.48 -29.56
CA ALA N 63 -4.94 -44.53 -30.57
C ALA N 63 -3.87 -45.52 -30.12
N ALA N 64 -2.87 -45.04 -29.38
CA ALA N 64 -1.79 -45.90 -28.80
C ALA N 64 -2.12 -46.61 -27.48
N ARG N 65 -3.00 -46.00 -26.72
CA ARG N 65 -3.44 -46.46 -25.40
C ARG N 65 -4.08 -47.90 -25.40
N LYS N 66 -4.93 -48.21 -26.37
CA LYS N 66 -5.63 -49.49 -26.33
C LYS N 66 -4.72 -50.58 -26.89
N LYS N 67 -5.18 -51.84 -26.78
CA LYS N 67 -4.40 -53.02 -27.17
C LYS N 67 -5.03 -53.70 -28.38
N ILE N 68 -4.41 -54.77 -28.85
CA ILE N 68 -4.91 -55.38 -30.08
C ILE N 68 -4.56 -56.84 -30.10
N THR N 69 -5.47 -57.69 -30.56
CA THR N 69 -5.22 -59.11 -30.71
C THR N 69 -5.82 -59.60 -32.01
N GLY N 70 -5.07 -60.38 -32.78
CA GLY N 70 -5.58 -60.93 -34.04
C GLY N 70 -4.57 -60.92 -35.18
N ASN N 71 -4.90 -61.63 -36.26
CA ASN N 71 -4.03 -61.73 -37.40
C ASN N 71 -4.15 -60.48 -38.24
N PHE N 72 -3.14 -59.61 -38.17
CA PHE N 72 -3.06 -58.33 -38.87
C PHE N 72 -1.77 -58.11 -39.59
N GLU N 73 -1.66 -58.81 -40.71
CA GLU N 73 -0.51 -58.72 -41.59
C GLU N 73 -0.42 -57.26 -42.06
N PHE N 74 0.82 -56.81 -42.21
CA PHE N 74 1.07 -55.43 -42.59
C PHE N 74 1.27 -55.29 -44.10
N HIS N 75 0.65 -56.14 -44.88
CA HIS N 75 0.86 -56.04 -46.32
C HIS N 75 0.17 -54.83 -46.91
N ASP N 76 -0.82 -54.25 -46.23
CA ASP N 76 -1.50 -53.07 -46.73
C ASP N 76 -2.05 -52.32 -45.56
N PRO N 77 -1.27 -51.39 -45.02
CA PRO N 77 -1.55 -50.47 -43.89
C PRO N 77 -2.83 -49.67 -44.03
N ASN N 78 -3.10 -49.24 -45.24
CA ASN N 78 -4.31 -48.45 -45.48
C ASN N 78 -5.60 -49.27 -45.41
N ALA N 79 -5.63 -50.41 -46.09
CA ALA N 79 -6.74 -51.31 -46.03
C ALA N 79 -6.83 -51.96 -44.63
N LEU N 80 -5.69 -52.13 -43.99
CA LEU N 80 -5.64 -52.66 -42.63
C LEU N 80 -6.40 -51.73 -41.70
N LEU N 81 -6.11 -50.43 -41.79
CA LEU N 81 -6.78 -49.44 -40.97
C LEU N 81 -8.28 -49.36 -41.26
N GLU N 82 -8.69 -49.66 -42.49
CA GLU N 82 -10.10 -49.72 -42.76
C GLU N 82 -10.65 -50.94 -41.98
N LYS N 83 -9.91 -52.04 -41.98
CA LYS N 83 -10.38 -53.16 -41.15
C LYS N 83 -10.36 -52.77 -39.68
N LEU N 84 -9.40 -51.96 -39.25
CA LEU N 84 -9.31 -51.67 -37.81
C LEU N 84 -10.30 -50.61 -37.37
N SER N 85 -11.11 -50.11 -38.30
CA SER N 85 -12.18 -49.18 -37.96
C SER N 85 -13.28 -50.01 -37.33
N LEU N 86 -13.26 -51.31 -37.60
CA LEU N 86 -14.18 -52.27 -37.01
C LEU N 86 -13.57 -53.11 -35.91
N GLN N 87 -12.28 -53.40 -36.05
CA GLN N 87 -11.64 -54.22 -35.05
C GLN N 87 -11.21 -53.38 -33.84
N LEU N 88 -10.75 -52.16 -34.07
CA LEU N 88 -10.36 -51.33 -32.96
C LEU N 88 -11.37 -50.24 -32.68
N GLY N 89 -11.92 -49.71 -33.76
CA GLY N 89 -12.82 -48.56 -33.64
C GLY N 89 -12.10 -47.22 -33.66
N LEU N 90 -11.14 -47.13 -34.58
CA LEU N 90 -10.28 -45.95 -34.76
C LEU N 90 -10.62 -45.39 -36.09
N ILE N 91 -10.28 -44.11 -36.26
CA ILE N 91 -10.40 -43.43 -37.55
C ILE N 91 -8.99 -42.91 -37.88
N TRP N 92 -8.76 -42.67 -39.16
CA TRP N 92 -7.41 -42.42 -39.67
C TRP N 92 -7.48 -41.52 -40.85
N TYR N 93 -6.33 -40.95 -41.18
CA TYR N 93 -6.22 -40.06 -42.32
C TYR N 93 -4.84 -40.23 -43.00
N PHE N 94 -4.77 -40.24 -44.32
CA PHE N 94 -3.50 -40.38 -45.02
C PHE N 94 -3.37 -39.18 -45.91
N ASP N 95 -2.38 -38.28 -45.70
CA ASP N 95 -2.26 -37.07 -46.54
C ASP N 95 -1.34 -37.28 -47.71
N GLY N 96 -0.86 -38.52 -47.89
CA GLY N 96 0.00 -38.90 -49.04
C GLY N 96 1.41 -39.07 -48.50
N GLN N 97 1.71 -38.43 -47.39
CA GLN N 97 3.06 -38.53 -46.82
C GLN N 97 3.11 -39.17 -45.45
N ALA N 98 2.03 -39.12 -44.69
CA ALA N 98 2.00 -39.73 -43.37
C ALA N 98 0.58 -40.08 -42.93
N ILE N 99 0.43 -41.11 -42.11
CA ILE N 99 -0.90 -41.51 -41.60
C ILE N 99 -1.21 -40.92 -40.22
N TYR N 100 -2.45 -40.49 -39.98
CA TYR N 100 -2.81 -39.86 -38.67
C TYR N 100 -3.98 -40.56 -38.10
N ILE N 101 -3.73 -41.33 -37.05
CA ILE N 101 -4.70 -42.27 -36.50
C ILE N 101 -5.25 -41.68 -35.19
N TYR N 102 -6.56 -41.43 -35.14
CA TYR N 102 -7.18 -41.00 -33.90
C TYR N 102 -8.22 -41.98 -33.56
N ASP N 103 -8.67 -41.87 -32.35
CA ASP N 103 -9.76 -42.67 -31.87
C ASP N 103 -11.04 -42.19 -32.53
N ALA N 104 -11.96 -43.10 -32.75
CA ALA N 104 -13.21 -42.69 -33.37
C ALA N 104 -13.95 -41.65 -32.53
N SER N 105 -13.73 -41.64 -31.22
CA SER N 105 -14.42 -40.65 -30.41
C SER N 105 -13.77 -39.28 -30.52
N GLU N 106 -12.62 -39.22 -31.20
CA GLU N 106 -11.92 -37.92 -31.34
C GLU N 106 -12.33 -37.20 -32.65
N MET N 107 -13.31 -37.79 -33.33
CA MET N 107 -13.85 -37.22 -34.51
C MET N 107 -14.40 -35.81 -34.29
N ARG N 108 -14.11 -34.93 -35.23
CA ARG N 108 -14.51 -33.55 -35.19
C ARG N 108 -15.55 -33.25 -36.28
N ASN N 109 -16.35 -32.23 -36.03
CA ASN N 109 -17.32 -31.76 -37.01
C ASN N 109 -17.12 -30.30 -37.28
N ALA N 110 -17.57 -29.85 -38.44
CA ALA N 110 -17.47 -28.44 -38.66
C ALA N 110 -18.51 -28.03 -39.63
N VAL N 111 -18.90 -26.78 -39.44
CA VAL N 111 -19.84 -26.09 -40.35
C VAL N 111 -19.14 -24.90 -40.97
N VAL N 112 -18.84 -24.99 -42.26
CA VAL N 112 -18.03 -23.96 -42.86
C VAL N 112 -18.73 -23.47 -44.09
N SER N 113 -18.88 -22.13 -44.15
CA SER N 113 -19.50 -21.42 -45.30
C SER N 113 -18.47 -21.39 -46.43
N LEU N 114 -18.92 -21.28 -47.68
CA LEU N 114 -17.99 -21.28 -48.79
C LEU N 114 -18.42 -20.15 -49.70
N ARG N 115 -17.53 -19.16 -49.88
CA ARG N 115 -17.85 -17.93 -50.58
C ARG N 115 -17.55 -17.98 -52.09
N ASN N 116 -16.27 -18.11 -52.47
CA ASN N 116 -15.88 -17.88 -53.86
C ASN N 116 -15.70 -19.13 -54.69
N VAL N 117 -16.10 -20.25 -54.12
CA VAL N 117 -15.92 -21.55 -54.68
C VAL N 117 -17.25 -22.26 -54.59
N SER N 118 -17.56 -23.00 -55.65
CA SER N 118 -18.74 -23.82 -55.72
C SER N 118 -18.53 -25.01 -54.84
N LEU N 119 -19.61 -25.50 -54.28
CA LEU N 119 -19.51 -26.54 -53.31
C LEU N 119 -18.82 -27.83 -53.91
N ASN N 120 -19.20 -28.22 -55.13
CA ASN N 120 -18.56 -29.32 -55.80
C ASN N 120 -17.16 -28.99 -56.26
N GLU N 121 -16.95 -27.76 -56.71
CA GLU N 121 -15.64 -27.26 -57.06
C GLU N 121 -14.70 -27.34 -55.85
N PHE N 122 -15.19 -26.97 -54.66
CA PHE N 122 -14.33 -27.09 -53.46
C PHE N 122 -13.86 -28.55 -53.21
N ASN N 123 -14.78 -29.51 -53.27
CA ASN N 123 -14.45 -30.94 -53.12
C ASN N 123 -13.43 -31.38 -54.15
N ASN N 124 -13.60 -30.87 -55.36
CA ASN N 124 -12.66 -31.20 -56.41
C ASN N 124 -11.32 -30.60 -56.17
N PHE N 125 -11.29 -29.41 -55.60
CA PHE N 125 -10.03 -28.80 -55.36
C PHE N 125 -9.26 -29.61 -54.29
N LEU N 126 -9.97 -30.20 -53.34
CA LEU N 126 -9.27 -31.03 -52.37
C LEU N 126 -8.78 -32.31 -52.99
N LYS N 127 -9.47 -32.78 -54.03
CA LYS N 127 -9.09 -33.99 -54.74
C LYS N 127 -7.84 -33.68 -55.60
N ARG N 128 -7.80 -32.43 -56.11
CA ARG N 128 -6.70 -31.89 -56.91
C ARG N 128 -5.47 -31.71 -56.05
N SER N 129 -5.71 -31.33 -54.80
CA SER N 129 -4.68 -31.26 -53.76
C SER N 129 -4.20 -32.68 -53.37
N GLY N 130 -5.12 -33.61 -53.42
CA GLY N 130 -4.79 -35.00 -53.13
C GLY N 130 -4.96 -35.18 -51.64
N LEU N 131 -5.81 -34.36 -51.03
CA LEU N 131 -5.93 -34.42 -49.56
C LEU N 131 -7.26 -34.97 -49.16
N TYR N 132 -8.18 -34.86 -50.10
CA TYR N 132 -9.48 -35.34 -49.90
C TYR N 132 -9.42 -36.87 -49.69
N ASN N 133 -9.69 -37.26 -48.43
CA ASN N 133 -9.89 -38.65 -48.08
C ASN N 133 -11.33 -39.12 -48.28
N LYS N 134 -11.55 -39.99 -49.28
CA LYS N 134 -12.91 -40.45 -49.67
C LYS N 134 -13.59 -41.29 -48.59
N ASN N 135 -12.86 -41.72 -47.57
CA ASN N 135 -13.51 -42.48 -46.50
C ASN N 135 -14.26 -41.56 -45.58
N TYR N 136 -14.08 -40.26 -45.72
CA TYR N 136 -14.83 -39.31 -44.87
C TYR N 136 -15.36 -38.20 -45.78
N PRO N 137 -16.47 -38.52 -46.48
CA PRO N 137 -17.15 -37.64 -47.43
C PRO N 137 -17.57 -36.35 -46.78
N LEU N 138 -17.47 -35.29 -47.57
CA LEU N 138 -18.03 -34.03 -47.15
C LEU N 138 -19.48 -33.89 -47.61
N ARG N 139 -20.25 -33.09 -46.85
CA ARG N 139 -21.68 -32.97 -47.14
C ARG N 139 -21.98 -31.60 -47.65
N GLY N 140 -22.63 -31.60 -48.81
CA GLY N 140 -23.05 -30.36 -49.44
C GLY N 140 -24.55 -30.15 -49.36
N ASP N 141 -25.06 -29.10 -50.01
CA ASP N 141 -26.49 -28.76 -50.05
C ASP N 141 -26.72 -27.80 -51.22
N ASN N 142 -27.46 -28.22 -52.24
CA ASN N 142 -27.62 -27.36 -53.41
C ASN N 142 -28.33 -26.02 -53.18
N ARG N 143 -29.04 -25.90 -52.05
CA ARG N 143 -29.79 -24.70 -51.75
C ARG N 143 -29.21 -23.89 -50.59
N LYS N 144 -28.03 -24.28 -50.14
CA LYS N 144 -27.36 -23.62 -49.02
C LYS N 144 -25.86 -23.52 -49.35
N GLY N 145 -25.32 -22.32 -49.20
CA GLY N 145 -23.91 -22.03 -49.54
C GLY N 145 -22.83 -22.44 -48.51
N THR N 146 -23.07 -23.58 -47.85
CA THR N 146 -22.18 -24.14 -46.88
C THR N 146 -21.95 -25.60 -47.17
N PHE N 147 -21.03 -26.16 -46.38
CA PHE N 147 -20.73 -27.58 -46.40
C PHE N 147 -20.34 -28.02 -44.98
N TYR N 148 -20.42 -29.34 -44.74
CA TYR N 148 -20.24 -29.92 -43.41
C TYR N 148 -19.06 -30.88 -43.51
N VAL N 149 -18.30 -30.91 -42.44
CA VAL N 149 -17.04 -31.64 -42.39
C VAL N 149 -17.19 -32.59 -41.22
N SER N 150 -16.82 -33.85 -41.44
CA SER N 150 -16.75 -34.85 -40.36
C SER N 150 -15.52 -35.69 -40.65
N GLY N 151 -14.83 -36.04 -39.58
CA GLY N 151 -13.68 -36.89 -39.76
C GLY N 151 -12.68 -36.75 -38.66
N PRO N 152 -11.48 -37.32 -38.86
CA PRO N 152 -10.47 -37.17 -37.83
C PRO N 152 -9.95 -35.73 -37.76
N PRO N 153 -9.42 -35.33 -36.60
CA PRO N 153 -8.96 -33.97 -36.44
C PRO N 153 -8.04 -33.39 -37.56
N VAL N 154 -7.11 -34.18 -38.08
CA VAL N 154 -6.32 -33.69 -39.19
C VAL N 154 -7.13 -33.60 -40.51
N TYR N 155 -8.00 -34.54 -40.81
CA TYR N 155 -8.83 -34.37 -42.01
C TYR N 155 -9.66 -33.10 -41.87
N VAL N 156 -10.31 -32.95 -40.73
CA VAL N 156 -11.27 -31.85 -40.51
C VAL N 156 -10.55 -30.53 -40.57
N ASP N 157 -9.46 -30.40 -39.82
CA ASP N 157 -8.68 -29.16 -39.84
C ASP N 157 -8.17 -28.84 -41.24
N MET N 158 -7.76 -29.86 -41.98
CA MET N 158 -7.32 -29.64 -43.37
C MET N 158 -8.49 -29.08 -44.16
N VAL N 159 -9.66 -29.69 -44.07
CA VAL N 159 -10.76 -29.21 -44.97
C VAL N 159 -11.19 -27.81 -44.62
N VAL N 160 -11.35 -27.56 -43.33
CA VAL N 160 -11.81 -26.28 -42.84
C VAL N 160 -10.85 -25.12 -43.21
N ASN N 161 -9.53 -25.31 -43.00
CA ASN N 161 -8.51 -24.27 -43.30
C ASN N 161 -8.42 -24.09 -44.79
N ALA N 162 -8.60 -25.18 -45.54
CA ALA N 162 -8.49 -25.14 -46.98
C ALA N 162 -9.53 -24.22 -47.58
N ALA N 163 -10.75 -24.24 -47.00
CA ALA N 163 -11.85 -23.42 -47.54
C ALA N 163 -11.45 -21.97 -47.40
N THR N 164 -10.84 -21.64 -46.26
CA THR N 164 -10.41 -20.28 -46.03
C THR N 164 -9.37 -19.82 -47.06
N MET N 165 -8.42 -20.71 -47.31
CA MET N 165 -7.31 -20.46 -48.22
C MET N 165 -7.86 -20.30 -49.63
N MET N 166 -8.79 -21.15 -50.02
CA MET N 166 -9.39 -21.06 -51.35
C MET N 166 -10.21 -19.80 -51.62
N ASP N 167 -10.96 -19.33 -50.64
CA ASP N 167 -11.67 -18.12 -50.90
C ASP N 167 -10.69 -16.94 -51.05
N LYS N 168 -9.56 -17.00 -50.33
CA LYS N 168 -8.52 -15.97 -50.43
C LYS N 168 -7.86 -16.04 -51.81
N GLN N 169 -7.70 -17.26 -52.33
CA GLN N 169 -7.11 -17.44 -53.63
C GLN N 169 -8.10 -17.09 -54.72
N ASN N 170 -9.38 -17.22 -54.45
CA ASN N 170 -10.36 -16.88 -55.47
C ASN N 170 -11.08 -15.61 -55.17
N ASP N 171 -10.41 -14.72 -54.44
CA ASP N 171 -10.97 -13.45 -54.06
C ASP N 171 -10.92 -12.43 -55.24
N GLY N 172 -22.81 -6.02 -76.22
CA GLY N 172 -23.74 -5.91 -75.12
C GLY N 172 -23.69 -4.54 -74.47
N ILE N 173 -22.49 -3.93 -74.50
CA ILE N 173 -22.23 -2.61 -73.96
C ILE N 173 -22.16 -2.67 -72.45
N GLU N 174 -21.50 -3.69 -71.92
CA GLU N 174 -21.46 -3.88 -70.48
C GLU N 174 -20.04 -3.85 -69.92
N LEU N 175 -19.92 -3.35 -68.70
CA LEU N 175 -18.67 -3.27 -67.99
C LEU N 175 -18.90 -3.52 -66.51
N GLY N 176 -18.65 -4.75 -66.08
CA GLY N 176 -18.88 -5.11 -64.70
C GLY N 176 -20.36 -5.07 -64.39
N ARG N 177 -20.73 -4.32 -63.37
CA ARG N 177 -22.13 -4.19 -62.98
C ARG N 177 -22.85 -3.04 -63.68
N GLN N 178 -22.19 -2.35 -64.61
CA GLN N 178 -22.86 -1.24 -65.27
C GLN N 178 -22.89 -1.40 -66.77
N LYS N 179 -23.76 -0.65 -67.41
CA LYS N 179 -23.90 -0.70 -68.85
C LYS N 179 -24.58 0.51 -69.41
N ILE N 180 -24.51 0.64 -70.73
CA ILE N 180 -25.15 1.77 -71.40
C ILE N 180 -26.16 1.28 -72.42
N GLY N 181 -27.37 1.82 -72.35
CA GLY N 181 -28.41 1.44 -73.27
C GLY N 181 -28.67 2.56 -74.27
N VAL N 182 -28.78 2.19 -75.53
CA VAL N 182 -29.07 3.15 -76.58
C VAL N 182 -30.52 2.99 -76.98
N MET N 183 -31.31 4.04 -76.80
CA MET N 183 -32.73 3.91 -77.05
C MET N 183 -33.21 4.88 -78.12
N ARG N 184 -33.46 4.37 -79.31
CA ARG N 184 -33.95 5.22 -80.39
C ARG N 184 -35.42 5.46 -80.26
N LEU N 185 -35.84 6.70 -80.39
CA LEU N 185 -37.26 6.96 -80.32
C LEU N 185 -37.82 6.89 -81.71
N ASN N 186 -38.97 6.26 -81.85
CA ASN N 186 -39.55 6.06 -83.16
C ASN N 186 -40.75 6.94 -83.44
N ASN N 187 -41.53 7.27 -82.43
CA ASN N 187 -42.71 8.08 -82.65
C ASN N 187 -42.57 9.52 -82.19
N THR N 188 -41.37 9.94 -81.79
CA THR N 188 -41.19 11.33 -81.39
C THR N 188 -39.76 11.81 -81.57
N PHE N 189 -39.50 13.01 -81.08
CA PHE N 189 -38.20 13.66 -81.22
C PHE N 189 -37.50 13.88 -79.90
N VAL N 190 -36.20 13.64 -79.91
CA VAL N 190 -35.37 13.95 -78.76
C VAL N 190 -34.94 15.40 -78.83
N GLY N 191 -35.22 16.17 -77.80
CA GLY N 191 -34.83 17.57 -77.79
C GLY N 191 -36.00 18.49 -77.52
N ASP N 192 -35.72 19.77 -77.42
CA ASP N 192 -36.73 20.76 -77.10
C ASP N 192 -37.24 21.48 -78.35
N ARG N 193 -38.50 21.90 -78.32
CA ARG N 193 -39.10 22.62 -79.44
C ARG N 193 -39.16 24.11 -79.16
N THR N 194 -38.62 24.90 -80.06
CA THR N 194 -38.61 26.33 -79.86
C THR N 194 -39.30 27.08 -80.97
N TYR N 195 -40.11 28.06 -80.61
CA TYR N 195 -40.80 28.85 -81.61
C TYR N 195 -41.03 30.28 -81.15
N ASN N 196 -41.31 31.16 -82.09
CA ASN N 196 -41.51 32.56 -81.77
C ASN N 196 -42.94 33.01 -81.95
N LEU N 197 -43.36 33.93 -81.10
CA LEU N 197 -44.65 34.57 -81.15
C LEU N 197 -44.42 36.05 -81.29
N ARG N 198 -43.94 36.44 -82.46
CA ARG N 198 -43.69 37.85 -82.72
C ARG N 198 -42.55 38.36 -81.87
N ASP N 199 -42.91 38.94 -80.73
CA ASP N 199 -41.92 39.56 -79.86
C ASP N 199 -41.38 38.66 -78.76
N GLN N 200 -41.81 37.39 -78.69
CA GLN N 200 -41.26 36.54 -77.65
C GLN N 200 -40.98 35.10 -78.09
N LYS N 201 -40.04 34.46 -77.40
CA LYS N 201 -39.64 33.10 -77.71
C LYS N 201 -40.15 32.09 -76.70
N MET N 202 -40.75 31.03 -77.19
CA MET N 202 -41.30 29.98 -76.36
C MET N 202 -40.50 28.69 -76.49
N VAL N 203 -40.36 27.95 -75.39
CA VAL N 203 -39.64 26.68 -75.41
C VAL N 203 -40.43 25.56 -74.75
N ILE N 204 -40.54 24.44 -75.47
CA ILE N 204 -41.22 23.26 -74.97
C ILE N 204 -40.20 22.16 -74.70
N PRO N 205 -40.06 21.70 -73.47
CA PRO N 205 -39.13 20.69 -73.04
C PRO N 205 -39.51 19.34 -73.60
N GLY N 206 -38.51 18.57 -74.02
CA GLY N 206 -38.77 17.24 -74.56
C GLY N 206 -38.61 16.15 -73.53
N ILE N 207 -38.62 14.90 -74.01
CA ILE N 207 -38.53 13.72 -73.17
C ILE N 207 -37.22 13.58 -72.44
N ALA N 208 -36.14 14.11 -73.01
CA ALA N 208 -34.84 14.00 -72.38
C ALA N 208 -34.84 14.79 -71.10
N THR N 209 -35.37 16.00 -71.17
CA THR N 209 -35.45 16.88 -70.03
C THR N 209 -36.39 16.34 -68.97
N ALA N 210 -37.56 15.87 -69.42
CA ALA N 210 -38.56 15.36 -68.51
C ALA N 210 -38.03 14.21 -67.67
N ILE N 211 -37.41 13.23 -68.33
CA ILE N 211 -36.88 12.09 -67.61
C ILE N 211 -35.75 12.48 -66.69
N GLU N 212 -34.84 13.31 -67.18
CA GLU N 212 -33.72 13.77 -66.38
C GLU N 212 -34.18 14.36 -65.07
N ARG N 213 -35.16 15.26 -65.14
CA ARG N 213 -35.68 15.90 -63.95
C ARG N 213 -36.34 14.92 -63.01
N LEU N 214 -37.05 13.95 -63.57
CA LEU N 214 -37.73 12.96 -62.78
C LEU N 214 -36.77 12.13 -61.96
N LEU N 215 -35.72 11.64 -62.60
CA LEU N 215 -34.77 10.81 -61.90
C LEU N 215 -33.89 11.59 -60.95
N GLN N 216 -33.53 12.81 -61.33
CA GLN N 216 -32.67 13.61 -60.49
C GLN N 216 -33.44 14.72 -59.80
N ILE N 267 -28.88 7.26 -61.91
CA ILE N 267 -28.92 6.97 -63.34
C ILE N 267 -28.54 8.19 -64.15
N LYS N 268 -27.66 8.00 -65.13
CA LYS N 268 -27.21 9.11 -65.96
C LYS N 268 -27.80 9.01 -67.35
N ILE N 269 -28.55 10.02 -67.77
CA ILE N 269 -29.12 9.98 -69.11
C ILE N 269 -28.75 11.18 -69.94
N VAL N 270 -28.19 10.92 -71.11
CA VAL N 270 -27.77 11.96 -72.03
C VAL N 270 -28.42 11.83 -73.39
N ALA N 271 -28.96 12.92 -73.88
CA ALA N 271 -29.60 12.95 -75.18
C ALA N 271 -28.57 12.89 -76.30
N TYR N 272 -28.93 12.25 -77.41
CA TYR N 272 -28.07 12.21 -78.56
C TYR N 272 -28.86 12.39 -79.84
N PRO N 273 -29.15 13.64 -80.20
CA PRO N 273 -29.93 14.17 -81.31
C PRO N 273 -29.59 13.55 -82.64
N ASP N 274 -28.31 13.31 -82.86
CA ASP N 274 -27.84 12.78 -84.13
C ASP N 274 -28.54 11.50 -84.57
N THR N 275 -28.91 10.64 -83.61
CA THR N 275 -29.59 9.41 -83.93
C THR N 275 -30.94 9.33 -83.28
N ASN N 276 -31.45 10.49 -82.84
CA ASN N 276 -32.73 10.64 -82.17
C ASN N 276 -32.86 9.62 -81.07
N SER N 277 -31.87 9.56 -80.19
CA SER N 277 -31.87 8.54 -79.17
C SER N 277 -31.35 9.00 -77.83
N LEU N 278 -31.57 8.18 -76.82
CA LEU N 278 -31.11 8.45 -75.47
C LEU N 278 -30.03 7.49 -75.06
N LEU N 279 -29.09 7.99 -74.27
CA LEU N 279 -28.00 7.19 -73.74
C LEU N 279 -28.21 7.01 -72.24
N VAL N 280 -28.56 5.80 -71.83
CA VAL N 280 -28.86 5.55 -70.42
C VAL N 280 -27.77 4.74 -69.74
N LYS N 281 -27.11 5.32 -68.76
CA LYS N 281 -26.03 4.61 -68.06
C LYS N 281 -26.41 4.27 -66.62
N GLY N 282 -26.22 3.00 -66.27
CA GLY N 282 -26.54 2.52 -64.93
C GLY N 282 -26.40 1.01 -64.84
N THR N 283 -27.07 0.39 -63.88
CA THR N 283 -27.00 -1.05 -63.75
C THR N 283 -27.94 -1.66 -64.73
N ALA N 284 -27.81 -2.95 -64.97
CA ALA N 284 -28.67 -3.64 -65.91
C ALA N 284 -30.14 -3.45 -65.61
N GLU N 285 -30.48 -3.53 -64.32
CA GLU N 285 -31.85 -3.34 -63.90
C GLU N 285 -32.30 -1.91 -64.10
N GLN N 286 -31.42 -0.96 -63.79
CA GLN N 286 -31.76 0.44 -63.97
C GLN N 286 -32.01 0.78 -65.43
N VAL N 287 -31.19 0.24 -66.31
CA VAL N 287 -31.36 0.49 -67.73
C VAL N 287 -32.66 -0.10 -68.22
N HIS N 288 -32.95 -1.34 -67.83
CA HIS N 288 -34.20 -1.99 -68.21
C HIS N 288 -35.41 -1.20 -67.76
N PHE N 289 -35.35 -0.72 -66.53
CA PHE N 289 -36.39 0.10 -65.95
C PHE N 289 -36.69 1.31 -66.81
N ILE N 290 -35.65 2.04 -67.18
CA ILE N 290 -35.82 3.22 -68.02
C ILE N 290 -36.31 2.83 -69.40
N GLU N 291 -35.80 1.72 -69.94
CA GLU N 291 -36.23 1.24 -71.24
C GLU N 291 -37.73 1.12 -71.33
N MET N 292 -38.32 0.49 -70.33
CA MET N 292 -39.75 0.31 -70.33
C MET N 292 -40.48 1.64 -70.26
N LEU N 293 -39.97 2.57 -69.45
CA LEU N 293 -40.57 3.89 -69.34
C LEU N 293 -40.65 4.56 -70.69
N VAL N 294 -39.53 4.53 -71.40
CA VAL N 294 -39.46 5.11 -72.72
C VAL N 294 -40.47 4.50 -73.66
N LYS N 295 -40.57 3.17 -73.65
CA LYS N 295 -41.53 2.51 -74.51
C LYS N 295 -42.95 2.92 -74.23
N ALA N 296 -43.27 3.16 -72.96
CA ALA N 296 -44.60 3.62 -72.58
C ALA N 296 -44.90 5.00 -73.14
N LEU N 297 -43.91 5.89 -73.13
CA LEU N 297 -44.12 7.25 -73.60
C LEU N 297 -44.04 7.44 -75.12
N ASP N 298 -43.19 6.67 -75.77
CA ASP N 298 -42.95 6.79 -77.22
C ASP N 298 -44.11 6.30 -78.09
N VAL N 299 -45.19 7.08 -78.18
CA VAL N 299 -46.35 6.70 -78.98
C VAL N 299 -46.69 7.68 -80.09
N ALA N 300 -47.37 7.18 -81.11
CA ALA N 300 -47.74 7.95 -82.30
C ALA N 300 -48.83 8.98 -82.04
N LYS N 301 -48.80 10.05 -82.82
CA LYS N 301 -49.79 11.12 -82.71
C LYS N 301 -50.65 11.29 -83.95
N ARG N 302 -51.92 11.63 -83.73
CA ARG N 302 -52.86 11.91 -84.80
C ARG N 302 -52.79 13.37 -85.21
N HIS N 303 -53.33 13.69 -86.38
CA HIS N 303 -53.30 15.06 -86.86
C HIS N 303 -54.63 15.74 -86.70
N VAL N 304 -54.58 17.04 -86.42
CA VAL N 304 -55.77 17.84 -86.25
C VAL N 304 -55.75 19.06 -87.16
N GLU N 305 -56.80 19.21 -87.95
CA GLU N 305 -56.92 20.37 -88.82
C GLU N 305 -57.89 21.36 -88.23
N LEU N 306 -57.43 22.60 -88.12
CA LEU N 306 -58.24 23.66 -87.55
C LEU N 306 -58.67 24.69 -88.58
N SER N 307 -59.98 24.95 -88.65
CA SER N 307 -60.47 25.99 -89.52
C SER N 307 -61.20 27.06 -88.73
N LEU N 308 -60.82 28.31 -89.00
CA LEU N 308 -61.44 29.45 -88.36
C LEU N 308 -62.27 30.23 -89.34
N TRP N 309 -63.52 30.45 -89.02
CA TRP N 309 -64.37 31.21 -89.91
C TRP N 309 -64.59 32.58 -89.34
N ILE N 310 -64.29 33.62 -90.12
CA ILE N 310 -64.54 34.96 -89.67
C ILE N 310 -65.51 35.64 -90.61
N VAL N 311 -66.67 35.99 -90.10
CA VAL N 311 -67.68 36.60 -90.96
C VAL N 311 -67.99 38.02 -90.53
N ASP N 312 -67.98 38.93 -91.48
CA ASP N 312 -68.25 40.34 -91.20
C ASP N 312 -69.24 40.95 -92.19
N LEU N 313 -70.43 41.28 -91.69
CA LEU N 313 -71.49 41.86 -92.53
C LEU N 313 -71.78 43.31 -92.15
N ASN N 314 -71.98 44.17 -93.16
CA ASN N 314 -72.28 45.57 -92.92
C ASN N 314 -73.42 46.09 -93.79
N LYS N 315 -74.30 46.87 -93.18
CA LYS N 315 -75.40 47.46 -93.91
C LYS N 315 -75.67 48.88 -93.43
N SER N 316 -75.88 49.82 -94.35
CA SER N 316 -76.20 51.17 -93.89
C SER N 316 -77.14 51.92 -94.82
N ASP N 317 -77.75 52.98 -94.29
CA ASP N 317 -78.73 53.77 -95.00
C ASP N 317 -78.72 55.23 -94.54
N LEU N 318 -78.17 56.11 -95.38
CA LEU N 318 -78.04 57.53 -95.07
C LEU N 318 -78.95 58.41 -95.91
N GLU N 319 -79.67 59.30 -95.26
CA GLU N 319 -80.50 60.24 -95.99
C GLU N 319 -80.30 61.66 -95.49
N ARG N 320 -79.97 62.57 -96.40
CA ARG N 320 -79.79 63.96 -96.03
C ARG N 320 -80.56 64.87 -96.96
N LEU N 321 -81.43 65.71 -96.42
CA LEU N 321 -82.18 66.59 -97.29
C LEU N 321 -82.64 67.88 -96.63
N GLY N 322 -82.23 69.00 -97.20
CA GLY N 322 -82.70 70.29 -96.70
C GLY N 322 -81.67 71.39 -96.83
N THR N 323 -81.88 72.46 -96.08
CA THR N 323 -80.95 73.58 -96.15
C THR N 323 -80.49 74.07 -94.79
N SER N 324 -79.49 74.94 -94.80
CA SER N 324 -78.98 75.55 -93.57
C SER N 324 -78.57 76.98 -93.84
N TRP N 325 -79.12 77.92 -93.07
CA TRP N 325 -78.87 79.32 -93.30
C TRP N 325 -78.01 79.97 -92.23
N SER N 326 -76.96 80.66 -92.67
CA SER N 326 -76.12 81.41 -91.74
C SER N 326 -75.25 82.39 -92.49
N GLY N 327 -74.74 83.40 -91.79
CA GLY N 327 -73.83 84.34 -92.45
C GLY N 327 -74.06 85.77 -91.98
N SER N 328 -73.69 86.74 -92.82
CA SER N 328 -73.89 88.12 -92.41
C SER N 328 -74.00 89.15 -93.50
N ILE N 329 -74.17 90.40 -93.07
CA ILE N 329 -74.27 91.52 -93.99
C ILE N 329 -74.00 92.87 -93.36
N THR N 330 -73.29 93.74 -94.10
CA THR N 330 -73.10 95.11 -93.67
C THR N 330 -74.17 95.99 -94.29
N ILE N 331 -74.85 96.76 -93.45
CA ILE N 331 -75.92 97.61 -93.91
C ILE N 331 -75.68 99.10 -93.67
N GLY N 332 -75.50 99.83 -94.76
CA GLY N 332 -75.37 101.30 -94.73
C GLY N 332 -74.14 101.79 -93.99
N ASP N 333 -73.16 100.92 -93.77
CA ASP N 333 -71.98 101.25 -92.99
C ASP N 333 -72.32 101.82 -91.62
N LYS N 334 -73.45 101.40 -91.04
CA LYS N 334 -73.85 101.90 -89.74
C LYS N 334 -74.25 100.77 -88.82
N LEU N 335 -74.66 99.65 -89.41
CA LEU N 335 -74.99 98.48 -88.63
C LEU N 335 -74.85 97.24 -89.48
N GLY N 336 -74.82 96.08 -88.84
CA GLY N 336 -74.73 94.85 -89.59
C GLY N 336 -75.56 93.79 -88.92
N VAL N 337 -75.79 92.69 -89.63
CA VAL N 337 -76.63 91.61 -89.11
C VAL N 337 -75.93 90.27 -89.21
N SER N 338 -76.02 89.50 -88.13
CA SER N 338 -75.44 88.15 -88.11
C SER N 338 -76.53 87.11 -88.00
N LEU N 339 -76.46 86.08 -88.82
CA LEU N 339 -77.49 85.06 -88.77
C LEU N 339 -76.97 83.76 -88.22
N ASN N 340 -77.64 83.33 -87.15
CA ASN N 340 -77.34 82.07 -86.47
C ASN N 340 -75.88 81.96 -86.06
N GLN N 341 -75.45 82.94 -85.26
CA GLN N 341 -74.11 83.01 -84.69
C GLN N 341 -72.99 82.87 -85.71
N SER N 342 -73.06 83.66 -86.76
CA SER N 342 -72.01 83.62 -87.76
C SER N 342 -70.76 84.28 -87.19
N SER N 343 -69.60 84.02 -87.79
CA SER N 343 -68.34 84.56 -87.29
C SER N 343 -68.07 85.97 -87.81
N ILE N 344 -68.89 86.91 -87.34
CA ILE N 344 -68.90 88.34 -87.70
C ILE N 344 -67.53 88.99 -87.88
N SER N 345 -66.51 88.53 -87.16
CA SER N 345 -65.17 89.10 -87.28
C SER N 345 -64.66 89.09 -88.74
N THR N 346 -65.15 88.14 -89.54
CA THR N 346 -64.82 88.08 -90.95
C THR N 346 -66.09 88.19 -91.79
N LEU N 347 -67.19 87.67 -91.25
CA LEU N 347 -68.49 87.66 -91.95
C LEU N 347 -69.04 89.06 -92.19
N ASP N 348 -68.61 90.04 -91.40
CA ASP N 348 -68.97 91.44 -91.60
C ASP N 348 -68.76 91.89 -93.05
N GLY N 349 -67.69 91.39 -93.70
CA GLY N 349 -67.40 91.74 -95.08
C GLY N 349 -67.75 90.62 -96.06
N SER N 350 -68.71 89.78 -95.69
CA SER N 350 -69.11 88.66 -96.55
C SER N 350 -70.59 88.69 -96.94
N ARG N 351 -71.24 87.54 -96.85
CA ARG N 351 -72.63 87.42 -97.28
C ARG N 351 -73.34 86.27 -96.57
N PHE N 352 -74.59 86.00 -96.94
CA PHE N 352 -75.31 84.90 -96.31
C PHE N 352 -75.17 83.64 -97.13
N ILE N 353 -74.94 82.52 -96.46
CA ILE N 353 -74.80 81.26 -97.17
C ILE N 353 -75.97 80.33 -96.93
N ALA N 354 -76.45 79.76 -98.02
CA ALA N 354 -77.53 78.79 -98.01
C ALA N 354 -76.96 77.44 -98.36
N ALA N 355 -76.61 76.65 -97.35
CA ALA N 355 -76.10 75.33 -97.64
C ALA N 355 -77.27 74.46 -98.00
N VAL N 356 -77.09 73.61 -99.00
CA VAL N 356 -78.14 72.71 -99.44
C VAL N 356 -77.63 71.29 -99.55
N ASN N 357 -78.26 70.39 -98.82
CA ASN N 357 -77.90 68.99 -98.90
C ASN N 357 -78.98 68.18 -99.57
N ALA N 358 -78.58 67.18 -100.33
CA ALA N 358 -79.54 66.32 -101.01
C ALA N 358 -78.85 65.05 -101.43
N LEU N 359 -78.87 64.07 -100.54
CA LEU N 359 -78.19 62.82 -100.82
C LEU N 359 -78.82 61.60 -100.19
N GLU N 360 -79.04 60.58 -101.00
CA GLU N 360 -79.47 59.31 -100.49
C GLU N 360 -78.36 58.31 -100.70
N GLU N 361 -78.03 57.52 -99.68
CA GLU N 361 -76.96 56.55 -99.82
C GLU N 361 -77.25 55.19 -99.22
N LYS N 362 -77.12 54.16 -100.03
CA LYS N 362 -77.26 52.79 -99.58
C LYS N 362 -75.92 52.08 -99.64
N LYS N 363 -75.63 51.25 -98.66
CA LYS N 363 -74.37 50.52 -98.70
C LYS N 363 -74.45 49.13 -98.11
N GLN N 364 -73.78 48.20 -98.77
CA GLN N 364 -73.75 46.81 -98.34
C GLN N 364 -72.39 46.19 -98.50
N ALA N 365 -71.95 45.42 -97.50
CA ALA N 365 -70.65 44.77 -97.62
C ALA N 365 -70.57 43.46 -96.88
N THR N 366 -69.80 42.53 -97.44
CA THR N 366 -69.58 41.25 -96.78
C THR N 366 -68.16 40.75 -96.96
N VAL N 367 -67.60 40.22 -95.88
CA VAL N 367 -66.27 39.64 -95.90
C VAL N 367 -66.21 38.32 -95.16
N VAL N 368 -65.66 37.30 -95.82
CA VAL N 368 -65.45 36.02 -95.18
C VAL N 368 -64.00 35.62 -95.25
N SER N 369 -63.40 35.39 -94.10
CA SER N 369 -62.00 35.01 -94.03
C SER N 369 -61.83 33.66 -93.37
N ARG N 370 -60.97 32.82 -93.94
CA ARG N 370 -60.79 31.50 -93.40
C ARG N 370 -59.34 31.02 -93.32
N PRO N 371 -58.72 31.15 -92.15
CA PRO N 371 -57.42 30.60 -91.80
C PRO N 371 -57.51 29.10 -91.61
N VAL N 372 -56.51 28.38 -92.11
CA VAL N 372 -56.45 26.94 -91.97
C VAL N 372 -55.09 26.48 -91.45
N LEU N 373 -55.09 25.67 -90.39
CA LEU N 373 -53.83 25.24 -89.79
C LEU N 373 -53.79 23.77 -89.38
N LEU N 374 -52.78 23.03 -89.84
CA LEU N 374 -52.61 21.62 -89.50
C LEU N 374 -51.53 21.36 -88.45
N THR N 375 -51.88 20.59 -87.42
CA THR N 375 -50.94 20.21 -86.38
C THR N 375 -51.19 18.79 -85.87
N GLN N 376 -50.61 18.47 -84.72
CA GLN N 376 -50.75 17.16 -84.11
C GLN N 376 -51.19 17.26 -82.68
N GLU N 377 -51.64 16.14 -82.13
CA GLU N 377 -52.09 16.06 -80.76
C GLU N 377 -51.07 16.65 -79.82
N ASN N 378 -51.49 17.58 -78.98
CA ASN N 378 -50.65 18.19 -77.97
C ASN N 378 -49.51 19.03 -78.54
N VAL N 379 -49.58 19.44 -79.80
CA VAL N 379 -48.53 20.26 -80.39
C VAL N 379 -49.02 21.67 -80.75
N PRO N 380 -48.59 22.69 -80.00
CA PRO N 380 -48.87 24.11 -80.17
C PRO N 380 -48.52 24.55 -81.56
N ALA N 381 -49.50 25.03 -82.29
CA ALA N 381 -49.27 25.45 -83.65
C ALA N 381 -49.57 26.93 -83.81
N ILE N 382 -48.77 27.55 -84.66
CA ILE N 382 -48.90 28.99 -84.86
C ILE N 382 -49.13 29.39 -86.31
N PHE N 383 -50.12 30.22 -86.52
CA PHE N 383 -50.40 30.79 -87.83
C PHE N 383 -50.48 32.28 -87.72
N ASP N 384 -49.62 33.00 -88.44
CA ASP N 384 -49.66 34.44 -88.32
C ASP N 384 -49.49 35.15 -89.65
N ASN N 385 -50.57 35.76 -90.13
CA ASN N 385 -50.54 36.52 -91.35
C ASN N 385 -50.58 38.00 -90.98
N ASN N 386 -49.45 38.69 -91.10
CA ASN N 386 -49.46 40.06 -90.60
C ASN N 386 -48.71 41.05 -91.44
N ARG N 387 -48.79 42.31 -91.01
CA ARG N 387 -48.04 43.38 -91.63
C ARG N 387 -47.32 44.17 -90.58
N THR N 388 -46.15 44.69 -90.94
CA THR N 388 -45.38 45.46 -90.00
C THR N 388 -44.98 46.83 -90.53
N PHE N 389 -45.30 47.82 -89.72
CA PHE N 389 -45.01 49.21 -89.98
C PHE N 389 -43.77 49.64 -89.24
N TYR N 390 -42.77 50.13 -89.96
CA TYR N 390 -41.54 50.55 -89.31
C TYR N 390 -41.42 52.06 -89.21
N THR N 391 -40.76 52.54 -88.15
CA THR N 391 -40.52 53.96 -87.98
C THR N 391 -39.20 54.24 -87.26
N LYS N 392 -38.63 55.40 -87.54
CA LYS N 392 -37.36 55.79 -86.94
C LYS N 392 -37.53 56.54 -85.64
N LEU N 393 -36.66 56.25 -84.68
CA LEU N 393 -36.58 56.96 -83.43
C LEU N 393 -35.20 57.54 -83.24
N ILE N 394 -34.61 58.07 -84.31
CA ILE N 394 -33.27 58.60 -84.20
C ILE N 394 -33.26 59.83 -83.34
N GLY N 395 -32.94 59.65 -82.07
CA GLY N 395 -32.81 60.78 -81.19
C GLY N 395 -31.39 61.25 -81.24
N GLU N 396 -31.00 62.07 -80.29
CA GLU N 396 -29.66 62.54 -80.25
C GLU N 396 -28.78 61.56 -79.49
N ARG N 397 -29.21 61.07 -78.34
CA ARG N 397 -28.39 60.06 -77.68
C ARG N 397 -28.77 58.70 -78.16
N ASN N 398 -30.00 58.30 -77.83
CA ASN N 398 -30.46 56.99 -78.20
C ASN N 398 -31.16 57.02 -79.53
N VAL N 399 -30.87 56.03 -80.33
CA VAL N 399 -31.46 55.88 -81.64
C VAL N 399 -32.02 54.49 -81.76
N ALA N 400 -33.05 54.32 -82.57
CA ALA N 400 -33.64 53.01 -82.72
C ALA N 400 -34.69 52.96 -83.80
N LEU N 401 -35.11 51.75 -84.12
CA LEU N 401 -36.23 51.55 -85.00
C LEU N 401 -37.30 50.86 -84.21
N GLU N 402 -38.54 51.21 -84.48
CA GLU N 402 -39.64 50.56 -83.82
C GLU N 402 -40.69 50.20 -84.82
N HIS N 403 -41.60 49.36 -84.39
CA HIS N 403 -42.60 48.94 -85.33
C HIS N 403 -43.92 48.53 -84.73
N VAL N 404 -44.91 48.50 -85.60
CA VAL N 404 -46.26 48.11 -85.23
C VAL N 404 -46.68 46.91 -86.06
N THR N 405 -46.95 45.81 -85.40
CA THR N 405 -47.36 44.60 -86.11
C THR N 405 -48.80 44.25 -85.82
N TYR N 406 -49.54 43.94 -86.87
CA TYR N 406 -50.94 43.54 -86.72
C TYR N 406 -51.38 42.65 -87.84
N GLY N 407 -52.43 41.86 -87.60
CA GLY N 407 -52.92 40.96 -88.64
C GLY N 407 -53.74 39.83 -88.05
N THR N 408 -53.78 38.70 -88.76
CA THR N 408 -54.54 37.55 -88.33
C THR N 408 -53.65 36.54 -87.65
N MET N 409 -53.92 36.25 -86.38
CA MET N 409 -53.07 35.32 -85.68
C MET N 409 -53.81 34.26 -84.89
N ILE N 410 -53.35 33.03 -85.02
CA ILE N 410 -53.93 31.91 -84.29
C ILE N 410 -52.90 31.11 -83.54
N ARG N 411 -53.10 30.96 -82.24
CA ARG N 411 -52.27 30.07 -81.47
C ARG N 411 -53.17 28.98 -80.93
N VAL N 412 -52.83 27.73 -81.18
CA VAL N 412 -53.74 26.69 -80.73
C VAL N 412 -53.10 25.43 -80.21
N LEU N 413 -53.69 24.90 -79.15
CA LEU N 413 -53.27 23.63 -78.58
C LEU N 413 -54.44 22.65 -78.52
N PRO N 414 -54.52 21.70 -79.45
CA PRO N 414 -55.55 20.69 -79.60
C PRO N 414 -55.32 19.49 -78.72
N ARG N 415 -56.40 18.85 -78.31
CA ARG N 415 -56.27 17.68 -77.48
C ARG N 415 -57.51 16.79 -77.51
N PHE N 416 -57.31 15.50 -77.80
CA PHE N 416 -58.45 14.59 -77.83
C PHE N 416 -58.86 14.13 -76.44
N SER N 417 -60.17 14.01 -76.24
CA SER N 417 -60.71 13.54 -74.98
C SER N 417 -61.18 12.11 -75.09
N ALA N 418 -61.76 11.62 -74.01
CA ALA N 418 -62.22 10.23 -73.91
C ALA N 418 -63.27 9.90 -74.94
N ASP N 419 -64.12 10.86 -75.26
CA ASP N 419 -65.19 10.64 -76.21
C ASP N 419 -64.83 11.02 -77.64
N GLY N 420 -63.55 11.28 -77.91
CA GLY N 420 -63.15 11.66 -79.25
C GLY N 420 -63.40 13.14 -79.50
N GLN N 421 -63.67 13.88 -78.44
CA GLN N 421 -63.94 15.30 -78.54
C GLN N 421 -62.62 16.03 -78.65
N ILE N 422 -62.63 17.20 -79.27
CA ILE N 422 -61.38 17.93 -79.38
C ILE N 422 -61.42 19.22 -78.60
N GLU N 423 -60.57 19.33 -77.59
CA GLU N 423 -60.50 20.57 -76.86
C GLU N 423 -59.37 21.40 -77.35
N MET N 424 -59.60 22.69 -77.42
CA MET N 424 -58.57 23.57 -77.91
C MET N 424 -58.38 24.80 -77.07
N SER N 425 -57.11 25.11 -76.81
CA SER N 425 -56.80 26.37 -76.19
C SER N 425 -56.70 27.34 -77.34
N LEU N 426 -57.46 28.43 -77.31
CA LEU N 426 -57.49 29.33 -78.45
C LEU N 426 -57.14 30.76 -78.17
N ASP N 427 -56.17 31.27 -78.92
CA ASP N 427 -55.86 32.69 -78.89
C ASP N 427 -56.03 33.24 -80.30
N ILE N 428 -56.92 34.20 -80.45
CA ILE N 428 -57.23 34.74 -81.76
C ILE N 428 -57.08 36.24 -81.86
N GLU N 429 -56.34 36.69 -82.88
CA GLU N 429 -56.25 38.12 -83.16
C GLU N 429 -56.72 38.45 -84.55
N ASP N 430 -57.56 39.46 -84.65
CA ASP N 430 -57.98 39.99 -85.94
C ASP N 430 -57.68 41.47 -85.98
N GLY N 431 -56.52 41.84 -86.50
CA GLY N 431 -56.14 43.23 -86.56
C GLY N 431 -56.22 43.82 -87.96
N ASN N 432 -56.38 45.13 -88.02
CA ASN N 432 -56.44 45.83 -89.30
C ASN N 432 -56.00 47.29 -89.19
N ASP N 433 -55.94 47.97 -90.32
CA ASP N 433 -55.51 49.35 -90.39
C ASP N 433 -56.66 50.32 -90.51
N LYS N 434 -56.96 51.04 -89.44
CA LYS N 434 -58.01 52.06 -89.50
C LYS N 434 -57.38 53.36 -89.94
N THR N 435 -58.06 54.13 -90.77
CA THR N 435 -57.46 55.38 -91.22
C THR N 435 -58.37 56.57 -91.01
N PRO N 436 -57.77 57.75 -90.89
CA PRO N 436 -58.38 59.07 -90.80
C PRO N 436 -58.66 59.58 -92.20
N GLN N 437 -59.20 60.80 -92.29
CA GLN N 437 -59.44 61.36 -93.60
C GLN N 437 -58.12 61.51 -94.34
N SER N 438 -58.04 60.87 -95.51
CA SER N 438 -56.84 60.84 -96.34
C SER N 438 -56.41 62.20 -96.89
N ASP N 439 -57.31 63.17 -96.81
CA ASP N 439 -57.03 64.53 -97.26
C ASP N 439 -56.21 65.32 -96.24
N THR N 440 -55.96 64.75 -95.06
CA THR N 440 -55.22 65.46 -94.04
C THR N 440 -53.78 64.97 -93.90
N THR N 441 -53.00 65.73 -93.15
CA THR N 441 -51.58 65.45 -92.91
C THR N 441 -51.36 64.26 -92.00
N THR N 442 -52.44 63.83 -91.32
CA THR N 442 -52.40 62.69 -90.43
C THR N 442 -52.29 61.39 -91.23
N SER N 443 -52.50 61.46 -92.55
CA SER N 443 -52.32 60.31 -93.43
C SER N 443 -50.84 60.11 -93.79
N VAL N 444 -49.99 61.08 -93.43
CA VAL N 444 -48.56 61.02 -93.69
C VAL N 444 -47.80 60.71 -92.41
N ASP N 445 -48.10 61.46 -91.36
CA ASP N 445 -47.43 61.24 -90.07
C ASP N 445 -47.76 59.86 -89.55
N ALA N 446 -46.76 59.21 -88.96
CA ALA N 446 -46.86 57.85 -88.38
C ALA N 446 -48.00 57.69 -87.38
N LEU N 447 -49.23 57.68 -87.89
CA LEU N 447 -50.40 57.54 -87.05
C LEU N 447 -51.35 56.39 -87.43
N PRO N 448 -50.88 55.35 -88.16
CA PRO N 448 -51.68 54.21 -88.59
C PRO N 448 -52.51 53.61 -87.45
N GLU N 449 -53.65 54.20 -87.14
CA GLU N 449 -54.56 53.70 -86.11
C GLU N 449 -54.84 52.23 -86.32
N VAL N 450 -54.64 51.43 -85.30
CA VAL N 450 -54.84 50.00 -85.50
C VAL N 450 -56.08 49.50 -84.79
N GLY N 451 -56.85 48.68 -85.47
CA GLY N 451 -58.03 48.10 -84.86
C GLY N 451 -57.71 46.66 -84.57
N ARG N 452 -58.08 46.17 -83.39
CA ARG N 452 -57.78 44.78 -83.06
C ARG N 452 -58.92 44.10 -82.33
N THR N 453 -59.19 42.86 -82.69
CA THR N 453 -60.16 42.06 -81.96
C THR N 453 -59.43 40.89 -81.34
N LEU N 454 -59.52 40.78 -80.02
CA LEU N 454 -58.82 39.71 -79.33
C LEU N 454 -59.75 38.77 -78.60
N ILE N 455 -59.51 37.48 -78.78
CA ILE N 455 -60.28 36.46 -78.08
C ILE N 455 -59.38 35.43 -77.43
N SER N 456 -59.60 35.15 -76.16
CA SER N 456 -58.81 34.12 -75.50
C SER N 456 -59.70 33.22 -74.65
N THR N 457 -59.85 31.97 -75.09
CA THR N 457 -60.72 31.02 -74.39
C THR N 457 -60.34 29.56 -74.63
N ILE N 458 -61.20 28.66 -74.17
CA ILE N 458 -61.06 27.21 -74.32
C ILE N 458 -62.38 26.57 -74.72
N ALA N 459 -62.37 25.68 -75.71
CA ALA N 459 -63.63 25.07 -76.09
C ALA N 459 -63.50 23.62 -76.55
N ARG N 460 -64.54 22.82 -76.26
CA ARG N 460 -64.58 21.42 -76.68
C ARG N 460 -65.53 21.27 -77.85
N VAL N 461 -65.05 20.71 -78.95
CA VAL N 461 -65.90 20.56 -80.12
C VAL N 461 -65.92 19.10 -80.60
N PRO N 462 -67.11 18.54 -80.88
CA PRO N 462 -67.31 17.22 -81.45
C PRO N 462 -66.66 17.15 -82.82
N HIS N 463 -66.11 15.98 -83.15
CA HIS N 463 -65.42 15.82 -84.42
C HIS N 463 -66.29 16.13 -85.62
N GLY N 464 -65.85 17.06 -86.46
CA GLY N 464 -66.59 17.41 -87.67
C GLY N 464 -67.70 18.43 -87.42
N LYS N 465 -67.80 18.94 -86.20
CA LYS N 465 -68.81 19.93 -85.88
C LYS N 465 -68.18 21.27 -85.63
N SER N 466 -68.99 22.25 -85.27
CA SER N 466 -68.47 23.58 -85.06
C SER N 466 -69.13 24.29 -83.90
N LEU N 467 -68.44 25.30 -83.37
CA LEU N 467 -68.99 26.15 -82.32
C LEU N 467 -68.72 27.61 -82.54
N LEU N 468 -69.65 28.42 -82.08
CA LEU N 468 -69.47 29.85 -82.10
C LEU N 468 -68.64 30.27 -80.92
N VAL N 469 -67.43 30.74 -81.18
CA VAL N 469 -66.56 31.17 -80.10
C VAL N 469 -66.95 32.50 -79.56
N GLY N 470 -67.23 33.42 -80.45
CA GLY N 470 -67.64 34.73 -79.99
C GLY N 470 -67.99 35.64 -81.12
N GLY N 471 -68.37 36.85 -80.77
CA GLY N 471 -68.74 37.80 -81.78
C GLY N 471 -69.15 39.14 -81.23
N TYR N 472 -69.58 39.99 -82.12
CA TYR N 472 -69.98 41.33 -81.77
C TYR N 472 -70.98 41.86 -82.75
N THR N 473 -72.10 42.35 -82.25
CA THR N 473 -73.06 42.95 -83.16
C THR N 473 -73.42 44.34 -82.73
N ARG N 474 -73.86 45.13 -83.68
CA ARG N 474 -74.26 46.49 -83.39
C ARG N 474 -75.37 46.98 -84.28
N ASP N 475 -76.39 47.53 -83.66
CA ASP N 475 -77.49 48.09 -84.40
C ASP N 475 -77.68 49.53 -83.98
N ALA N 476 -77.88 50.44 -84.93
CA ALA N 476 -78.03 51.83 -84.52
C ALA N 476 -78.86 52.64 -85.50
N ASN N 477 -79.51 53.67 -84.98
CA ASN N 477 -80.33 54.53 -85.80
C ASN N 477 -80.47 55.91 -85.20
N THR N 478 -80.29 56.93 -86.02
CA THR N 478 -80.44 58.29 -85.53
C THR N 478 -81.06 59.22 -86.54
N ASP N 479 -81.66 60.29 -86.05
CA ASP N 479 -82.28 61.25 -86.94
C ASP N 479 -82.33 62.65 -86.37
N THR N 480 -82.35 63.65 -87.26
CA THR N 480 -82.42 65.03 -86.83
C THR N 480 -83.42 65.83 -87.62
N VAL N 481 -83.94 66.88 -87.00
CA VAL N 481 -84.82 67.83 -87.66
C VAL N 481 -84.46 69.25 -87.29
N GLN N 482 -84.20 70.09 -88.27
CA GLN N 482 -83.91 71.48 -88.01
C GLN N 482 -84.80 72.37 -88.82
N SER N 483 -85.18 73.51 -88.27
CA SER N 483 -86.00 74.41 -89.06
C SER N 483 -86.01 75.82 -88.55
N ILE N 484 -86.56 76.70 -89.38
CA ILE N 484 -86.73 78.09 -89.02
C ILE N 484 -88.11 78.24 -88.41
N PRO N 485 -88.19 78.60 -87.12
CA PRO N 485 -89.40 78.70 -86.30
C PRO N 485 -90.71 79.03 -87.02
N PHE N 486 -90.69 79.91 -88.00
CA PHE N 486 -91.94 80.22 -88.66
C PHE N 486 -91.92 79.91 -90.15
N LEU N 487 -90.78 80.09 -90.79
CA LEU N 487 -90.69 79.88 -92.22
C LEU N 487 -90.83 78.43 -92.61
N GLY N 488 -90.39 77.53 -91.74
CA GLY N 488 -90.47 76.10 -91.99
C GLY N 488 -91.91 75.59 -92.10
N LYS N 489 -92.90 76.38 -91.69
CA LYS N 489 -94.27 75.94 -91.75
C LYS N 489 -95.00 76.42 -93.01
N LEU N 490 -94.30 77.12 -93.90
CA LEU N 490 -94.99 77.63 -95.07
C LEU N 490 -95.23 76.57 -96.15
N PRO N 491 -96.49 76.47 -96.64
CA PRO N 491 -97.02 75.47 -97.59
C PRO N 491 -96.01 74.85 -98.54
N LEU N 492 -95.50 75.65 -99.48
CA LEU N 492 -94.54 75.16 -100.46
C LEU N 492 -93.30 76.00 -100.43
N ILE N 493 -92.95 76.45 -99.25
CA ILE N 493 -91.81 77.33 -99.06
C ILE N 493 -90.89 76.80 -97.99
N GLY N 494 -91.48 76.35 -96.87
CA GLY N 494 -90.76 75.85 -95.70
C GLY N 494 -89.69 74.81 -96.02
N SER N 495 -89.87 74.05 -97.11
CA SER N 495 -88.89 73.08 -97.56
C SER N 495 -87.49 73.68 -97.78
N LEU N 496 -87.46 74.99 -98.05
CA LEU N 496 -86.24 75.73 -98.30
C LEU N 496 -85.54 76.15 -97.01
N PHE N 497 -86.18 75.89 -95.87
CA PHE N 497 -85.68 76.26 -94.57
C PHE N 497 -85.49 75.03 -93.66
N ARG N 498 -86.34 74.03 -93.86
CA ARG N 498 -86.27 72.80 -93.09
C ARG N 498 -85.07 71.96 -93.47
N TYR N 499 -84.66 71.10 -92.55
CA TYR N 499 -83.54 70.20 -92.75
C TYR N 499 -83.72 68.92 -92.00
N SER N 500 -83.49 67.78 -92.63
CA SER N 500 -83.60 66.55 -91.89
C SER N 500 -82.57 65.53 -92.30
N SER N 501 -82.29 64.61 -91.40
CA SER N 501 -81.35 63.56 -91.72
C SER N 501 -81.68 62.25 -91.03
N LYS N 502 -81.27 61.16 -91.65
CA LYS N 502 -81.46 59.83 -91.11
C LYS N 502 -80.21 59.01 -91.28
N ASN N 503 -79.87 58.21 -90.29
CA ASN N 503 -78.68 57.38 -90.44
C ASN N 503 -78.82 56.06 -89.69
N LYS N 504 -79.04 55.00 -90.45
CA LYS N 504 -79.20 53.66 -89.91
C LYS N 504 -78.05 52.73 -90.27
N SER N 505 -77.63 51.90 -89.32
CA SER N 505 -76.57 50.94 -89.62
C SER N 505 -76.72 49.62 -88.86
N ASN N 506 -76.18 48.56 -89.46
CA ASN N 506 -76.23 47.24 -88.86
C ASN N 506 -74.90 46.50 -89.08
N VAL N 507 -74.31 45.99 -88.00
CA VAL N 507 -73.03 45.29 -88.09
C VAL N 507 -73.02 43.93 -87.43
N VAL N 508 -72.53 42.92 -88.13
CA VAL N 508 -72.42 41.57 -87.54
C VAL N 508 -71.05 40.95 -87.72
N ARG N 509 -70.39 40.61 -86.60
CA ARG N 509 -69.09 39.93 -86.67
C ARG N 509 -69.01 38.69 -85.81
N VAL N 510 -68.67 37.56 -86.43
CA VAL N 510 -68.54 36.32 -85.64
C VAL N 510 -67.31 35.49 -85.95
N PHE N 511 -66.91 34.70 -84.95
CA PHE N 511 -65.79 33.79 -85.03
C PHE N 511 -66.23 32.38 -84.72
N MET N 512 -66.10 31.48 -85.69
CA MET N 512 -66.52 30.10 -85.51
C MET N 512 -65.39 29.12 -85.74
N ILE N 513 -65.40 28.04 -84.95
CA ILE N 513 -64.38 27.02 -85.02
C ILE N 513 -64.85 25.68 -85.50
N GLU N 514 -64.11 25.09 -86.42
CA GLU N 514 -64.41 23.77 -86.94
C GLU N 514 -63.13 22.92 -86.99
N PRO N 515 -63.15 21.75 -86.34
CA PRO N 515 -61.94 20.93 -86.32
C PRO N 515 -62.22 19.51 -86.75
N LYS N 516 -61.22 18.88 -87.38
CA LYS N 516 -61.35 17.49 -87.79
C LYS N 516 -60.03 16.74 -87.76
N GLU N 517 -60.14 15.42 -87.72
CA GLU N 517 -58.97 14.54 -87.68
C GLU N 517 -58.51 14.17 -89.06
N ILE N 518 -57.22 14.35 -89.30
CA ILE N 518 -56.63 14.03 -90.59
C ILE N 518 -55.88 12.72 -90.55
N VAL N 519 -56.23 11.81 -91.45
CA VAL N 519 -55.59 10.51 -91.48
C VAL N 519 -55.05 10.13 -92.86
N ASP N 520 -55.66 10.67 -93.91
CA ASP N 520 -55.22 10.37 -95.26
C ASP N 520 -54.32 11.47 -95.81
N PRO N 521 -53.44 11.15 -96.75
CA PRO N 521 -52.56 12.02 -97.49
C PRO N 521 -53.41 12.83 -98.46
N LEU N 522 -52.92 14.00 -98.83
CA LEU N 522 -53.64 14.89 -99.71
C LEU N 522 -53.91 14.19 -101.04
N THR N 523 -55.18 14.13 -101.43
CA THR N 523 -55.54 13.46 -102.69
C THR N 523 -56.38 14.35 -103.59
N PRO N 524 -55.94 14.56 -104.82
CA PRO N 524 -54.74 14.11 -105.52
C PRO N 524 -53.51 14.81 -104.98
N ASP N 525 -52.35 14.26 -105.28
CA ASP N 525 -51.08 14.81 -104.81
C ASP N 525 -50.91 16.25 -105.27
N ALA N 526 -50.31 17.06 -104.39
CA ALA N 526 -50.13 18.49 -104.63
C ALA N 526 -49.56 18.81 -105.99
N SER N 527 -48.52 18.10 -106.40
CA SER N 527 -47.87 18.37 -107.68
C SER N 527 -48.78 18.18 -108.88
N GLU N 528 -49.78 17.33 -108.76
CA GLU N 528 -50.70 17.09 -109.86
C GLU N 528 -51.61 18.28 -110.03
N SER N 529 -52.14 18.75 -108.91
CA SER N 529 -53.04 19.88 -108.93
C SER N 529 -52.34 21.13 -109.38
N VAL N 530 -51.10 21.32 -108.93
CA VAL N 530 -50.34 22.49 -109.35
C VAL N 530 -50.13 22.51 -110.84
N ASN N 531 -49.79 21.37 -111.43
CA ASN N 531 -49.62 21.34 -112.87
C ASN N 531 -50.89 21.74 -113.60
N ASN N 532 -52.04 21.29 -113.12
CA ASN N 532 -53.30 21.65 -113.74
C ASN N 532 -53.52 23.15 -113.69
N ILE N 533 -53.19 23.76 -112.56
CA ILE N 533 -53.32 25.19 -112.38
C ILE N 533 -52.43 25.97 -113.31
N LEU N 534 -51.16 25.59 -113.38
CA LEU N 534 -50.22 26.30 -114.22
C LEU N 534 -50.58 26.24 -115.68
N LYS N 535 -51.05 25.08 -116.12
CA LYS N 535 -51.40 24.95 -117.51
C LYS N 535 -52.62 25.77 -117.86
N GLN N 536 -53.68 25.66 -117.07
CA GLN N 536 -54.89 26.41 -117.36
C GLN N 536 -54.70 27.91 -117.21
N SER N 537 -53.86 28.32 -116.28
CA SER N 537 -53.58 29.73 -116.08
C SER N 537 -52.56 30.30 -117.07
N GLY N 538 -51.96 29.44 -117.89
CA GLY N 538 -51.00 29.88 -118.90
C GLY N 538 -49.60 30.19 -118.39
N ALA N 539 -49.29 29.83 -117.13
CA ALA N 539 -47.99 30.13 -116.57
C ALA N 539 -46.99 29.00 -116.82
N TRP N 540 -47.51 27.79 -116.99
CA TRP N 540 -46.71 26.60 -117.22
C TRP N 540 -45.71 26.77 -118.35
N SER N 541 -44.48 26.35 -118.08
CA SER N 541 -43.41 26.43 -119.07
C SER N 541 -42.51 25.22 -118.99
N GLY N 542 -43.09 24.08 -118.60
CA GLY N 542 -42.33 22.84 -118.47
C GLY N 542 -41.78 22.34 -119.79
N ASP N 543 -42.35 22.80 -120.91
CA ASP N 543 -41.87 22.41 -122.22
C ASP N 543 -40.80 23.35 -122.77
N ASP N 544 -40.31 24.29 -121.96
CA ASP N 544 -39.28 25.18 -122.45
C ASP N 544 -38.02 24.39 -122.78
N LYS N 545 -37.58 24.50 -124.02
CA LYS N 545 -36.42 23.79 -124.52
C LYS N 545 -35.11 24.04 -123.77
N LEU N 546 -35.06 25.11 -122.98
CA LEU N 546 -33.86 25.43 -122.24
C LEU N 546 -34.05 25.03 -120.80
N GLN N 547 -35.05 25.61 -120.15
CA GLN N 547 -35.26 25.39 -118.73
C GLN N 547 -35.47 23.94 -118.35
N LYS N 548 -36.02 23.13 -119.25
CA LYS N 548 -36.26 21.72 -118.96
C LYS N 548 -34.99 20.95 -118.57
N TRP N 549 -33.81 21.44 -118.94
CA TRP N 549 -32.57 20.77 -118.58
C TRP N 549 -32.34 20.76 -117.09
N VAL N 550 -32.98 21.69 -116.39
CA VAL N 550 -32.88 21.76 -114.96
C VAL N 550 -34.17 21.29 -114.32
N ARG N 551 -35.29 21.78 -114.83
CA ARG N 551 -36.60 21.44 -114.27
C ARG N 551 -36.83 19.95 -114.15
N VAL N 552 -36.34 19.17 -115.10
CA VAL N 552 -36.44 17.70 -115.03
C VAL N 552 -35.97 17.10 -113.71
N TYR N 553 -35.01 17.75 -113.05
CA TYR N 553 -34.45 17.25 -111.81
C TYR N 553 -35.38 17.45 -110.64
N LEU N 554 -36.34 18.33 -110.81
CA LEU N 554 -37.27 18.67 -109.77
C LEU N 554 -38.59 17.98 -110.00
N ASP N 555 -38.99 17.93 -111.26
CA ASP N 555 -40.27 17.36 -111.60
C ASP N 555 -40.26 15.83 -111.61
N ARG N 556 -39.16 15.22 -112.03
CA ARG N 556 -39.08 13.77 -112.05
C ARG N 556 -37.93 13.23 -111.22
N GLY N 557 -37.09 14.12 -110.69
CA GLY N 557 -35.95 13.69 -109.89
C GLY N 557 -34.71 13.54 -110.75
N GLY O 34 -26.40 -63.91 -32.03
CA GLY O 34 -26.71 -62.46 -31.99
C GLY O 34 -26.00 -61.92 -30.77
N PHE O 35 -26.73 -61.16 -29.95
CA PHE O 35 -26.13 -60.62 -28.75
C PHE O 35 -27.12 -60.44 -27.59
N VAL O 36 -26.70 -60.91 -26.41
CA VAL O 36 -27.48 -60.74 -25.19
C VAL O 36 -26.65 -60.05 -24.12
N ALA O 37 -27.16 -58.92 -23.65
CA ALA O 37 -26.51 -58.17 -22.61
C ALA O 37 -26.90 -58.77 -21.26
N LYS O 38 -26.01 -58.82 -20.28
CA LYS O 38 -26.33 -59.41 -18.97
C LYS O 38 -25.68 -58.51 -17.98
N ASP O 39 -26.46 -57.54 -17.54
CA ASP O 39 -25.98 -56.56 -16.61
C ASP O 39 -24.69 -55.86 -17.05
N ASP O 40 -24.59 -55.45 -18.31
CA ASP O 40 -23.39 -54.90 -18.83
C ASP O 40 -23.48 -53.41 -18.82
N SER O 41 -22.34 -52.74 -18.72
CA SER O 41 -22.42 -51.26 -18.77
C SER O 41 -22.73 -50.87 -20.21
N LEU O 42 -23.34 -49.69 -20.38
CA LEU O 42 -23.63 -49.12 -21.65
C LEU O 42 -22.39 -48.61 -22.26
N ARG O 43 -21.42 -48.29 -21.44
CA ARG O 43 -20.17 -48.01 -22.00
C ARG O 43 -19.75 -49.21 -22.81
N THR O 44 -19.83 -50.41 -22.25
CA THR O 44 -19.34 -51.61 -22.97
C THR O 44 -20.25 -51.87 -24.13
N PHE O 45 -21.54 -51.79 -23.85
CA PHE O 45 -22.55 -52.08 -24.84
C PHE O 45 -22.40 -51.18 -26.05
N PHE O 46 -22.25 -49.89 -25.86
CA PHE O 46 -22.19 -49.04 -27.04
C PHE O 46 -20.85 -49.07 -27.75
N ASP O 47 -19.80 -49.46 -27.01
CA ASP O 47 -18.52 -49.76 -27.60
C ASP O 47 -18.59 -50.96 -28.52
N ALA O 48 -19.40 -51.96 -28.16
CA ALA O 48 -19.67 -53.10 -29.04
C ALA O 48 -20.40 -52.61 -30.33
N MET O 49 -21.31 -51.66 -30.17
CA MET O 49 -21.92 -51.06 -31.36
C MET O 49 -20.94 -50.28 -32.19
N ALA O 50 -20.00 -49.61 -31.53
CA ALA O 50 -18.96 -48.89 -32.25
C ALA O 50 -18.02 -49.81 -33.03
N LEU O 51 -17.88 -51.06 -32.55
CA LEU O 51 -17.09 -52.05 -33.28
C LEU O 51 -17.89 -52.68 -34.38
N GLN O 52 -19.19 -52.86 -34.20
CA GLN O 52 -19.99 -53.47 -35.27
C GLN O 52 -20.37 -52.51 -36.39
N LEU O 53 -20.58 -51.25 -36.02
CA LEU O 53 -20.97 -50.25 -36.99
C LEU O 53 -19.73 -49.49 -37.42
N LYS O 54 -19.63 -49.36 -38.73
CA LYS O 54 -18.54 -48.63 -39.37
C LYS O 54 -18.40 -47.24 -38.74
N GLU O 55 -19.52 -46.50 -38.71
CA GLU O 55 -19.57 -45.18 -38.08
C GLU O 55 -19.30 -45.13 -36.59
N PRO O 56 -18.61 -44.08 -36.10
CA PRO O 56 -18.37 -44.04 -34.69
C PRO O 56 -19.71 -43.98 -33.95
N VAL O 57 -19.78 -44.61 -32.80
CA VAL O 57 -20.94 -44.48 -31.96
C VAL O 57 -20.46 -43.73 -30.76
N ILE O 58 -20.76 -42.43 -30.65
CA ILE O 58 -20.23 -41.64 -29.52
C ILE O 58 -21.35 -41.39 -28.56
N VAL O 59 -21.06 -41.61 -27.28
CA VAL O 59 -22.05 -41.58 -26.24
C VAL O 59 -21.69 -40.47 -25.18
N SER O 60 -22.67 -39.93 -24.50
CA SER O 60 -22.36 -39.01 -23.40
C SER O 60 -22.00 -39.82 -22.18
N LYS O 61 -21.53 -39.10 -21.15
CA LYS O 61 -21.18 -39.72 -19.89
C LYS O 61 -22.40 -40.46 -19.32
N MET O 62 -23.57 -39.81 -19.39
CA MET O 62 -24.81 -40.35 -18.89
C MET O 62 -25.30 -41.52 -19.68
N ALA O 63 -25.11 -41.46 -20.99
CA ALA O 63 -25.44 -42.59 -21.88
C ALA O 63 -24.59 -43.82 -21.59
N ALA O 64 -23.34 -43.64 -21.21
CA ALA O 64 -22.43 -44.74 -20.80
C ALA O 64 -22.54 -45.24 -19.37
N ARG O 65 -22.96 -44.36 -18.49
CA ARG O 65 -23.12 -44.59 -17.06
C ARG O 65 -24.09 -45.77 -16.70
N LYS O 66 -25.23 -45.86 -17.36
CA LYS O 66 -26.22 -46.87 -16.97
C LYS O 66 -25.84 -48.21 -17.59
N LYS O 67 -26.57 -49.26 -17.19
CA LYS O 67 -26.30 -50.65 -17.61
C LYS O 67 -27.40 -51.17 -18.51
N ILE O 68 -27.26 -52.40 -18.98
CA ILE O 68 -28.24 -52.90 -19.93
C ILE O 68 -28.32 -54.40 -19.85
N THR O 69 -29.52 -54.96 -19.93
CA THR O 69 -29.72 -56.40 -19.95
C THR O 69 -30.79 -56.75 -20.97
N GLY O 70 -30.53 -57.76 -21.80
CA GLY O 70 -31.51 -58.21 -22.79
C GLY O 70 -30.91 -58.56 -24.15
N ASN O 71 -31.71 -59.20 -24.99
CA ASN O 71 -31.26 -59.61 -26.30
C ASN O 71 -31.28 -58.43 -27.24
N PHE O 72 -30.09 -57.91 -27.55
CA PHE O 72 -29.87 -56.75 -28.41
C PHE O 72 -28.83 -56.98 -29.47
N GLU O 73 -29.25 -57.72 -30.47
CA GLU O 73 -28.41 -58.04 -31.63
C GLU O 73 -28.07 -56.72 -32.29
N PHE O 74 -26.85 -56.66 -32.82
CA PHE O 74 -26.34 -55.45 -33.43
C PHE O 74 -26.54 -55.45 -34.95
N HIS O 75 -27.58 -56.11 -35.43
CA HIS O 75 -27.77 -56.16 -36.87
C HIS O 75 -28.23 -54.83 -37.43
N ASP O 76 -28.80 -53.96 -36.59
CA ASP O 76 -29.23 -52.65 -37.07
C ASP O 76 -29.21 -51.71 -35.90
N PRO O 77 -28.09 -51.03 -35.71
CA PRO O 77 -27.76 -50.00 -34.68
C PRO O 77 -28.76 -48.86 -34.60
N ASN O 78 -29.24 -48.43 -35.75
CA ASN O 78 -30.20 -47.34 -35.77
C ASN O 78 -31.59 -47.72 -35.27
N ALA O 79 -32.12 -48.84 -35.75
CA ALA O 79 -33.37 -49.36 -35.27
C ALA O 79 -33.23 -49.86 -33.83
N LEU O 80 -32.04 -50.33 -33.48
CA LEU O 80 -31.75 -50.79 -32.12
C LEU O 80 -31.93 -49.62 -31.17
N LEU O 81 -31.34 -48.47 -31.51
CA LEU O 81 -31.46 -47.29 -30.68
C LEU O 81 -32.89 -46.78 -30.59
N GLU O 82 -33.70 -47.00 -31.62
CA GLU O 82 -35.09 -46.66 -31.50
C GLU O 82 -35.71 -47.61 -30.45
N LYS O 83 -35.33 -48.88 -30.49
CA LYS O 83 -35.83 -49.75 -29.42
C LYS O 83 -35.28 -49.30 -28.07
N LEU O 84 -34.06 -48.80 -28.03
CA LEU O 84 -33.48 -48.48 -26.72
C LEU O 84 -33.97 -47.14 -26.18
N SER O 85 -34.85 -46.48 -26.93
CA SER O 85 -35.48 -45.24 -26.46
C SER O 85 -36.54 -45.67 -25.45
N LEU O 86 -36.95 -46.94 -25.54
CA LEU O 86 -37.89 -47.54 -24.60
C LEU O 86 -37.25 -48.45 -23.60
N GLN O 87 -36.18 -49.14 -24.02
CA GLN O 87 -35.53 -50.05 -23.12
C GLN O 87 -34.56 -49.31 -22.18
N LEU O 88 -33.87 -48.30 -22.69
CA LEU O 88 -32.96 -47.56 -21.84
C LEU O 88 -33.51 -46.22 -21.47
N GLY O 89 -34.18 -45.59 -22.43
CA GLY O 89 -34.66 -44.23 -22.24
C GLY O 89 -33.64 -43.17 -22.63
N LEU O 90 -32.99 -43.43 -23.77
CA LEU O 90 -31.94 -42.57 -24.32
C LEU O 90 -32.47 -42.00 -25.59
N ILE O 91 -31.85 -40.91 -26.01
CA ILE O 91 -32.16 -40.29 -27.30
C ILE O 91 -30.81 -40.23 -28.05
N TRP O 92 -30.90 -40.15 -29.37
CA TRP O 92 -29.74 -40.33 -30.23
C TRP O 92 -29.89 -39.52 -31.47
N TYR O 93 -28.78 -39.35 -32.16
CA TYR O 93 -28.76 -38.61 -33.41
C TYR O 93 -27.72 -39.21 -34.38
N PHE O 94 -28.05 -39.32 -35.67
CA PHE O 94 -27.12 -39.87 -36.64
C PHE O 94 -26.92 -38.82 -37.69
N ASP O 95 -25.71 -38.25 -37.87
CA ASP O 95 -25.51 -37.19 -38.87
C ASP O 95 -25.06 -37.71 -40.19
N GLY O 96 -25.01 -39.05 -40.32
CA GLY O 96 -24.65 -39.73 -41.60
C GLY O 96 -23.25 -40.30 -41.41
N GLN O 97 -22.48 -39.72 -40.52
CA GLN O 97 -21.10 -40.18 -40.31
C GLN O 97 -20.84 -40.73 -38.92
N ALA O 98 -21.60 -40.32 -37.92
CA ALA O 98 -21.42 -40.81 -36.57
C ALA O 98 -22.70 -40.69 -35.74
N ILE O 99 -22.89 -41.58 -34.77
CA ILE O 99 -24.06 -41.53 -33.89
C ILE O 99 -23.79 -40.80 -32.57
N TYR O 100 -24.75 -40.00 -32.08
CA TYR O 100 -24.53 -39.23 -30.81
C TYR O 100 -25.63 -39.51 -29.87
N ILE O 101 -25.30 -40.27 -28.83
CA ILE O 101 -26.30 -40.83 -27.93
C ILE O 101 -26.28 -40.04 -26.61
N TYR O 102 -27.39 -39.41 -26.27
CA TYR O 102 -27.50 -38.74 -24.97
C TYR O 102 -28.61 -39.34 -24.26
N ASP O 103 -28.65 -39.03 -22.99
CA ASP O 103 -29.74 -39.44 -22.14
C ASP O 103 -30.97 -38.64 -22.51
N ALA O 104 -32.13 -39.23 -22.36
CA ALA O 104 -33.33 -38.51 -22.68
C ALA O 104 -33.49 -37.24 -21.83
N SER O 105 -32.91 -37.23 -20.64
CA SER O 105 -33.04 -36.03 -19.82
C SER O 105 -32.10 -34.93 -20.28
N GLU O 106 -31.22 -35.26 -21.24
CA GLU O 106 -30.27 -34.24 -21.73
C GLU O 106 -30.81 -33.51 -22.97
N MET O 107 -32.07 -33.80 -23.29
CA MET O 107 -32.75 -33.16 -24.37
C MET O 107 -32.81 -31.65 -24.19
N ARG O 108 -32.58 -30.96 -25.29
CA ARG O 108 -32.56 -29.51 -25.34
C ARG O 108 -33.73 -28.98 -26.15
N ASN O 109 -34.11 -27.74 -25.86
CA ASN O 109 -35.16 -27.07 -26.59
C ASN O 109 -34.65 -25.75 -27.12
N ALA O 110 -35.29 -25.25 -28.16
CA ALA O 110 -34.86 -23.94 -28.60
C ALA O 110 -35.98 -23.31 -29.31
N VAL O 111 -35.96 -21.98 -29.21
CA VAL O 111 -36.87 -21.10 -29.92
C VAL O 111 -36.08 -20.20 -30.87
N VAL O 112 -36.22 -20.45 -32.16
CA VAL O 112 -35.35 -19.74 -33.09
C VAL O 112 -36.22 -19.13 -34.14
N SER O 113 -36.01 -17.83 -34.35
CA SER O 113 -36.70 -17.02 -35.38
C SER O 113 -36.07 -17.37 -36.73
N LEU O 114 -36.82 -17.19 -37.83
CA LEU O 114 -36.28 -17.54 -39.13
C LEU O 114 -36.62 -16.38 -40.04
N ARG O 115 -35.59 -15.72 -40.59
CA ARG O 115 -35.75 -14.48 -41.34
C ARG O 115 -35.92 -14.71 -42.85
N ASN O 116 -34.90 -15.24 -43.53
CA ASN O 116 -34.86 -15.21 -44.99
C ASN O 116 -35.27 -16.50 -45.66
N VAL O 117 -35.78 -17.42 -44.85
CA VAL O 117 -36.13 -18.74 -45.27
C VAL O 117 -37.53 -19.02 -44.74
N SER O 118 -38.31 -19.69 -45.57
CA SER O 118 -39.65 -20.10 -45.23
C SER O 118 -39.53 -21.25 -44.28
N LEU O 119 -40.50 -21.37 -43.39
CA LEU O 119 -40.41 -22.34 -42.35
C LEU O 119 -40.30 -23.80 -42.92
N ASN O 120 -41.10 -24.13 -43.93
CA ASN O 120 -41.00 -25.40 -44.58
C ASN O 120 -39.75 -25.53 -45.44
N GLU O 121 -39.36 -24.46 -46.09
CA GLU O 121 -38.13 -24.39 -46.82
C GLU O 121 -36.94 -24.68 -45.91
N PHE O 122 -36.93 -24.12 -44.69
CA PHE O 122 -35.84 -24.43 -43.74
C PHE O 122 -35.74 -25.94 -43.43
N ASN O 123 -36.86 -26.58 -43.12
CA ASN O 123 -36.90 -28.03 -42.86
C ASN O 123 -36.39 -28.81 -44.05
N ASN O 124 -36.76 -28.35 -45.23
CA ASN O 124 -36.27 -29.00 -46.44
C ASN O 124 -34.81 -28.81 -46.63
N PHE O 125 -34.30 -27.66 -46.27
CA PHE O 125 -32.90 -27.46 -46.43
C PHE O 125 -32.12 -28.39 -45.51
N LEU O 126 -32.65 -28.68 -44.33
CA LEU O 126 -31.96 -29.63 -43.46
C LEU O 126 -32.04 -31.04 -44.01
N LYS O 127 -33.10 -31.34 -44.77
CA LYS O 127 -33.29 -32.65 -45.38
C LYS O 127 -32.30 -32.76 -46.57
N ARG O 128 -32.07 -31.63 -47.23
CA ARG O 128 -31.14 -31.47 -48.35
C ARG O 128 -29.72 -31.63 -47.87
N SER O 129 -29.47 -31.12 -46.66
CA SER O 129 -28.21 -31.31 -45.94
C SER O 129 -28.04 -32.78 -45.50
N GLY O 130 -29.17 -33.41 -45.18
CA GLY O 130 -29.15 -34.81 -44.80
C GLY O 130 -28.92 -34.83 -43.31
N LEU O 131 -29.30 -33.77 -42.62
CA LEU O 131 -29.02 -33.71 -41.18
C LEU O 131 -30.27 -33.82 -40.38
N TYR O 132 -31.36 -33.49 -41.05
CA TYR O 132 -32.63 -33.56 -40.46
C TYR O 132 -32.93 -35.00 -40.06
N ASN O 133 -32.93 -35.23 -38.74
CA ASN O 133 -33.39 -36.47 -38.16
C ASN O 133 -34.90 -36.50 -37.92
N LYS O 134 -35.63 -37.32 -38.70
CA LYS O 134 -37.10 -37.36 -38.66
C LYS O 134 -37.65 -37.90 -37.34
N ASN O 135 -36.81 -38.48 -36.50
CA ASN O 135 -37.31 -38.94 -35.20
C ASN O 135 -37.49 -37.80 -34.25
N TYR O 136 -37.01 -36.61 -34.60
CA TYR O 136 -37.19 -35.44 -33.73
C TYR O 136 -37.63 -34.27 -34.62
N PRO O 137 -38.93 -34.28 -34.95
CA PRO O 137 -39.59 -33.29 -35.81
C PRO O 137 -39.45 -31.90 -35.27
N LEU O 138 -39.28 -30.96 -36.18
CA LEU O 138 -39.33 -29.57 -35.81
C LEU O 138 -40.76 -29.03 -35.89
N ARG O 139 -41.04 -27.99 -35.08
CA ARG O 139 -42.39 -27.47 -35.00
C ARG O 139 -42.44 -26.09 -35.61
N GLY O 140 -43.37 -25.97 -36.56
CA GLY O 140 -43.59 -24.69 -37.21
C GLY O 140 -44.89 -24.04 -36.78
N ASP O 141 -45.26 -22.91 -37.41
CA ASP O 141 -46.49 -22.17 -37.12
C ASP O 141 -46.77 -21.25 -38.33
N ASN O 142 -47.86 -21.49 -39.05
CA ASN O 142 -48.11 -20.69 -40.25
C ASN O 142 -48.33 -19.18 -40.02
N ARG O 143 -48.62 -18.79 -38.78
CA ARG O 143 -48.90 -17.40 -38.46
C ARG O 143 -47.81 -16.75 -37.61
N LYS O 144 -46.71 -17.45 -37.43
CA LYS O 144 -45.58 -16.97 -36.62
C LYS O 144 -44.28 -17.33 -37.33
N GLY O 145 -43.41 -16.34 -37.49
CA GLY O 145 -42.13 -16.51 -38.23
C GLY O 145 -40.97 -17.18 -37.46
N THR O 146 -41.32 -18.14 -36.61
CA THR O 146 -40.36 -18.90 -35.84
C THR O 146 -40.64 -20.37 -35.97
N PHE O 147 -39.71 -21.14 -35.37
CA PHE O 147 -39.84 -22.58 -35.29
C PHE O 147 -39.19 -23.04 -33.97
N TYR O 148 -39.55 -24.25 -33.53
CA TYR O 148 -39.16 -24.78 -32.23
C TYR O 148 -38.39 -26.07 -32.50
N VAL O 149 -37.38 -26.26 -31.66
CA VAL O 149 -36.41 -27.33 -31.83
C VAL O 149 -36.47 -28.13 -30.55
N SER O 150 -36.54 -29.45 -30.69
CA SER O 150 -36.44 -30.36 -29.53
C SER O 150 -35.63 -31.54 -30.00
N GLY O 151 -34.78 -32.02 -29.12
CA GLY O 151 -34.02 -33.20 -29.46
C GLY O 151 -32.73 -33.30 -28.70
N PRO O 152 -31.86 -34.22 -29.11
CA PRO O 152 -30.59 -34.32 -28.41
C PRO O 152 -29.70 -33.10 -28.68
N PRO O 153 -28.77 -32.82 -27.76
CA PRO O 153 -27.92 -31.65 -27.91
C PRO O 153 -27.24 -31.44 -29.28
N VAL O 154 -26.75 -32.49 -29.92
CA VAL O 154 -26.21 -32.33 -31.25
C VAL O 154 -27.31 -32.08 -32.32
N TYR O 155 -28.45 -32.73 -32.25
CA TYR O 155 -29.51 -32.38 -33.21
C TYR O 155 -29.89 -30.91 -33.04
N VAL O 156 -30.11 -30.52 -31.80
CA VAL O 156 -30.64 -29.16 -31.49
C VAL O 156 -29.63 -28.12 -31.92
N ASP O 157 -28.38 -28.29 -31.50
CA ASP O 157 -27.33 -27.34 -31.88
C ASP O 157 -27.16 -27.28 -33.41
N MET O 158 -27.28 -28.40 -34.08
CA MET O 158 -27.22 -28.40 -35.54
C MET O 158 -28.36 -27.56 -36.08
N VAL O 159 -29.58 -27.79 -35.61
CA VAL O 159 -30.72 -27.05 -36.25
C VAL O 159 -30.63 -25.56 -36.00
N VAL O 160 -30.34 -25.21 -34.75
CA VAL O 160 -30.26 -23.82 -34.34
C VAL O 160 -29.18 -23.03 -35.10
N ASN O 161 -27.96 -23.59 -35.23
CA ASN O 161 -26.82 -22.93 -35.92
C ASN O 161 -27.11 -22.86 -37.38
N ALA O 162 -27.80 -23.89 -37.90
CA ALA O 162 -28.10 -23.97 -39.31
C ALA O 162 -28.96 -22.81 -39.74
N ALA O 163 -29.93 -22.44 -38.88
CA ALA O 163 -30.87 -21.35 -39.22
C ALA O 163 -30.07 -20.08 -39.40
N THR O 164 -29.10 -19.89 -38.50
CA THR O 164 -28.25 -18.71 -38.58
C THR O 164 -27.47 -18.63 -39.89
N MET O 165 -26.91 -19.79 -40.26
CA MET O 165 -26.08 -19.93 -41.44
C MET O 165 -26.95 -19.69 -42.67
N MET O 166 -28.15 -20.25 -42.69
CA MET O 166 -29.05 -20.05 -43.82
C MET O 166 -29.54 -18.62 -44.04
N ASP O 167 -29.82 -17.89 -42.98
CA ASP O 167 -30.21 -16.54 -43.21
C ASP O 167 -29.04 -15.72 -43.76
N LYS O 168 -27.80 -16.08 -43.36
CA LYS O 168 -26.60 -15.41 -43.86
C LYS O 168 -26.41 -15.76 -45.35
N GLN O 169 -26.74 -16.99 -45.71
CA GLN O 169 -26.63 -17.42 -47.09
C GLN O 169 -27.74 -16.85 -47.93
N ASN O 170 -28.88 -16.58 -47.32
CA ASN O 170 -29.98 -16.01 -48.09
C ASN O 170 -30.21 -14.56 -47.79
N ASP O 171 -29.14 -13.88 -47.39
CA ASP O 171 -29.20 -12.48 -47.05
C ASP O 171 -29.21 -11.59 -48.33
N GLY O 172 -44.34 -3.10 -66.23
CA GLY O 172 -44.86 -2.65 -64.95
C GLY O 172 -44.24 -1.33 -64.53
N ILE O 173 -42.99 -1.12 -64.96
CA ILE O 173 -42.23 0.10 -64.68
C ILE O 173 -41.76 0.11 -63.25
N GLU O 174 -41.28 -1.04 -62.77
CA GLU O 174 -40.88 -1.15 -61.38
C GLU O 174 -39.41 -1.52 -61.21
N LEU O 175 -38.82 -1.01 -60.14
CA LEU O 175 -37.42 -1.27 -59.80
C LEU O 175 -37.30 -1.36 -58.29
N GLY O 176 -37.29 -2.58 -57.78
CA GLY O 176 -37.19 -2.78 -56.34
C GLY O 176 -38.45 -2.28 -55.68
N ARG O 177 -38.29 -1.39 -54.70
CA ARG O 177 -39.43 -0.83 -53.99
C ARG O 177 -39.98 0.44 -54.63
N GLN O 178 -39.46 0.85 -55.78
CA GLN O 178 -39.95 2.07 -56.40
C GLN O 178 -40.45 1.84 -57.81
N LYS O 179 -41.23 2.80 -58.29
CA LYS O 179 -41.78 2.70 -59.63
C LYS O 179 -42.24 4.03 -60.16
N ILE O 180 -42.51 4.06 -61.45
CA ILE O 180 -43.00 5.29 -62.07
C ILE O 180 -44.35 5.07 -62.73
N GLY O 181 -45.28 5.95 -62.42
CA GLY O 181 -46.61 5.85 -62.99
C GLY O 181 -46.83 6.94 -64.03
N VAL O 182 -47.39 6.55 -65.16
CA VAL O 182 -47.69 7.49 -66.22
C VAL O 182 -49.19 7.76 -66.21
N MET O 183 -49.57 9.00 -65.98
CA MET O 183 -50.98 9.29 -65.84
C MET O 183 -51.46 10.30 -66.86
N ARG O 184 -52.18 9.82 -67.87
CA ARG O 184 -52.70 10.71 -68.89
C ARG O 184 -53.94 11.39 -68.41
N LEU O 185 -54.03 12.70 -68.62
CA LEU O 185 -55.24 13.37 -68.21
C LEU O 185 -56.18 13.40 -69.39
N ASN O 186 -57.45 13.14 -69.14
CA ASN O 186 -58.40 13.05 -70.22
C ASN O 186 -59.34 14.24 -70.30
N ASN O 187 -59.68 14.84 -69.18
CA ASN O 187 -60.61 15.95 -69.19
C ASN O 187 -59.95 17.31 -68.99
N THR O 188 -58.63 17.36 -68.98
CA THR O 188 -57.97 18.65 -68.82
C THR O 188 -56.57 18.68 -69.44
N PHE O 189 -55.86 19.77 -69.19
CA PHE O 189 -54.54 19.98 -69.75
C PHE O 189 -53.45 20.06 -68.70
N VAL O 190 -52.32 19.44 -69.00
CA VAL O 190 -51.14 19.55 -68.16
C VAL O 190 -50.38 20.80 -68.54
N GLY O 191 -50.13 21.67 -67.59
CA GLY O 191 -49.38 22.89 -67.87
C GLY O 191 -50.13 24.12 -67.43
N ASP O 192 -49.49 25.27 -67.58
CA ASP O 192 -50.06 26.54 -67.16
C ASP O 192 -50.69 27.31 -68.33
N ARG O 193 -51.72 28.09 -68.03
CA ARG O 193 -52.40 28.89 -69.04
C ARG O 193 -51.98 30.34 -68.96
N THR O 194 -51.52 30.87 -70.08
CA THR O 194 -51.05 32.26 -70.07
C THR O 194 -51.80 33.11 -71.07
N TYR O 195 -52.18 34.31 -70.66
CA TYR O 195 -52.89 35.22 -71.54
C TYR O 195 -52.58 36.66 -71.23
N ASN O 196 -52.85 37.53 -72.19
CA ASN O 196 -52.57 38.94 -72.01
C ASN O 196 -53.82 39.80 -71.88
N LEU O 197 -53.69 40.84 -71.09
CA LEU O 197 -54.72 41.84 -70.89
C LEU O 197 -54.15 43.17 -71.28
N ARG O 198 -53.93 43.33 -72.58
CA ARG O 198 -53.39 44.58 -73.09
C ARG O 198 -51.96 44.78 -72.63
N ASP O 199 -51.80 45.50 -71.53
CA ASP O 199 -50.49 45.84 -71.03
C ASP O 199 -49.92 44.88 -70.00
N GLN O 200 -50.63 43.81 -69.66
CA GLN O 200 -50.07 42.88 -68.68
C GLN O 200 -50.33 41.42 -68.98
N LYS O 201 -49.45 40.56 -68.47
CA LYS O 201 -49.54 39.12 -68.69
C LYS O 201 -49.99 38.38 -67.44
N MET O 202 -50.98 37.51 -67.63
CA MET O 202 -51.53 36.72 -66.54
C MET O 202 -51.18 35.25 -66.69
N VAL O 203 -50.95 34.57 -65.57
CA VAL O 203 -50.63 33.14 -65.60
C VAL O 203 -51.47 32.34 -64.62
N ILE O 204 -52.09 31.27 -65.13
CA ILE O 204 -52.89 30.38 -64.32
C ILE O 204 -52.18 29.05 -64.17
N PRO O 205 -51.84 28.63 -62.95
CA PRO O 205 -51.13 27.41 -62.64
C PRO O 205 -52.01 26.21 -62.90
N GLY O 206 -51.42 25.16 -63.45
CA GLY O 206 -52.16 23.94 -63.72
C GLY O 206 -52.02 22.91 -62.62
N ILE O 207 -52.51 21.70 -62.91
CA ILE O 207 -52.51 20.59 -61.97
C ILE O 207 -51.13 20.10 -61.59
N ALA O 208 -50.17 20.25 -62.48
CA ALA O 208 -48.83 19.80 -62.20
C ALA O 208 -48.23 20.62 -61.09
N THR O 209 -48.42 21.93 -61.19
CA THR O 209 -47.92 22.85 -60.18
C THR O 209 -48.64 22.67 -58.87
N ALA O 210 -49.96 22.55 -58.93
CA ALA O 210 -50.76 22.42 -57.73
C ALA O 210 -50.34 21.22 -56.91
N ILE O 211 -50.23 20.06 -57.56
CA ILE O 211 -49.85 18.85 -56.85
C ILE O 211 -48.45 18.93 -56.32
N GLU O 212 -47.53 19.43 -57.14
CA GLU O 212 -46.15 19.57 -56.72
C GLU O 212 -46.03 20.34 -55.43
N ARG O 213 -46.70 21.49 -55.36
CA ARG O 213 -46.66 22.32 -54.18
C ARG O 213 -47.27 21.64 -52.98
N LEU O 214 -48.35 20.90 -53.20
CA LEU O 214 -49.02 20.21 -52.13
C LEU O 214 -48.13 19.17 -51.48
N LEU O 215 -47.48 18.36 -52.30
CA LEU O 215 -46.63 17.32 -51.77
C LEU O 215 -45.33 17.84 -51.19
N GLN O 216 -44.78 18.88 -51.80
CA GLN O 216 -43.53 19.43 -51.33
C GLN O 216 -43.74 20.75 -50.62
N ILE O 267 -42.19 12.17 -52.80
CA ILE O 267 -42.72 11.83 -54.12
C ILE O 267 -42.27 12.83 -55.15
N LYS O 268 -41.80 12.33 -56.29
CA LYS O 268 -41.31 13.20 -57.35
C LYS O 268 -42.27 13.20 -58.52
N ILE O 269 -42.82 14.37 -58.87
CA ILE O 269 -43.74 14.42 -60.00
C ILE O 269 -43.30 15.42 -61.04
N VAL O 270 -43.19 14.92 -62.28
CA VAL O 270 -42.78 15.74 -63.40
C VAL O 270 -43.81 15.74 -64.52
N ALA O 271 -44.14 16.91 -65.00
CA ALA O 271 -45.10 17.06 -66.09
C ALA O 271 -44.50 16.64 -67.41
N TYR O 272 -45.32 16.07 -68.29
CA TYR O 272 -44.86 15.70 -69.62
C TYR O 272 -45.91 16.05 -70.66
N PRO O 273 -45.93 17.31 -71.09
CA PRO O 273 -46.83 17.97 -72.04
C PRO O 273 -47.05 17.21 -73.31
N ASP O 274 -46.01 16.59 -73.82
CA ASP O 274 -46.09 15.87 -75.08
C ASP O 274 -47.22 14.84 -75.14
N THR O 275 -47.50 14.19 -74.01
CA THR O 275 -48.55 13.19 -73.98
C THR O 275 -49.64 13.58 -72.99
N ASN O 276 -49.66 14.85 -72.61
CA ASN O 276 -50.61 15.41 -71.65
C ASN O 276 -50.69 14.54 -70.42
N SER O 277 -49.54 14.24 -69.83
CA SER O 277 -49.53 13.33 -68.71
C SER O 277 -48.54 13.68 -67.63
N LEU O 278 -48.69 13.02 -66.49
CA LEU O 278 -47.80 13.21 -65.36
C LEU O 278 -46.94 12.00 -65.11
N LEU O 279 -45.73 12.23 -64.66
CA LEU O 279 -44.79 11.18 -64.33
C LEU O 279 -44.60 11.15 -62.82
N VAL O 280 -45.15 10.13 -62.17
CA VAL O 280 -45.07 10.06 -60.71
C VAL O 280 -44.11 8.99 -60.23
N LYS O 281 -43.05 9.40 -59.54
CA LYS O 281 -42.07 8.45 -59.05
C LYS O 281 -42.09 8.31 -57.53
N GLY O 282 -42.16 7.06 -57.07
CA GLY O 282 -42.21 6.78 -55.64
C GLY O 282 -42.47 5.31 -55.38
N THR O 283 -42.98 4.97 -54.20
CA THR O 283 -43.27 3.58 -53.90
C THR O 283 -44.59 3.23 -54.53
N ALA O 284 -44.88 1.95 -54.59
CA ALA O 284 -46.13 1.50 -55.19
C ALA O 284 -47.33 2.14 -54.54
N GLU O 285 -47.30 2.24 -53.21
CA GLU O 285 -48.39 2.85 -52.48
C GLU O 285 -48.47 4.34 -52.75
N GLN O 286 -47.32 5.00 -52.82
CA GLN O 286 -47.30 6.43 -53.09
C GLN O 286 -47.84 6.74 -54.47
N VAL O 287 -47.50 5.93 -55.45
CA VAL O 287 -47.98 6.13 -56.80
C VAL O 287 -49.49 5.94 -56.85
N HIS O 288 -49.98 4.87 -56.23
CA HIS O 288 -51.41 4.59 -56.18
C HIS O 288 -52.18 5.75 -55.56
N PHE O 289 -51.65 6.25 -54.46
CA PHE O 289 -52.21 7.38 -53.75
C PHE O 289 -52.40 8.57 -54.67
N ILE O 290 -51.34 8.94 -55.38
CA ILE O 290 -51.43 10.06 -56.30
C ILE O 290 -52.37 9.76 -57.44
N GLU O 291 -52.37 8.53 -57.93
CA GLU O 291 -53.25 8.13 -59.01
C GLU O 291 -54.70 8.46 -58.69
N MET O 292 -55.12 8.09 -57.49
CA MET O 292 -56.48 8.34 -57.10
C MET O 292 -56.77 9.84 -57.03
N LEU O 293 -55.81 10.62 -56.52
CA LEU O 293 -55.98 12.07 -56.44
C LEU O 293 -56.25 12.65 -57.80
N VAL O 294 -55.44 12.24 -58.76
CA VAL O 294 -55.59 12.70 -60.12
C VAL O 294 -56.96 12.37 -60.68
N LYS O 295 -57.42 11.14 -60.46
CA LYS O 295 -58.72 10.74 -60.95
C LYS O 295 -59.83 11.59 -60.36
N ALA O 296 -59.70 11.98 -59.10
CA ALA O 296 -60.67 12.83 -58.47
C ALA O 296 -60.74 14.20 -59.11
N LEU O 297 -59.59 14.76 -59.47
CA LEU O 297 -59.54 16.09 -60.05
C LEU O 297 -59.86 16.16 -61.55
N ASP O 298 -59.47 15.13 -62.30
CA ASP O 298 -59.62 15.09 -63.76
C ASP O 298 -61.08 14.93 -64.24
N VAL O 299 -61.88 16.00 -64.15
CA VAL O 299 -63.28 15.93 -64.55
C VAL O 299 -63.63 16.91 -65.67
N ALA O 300 -64.69 16.58 -66.40
CA ALA O 300 -65.16 17.36 -67.55
C ALA O 300 -65.80 18.67 -67.16
N LYS O 301 -65.71 19.65 -68.06
CA LYS O 301 -66.30 20.97 -67.85
C LYS O 301 -67.40 21.32 -68.84
N ARG O 302 -68.40 22.03 -68.35
CA ARG O 302 -69.50 22.53 -69.16
C ARG O 302 -69.15 23.88 -69.78
N HIS O 303 -69.89 24.28 -70.80
CA HIS O 303 -69.62 25.55 -71.45
C HIS O 303 -70.62 26.60 -71.06
N VAL O 304 -70.14 27.84 -70.98
CA VAL O 304 -70.96 28.97 -70.62
C VAL O 304 -70.88 30.07 -71.66
N GLU O 305 -72.02 30.49 -72.16
CA GLU O 305 -72.06 31.58 -73.12
C GLU O 305 -72.52 32.85 -72.45
N LEU O 306 -71.74 33.90 -72.63
CA LEU O 306 -72.02 35.18 -72.02
C LEU O 306 -72.43 36.23 -73.03
N SER O 307 -73.57 36.87 -72.79
CA SER O 307 -74.00 37.96 -73.65
C SER O 307 -74.14 39.25 -72.85
N LEU O 308 -73.53 40.30 -73.37
CA LEU O 308 -73.60 41.62 -72.76
C LEU O 308 -74.43 42.55 -73.59
N TRP O 309 -75.43 43.16 -72.99
CA TRP O 309 -76.26 44.08 -73.73
C TRP O 309 -75.92 45.49 -73.32
N ILE O 310 -75.59 46.33 -74.29
CA ILE O 310 -75.31 47.72 -73.97
C ILE O 310 -76.29 48.60 -74.72
N VAL O 311 -77.12 49.31 -73.99
CA VAL O 311 -78.13 50.16 -74.63
C VAL O 311 -77.90 51.61 -74.32
N ASP O 312 -77.91 52.44 -75.36
CA ASP O 312 -77.69 53.87 -75.23
C ASP O 312 -78.72 54.70 -76.00
N LEU O 313 -79.59 55.39 -75.27
CA LEU O 313 -80.63 56.22 -75.87
C LEU O 313 -80.40 57.71 -75.63
N ASN O 314 -80.63 58.53 -76.66
CA ASN O 314 -80.46 59.97 -76.55
C ASN O 314 -81.60 60.75 -77.16
N LYS O 315 -82.03 61.79 -76.47
CA LYS O 315 -83.09 62.66 -76.95
C LYS O 315 -82.81 64.11 -76.61
N SER O 316 -83.01 65.02 -77.58
CA SER O 316 -82.80 66.42 -77.24
C SER O 316 -83.73 67.36 -78.00
N ASP O 317 -83.85 68.58 -77.47
CA ASP O 317 -84.73 69.59 -78.01
C ASP O 317 -84.19 71.01 -77.76
N LEU O 318 -83.69 71.63 -78.83
CA LEU O 318 -83.10 72.96 -78.76
C LEU O 318 -83.92 74.03 -79.46
N GLU O 319 -84.16 75.13 -78.76
CA GLU O 319 -84.88 76.23 -79.37
C GLU O 319 -84.15 77.55 -79.15
N ARG O 320 -83.87 78.27 -80.22
CA ARG O 320 -83.22 79.56 -80.11
C ARG O 320 -83.94 80.61 -80.93
N LEU O 321 -84.36 81.70 -80.30
CA LEU O 321 -85.05 82.71 -81.07
C LEU O 321 -84.93 84.11 -80.49
N GLY O 322 -84.43 85.03 -81.30
CA GLY O 322 -84.36 86.42 -80.87
C GLY O 322 -83.15 87.15 -81.41
N THR O 323 -82.83 88.28 -80.79
CA THR O 323 -81.70 89.06 -81.25
C THR O 323 -80.75 89.47 -80.12
N SER O 324 -79.59 89.99 -80.51
CA SER O 324 -78.61 90.49 -79.56
C SER O 324 -77.91 91.71 -80.12
N TRP O 325 -77.95 92.80 -79.36
CA TRP O 325 -77.40 94.06 -79.85
C TRP O 325 -76.12 94.48 -79.14
N SER O 326 -75.09 94.79 -79.92
CA SER O 326 -73.85 95.31 -79.34
C SER O 326 -72.99 95.94 -80.41
N GLY O 327 -72.05 96.78 -80.02
CA GLY O 327 -71.15 97.38 -81.01
C GLY O 327 -70.85 98.83 -80.71
N SER O 328 -70.48 99.59 -81.74
CA SER O 328 -70.16 100.99 -81.47
C SER O 328 -70.28 101.95 -82.63
N ILE O 329 -69.97 103.21 -82.35
CA ILE O 329 -70.04 104.25 -83.36
C ILE O 329 -69.23 105.50 -83.01
N THR O 330 -68.56 106.06 -84.01
CA THR O 330 -67.88 107.34 -83.85
C THR O 330 -68.80 108.47 -84.27
N ILE O 331 -68.98 109.44 -83.40
CA ILE O 331 -69.86 110.56 -83.69
C ILE O 331 -69.16 111.92 -83.72
N GLY O 332 -69.12 112.50 -84.92
CA GLY O 332 -68.59 113.84 -85.13
C GLY O 332 -67.10 113.99 -84.80
N ASP O 333 -66.38 112.87 -84.72
CA ASP O 333 -64.98 112.88 -84.32
C ASP O 333 -64.74 113.61 -83.01
N LYS O 334 -65.73 113.58 -82.11
CA LYS O 334 -65.59 114.25 -80.83
C LYS O 334 -66.01 113.33 -79.69
N LEU O 335 -66.86 112.36 -79.99
CA LEU O 335 -67.26 111.40 -79.00
C LEU O 335 -67.71 110.13 -79.68
N GLY O 336 -67.82 109.05 -78.92
CA GLY O 336 -68.29 107.81 -79.49
C GLY O 336 -69.16 107.09 -78.49
N VAL O 337 -69.87 106.07 -78.95
CA VAL O 337 -70.77 105.32 -78.09
C VAL O 337 -70.54 103.83 -78.18
N SER O 338 -70.52 103.18 -77.03
CA SER O 338 -70.34 101.73 -76.97
C SER O 338 -71.60 101.08 -76.44
N LEU O 339 -72.05 100.02 -77.10
CA LEU O 339 -73.26 99.36 -76.66
C LEU O 339 -72.99 97.99 -76.07
N ASN O 340 -73.40 97.84 -74.82
CA ASN O 340 -73.28 96.60 -74.08
C ASN O 340 -71.86 96.08 -74.04
N GLN O 341 -70.97 96.93 -73.52
CA GLN O 341 -69.55 96.61 -73.33
C GLN O 341 -68.86 96.09 -74.58
N SER O 342 -69.01 96.81 -75.68
CA SER O 342 -68.33 96.39 -76.90
C SER O 342 -66.84 96.69 -76.76
N SER O 343 -66.02 96.05 -77.60
CA SER O 343 -64.56 96.22 -77.53
C SER O 343 -64.09 97.45 -78.28
N ILE O 344 -64.44 98.62 -77.75
CA ILE O 344 -64.16 99.95 -78.28
C ILE O 344 -62.79 100.16 -78.90
N SER O 345 -61.76 99.44 -78.41
CA SER O 345 -60.41 99.58 -78.96
C SER O 345 -60.36 99.34 -80.46
N THR O 346 -61.30 98.53 -80.98
CA THR O 346 -61.42 98.31 -82.41
C THR O 346 -62.79 98.74 -82.90
N LEU O 347 -63.81 98.60 -82.03
CA LEU O 347 -65.18 98.95 -82.36
C LEU O 347 -65.39 100.44 -82.64
N ASP O 348 -64.50 101.29 -82.13
CA ASP O 348 -64.50 102.72 -82.42
C ASP O 348 -64.61 103.00 -83.93
N GLY O 349 -63.94 102.17 -84.75
CA GLY O 349 -63.97 102.34 -86.21
C GLY O 349 -64.88 101.33 -86.90
N SER O 350 -65.89 100.83 -86.18
CA SER O 350 -66.81 99.84 -86.74
C SER O 350 -68.27 100.29 -86.75
N ARG O 351 -69.16 99.40 -86.33
CA ARG O 351 -70.59 99.67 -86.36
C ARG O 351 -71.35 98.83 -85.35
N PHE O 352 -72.69 98.94 -85.34
CA PHE O 352 -73.46 98.13 -84.40
C PHE O 352 -73.92 96.85 -85.05
N ILE O 353 -73.82 95.75 -84.32
CA ILE O 353 -74.23 94.47 -84.86
C ILE O 353 -75.49 93.95 -84.19
N ALA O 354 -76.40 93.48 -85.04
CA ALA O 354 -77.64 92.89 -84.62
C ALA O 354 -77.61 91.41 -84.91
N ALA O 355 -77.21 90.61 -83.93
CA ALA O 355 -77.19 89.19 -84.16
C ALA O 355 -78.60 88.68 -84.08
N VAL O 356 -78.95 87.77 -84.97
CA VAL O 356 -80.28 87.21 -85.00
C VAL O 356 -80.24 85.70 -85.04
N ASN O 357 -80.86 85.06 -84.06
CA ASN O 357 -80.92 83.61 -84.03
C ASN O 357 -82.33 83.14 -84.28
N ALA O 358 -82.46 82.03 -84.98
CA ALA O 358 -83.76 81.46 -85.26
C ALA O 358 -83.60 80.02 -85.67
N LEU O 359 -83.63 79.13 -84.69
CA LEU O 359 -83.44 77.73 -84.96
C LEU O 359 -84.17 76.79 -84.01
N GLU O 360 -84.88 75.84 -84.59
CA GLU O 360 -85.47 74.79 -83.82
C GLU O 360 -84.79 73.49 -84.17
N GLU O 361 -84.40 72.70 -83.17
CA GLU O 361 -83.73 71.45 -83.45
C GLU O 361 -84.19 70.27 -82.61
N LYS O 362 -84.58 69.20 -83.29
CA LYS O 362 -84.97 67.96 -82.63
C LYS O 362 -83.94 66.88 -82.94
N LYS O 363 -83.62 66.05 -81.96
CA LYS O 363 -82.68 64.99 -82.22
C LYS O 363 -82.96 63.72 -81.44
N GLN O 364 -82.80 62.59 -82.12
CA GLN O 364 -83.02 61.28 -81.53
C GLN O 364 -81.97 60.28 -81.94
N ALA O 365 -81.50 59.47 -80.99
CA ALA O 365 -80.53 58.46 -81.36
C ALA O 365 -80.61 57.22 -80.49
N THR O 366 -80.30 56.07 -81.10
CA THR O 366 -80.25 54.83 -80.35
C THR O 366 -79.15 53.92 -80.81
N VAL O 367 -78.46 53.31 -79.85
CA VAL O 367 -77.41 52.35 -80.13
C VAL O 367 -77.50 51.11 -79.26
N VAL O 368 -77.47 49.94 -79.89
CA VAL O 368 -77.44 48.70 -79.16
C VAL O 368 -76.25 47.86 -79.54
N SER O 369 -75.42 47.54 -78.56
CA SER O 369 -74.23 46.76 -78.81
C SER O 369 -74.25 45.45 -78.04
N ARG O 370 -73.85 44.37 -78.69
CA ARG O 370 -73.88 43.09 -78.03
C ARG O 370 -72.67 42.20 -78.26
N PRO O 371 -71.72 42.21 -77.32
CA PRO O 371 -70.58 41.31 -77.25
C PRO O 371 -71.01 39.92 -76.84
N VAL O 372 -70.45 38.90 -77.48
CA VAL O 372 -70.74 37.52 -77.16
C VAL O 372 -69.47 36.71 -76.94
N LEU O 373 -69.38 35.99 -75.83
CA LEU O 373 -68.17 35.23 -75.52
C LEU O 373 -68.42 33.84 -74.92
N LEU O 374 -67.82 32.81 -75.53
CA LEU O 374 -67.97 31.44 -75.06
C LEU O 374 -66.74 30.93 -74.30
N THR O 375 -66.98 30.35 -73.11
CA THR O 375 -65.92 29.77 -72.30
C THR O 375 -66.38 28.52 -71.56
N GLN O 376 -65.62 28.10 -70.57
CA GLN O 376 -65.93 26.93 -69.77
C GLN O 376 -65.90 27.25 -68.29
N GLU O 377 -66.46 26.33 -67.51
CA GLU O 377 -66.50 26.48 -66.07
C GLU O 377 -65.14 26.78 -65.51
N ASN O 378 -65.03 27.84 -64.72
CA ASN O 378 -63.79 28.23 -64.06
C ASN O 378 -62.68 28.65 -65.01
N VAL O 379 -63.01 28.99 -66.26
CA VAL O 379 -61.98 29.42 -67.21
C VAL O 379 -62.14 30.89 -67.62
N PRO O 380 -61.26 31.78 -67.14
CA PRO O 380 -61.18 33.20 -67.43
C PRO O 380 -61.12 33.44 -68.91
N ALA O 381 -62.12 34.15 -69.42
CA ALA O 381 -62.17 34.42 -70.85
C ALA O 381 -62.08 35.89 -71.13
N ILE O 382 -61.43 36.21 -72.23
CA ILE O 382 -61.22 37.60 -72.58
C ILE O 382 -61.72 37.96 -73.96
N PHE O 383 -62.47 39.04 -74.02
CA PHE O 383 -62.95 39.59 -75.28
C PHE O 383 -62.57 41.06 -75.35
N ASP O 384 -61.81 41.44 -76.37
CA ASP O 384 -61.41 42.83 -76.44
C ASP O 384 -61.44 43.37 -77.85
N ASN O 385 -62.40 44.25 -78.12
CA ASN O 385 -62.52 44.91 -79.41
C ASN O 385 -62.03 46.34 -79.24
N ASN O 386 -60.85 46.66 -79.73
CA ASN O 386 -60.34 47.98 -79.44
C ASN O 386 -59.62 48.67 -80.58
N ARG O 387 -59.23 49.90 -80.32
CA ARG O 387 -58.43 50.66 -81.26
C ARG O 387 -57.24 51.27 -80.55
N THR O 388 -56.13 51.38 -81.25
CA THR O 388 -54.95 51.94 -80.65
C THR O 388 -54.35 53.08 -81.45
N PHE O 389 -54.16 54.18 -80.73
CA PHE O 389 -53.58 55.40 -81.25
C PHE O 389 -52.12 55.48 -80.93
N TYR O 390 -51.26 55.60 -81.93
CA TYR O 390 -49.83 55.67 -81.69
C TYR O 390 -49.28 57.07 -81.83
N THR O 391 -48.24 57.38 -81.05
CA THR O 391 -47.58 58.68 -81.13
C THR O 391 -46.09 58.59 -80.83
N LYS O 392 -45.32 59.51 -81.42
CA LYS O 392 -43.88 59.53 -81.21
C LYS O 392 -43.46 60.37 -80.02
N LEU O 393 -42.47 59.87 -79.31
CA LEU O 393 -41.84 60.60 -78.22
C LEU O 393 -40.36 60.74 -78.47
N ILE O 394 -39.98 61.02 -79.71
CA ILE O 394 -38.58 61.13 -80.03
C ILE O 394 -37.97 62.35 -79.38
N GLY O 395 -37.37 62.15 -78.22
CA GLY O 395 -36.69 63.23 -77.57
C GLY O 395 -35.27 63.25 -78.04
N GLU O 396 -34.43 63.96 -77.35
CA GLU O 396 -33.05 64.01 -77.72
C GLU O 396 -32.29 62.86 -77.08
N ARG O 397 -32.49 62.58 -75.79
CA ARG O 397 -31.82 61.42 -75.25
C ARG O 397 -32.69 60.21 -75.42
N ASN O 398 -33.83 60.21 -74.74
CA ASN O 398 -34.71 59.09 -74.79
C ASN O 398 -35.73 59.25 -75.89
N VAL O 399 -35.97 58.17 -76.60
CA VAL O 399 -36.92 58.14 -77.67
C VAL O 399 -37.85 56.98 -77.45
N ALA O 400 -39.08 57.08 -77.95
CA ALA O 400 -40.02 56.00 -77.75
C ALA O 400 -41.30 56.21 -78.51
N LEU O 401 -42.11 55.16 -78.54
CA LEU O 401 -43.45 55.26 -79.07
C LEU O 401 -44.39 54.98 -77.94
N GLU O 402 -45.51 55.66 -77.94
CA GLU O 402 -46.52 55.41 -76.93
C GLU O 402 -47.86 55.33 -77.55
N HIS O 403 -48.81 54.82 -76.80
CA HIS O 403 -50.10 54.67 -77.39
C HIS O 403 -51.26 54.71 -76.42
N VAL O 404 -52.43 54.94 -76.98
CA VAL O 404 -53.66 54.98 -76.23
C VAL O 404 -54.61 53.93 -76.76
N THR O 405 -54.98 52.99 -75.90
CA THR O 405 -55.88 51.94 -76.31
C THR O 405 -57.22 52.04 -75.62
N TYR O 406 -58.29 51.91 -76.38
CA TYR O 406 -59.63 51.97 -75.82
C TYR O 406 -60.61 51.18 -76.67
N GLY O 407 -61.72 50.76 -76.06
CA GLY O 407 -62.71 49.99 -76.80
C GLY O 407 -63.61 49.20 -75.88
N THR O 408 -64.15 48.10 -76.38
CA THR O 408 -65.05 47.25 -75.63
C THR O 408 -64.31 46.06 -75.06
N MET O 409 -64.28 45.93 -73.74
CA MET O 409 -63.54 44.83 -73.16
C MET O 409 -64.28 44.09 -72.06
N ILE O 410 -64.24 42.77 -72.14
CA ILE O 410 -64.87 41.93 -71.14
C ILE O 410 -63.92 40.89 -70.59
N ARG O 411 -63.78 40.88 -69.27
CA ARG O 411 -63.04 39.82 -68.62
C ARG O 411 -64.01 39.10 -67.72
N VAL O 412 -64.12 37.78 -67.87
CA VAL O 412 -65.11 37.09 -67.07
C VAL O 412 -64.71 35.72 -66.57
N LEU O 413 -65.09 35.46 -65.33
CA LEU O 413 -64.89 34.16 -64.71
C LEU O 413 -66.22 33.59 -64.22
N PRO O 414 -66.82 32.65 -64.96
CA PRO O 414 -68.08 31.98 -64.70
C PRO O 414 -67.95 30.82 -63.75
N ARG O 415 -68.99 30.56 -63.00
CA ARG O 415 -68.96 29.45 -62.08
C ARG O 415 -70.35 28.97 -61.67
N PHE O 416 -70.61 27.68 -61.81
CA PHE O 416 -71.90 27.16 -61.42
C PHE O 416 -72.01 26.90 -59.93
N SER O 417 -73.18 27.21 -59.39
CA SER O 417 -73.45 26.99 -57.97
C SER O 417 -74.30 25.76 -57.76
N ALA O 418 -74.67 25.53 -56.51
CA ALA O 418 -75.43 24.36 -56.10
C ALA O 418 -76.79 24.29 -56.77
N ASP O 419 -77.39 25.45 -56.99
CA ASP O 419 -78.72 25.50 -57.60
C ASP O 419 -78.69 25.68 -59.11
N GLY O 420 -77.51 25.52 -59.73
CA GLY O 420 -77.43 25.69 -61.18
C GLY O 420 -77.33 27.16 -61.55
N GLN O 421 -77.07 28.01 -60.57
CA GLN O 421 -76.95 29.43 -60.79
C GLN O 421 -75.58 29.72 -61.33
N ILE O 422 -75.43 30.80 -62.07
CA ILE O 422 -74.13 31.12 -62.62
C ILE O 422 -73.59 32.40 -62.03
N GLU O 423 -72.48 32.31 -61.31
CA GLU O 423 -71.87 33.51 -60.78
C GLU O 423 -70.75 33.94 -61.67
N MET O 424 -70.62 35.23 -61.85
CA MET O 424 -69.59 35.73 -62.70
C MET O 424 -68.83 36.89 -62.12
N SER O 425 -67.51 36.82 -62.24
CA SER O 425 -66.70 37.96 -61.90
C SER O 425 -66.67 38.79 -63.16
N LEU O 426 -67.08 40.05 -63.08
CA LEU O 426 -67.17 40.85 -64.29
C LEU O 426 -66.37 42.13 -64.31
N ASP O 427 -65.56 42.29 -65.34
CA ASP O 427 -64.89 43.54 -65.58
C ASP O 427 -65.29 44.03 -66.97
N ILE O 428 -65.89 45.22 -67.02
CA ILE O 428 -66.40 45.75 -68.26
C ILE O 428 -65.89 47.12 -68.60
N GLU O 429 -65.38 47.29 -69.83
CA GLU O 429 -64.97 48.59 -70.31
C GLU O 429 -65.71 48.98 -71.57
N ASP O 430 -66.24 50.19 -71.59
CA ASP O 430 -66.85 50.74 -72.78
C ASP O 430 -66.19 52.06 -73.10
N GLY O 431 -65.17 52.03 -73.96
CA GLY O 431 -64.46 53.24 -74.29
C GLY O 431 -64.76 53.74 -75.70
N ASN O 432 -64.57 55.04 -75.90
CA ASN O 432 -64.80 55.65 -77.19
C ASN O 432 -63.97 56.91 -77.40
N ASP O 433 -64.05 57.47 -78.60
CA ASP O 433 -63.29 58.66 -78.96
C ASP O 433 -64.12 59.94 -78.92
N LYS O 434 -63.90 60.76 -77.91
CA LYS O 434 -64.60 62.04 -77.83
C LYS O 434 -63.78 63.07 -78.59
N THR O 435 -64.44 63.96 -79.32
CA THR O 435 -63.68 64.93 -80.08
C THR O 435 -64.13 66.36 -79.81
N PRO O 436 -63.23 67.32 -80.01
CA PRO O 436 -63.39 68.76 -79.95
C PRO O 436 -63.92 69.25 -81.28
N GLN O 437 -64.11 70.56 -81.40
CA GLN O 437 -64.55 71.11 -82.67
C GLN O 437 -63.50 70.80 -83.74
N SER O 438 -63.95 70.11 -84.79
CA SER O 438 -63.08 69.67 -85.89
C SER O 438 -62.48 70.80 -86.72
N ASP O 439 -63.00 72.01 -86.55
CA ASP O 439 -62.51 73.19 -87.22
C ASP O 439 -61.25 73.75 -86.56
N THR O 440 -60.84 73.20 -85.43
CA THR O 440 -59.67 73.71 -84.72
C THR O 440 -58.45 72.82 -84.90
N THR O 441 -57.30 73.35 -84.50
CA THR O 441 -56.01 72.67 -84.60
C THR O 441 -55.88 71.52 -83.61
N THR O 442 -56.79 71.48 -82.63
CA THR O 442 -56.81 70.43 -81.63
C THR O 442 -57.28 69.10 -82.25
N SER O 443 -57.85 69.17 -83.47
CA SER O 443 -58.25 67.98 -84.19
C SER O 443 -57.04 67.31 -84.89
N VAL O 444 -55.89 68.00 -84.89
CA VAL O 444 -54.68 67.49 -85.50
C VAL O 444 -53.69 67.05 -84.44
N ASP O 445 -53.46 67.91 -83.45
CA ASP O 445 -52.54 67.58 -82.37
C ASP O 445 -53.07 66.39 -81.59
N ALA O 446 -52.16 65.49 -81.19
CA ALA O 446 -52.46 64.26 -80.43
C ALA O 446 -53.27 64.51 -79.16
N LEU O 447 -54.54 64.84 -79.32
CA LEU O 447 -55.42 65.11 -78.20
C LEU O 447 -56.71 64.28 -78.17
N PRO O 448 -56.76 63.11 -78.84
CA PRO O 448 -57.94 62.24 -78.88
C PRO O 448 -58.54 61.98 -77.50
N GLU O 449 -59.34 62.91 -77.00
CA GLU O 449 -60.00 62.77 -75.71
C GLU O 449 -60.73 61.43 -75.64
N VAL O 450 -60.48 60.66 -74.60
CA VAL O 450 -61.11 59.35 -74.54
C VAL O 450 -62.17 59.28 -73.47
N GLY O 451 -63.31 58.71 -73.82
CA GLY O 451 -64.37 58.54 -72.85
C GLY O 451 -64.39 57.08 -72.45
N ARG O 452 -64.53 56.79 -71.16
CA ARG O 452 -64.54 55.40 -70.73
C ARG O 452 -65.56 55.13 -69.65
N THR O 453 -66.25 54.01 -69.76
CA THR O 453 -67.15 53.58 -68.70
C THR O 453 -66.63 52.29 -68.13
N LEU O 454 -66.36 52.28 -66.84
CA LEU O 454 -65.81 51.11 -66.21
C LEU O 454 -66.72 50.51 -65.15
N ILE O 455 -66.90 49.20 -65.19
CA ILE O 455 -67.67 48.50 -64.19
C ILE O 455 -66.94 47.29 -63.66
N SER O 456 -66.86 47.16 -62.35
CA SER O 456 -66.22 45.98 -61.78
C SER O 456 -67.05 45.44 -60.61
N THR O 457 -67.66 44.27 -60.82
CA THR O 457 -68.52 43.68 -59.81
C THR O 457 -68.64 42.15 -59.93
N ILE O 458 -69.54 41.57 -59.14
CA ILE O 458 -69.85 40.14 -59.12
C ILE O 458 -71.35 39.91 -59.08
N ALA O 459 -71.86 39.00 -59.91
CA ALA O 459 -73.31 38.78 -59.85
C ALA O 459 -73.71 37.34 -60.14
N ARG O 460 -74.80 36.91 -59.49
CA ARG O 460 -75.34 35.56 -59.68
C ARG O 460 -76.59 35.63 -60.53
N VAL O 461 -76.61 34.90 -61.64
CA VAL O 461 -77.77 34.94 -62.52
C VAL O 461 -78.32 33.54 -62.77
N PRO O 462 -79.64 33.35 -62.66
CA PRO O 462 -80.36 32.12 -62.97
C PRO O 462 -80.16 31.77 -64.44
N HIS O 463 -80.08 30.48 -64.73
CA HIS O 463 -79.86 30.05 -66.11
C HIS O 463 -80.92 30.55 -67.07
N GLY O 464 -80.49 31.24 -68.11
CA GLY O 464 -81.41 31.73 -69.12
C GLY O 464 -82.10 33.06 -68.75
N LYS O 465 -81.70 33.63 -67.62
CA LYS O 465 -82.26 34.91 -67.20
C LYS O 465 -81.24 36.01 -67.31
N SER O 466 -81.62 37.19 -66.88
CA SER O 466 -80.72 38.32 -66.99
C SER O 466 -80.80 39.26 -65.82
N LEU O 467 -79.74 40.04 -65.62
CA LEU O 467 -79.71 41.07 -64.60
C LEU O 467 -79.13 42.38 -65.07
N LEU O 468 -79.63 43.45 -64.50
CA LEU O 468 -79.08 44.75 -64.77
C LEU O 468 -77.87 44.97 -63.91
N VAL O 469 -76.70 45.04 -64.53
CA VAL O 469 -75.47 45.25 -63.78
C VAL O 469 -75.31 46.66 -63.35
N GLY O 470 -75.57 47.57 -64.26
CA GLY O 470 -75.46 48.96 -63.89
C GLY O 470 -75.85 49.88 -65.00
N GLY O 471 -75.78 51.16 -64.73
CA GLY O 471 -76.14 52.12 -65.74
C GLY O 471 -76.00 53.55 -65.28
N TYR O 472 -76.41 54.45 -66.14
CA TYR O 472 -76.31 55.85 -65.89
C TYR O 472 -77.37 56.61 -66.65
N THR O 473 -78.12 57.44 -65.95
CA THR O 473 -79.10 58.24 -66.65
C THR O 473 -78.93 59.70 -66.33
N ARG O 474 -79.39 60.54 -67.24
CA ARG O 474 -79.29 61.97 -67.05
C ARG O 474 -80.43 62.72 -67.68
N ASP O 475 -81.05 63.58 -66.90
CA ASP O 475 -82.13 64.40 -67.40
C ASP O 475 -81.79 65.86 -67.14
N ALA O 476 -81.98 66.73 -68.12
CA ALA O 476 -81.63 68.12 -67.89
C ALA O 476 -82.45 69.08 -68.73
N ASN O 477 -82.60 70.29 -68.21
CA ASN O 477 -83.36 71.31 -68.90
C ASN O 477 -82.94 72.69 -68.48
N THR O 478 -82.73 73.57 -69.45
CA THR O 478 -82.36 74.95 -69.12
C THR O 478 -82.96 75.95 -70.06
N ASP O 479 -83.09 77.18 -69.58
CA ASP O 479 -83.65 78.23 -70.40
C ASP O 479 -83.14 79.62 -70.04
N THR O 480 -83.15 80.52 -71.02
CA THR O 480 -82.71 81.89 -70.77
C THR O 480 -83.63 82.90 -71.38
N VAL O 481 -83.65 84.10 -70.80
CA VAL O 481 -84.38 85.22 -71.35
C VAL O 481 -83.56 86.49 -71.27
N GLN O 482 -83.37 87.14 -72.40
CA GLN O 482 -82.64 88.40 -72.41
C GLN O 482 -83.46 89.48 -73.08
N SER O 483 -83.34 90.71 -72.62
CA SER O 483 -84.08 91.76 -73.27
C SER O 483 -83.55 93.15 -72.98
N ILE O 484 -84.05 94.09 -73.75
CA ILE O 484 -83.72 95.49 -73.56
C ILE O 484 -84.77 96.08 -72.63
N PRO O 485 -84.39 96.51 -71.43
CA PRO O 485 -85.23 97.02 -70.34
C PRO O 485 -86.55 97.68 -70.75
N PHE O 486 -86.57 98.47 -71.81
CA PHE O 486 -87.83 99.11 -72.17
C PHE O 486 -88.32 98.72 -73.55
N LEU O 487 -87.40 98.51 -74.48
CA LEU O 487 -87.79 98.21 -75.86
C LEU O 487 -88.42 96.85 -75.98
N GLY O 488 -88.02 95.91 -75.14
CA GLY O 488 -88.56 94.56 -75.17
C GLY O 488 -90.05 94.49 -74.83
N LYS O 489 -90.62 95.57 -74.30
CA LYS O 489 -92.02 95.56 -73.94
C LYS O 489 -92.91 96.16 -75.02
N LEU O 490 -92.34 96.58 -76.15
CA LEU O 490 -93.17 97.20 -77.16
C LEU O 490 -93.99 96.20 -77.97
N PRO O 491 -95.30 96.47 -78.12
CA PRO O 491 -96.34 95.62 -78.74
C PRO O 491 -95.85 94.66 -79.83
N LEU O 492 -95.44 95.21 -80.97
CA LEU O 492 -94.97 94.41 -82.09
C LEU O 492 -93.60 94.84 -82.50
N ILE O 493 -92.80 95.23 -81.52
CA ILE O 493 -91.47 95.73 -81.75
C ILE O 493 -90.47 95.01 -80.89
N GLY O 494 -90.80 94.83 -79.61
CA GLY O 494 -89.95 94.19 -78.61
C GLY O 494 -89.35 92.87 -79.04
N SER O 495 -90.02 92.14 -79.93
CA SER O 495 -89.52 90.89 -80.49
C SER O 495 -88.14 91.03 -81.14
N LEU O 496 -87.82 92.25 -81.58
CA LEU O 496 -86.57 92.57 -82.24
C LEU O 496 -85.45 92.84 -81.24
N PHE O 497 -85.78 92.84 -79.95
CA PHE O 497 -84.85 93.12 -78.88
C PHE O 497 -84.76 91.96 -77.90
N ARG O 498 -85.87 91.23 -77.73
CA ARG O 498 -85.92 90.09 -76.84
C ARG O 498 -85.15 88.90 -77.40
N TYR O 499 -84.74 88.02 -76.50
CA TYR O 499 -84.03 86.81 -76.86
C TYR O 499 -84.33 85.69 -75.92
N SER O 500 -84.60 84.50 -76.44
CA SER O 500 -84.82 83.40 -75.53
C SER O 500 -84.27 82.10 -76.04
N SER O 501 -84.01 81.19 -75.12
CA SER O 501 -83.53 79.89 -75.54
C SER O 501 -84.00 78.79 -74.61
N LYS O 502 -84.09 77.58 -75.16
CA LYS O 502 -84.47 76.41 -74.41
C LYS O 502 -83.60 75.23 -74.79
N ASN O 503 -83.21 74.42 -73.82
CA ASN O 503 -82.40 73.27 -74.14
C ASN O 503 -82.68 72.10 -73.21
N LYS O 504 -83.38 71.11 -73.74
CA LYS O 504 -83.74 69.91 -73.00
C LYS O 504 -83.04 68.66 -73.52
N SER O 505 -82.61 67.80 -72.60
CA SER O 505 -81.99 66.55 -73.02
C SER O 505 -82.26 65.38 -72.09
N ASN O 506 -82.23 64.18 -72.64
CA ASN O 506 -82.47 62.97 -71.88
C ASN O 506 -81.51 61.86 -72.33
N VAL O 507 -80.79 61.24 -71.38
CA VAL O 507 -79.83 60.19 -71.70
C VAL O 507 -80.01 58.94 -70.87
N VAL O 508 -80.04 57.78 -71.54
CA VAL O 508 -80.14 56.51 -70.82
C VAL O 508 -79.10 55.49 -71.25
N ARG O 509 -78.27 55.03 -70.31
CA ARG O 509 -77.28 53.99 -70.62
C ARG O 509 -77.30 52.83 -69.64
N VAL O 510 -77.48 51.61 -70.16
CA VAL O 510 -77.47 50.44 -69.28
C VAL O 510 -76.66 49.25 -69.78
N PHE O 511 -76.22 48.45 -68.82
CA PHE O 511 -75.46 47.23 -69.06
C PHE O 511 -76.16 46.04 -68.46
N MET O 512 -76.56 45.10 -69.30
CA MET O 512 -77.28 43.92 -68.82
C MET O 512 -76.57 42.62 -69.19
N ILE O 513 -76.65 41.65 -68.29
CA ILE O 513 -76.01 40.36 -68.48
C ILE O 513 -76.95 39.21 -68.63
N GLU O 514 -76.69 38.37 -69.63
CA GLU O 514 -77.47 37.18 -69.87
C GLU O 514 -76.55 35.98 -70.12
N PRO O 515 -76.70 34.92 -69.33
CA PRO O 515 -75.81 33.76 -69.52
C PRO O 515 -76.58 32.46 -69.67
N LYS O 516 -76.01 31.54 -70.43
CA LYS O 516 -76.63 30.23 -70.60
C LYS O 516 -75.61 29.12 -70.81
N GLU O 517 -76.05 27.90 -70.56
CA GLU O 517 -75.21 26.72 -70.70
C GLU O 517 -75.29 26.15 -72.10
N ILE O 518 -74.12 25.90 -72.67
CA ILE O 518 -74.04 25.36 -74.02
C ILE O 518 -73.70 23.89 -73.99
N VAL O 519 -74.53 23.08 -74.65
CA VAL O 519 -74.31 21.64 -74.66
C VAL O 519 -74.31 21.05 -76.07
N ASP O 520 -75.01 21.68 -76.98
CA ASP O 520 -75.08 21.19 -78.36
C ASP O 520 -74.11 21.94 -79.26
N PRO O 521 -73.66 21.31 -80.33
CA PRO O 521 -72.83 21.85 -81.39
C PRO O 521 -73.66 22.81 -82.21
N LEU O 522 -73.00 23.75 -82.85
CA LEU O 522 -73.67 24.77 -83.63
C LEU O 522 -74.48 24.12 -84.74
N THR O 523 -75.78 24.42 -84.79
CA THR O 523 -76.66 23.82 -85.80
C THR O 523 -77.44 24.86 -86.56
N PRO O 524 -77.33 24.87 -87.89
CA PRO O 524 -76.54 24.03 -88.80
C PRO O 524 -75.08 24.37 -88.70
N ASP O 525 -74.24 23.47 -89.22
CA ASP O 525 -72.80 23.64 -89.16
C ASP O 525 -72.37 24.93 -89.84
N ALA O 526 -71.35 25.58 -89.27
CA ALA O 526 -70.87 26.87 -89.73
C ALA O 526 -70.65 26.93 -91.23
N SER O 527 -70.00 25.91 -91.80
CA SER O 527 -69.70 25.91 -93.22
C SER O 527 -70.92 25.94 -94.11
N GLU O 528 -72.04 25.43 -93.62
CA GLU O 528 -73.27 25.42 -94.40
C GLU O 528 -73.83 26.81 -94.49
N SER O 529 -73.87 27.48 -93.34
CA SER O 529 -74.38 28.83 -93.28
C SER O 529 -73.52 29.79 -94.07
N VAL O 530 -72.21 29.62 -94.00
CA VAL O 530 -71.32 30.47 -94.75
C VAL O 530 -71.54 30.36 -96.23
N ASN O 531 -71.72 29.14 -96.73
CA ASN O 531 -71.98 28.97 -98.14
C ASN O 531 -73.24 29.70 -98.57
N ASN O 532 -74.28 29.64 -97.74
CA ASN O 532 -75.51 30.32 -98.06
C ASN O 532 -75.30 31.83 -98.17
N ILE O 533 -74.51 32.36 -97.25
CA ILE O 533 -74.17 33.79 -97.25
C ILE O 533 -73.42 34.20 -98.48
N LEU O 534 -72.38 33.46 -98.81
CA LEU O 534 -71.55 33.80 -99.95
C LEU O 534 -72.32 33.77 -101.25
N LYS O 535 -73.20 32.79 -101.40
CA LYS O 535 -73.96 32.69 -102.62
C LYS O 535 -74.95 33.82 -102.75
N GLN O 536 -75.72 34.08 -101.70
CA GLN O 536 -76.71 35.13 -101.77
C GLN O 536 -76.09 36.51 -101.89
N SER O 537 -74.94 36.71 -101.26
CA SER O 537 -74.25 37.98 -101.34
C SER O 537 -73.43 38.16 -102.63
N GLY O 538 -73.34 37.11 -103.46
CA GLY O 538 -72.64 37.19 -104.72
C GLY O 538 -71.11 37.09 -104.64
N ALA O 539 -70.58 36.72 -103.47
CA ALA O 539 -69.12 36.64 -103.29
C ALA O 539 -68.60 35.26 -103.64
N TRP O 540 -69.45 34.26 -103.51
CA TRP O 540 -69.11 32.86 -103.78
C TRP O 540 -68.47 32.67 -105.13
N SER O 541 -67.38 31.91 -105.14
CA SER O 541 -66.66 31.61 -106.35
C SER O 541 -66.15 30.18 -106.35
N GLY O 542 -66.87 29.30 -105.68
CA GLY O 542 -66.48 27.90 -105.58
C GLY O 542 -66.49 27.18 -106.92
N ASP O 543 -67.21 27.72 -107.90
CA ASP O 543 -67.25 27.14 -109.22
C ASP O 543 -66.16 27.67 -110.15
N ASP O 544 -65.22 28.47 -109.64
CA ASP O 544 -64.17 28.99 -110.49
C ASP O 544 -63.32 27.85 -111.02
N LYS O 545 -63.25 27.74 -112.33
CA LYS O 545 -62.52 26.69 -113.02
C LYS O 545 -61.03 26.58 -112.67
N LEU O 546 -60.47 27.62 -112.07
CA LEU O 546 -59.07 27.60 -111.72
C LEU O 546 -58.93 27.36 -110.23
N GLN O 547 -59.51 28.26 -109.44
CA GLN O 547 -59.35 28.19 -107.99
C GLN O 547 -59.83 26.89 -107.37
N LYS O 548 -60.83 26.24 -107.98
CA LYS O 548 -61.34 24.97 -107.46
C LYS O 548 -60.28 23.89 -107.30
N TRP O 549 -59.16 23.99 -108.03
CA TRP O 549 -58.11 22.99 -107.91
C TRP O 549 -57.48 22.99 -106.54
N VAL O 550 -57.60 24.11 -105.84
CA VAL O 550 -57.09 24.23 -104.50
C VAL O 550 -58.21 24.21 -103.50
N ARG O 551 -59.26 24.98 -103.76
CA ARG O 551 -60.38 25.09 -102.84
C ARG O 551 -60.97 23.74 -102.46
N VAL O 552 -61.01 22.79 -103.39
CA VAL O 552 -61.48 21.44 -103.09
C VAL O 552 -60.84 20.78 -101.87
N TYR O 553 -59.58 21.15 -101.58
CA TYR O 553 -58.85 20.58 -100.47
C TYR O 553 -59.33 21.11 -99.14
N LEU O 554 -60.02 22.23 -99.18
CA LEU O 554 -60.48 22.89 -97.99
C LEU O 554 -61.94 22.62 -97.77
N ASP O 555 -62.69 22.63 -98.86
CA ASP O 555 -64.11 22.44 -98.78
C ASP O 555 -64.53 20.99 -98.59
N ARG O 556 -63.80 20.05 -99.19
CA ARG O 556 -64.13 18.64 -99.02
C ARG O 556 -62.98 17.83 -98.45
N GLY O 557 -61.82 18.46 -98.29
CA GLY O 557 -60.66 17.75 -97.76
C GLY O 557 -59.81 17.18 -98.88
N ASP P 3 -58.10 -73.93 73.58
CA ASP P 3 -56.69 -73.94 73.93
C ASP P 3 -55.82 -74.12 72.71
N LYS P 4 -55.85 -73.14 71.81
CA LYS P 4 -55.06 -73.23 70.60
C LYS P 4 -54.03 -72.13 70.52
N ASP P 5 -52.88 -72.44 69.95
CA ASP P 5 -51.83 -71.45 69.77
C ASP P 5 -52.11 -70.66 68.50
N LEU P 6 -52.13 -69.34 68.61
CA LEU P 6 -52.41 -68.52 67.45
C LEU P 6 -51.12 -67.84 66.98
N LEU P 7 -50.55 -67.00 67.85
CA LEU P 7 -49.31 -66.29 67.51
C LEU P 7 -48.21 -66.49 68.56
N LYS P 8 -46.95 -66.45 68.12
CA LYS P 8 -45.82 -66.59 69.04
C LYS P 8 -44.68 -65.64 68.71
N GLY P 9 -43.93 -65.25 69.72
CA GLY P 9 -42.77 -64.39 69.50
C GLY P 9 -43.12 -62.95 69.23
N LEU P 10 -44.27 -62.50 69.72
CA LEU P 10 -44.70 -61.15 69.47
C LEU P 10 -44.02 -60.18 70.38
N ASP P 11 -43.86 -58.96 69.92
CA ASP P 11 -43.31 -57.97 70.83
C ASP P 11 -44.49 -57.39 71.58
N GLN P 12 -44.23 -56.49 72.49
CA GLN P 12 -45.28 -55.93 73.32
C GLN P 12 -46.38 -55.21 72.54
N GLU P 13 -45.98 -54.33 71.62
CA GLU P 13 -46.92 -53.57 70.82
C GLU P 13 -47.83 -54.45 70.00
N GLN P 14 -47.23 -55.37 69.26
CA GLN P 14 -47.95 -56.29 68.40
C GLN P 14 -48.95 -57.09 69.18
N ALA P 15 -48.52 -57.64 70.33
CA ALA P 15 -49.39 -58.45 71.14
C ALA P 15 -50.64 -57.70 71.54
N ASN P 16 -50.47 -56.47 72.02
CA ASN P 16 -51.63 -55.71 72.46
C ASN P 16 -52.53 -55.31 71.29
N GLU P 17 -51.95 -55.05 70.13
CA GLU P 17 -52.76 -54.68 68.98
C GLU P 17 -53.62 -55.81 68.48
N VAL P 18 -53.04 -56.99 68.38
CA VAL P 18 -53.79 -58.15 67.92
C VAL P 18 -54.93 -58.46 68.84
N ILE P 19 -54.65 -58.42 70.14
CA ILE P 19 -55.68 -58.67 71.12
C ILE P 19 -56.84 -57.71 71.00
N ALA P 20 -56.53 -56.43 70.82
CA ALA P 20 -57.57 -55.43 70.66
C ALA P 20 -58.55 -55.81 69.56
N VAL P 21 -58.02 -56.25 68.42
CA VAL P 21 -58.86 -56.65 67.30
C VAL P 21 -59.73 -57.85 67.63
N LEU P 22 -59.14 -58.85 68.25
CA LEU P 22 -59.90 -60.04 68.59
C LEU P 22 -61.04 -59.75 69.53
N GLN P 23 -60.79 -58.89 70.51
CA GLN P 23 -61.83 -58.52 71.46
C GLN P 23 -62.94 -57.77 70.77
N MET P 24 -62.57 -56.88 69.85
CA MET P 24 -63.54 -56.12 69.08
C MET P 24 -64.49 -57.04 68.34
N HIS P 25 -63.99 -58.18 67.87
CA HIS P 25 -64.83 -59.13 67.17
C HIS P 25 -65.36 -60.26 68.06
N ASN P 26 -65.45 -60.01 69.36
CA ASN P 26 -66.01 -60.94 70.32
C ASN P 26 -65.20 -62.22 70.52
N ILE P 27 -63.88 -62.08 70.62
CA ILE P 27 -63.01 -63.21 70.88
C ILE P 27 -62.09 -62.96 72.08
N GLU P 28 -62.18 -63.80 73.09
CA GLU P 28 -61.29 -63.69 74.24
C GLU P 28 -59.90 -64.15 73.85
N ALA P 29 -58.87 -63.55 74.43
CA ALA P 29 -57.51 -63.95 74.08
C ALA P 29 -56.58 -63.84 75.27
N ASN P 30 -55.63 -64.76 75.34
CA ASN P 30 -54.67 -64.78 76.43
C ASN P 30 -53.34 -64.27 75.96
N LYS P 31 -52.72 -63.40 76.76
CA LYS P 31 -51.37 -62.94 76.45
C LYS P 31 -50.40 -63.63 77.38
N ILE P 32 -49.51 -64.43 76.81
CA ILE P 32 -48.57 -65.18 77.61
C ILE P 32 -47.16 -64.66 77.49
N ASP P 33 -46.60 -64.29 78.63
CA ASP P 33 -45.24 -63.77 78.71
C ASP P 33 -44.23 -64.90 78.83
N SER P 34 -43.47 -65.15 77.78
CA SER P 34 -42.45 -66.20 77.79
C SER P 34 -41.04 -65.63 77.92
N GLY P 35 -40.93 -64.46 78.54
CA GLY P 35 -39.65 -63.83 78.79
C GLY P 35 -38.98 -63.42 77.50
N LYS P 36 -37.72 -63.82 77.35
CA LYS P 36 -36.91 -63.49 76.18
C LYS P 36 -37.49 -64.00 74.86
N LEU P 37 -38.43 -64.93 74.93
CA LEU P 37 -39.02 -65.48 73.73
C LEU P 37 -40.20 -64.66 73.24
N GLY P 38 -40.59 -63.62 73.97
CA GLY P 38 -41.67 -62.75 73.52
C GLY P 38 -43.03 -63.17 74.05
N TYR P 39 -44.07 -62.65 73.41
CA TYR P 39 -45.42 -62.96 73.82
C TYR P 39 -46.12 -63.94 72.91
N SER P 40 -47.02 -64.70 73.48
CA SER P 40 -47.81 -65.64 72.72
C SER P 40 -49.28 -65.41 72.93
N ILE P 41 -50.06 -65.57 71.88
CA ILE P 41 -51.49 -65.38 71.99
C ILE P 41 -52.22 -66.67 71.76
N THR P 42 -53.08 -67.04 72.72
CA THR P 42 -53.85 -68.25 72.60
C THR P 42 -55.33 -67.97 72.72
N VAL P 43 -56.14 -68.82 72.10
CA VAL P 43 -57.59 -68.64 72.12
C VAL P 43 -58.34 -69.93 72.38
N ALA P 44 -59.60 -69.80 72.76
CA ALA P 44 -60.44 -70.95 72.99
C ALA P 44 -60.70 -71.64 71.66
N GLU P 45 -60.70 -72.97 71.67
CA GLU P 45 -60.91 -73.75 70.48
C GLU P 45 -62.18 -73.39 69.68
N PRO P 46 -63.32 -73.09 70.33
CA PRO P 46 -64.56 -72.64 69.71
C PRO P 46 -64.39 -71.38 68.86
N ASP P 47 -63.46 -70.51 69.24
CA ASP P 47 -63.24 -69.26 68.54
C ASP P 47 -62.12 -69.36 67.53
N PHE P 48 -61.21 -70.29 67.75
CA PHE P 48 -60.02 -70.46 66.92
C PHE P 48 -60.23 -70.28 65.42
N THR P 49 -61.29 -70.83 64.85
CA THR P 49 -61.52 -70.68 63.41
C THR P 49 -61.71 -69.23 63.04
N ALA P 50 -62.55 -68.54 63.79
CA ALA P 50 -62.83 -67.14 63.56
C ALA P 50 -61.58 -66.32 63.80
N ALA P 51 -60.83 -66.66 64.83
CA ALA P 51 -59.62 -65.93 65.18
C ALA P 51 -58.66 -65.93 64.00
N VAL P 52 -58.46 -67.11 63.39
CA VAL P 52 -57.59 -67.22 62.24
C VAL P 52 -58.06 -66.35 61.11
N TYR P 53 -59.36 -66.39 60.84
CA TYR P 53 -59.93 -65.57 59.80
C TYR P 53 -59.57 -64.10 59.97
N TRP P 54 -59.72 -63.60 61.20
CA TRP P 54 -59.44 -62.19 61.45
C TRP P 54 -57.95 -61.86 61.40
N ILE P 55 -57.08 -62.79 61.78
CA ILE P 55 -55.64 -62.55 61.67
C ILE P 55 -55.28 -62.31 60.21
N LYS P 56 -55.88 -63.09 59.33
CA LYS P 56 -55.70 -62.90 57.92
C LYS P 56 -56.25 -61.55 57.46
N THR P 57 -57.52 -61.31 57.78
CA THR P 57 -58.22 -60.11 57.37
C THR P 57 -57.50 -58.82 57.71
N TYR P 58 -56.96 -58.73 58.91
CA TYR P 58 -56.29 -57.51 59.33
C TYR P 58 -54.78 -57.52 59.21
N GLN P 59 -54.21 -58.41 58.41
CA GLN P 59 -52.75 -58.43 58.22
C GLN P 59 -52.00 -58.48 59.55
N LEU P 60 -52.38 -59.38 60.45
CA LEU P 60 -51.74 -59.43 61.74
C LEU P 60 -50.68 -60.53 61.84
N PRO P 61 -49.68 -60.33 62.69
CA PRO P 61 -49.37 -59.21 63.56
C PRO P 61 -48.83 -58.04 62.73
N PRO P 62 -48.98 -56.80 63.22
CA PRO P 62 -48.58 -55.54 62.62
C PRO P 62 -47.09 -55.45 62.31
N ARG P 63 -46.77 -54.73 61.24
CA ARG P 63 -45.39 -54.47 60.88
C ARG P 63 -44.93 -53.24 61.65
N PRO P 64 -43.63 -53.01 61.78
CA PRO P 64 -43.03 -51.84 62.40
C PRO P 64 -43.25 -50.63 61.50
N ARG P 65 -43.35 -49.46 62.10
CA ARG P 65 -43.63 -48.23 61.36
C ARG P 65 -42.45 -47.79 60.52
N VAL P 66 -42.73 -47.43 59.27
CA VAL P 66 -41.71 -47.01 58.32
C VAL P 66 -41.57 -45.51 58.25
N GLU P 67 -40.34 -45.05 58.45
CA GLU P 67 -39.97 -43.66 58.40
C GLU P 67 -38.78 -43.51 57.47
N ILE P 68 -38.73 -42.42 56.72
CA ILE P 68 -37.72 -42.26 55.68
C ILE P 68 -36.28 -42.31 56.17
N ALA P 69 -36.00 -41.66 57.30
CA ALA P 69 -34.65 -41.63 57.85
C ALA P 69 -34.09 -43.01 58.16
N GLN P 70 -34.93 -44.02 58.27
CA GLN P 70 -34.45 -45.35 58.59
C GLN P 70 -33.60 -45.93 57.48
N MET P 71 -33.70 -45.37 56.27
CA MET P 71 -32.93 -45.86 55.16
C MET P 71 -31.75 -44.99 54.78
N PHE P 72 -31.45 -43.99 55.59
CA PHE P 72 -30.29 -43.13 55.31
C PHE P 72 -29.63 -42.78 56.61
N PRO P 73 -29.05 -43.76 57.31
CA PRO P 73 -28.47 -43.70 58.64
C PRO P 73 -27.18 -42.89 58.72
N ALA P 74 -26.97 -42.27 59.89
CA ALA P 74 -25.81 -41.44 60.17
C ALA P 74 -24.55 -42.27 60.36
N ASP P 75 -24.71 -43.57 60.46
CA ASP P 75 -23.59 -44.48 60.62
C ASP P 75 -22.76 -44.58 59.35
N SER P 76 -23.27 -44.11 58.22
CA SER P 76 -22.49 -44.15 56.99
C SER P 76 -21.26 -43.29 57.10
N LEU P 77 -20.17 -43.79 56.55
CA LEU P 77 -18.89 -43.10 56.58
C LEU P 77 -18.90 -41.84 55.74
N VAL P 78 -19.76 -41.82 54.72
CA VAL P 78 -19.88 -40.68 53.83
C VAL P 78 -21.34 -40.32 53.70
N SER P 79 -21.60 -39.14 53.16
CA SER P 79 -22.96 -38.69 52.96
C SER P 79 -23.09 -37.94 51.66
N SER P 80 -24.30 -37.63 51.29
CA SER P 80 -24.56 -36.91 50.07
C SER P 80 -25.69 -35.95 50.33
N PRO P 81 -25.78 -34.86 49.60
CA PRO P 81 -26.83 -33.85 49.66
C PRO P 81 -28.18 -34.49 49.59
N ARG P 82 -28.30 -35.50 48.74
CA ARG P 82 -29.54 -36.22 48.58
C ARG P 82 -29.95 -36.87 49.87
N ALA P 83 -29.02 -37.62 50.47
CA ALA P 83 -29.31 -38.31 51.71
C ALA P 83 -29.60 -37.35 52.84
N GLU P 84 -28.80 -36.29 52.96
CA GLU P 84 -28.97 -35.35 54.04
C GLU P 84 -30.29 -34.62 53.99
N LYS P 85 -30.69 -34.21 52.80
CA LYS P 85 -31.96 -33.50 52.67
C LYS P 85 -33.11 -34.43 53.03
N ALA P 86 -33.02 -35.70 52.62
CA ALA P 86 -34.03 -36.68 52.96
C ALA P 86 -34.14 -36.87 54.46
N ARG P 87 -32.99 -36.97 55.13
CA ARG P 87 -32.98 -37.15 56.58
C ARG P 87 -33.69 -36.02 57.28
N LEU P 88 -33.43 -34.79 56.84
CA LEU P 88 -34.08 -33.65 57.44
C LEU P 88 -35.57 -33.70 57.31
N TYR P 89 -36.07 -33.96 56.09
CA TYR P 89 -37.50 -34.00 55.89
C TYR P 89 -38.17 -35.05 56.73
N SER P 90 -37.51 -36.19 56.90
CA SER P 90 -38.06 -37.25 57.71
C SER P 90 -38.32 -36.77 59.12
N ALA P 91 -37.32 -36.08 59.69
CA ALA P 91 -37.44 -35.53 61.03
C ALA P 91 -38.56 -34.52 61.11
N ILE P 92 -38.68 -33.67 60.10
CA ILE P 92 -39.71 -32.67 60.09
C ILE P 92 -41.10 -33.28 60.11
N GLU P 93 -41.35 -34.33 59.32
CA GLU P 93 -42.66 -34.95 59.35
C GLU P 93 -42.98 -35.46 60.73
N GLN P 94 -42.00 -36.10 61.37
CA GLN P 94 -42.20 -36.64 62.70
C GLN P 94 -42.54 -35.55 63.69
N ARG P 95 -41.85 -34.43 63.58
CA ARG P 95 -42.03 -33.33 64.49
C ARG P 95 -43.40 -32.70 64.31
N LEU P 96 -43.87 -32.61 63.07
CA LEU P 96 -45.21 -32.09 62.83
C LEU P 96 -46.28 -33.01 63.39
N GLU P 97 -46.07 -34.32 63.31
CA GLU P 97 -47.02 -35.26 63.88
C GLU P 97 -47.10 -35.09 65.38
N GLN P 98 -45.94 -34.91 66.01
CA GLN P 98 -45.89 -34.70 67.44
C GLN P 98 -46.69 -33.47 67.84
N SER P 99 -46.65 -32.43 67.00
CA SER P 99 -47.40 -31.23 67.30
C SER P 99 -48.90 -31.37 67.14
N LEU P 100 -49.35 -31.97 66.03
CA LEU P 100 -50.79 -32.08 65.80
C LEU P 100 -51.49 -32.90 66.84
N GLN P 101 -50.80 -33.91 67.37
CA GLN P 101 -51.41 -34.76 68.37
C GLN P 101 -51.60 -34.09 69.74
N THR P 102 -51.14 -32.85 69.89
CA THR P 102 -51.34 -32.13 71.13
C THR P 102 -52.50 -31.16 71.02
N MET P 103 -53.10 -31.03 69.83
CA MET P 103 -54.24 -30.13 69.69
C MET P 103 -55.47 -30.70 70.35
N GLU P 104 -56.30 -29.81 70.87
CA GLU P 104 -57.50 -30.20 71.57
C GLU P 104 -58.42 -31.04 70.72
N GLY P 105 -58.77 -32.21 71.24
CA GLY P 105 -59.70 -33.11 70.57
C GLY P 105 -59.02 -34.10 69.63
N VAL P 106 -57.72 -33.94 69.39
CA VAL P 106 -57.05 -34.86 68.48
C VAL P 106 -56.52 -36.06 69.21
N LEU P 107 -56.90 -37.23 68.72
CA LEU P 107 -56.48 -38.48 69.31
C LEU P 107 -55.28 -39.05 68.56
N SER P 108 -55.29 -38.87 67.24
CA SER P 108 -54.20 -39.34 66.41
C SER P 108 -54.04 -38.55 65.14
N ALA P 109 -52.81 -38.40 64.67
CA ALA P 109 -52.61 -37.68 63.43
C ALA P 109 -51.34 -38.10 62.71
N ARG P 110 -51.40 -38.09 61.37
CA ARG P 110 -50.26 -38.46 60.53
C ARG P 110 -49.98 -37.36 59.52
N VAL P 111 -48.70 -37.12 59.22
CA VAL P 111 -48.32 -36.04 58.31
C VAL P 111 -47.33 -36.45 57.24
N HIS P 112 -47.60 -36.00 56.01
CA HIS P 112 -46.70 -36.25 54.89
C HIS P 112 -46.24 -34.98 54.25
N ILE P 113 -45.00 -34.95 53.79
CA ILE P 113 -44.50 -33.79 53.08
C ILE P 113 -43.86 -34.27 51.81
N SER P 114 -44.02 -33.52 50.73
CA SER P 114 -43.40 -33.92 49.48
C SER P 114 -41.90 -33.81 49.56
N TYR P 115 -41.21 -34.55 48.70
CA TYR P 115 -39.76 -34.56 48.70
C TYR P 115 -39.20 -33.98 47.41
N ASP P 116 -37.95 -33.59 47.48
CA ASP P 116 -37.23 -33.02 46.36
C ASP P 116 -35.87 -33.66 46.31
N ILE P 117 -35.71 -34.56 45.35
CA ILE P 117 -34.51 -35.34 45.25
C ILE P 117 -33.54 -34.88 44.17
N ASP P 118 -34.01 -34.12 43.20
CA ASP P 118 -33.07 -33.71 42.16
C ASP P 118 -33.39 -32.41 41.43
N ALA P 119 -34.00 -31.43 42.10
CA ALA P 119 -34.23 -30.14 41.43
C ALA P 119 -32.89 -29.47 41.10
N GLY P 120 -32.18 -29.02 42.14
CA GLY P 120 -30.87 -28.37 41.99
C GLY P 120 -29.89 -29.24 41.21
N GLU P 121 -29.96 -30.55 41.42
CA GLU P 121 -29.16 -31.53 40.69
C GLU P 121 -29.23 -31.36 39.18
N ASN P 122 -30.41 -31.01 38.69
CA ASN P 122 -30.64 -30.84 37.26
C ASN P 122 -30.56 -29.38 36.81
N GLY P 123 -30.07 -28.50 37.69
CA GLY P 123 -30.00 -27.08 37.34
C GLY P 123 -31.35 -26.39 37.46
N ARG P 124 -32.31 -27.04 38.12
CA ARG P 124 -33.64 -26.50 38.25
C ARG P 124 -33.90 -25.90 39.61
N PRO P 125 -34.82 -24.94 39.69
CA PRO P 125 -35.33 -24.34 40.90
C PRO P 125 -36.21 -25.38 41.57
N PRO P 126 -36.38 -25.29 42.89
CA PRO P 126 -37.14 -26.18 43.74
C PRO P 126 -38.62 -26.03 43.48
N LYS P 127 -39.37 -27.08 43.76
CA LYS P 127 -40.79 -27.08 43.56
C LYS P 127 -41.52 -26.70 44.84
N PRO P 128 -42.77 -26.24 44.74
CA PRO P 128 -43.66 -25.90 45.82
C PRO P 128 -43.83 -27.11 46.70
N VAL P 129 -44.03 -26.87 47.99
CA VAL P 129 -44.15 -27.97 48.91
C VAL P 129 -45.58 -28.42 49.09
N HIS P 130 -45.79 -29.73 49.03
CA HIS P 130 -47.13 -30.26 49.22
C HIS P 130 -47.24 -30.93 50.57
N LEU P 131 -48.37 -30.77 51.22
CA LEU P 131 -48.59 -31.38 52.52
C LEU P 131 -49.89 -32.13 52.57
N SER P 132 -49.93 -33.20 53.32
CA SER P 132 -51.17 -33.90 53.51
C SER P 132 -51.22 -34.46 54.91
N ALA P 133 -52.41 -34.62 55.46
CA ALA P 133 -52.48 -35.11 56.82
C ALA P 133 -53.77 -35.83 57.11
N LEU P 134 -53.68 -36.76 58.06
CA LEU P 134 -54.82 -37.53 58.52
C LEU P 134 -55.06 -37.24 59.98
N ALA P 135 -56.33 -37.23 60.39
CA ALA P 135 -56.56 -36.99 61.81
C ALA P 135 -57.80 -37.69 62.34
N VAL P 136 -57.71 -38.11 63.60
CA VAL P 136 -58.78 -38.74 64.32
C VAL P 136 -59.17 -37.92 65.52
N TYR P 137 -60.44 -37.55 65.62
CA TYR P 137 -60.93 -36.75 66.71
C TYR P 137 -61.82 -37.47 67.69
N GLU P 138 -61.94 -36.87 68.87
CA GLU P 138 -62.86 -37.35 69.88
C GLU P 138 -64.27 -37.29 69.35
N ARG P 139 -64.98 -38.40 69.47
CA ARG P 139 -66.33 -38.50 68.95
C ARG P 139 -67.24 -37.39 69.47
N GLY P 140 -67.95 -36.76 68.53
CA GLY P 140 -68.89 -35.68 68.82
C GLY P 140 -68.30 -34.30 68.52
N SER P 141 -67.00 -34.25 68.23
CA SER P 141 -66.30 -33.02 67.92
C SER P 141 -66.72 -32.45 66.53
N PRO P 142 -66.77 -31.12 66.36
CA PRO P 142 -67.16 -30.37 65.15
C PRO P 142 -66.08 -30.30 64.07
N LEU P 143 -65.78 -31.47 63.51
CA LEU P 143 -64.75 -31.69 62.49
C LEU P 143 -64.73 -30.68 61.33
N ALA P 144 -65.92 -30.27 60.89
CA ALA P 144 -66.06 -29.34 59.77
C ALA P 144 -65.43 -27.97 60.00
N HIS P 145 -65.12 -27.66 61.25
CA HIS P 145 -64.54 -26.36 61.54
C HIS P 145 -63.11 -26.54 61.99
N GLN P 146 -62.86 -27.62 62.70
CA GLN P 146 -61.55 -27.94 63.24
C GLN P 146 -60.50 -28.10 62.16
N ILE P 147 -60.92 -28.63 61.02
CA ILE P 147 -60.06 -28.77 59.86
C ILE P 147 -59.36 -27.47 59.44
N SER P 148 -59.93 -26.31 59.77
CA SER P 148 -59.32 -25.06 59.37
C SER P 148 -58.13 -24.68 60.25
N ASP P 149 -58.08 -25.21 61.48
CA ASP P 149 -56.95 -24.93 62.33
C ASP P 149 -55.75 -25.68 61.85
N ILE P 150 -55.99 -26.92 61.46
CA ILE P 150 -54.91 -27.75 60.97
C ILE P 150 -54.29 -27.14 59.75
N LYS P 151 -55.14 -26.73 58.83
CA LYS P 151 -54.69 -26.19 57.59
C LYS P 151 -53.96 -24.86 57.77
N ARG P 152 -54.44 -24.01 58.67
CA ARG P 152 -53.75 -22.73 58.92
C ARG P 152 -52.41 -22.93 59.58
N PHE P 153 -52.37 -23.83 60.56
CA PHE P 153 -51.15 -24.15 61.26
C PHE P 153 -50.09 -24.64 60.31
N LEU P 154 -50.44 -25.59 59.47
CA LEU P 154 -49.49 -26.14 58.53
C LEU P 154 -49.05 -25.11 57.51
N LYS P 155 -49.95 -24.23 57.07
CA LYS P 155 -49.60 -23.24 56.06
C LYS P 155 -48.37 -22.42 56.43
N ASN P 156 -48.31 -21.91 57.65
CA ASN P 156 -47.11 -21.15 58.02
C ASN P 156 -46.05 -21.99 58.74
N SER P 157 -46.14 -23.30 58.64
CA SER P 157 -45.15 -24.18 59.24
C SER P 157 -44.10 -24.59 58.23
N PHE P 158 -44.10 -24.00 57.05
CA PHE P 158 -43.10 -24.39 56.09
C PHE P 158 -42.89 -23.33 55.00
N ALA P 159 -41.64 -23.16 54.63
CA ALA P 159 -41.12 -22.17 53.69
C ALA P 159 -42.06 -21.72 52.58
N ASP P 160 -42.70 -22.64 51.88
CA ASP P 160 -43.56 -22.21 50.78
C ASP P 160 -44.65 -23.19 50.41
N VAL P 161 -45.79 -23.05 51.09
CA VAL P 161 -46.97 -23.84 50.80
C VAL P 161 -48.13 -22.90 50.62
N ASP P 162 -49.29 -23.45 50.31
CA ASP P 162 -50.48 -22.62 50.14
C ASP P 162 -51.73 -23.43 50.42
N TYR P 163 -52.88 -22.79 50.47
CA TYR P 163 -54.12 -23.47 50.82
C TYR P 163 -54.65 -24.43 49.75
N ASP P 164 -54.03 -24.48 48.58
CA ASP P 164 -54.48 -25.41 47.57
C ASP P 164 -53.58 -26.65 47.53
N ASN P 165 -52.44 -26.58 48.20
CA ASN P 165 -51.52 -27.69 48.20
C ASN P 165 -51.39 -28.36 49.54
N ILE P 166 -52.39 -28.15 50.39
CA ILE P 166 -52.47 -28.79 51.70
C ILE P 166 -53.78 -29.55 51.81
N SER P 167 -53.70 -30.85 51.98
CA SER P 167 -54.92 -31.63 52.08
C SER P 167 -55.10 -32.32 53.41
N VAL P 168 -56.29 -32.20 53.98
CA VAL P 168 -56.58 -32.81 55.25
C VAL P 168 -57.79 -33.72 55.18
N VAL P 169 -57.60 -34.98 55.54
CA VAL P 169 -58.67 -35.95 55.58
C VAL P 169 -58.81 -36.43 57.00
N LEU P 170 -60.01 -36.36 57.53
CA LEU P 170 -60.17 -36.70 58.93
C LEU P 170 -61.51 -37.29 59.30
N SER P 171 -61.59 -37.82 60.51
CA SER P 171 -62.80 -38.40 61.04
C SER P 171 -62.74 -38.48 62.56
N GLU P 172 -63.53 -39.37 63.15
CA GLU P 172 -63.58 -39.51 64.59
C GLU P 172 -63.65 -40.96 65.00
N ARG P 173 -63.32 -41.22 66.26
CA ARG P 173 -63.30 -42.60 66.76
C ARG P 173 -64.66 -43.26 66.78
N SER P 174 -64.63 -44.60 66.81
CA SER P 174 -65.81 -45.44 66.86
C SER P 174 -66.29 -45.67 68.30
N ASP P 175 -67.39 -46.40 68.45
CA ASP P 175 -67.97 -46.74 69.75
C ASP P 175 -66.98 -47.61 70.53
N ALA P 176 -66.50 -47.08 71.64
CA ALA P 176 -65.48 -47.76 72.44
C ALA P 176 -65.88 -49.14 72.92
N GLN P 177 -64.98 -50.09 72.77
CA GLN P 177 -65.25 -51.44 73.20
C GLN P 177 -64.96 -51.56 74.68
N LEU P 178 -65.96 -51.29 75.49
CA LEU P 178 -65.81 -51.30 76.93
C LEU P 178 -66.32 -52.57 77.59
N GLN P 179 -66.68 -53.57 76.80
CA GLN P 179 -67.25 -54.81 77.35
C GLN P 179 -66.46 -56.04 76.94
N ALA P 180 -66.31 -56.97 77.87
CA ALA P 180 -65.59 -58.20 77.57
C ALA P 180 -66.42 -59.10 76.65
N PRO P 181 -65.78 -59.78 75.69
CA PRO P 181 -66.34 -60.74 74.74
C PRO P 181 -67.14 -61.88 75.37
N GLY P 182 -66.62 -62.45 76.44
CA GLY P 182 -67.29 -63.53 77.15
C GLY P 182 -66.73 -64.87 76.72
N THR P 183 -66.93 -65.88 77.55
CA THR P 183 -66.44 -67.22 77.28
C THR P 183 -67.45 -67.99 76.45
N PRO P 184 -67.04 -69.12 75.85
CA PRO P 184 -67.84 -70.06 75.09
C PRO P 184 -68.76 -70.82 76.01
N VAL P 185 -69.87 -71.30 75.46
CA VAL P 185 -70.84 -72.04 76.26
C VAL P 185 -70.51 -73.52 76.30
N LYS P 186 -70.13 -73.98 77.47
CA LYS P 186 -69.82 -75.40 77.70
C LYS P 186 -69.49 -75.64 79.16
N ALA Q 42 115.82 -61.09 23.40
CA ALA Q 42 114.51 -60.63 22.96
C ALA Q 42 114.61 -59.97 21.59
N GLU Q 43 114.94 -60.76 20.57
CA GLU Q 43 115.04 -60.21 19.22
C GLU Q 43 113.74 -59.56 18.82
N LEU Q 44 113.83 -58.31 18.38
CA LEU Q 44 112.69 -57.51 18.00
C LEU Q 44 111.77 -58.20 17.00
N ASP Q 45 112.33 -58.94 16.06
CA ASP Q 45 111.54 -59.66 15.08
C ASP Q 45 110.58 -60.64 15.74
N SER Q 46 110.99 -61.24 16.85
CA SER Q 46 110.13 -62.18 17.55
C SER Q 46 109.18 -61.46 18.48
N LEU Q 47 109.54 -60.24 18.88
CA LEU Q 47 108.67 -59.43 19.73
C LEU Q 47 107.45 -58.93 18.96
N LEU Q 48 107.65 -58.62 17.68
CA LEU Q 48 106.57 -58.17 16.81
C LEU Q 48 105.70 -59.35 16.39
N GLY Q 49 104.47 -59.06 15.96
CA GLY Q 49 103.44 -60.05 15.58
C GLY Q 49 103.90 -61.28 14.76
N GLN Q 50 103.01 -62.28 14.70
CA GLN Q 50 103.25 -63.54 13.99
C GLN Q 50 103.58 -63.33 12.54
N GLU Q 51 102.84 -62.45 11.89
CA GLU Q 51 103.13 -62.15 10.50
C GLU Q 51 104.19 -61.08 10.45
N LYS Q 52 105.43 -61.52 10.63
CA LYS Q 52 106.59 -60.64 10.66
C LYS Q 52 106.79 -59.81 9.41
N GLU Q 53 106.15 -60.21 8.31
CA GLU Q 53 106.28 -59.52 7.05
C GLU Q 53 105.48 -58.22 7.00
N ARG Q 54 104.77 -57.88 8.08
CA ARG Q 54 104.04 -56.63 8.15
C ARG Q 54 104.96 -55.49 8.54
N PHE Q 55 106.16 -55.81 9.03
CA PHE Q 55 107.07 -54.77 9.49
C PHE Q 55 108.44 -54.88 8.87
N GLN Q 56 109.07 -53.75 8.64
CA GLN Q 56 110.43 -53.78 8.16
C GLN Q 56 111.36 -53.17 9.18
N VAL Q 57 112.12 -54.01 9.86
CA VAL Q 57 113.04 -53.51 10.86
C VAL Q 57 114.29 -52.97 10.20
N LEU Q 58 114.66 -51.76 10.59
CA LEU Q 58 115.78 -51.04 10.00
C LEU Q 58 116.85 -50.73 11.04
N PRO Q 59 118.12 -50.78 10.69
CA PRO Q 59 119.20 -50.51 11.64
C PRO Q 59 119.82 -49.15 11.40
N GLY Q 60 119.35 -48.14 12.14
CA GLY Q 60 119.85 -46.78 11.96
C GLY Q 60 121.28 -46.60 12.42
N ARG Q 61 121.99 -45.68 11.78
CA ARG Q 61 123.38 -45.39 12.09
C ARG Q 61 123.55 -44.71 13.45
N ASP Q 62 122.44 -44.21 14.00
CA ASP Q 62 122.39 -43.59 15.30
C ASP Q 62 122.19 -44.60 16.44
N LYS Q 63 122.34 -45.90 16.14
CA LYS Q 63 122.19 -46.98 17.10
C LYS Q 63 120.75 -47.20 17.54
N MET Q 64 119.80 -46.66 16.78
CA MET Q 64 118.39 -46.86 17.06
C MET Q 64 117.83 -47.84 16.07
N LEU Q 65 117.13 -48.83 16.58
CA LEU Q 65 116.55 -49.84 15.74
C LEU Q 65 115.14 -49.36 15.37
N TYR Q 66 114.90 -49.19 14.09
CA TYR Q 66 113.64 -48.63 13.65
C TYR Q 66 112.65 -49.67 13.15
N VAL Q 67 111.37 -49.40 13.35
CA VAL Q 67 110.33 -50.30 12.88
C VAL Q 67 109.46 -49.63 11.85
N ALA Q 68 109.64 -49.95 10.59
CA ALA Q 68 108.82 -49.31 9.57
C ALA Q 68 107.48 -50.02 9.44
N ALA Q 69 106.42 -49.24 9.63
CA ALA Q 69 105.06 -49.73 9.52
C ALA Q 69 104.36 -49.06 8.35
N GLN Q 70 103.49 -49.81 7.68
CA GLN Q 70 102.77 -49.30 6.51
C GLN Q 70 101.37 -48.77 6.83
N ASN Q 71 100.95 -48.90 8.07
CA ASN Q 71 99.61 -48.49 8.46
C ASN Q 71 99.56 -48.10 9.91
N GLU Q 72 98.77 -47.08 10.24
CA GLU Q 72 98.64 -46.62 11.61
C GLU Q 72 98.20 -47.69 12.61
N ARG Q 73 97.55 -48.76 12.15
CA ARG Q 73 97.20 -49.85 13.03
C ARG Q 73 98.42 -50.65 13.41
N ASP Q 74 99.37 -50.71 12.50
CA ASP Q 74 100.59 -51.46 12.71
C ASP Q 74 101.54 -50.58 13.47
N THR Q 75 101.43 -49.26 13.25
CA THR Q 75 102.22 -48.29 13.97
C THR Q 75 101.92 -48.44 15.45
N LEU Q 76 100.63 -48.43 15.78
CA LEU Q 76 100.22 -48.60 17.16
C LEU Q 76 100.61 -49.95 17.70
N TRP Q 77 100.46 -51.00 16.90
CA TRP Q 77 100.84 -52.34 17.31
C TRP Q 77 102.27 -52.35 17.84
N ALA Q 78 103.18 -51.87 17.01
CA ALA Q 78 104.60 -51.82 17.34
C ALA Q 78 104.88 -50.94 18.55
N ARG Q 79 104.18 -49.82 18.67
CA ARG Q 79 104.38 -48.95 19.81
C ARG Q 79 103.97 -49.64 21.09
N GLN Q 80 102.89 -50.41 21.03
CA GLN Q 80 102.45 -51.15 22.20
C GLN Q 80 103.46 -52.20 22.56
N VAL Q 81 104.09 -52.82 21.56
CA VAL Q 81 105.14 -53.79 21.85
C VAL Q 81 106.29 -53.16 22.61
N LEU Q 82 106.73 -51.99 22.17
CA LEU Q 82 107.82 -51.32 22.83
C LEU Q 82 107.47 -50.91 24.27
N ALA Q 83 106.23 -50.50 24.50
CA ALA Q 83 105.80 -50.11 25.85
C ALA Q 83 105.47 -51.31 26.75
N ARG Q 84 104.92 -52.37 26.15
CA ARG Q 84 104.50 -53.56 26.88
C ARG Q 84 105.66 -54.47 27.22
N GLY Q 85 106.41 -54.84 26.19
CA GLY Q 85 107.52 -55.74 26.34
C GLY Q 85 108.78 -54.94 26.58
N ASP Q 86 109.90 -55.49 26.14
CA ASP Q 86 111.14 -54.78 26.35
C ASP Q 86 112.17 -55.17 25.34
N TYR Q 87 113.12 -54.29 25.17
CA TYR Q 87 114.23 -54.47 24.28
C TYR Q 87 115.30 -53.48 24.68
N ASP Q 88 116.41 -53.99 25.19
CA ASP Q 88 117.49 -53.13 25.67
C ASP Q 88 118.28 -52.46 24.55
N LYS Q 89 117.66 -51.46 23.93
CA LYS Q 89 118.27 -50.72 22.85
C LYS Q 89 117.34 -49.65 22.34
N ASN Q 90 117.90 -48.52 21.93
CA ASN Q 90 117.11 -47.46 21.36
C ASN Q 90 116.24 -48.01 20.25
N ALA Q 91 114.99 -47.58 20.20
CA ALA Q 91 114.09 -48.04 19.17
C ALA Q 91 113.02 -47.00 18.87
N ARG Q 92 112.52 -47.02 17.65
CA ARG Q 92 111.52 -46.03 17.25
C ARG Q 92 110.73 -46.46 16.02
N VAL Q 93 109.41 -46.39 16.14
CA VAL Q 93 108.52 -46.79 15.06
C VAL Q 93 108.38 -45.70 14.00
N ILE Q 94 108.54 -46.11 12.76
CA ILE Q 94 108.44 -45.24 11.58
C ILE Q 94 107.09 -45.32 10.89
N ASN Q 95 106.55 -44.16 10.58
CA ASN Q 95 105.29 -44.04 9.87
C ASN Q 95 105.43 -43.05 8.73
N GLU Q 96 105.27 -43.55 7.51
CA GLU Q 96 105.43 -42.77 6.29
C GLU Q 96 104.88 -41.35 6.33
N ASN Q 97 103.64 -41.19 6.78
CA ASN Q 97 103.06 -39.85 6.84
C ASN Q 97 103.64 -39.03 7.96
N GLU Q 98 103.93 -39.67 9.09
CA GLU Q 98 104.47 -38.92 10.21
C GLU Q 98 105.86 -38.42 9.89
N GLU Q 99 106.63 -39.22 9.16
CA GLU Q 99 107.96 -38.83 8.79
C GLU Q 99 107.95 -37.79 7.72
N ASN Q 100 107.00 -37.89 6.80
CA ASN Q 100 106.87 -36.88 5.77
C ASN Q 100 106.64 -35.54 6.42
N LYS Q 101 105.75 -35.51 7.44
CA LYS Q 101 105.46 -34.31 8.18
C LYS Q 101 106.64 -33.79 8.98
N ARG Q 102 107.32 -34.67 9.72
CA ARG Q 102 108.47 -34.28 10.52
C ARG Q 102 109.50 -33.54 9.69
N ILE Q 103 109.79 -34.11 8.53
CA ILE Q 103 110.73 -33.52 7.62
C ILE Q 103 110.26 -32.19 7.11
N SER Q 104 108.99 -32.11 6.69
CA SER Q 104 108.48 -30.86 6.15
C SER Q 104 108.56 -29.71 7.14
N ILE Q 105 108.47 -30.01 8.43
CA ILE Q 105 108.59 -28.96 9.44
C ILE Q 105 109.98 -28.37 9.45
N TRP Q 106 110.97 -29.24 9.57
CA TRP Q 106 112.36 -28.81 9.59
C TRP Q 106 112.71 -28.10 8.31
N LEU Q 107 112.26 -28.68 7.21
CA LEU Q 107 112.54 -28.21 5.89
C LEU Q 107 112.02 -26.81 5.69
N ASP Q 108 110.80 -26.53 6.14
CA ASP Q 108 110.27 -25.19 6.00
C ASP Q 108 111.10 -24.14 6.77
N THR Q 109 111.59 -24.50 7.97
CA THR Q 109 112.40 -23.57 8.74
C THR Q 109 113.75 -23.25 8.12
N TYR Q 110 114.45 -24.28 7.66
CA TYR Q 110 115.78 -24.08 7.10
C TYR Q 110 115.79 -23.76 5.62
N TYR Q 111 114.82 -24.28 4.89
CA TYR Q 111 114.66 -23.99 3.48
C TYR Q 111 113.27 -23.45 3.16
N PRO Q 112 112.92 -22.25 3.64
CA PRO Q 112 111.66 -21.60 3.43
C PRO Q 112 111.56 -21.28 1.97
N GLN Q 113 110.34 -21.28 1.48
CA GLN Q 113 110.02 -21.05 0.06
C GLN Q 113 110.43 -22.20 -0.86
N LEU Q 114 110.98 -23.31 -0.34
CA LEU Q 114 111.32 -24.43 -1.19
C LEU Q 114 110.06 -25.04 -1.75
N ALA Q 115 109.99 -25.20 -3.07
CA ALA Q 115 108.79 -25.77 -3.68
C ALA Q 115 108.97 -27.27 -3.87
N TYR Q 116 108.19 -28.07 -3.17
CA TYR Q 116 108.32 -29.51 -3.26
C TYR Q 116 106.98 -30.20 -3.08
N TYR Q 117 106.95 -31.50 -3.35
CA TYR Q 117 105.72 -32.27 -3.31
C TYR Q 117 105.64 -33.24 -2.15
N ARG Q 118 106.25 -34.41 -2.28
CA ARG Q 118 106.15 -35.40 -1.23
C ARG Q 118 107.30 -36.39 -1.27
N ILE Q 119 107.69 -36.87 -0.10
CA ILE Q 119 108.74 -37.86 -0.04
C ILE Q 119 108.17 -39.26 -0.13
N HIS Q 120 108.68 -40.03 -1.06
CA HIS Q 120 108.24 -41.39 -1.28
C HIS Q 120 109.21 -42.32 -0.61
N PHE Q 121 108.79 -42.89 0.50
CA PHE Q 121 109.71 -43.70 1.27
C PHE Q 121 109.93 -45.07 0.68
N ASP Q 122 108.86 -45.71 0.18
CA ASP Q 122 108.92 -47.02 -0.49
C ASP Q 122 110.03 -47.93 0.01
N GLU Q 123 111.23 -47.78 -0.57
CA GLU Q 123 112.40 -48.54 -0.13
C GLU Q 123 113.21 -47.72 0.87
N PRO Q 124 112.88 -47.82 2.17
CA PRO Q 124 113.50 -47.08 3.30
C PRO Q 124 114.89 -46.51 3.04
N ARG Q 125 115.80 -47.36 2.58
CA ARG Q 125 117.18 -47.03 2.30
C ARG Q 125 117.40 -45.82 1.40
N LYS Q 126 116.57 -45.71 0.37
CA LYS Q 126 116.69 -44.65 -0.61
C LYS Q 126 115.35 -44.03 -0.98
N PRO Q 127 114.80 -43.17 -0.13
CA PRO Q 127 113.55 -42.46 -0.31
C PRO Q 127 113.72 -41.45 -1.43
N VAL Q 128 112.64 -41.16 -2.13
CA VAL Q 128 112.66 -40.24 -3.23
C VAL Q 128 112.00 -38.94 -2.88
N PHE Q 129 112.67 -37.85 -3.17
CA PHE Q 129 112.15 -36.54 -2.84
C PHE Q 129 111.66 -35.81 -4.08
N TRP Q 130 110.35 -35.64 -4.23
CA TRP Q 130 109.87 -34.90 -5.38
C TRP Q 130 109.98 -33.41 -5.15
N LEU Q 131 110.64 -32.73 -6.08
CA LEU Q 131 110.95 -31.32 -6.03
C LEU Q 131 110.38 -30.60 -7.26
N SER Q 132 109.78 -29.41 -7.09
CA SER Q 132 109.23 -28.73 -8.26
C SER Q 132 110.29 -28.28 -9.24
N ARG Q 133 110.32 -28.94 -10.40
CA ARG Q 133 111.28 -28.64 -11.46
C ARG Q 133 111.22 -27.20 -11.93
N GLN Q 134 110.00 -26.70 -12.12
CA GLN Q 134 109.80 -25.37 -12.66
C GLN Q 134 109.94 -24.24 -11.65
N ARG Q 135 109.51 -24.46 -10.41
CA ARG Q 135 109.61 -23.37 -9.45
C ARG Q 135 110.95 -23.22 -8.76
N ASN Q 136 111.74 -24.28 -8.67
CA ASN Q 136 113.03 -24.14 -8.00
C ASN Q 136 114.15 -23.86 -8.98
N THR Q 137 115.06 -22.98 -8.56
CA THR Q 137 116.20 -22.57 -9.38
C THR Q 137 117.52 -22.88 -8.68
N MET Q 138 117.51 -23.86 -7.79
CA MET Q 138 118.71 -24.25 -7.06
C MET Q 138 119.76 -24.86 -7.97
N SER Q 139 121.03 -24.61 -7.65
CA SER Q 139 122.11 -25.17 -8.45
C SER Q 139 122.33 -26.60 -8.04
N LYS Q 140 123.06 -27.33 -8.88
CA LYS Q 140 123.37 -28.73 -8.61
C LYS Q 140 124.06 -28.89 -7.26
N LYS Q 141 124.99 -27.98 -6.97
CA LYS Q 141 125.73 -28.01 -5.72
C LYS Q 141 124.81 -27.78 -4.54
N GLU Q 142 123.88 -26.84 -4.70
CA GLU Q 142 122.93 -26.55 -3.64
C GLU Q 142 122.05 -27.75 -3.38
N LEU Q 143 121.65 -28.44 -4.45
CA LEU Q 143 120.84 -29.64 -4.32
C LEU Q 143 121.60 -30.75 -3.61
N GLU Q 144 122.92 -30.83 -3.86
CA GLU Q 144 123.74 -31.80 -3.14
C GLU Q 144 123.62 -31.57 -1.65
N VAL Q 145 123.82 -30.32 -1.24
CA VAL Q 145 123.75 -29.94 0.15
C VAL Q 145 122.40 -30.27 0.74
N LEU Q 146 121.33 -29.94 0.01
CA LEU Q 146 119.98 -30.23 0.44
C LEU Q 146 119.81 -31.71 0.74
N SER Q 147 120.26 -32.57 -0.17
CA SER Q 147 120.11 -34.01 0.06
C SER Q 147 120.89 -34.45 1.27
N GLN Q 148 122.03 -33.82 1.53
CA GLN Q 148 122.82 -34.15 2.69
C GLN Q 148 122.11 -33.81 3.98
N LYS Q 149 121.40 -32.69 3.97
CA LYS Q 149 120.65 -32.31 5.15
C LYS Q 149 119.51 -33.28 5.38
N LEU Q 150 118.90 -33.74 4.30
CA LEU Q 150 117.82 -34.70 4.40
C LEU Q 150 118.35 -36.03 4.94
N ARG Q 151 119.58 -36.40 4.55
CA ARG Q 151 120.19 -37.62 5.06
C ARG Q 151 120.36 -37.50 6.55
N ALA Q 152 120.75 -36.33 7.03
CA ALA Q 152 120.90 -36.09 8.46
C ALA Q 152 119.56 -36.28 9.17
N LEU Q 153 118.47 -35.83 8.54
CA LEU Q 153 117.15 -35.98 9.13
C LEU Q 153 116.65 -37.42 9.19
N MET Q 154 117.19 -38.28 8.32
CA MET Q 154 116.80 -39.70 8.28
C MET Q 154 117.95 -40.67 8.59
N PRO Q 155 118.19 -40.98 9.87
CA PRO Q 155 119.20 -41.86 10.47
C PRO Q 155 119.33 -43.22 9.81
N TYR Q 156 118.25 -43.72 9.23
CA TYR Q 156 118.26 -45.02 8.59
C TYR Q 156 118.63 -44.95 7.12
N ALA Q 157 118.06 -43.96 6.43
CA ALA Q 157 118.29 -43.80 5.00
C ALA Q 157 119.77 -43.68 4.71
N ASP Q 158 120.20 -44.31 3.64
CA ASP Q 158 121.59 -44.26 3.26
C ASP Q 158 121.85 -43.07 2.38
N SER Q 159 120.88 -42.76 1.52
CA SER Q 159 121.00 -41.61 0.64
C SER Q 159 119.61 -41.12 0.26
N VAL Q 160 119.54 -39.93 -0.30
CA VAL Q 160 118.26 -39.36 -0.70
C VAL Q 160 118.26 -39.06 -2.18
N ASN Q 161 117.25 -39.57 -2.87
CA ASN Q 161 117.17 -39.34 -4.30
C ASN Q 161 116.27 -38.17 -4.62
N ILE Q 162 116.84 -36.98 -4.70
CA ILE Q 162 116.06 -35.81 -5.07
C ILE Q 162 115.86 -35.78 -6.56
N THR Q 163 114.63 -35.61 -6.98
CA THR Q 163 114.32 -35.56 -8.40
C THR Q 163 113.31 -34.47 -8.66
N LEU Q 164 113.41 -33.89 -9.84
CA LEU Q 164 112.58 -32.77 -10.19
C LEU Q 164 111.37 -33.20 -11.03
N MET Q 165 110.18 -32.76 -10.60
CA MET Q 165 108.93 -33.10 -11.25
C MET Q 165 108.32 -31.90 -11.97
N ASP Q 166 107.64 -32.14 -13.07
CA ASP Q 166 107.03 -31.05 -13.82
C ASP Q 166 105.63 -30.73 -13.32
N ASP Q 167 105.48 -29.53 -12.76
CA ASP Q 167 104.22 -29.02 -12.22
C ASP Q 167 103.02 -29.21 -13.14
N VAL Q 168 103.25 -29.11 -14.44
CA VAL Q 168 102.20 -29.25 -15.41
C VAL Q 168 101.62 -30.64 -15.41
N THR Q 169 102.45 -31.65 -15.26
CA THR Q 169 101.96 -33.01 -15.30
C THR Q 169 101.20 -33.35 -14.04
N ALA Q 170 101.57 -32.69 -12.93
CA ALA Q 170 100.83 -32.89 -11.70
C ALA Q 170 99.41 -32.40 -11.86
N ALA Q 171 99.29 -31.18 -12.38
CA ALA Q 171 97.98 -30.57 -12.60
C ALA Q 171 97.19 -31.33 -13.64
N GLY Q 172 97.87 -31.77 -14.70
CA GLY Q 172 97.23 -32.49 -15.78
C GLY Q 172 96.57 -33.75 -15.29
N GLN Q 173 97.27 -34.52 -14.46
CA GLN Q 173 96.69 -35.74 -13.93
C GLN Q 173 95.52 -35.47 -13.02
N ALA Q 174 95.64 -34.43 -12.19
CA ALA Q 174 94.55 -34.08 -11.28
C ALA Q 174 93.27 -33.82 -12.04
N GLU Q 175 93.33 -33.00 -13.07
CA GLU Q 175 92.14 -32.67 -13.81
C GLU Q 175 91.65 -33.82 -14.67
N ALA Q 176 92.58 -34.52 -15.32
CA ALA Q 176 92.21 -35.62 -16.20
C ALA Q 176 91.40 -36.68 -15.48
N GLY Q 177 91.87 -37.13 -14.33
CA GLY Q 177 91.16 -38.15 -13.59
C GLY Q 177 89.83 -37.63 -13.09
N LEU Q 178 89.81 -36.38 -12.63
CA LEU Q 178 88.62 -35.73 -12.12
C LEU Q 178 87.51 -35.73 -13.16
N LYS Q 179 87.83 -35.33 -14.39
CA LYS Q 179 86.83 -35.31 -15.45
C LYS Q 179 86.53 -36.71 -15.99
N GLN Q 180 87.49 -37.65 -15.87
CA GLN Q 180 87.23 -39.04 -16.27
C GLN Q 180 86.10 -39.63 -15.45
N GLN Q 181 86.07 -39.29 -14.17
CA GLN Q 181 85.02 -39.72 -13.25
C GLN Q 181 83.66 -39.03 -13.49
N ALA Q 182 83.59 -38.14 -14.50
CA ALA Q 182 82.38 -37.40 -14.87
C ALA Q 182 81.94 -36.48 -13.76
N LEU Q 183 82.89 -35.93 -13.01
CA LEU Q 183 82.55 -35.04 -11.93
C LEU Q 183 82.54 -33.60 -12.42
N PRO Q 184 81.64 -32.77 -11.90
CA PRO Q 184 81.52 -31.36 -12.15
C PRO Q 184 82.57 -30.65 -11.32
N TYR Q 185 83.17 -29.61 -11.87
CA TYR Q 185 84.18 -28.89 -11.12
C TYR Q 185 84.54 -27.59 -11.77
N SER Q 186 85.27 -26.75 -11.06
CA SER Q 186 85.76 -25.54 -11.63
C SER Q 186 87.19 -25.31 -11.16
N ARG Q 187 88.09 -25.23 -12.13
CA ARG Q 187 89.52 -25.09 -11.86
C ARG Q 187 89.90 -23.67 -11.47
N ARG Q 188 90.84 -23.57 -10.54
CA ARG Q 188 91.33 -22.28 -10.05
C ARG Q 188 92.83 -22.18 -10.12
N ASN Q 189 93.35 -21.71 -11.25
CA ASN Q 189 94.78 -21.55 -11.36
C ASN Q 189 95.22 -20.29 -10.66
N HIS Q 190 96.29 -20.37 -9.89
CA HIS Q 190 96.82 -19.18 -9.26
C HIS Q 190 98.31 -19.33 -9.11
N LYS Q 191 99.00 -18.24 -8.81
CA LYS Q 191 100.43 -18.35 -8.67
C LYS Q 191 100.75 -19.28 -7.52
N GLY Q 192 101.54 -20.30 -7.80
CA GLY Q 192 101.95 -21.24 -6.78
C GLY Q 192 101.07 -22.48 -6.61
N GLY Q 193 99.95 -22.57 -7.33
CA GLY Q 193 99.12 -23.77 -7.16
C GLY Q 193 97.83 -23.78 -7.95
N VAL Q 194 96.99 -24.78 -7.70
CA VAL Q 194 95.72 -24.88 -8.37
C VAL Q 194 94.68 -25.55 -7.49
N THR Q 195 93.47 -25.01 -7.49
CA THR Q 195 92.41 -25.58 -6.69
C THR Q 195 91.22 -26.02 -7.53
N PHE Q 196 90.70 -27.20 -7.23
CA PHE Q 196 89.56 -27.75 -7.96
C PHE Q 196 88.31 -27.72 -7.11
N VAL Q 197 87.42 -26.80 -7.45
CA VAL Q 197 86.20 -26.58 -6.71
C VAL Q 197 85.04 -27.43 -7.18
N ILE Q 198 84.44 -28.18 -6.27
CA ILE Q 198 83.30 -29.02 -6.60
C ILE Q 198 82.10 -28.63 -5.77
N GLN Q 199 81.15 -27.92 -6.37
CA GLN Q 199 79.98 -27.47 -5.63
C GLN Q 199 78.67 -27.99 -6.17
N GLY Q 200 77.61 -27.75 -5.43
CA GLY Q 200 76.26 -28.15 -5.80
C GLY Q 200 75.84 -29.40 -5.06
N ALA Q 201 74.60 -29.81 -5.28
CA ALA Q 201 74.11 -31.03 -4.67
C ALA Q 201 74.74 -32.21 -5.39
N LEU Q 202 75.11 -33.23 -4.66
CA LEU Q 202 75.77 -34.36 -5.29
C LEU Q 202 75.05 -35.69 -5.04
N ASP Q 203 75.06 -36.52 -6.07
CA ASP Q 203 74.51 -37.86 -6.02
C ASP Q 203 75.43 -38.73 -5.20
N ASP Q 204 74.88 -39.58 -4.34
CA ASP Q 204 75.70 -40.45 -3.51
C ASP Q 204 76.76 -41.23 -4.29
N VAL Q 205 76.45 -41.56 -5.55
CA VAL Q 205 77.38 -42.31 -6.36
C VAL Q 205 78.58 -41.45 -6.73
N GLU Q 206 78.33 -40.24 -7.21
CA GLU Q 206 79.43 -39.36 -7.57
C GLU Q 206 80.19 -38.87 -6.36
N ILE Q 207 79.56 -38.88 -5.19
CA ILE Q 207 80.29 -38.52 -3.98
C ILE Q 207 81.34 -39.56 -3.70
N LEU Q 208 80.95 -40.82 -3.76
CA LEU Q 208 81.89 -41.91 -3.54
C LEU Q 208 83.05 -41.84 -4.50
N ARG Q 209 82.73 -41.70 -5.79
CA ARG Q 209 83.75 -41.61 -6.82
C ARG Q 209 84.72 -40.48 -6.59
N ALA Q 210 84.19 -39.32 -6.22
CA ALA Q 210 85.00 -38.15 -5.98
C ALA Q 210 86.02 -38.40 -4.90
N ARG Q 211 85.57 -38.93 -3.77
CA ARG Q 211 86.51 -39.16 -2.69
C ARG Q 211 87.59 -40.16 -3.05
N GLN Q 212 87.21 -41.25 -3.72
CA GLN Q 212 88.19 -42.25 -4.09
C GLN Q 212 89.31 -41.65 -4.92
N PHE Q 213 88.93 -40.83 -5.90
CA PHE Q 213 89.90 -40.16 -6.73
C PHE Q 213 90.82 -39.24 -5.95
N VAL Q 214 90.22 -38.39 -5.13
CA VAL Q 214 90.98 -37.43 -4.36
C VAL Q 214 91.98 -38.08 -3.44
N ASP Q 215 91.54 -39.12 -2.72
CA ASP Q 215 92.44 -39.81 -1.81
C ASP Q 215 93.65 -40.37 -2.54
N SER Q 216 93.43 -40.95 -3.72
CA SER Q 216 94.55 -41.50 -4.48
C SER Q 216 95.50 -40.44 -4.97
N TYR Q 217 94.97 -39.32 -5.46
CA TYR Q 217 95.82 -38.25 -5.94
C TYR Q 217 96.70 -37.73 -4.81
N TYR Q 218 96.07 -37.51 -3.66
CA TYR Q 218 96.79 -37.06 -2.48
C TYR Q 218 97.89 -38.02 -2.12
N ARG Q 219 97.55 -39.30 -2.01
CA ARG Q 219 98.53 -40.31 -1.65
C ARG Q 219 99.77 -40.26 -2.54
N THR Q 220 99.58 -40.05 -3.84
CA THR Q 220 100.71 -39.97 -4.76
C THR Q 220 101.45 -38.64 -4.72
N TRP Q 221 100.79 -37.60 -5.14
CA TRP Q 221 101.43 -36.29 -5.25
C TRP Q 221 101.47 -35.47 -3.98
N GLY Q 222 100.47 -35.63 -3.14
CA GLY Q 222 100.40 -34.82 -1.92
C GLY Q 222 99.55 -33.58 -2.19
N GLY Q 223 99.22 -32.84 -1.14
CA GLY Q 223 98.36 -31.67 -1.28
C GLY Q 223 99.07 -30.32 -1.22
N ARG Q 224 100.31 -30.24 -1.69
CA ARG Q 224 101.03 -28.97 -1.64
C ARG Q 224 100.88 -28.12 -2.89
N TYR Q 225 100.42 -28.72 -3.98
CA TYR Q 225 100.25 -27.96 -5.21
C TYR Q 225 98.81 -28.00 -5.65
N VAL Q 226 98.23 -29.20 -5.68
CA VAL Q 226 96.84 -29.37 -6.04
C VAL Q 226 95.97 -29.49 -4.81
N GLN Q 227 94.98 -28.62 -4.71
CA GLN Q 227 94.06 -28.63 -3.61
C GLN Q 227 92.65 -28.91 -4.10
N PHE Q 228 91.98 -29.89 -3.51
CA PHE Q 228 90.62 -30.17 -3.93
C PHE Q 228 89.66 -29.57 -2.92
N ALA Q 229 88.47 -29.20 -3.38
CA ALA Q 229 87.51 -28.54 -2.50
C ALA Q 229 86.09 -29.04 -2.73
N ILE Q 230 85.74 -30.15 -2.09
CA ILE Q 230 84.41 -30.70 -2.21
C ILE Q 230 83.46 -29.99 -1.27
N GLU Q 231 82.41 -29.39 -1.83
CA GLU Q 231 81.44 -28.64 -1.04
C GLU Q 231 80.01 -29.04 -1.37
N LEU Q 232 79.45 -29.89 -0.53
CA LEU Q 232 78.08 -30.37 -0.70
C LEU Q 232 77.09 -29.28 -0.33
N LYS Q 233 76.42 -28.72 -1.33
CA LYS Q 233 75.49 -27.60 -1.10
C LYS Q 233 74.15 -27.74 -1.80
N ASP Q 234 73.14 -27.04 -1.30
CA ASP Q 234 71.81 -27.05 -1.91
C ASP Q 234 71.74 -26.14 -3.12
N ASP Q 235 70.93 -26.55 -4.08
CA ASP Q 235 70.72 -25.77 -5.30
C ASP Q 235 69.29 -25.24 -5.38
N ASP R 3 90.59 -74.12 23.80
CA ASP R 3 89.52 -74.39 24.75
C ASP R 3 89.00 -73.11 25.36
N LYS R 4 88.40 -72.26 24.54
CA LYS R 4 87.87 -70.99 25.02
C LYS R 4 86.38 -70.89 24.84
N ASP R 5 85.72 -70.24 25.78
CA ASP R 5 84.28 -70.04 25.68
C ASP R 5 84.01 -68.82 24.82
N LEU R 6 83.17 -68.99 23.81
CA LEU R 6 82.87 -67.88 22.92
C LEU R 6 81.46 -67.37 23.20
N LEU R 7 80.46 -68.23 23.00
CA LEU R 7 79.07 -67.85 23.23
C LEU R 7 78.33 -68.82 24.16
N LYS R 8 77.36 -68.31 24.90
CA LYS R 8 76.57 -69.14 25.82
C LYS R 8 75.10 -68.78 25.81
N GLY R 9 74.24 -69.77 26.06
CA GLY R 9 72.82 -69.50 26.15
C GLY R 9 72.16 -69.31 24.80
N LEU R 10 72.73 -69.89 23.76
CA LEU R 10 72.19 -69.72 22.43
C LEU R 10 71.03 -70.64 22.19
N ASP R 11 70.11 -70.21 21.33
CA ASP R 11 69.04 -71.13 21.01
C ASP R 11 69.55 -71.97 19.86
N GLN R 12 68.75 -72.91 19.40
CA GLN R 12 69.18 -73.81 18.35
C GLN R 12 69.56 -73.13 17.05
N GLU R 13 68.70 -72.24 16.57
CA GLU R 13 68.94 -71.52 15.32
C GLU R 13 70.22 -70.72 15.34
N GLN R 14 70.37 -69.91 16.39
CA GLN R 14 71.53 -69.06 16.56
C GLN R 14 72.81 -69.87 16.58
N ALA R 15 72.80 -70.96 17.34
CA ALA R 15 73.97 -71.79 17.47
C ALA R 15 74.43 -72.29 16.12
N ASN R 16 73.50 -72.83 15.33
CA ASN R 16 73.88 -73.35 14.03
C ASN R 16 74.34 -72.26 13.06
N GLU R 17 73.75 -71.07 13.15
CA GLU R 17 74.14 -69.99 12.27
C GLU R 17 75.55 -69.50 12.54
N VAL R 18 75.88 -69.32 13.81
CA VAL R 18 77.20 -68.85 14.18
C VAL R 18 78.25 -69.83 13.74
N ILE R 19 77.99 -71.11 13.98
CA ILE R 19 78.91 -72.15 13.58
C ILE R 19 79.17 -72.14 12.10
N ALA R 20 78.11 -71.99 11.31
CA ALA R 20 78.26 -71.94 9.86
C ALA R 20 79.28 -70.88 9.45
N VAL R 21 79.18 -69.69 10.03
CA VAL R 21 80.11 -68.61 9.72
C VAL R 21 81.54 -68.94 10.09
N LEU R 22 81.73 -69.49 11.28
CA LEU R 22 83.07 -69.81 11.73
C LEU R 22 83.73 -70.85 10.83
N GLN R 23 82.96 -71.84 10.40
CA GLN R 23 83.50 -72.86 9.52
C GLN R 23 83.87 -72.27 8.19
N MET R 24 83.03 -71.38 7.68
CA MET R 24 83.29 -70.70 6.43
C MET R 24 84.63 -69.98 6.46
N HIS R 25 84.99 -69.43 7.61
CA HIS R 25 86.26 -68.75 7.76
C HIS R 25 87.37 -69.61 8.32
N ASN R 26 87.25 -70.93 8.17
CA ASN R 26 88.27 -71.89 8.59
C ASN R 26 88.47 -71.98 10.09
N ILE R 27 87.37 -72.01 10.85
CA ILE R 27 87.44 -72.17 12.29
C ILE R 27 86.55 -73.31 12.78
N GLU R 28 87.15 -74.30 13.43
CA GLU R 28 86.37 -75.40 14.01
C GLU R 28 85.62 -74.91 15.22
N ALA R 29 84.43 -75.44 15.47
CA ALA R 29 83.66 -74.99 16.62
C ALA R 29 82.86 -76.13 17.23
N ASN R 30 82.73 -76.10 18.55
CA ASN R 30 81.99 -77.12 19.26
C ASN R 30 80.66 -76.61 19.69
N LYS R 31 79.61 -77.40 19.49
CA LYS R 31 78.29 -77.03 19.98
C LYS R 31 77.97 -77.87 21.21
N ILE R 32 77.82 -77.21 22.34
CA ILE R 32 77.58 -77.92 23.58
C ILE R 32 76.16 -77.73 24.08
N ASP R 33 75.48 -78.85 24.24
CA ASP R 33 74.11 -78.86 24.73
C ASP R 33 74.07 -78.88 26.26
N SER R 34 73.67 -77.77 26.86
CA SER R 34 73.58 -77.68 28.31
C SER R 34 72.14 -77.74 28.80
N GLY R 35 71.28 -78.41 28.02
CA GLY R 35 69.89 -78.60 28.39
C GLY R 35 69.12 -77.29 28.41
N LYS R 36 68.45 -77.05 29.52
CA LYS R 36 67.63 -75.84 29.71
C LYS R 36 68.43 -74.55 29.63
N LEU R 37 69.75 -74.64 29.74
CA LEU R 37 70.57 -73.45 29.69
C LEU R 37 70.96 -73.06 28.27
N GLY R 38 70.56 -73.86 27.28
CA GLY R 38 70.83 -73.53 25.89
C GLY R 38 72.13 -74.11 25.36
N TYR R 39 72.60 -73.56 24.26
CA TYR R 39 73.83 -74.03 23.64
C TYR R 39 75.01 -73.12 23.88
N SER R 40 76.18 -73.73 23.91
CA SER R 40 77.40 -72.98 24.07
C SER R 40 78.36 -73.29 22.95
N ILE R 41 79.08 -72.28 22.50
CA ILE R 41 80.05 -72.49 21.45
C ILE R 41 81.45 -72.24 21.94
N THR R 42 82.31 -73.24 21.73
CA THR R 42 83.69 -73.11 22.16
C THR R 42 84.64 -73.34 21.00
N VAL R 43 85.82 -72.74 21.08
CA VAL R 43 86.81 -72.84 20.01
C VAL R 43 88.20 -73.11 20.52
N ALA R 44 89.07 -73.56 19.63
CA ALA R 44 90.45 -73.79 19.99
C ALA R 44 91.12 -72.46 20.24
N GLU R 45 91.98 -72.42 21.26
CA GLU R 45 92.68 -71.20 21.64
C GLU R 45 93.42 -70.50 20.49
N PRO R 46 94.09 -71.23 19.58
CA PRO R 46 94.75 -70.70 18.39
C PRO R 46 93.82 -69.90 17.47
N ASP R 47 92.54 -70.26 17.44
CA ASP R 47 91.59 -69.59 16.58
C ASP R 47 90.80 -68.52 17.30
N PHE R 48 90.71 -68.64 18.62
CA PHE R 48 89.94 -67.74 19.46
C PHE R 48 90.00 -66.26 19.07
N THR R 49 91.18 -65.74 18.77
CA THR R 49 91.29 -64.32 18.41
C THR R 49 90.50 -64.02 17.14
N ALA R 50 90.69 -64.85 16.14
CA ALA R 50 89.99 -64.69 14.88
C ALA R 50 88.50 -64.89 15.07
N ALA R 51 88.13 -65.87 15.89
CA ALA R 51 86.74 -66.16 16.14
C ALA R 51 86.03 -64.93 16.67
N VAL R 52 86.65 -64.27 17.66
CA VAL R 52 86.08 -63.05 18.22
C VAL R 52 85.90 -61.99 17.18
N TYR R 53 86.92 -61.80 16.35
CA TYR R 53 86.84 -60.83 15.28
C TYR R 53 85.62 -61.04 14.41
N TRP R 54 85.37 -62.30 14.02
CA TRP R 54 84.25 -62.59 13.15
C TRP R 54 82.90 -62.46 13.85
N ILE R 55 82.83 -62.74 15.15
CA ILE R 55 81.58 -62.56 15.89
C ILE R 55 81.17 -61.10 15.83
N LYS R 56 82.17 -60.23 15.97
CA LYS R 56 81.94 -58.81 15.85
C LYS R 56 81.49 -58.45 14.44
N THR R 57 82.30 -58.84 13.46
CA THR R 57 82.05 -58.53 12.05
C THR R 57 80.67 -58.87 11.57
N TYR R 58 80.17 -60.04 11.93
CA TYR R 58 78.86 -60.48 11.48
C TYR R 58 77.72 -60.27 12.44
N GLN R 59 77.88 -59.38 13.43
CA GLN R 59 76.79 -59.11 14.38
C GLN R 59 76.21 -60.39 14.98
N LEU R 60 77.07 -61.26 15.50
CA LEU R 60 76.59 -62.52 16.04
C LEU R 60 76.49 -62.51 17.56
N PRO R 61 75.59 -63.30 18.12
CA PRO R 61 74.60 -64.19 17.52
C PRO R 61 73.45 -63.39 16.92
N PRO R 62 72.75 -63.94 15.92
CA PRO R 62 71.64 -63.36 15.18
C PRO R 62 70.46 -62.97 16.04
N ARG R 63 69.77 -61.91 15.63
CA ARG R 63 68.56 -61.48 16.30
C ARG R 63 67.40 -62.27 15.70
N PRO R 64 66.26 -62.32 16.37
CA PRO R 64 65.03 -62.95 15.92
C PRO R 64 64.43 -62.12 14.80
N ARG R 65 63.73 -62.78 13.88
CA ARG R 65 63.17 -62.11 12.73
C ARG R 65 61.99 -61.22 13.08
N VAL R 66 62.00 -60.00 12.54
CA VAL R 66 60.98 -59.01 12.80
C VAL R 66 59.90 -58.98 11.75
N GLU R 67 58.66 -59.13 12.21
CA GLU R 67 57.48 -59.12 11.38
C GLU R 67 56.49 -58.12 11.97
N ILE R 68 55.77 -57.41 11.13
CA ILE R 68 54.92 -56.32 11.59
C ILE R 68 53.84 -56.72 12.58
N ALA R 69 53.19 -57.86 12.35
CA ALA R 69 52.13 -58.33 13.23
C ALA R 69 52.58 -58.55 14.67
N GLN R 70 53.87 -58.66 14.90
CA GLN R 70 54.37 -58.90 16.24
C GLN R 70 54.12 -57.71 17.15
N MET R 71 53.86 -56.54 16.57
CA MET R 71 53.61 -55.36 17.38
C MET R 71 52.15 -54.95 17.45
N PHE R 72 51.26 -55.78 16.94
CA PHE R 72 49.83 -55.47 17.01
C PHE R 72 49.06 -56.74 17.26
N PRO R 73 49.25 -57.36 18.44
CA PRO R 73 48.73 -58.66 18.86
C PRO R 73 47.24 -58.69 19.07
N ALA R 74 46.65 -59.86 18.82
CA ALA R 74 45.23 -60.11 18.96
C ALA R 74 44.79 -60.17 20.41
N ASP R 75 45.76 -60.24 21.31
CA ASP R 75 45.49 -60.29 22.73
C ASP R 75 44.94 -58.98 23.26
N SER R 76 45.05 -57.89 22.49
CA SER R 76 44.50 -56.62 22.93
C SER R 76 43.01 -56.70 23.08
N LEU R 77 42.51 -56.06 24.13
CA LEU R 77 41.09 -56.04 24.43
C LEU R 77 40.30 -55.25 23.41
N VAL R 78 40.96 -54.29 22.77
CA VAL R 78 40.34 -53.45 21.76
C VAL R 78 41.22 -53.43 20.52
N SER R 79 40.65 -52.95 19.42
CA SER R 79 41.42 -52.86 18.19
C SER R 79 41.05 -51.60 17.45
N SER R 80 41.78 -51.31 16.40
CA SER R 80 41.53 -50.14 15.60
C SER R 80 41.77 -50.51 14.17
N PRO R 81 41.15 -49.84 13.22
CA PRO R 81 41.28 -49.99 11.79
C PRO R 81 42.74 -49.99 11.40
N ARG R 82 43.50 -49.11 12.02
CA ARG R 82 44.91 -48.99 11.77
C ARG R 82 45.62 -50.27 12.09
N ALA R 83 45.38 -50.79 13.30
CA ALA R 83 46.03 -52.01 13.72
C ALA R 83 45.60 -53.20 12.88
N GLU R 84 44.31 -53.30 12.60
CA GLU R 84 43.80 -54.44 11.86
C GLU R 84 44.34 -54.50 10.45
N LYS R 85 44.41 -53.35 9.78
CA LYS R 85 44.92 -53.33 8.43
C LYS R 85 46.38 -53.72 8.42
N ALA R 86 47.14 -53.26 9.41
CA ALA R 86 48.55 -53.61 9.52
C ALA R 86 48.72 -55.11 9.71
N ARG R 87 47.91 -55.70 10.57
CA ARG R 87 47.97 -57.14 10.81
C ARG R 87 47.77 -57.93 9.54
N LEU R 88 46.79 -57.52 8.75
CA LEU R 88 46.52 -58.21 7.51
C LEU R 88 47.70 -58.17 6.56
N TYR R 89 48.27 -56.98 6.36
CA TYR R 89 49.40 -56.85 5.45
C TYR R 89 50.57 -57.69 5.88
N SER R 90 50.80 -57.78 7.19
CA SER R 90 51.89 -58.58 7.69
C SER R 90 51.74 -60.02 7.25
N ALA R 91 50.53 -60.56 7.42
CA ALA R 91 50.24 -61.92 7.02
C ALA R 91 50.44 -62.11 5.54
N ILE R 92 49.99 -61.15 4.74
CA ILE R 92 50.14 -61.24 3.32
C ILE R 92 51.59 -61.32 2.88
N GLU R 93 52.46 -60.50 3.47
CA GLU R 93 53.87 -60.58 3.09
C GLU R 93 54.41 -61.96 3.37
N GLN R 94 54.07 -62.50 4.53
CA GLN R 94 54.54 -63.82 4.91
C GLN R 94 54.08 -64.88 3.94
N ARG R 95 52.83 -64.78 3.52
CA ARG R 95 52.24 -65.74 2.63
C ARG R 95 52.88 -65.67 1.26
N LEU R 96 53.21 -64.46 0.79
CA LEU R 96 53.89 -64.33 -0.48
C LEU R 96 55.29 -64.91 -0.43
N GLU R 97 55.98 -64.77 0.70
CA GLU R 97 57.31 -65.36 0.83
C GLU R 97 57.23 -66.86 0.77
N GLN R 98 56.21 -67.42 1.41
CA GLN R 98 56.01 -68.86 1.39
C GLN R 98 55.81 -69.36 -0.03
N SER R 99 55.13 -68.57 -0.85
CA SER R 99 54.91 -68.95 -2.23
C SER R 99 56.15 -68.88 -3.10
N LEU R 100 56.90 -67.78 -3.02
CA LEU R 100 58.07 -67.64 -3.89
C LEU R 100 59.12 -68.68 -3.63
N GLN R 101 59.24 -69.12 -2.39
CA GLN R 101 60.24 -70.12 -2.06
C GLN R 101 59.92 -71.52 -2.60
N THR R 102 58.75 -71.70 -3.23
CA THR R 102 58.42 -72.98 -3.82
C THR R 102 58.68 -72.98 -5.31
N MET R 103 59.07 -71.84 -5.88
CA MET R 103 59.36 -71.80 -7.31
C MET R 103 60.66 -72.51 -7.61
N GLU R 104 60.70 -73.12 -8.79
CA GLU R 104 61.85 -73.87 -9.23
C GLU R 104 63.12 -73.04 -9.24
N GLY R 105 64.13 -73.54 -8.55
CA GLY R 105 65.43 -72.89 -8.50
C GLY R 105 65.58 -71.87 -7.38
N VAL R 106 64.48 -71.55 -6.68
CA VAL R 106 64.59 -70.57 -5.62
C VAL R 106 64.95 -71.22 -4.30
N LEU R 107 66.00 -70.71 -3.69
CA LEU R 107 66.49 -71.21 -2.43
C LEU R 107 65.95 -70.37 -1.29
N SER R 108 65.86 -69.07 -1.52
CA SER R 108 65.36 -68.15 -0.50
C SER R 108 64.75 -66.90 -1.10
N ALA R 109 63.73 -66.36 -0.44
CA ALA R 109 63.14 -65.14 -0.96
C ALA R 109 62.46 -64.34 0.13
N ARG R 110 62.53 -63.01 0.00
CA ARG R 110 61.90 -62.08 0.95
C ARG R 110 61.00 -61.11 0.22
N VAL R 111 59.89 -60.73 0.84
CA VAL R 111 58.91 -59.85 0.19
C VAL R 111 58.44 -58.70 1.07
N HIS R 112 58.38 -57.51 0.48
CA HIS R 112 57.89 -56.34 1.17
C HIS R 112 56.72 -55.71 0.43
N ILE R 113 55.77 -55.18 1.19
CA ILE R 113 54.64 -54.49 0.58
C ILE R 113 54.49 -53.17 1.26
N SER R 114 54.15 -52.13 0.52
CA SER R 114 53.97 -50.83 1.13
C SER R 114 52.75 -50.83 2.02
N TYR R 115 52.72 -49.89 2.97
CA TYR R 115 51.62 -49.80 3.91
C TYR R 115 50.84 -48.51 3.75
N ASP R 116 49.63 -48.53 4.25
CA ASP R 116 48.74 -47.38 4.22
C ASP R 116 48.12 -47.22 5.57
N ILE R 117 48.60 -46.22 6.29
CA ILE R 117 48.19 -46.01 7.65
C ILE R 117 47.18 -44.90 7.85
N ASP R 118 47.06 -43.98 6.90
CA ASP R 118 46.11 -42.91 7.11
C ASP R 118 45.52 -42.25 5.87
N ALA R 119 45.34 -43.00 4.77
CA ALA R 119 44.68 -42.40 3.61
C ALA R 119 43.24 -42.01 3.94
N GLY R 120 42.39 -43.02 4.13
CA GLY R 120 40.97 -42.82 4.46
C GLY R 120 40.81 -41.95 5.70
N GLU R 121 41.71 -42.12 6.67
CA GLU R 121 41.74 -41.29 7.87
C GLU R 121 41.71 -39.81 7.59
N ASN R 122 42.41 -39.39 6.53
CA ASN R 122 42.49 -38.00 6.16
C ASN R 122 41.50 -37.60 5.07
N GLY R 123 40.54 -38.47 4.77
CA GLY R 123 39.57 -38.19 3.72
C GLY R 123 40.15 -38.42 2.33
N ARG R 124 41.29 -39.10 2.25
CA ARG R 124 41.95 -39.33 0.99
C ARG R 124 41.73 -40.74 0.46
N PRO R 125 41.81 -40.92 -0.85
CA PRO R 125 41.78 -42.17 -1.56
C PRO R 125 43.11 -42.86 -1.28
N PRO R 126 43.15 -44.18 -1.37
CA PRO R 126 44.29 -45.04 -1.12
C PRO R 126 45.33 -44.88 -2.22
N LYS R 127 46.57 -45.16 -1.87
CA LYS R 127 47.67 -45.04 -2.82
C LYS R 127 47.94 -46.37 -3.47
N PRO R 128 48.60 -46.38 -4.64
CA PRO R 128 49.04 -47.53 -5.39
C PRO R 128 49.94 -48.37 -4.53
N VAL R 129 49.91 -49.67 -4.74
CA VAL R 129 50.69 -50.56 -3.92
C VAL R 129 52.07 -50.80 -4.48
N HIS R 130 53.08 -50.70 -3.64
CA HIS R 130 54.44 -50.96 -4.08
C HIS R 130 54.93 -52.27 -3.54
N LEU R 131 55.67 -53.00 -4.34
CA LEU R 131 56.21 -54.28 -3.94
C LEU R 131 57.69 -54.38 -4.20
N SER R 132 58.39 -55.09 -3.35
CA SER R 132 59.79 -55.33 -3.61
C SER R 132 60.16 -56.70 -3.12
N ALA R 133 61.16 -57.31 -3.73
CA ALA R 133 61.51 -58.65 -3.30
C ALA R 133 62.95 -59.00 -3.56
N LEU R 134 63.46 -59.89 -2.73
CA LEU R 134 64.81 -60.39 -2.84
C LEU R 134 64.79 -61.87 -3.12
N ALA R 135 65.74 -62.37 -3.91
CA ALA R 135 65.74 -63.80 -4.14
C ALA R 135 67.12 -64.38 -4.38
N VAL R 136 67.29 -65.61 -3.92
CA VAL R 136 68.51 -66.37 -4.07
C VAL R 136 68.24 -67.63 -4.85
N TYR R 137 68.97 -67.81 -5.94
CA TYR R 137 68.82 -68.98 -6.80
C TYR R 137 69.94 -69.98 -6.76
N GLU R 138 69.62 -71.17 -7.21
CA GLU R 138 70.60 -72.22 -7.36
C GLU R 138 71.65 -71.78 -8.36
N ARG R 139 72.91 -71.90 -7.97
CA ARG R 139 74.01 -71.46 -8.79
C ARG R 139 73.98 -72.07 -10.19
N GLY R 140 74.13 -71.21 -11.19
CA GLY R 140 74.14 -71.60 -12.59
C GLY R 140 72.79 -71.32 -13.28
N SER R 141 71.78 -70.96 -12.51
CA SER R 141 70.46 -70.64 -13.01
C SER R 141 70.43 -69.30 -13.82
N PRO R 142 69.61 -69.20 -14.87
CA PRO R 142 69.45 -68.05 -15.79
C PRO R 142 68.60 -66.91 -15.21
N LEU R 143 69.14 -66.29 -14.17
CA LEU R 143 68.52 -65.19 -13.42
C LEU R 143 67.88 -64.09 -14.26
N ALA R 144 68.52 -63.74 -15.36
CA ALA R 144 68.06 -62.66 -16.23
C ALA R 144 66.69 -62.91 -16.84
N HIS R 145 66.21 -64.14 -16.81
CA HIS R 145 64.94 -64.46 -17.39
C HIS R 145 63.95 -64.82 -16.31
N GLN R 146 64.46 -65.47 -15.27
CA GLN R 146 63.64 -65.90 -14.14
C GLN R 146 62.97 -64.75 -13.43
N ILE R 147 63.66 -63.63 -13.38
CA ILE R 147 63.12 -62.41 -12.79
C ILE R 147 61.74 -62.00 -13.36
N SER R 148 61.42 -62.40 -14.58
CA SER R 148 60.15 -62.03 -15.17
C SER R 148 58.99 -62.84 -14.62
N ASP R 149 59.26 -64.04 -14.12
CA ASP R 149 58.20 -64.84 -13.53
C ASP R 149 57.79 -64.26 -12.23
N ILE R 150 58.78 -63.84 -11.46
CA ILE R 150 58.51 -63.25 -10.17
C ILE R 150 57.67 -62.03 -10.32
N LYS R 151 58.07 -61.17 -11.25
CA LYS R 151 57.40 -59.93 -11.46
C LYS R 151 55.97 -60.12 -11.97
N ARG R 152 55.76 -61.07 -12.87
CA ARG R 152 54.41 -61.34 -13.39
C ARG R 152 53.51 -61.90 -12.32
N PHE R 153 54.04 -62.83 -11.55
CA PHE R 153 53.30 -63.44 -10.47
C PHE R 153 52.83 -62.42 -9.47
N LEU R 154 53.74 -61.57 -9.04
CA LEU R 154 53.38 -60.54 -8.08
C LEU R 154 52.41 -59.53 -8.64
N LYS R 155 52.52 -59.20 -9.93
CA LYS R 155 51.64 -58.21 -10.52
C LYS R 155 50.16 -58.54 -10.33
N ASN R 156 49.76 -59.77 -10.59
CA ASN R 156 48.35 -60.10 -10.38
C ASN R 156 48.07 -60.71 -9.01
N SER R 157 48.99 -60.57 -8.06
CA SER R 157 48.80 -61.07 -6.71
C SER R 157 48.28 -59.98 -5.79
N PHE R 158 47.92 -58.82 -6.33
CA PHE R 158 47.43 -57.79 -5.46
C PHE R 158 46.61 -56.75 -6.21
N ALA R 159 45.55 -56.31 -5.55
CA ALA R 159 44.53 -55.36 -6.04
C ALA R 159 44.98 -54.34 -7.07
N ASP R 160 46.09 -53.63 -6.83
CA ASP R 160 46.47 -52.62 -7.79
C ASP R 160 47.96 -52.27 -7.77
N VAL R 161 48.72 -53.01 -8.57
CA VAL R 161 50.13 -52.78 -8.74
C VAL R 161 50.41 -52.70 -10.22
N ASP R 162 51.66 -52.44 -10.57
CA ASP R 162 52.03 -52.38 -11.97
C ASP R 162 53.50 -52.71 -12.15
N TYR R 163 53.96 -52.84 -13.38
CA TYR R 163 55.33 -53.25 -13.63
C TYR R 163 56.39 -52.17 -13.34
N ASP R 164 55.97 -50.97 -12.97
CA ASP R 164 56.93 -49.94 -12.61
C ASP R 164 57.04 -49.80 -11.11
N ASN R 165 56.13 -50.41 -10.37
CA ASN R 165 56.14 -50.30 -8.93
C ASN R 165 56.45 -51.61 -8.25
N ILE R 166 57.06 -52.53 -9.00
CA ILE R 166 57.50 -53.81 -8.47
C ILE R 166 58.99 -53.97 -8.72
N SER R 167 59.78 -54.08 -7.66
CA SER R 167 61.21 -54.21 -7.86
C SER R 167 61.76 -55.53 -7.35
N VAL R 168 62.58 -56.17 -8.17
CA VAL R 168 63.17 -57.44 -7.79
C VAL R 168 64.68 -57.41 -7.90
N VAL R 169 65.34 -57.69 -6.79
CA VAL R 169 66.79 -57.76 -6.74
C VAL R 169 67.18 -59.17 -6.36
N LEU R 170 68.03 -59.77 -7.14
CA LEU R 170 68.35 -61.16 -6.89
C LEU R 170 69.75 -61.58 -7.29
N SER R 171 70.12 -62.78 -6.85
CA SER R 171 71.42 -63.37 -7.16
C SER R 171 71.38 -64.87 -6.94
N GLU R 172 72.56 -65.47 -6.74
CA GLU R 172 72.65 -66.91 -6.56
C GLU R 172 73.64 -67.25 -5.47
N ARG R 173 73.53 -68.48 -4.96
CA ARG R 173 74.39 -68.93 -3.88
C ARG R 173 75.86 -68.99 -4.25
N SER R 174 76.70 -68.96 -3.21
CA SER R 174 78.15 -69.06 -3.32
C SER R 174 78.63 -70.51 -3.36
N ASP R 175 79.95 -70.70 -3.50
CA ASP R 175 80.58 -72.02 -3.52
C ASP R 175 80.37 -72.70 -2.17
N ALA R 176 79.64 -73.80 -2.17
CA ALA R 176 79.28 -74.51 -0.95
C ALA R 176 80.48 -74.96 -0.13
N GLN R 177 80.41 -74.71 1.17
CA GLN R 177 81.48 -75.11 2.05
C GLN R 177 81.30 -76.55 2.44
N LEU R 178 81.88 -77.43 1.63
CA LEU R 178 81.73 -78.86 1.85
C LEU R 178 82.94 -79.49 2.53
N GLN R 179 83.88 -78.69 3.00
CA GLN R 179 85.09 -79.23 3.62
C GLN R 179 85.30 -78.72 5.03
N ALA R 180 85.78 -79.60 5.92
CA ALA R 180 86.04 -79.21 7.29
C ALA R 180 87.26 -78.30 7.37
N PRO R 181 87.23 -77.27 8.23
CA PRO R 181 88.31 -76.32 8.54
C PRO R 181 89.63 -76.95 8.93
N GLY R 182 89.58 -77.97 9.77
CA GLY R 182 90.78 -78.66 10.21
C GLY R 182 91.23 -78.15 11.57
N THR R 183 92.02 -78.96 12.26
CA THR R 183 92.51 -78.59 13.58
C THR R 183 93.81 -77.79 13.46
N PRO R 184 94.24 -77.13 14.54
CA PRO R 184 95.47 -76.38 14.68
C PRO R 184 96.65 -77.32 14.73
N VAL R 185 97.81 -76.82 14.34
CA VAL R 185 99.01 -77.64 14.34
C VAL R 185 99.72 -77.60 15.67
N LYS R 186 99.71 -78.73 16.37
CA LYS R 186 100.38 -78.88 17.65
C LYS R 186 100.25 -80.31 18.15
N ALA S 42 105.42 -80.74 8.45
CA ALA S 42 104.16 -80.05 8.19
C ALA S 42 104.12 -79.49 6.77
N GLU S 43 104.11 -80.36 5.78
CA GLU S 43 104.07 -79.92 4.40
C GLU S 43 102.86 -79.04 4.17
N LEU S 44 103.10 -77.85 3.62
CA LEU S 44 102.06 -76.88 3.38
C LEU S 44 100.87 -77.42 2.60
N ASP S 45 101.12 -78.30 1.64
CA ASP S 45 100.05 -78.89 0.87
C ASP S 45 99.06 -79.65 1.74
N SER S 46 99.55 -80.25 2.82
CA SER S 46 98.68 -80.99 3.72
C SER S 46 98.05 -80.06 4.74
N LEU S 47 98.69 -78.91 4.97
CA LEU S 47 98.14 -77.92 5.90
C LEU S 47 96.91 -77.24 5.30
N LEU S 48 96.94 -77.02 3.99
CA LEU S 48 95.82 -76.42 3.28
C LEU S 48 94.69 -77.43 3.09
N GLY S 49 93.48 -76.93 2.87
CA GLY S 49 92.23 -77.72 2.72
C GLY S 49 92.31 -79.05 1.95
N GLN S 50 91.26 -79.86 2.11
CA GLN S 50 91.14 -81.18 1.48
C GLN S 50 91.24 -81.11 -0.03
N GLU S 51 90.56 -80.13 -0.61
CA GLU S 51 90.66 -79.96 -2.04
C GLU S 51 91.86 -79.11 -2.35
N LYS S 52 93.01 -79.76 -2.35
CA LYS S 52 94.30 -79.12 -2.58
C LYS S 52 94.42 -78.41 -3.91
N GLU S 53 93.52 -78.72 -4.85
CA GLU S 53 93.56 -78.12 -6.16
C GLU S 53 93.00 -76.70 -6.19
N ARG S 54 92.57 -76.20 -5.03
CA ARG S 54 92.10 -74.82 -4.93
C ARG S 54 93.27 -73.86 -4.79
N PHE S 55 94.46 -74.38 -4.48
CA PHE S 55 95.60 -73.51 -4.27
C PHE S 55 96.80 -73.91 -5.10
N GLN S 56 97.57 -72.91 -5.51
CA GLN S 56 98.80 -73.22 -6.21
C GLN S 56 99.99 -72.76 -5.41
N VAL S 57 100.69 -73.69 -4.80
CA VAL S 57 101.85 -73.34 -4.01
C VAL S 57 103.03 -73.06 -4.91
N LEU S 58 103.68 -71.93 -4.68
CA LEU S 58 104.79 -71.47 -5.51
C LEU S 58 106.06 -71.31 -4.67
N PRO S 59 107.22 -71.62 -5.24
CA PRO S 59 108.49 -71.51 -4.50
C PRO S 59 109.28 -70.31 -4.95
N GLY S 60 109.15 -69.20 -4.21
CA GLY S 60 109.83 -67.97 -4.59
C GLY S 60 111.34 -68.04 -4.38
N ARG S 61 112.06 -67.30 -5.21
CA ARG S 61 113.52 -67.27 -5.15
C ARG S 61 114.05 -66.56 -3.89
N ASP S 62 113.15 -65.85 -3.21
CA ASP S 62 113.45 -65.17 -1.96
C ASP S 62 113.29 -66.08 -0.74
N LYS S 63 113.14 -67.38 -0.95
CA LYS S 63 112.97 -68.38 0.11
C LYS S 63 111.61 -68.30 0.80
N MET S 64 110.66 -67.63 0.15
CA MET S 64 109.32 -67.54 0.68
C MET S 64 108.41 -68.44 -0.13
N LEU S 65 107.65 -69.26 0.58
CA LEU S 65 106.76 -70.18 -0.09
C LEU S 65 105.42 -69.46 -0.24
N TYR S 66 104.99 -69.30 -1.48
CA TYR S 66 103.79 -68.54 -1.75
C TYR S 66 102.56 -69.40 -1.99
N VAL S 67 101.40 -68.87 -1.60
CA VAL S 67 100.15 -69.59 -1.83
C VAL S 67 99.24 -68.81 -2.74
N ALA S 68 99.14 -69.21 -3.99
CA ALA S 68 98.28 -68.48 -4.89
C ALA S 68 96.84 -68.92 -4.74
N ALA S 69 95.98 -67.95 -4.45
CA ALA S 69 94.56 -68.19 -4.30
C ALA S 69 93.79 -67.44 -5.38
N GLN S 70 92.70 -68.04 -5.83
CA GLN S 70 91.89 -67.47 -6.90
C GLN S 70 90.69 -66.67 -6.41
N ASN S 71 90.48 -66.66 -5.09
CA ASN S 71 89.31 -65.98 -4.53
C ASN S 71 89.59 -65.52 -3.11
N GLU S 72 89.07 -64.36 -2.74
CA GLU S 72 89.28 -63.82 -1.40
C GLU S 72 88.84 -64.75 -0.27
N ARG S 73 87.94 -65.69 -0.54
CA ARG S 73 87.55 -66.65 0.48
C ARG S 73 88.65 -67.66 0.71
N ASP S 74 89.41 -67.93 -0.35
CA ASP S 74 90.50 -68.89 -0.28
C ASP S 74 91.71 -68.17 0.24
N THR S 75 91.79 -66.87 -0.07
CA THR S 75 92.86 -66.04 0.45
C THR S 75 92.79 -66.05 1.95
N LEU S 76 91.62 -65.79 2.50
CA LEU S 76 91.43 -65.82 3.94
C LEU S 76 91.67 -67.19 4.51
N TRP S 77 91.20 -68.23 3.82
CA TRP S 77 91.40 -69.60 4.27
C TRP S 77 92.87 -69.85 4.55
N ALA S 78 93.70 -69.59 3.55
CA ALA S 78 95.14 -69.80 3.64
C ALA S 78 95.78 -68.93 4.71
N ARG S 79 95.32 -67.69 4.85
CA ARG S 79 95.87 -66.82 5.88
C ARG S 79 95.58 -67.36 7.27
N GLN S 80 94.38 -67.92 7.45
CA GLN S 80 94.03 -68.51 8.71
C GLN S 80 94.90 -69.71 8.99
N VAL S 81 95.22 -70.49 7.94
CA VAL S 81 96.11 -71.63 8.12
C VAL S 81 97.47 -71.19 8.63
N LEU S 82 98.02 -70.15 8.04
CA LEU S 82 99.32 -69.65 8.46
C LEU S 82 99.32 -69.13 9.90
N ALA S 83 98.22 -68.48 10.31
CA ALA S 83 98.12 -67.96 11.66
C ALA S 83 97.74 -69.02 12.69
N ARG S 84 96.91 -69.99 12.28
CA ARG S 84 96.43 -71.06 13.16
C ARG S 84 97.44 -72.14 13.37
N GLY S 85 97.92 -72.70 12.26
CA GLY S 85 98.88 -73.78 12.30
C GLY S 85 100.26 -73.23 12.26
N ASP S 86 101.17 -73.99 11.69
CA ASP S 86 102.52 -73.52 11.64
C ASP S 86 103.28 -74.16 10.50
N TYR S 87 104.33 -73.47 10.10
CA TYR S 87 105.21 -73.90 9.06
C TYR S 87 106.49 -73.11 9.20
N ASP S 88 107.57 -73.79 9.56
CA ASP S 88 108.85 -73.13 9.78
C ASP S 88 109.54 -72.68 8.50
N LYS S 89 109.01 -71.61 7.91
CA LYS S 89 109.54 -71.04 6.69
C LYS S 89 108.73 -69.84 6.26
N ASN S 90 109.41 -68.86 5.68
CA ASN S 90 108.73 -67.69 5.17
C ASN S 90 107.60 -68.12 4.27
N ALA S 91 106.45 -67.46 4.39
CA ALA S 91 105.32 -67.79 3.57
C ALA S 91 104.42 -66.59 3.37
N ARG S 92 103.71 -66.56 2.24
CA ARG S 92 102.85 -65.42 1.95
C ARG S 92 101.78 -65.76 0.91
N VAL S 93 100.54 -65.44 1.24
CA VAL S 93 99.41 -65.70 0.35
C VAL S 93 99.28 -64.66 -0.75
N ILE S 94 99.15 -65.14 -1.97
CA ILE S 94 98.99 -64.32 -3.17
C ILE S 94 97.55 -64.18 -3.63
N ASN S 95 97.18 -62.95 -3.93
CA ASN S 95 95.86 -62.62 -4.42
C ASN S 95 95.97 -61.73 -5.65
N GLU S 96 95.51 -62.24 -6.78
CA GLU S 96 95.59 -61.57 -8.07
C GLU S 96 95.30 -60.07 -8.05
N ASN S 97 94.22 -59.66 -7.41
CA ASN S 97 93.90 -58.24 -7.36
C ASN S 97 94.81 -57.49 -6.42
N GLU S 98 95.17 -58.12 -5.30
CA GLU S 98 96.03 -57.43 -4.35
C GLU S 98 97.41 -57.22 -4.93
N GLU S 99 97.88 -58.19 -5.72
CA GLU S 99 99.19 -58.08 -6.34
C GLU S 99 99.16 -57.09 -7.47
N ASN S 100 98.06 -57.05 -8.21
CA ASN S 100 97.94 -56.09 -9.27
C ASN S 100 98.06 -54.69 -8.68
N LYS S 101 97.39 -54.46 -7.56
CA LYS S 101 97.45 -53.18 -6.87
C LYS S 101 98.83 -52.86 -6.31
N ARG S 102 99.46 -53.83 -5.64
CA ARG S 102 100.79 -53.61 -5.07
C ARG S 102 101.76 -53.14 -6.11
N ILE S 103 101.74 -53.80 -7.26
CA ILE S 103 102.60 -53.44 -8.35
C ILE S 103 102.28 -52.06 -8.88
N SER S 104 101.00 -51.76 -9.09
CA SER S 104 100.62 -50.46 -9.63
C SER S 104 101.09 -49.31 -8.76
N ILE S 105 101.18 -49.52 -7.46
CA ILE S 105 101.66 -48.48 -6.56
C ILE S 105 103.11 -48.16 -6.83
N TRP S 106 103.94 -49.20 -6.81
CA TRP S 106 105.36 -49.04 -7.06
C TRP S 106 105.60 -48.47 -8.43
N LEU S 107 104.87 -49.01 -9.38
CA LEU S 107 104.99 -48.65 -10.77
C LEU S 107 104.69 -47.18 -10.98
N ASP S 108 103.64 -46.66 -10.36
CA ASP S 108 103.35 -45.24 -10.51
C ASP S 108 104.47 -44.35 -9.98
N THR S 109 105.09 -44.74 -8.86
CA THR S 109 106.18 -43.94 -8.29
C THR S 109 107.43 -43.90 -9.17
N TYR S 110 107.85 -45.06 -9.65
CA TYR S 110 109.08 -45.15 -10.44
C TYR S 110 108.88 -44.91 -11.92
N TYR S 111 107.71 -45.26 -12.43
CA TYR S 111 107.36 -45.01 -13.82
C TYR S 111 106.05 -44.23 -13.94
N PRO S 112 106.01 -42.98 -13.51
CA PRO S 112 104.87 -42.10 -13.55
C PRO S 112 104.58 -41.83 -14.99
N GLN S 113 103.30 -41.63 -15.28
CA GLN S 113 102.78 -41.41 -16.63
C GLN S 113 102.81 -42.66 -17.52
N LEU S 114 103.24 -43.82 -16.99
CA LEU S 114 103.21 -45.03 -17.81
C LEU S 114 101.78 -45.42 -18.12
N ALA S 115 101.46 -45.61 -19.38
CA ALA S 115 100.10 -45.98 -19.74
C ALA S 115 99.96 -47.49 -19.85
N TYR S 116 99.19 -48.10 -18.96
CA TYR S 116 99.04 -49.54 -18.96
C TYR S 116 97.65 -49.95 -18.51
N TYR S 117 97.34 -51.24 -18.68
CA TYR S 117 96.02 -51.77 -18.36
C TYR S 117 95.98 -52.65 -17.13
N ARG S 118 96.35 -53.91 -17.27
CA ARG S 118 96.25 -54.81 -16.15
C ARG S 118 97.18 -56.00 -16.31
N ILE S 119 97.68 -56.50 -15.18
CA ILE S 119 98.53 -57.66 -15.22
C ILE S 119 97.71 -58.93 -15.10
N HIS S 120 97.91 -59.83 -16.05
CA HIS S 120 97.20 -61.10 -16.08
C HIS S 120 98.09 -62.16 -15.51
N PHE S 121 97.79 -62.57 -14.31
CA PHE S 121 98.66 -63.51 -13.64
C PHE S 121 98.53 -64.93 -14.16
N ASP S 122 97.30 -65.37 -14.42
CA ASP S 122 96.99 -66.70 -14.98
C ASP S 122 98.00 -67.79 -14.61
N GLU S 123 99.08 -67.89 -15.38
CA GLU S 123 100.16 -68.83 -15.10
C GLU S 123 101.26 -68.14 -14.30
N PRO S 124 101.16 -68.12 -12.97
CA PRO S 124 102.09 -67.46 -12.01
C PRO S 124 103.49 -67.17 -12.54
N ARG S 125 104.13 -68.19 -13.08
CA ARG S 125 105.49 -68.14 -13.61
C ARG S 125 105.75 -67.04 -14.62
N LYS S 126 104.79 -66.82 -15.51
CA LYS S 126 104.92 -65.85 -16.58
C LYS S 126 103.66 -65.00 -16.76
N PRO S 127 103.44 -64.01 -15.90
CA PRO S 127 102.33 -63.09 -15.94
C PRO S 127 102.47 -62.19 -17.14
N VAL S 128 101.35 -61.73 -17.66
CA VAL S 128 101.34 -60.89 -18.83
C VAL S 128 100.99 -59.46 -18.47
N PHE S 129 101.78 -58.54 -18.95
CA PHE S 129 101.57 -57.14 -18.64
C PHE S 129 101.00 -56.39 -19.83
N TRP S 130 99.74 -55.97 -19.77
CA TRP S 130 99.21 -55.22 -20.89
C TRP S 130 99.62 -53.75 -20.78
N LEU S 131 100.22 -53.27 -21.87
CA LEU S 131 100.78 -51.93 -21.99
C LEU S 131 100.13 -51.17 -23.15
N SER S 132 99.80 -49.89 -22.97
CA SER S 132 99.17 -49.16 -24.08
C SER S 132 100.11 -48.98 -25.27
N ARG S 133 99.81 -49.67 -26.35
CA ARG S 133 100.60 -49.61 -27.58
C ARG S 133 100.71 -48.20 -28.14
N GLN S 134 99.59 -47.50 -28.17
CA GLN S 134 99.54 -46.19 -28.76
C GLN S 134 100.05 -45.06 -27.89
N ARG S 135 99.83 -45.12 -26.58
CA ARG S 135 100.28 -44.03 -25.73
C ARG S 135 101.73 -44.10 -25.28
N ASN S 136 102.32 -45.30 -25.25
CA ASN S 136 103.72 -45.38 -24.82
C ASN S 136 104.68 -45.35 -25.99
N THR S 137 105.79 -44.64 -25.79
CA THR S 137 106.81 -44.50 -26.82
C THR S 137 108.16 -45.02 -26.34
N MET S 138 108.13 -45.93 -25.38
CA MET S 138 109.36 -46.50 -24.82
C MET S 138 110.11 -47.34 -25.85
N SER S 139 111.44 -47.33 -25.77
CA SER S 139 112.24 -48.11 -26.69
C SER S 139 112.28 -49.54 -26.22
N LYS S 140 112.70 -50.44 -27.10
CA LYS S 140 112.80 -51.85 -26.77
C LYS S 140 113.68 -52.09 -25.56
N LYS S 141 114.79 -51.35 -25.49
CA LYS S 141 115.72 -51.47 -24.39
C LYS S 141 115.08 -51.01 -23.09
N GLU S 142 114.33 -49.92 -23.16
CA GLU S 142 113.64 -49.41 -22.00
C GLU S 142 112.62 -50.41 -21.50
N LEU S 143 111.93 -51.07 -22.42
CA LEU S 143 110.95 -52.07 -22.07
C LEU S 143 111.62 -53.27 -21.42
N GLU S 144 112.83 -53.62 -21.87
CA GLU S 144 113.58 -54.69 -21.23
C GLU S 144 113.77 -54.38 -19.77
N VAL S 145 114.26 -53.17 -19.50
CA VAL S 145 114.50 -52.71 -18.14
C VAL S 145 113.23 -52.76 -17.31
N LEU S 146 112.13 -52.28 -17.87
CA LEU S 146 110.85 -52.29 -17.21
C LEU S 146 110.48 -53.69 -16.77
N SER S 147 110.60 -54.66 -17.67
CA SER S 147 110.25 -56.04 -17.31
C SER S 147 111.13 -56.56 -16.21
N GLN S 148 112.39 -56.13 -16.19
CA GLN S 148 113.31 -56.57 -15.17
C GLN S 148 112.91 -56.03 -13.80
N LYS S 149 112.42 -54.80 -13.78
CA LYS S 149 111.97 -54.23 -12.52
C LYS S 149 110.73 -54.96 -12.04
N LEU S 150 109.87 -55.34 -12.97
CA LEU S 150 108.68 -56.08 -12.60
C LEU S 150 109.05 -57.46 -12.06
N ARG S 151 110.10 -58.07 -12.62
CA ARG S 151 110.56 -59.36 -12.13
C ARG S 151 111.01 -59.21 -10.70
N ALA S 152 111.69 -58.10 -10.38
CA ALA S 152 112.12 -57.85 -9.02
C ALA S 152 110.93 -57.74 -8.09
N LEU S 153 109.84 -57.12 -8.55
CA LEU S 153 108.63 -56.99 -7.75
C LEU S 153 107.91 -58.31 -7.50
N MET S 154 108.12 -59.30 -8.36
CA MET S 154 107.49 -60.61 -8.25
C MET S 154 108.49 -61.77 -8.05
N PRO S 155 108.88 -62.06 -6.80
CA PRO S 155 109.82 -63.09 -6.31
C PRO S 155 109.58 -64.48 -6.89
N TYR S 156 108.34 -64.79 -7.22
CA TYR S 156 108.01 -66.09 -7.77
C TYR S 156 108.11 -66.16 -9.29
N ALA S 157 107.62 -65.12 -9.94
CA ALA S 157 107.62 -65.06 -11.40
C ALA S 157 109.01 -65.24 -11.93
N ASP S 158 109.13 -65.99 -13.02
CA ASP S 158 110.43 -66.21 -13.61
C ASP S 158 110.72 -65.14 -14.62
N SER S 159 109.68 -64.69 -15.32
CA SER S 159 109.84 -63.61 -16.30
C SER S 159 108.53 -62.90 -16.48
N VAL S 160 108.58 -61.74 -17.10
CA VAL S 160 107.36 -60.97 -17.34
C VAL S 160 107.16 -60.74 -18.81
N ASN S 161 105.96 -61.07 -19.29
CA ASN S 161 105.67 -60.89 -20.69
C ASN S 161 104.95 -59.59 -20.95
N ILE S 162 105.71 -58.54 -21.21
CA ILE S 162 105.09 -57.26 -21.54
C ILE S 162 104.64 -57.26 -22.98
N THR S 163 103.39 -56.88 -23.20
CA THR S 163 102.85 -56.84 -24.54
C THR S 163 102.02 -55.59 -24.72
N LEU S 164 102.01 -55.10 -25.94
CA LEU S 164 101.34 -53.85 -26.23
C LEU S 164 99.95 -54.08 -26.82
N MET S 165 98.96 -53.41 -26.23
CA MET S 165 97.57 -53.53 -26.64
C MET S 165 97.07 -52.28 -27.33
N ASP S 166 96.17 -52.44 -28.29
CA ASP S 166 95.65 -51.29 -29.01
C ASP S 166 94.43 -50.67 -28.31
N ASP S 167 94.59 -49.44 -27.83
CA ASP S 167 93.57 -48.68 -27.12
C ASP S 167 92.21 -48.69 -27.80
N VAL S 168 92.22 -48.69 -29.13
CA VAL S 168 91.00 -48.68 -29.91
C VAL S 168 90.18 -49.93 -29.70
N THR S 169 90.85 -51.08 -29.61
CA THR S 169 90.12 -52.32 -29.47
C THR S 169 89.56 -52.44 -28.07
N ALA S 170 90.22 -51.82 -27.10
CA ALA S 170 89.70 -51.83 -25.74
C ALA S 170 88.38 -51.08 -25.71
N ALA S 171 88.39 -49.87 -26.28
CA ALA S 171 87.19 -49.04 -26.33
C ALA S 171 86.10 -49.69 -27.17
N GLY S 172 86.49 -50.29 -28.30
CA GLY S 172 85.55 -50.92 -29.19
C GLY S 172 84.77 -52.03 -28.50
N GLN S 173 85.45 -52.88 -27.75
CA GLN S 173 84.78 -53.95 -27.03
C GLN S 173 83.86 -53.41 -25.96
N ALA S 174 84.31 -52.38 -25.25
CA ALA S 174 83.48 -51.78 -24.21
C ALA S 174 82.14 -51.33 -24.75
N GLU S 175 82.17 -50.58 -25.85
CA GLU S 175 80.94 -50.07 -26.40
C GLU S 175 80.12 -51.15 -27.07
N ALA S 176 80.77 -52.03 -27.81
CA ALA S 176 80.06 -53.08 -28.53
C ALA S 176 79.21 -53.93 -27.62
N GLY S 177 79.81 -54.41 -26.52
CA GLY S 177 79.05 -55.24 -25.59
C GLY S 177 77.95 -54.45 -24.91
N LEU S 178 78.25 -53.21 -24.57
CA LEU S 178 77.30 -52.32 -23.91
C LEU S 178 76.02 -52.16 -24.76
N LYS S 179 76.20 -51.88 -26.05
CA LYS S 179 75.04 -51.73 -26.91
C LYS S 179 74.42 -53.06 -27.29
N GLN S 180 75.19 -54.16 -27.25
CA GLN S 180 74.62 -55.49 -27.51
C GLN S 180 73.56 -55.82 -26.46
N GLN S 181 73.84 -55.42 -25.22
CA GLN S 181 72.90 -55.61 -24.13
C GLN S 181 71.67 -54.68 -24.18
N ALA S 182 71.57 -53.84 -25.22
CA ALA S 182 70.47 -52.91 -25.45
C ALA S 182 70.40 -51.86 -24.35
N LEU S 183 71.55 -51.48 -23.82
CA LEU S 183 71.58 -50.49 -22.76
C LEU S 183 71.74 -49.10 -23.35
N PRO S 184 71.10 -48.09 -22.76
CA PRO S 184 71.20 -46.69 -23.09
C PRO S 184 72.49 -46.15 -22.51
N TYR S 185 73.16 -45.29 -23.23
CA TYR S 185 74.39 -44.73 -22.71
C TYR S 185 74.85 -43.54 -23.53
N SER S 186 75.83 -42.84 -23.00
CA SER S 186 76.42 -41.75 -23.75
C SER S 186 77.93 -41.79 -23.54
N ARG S 187 78.65 -41.93 -24.63
CA ARG S 187 80.11 -42.05 -24.62
C ARG S 187 80.80 -40.70 -24.42
N ARG S 188 81.89 -40.73 -23.66
CA ARG S 188 82.67 -39.55 -23.37
C ARG S 188 84.14 -39.74 -23.70
N ASN S 189 84.52 -39.42 -24.92
CA ASN S 189 85.92 -39.54 -25.29
C ASN S 189 86.68 -38.35 -24.76
N HIS S 190 87.85 -38.60 -24.19
CA HIS S 190 88.68 -37.52 -23.73
C HIS S 190 90.13 -37.93 -23.83
N LYS S 191 91.03 -36.98 -23.73
CA LYS S 191 92.42 -37.35 -23.83
C LYS S 191 92.78 -38.26 -22.67
N GLY S 192 93.31 -39.43 -23.00
CA GLY S 192 93.72 -40.38 -21.99
C GLY S 192 92.67 -41.42 -21.59
N GLY S 193 91.45 -41.33 -22.11
CA GLY S 193 90.47 -42.34 -21.70
C GLY S 193 89.07 -42.14 -22.26
N VAL S 194 88.14 -42.96 -21.80
CA VAL S 194 86.76 -42.85 -22.24
C VAL S 194 85.80 -43.27 -21.15
N THR S 195 84.72 -42.50 -20.99
CA THR S 195 83.73 -42.82 -19.98
C THR S 195 82.35 -43.09 -20.59
N PHE S 196 81.69 -44.12 -20.10
CA PHE S 196 80.37 -44.48 -20.60
C PHE S 196 79.30 -44.18 -19.55
N VAL S 197 78.55 -43.12 -19.81
CA VAL S 197 77.54 -42.65 -18.89
C VAL S 197 76.18 -43.28 -19.11
N ILE S 198 75.64 -43.86 -18.05
CA ILE S 198 74.32 -44.48 -18.12
C ILE S 198 73.38 -43.83 -17.13
N GLN S 199 72.48 -42.99 -17.61
CA GLN S 199 71.55 -42.28 -16.73
C GLN S 199 70.10 -42.59 -17.01
N GLY S 200 69.24 -42.11 -16.11
CA GLY S 200 67.81 -42.28 -16.23
C GLY S 200 67.31 -43.39 -15.34
N ALA S 201 65.99 -43.56 -15.32
CA ALA S 201 65.41 -44.64 -14.54
C ALA S 201 65.69 -45.94 -15.27
N LEU S 202 65.99 -46.98 -14.53
CA LEU S 202 66.31 -48.24 -15.15
C LEU S 202 65.43 -49.40 -14.70
N ASP S 203 65.11 -50.26 -15.64
CA ASP S 203 64.35 -51.47 -15.39
C ASP S 203 65.22 -52.47 -14.67
N ASP S 204 64.69 -53.15 -13.68
CA ASP S 204 65.48 -54.13 -12.93
C ASP S 204 66.23 -55.13 -13.82
N VAL S 205 65.65 -55.45 -14.99
CA VAL S 205 66.27 -56.39 -15.88
C VAL S 205 67.51 -55.80 -16.50
N GLU S 206 67.41 -54.59 -17.03
CA GLU S 206 68.56 -53.94 -17.63
C GLU S 206 69.60 -53.55 -16.60
N ILE S 207 69.20 -53.39 -15.35
CA ILE S 207 70.18 -53.11 -14.31
C ILE S 207 71.07 -54.32 -14.12
N LEU S 208 70.45 -55.50 -14.02
CA LEU S 208 71.20 -56.72 -13.87
C LEU S 208 72.16 -56.92 -15.03
N ARG S 209 71.66 -56.78 -16.25
CA ARG S 209 72.48 -56.94 -17.44
C ARG S 209 73.65 -55.99 -17.46
N ALA S 210 73.42 -54.74 -17.09
CA ALA S 210 74.46 -53.74 -17.09
C ALA S 210 75.58 -54.12 -16.18
N ARG S 211 75.27 -54.50 -14.95
CA ARG S 211 76.31 -54.86 -14.03
C ARG S 211 77.11 -56.05 -14.48
N GLN S 212 76.44 -57.08 -14.99
CA GLN S 212 77.14 -58.27 -15.44
C GLN S 212 78.19 -57.93 -16.49
N PHE S 213 77.79 -57.10 -17.45
CA PHE S 213 78.70 -56.67 -18.49
C PHE S 213 79.89 -55.90 -17.94
N VAL S 214 79.61 -54.92 -17.10
CA VAL S 214 80.65 -54.08 -16.54
C VAL S 214 81.67 -54.86 -15.75
N ASP S 215 81.19 -55.77 -14.89
CA ASP S 215 82.10 -56.58 -14.10
C ASP S 215 83.04 -57.39 -14.97
N SER S 216 82.52 -57.98 -16.05
CA SER S 216 83.36 -58.75 -16.94
C SER S 216 84.40 -57.91 -17.67
N TYR S 217 83.99 -56.74 -18.14
CA TYR S 217 84.92 -55.87 -18.84
C TYR S 217 86.05 -55.48 -17.91
N TYR S 218 85.69 -55.09 -16.69
CA TYR S 218 86.67 -54.73 -15.69
C TYR S 218 87.64 -55.86 -15.44
N ARG S 219 87.10 -57.05 -15.18
CA ARG S 219 87.92 -58.22 -14.93
C ARG S 219 88.98 -58.43 -16.01
N THR S 220 88.60 -58.24 -17.26
CA THR S 220 89.55 -58.44 -18.36
C THR S 220 90.51 -57.27 -18.55
N TRP S 221 89.98 -56.12 -18.93
CA TRP S 221 90.81 -54.98 -19.25
C TRP S 221 91.22 -54.12 -18.07
N GLY S 222 90.37 -54.05 -17.06
CA GLY S 222 90.67 -53.20 -15.91
C GLY S 222 90.02 -51.83 -16.13
N GLY S 223 90.02 -51.00 -15.10
CA GLY S 223 89.37 -49.69 -15.19
C GLY S 223 90.31 -48.49 -15.35
N ARG S 224 91.45 -48.67 -16.03
CA ARG S 224 92.37 -47.56 -16.19
C ARG S 224 92.15 -46.75 -17.47
N TYR S 225 91.41 -47.29 -18.41
CA TYR S 225 91.16 -46.59 -19.66
C TYR S 225 89.68 -46.37 -19.85
N VAL S 226 88.90 -47.44 -19.68
CA VAL S 226 87.46 -47.36 -19.79
C VAL S 226 86.81 -47.26 -18.43
N GLN S 227 86.04 -46.21 -18.24
CA GLN S 227 85.33 -45.99 -17.00
C GLN S 227 83.83 -46.03 -17.22
N PHE S 228 83.12 -46.84 -16.47
CA PHE S 228 81.68 -46.88 -16.62
C PHE S 228 81.03 -46.07 -15.52
N ALA S 229 79.87 -45.49 -15.80
CA ALA S 229 79.21 -44.63 -14.83
C ALA S 229 77.71 -44.86 -14.77
N ILE S 230 77.29 -45.85 -14.00
CA ILE S 230 75.87 -46.14 -13.86
C ILE S 230 75.25 -45.22 -12.83
N GLU S 231 74.25 -44.46 -13.25
CA GLU S 231 73.58 -43.51 -12.37
C GLU S 231 72.06 -43.66 -12.43
N LEU S 232 71.51 -44.34 -11.44
CA LEU S 232 70.08 -44.56 -11.34
C LEU S 232 69.38 -43.29 -10.89
N LYS S 233 68.64 -42.65 -11.82
CA LYS S 233 67.99 -41.38 -11.51
C LYS S 233 66.54 -41.29 -11.98
N ASP S 234 65.78 -40.39 -11.37
CA ASP S 234 64.39 -40.17 -11.75
C ASP S 234 64.26 -39.32 -12.99
N ASP S 235 63.23 -39.61 -13.77
CA ASP S 235 62.95 -38.88 -15.00
C ASP S 235 61.65 -38.08 -14.88
N ASP T 3 78.76 -88.73 14.03
CA ASP T 3 77.83 -88.75 15.16
C ASP T 3 77.66 -87.36 15.75
N LYS T 4 77.10 -86.46 14.97
CA LYS T 4 76.90 -85.09 15.44
C LYS T 4 75.43 -84.72 15.51
N ASP T 5 75.08 -83.92 16.50
CA ASP T 5 73.71 -83.46 16.62
C ASP T 5 73.51 -82.25 15.73
N LEU T 6 72.49 -82.30 14.88
CA LEU T 6 72.24 -81.19 13.97
C LEU T 6 71.01 -80.41 14.44
N LEU T 7 69.86 -81.08 14.48
CA LEU T 7 68.61 -80.43 14.91
C LEU T 7 67.90 -81.20 16.02
N LYS T 8 67.19 -80.48 16.88
CA LYS T 8 66.43 -81.11 17.96
C LYS T 8 65.07 -80.48 18.17
N GLY T 9 64.11 -81.27 18.65
CA GLY T 9 62.79 -80.75 18.95
C GLY T 9 61.94 -80.49 17.71
N LEU T 10 62.21 -81.22 16.64
CA LEU T 10 61.48 -81.01 15.41
C LEU T 10 60.15 -81.70 15.45
N ASP T 11 59.19 -81.15 14.72
CA ASP T 11 57.93 -81.85 14.64
C ASP T 11 58.07 -82.83 13.49
N GLN T 12 57.04 -83.62 13.25
CA GLN T 12 57.11 -84.64 12.22
C GLN T 12 57.38 -84.10 10.82
N GLU T 13 56.62 -83.08 10.43
CA GLU T 13 56.75 -82.48 9.11
C GLU T 13 58.14 -81.94 8.85
N GLN T 14 58.62 -81.13 9.79
CA GLN T 14 59.93 -80.50 9.70
C GLN T 14 61.00 -81.53 9.57
N ALA T 15 60.95 -82.56 10.41
CA ALA T 15 61.96 -83.60 10.39
C ALA T 15 62.07 -84.24 9.04
N ASN T 16 60.94 -84.62 8.46
CA ASN T 16 60.98 -85.26 7.15
C ASN T 16 61.43 -84.33 6.04
N GLU T 17 61.10 -83.04 6.14
CA GLU T 17 61.51 -82.10 5.12
C GLU T 17 63.01 -81.86 5.11
N VAL T 18 63.59 -81.69 6.30
CA VAL T 18 65.02 -81.47 6.40
C VAL T 18 65.79 -82.66 5.87
N ILE T 19 65.35 -83.85 6.24
CA ILE T 19 65.98 -85.06 5.78
C ILE T 19 65.97 -85.15 4.28
N ALA T 20 64.83 -84.85 3.66
CA ALA T 20 64.73 -84.89 2.21
C ALA T 20 65.82 -84.07 1.55
N VAL T 21 66.05 -82.85 2.06
CA VAL T 21 67.08 -81.98 1.52
C VAL T 21 68.47 -82.56 1.67
N LEU T 22 68.77 -83.09 2.84
CA LEU T 22 70.09 -83.64 3.09
C LEU T 22 70.39 -84.81 2.18
N GLN T 23 69.39 -85.66 1.95
CA GLN T 23 69.58 -86.80 1.08
C GLN T 23 69.80 -86.35 -0.34
N MET T 24 69.06 -85.34 -0.76
CA MET T 24 69.21 -84.78 -2.09
C MET T 24 70.64 -84.33 -2.34
N HIS T 25 71.28 -83.80 -1.31
CA HIS T 25 72.66 -83.37 -1.43
C HIS T 25 73.69 -84.41 -0.99
N ASN T 26 73.31 -85.68 -1.02
CA ASN T 26 74.20 -86.78 -0.70
C ASN T 26 74.65 -86.85 0.75
N ILE T 27 73.72 -86.64 1.67
CA ILE T 27 74.01 -86.74 3.10
C ILE T 27 73.02 -87.67 3.81
N GLU T 28 73.55 -88.73 4.42
CA GLU T 28 72.70 -89.64 5.21
C GLU T 28 72.28 -88.95 6.49
N ALA T 29 71.09 -89.24 6.97
CA ALA T 29 70.61 -88.61 8.20
C ALA T 29 69.75 -89.54 9.02
N ASN T 30 69.86 -89.43 10.34
CA ASN T 30 69.09 -90.26 11.23
C ASN T 30 67.96 -89.48 11.84
N LYS T 31 66.77 -90.07 11.89
CA LYS T 31 65.64 -89.44 12.56
C LYS T 31 65.41 -90.14 13.87
N ILE T 32 65.59 -89.42 14.96
CA ILE T 32 65.45 -90.01 16.28
C ILE T 32 64.20 -89.54 16.99
N ASP T 33 63.37 -90.50 17.35
CA ASP T 33 62.12 -90.23 18.06
C ASP T 33 62.35 -90.18 19.56
N SER T 34 62.26 -88.98 20.13
CA SER T 34 62.46 -88.81 21.58
C SER T 34 61.13 -88.57 22.30
N GLY T 35 60.05 -89.09 21.73
CA GLY T 35 58.74 -89.01 22.34
C GLY T 35 58.24 -87.59 22.38
N LYS T 36 57.82 -87.16 23.57
CA LYS T 36 57.28 -85.82 23.80
C LYS T 36 58.27 -84.71 23.48
N LEU T 37 59.55 -85.04 23.38
CA LEU T 37 60.55 -84.04 23.11
C LEU T 37 60.73 -83.79 21.61
N GLY T 38 60.03 -84.55 20.77
CA GLY T 38 60.10 -84.32 19.33
C GLY T 38 61.16 -85.17 18.64
N TYR T 39 61.53 -84.77 17.43
CA TYR T 39 62.51 -85.49 16.66
C TYR T 39 63.86 -84.81 16.63
N SER T 40 64.90 -85.62 16.52
CA SER T 40 66.24 -85.10 16.41
C SER T 40 66.91 -85.65 15.18
N ILE T 41 67.71 -84.81 14.54
CA ILE T 41 68.43 -85.25 13.35
C ILE T 41 69.91 -85.25 13.59
N THR T 42 70.53 -86.39 13.32
CA THR T 42 71.97 -86.52 13.49
C THR T 42 72.64 -86.98 12.21
N VAL T 43 73.89 -86.60 12.04
CA VAL T 43 74.64 -86.94 10.84
C VAL T 43 76.04 -87.43 11.13
N ALA T 44 76.64 -88.09 10.15
CA ALA T 44 78.00 -88.56 10.27
C ALA T 44 78.93 -87.36 10.33
N GLU T 45 79.95 -87.44 11.18
CA GLU T 45 80.90 -86.36 11.34
C GLU T 45 81.54 -85.87 10.03
N PRO T 46 81.90 -86.75 9.08
CA PRO T 46 82.43 -86.40 7.75
C PRO T 46 81.50 -85.50 6.95
N ASP T 47 80.20 -85.61 7.16
CA ASP T 47 79.23 -84.81 6.42
C ASP T 47 78.80 -83.58 7.18
N PHE T 48 78.92 -83.62 8.50
CA PHE T 48 78.49 -82.54 9.38
C PHE T 48 78.74 -81.12 8.89
N THR T 49 79.93 -80.84 8.34
CA THR T 49 80.22 -79.49 7.86
C THR T 49 79.28 -79.11 6.74
N ALA T 50 79.13 -80.00 5.77
CA ALA T 50 78.26 -79.78 4.64
C ALA T 50 76.82 -79.68 5.09
N ALA T 51 76.44 -80.53 6.04
CA ALA T 51 75.08 -80.54 6.54
C ALA T 51 74.71 -79.18 7.09
N VAL T 52 75.60 -78.60 7.89
CA VAL T 52 75.36 -77.28 8.45
C VAL T 52 75.20 -76.25 7.37
N TYR T 53 76.07 -76.30 6.37
CA TYR T 53 75.98 -75.37 5.26
C TYR T 53 74.60 -75.38 4.62
N TRP T 54 74.07 -76.58 4.37
CA TRP T 54 72.77 -76.71 3.73
C TRP T 54 71.61 -76.29 4.64
N ILE T 55 71.73 -76.51 5.95
CA ILE T 55 70.68 -76.04 6.87
C ILE T 55 70.54 -74.54 6.77
N LYS T 56 71.68 -73.87 6.67
CA LYS T 56 71.69 -72.44 6.47
C LYS T 56 71.07 -72.06 5.14
N THR T 57 71.60 -72.64 4.07
CA THR T 57 71.18 -72.36 2.71
C THR T 57 69.68 -72.44 2.49
N TYR T 58 69.06 -73.49 3.02
CA TYR T 58 67.64 -73.69 2.81
C TYR T 58 66.75 -73.22 3.94
N GLN T 59 67.23 -72.34 4.82
CA GLN T 59 66.39 -71.83 5.91
C GLN T 59 65.72 -72.94 6.70
N LEU T 60 66.48 -73.94 7.13
CA LEU T 60 65.88 -75.06 7.84
C LEU T 60 66.06 -74.95 9.35
N PRO T 61 65.15 -75.55 10.11
CA PRO T 61 63.93 -76.26 9.76
C PRO T 61 62.85 -75.28 9.31
N PRO T 62 61.90 -75.73 8.48
CA PRO T 62 60.79 -75.00 7.89
C PRO T 62 59.87 -74.34 8.90
N ARG T 63 59.32 -73.20 8.52
CA ARG T 63 58.35 -72.52 9.35
C ARG T 63 56.98 -73.09 9.02
N PRO T 64 55.97 -72.90 9.87
CA PRO T 64 54.60 -73.30 9.68
C PRO T 64 53.96 -72.42 8.61
N ARG T 65 53.01 -72.98 7.88
CA ARG T 65 52.39 -72.27 6.78
C ARG T 65 51.46 -71.16 7.26
N VAL T 66 51.61 -69.99 6.63
CA VAL T 66 50.83 -68.81 6.99
C VAL T 66 49.60 -68.64 6.13
N GLU T 67 48.46 -68.52 6.81
CA GLU T 67 47.17 -68.33 6.18
C GLU T 67 46.50 -67.14 6.85
N ILE T 68 45.78 -66.34 6.09
CA ILE T 68 45.21 -65.09 6.59
C ILE T 68 44.29 -65.24 7.78
N ALA T 69 43.42 -66.24 7.75
CA ALA T 69 42.46 -66.46 8.83
C ALA T 69 43.11 -66.70 10.18
N GLN T 70 44.39 -67.04 10.21
CA GLN T 70 45.06 -67.31 11.46
C GLN T 70 45.19 -66.06 12.30
N MET T 71 45.05 -64.88 11.69
CA MET T 71 45.15 -63.64 12.43
C MET T 71 43.82 -62.96 12.70
N PHE T 72 42.72 -63.62 12.42
CA PHE T 72 41.41 -63.05 12.70
C PHE T 72 40.50 -64.15 13.18
N PRO T 73 40.77 -64.73 14.35
CA PRO T 73 40.12 -65.89 14.94
C PRO T 73 38.69 -65.63 15.41
N ALA T 74 37.89 -66.68 15.35
CA ALA T 74 36.48 -66.64 15.75
C ALA T 74 36.31 -66.57 17.25
N ASP T 75 37.39 -66.78 17.98
CA ASP T 75 37.37 -66.71 19.42
C ASP T 75 37.17 -65.28 19.93
N SER T 76 37.33 -64.28 19.06
CA SER T 76 37.12 -62.91 19.50
C SER T 76 35.67 -62.70 19.91
N LEU T 77 35.50 -61.92 20.97
CA LEU T 77 34.18 -61.62 21.51
C LEU T 77 33.37 -60.74 20.56
N VAL T 78 34.06 -59.96 19.75
CA VAL T 78 33.44 -59.07 18.80
C VAL T 78 34.06 -59.27 17.43
N SER T 79 33.42 -58.74 16.41
CA SER T 79 33.94 -58.85 15.06
C SER T 79 33.68 -57.57 14.30
N SER T 80 34.26 -57.48 13.13
CA SER T 80 34.08 -56.32 12.29
C SER T 80 34.00 -56.81 10.87
N PRO T 81 33.34 -56.05 9.98
CA PRO T 81 33.19 -56.30 8.56
C PRO T 81 34.54 -56.59 7.94
N ARG T 82 35.54 -55.84 8.36
CA ARG T 82 36.88 -56.00 7.87
C ARG T 82 37.39 -57.38 8.16
N ALA T 83 37.29 -57.79 9.43
CA ALA T 83 37.76 -59.09 9.84
C ALA T 83 36.99 -60.22 9.17
N GLU T 84 35.67 -60.08 9.12
CA GLU T 84 34.85 -61.14 8.56
C GLU T 84 35.10 -61.35 7.09
N LYS T 85 35.26 -60.27 6.33
CA LYS T 85 35.51 -60.41 4.91
C LYS T 85 36.86 -61.07 4.69
N ALA T 86 37.86 -60.71 5.51
CA ALA T 86 39.17 -61.32 5.41
C ALA T 86 39.11 -62.81 5.68
N ARG T 87 38.36 -63.21 6.70
CA ARG T 87 38.21 -64.62 7.05
C ARG T 87 37.65 -65.40 5.90
N LEU T 88 36.64 -64.86 5.25
CA LEU T 88 36.04 -65.54 4.12
C LEU T 88 37.02 -65.76 3.00
N TYR T 89 37.74 -64.72 2.61
CA TYR T 89 38.69 -64.86 1.52
C TYR T 89 39.76 -65.87 1.81
N SER T 90 40.19 -65.95 3.06
CA SER T 90 41.20 -66.91 3.44
C SER T 90 40.72 -68.32 3.15
N ALA T 91 39.49 -68.60 3.55
CA ALA T 91 38.89 -69.90 3.31
C ALA T 91 38.78 -70.20 1.84
N ILE T 92 38.39 -69.20 1.06
CA ILE T 92 38.25 -69.39 -0.37
C ILE T 92 39.57 -69.76 -1.03
N GLU T 93 40.66 -69.09 -0.67
CA GLU T 93 41.94 -69.46 -1.26
C GLU T 93 42.27 -70.89 -0.97
N GLN T 94 42.05 -71.31 0.28
CA GLN T 94 42.33 -72.69 0.67
C GLN T 94 41.52 -73.67 -0.13
N ARG T 95 40.27 -73.36 -0.33
CA ARG T 95 39.36 -74.23 -1.04
C ARG T 95 39.75 -74.34 -2.51
N LEU T 96 40.20 -73.24 -3.11
CA LEU T 96 40.66 -73.29 -4.48
C LEU T 96 41.93 -74.13 -4.62
N GLU T 97 42.81 -74.07 -3.63
CA GLU T 97 44.01 -74.89 -3.67
C GLU T 97 43.66 -76.36 -3.61
N GLN T 98 42.68 -76.68 -2.76
CA GLN T 98 42.24 -78.05 -2.64
C GLN T 98 41.70 -78.58 -3.97
N SER T 99 41.04 -77.70 -4.73
CA SER T 99 40.51 -78.11 -6.02
C SER T 99 41.57 -78.30 -7.09
N LEU T 100 42.51 -77.36 -7.21
CA LEU T 100 43.51 -77.48 -8.27
C LEU T 100 44.38 -78.69 -8.11
N GLN T 101 44.64 -79.09 -6.87
CA GLN T 101 45.49 -80.24 -6.64
C GLN T 101 44.83 -81.58 -7.01
N THR T 102 43.56 -81.57 -7.42
CA THR T 102 42.91 -82.79 -7.85
C THR T 102 42.89 -82.91 -9.37
N MET T 103 43.38 -81.88 -10.08
CA MET T 103 43.41 -81.96 -11.53
C MET T 103 44.48 -82.93 -11.99
N GLU T 104 44.20 -83.58 -13.11
CA GLU T 104 45.11 -84.56 -13.67
C GLU T 104 46.48 -83.98 -13.96
N GLY T 105 47.50 -84.63 -13.40
CA GLY T 105 48.88 -84.23 -13.62
C GLY T 105 49.39 -83.21 -12.62
N VAL T 106 48.53 -82.67 -11.78
CA VAL T 106 48.99 -81.67 -10.82
C VAL T 106 49.46 -82.31 -9.55
N LEU T 107 50.68 -81.98 -9.16
CA LEU T 107 51.28 -82.51 -7.95
C LEU T 107 51.12 -81.53 -6.82
N SER T 108 51.22 -80.25 -7.13
CA SER T 108 51.07 -79.22 -6.11
C SER T 108 50.61 -77.90 -6.69
N ALA T 109 49.83 -77.16 -5.93
CA ALA T 109 49.38 -75.86 -6.42
C ALA T 109 49.06 -74.89 -5.31
N ARG T 110 49.34 -73.61 -5.55
CA ARG T 110 49.07 -72.54 -4.58
C ARG T 110 48.24 -71.44 -5.23
N VAL T 111 47.34 -70.84 -4.46
CA VAL T 111 46.43 -69.82 -4.99
C VAL T 111 46.34 -68.56 -4.15
N HIS T 112 46.39 -67.42 -4.81
CA HIS T 112 46.24 -66.13 -4.14
C HIS T 112 45.09 -65.34 -4.72
N ILE T 113 44.40 -64.60 -3.86
CA ILE T 113 43.33 -63.74 -4.32
C ILE T 113 43.53 -62.38 -3.72
N SER T 114 43.26 -61.34 -4.49
CA SER T 114 43.43 -60.00 -3.96
C SER T 114 42.40 -59.72 -2.88
N TYR T 115 42.71 -58.76 -2.01
CA TYR T 115 41.82 -58.42 -0.90
C TYR T 115 41.28 -57.02 -1.04
N ASP T 116 40.20 -56.77 -0.33
CA ASP T 116 39.52 -55.48 -0.32
C ASP T 116 39.21 -55.15 1.11
N ILE T 117 39.96 -54.22 1.65
CA ILE T 117 39.85 -53.88 3.04
C ILE T 117 39.10 -52.59 3.32
N ASP T 118 38.99 -51.71 2.34
CA ASP T 118 38.29 -50.47 2.63
C ASP T 118 37.62 -49.77 1.45
N ALA T 119 37.11 -50.52 0.46
CA ALA T 119 36.39 -49.86 -0.63
C ALA T 119 35.11 -49.20 -0.09
N GLY T 120 34.14 -50.02 0.31
CA GLY T 120 32.87 -49.54 0.86
C GLY T 120 33.08 -48.59 2.04
N GLU T 121 34.09 -48.87 2.86
CA GLU T 121 34.48 -48.03 3.97
C GLU T 121 34.68 -46.57 3.59
N ASN T 122 35.23 -46.35 2.39
CA ASN T 122 35.50 -45.01 1.91
C ASN T 122 34.41 -44.49 0.97
N GLY T 123 33.27 -45.18 0.90
CA GLY T 123 32.19 -44.76 0.01
C GLY T 123 32.47 -45.15 -1.43
N ARG T 124 33.44 -46.04 -1.65
CA ARG T 124 33.81 -46.46 -2.98
C ARG T 124 33.26 -47.81 -3.36
N PRO T 125 33.07 -48.07 -4.65
CA PRO T 125 32.69 -49.32 -5.23
C PRO T 125 33.91 -50.24 -5.13
N PRO T 126 33.69 -51.54 -5.12
CA PRO T 126 34.69 -52.60 -5.01
C PRO T 126 35.53 -52.68 -6.26
N LYS T 127 36.75 -53.17 -6.11
CA LYS T 127 37.66 -53.31 -7.22
C LYS T 127 37.57 -54.70 -7.82
N PRO T 128 37.99 -54.87 -9.07
CA PRO T 128 38.09 -56.12 -9.80
C PRO T 128 38.96 -57.08 -9.03
N VAL T 129 38.65 -58.35 -9.14
CA VAL T 129 39.41 -59.34 -8.39
C VAL T 129 40.60 -59.86 -9.16
N HIS T 130 41.74 -59.92 -8.50
CA HIS T 130 42.93 -60.44 -9.14
C HIS T 130 43.26 -61.81 -8.59
N LEU T 131 43.72 -62.70 -9.46
CA LEU T 131 44.08 -64.03 -9.04
C LEU T 131 45.45 -64.42 -9.53
N SER T 132 46.15 -65.21 -8.76
CA SER T 132 47.42 -65.72 -9.23
C SER T 132 47.61 -67.12 -8.71
N ALA T 133 48.37 -67.93 -9.42
CA ALA T 133 48.55 -69.29 -8.96
C ALA T 133 49.83 -69.91 -9.43
N LEU T 134 50.31 -70.86 -8.63
CA LEU T 134 51.52 -71.60 -8.93
C LEU T 134 51.18 -73.06 -9.08
N ALA T 135 51.86 -73.75 -9.98
CA ALA T 135 51.57 -75.18 -10.10
C ALA T 135 52.76 -76.02 -10.51
N VAL T 136 52.79 -77.24 -9.99
CA VAL T 136 53.81 -78.22 -10.28
C VAL T 136 53.18 -79.44 -10.91
N TYR T 137 53.67 -79.81 -12.09
CA TYR T 137 53.16 -80.95 -12.81
C TYR T 137 54.07 -82.14 -12.89
N GLU T 138 53.46 -83.28 -13.18
CA GLU T 138 54.20 -84.51 -13.41
C GLU T 138 55.12 -84.31 -14.60
N ARG T 139 56.38 -84.65 -14.42
CA ARG T 139 57.38 -84.47 -15.45
C ARG T 139 57.00 -85.12 -16.77
N GLY T 140 57.12 -84.35 -17.84
CA GLY T 140 56.80 -84.79 -19.20
C GLY T 140 55.43 -84.30 -19.68
N SER T 141 54.66 -83.72 -18.77
CA SER T 141 53.33 -83.18 -19.07
C SER T 141 53.41 -81.91 -19.96
N PRO T 142 52.45 -81.69 -20.87
CA PRO T 142 52.33 -80.58 -21.83
C PRO T 142 51.82 -79.27 -21.21
N LEU T 143 52.64 -78.71 -20.33
CA LEU T 143 52.37 -77.49 -19.57
C LEU T 143 51.80 -76.31 -20.37
N ALA T 144 52.28 -76.15 -21.59
CA ALA T 144 51.87 -75.04 -22.45
C ALA T 144 50.39 -75.05 -22.81
N HIS T 145 49.72 -76.18 -22.60
CA HIS T 145 48.31 -76.28 -22.94
C HIS T 145 47.48 -76.39 -21.68
N GLN T 146 48.04 -77.07 -20.69
CA GLN T 146 47.39 -77.30 -19.41
C GLN T 146 47.07 -76.01 -18.68
N ILE T 147 47.94 -75.02 -18.83
CA ILE T 147 47.74 -73.71 -18.27
C ILE T 147 46.39 -73.07 -18.63
N SER T 148 45.78 -73.46 -19.75
CA SER T 148 44.52 -72.88 -20.15
C SER T 148 43.34 -73.44 -19.35
N ASP T 149 43.48 -74.64 -18.80
CA ASP T 149 42.42 -75.21 -17.99
C ASP T 149 42.35 -74.49 -16.68
N ILE T 150 43.53 -74.23 -16.12
CA ILE T 150 43.60 -73.54 -14.86
C ILE T 150 42.97 -72.20 -14.96
N LYS T 151 43.35 -71.47 -16.00
CA LYS T 151 42.88 -70.14 -16.20
C LYS T 151 41.37 -70.07 -16.45
N ARG T 152 40.84 -71.02 -17.23
CA ARG T 152 39.41 -71.04 -17.49
C ARG T 152 38.61 -71.37 -16.24
N PHE T 153 39.10 -72.36 -15.50
CA PHE T 153 38.47 -72.77 -14.27
C PHE T 153 38.37 -71.63 -13.30
N LEU T 154 39.48 -70.93 -13.08
CA LEU T 154 39.49 -69.83 -12.16
C LEU T 154 38.62 -68.68 -12.63
N LYS T 155 38.57 -68.43 -13.93
CA LYS T 155 37.78 -67.33 -14.45
C LYS T 155 36.33 -67.36 -13.99
N ASN T 156 35.67 -68.50 -14.08
CA ASN T 156 34.29 -68.54 -13.61
C ASN T 156 34.15 -69.04 -12.18
N SER T 157 35.24 -69.02 -11.41
CA SER T 157 35.20 -69.42 -10.01
C SER T 157 35.05 -68.21 -9.11
N PHE T 158 34.82 -67.03 -9.67
CA PHE T 158 34.69 -65.89 -8.81
C PHE T 158 33.95 -64.73 -9.48
N ALA T 159 33.12 -64.08 -8.70
CA ALA T 159 32.20 -62.99 -9.09
C ALA T 159 32.64 -62.11 -10.25
N ASP T 160 33.88 -61.62 -10.25
CA ASP T 160 34.26 -60.74 -11.34
C ASP T 160 35.77 -60.68 -11.60
N VAL T 161 36.22 -61.59 -12.44
CA VAL T 161 37.61 -61.63 -12.87
C VAL T 161 37.63 -61.67 -14.38
N ASP T 162 38.82 -61.66 -14.95
CA ASP T 162 38.94 -61.74 -16.40
C ASP T 162 40.27 -62.34 -16.79
N TYR T 163 40.47 -62.62 -18.07
CA TYR T 163 41.69 -63.29 -18.51
C TYR T 163 42.95 -62.42 -18.47
N ASP T 164 42.83 -61.15 -18.14
CA ASP T 164 44.00 -60.31 -18.03
C ASP T 164 44.41 -60.12 -16.58
N ASN T 165 43.54 -60.50 -15.65
CA ASN T 165 43.83 -60.34 -14.25
C ASN T 165 44.02 -61.66 -13.53
N ILE T 166 44.31 -62.70 -14.29
CA ILE T 166 44.61 -64.02 -13.75
C ILE T 166 45.97 -64.47 -14.24
N SER T 167 46.91 -64.67 -13.31
CA SER T 167 48.23 -65.09 -13.73
C SER T 167 48.62 -66.46 -13.23
N VAL T 168 49.15 -67.28 -14.12
CA VAL T 168 49.57 -68.62 -13.74
C VAL T 168 51.01 -68.88 -14.10
N VAL T 169 51.80 -69.24 -13.11
CA VAL T 169 53.20 -69.56 -13.29
C VAL T 169 53.39 -71.01 -12.87
N LEU T 170 53.97 -71.80 -13.74
CA LEU T 170 54.08 -73.21 -13.44
C LEU T 170 55.28 -73.90 -14.03
N SER T 171 55.51 -75.13 -13.56
CA SER T 171 56.61 -75.96 -14.03
C SER T 171 56.35 -77.42 -13.70
N GLU T 172 57.41 -78.22 -13.65
CA GLU T 172 57.27 -79.64 -13.37
C GLU T 172 58.36 -80.12 -12.44
N ARG T 173 58.13 -81.28 -11.84
CA ARG T 173 59.08 -81.83 -10.88
C ARG T 173 60.43 -82.19 -11.48
N SER T 174 61.43 -82.27 -10.60
CA SER T 174 62.79 -82.65 -10.95
C SER T 174 62.99 -84.17 -10.95
N ASP T 175 64.21 -84.60 -11.29
CA ASP T 175 64.58 -86.02 -11.32
C ASP T 175 64.50 -86.58 -9.91
N ALA T 176 63.59 -87.53 -9.70
CA ALA T 176 63.33 -88.10 -8.38
C ALA T 176 64.56 -88.73 -7.74
N GLN T 177 64.77 -88.41 -6.47
CA GLN T 177 65.90 -88.96 -5.75
C GLN T 177 65.53 -90.33 -5.23
N LEU T 178 65.79 -91.33 -6.05
CA LEU T 178 65.44 -92.70 -5.70
C LEU T 178 66.61 -93.53 -5.19
N GLN T 179 67.75 -92.89 -4.94
CA GLN T 179 68.94 -93.61 -4.49
C GLN T 179 69.48 -93.09 -3.18
N ALA T 180 69.94 -94.01 -2.33
CA ALA T 180 70.50 -93.61 -1.04
C ALA T 180 71.86 -92.94 -1.24
N PRO T 181 72.17 -91.89 -0.46
CA PRO T 181 73.43 -91.14 -0.42
C PRO T 181 74.68 -92.00 -0.20
N GLY T 182 74.60 -92.95 0.71
CA GLY T 182 75.71 -93.84 1.00
C GLY T 182 76.48 -93.36 2.22
N THR T 183 77.22 -94.26 2.83
CA THR T 183 78.01 -93.94 4.01
C THR T 183 79.38 -93.40 3.63
N PRO T 184 80.10 -92.79 4.56
CA PRO T 184 81.45 -92.28 4.43
C PRO T 184 82.44 -93.42 4.37
N VAL T 185 83.58 -93.17 3.74
CA VAL T 185 84.60 -94.20 3.62
C VAL T 185 85.52 -94.24 4.80
N LYS T 186 85.44 -95.31 5.57
CA LYS T 186 86.29 -95.53 6.73
C LYS T 186 86.00 -96.88 7.35
N ALA U 42 89.19 -98.71 -3.02
CA ALA U 42 88.04 -97.81 -3.11
C ALA U 42 87.87 -97.32 -4.53
N GLU U 43 87.53 -98.22 -5.44
CA GLU U 43 87.32 -97.84 -6.83
C GLU U 43 86.26 -96.76 -6.93
N LEU U 44 86.61 -95.67 -7.60
CA LEU U 44 85.73 -94.51 -7.74
C LEU U 44 84.35 -94.86 -8.26
N ASP U 45 84.26 -95.81 -9.18
CA ASP U 45 82.97 -96.23 -9.72
C ASP U 45 82.05 -96.75 -8.63
N SER U 46 82.60 -97.39 -7.60
CA SER U 46 81.79 -97.91 -6.52
C SER U 46 81.53 -96.83 -5.48
N LEU U 47 82.39 -95.81 -5.45
CA LEU U 47 82.19 -94.70 -4.52
C LEU U 47 81.02 -93.81 -4.96
N LEU U 48 80.86 -93.66 -6.27
CA LEU U 48 79.76 -92.90 -6.83
C LEU U 48 78.45 -93.70 -6.74
N GLY U 49 77.32 -92.98 -6.80
CA GLY U 49 75.96 -93.52 -6.68
C GLY U 49 75.65 -94.88 -7.35
N GLN U 50 74.51 -95.48 -6.95
CA GLN U 50 74.06 -96.77 -7.46
C GLN U 50 73.90 -96.79 -8.96
N GLU U 51 73.31 -95.73 -9.50
CA GLU U 51 73.18 -95.64 -10.93
C GLU U 51 74.45 -95.05 -11.50
N LYS U 52 75.44 -95.91 -11.63
CA LYS U 52 76.76 -95.52 -12.12
C LYS U 52 76.76 -94.90 -13.51
N GLU U 53 75.69 -95.09 -14.26
CA GLU U 53 75.59 -94.57 -15.60
C GLU U 53 75.29 -93.07 -15.64
N ARG U 54 75.17 -92.44 -14.47
CA ARG U 54 74.98 -91.00 -14.41
C ARG U 54 76.31 -90.27 -14.54
N PHE U 55 77.42 -90.99 -14.39
CA PHE U 55 78.72 -90.34 -14.44
C PHE U 55 79.66 -90.99 -15.42
N GLN U 56 80.51 -90.20 -16.03
CA GLN U 56 81.52 -90.76 -16.91
C GLN U 56 82.89 -90.48 -16.34
N VAL U 57 83.52 -91.51 -15.79
CA VAL U 57 84.84 -91.34 -15.24
C VAL U 57 85.87 -91.35 -16.34
N LEU U 58 86.76 -90.34 -16.31
CA LEU U 58 87.75 -90.14 -17.33
C LEU U 58 89.17 -90.19 -16.74
N PRO U 59 90.13 -90.73 -17.48
CA PRO U 59 91.51 -90.84 -16.97
C PRO U 59 92.41 -89.82 -17.62
N GLY U 60 92.60 -88.67 -16.97
CA GLY U 60 93.41 -87.61 -17.54
C GLY U 60 94.90 -87.96 -17.59
N ARG U 61 95.59 -87.40 -18.58
CA ARG U 61 97.01 -87.65 -18.77
C ARG U 61 97.87 -86.99 -17.67
N ASP U 62 97.25 -86.10 -16.91
CA ASP U 62 97.89 -85.43 -15.79
C ASP U 62 97.79 -86.22 -14.48
N LYS U 63 97.38 -87.50 -14.57
CA LYS U 63 97.22 -88.40 -13.43
C LYS U 63 96.05 -88.03 -12.52
N MET U 64 95.13 -87.22 -13.05
CA MET U 64 93.94 -86.86 -12.31
C MET U 64 92.76 -87.61 -12.88
N LEU U 65 92.01 -88.23 -12.01
CA LEU U 65 90.86 -89.00 -12.43
C LEU U 65 89.66 -88.05 -12.43
N TYR U 66 89.06 -87.86 -13.58
CA TYR U 66 87.98 -86.90 -13.71
C TYR U 66 86.60 -87.52 -13.67
N VAL U 67 85.64 -86.78 -13.14
CA VAL U 67 84.26 -87.25 -13.10
C VAL U 67 83.36 -86.35 -13.90
N ALA U 68 82.96 -86.78 -15.08
CA ALA U 68 82.10 -85.94 -15.88
C ALA U 68 80.65 -86.09 -15.47
N ALA U 69 80.05 -84.97 -15.10
CA ALA U 69 78.65 -84.93 -14.70
C ALA U 69 77.85 -84.10 -15.69
N GLN U 70 76.60 -84.50 -15.91
CA GLN U 70 75.74 -83.83 -16.87
C GLN U 70 74.81 -82.80 -16.24
N ASN U 71 74.83 -82.70 -14.93
CA ASN U 71 73.94 -81.78 -14.23
C ASN U 71 74.53 -81.33 -12.92
N GLU U 72 74.30 -80.07 -12.56
CA GLU U 72 74.83 -79.52 -11.31
C GLU U 72 74.44 -80.29 -10.06
N ARG U 73 73.36 -81.07 -10.10
CA ARG U 73 72.99 -81.89 -8.95
C ARG U 73 73.92 -83.07 -8.84
N ASP U 74 74.42 -83.53 -9.98
CA ASP U 74 75.31 -84.67 -10.02
C ASP U 74 76.70 -84.16 -9.77
N THR U 75 76.96 -82.93 -10.18
CA THR U 75 78.23 -82.28 -9.92
C THR U 75 78.44 -82.22 -8.43
N LEU U 76 77.44 -81.72 -7.72
CA LEU U 76 77.52 -81.64 -6.27
C LEU U 76 77.60 -83.01 -5.64
N TRP U 77 76.83 -83.97 -6.16
CA TRP U 77 76.87 -85.32 -5.64
C TRP U 77 78.29 -85.85 -5.59
N ALA U 78 78.96 -85.79 -6.74
CA ALA U 78 80.33 -86.26 -6.88
C ALA U 78 81.30 -85.48 -5.99
N ARG U 79 81.11 -84.17 -5.87
CA ARG U 79 81.98 -83.37 -5.02
C ARG U 79 81.84 -83.79 -3.58
N GLN U 80 80.62 -84.10 -3.15
CA GLN U 80 80.40 -84.56 -1.80
C GLN U 80 81.07 -85.89 -1.59
N VAL U 81 81.05 -86.75 -2.60
CA VAL U 81 81.75 -88.04 -2.49
C VAL U 81 83.23 -87.84 -2.24
N LEU U 82 83.84 -86.95 -2.99
CA LEU U 82 85.27 -86.70 -2.84
C LEU U 82 85.61 -86.10 -1.47
N ALA U 83 84.74 -85.24 -0.94
CA ALA U 83 84.98 -84.65 0.37
C ALA U 83 84.60 -85.58 1.54
N ARG U 84 83.56 -86.39 1.35
CA ARG U 84 83.05 -87.30 2.37
C ARG U 84 83.88 -88.56 2.49
N GLY U 85 84.04 -89.24 1.37
CA GLY U 85 84.78 -90.48 1.33
C GLY U 85 86.22 -90.20 1.02
N ASP U 86 86.86 -91.15 0.36
CA ASP U 86 88.25 -90.94 0.05
C ASP U 86 88.67 -91.76 -1.15
N TYR U 87 89.72 -91.31 -1.77
CA TYR U 87 90.32 -91.94 -2.90
C TYR U 87 91.74 -91.41 -3.04
N ASP U 88 92.72 -92.26 -2.82
CA ASP U 88 94.11 -91.84 -2.86
C ASP U 88 94.62 -91.59 -4.27
N LYS U 89 94.21 -90.47 -4.84
CA LYS U 89 94.60 -90.06 -6.17
C LYS U 89 93.95 -88.74 -6.55
N ASN U 90 94.68 -87.95 -7.32
CA ASN U 90 94.14 -86.68 -7.79
C ASN U 90 92.80 -86.94 -8.47
N ALA U 91 91.84 -86.06 -8.20
CA ALA U 91 90.53 -86.21 -8.79
C ALA U 91 89.84 -84.87 -8.93
N ARG U 92 88.97 -84.76 -9.93
CA ARG U 92 88.28 -83.50 -10.16
C ARG U 92 87.00 -83.67 -10.97
N VAL U 93 85.92 -83.10 -10.47
CA VAL U 93 84.62 -83.19 -11.12
C VAL U 93 84.49 -82.20 -12.28
N ILE U 94 84.05 -82.70 -13.42
CA ILE U 94 83.83 -81.92 -14.63
C ILE U 94 82.39 -81.53 -14.85
N ASN U 95 82.19 -80.27 -15.18
CA ASN U 95 80.88 -79.72 -15.48
C ASN U 95 80.93 -78.93 -16.76
N GLU U 96 80.19 -79.39 -17.76
CA GLU U 96 80.15 -78.80 -19.10
C GLU U 96 80.16 -77.28 -19.14
N ASN U 97 79.29 -76.64 -18.37
CA ASN U 97 79.24 -75.19 -18.37
C ASN U 97 80.43 -74.58 -17.65
N GLU U 98 80.87 -75.21 -16.57
CA GLU U 98 81.99 -74.66 -15.83
C GLU U 98 83.25 -74.74 -16.65
N GLU U 99 83.40 -75.81 -17.43
CA GLU U 99 84.57 -75.97 -18.26
C GLU U 99 84.52 -75.05 -19.44
N ASN U 100 83.33 -74.84 -19.99
CA ASN U 100 83.19 -73.93 -21.09
C ASN U 100 83.67 -72.56 -20.65
N LYS U 101 83.25 -72.15 -19.43
CA LYS U 101 83.66 -70.87 -18.87
C LYS U 101 85.15 -70.80 -18.57
N ARG U 102 85.71 -71.83 -17.95
CA ARG U 102 87.14 -71.84 -17.62
C ARG U 102 87.98 -71.60 -18.85
N ILE U 103 87.64 -72.30 -19.93
CA ILE U 103 88.34 -72.16 -21.17
C ILE U 103 88.19 -70.77 -21.74
N SER U 104 86.95 -70.25 -21.75
CA SER U 104 86.73 -68.94 -22.33
C SER U 104 87.54 -67.85 -21.64
N ILE U 105 87.82 -68.02 -20.35
CA ILE U 105 88.63 -67.04 -19.63
C ILE U 105 90.04 -67.01 -20.16
N TRP U 106 90.67 -68.18 -20.20
CA TRP U 106 92.02 -68.31 -20.69
C TRP U 106 92.11 -67.86 -22.12
N LEU U 107 91.14 -68.28 -22.90
CA LEU U 107 91.08 -68.02 -24.31
C LEU U 107 91.01 -66.54 -24.58
N ASP U 108 90.19 -65.80 -23.83
CA ASP U 108 90.14 -64.35 -24.04
C ASP U 108 91.48 -63.67 -23.78
N THR U 109 92.21 -64.11 -22.75
CA THR U 109 93.52 -63.52 -22.44
C THR U 109 94.57 -63.76 -23.50
N TYR U 110 94.68 -65.00 -23.96
CA TYR U 110 95.71 -65.34 -24.93
C TYR U 110 95.30 -65.13 -26.38
N TYR U 111 94.02 -65.30 -26.66
CA TYR U 111 93.48 -65.03 -27.98
C TYR U 111 92.33 -64.04 -27.94
N PRO U 112 92.59 -62.78 -27.60
CA PRO U 112 91.63 -61.70 -27.53
C PRO U 112 91.13 -61.45 -28.92
N GLN U 113 89.89 -61.02 -29.00
CA GLN U 113 89.19 -60.77 -30.26
C GLN U 113 88.83 -62.04 -31.05
N LEU U 114 89.13 -63.24 -30.51
CA LEU U 114 88.76 -64.45 -31.22
C LEU U 114 87.24 -64.58 -31.24
N ALA U 115 86.67 -64.77 -32.42
CA ALA U 115 85.22 -64.89 -32.52
C ALA U 115 84.80 -66.35 -32.48
N TYR U 116 84.11 -66.75 -31.44
CA TYR U 116 83.70 -68.14 -31.30
C TYR U 116 82.36 -68.26 -30.59
N TYR U 117 81.81 -69.47 -30.61
CA TYR U 117 80.49 -69.73 -30.04
C TYR U 117 80.51 -70.53 -28.75
N ARG U 118 80.62 -71.85 -28.86
CA ARG U 118 80.57 -72.66 -27.67
C ARG U 118 81.22 -74.01 -27.89
N ILE U 119 81.82 -74.54 -26.82
CA ILE U 119 82.44 -75.85 -26.92
C ILE U 119 81.44 -76.93 -26.56
N HIS U 120 81.28 -77.89 -27.46
CA HIS U 120 80.38 -79.00 -27.27
C HIS U 120 81.15 -80.18 -26.78
N PHE U 121 81.00 -80.49 -25.51
CA PHE U 121 81.80 -81.53 -24.93
C PHE U 121 81.32 -82.92 -25.31
N ASP U 122 80.00 -83.14 -25.32
CA ASP U 122 79.37 -84.42 -25.73
C ASP U 122 80.22 -85.65 -25.43
N GLU U 123 81.11 -86.00 -26.37
CA GLU U 123 82.03 -87.10 -26.20
C GLU U 123 83.37 -86.61 -25.67
N PRO U 124 83.51 -86.50 -24.32
CA PRO U 124 84.70 -85.99 -23.60
C PRO U 124 86.01 -85.99 -24.38
N ARG U 125 86.36 -87.14 -24.93
CA ARG U 125 87.58 -87.37 -25.68
C ARG U 125 87.85 -86.38 -26.81
N LYS U 126 86.80 -86.02 -27.52
CA LYS U 126 86.91 -85.15 -28.68
C LYS U 126 85.82 -84.10 -28.71
N PRO U 127 85.92 -83.03 -27.91
CA PRO U 127 85.00 -81.93 -27.82
C PRO U 127 85.10 -81.12 -29.10
N VAL U 128 84.00 -80.48 -29.46
CA VAL U 128 83.93 -79.70 -30.69
C VAL U 128 83.91 -78.22 -30.38
N PHE U 129 84.76 -77.48 -31.06
CA PHE U 129 84.86 -76.06 -30.82
C PHE U 129 84.23 -75.27 -31.96
N TRP U 130 83.09 -74.63 -31.71
CA TRP U 130 82.51 -73.83 -32.79
C TRP U 130 83.19 -72.47 -32.87
N LEU U 131 83.66 -72.16 -34.07
CA LEU U 131 84.42 -70.95 -34.38
C LEU U 131 83.72 -70.14 -35.47
N SER U 132 83.66 -68.82 -35.34
CA SER U 132 82.98 -68.03 -36.38
C SER U 132 83.72 -68.08 -37.72
N ARG U 133 83.10 -68.75 -38.69
CA ARG U 133 83.67 -68.89 -40.02
C ARG U 133 83.93 -67.56 -40.71
N GLN U 134 82.97 -66.66 -40.60
CA GLN U 134 83.04 -65.39 -41.28
C GLN U 134 83.90 -64.34 -40.60
N ARG U 135 83.89 -64.30 -39.27
CA ARG U 135 84.68 -63.28 -38.59
C ARG U 135 86.16 -63.61 -38.39
N ASN U 136 86.51 -64.88 -38.36
CA ASN U 136 87.92 -65.21 -38.16
C ASN U 136 88.65 -65.41 -39.47
N THR U 137 89.89 -64.92 -39.52
CA THR U 137 90.73 -65.02 -40.71
C THR U 137 92.03 -65.76 -40.43
N MET U 138 92.01 -66.62 -39.40
CA MET U 138 93.19 -67.38 -39.01
C MET U 138 93.57 -68.39 -40.08
N SER U 139 94.88 -68.62 -40.23
CA SER U 139 95.37 -69.58 -41.21
C SER U 139 95.22 -70.97 -40.64
N LYS U 140 95.31 -71.97 -41.51
CA LYS U 140 95.22 -73.35 -41.09
C LYS U 140 96.25 -73.70 -40.02
N LYS U 141 97.47 -73.18 -40.20
CA LYS U 141 98.54 -73.42 -39.26
C LYS U 141 98.23 -72.80 -37.91
N GLU U 142 97.68 -71.59 -37.95
CA GLU U 142 97.32 -70.91 -36.73
C GLU U 142 96.24 -71.67 -35.99
N LEU U 143 95.29 -72.23 -36.74
CA LEU U 143 94.23 -73.01 -36.15
C LEU U 143 94.77 -74.28 -35.52
N GLU U 144 95.80 -74.88 -36.15
CA GLU U 144 96.46 -76.04 -35.55
C GLU U 144 96.95 -75.70 -34.17
N VAL U 145 97.68 -74.60 -34.08
CA VAL U 145 98.25 -74.14 -32.82
C VAL U 145 97.17 -73.90 -31.79
N LEU U 146 96.09 -73.25 -32.21
CA LEU U 146 94.96 -72.99 -31.33
C LEU U 146 94.42 -74.27 -30.73
N SER U 147 94.20 -75.30 -31.56
CA SER U 147 93.68 -76.55 -31.04
C SER U 147 94.65 -77.19 -30.07
N GLN U 148 95.94 -77.00 -30.30
CA GLN U 148 96.94 -77.56 -29.40
C GLN U 148 96.89 -76.89 -28.04
N LYS U 149 96.63 -75.60 -28.02
CA LYS U 149 96.52 -74.89 -26.77
C LYS U 149 95.29 -75.36 -26.01
N LEU U 150 94.22 -75.61 -26.76
CA LEU U 150 93.00 -76.09 -26.16
C LEU U 150 93.21 -77.48 -25.57
N ARG U 151 94.01 -78.31 -26.25
CA ARG U 151 94.32 -79.64 -25.75
C ARG U 151 95.04 -79.52 -24.43
N ALA U 152 95.94 -78.55 -24.32
CA ALA U 152 96.66 -78.31 -23.07
C ALA U 152 95.68 -77.94 -21.96
N LEU U 153 94.66 -77.15 -22.29
CA LEU U 153 93.65 -76.76 -21.30
C LEU U 153 92.77 -77.90 -20.84
N MET U 154 92.64 -78.95 -21.64
CA MET U 154 91.82 -80.11 -21.32
C MET U 154 92.62 -81.44 -21.21
N PRO U 155 93.17 -81.73 -20.02
CA PRO U 155 93.97 -82.90 -19.62
C PRO U 155 93.39 -84.23 -20.04
N TYR U 156 92.08 -84.32 -20.14
CA TYR U 156 91.43 -85.57 -20.52
C TYR U 156 91.24 -85.72 -22.01
N ALA U 157 90.84 -84.64 -22.67
CA ALA U 157 90.59 -84.65 -24.09
C ALA U 157 91.81 -85.11 -24.84
N ASP U 158 91.60 -85.92 -25.87
CA ASP U 158 92.70 -86.41 -26.65
C ASP U 158 93.00 -85.45 -27.77
N SER U 159 91.96 -84.86 -28.33
CA SER U 159 92.13 -83.87 -29.40
C SER U 159 90.95 -82.93 -29.42
N VAL U 160 91.09 -81.83 -30.12
CA VAL U 160 90.02 -80.85 -30.21
C VAL U 160 89.58 -80.66 -31.64
N ASN U 161 88.29 -80.78 -31.89
CA ASN U 161 87.80 -80.61 -33.23
C ASN U 161 87.27 -79.21 -33.46
N ILE U 162 88.15 -78.33 -33.93
CA ILE U 162 87.73 -76.98 -34.25
C ILE U 162 87.03 -76.96 -35.59
N THR U 163 85.85 -76.36 -35.62
CA THR U 163 85.11 -76.27 -36.86
C THR U 163 84.50 -74.91 -36.99
N LEU U 164 84.35 -74.47 -38.23
CA LEU U 164 83.87 -73.13 -38.50
C LEU U 164 82.38 -73.12 -38.83
N MET U 165 81.64 -72.26 -38.13
CA MET U 165 80.20 -72.13 -38.30
C MET U 165 79.82 -70.83 -38.99
N ASP U 166 78.75 -70.86 -39.77
CA ASP U 166 78.32 -69.67 -40.48
C ASP U 166 77.37 -68.81 -39.64
N ASP U 167 77.84 -67.61 -39.29
CA ASP U 167 77.11 -66.64 -38.47
C ASP U 167 75.67 -66.42 -38.92
N VAL U 168 75.44 -66.48 -40.24
CA VAL U 168 74.13 -66.28 -40.80
C VAL U 168 73.15 -67.33 -40.36
N THR U 169 73.61 -68.58 -40.30
CA THR U 169 72.71 -69.66 -39.93
C THR U 169 72.38 -69.61 -38.46
N ALA U 170 73.31 -69.09 -37.66
CA ALA U 170 73.04 -68.93 -36.24
C ALA U 170 71.91 -67.94 -36.04
N ALA U 171 72.03 -66.79 -36.71
CA ALA U 171 71.01 -65.75 -36.62
C ALA U 171 69.69 -66.21 -37.21
N GLY U 172 69.77 -66.93 -38.33
CA GLY U 172 68.58 -67.43 -39.01
C GLY U 172 67.75 -68.32 -38.11
N GLN U 173 68.41 -69.25 -37.42
CA GLN U 173 67.69 -70.14 -36.53
C GLN U 173 67.08 -69.39 -35.36
N ALA U 174 67.81 -68.42 -34.82
CA ALA U 174 67.31 -67.64 -33.70
C ALA U 174 66.00 -66.97 -34.05
N GLU U 175 65.97 -66.28 -35.18
CA GLU U 175 64.78 -65.58 -35.56
C GLU U 175 63.66 -66.51 -36.01
N ALA U 176 64.01 -67.54 -36.77
CA ALA U 176 63.00 -68.46 -37.28
C ALA U 176 62.20 -69.10 -36.17
N GLY U 177 62.87 -69.63 -35.15
CA GLY U 177 62.17 -70.26 -34.05
C GLY U 177 61.35 -69.25 -33.27
N LEU U 178 61.93 -68.06 -33.07
CA LEU U 178 61.28 -66.99 -32.34
C LEU U 178 59.94 -66.63 -32.96
N LYS U 179 59.92 -66.45 -34.28
CA LYS U 179 58.67 -66.11 -34.95
C LYS U 179 57.76 -67.33 -35.12
N GLN U 180 58.32 -68.55 -35.13
CA GLN U 180 57.49 -69.75 -35.18
C GLN U 180 56.60 -69.83 -33.96
N GLN U 181 57.14 -69.44 -32.81
CA GLN U 181 56.41 -69.39 -31.56
C GLN U 181 55.37 -68.26 -31.49
N ALA U 182 55.24 -67.46 -32.56
CA ALA U 182 54.31 -66.35 -32.66
C ALA U 182 54.61 -65.26 -31.67
N LEU U 183 55.89 -65.08 -31.35
CA LEU U 183 56.28 -64.06 -30.41
C LEU U 183 56.58 -62.75 -31.11
N PRO U 184 56.25 -61.62 -30.50
CA PRO U 184 56.53 -60.27 -30.95
C PRO U 184 57.97 -59.98 -30.64
N TYR U 185 58.65 -59.28 -31.53
CA TYR U 185 60.04 -58.95 -31.27
C TYR U 185 60.55 -57.90 -32.22
N SER U 186 61.72 -57.38 -31.93
CA SER U 186 62.35 -56.46 -32.84
C SER U 186 63.84 -56.77 -32.89
N ARG U 187 64.31 -57.08 -34.08
CA ARG U 187 65.69 -57.47 -34.30
C ARG U 187 66.65 -56.28 -34.32
N ARG U 188 67.84 -56.48 -33.75
CA ARG U 188 68.86 -55.45 -33.69
C ARG U 188 70.18 -55.92 -34.24
N ASN U 189 70.39 -55.74 -35.53
CA ASN U 189 71.66 -56.14 -36.11
C ASN U 189 72.71 -55.09 -35.82
N HIS U 190 73.88 -55.54 -35.43
CA HIS U 190 74.97 -54.61 -35.21
C HIS U 190 76.28 -55.29 -35.50
N LYS U 191 77.34 -54.52 -35.63
CA LYS U 191 78.61 -55.16 -35.93
C LYS U 191 79.00 -56.06 -34.79
N GLY U 192 79.24 -57.32 -35.10
CA GLY U 192 79.65 -58.30 -34.11
C GLY U 192 78.52 -59.10 -33.45
N GLY U 193 77.25 -58.80 -33.77
CA GLY U 193 76.20 -59.59 -33.12
C GLY U 193 74.78 -59.15 -33.47
N VAL U 194 73.81 -59.76 -32.80
CA VAL U 194 72.42 -59.40 -33.00
C VAL U 194 71.61 -59.59 -31.74
N THR U 195 70.74 -58.63 -31.46
CA THR U 195 69.90 -58.71 -30.28
C THR U 195 68.41 -58.73 -30.62
N PHE U 196 67.67 -59.61 -29.96
CA PHE U 196 66.24 -59.73 -30.19
C PHE U 196 65.45 -59.19 -29.01
N VAL U 197 64.86 -58.02 -29.22
CA VAL U 197 64.14 -57.32 -28.19
C VAL U 197 62.67 -57.70 -28.12
N ILE U 198 62.22 -58.12 -26.95
CA ILE U 198 60.83 -58.48 -26.76
C ILE U 198 60.21 -57.62 -25.66
N GLN U 199 59.40 -56.64 -26.07
CA GLN U 199 58.79 -55.74 -25.09
C GLN U 199 57.28 -55.78 -25.10
N GLY U 200 56.70 -55.11 -24.12
CA GLY U 200 55.25 -54.99 -23.98
C GLY U 200 54.73 -55.95 -22.94
N ALA U 201 53.43 -55.87 -22.69
CA ALA U 201 52.82 -56.79 -21.75
C ALA U 201 52.71 -58.15 -22.40
N LEU U 202 52.96 -59.20 -21.64
CA LEU U 202 52.94 -60.53 -22.22
C LEU U 202 51.96 -61.46 -21.53
N ASP U 203 51.32 -62.30 -22.34
CA ASP U 203 50.41 -63.33 -21.87
C ASP U 203 51.21 -64.44 -21.23
N ASP U 204 50.76 -64.97 -20.12
CA ASP U 204 51.47 -66.04 -19.44
C ASP U 204 51.86 -67.20 -20.35
N VAL U 205 51.04 -67.45 -21.38
CA VAL U 205 51.31 -68.55 -22.29
C VAL U 205 52.52 -68.23 -23.16
N GLU U 206 52.53 -67.03 -23.75
CA GLU U 206 53.66 -66.65 -24.59
C GLU U 206 54.92 -66.42 -23.78
N ILE U 207 54.78 -66.12 -22.49
CA ILE U 207 55.96 -66.00 -21.65
C ILE U 207 56.64 -67.34 -21.52
N LEU U 208 55.85 -68.36 -21.23
CA LEU U 208 56.39 -69.71 -21.12
C LEU U 208 57.08 -70.13 -22.40
N ARG U 209 56.39 -69.96 -23.52
CA ARG U 209 56.95 -70.32 -24.81
C ARG U 209 58.25 -69.61 -25.10
N ALA U 210 58.30 -68.32 -24.80
CA ALA U 210 59.49 -67.54 -25.04
C ALA U 210 60.68 -68.08 -24.31
N ARG U 211 60.52 -68.35 -23.02
CA ARG U 211 61.64 -68.85 -22.26
C ARG U 211 62.12 -70.20 -22.75
N GLN U 212 61.19 -71.10 -23.06
CA GLN U 212 61.58 -72.41 -23.53
C GLN U 212 62.47 -72.32 -24.76
N PHE U 213 62.06 -71.49 -25.70
CA PHE U 213 62.83 -71.27 -26.90
C PHE U 213 64.21 -70.73 -26.63
N VAL U 214 64.27 -69.67 -25.83
CA VAL U 214 65.53 -69.02 -25.52
C VAL U 214 66.51 -69.95 -24.85
N ASP U 215 66.04 -70.71 -23.86
CA ASP U 215 66.92 -71.64 -23.16
C ASP U 215 67.53 -72.64 -24.12
N SER U 216 66.73 -73.16 -25.04
CA SER U 216 67.24 -74.13 -26.00
C SER U 216 68.26 -73.54 -26.94
N TYR U 217 68.00 -72.32 -27.43
CA TYR U 217 68.93 -71.68 -28.34
C TYR U 217 70.27 -71.47 -27.65
N TYR U 218 70.20 -70.97 -26.42
CA TYR U 218 71.38 -70.75 -25.63
C TYR U 218 72.16 -72.03 -25.45
N ARG U 219 71.48 -73.09 -25.02
CA ARG U 219 72.13 -74.37 -24.82
C ARG U 219 72.91 -74.83 -26.03
N THR U 220 72.35 -74.65 -27.22
CA THR U 220 73.04 -75.05 -28.44
C THR U 220 74.14 -74.10 -28.88
N TRP U 221 73.76 -72.89 -29.25
CA TRP U 221 74.72 -71.94 -29.79
C TRP U 221 75.48 -71.13 -28.77
N GLY U 222 74.85 -70.85 -27.64
CA GLY U 222 75.49 -70.01 -26.63
C GLY U 222 75.07 -68.56 -26.84
N GLY U 223 75.40 -67.70 -25.90
CA GLY U 223 74.98 -66.29 -25.98
C GLY U 223 76.08 -65.31 -26.39
N ARG U 224 77.03 -65.73 -27.22
CA ARG U 224 78.09 -64.81 -27.62
C ARG U 224 77.80 -64.05 -28.91
N TYR U 225 76.81 -64.48 -29.66
CA TYR U 225 76.48 -63.79 -30.90
C TYR U 225 75.05 -63.31 -30.85
N VAL U 226 74.14 -64.20 -30.49
CA VAL U 226 72.74 -63.85 -30.36
C VAL U 226 72.38 -63.57 -28.92
N GLN U 227 71.84 -62.39 -28.69
CA GLN U 227 71.42 -61.98 -27.36
C GLN U 227 69.92 -61.74 -27.33
N PHE U 228 69.21 -62.38 -26.41
CA PHE U 228 67.79 -62.14 -26.32
C PHE U 228 67.51 -61.17 -25.19
N ALA U 229 66.43 -60.41 -25.31
CA ALA U 229 66.12 -59.40 -24.32
C ALA U 229 64.64 -59.33 -24.01
N ILE U 230 64.19 -60.19 -23.09
CA ILE U 230 62.79 -60.20 -22.70
C ILE U 230 62.53 -59.13 -21.65
N GLU U 231 61.63 -58.22 -21.95
CA GLU U 231 61.30 -57.13 -21.06
C GLU U 231 59.80 -56.98 -20.85
N LEU U 232 59.33 -57.50 -19.73
CA LEU U 232 57.92 -57.45 -19.39
C LEU U 232 57.54 -56.04 -18.93
N LYS U 233 56.78 -55.32 -19.75
CA LYS U 233 56.43 -53.93 -19.45
C LYS U 233 54.97 -53.60 -19.66
N ASP U 234 54.50 -52.55 -19.00
CA ASP U 234 53.12 -52.09 -19.17
C ASP U 234 52.93 -51.29 -20.43
N ASP U 235 51.74 -51.41 -21.01
CA ASP U 235 51.38 -50.69 -22.23
C ASP U 235 50.29 -49.67 -21.95
N ASP V 3 62.96 -101.27 7.53
CA ASP V 3 62.27 -101.07 8.80
C ASP V 3 62.45 -99.65 9.30
N LYS V 4 61.93 -98.68 8.56
CA LYS V 4 62.06 -97.30 8.95
C LYS V 4 60.72 -96.65 9.23
N ASP V 5 60.70 -95.75 10.20
CA ASP V 5 59.48 -95.03 10.52
C ASP V 5 59.33 -93.84 9.57
N LEU V 6 58.20 -93.75 8.91
CA LEU V 6 57.98 -92.65 7.98
C LEU V 6 57.02 -91.63 8.58
N LEU V 7 55.79 -92.07 8.87
CA LEU V 7 54.78 -91.18 9.44
C LEU V 7 54.14 -91.75 10.71
N LYS V 8 53.74 -90.87 11.61
CA LYS V 8 53.09 -91.30 12.85
C LYS V 8 51.92 -90.40 13.24
N GLY V 9 50.94 -90.99 13.92
CA GLY V 9 49.80 -90.20 14.41
C GLY V 9 48.81 -89.85 13.32
N LEU V 10 48.75 -90.66 12.27
CA LEU V 10 47.86 -90.38 11.17
C LEU V 10 46.46 -90.80 11.47
N ASP V 11 45.49 -90.11 10.88
CA ASP V 11 44.13 -90.57 11.07
C ASP V 11 43.90 -91.60 9.99
N GLN V 12 42.72 -92.20 9.98
CA GLN V 12 42.42 -93.26 9.03
C GLN V 12 42.52 -92.84 7.58
N GLU V 13 41.90 -91.71 7.23
CA GLU V 13 41.90 -91.21 5.86
C GLU V 13 43.30 -90.94 5.35
N GLN V 14 44.07 -90.19 6.12
CA GLN V 14 45.43 -89.84 5.78
C GLN V 14 46.27 -91.07 5.54
N ALA V 15 46.18 -92.03 6.46
CA ALA V 15 46.98 -93.23 6.36
C ALA V 15 46.73 -93.94 5.05
N ASN V 16 45.45 -94.13 4.70
CA ASN V 16 45.15 -94.83 3.46
C ASN V 16 45.56 -94.04 2.22
N GLU V 17 45.48 -92.72 2.27
CA GLU V 17 45.87 -91.91 1.13
C GLU V 17 47.36 -91.97 0.85
N VAL V 18 48.16 -91.85 1.91
CA VAL V 18 49.60 -91.90 1.75
C VAL V 18 50.04 -93.23 1.19
N ILE V 19 49.46 -94.31 1.73
CA ILE V 19 49.78 -95.63 1.26
C ILE V 19 49.48 -95.79 -0.21
N ALA V 20 48.33 -95.30 -0.64
CA ALA V 20 47.97 -95.39 -2.05
C ALA V 20 49.06 -94.82 -2.94
N VAL V 21 49.57 -93.65 -2.57
CA VAL V 21 50.64 -93.01 -3.35
C VAL V 21 51.91 -93.84 -3.39
N LEU V 22 52.32 -94.36 -2.24
CA LEU V 22 53.53 -95.14 -2.17
C LEU V 22 53.45 -96.38 -3.03
N GLN V 23 52.30 -97.04 -3.01
CA GLN V 23 52.11 -98.23 -3.81
C GLN V 23 52.16 -97.91 -5.29
N MET V 24 51.54 -96.78 -5.66
CA MET V 24 51.55 -96.33 -7.03
C MET V 24 52.97 -96.16 -7.56
N HIS V 25 53.88 -95.72 -6.69
CA HIS V 25 55.27 -95.57 -7.07
C HIS V 25 56.16 -96.75 -6.73
N ASN V 26 55.55 -97.93 -6.60
CA ASN V 26 56.28 -99.17 -6.34
C ASN V 26 56.95 -99.25 -4.99
N ILE V 27 56.26 -98.82 -3.94
CA ILE V 27 56.77 -98.92 -2.58
C ILE V 27 55.78 -99.62 -1.64
N GLU V 28 56.21 -100.72 -1.05
CA GLU V 28 55.37 -101.42 -0.06
C GLU V 28 55.31 -100.60 1.22
N ALA V 29 54.19 -100.65 1.91
CA ALA V 29 54.07 -99.88 3.14
C ALA V 29 53.21 -100.59 4.17
N ASN V 30 53.57 -100.45 5.43
CA ASN V 30 52.84 -101.07 6.51
C ASN V 30 51.99 -100.06 7.24
N LYS V 31 50.75 -100.42 7.51
CA LYS V 31 49.89 -99.56 8.32
C LYS V 31 49.77 -100.14 9.71
N ILE V 32 50.26 -99.42 10.69
CA ILE V 32 50.25 -99.92 12.06
C ILE V 32 49.25 -99.19 12.92
N ASP V 33 48.33 -99.95 13.49
CA ASP V 33 47.31 -99.43 14.38
C ASP V 33 47.81 -99.34 15.81
N SER V 34 48.05 -98.13 16.30
CA SER V 34 48.52 -97.93 17.66
C SER V 34 47.41 -97.42 18.58
N GLY V 35 46.16 -97.75 18.23
CA GLY V 35 45.01 -97.39 19.05
C GLY V 35 44.79 -95.91 19.07
N LYS V 36 44.67 -95.35 20.27
CA LYS V 36 44.43 -93.92 20.48
C LYS V 36 45.53 -93.04 19.92
N LEU V 37 46.70 -93.61 19.63
CA LEU V 37 47.78 -92.82 19.12
C LEU V 37 47.74 -92.68 17.60
N GLY V 38 46.78 -93.33 16.94
CA GLY V 38 46.64 -93.20 15.50
C GLY V 38 47.39 -94.25 14.72
N TYR V 39 47.60 -93.97 13.44
CA TYR V 39 48.28 -94.91 12.58
C TYR V 39 49.71 -94.49 12.27
N SER V 40 50.54 -95.49 12.05
CA SER V 40 51.91 -95.24 11.67
C SER V 40 52.25 -95.96 10.40
N ILE V 41 53.06 -95.32 9.57
CA ILE V 41 53.46 -95.94 8.31
C ILE V 41 54.94 -96.21 8.30
N THR V 42 55.29 -97.46 8.01
CA THR V 42 56.69 -97.84 7.95
C THR V 42 57.02 -98.48 6.62
N VAL V 43 58.28 -98.36 6.22
CA VAL V 43 58.72 -98.88 4.94
C VAL V 43 60.05 -99.61 5.04
N ALA V 44 60.33 -100.42 4.02
CA ALA V 44 61.59 -101.13 3.96
C ALA V 44 62.71 -100.13 3.75
N GLU V 45 63.84 -100.36 4.43
CA GLU V 45 64.99 -99.48 4.35
C GLU V 45 65.46 -99.17 2.91
N PRO V 46 65.47 -100.15 1.99
CA PRO V 46 65.81 -99.97 0.57
C PRO V 46 64.94 -98.93 -0.13
N ASP V 47 63.69 -98.79 0.29
CA ASP V 47 62.77 -97.85 -0.33
C ASP V 47 62.70 -96.53 0.39
N PHE V 48 63.05 -96.54 1.67
CA PHE V 48 62.98 -95.36 2.52
C PHE V 48 63.39 -94.04 1.89
N THR V 49 64.49 -94.01 1.14
CA THR V 49 64.91 -92.77 0.52
C THR V 49 63.88 -92.26 -0.47
N ALA V 50 63.41 -93.16 -1.32
CA ALA V 50 62.41 -92.82 -2.31
C ALA V 50 61.11 -92.43 -1.64
N ALA V 51 60.75 -93.15 -0.57
CA ALA V 51 59.53 -92.88 0.14
C ALA V 51 59.51 -91.46 0.63
N VAL V 52 60.61 -91.02 1.23
CA VAL V 52 60.73 -89.65 1.72
C VAL V 52 60.55 -88.65 0.61
N TYR V 53 61.21 -88.91 -0.51
CA TYR V 53 61.09 -88.03 -1.66
C TYR V 53 59.64 -87.83 -2.05
N TRP V 54 58.87 -88.91 -2.12
CA TRP V 54 57.48 -88.81 -2.53
C TRP V 54 56.60 -88.15 -1.48
N ILE V 55 56.90 -88.32 -0.18
CA ILE V 55 56.14 -87.63 0.85
C ILE V 55 56.24 -86.12 0.66
N LYS V 56 57.45 -85.68 0.33
CA LYS V 56 57.68 -84.29 0.02
C LYS V 56 56.91 -83.87 -1.22
N THR V 57 57.14 -84.59 -2.31
CA THR V 57 56.53 -84.29 -3.60
C THR V 57 55.03 -84.11 -3.56
N TYR V 58 54.34 -84.99 -2.86
CA TYR V 58 52.88 -84.92 -2.81
C TYR V 58 52.31 -84.25 -1.58
N GLN V 59 53.08 -83.43 -0.87
CA GLN V 59 52.56 -82.73 0.30
C GLN V 59 51.84 -83.65 1.28
N LEU V 60 52.48 -84.76 1.65
CA LEU V 60 51.83 -85.71 2.54
C LEU V 60 52.30 -85.57 3.97
N PRO V 61 51.44 -85.95 4.93
CA PRO V 61 50.07 -86.44 4.83
C PRO V 61 49.11 -85.29 4.50
N PRO V 62 47.98 -85.59 3.87
CA PRO V 62 46.93 -84.68 3.42
C PRO V 62 46.33 -83.82 4.51
N ARG V 63 45.94 -82.61 4.15
CA ARG V 63 45.25 -81.72 5.07
C ARG V 63 43.77 -82.05 5.02
N PRO V 64 43.00 -81.63 6.02
CA PRO V 64 41.55 -81.77 6.08
C PRO V 64 40.91 -80.85 5.07
N ARG V 65 39.76 -81.24 4.55
CA ARG V 65 39.08 -80.47 3.52
C ARG V 65 38.48 -79.19 4.06
N VAL V 66 38.70 -78.10 3.33
CA VAL V 66 38.22 -76.79 3.71
C VAL V 66 36.92 -76.41 3.06
N GLU V 67 35.95 -76.06 3.91
CA GLU V 67 34.62 -75.65 3.50
C GLU V 67 34.31 -74.33 4.18
N ILE V 68 33.62 -73.44 3.47
CA ILE V 68 33.39 -72.09 3.97
C ILE V 68 32.67 -72.01 5.30
N ALA V 69 31.64 -72.82 5.50
CA ALA V 69 30.87 -72.81 6.73
C ALA V 69 31.70 -73.11 7.97
N GLN V 70 32.88 -73.68 7.81
CA GLN V 70 33.70 -74.01 8.95
C GLN V 70 34.21 -72.77 9.67
N MET V 71 34.17 -71.62 9.00
CA MET V 71 34.62 -70.39 9.61
C MET V 71 33.51 -69.46 10.05
N PHE V 72 32.27 -69.91 10.00
CA PHE V 72 31.16 -69.09 10.45
C PHE V 72 30.16 -69.98 11.15
N PRO V 73 30.53 -70.55 12.30
CA PRO V 73 29.79 -71.53 13.10
C PRO V 73 28.55 -70.98 13.76
N ALA V 74 27.56 -71.87 13.93
CA ALA V 74 26.28 -71.54 14.54
C ALA V 74 26.39 -71.37 16.04
N ASP V 75 27.53 -71.75 16.60
CA ASP V 75 27.79 -71.61 18.01
C ASP V 75 27.94 -70.15 18.45
N SER V 76 28.13 -69.24 17.49
CA SER V 76 28.23 -67.84 17.84
C SER V 76 26.95 -67.33 18.46
N LEU V 77 27.10 -66.50 19.47
CA LEU V 77 25.97 -65.93 20.20
C LEU V 77 25.18 -64.96 19.34
N VAL V 78 25.85 -64.36 18.36
CA VAL V 78 25.23 -63.40 17.46
C VAL V 78 25.56 -63.78 16.04
N SER V 79 24.84 -63.19 15.09
CA SER V 79 25.09 -63.45 13.70
C SER V 79 24.94 -62.19 12.89
N SER V 80 25.30 -62.27 11.63
CA SER V 80 25.19 -61.13 10.74
C SER V 80 24.76 -61.64 9.40
N PRO V 81 24.11 -60.83 8.59
CA PRO V 81 23.67 -61.10 7.23
C PRO V 81 24.80 -61.66 6.42
N ARG V 82 25.98 -61.10 6.61
CA ARG V 82 27.16 -61.54 5.91
C ARG V 82 27.46 -62.98 6.23
N ALA V 83 27.52 -63.29 7.52
CA ALA V 83 27.82 -64.65 7.94
C ALA V 83 26.76 -65.63 7.51
N GLU V 84 25.50 -65.26 7.65
CA GLU V 84 24.40 -66.17 7.32
C GLU V 84 24.36 -66.49 5.85
N LYS V 85 24.55 -65.49 5.00
CA LYS V 85 24.53 -65.74 3.57
C LYS V 85 25.68 -66.65 3.19
N ALA V 86 26.85 -66.45 3.80
CA ALA V 86 28.00 -67.31 3.52
C ALA V 86 27.71 -68.74 3.92
N ARG V 87 27.11 -68.93 5.09
CA ARG V 87 26.77 -70.28 5.55
C ARG V 87 25.88 -71.00 4.57
N LEU V 88 24.88 -70.31 4.06
CA LEU V 88 23.98 -70.90 3.11
C LEU V 88 24.70 -71.36 1.86
N TYR V 89 25.51 -70.49 1.27
CA TYR V 89 26.21 -70.85 0.05
C TYR V 89 27.12 -72.04 0.24
N SER V 90 27.75 -72.13 1.40
CA SER V 90 28.61 -73.25 1.69
C SER V 90 27.85 -74.56 1.59
N ALA V 91 26.68 -74.58 2.21
CA ALA V 91 25.82 -75.76 2.18
C ALA V 91 25.40 -76.10 0.76
N ILE V 92 25.06 -75.08 -0.01
CA ILE V 92 24.64 -75.30 -1.38
C ILE V 92 25.74 -75.94 -2.22
N GLU V 93 26.98 -75.48 -2.10
CA GLU V 93 28.05 -76.10 -2.86
C GLU V 93 28.16 -77.57 -2.52
N GLN V 94 28.09 -77.88 -1.23
CA GLN V 94 28.19 -79.26 -0.78
C GLN V 94 27.09 -80.11 -1.36
N ARG V 95 25.89 -79.57 -1.38
CA ARG V 95 24.73 -80.30 -1.85
C ARG V 95 24.83 -80.54 -3.35
N LEU V 96 25.35 -79.57 -4.09
CA LEU V 96 25.55 -79.77 -5.52
C LEU V 96 26.60 -80.84 -5.80
N GLU V 97 27.65 -80.90 -4.99
CA GLU V 97 28.65 -81.93 -5.17
C GLU V 97 28.06 -83.30 -4.93
N GLN V 98 27.21 -83.41 -3.91
CA GLN V 98 26.55 -84.66 -3.61
C GLN V 98 25.71 -85.13 -4.78
N SER V 99 25.08 -84.18 -5.49
CA SER V 99 24.27 -84.53 -6.64
C SER V 99 25.07 -84.97 -7.84
N LEU V 100 26.13 -84.24 -8.20
CA LEU V 100 26.88 -84.59 -9.40
C LEU V 100 27.54 -85.94 -9.29
N GLN V 101 27.95 -86.32 -8.09
CA GLN V 101 28.60 -87.61 -7.91
C GLN V 101 27.66 -88.81 -8.06
N THR V 102 26.36 -88.58 -8.26
CA THR V 102 25.43 -89.66 -8.48
C THR V 102 25.13 -89.84 -9.95
N MET V 103 25.65 -88.96 -10.81
CA MET V 103 25.41 -89.11 -12.23
C MET V 103 26.20 -90.28 -12.79
N GLU V 104 25.61 -90.92 -13.80
CA GLU V 104 26.22 -92.08 -14.43
C GLU V 104 27.59 -91.79 -14.97
N GLY V 105 28.56 -92.59 -14.55
CA GLY V 105 29.93 -92.47 -15.04
C GLY V 105 30.78 -91.52 -14.21
N VAL V 106 30.19 -90.77 -13.28
CA VAL V 106 30.98 -89.85 -12.50
C VAL V 106 31.55 -90.51 -11.27
N LEU V 107 32.86 -90.40 -11.11
CA LEU V 107 33.57 -90.98 -9.99
C LEU V 107 33.79 -89.94 -8.92
N SER V 108 34.06 -88.71 -9.34
CA SER V 108 34.29 -87.62 -8.41
C SER V 108 33.96 -86.27 -8.99
N ALA V 109 33.47 -85.35 -8.17
CA ALA V 109 33.19 -84.03 -8.68
C ALA V 109 33.23 -82.97 -7.61
N ARG V 110 33.70 -81.78 -8.00
CA ARG V 110 33.80 -80.63 -7.08
C ARG V 110 33.08 -79.42 -7.66
N VAL V 111 32.45 -78.62 -6.79
CA VAL V 111 31.66 -77.48 -7.26
C VAL V 111 31.94 -76.20 -6.51
N HIS V 112 32.08 -75.10 -7.25
CA HIS V 112 32.28 -73.79 -6.67
C HIS V 112 31.21 -72.82 -7.11
N ILE V 113 30.82 -71.93 -6.20
CA ILE V 113 29.86 -70.89 -6.54
C ILE V 113 30.42 -69.58 -6.10
N SER V 114 30.19 -68.54 -6.88
CA SER V 114 30.68 -67.23 -6.49
C SER V 114 29.93 -66.71 -5.27
N TYR V 115 30.55 -65.79 -4.56
CA TYR V 115 29.96 -65.23 -3.35
C TYR V 115 29.66 -63.76 -3.50
N ASP V 116 28.77 -63.29 -2.64
CA ASP V 116 28.36 -61.90 -2.61
C ASP V 116 28.37 -61.45 -1.19
N ILE V 117 29.36 -60.66 -0.85
CA ILE V 117 29.55 -60.24 0.52
C ILE V 117 29.11 -58.82 0.81
N ASP V 118 28.99 -57.97 -0.21
CA ASP V 118 28.58 -56.62 0.11
C ASP V 118 27.85 -55.86 -1.00
N ALA V 119 27.05 -56.54 -1.84
CA ALA V 119 26.26 -55.80 -2.83
C ALA V 119 25.25 -54.89 -2.14
N GLY V 120 24.23 -55.49 -1.52
CA GLY V 120 23.18 -54.76 -0.80
C GLY V 120 23.76 -53.81 0.24
N GLU V 121 24.83 -54.25 0.90
CA GLU V 121 25.57 -53.44 1.87
C GLU V 121 25.95 -52.07 1.34
N ASN V 122 26.30 -52.01 0.06
CA ASN V 122 26.72 -50.77 -0.57
C ASN V 122 25.59 -50.09 -1.34
N GLY V 123 24.36 -50.55 -1.17
CA GLY V 123 23.23 -49.98 -1.90
C GLY V 123 23.18 -50.49 -3.33
N ARG V 124 23.92 -51.55 -3.64
CA ARG V 124 23.96 -52.08 -4.98
C ARG V 124 23.11 -53.33 -5.15
N PRO V 125 22.66 -53.61 -6.37
CA PRO V 125 21.97 -54.79 -6.79
C PRO V 125 23.00 -55.91 -6.82
N PRO V 126 22.57 -57.15 -6.67
CA PRO V 126 23.36 -58.37 -6.64
C PRO V 126 23.94 -58.67 -8.01
N LYS V 127 25.06 -59.36 -8.02
CA LYS V 127 25.71 -59.72 -9.26
C LYS V 127 25.27 -61.10 -9.72
N PRO V 128 25.44 -61.41 -11.01
CA PRO V 128 25.16 -62.68 -11.65
C PRO V 128 25.97 -63.75 -10.96
N VAL V 129 25.44 -64.95 -10.92
CA VAL V 129 26.13 -66.02 -10.23
C VAL V 129 27.04 -66.80 -11.15
N HIS V 130 28.26 -67.04 -10.68
CA HIS V 130 29.20 -67.80 -11.48
C HIS V 130 29.39 -69.18 -10.88
N LEU V 131 29.50 -70.17 -11.74
CA LEU V 131 29.69 -71.54 -11.28
C LEU V 131 30.85 -72.20 -11.98
N SER V 132 31.54 -73.08 -11.27
CA SER V 132 32.59 -73.84 -11.90
C SER V 132 32.63 -75.22 -11.31
N ALA V 133 33.09 -76.19 -12.07
CA ALA V 133 33.09 -77.53 -11.54
C ALA V 133 34.14 -78.41 -12.17
N LEU V 134 34.58 -79.39 -11.39
CA LEU V 134 35.56 -80.36 -11.83
C LEU V 134 34.95 -81.74 -11.81
N ALA V 135 35.33 -82.59 -12.75
CA ALA V 135 34.77 -83.94 -12.71
C ALA V 135 35.70 -85.00 -13.25
N VAL V 136 35.60 -86.18 -12.64
CA VAL V 136 36.36 -87.36 -13.03
C VAL V 136 35.43 -88.46 -13.45
N TYR V 137 35.62 -88.97 -14.66
CA TYR V 137 34.79 -90.02 -15.20
C TYR V 137 35.45 -91.36 -15.33
N GLU V 138 34.61 -92.38 -15.43
CA GLU V 138 35.07 -93.73 -15.69
C GLU V 138 35.78 -93.77 -17.02
N ARG V 139 36.98 -94.34 -17.02
CA ARG V 139 37.80 -94.38 -18.22
C ARG V 139 37.07 -95.02 -19.40
N GLY V 140 37.14 -94.32 -20.54
CA GLY V 140 36.50 -94.77 -21.78
C GLY V 140 35.18 -94.04 -22.07
N SER V 141 34.70 -93.29 -21.09
CA SER V 141 33.46 -92.53 -21.20
C SER V 141 33.60 -91.33 -22.19
N PRO V 142 32.54 -90.97 -22.94
CA PRO V 142 32.46 -89.91 -23.96
C PRO V 142 32.30 -88.50 -23.37
N LEU V 143 33.36 -88.07 -22.67
CA LEU V 143 33.45 -86.78 -21.98
C LEU V 143 32.96 -85.56 -22.76
N ALA V 144 33.24 -85.54 -24.05
CA ALA V 144 32.89 -84.42 -24.92
C ALA V 144 31.38 -84.17 -25.03
N HIS V 145 30.57 -85.13 -24.61
CA HIS V 145 29.14 -84.97 -24.71
C HIS V 145 28.55 -84.87 -23.32
N GLN V 146 29.14 -85.61 -22.39
CA GLN V 146 28.69 -85.65 -21.02
C GLN V 146 28.74 -84.29 -20.35
N ILE V 147 29.73 -83.50 -20.71
CA ILE V 147 29.87 -82.14 -20.22
C ILE V 147 28.61 -81.27 -20.40
N SER V 148 27.75 -81.60 -21.37
CA SER V 148 26.57 -80.80 -21.59
C SER V 148 25.47 -81.09 -20.57
N ASP V 149 25.50 -82.28 -19.97
CA ASP V 149 24.50 -82.59 -18.94
C ASP V 149 24.80 -81.82 -17.71
N ILE V 150 26.09 -81.75 -17.37
CA ILE V 150 26.50 -81.04 -16.19
C ILE V 150 26.11 -79.60 -16.29
N LYS V 151 26.42 -79.02 -17.43
CA LYS V 151 26.17 -77.62 -17.65
C LYS V 151 24.68 -77.30 -17.66
N ARG V 152 23.86 -78.16 -18.26
CA ARG V 152 22.42 -77.92 -18.28
C ARG V 152 21.81 -78.04 -16.90
N PHE V 153 22.24 -79.06 -16.17
CA PHE V 153 21.79 -79.29 -14.82
C PHE V 153 22.06 -78.11 -13.93
N LEU V 154 23.30 -77.63 -13.96
CA LEU V 154 23.67 -76.50 -13.13
C LEU V 154 22.95 -75.23 -13.55
N LYS V 155 22.71 -75.03 -14.84
CA LYS V 155 22.05 -73.82 -15.30
C LYS V 155 20.72 -73.56 -14.61
N ASN V 156 19.87 -74.56 -14.50
CA ASN V 156 18.60 -74.33 -13.81
C ASN V 156 18.64 -74.71 -12.34
N SER V 157 19.83 -74.88 -11.76
CA SER V 157 19.97 -75.19 -10.35
C SER V 157 20.20 -73.93 -9.53
N PHE V 158 20.08 -72.76 -10.13
CA PHE V 158 20.32 -71.58 -9.35
C PHE V 158 19.68 -70.34 -9.98
N ALA V 159 19.13 -69.50 -9.13
CA ALA V 159 18.38 -68.28 -9.43
C ALA V 159 18.76 -67.55 -10.72
N ASP V 160 20.04 -67.30 -10.97
CA ASP V 160 20.37 -66.56 -12.17
C ASP V 160 21.79 -66.80 -12.68
N VAL V 161 21.92 -67.81 -13.51
CA VAL V 161 23.18 -68.13 -14.16
C VAL V 161 22.92 -68.25 -15.63
N ASP V 162 23.97 -68.50 -16.40
CA ASP V 162 23.82 -68.65 -17.84
C ASP V 162 24.93 -69.52 -18.40
N TYR V 163 24.85 -69.89 -19.67
CA TYR V 163 25.83 -70.79 -20.26
C TYR V 163 27.22 -70.18 -20.49
N ASP V 164 27.38 -68.88 -20.25
CA ASP V 164 28.68 -68.27 -20.39
C ASP V 164 29.38 -68.10 -19.05
N ASN V 165 28.63 -68.28 -17.97
CA ASN V 165 29.19 -68.10 -16.65
C ASN V 165 29.27 -69.40 -15.87
N ILE V 166 29.23 -70.52 -16.59
CA ILE V 166 29.37 -71.83 -16.00
C ILE V 166 30.53 -72.55 -16.67
N SER V 167 31.56 -72.89 -15.91
CA SER V 167 32.69 -73.57 -16.50
C SER V 167 32.91 -74.97 -15.97
N VAL V 168 33.13 -75.91 -16.88
CA VAL V 168 33.35 -77.29 -16.47
C VAL V 168 34.65 -77.83 -17.05
N VAL V 169 35.51 -78.28 -16.17
CA VAL V 169 36.78 -78.88 -16.55
C VAL V 169 36.79 -80.31 -16.06
N LEU V 170 37.05 -81.23 -16.95
CA LEU V 170 36.95 -82.63 -16.56
C LEU V 170 37.90 -83.56 -17.30
N SER V 171 37.98 -84.78 -16.77
CA SER V 171 38.81 -85.83 -17.36
C SER V 171 38.35 -87.21 -16.87
N GLU V 172 39.25 -88.18 -16.93
CA GLU V 172 38.91 -89.53 -16.54
C GLU V 172 40.05 -90.17 -15.77
N ARG V 173 39.72 -91.24 -15.04
CA ARG V 173 40.72 -91.91 -14.21
C ARG V 173 41.86 -92.54 -15.01
N SER V 174 42.95 -92.78 -14.30
CA SER V 174 44.15 -93.42 -14.85
C SER V 174 44.07 -94.94 -14.76
N ASP V 175 45.11 -95.61 -15.26
CA ASP V 175 45.22 -97.07 -15.24
C ASP V 175 45.28 -97.55 -13.79
N ALA V 176 44.27 -98.30 -13.37
CA ALA V 176 44.16 -98.75 -11.98
C ALA V 176 45.35 -99.57 -11.51
N GLN V 177 45.84 -99.24 -10.32
CA GLN V 177 46.96 -99.97 -9.76
C GLN V 177 46.45 -101.21 -9.08
N LEU V 178 46.38 -102.28 -9.85
CA LEU V 178 45.85 -103.54 -9.36
C LEU V 178 46.94 -104.55 -8.97
N GLN V 179 48.20 -104.13 -8.97
CA GLN V 179 49.30 -105.04 -8.67
C GLN V 179 50.15 -104.58 -7.51
N ALA V 180 50.58 -105.52 -6.67
CA ALA V 180 51.42 -105.17 -5.54
C ALA V 180 52.82 -104.79 -6.01
N PRO V 181 53.45 -103.79 -5.38
CA PRO V 181 54.81 -103.29 -5.60
C PRO V 181 55.90 -104.35 -5.54
N GLY V 182 55.82 -105.22 -4.55
CA GLY V 182 56.78 -106.29 -4.38
C GLY V 182 57.83 -105.92 -3.34
N THR V 183 58.50 -106.91 -2.80
CA THR V 183 59.52 -106.70 -1.79
C THR V 183 60.88 -106.45 -2.44
N PRO V 184 61.86 -105.93 -1.69
CA PRO V 184 63.22 -105.70 -2.08
C PRO V 184 63.96 -107.01 -2.22
N VAL V 185 65.01 -107.01 -3.04
CA VAL V 185 65.78 -108.21 -3.27
C VAL V 185 66.88 -108.36 -2.24
N LYS V 186 66.75 -109.38 -1.39
CA LYS V 186 67.74 -109.69 -0.37
C LYS V 186 67.33 -110.94 0.40
N ALA W 42 68.25 -113.80 -10.20
CA ALA W 42 67.29 -112.71 -10.16
C ALA W 42 66.95 -112.26 -11.58
N GLU W 43 66.30 -113.11 -12.34
CA GLU W 43 65.92 -112.76 -13.70
C GLU W 43 65.07 -111.51 -13.70
N LEU W 44 65.48 -110.54 -14.50
CA LEU W 44 64.81 -109.24 -14.58
C LEU W 44 63.32 -109.35 -14.84
N ASP W 45 62.91 -110.30 -15.65
CA ASP W 45 61.49 -110.50 -15.93
C ASP W 45 60.69 -110.78 -14.67
N SER W 46 61.30 -111.47 -13.71
CA SER W 46 60.61 -111.77 -12.46
C SER W 46 60.73 -110.62 -11.48
N LEU W 47 61.75 -109.78 -11.67
CA LEU W 47 61.93 -108.61 -10.82
C LEU W 47 60.88 -107.55 -11.12
N LEU W 48 60.51 -107.42 -12.40
CA LEU W 48 59.48 -106.49 -12.83
C LEU W 48 58.09 -107.02 -12.46
N GLY W 49 57.12 -106.11 -12.39
CA GLY W 49 55.72 -106.38 -11.99
C GLY W 49 55.06 -107.69 -12.49
N GLN W 50 53.93 -108.03 -11.87
CA GLN W 50 53.16 -109.25 -12.19
C GLN W 50 52.74 -109.30 -13.64
N GLU W 51 52.26 -108.17 -14.16
CA GLU W 51 51.90 -108.13 -15.55
C GLU W 51 53.12 -107.81 -16.36
N LYS W 52 53.92 -108.85 -16.60
CA LYS W 52 55.17 -108.74 -17.32
C LYS W 52 55.04 -108.19 -18.74
N GLU W 53 53.83 -108.21 -19.27
CA GLU W 53 53.58 -107.74 -20.62
C GLU W 53 53.56 -106.22 -20.73
N ARG W 54 53.76 -105.52 -19.60
CA ARG W 54 53.85 -104.07 -19.63
C ARG W 54 55.24 -103.61 -20.03
N PHE W 55 56.21 -104.52 -20.02
CA PHE W 55 57.58 -104.14 -20.32
C PHE W 55 58.19 -105.00 -21.39
N GLN W 56 59.05 -104.40 -22.21
CA GLN W 56 59.78 -105.17 -23.19
C GLN W 56 61.26 -105.15 -22.88
N VAL W 57 61.77 -106.25 -22.36
CA VAL W 57 63.18 -106.30 -22.05
C VAL W 57 63.99 -106.55 -23.31
N LEU W 58 65.02 -105.73 -23.50
CA LEU W 58 65.84 -105.77 -24.69
C LEU W 58 67.30 -106.05 -24.34
N PRO W 59 68.02 -106.80 -25.17
CA PRO W 59 69.41 -107.14 -24.90
C PRO W 59 70.35 -106.34 -25.77
N GLY W 60 70.86 -105.23 -25.25
CA GLY W 60 71.74 -104.37 -26.04
C GLY W 60 73.10 -104.99 -26.30
N ARG W 61 73.69 -104.62 -27.43
CA ARG W 61 75.00 -105.13 -27.84
C ARG W 61 76.13 -104.61 -26.95
N ASP W 62 75.84 -103.57 -26.17
CA ASP W 62 76.76 -102.99 -25.22
C ASP W 62 76.76 -103.69 -23.86
N LYS W 63 76.12 -104.87 -23.78
CA LYS W 63 76.01 -105.67 -22.56
C LYS W 63 75.10 -105.05 -21.51
N MET W 64 74.26 -104.10 -21.93
CA MET W 64 73.30 -103.49 -21.04
C MET W 64 71.93 -104.02 -21.35
N LEU W 65 71.24 -104.46 -20.30
CA LEU W 65 69.93 -105.01 -20.48
C LEU W 65 68.93 -103.85 -20.35
N TYR W 66 68.17 -103.62 -21.39
CA TYR W 66 67.28 -102.47 -21.41
C TYR W 66 65.84 -102.81 -21.10
N VAL W 67 65.14 -101.87 -20.47
CA VAL W 67 63.73 -102.08 -20.17
C VAL W 67 62.87 -101.07 -20.88
N ALA W 68 62.20 -101.47 -21.94
CA ALA W 68 61.37 -100.52 -22.66
C ALA W 68 60.02 -100.37 -21.98
N ALA W 69 59.69 -99.14 -21.61
CA ALA W 69 58.43 -98.82 -20.99
C ALA W 69 57.62 -97.91 -21.90
N GLN W 70 56.30 -98.07 -21.87
CA GLN W 70 55.42 -97.29 -22.73
C GLN W 70 54.81 -96.08 -22.03
N ASN W 71 55.09 -95.91 -20.74
CA ASN W 71 54.51 -94.82 -19.98
C ASN W 71 55.40 -94.43 -18.84
N GLU W 72 55.46 -93.13 -18.53
CA GLU W 72 56.29 -92.64 -17.44
C GLU W 72 56.00 -93.26 -16.08
N ARG W 73 54.81 -93.82 -15.88
CA ARG W 73 54.51 -94.51 -14.63
C ARG W 73 55.23 -95.84 -14.59
N ASP W 74 55.42 -96.44 -15.75
CA ASP W 74 56.07 -97.72 -15.85
C ASP W 74 57.56 -97.48 -15.88
N THR W 75 57.96 -96.33 -16.42
CA THR W 75 59.34 -95.93 -16.43
C THR W 75 59.82 -95.84 -14.99
N LEU W 76 59.07 -95.12 -14.17
CA LEU W 76 59.42 -95.00 -12.77
C LEU W 76 59.37 -96.33 -12.06
N TRP W 77 58.36 -97.15 -12.37
CA TRP W 77 58.24 -98.47 -11.76
C TRP W 77 59.53 -99.24 -11.91
N ALA W 78 60.00 -99.36 -13.15
CA ALA W 78 61.21 -100.08 -13.48
C ALA W 78 62.44 -99.46 -12.82
N ARG W 79 62.50 -98.14 -12.78
CA ARG W 79 63.64 -97.49 -12.15
C ARG W 79 63.70 -97.80 -10.66
N GLN W 80 62.52 -97.86 -10.03
CA GLN W 80 62.49 -98.20 -8.63
C GLN W 80 62.93 -99.63 -8.42
N VAL W 81 62.58 -100.52 -9.35
CA VAL W 81 63.04 -101.90 -9.25
C VAL W 81 64.55 -101.98 -9.28
N LEU W 82 65.17 -101.25 -10.20
CA LEU W 82 66.63 -101.26 -10.29
C LEU W 82 67.31 -100.69 -9.05
N ALA W 83 66.71 -99.66 -8.45
CA ALA W 83 67.28 -99.06 -7.24
C ALA W 83 66.96 -99.85 -5.96
N ARG W 84 65.77 -100.45 -5.92
CA ARG W 84 65.30 -101.21 -4.76
C ARG W 84 65.89 -102.59 -4.68
N GLY W 85 65.74 -103.34 -5.76
CA GLY W 85 66.23 -104.70 -5.83
C GLY W 85 67.61 -104.71 -6.40
N ASP W 86 67.94 -105.79 -7.07
CA ASP W 86 69.27 -105.86 -7.62
C ASP W 86 69.31 -106.80 -8.80
N TYR W 87 70.31 -106.58 -9.62
CA TYR W 87 70.57 -107.37 -10.80
C TYR W 87 72.01 -107.11 -11.21
N ASP W 88 72.85 -108.13 -11.08
CA ASP W 88 74.27 -107.99 -11.39
C ASP W 88 74.55 -107.89 -12.88
N LYS W 89 74.24 -106.73 -13.46
CA LYS W 89 74.47 -106.48 -14.87
C LYS W 89 74.01 -105.08 -15.23
N ASN W 90 74.72 -104.46 -16.16
CA ASN W 90 74.33 -103.15 -16.64
C ASN W 90 72.88 -103.17 -17.05
N ALA W 91 72.15 -102.14 -16.71
CA ALA W 91 70.75 -102.06 -17.06
C ALA W 91 70.30 -100.62 -17.19
N ARG W 92 69.29 -100.39 -18.02
CA ARG W 92 68.80 -99.03 -18.24
C ARG W 92 67.40 -99.00 -18.82
N VAL W 93 66.54 -98.20 -18.18
CA VAL W 93 65.15 -98.09 -18.61
C VAL W 93 65.00 -97.13 -19.79
N ILE W 94 64.28 -97.60 -20.80
CA ILE W 94 63.99 -96.85 -22.02
C ILE W 94 62.62 -96.20 -22.02
N ASN W 95 62.59 -94.94 -22.41
CA ASN W 95 61.37 -94.16 -22.53
C ASN W 95 61.34 -93.46 -23.86
N GLU W 96 60.36 -93.82 -24.68
CA GLU W 96 60.19 -93.29 -26.03
C GLU W 96 60.46 -91.80 -26.20
N ASN W 97 59.88 -90.97 -25.34
CA ASN W 97 60.09 -89.54 -25.45
C ASN W 97 61.46 -89.13 -24.99
N GLU W 98 61.97 -89.78 -23.95
CA GLU W 98 63.28 -89.43 -23.45
C GLU W 98 64.35 -89.77 -24.46
N GLU W 99 64.16 -90.89 -25.17
CA GLU W 99 65.11 -91.31 -26.16
C GLU W 99 65.02 -90.46 -27.38
N ASN W 100 63.80 -90.04 -27.74
CA ASN W 100 63.65 -89.17 -28.88
C ASN W 100 64.44 -87.89 -28.63
N LYS W 101 64.32 -87.36 -27.39
CA LYS W 101 65.04 -86.16 -27.01
C LYS W 101 66.55 -86.36 -26.98
N ARG W 102 67.02 -87.45 -26.37
CA ARG W 102 68.44 -87.72 -26.29
C ARG W 102 69.09 -87.70 -27.65
N ILE W 103 68.45 -88.37 -28.60
CA ILE W 103 68.93 -88.41 -29.94
C ILE W 103 68.93 -87.05 -30.59
N SER W 104 67.82 -86.31 -30.43
CA SER W 104 67.74 -85.00 -31.06
C SER W 104 68.84 -84.05 -30.60
N ILE W 105 69.31 -84.21 -29.37
CA ILE W 105 70.39 -83.38 -28.88
C ILE W 105 71.68 -83.64 -29.64
N TRP W 106 72.05 -84.91 -29.69
CA TRP W 106 73.26 -85.31 -30.38
C TRP W 106 73.18 -84.94 -31.84
N LEU W 107 72.02 -85.22 -32.41
CA LEU W 107 71.75 -85.01 -33.81
C LEU W 107 71.90 -83.55 -34.18
N ASP W 108 71.38 -82.64 -33.37
CA ASP W 108 71.54 -81.22 -33.67
C ASP W 108 73.01 -80.79 -33.69
N THR W 109 73.82 -81.32 -32.77
CA THR W 109 75.25 -80.97 -32.71
C THR W 109 76.04 -81.45 -33.92
N TYR W 110 75.84 -82.71 -34.30
CA TYR W 110 76.61 -83.28 -35.40
C TYR W 110 75.98 -83.07 -36.76
N TYR W 111 74.67 -83.00 -36.82
CA TYR W 111 73.95 -82.71 -38.04
C TYR W 111 73.03 -81.51 -37.90
N PRO W 112 73.57 -80.30 -37.71
CA PRO W 112 72.84 -79.07 -37.55
C PRO W 112 72.16 -78.78 -38.86
N GLN W 113 71.01 -78.13 -38.77
CA GLN W 113 70.17 -77.81 -39.91
C GLN W 113 69.45 -79.03 -40.52
N LEU W 114 69.62 -80.24 -39.95
CA LEU W 114 68.91 -81.39 -40.49
C LEU W 114 67.43 -81.23 -40.25
N ALA W 115 66.63 -81.35 -41.31
CA ALA W 115 65.18 -81.21 -41.14
C ALA W 115 64.53 -82.56 -40.92
N TYR W 116 63.97 -82.77 -39.75
CA TYR W 116 63.35 -84.05 -39.44
C TYR W 116 62.16 -83.88 -38.51
N TYR W 117 61.41 -84.97 -38.34
CA TYR W 117 60.19 -84.94 -37.55
C TYR W 117 60.29 -85.68 -36.23
N ARG W 118 60.14 -87.00 -36.24
CA ARG W 118 60.16 -87.73 -35.00
C ARG W 118 60.51 -89.18 -35.22
N ILE W 119 61.19 -89.78 -34.24
CA ILE W 119 61.54 -91.18 -34.33
C ILE W 119 60.43 -92.03 -33.73
N HIS W 120 59.96 -92.99 -34.51
CA HIS W 120 58.92 -93.89 -34.10
C HIS W 120 59.54 -95.18 -33.64
N PHE W 121 59.56 -95.40 -32.35
CA PHE W 121 60.25 -96.55 -31.83
C PHE W 121 59.48 -97.84 -32.01
N ASP W 122 58.17 -97.80 -31.79
CA ASP W 122 57.26 -98.96 -31.99
C ASP W 122 57.91 -100.30 -31.75
N GLU W 123 58.55 -100.85 -32.78
CA GLU W 123 59.27 -102.11 -32.68
C GLU W 123 60.75 -101.85 -32.42
N PRO W 124 61.15 -101.71 -31.14
CA PRO W 124 62.51 -101.40 -30.66
C PRO W 124 63.64 -101.68 -31.65
N ARG W 125 63.68 -102.90 -32.16
CA ARG W 125 64.68 -103.40 -33.08
C ARG W 125 64.92 -102.53 -34.30
N LYS W 126 63.84 -102.01 -34.87
CA LYS W 126 63.90 -101.22 -36.09
C LYS W 126 63.02 -99.99 -36.02
N PRO W 127 63.46 -98.93 -35.34
CA PRO W 127 62.78 -97.66 -35.18
C PRO W 127 62.78 -96.95 -36.51
N VAL W 128 61.77 -96.13 -36.74
CA VAL W 128 61.63 -95.41 -37.99
C VAL W 128 61.93 -93.94 -37.80
N PHE W 129 62.75 -93.40 -38.66
CA PHE W 129 63.15 -92.02 -38.55
C PHE W 129 62.48 -91.18 -39.62
N TRP W 130 61.54 -90.32 -39.25
CA TRP W 130 60.92 -89.48 -40.27
C TRP W 130 61.81 -88.28 -40.57
N LEU W 131 62.11 -88.11 -41.85
CA LEU W 131 63.00 -87.09 -42.37
C LEU W 131 62.27 -86.21 -43.40
N SER W 132 62.48 -84.89 -43.36
CA SER W 132 61.77 -84.04 -44.33
C SER W 132 62.23 -84.28 -45.76
N ARG W 133 61.35 -84.88 -46.56
CA ARG W 133 61.64 -85.17 -47.96
C ARG W 133 62.00 -83.96 -48.77
N GLN W 134 61.25 -82.89 -48.58
CA GLN W 134 61.42 -81.69 -49.36
C GLN W 134 62.56 -80.79 -48.90
N ARG W 135 62.81 -80.68 -47.60
CA ARG W 135 63.87 -79.79 -47.14
C ARG W 135 65.27 -80.39 -47.17
N ASN W 136 65.40 -81.71 -47.10
CA ASN W 136 66.74 -82.28 -47.11
C ASN W 136 67.18 -82.67 -48.51
N THR W 137 68.45 -82.43 -48.81
CA THR W 137 69.03 -82.74 -50.10
C THR W 137 70.21 -83.70 -49.97
N MET W 138 70.23 -84.49 -48.91
CA MET W 138 71.30 -85.44 -48.67
C MET W 138 71.30 -86.56 -49.70
N SER W 139 72.50 -87.03 -50.05
CA SER W 139 72.61 -88.12 -51.01
C SER W 139 72.33 -89.43 -50.32
N LYS W 140 72.09 -90.46 -51.12
CA LYS W 140 71.83 -91.79 -50.59
C LYS W 140 72.95 -92.26 -49.68
N LYS W 141 74.19 -92.00 -50.09
CA LYS W 141 75.36 -92.40 -49.33
C LYS W 141 75.41 -91.66 -48.01
N GLU W 142 75.09 -90.38 -48.05
CA GLU W 142 75.08 -89.59 -46.83
C GLU W 142 74.02 -90.10 -45.87
N LEU W 143 72.87 -90.50 -46.40
CA LEU W 143 71.80 -91.04 -45.58
C LEU W 143 72.22 -92.37 -44.96
N GLU W 144 73.00 -93.17 -45.70
CA GLU W 144 73.53 -94.40 -45.14
C GLU W 144 74.32 -94.11 -43.88
N VAL W 145 75.24 -93.15 -44.01
CA VAL W 145 76.09 -92.75 -42.90
C VAL W 145 75.27 -92.27 -41.72
N LEU W 146 74.27 -91.44 -42.00
CA LEU W 146 73.38 -90.93 -40.98
C LEU W 146 72.74 -92.07 -40.19
N SER W 147 72.20 -93.06 -40.90
CA SER W 147 71.56 -94.17 -40.20
C SER W 147 72.56 -94.94 -39.36
N GLN W 148 73.80 -95.02 -39.81
CA GLN W 148 74.81 -95.70 -39.05
C GLN W 148 75.13 -94.98 -37.76
N LYS W 149 75.12 -93.65 -37.80
CA LYS W 149 75.36 -92.90 -36.60
C LYS W 149 74.22 -93.07 -35.62
N LEU W 150 73.01 -93.16 -36.16
CA LEU W 150 71.85 -93.38 -35.32
C LEU W 150 71.91 -94.75 -34.68
N ARG W 151 72.42 -95.75 -35.42
CA ARG W 151 72.57 -97.08 -34.86
C ARG W 151 73.52 -97.04 -33.70
N ALA W 152 74.59 -96.26 -33.81
CA ALA W 152 75.54 -96.09 -32.72
C ALA W 152 74.86 -95.51 -31.49
N LEU W 153 73.96 -94.55 -31.71
CA LEU W 153 73.23 -93.94 -30.60
C LEU W 153 72.25 -94.87 -29.91
N MET W 154 71.79 -95.91 -30.61
CA MET W 154 70.85 -96.88 -30.06
C MET W 154 71.40 -98.32 -29.99
N PRO W 155 72.10 -98.67 -28.88
CA PRO W 155 72.74 -99.94 -28.53
C PRO W 155 71.87 -101.16 -28.74
N TYR W 156 70.57 -101.00 -28.62
CA TYR W 156 69.65 -102.13 -28.78
C TYR W 156 69.18 -102.30 -30.22
N ALA W 157 68.86 -101.20 -30.87
CA ALA W 157 68.35 -101.22 -32.22
C ALA W 157 69.33 -101.93 -33.14
N ASP W 158 68.80 -102.74 -34.05
CA ASP W 158 69.64 -103.47 -34.96
C ASP W 158 69.90 -102.63 -36.20
N SER W 159 68.89 -101.88 -36.61
CA SER W 159 69.04 -100.99 -37.76
C SER W 159 68.07 -99.84 -37.65
N VAL W 160 68.27 -98.82 -38.46
CA VAL W 160 67.39 -97.66 -38.44
C VAL W 160 66.76 -97.45 -39.80
N ASN W 161 65.45 -97.33 -39.81
CA ASN W 161 64.74 -97.14 -41.07
C ASN W 161 64.46 -95.68 -41.32
N ILE W 162 65.38 -95.00 -41.99
CA ILE W 162 65.15 -93.62 -42.33
C ILE W 162 64.24 -93.53 -43.53
N THR W 163 63.21 -92.71 -43.42
CA THR W 163 62.27 -92.54 -44.51
C THR W 163 61.91 -91.09 -44.65
N LEU W 164 61.62 -90.70 -45.88
CA LEU W 164 61.35 -89.31 -46.17
C LEU W 164 59.85 -89.03 -46.23
N MET W 165 59.42 -88.01 -45.50
CA MET W 165 58.02 -87.62 -45.43
C MET W 165 57.75 -86.30 -46.15
N ASP W 166 56.57 -86.17 -46.74
CA ASP W 166 56.24 -84.95 -47.45
C ASP W 166 55.63 -83.89 -46.54
N ASP W 167 56.36 -82.79 -46.37
CA ASP W 167 55.96 -81.66 -45.52
C ASP W 167 54.53 -81.19 -45.74
N VAL W 168 54.07 -81.27 -46.98
CA VAL W 168 52.73 -80.84 -47.33
C VAL W 168 51.68 -81.68 -46.66
N THR W 169 51.91 -82.99 -46.57
CA THR W 169 50.91 -83.86 -45.98
C THR W 169 50.86 -83.69 -44.49
N ALA W 170 52.00 -83.30 -43.89
CA ALA W 170 52.02 -83.04 -42.47
C ALA W 170 51.13 -81.84 -42.17
N ALA W 171 51.33 -80.77 -42.93
CA ALA W 171 50.54 -79.56 -42.74
C ALA W 171 49.08 -79.79 -43.07
N GLY W 172 48.83 -80.56 -44.13
CA GLY W 172 47.47 -80.84 -44.56
C GLY W 172 46.67 -81.51 -43.48
N GLN W 173 47.26 -82.52 -42.83
CA GLN W 173 46.57 -83.22 -41.76
C GLN W 173 46.31 -82.32 -40.58
N ALA W 174 47.30 -81.49 -40.24
CA ALA W 174 47.15 -80.58 -39.11
C ALA W 174 45.94 -79.68 -39.29
N GLU W 175 45.83 -79.07 -40.46
CA GLU W 175 44.72 -78.16 -40.68
C GLU W 175 43.41 -78.88 -40.86
N ALA W 176 43.42 -79.99 -41.58
CA ALA W 176 42.19 -80.73 -41.86
C ALA W 176 41.50 -81.15 -40.57
N GLY W 177 42.24 -81.75 -39.65
CA GLY W 177 41.65 -82.19 -38.40
C GLY W 177 41.18 -81.01 -37.58
N LEU W 178 41.98 -79.95 -37.57
CA LEU W 178 41.66 -78.74 -36.83
C LEU W 178 40.32 -78.16 -37.24
N LYS W 179 40.10 -78.03 -38.55
CA LYS W 179 38.85 -77.51 -39.03
C LYS W 179 37.72 -78.54 -38.95
N GLN W 180 38.04 -79.83 -38.95
CA GLN W 180 37.01 -80.86 -38.77
C GLN W 180 36.34 -80.72 -37.42
N GLN W 181 37.15 -80.38 -36.41
CA GLN W 181 36.66 -80.14 -35.05
C GLN W 181 35.87 -78.82 -34.90
N ALA W 182 35.71 -78.07 -35.99
CA ALA W 182 34.98 -76.81 -36.03
C ALA W 182 35.64 -75.75 -35.18
N LEU W 183 36.97 -75.80 -35.10
CA LEU W 183 37.70 -74.83 -34.31
C LEU W 183 38.09 -73.64 -35.16
N PRO W 184 38.08 -72.44 -34.59
CA PRO W 184 38.51 -71.19 -35.18
C PRO W 184 40.02 -71.16 -35.15
N TYR W 185 40.64 -70.63 -36.18
CA TYR W 185 42.09 -70.56 -36.19
C TYR W 185 42.60 -69.68 -37.29
N SER W 186 43.88 -69.37 -37.24
CA SER W 186 44.49 -68.63 -38.31
C SER W 186 45.87 -69.22 -38.58
N ARG W 187 46.07 -69.67 -39.81
CA ARG W 187 47.30 -70.32 -40.22
C ARG W 187 48.42 -69.33 -40.49
N ARG W 188 49.63 -69.72 -40.12
CA ARG W 188 50.82 -68.91 -40.30
C ARG W 188 51.92 -69.65 -41.02
N ASN W 189 51.93 -69.57 -42.34
CA ASN W 189 52.98 -70.22 -43.09
C ASN W 189 54.23 -69.39 -43.06
N HIS W 190 55.36 -70.02 -42.84
CA HIS W 190 56.62 -69.30 -42.87
C HIS W 190 57.71 -70.23 -43.33
N LYS W 191 58.85 -69.69 -43.70
CA LYS W 191 59.91 -70.56 -44.15
C LYS W 191 60.32 -71.47 -43.03
N GLY W 192 60.28 -72.77 -43.28
CA GLY W 192 60.69 -73.75 -42.29
C GLY W 192 59.57 -74.30 -41.40
N GLY W 193 58.34 -73.79 -41.51
CA GLY W 193 57.29 -74.33 -40.65
C GLY W 193 55.93 -73.65 -40.78
N VAL W 194 55.01 -74.03 -39.91
CA VAL W 194 53.69 -73.44 -39.91
C VAL W 194 53.10 -73.40 -38.52
N THR W 195 52.47 -72.29 -38.18
CA THR W 195 51.86 -72.15 -36.87
C THR W 195 50.35 -71.90 -36.96
N PHE W 196 49.59 -72.60 -36.12
CA PHE W 196 48.14 -72.46 -36.10
C PHE W 196 47.68 -71.72 -34.86
N VAL W 197 47.29 -70.48 -35.06
CA VAL W 197 46.89 -69.60 -33.97
C VAL W 197 45.42 -69.70 -33.64
N ILE W 198 45.12 -69.97 -32.37
CA ILE W 198 43.74 -70.06 -31.92
C ILE W 198 43.49 -69.04 -30.81
N GLN W 199 42.81 -67.95 -31.14
CA GLN W 199 42.55 -66.91 -30.15
C GLN W 199 41.09 -66.65 -29.91
N GLY W 200 40.81 -65.84 -28.90
CA GLY W 200 39.46 -65.46 -28.53
C GLY W 200 38.97 -66.25 -27.34
N ALA W 201 37.77 -65.91 -26.88
CA ALA W 201 37.17 -66.66 -25.79
C ALA W 201 36.73 -68.00 -26.31
N LEU W 202 36.91 -69.04 -25.53
CA LEU W 202 36.54 -70.37 -25.98
C LEU W 202 35.56 -71.07 -25.07
N ASP W 203 34.64 -71.80 -25.70
CA ASP W 203 33.67 -72.63 -25.02
C ASP W 203 34.36 -73.83 -24.43
N ASP W 204 34.02 -74.21 -23.22
CA ASP W 204 34.65 -75.37 -22.59
C ASP W 204 34.65 -76.63 -23.46
N VAL W 205 33.63 -76.77 -24.30
CA VAL W 205 33.54 -77.93 -25.17
C VAL W 205 34.61 -77.88 -26.25
N GLU W 206 34.72 -76.74 -26.92
CA GLU W 206 35.74 -76.62 -27.96
C GLU W 206 37.14 -76.60 -27.40
N ILE W 207 37.28 -76.22 -26.12
CA ILE W 207 38.59 -76.27 -25.51
C ILE W 207 39.04 -77.71 -25.40
N LEU W 208 38.15 -78.56 -24.89
CA LEU W 208 38.44 -79.97 -24.77
C LEU W 208 38.81 -80.58 -26.10
N ARG W 209 37.98 -80.33 -27.12
CA ARG W 209 38.23 -80.85 -28.45
C ARG W 209 39.56 -80.41 -29.00
N ALA W 210 39.90 -79.14 -28.81
CA ALA W 210 41.14 -78.60 -29.32
C ALA W 210 42.32 -79.33 -28.75
N ARG W 211 42.35 -79.50 -27.43
CA ARG W 211 43.48 -80.18 -26.83
C ARG W 211 43.62 -81.61 -27.29
N GLN W 212 42.51 -82.33 -27.37
CA GLN W 212 42.57 -83.73 -27.79
C GLN W 212 43.22 -83.85 -29.15
N PHE W 213 42.81 -83.00 -30.08
CA PHE W 213 43.38 -82.99 -31.40
C PHE W 213 44.86 -82.70 -31.41
N VAL W 214 45.25 -81.63 -30.72
CA VAL W 214 46.64 -81.23 -30.67
C VAL W 214 47.54 -82.28 -30.10
N ASP W 215 47.13 -82.90 -28.99
CA ASP W 215 47.93 -83.94 -28.38
C ASP W 215 48.17 -85.09 -29.34
N SER W 216 47.14 -85.50 -30.08
CA SER W 216 47.31 -86.58 -31.03
C SER W 216 48.23 -86.24 -32.17
N TYR W 217 48.09 -85.02 -32.70
CA TYR W 217 48.94 -84.60 -33.80
C TYR W 217 50.41 -84.62 -33.37
N TYR W 218 50.65 -84.07 -32.19
CA TYR W 218 51.97 -84.03 -31.62
C TYR W 218 52.53 -85.43 -31.48
N ARG W 219 51.77 -86.31 -30.85
CA ARG W 219 52.19 -87.69 -30.66
C ARG W 219 52.66 -88.34 -31.95
N THR W 220 51.94 -88.10 -33.04
CA THR W 220 52.31 -88.69 -34.33
C THR W 220 53.47 -87.98 -35.01
N TRP W 221 53.25 -86.74 -35.41
CA TRP W 221 54.25 -86.02 -36.18
C TRP W 221 55.31 -85.31 -35.36
N GLY W 222 54.96 -84.87 -34.16
CA GLY W 222 55.90 -84.13 -33.34
C GLY W 222 55.71 -82.63 -33.59
N GLY W 223 56.36 -81.80 -32.79
CA GLY W 223 56.19 -80.36 -32.90
C GLY W 223 57.36 -79.61 -33.57
N ARG W 224 58.04 -80.24 -34.50
CA ARG W 224 59.17 -79.57 -35.15
C ARG W 224 58.80 -78.81 -36.42
N TYR W 225 57.63 -79.09 -36.97
CA TYR W 225 57.21 -78.41 -38.19
C TYR W 225 55.92 -77.66 -37.94
N VAL W 226 54.95 -78.34 -37.35
CA VAL W 226 53.67 -77.74 -37.02
C VAL W 226 53.62 -77.33 -35.57
N GLN W 227 53.36 -76.06 -35.34
CA GLN W 227 53.26 -75.52 -34.00
C GLN W 227 51.85 -75.00 -33.75
N PHE W 228 51.23 -75.44 -32.67
CA PHE W 228 49.90 -74.94 -32.36
C PHE W 228 50.01 -73.88 -31.28
N ALA W 229 49.09 -72.94 -31.29
CA ALA W 229 49.14 -71.84 -30.33
C ALA W 229 47.77 -71.48 -29.78
N ILE W 230 47.34 -72.20 -28.74
CA ILE W 230 46.06 -71.93 -28.11
C ILE W 230 46.19 -70.79 -27.13
N GLU W 231 45.42 -69.74 -27.35
CA GLU W 231 45.45 -68.56 -26.50
C GLU W 231 44.07 -68.12 -26.05
N LEU W 232 43.71 -68.50 -24.84
CA LEU W 232 42.43 -68.16 -24.26
C LEU W 232 42.39 -66.68 -23.86
N LYS W 233 41.64 -65.88 -24.60
CA LYS W 233 41.60 -64.43 -24.36
C LYS W 233 40.20 -63.84 -24.35
N ASP W 234 40.05 -62.69 -23.70
CA ASP W 234 38.77 -61.98 -23.67
C ASP W 234 38.49 -61.22 -24.95
N ASP W 235 37.22 -61.15 -25.31
CA ASP W 235 36.79 -60.43 -26.50
C ASP W 235 35.96 -59.19 -26.13
N ASP X 3 44.29 -110.89 4.75
CA ASP X 3 43.87 -110.49 6.08
C ASP X 3 44.39 -109.12 6.44
N LYS X 4 43.93 -108.10 5.72
CA LYS X 4 44.38 -106.75 5.97
C LYS X 4 43.24 -105.85 6.42
N ASP X 5 43.56 -104.91 7.32
CA ASP X 5 42.55 -103.97 7.77
C ASP X 5 42.46 -102.82 6.77
N LEU X 6 41.26 -102.54 6.31
CA LEU X 6 41.08 -101.47 5.34
C LEU X 6 40.44 -100.26 6.01
N LEU X 7 39.22 -100.44 6.54
CA LEU X 7 38.50 -99.36 7.20
C LEU X 7 38.01 -99.74 8.60
N LYS X 8 37.94 -98.75 9.49
CA LYS X 8 37.45 -99.00 10.85
C LYS X 8 36.55 -97.89 11.36
N GLY X 9 35.62 -98.24 12.23
CA GLY X 9 34.74 -97.23 12.83
C GLY X 9 33.64 -96.75 11.90
N LEU X 10 33.27 -97.58 10.94
CA LEU X 10 32.26 -97.18 9.99
C LEU X 10 30.87 -97.32 10.55
N ASP X 11 29.96 -96.48 10.07
CA ASP X 11 28.60 -96.68 10.52
C ASP X 11 27.99 -97.69 9.57
N GLN X 12 26.75 -98.05 9.81
CA GLN X 12 26.11 -99.07 9.01
C GLN X 12 26.01 -98.75 7.54
N GLU X 13 25.55 -97.55 7.21
CA GLU X 13 25.40 -97.12 5.83
C GLU X 13 26.71 -97.15 5.06
N GLN X 14 27.72 -96.52 5.64
CA GLN X 14 29.04 -96.44 5.05
C GLN X 14 29.60 -97.81 4.77
N ALA X 15 29.50 -98.69 5.76
CA ALA X 15 30.04 -100.04 5.62
C ALA X 15 29.44 -100.75 4.43
N ASN X 16 28.11 -100.70 4.31
CA ASN X 16 27.47 -101.39 3.20
C ASN X 16 27.79 -100.76 1.86
N GLU X 17 27.95 -99.44 1.82
CA GLU X 17 28.28 -98.78 0.56
C GLU X 17 29.65 -99.11 0.05
N VAL X 18 30.63 -99.11 0.94
CA VAL X 18 32.00 -99.44 0.56
C VAL X 18 32.08 -100.84 0.04
N ILE X 19 31.43 -101.77 0.74
CA ILE X 19 31.41 -103.15 0.33
C ILE X 19 30.84 -103.32 -1.05
N ALA X 20 29.74 -102.64 -1.33
CA ALA X 20 29.12 -102.72 -2.64
C ALA X 20 30.12 -102.42 -3.74
N VAL X 21 30.89 -101.33 -3.56
CA VAL X 21 31.89 -100.95 -4.54
C VAL X 21 32.97 -102.00 -4.73
N LEU X 22 33.47 -102.53 -3.63
CA LEU X 22 34.53 -103.52 -3.71
C LEU X 22 34.08 -104.77 -4.44
N GLN X 23 32.85 -105.20 -4.18
CA GLN X 23 32.31 -106.36 -4.85
C GLN X 23 32.15 -106.12 -6.32
N MET X 24 31.69 -104.93 -6.67
CA MET X 24 31.54 -104.53 -8.06
C MET X 24 32.85 -104.67 -8.82
N HIS X 25 33.95 -104.37 -8.15
CA HIS X 25 35.27 -104.49 -8.78
C HIS X 25 35.97 -105.82 -8.49
N ASN X 26 35.20 -106.85 -8.18
CA ASN X 26 35.73 -108.18 -7.95
C ASN X 26 36.61 -108.34 -6.73
N ILE X 27 36.19 -107.74 -5.61
CA ILE X 27 36.92 -107.86 -4.35
C ILE X 27 36.01 -108.32 -3.22
N GLU X 28 36.32 -109.46 -2.61
CA GLU X 28 35.56 -109.94 -1.46
C GLU X 28 35.88 -109.07 -0.25
N ALA X 29 34.90 -108.87 0.62
CA ALA X 29 35.14 -108.04 1.79
C ALA X 29 34.36 -108.53 2.99
N ASN X 30 34.97 -108.39 4.17
CA ASN X 30 34.34 -108.83 5.40
C ASN X 30 33.84 -107.65 6.18
N LYS X 31 32.61 -107.74 6.69
CA LYS X 31 32.08 -106.70 7.56
C LYS X 31 32.10 -107.19 8.98
N ILE X 32 32.89 -106.53 9.82
CA ILE X 32 33.03 -106.95 11.19
C ILE X 32 32.35 -106.02 12.15
N ASP X 33 31.43 -106.56 12.92
CA ASP X 33 30.68 -105.81 13.93
C ASP X 33 31.43 -105.76 15.25
N SER X 34 31.96 -104.60 15.60
CA SER X 34 32.70 -104.42 16.85
C SER X 34 31.88 -103.67 17.89
N GLY X 35 30.55 -103.78 17.79
CA GLY X 35 29.65 -103.17 18.75
C GLY X 35 29.70 -101.67 18.69
N LYS X 36 29.90 -101.06 19.85
CA LYS X 36 29.96 -99.60 19.99
C LYS X 36 31.08 -98.96 19.19
N LEU X 37 32.06 -99.75 18.75
CA LEU X 37 33.16 -99.21 18.00
C LEU X 37 32.88 -99.13 16.50
N GLY X 38 31.71 -99.62 16.07
CA GLY X 38 31.34 -99.52 14.66
C GLY X 38 31.74 -100.74 13.85
N TYR X 39 31.77 -100.56 12.54
CA TYR X 39 32.10 -101.65 11.64
C TYR X 39 33.50 -101.53 11.07
N SER X 40 34.10 -102.67 10.80
CA SER X 40 35.40 -102.70 10.19
C SER X 40 35.38 -103.52 8.92
N ILE X 41 36.12 -103.09 7.92
CA ILE X 41 36.18 -103.82 6.67
C ILE X 41 37.56 -104.37 6.44
N THR X 42 37.63 -105.68 6.20
CA THR X 42 38.90 -106.32 5.93
C THR X 42 38.87 -107.06 4.62
N VAL X 43 40.04 -107.20 4.01
CA VAL X 43 40.15 -107.86 2.71
C VAL X 43 41.31 -108.83 2.64
N ALA X 44 41.27 -109.72 1.65
CA ALA X 44 42.36 -110.65 1.44
C ALA X 44 43.58 -109.89 0.97
N GLU X 45 44.74 -110.30 1.48
CA GLU X 45 46.00 -109.65 1.13
C GLU X 45 46.25 -109.51 -0.38
N PRO X 46 45.93 -110.50 -1.22
CA PRO X 46 46.03 -110.46 -2.68
C PRO X 46 45.26 -109.31 -3.31
N ASP X 47 44.15 -108.91 -2.69
CA ASP X 47 43.31 -107.85 -3.22
C ASP X 47 43.61 -106.51 -2.61
N PHE X 48 44.17 -106.53 -1.40
CA PHE X 48 44.46 -105.32 -0.64
C PHE X 48 44.98 -104.12 -1.44
N THR X 49 45.92 -104.35 -2.36
CA THR X 49 46.45 -103.23 -3.15
C THR X 49 45.36 -102.59 -3.98
N ALA X 50 44.59 -103.40 -4.66
CA ALA X 50 43.51 -102.93 -5.50
C ALA X 50 42.44 -102.28 -4.65
N ALA X 51 42.16 -102.87 -3.50
CA ALA X 51 41.14 -102.34 -2.60
C ALA X 51 41.47 -100.91 -2.22
N VAL X 52 42.72 -100.67 -1.85
CA VAL X 52 43.16 -99.32 -1.50
C VAL X 52 42.96 -98.37 -2.64
N TYR X 53 43.36 -98.80 -3.83
CA TYR X 53 43.20 -97.97 -5.00
C TYR X 53 41.76 -97.50 -5.17
N TRP X 54 40.81 -98.43 -5.02
CA TRP X 54 39.41 -98.08 -5.20
C TRP X 54 38.85 -97.22 -4.07
N ILE X 55 39.35 -97.39 -2.84
CA ILE X 55 38.93 -96.51 -1.74
C ILE X 55 39.26 -95.07 -2.08
N LYS X 56 40.45 -94.88 -2.64
CA LYS X 56 40.86 -93.57 -3.08
C LYS X 56 39.97 -93.06 -4.20
N THR X 57 39.86 -93.86 -5.26
CA THR X 57 39.10 -93.52 -6.45
C THR X 57 37.69 -93.05 -6.17
N TYR X 58 36.99 -93.76 -5.30
CA TYR X 58 35.61 -93.41 -5.01
C TYR X 58 35.38 -92.59 -3.77
N GLN X 59 36.41 -91.91 -3.26
CA GLN X 59 36.23 -91.06 -2.07
C GLN X 59 35.55 -91.79 -0.92
N LEU X 60 36.04 -92.98 -0.58
CA LEU X 60 35.40 -93.74 0.47
C LEU X 60 36.13 -93.64 1.80
N PRO X 61 35.40 -93.79 2.90
CA PRO X 61 33.97 -94.02 3.08
C PRO X 61 33.19 -92.73 2.82
N PRO X 62 31.92 -92.84 2.42
CA PRO X 62 30.98 -91.78 2.08
C PRO X 62 30.76 -90.77 3.19
N ARG X 63 30.53 -89.52 2.81
CA ARG X 63 30.20 -88.47 3.75
C ARG X 63 28.70 -88.52 3.98
N PRO X 64 28.19 -87.92 5.05
CA PRO X 64 26.78 -87.79 5.37
C PRO X 64 26.14 -86.79 4.41
N ARG X 65 24.86 -86.99 4.12
CA ARG X 65 24.16 -86.16 3.17
C ARG X 65 23.90 -84.76 3.70
N VAL X 66 24.19 -83.76 2.86
CA VAL X 66 24.02 -82.36 3.21
C VAL X 66 22.70 -81.78 2.76
N GLU X 67 21.99 -81.22 3.73
CA GLU X 67 20.71 -80.58 3.51
C GLU X 67 20.75 -79.19 4.13
N ILE X 68 20.11 -78.23 3.48
CA ILE X 68 20.23 -76.84 3.91
C ILE X 68 19.78 -76.56 5.33
N ALA X 69 18.68 -77.16 5.75
CA ALA X 69 18.15 -76.94 7.10
C ALA X 69 19.12 -77.34 8.20
N GLN X 70 20.14 -78.13 7.89
CA GLN X 70 21.07 -78.56 8.90
C GLN X 70 21.91 -77.40 9.43
N MET X 71 21.96 -76.30 8.69
CA MET X 71 22.73 -75.14 9.11
C MET X 71 21.89 -74.01 9.66
N PHE X 72 20.60 -74.22 9.85
CA PHE X 72 19.75 -73.18 10.41
C PHE X 72 18.75 -73.83 11.35
N PRO X 73 19.21 -74.41 12.46
CA PRO X 73 18.47 -75.20 13.43
C PRO X 73 17.48 -74.39 14.25
N ALA X 74 16.40 -75.07 14.64
CA ALA X 74 15.32 -74.49 15.44
C ALA X 74 15.73 -74.27 16.88
N ASP X 75 16.87 -74.83 17.27
CA ASP X 75 17.39 -74.68 18.60
C ASP X 75 17.87 -73.26 18.89
N SER X 76 18.04 -72.44 17.84
CA SER X 76 18.46 -71.07 18.07
C SER X 76 17.41 -70.31 18.85
N LEU X 77 17.89 -69.46 19.76
CA LEU X 77 17.03 -68.66 20.62
C LEU X 77 16.28 -67.60 19.83
N VAL X 78 16.87 -67.18 18.72
CA VAL X 78 16.28 -66.17 17.86
C VAL X 78 16.28 -66.66 16.43
N SER X 79 15.52 -66.00 15.57
CA SER X 79 15.46 -66.36 14.17
C SER X 79 15.39 -65.13 13.32
N SER X 80 15.51 -65.32 12.02
CA SER X 80 15.44 -64.23 11.08
C SER X 80 14.70 -64.72 9.87
N PRO X 81 14.07 -63.83 9.11
CA PRO X 81 13.35 -64.08 7.89
C PRO X 81 14.21 -64.88 6.93
N ARG X 82 15.48 -64.54 6.88
CA ARG X 82 16.42 -65.23 6.04
C ARG X 82 16.52 -66.68 6.40
N ALA X 83 16.74 -66.95 7.69
CA ALA X 83 16.87 -68.31 8.16
C ALA X 83 15.59 -69.09 7.99
N GLU X 84 14.45 -68.48 8.31
CA GLU X 84 13.19 -69.18 8.24
C GLU X 84 12.81 -69.56 6.83
N LYS X 85 13.04 -68.65 5.88
CA LYS X 85 12.71 -68.96 4.50
C LYS X 85 13.59 -70.08 3.99
N ALA X 86 14.87 -70.08 4.39
CA ALA X 86 15.78 -71.15 4.00
C ALA X 86 15.32 -72.49 4.53
N ARG X 87 14.90 -72.51 5.80
CA ARG X 87 14.43 -73.74 6.42
C ARG X 87 13.27 -74.33 5.67
N LEU X 88 12.33 -73.48 5.27
CA LEU X 88 11.18 -73.94 4.54
C LEU X 88 11.57 -74.58 3.22
N TYR X 89 12.41 -73.90 2.43
CA TYR X 89 12.81 -74.44 1.15
C TYR X 89 13.50 -75.77 1.27
N SER X 90 14.30 -75.93 2.31
CA SER X 90 15.00 -77.19 2.54
C SER X 90 14.00 -78.32 2.67
N ALA X 91 12.97 -78.10 3.48
CA ALA X 91 11.93 -79.09 3.68
C ALA X 91 11.22 -79.41 2.40
N ILE X 92 10.92 -78.38 1.60
CA ILE X 92 10.24 -78.58 0.35
C ILE X 92 11.02 -79.45 -0.61
N GLU X 93 12.34 -79.23 -0.73
CA GLU X 93 13.13 -80.08 -1.62
C GLU X 93 13.04 -81.51 -1.18
N GLN X 94 13.14 -81.75 0.13
CA GLN X 94 13.07 -83.11 0.64
C GLN X 94 11.76 -83.77 0.33
N ARG X 95 10.69 -83.01 0.48
CA ARG X 95 9.36 -83.51 0.26
C ARG X 95 9.14 -83.84 -1.22
N LEU X 96 9.68 -83.02 -2.11
CA LEU X 96 9.58 -83.33 -3.54
C LEU X 96 10.35 -84.58 -3.90
N GLU X 97 11.51 -84.81 -3.26
CA GLU X 97 12.26 -86.02 -3.53
C GLU X 97 11.48 -87.23 -3.10
N GLN X 98 10.83 -87.13 -1.94
CA GLN X 98 10.02 -88.22 -1.43
C GLN X 98 8.91 -88.57 -2.41
N SER X 99 8.35 -87.56 -3.08
CA SER X 99 7.30 -87.80 -4.05
C SER X 99 7.78 -88.44 -5.34
N LEU X 100 8.87 -87.93 -5.91
CA LEU X 100 9.33 -88.48 -7.19
C LEU X 100 9.74 -89.92 -7.10
N GLN X 101 10.28 -90.32 -5.95
CA GLN X 101 10.72 -91.69 -5.78
C GLN X 101 9.56 -92.70 -5.68
N THR X 102 8.31 -92.23 -5.67
CA THR X 102 7.19 -93.13 -5.65
C THR X 102 6.60 -93.33 -7.04
N MET X 103 7.11 -92.60 -8.04
CA MET X 103 6.59 -92.77 -9.38
C MET X 103 7.04 -94.09 -9.97
N GLU X 104 6.19 -94.64 -10.81
CA GLU X 104 6.46 -95.93 -11.45
C GLU X 104 7.75 -95.92 -12.23
N GLY X 105 8.61 -96.88 -11.92
CA GLY X 105 9.87 -97.04 -12.63
C GLY X 105 11.02 -96.22 -12.04
N VAL X 106 10.73 -95.35 -11.08
CA VAL X 106 11.81 -94.55 -10.51
C VAL X 106 12.46 -95.25 -9.34
N LEU X 107 13.77 -95.38 -9.41
CA LEU X 107 14.55 -96.03 -8.39
C LEU X 107 15.14 -95.00 -7.45
N SER X 108 15.54 -93.88 -8.01
CA SER X 108 16.12 -92.80 -7.21
C SER X 108 15.95 -91.45 -7.84
N ALA X 109 15.79 -90.41 -7.02
CA ALA X 109 15.65 -89.08 -7.58
C ALA X 109 16.08 -88.01 -6.61
N ARG X 110 16.67 -86.93 -7.16
CA ARG X 110 17.14 -85.79 -6.37
C ARG X 110 16.55 -84.50 -6.91
N VAL X 111 16.24 -83.56 -6.02
CA VAL X 111 15.60 -82.30 -6.43
C VAL X 111 16.23 -81.06 -5.84
N HIS X 112 16.42 -80.05 -6.68
CA HIS X 112 16.96 -78.78 -6.24
C HIS X 112 16.02 -77.64 -6.57
N ILE X 113 15.96 -76.65 -5.68
CA ILE X 113 15.15 -75.48 -5.94
C ILE X 113 16.00 -74.27 -5.69
N SER X 114 15.83 -73.24 -6.51
CA SER X 114 16.61 -72.04 -6.30
C SER X 114 16.20 -71.33 -5.03
N TYR X 115 17.10 -70.51 -4.50
CA TYR X 115 16.83 -69.79 -3.25
C TYR X 115 16.77 -68.30 -3.46
N ASP X 116 16.15 -67.64 -2.51
CA ASP X 116 16.00 -66.20 -2.51
C ASP X 116 16.34 -65.68 -1.15
N ILE X 117 17.50 -65.08 -1.05
CA ILE X 117 18.00 -64.65 0.23
C ILE X 117 17.89 -63.16 0.49
N ASP X 118 17.74 -62.35 -0.56
CA ASP X 118 17.64 -60.93 -0.30
C ASP X 118 16.87 -60.10 -1.32
N ALA X 119 15.82 -60.65 -1.95
CA ALA X 119 15.02 -59.82 -2.86
C ALA X 119 14.32 -58.70 -2.07
N GLY X 120 13.34 -59.07 -1.25
CA GLY X 120 12.59 -58.13 -0.43
C GLY X 120 13.50 -57.26 0.43
N GLU X 121 14.57 -57.86 0.93
CA GLU X 121 15.60 -57.17 1.69
C GLU X 121 16.12 -55.91 1.01
N ASN X 122 16.25 -55.98 -0.31
CA ASN X 122 16.77 -54.86 -1.09
C ASN X 122 15.66 -54.02 -1.72
N GLY X 123 14.41 -54.24 -1.31
CA GLY X 123 13.29 -53.50 -1.88
C GLY X 123 12.88 -54.05 -3.25
N ARG X 124 13.36 -55.25 -3.59
CA ARG X 124 13.08 -55.85 -4.88
C ARG X 124 12.00 -56.91 -4.80
N PRO X 125 11.29 -57.15 -5.90
CA PRO X 125 10.34 -58.20 -6.12
C PRO X 125 11.13 -59.49 -6.23
N PRO X 126 10.52 -60.63 -5.91
CA PRO X 126 11.07 -61.96 -5.92
C PRO X 126 11.34 -62.42 -7.34
N LYS X 127 12.29 -63.32 -7.48
CA LYS X 127 12.64 -63.86 -8.78
C LYS X 127 11.88 -65.14 -9.05
N PRO X 128 11.77 -65.54 -10.32
CA PRO X 128 11.16 -66.76 -10.80
C PRO X 128 11.88 -67.93 -10.18
N VAL X 129 11.15 -69.01 -9.97
CA VAL X 129 11.75 -70.15 -9.31
C VAL X 129 12.34 -71.13 -10.31
N HIS X 130 13.56 -71.58 -10.03
CA HIS X 130 14.19 -72.54 -10.91
C HIS X 130 14.23 -73.90 -10.25
N LEU X 131 14.02 -74.93 -11.04
CA LEU X 131 14.04 -76.29 -10.52
C LEU X 131 14.92 -77.19 -11.34
N SER X 132 15.55 -78.14 -10.69
CA SER X 132 16.32 -79.12 -11.43
C SER X 132 16.22 -80.45 -10.75
N ALA X 133 16.35 -81.53 -11.50
CA ALA X 133 16.21 -82.82 -10.88
C ALA X 133 16.96 -83.92 -11.60
N LEU X 134 17.35 -84.92 -10.83
CA LEU X 134 18.04 -86.07 -11.35
C LEU X 134 17.21 -87.31 -11.12
N ALA X 135 17.26 -88.26 -12.04
CA ALA X 135 16.49 -89.47 -11.81
C ALA X 135 17.10 -90.72 -12.41
N VAL X 136 16.91 -91.83 -11.71
CA VAL X 136 17.37 -93.14 -12.13
C VAL X 136 16.19 -94.07 -12.30
N TYR X 137 16.07 -94.66 -13.48
CA TYR X 137 14.99 -95.56 -13.79
C TYR X 137 15.36 -97.01 -13.93
N GLU X 138 14.35 -97.85 -13.81
CA GLU X 138 14.50 -99.28 -14.03
C GLU X 138 14.95 -99.51 -15.46
N ARG X 139 16.01 -100.28 -15.61
CA ARG X 139 16.57 -100.54 -16.93
C ARG X 139 15.55 -101.08 -17.91
N GLY X 140 15.54 -100.46 -19.10
CA GLY X 140 14.63 -100.84 -20.18
C GLY X 140 13.42 -99.89 -20.30
N SER X 141 13.27 -99.01 -19.32
CA SER X 141 12.18 -98.04 -19.28
C SER X 141 12.35 -96.93 -20.37
N PRO X 142 11.27 -96.42 -20.95
CA PRO X 142 11.19 -95.40 -22.01
C PRO X 142 11.40 -93.96 -21.52
N LEU X 143 12.61 -93.71 -21.04
CA LEU X 143 13.05 -92.42 -20.48
C LEU X 143 12.67 -91.18 -21.26
N ALA X 144 12.71 -91.27 -22.59
CA ALA X 144 12.41 -90.14 -23.45
C ALA X 144 10.98 -89.62 -23.33
N HIS X 145 10.09 -90.39 -22.72
CA HIS X 145 8.72 -89.97 -22.58
C HIS X 145 8.41 -89.70 -21.13
N GLN X 146 9.02 -90.48 -20.26
CA GLN X 146 8.82 -90.38 -18.82
C GLN X 146 9.23 -89.03 -18.28
N ILE X 147 10.27 -88.46 -18.87
CA ILE X 147 10.73 -87.13 -18.51
C ILE X 147 9.63 -86.05 -18.54
N SER X 148 8.58 -86.25 -19.33
CA SER X 148 7.53 -85.25 -19.42
C SER X 148 6.60 -85.28 -18.22
N ASP X 149 6.52 -86.43 -17.53
CA ASP X 149 5.69 -86.50 -16.34
C ASP X 149 6.33 -85.75 -15.23
N ILE X 150 7.65 -85.90 -15.12
CA ILE X 150 8.39 -85.23 -14.08
C ILE X 150 8.25 -83.75 -14.23
N LYS X 151 8.45 -83.28 -15.44
CA LYS X 151 8.41 -81.87 -15.73
C LYS X 151 7.03 -81.27 -15.50
N ARG X 152 5.97 -81.99 -15.89
CA ARG X 152 4.61 -81.49 -15.69
C ARG X 152 4.26 -81.42 -14.22
N PHE X 153 4.61 -82.48 -13.50
CA PHE X 153 4.37 -82.56 -12.08
C PHE X 153 5.00 -81.42 -11.35
N LEU X 154 6.28 -81.18 -11.60
CA LEU X 154 6.99 -80.10 -10.95
C LEU X 154 6.44 -78.74 -11.33
N LYS X 155 6.01 -78.56 -12.58
CA LYS X 155 5.52 -77.27 -13.02
C LYS X 155 4.40 -76.73 -12.14
N ASN X 156 3.41 -77.55 -11.81
CA ASN X 156 2.36 -77.05 -10.94
C ASN X 156 2.59 -77.36 -9.46
N SER X 157 3.81 -77.72 -9.09
CA SER X 157 4.14 -77.99 -7.70
C SER X 157 4.73 -76.77 -7.03
N PHE X 158 4.72 -75.62 -7.70
CA PHE X 158 5.30 -74.47 -7.05
C PHE X 158 4.79 -73.17 -7.66
N ALA X 159 4.56 -72.20 -6.80
CA ALA X 159 4.00 -70.87 -7.07
C ALA X 159 4.27 -70.29 -8.45
N ASP X 160 5.50 -70.30 -8.93
CA ASP X 160 5.74 -69.68 -10.21
C ASP X 160 6.98 -70.21 -10.94
N VAL X 161 6.78 -71.27 -11.71
CA VAL X 161 7.83 -71.85 -12.52
C VAL X 161 7.30 -71.99 -13.93
N ASP X 162 8.12 -72.45 -14.84
CA ASP X 162 7.70 -72.65 -16.21
C ASP X 162 8.52 -73.73 -16.88
N TYR X 163 8.15 -74.13 -18.09
CA TYR X 163 8.83 -75.23 -18.75
C TYR X 163 10.25 -74.90 -19.26
N ASP X 164 10.68 -73.65 -19.14
CA ASP X 164 12.02 -73.31 -19.56
C ASP X 164 12.95 -73.21 -18.37
N ASN X 165 12.39 -73.20 -17.17
CA ASN X 165 13.20 -73.07 -15.97
C ASN X 165 13.18 -74.32 -15.12
N ILE X 166 12.82 -75.44 -15.73
CA ILE X 166 12.83 -76.74 -15.08
C ILE X 166 13.71 -77.68 -15.87
N SER X 167 14.77 -78.18 -15.27
CA SER X 167 15.65 -79.08 -15.99
C SER X 167 15.71 -80.47 -15.40
N VAL X 168 15.59 -81.48 -16.24
CA VAL X 168 15.63 -82.85 -15.78
C VAL X 168 16.69 -83.65 -16.52
N VAL X 169 17.60 -84.22 -15.76
CA VAL X 169 18.65 -85.06 -16.31
C VAL X 169 18.49 -86.45 -15.72
N LEU X 170 18.43 -87.45 -16.56
CA LEU X 170 18.16 -88.78 -16.06
C LEU X 170 18.76 -89.91 -16.86
N SER X 171 18.72 -91.10 -16.27
CA SER X 171 19.23 -92.30 -16.90
C SER X 171 18.63 -93.54 -16.25
N GLU X 172 19.32 -94.68 -16.39
CA GLU X 172 18.83 -95.92 -15.83
C GLU X 172 19.95 -96.73 -15.21
N ARG X 173 19.57 -97.67 -14.37
CA ARG X 173 20.55 -98.49 -13.66
C ARG X 173 21.41 -99.36 -14.57
N SER X 174 22.55 -99.76 -14.05
CA SER X 174 23.50 -100.64 -14.73
C SER X 174 23.17 -102.12 -14.52
N ASP X 175 23.97 -103.00 -15.14
CA ASP X 175 23.80 -104.44 -15.02
C ASP X 175 24.05 -104.86 -13.57
N ALA X 176 23.01 -105.39 -12.93
CA ALA X 176 23.06 -105.75 -11.51
C ALA X 176 24.16 -106.75 -11.19
N GLN X 177 24.89 -106.47 -10.12
CA GLN X 177 25.96 -107.37 -9.69
C GLN X 177 25.37 -108.47 -8.85
N LEU X 178 24.96 -109.54 -9.51
CA LEU X 178 24.32 -110.65 -8.83
C LEU X 178 25.25 -111.83 -8.56
N GLN X 179 26.56 -111.65 -8.80
CA GLN X 179 27.51 -112.74 -8.62
C GLN X 179 28.62 -112.39 -7.66
N ALA X 180 29.02 -113.36 -6.84
CA ALA X 180 30.10 -113.13 -5.89
C ALA X 180 31.45 -113.03 -6.62
N PRO X 181 32.33 -112.14 -6.17
CA PRO X 181 33.71 -111.91 -6.66
C PRO X 181 34.58 -113.16 -6.69
N GLY X 182 34.52 -113.96 -5.64
CA GLY X 182 35.30 -115.19 -5.56
C GLY X 182 36.56 -114.96 -4.75
N THR X 183 37.13 -116.05 -4.23
CA THR X 183 38.34 -115.98 -3.43
C THR X 183 39.58 -116.02 -4.32
N PRO X 184 40.75 -115.66 -3.78
CA PRO X 184 42.04 -115.71 -4.42
C PRO X 184 42.51 -117.14 -4.58
N VAL X 185 43.37 -117.38 -5.56
CA VAL X 185 43.86 -118.72 -5.80
C VAL X 185 45.08 -119.03 -4.98
N LYS X 186 44.92 -119.95 -4.03
CA LYS X 186 46.01 -120.40 -3.18
C LYS X 186 45.53 -121.51 -2.26
N ALA Y 42 44.02 -124.98 -12.60
CA ALA Y 42 43.30 -123.72 -12.50
C ALA Y 42 42.79 -123.27 -13.86
N GLU Y 43 41.86 -124.03 -14.44
CA GLU Y 43 41.33 -123.67 -15.74
C GLU Y 43 40.73 -122.29 -15.69
N LEU Y 44 41.15 -121.44 -16.62
CA LEU Y 44 40.73 -120.06 -16.69
C LEU Y 44 39.21 -119.89 -16.69
N ASP Y 45 38.50 -120.78 -17.35
CA ASP Y 45 37.04 -120.72 -17.37
C ASP Y 45 36.45 -120.79 -15.97
N SER Y 46 37.08 -121.54 -15.08
CA SER Y 46 36.58 -121.65 -13.72
C SER Y 46 37.08 -120.50 -12.86
N LEU Y 47 38.18 -119.88 -13.28
CA LEU Y 47 38.71 -118.72 -12.56
C LEU Y 47 37.83 -117.49 -12.76
N LEU Y 48 37.27 -117.36 -13.97
CA LEU Y 48 36.36 -116.27 -14.29
C LEU Y 48 34.99 -116.50 -13.66
N GLY Y 49 34.22 -115.43 -13.50
CA GLY Y 49 32.89 -115.41 -12.85
C GLY Y 49 31.93 -116.59 -13.14
N GLN Y 50 30.89 -116.69 -12.31
CA GLN Y 50 29.88 -117.75 -12.40
C GLN Y 50 29.20 -117.78 -13.75
N GLU Y 51 28.85 -116.62 -14.27
CA GLU Y 51 28.25 -116.56 -15.58
C GLU Y 51 29.35 -116.52 -16.61
N LYS Y 52 29.90 -117.69 -16.89
CA LYS Y 52 31.00 -117.86 -17.82
C LYS Y 52 30.71 -117.37 -19.23
N GLU Y 53 29.44 -117.18 -19.56
CA GLU Y 53 29.05 -116.73 -20.87
C GLU Y 53 29.28 -115.24 -21.09
N ARG Y 54 29.80 -114.55 -20.08
CA ARG Y 54 30.13 -113.14 -20.22
C ARG Y 54 31.49 -112.96 -20.88
N PHE Y 55 32.28 -114.05 -20.96
CA PHE Y 55 33.61 -113.94 -21.53
C PHE Y 55 33.86 -114.94 -22.62
N GLN Y 56 34.66 -114.55 -23.60
CA GLN Y 56 35.05 -115.50 -24.63
C GLN Y 56 36.54 -115.74 -24.57
N VAL Y 57 36.93 -116.89 -24.07
CA VAL Y 57 38.34 -117.20 -23.99
C VAL Y 57 38.86 -117.65 -25.35
N LEU Y 58 39.96 -117.06 -25.76
CA LEU Y 58 40.54 -117.29 -27.07
C LEU Y 58 41.97 -117.83 -26.94
N PRO Y 59 42.38 -118.74 -27.83
CA PRO Y 59 43.72 -119.32 -27.76
C PRO Y 59 44.61 -118.75 -28.84
N GLY Y 60 45.39 -117.74 -28.50
CA GLY Y 60 46.26 -117.10 -29.48
C GLY Y 60 47.42 -117.97 -29.92
N ARG Y 61 47.86 -117.78 -31.16
CA ARG Y 61 48.96 -118.55 -31.73
C ARG Y 61 50.30 -118.20 -31.09
N ASP Y 62 50.34 -117.10 -30.35
CA ASP Y 62 51.51 -116.66 -29.62
C ASP Y 62 51.62 -117.29 -28.23
N LYS Y 63 50.81 -118.31 -27.95
CA LYS Y 63 50.78 -119.02 -26.67
C LYS Y 63 50.20 -118.19 -25.54
N MET Y 64 49.48 -117.13 -25.89
CA MET Y 64 48.82 -116.30 -24.90
C MET Y 64 47.33 -116.58 -24.93
N LEU Y 65 46.78 -116.84 -23.76
CA LEU Y 65 45.38 -117.13 -23.67
C LEU Y 65 44.65 -115.81 -23.46
N TYR Y 66 43.76 -115.47 -24.39
CA TYR Y 66 43.10 -114.19 -24.34
C TYR Y 66 41.70 -114.24 -23.76
N VAL Y 67 41.30 -113.16 -23.10
CA VAL Y 67 39.96 -113.07 -22.56
C VAL Y 67 39.17 -111.95 -23.19
N ALA Y 68 38.27 -112.27 -24.09
CA ALA Y 68 37.51 -111.21 -24.72
C ALA Y 68 36.35 -110.78 -23.86
N ALA Y 69 36.32 -109.50 -23.54
CA ALA Y 69 35.26 -108.92 -22.74
C ALA Y 69 34.48 -107.91 -23.56
N GLN Y 70 33.18 -107.82 -23.31
CA GLN Y 70 32.31 -106.92 -24.06
C GLN Y 70 32.06 -105.59 -23.37
N ASN Y 71 32.59 -105.42 -22.16
CA ASN Y 71 32.36 -104.20 -21.40
C ASN Y 71 33.50 -103.94 -20.45
N GLU Y 72 33.85 -102.66 -20.27
CA GLU Y 72 34.94 -102.29 -19.37
C GLU Y 72 34.77 -102.79 -17.93
N ARG Y 73 33.56 -103.10 -17.49
CA ARG Y 73 33.37 -103.66 -16.18
C ARG Y 73 33.84 -105.10 -16.14
N ASP Y 74 33.71 -105.77 -17.27
CA ASP Y 74 34.09 -107.16 -17.38
C ASP Y 74 35.57 -107.21 -17.68
N THR Y 75 36.06 -106.18 -18.36
CA THR Y 75 37.47 -106.05 -18.62
C THR Y 75 38.21 -105.99 -17.31
N LEU Y 76 37.76 -105.10 -16.42
CA LEU Y 76 38.36 -104.98 -15.11
C LEU Y 76 38.20 -106.24 -14.30
N TRP Y 77 37.03 -106.87 -14.38
CA TRP Y 77 36.78 -108.11 -13.65
C TRP Y 77 37.88 -109.12 -13.96
N ALA Y 78 38.07 -109.39 -15.25
CA ALA Y 78 39.06 -110.34 -15.71
C ALA Y 78 40.48 -109.95 -15.33
N ARG Y 79 40.79 -108.64 -15.39
CA ARG Y 79 42.12 -108.20 -15.01
C ARG Y 79 42.38 -108.44 -13.55
N GLN Y 80 41.35 -108.26 -12.72
CA GLN Y 80 41.50 -108.52 -11.30
C GLN Y 80 41.71 -109.98 -11.07
N VAL Y 81 41.05 -110.83 -11.85
CA VAL Y 81 41.27 -112.28 -11.73
C VAL Y 81 42.72 -112.64 -12.00
N LEU Y 82 43.28 -112.09 -13.06
CA LEU Y 82 44.67 -112.38 -13.39
C LEU Y 82 45.65 -111.88 -12.33
N ALA Y 83 45.36 -110.74 -11.72
CA ALA Y 83 46.23 -110.19 -10.67
C ALA Y 83 46.01 -110.86 -9.31
N ARG Y 84 44.76 -111.22 -9.01
CA ARG Y 84 44.38 -111.82 -7.73
C ARG Y 84 44.71 -113.28 -7.65
N GLY Y 85 44.24 -114.04 -8.63
CA GLY Y 85 44.45 -115.46 -8.67
C GLY Y 85 45.69 -115.77 -9.46
N ASP Y 86 45.71 -116.92 -10.09
CA ASP Y 86 46.88 -117.27 -10.85
C ASP Y 86 46.54 -118.25 -11.95
N TYR Y 87 47.41 -118.26 -12.94
CA TYR Y 87 47.30 -119.13 -14.07
C TYR Y 87 48.66 -119.17 -14.74
N ASP Y 88 49.32 -120.32 -14.67
CA ASP Y 88 50.67 -120.45 -15.22
C ASP Y 88 50.69 -120.48 -16.75
N LYS Y 89 50.50 -119.33 -17.34
CA LYS Y 89 50.51 -119.18 -18.79
C LYS Y 89 50.25 -117.74 -19.18
N ASN Y 90 50.88 -117.31 -20.26
CA ASN Y 90 50.66 -115.97 -20.77
C ASN Y 90 49.17 -115.73 -20.93
N ALA Y 91 48.71 -114.56 -20.55
CA ALA Y 91 47.30 -114.24 -20.67
C ALA Y 91 47.11 -112.74 -20.83
N ARG Y 92 46.02 -112.37 -21.50
CA ARG Y 92 45.76 -110.96 -21.73
C ARG Y 92 44.30 -110.67 -22.07
N VAL Y 93 43.72 -109.72 -21.37
CA VAL Y 93 42.33 -109.35 -21.56
C VAL Y 93 42.14 -108.44 -22.77
N ILE Y 94 41.18 -108.80 -23.62
CA ILE Y 94 40.82 -108.07 -24.82
C ILE Y 94 39.61 -107.17 -24.65
N ASN Y 95 39.74 -105.95 -25.13
CA ASN Y 95 38.67 -104.97 -25.10
C ASN Y 95 38.52 -104.33 -26.46
N GLU Y 96 37.37 -104.53 -27.07
CA GLU Y 96 37.06 -104.05 -28.42
C GLU Y 96 37.55 -102.64 -28.73
N ASN Y 97 37.28 -101.68 -27.86
CA ASN Y 97 37.73 -100.33 -28.11
C ASN Y 97 39.22 -100.17 -27.92
N GLU Y 98 39.76 -100.85 -26.93
CA GLU Y 98 41.19 -100.73 -26.68
C GLU Y 98 41.99 -101.32 -27.83
N GLU Y 99 41.47 -102.40 -28.40
CA GLU Y 99 42.15 -103.04 -29.51
C GLU Y 99 41.99 -102.24 -30.76
N ASN Y 100 40.83 -101.63 -30.95
CA ASN Y 100 40.62 -100.79 -32.10
C ASN Y 100 41.66 -99.67 -32.08
N LYS Y 101 41.87 -99.08 -30.90
CA LYS Y 101 42.84 -98.02 -30.73
C LYS Y 101 44.27 -98.49 -30.93
N ARG Y 102 44.64 -99.62 -30.33
CA ARG Y 102 46.00 -100.15 -30.47
C ARG Y 102 46.38 -100.32 -31.91
N ILE Y 103 45.47 -100.90 -32.68
CA ILE Y 103 45.69 -101.09 -34.09
C ILE Y 103 45.81 -99.78 -34.83
N SER Y 104 44.91 -98.83 -34.55
CA SER Y 104 44.95 -97.56 -35.26
C SER Y 104 46.25 -96.82 -35.06
N ILE Y 105 46.90 -97.01 -33.92
CA ILE Y 105 48.19 -96.38 -33.68
C ILE Y 105 49.25 -96.91 -34.61
N TRP Y 106 49.38 -98.23 -34.63
CA TRP Y 106 50.35 -98.88 -35.48
C TRP Y 106 50.08 -98.58 -36.93
N LEU Y 107 48.81 -98.65 -37.28
CA LEU Y 107 48.35 -98.46 -38.62
C LEU Y 107 48.68 -97.08 -39.12
N ASP Y 108 48.48 -96.04 -38.30
CA ASP Y 108 48.83 -94.70 -38.74
C ASP Y 108 50.33 -94.56 -39.04
N THR Y 109 51.19 -95.18 -38.22
CA THR Y 109 52.63 -95.11 -38.44
C THR Y 109 53.10 -95.79 -39.72
N TYR Y 110 52.62 -97.00 -39.96
CA TYR Y 110 53.06 -97.76 -41.13
C TYR Y 110 52.26 -97.49 -42.38
N TYR Y 111 50.98 -97.16 -42.21
CA TYR Y 111 50.12 -96.80 -43.33
C TYR Y 111 49.48 -95.44 -43.13
N PRO Y 112 50.24 -94.36 -43.12
CA PRO Y 112 49.79 -93.01 -42.94
C PRO Y 112 48.95 -92.66 -44.13
N GLN Y 113 47.97 -91.79 -43.90
CA GLN Y 113 46.99 -91.37 -44.90
C GLN Y 113 45.98 -92.46 -45.29
N LEU Y 114 46.03 -93.65 -44.69
CA LEU Y 114 45.05 -94.67 -44.99
C LEU Y 114 43.68 -94.22 -44.53
N ALA Y 115 42.70 -94.24 -45.42
CA ALA Y 115 41.35 -93.82 -45.03
C ALA Y 115 40.52 -95.01 -44.61
N TYR Y 116 40.14 -95.06 -43.34
CA TYR Y 116 39.37 -96.19 -42.83
C TYR Y 116 38.42 -95.76 -41.74
N TYR Y 117 37.53 -96.67 -41.36
CA TYR Y 117 36.49 -96.38 -40.38
C TYR Y 117 36.70 -97.06 -39.04
N ARG Y 118 36.32 -98.32 -38.93
CA ARG Y 118 36.42 -99.00 -37.65
C ARG Y 118 36.47 -100.50 -37.81
N ILE Y 119 37.19 -101.15 -36.92
CA ILE Y 119 37.26 -102.60 -36.96
C ILE Y 119 36.15 -103.21 -36.12
N HIS Y 120 35.39 -104.09 -36.73
CA HIS Y 120 34.29 -104.77 -36.08
C HIS Y 120 34.75 -106.12 -35.65
N PHE Y 121 34.95 -106.28 -34.36
CA PHE Y 121 35.51 -107.52 -33.88
C PHE Y 121 34.50 -108.65 -33.83
N ASP Y 122 33.27 -108.35 -33.39
CA ASP Y 122 32.16 -109.31 -33.33
C ASP Y 122 32.58 -110.76 -33.11
N GLU Y 123 32.92 -111.47 -34.20
CA GLU Y 123 33.42 -112.83 -34.12
C GLU Y 123 34.94 -112.84 -34.13
N PRO Y 124 35.57 -112.72 -32.93
CA PRO Y 124 37.03 -112.66 -32.72
C PRO Y 124 37.91 -113.19 -33.85
N ARG Y 125 37.63 -114.42 -34.27
CA ARG Y 125 38.35 -115.12 -35.31
C ARG Y 125 38.52 -114.38 -36.63
N LYS Y 126 37.46 -113.69 -37.03
CA LYS Y 126 37.45 -112.99 -38.30
C LYS Y 126 36.82 -111.60 -38.18
N PRO Y 127 37.55 -110.61 -37.66
CA PRO Y 127 37.16 -109.23 -37.50
C PRO Y 127 37.06 -108.60 -38.86
N VAL Y 128 36.18 -107.61 -38.98
CA VAL Y 128 35.94 -106.94 -40.24
C VAL Y 128 36.53 -105.55 -40.21
N PHE Y 129 37.27 -105.22 -41.24
CA PHE Y 129 37.92 -103.93 -41.32
C PHE Y 129 37.23 -103.02 -42.32
N TRP Y 130 36.54 -101.98 -41.86
CA TRP Y 130 35.92 -101.08 -42.82
C TRP Y 130 36.93 -100.09 -43.36
N LEU Y 131 37.02 -100.04 -44.68
CA LEU Y 131 37.98 -99.23 -45.43
C LEU Y 131 37.24 -98.27 -46.38
N SER Y 132 37.68 -97.02 -46.48
CA SER Y 132 36.98 -96.09 -47.38
C SER Y 132 37.13 -96.49 -48.84
N ARG Y 133 36.03 -96.94 -49.43
CA ARG Y 133 36.00 -97.36 -50.84
C ARG Y 133 36.43 -96.26 -51.79
N GLN Y 134 35.93 -95.06 -51.56
CA GLN Y 134 36.17 -93.94 -52.44
C GLN Y 134 37.52 -93.26 -52.26
N ARG Y 135 38.00 -93.15 -51.03
CA ARG Y 135 39.26 -92.46 -50.82
C ARG Y 135 40.51 -93.30 -51.03
N ASN Y 136 40.41 -94.62 -50.89
CA ASN Y 136 41.61 -95.43 -51.08
C ASN Y 136 41.71 -95.98 -52.49
N THR Y 137 42.93 -95.99 -53.01
CA THR Y 137 43.21 -96.46 -54.36
C THR Y 137 44.21 -97.62 -54.36
N MET Y 138 44.26 -98.34 -53.25
CA MET Y 138 45.18 -99.47 -53.12
C MET Y 138 44.81 -100.60 -54.05
N SER Y 139 45.81 -101.31 -54.55
CA SER Y 139 45.57 -102.45 -55.43
C SER Y 139 45.18 -103.65 -54.61
N LYS Y 140 44.62 -104.65 -55.27
CA LYS Y 140 44.22 -105.88 -54.60
C LYS Y 140 45.39 -106.52 -53.86
N LYS Y 141 46.56 -106.50 -54.50
CA LYS Y 141 47.75 -107.09 -53.90
C LYS Y 141 48.17 -106.31 -52.67
N GLU Y 142 48.07 -104.99 -52.75
CA GLU Y 142 48.42 -104.16 -51.61
C GLU Y 142 47.49 -104.42 -50.46
N LEU Y 143 46.21 -104.62 -50.76
CA LEU Y 143 45.23 -104.92 -49.73
C LEU Y 143 45.49 -106.26 -49.10
N GLU Y 144 45.99 -107.23 -49.88
CA GLU Y 144 46.37 -108.51 -49.33
C GLU Y 144 47.42 -108.32 -48.25
N VAL Y 145 48.46 -107.56 -48.60
CA VAL Y 145 49.55 -107.28 -47.68
C VAL Y 145 49.04 -106.61 -46.42
N LEU Y 146 48.18 -105.62 -46.59
CA LEU Y 146 47.59 -104.90 -45.48
C LEU Y 146 46.91 -105.86 -44.51
N SER Y 147 46.08 -106.77 -45.04
CA SER Y 147 45.39 -107.70 -44.16
C SER Y 147 46.36 -108.60 -43.44
N GLN Y 148 47.47 -108.93 -44.09
CA GLN Y 148 48.47 -109.76 -43.46
C GLN Y 148 49.14 -109.05 -42.29
N LYS Y 149 49.35 -107.76 -42.44
CA LYS Y 149 49.94 -107.00 -41.35
C LYS Y 149 48.96 -106.92 -40.19
N LEU Y 150 47.69 -106.80 -40.50
CA LEU Y 150 46.67 -106.76 -39.47
C LEU Y 150 46.60 -108.09 -38.74
N ARG Y 151 46.79 -109.19 -39.48
CA ARG Y 151 46.79 -110.51 -38.86
C ARG Y 151 47.93 -110.59 -37.87
N ALA Y 152 49.07 -110.02 -38.23
CA ALA Y 152 50.22 -110.00 -37.33
C ALA Y 152 49.89 -109.24 -36.05
N LEU Y 153 49.14 -108.14 -36.19
CA LEU Y 153 48.75 -107.34 -35.03
C LEU Y 153 47.76 -108.05 -34.11
N MET Y 154 47.00 -109.01 -34.64
CA MET Y 154 46.01 -109.76 -33.87
C MET Y 154 46.31 -111.27 -33.77
N PRO Y 155 47.12 -111.69 -32.78
CA PRO Y 155 47.57 -113.05 -32.44
C PRO Y 155 46.47 -114.10 -32.40
N TYR Y 156 45.26 -113.68 -32.08
CA TYR Y 156 44.15 -114.63 -32.00
C TYR Y 156 43.41 -114.78 -33.32
N ALA Y 157 43.18 -113.66 -34.00
CA ALA Y 157 42.45 -113.65 -35.24
C ALA Y 157 43.10 -114.58 -36.24
N ASP Y 158 42.28 -115.30 -36.99
CA ASP Y 158 42.80 -116.22 -37.98
C ASP Y 158 42.99 -115.50 -39.29
N SER Y 159 42.08 -114.59 -39.59
CA SER Y 159 42.17 -113.80 -40.82
C SER Y 159 41.45 -112.49 -40.64
N VAL Y 160 41.69 -111.55 -41.55
CA VAL Y 160 41.05 -110.26 -41.47
C VAL Y 160 40.22 -109.99 -42.71
N ASN Y 161 38.97 -109.63 -42.52
CA ASN Y 161 38.11 -109.36 -43.65
C ASN Y 161 38.04 -107.89 -43.96
N ILE Y 162 38.94 -107.43 -44.83
CA ILE Y 162 38.90 -106.04 -45.23
C ILE Y 162 37.83 -105.83 -46.26
N THR Y 163 36.99 -104.84 -46.05
CA THR Y 163 35.92 -104.55 -46.99
C THR Y 163 35.80 -103.05 -47.16
N LEU Y 164 35.38 -102.67 -48.36
CA LEU Y 164 35.31 -101.27 -48.71
C LEU Y 164 33.90 -100.71 -48.55
N MET Y 165 33.79 -99.59 -47.83
CA MET Y 165 32.51 -98.95 -47.56
C MET Y 165 32.35 -97.64 -48.33
N ASP Y 166 31.14 -97.31 -48.71
CA ASP Y 166 30.91 -96.08 -49.46
C ASP Y 166 30.67 -94.89 -48.53
N ASP Y 167 31.60 -93.94 -48.57
CA ASP Y 167 31.58 -92.72 -47.76
C ASP Y 167 30.23 -92.00 -47.78
N VAL Y 168 29.55 -92.05 -48.91
CA VAL Y 168 28.27 -91.40 -49.07
C VAL Y 168 27.21 -91.98 -48.16
N THR Y 169 27.22 -93.31 -48.02
CA THR Y 169 26.21 -93.95 -47.21
C THR Y 169 26.46 -93.69 -45.75
N ALA Y 170 27.73 -93.52 -45.38
CA ALA Y 170 28.05 -93.19 -44.00
C ALA Y 170 27.47 -91.84 -43.65
N ALA Y 171 27.71 -90.85 -44.51
CA ALA Y 171 27.19 -89.52 -44.30
C ALA Y 171 25.68 -89.48 -44.35
N GLY Y 172 25.11 -90.23 -45.29
CA GLY Y 172 23.67 -90.27 -45.47
C GLY Y 172 22.97 -90.74 -44.22
N GLN Y 173 23.47 -91.80 -43.61
CA GLN Y 173 22.87 -92.31 -42.38
C GLN Y 173 23.00 -91.33 -41.24
N ALA Y 174 24.16 -90.69 -41.14
CA ALA Y 174 24.38 -89.71 -40.09
C ALA Y 174 23.33 -88.62 -40.12
N GLU Y 175 23.13 -88.03 -41.29
CA GLU Y 175 22.19 -86.95 -41.41
C GLU Y 175 20.74 -87.42 -41.31
N ALA Y 176 20.43 -88.54 -41.94
CA ALA Y 176 19.07 -89.05 -41.94
C ALA Y 176 18.54 -89.27 -40.54
N GLY Y 177 19.32 -89.96 -39.71
CA GLY Y 177 18.89 -90.22 -38.34
C GLY Y 177 18.79 -88.94 -37.55
N LEU Y 178 19.75 -88.04 -37.75
CA LEU Y 178 19.81 -86.77 -37.07
C LEU Y 178 18.53 -85.96 -37.29
N LYS Y 179 18.10 -85.86 -38.55
CA LYS Y 179 16.89 -85.12 -38.85
C LYS Y 179 15.63 -85.91 -38.50
N GLN Y 180 15.71 -87.25 -38.47
CA GLN Y 180 14.56 -88.06 -38.03
C GLN Y 180 14.19 -87.73 -36.61
N GLN Y 181 15.21 -87.50 -35.78
CA GLN Y 181 15.03 -87.11 -34.39
C GLN Y 181 14.52 -85.67 -34.20
N ALA Y 182 14.29 -84.95 -35.31
CA ALA Y 182 13.81 -83.57 -35.32
C ALA Y 182 14.80 -82.63 -34.67
N LEU Y 183 16.08 -82.91 -34.82
CA LEU Y 183 17.10 -82.07 -34.24
C LEU Y 183 17.55 -81.01 -35.22
N PRO Y 184 17.85 -79.81 -34.76
CA PRO Y 184 18.39 -78.69 -35.51
C PRO Y 184 19.86 -78.93 -35.72
N TYR Y 185 20.37 -78.59 -36.89
CA TYR Y 185 21.78 -78.80 -37.14
C TYR Y 185 22.23 -78.08 -38.37
N SER Y 186 23.54 -78.01 -38.56
CA SER Y 186 24.07 -77.45 -39.78
C SER Y 186 25.25 -78.30 -40.23
N ARG Y 187 25.14 -78.83 -41.42
CA ARG Y 187 26.14 -79.73 -41.99
C ARG Y 187 27.36 -78.98 -42.51
N ARG Y 188 28.54 -79.58 -42.32
CA ARG Y 188 29.79 -79.01 -42.76
C ARG Y 188 30.60 -79.97 -43.60
N ASN Y 189 30.38 -79.96 -44.90
CA ASN Y 189 31.15 -80.83 -45.77
C ASN Y 189 32.52 -80.24 -46.01
N HIS Y 190 33.54 -81.07 -45.92
CA HIS Y 190 34.88 -80.60 -46.22
C HIS Y 190 35.68 -81.74 -46.78
N LYS Y 191 36.82 -81.44 -47.37
CA LYS Y 191 37.61 -82.52 -47.93
C LYS Y 191 38.05 -83.44 -46.82
N GLY Y 192 37.73 -84.71 -46.96
CA GLY Y 192 38.13 -85.71 -45.99
C GLY Y 192 37.10 -85.99 -44.87
N GLY Y 193 35.98 -85.26 -44.83
CA GLY Y 193 35.02 -85.56 -43.76
C GLY Y 193 33.81 -84.64 -43.72
N VAL Y 194 33.01 -84.81 -42.68
CA VAL Y 194 31.83 -83.97 -42.51
C VAL Y 194 31.50 -83.76 -41.05
N THR Y 195 31.16 -82.53 -40.69
CA THR Y 195 30.83 -82.23 -39.31
C THR Y 195 29.39 -81.71 -39.16
N PHE Y 196 28.69 -82.20 -38.16
CA PHE Y 196 27.32 -81.79 -37.92
C PHE Y 196 27.23 -80.93 -36.68
N VAL Y 197 27.03 -79.64 -36.89
CA VAL Y 197 27.00 -78.66 -35.83
C VAL Y 197 25.61 -78.46 -35.25
N ILE Y 198 25.50 -78.62 -33.94
CA ILE Y 198 24.22 -78.42 -33.25
C ILE Y 198 24.36 -77.33 -32.20
N GLN Y 199 23.84 -76.15 -32.51
CA GLN Y 199 23.95 -75.03 -31.57
C GLN Y 199 22.61 -74.48 -31.10
N GLY Y 200 22.68 -73.59 -30.13
CA GLY Y 200 21.50 -72.94 -29.57
C GLY Y 200 21.09 -73.57 -28.26
N ALA Y 201 20.08 -73.01 -27.64
CA ALA Y 201 19.57 -73.56 -26.39
C ALA Y 201 18.80 -74.83 -26.74
N LEU Y 202 18.93 -75.84 -25.91
CA LEU Y 202 18.26 -77.10 -26.20
C LEU Y 202 17.34 -77.56 -25.09
N ASP Y 203 16.22 -78.14 -25.49
CA ASP Y 203 15.25 -78.72 -24.59
C ASP Y 203 15.80 -80.01 -24.05
N ASP Y 204 15.62 -80.28 -22.76
CA ASP Y 204 16.14 -81.50 -22.15
C ASP Y 204 15.76 -82.77 -22.93
N VAL Y 205 14.60 -82.75 -23.57
CA VAL Y 205 14.14 -83.91 -24.32
C VAL Y 205 15.00 -84.12 -25.55
N GLU Y 206 15.20 -83.04 -26.33
CA GLU Y 206 16.02 -83.17 -27.53
C GLU Y 206 17.48 -83.38 -27.20
N ILE Y 207 17.92 -82.97 -26.01
CA ILE Y 207 19.28 -83.26 -25.62
C ILE Y 207 19.48 -84.74 -25.46
N LEU Y 208 18.55 -85.39 -24.76
CA LEU Y 208 18.61 -86.83 -24.58
C LEU Y 208 18.62 -87.56 -25.91
N ARG Y 209 17.68 -87.19 -26.78
CA ARG Y 209 17.58 -87.80 -28.09
C ARG Y 209 18.86 -87.66 -28.90
N ALA Y 210 19.44 -86.46 -28.86
CA ALA Y 210 20.66 -86.20 -29.61
C ALA Y 210 21.77 -87.11 -29.19
N ARG Y 211 21.99 -87.22 -27.89
CA ARG Y 211 23.08 -88.06 -27.43
C ARG Y 211 22.87 -89.52 -27.79
N GLN Y 212 21.65 -90.02 -27.63
CA GLN Y 212 21.39 -91.41 -27.95
C GLN Y 212 21.76 -91.73 -29.38
N PHE Y 213 21.34 -90.85 -30.29
CA PHE Y 213 21.67 -91.01 -31.69
C PHE Y 213 23.15 -91.01 -31.96
N VAL Y 214 23.85 -90.01 -31.43
CA VAL Y 214 25.26 -89.87 -31.65
C VAL Y 214 26.05 -91.06 -31.16
N ASP Y 215 25.73 -91.52 -29.95
CA ASP Y 215 26.44 -92.68 -29.41
C ASP Y 215 26.30 -93.88 -30.30
N SER Y 216 25.09 -94.12 -30.82
CA SER Y 216 24.89 -95.26 -31.70
C SER Y 216 25.64 -95.15 -33.01
N TYR Y 217 25.63 -93.96 -33.59
CA TYR Y 217 26.35 -93.75 -34.86
C TYR Y 217 27.83 -94.02 -34.66
N TYR Y 218 28.37 -93.47 -33.58
CA TYR Y 218 29.76 -93.66 -33.25
C TYR Y 218 30.08 -95.14 -33.10
N ARG Y 219 29.29 -95.83 -32.28
CA ARG Y 219 29.49 -97.25 -32.07
C ARG Y 219 29.60 -98.04 -33.36
N THR Y 220 28.74 -97.72 -34.34
CA THR Y 220 28.77 -98.42 -35.61
C THR Y 220 29.90 -97.97 -36.53
N TRP Y 221 29.84 -96.74 -36.98
CA TRP Y 221 30.80 -96.24 -37.96
C TRP Y 221 32.09 -95.73 -37.39
N GLY Y 222 32.04 -95.17 -36.19
CA GLY Y 222 33.24 -94.58 -35.60
C GLY Y 222 33.28 -93.09 -35.93
N GLY Y 223 34.19 -92.36 -35.30
CA GLY Y 223 34.27 -90.92 -35.51
C GLY Y 223 35.41 -90.43 -36.41
N ARG Y 224 35.80 -91.23 -37.39
CA ARG Y 224 36.89 -90.80 -38.27
C ARG Y 224 36.43 -90.05 -39.51
N TYR Y 225 35.15 -90.12 -39.84
CA TYR Y 225 34.66 -89.43 -41.02
C TYR Y 225 33.58 -88.44 -40.61
N VAL Y 226 32.63 -88.90 -39.83
CA VAL Y 226 31.56 -88.06 -39.33
C VAL Y 226 31.84 -87.58 -37.93
N GLN Y 227 31.86 -86.28 -37.76
CA GLN Y 227 32.09 -85.66 -36.46
C GLN Y 227 30.87 -84.88 -36.02
N PHE Y 228 30.39 -85.15 -34.83
CA PHE Y 228 29.24 -84.39 -34.34
C PHE Y 228 29.72 -83.33 -33.38
N ALA Y 229 28.99 -82.23 -33.30
CA ALA Y 229 29.41 -81.11 -32.45
C ALA Y 229 28.25 -80.48 -31.71
N ILE Y 230 27.89 -81.06 -30.56
CA ILE Y 230 26.81 -80.52 -29.76
C ILE Y 230 27.31 -79.38 -28.89
N GLU Y 231 26.72 -78.21 -29.07
CA GLU Y 231 27.12 -77.02 -28.33
C GLU Y 231 25.93 -76.31 -27.69
N LEU Y 232 25.74 -76.56 -26.41
CA LEU Y 232 24.65 -75.96 -25.66
C LEU Y 232 24.95 -74.50 -25.37
N LYS Y 233 24.23 -73.59 -26.04
CA LYS Y 233 24.50 -72.16 -25.89
C LYS Y 233 23.24 -71.31 -25.70
N ASP Y 234 23.43 -70.12 -25.13
CA ASP Y 234 22.31 -69.19 -24.95
C ASP Y 234 21.96 -68.45 -26.21
N ASP Y 235 20.68 -68.15 -26.36
CA ASP Y 235 20.18 -67.42 -27.51
C ASP Y 235 19.67 -66.03 -27.10
N ALA Z 42 -79.70 -71.57 78.80
CA ALA Z 42 -78.87 -70.59 78.11
C ALA Z 42 -79.72 -69.52 77.45
N GLU Z 43 -80.40 -68.72 78.26
CA GLU Z 43 -81.24 -67.66 77.72
C GLU Z 43 -80.41 -66.73 76.85
N LEU Z 44 -80.88 -66.52 75.62
CA LEU Z 44 -80.18 -65.70 74.65
C LEU Z 44 -79.81 -64.32 75.16
N ASP Z 45 -80.68 -63.71 75.96
CA ASP Z 45 -80.39 -62.41 76.53
C ASP Z 45 -79.12 -62.41 77.36
N SER Z 46 -78.84 -63.52 78.03
CA SER Z 46 -77.64 -63.61 78.85
C SER Z 46 -76.44 -64.01 78.01
N LEU Z 47 -76.71 -64.65 76.86
CA LEU Z 47 -75.63 -65.04 75.96
C LEU Z 47 -75.04 -63.81 75.25
N LEU Z 48 -75.89 -62.85 74.94
CA LEU Z 48 -75.47 -61.60 74.31
C LEU Z 48 -74.79 -60.69 75.34
N GLY Z 49 -73.98 -59.75 74.84
CA GLY Z 49 -73.17 -58.81 75.64
C GLY Z 49 -73.81 -58.21 76.92
N GLN Z 50 -72.95 -57.62 77.76
CA GLN Z 50 -73.35 -57.01 79.04
C GLN Z 50 -74.40 -55.93 78.85
N GLU Z 51 -74.20 -55.09 77.85
CA GLU Z 51 -75.18 -54.07 77.57
C GLU Z 51 -76.25 -54.65 76.69
N LYS Z 52 -77.16 -55.37 77.31
CA LYS Z 52 -78.24 -56.06 76.62
C LYS Z 52 -79.16 -55.14 75.81
N GLU Z 53 -79.10 -53.84 76.09
CA GLU Z 53 -79.93 -52.89 75.39
C GLU Z 53 -79.44 -52.57 73.98
N ARG Z 54 -78.33 -53.18 73.57
CA ARG Z 54 -77.83 -53.01 72.22
C ARG Z 54 -78.57 -53.91 71.25
N PHE Z 55 -79.32 -54.90 71.75
CA PHE Z 55 -79.99 -55.85 70.89
C PHE Z 55 -81.46 -55.96 71.20
N GLN Z 56 -82.25 -56.20 70.17
CA GLN Z 56 -83.66 -56.44 70.40
C GLN Z 56 -84.01 -57.84 69.96
N VAL Z 57 -84.22 -58.72 70.93
CA VAL Z 57 -84.57 -60.09 70.61
C VAL Z 57 -86.04 -60.18 70.25
N LEU Z 58 -86.32 -60.82 69.12
CA LEU Z 58 -87.66 -60.93 68.59
C LEU Z 58 -88.09 -62.39 68.46
N PRO Z 59 -89.35 -62.71 68.69
CA PRO Z 59 -89.83 -64.09 68.63
C PRO Z 59 -90.65 -64.31 67.37
N GLY Z 60 -90.01 -64.83 66.33
CA GLY Z 60 -90.69 -65.04 65.05
C GLY Z 60 -91.71 -66.16 65.11
N ARG Z 61 -92.76 -66.04 64.30
CA ARG Z 61 -93.82 -67.03 64.24
C ARG Z 61 -93.37 -68.35 63.61
N ASP Z 62 -92.22 -68.32 62.96
CA ASP Z 62 -91.59 -69.49 62.38
C ASP Z 62 -90.73 -70.28 63.36
N LYS Z 63 -90.84 -69.97 64.66
CA LYS Z 63 -90.09 -70.63 65.73
C LYS Z 63 -88.61 -70.27 65.72
N MET Z 64 -88.25 -69.20 65.03
CA MET Z 64 -86.88 -68.74 65.01
C MET Z 64 -86.77 -67.50 65.86
N LEU Z 65 -85.78 -67.51 66.75
CA LEU Z 65 -85.59 -66.40 67.64
C LEU Z 65 -84.63 -65.43 66.93
N TYR Z 66 -85.09 -64.21 66.70
CA TYR Z 66 -84.30 -63.27 65.94
C TYR Z 66 -83.57 -62.25 66.80
N VAL Z 67 -82.40 -61.81 66.33
CA VAL Z 67 -81.64 -60.80 67.06
C VAL Z 67 -81.49 -59.55 66.24
N ALA Z 68 -82.24 -58.52 66.55
CA ALA Z 68 -82.12 -57.31 65.77
C ALA Z 68 -80.95 -56.47 66.25
N ALA Z 69 -80.05 -56.18 65.32
CA ALA Z 69 -78.88 -55.36 65.60
C ALA Z 69 -78.96 -54.07 64.80
N GLN Z 70 -78.45 -52.99 65.38
CA GLN Z 70 -78.49 -51.69 64.74
C GLN Z 70 -77.21 -51.32 64.01
N ASN Z 71 -76.19 -52.17 64.09
CA ASN Z 71 -74.91 -51.88 63.48
C ASN Z 71 -74.18 -53.15 63.13
N GLU Z 72 -73.47 -53.15 62.00
CA GLU Z 72 -72.73 -54.32 61.55
C GLU Z 72 -71.72 -54.86 62.57
N ARG Z 73 -71.26 -54.04 63.51
CA ARG Z 73 -70.37 -54.52 64.54
C ARG Z 73 -71.13 -55.36 65.54
N ASP Z 74 -72.41 -55.05 65.73
CA ASP Z 74 -73.24 -55.76 66.66
C ASP Z 74 -73.79 -56.97 65.95
N THR Z 75 -73.97 -56.85 64.63
CA THR Z 75 -74.40 -57.95 63.82
C THR Z 75 -73.38 -59.07 63.95
N LEU Z 76 -72.12 -58.72 63.74
CA LEU Z 76 -71.05 -59.70 63.88
C LEU Z 76 -70.94 -60.23 65.28
N TRP Z 77 -71.09 -59.36 66.28
CA TRP Z 77 -71.03 -59.77 67.67
C TRP Z 77 -71.99 -60.93 67.92
N ALA Z 78 -73.26 -60.71 67.57
CA ALA Z 78 -74.31 -61.70 67.75
C ALA Z 78 -74.05 -62.98 66.95
N ARG Z 79 -73.53 -62.84 65.72
CA ARG Z 79 -73.25 -64.01 64.93
C ARG Z 79 -72.16 -64.85 65.57
N GLN Z 80 -71.17 -64.19 66.17
CA GLN Z 80 -70.11 -64.91 66.85
C GLN Z 80 -70.67 -65.62 68.05
N VAL Z 81 -71.63 -65.00 68.74
CA VAL Z 81 -72.27 -65.67 69.87
C VAL Z 81 -72.95 -66.96 69.44
N LEU Z 82 -73.68 -66.91 68.35
CA LEU Z 82 -74.38 -68.10 67.87
C LEU Z 82 -73.41 -69.20 67.44
N ALA Z 83 -72.28 -68.83 66.84
CA ALA Z 83 -71.29 -69.82 66.42
C ALA Z 83 -70.41 -70.32 67.57
N ARG Z 84 -70.09 -69.43 68.52
CA ARG Z 84 -69.22 -69.74 69.65
C ARG Z 84 -69.93 -70.50 70.74
N GLY Z 85 -71.04 -69.95 71.20
CA GLY Z 85 -71.81 -70.55 72.26
C GLY Z 85 -72.86 -71.44 71.68
N ASP Z 86 -73.97 -71.57 72.38
CA ASP Z 86 -75.01 -72.43 71.88
C ASP Z 86 -76.36 -72.02 72.42
N TYR Z 87 -77.36 -72.43 71.69
CA TYR Z 87 -78.73 -72.18 72.03
C TYR Z 87 -79.58 -73.15 71.22
N ASP Z 88 -80.21 -74.11 71.90
CA ASP Z 88 -81.00 -75.12 71.24
C ASP Z 88 -82.31 -74.60 70.68
N LYS Z 89 -82.23 -73.87 69.59
CA LYS Z 89 -83.39 -73.30 68.92
C LYS Z 89 -82.97 -72.51 67.71
N ASN Z 90 -83.80 -72.53 66.68
CA ASN Z 90 -83.55 -71.76 65.48
C ASN Z 90 -83.29 -70.32 65.87
N ALA Z 91 -82.30 -69.71 65.25
CA ALA Z 91 -81.99 -68.32 65.55
C ALA Z 91 -81.35 -67.64 64.35
N ARG Z 92 -81.54 -66.33 64.25
CA ARG Z 92 -81.01 -65.59 63.11
C ARG Z 92 -80.89 -64.10 63.39
N VAL Z 93 -79.71 -63.56 63.12
CA VAL Z 93 -79.43 -62.15 63.34
C VAL Z 93 -79.98 -61.27 62.23
N ILE Z 94 -80.70 -60.22 62.63
CA ILE Z 94 -81.31 -59.25 61.73
C ILE Z 94 -80.48 -57.98 61.58
N ASN Z 95 -80.32 -57.55 60.34
CA ASN Z 95 -79.63 -56.33 60.01
C ASN Z 95 -80.44 -55.52 59.04
N GLU Z 96 -80.85 -54.33 59.48
CA GLU Z 96 -81.70 -53.43 58.70
C GLU Z 96 -81.38 -53.33 57.22
N ASN Z 97 -80.12 -53.12 56.89
CA ASN Z 97 -79.75 -53.02 55.48
C ASN Z 97 -79.80 -54.35 54.77
N GLU Z 98 -79.39 -55.41 55.46
CA GLU Z 98 -79.39 -56.72 54.84
C GLU Z 98 -80.80 -57.18 54.56
N GLU Z 99 -81.73 -56.84 55.46
CA GLU Z 99 -83.11 -57.21 55.28
C GLU Z 99 -83.76 -56.39 54.21
N ASN Z 100 -83.39 -55.11 54.15
CA ASN Z 100 -83.93 -54.26 53.11
C ASN Z 100 -83.56 -54.84 51.75
N LYS Z 101 -82.31 -55.28 51.63
CA LYS Z 101 -81.83 -55.89 50.39
C LYS Z 101 -82.51 -57.22 50.09
N ARG Z 102 -82.61 -58.10 51.08
CA ARG Z 102 -83.24 -59.40 50.88
C ARG Z 102 -84.63 -59.26 50.32
N ILE Z 103 -85.40 -58.35 50.89
CA ILE Z 103 -86.73 -58.08 50.44
C ILE Z 103 -86.74 -57.54 49.04
N SER Z 104 -85.87 -56.56 48.75
CA SER Z 104 -85.88 -55.96 47.42
C SER Z 104 -85.59 -56.96 46.32
N ILE Z 105 -84.83 -58.01 46.63
CA ILE Z 105 -84.54 -59.04 45.64
C ILE Z 105 -85.81 -59.80 45.27
N TRP Z 106 -86.50 -60.30 46.29
CA TRP Z 106 -87.72 -61.04 46.09
C TRP Z 106 -88.75 -60.18 45.41
N LEU Z 107 -88.85 -58.95 45.90
CA LEU Z 107 -89.82 -57.99 45.44
C LEU Z 107 -89.63 -57.70 43.97
N ASP Z 108 -88.40 -57.50 43.52
CA ASP Z 108 -88.18 -57.27 42.09
C ASP Z 108 -88.65 -58.43 41.22
N THR Z 109 -88.42 -59.67 41.67
CA THR Z 109 -88.84 -60.84 40.90
C THR Z 109 -90.35 -60.99 40.79
N TYR Z 110 -91.05 -60.85 41.90
CA TYR Z 110 -92.50 -61.03 41.89
C TYR Z 110 -93.29 -59.78 41.55
N TYR Z 111 -92.75 -58.63 41.90
CA TYR Z 111 -93.37 -57.36 41.55
C TYR Z 111 -92.40 -56.45 40.80
N PRO Z 112 -92.01 -56.81 39.58
CA PRO Z 112 -91.12 -56.08 38.72
C PRO Z 112 -91.81 -54.79 38.36
N GLN Z 113 -91.01 -53.75 38.16
CA GLN Z 113 -91.47 -52.40 37.85
C GLN Z 113 -92.14 -51.69 39.04
N LEU Z 114 -92.21 -52.32 40.22
CA LEU Z 114 -92.79 -51.63 41.38
C LEU Z 114 -91.91 -50.46 41.76
N ALA Z 115 -92.50 -49.28 41.88
CA ALA Z 115 -91.70 -48.11 42.25
C ALA Z 115 -91.76 -47.88 43.75
N TYR Z 116 -90.64 -48.03 44.42
CA TYR Z 116 -90.62 -47.87 45.87
C TYR Z 116 -89.29 -47.30 46.35
N TYR Z 117 -89.25 -46.92 47.62
CA TYR Z 117 -88.07 -46.28 48.19
C TYR Z 117 -87.30 -47.15 49.16
N ARG Z 118 -87.75 -47.23 50.40
CA ARG Z 118 -87.00 -47.98 51.39
C ARG Z 118 -87.88 -48.42 52.54
N ILE Z 119 -87.57 -49.57 53.11
CA ILE Z 119 -88.32 -50.06 54.25
C ILE Z 119 -87.69 -49.57 55.54
N HIS Z 120 -88.51 -48.93 56.36
CA HIS Z 120 -88.06 -48.40 57.63
C HIS Z 120 -88.44 -49.37 58.71
N PHE Z 121 -87.46 -50.07 59.23
CA PHE Z 121 -87.75 -51.11 60.19
C PHE Z 121 -88.07 -50.57 61.57
N ASP Z 122 -87.32 -49.55 62.02
CA ASP Z 122 -87.54 -48.86 63.32
C ASP Z 122 -88.13 -49.76 64.40
N GLU Z 123 -89.47 -49.87 64.43
CA GLU Z 123 -90.15 -50.74 65.36
C GLU Z 123 -90.45 -52.09 64.70
N PRO Z 124 -89.50 -53.05 64.78
CA PRO Z 124 -89.55 -54.40 64.18
C PRO Z 124 -90.94 -54.91 63.82
N ARG Z 125 -91.85 -54.87 64.79
CA ARG Z 125 -93.22 -55.35 64.68
C ARG Z 125 -94.01 -54.79 63.50
N LYS Z 126 -93.82 -53.51 63.24
CA LYS Z 126 -94.56 -52.82 62.19
C LYS Z 126 -93.67 -51.91 61.36
N PRO Z 127 -92.88 -52.45 60.43
CA PRO Z 127 -92.00 -51.74 59.54
C PRO Z 127 -92.84 -50.96 58.54
N VAL Z 128 -92.29 -49.86 58.08
CA VAL Z 128 -92.98 -49.00 57.15
C VAL Z 128 -92.40 -49.10 55.76
N PHE Z 129 -93.25 -49.28 54.79
CA PHE Z 129 -92.80 -49.45 53.42
C PHE Z 129 -93.10 -48.20 52.60
N TRP Z 130 -92.07 -47.44 52.22
CA TRP Z 130 -92.33 -46.28 51.39
C TRP Z 130 -92.49 -46.68 49.93
N LEU Z 131 -93.62 -46.26 49.36
CA LEU Z 131 -94.04 -46.59 48.01
C LEU Z 131 -94.25 -45.33 47.18
N SER Z 132 -93.81 -45.30 45.93
CA SER Z 132 -94.00 -44.07 45.14
C SER Z 132 -95.46 -43.79 44.85
N ARG Z 133 -95.98 -42.73 45.47
CA ARG Z 133 -97.37 -42.32 45.30
C ARG Z 133 -97.73 -42.03 43.86
N GLN Z 134 -96.85 -41.31 43.18
CA GLN Z 134 -97.12 -40.87 41.83
C GLN Z 134 -96.88 -41.92 40.75
N ARG Z 135 -95.86 -42.76 40.92
CA ARG Z 135 -95.60 -43.74 39.88
C ARG Z 135 -96.42 -45.02 39.95
N ASN Z 136 -96.91 -45.39 41.13
CA ASN Z 136 -97.70 -46.61 41.22
C ASN Z 136 -99.19 -46.35 41.08
N THR Z 137 -99.87 -47.23 40.37
CA THR Z 137 -101.30 -47.13 40.13
C THR Z 137 -102.05 -48.35 40.66
N MET Z 138 -101.47 -49.03 41.64
CA MET Z 138 -102.08 -50.22 42.22
C MET Z 138 -103.35 -49.88 42.97
N SER Z 139 -104.32 -50.80 42.93
CA SER Z 139 -105.57 -50.60 43.64
C SER Z 139 -105.38 -50.91 45.10
N LYS Z 140 -106.33 -50.48 45.91
CA LYS Z 140 -106.29 -50.74 47.35
C LYS Z 140 -106.19 -52.22 47.64
N LYS Z 141 -106.94 -53.03 46.89
CA LYS Z 141 -106.94 -54.46 47.08
C LYS Z 141 -105.60 -55.05 46.72
N GLU Z 142 -105.00 -54.55 45.65
CA GLU Z 142 -103.69 -55.02 45.24
C GLU Z 142 -102.65 -54.69 46.29
N LEU Z 143 -102.77 -53.52 46.89
CA LEU Z 143 -101.85 -53.11 47.94
C LEU Z 143 -102.01 -53.99 49.17
N GLU Z 144 -103.25 -54.42 49.46
CA GLU Z 144 -103.48 -55.35 50.55
C GLU Z 144 -102.66 -56.59 50.35
N VAL Z 145 -102.77 -57.17 49.15
CA VAL Z 145 -102.06 -58.38 48.78
C VAL Z 145 -100.56 -58.20 48.92
N LEU Z 146 -100.06 -57.06 48.41
CA LEU Z 146 -98.66 -56.74 48.50
C LEU Z 146 -98.17 -56.78 49.93
N SER Z 147 -98.91 -56.13 50.85
CA SER Z 147 -98.49 -56.11 52.24
C SER Z 147 -98.49 -57.50 52.82
N GLN Z 148 -99.41 -58.34 52.38
CA GLN Z 148 -99.47 -59.71 52.86
C GLN Z 148 -98.26 -60.51 52.44
N LYS Z 149 -97.78 -60.26 51.22
CA LYS Z 149 -96.60 -60.95 50.74
C LYS Z 149 -95.40 -60.49 51.54
N LEU Z 150 -95.35 -59.22 51.86
CA LEU Z 150 -94.26 -58.68 52.64
C LEU Z 150 -94.29 -59.28 54.05
N ARG Z 151 -95.47 -59.51 54.60
CA ARG Z 151 -95.59 -60.12 55.92
C ARG Z 151 -95.01 -61.52 55.86
N ALA Z 152 -95.24 -62.23 54.77
CA ALA Z 152 -94.68 -63.57 54.59
C ALA Z 152 -93.16 -63.51 54.58
N LEU Z 153 -92.61 -62.47 53.95
CA LEU Z 153 -91.15 -62.31 53.90
C LEU Z 153 -90.52 -61.98 55.25
N MET Z 154 -91.30 -61.41 56.17
CA MET Z 154 -90.83 -61.04 57.50
C MET Z 154 -91.53 -61.79 58.65
N PRO Z 155 -91.04 -62.99 59.02
CA PRO Z 155 -91.51 -63.91 60.06
C PRO Z 155 -91.78 -63.27 61.41
N TYR Z 156 -91.07 -62.20 61.72
CA TYR Z 156 -91.24 -61.52 63.00
C TYR Z 156 -92.30 -60.43 62.95
N ALA Z 157 -92.29 -59.65 61.87
CA ALA Z 157 -93.22 -58.54 61.72
C ALA Z 157 -94.65 -59.03 61.83
N ASP Z 158 -95.47 -58.25 62.49
CA ASP Z 158 -96.86 -58.63 62.65
C ASP Z 158 -97.67 -58.09 61.49
N SER Z 159 -97.31 -56.90 61.02
CA SER Z 159 -97.99 -56.31 59.89
C SER Z 159 -97.07 -55.35 59.18
N VAL Z 160 -97.43 -54.95 57.98
CA VAL Z 160 -96.61 -54.03 57.21
C VAL Z 160 -97.39 -52.77 56.90
N ASN Z 161 -96.81 -51.63 57.20
CA ASN Z 161 -97.48 -50.38 56.94
C ASN Z 161 -97.02 -49.77 55.63
N ILE Z 162 -97.70 -50.11 54.55
CA ILE Z 162 -97.36 -49.51 53.27
C ILE Z 162 -97.94 -48.12 53.18
N THR Z 163 -97.11 -47.16 52.80
CA THR Z 163 -97.57 -45.80 52.68
C THR Z 163 -96.98 -45.17 51.44
N LEU Z 164 -97.72 -44.26 50.86
CA LEU Z 164 -97.33 -43.65 49.61
C LEU Z 164 -96.65 -42.30 49.83
N MET Z 165 -95.49 -42.13 49.21
CA MET Z 165 -94.69 -40.91 49.34
C MET Z 165 -94.68 -40.12 48.05
N ASP Z 166 -94.63 -38.80 48.15
CA ASP Z 166 -94.62 -37.96 46.96
C ASP Z 166 -93.21 -37.72 46.43
N ASP Z 167 -92.95 -38.25 45.24
CA ASP Z 167 -91.67 -38.16 44.55
C ASP Z 167 -91.07 -36.76 44.53
N VAL Z 168 -91.94 -35.75 44.44
CA VAL Z 168 -91.51 -34.37 44.40
C VAL Z 168 -90.82 -33.95 45.67
N THR Z 169 -91.34 -34.40 46.81
CA THR Z 169 -90.78 -33.99 48.07
C THR Z 169 -89.44 -34.67 48.31
N ALA Z 170 -89.29 -35.87 47.75
CA ALA Z 170 -88.02 -36.57 47.85
C ALA Z 170 -86.95 -35.77 47.13
N ALA Z 171 -87.25 -35.38 45.90
CA ALA Z 171 -86.32 -34.61 45.10
C ALA Z 171 -86.07 -33.24 45.70
N GLY Z 172 -87.12 -32.61 46.21
CA GLY Z 172 -87.03 -31.29 46.80
C GLY Z 172 -86.05 -31.27 47.96
N GLN Z 173 -86.14 -32.25 48.85
CA GLN Z 173 -85.24 -32.32 49.98
C GLN Z 173 -83.81 -32.55 49.54
N ALA Z 174 -83.62 -33.42 48.55
CA ALA Z 174 -82.28 -33.72 48.05
C ALA Z 174 -81.59 -32.45 47.58
N GLU Z 175 -82.28 -31.67 46.75
CA GLU Z 175 -81.66 -30.47 46.23
C GLU Z 175 -81.53 -29.38 47.27
N ALA Z 176 -82.56 -29.20 48.10
CA ALA Z 176 -82.55 -28.15 49.10
C ALA Z 176 -81.36 -28.27 50.03
N GLY Z 177 -81.14 -29.46 50.57
CA GLY Z 177 -80.02 -29.65 51.49
C GLY Z 177 -78.69 -29.48 50.77
N LEU Z 178 -78.61 -29.99 49.55
CA LEU Z 178 -77.42 -29.91 48.73
C LEU Z 178 -76.98 -28.45 48.53
N LYS Z 179 -77.93 -27.59 48.16
CA LYS Z 179 -77.60 -26.20 47.97
C LYS Z 179 -77.45 -25.45 49.29
N GLN Z 180 -78.08 -25.93 50.37
CA GLN Z 180 -77.89 -25.32 51.69
C GLN Z 180 -76.44 -25.41 52.11
N GLN Z 181 -75.82 -26.54 51.79
CA GLN Z 181 -74.41 -26.77 52.08
C GLN Z 181 -73.45 -25.96 51.18
N ALA Z 182 -74.00 -25.14 50.26
CA ALA Z 182 -73.25 -24.30 49.34
C ALA Z 182 -72.43 -25.13 48.38
N LEU Z 183 -72.93 -26.30 48.01
CA LEU Z 183 -72.21 -27.15 47.10
C LEU Z 183 -72.62 -26.87 45.66
N PRO Z 184 -71.70 -26.95 44.71
CA PRO Z 184 -71.90 -26.81 43.29
C PRO Z 184 -72.47 -28.11 42.78
N TYR Z 185 -73.40 -28.03 41.84
CA TYR Z 185 -73.98 -29.25 41.30
C TYR Z 185 -74.77 -28.98 40.05
N SER Z 186 -75.14 -30.05 39.37
CA SER Z 186 -76.00 -29.90 38.22
C SER Z 186 -77.02 -31.04 38.25
N ARG Z 187 -78.29 -30.66 38.29
CA ARG Z 187 -79.39 -31.61 38.38
C ARG Z 187 -79.71 -32.27 37.04
N ARG Z 188 -80.05 -33.55 37.10
CA ARG Z 188 -80.38 -34.33 35.92
C ARG Z 188 -81.72 -35.02 36.06
N ASN Z 189 -82.78 -34.34 35.65
CA ASN Z 189 -84.09 -34.97 35.71
C ASN Z 189 -84.27 -35.91 34.55
N HIS Z 190 -84.80 -37.09 34.82
CA HIS Z 190 -85.08 -38.03 33.74
C HIS Z 190 -86.26 -38.88 34.13
N LYS Z 191 -86.83 -39.57 33.17
CA LYS Z 191 -87.98 -40.38 33.50
C LYS Z 191 -87.56 -41.45 34.48
N GLY Z 192 -88.24 -41.50 35.61
CA GLY Z 192 -87.97 -42.50 36.63
C GLY Z 192 -86.97 -42.08 37.71
N GLY Z 193 -86.36 -40.90 37.62
CA GLY Z 193 -85.41 -40.52 38.68
C GLY Z 193 -84.70 -39.20 38.45
N VAL Z 194 -83.75 -38.92 39.32
CA VAL Z 194 -82.98 -37.69 39.21
C VAL Z 194 -81.56 -37.88 39.73
N THR Z 195 -80.59 -37.34 39.00
CA THR Z 195 -79.20 -37.45 39.41
C THR Z 195 -78.56 -36.09 39.65
N PHE Z 196 -77.81 -35.98 40.74
CA PHE Z 196 -77.13 -34.74 41.09
C PHE Z 196 -75.65 -34.86 40.88
N VAL Z 197 -75.17 -34.22 39.82
CA VAL Z 197 -73.78 -34.29 39.43
C VAL Z 197 -72.92 -33.22 40.08
N ILE Z 198 -71.86 -33.64 40.75
CA ILE Z 198 -70.94 -32.71 41.39
C ILE Z 198 -69.54 -32.89 40.82
N GLN Z 199 -69.12 -31.97 39.96
CA GLN Z 199 -67.79 -32.07 39.35
C GLN Z 199 -66.88 -30.90 39.66
N GLY Z 200 -65.63 -31.05 39.27
CA GLY Z 200 -64.62 -30.01 39.44
C GLY Z 200 -63.74 -30.32 40.62
N ALA Z 201 -62.73 -29.49 40.83
CA ALA Z 201 -61.85 -29.66 41.97
C ALA Z 201 -62.61 -29.23 43.21
N LEU Z 202 -62.42 -29.95 44.29
CA LEU Z 202 -63.16 -29.63 45.51
C LEU Z 202 -62.26 -29.35 46.70
N ASP Z 203 -62.67 -28.40 47.50
CA ASP Z 203 -62.01 -28.04 48.74
C ASP Z 203 -62.27 -29.11 49.77
N ASP Z 204 -61.27 -29.50 50.54
CA ASP Z 204 -61.45 -30.54 51.54
C ASP Z 204 -62.65 -30.31 52.46
N VAL Z 205 -62.98 -29.03 52.71
CA VAL Z 205 -64.08 -28.72 53.58
C VAL Z 205 -65.40 -29.07 52.92
N GLU Z 206 -65.58 -28.65 51.67
CA GLU Z 206 -66.82 -28.97 50.97
C GLU Z 206 -66.92 -30.44 50.64
N ILE Z 207 -65.78 -31.14 50.56
CA ILE Z 207 -65.86 -32.57 50.34
C ILE Z 207 -66.48 -33.24 51.54
N LEU Z 208 -66.02 -32.87 52.74
CA LEU Z 208 -66.58 -33.41 53.95
C LEU Z 208 -68.06 -33.16 54.04
N ARG Z 209 -68.45 -31.90 53.83
CA ARG Z 209 -69.85 -31.52 53.89
C ARG Z 209 -70.71 -32.30 52.92
N ALA Z 210 -70.21 -32.48 51.70
CA ALA Z 210 -70.94 -33.20 50.68
C ALA Z 210 -71.24 -34.61 51.11
N ARG Z 211 -70.22 -35.32 51.58
CA ARG Z 211 -70.46 -36.69 51.98
C ARG Z 211 -71.43 -36.82 53.12
N GLN Z 212 -71.31 -35.95 54.12
CA GLN Z 212 -72.20 -36.01 55.26
C GLN Z 212 -73.65 -35.91 54.83
N PHE Z 213 -73.92 -34.95 53.94
CA PHE Z 213 -75.25 -34.77 53.41
C PHE Z 213 -75.76 -35.98 52.67
N VAL Z 214 -74.95 -36.48 51.75
CA VAL Z 214 -75.33 -37.62 50.94
C VAL Z 214 -75.65 -38.85 51.76
N ASP Z 215 -74.79 -39.15 52.73
CA ASP Z 215 -75.01 -40.31 53.57
C ASP Z 215 -76.33 -40.22 54.30
N SER Z 216 -76.67 -39.04 54.82
CA SER Z 216 -77.93 -38.88 55.52
C SER Z 216 -79.14 -39.03 54.61
N TYR Z 217 -79.06 -38.45 53.41
CA TYR Z 217 -80.17 -38.56 52.48
C TYR Z 217 -80.42 -40.02 52.13
N TYR Z 218 -79.33 -40.72 51.83
CA TYR Z 218 -79.41 -42.13 51.52
C TYR Z 218 -80.05 -42.91 52.66
N ARG Z 219 -79.54 -42.71 53.86
CA ARG Z 219 -80.09 -43.39 55.03
C ARG Z 219 -81.59 -43.25 55.15
N THR Z 220 -82.11 -42.05 54.89
CA THR Z 220 -83.54 -41.82 54.97
C THR Z 220 -84.32 -42.35 53.78
N TRP Z 221 -84.10 -41.75 52.63
CA TRP Z 221 -84.86 -42.09 51.44
C TRP Z 221 -84.36 -43.29 50.66
N GLY Z 222 -83.06 -43.52 50.68
CA GLY Z 222 -82.50 -44.61 49.90
C GLY Z 222 -82.06 -44.08 48.53
N GLY Z 223 -81.35 -44.90 47.78
CA GLY Z 223 -80.83 -44.47 46.48
C GLY Z 223 -81.59 -45.00 45.26
N ARG Z 224 -82.89 -45.22 45.37
CA ARG Z 224 -83.63 -45.74 44.22
C ARG Z 224 -84.24 -44.66 43.33
N TYR Z 225 -84.32 -43.44 43.82
CA TYR Z 225 -84.89 -42.36 43.04
C TYR Z 225 -83.87 -41.27 42.84
N VAL Z 226 -83.23 -40.85 43.93
CA VAL Z 226 -82.20 -39.84 43.87
C VAL Z 226 -80.82 -40.45 43.88
N GLN Z 227 -80.05 -40.14 42.86
CA GLN Z 227 -78.69 -40.64 42.75
C GLN Z 227 -77.70 -39.49 42.80
N PHE Z 228 -76.72 -39.57 43.68
CA PHE Z 228 -75.72 -38.52 43.73
C PHE Z 228 -74.47 -38.97 43.01
N ALA Z 229 -73.73 -38.04 42.44
CA ALA Z 229 -72.54 -38.38 41.66
C ALA Z 229 -71.39 -37.43 41.92
N ILE Z 230 -70.62 -37.71 42.97
CA ILE Z 230 -69.47 -36.89 43.30
C ILE Z 230 -68.28 -37.30 42.47
N GLU Z 231 -67.74 -36.38 41.71
CA GLU Z 231 -66.60 -36.64 40.84
C GLU Z 231 -65.49 -35.61 41.00
N LEU Z 232 -64.48 -35.99 41.76
CA LEU Z 232 -63.35 -35.12 42.02
C LEU Z 232 -62.44 -35.06 40.79
N LYS Z 233 -62.44 -33.91 40.11
CA LYS Z 233 -61.67 -33.77 38.87
C LYS Z 233 -60.85 -32.49 38.79
N ASP Z 234 -59.83 -32.49 37.94
CA ASP Z 234 -58.99 -31.31 37.73
C ASP Z 234 -59.65 -30.32 36.80
N ASP Z 235 -59.39 -29.03 37.05
CA ASP Z 235 -59.92 -27.95 36.23
C ASP Z 235 -58.81 -27.24 35.48
N ASP AA 3 -56.27 -58.24 87.70
CA ASP AA 3 -54.85 -58.50 87.81
C ASP AA 3 -54.25 -58.89 86.49
N LYS AA 4 -54.27 -57.97 85.52
CA LYS AA 4 -53.73 -58.26 84.21
C LYS AA 4 -52.55 -57.38 83.88
N ASP AA 5 -51.59 -57.93 83.15
CA ASP AA 5 -50.44 -57.15 82.72
C ASP AA 5 -50.79 -56.39 81.45
N LEU AA 6 -50.57 -55.09 81.47
CA LEU AA 6 -50.90 -54.28 80.31
C LEU AA 6 -49.61 -53.87 79.58
N LEU AA 7 -48.75 -53.13 80.28
CA LEU AA 7 -47.48 -52.67 79.69
C LEU AA 7 -46.27 -53.02 80.55
N LYS AA 8 -45.12 -53.24 79.90
CA LYS AA 8 -43.89 -53.56 80.62
C LYS AA 8 -42.68 -52.85 80.03
N GLY AA 9 -41.70 -52.57 80.88
CA GLY AA 9 -40.46 -51.96 80.40
C GLY AA 9 -40.59 -50.49 80.08
N LEU AA 10 -41.53 -49.82 80.72
CA LEU AA 10 -41.76 -48.42 80.44
C LEU AA 10 -40.77 -47.55 81.15
N ASP AA 11 -40.46 -46.39 80.57
CA ASP AA 11 -39.60 -45.50 81.30
C ASP AA 11 -40.51 -44.67 82.19
N GLN AA 12 -39.93 -43.78 82.97
CA GLN AA 12 -40.71 -43.01 83.92
C GLN AA 12 -41.77 -42.14 83.28
N GLU AA 13 -41.39 -41.39 82.24
CA GLU AA 13 -42.32 -40.49 81.55
C GLU AA 13 -43.50 -41.23 80.96
N GLN AA 14 -43.21 -42.28 80.21
CA GLN AA 14 -44.22 -43.08 79.57
C GLN AA 14 -45.20 -43.64 80.55
N ALA AA 15 -44.67 -44.20 81.65
CA ALA AA 15 -45.52 -44.80 82.65
C ALA AA 15 -46.52 -43.82 83.20
N ASN AA 16 -46.05 -42.62 83.56
CA ASN AA 16 -46.96 -41.64 84.11
C ASN AA 16 -47.98 -41.12 83.09
N GLU AA 17 -47.57 -41.03 81.82
CA GLU AA 17 -48.49 -40.56 80.80
C GLU AA 17 -49.62 -41.53 80.53
N VAL AA 18 -49.29 -42.82 80.44
CA VAL AA 18 -50.30 -43.83 80.19
C VAL AA 18 -51.29 -43.87 81.31
N ILE AA 19 -50.79 -43.82 82.54
CA ILE AA 19 -51.65 -43.84 83.70
C ILE AA 19 -52.61 -42.68 83.70
N ALA AA 20 -52.13 -41.49 83.37
CA ALA AA 20 -52.98 -40.31 83.31
C ALA AA 20 -54.19 -40.56 82.43
N VAL AA 21 -53.96 -41.13 81.24
CA VAL AA 21 -55.04 -41.43 80.31
C VAL AA 21 -56.04 -42.42 80.88
N LEU AA 22 -55.54 -43.49 81.47
CA LEU AA 22 -56.43 -44.50 82.01
C LEU AA 22 -57.32 -43.95 83.11
N GLN AA 23 -56.75 -43.12 83.97
CA GLN AA 23 -57.52 -42.51 85.05
C GLN AA 23 -58.58 -41.60 84.49
N MET AA 24 -58.22 -40.83 83.46
CA MET AA 24 -59.16 -39.94 82.81
C MET AA 24 -60.38 -40.70 82.31
N HIS AA 25 -60.18 -41.92 81.84
CA HIS AA 25 -61.29 -42.74 81.38
C HIS AA 25 -61.84 -43.70 82.42
N ASN AA 26 -61.65 -43.38 83.70
CA ASN AA 26 -62.19 -44.15 84.80
C ASN AA 26 -61.60 -45.53 84.97
N ILE AA 27 -60.28 -45.66 84.83
CA ILE AA 27 -59.59 -46.92 85.04
C ILE AA 27 -58.44 -46.79 86.03
N GLU AA 28 -58.51 -47.55 87.12
CA GLU AA 28 -57.42 -47.56 88.09
C GLU AA 28 -56.22 -48.30 87.51
N ALA AA 29 -55.02 -47.87 87.86
CA ALA AA 29 -53.83 -48.53 87.32
C ALA AA 29 -52.70 -48.55 88.32
N ASN AA 30 -51.93 -49.63 88.31
CA ASN AA 30 -50.81 -49.78 89.22
C ASN AA 30 -49.51 -49.55 88.51
N LYS AA 31 -48.62 -48.79 89.11
CA LYS AA 31 -47.28 -48.59 88.55
C LYS AA 31 -46.30 -49.41 89.36
N ILE AA 32 -45.69 -50.39 88.71
CA ILE AA 32 -44.77 -51.27 89.40
C ILE AA 32 -43.33 -51.02 89.01
N ASP AA 33 -42.52 -50.72 90.00
CA ASP AA 33 -41.11 -50.46 89.82
C ASP AA 33 -40.31 -51.76 89.86
N SER AA 34 -39.80 -52.19 88.70
CA SER AA 34 -39.00 -53.42 88.63
C SER AA 34 -37.51 -53.12 88.48
N GLY AA 35 -37.09 -51.96 88.98
CA GLY AA 35 -35.69 -51.58 88.97
C GLY AA 35 -35.20 -51.35 87.55
N LYS AA 36 -34.07 -51.99 87.23
CA LYS AA 36 -33.45 -51.88 85.92
C LYS AA 36 -34.34 -52.32 84.77
N LEU AA 37 -35.40 -53.07 85.06
CA LEU AA 37 -36.26 -53.54 84.02
C LEU AA 37 -37.36 -52.54 83.67
N GLY AA 38 -37.42 -51.41 84.37
CA GLY AA 38 -38.38 -50.36 84.05
C GLY AA 38 -39.69 -50.50 84.81
N TYR AA 39 -40.72 -49.83 84.32
CA TYR AA 39 -42.01 -49.85 84.98
C TYR AA 39 -43.01 -50.73 84.26
N SER AA 40 -43.92 -51.28 85.04
CA SER AA 40 -44.99 -52.09 84.50
C SER AA 40 -46.33 -51.56 84.94
N ILE AA 41 -47.31 -51.63 84.05
CA ILE AA 41 -48.64 -51.17 84.37
C ILE AA 41 -49.61 -52.31 84.37
N THR AA 42 -50.33 -52.46 85.48
CA THR AA 42 -51.32 -53.51 85.58
C THR AA 42 -52.69 -52.95 85.93
N VAL AA 43 -53.73 -53.66 85.52
CA VAL AA 43 -55.09 -53.21 85.77
C VAL AA 43 -56.00 -54.32 86.25
N ALA AA 44 -57.13 -53.93 86.83
CA ALA AA 44 -58.12 -54.90 87.27
C ALA AA 44 -58.72 -55.59 86.07
N GLU AA 45 -58.94 -56.89 86.19
CA GLU AA 45 -59.51 -57.67 85.10
C GLU AA 45 -60.81 -57.11 84.51
N PRO AA 46 -61.75 -56.58 85.31
CA PRO AA 46 -62.98 -55.93 84.86
C PRO AA 46 -62.74 -54.76 83.90
N ASP AA 47 -61.62 -54.06 84.06
CA ASP AA 47 -61.31 -52.91 83.23
C ASP AA 47 -60.43 -53.26 82.07
N PHE AA 48 -59.67 -54.34 82.20
CA PHE AA 48 -58.70 -54.78 81.20
C PHE AA 48 -59.12 -54.62 79.75
N THR AA 49 -60.36 -54.98 79.41
CA THR AA 49 -60.81 -54.86 78.03
C THR AA 49 -60.80 -53.42 77.56
N ALA AA 50 -61.36 -52.56 78.40
CA ALA AA 50 -61.42 -51.14 78.11
C ALA AA 50 -60.02 -50.54 78.07
N ALA AA 51 -59.18 -50.98 79.00
CA ALA AA 51 -57.81 -50.48 79.07
C ALA AA 51 -57.10 -50.72 77.76
N VAL AA 52 -57.22 -51.93 77.22
CA VAL AA 52 -56.60 -52.26 75.95
C VAL AA 52 -57.10 -51.37 74.85
N TYR AA 53 -58.41 -51.17 74.81
CA TYR AA 53 -59.00 -50.31 73.81
C TYR AA 53 -58.37 -48.93 73.81
N TRP AA 54 -58.20 -48.35 75.00
CA TRP AA 54 -57.64 -47.01 75.10
C TRP AA 54 -56.14 -46.97 74.77
N ILE AA 55 -55.40 -48.03 75.07
CA ILE AA 55 -53.98 -48.07 74.70
C ILE AA 55 -53.84 -47.97 73.20
N LYS AA 56 -54.73 -48.65 72.49
CA LYS AA 56 -54.77 -48.57 71.05
C LYS AA 56 -55.14 -47.17 70.59
N THR AA 57 -56.28 -46.68 71.09
CA THR AA 57 -56.81 -45.38 70.72
C THR AA 57 -55.83 -44.24 70.82
N TYR AA 58 -55.07 -44.20 71.91
CA TYR AA 58 -54.13 -43.12 72.12
C TYR AA 58 -52.69 -43.42 71.76
N GLN AA 59 -52.44 -44.43 70.94
CA GLN AA 59 -51.07 -44.74 70.51
C GLN AA 59 -50.11 -44.86 71.69
N LEU AA 60 -50.48 -45.64 72.71
CA LEU AA 60 -49.63 -45.75 73.88
C LEU AA 60 -48.79 -47.01 73.88
N PRO AA 61 -47.63 -46.98 74.54
CA PRO AA 61 -46.98 -45.89 75.25
C PRO AA 61 -46.39 -44.89 74.26
N PRO AA 62 -46.24 -43.62 74.67
CA PRO AA 62 -45.72 -42.48 73.92
C PRO AA 62 -44.33 -42.69 73.36
N ARG AA 63 -44.08 -42.10 72.20
CA ARG AA 63 -42.76 -42.12 71.60
C ARG AA 63 -41.97 -40.96 72.18
N PRO AA 64 -40.65 -40.97 72.06
CA PRO AA 64 -39.74 -39.92 72.48
C PRO AA 64 -39.90 -38.73 71.55
N ARG AA 65 -39.68 -37.53 72.07
CA ARG AA 65 -39.86 -36.31 71.29
C ARG AA 65 -38.79 -36.13 70.24
N VAL AA 66 -39.22 -35.79 69.03
CA VAL AA 66 -38.33 -35.60 67.90
C VAL AA 66 -37.93 -34.17 67.67
N GLU AA 67 -36.63 -33.95 67.64
CA GLU AA 67 -36.03 -32.65 67.42
C GLU AA 67 -35.02 -32.77 66.31
N ILE AA 68 -34.92 -31.75 65.46
CA ILE AA 68 -34.09 -31.82 64.26
C ILE AA 68 -32.62 -32.12 64.51
N ALA AA 69 -32.04 -31.49 65.52
CA ALA AA 69 -30.63 -31.69 65.84
C ALA AA 69 -30.26 -33.12 66.16
N GLN AA 70 -31.25 -33.96 66.48
CA GLN AA 70 -30.96 -35.33 66.83
C GLN AA 70 -30.45 -36.12 65.63
N MET AA 71 -30.65 -35.61 64.41
CA MET AA 71 -30.19 -36.28 63.23
C MET AA 71 -28.95 -35.66 62.60
N PHE AA 72 -28.34 -34.70 63.26
CA PHE AA 72 -27.13 -34.10 62.73
C PHE AA 72 -26.19 -33.81 63.88
N PRO AA 73 -25.67 -34.86 64.54
CA PRO AA 73 -24.86 -34.85 65.75
C PRO AA 73 -23.47 -34.29 65.55
N ALA AA 74 -22.95 -33.67 66.62
CA ALA AA 74 -21.62 -33.07 66.63
C ALA AA 74 -20.51 -34.10 66.66
N ASP AA 75 -20.89 -35.35 66.90
CA ASP AA 75 -19.94 -36.44 66.94
C ASP AA 75 -19.36 -36.76 65.56
N SER AA 76 -19.99 -36.25 64.49
CA SER AA 76 -19.45 -36.49 63.16
C SER AA 76 -18.09 -35.87 63.01
N LEU AA 77 -17.22 -36.60 62.32
CA LEU AA 77 -15.85 -36.17 62.08
C LEU AA 77 -15.78 -34.95 61.15
N VAL AA 78 -16.79 -34.83 60.31
CA VAL AA 78 -16.88 -33.73 59.36
C VAL AA 78 -18.25 -33.09 59.44
N SER AA 79 -18.38 -31.92 58.86
CA SER AA 79 -19.65 -31.22 58.86
C SER AA 79 -19.87 -30.53 57.55
N SER AA 80 -21.06 -30.01 57.37
CA SER AA 80 -21.40 -29.30 56.15
C SER AA 80 -22.28 -28.16 56.52
N PRO AA 81 -22.30 -27.09 55.73
CA PRO AA 81 -23.12 -25.90 55.88
C PRO AA 81 -24.56 -26.28 56.09
N ARG AA 82 -25.01 -27.28 55.35
CA ARG AA 82 -26.36 -27.77 55.45
C ARG AA 82 -26.64 -28.27 56.84
N ALA AA 83 -25.76 -29.15 57.34
CA ALA AA 83 -25.95 -29.72 58.66
C ALA AA 83 -25.86 -28.67 59.75
N GLU AA 84 -24.88 -27.77 59.64
CA GLU AA 84 -24.68 -26.77 60.67
C GLU AA 84 -25.84 -25.81 60.77
N LYS AA 85 -26.38 -25.37 59.64
CA LYS AA 85 -27.48 -24.46 59.67
C LYS AA 85 -28.70 -25.13 60.29
N ALA AA 86 -28.91 -26.41 59.97
CA ALA AA 86 -30.02 -27.17 60.55
C ALA AA 86 -29.88 -27.26 62.05
N ARG AA 87 -28.68 -27.55 62.52
CA ARG AA 87 -28.43 -27.66 63.96
C ARG AA 87 -28.79 -26.38 64.68
N LEU AA 88 -28.40 -25.26 64.11
CA LEU AA 88 -28.72 -23.99 64.72
C LEU AA 88 -30.20 -23.75 64.85
N TYR AA 89 -30.94 -23.97 63.76
CA TYR AA 89 -32.38 -23.75 63.80
C TYR AA 89 -33.06 -24.62 64.81
N SER AA 90 -32.59 -25.85 64.96
CA SER AA 90 -33.17 -26.75 65.94
C SER AA 90 -33.08 -26.16 67.33
N ALA AA 91 -31.89 -25.66 67.66
CA ALA AA 91 -31.67 -25.04 68.95
C ALA AA 91 -32.56 -23.83 69.15
N ILE AA 92 -32.70 -23.02 68.11
CA ILE AA 92 -33.53 -21.84 68.20
C ILE AA 92 -34.98 -22.18 68.49
N GLU AA 93 -35.54 -23.19 67.83
CA GLU AA 93 -36.92 -23.55 68.13
C GLU AA 93 -37.06 -23.93 69.57
N GLN AA 94 -36.12 -24.72 70.08
CA GLN AA 94 -36.18 -25.14 71.47
C GLN AA 94 -36.14 -23.97 72.42
N ARG AA 95 -35.28 -23.01 72.11
CA ARG AA 95 -35.11 -21.85 72.95
C ARG AA 95 -36.36 -20.98 72.96
N LEU AA 96 -37.01 -20.86 71.80
CA LEU AA 96 -38.25 -20.11 71.75
C LEU AA 96 -39.36 -20.79 72.55
N GLU AA 97 -39.40 -22.12 72.54
CA GLU AA 97 -40.40 -22.83 73.33
C GLU AA 97 -40.17 -22.58 74.80
N GLN AA 98 -38.90 -22.60 75.22
CA GLN AA 98 -38.56 -22.33 76.60
C GLN AA 98 -39.04 -20.96 77.03
N SER AA 99 -38.97 -19.99 76.12
CA SER AA 99 -39.43 -18.65 76.45
C SER AA 99 -40.94 -18.51 76.54
N LEU AA 100 -41.68 -19.07 75.58
CA LEU AA 100 -43.14 -18.90 75.60
C LEU AA 100 -43.77 -19.54 76.80
N GLN AA 101 -43.19 -20.63 77.28
CA GLN AA 101 -43.76 -21.30 78.43
C GLN AA 101 -43.57 -20.55 79.75
N THR AA 102 -42.87 -19.41 79.73
CA THR AA 102 -42.72 -18.61 80.94
C THR AA 102 -43.70 -17.44 80.95
N MET AA 103 -44.46 -17.26 79.87
CA MET AA 103 -45.43 -16.18 79.85
C MET AA 103 -46.60 -16.47 80.74
N GLU AA 104 -47.15 -15.42 81.33
CA GLU AA 104 -48.27 -15.53 82.25
C GLU AA 104 -49.45 -16.24 81.62
N GLY AA 105 -49.92 -17.29 82.28
CA GLY AA 105 -51.08 -18.02 81.85
C GLY AA 105 -50.77 -19.17 80.89
N VAL AA 106 -49.52 -19.27 80.42
CA VAL AA 106 -49.21 -20.34 79.49
C VAL AA 106 -48.77 -21.58 80.22
N LEU AA 107 -49.43 -22.68 79.88
CA LEU AA 107 -49.15 -23.97 80.49
C LEU AA 107 -48.23 -24.77 79.60
N SER AA 108 -48.43 -24.65 78.29
CA SER AA 108 -47.61 -25.37 77.34
C SER AA 108 -47.54 -24.68 75.98
N ALA AA 109 -46.41 -24.79 75.31
CA ALA AA 109 -46.31 -24.17 74.00
C ALA AA 109 -45.28 -24.85 73.12
N ARG AA 110 -45.58 -24.90 71.81
CA ARG AA 110 -44.68 -25.51 70.83
C ARG AA 110 -44.40 -24.53 69.70
N VAL AA 111 -43.18 -24.56 69.17
CA VAL AA 111 -42.77 -23.60 68.14
C VAL AA 111 -42.08 -24.24 66.95
N HIS AA 112 -42.47 -23.81 65.75
CA HIS AA 112 -41.86 -24.27 64.52
C HIS AA 112 -41.30 -23.13 63.71
N ILE AA 113 -40.18 -23.37 63.06
CA ILE AA 113 -39.60 -22.35 62.18
C ILE AA 113 -39.30 -23.00 60.86
N SER AA 114 -39.50 -22.28 59.78
CA SER AA 114 -39.21 -22.85 58.48
C SER AA 114 -37.72 -23.01 58.29
N TYR AA 115 -37.34 -23.92 57.39
CA TYR AA 115 -35.93 -24.19 57.14
C TYR AA 115 -35.52 -23.80 55.75
N ASP AA 116 -34.22 -23.64 55.58
CA ASP AA 116 -33.62 -23.27 54.30
C ASP AA 116 -32.44 -24.17 54.08
N ILE AA 117 -32.61 -25.11 53.18
CA ILE AA 117 -31.60 -26.11 52.94
C ILE AA 117 -30.77 -25.90 51.69
N ASP AA 118 -31.27 -25.10 50.74
CA ASP AA 118 -30.47 -24.93 49.55
C ASP AA 118 -30.68 -23.62 48.77
N ALA AA 119 -30.98 -22.51 49.45
CA ALA AA 119 -31.09 -21.23 48.73
C ALA AA 119 -29.73 -20.85 48.14
N GLY AA 120 -28.77 -20.50 49.00
CA GLY AA 120 -27.42 -20.11 48.59
C GLY AA 120 -26.77 -21.18 47.73
N GLU AA 121 -27.03 -22.44 48.05
CA GLU AA 121 -26.56 -23.58 47.28
C GLU AA 121 -26.87 -23.47 45.79
N ASN AA 122 -28.04 -22.93 45.48
CA ASN AA 122 -28.48 -22.79 44.10
C ASN AA 122 -28.22 -21.40 43.53
N GLY AA 123 -27.45 -20.57 44.24
CA GLY AA 123 -27.18 -19.22 43.78
C GLY AA 123 -28.35 -18.28 44.07
N ARG AA 124 -29.26 -18.71 44.92
CA ARG AA 124 -30.44 -17.92 45.23
C ARG AA 124 -30.33 -17.22 46.56
N PRO AA 125 -31.04 -16.11 46.73
CA PRO AA 125 -31.22 -15.36 47.95
C PRO AA 125 -32.12 -16.18 48.85
N PRO AA 126 -32.04 -16.01 50.15
CA PRO AA 126 -32.79 -16.69 51.19
C PRO AA 126 -34.25 -16.28 51.17
N LYS AA 127 -35.10 -17.17 51.65
CA LYS AA 127 -36.52 -16.89 51.68
C LYS AA 127 -36.92 -16.34 53.03
N PRO AA 128 -38.07 -15.66 53.11
CA PRO AA 128 -38.68 -15.10 54.29
C PRO AA 128 -38.90 -16.21 55.29
N VAL AA 129 -38.83 -15.88 56.56
CA VAL AA 129 -38.97 -16.90 57.58
C VAL AA 129 -40.40 -17.07 58.03
N HIS AA 130 -40.86 -18.30 58.10
CA HIS AA 130 -42.21 -18.56 58.55
C HIS AA 130 -42.19 -19.14 59.95
N LEU AA 131 -43.15 -18.74 60.77
CA LEU AA 131 -43.24 -19.24 62.12
C LEU AA 131 -44.62 -19.73 62.45
N SER AA 132 -44.72 -20.74 63.28
CA SER AA 132 -46.01 -21.19 63.73
C SER AA 132 -45.90 -21.66 65.15
N ALA AA 133 -46.99 -21.57 65.89
CA ALA AA 133 -46.91 -21.98 67.28
C ALA AA 133 -48.23 -22.42 67.85
N LEU AA 134 -48.14 -23.30 68.83
CA LEU AA 134 -49.29 -23.82 69.53
C LEU AA 134 -49.22 -23.43 70.99
N ALA AA 135 -50.36 -23.17 71.60
CA ALA AA 135 -50.30 -22.82 73.01
C ALA AA 135 -51.53 -23.24 73.81
N VAL AA 136 -51.28 -23.62 75.05
CA VAL AA 136 -52.31 -24.01 75.99
C VAL AA 136 -52.32 -23.08 77.18
N TYR AA 137 -53.47 -22.48 77.45
CA TYR AA 137 -53.63 -21.55 78.55
C TYR AA 137 -54.44 -22.03 79.72
N GLU AA 138 -54.23 -21.37 80.85
CA GLU AA 138 -55.02 -21.62 82.03
C GLU AA 138 -56.48 -21.32 81.74
N ARG AA 139 -57.34 -22.27 82.06
CA ARG AA 139 -58.75 -22.13 81.78
C ARG AA 139 -59.35 -20.86 82.35
N GLY AA 140 -60.09 -20.15 81.50
CA GLY AA 140 -60.75 -18.89 81.86
C GLY AA 140 -59.99 -17.67 81.36
N SER AA 141 -58.77 -17.88 80.86
CA SER AA 141 -57.93 -16.82 80.33
C SER AA 141 -58.47 -16.24 78.99
N PRO AA 142 -58.32 -14.93 78.74
CA PRO AA 142 -58.78 -14.17 77.55
C PRO AA 142 -57.91 -14.36 76.30
N LEU AA 143 -57.93 -15.59 75.79
CA LEU AA 143 -57.16 -16.04 74.63
C LEU AA 143 -57.18 -15.11 73.42
N ALA AA 144 -58.32 -14.49 73.15
CA ALA AA 144 -58.48 -13.63 72.00
C ALA AA 144 -57.60 -12.39 72.02
N HIS AA 145 -57.02 -12.07 73.16
CA HIS AA 145 -56.17 -10.91 73.26
C HIS AA 145 -54.74 -11.32 73.48
N GLN AA 146 -54.57 -12.41 74.22
CA GLN AA 146 -53.26 -12.94 74.56
C GLN AA 146 -52.47 -13.34 73.33
N ILE AA 147 -53.17 -13.84 72.32
CA ILE AA 147 -52.57 -14.19 71.05
C ILE AA 147 -51.73 -13.06 70.42
N SER AA 148 -52.02 -11.80 70.74
CA SER AA 148 -51.27 -10.70 70.15
C SER AA 148 -49.90 -10.52 70.79
N ASP AA 149 -49.73 -10.99 72.03
CA ASP AA 149 -48.43 -10.89 72.66
C ASP AA 149 -47.49 -11.88 72.06
N ILE AA 150 -48.01 -13.06 71.80
CA ILE AA 150 -47.20 -14.11 71.21
C ILE AA 150 -46.71 -13.67 69.87
N LYS AA 151 -47.62 -13.16 69.06
CA LYS AA 151 -47.31 -12.77 67.73
C LYS AA 151 -46.33 -11.60 67.68
N ARG AA 152 -46.49 -10.62 68.57
CA ARG AA 152 -45.56 -9.49 68.61
C ARG AA 152 -44.17 -9.91 69.05
N PHE AA 153 -44.12 -10.75 70.07
CA PHE AA 153 -42.88 -11.28 70.58
C PHE AA 153 -42.10 -11.99 69.52
N LEU AA 154 -42.76 -12.90 68.82
CA LEU AA 154 -42.10 -13.65 67.78
C LEU AA 154 -41.68 -12.79 66.61
N LYS AA 155 -42.46 -11.76 66.28
CA LYS AA 155 -42.13 -10.90 65.15
C LYS AA 155 -40.73 -10.31 65.25
N ASN AA 156 -40.36 -9.77 66.39
CA ASN AA 156 -39.00 -9.23 66.50
C ASN AA 156 -38.00 -10.22 67.09
N SER AA 157 -38.34 -11.51 67.11
CA SER AA 157 -37.43 -12.52 67.60
C SER AA 157 -36.66 -13.17 66.47
N PHE AA 158 -36.77 -12.63 65.26
CA PHE AA 158 -36.04 -13.25 64.17
C PHE AA 158 -35.85 -12.31 63.00
N ALA AA 159 -34.67 -12.39 62.42
CA ALA AA 159 -34.16 -11.56 61.32
C ALA AA 159 -35.19 -11.00 60.35
N ASP AA 160 -36.09 -11.81 59.83
CA ASP AA 160 -37.04 -11.27 58.87
C ASP AA 160 -38.34 -12.04 58.76
N VAL AA 161 -39.30 -11.66 59.60
CA VAL AA 161 -40.63 -12.23 59.59
C VAL AA 161 -41.62 -11.10 59.52
N ASP AA 162 -42.90 -11.42 59.46
CA ASP AA 162 -43.92 -10.40 59.42
C ASP AA 162 -45.23 -10.95 59.97
N TYR AA 163 -46.22 -10.09 60.15
CA TYR AA 163 -47.48 -10.51 60.76
C TYR AA 163 -48.37 -11.40 59.88
N ASP AA 164 -47.98 -11.62 58.63
CA ASP AA 164 -48.75 -12.50 57.77
C ASP AA 164 -48.11 -13.88 57.68
N ASN AA 165 -46.88 -14.00 58.15
CA ASN AA 165 -46.18 -15.27 58.08
C ASN AA 165 -45.94 -15.88 59.43
N ILE AA 166 -46.72 -15.45 60.42
CA ILE AA 166 -46.67 -16.00 61.76
C ILE AA 166 -48.06 -16.49 62.15
N SER AA 167 -48.19 -17.79 62.40
CA SER AA 167 -49.49 -18.31 62.77
C SER AA 167 -49.55 -18.89 64.16
N VAL AA 168 -50.58 -18.52 64.90
CA VAL AA 168 -50.73 -19.02 66.26
C VAL AA 168 -52.09 -19.67 66.46
N VAL AA 169 -52.05 -20.93 66.87
CA VAL AA 169 -53.26 -21.68 67.16
C VAL AA 169 -53.23 -22.07 68.62
N LEU AA 170 -54.27 -21.75 69.34
CA LEU AA 170 -54.25 -21.99 70.76
C LEU AA 170 -55.59 -22.29 71.39
N SER AA 171 -55.54 -22.74 72.64
CA SER AA 171 -56.72 -23.07 73.42
C SER AA 171 -56.41 -23.08 74.91
N GLU AA 172 -57.23 -23.78 75.68
CA GLU AA 172 -57.03 -23.84 77.12
C GLU AA 172 -57.29 -25.23 77.65
N ARG AA 173 -56.80 -25.49 78.84
CA ARG AA 173 -56.93 -26.82 79.44
C ARG AA 173 -58.37 -27.22 79.73
N SER AA 174 -58.57 -28.53 79.86
CA SER AA 174 -59.86 -29.14 80.17
C SER AA 174 -60.10 -29.20 81.69
N ASP AA 175 -61.28 -29.72 82.07
CA ASP AA 175 -61.66 -29.88 83.47
C ASP AA 175 -60.72 -30.88 84.14
N ALA AA 176 -59.96 -30.40 85.11
CA ALA AA 176 -58.95 -31.22 85.79
C ALA AA 176 -59.51 -32.47 86.43
N GLN AA 177 -58.83 -33.59 86.20
CA GLN AA 177 -59.26 -34.85 86.78
C GLN AA 177 -58.73 -34.95 88.19
N LEU AA 178 -59.51 -34.45 89.13
CA LEU AA 178 -59.10 -34.43 90.53
C LEU AA 178 -59.72 -35.55 91.36
N GLN AA 179 -60.39 -36.50 90.72
CA GLN AA 179 -61.05 -37.58 91.45
C GLN AA 179 -60.58 -38.95 91.02
N ALA AA 180 -60.44 -39.86 91.97
CA ALA AA 180 -60.01 -41.21 91.65
C ALA AA 180 -61.14 -41.98 90.95
N PRO AA 181 -60.81 -42.81 89.96
CA PRO AA 181 -61.69 -43.69 89.19
C PRO AA 181 -62.55 -44.63 90.03
N GLY AA 182 -61.96 -45.23 91.04
CA GLY AA 182 -62.68 -46.13 91.93
C GLY AA 182 -62.44 -47.58 91.52
N THR AA 183 -62.68 -48.49 92.45
CA THR AA 183 -62.49 -49.91 92.20
C THR AA 183 -63.76 -50.52 91.61
N PRO AA 184 -63.66 -51.73 91.04
CA PRO AA 184 -64.74 -52.53 90.51
C PRO AA 184 -65.61 -53.07 91.62
N VAL AA 185 -66.86 -53.35 91.31
CA VAL AA 185 -67.78 -53.86 92.29
C VAL AA 185 -67.73 -55.36 92.40
N LYS AA 186 -67.23 -55.85 93.53
CA LYS AA 186 -67.14 -57.28 93.80
C LYS AA 186 -66.60 -57.51 95.21
N ALA BA 42 -75.84 -51.60 96.24
CA ALA BA 42 -74.97 -50.84 95.35
C ALA BA 42 -75.73 -49.66 94.76
N GLU BA 43 -76.10 -48.71 95.61
CA GLU BA 43 -76.81 -47.53 95.13
C GLU BA 43 -76.01 -46.81 94.07
N LEU BA 44 -76.63 -46.58 92.93
CA LEU BA 44 -75.99 -45.95 91.79
C LEU BA 44 -75.29 -44.64 92.13
N ASP BA 45 -75.88 -43.84 93.01
CA ASP BA 45 -75.27 -42.60 93.41
C ASP BA 45 -73.89 -42.80 94.02
N SER BA 46 -73.70 -43.90 94.73
CA SER BA 46 -72.40 -44.18 95.34
C SER BA 46 -71.48 -44.85 94.33
N LEU BA 47 -72.04 -45.48 93.31
CA LEU BA 47 -71.23 -46.09 92.27
C LEU BA 47 -70.57 -45.04 91.38
N LEU BA 48 -71.28 -43.95 91.14
CA LEU BA 48 -70.76 -42.84 90.36
C LEU BA 48 -69.75 -42.02 91.19
N GLY BA 49 -68.89 -41.28 90.48
CA GLY BA 49 -67.80 -40.47 91.07
C GLY BA 49 -68.08 -39.69 92.38
N GLN BA 50 -67.00 -39.25 93.02
CA GLN BA 50 -67.05 -38.51 94.29
C GLN BA 50 -67.90 -37.27 94.20
N GLU BA 51 -67.74 -36.52 93.11
CA GLU BA 51 -68.55 -35.35 92.92
C GLU BA 51 -69.85 -35.75 92.28
N LYS BA 52 -70.75 -36.27 93.10
CA LYS BA 52 -72.05 -36.76 92.66
C LYS BA 52 -72.90 -35.73 91.95
N GLU BA 53 -72.57 -34.45 92.10
CA GLU BA 53 -73.33 -33.39 91.49
C GLU BA 53 -73.05 -33.24 89.99
N ARG BA 54 -72.16 -34.07 89.45
CA ARG BA 54 -71.88 -34.05 88.03
C ARG BA 54 -72.94 -34.85 87.26
N PHE BA 55 -73.74 -35.65 87.97
CA PHE BA 55 -74.72 -36.48 87.30
C PHE BA 55 -76.10 -36.31 87.85
N GLN BA 56 -77.10 -36.43 87.00
CA GLN BA 56 -78.46 -36.39 87.47
C GLN BA 56 -79.13 -37.73 87.22
N VAL BA 57 -79.31 -38.50 88.27
CA VAL BA 57 -79.95 -39.80 88.11
C VAL BA 57 -81.45 -39.63 88.01
N LEU BA 58 -82.04 -40.26 87.00
CA LEU BA 58 -83.45 -40.14 86.70
C LEU BA 58 -84.15 -41.50 86.76
N PRO BA 59 -85.38 -41.55 87.23
CA PRO BA 59 -86.11 -42.81 87.35
C PRO BA 59 -87.16 -42.94 86.26
N GLY BA 60 -86.82 -43.61 85.17
CA GLY BA 60 -87.75 -43.75 84.05
C GLY BA 60 -88.93 -44.66 84.36
N ARG BA 61 -90.06 -44.37 83.73
CA ARG BA 61 -91.28 -45.15 83.93
C ARG BA 61 -91.19 -46.56 83.34
N ASP BA 62 -90.17 -46.77 82.50
CA ASP BA 62 -89.88 -48.07 81.92
C ASP BA 62 -89.02 -48.96 82.80
N LYS BA 63 -88.84 -48.57 84.08
CA LYS BA 63 -88.04 -49.32 85.04
C LYS BA 63 -86.55 -49.25 84.77
N MET BA 64 -86.13 -48.29 83.94
CA MET BA 64 -84.73 -48.09 83.66
C MET BA 64 -84.24 -46.87 84.39
N LEU BA 65 -83.14 -47.02 85.09
CA LEU BA 65 -82.59 -45.92 85.85
C LEU BA 65 -81.61 -45.19 84.93
N TYR BA 66 -81.88 -43.92 84.67
CA TYR BA 66 -81.09 -43.17 83.73
C TYR BA 66 -80.05 -42.28 84.38
N VAL BA 67 -78.93 -42.10 83.68
CA VAL BA 67 -77.88 -41.21 84.19
C VAL BA 67 -77.65 -40.05 83.26
N ALA BA 68 -78.14 -38.88 83.61
CA ALA BA 68 -77.95 -37.75 82.74
C ALA BA 68 -76.59 -37.12 82.94
N ALA BA 69 -75.83 -37.05 81.86
CA ALA BA 69 -74.50 -36.46 81.88
C ALA BA 69 -74.47 -35.22 81.00
N GLN BA 70 -73.70 -34.23 81.41
CA GLN BA 70 -73.61 -32.96 80.68
C GLN BA 70 -72.44 -32.89 79.72
N ASN BA 71 -71.60 -33.91 79.71
CA ASN BA 71 -70.41 -33.90 78.87
C ASN BA 71 -70.00 -35.29 78.49
N GLU BA 72 -69.50 -35.47 77.27
CA GLU BA 72 -69.07 -36.78 76.79
C GLU BA 72 -68.01 -37.46 77.66
N ARG BA 73 -67.26 -36.69 78.45
CA ARG BA 73 -66.30 -37.29 79.36
C ARG BA 73 -67.00 -37.93 80.54
N ASP BA 74 -68.15 -37.37 80.90
CA ASP BA 74 -68.92 -37.87 82.01
C ASP BA 74 -69.80 -38.98 81.50
N THR BA 75 -70.17 -38.89 80.23
CA THR BA 75 -70.93 -39.93 79.58
C THR BA 75 -70.13 -41.20 79.62
N LEU BA 76 -68.87 -41.12 79.18
CA LEU BA 76 -68.00 -42.28 79.21
C LEU BA 76 -67.74 -42.75 80.62
N TRP BA 77 -67.54 -41.83 81.55
CA TRP BA 77 -67.32 -42.17 82.95
C TRP BA 77 -68.41 -43.12 83.44
N ALA BA 78 -69.66 -42.69 83.29
CA ALA BA 78 -70.82 -43.45 83.72
C ALA BA 78 -70.93 -44.77 82.99
N ARG BA 79 -70.63 -44.79 81.69
CA ARG BA 79 -70.70 -46.04 80.95
C ARG BA 79 -69.69 -47.04 81.46
N GLN BA 80 -68.50 -46.55 81.83
CA GLN BA 80 -67.49 -47.43 82.38
C GLN BA 80 -67.95 -47.96 83.71
N VAL BA 81 -68.64 -47.15 84.51
CA VAL BA 81 -69.17 -47.63 85.77
C VAL BA 81 -70.13 -48.79 85.57
N LEU BA 82 -71.03 -48.64 84.61
CA LEU BA 82 -72.00 -49.70 84.34
C LEU BA 82 -71.34 -50.99 83.85
N ALA BA 83 -70.29 -50.86 83.05
CA ALA BA 83 -69.58 -52.03 82.54
C ALA BA 83 -68.60 -52.63 83.55
N ARG BA 84 -67.98 -51.78 84.37
CA ARG BA 84 -66.99 -52.20 85.37
C ARG BA 84 -67.61 -52.77 86.61
N GLY BA 85 -68.51 -52.00 87.20
CA GLY BA 85 -69.17 -52.39 88.42
C GLY BA 85 -70.45 -53.10 88.10
N ASP BA 86 -71.42 -52.98 88.97
CA ASP BA 86 -72.67 -53.64 88.72
C ASP BA 86 -73.81 -52.97 89.45
N TYR BA 87 -74.99 -53.21 88.93
CA TYR BA 87 -76.21 -52.70 89.47
C TYR BA 87 -77.34 -53.53 88.89
N ASP BA 88 -77.99 -54.31 89.74
CA ASP BA 88 -79.07 -55.20 89.30
C ASP BA 88 -80.34 -54.47 88.93
N LYS BA 89 -80.32 -53.80 87.78
CA LYS BA 89 -81.46 -53.06 87.28
C LYS BA 89 -81.14 -52.41 85.95
N ASN BA 90 -82.13 -52.33 85.08
CA ASN BA 90 -81.95 -51.67 83.80
C ASN BA 90 -81.37 -50.29 84.03
N ALA BA 91 -80.42 -49.90 83.20
CA ALA BA 91 -79.82 -48.59 83.34
C ALA BA 91 -79.29 -48.09 82.00
N ARG BA 92 -79.26 -46.78 81.84
CA ARG BA 92 -78.81 -46.21 80.58
C ARG BA 92 -78.38 -44.76 80.71
N VAL BA 93 -77.20 -44.46 80.20
CA VAL BA 93 -76.63 -43.12 80.28
C VAL BA 93 -77.21 -42.19 79.20
N ILE BA 94 -77.65 -41.02 79.64
CA ILE BA 94 -78.22 -39.99 78.78
C ILE BA 94 -77.23 -38.90 78.40
N ASN BA 95 -77.22 -38.57 77.12
CA ASN BA 95 -76.38 -37.52 76.58
C ASN BA 95 -77.20 -36.61 75.70
N GLU BA 96 -77.31 -35.35 76.11
CA GLU BA 96 -78.10 -34.34 75.42
C GLU BA 96 -78.04 -34.36 73.90
N ASN BA 97 -76.84 -34.43 73.34
CA ASN BA 97 -76.73 -34.45 71.89
C ASN BA 97 -77.13 -35.79 71.31
N GLU BA 98 -76.80 -36.87 72.00
CA GLU BA 98 -77.15 -38.18 71.49
C GLU BA 98 -78.65 -38.37 71.48
N GLU BA 99 -79.32 -37.84 72.48
CA GLU BA 99 -80.75 -37.95 72.58
C GLU BA 99 -81.42 -37.05 71.58
N ASN BA 100 -80.86 -35.88 71.34
CA ASN BA 100 -81.41 -34.98 70.36
C ASN BA 100 -81.40 -35.69 69.00
N LYS BA 101 -80.28 -36.36 68.71
CA LYS BA 101 -80.15 -37.10 67.46
C LYS BA 101 -81.10 -38.30 67.38
N ARG BA 102 -81.18 -39.10 68.44
CA ARG BA 102 -82.05 -40.26 68.44
C ARG BA 102 -83.47 -39.89 68.11
N ILE BA 103 -83.94 -38.82 68.74
CA ILE BA 103 -85.27 -38.33 68.48
C ILE BA 103 -85.43 -37.86 67.07
N SER BA 104 -84.48 -37.08 66.57
CA SER BA 104 -84.59 -36.54 65.22
C SER BA 104 -84.70 -37.64 64.16
N ILE BA 105 -84.09 -38.79 64.43
CA ILE BA 105 -84.19 -39.89 63.49
C ILE BA 105 -85.61 -40.42 63.39
N TRP BA 106 -86.18 -40.73 64.55
CA TRP BA 106 -87.54 -41.24 64.61
C TRP BA 106 -88.50 -40.23 64.04
N LEU BA 107 -88.29 -38.99 64.44
CA LEU BA 107 -89.13 -37.89 64.09
C LEU BA 107 -89.17 -37.69 62.59
N ASP BA 108 -88.02 -37.76 61.92
CA ASP BA 108 -88.02 -37.62 60.47
C ASP BA 108 -88.83 -38.73 59.77
N THR BA 109 -88.75 -39.96 60.27
CA THR BA 109 -89.50 -41.07 59.68
C THR BA 109 -91.01 -40.94 59.82
N TYR BA 110 -91.46 -40.61 61.02
CA TYR BA 110 -92.91 -40.52 61.28
C TYR BA 110 -93.50 -39.16 60.98
N TYR BA 111 -92.72 -38.11 61.14
CA TYR BA 111 -93.15 -36.77 60.80
C TYR BA 111 -92.19 -36.09 59.83
N PRO BA 112 -92.09 -36.57 58.59
CA PRO BA 112 -91.25 -36.06 57.55
C PRO BA 112 -91.75 -34.69 57.20
N GLN BA 113 -90.82 -33.83 56.79
CA GLN BA 113 -91.08 -32.43 56.46
C GLN BA 113 -91.40 -31.56 57.69
N LEU BA 114 -91.37 -32.10 58.91
CA LEU BA 114 -91.60 -31.26 60.09
C LEU BA 114 -90.47 -30.26 60.24
N ALA BA 115 -90.81 -28.99 60.35
CA ALA BA 115 -89.78 -27.98 60.49
C ALA BA 115 -89.52 -27.68 61.95
N TYR BA 116 -88.34 -28.00 62.45
CA TYR BA 116 -88.03 -27.79 63.85
C TYR BA 116 -86.56 -27.45 64.06
N TYR BA 117 -86.22 -27.03 65.27
CA TYR BA 117 -84.87 -26.60 65.60
C TYR BA 117 -84.10 -27.56 66.49
N ARG BA 118 -84.33 -27.50 67.78
CA ARG BA 118 -83.57 -28.34 68.69
C ARG BA 118 -84.30 -28.54 70.00
N ILE BA 119 -84.10 -29.70 70.59
CA ILE BA 119 -84.70 -29.98 71.88
C ILE BA 119 -83.79 -29.57 73.01
N HIS BA 120 -84.30 -28.74 73.90
CA HIS BA 120 -83.56 -28.26 75.04
C HIS BA 120 -83.91 -29.08 76.24
N PHE BA 121 -82.98 -29.93 76.63
CA PHE BA 121 -83.29 -30.85 77.70
C PHE BA 121 -83.25 -30.20 79.07
N ASP BA 122 -82.27 -29.32 79.31
CA ASP BA 122 -82.13 -28.56 80.57
C ASP BA 122 -82.67 -29.27 81.81
N GLU BA 123 -83.97 -29.13 82.06
CA GLU BA 123 -84.63 -29.81 83.16
C GLU BA 123 -85.26 -31.11 82.67
N PRO BA 124 -84.51 -32.21 82.66
CA PRO BA 124 -84.91 -33.56 82.18
C PRO BA 124 -86.42 -33.82 82.10
N ARG BA 125 -87.10 -33.58 83.20
CA ARG BA 125 -88.53 -33.79 83.36
C ARG BA 125 -89.41 -33.15 82.28
N LYS BA 126 -89.05 -31.93 81.90
CA LYS BA 126 -89.82 -31.16 80.94
C LYS BA 126 -88.94 -30.47 79.90
N PRO BA 127 -88.44 -31.18 78.90
CA PRO BA 127 -87.62 -30.70 77.82
C PRO BA 127 -88.47 -29.84 76.92
N VAL BA 128 -87.83 -28.87 76.28
CA VAL BA 128 -88.51 -27.93 75.43
C VAL BA 128 -88.21 -28.20 73.97
N PHE BA 129 -89.24 -28.27 73.17
CA PHE BA 129 -89.08 -28.58 71.77
C PHE BA 129 -89.29 -27.34 70.91
N TRP BA 130 -88.23 -26.81 70.30
CA TRP BA 130 -88.43 -25.65 69.45
C TRP BA 130 -88.92 -26.09 68.07
N LEU BA 131 -90.02 -25.49 67.67
CA LEU BA 131 -90.73 -25.79 66.42
C LEU BA 131 -90.86 -24.54 65.55
N SER BA 132 -90.65 -24.65 64.24
CA SER BA 132 -90.75 -23.45 63.40
C SER BA 132 -92.17 -22.91 63.34
N ARG BA 133 -92.38 -21.75 63.96
CA ARG BA 133 -93.68 -21.10 63.99
C ARG BA 133 -94.23 -20.80 62.62
N GLN BA 134 -93.38 -20.30 61.74
CA GLN BA 134 -93.80 -19.87 60.42
C GLN BA 134 -93.94 -21.00 59.41
N ARG BA 135 -93.08 -22.01 59.46
CA ARG BA 135 -93.18 -23.07 58.47
C ARG BA 135 -94.20 -24.16 58.78
N ASN BA 136 -94.53 -24.37 60.04
CA ASN BA 136 -95.50 -25.42 60.35
C ASN BA 136 -96.91 -24.88 60.45
N THR BA 137 -97.84 -25.67 59.94
CA THR BA 137 -99.26 -25.30 59.94
C THR BA 137 -100.11 -26.34 60.67
N MET BA 138 -99.49 -27.06 61.60
CA MET BA 138 -100.19 -28.09 62.36
C MET BA 138 -101.24 -27.48 63.28
N SER BA 139 -102.33 -28.21 63.47
CA SER BA 139 -103.39 -27.74 64.36
C SER BA 139 -103.01 -28.02 65.79
N LYS BA 140 -103.69 -27.38 66.72
CA LYS BA 140 -103.44 -27.57 68.13
C LYS BA 140 -103.56 -29.04 68.53
N LYS BA 141 -104.56 -29.72 67.98
CA LYS BA 141 -104.79 -31.11 68.27
C LYS BA 141 -103.65 -31.97 67.74
N GLU BA 142 -103.18 -31.64 66.55
CA GLU BA 142 -102.07 -32.36 65.96
C GLU BA 142 -100.82 -32.19 66.80
N LEU BA 143 -100.61 -30.98 67.32
CA LEU BA 143 -99.47 -30.71 68.17
C LEU BA 143 -99.56 -31.49 69.47
N GLU BA 144 -100.79 -31.66 69.99
CA GLU BA 144 -100.97 -32.48 71.17
C GLU BA 144 -100.44 -33.87 70.93
N VAL BA 145 -100.87 -34.46 69.82
CA VAL BA 145 -100.46 -35.80 69.44
C VAL BA 145 -98.95 -35.90 69.30
N LEU BA 146 -98.36 -34.91 68.64
CA LEU BA 146 -96.92 -34.85 68.45
C LEU BA 146 -96.20 -34.91 69.80
N SER BA 147 -96.63 -34.10 70.76
CA SER BA 147 -95.98 -34.10 72.06
C SER BA 147 -96.12 -35.44 72.74
N GLN BA 148 -97.25 -36.10 72.52
CA GLN BA 148 -97.46 -37.42 73.11
C GLN BA 148 -96.50 -38.45 72.55
N LYS BA 149 -96.21 -38.34 71.26
CA LYS BA 149 -95.28 -39.27 70.66
C LYS BA 149 -93.89 -39.02 71.19
N LEU BA 150 -93.57 -37.74 71.41
CA LEU BA 150 -92.28 -37.40 71.96
C LEU BA 150 -92.15 -37.92 73.39
N ARG BA 151 -93.25 -37.88 74.15
CA ARG BA 151 -93.24 -38.42 75.51
C ARG BA 151 -92.92 -39.89 75.47
N ALA BA 152 -93.49 -40.60 74.49
CA ALA BA 152 -93.20 -42.02 74.31
C ALA BA 152 -91.72 -42.25 74.05
N LEU BA 153 -91.11 -41.37 73.26
CA LEU BA 153 -89.69 -41.49 72.96
C LEU BA 153 -88.78 -41.22 74.15
N MET BA 154 -89.27 -40.47 75.14
CA MET BA 154 -88.51 -40.14 76.34
C MET BA 154 -89.12 -40.69 77.64
N PRO BA 155 -88.79 -41.94 78.02
CA PRO BA 155 -89.22 -42.71 79.19
C PRO BA 155 -89.13 -41.97 80.52
N TYR BA 156 -88.20 -41.04 80.62
CA TYR BA 156 -88.02 -40.28 81.85
C TYR BA 156 -88.86 -39.01 81.89
N ALA BA 157 -88.91 -38.30 80.78
CA ALA BA 157 -89.63 -37.05 80.69
C ALA BA 157 -91.07 -37.25 81.07
N ASP BA 158 -91.62 -36.31 81.81
CA ASP BA 158 -93.00 -36.40 82.22
C ASP BA 158 -93.90 -35.78 81.19
N SER BA 159 -93.42 -34.71 80.57
CA SER BA 159 -94.18 -34.05 79.52
C SER BA 159 -93.24 -33.31 78.60
N VAL BA 160 -93.73 -32.90 77.43
CA VAL BA 160 -92.91 -32.18 76.48
C VAL BA 160 -93.50 -30.82 76.20
N ASN BA 161 -92.67 -29.79 76.32
CA ASN BA 161 -93.15 -28.46 76.07
C ASN BA 161 -92.82 -28.00 74.67
N ILE BA 162 -93.73 -28.24 73.74
CA ILE BA 162 -93.53 -27.78 72.37
C ILE BA 162 -93.87 -26.32 72.29
N THR BA 163 -92.96 -25.55 71.70
CA THR BA 163 -93.18 -24.14 71.54
C THR BA 163 -92.71 -23.69 70.18
N LEU BA 164 -93.38 -22.68 69.66
CA LEU BA 164 -93.11 -22.21 68.32
C LEU BA 164 -92.18 -21.00 68.32
N MET BA 165 -91.13 -21.08 67.51
CA MET BA 165 -90.12 -20.03 67.40
C MET BA 165 -90.19 -19.31 66.07
N ASP BA 166 -89.89 -18.02 66.07
CA ASP BA 166 -89.94 -17.26 64.83
C ASP BA 166 -88.63 -17.32 64.06
N ASP BA 167 -88.68 -17.94 62.88
CA ASP BA 167 -87.54 -18.12 61.98
C ASP BA 167 -86.73 -16.85 61.75
N VAL BA 168 -87.39 -15.71 61.73
CA VAL BA 168 -86.74 -14.44 61.52
C VAL BA 168 -85.79 -14.10 62.62
N THR BA 169 -86.16 -14.39 63.86
CA THR BA 169 -85.32 -14.03 64.98
C THR BA 169 -84.11 -14.95 65.04
N ALA BA 170 -84.28 -16.18 64.56
CA ALA BA 170 -83.14 -17.09 64.50
C ALA BA 170 -82.09 -16.55 63.55
N ALA BA 171 -82.55 -16.16 62.36
CA ALA BA 171 -81.64 -15.61 61.36
C ALA BA 171 -81.05 -14.30 61.80
N GLY BA 172 -81.87 -13.46 62.43
CA GLY BA 172 -81.43 -12.15 62.89
C GLY BA 172 -80.28 -12.26 63.87
N GLN BA 173 -80.39 -13.18 64.83
CA GLN BA 173 -79.32 -13.36 65.79
C GLN BA 173 -78.06 -13.88 65.14
N ALA BA 174 -78.21 -14.82 64.21
CA ALA BA 174 -77.06 -15.37 63.51
C ALA BA 174 -76.25 -14.29 62.85
N GLU BA 175 -76.92 -13.42 62.09
CA GLU BA 175 -76.20 -12.39 61.38
C GLU BA 175 -75.70 -11.30 62.29
N ALA BA 176 -76.52 -10.89 63.26
CA ALA BA 176 -76.14 -9.82 64.16
C ALA BA 176 -74.84 -10.11 64.90
N GLY BA 177 -74.74 -11.30 65.48
CA GLY BA 177 -73.53 -11.66 66.20
C GLY BA 177 -72.34 -11.77 65.27
N LEU BA 178 -72.58 -12.34 64.10
CA LEU BA 178 -71.55 -12.52 63.09
C LEU BA 178 -70.90 -11.19 62.70
N LYS BA 179 -71.74 -10.18 62.43
CA LYS BA 179 -71.20 -8.88 62.07
C LYS BA 179 -70.68 -8.11 63.30
N GLN BA 180 -71.19 -8.42 64.49
CA GLN BA 180 -70.67 -7.80 65.72
C GLN BA 180 -69.20 -8.14 65.89
N GLN BA 181 -68.85 -9.39 65.57
CA GLN BA 181 -67.47 -9.86 65.63
C GLN BA 181 -66.57 -9.28 64.52
N ALA BA 182 -67.11 -8.43 63.66
CA ALA BA 182 -66.40 -7.78 62.56
C ALA BA 182 -65.92 -8.80 61.54
N LEU BA 183 -66.69 -9.86 61.35
CA LEU BA 183 -66.31 -10.88 60.39
C LEU BA 183 -66.91 -10.59 59.04
N PRO BA 184 -66.20 -10.88 57.95
CA PRO BA 184 -66.62 -10.78 56.58
C PRO BA 184 -67.50 -11.96 56.27
N TYR BA 185 -68.55 -11.76 55.49
CA TYR BA 185 -69.42 -12.87 55.16
C TYR BA 185 -70.37 -12.51 54.05
N SER BA 186 -71.04 -13.51 53.50
CA SER BA 186 -72.04 -13.26 52.52
C SER BA 186 -73.23 -14.18 52.80
N ARG BA 187 -74.38 -13.57 53.02
CA ARG BA 187 -75.60 -14.29 53.36
C ARG BA 187 -76.26 -14.94 52.15
N ARG BA 188 -76.81 -16.13 52.37
CA ARG BA 188 -77.48 -16.88 51.33
C ARG BA 188 -78.88 -17.30 51.74
N ASN BA 189 -79.86 -16.46 51.46
CA ASN BA 189 -81.23 -16.81 51.79
C ASN BA 189 -81.76 -17.77 50.75
N HIS BA 190 -82.44 -18.81 51.19
CA HIS BA 190 -83.07 -19.71 50.25
C HIS BA 190 -84.30 -20.31 50.89
N LYS BA 191 -85.15 -20.93 50.10
CA LYS BA 191 -86.34 -21.50 50.68
C LYS BA 191 -85.95 -22.58 51.65
N GLY BA 192 -86.42 -22.45 52.88
CA GLY BA 192 -86.15 -23.43 53.92
C GLY BA 192 -84.91 -23.16 54.78
N GLY BA 193 -84.13 -22.12 54.50
CA GLY BA 193 -82.97 -21.89 55.35
C GLY BA 193 -82.08 -20.73 54.91
N VAL BA 194 -80.94 -20.59 55.59
CA VAL BA 194 -80.00 -19.55 55.25
C VAL BA 194 -78.58 -19.97 55.54
N THR BA 195 -77.67 -19.66 54.62
CA THR BA 195 -76.28 -20.01 54.79
C THR BA 195 -75.37 -18.79 54.83
N PHE BA 196 -74.43 -18.77 55.77
CA PHE BA 196 -73.49 -17.67 55.90
C PHE BA 196 -72.10 -18.07 55.45
N VAL BA 197 -71.72 -17.57 54.28
CA VAL BA 197 -70.45 -17.93 53.68
C VAL BA 197 -69.32 -17.01 54.09
N ILE BA 198 -68.25 -17.60 54.60
CA ILE BA 198 -67.09 -16.83 55.00
C ILE BA 198 -65.86 -17.29 54.24
N GLN BA 199 -65.44 -16.51 53.25
CA GLN BA 199 -64.29 -16.89 52.43
C GLN BA 199 -63.15 -15.89 52.49
N GLY BA 200 -62.03 -16.30 51.90
CA GLY BA 200 -60.83 -15.48 51.83
C GLY BA 200 -59.82 -15.89 52.87
N ALA BA 201 -58.66 -15.24 52.84
CA ALA BA 201 -57.65 -15.53 53.83
C ALA BA 201 -58.08 -14.91 55.14
N LEU BA 202 -57.83 -15.59 56.24
CA LEU BA 202 -58.28 -15.08 57.52
C LEU BA 202 -57.14 -14.94 58.52
N ASP BA 203 -57.23 -13.87 59.31
CA ASP BA 203 -56.30 -13.60 60.39
C ASP BA 203 -56.56 -14.56 61.52
N ASP BA 204 -55.53 -15.10 62.14
CA ASP BA 204 -55.70 -16.03 63.24
C ASP BA 204 -56.67 -15.54 64.33
N VAL BA 205 -56.71 -14.22 64.52
CA VAL BA 205 -57.57 -13.65 65.54
C VAL BA 205 -59.02 -13.78 65.13
N GLU BA 206 -59.34 -13.40 63.91
CA GLU BA 206 -60.72 -13.50 63.45
C GLU BA 206 -61.15 -14.94 63.25
N ILE BA 207 -60.19 -15.84 63.04
CA ILE BA 207 -60.54 -17.25 62.96
C ILE BA 207 -61.06 -17.74 64.28
N LEU BA 208 -60.33 -17.40 65.35
CA LEU BA 208 -60.75 -17.78 66.69
C LEU BA 208 -62.12 -17.25 67.01
N ARG BA 209 -62.32 -15.94 66.76
CA ARG BA 209 -63.60 -15.31 67.02
C ARG BA 209 -64.74 -15.96 66.27
N ALA BA 210 -64.50 -16.28 65.00
CA ALA BA 210 -65.52 -16.89 64.18
C ALA BA 210 -65.99 -18.20 64.75
N ARG BA 211 -65.04 -19.07 65.11
CA ARG BA 211 -65.44 -20.35 65.64
C ARG BA 211 -66.19 -20.24 66.94
N GLN BA 212 -65.75 -19.36 67.83
CA GLN BA 212 -66.42 -19.20 69.12
C GLN BA 212 -67.89 -18.86 68.91
N PHE BA 213 -68.14 -17.90 68.02
CA PHE BA 213 -69.49 -17.49 67.71
C PHE BA 213 -70.32 -18.62 67.15
N VAL BA 214 -69.80 -19.31 66.15
CA VAL BA 214 -70.51 -20.38 65.50
C VAL BA 214 -70.88 -21.49 66.46
N ASP BA 215 -69.94 -21.91 67.29
CA ASP BA 215 -70.21 -22.96 68.24
C ASP BA 215 -71.35 -22.59 69.17
N SER BA 216 -71.37 -21.35 69.65
CA SER BA 216 -72.43 -20.93 70.53
C SER BA 216 -73.79 -20.89 69.85
N TYR BA 217 -73.82 -20.39 68.62
CA TYR BA 217 -75.08 -20.32 67.89
C TYR BA 217 -75.65 -21.72 67.70
N TYR BA 218 -74.77 -22.64 67.29
CA TYR BA 218 -75.15 -24.01 67.11
C TYR BA 218 -75.71 -24.60 68.38
N ARG BA 219 -74.97 -24.46 69.48
CA ARG BA 219 -75.40 -24.97 70.76
C ARG BA 219 -76.82 -24.53 71.11
N THR BA 220 -77.15 -23.28 70.85
CA THR BA 220 -78.49 -22.77 71.16
C THR BA 220 -79.55 -23.20 70.16
N TRP BA 221 -79.43 -22.71 68.93
CA TRP BA 221 -80.45 -22.95 67.93
C TRP BA 221 -80.31 -24.26 67.17
N GLY BA 222 -79.10 -24.73 66.99
CA GLY BA 222 -78.88 -25.94 66.22
C GLY BA 222 -78.60 -25.57 64.76
N GLY BA 223 -78.19 -26.54 63.95
CA GLY BA 223 -77.85 -26.27 62.56
C GLY BA 223 -78.88 -26.71 61.53
N ARG BA 224 -80.16 -26.67 61.87
CA ARG BA 224 -81.18 -27.09 60.91
C ARG BA 224 -81.74 -25.95 60.05
N TYR BA 225 -81.50 -24.71 60.45
CA TYR BA 225 -82.00 -23.58 59.69
C TYR BA 225 -80.85 -22.72 59.23
N VAL BA 226 -79.98 -22.38 60.17
CA VAL BA 226 -78.81 -21.58 59.86
C VAL BA 226 -77.59 -22.45 59.70
N GLN BA 227 -76.95 -22.33 58.55
CA GLN BA 227 -75.75 -23.09 58.24
C GLN BA 227 -74.58 -22.14 58.04
N PHE BA 228 -73.48 -22.36 58.74
CA PHE BA 228 -72.33 -21.52 58.55
C PHE BA 228 -71.33 -22.23 57.67
N ALA BA 229 -70.55 -21.48 56.91
CA ALA BA 229 -69.59 -22.07 55.97
C ALA BA 229 -68.26 -21.35 55.97
N ILE BA 230 -67.39 -21.72 56.90
CA ILE BA 230 -66.07 -21.12 56.97
C ILE BA 230 -65.13 -21.79 55.98
N GLU BA 231 -64.59 -21.00 55.07
CA GLU BA 231 -63.68 -21.53 54.04
C GLU BA 231 -62.40 -20.72 53.94
N LEU BA 232 -61.34 -21.24 54.55
CA LEU BA 232 -60.05 -20.59 54.55
C LEU BA 232 -59.39 -20.76 53.19
N LYS BA 233 -59.29 -19.67 52.43
CA LYS BA 233 -58.74 -19.73 51.07
C LYS BA 233 -57.74 -18.63 50.75
N ASP BA 234 -56.90 -18.86 49.76
CA ASP BA 234 -55.92 -17.87 49.31
C ASP BA 234 -56.55 -16.81 48.43
N ASP BA 235 -56.02 -15.60 48.54
CA ASP BA 235 -56.49 -14.47 47.74
C ASP BA 235 -55.42 -14.02 46.75
N ASP CA 3 -49.21 -42.54 100.06
CA ASP CA 3 -47.84 -43.07 99.96
C ASP CA 3 -47.57 -43.63 98.58
N LYS CA 4 -47.60 -42.77 97.57
CA LYS CA 4 -47.37 -43.20 96.21
C LYS CA 4 -46.13 -42.58 95.61
N ASP CA 5 -45.43 -43.34 94.77
CA ASP CA 5 -44.24 -42.81 94.11
C ASP CA 5 -44.67 -42.06 92.87
N LEU CA 6 -44.23 -40.83 92.74
CA LEU CA 6 -44.60 -40.01 91.59
C LEU CA 6 -43.41 -39.89 90.63
N LEU CA 7 -42.32 -39.29 91.11
CA LEU CA 7 -41.13 -39.11 90.29
C LEU CA 7 -39.86 -39.65 90.96
N LYS CA 8 -38.91 -40.10 90.15
CA LYS CA 8 -37.64 -40.61 90.69
C LYS CA 8 -36.44 -40.18 89.85
N GLY CA 9 -35.29 -40.05 90.49
CA GLY CA 9 -34.07 -39.71 89.77
C GLY CA 9 -34.00 -38.26 89.36
N LEU CA 10 -34.68 -37.39 90.10
CA LEU CA 10 -34.69 -35.98 89.75
C LEU CA 10 -33.45 -35.29 90.22
N ASP CA 11 -33.06 -34.24 89.51
CA ASP CA 11 -31.93 -33.49 90.01
C ASP CA 11 -32.51 -32.47 90.97
N GLN CA 12 -31.65 -31.67 91.59
CA GLN CA 12 -32.10 -30.72 92.58
C GLN CA 12 -33.09 -29.69 92.06
N GLU CA 13 -32.77 -29.07 90.92
CA GLU CA 13 -33.62 -28.05 90.33
C GLU CA 13 -35.01 -28.57 90.00
N GLN CA 14 -35.05 -29.69 89.30
CA GLN CA 14 -36.29 -30.33 88.88
C GLN CA 14 -37.15 -30.65 90.07
N ALA CA 15 -36.55 -31.25 91.10
CA ALA CA 15 -37.30 -31.63 92.27
C ALA CA 15 -37.99 -30.44 92.90
N ASN CA 16 -37.27 -29.34 93.08
CA ASN CA 16 -37.87 -28.18 93.70
C ASN CA 16 -38.94 -27.53 92.82
N GLU CA 17 -38.76 -27.57 91.50
CA GLU CA 17 -39.74 -26.99 90.61
C GLU CA 17 -41.06 -27.74 90.62
N VAL CA 18 -40.98 -29.07 90.56
CA VAL CA 18 -42.18 -29.88 90.58
C VAL CA 18 -42.96 -29.68 91.85
N ILE CA 19 -42.24 -29.67 92.96
CA ILE CA 19 -42.87 -29.48 94.25
C ILE CA 19 -43.60 -28.16 94.32
N ALA CA 20 -42.97 -27.09 93.82
CA ALA CA 20 -43.60 -25.79 93.82
C ALA CA 20 -44.98 -25.85 93.16
N VAL CA 21 -45.06 -26.50 92.00
CA VAL CA 21 -46.33 -26.63 91.30
C VAL CA 21 -47.37 -27.39 92.09
N LEU CA 22 -46.97 -28.50 92.68
CA LEU CA 22 -47.91 -29.30 93.44
C LEU CA 22 -48.47 -28.55 94.63
N GLN CA 23 -47.63 -27.79 95.30
CA GLN CA 23 -48.08 -27.01 96.44
C GLN CA 23 -49.04 -25.93 96.01
N MET CA 24 -48.74 -25.30 94.88
CA MET CA 24 -49.61 -24.28 94.32
C MET CA 24 -51.01 -24.81 94.10
N HIS CA 25 -51.12 -26.07 93.70
CA HIS CA 25 -52.42 -26.69 93.49
C HIS CA 25 -52.94 -27.48 94.67
N ASN CA 26 -52.47 -27.13 95.87
CA ASN CA 26 -52.93 -27.74 97.11
C ASN CA 26 -52.58 -29.22 97.28
N ILE CA 27 -51.35 -29.57 96.94
CA ILE CA 27 -50.87 -30.94 97.12
C ILE CA 27 -49.56 -30.98 97.90
N GLU CA 28 -49.56 -31.66 99.04
CA GLU CA 28 -48.33 -31.84 99.82
C GLU CA 28 -47.41 -32.81 99.10
N ALA CA 29 -46.10 -32.61 99.21
CA ALA CA 29 -45.17 -33.50 98.53
C ALA CA 29 -43.90 -33.69 99.34
N ASN CA 30 -43.36 -34.90 99.27
CA ASN CA 30 -42.15 -35.22 100.00
C ASN CA 30 -40.97 -35.26 99.06
N LYS CA 31 -39.86 -34.65 99.45
CA LYS CA 31 -38.64 -34.75 98.67
C LYS CA 31 -37.69 -35.70 99.35
N ILE CA 32 -37.37 -36.81 98.69
CA ILE CA 32 -36.52 -37.80 99.28
C ILE CA 32 -35.15 -37.86 98.64
N ASP CA 33 -34.14 -37.67 99.46
CA ASP CA 33 -32.76 -37.69 99.01
C ASP CA 33 -32.20 -39.12 99.03
N SER CA 34 -31.99 -39.68 97.84
CA SER CA 34 -31.46 -41.04 97.73
C SER CA 34 -30.00 -41.03 97.31
N GLY CA 35 -29.29 -39.96 97.65
CA GLY CA 35 -27.87 -39.85 97.37
C GLY CA 35 -27.60 -39.77 95.88
N LYS CA 36 -26.69 -40.63 95.42
CA LYS CA 36 -26.29 -40.71 94.03
C LYS CA 36 -27.43 -41.02 93.07
N LEU CA 37 -28.53 -41.53 93.60
CA LEU CA 37 -29.65 -41.88 92.75
C LEU CA 37 -30.59 -40.71 92.50
N GLY CA 38 -30.32 -39.56 93.12
CA GLY CA 38 -31.14 -38.37 92.89
C GLY CA 38 -32.28 -38.22 93.88
N TYR CA 39 -33.24 -37.39 93.50
CA TYR CA 39 -34.39 -37.14 94.36
C TYR CA 39 -35.64 -37.84 93.90
N SER CA 40 -36.48 -38.17 94.86
CA SER CA 40 -37.75 -38.79 94.56
C SER CA 40 -38.88 -38.01 95.17
N ILE CA 41 -39.99 -37.93 94.47
CA ILE CA 41 -41.14 -37.21 94.98
C ILE CA 41 -42.29 -38.14 95.22
N THR CA 42 -42.81 -38.10 96.45
CA THR CA 42 -43.95 -38.94 96.79
C THR CA 42 -45.10 -38.12 97.32
N VAL CA 43 -46.30 -38.64 97.15
CA VAL CA 43 -47.51 -37.93 97.58
C VAL CA 43 -48.49 -38.83 98.30
N ALA CA 44 -49.42 -38.21 99.01
CA ALA CA 44 -50.46 -38.95 99.69
C ALA CA 44 -51.38 -39.56 98.66
N GLU CA 45 -51.81 -40.79 98.91
CA GLU CA 45 -52.69 -41.51 98.00
C GLU CA 45 -53.96 -40.73 97.59
N PRO CA 46 -54.62 -39.99 98.50
CA PRO CA 46 -55.78 -39.15 98.21
C PRO CA 46 -55.52 -38.09 97.14
N ASP CA 47 -54.28 -37.61 97.05
CA ASP CA 47 -53.92 -36.57 96.10
C ASP CA 47 -53.33 -37.13 94.83
N PHE CA 48 -52.76 -38.33 94.92
CA PHE CA 48 -52.09 -38.99 93.81
C PHE CA 48 -52.73 -38.82 92.44
N THR CA 49 -54.05 -38.97 92.33
CA THR CA 49 -54.71 -38.81 91.04
C THR CA 49 -54.53 -37.42 90.48
N ALA CA 50 -54.77 -36.43 91.33
CA ALA CA 50 -54.62 -35.04 90.95
C ALA CA 50 -53.17 -34.74 90.63
N ALA CA 51 -52.26 -35.28 91.43
CA ALA CA 51 -50.85 -35.04 91.24
C ALA CA 51 -50.43 -35.46 89.84
N VAL CA 52 -50.85 -36.66 89.44
CA VAL CA 52 -50.54 -37.16 88.11
C VAL CA 52 -51.06 -36.23 87.04
N TYR CA 53 -52.30 -35.79 87.20
CA TYR CA 53 -52.89 -34.88 86.24
C TYR CA 53 -52.04 -33.65 86.03
N TRP CA 54 -51.56 -33.06 87.13
CA TRP CA 54 -50.76 -31.85 87.03
C TRP CA 54 -49.37 -32.11 86.46
N ILE CA 55 -48.78 -33.28 86.71
CA ILE CA 55 -47.48 -33.60 86.11
C ILE CA 55 -47.60 -33.59 84.60
N LYS CA 56 -48.71 -34.13 84.11
CA LYS CA 56 -48.99 -34.10 82.70
C LYS CA 56 -49.18 -32.68 82.20
N THR CA 57 -50.10 -31.96 82.84
CA THR CA 57 -50.45 -30.61 82.46
C THR CA 57 -49.27 -29.66 82.32
N TYR CA 58 -48.34 -29.72 83.26
CA TYR CA 58 -47.20 -28.83 83.23
C TYR CA 58 -45.93 -29.41 82.65
N GLN CA 59 -46.01 -30.49 81.87
CA GLN CA 59 -44.82 -31.06 81.26
C GLN CA 59 -43.70 -31.32 82.27
N LEU CA 60 -44.01 -31.96 83.38
CA LEU CA 60 -43.00 -32.17 84.41
C LEU CA 60 -42.41 -33.58 84.36
N PRO CA 61 -41.17 -33.72 84.82
CA PRO CA 61 -40.22 -32.76 85.33
C PRO CA 61 -39.64 -31.92 84.18
N PRO CA 62 -39.19 -30.70 84.45
CA PRO CA 62 -38.64 -29.71 83.55
C PRO CA 62 -37.42 -30.20 82.78
N ARG CA 63 -37.28 -29.72 81.55
CA ARG CA 63 -36.12 -30.02 80.74
C ARG CA 63 -35.04 -29.01 81.09
N PRO CA 64 -33.77 -29.27 80.76
CA PRO CA 64 -32.64 -28.38 80.94
C PRO CA 64 -32.75 -27.23 79.95
N ARG CA 65 -32.23 -26.07 80.33
CA ARG CA 65 -32.33 -24.88 79.51
C ARG CA 65 -31.44 -24.96 78.28
N VAL CA 66 -32.03 -24.59 77.13
CA VAL CA 66 -31.33 -24.63 75.86
C VAL CA 66 -30.73 -23.30 75.47
N GLU CA 67 -29.43 -23.33 75.20
CA GLU CA 67 -28.66 -22.18 74.78
C GLU CA 67 -27.90 -22.54 73.52
N ILE CA 68 -27.77 -21.60 72.60
CA ILE CA 68 -27.19 -21.88 71.29
C ILE CA 68 -25.79 -22.44 71.31
N ALA CA 69 -24.93 -21.88 72.17
CA ALA CA 69 -23.53 -22.33 72.26
C ALA CA 69 -23.38 -23.80 72.62
N GLN CA 70 -24.43 -24.42 73.17
CA GLN CA 70 -24.34 -25.80 73.56
C GLN CA 70 -24.18 -26.72 72.36
N MET CA 71 -24.51 -26.23 71.17
CA MET CA 71 -24.39 -27.04 69.97
C MET CA 71 -23.21 -26.70 69.10
N PHE CA 72 -22.32 -25.84 69.57
CA PHE CA 72 -21.13 -25.50 68.80
C PHE CA 72 -19.96 -25.34 69.75
N PRO CA 73 -19.54 -26.43 70.40
CA PRO CA 73 -18.54 -26.52 71.45
C PRO CA 73 -17.12 -26.25 70.98
N ALA CA 74 -16.32 -25.70 71.90
CA ALA CA 74 -14.92 -25.34 71.64
C ALA CA 74 -14.04 -26.57 71.57
N ASP CA 75 -14.57 -27.72 71.96
CA ASP CA 75 -13.84 -28.96 71.92
C ASP CA 75 -13.59 -29.45 70.50
N SER CA 76 -14.29 -28.87 69.52
CA SER CA 76 -14.05 -29.27 68.14
C SER CA 76 -12.65 -28.94 67.71
N LEU CA 77 -12.06 -29.83 66.94
CA LEU CA 77 -10.70 -29.69 66.44
C LEU CA 77 -10.59 -28.56 65.43
N VAL CA 78 -11.69 -28.28 64.75
CA VAL CA 78 -11.75 -27.23 63.75
C VAL CA 78 -12.94 -26.34 64.02
N SER CA 79 -12.96 -25.19 63.37
CA SER CA 79 -14.07 -24.26 63.54
C SER CA 79 -14.39 -23.60 62.22
N SER CA 80 -15.49 -22.87 62.20
CA SER CA 80 -15.91 -22.18 61.01
C SER CA 80 -16.49 -20.86 61.43
N PRO CA 81 -16.46 -19.85 60.58
CA PRO CA 81 -17.01 -18.52 60.76
C PRO CA 81 -18.43 -18.62 61.24
N ARG CA 82 -19.17 -19.55 60.67
CA ARG CA 82 -20.55 -19.76 61.03
C ARG CA 82 -20.67 -20.14 62.48
N ALA CA 83 -19.90 -21.14 62.88
CA ALA CA 83 -19.94 -21.60 64.26
C ALA CA 83 -19.46 -20.54 65.23
N GLU CA 84 -18.38 -19.86 64.90
CA GLU CA 84 -17.82 -18.87 65.80
C GLU CA 84 -18.75 -17.69 66.03
N LYS CA 85 -19.40 -17.23 64.97
CA LYS CA 85 -20.31 -16.11 65.11
C LYS CA 85 -21.49 -16.52 65.97
N ALA CA 86 -21.98 -17.75 65.79
CA ALA CA 86 -23.08 -18.26 66.60
C ALA CA 86 -22.70 -18.31 68.07
N ARG CA 87 -21.50 -18.79 68.35
CA ARG CA 87 -21.03 -18.88 69.73
C ARG CA 87 -21.03 -17.53 70.41
N LEU CA 88 -20.55 -16.53 69.70
CA LEU CA 88 -20.51 -15.19 70.24
C LEU CA 88 -21.90 -14.68 70.60
N TYR CA 89 -22.84 -14.79 69.67
CA TYR CA 89 -24.18 -14.30 69.93
C TYR CA 89 -24.82 -14.99 71.11
N SER CA 90 -24.55 -16.28 71.27
CA SER CA 90 -25.11 -17.01 72.39
C SER CA 90 -24.66 -16.38 73.69
N ALA CA 91 -23.36 -16.09 73.80
CA ALA CA 91 -22.81 -15.47 74.98
C ALA CA 91 -23.42 -14.11 75.23
N ILE CA 92 -23.60 -13.34 74.16
CA ILE CA 92 -24.18 -12.01 74.29
C ILE CA 92 -25.59 -12.06 74.85
N GLU CA 93 -26.42 -12.98 74.37
CA GLU CA 93 -27.78 -13.06 74.92
C GLU CA 93 -27.73 -13.34 76.40
N GLN CA 94 -26.87 -14.26 76.81
CA GLN CA 94 -26.74 -14.60 78.21
C GLN CA 94 -26.32 -13.42 79.04
N ARG CA 95 -25.39 -12.66 78.52
CA ARG CA 95 -24.85 -11.51 79.24
C ARG CA 95 -25.91 -10.43 79.38
N LEU CA 96 -26.73 -10.23 78.34
CA LEU CA 96 -27.81 -9.26 78.44
C LEU CA 96 -28.86 -9.69 79.46
N GLU CA 97 -29.13 -10.99 79.56
CA GLU CA 97 -30.08 -11.46 80.56
C GLU CA 97 -29.55 -11.20 81.95
N GLN CA 98 -28.26 -11.43 82.15
CA GLN CA 98 -27.64 -11.17 83.43
C GLN CA 98 -27.78 -9.72 83.83
N SER CA 99 -27.70 -8.81 82.85
CA SER CA 99 -27.85 -7.40 83.14
C SER CA 99 -29.27 -6.98 83.48
N LEU CA 100 -30.26 -7.42 82.69
CA LEU CA 100 -31.63 -6.98 82.94
C LEU CA 100 -32.14 -7.44 84.28
N GLN CA 101 -31.69 -8.59 84.75
CA GLN CA 101 -32.16 -9.10 86.02
C GLN CA 101 -31.61 -8.34 87.23
N THR CA 102 -30.73 -7.35 87.00
CA THR CA 102 -30.23 -6.54 88.10
C THR CA 102 -30.97 -5.21 88.19
N MET CA 103 -31.86 -4.94 87.23
CA MET CA 103 -32.60 -3.69 87.28
C MET CA 103 -33.64 -3.72 88.39
N GLU CA 104 -33.88 -2.56 88.98
CA GLU CA 104 -34.82 -2.42 90.07
C GLU CA 104 -36.20 -2.91 89.71
N GLY CA 105 -36.72 -3.82 90.52
CA GLY CA 105 -38.05 -4.34 90.35
C GLY CA 105 -38.12 -5.57 89.43
N VAL CA 106 -37.03 -5.92 88.78
CA VAL CA 106 -37.07 -7.07 87.89
C VAL CA 106 -36.74 -8.35 88.63
N LEU CA 107 -37.64 -9.31 88.49
CA LEU CA 107 -37.49 -10.60 89.14
C LEU CA 107 -36.89 -11.60 88.18
N SER CA 108 -37.31 -11.51 86.91
CA SER CA 108 -36.79 -12.41 85.89
C SER CA 108 -36.86 -11.81 84.50
N ALA CA 109 -35.90 -12.16 83.66
CA ALA CA 109 -35.93 -11.63 82.31
C ALA CA 109 -35.21 -12.53 81.32
N ARG CA 110 -35.74 -12.58 80.09
CA ARG CA 110 -35.15 -13.39 79.01
C ARG CA 110 -34.91 -12.54 77.79
N VAL CA 111 -33.82 -12.82 77.07
CA VAL CA 111 -33.44 -12.00 75.91
C VAL CA 111 -33.10 -12.81 74.67
N HIS CA 112 -33.62 -12.37 73.53
CA HIS CA 112 -33.32 -13.00 72.26
C HIS CA 112 -32.72 -12.01 71.27
N ILE CA 113 -31.79 -12.49 70.46
CA ILE CA 113 -31.21 -11.65 69.43
C ILE CA 113 -31.27 -12.40 68.14
N SER CA 114 -31.54 -11.70 67.05
CA SER CA 114 -31.58 -12.37 65.76
C SER CA 114 -30.20 -12.83 65.34
N TYR CA 115 -30.16 -13.82 64.47
CA TYR CA 115 -28.89 -14.37 64.01
C TYR CA 115 -28.66 -14.13 62.54
N ASP CA 116 -27.41 -14.22 62.15
CA ASP CA 116 -26.98 -14.03 60.77
C ASP CA 116 -26.04 -15.13 60.41
N ILE CA 117 -26.53 -16.07 59.63
CA ILE CA 117 -25.78 -17.26 59.31
C ILE CA 117 -25.16 -17.26 57.92
N ASP CA 118 -25.67 -16.43 57.01
CA ASP CA 118 -25.08 -16.46 55.69
C ASP CA 118 -25.19 -15.18 54.86
N ALA CA 119 -25.16 -14.00 55.50
CA ALA CA 119 -25.16 -12.76 54.71
C ALA CA 119 -23.89 -12.67 53.86
N GLY CA 120 -22.74 -12.45 54.54
CA GLY CA 120 -21.44 -12.35 53.87
C GLY CA 120 -21.15 -13.56 52.99
N GLU CA 121 -21.57 -14.74 53.45
CA GLU CA 121 -21.46 -15.99 52.71
C GLU CA 121 -22.00 -15.88 51.28
N ASN CA 122 -23.10 -15.15 51.13
CA ASN CA 122 -23.74 -15.00 49.84
C ASN CA 122 -23.34 -13.69 49.13
N GLY CA 123 -22.32 -13.01 49.63
CA GLY CA 123 -21.89 -11.75 49.04
C GLY CA 123 -22.81 -10.60 49.43
N ARG CA 124 -23.63 -10.79 50.47
CA ARG CA 124 -24.57 -9.79 50.91
C ARG CA 124 -24.10 -9.07 52.14
N PRO CA 125 -24.56 -7.83 52.34
CA PRO CA 125 -24.38 -7.01 53.50
C PRO CA 125 -25.25 -7.61 54.60
N PRO CA 126 -24.90 -7.39 55.86
CA PRO CA 126 -25.56 -7.88 57.06
C PRO CA 126 -26.90 -7.19 57.25
N LYS CA 127 -27.80 -7.88 57.92
CA LYS CA 127 -29.13 -7.35 58.18
C LYS CA 127 -29.17 -6.66 59.52
N PRO CA 128 -30.14 -5.77 59.74
CA PRO CA 128 -30.43 -5.06 60.97
C PRO CA 128 -30.67 -6.06 62.07
N VAL CA 129 -30.31 -5.70 63.28
CA VAL CA 129 -30.45 -6.62 64.38
C VAL CA 129 -31.79 -6.49 65.07
N HIS CA 130 -32.43 -7.62 65.33
CA HIS CA 130 -33.71 -7.59 66.01
C HIS CA 130 -33.55 -8.11 67.42
N LEU CA 131 -34.25 -7.50 68.35
CA LEU CA 131 -34.18 -7.91 69.74
C LEU CA 131 -35.56 -8.10 70.32
N SER CA 132 -35.67 -9.05 71.24
CA SER CA 132 -36.93 -9.22 71.93
C SER CA 132 -36.66 -9.63 73.35
N ALA CA 133 -37.56 -9.31 74.25
CA ALA CA 133 -37.30 -9.66 75.64
C ALA CA 133 -38.56 -9.82 76.45
N LEU CA 134 -38.46 -10.67 77.47
CA LEU CA 134 -39.54 -10.93 78.38
C LEU CA 134 -39.15 -10.49 79.77
N ALA CA 135 -40.09 -9.99 80.55
CA ALA CA 135 -39.73 -9.60 81.90
C ALA CA 135 -40.85 -9.75 82.91
N VAL CA 136 -40.46 -10.09 84.13
CA VAL CA 136 -41.36 -10.25 85.26
C VAL CA 136 -40.98 -9.28 86.35
N TYR CA 137 -41.94 -8.46 86.76
CA TYR CA 137 -41.72 -7.47 87.80
C TYR CA 137 -42.39 -7.75 89.12
N GLU CA 138 -41.88 -7.08 90.13
CA GLU CA 138 -42.47 -7.12 91.45
C GLU CA 138 -43.88 -6.56 91.38
N ARG CA 139 -44.83 -7.32 91.92
CA ARG CA 139 -46.22 -6.94 91.87
C ARG CA 139 -46.47 -5.54 92.43
N GLY CA 140 -47.21 -4.74 91.66
CA GLY CA 140 -47.56 -3.37 92.03
C GLY CA 140 -46.70 -2.33 91.32
N SER CA 141 -45.65 -2.79 90.63
CA SER CA 141 -44.73 -1.93 89.89
C SER CA 141 -45.41 -1.32 88.62
N PRO CA 142 -45.06 -0.08 88.24
CA PRO CA 142 -45.58 0.69 87.11
C PRO CA 142 -44.99 0.29 85.75
N LEU CA 143 -45.32 -0.93 85.34
CA LEU CA 143 -44.87 -1.58 84.11
C LEU CA 143 -44.92 -0.72 82.85
N ALA CA 144 -45.98 0.09 82.73
CA ALA CA 144 -46.19 0.93 81.55
C ALA CA 144 -45.11 1.97 81.32
N HIS CA 145 -44.28 2.22 82.34
CA HIS CA 145 -43.24 3.21 82.20
C HIS CA 145 -41.88 2.54 82.21
N GLN CA 146 -41.78 1.48 82.99
CA GLN CA 146 -40.55 0.72 83.14
C GLN CA 146 -40.08 0.13 81.84
N ILE CA 147 -41.02 -0.27 81.00
CA ILE CA 147 -40.73 -0.79 79.67
C ILE CA 147 -39.83 0.13 78.82
N SER CA 148 -39.82 1.43 79.10
CA SER CA 148 -39.02 2.35 78.31
C SER CA 148 -37.55 2.28 78.69
N ASP CA 149 -37.24 1.86 79.92
CA ASP CA 149 -35.85 1.73 80.32
C ASP CA 149 -35.23 0.57 79.64
N ILE CA 150 -35.99 -0.52 79.57
CA ILE CA 150 -35.50 -1.71 78.93
C ILE CA 150 -35.18 -1.45 77.50
N LYS CA 151 -36.11 -0.80 76.82
CA LYS CA 151 -35.98 -0.54 75.42
C LYS CA 151 -34.83 0.42 75.13
N ARG CA 152 -34.64 1.45 75.96
CA ARG CA 152 -33.54 2.39 75.75
C ARG CA 152 -32.19 1.73 75.97
N PHE CA 153 -32.12 0.95 77.04
CA PHE CA 153 -30.92 0.22 77.38
C PHE CA 153 -30.48 -0.68 76.26
N LEU CA 154 -31.41 -1.48 75.75
CA LEU CA 154 -31.09 -2.39 74.67
C LEU CA 154 -30.73 -1.67 73.39
N LYS CA 155 -31.37 -0.53 73.11
CA LYS CA 155 -31.09 0.20 71.88
C LYS CA 155 -29.62 0.52 71.70
N ASN CA 156 -28.96 1.03 72.73
CA ASN CA 156 -27.54 1.30 72.57
C ASN CA 156 -26.63 0.18 73.06
N SER CA 157 -27.18 -1.02 73.23
CA SER CA 157 -26.39 -2.16 73.64
C SER CA 157 -25.97 -3.00 72.44
N PHE CA 158 -26.20 -2.52 71.23
CA PHE CA 158 -25.80 -3.30 70.09
C PHE CA 158 -25.65 -2.47 68.84
N ALA CA 159 -24.62 -2.79 68.07
CA ALA CA 159 -24.17 -2.12 66.84
C ALA CA 159 -25.25 -1.42 66.02
N ASP CA 160 -26.36 -2.07 65.72
CA ASP CA 160 -27.35 -1.41 64.90
C ASP CA 160 -28.76 -1.92 65.07
N VAL CA 161 -29.47 -1.33 66.02
CA VAL CA 161 -30.87 -1.64 66.27
C VAL CA 161 -31.63 -0.34 66.28
N ASP CA 162 -32.94 -0.42 66.46
CA ASP CA 162 -33.76 0.77 66.52
C ASP CA 162 -35.03 0.51 67.31
N TYR CA 163 -35.80 1.54 67.59
CA TYR CA 163 -36.98 1.39 68.44
C TYR CA 163 -38.15 0.65 67.77
N ASP CA 164 -38.04 0.30 66.51
CA ASP CA 164 -39.10 -0.45 65.86
C ASP CA 164 -38.74 -1.93 65.77
N ASN CA 165 -37.49 -2.27 66.04
CA ASN CA 165 -37.05 -3.63 65.94
C ASN CA 165 -36.69 -4.22 67.29
N ILE CA 166 -37.19 -3.61 68.35
CA ILE CA 166 -37.00 -4.10 69.71
C ILE CA 166 -38.36 -4.30 70.35
N SER CA 167 -38.67 -5.53 70.73
CA SER CA 167 -39.97 -5.79 71.34
C SER CA 167 -39.87 -6.28 72.76
N VAL CA 168 -40.67 -5.70 73.64
CA VAL CA 168 -40.66 -6.09 75.03
C VAL CA 168 -42.05 -6.47 75.50
N VAL CA 169 -42.17 -7.69 76.00
CA VAL CA 169 -43.43 -8.18 76.54
C VAL CA 169 -43.21 -8.50 78.01
N LEU CA 170 -44.03 -7.96 78.87
CA LEU CA 170 -43.80 -8.14 80.28
C LEU CA 170 -45.04 -8.15 81.14
N SER CA 171 -44.85 -8.55 82.39
CA SER CA 171 -45.91 -8.60 83.38
C SER CA 171 -45.34 -8.62 84.79
N GLU CA 172 -46.12 -9.11 85.75
CA GLU CA 172 -45.69 -9.14 87.13
C GLU CA 172 -46.10 -10.43 87.80
N ARG CA 173 -45.46 -10.74 88.92
CA ARG CA 173 -45.71 -11.98 89.62
C ARG CA 173 -47.13 -12.09 90.18
N SER CA 174 -47.53 -13.33 90.44
CA SER CA 174 -48.82 -13.66 91.02
C SER CA 174 -48.81 -13.61 92.54
N ASP CA 175 -49.97 -13.87 93.16
CA ASP CA 175 -50.12 -13.90 94.61
C ASP CA 175 -49.27 -15.02 95.19
N ALA CA 176 -48.26 -14.66 95.99
CA ALA CA 176 -47.32 -15.63 96.54
C ALA CA 176 -47.96 -16.72 97.37
N GLN CA 177 -47.54 -17.96 97.11
CA GLN CA 177 -48.09 -19.08 97.86
C GLN CA 177 -47.34 -19.22 99.16
N LEU CA 178 -47.84 -18.54 100.17
CA LEU CA 178 -47.20 -18.52 101.47
C LEU CA 178 -47.84 -19.48 102.48
N GLN CA 179 -48.78 -20.32 102.03
CA GLN CA 179 -49.48 -21.21 102.95
C GLN CA 179 -49.34 -22.67 102.55
N ALA CA 180 -49.19 -23.54 103.54
CA ALA CA 180 -49.08 -24.97 103.26
C ALA CA 180 -50.44 -25.54 102.81
N PRO CA 181 -50.43 -26.46 101.85
CA PRO CA 181 -51.59 -27.19 101.30
C PRO CA 181 -52.44 -27.90 102.35
N GLY CA 182 -51.79 -28.57 103.28
CA GLY CA 182 -52.49 -29.28 104.35
C GLY CA 182 -52.59 -30.76 104.02
N THR CA 183 -52.81 -31.56 105.04
CA THR CA 183 -52.93 -33.01 104.88
C THR CA 183 -54.37 -33.39 104.56
N PRO CA 184 -54.59 -34.62 104.08
CA PRO CA 184 -55.88 -35.22 103.78
C PRO CA 184 -56.61 -35.54 105.06
N VAL CA 185 -57.93 -35.59 104.99
CA VAL CA 185 -58.74 -35.87 106.16
C VAL CA 185 -58.93 -37.36 106.37
N LYS CA 186 -58.34 -37.87 107.43
CA LYS CA 186 -58.46 -39.28 107.80
C LYS CA 186 -57.73 -39.55 109.11
N ALA DA 42 -65.43 -31.97 111.20
CA ALA DA 42 -64.61 -31.41 110.13
C ALA DA 42 -65.24 -30.14 109.58
N GLU DA 43 -65.29 -29.10 110.39
CA GLU DA 43 -65.85 -27.83 109.96
C GLU DA 43 -65.13 -27.33 108.72
N LEU DA 44 -65.90 -27.03 107.69
CA LEU DA 44 -65.36 -26.58 106.41
C LEU DA 44 -64.39 -25.42 106.52
N ASP DA 45 -64.67 -24.49 107.43
CA ASP DA 45 -63.79 -23.35 107.63
C ASP DA 45 -62.38 -23.79 108.02
N SER DA 46 -62.26 -24.89 108.75
CA SER DA 46 -60.95 -25.38 109.16
C SER DA 46 -60.35 -26.25 108.08
N LEU DA 47 -61.19 -26.80 107.21
CA LEU DA 47 -60.70 -27.61 106.10
C LEU DA 47 -60.03 -26.74 105.03
N LEU DA 48 -60.56 -25.54 104.84
CA LEU DA 48 -60.00 -24.59 103.89
C LEU DA 48 -58.74 -23.94 104.48
N GLY DA 49 -57.89 -23.40 103.59
CA GLY DA 49 -56.59 -22.79 103.91
C GLY DA 49 -56.50 -21.92 105.20
N GLN DA 50 -55.25 -21.66 105.61
CA GLN DA 50 -54.95 -20.87 106.81
C GLN DA 50 -55.56 -19.48 106.77
N GLU DA 51 -55.46 -18.84 105.62
CA GLU DA 51 -56.08 -17.54 105.48
C GLU DA 51 -57.52 -17.73 105.08
N LYS DA 52 -58.34 -18.02 106.08
CA LYS DA 52 -59.76 -18.29 105.90
C LYS DA 52 -60.53 -17.14 105.26
N GLU DA 53 -59.96 -15.95 105.27
CA GLU DA 53 -60.62 -14.78 104.70
C GLU DA 53 -60.57 -14.75 103.17
N ARG DA 54 -59.96 -15.77 102.56
CA ARG DA 54 -59.95 -15.86 101.11
C ARG DA 54 -61.24 -16.47 100.59
N PHE DA 55 -62.03 -17.08 101.49
CA PHE DA 55 -63.24 -17.75 101.05
C PHE DA 55 -64.46 -17.29 101.82
N GLN DA 56 -65.60 -17.26 101.15
CA GLN DA 56 -66.82 -16.95 101.84
C GLN DA 56 -67.75 -18.14 101.81
N VAL DA 57 -67.88 -18.82 102.92
CA VAL DA 57 -68.76 -19.97 102.98
C VAL DA 57 -70.20 -19.52 103.12
N LEU DA 58 -71.06 -20.08 102.27
CA LEU DA 58 -72.46 -19.70 102.20
C LEU DA 58 -73.36 -20.91 102.48
N PRO DA 59 -74.49 -20.71 103.15
CA PRO DA 59 -75.39 -21.81 103.49
C PRO DA 59 -76.62 -21.78 102.61
N GLY DA 60 -76.61 -22.55 101.54
CA GLY DA 60 -77.73 -22.55 100.59
C GLY DA 60 -78.97 -23.22 101.17
N ARG DA 61 -80.13 -22.75 100.71
CA ARG DA 61 -81.42 -23.27 101.17
C ARG DA 61 -81.69 -24.70 100.68
N ASP DA 62 -80.89 -25.14 99.71
CA ASP DA 62 -80.94 -26.49 99.18
C ASP DA 62 -80.10 -27.49 99.98
N LYS DA 63 -79.63 -27.09 101.17
CA LYS DA 63 -78.82 -27.92 102.06
C LYS DA 63 -77.41 -28.15 101.52
N MET DA 64 -76.99 -27.33 100.57
CA MET DA 64 -75.64 -27.41 100.04
C MET DA 64 -74.83 -26.27 100.59
N LEU DA 65 -73.66 -26.59 101.10
CA LEU DA 65 -72.80 -25.59 101.67
C LEU DA 65 -71.89 -25.09 100.54
N TYR DA 66 -71.97 -23.81 100.24
CA TYR DA 66 -71.24 -23.27 99.12
C TYR DA 66 -69.96 -22.56 99.51
N VAL DA 67 -68.97 -22.62 98.64
CA VAL DA 67 -67.70 -21.93 98.88
C VAL DA 67 -67.44 -20.87 97.85
N ALA DA 68 -67.64 -19.61 98.18
CA ALA DA 68 -67.41 -18.58 97.20
C ALA DA 68 -65.95 -18.22 97.14
N ALA DA 69 -65.39 -18.34 95.94
CA ALA DA 69 -64.00 -18.00 95.69
C ALA DA 69 -63.91 -16.83 94.73
N GLN DA 70 -62.90 -15.99 94.92
CA GLN DA 70 -62.73 -14.80 94.10
C GLN DA 70 -61.74 -14.99 92.95
N ASN DA 71 -61.12 -16.15 92.87
CA ASN DA 71 -60.12 -16.39 91.85
C ASN DA 71 -60.03 -17.86 91.52
N GLU DA 72 -59.81 -18.19 90.25
CA GLU DA 72 -59.71 -19.57 89.81
C GLU DA 72 -58.65 -20.41 90.55
N ARG DA 73 -57.63 -19.76 91.14
CA ARG DA 73 -56.65 -20.48 91.91
C ARG DA 73 -57.25 -20.93 93.23
N ASP DA 74 -58.18 -20.14 93.74
CA ASP DA 74 -58.82 -20.43 94.99
C ASP DA 74 -59.96 -21.39 94.73
N THR DA 75 -60.54 -21.28 93.53
CA THR DA 75 -61.58 -22.19 93.10
C THR DA 75 -61.02 -23.59 93.11
N LEU DA 76 -59.86 -23.76 92.47
CA LEU DA 76 -59.21 -25.05 92.44
C LEU DA 76 -58.79 -25.51 93.82
N TRP DA 77 -58.28 -24.59 94.63
CA TRP DA 77 -57.88 -24.91 95.99
C TRP DA 77 -59.01 -25.62 96.72
N ALA DA 78 -60.17 -24.96 96.75
CA ALA DA 78 -61.35 -25.48 97.42
C ALA DA 78 -61.83 -26.78 96.83
N ARG DA 79 -61.76 -26.92 95.51
CA ARG DA 79 -62.18 -28.16 94.88
C ARG DA 79 -61.29 -29.31 95.29
N GLN DA 80 -59.99 -29.04 95.42
CA GLN DA 80 -59.07 -30.06 95.86
C GLN DA 80 -59.37 -30.45 97.29
N VAL DA 81 -59.76 -29.48 98.12
CA VAL DA 81 -60.14 -29.79 99.49
C VAL DA 81 -61.30 -30.76 99.54
N LEU DA 82 -62.33 -30.49 98.74
CA LEU DA 82 -63.49 -31.35 98.72
C LEU DA 82 -63.18 -32.77 98.22
N ALA DA 83 -62.27 -32.88 97.24
CA ALA DA 83 -61.89 -34.19 96.72
C ALA DA 83 -60.87 -34.92 97.61
N ARG DA 84 -59.96 -34.16 98.23
CA ARG DA 84 -58.91 -34.71 99.08
C ARG DA 84 -59.39 -35.09 100.45
N GLY DA 85 -60.01 -34.14 101.12
CA GLY DA 85 -60.51 -34.35 102.47
C GLY DA 85 -61.94 -34.81 102.42
N ASP DA 86 -62.70 -34.48 103.43
CA ASP DA 86 -64.07 -34.90 103.44
C ASP DA 86 -64.92 -34.00 104.29
N TYR DA 87 -66.19 -34.04 103.99
CA TYR DA 87 -67.20 -33.27 104.69
C TYR DA 87 -68.53 -33.90 104.37
N ASP DA 88 -69.16 -34.51 105.38
CA ASP DA 88 -70.43 -35.19 105.19
C ASP DA 88 -71.60 -34.25 104.98
N LYS DA 89 -71.67 -33.66 103.80
CA LYS DA 89 -72.74 -32.74 103.44
C LYS DA 89 -72.53 -32.22 102.03
N ASN DA 90 -73.64 -31.99 101.33
CA ASN DA 90 -73.57 -31.44 100.00
C ASN DA 90 -72.73 -30.18 100.02
N ALA DA 91 -71.89 -30.01 99.02
CA ALA DA 91 -71.04 -28.84 98.95
C ALA DA 91 -70.69 -28.51 97.51
N ARG DA 92 -70.45 -27.23 97.24
CA ARG DA 92 -70.14 -26.81 95.88
C ARG DA 92 -69.44 -25.46 95.82
N VAL DA 93 -68.32 -25.42 95.11
CA VAL DA 93 -67.54 -24.21 94.99
C VAL DA 93 -68.12 -23.25 93.95
N ILE DA 94 -68.26 -21.99 94.36
CA ILE DA 94 -68.77 -20.91 93.53
C ILE DA 94 -67.69 -20.05 92.91
N ASN DA 95 -67.85 -19.78 91.63
CA ASN DA 95 -66.94 -18.94 90.88
C ASN DA 95 -67.73 -17.93 90.07
N GLU DA 96 -67.55 -16.65 90.40
CA GLU DA 96 -68.25 -15.53 89.78
C GLU DA 96 -68.47 -15.65 88.27
N ASN DA 97 -67.42 -15.95 87.53
CA ASN DA 97 -67.57 -16.07 86.08
C ASN DA 97 -68.30 -17.33 85.69
N GLU DA 98 -68.05 -18.42 86.40
CA GLU DA 98 -68.71 -19.67 86.05
C GLU DA 98 -70.20 -19.57 86.31
N GLU DA 99 -70.57 -18.87 87.37
CA GLU DA 99 -71.97 -18.71 87.69
C GLU DA 99 -72.64 -17.75 86.75
N ASN DA 100 -71.92 -16.71 86.35
CA ASN DA 100 -72.47 -15.78 85.40
C ASN DA 100 -72.82 -16.54 84.12
N LYS DA 101 -71.92 -17.41 83.69
CA LYS DA 101 -72.15 -18.23 82.51
C LYS DA 101 -73.28 -19.23 82.67
N ARG DA 102 -73.32 -19.94 83.79
CA ARG DA 102 -74.37 -20.92 84.03
C ARG DA 102 -75.74 -20.30 83.91
N ILE DA 103 -75.89 -19.14 84.52
CA ILE DA 103 -77.13 -18.42 84.47
C ILE DA 103 -77.46 -17.98 83.06
N SER DA 104 -76.48 -17.42 82.35
CA SER DA 104 -76.75 -16.93 81.00
C SER DA 104 -77.23 -18.03 80.07
N ILE DA 105 -76.80 -19.27 80.31
CA ILE DA 105 -77.26 -20.39 79.49
C ILE DA 105 -78.74 -20.63 79.67
N TRP DA 106 -79.14 -20.78 80.92
CA TRP DA 106 -80.53 -21.02 81.25
C TRP DA 106 -81.39 -19.87 80.78
N LEU DA 107 -80.89 -18.67 81.04
CA LEU DA 107 -81.57 -17.45 80.74
C LEU DA 107 -81.84 -17.32 79.26
N ASP DA 108 -80.86 -17.64 78.42
CA ASP DA 108 -81.10 -17.57 76.97
C ASP DA 108 -82.21 -18.52 76.52
N THR DA 109 -82.25 -19.74 77.09
CA THR DA 109 -83.29 -20.71 76.72
C THR DA 109 -84.69 -20.27 77.10
N TYR DA 110 -84.87 -19.81 78.33
CA TYR DA 110 -86.19 -19.44 78.81
C TYR DA 110 -86.59 -18.02 78.51
N TYR DA 111 -85.62 -17.13 78.46
CA TYR DA 111 -85.84 -15.74 78.10
C TYR DA 111 -84.97 -15.30 76.93
N PRO DA 112 -85.18 -15.84 75.73
CA PRO DA 112 -84.46 -15.55 74.53
C PRO DA 112 -84.76 -14.13 74.16
N GLN DA 113 -83.79 -13.48 73.54
CA GLN DA 113 -83.85 -12.07 73.16
C GLN DA 113 -83.78 -11.10 74.34
N LEU DA 114 -83.63 -11.58 75.58
CA LEU DA 114 -83.50 -10.68 76.71
C LEU DA 114 -82.20 -9.89 76.59
N ALA DA 115 -82.28 -8.57 76.67
CA ALA DA 115 -81.07 -7.77 76.55
C ALA DA 115 -80.51 -7.45 77.93
N TYR DA 116 -79.34 -7.98 78.24
CA TYR DA 116 -78.74 -7.76 79.55
C TYR DA 116 -77.24 -7.71 79.48
N TYR DA 117 -76.62 -7.31 80.58
CA TYR DA 117 -75.18 -7.11 80.64
C TYR DA 117 -74.45 -8.16 81.46
N ARG DA 118 -74.43 -7.99 82.77
CA ARG DA 118 -73.68 -8.92 83.60
C ARG DA 118 -74.18 -8.92 85.03
N ILE DA 119 -74.10 -10.08 85.67
CA ILE DA 119 -74.50 -10.18 87.06
C ILE DA 119 -73.33 -9.89 87.98
N HIS DA 120 -73.53 -8.95 88.88
CA HIS DA 120 -72.53 -8.55 89.83
C HIS DA 120 -72.79 -9.25 91.14
N PHE DA 121 -71.98 -10.24 91.44
CA PHE DA 121 -72.24 -11.04 92.62
C PHE DA 121 -71.86 -10.35 93.91
N ASP DA 122 -70.71 -9.65 93.91
CA ASP DA 122 -70.20 -8.88 95.06
C ASP DA 122 -70.64 -9.42 96.42
N GLU DA 123 -71.82 -9.02 96.88
CA GLU DA 123 -72.38 -9.52 98.12
C GLU DA 123 -73.33 -10.69 97.84
N PRO DA 124 -72.79 -11.92 97.80
CA PRO DA 124 -73.51 -13.19 97.50
C PRO DA 124 -75.01 -13.16 97.69
N ARG DA 125 -75.45 -12.74 98.87
CA ARG DA 125 -76.84 -12.66 99.27
C ARG DA 125 -77.76 -11.92 98.31
N LYS DA 126 -77.26 -10.82 97.78
CA LYS DA 126 -78.05 -9.97 96.91
C LYS DA 126 -77.27 -9.50 95.69
N PRO DA 127 -77.08 -10.34 94.67
CA PRO DA 127 -76.39 -10.07 93.43
C PRO DA 127 -77.22 -9.09 92.63
N VAL DA 128 -76.54 -8.30 91.82
CA VAL DA 128 -77.19 -7.29 91.02
C VAL DA 128 -77.20 -7.68 89.56
N PHE DA 129 -78.35 -7.59 88.95
CA PHE DA 129 -78.51 -7.98 87.57
C PHE DA 129 -78.64 -6.76 86.67
N TRP DA 130 -77.62 -6.47 85.85
CA TRP DA 130 -77.76 -5.33 84.96
C TRP DA 130 -78.56 -5.73 83.72
N LEU DA 131 -79.60 -4.96 83.45
CA LEU DA 131 -80.56 -5.17 82.38
C LEU DA 131 -80.61 -3.97 81.44
N SER DA 132 -80.66 -4.17 80.13
CA SER DA 132 -80.69 -3.01 79.22
C SER DA 132 -81.99 -2.22 79.36
N ARG DA 133 -81.87 -1.02 79.91
CA ARG DA 133 -83.00 -0.12 80.11
C ARG DA 133 -83.73 0.21 78.83
N GLN DA 134 -82.97 0.50 77.78
CA GLN DA 134 -83.54 0.93 76.53
C GLN DA 134 -84.05 -0.18 75.64
N ARG DA 135 -83.38 -1.34 75.63
CA ARG DA 135 -83.85 -2.40 74.75
C ARG DA 135 -84.97 -3.27 75.31
N ASN DA 136 -85.10 -3.35 76.63
CA ASN DA 136 -86.17 -4.19 77.17
C ASN DA 136 -87.43 -3.40 77.46
N THR DA 137 -88.57 -4.00 77.18
CA THR DA 137 -89.87 -3.38 77.37
C THR DA 137 -90.75 -4.20 78.31
N MET DA 138 -90.11 -4.98 79.18
CA MET DA 138 -90.83 -5.83 80.13
C MET DA 138 -91.58 -4.99 81.17
N SER DA 139 -92.74 -5.49 81.60
CA SER DA 139 -93.52 -4.79 82.60
C SER DA 139 -92.94 -5.08 83.97
N LYS DA 140 -93.33 -4.27 84.94
CA LYS DA 140 -92.87 -4.45 86.31
C LYS DA 140 -93.17 -5.85 86.83
N LYS DA 141 -94.36 -6.35 86.50
CA LYS DA 141 -94.78 -7.67 86.94
C LYS DA 141 -93.93 -8.73 86.29
N GLU DA 142 -93.62 -8.56 85.01
CA GLU DA 142 -92.78 -9.50 84.31
C GLU DA 142 -91.39 -9.54 84.91
N LEU DA 143 -90.88 -8.36 85.30
CA LEU DA 143 -89.57 -8.27 85.92
C LEU DA 143 -89.58 -8.96 87.27
N GLU DA 144 -90.69 -8.88 88.01
CA GLU DA 144 -90.81 -9.59 89.27
C GLU DA 144 -90.59 -11.07 89.04
N VAL DA 145 -91.31 -11.62 88.07
CA VAL DA 145 -91.22 -13.02 87.73
C VAL DA 145 -89.79 -13.41 87.35
N LEU DA 146 -89.17 -12.59 86.52
CA LEU DA 146 -87.80 -12.80 86.10
C LEU DA 146 -86.87 -12.95 87.30
N SER DA 147 -86.98 -12.01 88.26
CA SER DA 147 -86.11 -12.08 89.43
C SER DA 147 -86.37 -13.34 90.23
N GLN DA 148 -87.62 -13.79 90.25
CA GLN DA 148 -87.95 -15.00 90.97
C GLN DA 148 -87.30 -16.22 90.34
N LYS DA 149 -87.24 -16.23 89.02
CA LYS DA 149 -86.61 -17.34 88.33
C LYS DA 149 -85.11 -17.34 88.61
N LEU DA 150 -84.54 -16.14 88.68
CA LEU DA 150 -83.13 -16.02 88.98
C LEU DA 150 -82.85 -16.49 90.39
N ARG DA 151 -83.77 -16.22 91.32
CA ARG DA 151 -83.61 -16.68 92.69
C ARG DA 151 -83.58 -18.19 92.71
N ALA DA 152 -84.42 -18.82 91.90
CA ALA DA 152 -84.44 -20.28 91.80
C ALA DA 152 -83.09 -20.79 91.31
N LEU DA 153 -82.48 -20.08 90.36
CA LEU DA 153 -81.18 -20.47 89.83
C LEU DA 153 -80.04 -20.34 90.84
N MET DA 154 -80.21 -19.46 91.84
CA MET DA 154 -79.19 -19.23 92.86
C MET DA 154 -79.65 -19.59 94.29
N PRO DA 155 -79.49 -20.85 94.70
CA PRO DA 155 -79.84 -21.49 95.98
C PRO DA 155 -79.38 -20.72 97.21
N TYR DA 156 -78.29 -19.97 97.08
CA TYR DA 156 -77.77 -19.20 98.21
C TYR DA 156 -78.35 -17.80 98.29
N ALA DA 157 -78.46 -17.14 97.14
CA ALA DA 157 -78.95 -15.79 97.09
C ALA DA 157 -80.33 -15.70 97.72
N ASP DA 158 -80.56 -14.63 98.45
CA ASP DA 158 -81.83 -14.44 99.10
C ASP DA 158 -82.78 -13.71 98.18
N SER DA 159 -82.23 -12.77 97.41
CA SER DA 159 -83.03 -12.03 96.46
C SER DA 159 -82.15 -11.52 95.34
N VAL DA 160 -82.77 -11.09 94.26
CA VAL DA 160 -82.01 -10.58 93.12
C VAL DA 160 -82.39 -9.15 92.83
N ASN DA 161 -81.39 -8.28 92.73
CA ASN DA 161 -81.65 -6.90 92.46
C ASN DA 161 -81.51 -6.57 91.00
N ILE DA 162 -82.60 -6.69 90.26
CA ILE DA 162 -82.56 -6.34 88.85
C ILE DA 162 -82.64 -4.84 88.69
N THR DA 163 -81.72 -4.28 87.92
CA THR DA 163 -81.71 -2.85 87.68
C THR DA 163 -81.43 -2.57 86.24
N LEU DA 164 -81.98 -1.47 85.76
CA LEU DA 164 -81.88 -1.14 84.36
C LEU DA 164 -80.77 -0.11 84.11
N MET DA 165 -79.90 -0.43 83.14
CA MET DA 165 -78.76 0.40 82.79
C MET DA 165 -78.95 1.07 81.44
N ASP DA 166 -78.41 2.27 81.28
CA ASP DA 166 -78.55 2.98 80.02
C ASP DA 166 -77.43 2.63 79.04
N ASP DA 167 -77.81 1.98 77.94
CA ASP DA 167 -76.90 1.55 76.89
C ASP DA 167 -75.92 2.62 76.43
N VAL DA 168 -76.37 3.87 76.43
CA VAL DA 168 -75.55 4.99 76.01
C VAL DA 168 -74.36 5.19 76.91
N THR DA 169 -74.56 5.03 78.22
CA THR DA 169 -73.48 5.27 79.15
C THR DA 169 -72.47 4.14 79.08
N ALA DA 170 -72.94 2.95 78.72
CA ALA DA 170 -72.01 1.84 78.55
C ALA DA 170 -71.06 2.13 77.40
N ALA DA 171 -71.64 2.54 76.27
CA ALA DA 171 -70.84 2.86 75.09
C ALA DA 171 -69.96 4.06 75.34
N GLY DA 172 -70.50 5.07 76.03
CA GLY DA 172 -69.76 6.28 76.30
C GLY DA 172 -68.49 6.00 77.08
N GLN DA 173 -68.59 5.18 78.11
CA GLN DA 173 -67.41 4.84 78.90
C GLN DA 173 -66.39 4.06 78.09
N ALA DA 174 -66.87 3.13 77.26
CA ALA DA 174 -65.98 2.34 76.44
C ALA DA 174 -65.12 3.22 75.56
N GLU DA 175 -65.75 4.14 74.86
CA GLU DA 175 -65.00 5.00 73.97
C GLU DA 175 -64.16 6.02 74.69
N ALA DA 176 -64.71 6.61 75.75
CA ALA DA 176 -63.99 7.64 76.49
C ALA DA 176 -62.66 7.13 77.01
N GLY DA 177 -62.67 5.98 77.67
CA GLY DA 177 -61.43 5.43 78.21
C GLY DA 177 -60.47 5.06 77.10
N LEU DA 178 -61.01 4.48 76.03
CA LEU DA 178 -60.21 4.07 74.88
C LEU DA 178 -59.43 5.23 74.29
N LYS DA 179 -60.10 6.37 74.08
CA LYS DA 179 -59.41 7.53 73.55
C LYS DA 179 -58.56 8.23 74.60
N GLN DA 180 -58.89 8.09 75.89
CA GLN DA 180 -58.05 8.65 76.95
C GLN DA 180 -56.66 8.05 76.91
N GLN DA 181 -56.61 6.75 76.63
CA GLN DA 181 -55.35 6.02 76.49
C GLN DA 181 -54.57 6.36 75.21
N ALA DA 182 -55.09 7.28 74.38
CA ALA DA 182 -54.49 7.72 73.14
C ALA DA 182 -54.39 6.59 72.14
N LEU DA 183 -55.35 5.68 72.16
CA LEU DA 183 -55.34 4.57 71.23
C LEU DA 183 -56.11 4.91 69.97
N PRO DA 184 -55.66 4.43 68.82
CA PRO DA 184 -56.30 4.55 67.53
C PRO DA 184 -57.41 3.55 67.46
N TYR DA 185 -58.53 3.91 66.86
CA TYR DA 185 -59.63 2.97 66.75
C TYR DA 185 -60.68 3.45 65.79
N SER DA 186 -61.60 2.57 65.46
CA SER DA 186 -62.71 2.96 64.63
C SER DA 186 -63.97 2.29 65.17
N ARG DA 187 -64.93 3.12 65.54
CA ARG DA 187 -66.18 2.66 66.12
C ARG DA 187 -67.15 2.10 65.10
N ARG DA 188 -67.86 1.04 65.49
CA ARG DA 188 -68.83 0.39 64.64
C ARG DA 188 -70.18 0.26 65.31
N ASN DA 189 -71.03 1.26 65.14
CA ASN DA 189 -72.36 1.17 65.72
C ASN DA 189 -73.24 0.30 64.85
N HIS DA 190 -73.99 -0.58 65.48
CA HIS DA 190 -74.93 -1.39 64.74
C HIS DA 190 -76.12 -1.72 65.61
N LYS DA 191 -77.19 -2.20 65.02
CA LYS DA 191 -78.34 -2.50 65.83
C LYS DA 191 -77.98 -3.60 66.81
N GLY DA 192 -78.19 -3.32 68.09
CA GLY DA 192 -77.93 -4.30 69.14
C GLY DA 192 -76.53 -4.22 69.76
N GLY DA 193 -75.64 -3.36 69.27
CA GLY DA 193 -74.31 -3.31 69.89
C GLY DA 193 -73.32 -2.37 69.23
N VAL DA 194 -72.09 -2.41 69.70
CA VAL DA 194 -71.05 -1.58 69.12
C VAL DA 194 -69.69 -2.25 69.20
N THR DA 195 -68.92 -2.16 68.12
CA THR DA 195 -67.61 -2.76 68.09
C THR DA 195 -66.50 -1.73 67.88
N PHE DA 196 -65.43 -1.85 68.64
CA PHE DA 196 -64.30 -0.94 68.53
C PHE DA 196 -63.10 -1.62 67.89
N VAL DA 197 -62.85 -1.26 66.65
CA VAL DA 197 -61.79 -1.86 65.86
C VAL DA 197 -60.47 -1.16 66.01
N ILE DA 198 -59.45 -1.92 66.37
CA ILE DA 198 -58.09 -1.37 66.52
C ILE DA 198 -57.13 -2.08 65.60
N GLN DA 199 -56.76 -1.44 64.49
CA GLN DA 199 -55.86 -2.07 63.53
C GLN DA 199 -54.57 -1.30 63.32
N GLY DA 200 -53.67 -1.94 62.59
CA GLY DA 200 -52.38 -1.35 62.26
C GLY DA 200 -51.29 -1.90 63.14
N ALA DA 201 -50.05 -1.50 62.87
CA ALA DA 201 -48.94 -1.92 63.69
C ALA DA 201 -49.02 -1.17 65.00
N LEU DA 202 -48.71 -1.85 66.10
CA LEU DA 202 -48.81 -1.20 67.39
C LEU DA 202 -47.52 -1.23 68.18
N ASP DA 203 -47.27 -0.13 68.88
CA ASP DA 203 -46.14 0.01 69.77
C ASP DA 203 -46.35 -0.83 71.00
N ASP DA 204 -45.34 -1.52 71.47
CA ASP DA 204 -45.48 -2.36 72.67
C ASP DA 204 -46.13 -1.64 73.85
N VAL DA 205 -45.91 -0.33 73.95
CA VAL DA 205 -46.46 0.43 75.05
C VAL DA 205 -47.96 0.56 74.91
N GLU DA 206 -48.42 0.95 73.72
CA GLU DA 206 -49.86 1.08 73.50
C GLU DA 206 -50.55 -0.26 73.49
N ILE DA 207 -49.83 -1.33 73.19
CA ILE DA 207 -50.43 -2.65 73.28
C ILE DA 207 -50.78 -2.97 74.71
N LEU DA 208 -49.83 -2.73 75.61
CA LEU DA 208 -50.06 -2.96 77.03
C LEU DA 208 -51.24 -2.16 77.53
N ARG DA 209 -51.24 -0.86 77.22
CA ARG DA 209 -52.32 0.01 77.64
C ARG DA 209 -53.67 -0.44 77.14
N ALA DA 210 -53.72 -0.87 75.88
CA ALA DA 210 -54.96 -1.30 75.28
C ALA DA 210 -55.54 -2.48 76.02
N ARG DA 211 -54.72 -3.49 76.29
CA ARG DA 211 -55.24 -4.65 76.98
C ARG DA 211 -55.73 -4.33 78.37
N GLN DA 212 -54.98 -3.52 79.11
CA GLN DA 212 -55.38 -3.18 80.46
C GLN DA 212 -56.76 -2.57 80.48
N PHE DA 213 -56.99 -1.63 79.57
CA PHE DA 213 -58.28 -0.99 79.46
C PHE DA 213 -59.40 -1.96 79.14
N VAL DA 214 -59.18 -2.78 78.12
CA VAL DA 214 -60.19 -3.73 77.69
C VAL DA 214 -60.57 -4.71 78.77
N ASP DA 215 -59.58 -5.26 79.46
CA ASP DA 215 -59.86 -6.19 80.53
C ASP DA 215 -60.74 -5.57 81.61
N SER DA 216 -60.45 -4.33 81.98
CA SER DA 216 -61.25 -3.67 83.00
C SER DA 216 -62.67 -3.41 82.55
N TYR DA 217 -62.84 -2.97 81.30
CA TYR DA 217 -64.18 -2.70 80.79
C TYR DA 217 -65.00 -3.97 80.81
N TYR DA 218 -64.39 -5.06 80.33
CA TYR DA 218 -65.04 -6.35 80.32
C TYR DA 218 -65.45 -6.76 81.71
N ARG DA 219 -64.52 -6.70 82.64
CA ARG DA 219 -64.81 -7.07 84.02
C ARG DA 219 -66.03 -6.36 84.58
N THR DA 220 -66.18 -5.07 84.28
CA THR DA 220 -67.32 -4.32 84.76
C THR DA 220 -68.60 -4.57 83.98
N TRP DA 221 -68.63 -4.18 82.72
CA TRP DA 221 -69.83 -4.27 81.92
C TRP DA 221 -70.07 -5.61 81.26
N GLY DA 222 -69.00 -6.31 80.91
CA GLY DA 222 -69.14 -7.58 80.20
C GLY DA 222 -69.07 -7.32 78.71
N GLY DA 223 -68.99 -8.38 77.92
CA GLY DA 223 -68.86 -8.25 76.47
C GLY DA 223 -70.12 -8.53 75.67
N ARG DA 224 -71.30 -8.24 76.21
CA ARG DA 224 -72.52 -8.50 75.46
C ARG DA 224 -73.01 -7.32 74.63
N TYR DA 225 -72.50 -6.13 74.89
CA TYR DA 225 -72.92 -4.97 74.13
C TYR DA 225 -71.73 -4.35 73.43
N VAL DA 226 -70.65 -4.13 74.18
CA VAL DA 226 -69.43 -3.59 73.62
C VAL DA 226 -68.43 -4.68 73.31
N GLN DA 227 -68.01 -4.74 72.07
CA GLN DA 227 -67.03 -5.71 71.63
C GLN DA 227 -65.76 -5.02 71.16
N PHE DA 228 -64.63 -5.41 71.69
CA PHE DA 228 -63.39 -4.81 71.24
C PHE DA 228 -62.69 -5.75 70.26
N ALA DA 229 -61.94 -5.18 69.33
CA ALA DA 229 -61.30 -5.99 68.31
C ALA DA 229 -59.87 -5.53 68.01
N ILE DA 230 -58.93 -6.02 68.80
CA ILE DA 230 -57.53 -5.68 68.62
C ILE DA 230 -56.93 -6.56 67.54
N GLU DA 231 -56.41 -5.93 66.49
CA GLU DA 231 -55.82 -6.66 65.38
C GLU DA 231 -54.46 -6.11 65.00
N LEU DA 232 -53.42 -6.79 65.46
CA LEU DA 232 -52.04 -6.40 65.20
C LEU DA 232 -51.67 -6.76 63.76
N LYS DA 233 -51.52 -5.73 62.91
CA LYS DA 233 -51.26 -5.96 61.49
C LYS DA 233 -50.14 -5.08 60.93
N ASP DA 234 -49.54 -5.52 59.83
CA ASP DA 234 -48.50 -4.76 59.15
C ASP DA 234 -49.08 -3.64 58.31
N ASP DA 235 -48.33 -2.54 58.22
CA ASP DA 235 -48.72 -1.38 57.43
C ASP DA 235 -47.77 -1.18 56.26
N ASP EA 3 -37.36 -27.93 109.83
CA ASP EA 3 -36.17 -28.70 109.54
C ASP EA 3 -36.24 -29.37 108.18
N LYS EA 4 -36.30 -28.56 107.12
CA LYS EA 4 -36.39 -29.10 105.78
C LYS EA 4 -35.17 -28.75 104.94
N ASP EA 5 -34.79 -29.66 104.06
CA ASP EA 5 -33.67 -29.40 103.17
C ASP EA 5 -34.16 -28.63 101.96
N LEU EA 6 -33.54 -27.51 101.67
CA LEU EA 6 -33.96 -26.70 100.54
C LEU EA 6 -32.97 -26.84 99.39
N LEU EA 7 -31.71 -26.45 99.64
CA LEU EA 7 -30.67 -26.53 98.62
C LEU EA 7 -29.43 -27.27 99.11
N LYS EA 8 -28.72 -27.93 98.19
CA LYS EA 8 -27.50 -28.64 98.53
C LYS EA 8 -26.41 -28.49 97.48
N GLY EA 9 -25.16 -28.53 97.91
CA GLY EA 9 -24.05 -28.47 96.97
C GLY EA 9 -23.79 -27.08 96.45
N LEU EA 10 -24.16 -26.06 97.22
CA LEU EA 10 -23.99 -24.69 96.77
C LEU EA 10 -22.58 -24.22 96.97
N ASP EA 11 -22.13 -23.31 96.13
CA ASP EA 11 -20.83 -22.77 96.37
C ASP EA 11 -21.03 -21.60 97.33
N GLN EA 12 -19.95 -20.96 97.73
CA GLN EA 12 -20.04 -19.89 98.71
C GLN EA 12 -20.90 -18.72 98.29
N GLU EA 13 -20.68 -18.23 97.07
CA GLU EA 13 -21.44 -17.10 96.54
C GLU EA 13 -22.92 -17.36 96.50
N GLN EA 14 -23.29 -18.48 95.89
CA GLN EA 14 -24.68 -18.89 95.75
C GLN EA 14 -25.36 -18.98 97.08
N ALA EA 15 -24.70 -19.63 98.03
CA ALA EA 15 -25.28 -19.82 99.35
C ALA EA 15 -25.64 -18.50 99.98
N ASN EA 16 -24.70 -17.55 99.96
CA ASN EA 16 -24.97 -16.27 100.58
C ASN EA 16 -26.05 -15.47 99.84
N GLU EA 17 -26.11 -15.60 98.52
CA GLU EA 17 -27.12 -14.88 97.77
C GLU EA 17 -28.53 -15.37 98.04
N VAL EA 18 -28.70 -16.69 98.09
CA VAL EA 18 -30.00 -17.26 98.35
C VAL EA 18 -30.49 -16.87 99.72
N ILE EA 19 -29.60 -16.94 100.70
CA ILE EA 19 -29.94 -16.57 102.05
C ILE EA 19 -30.39 -15.14 102.13
N ALA EA 20 -29.69 -14.24 101.46
CA ALA EA 20 -30.08 -12.83 101.46
C ALA EA 20 -31.52 -12.65 101.06
N VAL EA 21 -31.93 -13.35 99.98
CA VAL EA 21 -33.30 -13.26 99.50
C VAL EA 21 -34.31 -13.77 100.52
N LEU EA 22 -34.02 -14.91 101.11
CA LEU EA 22 -34.93 -15.49 102.08
C LEU EA 22 -35.14 -14.59 103.28
N GLN EA 23 -34.06 -13.97 103.75
CA GLN EA 23 -34.15 -13.07 104.88
C GLN EA 23 -34.97 -11.85 104.53
N MET EA 24 -34.76 -11.34 103.33
CA MET EA 24 -35.52 -10.20 102.84
C MET EA 24 -37.02 -10.46 102.89
N HIS EA 25 -37.42 -11.71 102.62
CA HIS EA 25 -38.82 -12.07 102.66
C HIS EA 25 -39.26 -12.69 103.99
N ASN EA 26 -38.53 -12.40 105.06
CA ASN EA 26 -38.87 -12.85 106.40
C ASN EA 26 -38.76 -14.34 106.62
N ILE EA 27 -37.69 -14.94 106.11
CA ILE EA 27 -37.43 -16.36 106.32
C ILE EA 27 -36.03 -16.62 106.87
N GLU EA 28 -35.95 -17.24 108.04
CA GLU EA 28 -34.66 -17.61 108.61
C GLU EA 28 -34.07 -18.76 107.83
N ALA EA 29 -32.75 -18.81 107.71
CA ALA EA 29 -32.13 -19.89 106.95
C ALA EA 29 -30.79 -20.28 107.54
N ASN EA 30 -30.48 -21.57 107.48
CA ASN EA 30 -29.24 -22.08 108.02
C ASN EA 30 -28.28 -22.39 106.90
N LYS EA 31 -27.02 -21.98 107.07
CA LYS EA 31 -25.99 -22.34 106.09
C LYS EA 31 -25.12 -23.42 106.68
N ILE EA 32 -25.14 -24.59 106.06
CA ILE EA 32 -24.39 -25.72 106.58
C ILE EA 32 -23.19 -26.04 105.72
N ASP EA 33 -22.03 -26.02 106.35
CA ASP EA 33 -20.77 -26.33 105.69
C ASP EA 33 -20.48 -27.81 105.72
N SER EA 34 -20.59 -28.47 104.55
CA SER EA 34 -20.34 -29.91 104.46
C SER EA 34 -18.99 -30.20 103.81
N GLY EA 35 -18.06 -29.26 103.93
CA GLY EA 35 -16.71 -29.44 103.42
C GLY EA 35 -16.70 -29.49 101.91
N LYS EA 36 -16.06 -30.51 101.37
CA LYS EA 36 -15.94 -30.72 99.93
C LYS EA 36 -17.27 -30.86 99.21
N LEU EA 37 -18.34 -31.13 99.95
CA LEU EA 37 -19.62 -31.30 99.33
C LEU EA 37 -20.37 -29.98 99.16
N GLY EA 38 -19.79 -28.88 99.64
CA GLY EA 38 -20.40 -27.57 99.45
C GLY EA 38 -21.32 -27.16 100.59
N TYR EA 39 -22.17 -26.18 100.32
CA TYR EA 39 -23.08 -25.68 101.34
C TYR EA 39 -24.50 -26.16 101.15
N SER EA 40 -25.20 -26.28 102.26
CA SER EA 40 -26.59 -26.66 102.22
C SER EA 40 -27.44 -25.65 102.96
N ILE EA 41 -28.62 -25.39 102.43
CA ILE EA 41 -29.51 -24.45 103.08
C ILE EA 41 -30.75 -25.14 103.58
N THR EA 42 -31.03 -24.95 104.87
CA THR EA 42 -32.22 -25.54 105.46
C THR EA 42 -33.09 -24.49 106.10
N VAL EA 43 -34.38 -24.78 106.18
CA VAL EA 43 -35.34 -23.83 106.75
C VAL EA 43 -36.33 -24.50 107.68
N ALA EA 44 -36.98 -23.68 108.50
CA ALA EA 44 -38.01 -24.18 109.39
C ALA EA 44 -39.19 -24.66 108.57
N GLU EA 45 -39.78 -25.77 108.99
CA GLU EA 45 -40.92 -26.35 108.30
C GLU EA 45 -42.09 -25.37 108.05
N PRO EA 46 -42.43 -24.48 108.99
CA PRO EA 46 -43.46 -23.44 108.84
C PRO EA 46 -43.20 -22.50 107.66
N ASP EA 47 -41.94 -22.27 107.33
CA ASP EA 47 -41.58 -21.36 106.25
C ASP EA 47 -41.32 -22.08 104.95
N PHE EA 48 -40.97 -23.36 105.04
CA PHE EA 48 -40.63 -24.18 103.89
C PHE EA 48 -41.46 -23.96 102.63
N THR EA 49 -42.79 -23.86 102.75
CA THR EA 49 -43.63 -23.65 101.59
C THR EA 49 -43.30 -22.33 100.90
N ALA EA 50 -43.21 -21.28 101.69
CA ALA EA 50 -42.89 -19.97 101.18
C ALA EA 50 -41.49 -19.95 100.61
N ALA EA 51 -40.56 -20.61 101.28
CA ALA EA 51 -39.18 -20.66 100.85
C ALA EA 51 -39.10 -21.22 99.44
N VAL EA 52 -39.80 -22.33 99.20
CA VAL EA 52 -39.83 -22.93 97.88
C VAL EA 52 -40.35 -21.98 96.84
N TYR EA 53 -41.45 -21.31 97.17
CA TYR EA 53 -42.03 -20.34 96.27
C TYR EA 53 -41.02 -19.30 95.82
N TRP EA 54 -40.25 -18.77 96.77
CA TRP EA 54 -39.28 -17.74 96.45
C TRP EA 54 -38.08 -18.27 95.67
N ILE EA 55 -37.67 -19.52 95.92
CA ILE EA 55 -36.58 -20.11 95.14
C ILE EA 55 -36.97 -20.14 93.67
N LYS EA 56 -38.22 -20.49 93.42
CA LYS EA 56 -38.74 -20.47 92.07
C LYS EA 56 -38.76 -19.07 91.50
N THR EA 57 -39.41 -18.16 92.22
CA THR EA 57 -39.57 -16.77 91.81
C THR EA 57 -38.29 -16.09 91.40
N TYR EA 58 -37.24 -16.27 92.18
CA TYR EA 58 -35.98 -15.61 91.88
C TYR EA 58 -34.95 -16.44 91.15
N GLN EA 59 -35.36 -17.53 90.49
CA GLN EA 59 -34.41 -18.34 89.72
C GLN EA 59 -33.19 -18.76 90.55
N LEU EA 60 -33.42 -19.28 91.75
CA LEU EA 60 -32.30 -19.64 92.61
C LEU EA 60 -31.99 -21.12 92.57
N PRO EA 61 -30.74 -21.49 92.83
CA PRO EA 61 -29.55 -20.69 93.09
C PRO EA 61 -29.04 -20.03 91.81
N PRO EA 62 -28.34 -18.90 91.91
CA PRO EA 62 -27.78 -18.08 90.84
C PRO EA 62 -26.83 -18.82 89.92
N ARG EA 63 -26.83 -18.44 88.65
CA ARG EA 63 -25.90 -18.98 87.68
C ARG EA 63 -24.62 -18.18 87.77
N PRO EA 64 -23.50 -18.68 87.26
CA PRO EA 64 -22.21 -18.02 87.18
C PRO EA 64 -22.29 -16.92 86.14
N ARG EA 65 -21.52 -15.87 86.34
CA ARG EA 65 -21.55 -14.72 85.45
C ARG EA 65 -20.92 -15.01 84.09
N VAL EA 66 -21.61 -14.60 83.04
CA VAL EA 66 -21.18 -14.81 81.67
C VAL EA 66 -20.43 -13.65 81.09
N GLU EA 67 -19.22 -13.95 80.61
CA GLU EA 67 -18.34 -12.97 79.99
C GLU EA 67 -17.91 -13.53 78.64
N ILE EA 68 -17.77 -12.66 77.65
CA ILE EA 68 -17.50 -13.11 76.28
C ILE EA 68 -16.22 -13.93 76.12
N ALA EA 69 -15.15 -13.50 76.77
CA ALA EA 69 -13.87 -14.20 76.66
C ALA EA 69 -13.92 -15.65 77.10
N GLN EA 70 -14.93 -16.03 77.86
CA GLN EA 70 -15.03 -17.39 78.34
C GLN EA 70 -15.26 -18.38 77.21
N MET EA 71 -15.70 -17.89 76.05
CA MET EA 71 -15.94 -18.76 74.92
C MET EA 71 -14.89 -18.69 73.83
N PHE EA 72 -13.79 -18.00 74.09
CA PHE EA 72 -12.72 -17.92 73.11
C PHE EA 72 -11.40 -17.94 73.84
N PRO EA 73 -11.06 -19.06 74.49
CA PRO EA 73 -9.92 -19.29 75.36
C PRO EA 73 -8.58 -19.31 74.64
N ALA EA 74 -7.55 -18.88 75.37
CA ALA EA 74 -6.18 -18.81 74.85
C ALA EA 74 -5.55 -20.19 74.74
N ASP EA 75 -6.20 -21.19 75.30
CA ASP EA 75 -5.72 -22.55 75.24
C ASP EA 75 -5.82 -23.13 73.83
N SER EA 76 -6.57 -22.49 72.93
CA SER EA 76 -6.66 -22.99 71.57
C SER EA 76 -5.32 -22.93 70.88
N LEU EA 77 -5.04 -23.97 70.11
CA LEU EA 77 -3.78 -24.10 69.38
C LEU EA 77 -3.66 -23.05 68.28
N VAL EA 78 -4.80 -22.60 67.78
CA VAL EA 78 -4.84 -21.61 66.72
C VAL EA 78 -5.79 -20.50 67.11
N SER EA 79 -5.72 -19.40 66.39
CA SER EA 79 -6.61 -18.28 66.66
C SER EA 79 -7.03 -17.62 65.38
N SER EA 80 -7.97 -16.71 65.48
CA SER EA 80 -8.46 -16.00 64.32
C SER EA 80 -8.70 -14.58 64.74
N PRO EA 81 -8.65 -13.63 63.81
CA PRO EA 81 -8.91 -12.22 63.98
C PRO EA 81 -10.23 -12.02 64.70
N ARG EA 82 -11.21 -12.82 64.33
CA ARG EA 82 -12.52 -12.75 64.93
C ARG EA 82 -12.44 -13.03 66.40
N ALA EA 83 -11.80 -14.14 66.75
CA ALA EA 83 -11.67 -14.53 68.15
C ALA EA 83 -10.86 -13.53 68.95
N GLU EA 84 -9.75 -13.07 68.38
CA GLU EA 84 -8.87 -12.17 69.10
C GLU EA 84 -9.52 -10.84 69.39
N LYS EA 85 -10.25 -10.30 68.41
CA LYS EA 85 -10.91 -9.03 68.62
C LYS EA 85 -11.97 -9.17 69.69
N ALA EA 86 -12.69 -10.29 69.69
CA ALA EA 86 -13.70 -10.54 70.71
C ALA EA 86 -13.09 -10.60 72.09
N ARG EA 87 -11.96 -11.29 72.21
CA ARG EA 87 -11.27 -11.40 73.49
C ARG EA 87 -10.91 -10.05 74.05
N LEU EA 88 -10.39 -9.19 73.20
CA LEU EA 88 -10.02 -7.86 73.62
C LEU EA 88 -11.21 -7.08 74.16
N TYR EA 89 -12.31 -7.06 73.42
CA TYR EA 89 -13.48 -6.31 73.86
C TYR EA 89 -14.00 -6.81 75.17
N SER EA 90 -13.95 -8.11 75.39
CA SER EA 90 -14.41 -8.67 76.64
C SER EA 90 -13.64 -8.09 77.80
N ALA EA 91 -12.32 -8.05 77.66
CA ALA EA 91 -11.46 -7.48 78.69
C ALA EA 91 -11.76 -6.03 78.92
N ILE EA 92 -11.99 -5.29 77.85
CA ILE EA 92 -12.29 -3.86 77.97
C ILE EA 92 -13.56 -3.62 78.76
N GLU EA 93 -14.62 -4.39 78.50
CA GLU EA 93 -15.84 -4.18 79.27
C GLU EA 93 -15.58 -4.40 80.74
N GLN EA 94 -14.84 -5.46 81.06
CA GLN EA 94 -14.53 -5.75 82.45
C GLN EA 94 -13.77 -4.62 83.11
N ARG EA 95 -12.82 -4.07 82.39
CA ARG EA 95 -11.98 -3.03 82.91
C ARG EA 95 -12.78 -1.75 83.14
N LEU EA 96 -13.72 -1.46 82.24
CA LEU EA 96 -14.58 -0.30 82.44
C LEU EA 96 -15.48 -0.46 83.65
N GLU EA 97 -15.96 -1.69 83.90
CA GLU EA 97 -16.79 -1.93 85.08
C GLU EA 97 -15.99 -1.71 86.34
N GLN EA 98 -14.74 -2.16 86.33
CA GLN EA 98 -13.86 -1.98 87.47
C GLN EA 98 -13.67 -0.50 87.77
N SER EA 99 -13.61 0.33 86.73
CA SER EA 99 -13.45 1.75 86.92
C SER EA 99 -14.69 2.45 87.45
N LEU EA 100 -15.85 2.16 86.88
CA LEU EA 100 -17.07 2.87 87.33
C LEU EA 100 -17.41 2.58 88.77
N GLN EA 101 -17.10 1.37 89.23
CA GLN EA 101 -17.41 1.02 90.60
C GLN EA 101 -16.53 1.73 91.64
N THR EA 102 -15.55 2.52 91.20
CA THR EA 102 -14.72 3.27 92.12
C THR EA 102 -15.18 4.71 92.23
N MET EA 103 -16.17 5.10 91.42
CA MET EA 103 -16.65 6.48 91.50
C MET EA 103 -17.46 6.69 92.77
N GLU EA 104 -17.38 7.90 93.29
CA GLU EA 104 -18.07 8.26 94.52
C GLU EA 104 -19.56 8.03 94.43
N GLY EA 105 -20.08 7.27 95.38
CA GLY EA 105 -21.51 7.00 95.46
C GLY EA 105 -21.95 5.77 94.68
N VAL EA 106 -21.07 5.19 93.87
CA VAL EA 106 -21.47 4.03 93.09
C VAL EA 106 -21.26 2.75 93.87
N LEU EA 107 -22.31 1.96 93.97
CA LEU EA 107 -22.28 0.70 94.68
C LEU EA 107 -22.06 -0.43 93.70
N SER EA 108 -22.66 -0.32 92.52
CA SER EA 108 -22.52 -1.35 91.50
C SER EA 108 -22.70 -0.81 90.10
N ALA EA 109 -21.99 -1.37 89.15
CA ALA EA 109 -22.17 -0.91 87.78
C ALA EA 109 -21.80 -1.97 86.76
N ARG EA 110 -22.55 -1.98 85.64
CA ARG EA 110 -22.31 -2.93 84.55
C ARG EA 110 -22.14 -2.20 83.23
N VAL EA 111 -21.27 -2.71 82.37
CA VAL EA 111 -20.96 -2.03 81.10
C VAL EA 111 -21.00 -2.95 79.89
N HIS EA 112 -21.62 -2.47 78.82
CA HIS EA 112 -21.67 -3.20 77.57
C HIS EA 112 -21.10 -2.39 76.43
N ILE EA 113 -20.43 -3.07 75.51
CA ILE EA 113 -19.90 -2.39 74.34
C ILE EA 113 -20.31 -3.18 73.13
N SER EA 114 -20.65 -2.50 72.05
CA SER EA 114 -21.04 -3.20 70.85
C SER EA 114 -19.86 -3.94 70.24
N TYR EA 115 -20.14 -4.95 69.45
CA TYR EA 115 -19.09 -5.75 68.83
C TYR EA 115 -19.10 -5.62 67.33
N ASP EA 116 -17.97 -5.97 66.73
CA ASP EA 116 -17.77 -5.94 65.30
C ASP EA 116 -17.12 -7.21 64.88
N ILE EA 117 -17.90 -8.07 64.27
CA ILE EA 117 -17.44 -9.38 63.91
C ILE EA 117 -17.09 -9.56 62.44
N ASP EA 118 -17.59 -8.70 61.58
CA ASP EA 118 -17.27 -8.89 60.18
C ASP EA 118 -17.28 -7.66 59.28
N ALA EA 119 -16.93 -6.48 59.82
CA ALA EA 119 -16.86 -5.30 58.94
C ALA EA 119 -15.76 -5.49 57.89
N GLY EA 120 -14.50 -5.47 58.34
CA GLY EA 120 -13.33 -5.64 57.47
C GLY EA 120 -13.43 -6.92 56.65
N GLU EA 121 -13.96 -7.98 57.27
CA GLU EA 121 -14.20 -9.26 56.61
C GLU EA 121 -14.96 -9.11 55.30
N ASN EA 122 -15.92 -8.19 55.27
CA ASN EA 122 -16.75 -7.98 54.10
C ASN EA 122 -16.26 -6.81 53.22
N GLY EA 123 -15.05 -6.30 53.50
CA GLY EA 123 -14.53 -5.18 52.74
C GLY EA 123 -15.14 -3.86 53.20
N ARG EA 124 -15.78 -3.85 54.36
CA ARG EA 124 -16.44 -2.67 54.88
C ARG EA 124 -15.63 -1.98 55.96
N PRO EA 125 -15.82 -0.68 56.13
CA PRO EA 125 -15.29 0.15 57.19
C PRO EA 125 -16.04 -0.23 58.45
N PRO EA 126 -15.44 -0.02 59.61
CA PRO EA 126 -15.96 -0.32 60.94
C PRO EA 126 -17.10 0.60 61.30
N LYS EA 127 -17.97 0.13 62.17
CA LYS EA 127 -19.11 0.91 62.59
C LYS EA 127 -18.79 1.66 63.87
N PRO EA 128 -19.54 2.72 64.18
CA PRO EA 128 -19.47 3.54 65.38
C PRO EA 128 -19.69 2.64 66.58
N VAL EA 129 -19.06 2.99 67.68
CA VAL EA 129 -19.17 2.16 68.86
C VAL EA 129 -20.31 2.58 69.75
N HIS EA 130 -21.09 1.60 70.19
CA HIS EA 130 -22.20 1.89 71.08
C HIS EA 130 -21.88 1.42 72.47
N LEU EA 131 -22.28 2.20 73.46
CA LEU EA 131 -22.05 1.85 74.85
C LEU EA 131 -23.32 1.93 75.66
N SER EA 132 -23.44 1.07 76.65
CA SER EA 132 -24.55 1.17 77.55
C SER EA 132 -24.12 0.77 78.94
N ALA EA 133 -24.77 1.31 79.95
CA ALA EA 133 -24.34 0.97 81.29
C ALA EA 133 -25.44 1.08 82.31
N LEU EA 134 -25.31 0.29 83.36
CA LEU EA 134 -26.24 0.29 84.46
C LEU EA 134 -25.54 0.71 85.73
N ALA EA 135 -26.22 1.41 86.61
CA ALA EA 135 -25.56 1.79 87.85
C ALA EA 135 -26.48 1.89 89.04
N VAL EA 136 -25.96 1.53 90.20
CA VAL EA 136 -26.65 1.60 91.47
C VAL EA 136 -25.93 2.54 92.41
N TYR EA 137 -26.64 3.53 92.91
CA TYR EA 137 -26.07 4.51 93.81
C TYR EA 137 -26.52 4.43 95.25
N GLU EA 138 -25.72 5.03 96.11
CA GLU EA 138 -26.07 5.16 97.50
C GLU EA 138 -27.35 5.97 97.63
N ARG EA 139 -28.30 5.43 98.38
CA ARG EA 139 -29.60 6.07 98.52
C ARG EA 139 -29.49 7.51 99.01
N GLY EA 140 -30.20 8.39 98.32
CA GLY EA 140 -30.23 9.82 98.63
C GLY EA 140 -29.33 10.65 97.71
N SER EA 141 -28.53 9.97 96.90
CA SER EA 141 -27.62 10.60 95.95
C SER EA 141 -28.39 11.27 94.77
N PRO EA 142 -27.90 12.41 94.24
CA PRO EA 142 -28.47 13.22 93.14
C PRO EA 142 -28.21 12.65 91.75
N LEU EA 143 -28.82 11.49 91.50
CA LEU EA 143 -28.71 10.72 90.25
C LEU EA 143 -28.84 11.52 88.96
N ALA EA 144 -29.74 12.50 88.96
CA ALA EA 144 -30.00 13.31 87.77
C ALA EA 144 -28.80 14.12 87.29
N HIS EA 145 -27.78 14.26 88.12
CA HIS EA 145 -26.62 15.03 87.74
C HIS EA 145 -25.43 14.12 87.58
N GLN EA 146 -25.39 13.09 88.41
CA GLN EA 146 -24.30 12.12 88.41
C GLN EA 146 -24.18 11.39 87.09
N ILE EA 147 -25.31 11.14 86.46
CA ILE EA 147 -25.35 10.51 85.15
C ILE EA 147 -24.48 11.20 84.10
N SER EA 148 -24.19 12.50 84.26
CA SER EA 148 -23.38 13.20 83.28
C SER EA 148 -21.90 12.88 83.42
N ASP EA 149 -21.46 12.46 84.60
CA ASP EA 149 -20.06 12.10 84.78
C ASP EA 149 -19.79 10.81 84.09
N ILE EA 150 -20.73 9.88 84.24
CA ILE EA 150 -20.59 8.58 83.62
C ILE EA 150 -20.49 8.72 82.14
N LYS EA 151 -21.40 9.50 81.58
CA LYS EA 151 -21.47 9.68 80.16
C LYS EA 151 -20.24 10.38 79.60
N ARG EA 152 -19.73 11.39 80.30
CA ARG EA 152 -18.53 12.09 79.85
C ARG EA 152 -17.30 11.20 79.90
N PHE EA 153 -17.18 10.47 81.00
CA PHE EA 153 -16.08 9.55 81.18
C PHE EA 153 -16.03 8.53 80.08
N LEU EA 154 -17.14 7.90 79.79
CA LEU EA 154 -17.20 6.90 78.76
C LEU EA 154 -16.95 7.48 77.38
N LYS EA 155 -17.42 8.70 77.13
CA LYS EA 155 -17.24 9.31 75.81
C LYS EA 155 -15.79 9.33 75.36
N ASN EA 156 -14.87 9.76 76.22
CA ASN EA 156 -13.47 9.75 75.80
C ASN EA 156 -12.71 8.49 76.22
N SER EA 157 -13.43 7.44 76.58
CA SER EA 157 -12.80 6.18 76.94
C SER EA 157 -12.75 5.23 75.76
N PHE EA 158 -13.09 5.70 74.57
CA PHE EA 158 -13.05 4.79 73.44
C PHE EA 158 -12.98 5.53 72.11
N ALA EA 159 -12.19 4.98 71.22
CA ALA EA 159 -11.85 5.50 69.88
C ALA EA 159 -12.90 6.36 69.21
N ASP EA 160 -14.15 5.92 69.15
CA ASP EA 160 -15.14 6.72 68.44
C ASP EA 160 -16.58 6.48 68.89
N VAL EA 161 -16.98 7.24 69.89
CA VAL EA 161 -18.34 7.21 70.40
C VAL EA 161 -18.86 8.63 70.44
N ASP EA 162 -20.10 8.80 70.84
CA ASP EA 162 -20.67 10.13 70.94
C ASP EA 162 -21.80 10.14 71.94
N TYR EA 163 -22.31 11.33 72.27
CA TYR EA 163 -23.34 11.43 73.31
C TYR EA 163 -24.72 10.90 72.91
N ASP EA 164 -24.89 10.48 71.68
CA ASP EA 164 -26.17 9.91 71.27
C ASP EA 164 -26.10 8.39 71.23
N ASN EA 165 -24.90 7.84 71.32
CA ASN EA 165 -24.74 6.40 71.26
C ASN EA 165 -24.25 5.82 72.57
N ILE EA 166 -24.44 6.57 73.65
CA ILE EA 166 -24.10 6.11 74.99
C ILE EA 166 -25.34 6.19 75.86
N SER EA 167 -25.79 5.06 76.37
CA SER EA 167 -26.99 5.09 77.21
C SER EA 167 -26.73 4.65 78.63
N VAL EA 168 -27.24 5.41 79.58
CA VAL EA 168 -27.06 5.09 80.98
C VAL EA 168 -28.39 5.00 81.70
N VAL EA 169 -28.63 3.85 82.32
CA VAL EA 169 -29.84 3.61 83.09
C VAL EA 169 -29.41 3.34 84.52
N LEU EA 170 -29.97 4.06 85.46
CA LEU EA 170 -29.53 3.91 86.82
C LEU EA 170 -30.58 4.17 87.88
N SER EA 171 -30.24 3.80 89.11
CA SER EA 171 -31.10 3.99 90.26
C SER EA 171 -30.31 3.93 91.55
N GLU EA 172 -30.98 3.65 92.66
CA GLU EA 172 -30.32 3.59 93.95
C GLU EA 172 -30.82 2.44 94.77
N ARG EA 173 -30.05 2.07 95.78
CA ARG EA 173 -30.40 0.92 96.63
C ARG EA 173 -31.69 1.11 97.41
N SER EA 174 -32.25 -0.01 97.84
CA SER EA 174 -33.47 -0.07 98.64
C SER EA 174 -33.17 0.03 100.14
N ASP EA 175 -34.22 0.03 100.95
CA ASP EA 175 -34.12 0.10 102.41
C ASP EA 175 -33.39 -1.15 102.93
N ALA EA 176 -32.22 -0.94 103.51
CA ALA EA 176 -31.37 -2.04 103.97
C ALA EA 176 -32.05 -2.96 104.97
N GLN EA 177 -31.91 -4.25 104.75
CA GLN EA 177 -32.50 -5.22 105.66
C GLN EA 177 -31.57 -5.44 106.82
N LEU EA 178 -31.76 -4.63 107.85
CA LEU EA 178 -30.89 -4.68 109.02
C LEU EA 178 -31.51 -5.45 110.20
N GLN EA 179 -32.64 -6.11 109.98
CA GLN EA 179 -33.32 -6.83 111.06
C GLN EA 179 -33.52 -8.30 110.75
N ALA EA 180 -33.35 -9.14 111.77
CA ALA EA 180 -33.55 -10.57 111.59
C ALA EA 180 -35.04 -10.89 111.42
N PRO EA 181 -35.38 -11.84 110.54
CA PRO EA 181 -36.71 -12.37 110.26
C PRO EA 181 -37.48 -12.86 111.48
N GLY EA 182 -36.80 -13.59 112.35
CA GLY EA 182 -37.42 -14.10 113.56
C GLY EA 182 -37.85 -15.55 113.37
N THR EA 183 -38.02 -16.26 114.48
CA THR EA 183 -38.41 -17.65 114.45
C THR EA 183 -39.93 -17.78 114.40
N PRO EA 184 -40.45 -18.96 114.06
CA PRO EA 184 -41.86 -19.32 114.03
C PRO EA 184 -42.40 -19.43 115.44
N VAL EA 185 -43.70 -19.25 115.58
CA VAL EA 185 -44.32 -19.31 116.89
C VAL EA 185 -44.74 -20.72 117.24
N LYS EA 186 -44.07 -21.30 118.23
CA LYS EA 186 -44.37 -22.64 118.72
C LYS EA 186 -43.48 -22.97 119.90
N ALA FA 42 -49.20 -13.99 122.65
CA ALA FA 42 -48.51 -13.65 121.42
C ALA FA 42 -48.98 -12.31 120.88
N GLU FA 43 -48.69 -11.24 121.63
CA GLU FA 43 -49.10 -9.92 121.19
C GLU FA 43 -48.53 -9.61 119.81
N LEU FA 44 -49.40 -9.22 118.90
CA LEU FA 44 -49.03 -8.95 117.52
C LEU FA 44 -47.86 -7.98 117.38
N ASP FA 45 -47.81 -6.97 118.24
CA ASP FA 45 -46.71 -6.02 118.21
C ASP FA 45 -45.36 -6.68 118.39
N SER FA 46 -45.31 -7.76 119.18
CA SER FA 46 -44.06 -8.46 119.41
C SER FA 46 -43.82 -9.48 118.31
N LEU FA 47 -44.89 -9.90 117.63
CA LEU FA 47 -44.76 -10.84 116.52
C LEU FA 47 -44.14 -10.16 115.30
N LEU FA 48 -44.48 -8.89 115.09
CA LEU FA 48 -43.93 -8.10 114.00
C LEU FA 48 -42.50 -7.69 114.31
N GLY FA 49 -41.74 -7.35 113.26
CA GLY FA 49 -40.31 -6.98 113.32
C GLY FA 49 -39.84 -6.09 114.49
N GLN FA 50 -38.51 -6.05 114.67
CA GLN FA 50 -37.86 -5.28 115.74
C GLN FA 50 -38.22 -3.82 115.69
N GLU FA 51 -38.22 -3.24 114.50
CA GLU FA 51 -38.60 -1.85 114.36
C GLU FA 51 -40.10 -1.79 114.23
N LYS FA 52 -40.77 -1.88 115.38
CA LYS FA 52 -42.22 -1.88 115.45
C LYS FA 52 -42.88 -0.64 114.87
N GLU FA 53 -42.11 0.43 114.68
CA GLU FA 53 -42.64 1.67 114.14
C GLU FA 53 -42.87 1.62 112.63
N ARG FA 54 -42.56 0.49 112.01
CA ARG FA 54 -42.82 0.31 110.59
C ARG FA 54 -44.28 -0.06 110.34
N PHE FA 55 -45.00 -0.47 111.40
CA PHE FA 55 -46.36 -0.91 111.22
C PHE FA 55 -47.33 -0.20 112.14
N GLN FA 56 -48.53 0.02 111.67
CA GLN FA 56 -49.55 0.59 112.54
C GLN FA 56 -50.67 -0.41 112.74
N VAL FA 57 -50.71 -1.00 113.92
CA VAL FA 57 -51.75 -1.96 114.21
C VAL FA 57 -53.05 -1.25 114.54
N LEU FA 58 -54.12 -1.67 113.90
CA LEU FA 58 -55.42 -1.04 114.03
C LEU FA 58 -56.46 -2.03 114.55
N PRO FA 59 -57.39 -1.59 115.38
CA PRO FA 59 -58.41 -2.49 115.95
C PRO FA 59 -59.75 -2.27 115.29
N GLY FA 60 -60.06 -3.08 114.29
CA GLY FA 60 -61.31 -2.92 113.55
C GLY FA 60 -62.53 -3.31 114.37
N ARG FA 61 -63.66 -2.65 114.08
CA ARG FA 61 -64.91 -2.89 114.78
C ARG FA 61 -65.51 -4.27 114.46
N ASP FA 62 -65.00 -4.89 113.41
CA ASP FA 62 -65.39 -6.23 113.00
C ASP FA 62 -64.60 -7.34 113.72
N LYS FA 63 -63.87 -6.97 114.78
CA LYS FA 63 -63.07 -7.91 115.58
C LYS FA 63 -61.84 -8.42 114.84
N MET FA 64 -61.46 -7.74 113.77
CA MET FA 64 -60.27 -8.10 113.03
C MET FA 64 -59.17 -7.10 113.34
N LEU FA 65 -58.01 -7.62 113.68
CA LEU FA 65 -56.90 -6.76 114.02
C LEU FA 65 -56.13 -6.51 112.73
N TYR FA 66 -56.03 -5.25 112.34
CA TYR FA 66 -55.43 -4.90 111.08
C TYR FA 66 -53.99 -4.44 111.20
N VAL FA 67 -53.19 -4.72 110.17
CA VAL FA 67 -51.80 -4.27 110.16
C VAL FA 67 -51.55 -3.33 109.01
N ALA FA 68 -51.46 -2.05 109.28
CA ALA FA 68 -51.23 -1.11 108.19
C ALA FA 68 -49.76 -1.03 107.85
N ALA FA 69 -49.45 -1.32 106.60
CA ALA FA 69 -48.09 -1.27 106.09
C ALA FA 69 -47.97 -0.17 105.04
N GLN FA 70 -46.81 0.47 105.00
CA GLN FA 70 -46.57 1.57 104.07
C GLN FA 70 -45.86 1.15 102.79
N ASN FA 71 -45.48 -0.11 102.70
CA ASN FA 71 -44.74 -0.59 101.54
C ASN FA 71 -44.96 -2.06 101.32
N GLU FA 72 -45.04 -2.48 100.06
CA GLU FA 72 -45.27 -3.88 99.73
C GLU FA 72 -44.25 -4.86 100.33
N ARG FA 73 -43.06 -4.39 100.70
CA ARG FA 73 -42.10 -5.25 101.36
C ARG FA 73 -42.52 -5.52 102.79
N ASP FA 74 -43.19 -4.55 103.38
CA ASP FA 74 -43.64 -4.66 104.74
C ASP FA 74 -44.95 -5.39 104.74
N THR FA 75 -45.70 -5.22 103.65
CA THR FA 75 -46.95 -5.94 103.48
C THR FA 75 -46.65 -7.43 103.50
N LEU FA 76 -45.68 -7.84 102.69
CA LEU FA 76 -45.30 -9.23 102.64
C LEU FA 76 -44.73 -9.70 103.97
N TRP FA 77 -43.92 -8.85 104.61
CA TRP FA 77 -43.35 -9.19 105.90
C TRP FA 77 -44.44 -9.63 106.86
N ALA FA 78 -45.43 -8.76 107.04
CA ALA FA 78 -46.55 -9.01 107.93
C ALA FA 78 -47.36 -10.24 107.53
N ARG FA 79 -47.55 -10.44 106.23
CA ARG FA 79 -48.29 -11.60 105.78
C ARG FA 79 -47.56 -12.88 106.13
N GLN FA 80 -46.22 -12.86 106.02
CA GLN FA 80 -45.44 -14.01 106.38
C GLN FA 80 -45.54 -14.27 107.86
N VAL FA 81 -45.60 -13.21 108.67
CA VAL FA 81 -45.78 -13.39 110.10
C VAL FA 81 -47.07 -14.11 110.41
N LEU FA 82 -48.15 -13.69 109.78
CA LEU FA 82 -49.45 -14.32 110.02
C LEU FA 82 -49.47 -15.79 109.58
N ALA FA 83 -48.79 -16.11 108.48
CA ALA FA 83 -48.75 -17.49 108.00
C ALA FA 83 -47.74 -18.36 108.77
N ARG FA 84 -46.62 -17.75 109.17
CA ARG FA 84 -45.54 -18.46 109.87
C ARG FA 84 -45.83 -18.69 111.33
N GLY FA 85 -46.15 -17.60 112.02
CA GLY FA 85 -46.42 -17.65 113.44
C GLY FA 85 -47.89 -17.84 113.66
N ASP FA 86 -48.38 -17.33 114.76
CA ASP FA 86 -49.79 -17.47 115.04
C ASP FA 86 -50.30 -16.39 115.93
N TYR FA 87 -51.59 -16.20 115.87
CA TYR FA 87 -52.30 -15.24 116.65
C TYR FA 87 -53.77 -15.61 116.61
N ASP FA 88 -54.30 -16.03 117.75
CA ASP FA 88 -55.69 -16.48 117.82
C ASP FA 88 -56.69 -15.34 117.75
N LYS FA 89 -56.87 -14.81 116.56
CA LYS FA 89 -57.79 -13.71 116.30
C LYS FA 89 -57.75 -13.31 114.84
N ASN FA 90 -58.91 -12.92 114.32
CA ASN FA 90 -58.98 -12.44 112.96
C ASN FA 90 -57.94 -11.36 112.74
N ALA FA 91 -57.27 -11.41 111.61
CA ALA FA 91 -56.26 -10.42 111.31
C ALA FA 91 -56.11 -10.22 109.80
N ARG FA 92 -55.70 -9.03 109.41
CA ARG FA 92 -55.57 -8.73 107.98
C ARG FA 92 -54.66 -7.55 107.71
N VAL FA 93 -53.70 -7.75 106.81
CA VAL FA 93 -52.74 -6.71 106.47
C VAL FA 93 -53.32 -5.71 105.48
N ILE FA 94 -53.16 -4.43 105.81
CA ILE FA 94 -53.61 -3.31 104.99
C ILE FA 94 -52.53 -2.69 104.14
N ASN FA 95 -52.86 -2.46 102.88
CA ASN FA 95 -51.97 -1.84 101.93
C ASN FA 95 -52.69 -0.73 101.19
N GLU FA 96 -52.21 0.49 101.38
CA GLU FA 96 -52.82 1.69 100.80
C GLU FA 96 -53.32 1.56 99.37
N ASN FA 97 -52.49 1.02 98.47
CA ASN FA 97 -52.91 0.87 97.10
C ASN FA 97 -53.92 -0.24 96.92
N GLU FA 98 -53.74 -1.33 97.66
CA GLU FA 98 -54.66 -2.43 97.53
C GLU FA 98 -56.04 -2.06 98.02
N GLU FA 99 -56.08 -1.24 99.08
CA GLU FA 99 -57.35 -0.81 99.61
C GLU FA 99 -58.00 0.21 98.73
N ASN FA 100 -57.19 1.08 98.13
CA ASN FA 100 -57.73 2.06 97.21
C ASN FA 100 -58.43 1.33 96.09
N LYS FA 101 -57.78 0.27 95.57
CA LYS FA 101 -58.36 -0.54 94.51
C LYS FA 101 -59.61 -1.30 94.94
N ARG FA 102 -59.57 -1.94 96.10
CA ARG FA 102 -60.72 -2.68 96.59
C ARG FA 102 -61.95 -1.82 96.64
N ILE FA 103 -61.79 -0.63 97.19
CA ILE FA 103 -62.88 0.30 97.27
C ILE FA 103 -63.36 0.73 95.92
N SER FA 104 -62.44 1.07 95.01
CA SER FA 104 -62.86 1.52 93.69
C SER FA 104 -63.68 0.50 92.94
N ILE FA 105 -63.44 -0.78 93.19
CA ILE FA 105 -64.22 -1.83 92.56
C ILE FA 105 -65.67 -1.78 93.00
N TRP FA 106 -65.87 -1.80 94.31
CA TRP FA 106 -67.20 -1.75 94.88
C TRP FA 106 -67.90 -0.48 94.48
N LEU FA 107 -67.17 0.60 94.55
CA LEU FA 107 -67.66 1.92 94.28
C LEU FA 107 -68.16 2.03 92.86
N ASP FA 108 -67.42 1.50 91.89
CA ASP FA 108 -67.89 1.55 90.51
C ASP FA 108 -69.21 0.80 90.32
N THR FA 109 -69.37 -0.35 90.98
CA THR FA 109 -70.61 -1.13 90.86
C THR FA 109 -71.83 -0.43 91.44
N TYR FA 110 -71.69 0.12 92.65
CA TYR FA 110 -72.83 0.75 93.31
C TYR FA 110 -73.01 2.21 92.97
N TYR FA 111 -71.91 2.90 92.68
CA TYR FA 111 -71.96 4.29 92.26
C TYR FA 111 -71.24 4.50 90.93
N PRO FA 112 -71.76 3.95 89.83
CA PRO FA 112 -71.22 4.05 88.51
C PRO FA 112 -71.33 5.48 88.09
N GLN FA 113 -70.38 5.91 87.27
CA GLN FA 113 -70.26 7.28 86.79
C GLN FA 113 -69.80 8.29 87.87
N LEU FA 114 -69.52 7.83 89.10
CA LEU FA 114 -69.03 8.75 90.12
C LEU FA 114 -67.66 9.26 89.73
N ALA FA 115 -67.49 10.58 89.70
CA ALA FA 115 -66.19 11.13 89.33
C ALA FA 115 -65.35 11.40 90.57
N TYR FA 116 -64.26 10.68 90.72
CA TYR FA 116 -63.41 10.84 91.90
C TYR FA 116 -61.95 10.62 91.56
N TYR FA 117 -61.08 10.94 92.53
CA TYR FA 117 -59.64 10.85 92.32
C TYR FA 117 -58.98 9.73 93.09
N ARG FA 118 -58.70 9.94 94.36
CA ARG FA 118 -57.99 8.94 95.12
C ARG FA 118 -58.22 9.09 96.61
N ILE FA 119 -58.23 7.97 97.32
CA ILE FA 119 -58.40 8.00 98.75
C ILE FA 119 -57.05 8.11 99.44
N HIS FA 120 -56.92 9.11 100.29
CA HIS FA 120 -55.70 9.35 101.03
C HIS FA 120 -55.85 8.78 102.40
N PHE FA 121 -55.19 7.67 102.65
CA PHE FA 121 -55.37 6.99 103.91
C PHE FA 121 -54.64 7.66 105.06
N ASP FA 122 -53.41 8.12 104.81
CA ASP FA 122 -52.58 8.84 105.80
C ASP FA 122 -52.86 8.44 107.25
N GLU FA 123 -53.85 9.08 107.87
CA GLU FA 123 -54.27 8.76 109.23
C GLU FA 123 -55.43 7.78 109.20
N PRO FA 124 -55.14 6.46 109.15
CA PRO FA 124 -56.11 5.34 109.08
C PRO FA 124 -57.54 5.66 109.51
N ARG FA 125 -57.67 6.20 110.71
CA ARG FA 125 -58.94 6.56 111.34
C ARG FA 125 -59.86 7.42 110.49
N LYS FA 126 -59.28 8.39 109.80
CA LYS FA 126 -60.04 9.33 109.01
C LYS FA 126 -59.41 9.59 107.65
N PRO FA 127 -59.57 8.68 106.69
CA PRO FA 127 -59.07 8.76 105.33
C PRO FA 127 -59.84 9.83 104.59
N VAL FA 128 -59.18 10.45 103.63
CA VAL FA 128 -59.78 11.53 102.86
C VAL FA 128 -60.13 11.08 101.47
N PHE FA 129 -61.33 11.37 101.05
CA PHE FA 129 -61.79 10.94 99.75
C PHE FA 129 -61.86 12.12 98.79
N TRP FA 130 -60.98 12.18 97.80
CA TRP FA 130 -61.07 13.28 96.85
C TRP FA 130 -62.12 12.99 95.79
N LEU FA 131 -63.04 13.94 95.65
CA LEU FA 131 -64.20 13.85 94.77
C LEU FA 131 -64.21 15.01 93.77
N SER FA 132 -64.52 14.75 92.51
CA SER FA 132 -64.51 15.85 91.53
C SER FA 132 -65.60 16.88 91.81
N ARG FA 133 -65.17 18.07 92.24
CA ARG FA 133 -66.07 19.16 92.56
C ARG FA 133 -66.95 19.57 91.39
N GLN FA 134 -66.34 19.66 90.22
CA GLN FA 134 -67.04 20.14 89.04
C GLN FA 134 -67.90 19.10 88.35
N ARG FA 135 -67.46 17.84 88.32
CA ARG FA 135 -68.25 16.84 87.61
C ARG FA 135 -69.39 16.23 88.41
N ASN FA 136 -69.31 16.24 89.74
CA ASN FA 136 -70.39 15.64 90.52
C ASN FA 136 -71.40 16.67 90.96
N THR FA 137 -72.67 16.27 90.90
CA THR FA 137 -73.78 17.14 91.27
C THR FA 137 -74.61 16.54 92.40
N MET FA 138 -73.98 15.69 93.21
CA MET FA 138 -74.67 15.04 94.32
C MET FA 138 -75.06 16.05 95.40
N SER FA 139 -76.18 15.80 96.05
CA SER FA 139 -76.64 16.68 97.12
C SER FA 139 -75.88 16.35 98.38
N LYS FA 140 -75.94 17.26 99.35
CA LYS FA 140 -75.28 17.06 100.62
C LYS FA 140 -75.73 15.77 101.30
N LYS FA 141 -77.04 15.50 101.22
CA LYS FA 141 -77.60 14.30 101.82
C LYS FA 141 -77.08 13.06 101.12
N GLU FA 142 -76.97 13.12 99.80
CA GLU FA 142 -76.45 12.01 99.04
C GLU FA 142 -75.01 11.73 99.40
N LEU FA 143 -74.24 12.80 99.61
CA LEU FA 143 -72.85 12.66 100.00
C LEU FA 143 -72.73 12.05 101.38
N GLU FA 144 -73.66 12.38 102.27
CA GLU FA 144 -73.68 11.76 103.59
C GLU FA 144 -73.78 10.26 103.45
N VAL FA 145 -74.74 9.81 102.65
CA VAL FA 145 -74.95 8.40 102.41
C VAL FA 145 -73.72 7.74 101.84
N LEU FA 146 -73.12 8.40 100.85
CA LEU FA 146 -71.90 7.90 100.23
C LEU FA 146 -70.82 7.64 101.26
N SER FA 147 -70.58 8.61 102.15
CA SER FA 147 -69.55 8.43 103.17
C SER FA 147 -69.88 7.29 104.09
N GLN FA 148 -71.16 7.08 104.35
CA GLN FA 148 -71.57 5.98 105.21
C GLN FA 148 -71.28 4.64 104.58
N LYS FA 149 -71.46 4.56 103.27
CA LYS FA 149 -71.16 3.32 102.57
C LYS FA 149 -69.66 3.06 102.60
N LEU FA 150 -68.89 4.13 102.47
CA LEU FA 150 -67.45 4.00 102.52
C LEU FA 150 -67.01 3.54 103.91
N ARG FA 151 -67.69 4.03 104.95
CA ARG FA 151 -67.36 3.61 106.31
C ARG FA 151 -67.61 2.12 106.44
N ALA FA 152 -68.68 1.63 105.83
CA ALA FA 152 -68.97 0.19 105.85
C ALA FA 152 -67.85 -0.59 105.18
N LEU FA 153 -67.30 -0.05 104.09
CA LEU FA 153 -66.20 -0.71 103.38
C LEU FA 153 -64.89 -0.74 104.18
N MET FA 154 -64.72 0.20 105.12
CA MET FA 154 -63.51 0.28 105.94
C MET FA 154 -63.77 0.07 107.44
N PRO FA 155 -63.77 -1.19 107.92
CA PRO FA 155 -63.98 -1.68 109.28
C PRO FA 155 -63.19 -0.96 110.36
N TYR FA 156 -62.03 -0.43 110.00
CA TYR FA 156 -61.18 0.27 110.95
C TYR FA 156 -61.48 1.76 111.02
N ALA FA 157 -61.67 2.37 109.87
CA ALA FA 157 -61.92 3.80 109.79
C ALA FA 157 -63.12 4.17 110.62
N ASP FA 158 -63.03 5.30 111.31
CA ASP FA 158 -64.11 5.76 112.14
C ASP FA 158 -65.06 6.61 111.34
N SER FA 159 -64.49 7.39 110.42
CA SER FA 159 -65.31 8.23 109.55
C SER FA 159 -64.57 8.50 108.26
N VAL FA 160 -65.28 9.00 107.27
CA VAL FA 160 -64.66 9.30 105.99
C VAL FA 160 -64.82 10.77 105.66
N ASN FA 161 -63.71 11.42 105.34
CA ASN FA 161 -63.78 12.82 105.00
C ASN FA 161 -63.84 13.04 103.52
N ILE FA 162 -65.04 13.10 102.97
CA ILE FA 162 -65.19 13.38 101.56
C ILE FA 162 -65.04 14.86 101.30
N THR FA 163 -64.19 15.19 100.34
CA THR FA 163 -63.97 16.58 100.01
C THR FA 163 -63.90 16.75 98.51
N LEU FA 164 -64.32 17.90 98.04
CA LEU FA 164 -64.41 18.15 96.63
C LEU FA 164 -63.19 18.92 96.11
N MET FA 165 -62.58 18.41 95.06
CA MET FA 165 -61.39 19.00 94.45
C MET FA 165 -61.69 19.62 93.10
N ASP FA 166 -61.00 20.69 92.76
CA ASP FA 166 -61.22 21.36 91.49
C ASP FA 166 -60.38 20.77 90.37
N ASP FA 167 -61.05 20.15 89.40
CA ASP FA 167 -60.44 19.50 88.24
C ASP FA 167 -59.38 20.36 87.55
N VAL FA 168 -59.60 21.66 87.53
CA VAL FA 168 -58.68 22.59 86.90
C VAL FA 168 -57.33 22.60 87.57
N THR FA 169 -57.32 22.54 88.90
CA THR FA 169 -56.07 22.60 89.61
C THR FA 169 -55.30 21.32 89.46
N ALA FA 170 -56.02 20.22 89.28
CA ALA FA 170 -55.36 18.94 89.05
C ALA FA 170 -54.59 19.00 87.74
N ALA FA 171 -55.28 19.45 86.69
CA ALA FA 171 -54.66 19.57 85.38
C ALA FA 171 -53.55 20.59 85.37
N GLY FA 172 -53.77 21.71 86.06
CA GLY FA 172 -52.79 22.77 86.12
C GLY FA 172 -51.47 22.29 86.69
N GLN FA 173 -51.53 21.55 87.79
CA GLN FA 173 -50.31 21.03 88.40
C GLN FA 173 -49.61 20.04 87.49
N ALA FA 174 -50.39 19.18 86.82
CA ALA FA 174 -49.82 18.20 85.93
C ALA FA 174 -48.98 18.86 84.85
N GLU FA 175 -49.54 19.86 84.19
CA GLU FA 175 -48.84 20.51 83.13
C GLU FA 175 -47.71 21.39 83.62
N ALA FA 176 -47.94 22.12 84.71
CA ALA FA 176 -46.93 23.02 85.25
C ALA FA 176 -45.63 22.30 85.58
N GLY FA 177 -45.74 21.20 86.31
CA GLY FA 177 -44.54 20.45 86.67
C GLY FA 177 -43.87 19.86 85.45
N LEU FA 178 -44.69 19.34 84.53
CA LEU FA 178 -44.21 18.74 83.30
C LEU FA 178 -43.33 19.71 82.51
N LYS FA 179 -43.82 20.94 82.32
CA LYS FA 179 -43.04 21.92 81.59
C LYS FA 179 -41.91 22.49 82.43
N GLN FA 180 -42.02 22.48 83.77
CA GLN FA 180 -40.93 22.92 84.63
C GLN FA 180 -39.69 22.06 84.40
N GLN FA 181 -39.92 20.76 84.22
CA GLN FA 181 -38.86 19.82 83.93
C GLN FA 181 -38.27 19.94 82.52
N ALA FA 182 -38.77 20.89 81.72
CA ALA FA 182 -38.32 21.16 80.36
C ALA FA 182 -38.60 19.99 79.44
N LEU FA 183 -39.70 19.28 79.69
CA LEU FA 183 -40.04 18.14 78.87
C LEU FA 183 -40.95 18.57 77.74
N PRO FA 184 -40.81 17.97 76.56
CA PRO FA 184 -41.63 18.14 75.38
C PRO FA 184 -42.90 17.36 75.58
N TYR FA 185 -44.02 17.91 75.16
CA TYR FA 185 -45.28 17.18 75.30
C TYR FA 185 -46.37 17.81 74.49
N SER FA 186 -47.48 17.10 74.38
CA SER FA 186 -48.64 17.65 73.73
C SER FA 186 -49.88 17.27 74.52
N ARG FA 187 -50.60 18.27 74.97
CA ARG FA 187 -51.77 18.09 75.80
C ARG FA 187 -53.01 17.67 74.99
N ARG FA 188 -53.81 16.79 75.58
CA ARG FA 188 -55.02 16.29 74.96
C ARG FA 188 -56.23 16.44 75.85
N ASN FA 189 -56.90 17.58 75.75
CA ASN FA 189 -58.10 17.78 76.54
C ASN FA 189 -59.25 17.04 75.90
N HIS FA 190 -60.03 16.36 76.72
CA HIS FA 190 -61.22 15.69 76.20
C HIS FA 190 -62.27 15.64 77.29
N LYS FA 191 -63.49 15.35 76.92
CA LYS FA 191 -64.52 15.31 77.94
C LYS FA 191 -64.19 14.21 78.93
N GLY FA 192 -64.12 14.57 80.19
CA GLY FA 192 -63.85 13.61 81.25
C GLY FA 192 -62.37 13.45 81.63
N GLY FA 193 -61.44 14.11 80.93
CA GLY FA 193 -60.05 13.93 81.31
C GLY FA 193 -59.04 14.65 80.43
N VAL FA 194 -57.77 14.39 80.68
CA VAL FA 194 -56.71 14.98 79.89
C VAL FA 194 -55.51 14.07 79.79
N THR FA 195 -54.94 13.97 78.59
CA THR FA 195 -53.78 13.12 78.39
C THR FA 195 -52.56 13.93 77.92
N PHE FA 196 -51.40 13.63 78.50
CA PHE FA 196 -50.17 14.32 78.13
C PHE FA 196 -49.25 13.39 77.35
N VAL FA 197 -49.16 13.64 76.06
CA VAL FA 197 -48.39 12.81 75.16
C VAL FA 197 -46.95 13.26 75.03
N ILE FA 198 -46.03 12.34 75.27
CA ILE FA 198 -44.61 12.63 75.15
C ILE FA 198 -43.96 11.70 74.14
N GLN FA 199 -43.69 12.21 72.94
CA GLN FA 199 -43.10 11.39 71.89
C GLN FA 199 -41.76 11.88 71.42
N GLY FA 200 -41.12 11.05 70.59
CA GLY FA 200 -39.82 11.36 70.01
C GLY FA 200 -38.70 10.66 70.74
N ALA FA 201 -37.50 10.82 70.24
CA ALA FA 201 -36.34 10.24 70.89
C ALA FA 201 -36.05 11.04 72.14
N LEU FA 202 -35.68 10.37 73.21
CA LEU FA 202 -35.44 11.07 74.45
C LEU FA 202 -34.05 10.85 75.01
N ASP FA 203 -33.49 11.91 75.58
CA ASP FA 203 -32.20 11.87 76.25
C ASP FA 203 -32.34 11.14 77.57
N ASP FA 204 -31.41 10.30 77.91
CA ASP FA 204 -31.48 9.56 79.18
C ASP FA 204 -31.77 10.44 80.39
N VAL FA 205 -31.30 11.68 80.36
CA VAL FA 205 -31.50 12.58 81.46
C VAL FA 205 -32.96 12.98 81.56
N GLU FA 206 -33.54 13.40 80.44
CA GLU FA 206 -34.94 13.79 80.46
C GLU FA 206 -35.87 12.60 80.66
N ILE FA 207 -35.40 11.40 80.34
CA ILE FA 207 -36.22 10.23 80.62
C ILE FA 207 -36.36 10.04 82.11
N LEU FA 208 -35.23 10.14 82.83
CA LEU FA 208 -35.24 10.02 84.26
C LEU FA 208 -36.16 11.05 84.89
N ARG FA 209 -35.98 12.31 84.49
CA ARG FA 209 -36.79 13.39 85.01
C ARG FA 209 -38.27 13.18 84.78
N ALA FA 210 -38.62 12.72 83.58
CA ALA FA 210 -40.01 12.50 83.24
C ALA FA 210 -40.64 11.48 84.15
N ARG FA 211 -39.98 10.34 84.36
CA ARG FA 211 -40.56 9.34 85.22
C ARG FA 211 -40.73 9.80 86.63
N GLN FA 212 -39.73 10.49 87.18
CA GLN FA 212 -39.82 10.97 88.55
C GLN FA 212 -41.05 11.83 88.76
N PHE FA 213 -41.27 12.76 87.82
CA PHE FA 213 -42.42 13.62 87.88
C PHE FA 213 -43.72 12.86 87.82
N VAL FA 214 -43.84 11.97 86.84
CA VAL FA 214 -45.06 11.21 86.66
C VAL FA 214 -45.41 10.38 87.87
N ASP FA 215 -44.43 9.68 88.42
CA ASP FA 215 -44.69 8.86 89.60
C ASP FA 215 -45.23 9.69 90.75
N SER FA 216 -44.66 10.86 90.97
CA SER FA 216 -45.14 11.71 92.05
C SER FA 216 -46.54 12.21 91.82
N TYR FA 217 -46.85 12.62 90.60
CA TYR FA 217 -48.19 13.11 90.29
C TYR FA 217 -49.21 12.02 90.55
N TYR FA 218 -48.90 10.82 90.06
CA TYR FA 218 -49.76 9.68 90.25
C TYR FA 218 -49.98 9.41 91.72
N ARG FA 219 -48.90 9.33 92.48
CA ARG FA 219 -49.00 9.09 93.92
C ARG FA 219 -49.96 10.05 94.60
N THR FA 220 -49.92 11.32 94.24
CA THR FA 220 -50.81 12.31 94.84
C THR FA 220 -52.24 12.26 94.31
N TRP FA 221 -52.41 12.59 93.05
CA TRP FA 221 -53.74 12.69 92.47
C TRP FA 221 -54.32 11.39 91.96
N GLY FA 222 -53.48 10.49 91.50
CA GLY FA 222 -53.97 9.25 90.92
C GLY FA 222 -54.12 9.41 89.42
N GLY FA 223 -54.37 8.31 88.72
CA GLY FA 223 -54.47 8.35 87.26
C GLY FA 223 -55.89 8.29 86.69
N ARG FA 224 -56.88 8.82 87.40
CA ARG FA 224 -58.25 8.76 86.89
C ARG FA 224 -58.65 9.97 86.07
N TYR FA 225 -57.90 11.04 86.15
CA TYR FA 225 -58.24 12.24 85.38
C TYR FA 225 -57.10 12.59 84.44
N VAL FA 226 -55.89 12.63 84.99
CA VAL FA 226 -54.71 12.90 84.19
C VAL FA 226 -53.99 11.64 83.81
N GLN FA 227 -53.81 11.44 82.52
CA GLN FA 227 -53.11 10.28 82.00
C GLN FA 227 -51.86 10.70 81.27
N PHE FA 228 -50.72 10.12 81.63
CA PHE FA 228 -49.50 10.46 80.94
C PHE FA 228 -49.17 9.37 79.94
N ALA FA 229 -48.50 9.74 78.85
CA ALA FA 229 -48.21 8.77 77.79
C ALA FA 229 -46.80 8.94 77.24
N ILE FA 230 -45.84 8.32 77.90
CA ILE FA 230 -44.46 8.39 77.45
C ILE FA 230 -44.21 7.36 76.36
N GLU FA 231 -43.79 7.83 75.19
CA GLU FA 231 -43.55 6.96 74.06
C GLU FA 231 -42.19 7.22 73.41
N LEU FA 232 -41.23 6.37 73.75
CA LEU FA 232 -39.88 6.49 73.23
C LEU FA 232 -39.83 6.01 71.79
N LYS FA 233 -39.67 6.94 70.86
CA LYS FA 233 -39.69 6.61 69.43
C LYS FA 233 -38.55 7.23 68.62
N ASP FA 234 -38.25 6.63 67.47
CA ASP FA 234 -37.23 7.16 66.57
C ASP FA 234 -37.74 8.33 65.75
N ASP FA 235 -36.84 9.26 65.46
CA ASP FA 235 -37.15 10.43 64.66
C ASP FA 235 -36.41 10.40 63.34
N ASP GA 3 -21.57 -15.39 116.32
CA ASP GA 3 -20.59 -16.38 115.90
C ASP GA 3 -21.03 -17.09 114.63
N LYS GA 4 -21.13 -16.33 113.54
CA LYS GA 4 -21.55 -16.90 112.28
C LYS GA 4 -20.47 -16.82 111.23
N ASP GA 5 -20.41 -17.83 110.37
CA ASP GA 5 -19.44 -17.82 109.28
C ASP GA 5 -20.00 -17.03 108.12
N LEU GA 6 -19.25 -16.07 107.64
CA LEU GA 6 -19.71 -15.25 106.54
C LEU GA 6 -18.97 -15.63 105.25
N LEU GA 7 -17.65 -15.46 105.26
CA LEU GA 7 -16.83 -15.79 104.07
C LEU GA 7 -15.67 -16.72 104.42
N LYS GA 8 -15.28 -17.55 103.45
CA LYS GA 8 -14.16 -18.46 103.64
C LYS GA 8 -13.26 -18.56 102.41
N GLY GA 9 -11.98 -18.83 102.63
CA GLY GA 9 -11.06 -19.01 101.51
C GLY GA 9 -10.66 -17.72 100.85
N LEU GA 10 -10.70 -16.62 101.58
CA LEU GA 10 -10.37 -15.34 101.01
C LEU GA 10 -8.88 -15.13 100.94
N ASP GA 11 -8.44 -14.34 99.97
CA ASP GA 11 -7.03 -14.05 99.96
C ASP GA 11 -6.85 -12.83 100.84
N GLN GA 12 -5.62 -12.39 101.00
CA GLN GA 12 -5.34 -11.28 101.89
C GLN GA 12 -6.05 -9.98 101.53
N GLU GA 13 -5.96 -9.60 100.26
CA GLU GA 13 -6.59 -8.37 99.78
C GLU GA 13 -8.08 -8.35 100.00
N GLN GA 14 -8.74 -9.41 99.56
CA GLN GA 14 -10.18 -9.55 99.67
C GLN GA 14 -10.62 -9.45 101.10
N ALA GA 15 -9.93 -10.17 101.98
CA ALA GA 15 -10.29 -10.19 103.39
C ALA GA 15 -10.28 -8.80 103.98
N ASN GA 16 -9.22 -8.04 103.72
CA ASN GA 16 -9.14 -6.70 104.27
C ASN GA 16 -10.17 -5.76 103.67
N GLU GA 17 -10.49 -5.93 102.39
CA GLU GA 17 -11.47 -5.06 101.76
C GLU GA 17 -12.88 -5.27 102.30
N VAL GA 18 -13.27 -6.53 102.47
CA VAL GA 18 -14.59 -6.83 103.00
C VAL GA 18 -14.74 -6.29 104.39
N ILE GA 19 -13.71 -6.48 105.22
CA ILE GA 19 -13.73 -5.99 106.57
C ILE GA 19 -13.92 -4.50 106.62
N ALA GA 20 -13.19 -3.78 105.77
CA ALA GA 20 -13.31 -2.33 105.72
C ALA GA 20 -14.76 -1.90 105.55
N VAL GA 21 -15.46 -2.54 104.62
CA VAL GA 21 -16.86 -2.22 104.38
C VAL GA 21 -17.75 -2.48 105.57
N LEU GA 22 -17.56 -3.65 106.20
CA LEU GA 22 -18.38 -3.99 107.35
C LEU GA 22 -18.20 -3.01 108.48
N GLN GA 23 -16.96 -2.59 108.72
CA GLN GA 23 -16.69 -1.63 109.78
C GLN GA 23 -17.32 -0.31 109.48
N MET GA 24 -17.26 0.11 108.22
CA MET GA 24 -17.88 1.34 107.78
C MET GA 24 -19.36 1.37 108.10
N HIS GA 25 -20.01 0.22 108.00
CA HIS GA 25 -21.43 0.12 108.31
C HIS GA 25 -21.72 -0.34 109.73
N ASN GA 26 -20.78 -0.14 110.64
CA ASN GA 26 -20.95 -0.46 112.04
C ASN GA 26 -21.06 -1.94 112.36
N ILE GA 27 -20.23 -2.76 111.73
CA ILE GA 27 -20.20 -4.19 112.00
C ILE GA 27 -18.79 -4.68 112.32
N GLU GA 28 -18.62 -5.25 113.51
CA GLU GA 28 -17.33 -5.83 113.89
C GLU GA 28 -17.10 -7.12 113.10
N ALA GA 29 -15.85 -7.41 112.77
CA ALA GA 29 -15.58 -8.62 112.01
C ALA GA 29 -14.25 -9.23 112.40
N ASN GA 30 -14.19 -10.56 112.39
CA ASN GA 30 -12.99 -11.26 112.75
C ASN GA 30 -12.30 -11.80 111.51
N LYS GA 31 -10.99 -11.63 111.43
CA LYS GA 31 -10.23 -12.22 110.34
C LYS GA 31 -9.47 -13.42 110.85
N ILE GA 32 -9.81 -14.60 110.34
CA ILE GA 32 -9.19 -15.81 110.80
C ILE GA 32 -8.24 -16.40 109.80
N ASP GA 33 -7.00 -16.56 110.20
CA ASP GA 33 -5.95 -17.13 109.38
C ASP GA 33 -5.94 -18.65 109.46
N SER GA 34 -6.37 -19.32 108.40
CA SER GA 34 -6.40 -20.79 108.37
C SER GA 34 -5.26 -21.36 107.53
N GLY GA 35 -4.16 -20.60 107.43
CA GLY GA 35 -2.98 -21.05 106.71
C GLY GA 35 -3.25 -21.17 105.22
N LYS GA 36 -2.91 -22.33 104.67
CA LYS GA 36 -3.09 -22.62 103.25
C LYS GA 36 -4.52 -22.54 102.77
N LEU GA 37 -5.48 -22.57 103.70
CA LEU GA 37 -6.87 -22.52 103.32
C LEU GA 37 -7.38 -21.09 103.17
N GLY GA 38 -6.55 -20.09 103.46
CA GLY GA 38 -6.94 -18.70 103.27
C GLY GA 38 -7.54 -18.08 104.52
N TYR GA 39 -8.24 -16.97 104.33
CA TYR GA 39 -8.85 -16.26 105.43
C TYR GA 39 -10.34 -16.46 105.52
N SER GA 40 -10.85 -16.40 106.74
CA SER GA 40 -12.27 -16.52 106.95
C SER GA 40 -12.77 -15.34 107.74
N ILE GA 41 -13.96 -14.88 107.41
CA ILE GA 41 -14.55 -13.76 108.12
C ILE GA 41 -15.78 -14.18 108.87
N THR GA 42 -15.79 -13.88 110.16
CA THR GA 42 -16.94 -14.21 111.00
C THR GA 42 -17.48 -12.99 111.70
N VAL GA 43 -18.77 -13.02 112.00
CA VAL GA 43 -19.43 -11.89 112.65
C VAL GA 43 -20.34 -12.31 113.78
N ALA GA 44 -20.68 -11.35 114.63
CA ALA GA 44 -21.60 -11.61 115.71
C ALA GA 44 -22.98 -11.89 115.15
N GLU GA 45 -23.67 -12.85 115.74
CA GLU GA 45 -25.00 -13.23 115.29
C GLU GA 45 -26.00 -12.07 115.16
N PRO GA 46 -26.02 -11.08 116.08
CA PRO GA 46 -26.85 -9.88 116.02
C PRO GA 46 -26.63 -9.05 114.74
N ASP GA 47 -25.42 -9.09 114.20
CA ASP GA 47 -25.11 -8.31 113.01
C ASP GA 47 -25.23 -9.13 111.74
N PHE GA 48 -25.10 -10.44 111.87
CA PHE GA 48 -25.12 -11.36 110.74
C PHE GA 48 -26.11 -11.04 109.63
N THR GA 49 -27.35 -10.69 109.97
CA THR GA 49 -28.33 -10.38 108.93
C THR GA 49 -27.90 -9.18 108.11
N ALA GA 50 -27.49 -8.13 108.78
CA ALA GA 50 -27.04 -6.92 108.13
C ALA GA 50 -25.78 -7.20 107.33
N ALA GA 51 -24.89 -7.99 107.90
CA ALA GA 51 -23.63 -8.32 107.24
C ALA GA 51 -23.90 -8.95 105.88
N VAL GA 52 -24.82 -9.91 105.85
CA VAL GA 52 -25.19 -10.56 104.61
C VAL GA 52 -25.71 -9.57 103.60
N TYR GA 53 -26.60 -8.69 104.05
CA TYR GA 53 -27.15 -7.68 103.19
C TYR GA 53 -26.06 -6.87 102.50
N TRP GA 54 -25.06 -6.44 103.28
CA TRP GA 54 -23.99 -5.63 102.70
C TRP GA 54 -23.06 -6.42 101.79
N ILE GA 55 -22.84 -7.71 102.06
CA ILE GA 55 -22.03 -8.53 101.15
C ILE GA 55 -22.66 -8.56 99.78
N LYS GA 56 -23.98 -8.67 99.76
CA LYS GA 56 -24.73 -8.62 98.53
C LYS GA 56 -24.60 -7.25 97.86
N THR GA 57 -24.94 -6.22 98.61
CA THR GA 57 -24.93 -4.84 98.12
C THR GA 57 -23.63 -4.42 97.45
N TYR GA 58 -22.50 -4.77 98.05
CA TYR GA 58 -21.23 -4.37 97.50
C TYR GA 58 -20.51 -5.42 96.68
N GLN GA 59 -21.22 -6.44 96.17
CA GLN GA 59 -20.58 -7.45 95.34
C GLN GA 59 -19.33 -8.05 95.98
N LEU GA 60 -19.42 -8.47 97.23
CA LEU GA 60 -18.26 -8.99 97.91
C LEU GA 60 -18.23 -10.51 97.95
N PRO GA 61 -17.03 -11.09 98.01
CA PRO GA 61 -15.69 -10.51 98.02
C PRO GA 61 -15.31 -10.03 96.61
N PRO GA 62 -14.41 -9.04 96.51
CA PRO GA 62 -13.93 -8.39 95.31
C PRO GA 62 -13.30 -9.34 94.30
N ARG GA 63 -13.44 -9.01 93.03
CA ARG GA 63 -12.82 -9.78 91.97
C ARG GA 63 -11.42 -9.22 91.78
N PRO GA 64 -10.52 -9.96 91.13
CA PRO GA 64 -9.16 -9.55 90.77
C PRO GA 64 -9.23 -8.51 89.68
N ARG GA 65 -8.25 -7.61 89.67
CA ARG GA 65 -8.24 -6.52 88.71
C ARG GA 65 -7.92 -6.97 87.30
N VAL GA 66 -8.71 -6.49 86.35
CA VAL GA 66 -8.57 -6.85 84.94
C VAL GA 66 -7.74 -5.87 84.16
N GLU GA 67 -6.72 -6.41 83.51
CA GLU GA 67 -5.80 -5.65 82.67
C GLU GA 67 -5.71 -6.34 81.32
N ILE GA 68 -5.61 -5.57 80.26
CA ILE GA 68 -5.67 -6.12 78.90
C ILE GA 68 -4.61 -7.16 78.60
N ALA GA 69 -3.38 -6.92 79.02
CA ALA GA 69 -2.28 -7.85 78.75
C ALA GA 69 -2.50 -9.24 79.31
N GLN GA 70 -3.42 -9.40 80.25
CA GLN GA 70 -3.67 -10.68 80.85
C GLN GA 70 -4.27 -11.67 79.85
N MET GA 71 -4.82 -11.16 78.74
CA MET GA 71 -5.41 -12.01 77.74
C MET GA 71 -4.56 -12.19 76.49
N PHE GA 72 -3.34 -11.70 76.50
CA PHE GA 72 -2.46 -11.88 75.36
C PHE GA 72 -1.06 -12.11 75.86
N PRO GA 73 -0.81 -13.25 76.52
CA PRO GA 73 0.40 -13.65 77.21
C PRO GA 73 1.57 -13.96 76.28
N ALA GA 74 2.77 -13.69 76.79
CA ALA GA 74 4.02 -13.91 76.06
C ALA GA 74 4.36 -15.38 75.94
N ASP GA 75 3.65 -16.21 76.68
CA ASP GA 75 3.86 -17.65 76.64
C ASP GA 75 3.42 -18.27 75.32
N SER GA 76 2.64 -17.52 74.51
CA SER GA 76 2.23 -18.05 73.23
C SER GA 76 3.42 -18.30 72.33
N LEU GA 77 3.36 -19.40 71.59
CA LEU GA 77 4.42 -19.79 70.68
C LEU GA 77 4.54 -18.84 69.50
N VAL GA 78 3.42 -18.21 69.16
CA VAL GA 78 3.37 -17.27 68.05
C VAL GA 78 2.71 -15.99 68.50
N SER GA 79 2.85 -14.95 67.70
CA SER GA 79 2.25 -13.67 68.03
C SER GA 79 1.72 -13.01 66.78
N SER GA 80 0.99 -11.93 66.97
CA SER GA 80 0.45 -11.19 65.86
C SER GA 80 0.53 -9.73 66.20
N PRO GA 81 0.59 -8.85 65.20
CA PRO GA 81 0.61 -7.41 65.31
C PRO GA 81 -0.49 -6.93 66.22
N ARG GA 82 -1.66 -7.54 66.09
CA ARG GA 82 -2.81 -7.21 66.89
C ARG GA 82 -2.51 -7.44 68.35
N ALA GA 83 -2.03 -8.63 68.67
CA ALA GA 83 -1.73 -8.97 70.05
C ALA GA 83 -0.62 -8.11 70.61
N GLU GA 84 0.44 -7.90 69.84
CA GLU GA 84 1.57 -7.14 70.33
C GLU GA 84 1.23 -5.70 70.62
N LYS GA 85 0.45 -5.08 69.74
CA LYS GA 85 0.07 -3.70 69.95
C LYS GA 85 -0.79 -3.58 71.20
N ALA GA 86 -1.70 -4.55 71.41
CA ALA GA 86 -2.54 -4.56 72.59
C ALA GA 86 -1.69 -4.67 73.86
N ARG GA 87 -0.70 -5.56 73.85
CA ARG GA 87 0.16 -5.74 74.99
C ARG GA 87 0.85 -4.46 75.37
N LEU GA 88 1.36 -3.74 74.38
CA LEU GA 88 2.03 -2.49 74.64
C LEU GA 88 1.12 -1.48 75.30
N TYR GA 89 -0.08 -1.29 74.75
CA TYR GA 89 -1.00 -0.31 75.32
C TYR GA 89 -1.36 -0.64 76.74
N SER GA 90 -1.50 -1.92 77.05
CA SER GA 90 -1.82 -2.33 78.40
C SER GA 90 -0.77 -1.85 79.37
N ALA GA 91 0.49 -2.07 79.00
CA ALA GA 91 1.61 -1.62 79.83
C ALA GA 91 1.61 -0.13 80.00
N ILE GA 92 1.34 0.60 78.92
CA ILE GA 92 1.32 2.05 78.98
C ILE GA 92 0.27 2.56 79.94
N GLU GA 93 -0.94 2.00 79.93
CA GLU GA 93 -1.95 2.46 80.87
C GLU GA 93 -1.47 2.27 82.29
N GLN GA 94 -0.88 1.11 82.57
CA GLN GA 94 -0.39 0.83 83.91
C GLN GA 94 0.67 1.81 84.33
N ARG GA 95 1.56 2.15 83.43
CA ARG GA 95 2.65 3.03 83.72
C ARG GA 95 2.14 4.44 83.98
N LEU GA 96 1.12 4.87 83.23
CA LEU GA 96 0.54 6.18 83.48
C LEU GA 96 -0.15 6.24 84.83
N GLU GA 97 -0.80 5.15 85.25
CA GLU GA 97 -1.43 5.12 86.56
C GLU GA 97 -0.39 5.24 87.65
N GLN GA 98 0.74 4.56 87.47
CA GLN GA 98 1.82 4.63 88.43
C GLN GA 98 2.32 6.05 88.58
N SER GA 99 2.34 6.80 87.48
CA SER GA 99 2.79 8.19 87.54
C SER GA 99 1.80 9.12 88.22
N LEU GA 100 0.53 9.04 87.87
CA LEU GA 100 -0.44 9.97 88.45
C LEU GA 100 -0.56 9.82 89.95
N GLN GA 101 -0.39 8.61 90.45
CA GLN GA 101 -0.52 8.38 91.88
C GLN GA 101 0.64 8.95 92.69
N THR GA 102 1.66 9.52 92.03
CA THR GA 102 2.75 10.15 92.75
C THR GA 102 2.59 11.65 92.81
N MET GA 103 1.56 12.19 92.16
CA MET GA 103 1.34 13.63 92.21
C MET GA 103 0.83 14.05 93.57
N GLU GA 104 1.21 15.25 93.98
CA GLU GA 104 0.82 15.79 95.26
C GLU GA 104 -0.68 15.83 95.45
N GLY GA 105 -1.14 15.22 96.53
CA GLY GA 105 -2.55 15.24 96.87
C GLY GA 105 -3.33 14.08 96.27
N VAL GA 106 -2.74 13.30 95.37
CA VAL GA 106 -3.47 12.21 94.77
C VAL GA 106 -3.35 10.95 95.59
N LEU GA 107 -4.49 10.38 95.92
CA LEU GA 107 -4.56 9.17 96.71
C LEU GA 107 -4.73 7.97 95.81
N SER GA 108 -5.50 8.14 94.75
CA SER GA 108 -5.72 7.05 93.80
C SER GA 108 -6.07 7.56 92.41
N ALA GA 109 -5.65 6.83 91.39
CA ALA GA 109 -5.96 7.25 90.04
C ALA GA 109 -5.99 6.10 89.06
N ARG GA 110 -6.91 6.18 88.08
CA ARG GA 110 -7.05 5.15 87.05
C ARG GA 110 -6.98 5.78 85.66
N VAL GA 111 -6.38 5.07 84.71
CA VAL GA 111 -6.19 5.63 83.37
C VAL GA 111 -6.60 4.68 82.25
N HIS GA 112 -7.31 5.22 81.26
CA HIS GA 112 -7.71 4.45 80.10
C HIS GA 112 -7.21 5.09 78.82
N ILE GA 113 -6.85 4.25 77.85
CA ILE GA 113 -6.43 4.76 76.56
C ILE GA 113 -7.18 4.02 75.50
N SER GA 114 -7.58 4.69 74.44
CA SER GA 114 -8.29 4.03 73.38
C SER GA 114 -7.39 3.06 72.65
N TYR GA 115 -7.99 2.07 71.99
CA TYR GA 115 -7.23 1.06 71.28
C TYR GA 115 -7.46 1.13 69.79
N ASP GA 116 -6.55 0.54 69.04
CA ASP GA 116 -6.61 0.49 67.60
C ASP GA 116 -6.28 -0.91 67.18
N ILE GA 117 -7.30 -1.63 66.77
CA ILE GA 117 -7.14 -3.03 66.44
C ILE GA 117 -7.09 -3.33 64.96
N ASP GA 118 -7.59 -2.43 64.12
CA ASP GA 118 -7.56 -2.75 62.71
C ASP GA 118 -7.52 -1.57 61.74
N ALA GA 119 -6.86 -0.46 62.11
CA ALA GA 119 -6.74 0.65 61.14
C ALA GA 119 -5.89 0.21 59.95
N GLY GA 120 -4.59 0.01 60.17
CA GLY GA 120 -3.65 -0.42 59.14
C GLY GA 120 -4.11 -1.70 58.46
N GLU GA 121 -4.70 -2.61 59.22
CA GLU GA 121 -5.28 -3.84 58.72
C GLU GA 121 -6.23 -3.61 57.53
N ASN GA 122 -7.00 -2.53 57.60
CA ASN GA 122 -7.97 -2.22 56.56
C ASN GA 122 -7.44 -1.20 55.55
N GLY GA 123 -6.13 -0.93 55.57
CA GLY GA 123 -5.56 0.05 54.65
C GLY GA 123 -5.83 1.48 55.11
N ARG GA 124 -6.25 1.65 56.35
CA ARG GA 124 -6.58 2.96 56.87
C ARG GA 124 -5.49 3.53 57.75
N PRO GA 125 -5.41 4.86 57.85
CA PRO GA 125 -4.57 5.60 58.74
C PRO GA 125 -5.14 5.44 60.14
N PRO GA 126 -4.31 5.58 61.17
CA PRO GA 126 -4.63 5.45 62.57
C PRO GA 126 -5.51 6.59 63.05
N LYS GA 127 -6.28 6.33 64.08
CA LYS GA 127 -7.17 7.33 64.62
C LYS GA 127 -6.49 8.06 65.78
N PRO GA 128 -6.97 9.26 66.12
CA PRO GA 128 -6.55 10.09 67.22
C PRO GA 128 -6.71 9.32 68.50
N VAL GA 129 -5.84 9.59 69.45
CA VAL GA 129 -5.88 8.85 70.69
C VAL GA 129 -6.75 9.51 71.74
N HIS GA 130 -7.61 8.72 72.37
CA HIS GA 130 -8.47 9.26 73.41
C HIS GA 130 -7.99 8.79 74.77
N LEU GA 131 -8.08 9.68 75.74
CA LEU GA 131 -7.67 9.35 77.10
C LEU GA 131 -8.72 9.71 78.10
N SER GA 132 -8.81 8.94 79.16
CA SER GA 132 -9.73 9.29 80.23
C SER GA 132 -9.12 8.88 81.55
N ALA GA 133 -9.48 9.57 82.60
CA ALA GA 133 -8.89 9.22 83.87
C ALA GA 133 -9.75 9.58 85.06
N LEU GA 134 -9.58 8.83 86.13
CA LEU GA 134 -10.29 9.04 87.36
C LEU GA 134 -9.31 9.38 88.45
N ALA GA 135 -9.69 10.24 89.38
CA ALA GA 135 -8.75 10.54 90.46
C ALA GA 135 -9.43 10.87 91.78
N VAL GA 136 -8.77 10.47 92.86
CA VAL GA 136 -9.20 10.73 94.22
C VAL GA 136 -8.17 11.55 94.95
N TYR GA 137 -8.59 12.69 95.48
CA TYR GA 137 -7.70 13.58 96.20
C TYR GA 137 -7.90 13.66 97.68
N GLU GA 138 -6.87 14.13 98.36
CA GLU GA 138 -6.95 14.39 99.78
C GLU GA 138 -8.00 15.42 100.05
N ARG GA 139 -8.90 15.12 100.98
CA ARG GA 139 -10.00 15.99 101.30
C ARG GA 139 -9.56 17.40 101.65
N GLY GA 140 -10.22 18.38 101.01
CA GLY GA 140 -9.94 19.80 101.22
C GLY GA 140 -9.08 20.39 100.09
N SER GA 141 -8.57 19.54 99.22
CA SER GA 141 -7.74 19.95 98.09
C SER GA 141 -8.57 20.69 97.00
N PRO GA 142 -8.00 21.69 96.31
CA PRO GA 142 -8.60 22.55 95.28
C PRO GA 142 -8.70 21.87 93.89
N LEU GA 143 -9.54 20.85 93.84
CA LEU GA 143 -9.80 20.01 92.65
C LEU GA 143 -10.01 20.76 91.35
N ALA GA 144 -10.70 21.89 91.42
CA ALA GA 144 -11.02 22.68 90.24
C ALA GA 144 -9.80 23.23 89.50
N HIS GA 145 -8.64 23.21 90.14
CA HIS GA 145 -7.45 23.73 89.51
C HIS GA 145 -6.49 22.60 89.22
N GLN GA 146 -6.48 21.62 90.12
CA GLN GA 146 -5.60 20.46 90.01
C GLN GA 146 -5.84 19.66 88.75
N ILE GA 147 -7.10 19.60 88.33
CA ILE GA 147 -7.49 18.94 87.10
C ILE GA 147 -6.70 19.41 85.86
N SER GA 148 -6.16 20.62 85.88
CA SER GA 148 -5.44 21.12 84.74
C SER GA 148 -4.03 20.53 84.64
N ASP GA 149 -3.47 20.09 85.77
CA ASP GA 149 -2.16 19.48 85.74
C ASP GA 149 -2.24 18.13 85.11
N ILE GA 150 -3.29 17.40 85.49
CA ILE GA 150 -3.49 16.08 84.95
C ILE GA 150 -3.64 16.13 83.47
N LYS GA 151 -4.47 17.04 83.02
CA LYS GA 151 -4.76 17.16 81.62
C LYS GA 151 -3.54 17.60 80.81
N ARG GA 152 -2.75 18.52 81.33
CA ARG GA 152 -1.54 18.96 80.64
C ARG GA 152 -0.50 17.86 80.55
N PHE GA 153 -0.32 17.16 81.66
CA PHE GA 153 0.61 16.07 81.73
C PHE GA 153 0.29 15.01 80.72
N LEU GA 154 -0.96 14.59 80.67
CA LEU GA 154 -1.37 13.57 79.74
C LEU GA 154 -1.27 14.03 78.30
N LYS GA 155 -1.56 15.30 78.03
CA LYS GA 155 -1.51 15.81 76.67
C LYS GA 155 -0.17 15.54 75.98
N ASN GA 156 0.94 15.82 76.64
CA ASN GA 156 2.21 15.53 76.00
C ASN GA 156 2.80 14.18 76.37
N SER GA 157 1.98 13.30 76.93
CA SER GA 157 2.43 11.95 77.27
C SER GA 157 2.10 10.95 76.18
N PHE GA 158 1.63 11.43 75.03
CA PHE GA 158 1.32 10.48 73.99
C PHE GA 158 1.28 11.14 72.61
N ALA GA 159 1.80 10.41 71.64
CA ALA GA 159 1.97 10.79 70.24
C ALA GA 159 0.99 11.80 69.67
N ASP GA 160 -0.31 11.60 69.86
CA ASP GA 160 -1.25 12.54 69.28
C ASP GA 160 -2.61 12.60 69.97
N VAL GA 161 -2.68 13.47 70.96
CA VAL GA 161 -3.91 13.72 71.69
C VAL GA 161 -4.15 15.21 71.71
N ASP GA 162 -5.26 15.63 72.28
CA ASP GA 162 -5.55 17.05 72.38
C ASP GA 162 -6.46 17.32 73.56
N TYR GA 163 -6.69 18.58 73.87
CA TYR GA 163 -7.48 18.94 75.05
C TYR GA 163 -8.98 18.66 74.94
N ASP GA 164 -9.45 18.21 73.78
CA ASP GA 164 -10.85 17.88 73.64
C ASP GA 164 -11.06 16.38 73.72
N ASN GA 165 -9.98 15.61 73.63
CA ASN GA 165 -10.10 14.17 73.66
C ASN GA 165 -9.49 13.56 74.91
N ILE GA 166 -9.35 14.38 75.94
CA ILE GA 166 -8.87 13.94 77.25
C ILE GA 166 -9.89 14.29 78.31
N SER GA 167 -10.44 13.28 78.97
CA SER GA 167 -11.44 13.57 79.99
C SER GA 167 -11.01 13.16 81.38
N VAL GA 168 -11.21 14.04 82.34
CA VAL GA 168 -10.85 13.76 83.71
C VAL GA 168 -12.02 13.95 84.65
N VAL GA 169 -12.35 12.91 85.37
CA VAL GA 169 -13.42 12.94 86.36
C VAL GA 169 -12.81 12.64 87.71
N LEU GA 170 -13.05 13.50 88.66
CA LEU GA 170 -12.40 13.33 89.94
C LEU GA 170 -13.19 13.83 91.14
N SER GA 171 -12.70 13.46 92.32
CA SER GA 171 -13.31 13.86 93.58
C SER GA 171 -12.31 13.72 94.72
N GLU GA 172 -12.82 13.61 95.95
CA GLU GA 172 -11.96 13.49 97.11
C GLU GA 172 -12.51 12.48 98.10
N ARG GA 173 -11.65 12.02 98.99
CA ARG GA 173 -12.04 11.01 99.96
C ARG GA 173 -13.11 11.46 100.94
N SER GA 174 -13.78 10.49 101.53
CA SER GA 174 -14.83 10.70 102.53
C SER GA 174 -14.24 10.81 103.95
N ASP GA 175 -15.13 11.04 104.91
CA ASP GA 175 -14.76 11.16 106.33
C ASP GA 175 -14.18 9.82 106.81
N ALA GA 176 -12.91 9.83 107.17
CA ALA GA 176 -12.20 8.62 107.57
C ALA GA 176 -12.85 7.89 108.74
N GLN GA 177 -12.98 6.58 108.60
CA GLN GA 177 -13.55 5.78 109.66
C GLN GA 177 -12.49 5.44 110.68
N LEU GA 178 -12.34 6.32 111.66
CA LEU GA 178 -11.32 6.15 112.67
C LEU GA 178 -11.84 5.57 113.98
N GLN GA 179 -13.09 5.13 114.01
CA GLN GA 179 -13.67 4.61 115.24
C GLN GA 179 -14.18 3.19 115.09
N ALA GA 180 -13.99 2.38 116.12
CA ALA GA 180 -14.47 1.01 116.08
C ALA GA 180 -15.99 0.96 116.18
N PRO GA 181 -16.66 0.05 115.46
CA PRO GA 181 -18.09 -0.22 115.44
C PRO GA 181 -18.71 -0.50 116.81
N GLY GA 182 -18.02 -1.31 117.60
CA GLY GA 182 -18.50 -1.64 118.94
C GLY GA 182 -19.21 -2.99 118.93
N THR GA 183 -19.29 -3.61 120.10
CA THR GA 183 -19.93 -4.90 120.25
C THR GA 183 -21.44 -4.74 120.46
N PRO GA 184 -22.21 -5.81 120.31
CA PRO GA 184 -23.64 -5.91 120.54
C PRO GA 184 -23.93 -5.85 122.03
N VAL GA 185 -25.12 -5.41 122.37
CA VAL GA 185 -25.51 -5.31 123.76
C VAL GA 185 -26.10 -6.59 124.28
N LYS GA 186 -25.38 -7.24 125.19
CA LYS GA 186 -25.81 -8.47 125.82
C LYS GA 186 -24.81 -8.92 126.87
N ALA HA 42 -28.26 1.10 129.83
CA ALA HA 42 -27.75 1.25 128.48
C ALA HA 42 -28.06 2.63 127.94
N GLU HA 43 -27.46 3.65 128.52
CA GLU HA 43 -27.70 5.01 128.06
C GLU HA 43 -27.33 5.14 126.59
N LEU HA 44 -28.27 5.65 125.80
CA LEU HA 44 -28.11 5.78 124.36
C LEU HA 44 -26.83 6.51 123.96
N ASP HA 45 -26.45 7.53 124.72
CA ASP HA 45 -25.23 8.25 124.43
C ASP HA 45 -24.00 7.34 124.43
N SER HA 46 -24.00 6.33 125.29
CA SER HA 46 -22.88 5.41 125.35
C SER HA 46 -23.03 4.31 124.31
N LEU HA 47 -24.25 4.07 123.86
CA LEU HA 47 -24.49 3.08 122.82
C LEU HA 47 -23.99 3.57 121.46
N LEU HA 48 -24.13 4.87 121.22
CA LEU HA 48 -23.65 5.50 119.99
C LEU HA 48 -22.13 5.64 120.03
N GLY HA 49 -21.52 5.78 118.84
CA GLY HA 49 -20.06 5.87 118.63
C GLY HA 49 -19.24 6.70 119.64
N GLN HA 50 -17.92 6.51 119.59
CA GLN HA 50 -16.97 7.19 120.47
C GLN HA 50 -17.06 8.70 120.37
N GLU HA 51 -17.17 9.20 119.16
CA GLU HA 51 -17.31 10.63 118.98
C GLU HA 51 -18.78 10.97 119.09
N LYS HA 52 -19.24 11.06 120.33
CA LYS HA 52 -20.63 11.34 120.65
C LYS HA 52 -21.15 12.65 120.08
N GLU HA 53 -20.25 13.55 119.69
CA GLU HA 53 -20.63 14.84 119.16
C GLU HA 53 -21.13 14.76 117.72
N ARG HA 54 -21.15 13.56 117.14
CA ARG HA 54 -21.69 13.38 115.80
C ARG HA 54 -23.20 13.28 115.83
N PHE HA 55 -23.78 13.06 117.02
CA PHE HA 55 -25.22 12.88 117.10
C PHE HA 55 -25.86 13.80 118.12
N GLN HA 56 -27.08 14.21 117.84
CA GLN HA 56 -27.80 15.00 118.82
C GLN HA 56 -29.03 14.25 119.28
N VAL HA 57 -28.96 13.73 120.49
CA VAL HA 57 -30.09 13.00 121.02
C VAL HA 57 -31.15 13.96 121.52
N LEU HA 58 -32.39 13.72 121.09
CA LEU HA 58 -33.51 14.58 121.39
C LEU HA 58 -34.60 13.83 122.15
N PRO HA 59 -35.28 14.48 123.09
CA PRO HA 59 -36.32 13.82 123.88
C PRO HA 59 -37.69 14.25 123.44
N GLY HA 60 -38.33 13.48 122.57
CA GLY HA 60 -39.64 13.83 122.04
C GLY HA 60 -40.74 13.72 123.08
N ARG HA 61 -41.76 14.57 122.94
CA ARG HA 61 -42.89 14.60 123.85
C ARG HA 61 -43.77 13.34 123.74
N ASP HA 62 -43.57 12.58 122.66
CA ASP HA 62 -44.26 11.33 122.44
C ASP HA 62 -43.58 10.13 123.10
N LYS HA 63 -42.61 10.39 123.99
CA LYS HA 63 -41.86 9.37 124.71
C LYS HA 63 -40.89 8.59 123.82
N MET HA 64 -40.59 9.14 122.65
CA MET HA 64 -39.63 8.53 121.76
C MET HA 64 -38.34 9.32 121.80
N LEU HA 65 -37.24 8.60 121.99
CA LEU HA 65 -35.96 9.25 122.07
C LEU HA 65 -35.41 9.30 120.64
N TYR HA 66 -35.15 10.50 120.16
CA TYR HA 66 -34.73 10.67 118.79
C TYR HA 66 -33.23 10.86 118.63
N VAL HA 67 -32.69 10.38 117.51
CA VAL HA 67 -31.27 10.56 117.23
C VAL HA 67 -31.06 11.38 115.98
N ALA HA 68 -30.70 12.65 116.14
CA ALA HA 68 -30.50 13.46 114.96
C ALA HA 68 -29.13 13.24 114.38
N ALA HA 69 -29.10 12.86 113.11
CA ALA HA 69 -27.86 12.63 112.38
C ALA HA 69 -27.74 13.63 111.25
N GLN HA 70 -26.52 14.04 110.95
CA GLN HA 70 -26.26 15.03 109.92
C GLN HA 70 -25.87 14.43 108.58
N ASN HA 71 -25.73 13.11 108.53
CA ASN HA 71 -25.31 12.44 107.30
C ASN HA 71 -25.83 11.04 107.23
N GLU HA 72 -26.20 10.59 106.04
CA GLU HA 72 -26.73 9.24 105.85
C GLU HA 72 -25.82 8.11 106.36
N ARG HA 73 -24.51 8.37 106.48
CA ARG HA 73 -23.62 7.37 107.03
C ARG HA 73 -23.81 7.25 108.53
N ASP HA 74 -24.19 8.36 109.15
CA ASP HA 74 -24.39 8.40 110.57
C ASP HA 74 -25.80 7.93 110.84
N THR HA 75 -26.69 8.18 109.89
CA THR HA 75 -28.06 7.70 109.98
C THR HA 75 -28.03 6.20 110.07
N LEU HA 76 -27.31 5.57 109.13
CA LEU HA 76 -27.19 4.12 109.14
C LEU HA 76 -26.49 3.63 110.38
N TRP HA 77 -25.44 4.33 110.82
CA TRP HA 77 -24.72 3.94 112.01
C TRP HA 77 -25.68 3.76 113.18
N ALA HA 78 -26.46 4.81 113.45
CA ALA HA 78 -27.43 4.82 114.54
C ALA HA 78 -28.50 3.75 114.37
N ARG HA 79 -28.95 3.53 113.13
CA ARG HA 79 -29.95 2.50 112.91
C ARG HA 79 -29.41 1.13 113.23
N GLN HA 80 -28.14 0.90 112.89
CA GLN HA 80 -27.52 -0.37 113.20
C GLN HA 80 -27.40 -0.53 114.70
N VAL HA 81 -27.13 0.55 115.42
CA VAL HA 81 -27.07 0.48 116.87
C VAL HA 81 -28.40 0.03 117.46
N LEU HA 82 -29.48 0.62 116.97
CA LEU HA 82 -30.80 0.25 117.47
C LEU HA 82 -31.16 -1.20 117.17
N ALA HA 83 -30.76 -1.70 116.00
CA ALA HA 83 -31.04 -3.08 115.63
C ALA HA 83 -30.09 -4.09 116.27
N ARG HA 84 -28.82 -3.70 116.44
CA ARG HA 84 -27.79 -4.55 117.00
C ARG HA 84 -27.85 -4.65 118.50
N GLY HA 85 -27.84 -3.50 119.14
CA GLY HA 85 -27.86 -3.43 120.59
C GLY HA 85 -29.29 -3.33 121.07
N ASP HA 86 -29.47 -2.68 122.20
CA ASP HA 86 -30.81 -2.55 122.71
C ASP HA 86 -30.95 -1.36 123.59
N TYR HA 87 -32.17 -0.92 123.72
CA TYR HA 87 -32.55 0.19 124.54
C TYR HA 87 -34.04 0.09 124.78
N ASP HA 88 -34.43 -0.17 126.02
CA ASP HA 88 -35.84 -0.34 126.36
C ASP HA 88 -36.63 0.96 126.35
N LYS HA 89 -36.91 1.47 125.17
CA LYS HA 89 -37.66 2.71 124.99
C LYS HA 89 -37.81 3.02 123.53
N ASN HA 90 -38.94 3.61 123.17
CA ASN HA 90 -39.17 4.03 121.81
C ASN HA 90 -38.02 4.88 121.34
N ALA HA 91 -37.58 4.66 120.11
CA ALA HA 91 -36.48 5.42 119.57
C ALA HA 91 -36.57 5.52 118.06
N ARG HA 92 -36.03 6.59 117.51
CA ARG HA 92 -36.10 6.79 116.06
C ARG HA 92 -35.05 7.78 115.55
N VAL HA 93 -34.32 7.36 114.53
CA VAL HA 93 -33.27 8.18 113.95
C VAL HA 93 -33.83 9.24 113.00
N ILE HA 94 -33.38 10.46 113.18
CA ILE HA 94 -33.77 11.62 112.38
C ILE HA 94 -32.76 11.98 111.31
N ASN HA 95 -33.26 12.21 110.11
CA ASN HA 95 -32.46 12.61 108.97
C ASN HA 95 -33.09 13.79 108.29
N GLU HA 96 -32.39 14.91 108.29
CA GLU HA 96 -32.86 16.18 107.74
C GLU HA 96 -33.62 16.08 106.43
N ASN HA 97 -33.07 15.36 105.46
CA ASN HA 97 -33.75 15.23 104.17
C ASN HA 97 -34.95 14.32 104.26
N GLU HA 98 -34.84 13.25 105.04
CA GLU HA 98 -35.96 12.33 105.15
C GLU HA 98 -37.13 12.98 105.83
N GLU HA 99 -36.85 13.83 106.81
CA GLU HA 99 -37.90 14.53 107.52
C GLU HA 99 -38.50 15.61 106.68
N ASN HA 100 -37.66 16.28 105.88
CA ASN HA 100 -38.18 17.30 105.00
C ASN HA 100 -39.19 16.67 104.06
N LYS HA 101 -38.84 15.48 103.53
CA LYS HA 101 -39.74 14.75 102.64
C LYS HA 101 -41.00 14.27 103.33
N ARG HA 102 -40.87 13.67 104.52
CA ARG HA 102 -42.04 13.18 105.26
C ARG HA 102 -43.07 14.26 105.44
N ILE HA 103 -42.59 15.43 105.85
CA ILE HA 103 -43.47 16.56 106.05
C ILE HA 103 -44.10 17.01 104.76
N SER HA 104 -43.31 17.12 103.70
CA SER HA 104 -43.86 17.59 102.43
C SER HA 104 -44.97 16.71 101.91
N ILE HA 105 -44.92 15.41 102.23
CA ILE HA 105 -45.99 14.51 101.80
C ILE HA 105 -47.30 14.86 102.48
N TRP HA 106 -47.26 14.93 103.80
CA TRP HA 106 -48.44 15.25 104.58
C TRP HA 106 -48.97 16.61 104.20
N LEU HA 107 -48.04 17.54 104.07
CA LEU HA 107 -48.34 18.91 103.78
C LEU HA 107 -49.05 19.05 102.45
N ASP HA 108 -48.60 18.35 101.43
CA ASP HA 108 -49.30 18.41 100.14
C ASP HA 108 -50.75 17.92 100.23
N THR HA 109 -50.99 16.86 101.00
CA THR HA 109 -52.35 16.33 101.14
C THR HA 109 -53.30 17.27 101.86
N TYR HA 110 -52.86 17.83 102.98
CA TYR HA 110 -53.72 18.69 103.77
C TYR HA 110 -53.70 20.15 103.35
N TYR HA 111 -52.57 20.60 102.84
CA TYR HA 111 -52.44 21.95 102.33
C TYR HA 111 -51.94 21.96 100.89
N PRO HA 112 -52.74 21.48 99.93
CA PRO HA 112 -52.43 21.41 98.53
C PRO HA 112 -52.35 22.82 98.03
N GLN HA 113 -51.51 23.02 97.03
CA GLN HA 113 -51.23 24.32 96.43
C GLN HA 113 -50.41 25.27 97.34
N LEU HA 114 -50.01 24.82 98.54
CA LEU HA 114 -49.19 25.68 99.39
C LEU HA 114 -47.84 25.91 98.74
N ALA HA 115 -47.44 27.18 98.58
CA ALA HA 115 -46.16 27.45 97.96
C ALA HA 115 -45.08 27.61 99.02
N TYR HA 116 -44.11 26.70 99.04
CA TYR HA 116 -43.06 26.76 100.04
C TYR HA 116 -41.75 26.24 99.49
N TYR HA 117 -40.68 26.44 100.26
CA TYR HA 117 -39.34 26.07 99.83
C TYR HA 117 -38.76 24.88 100.56
N ARG HA 118 -38.22 25.10 101.75
CA ARG HA 118 -37.58 24.01 102.46
C ARG HA 118 -37.51 24.26 103.94
N ILE HA 119 -37.59 23.20 104.73
CA ILE HA 119 -37.49 23.33 106.17
C ILE HA 119 -36.05 23.21 106.60
N HIS HA 120 -35.59 24.20 107.35
CA HIS HA 120 -34.24 24.26 107.85
C HIS HA 120 -34.24 23.78 109.27
N PHE HA 121 -33.76 22.58 109.49
CA PHE HA 121 -33.84 22.00 110.81
C PHE HA 121 -32.81 22.56 111.76
N ASP HA 122 -31.57 22.77 111.29
CA ASP HA 122 -30.47 23.36 112.06
C ASP HA 122 -30.54 23.10 113.56
N GLU HA 123 -31.29 23.94 114.28
CA GLU HA 123 -31.50 23.76 115.72
C GLU HA 123 -32.80 23.02 115.96
N PRO HA 124 -32.77 21.67 115.98
CA PRO HA 124 -33.92 20.75 116.14
C PRO HA 124 -35.17 21.35 116.78
N ARG HA 125 -34.99 21.97 117.94
CA ARG HA 125 -36.03 22.58 118.74
C ARG HA 125 -36.93 23.56 118.00
N LYS HA 126 -36.32 24.37 117.14
CA LYS HA 126 -37.03 25.41 116.42
C LYS HA 126 -36.62 25.48 114.95
N PRO HA 127 -37.10 24.57 114.11
CA PRO HA 127 -36.85 24.49 112.69
C PRO HA 127 -37.53 25.67 112.01
N VAL HA 128 -36.95 26.10 110.90
CA VAL HA 128 -37.47 27.24 110.17
C VAL HA 128 -38.14 26.80 108.89
N PHE HA 129 -39.33 27.29 108.66
CA PHE HA 129 -40.08 26.90 107.48
C PHE HA 129 -40.12 28.03 106.46
N TRP HA 130 -39.42 27.86 105.33
CA TRP HA 130 -39.48 28.93 104.33
C TRP HA 130 -40.74 28.79 103.49
N LEU HA 131 -41.49 29.89 103.44
CA LEU HA 131 -42.78 29.98 102.77
C LEU HA 131 -42.75 31.06 101.69
N SER HA 132 -43.34 30.82 100.52
CA SER HA 132 -43.30 31.86 99.48
C SER HA 132 -44.12 33.08 99.86
N ARG HA 133 -43.41 34.19 100.11
CA ARG HA 133 -44.04 35.45 100.49
C ARG HA 133 -45.02 35.96 99.46
N GLN HA 134 -44.62 35.88 98.20
CA GLN HA 134 -45.42 36.44 97.12
C GLN HA 134 -46.56 35.54 96.66
N ARG HA 135 -46.38 34.22 96.65
CA ARG HA 135 -47.44 33.36 96.17
C ARG HA 135 -48.51 33.01 97.20
N ASN HA 136 -48.19 33.06 98.48
CA ASN HA 136 -49.20 32.72 99.47
C ASN HA 136 -49.92 33.94 99.99
N THR HA 137 -51.24 33.78 100.18
CA THR HA 137 -52.09 34.86 100.66
C THR HA 137 -52.80 34.48 101.96
N MET HA 138 -52.20 33.56 102.71
CA MET HA 138 -52.78 33.11 103.98
C MET HA 138 -52.78 34.21 105.02
N SER HA 139 -53.80 34.22 105.86
CA SER HA 139 -53.89 35.21 106.93
C SER HA 139 -53.00 34.81 108.06
N LYS HA 140 -52.73 35.75 108.95
CA LYS HA 140 -51.89 35.49 110.12
C LYS HA 140 -52.44 34.34 110.95
N LYS HA 141 -53.77 34.31 111.12
CA LYS HA 141 -54.41 33.26 111.88
C LYS HA 141 -54.26 31.92 111.22
N GLU HA 142 -54.37 31.90 109.89
CA GLU HA 142 -54.21 30.67 109.15
C GLU HA 142 -52.79 30.15 109.28
N LEU HA 143 -51.83 31.06 109.27
CA LEU HA 143 -50.43 30.69 109.43
C LEU HA 143 -50.18 30.14 110.82
N GLU HA 144 -50.86 30.67 111.83
CA GLU HA 144 -50.76 30.11 113.18
C GLU HA 144 -51.13 28.66 113.17
N VAL HA 145 -52.29 28.37 112.58
CA VAL HA 145 -52.80 27.01 112.48
C VAL HA 145 -51.82 26.11 111.76
N LEU HA 146 -51.29 26.59 110.64
CA LEU HA 146 -50.32 25.84 109.88
C LEU HA 146 -49.14 25.44 110.73
N SER HA 147 -48.58 26.38 111.49
CA SER HA 147 -47.43 26.06 112.32
C SER HA 147 -47.79 25.04 113.37
N GLN HA 148 -49.03 25.09 113.86
CA GLN HA 148 -49.46 24.13 114.86
C GLN HA 148 -49.53 22.73 114.29
N LYS HA 149 -49.95 22.62 113.04
CA LYS HA 149 -50.00 21.32 112.41
C LYS HA 149 -48.60 20.79 112.20
N LEU HA 150 -47.68 21.68 111.87
CA LEU HA 150 -46.30 21.28 111.68
C LEU HA 150 -45.71 20.81 113.01
N ARG HA 151 -46.10 21.46 114.11
CA ARG HA 151 -45.62 21.05 115.42
C ARG HA 151 -46.09 19.64 115.71
N ALA HA 152 -47.33 19.33 115.33
CA ALA HA 152 -47.85 17.99 115.51
C ALA HA 152 -47.03 16.97 114.72
N LEU HA 153 -46.59 17.35 113.51
CA LEU HA 153 -45.78 16.47 112.69
C LEU HA 153 -44.38 16.22 113.25
N MET HA 154 -43.88 17.15 114.07
CA MET HA 154 -42.55 17.04 114.67
C MET HA 154 -42.56 16.95 116.21
N PRO HA 155 -42.70 15.74 116.79
CA PRO HA 155 -42.76 15.36 118.19
C PRO HA 155 -41.67 15.97 119.06
N TYR HA 156 -40.52 16.25 118.47
CA TYR HA 156 -39.40 16.82 119.22
C TYR HA 156 -39.41 18.34 119.23
N ALA HA 157 -39.70 18.93 118.07
CA ALA HA 157 -39.69 20.38 117.92
C ALA HA 157 -40.64 21.00 118.92
N ASP HA 158 -40.23 22.12 119.48
CA ASP HA 158 -41.05 22.80 120.46
C ASP HA 158 -41.95 23.78 119.75
N SER HA 159 -41.44 24.41 118.69
CA SER HA 159 -42.23 25.34 117.91
C SER HA 159 -41.70 25.41 116.51
N VAL HA 160 -42.47 26.00 115.61
CA VAL HA 160 -42.05 26.12 114.22
C VAL HA 160 -42.00 27.56 113.80
N ASN HA 161 -40.87 27.98 113.26
CA ASN HA 161 -40.73 29.36 112.84
C ASN HA 161 -41.01 29.52 111.36
N ILE HA 162 -42.27 29.78 111.02
CA ILE HA 162 -42.62 30.02 109.63
C ILE HA 162 -42.25 31.41 109.24
N THR HA 163 -41.54 31.55 108.14
CA THR HA 163 -41.14 32.86 107.66
C THR HA 163 -41.30 32.93 106.17
N LEU HA 164 -41.59 34.13 105.70
CA LEU HA 164 -41.88 34.33 104.30
C LEU HA 164 -40.66 34.83 103.53
N MET HA 165 -40.36 34.16 102.42
CA MET HA 165 -39.20 34.49 101.58
C MET HA 165 -39.63 35.10 100.26
N ASP HA 166 -38.82 36.01 99.73
CA ASP HA 166 -39.15 36.64 98.47
C ASP HA 166 -38.63 35.85 97.27
N ASP HA 167 -39.57 35.32 96.47
CA ASP HA 167 -39.29 34.52 95.28
C ASP HA 167 -38.24 35.12 94.36
N VAL HA 168 -38.22 36.45 94.28
CA VAL HA 168 -37.28 37.15 93.43
C VAL HA 168 -35.85 36.95 93.86
N THR HA 169 -35.62 36.94 95.18
CA THR HA 169 -34.26 36.81 95.67
C THR HA 169 -33.78 35.39 95.49
N ALA HA 170 -34.70 34.44 95.52
CA ALA HA 170 -34.33 33.05 95.28
C ALA HA 170 -33.81 32.90 93.85
N ALA HA 171 -34.59 33.43 92.90
CA ALA HA 171 -34.21 33.37 91.50
C ALA HA 171 -32.94 34.16 91.23
N GLY HA 172 -32.83 35.33 91.86
CA GLY HA 172 -31.68 36.20 91.68
C GLY HA 172 -30.39 35.50 92.05
N GLN HA 173 -30.38 34.83 93.20
CA GLN HA 173 -29.19 34.12 93.63
C GLN HA 173 -28.86 32.97 92.70
N ALA HA 174 -29.88 32.25 92.24
CA ALA HA 174 -29.66 31.13 91.34
C ALA HA 174 -28.92 31.57 90.09
N GLU HA 175 -29.41 32.64 89.47
CA GLU HA 175 -28.79 33.09 88.24
C GLU HA 175 -27.45 33.76 88.49
N ALA HA 176 -27.35 34.57 89.53
CA ALA HA 176 -26.12 35.29 89.81
C ALA HA 176 -24.94 34.35 89.99
N GLY HA 177 -25.10 33.32 90.80
CA GLY HA 177 -24.02 32.39 91.02
C GLY HA 177 -23.70 31.61 89.76
N LEU HA 178 -24.73 31.23 89.02
CA LEU HA 178 -24.59 30.49 87.79
C LEU HA 178 -23.73 31.24 86.77
N LYS HA 179 -24.01 32.52 86.59
CA LYS HA 179 -23.21 33.31 85.66
C LYS HA 179 -21.86 33.70 86.26
N GLN HA 180 -21.73 33.76 87.59
CA GLN HA 180 -20.45 34.03 88.22
C GLN HA 180 -19.44 32.94 87.86
N GLN HA 181 -19.93 31.70 87.81
CA GLN HA 181 -19.12 30.55 87.43
C GLN HA 181 -18.78 30.51 85.93
N ALA HA 182 -19.23 31.51 85.15
CA ALA HA 182 -18.99 31.62 83.72
C ALA HA 182 -19.64 30.49 82.96
N LEU HA 183 -20.77 30.00 83.44
CA LEU HA 183 -21.46 28.91 82.78
C LEU HA 183 -22.46 29.45 81.79
N PRO HA 184 -22.64 28.79 80.65
CA PRO HA 184 -23.62 29.06 79.62
C PRO HA 184 -24.95 28.54 80.09
N TYR HA 185 -26.02 29.27 79.80
CA TYR HA 185 -27.33 28.80 80.22
C TYR HA 185 -28.43 29.58 79.56
N SER HA 186 -29.64 29.10 79.69
CA SER HA 186 -30.78 29.83 79.19
C SER HA 186 -31.91 29.71 80.21
N ARG HA 187 -32.35 30.86 80.70
CA ARG HA 187 -33.38 30.94 81.73
C ARG HA 187 -34.78 30.72 81.17
N ARG HA 188 -35.60 30.04 81.94
CA ARG HA 188 -36.98 29.74 81.57
C ARG HA 188 -37.97 30.17 82.63
N ASN HA 189 -38.44 31.40 82.55
CA ASN HA 189 -39.42 31.86 83.52
C ASN HA 189 -40.78 31.33 83.14
N HIS HA 190 -41.51 30.84 84.13
CA HIS HA 190 -42.87 30.39 83.88
C HIS HA 190 -43.69 30.59 85.11
N LYS HA 191 -45.01 30.52 84.98
CA LYS HA 191 -45.82 30.71 86.16
C LYS HA 191 -45.53 29.62 87.15
N GLY HA 192 -45.16 30.02 88.36
CA GLY HA 192 -44.88 29.08 89.43
C GLY HA 192 -43.43 28.66 89.57
N GLY HA 193 -42.53 29.09 88.68
CA GLY HA 193 -41.13 28.67 88.84
C GLY HA 193 -40.19 29.15 87.75
N VAL HA 194 -38.97 28.66 87.80
CA VAL HA 194 -37.98 29.01 86.80
C VAL HA 194 -36.99 27.88 86.57
N THR HA 195 -36.67 27.62 85.31
CA THR HA 195 -35.73 26.57 84.99
C THR HA 195 -34.50 27.10 84.24
N PHE HA 196 -33.33 26.62 84.65
CA PHE HA 196 -32.08 27.04 84.03
C PHE HA 196 -31.49 25.93 83.19
N VAL HA 197 -31.60 26.09 81.88
CA VAL HA 197 -31.15 25.09 80.93
C VAL HA 197 -29.70 25.25 80.54
N ILE HA 198 -28.93 24.19 80.69
CA ILE HA 198 -27.52 24.21 80.32
C ILE HA 198 -27.24 23.13 79.28
N GLN HA 199 -27.10 23.52 78.03
CA GLN HA 199 -26.87 22.56 76.95
C GLN HA 199 -25.56 22.76 76.23
N GLY HA 200 -25.23 21.79 75.37
CA GLY HA 200 -24.04 21.83 74.56
C GLY HA 200 -22.95 20.96 75.15
N ALA HA 201 -21.83 20.86 74.44
CA ALA HA 201 -20.70 20.09 74.94
C ALA HA 201 -20.06 20.90 76.05
N LEU HA 202 -19.63 20.21 77.10
CA LEU HA 202 -19.05 20.91 78.22
C LEU HA 202 -17.64 20.45 78.56
N ASP HA 203 -16.81 21.41 78.94
CA ASP HA 203 -15.45 21.17 79.38
C ASP HA 203 -15.49 20.54 80.76
N ASP HA 204 -14.66 19.55 81.01
CA ASP HA 204 -14.65 18.88 82.32
C ASP HA 204 -14.56 19.86 83.50
N VAL HA 205 -13.89 21.00 83.28
CA VAL HA 205 -13.72 21.96 84.34
C VAL HA 205 -15.05 22.64 84.65
N GLU HA 206 -15.74 23.11 83.61
CA GLU HA 206 -17.02 23.76 83.83
C GLU HA 206 -18.08 22.78 84.28
N ILE HA 207 -17.92 21.50 83.98
CA ILE HA 207 -18.85 20.50 84.48
C ILE HA 207 -18.76 20.42 85.98
N LEU HA 208 -17.53 20.34 86.49
CA LEU HA 208 -17.31 20.28 87.92
C LEU HA 208 -17.89 21.50 88.60
N ARG HA 209 -17.56 22.68 88.08
CA ARG HA 209 -18.07 23.92 88.65
C ARG HA 209 -19.58 23.98 88.68
N ALA HA 210 -20.21 23.54 87.60
CA ALA HA 210 -21.66 23.57 87.51
C ALA HA 210 -22.29 22.73 88.59
N ARG HA 211 -21.82 21.51 88.77
CA ARG HA 211 -22.41 20.67 89.78
C ARG HA 211 -22.23 21.22 91.18
N GLN HA 212 -21.05 21.73 91.49
CA GLN HA 212 -20.80 22.27 92.81
C GLN HA 212 -21.80 23.36 93.15
N PHE HA 213 -22.02 24.26 92.20
CA PHE HA 213 -22.96 25.33 92.38
C PHE HA 213 -24.38 24.83 92.61
N VAL HA 214 -24.82 23.94 91.73
CA VAL HA 214 -26.17 23.41 91.81
C VAL HA 214 -26.44 22.71 93.12
N ASP HA 215 -25.51 21.87 93.56
CA ASP HA 215 -25.69 21.17 94.82
C ASP HA 215 -25.87 22.13 95.98
N SER HA 216 -25.07 23.19 96.01
CA SER HA 216 -25.19 24.16 97.08
C SER HA 216 -26.51 24.92 97.06
N TYR HA 217 -26.95 25.31 95.87
CA TYR HA 217 -28.21 26.03 95.75
C TYR HA 217 -29.35 25.16 96.26
N TYR HA 218 -29.34 23.91 95.82
CA TYR HA 218 -30.35 22.96 96.24
C TYR HA 218 -30.36 22.81 97.74
N ARG HA 219 -29.18 22.57 98.33
CA ARG HA 219 -29.07 22.41 99.76
C ARG HA 219 -29.71 23.56 100.53
N THR HA 220 -29.51 24.78 100.06
CA THR HA 220 -30.08 25.94 100.73
C THR HA 220 -31.57 26.14 100.45
N TRP HA 221 -31.89 26.44 99.21
CA TRP HA 221 -33.27 26.77 98.85
C TRP HA 221 -34.16 25.58 98.55
N GLY HA 222 -33.58 24.52 98.02
CA GLY HA 222 -34.38 23.36 97.64
C GLY HA 222 -34.77 23.48 96.17
N GLY HA 223 -35.33 22.42 95.60
CA GLY HA 223 -35.68 22.42 94.18
C GLY HA 223 -37.17 22.59 93.87
N ARG HA 224 -37.90 23.33 94.69
CA ARG HA 224 -39.32 23.51 94.42
C ARG HA 224 -39.66 24.74 93.59
N TYR HA 225 -38.71 25.66 93.46
CA TYR HA 225 -38.96 26.85 92.66
C TYR HA 225 -37.96 26.94 91.53
N VAL HA 226 -36.69 26.77 91.86
CA VAL HA 226 -35.64 26.79 90.86
C VAL HA 226 -35.24 25.38 90.47
N GLN HA 227 -35.33 25.10 89.18
CA GLN HA 227 -34.96 23.81 88.64
C GLN HA 227 -33.79 23.96 87.68
N PHE HA 228 -32.74 23.19 87.89
CA PHE HA 228 -31.61 23.26 86.98
C PHE HA 228 -31.66 22.08 86.03
N ALA HA 229 -31.15 22.27 84.82
CA ALA HA 229 -31.22 21.22 83.80
C ALA HA 229 -29.93 21.09 83.01
N ILE HA 230 -28.98 20.34 83.55
CA ILE HA 230 -27.72 20.11 82.88
C ILE HA 230 -27.86 19.02 81.84
N GLU HA 231 -27.58 19.34 80.60
CA GLU HA 231 -27.70 18.39 79.49
C GLU HA 231 -26.46 18.36 78.62
N LEU HA 232 -25.61 17.37 78.86
CA LEU HA 232 -24.38 17.19 78.11
C LEU HA 232 -24.68 16.65 76.72
N LYS HA 233 -24.51 17.49 75.71
CA LYS HA 233 -24.85 17.10 74.33
C LYS HA 233 -23.79 17.47 73.30
N ASP HA 234 -23.81 16.77 72.17
CA ASP HA 234 -22.88 17.06 71.08
C ASP HA 234 -23.31 18.26 70.26
N ASP HA 235 -22.33 19.00 69.76
CA ASP HA 235 -22.56 20.17 68.93
C ASP HA 235 -22.09 19.94 67.50
N ASP IA 3 -2.89 -5.78 119.11
CA ASP IA 3 -2.20 -6.96 118.62
C ASP IA 3 -2.98 -7.61 117.50
N LYS IA 4 -3.13 -6.91 116.38
CA LYS IA 4 -3.86 -7.44 115.25
C LYS IA 4 -2.99 -7.62 114.03
N ASP IA 5 -3.26 -8.66 113.26
CA ASP IA 5 -2.52 -8.88 112.03
C ASP IA 5 -3.12 -8.06 110.92
N LEU IA 6 -2.31 -7.27 110.24
CA LEU IA 6 -2.81 -6.43 109.18
C LEU IA 6 -2.39 -6.99 107.82
N LEU IA 7 -1.07 -7.08 107.59
CA LEU IA 7 -0.55 -7.61 106.32
C LEU IA 7 0.46 -8.73 106.53
N LYS IA 8 0.53 -9.66 105.57
CA LYS IA 8 1.48 -10.76 105.65
C LYS IA 8 2.11 -11.08 104.31
N GLY IA 9 3.34 -11.57 104.32
CA GLY IA 9 4.00 -11.98 103.09
C GLY IA 9 4.51 -10.81 102.27
N LEU IA 10 4.79 -9.70 102.91
CA LEU IA 10 5.23 -8.53 102.21
C LEU IA 10 6.70 -8.61 101.86
N ASP IA 11 7.09 -7.97 100.78
CA ASP IA 11 8.51 -7.94 100.50
C ASP IA 11 9.06 -6.75 101.25
N GLN IA 12 10.35 -6.53 101.16
CA GLN IA 12 10.98 -5.46 101.92
C GLN IA 12 10.47 -4.07 101.58
N GLU IA 13 10.38 -3.76 100.28
CA GLU IA 13 9.92 -2.46 99.82
C GLU IA 13 8.51 -2.15 100.28
N GLN IA 14 7.60 -3.08 100.04
CA GLN IA 14 6.21 -2.95 100.40
C GLN IA 14 6.06 -2.71 101.88
N ALA IA 15 6.75 -3.50 102.69
CA ALA IA 15 6.65 -3.38 104.12
C ALA IA 15 7.01 -2.00 104.58
N ASN IA 16 8.13 -1.46 104.11
CA ASN IA 16 8.54 -0.14 104.53
C ASN IA 16 7.61 0.96 104.04
N GLU IA 17 7.04 0.79 102.85
CA GLU IA 17 6.12 1.79 102.32
C GLU IA 17 4.83 1.88 103.11
N VAL IA 18 4.26 0.73 103.44
CA VAL IA 18 3.02 0.70 104.20
C VAL IA 18 3.21 1.33 105.54
N ILE IA 19 4.32 0.98 106.20
CA ILE IA 19 4.62 1.53 107.50
C ILE IA 19 4.72 3.02 107.47
N ALA IA 20 5.40 3.55 106.45
CA ALA IA 20 5.54 5.00 106.31
C ALA IA 20 4.19 5.69 106.35
N VAL IA 21 3.22 5.15 105.60
CA VAL IA 21 1.88 5.72 105.57
C VAL IA 21 1.20 5.67 106.92
N LEU IA 22 1.27 4.54 107.59
CA LEU IA 22 0.63 4.40 108.88
C LEU IA 22 1.18 5.38 109.90
N GLN IA 23 2.49 5.56 109.89
CA GLN IA 23 3.12 6.50 110.81
C GLN IA 23 2.68 7.91 110.52
N MET IA 24 2.60 8.25 109.24
CA MET IA 24 2.14 9.56 108.82
C MET IA 24 0.76 9.88 109.37
N HIS IA 25 -0.09 8.87 109.46
CA HIS IA 25 -1.42 9.06 110.02
C HIS IA 25 -1.54 8.72 111.50
N ASN IA 26 -0.42 8.78 112.21
CA ASN IA 26 -0.39 8.56 113.66
C ASN IA 26 -0.72 7.15 114.09
N ILE IA 27 -0.16 6.16 113.40
CA ILE IA 27 -0.34 4.76 113.77
C ILE IA 27 0.99 4.03 113.89
N GLU IA 28 1.27 3.49 115.07
CA GLU IA 28 2.47 2.69 115.27
C GLU IA 28 2.33 1.36 114.57
N ALA IA 29 3.42 0.82 114.06
CA ALA IA 29 3.34 -0.46 113.36
C ALA IA 29 4.59 -1.30 113.57
N ASN IA 30 4.41 -2.60 113.64
CA ASN IA 30 5.51 -3.51 113.85
C ASN IA 30 5.86 -4.22 112.57
N LYS IA 31 7.14 -4.31 112.25
CA LYS IA 31 7.58 -5.07 111.09
C LYS IA 31 8.18 -6.37 111.57
N ILE IA 32 7.57 -7.48 111.22
CA ILE IA 32 8.02 -8.77 111.66
C ILE IA 32 8.67 -9.58 110.56
N ASP IA 33 9.91 -9.95 110.77
CA ASP IA 33 10.67 -10.74 109.82
C ASP IA 33 10.43 -12.24 110.03
N SER IA 34 9.70 -12.86 109.10
CA SER IA 34 9.41 -14.29 109.20
C SER IA 34 10.27 -15.11 108.22
N GLY IA 35 11.44 -14.58 107.87
CA GLY IA 35 12.37 -15.27 107.00
C GLY IA 35 11.83 -15.40 105.60
N LYS IA 36 11.86 -16.63 105.09
CA LYS IA 36 11.38 -16.95 103.75
C LYS IA 36 9.92 -16.62 103.52
N LEU IA 37 9.16 -16.42 104.58
CA LEU IA 37 7.76 -16.12 104.44
C LEU IA 37 7.48 -14.64 104.26
N GLY IA 38 8.53 -13.80 104.33
CA GLY IA 38 8.36 -12.37 104.11
C GLY IA 38 8.11 -11.59 105.38
N TYR IA 39 7.60 -10.38 105.23
CA TYR IA 39 7.33 -9.52 106.37
C TYR IA 39 5.87 -9.44 106.71
N SER IA 40 5.60 -9.23 107.99
CA SER IA 40 4.25 -9.06 108.45
C SER IA 40 4.11 -7.76 109.21
N ILE IA 41 2.97 -7.11 109.05
CA ILE IA 41 2.74 -5.87 109.75
C ILE IA 41 1.60 -6.02 110.73
N THR IA 42 1.88 -5.66 111.99
CA THR IA 42 0.85 -5.74 113.01
C THR IA 42 0.67 -4.40 113.70
N VAL IA 43 -0.53 -4.17 114.22
CA VAL IA 43 -0.85 -2.92 114.87
C VAL IA 43 -1.61 -3.10 116.17
N ALA IA 44 -1.62 -2.06 116.99
CA ALA IA 44 -2.36 -2.09 118.24
C ALA IA 44 -3.84 -2.12 117.93
N GLU IA 45 -4.58 -2.91 118.70
CA GLU IA 45 -6.01 -3.06 118.51
C GLU IA 45 -6.80 -1.73 118.46
N PRO IA 46 -6.47 -0.72 119.29
CA PRO IA 46 -7.07 0.61 119.27
C PRO IA 46 -6.95 1.32 117.92
N ASP IA 47 -5.88 1.04 117.18
CA ASP IA 47 -5.65 1.68 115.91
C ASP IA 47 -6.13 0.85 114.74
N PHE IA 48 -6.22 -0.45 114.95
CA PHE IA 48 -6.60 -1.41 113.91
C PHE IA 48 -7.70 -0.95 112.95
N THR IA 49 -8.78 -0.36 113.46
CA THR IA 49 -9.86 0.09 112.59
C THR IA 49 -9.38 1.14 111.61
N ALA IA 50 -8.67 2.12 112.13
CA ALA IA 50 -8.13 3.19 111.32
C ALA IA 50 -7.10 2.66 110.35
N ALA IA 51 -6.28 1.72 110.81
CA ALA IA 51 -5.25 1.15 109.98
C ALA IA 51 -5.86 0.52 108.75
N VAL IA 52 -6.93 -0.26 108.94
CA VAL IA 52 -7.62 -0.89 107.83
C VAL IA 52 -8.13 0.14 106.85
N TYR IA 53 -8.75 1.19 107.38
CA TYR IA 53 -9.25 2.25 106.54
C TYR IA 53 -8.17 2.81 105.62
N TRP IA 54 -7.00 3.08 106.17
CA TRP IA 54 -5.92 3.64 105.38
C TRP IA 54 -5.32 2.65 104.38
N ILE IA 55 -5.30 1.36 104.71
CA ILE IA 55 -4.83 0.36 103.75
C ILE IA 55 -5.69 0.39 102.51
N LYS IA 56 -6.98 0.53 102.72
CA LYS IA 56 -7.91 0.67 101.62
C LYS IA 56 -7.66 1.94 100.84
N THR IA 57 -7.67 3.07 101.55
CA THR IA 57 -7.50 4.39 100.97
C THR IA 57 -6.30 4.52 100.06
N TYR IA 58 -5.16 4.00 100.49
CA TYR IA 58 -3.94 4.11 99.71
C TYR IA 58 -3.59 2.92 98.86
N GLN IA 59 -4.54 2.04 98.56
CA GLN IA 59 -4.26 0.88 97.71
C GLN IA 59 -3.03 0.09 98.18
N LEU IA 60 -2.98 -0.25 99.46
CA LEU IA 60 -1.81 -0.95 99.97
C LEU IA 60 -2.05 -2.44 100.11
N PRO IA 61 -0.99 -3.24 100.03
CA PRO IA 61 0.41 -2.93 99.76
C PRO IA 61 0.61 -2.58 98.28
N PRO IA 62 1.64 -1.80 97.96
CA PRO IA 62 2.02 -1.30 96.64
C PRO IA 62 2.27 -2.40 95.62
N ARG IA 63 1.96 -2.11 94.37
CA ARG IA 63 2.25 -3.02 93.28
C ARG IA 63 3.67 -2.75 92.82
N PRO IA 64 4.29 -3.66 92.09
CA PRO IA 64 5.60 -3.54 91.50
C PRO IA 64 5.54 -2.55 90.35
N ARG IA 65 6.64 -1.86 90.09
CA ARG IA 65 6.69 -0.83 89.07
C ARG IA 65 6.65 -1.41 87.66
N VAL IA 66 5.80 -0.82 86.82
CA VAL IA 66 5.63 -1.27 85.45
C VAL IA 66 6.46 -0.50 84.45
N GLU IA 67 7.24 -1.25 83.69
CA GLU IA 67 8.12 -0.71 82.66
C GLU IA 67 7.84 -1.47 81.37
N ILE IA 68 7.90 -0.77 80.24
CA ILE IA 68 7.49 -1.37 78.97
C ILE IA 68 8.28 -2.60 78.57
N ALA IA 69 9.59 -2.58 78.77
CA ALA IA 69 10.44 -3.72 78.39
C ALA IA 69 10.08 -5.01 79.09
N GLN IA 70 9.32 -4.95 80.18
CA GLN IA 70 8.96 -6.14 80.90
C GLN IA 70 8.03 -7.04 80.09
N MET IA 71 7.38 -6.48 79.07
CA MET IA 71 6.48 -7.26 78.24
C MET IA 71 7.05 -7.64 76.89
N PHE IA 72 8.33 -7.39 76.65
CA PHE IA 72 8.95 -7.79 75.40
C PHE IA 72 10.35 -8.26 75.67
N PRO IA 73 10.49 -9.39 76.37
CA PRO IA 73 11.73 -9.98 76.88
C PRO IA 73 12.63 -10.54 75.79
N ALA IA 74 13.94 -10.49 76.07
CA ALA IA 74 14.97 -10.97 75.15
C ALA IA 74 15.03 -12.48 75.10
N ASP IA 75 14.32 -13.14 76.01
CA ASP IA 75 14.26 -14.57 76.05
C ASP IA 75 13.49 -15.16 74.87
N SER IA 76 12.73 -14.33 74.16
CA SER IA 76 12.01 -14.83 73.00
C SER IA 76 12.95 -15.33 71.93
N LEU IA 77 12.57 -16.42 71.31
CA LEU IA 77 13.36 -17.06 70.27
C LEU IA 77 13.43 -16.21 69.01
N VAL IA 78 12.40 -15.38 68.80
CA VAL IA 78 12.32 -14.51 67.66
C VAL IA 78 12.00 -13.10 68.11
N SER IA 79 12.17 -12.14 67.22
CA SER IA 79 11.87 -10.76 67.54
C SER IA 79 11.27 -10.07 66.36
N SER IA 80 10.78 -8.86 66.58
CA SER IA 80 10.19 -8.09 65.53
C SER IA 80 10.59 -6.66 65.72
N PRO IA 81 10.63 -5.85 64.68
CA PRO IA 81 10.92 -4.44 64.67
C PRO IA 81 10.11 -3.72 65.71
N ARG IA 82 8.85 -4.10 65.81
CA ARG IA 82 7.94 -3.53 66.77
C ARG IA 82 8.44 -3.74 68.17
N ALA IA 83 8.75 -4.98 68.49
CA ALA IA 83 9.23 -5.30 69.83
C ALA IA 83 10.55 -4.65 70.13
N GLU IA 84 11.48 -4.68 69.18
CA GLU IA 84 12.80 -4.13 69.42
C GLU IA 84 12.77 -2.64 69.65
N LYS IA 85 11.97 -1.92 68.87
CA LYS IA 85 11.90 -0.48 69.03
C LYS IA 85 11.30 -0.15 70.39
N ALA IA 86 10.29 -0.92 70.81
CA ALA IA 86 9.69 -0.72 72.12
C ALA IA 86 10.69 -0.93 73.24
N ARG IA 87 11.49 -1.99 73.13
CA ARG IA 87 12.51 -2.28 74.13
C ARG IA 87 13.48 -1.12 74.28
N LEU IA 88 13.91 -0.57 73.17
CA LEU IA 88 14.83 0.55 73.22
C LEU IA 88 14.25 1.74 73.95
N TYR IA 89 13.03 2.13 73.59
CA TYR IA 89 12.41 3.28 74.22
C TYR IA 89 12.25 3.09 75.71
N SER IA 90 11.95 1.88 76.14
CA SER IA 90 11.80 1.60 77.55
C SER IA 90 13.08 1.92 78.28
N ALA IA 91 14.20 1.45 77.73
CA ALA IA 91 15.50 1.71 78.32
C ALA IA 91 15.80 3.18 78.37
N ILE IA 92 15.47 3.90 77.30
CA ILE IA 92 15.73 5.33 77.25
C ILE IA 92 14.97 6.07 78.34
N GLU IA 93 13.70 5.75 78.56
CA GLU IA 93 12.97 6.44 79.63
C GLU IA 93 13.65 6.22 80.95
N GLN IA 94 14.06 4.98 81.21
CA GLN IA 94 14.72 4.67 82.47
C GLN IA 94 16.00 5.46 82.65
N ARG IA 95 16.76 5.57 81.58
CA ARG IA 95 18.02 6.25 81.61
C ARG IA 95 17.83 7.75 81.84
N LEU IA 96 16.79 8.32 81.25
CA LEU IA 96 16.50 9.74 81.49
C LEU IA 96 16.08 9.98 82.93
N GLU IA 97 15.35 9.04 83.53
CA GLU IA 97 14.97 9.20 84.92
C GLU IA 97 16.18 9.17 85.81
N GLN IA 98 17.12 8.28 85.50
CA GLN IA 98 18.34 8.19 86.27
C GLN IA 98 19.11 9.50 86.21
N SER IA 99 19.07 10.18 85.08
CA SER IA 99 19.76 11.45 84.94
C SER IA 99 19.10 12.59 85.70
N LEU IA 100 17.78 12.73 85.58
CA LEU IA 100 17.12 13.86 86.25
C LEU IA 100 17.23 13.80 87.74
N GLN IA 101 17.27 12.60 88.31
CA GLN IA 101 17.37 12.46 89.74
C GLN IA 101 18.74 12.84 90.31
N THR IA 102 19.71 13.19 89.45
CA THR IA 102 21.01 13.63 89.92
C THR IA 102 21.12 15.14 89.90
N MET IA 103 20.09 15.83 89.38
CA MET IA 103 20.16 17.28 89.36
C MET IA 103 19.98 17.85 90.75
N GLU IA 104 20.64 18.97 90.99
CA GLU IA 104 20.58 19.64 92.28
C GLU IA 104 19.17 19.97 92.71
N GLY IA 105 18.81 19.51 93.90
CA GLY IA 105 17.51 19.80 94.47
C GLY IA 105 16.42 18.79 94.09
N VAL IA 106 16.72 17.88 93.17
CA VAL IA 106 15.70 16.91 92.78
C VAL IA 106 15.74 15.69 93.67
N LEU IA 107 14.59 15.37 94.23
CA LEU IA 107 14.45 14.22 95.11
C LEU IA 107 13.92 13.03 94.34
N SER IA 108 13.01 13.30 93.41
CA SER IA 108 12.43 12.24 92.59
C SER IA 108 11.94 12.73 91.25
N ALA IA 109 12.04 11.89 90.24
CA ALA IA 109 11.56 12.31 88.92
C ALA IA 109 11.16 11.14 88.06
N ARG IA 110 10.12 11.35 87.25
CA ARG IA 110 9.61 10.32 86.33
C ARG IA 110 9.54 10.86 84.91
N VAL IA 111 9.83 10.01 83.93
CA VAL IA 111 9.87 10.45 82.53
C VAL IA 111 9.10 9.55 81.59
N HIS IA 112 8.34 10.17 80.69
CA HIS IA 112 7.61 9.45 79.66
C HIS IA 112 7.98 9.91 78.28
N ILE IA 113 8.01 8.99 77.34
CA ILE IA 113 8.28 9.34 75.95
C ILE IA 113 7.23 8.70 75.09
N SER IA 114 6.78 9.40 74.07
CA SER IA 114 5.78 8.83 73.19
C SER IA 114 6.35 7.67 72.40
N TYR IA 115 5.48 6.80 71.93
CA TYR IA 115 5.91 5.62 71.18
C TYR IA 115 5.42 5.68 69.75
N ASP IA 116 6.07 4.89 68.91
CA ASP IA 116 5.75 4.78 67.49
C ASP IA 116 5.75 3.32 67.14
N ILE IA 117 4.56 2.79 66.97
CA ILE IA 117 4.41 1.38 66.73
C ILE IA 117 4.12 1.00 65.29
N ASP IA 118 3.65 1.94 64.47
CA ASP IA 118 3.39 1.56 63.10
C ASP IA 118 3.47 2.66 62.05
N ALA IA 119 4.36 3.65 62.22
CA ALA IA 119 4.50 4.67 61.16
C ALA IA 119 5.03 4.03 59.89
N GLY IA 120 6.30 3.60 59.90
CA GLY IA 120 6.95 2.95 58.76
C GLY IA 120 6.15 1.75 58.27
N GLU IA 121 5.56 1.01 59.19
CA GLU IA 121 4.68 -0.12 58.89
C GLU IA 121 3.59 0.23 57.87
N ASN IA 122 3.06 1.44 57.97
CA ASN IA 122 1.99 1.88 57.09
C ASN IA 122 2.49 2.73 55.93
N GLY IA 123 3.82 2.76 55.71
CA GLY IA 123 4.38 3.57 54.64
C GLY IA 123 4.45 5.04 55.02
N ARG IA 124 4.30 5.34 56.30
CA ARG IA 124 4.31 6.71 56.76
C ARG IA 124 5.62 7.11 57.41
N PRO IA 125 5.95 8.40 57.39
CA PRO IA 125 7.06 9.02 58.06
C PRO IA 125 6.73 9.02 59.54
N PRO IA 126 7.73 9.05 60.40
CA PRO IA 126 7.66 9.05 61.86
C PRO IA 126 7.10 10.35 62.37
N LYS IA 127 6.49 10.29 63.54
CA LYS IA 127 5.90 11.46 64.15
C LYS IA 127 6.88 12.11 65.11
N PRO IA 128 6.69 13.39 65.44
CA PRO IA 128 7.45 14.17 66.38
C PRO IA 128 7.39 13.50 67.72
N VAL IA 129 8.44 13.64 68.50
CA VAL IA 129 8.50 12.98 69.78
C VAL IA 129 7.95 13.84 70.90
N HIS IA 130 7.10 13.26 71.72
CA HIS IA 130 6.55 13.99 72.84
C HIS IA 130 7.16 13.51 74.14
N LEU IA 131 7.41 14.44 75.05
CA LEU IA 131 7.99 14.10 76.33
C LEU IA 131 7.21 14.70 77.46
N SER IA 132 7.17 14.00 78.58
CA SER IA 132 6.55 14.57 79.76
C SER IA 132 7.29 14.11 80.98
N ALA IA 133 7.25 14.91 82.03
CA ALA IA 133 7.99 14.51 83.21
C ALA IA 133 7.43 15.08 84.48
N LEU IA 134 7.66 14.35 85.56
CA LEU IA 134 7.23 14.76 86.88
C LEU IA 134 8.43 14.95 87.77
N ALA IA 135 8.38 15.91 88.68
CA ALA IA 135 9.52 16.08 89.56
C ALA IA 135 9.17 16.59 90.95
N VAL IA 136 9.92 16.13 91.92
CA VAL IA 136 9.79 16.52 93.31
C VAL IA 136 11.07 17.16 93.79
N TYR IA 137 10.96 18.38 94.30
CA TYR IA 137 12.11 19.12 94.79
C TYR IA 137 12.19 19.30 96.29
N GLU IA 138 13.39 19.60 96.74
CA GLU IA 138 13.62 19.92 98.12
C GLU IA 138 12.82 21.16 98.49
N ARG IA 139 12.07 21.06 99.57
CA ARG IA 139 11.21 22.14 100.00
C ARG IA 139 11.96 23.47 100.15
N GLY IA 140 11.38 24.51 99.57
CA GLY IA 140 11.94 25.87 99.61
C GLY IA 140 12.68 26.24 98.32
N SER IA 141 12.87 25.27 97.44
CA SER IA 141 13.53 25.45 96.16
C SER IA 141 12.67 26.30 95.17
N PRO IA 142 13.29 27.14 94.33
CA PRO IA 142 12.68 28.04 93.33
C PRO IA 142 12.21 27.35 92.05
N LEU IA 143 11.19 26.49 92.22
CA LEU IA 143 10.60 25.67 91.16
C LEU IA 143 10.29 26.37 89.85
N ALA IA 144 9.84 27.62 89.95
CA ALA IA 144 9.45 28.41 88.78
C ALA IA 144 10.60 28.68 87.82
N HIS IA 145 11.83 28.47 88.24
CA HIS IA 145 12.97 28.73 87.39
C HIS IA 145 13.64 27.43 87.03
N GLN IA 146 13.64 26.50 87.98
CA GLN IA 146 14.27 25.20 87.81
C GLN IA 146 13.66 24.40 86.68
N ILE IA 147 12.37 24.56 86.49
CA ILE IA 147 11.66 23.93 85.40
C ILE IA 147 12.27 24.17 84.02
N SER IA 148 13.02 25.28 83.85
CA SER IA 148 13.61 25.58 82.56
C SER IA 148 14.84 24.73 82.28
N ASP IA 149 15.51 24.24 83.33
CA ASP IA 149 16.66 23.39 83.12
C ASP IA 149 16.23 22.05 82.64
N ILE IA 150 15.15 21.56 83.23
CA ILE IA 150 14.63 20.27 82.85
C ILE IA 150 14.23 20.28 81.40
N LYS IA 151 13.50 21.31 81.02
CA LYS IA 151 13.00 21.42 79.68
C LYS IA 151 14.11 21.58 78.65
N ARG IA 152 15.14 22.36 78.97
CA ARG IA 152 16.26 22.54 78.06
C ARG IA 152 17.05 21.26 77.88
N PHE IA 153 17.31 20.59 78.99
CA PHE IA 153 18.02 19.34 78.99
C PHE IA 153 17.35 18.31 78.13
N LEU IA 154 16.04 18.14 78.33
CA LEU IA 154 15.31 17.17 77.56
C LEU IA 154 15.23 17.54 76.08
N LYS IA 155 15.13 18.83 75.78
CA LYS IA 155 15.02 19.25 74.39
C LYS IA 155 16.14 18.71 73.51
N ASN IA 156 17.39 18.80 73.95
CA ASN IA 156 18.45 18.25 73.13
C ASN IA 156 18.85 16.83 73.51
N SER IA 157 18.00 16.14 74.26
CA SER IA 157 18.26 14.75 74.62
C SER IA 157 17.57 13.79 73.68
N PHE IA 158 17.00 14.30 72.59
CA PHE IA 158 16.34 13.37 71.70
C PHE IA 158 16.18 13.96 70.29
N ALA IA 159 16.37 13.10 69.31
CA ALA IA 159 16.36 13.38 67.87
C ALA IA 159 15.48 14.53 67.40
N ASP IA 160 14.22 14.59 67.82
CA ASP IA 160 13.38 15.66 67.33
C ASP IA 160 12.21 16.01 68.23
N VAL IA 161 12.45 16.92 69.16
CA VAL IA 161 11.44 17.43 70.05
C VAL IA 161 11.48 18.94 69.99
N ASP IA 162 10.58 19.58 70.72
CA ASP IA 162 10.58 21.04 70.75
C ASP IA 162 9.95 21.53 72.04
N TYR IA 163 10.00 22.83 72.28
CA TYR IA 163 9.52 23.37 73.55
C TYR IA 163 7.99 23.37 73.71
N ASP IA 164 7.26 22.98 72.68
CA ASP IA 164 5.81 22.91 72.80
C ASP IA 164 5.35 21.48 73.03
N ASN IA 165 6.25 20.52 72.83
CA ASN IA 165 5.89 19.13 72.98
C ASN IA 165 6.59 18.48 74.16
N ILE IA 166 7.05 19.30 75.09
CA ILE IA 166 7.67 18.83 76.32
C ILE IA 166 6.93 19.42 77.51
N SER IA 167 6.33 18.57 78.33
CA SER IA 167 5.60 19.08 79.48
C SER IA 167 6.19 18.65 80.80
N VAL IA 168 6.32 19.62 81.71
CA VAL IA 168 6.87 19.32 83.02
C VAL IA 168 5.94 19.78 84.13
N VAL IA 169 5.56 18.84 84.97
CA VAL IA 169 4.71 19.12 86.12
C VAL IA 169 5.49 18.78 87.36
N LEU IA 170 5.57 19.71 88.28
CA LEU IA 170 6.40 19.48 89.45
C LEU IA 170 5.94 20.17 90.71
N SER IA 171 6.55 19.77 91.82
CA SER IA 171 6.27 20.33 93.13
C SER IA 171 7.41 20.05 94.10
N GLU IA 172 7.11 20.10 95.39
CA GLU IA 172 8.13 19.87 96.41
C GLU IA 172 7.59 19.03 97.54
N ARG IA 173 8.51 18.46 98.31
CA ARG IA 173 8.12 17.58 99.41
C ARG IA 173 7.34 18.28 100.51
N SER IA 174 6.62 17.47 101.28
CA SER IA 174 5.83 17.91 102.42
C SER IA 174 6.66 17.99 103.71
N ASP IA 175 6.02 18.42 104.80
CA ASP IA 175 6.65 18.53 106.11
C ASP IA 175 7.05 17.14 106.59
N ALA IA 176 8.36 16.92 106.74
CA ALA IA 176 8.89 15.62 107.10
C ALA IA 176 8.35 15.07 108.41
N GLN IA 177 7.96 13.80 108.40
CA GLN IA 177 7.45 13.18 109.60
C GLN IA 177 8.60 12.69 110.44
N LEU IA 178 9.07 13.57 111.31
CA LEU IA 178 10.22 13.26 112.15
C LEU IA 178 9.85 12.85 113.57
N GLN IA 179 8.56 12.64 113.84
CA GLN IA 179 8.12 12.30 115.19
C GLN IA 179 7.33 11.00 115.24
N ALA IA 180 7.56 10.22 116.28
CA ALA IA 180 6.85 8.96 116.43
C ALA IA 180 5.38 9.21 116.79
N PRO IA 181 4.46 8.40 116.25
CA PRO IA 181 3.01 8.41 116.49
C PRO IA 181 2.61 8.30 117.97
N GLY IA 182 3.27 7.43 118.71
CA GLY IA 182 2.99 7.25 120.12
C GLY IA 182 2.07 6.06 120.33
N THR IA 183 2.08 5.53 121.55
CA THR IA 183 1.25 4.39 121.89
C THR IA 183 -0.13 4.84 122.34
N PRO IA 184 -1.10 3.92 122.40
CA PRO IA 184 -2.46 4.11 122.87
C PRO IA 184 -2.47 4.29 124.37
N VAL IA 185 -3.48 4.96 124.88
CA VAL IA 185 -3.59 5.20 126.31
C VAL IA 185 -4.30 4.06 127.01
N LYS IA 186 -3.55 3.34 127.84
CA LYS IA 186 -4.08 2.24 128.63
C LYS IA 186 -3.00 1.66 129.52
N ALA JA 42 -4.04 12.28 132.23
CA ALA JA 42 -3.75 12.26 130.80
C ALA JA 42 -3.91 13.65 130.21
N GLU JA 43 -3.04 14.57 130.61
CA GLU JA 43 -3.11 15.93 130.09
C GLU JA 43 -2.99 15.92 128.58
N LEU JA 44 -3.95 16.55 127.93
CA LEU JA 44 -4.03 16.59 126.48
C LEU JA 44 -2.74 17.05 125.81
N ASP JA 45 -2.05 18.00 126.41
CA ASP JA 45 -0.78 18.47 125.87
C ASP JA 45 0.25 17.35 125.74
N SER JA 46 0.22 16.39 126.65
CA SER JA 46 1.15 15.28 126.61
C SER JA 46 0.63 14.18 125.68
N LEU JA 47 -0.69 14.16 125.47
CA LEU JA 47 -1.28 13.19 124.56
C LEU JA 47 -0.96 13.51 123.10
N LEU JA 48 -0.90 14.80 122.79
CA LEU JA 48 -0.54 15.27 121.45
C LEU JA 48 0.97 15.13 121.22
N GLY JA 49 1.37 15.10 119.96
CA GLY JA 49 2.76 14.91 119.50
C GLY JA 49 3.88 15.61 120.28
N GLN JA 50 5.12 15.17 120.03
CA GLN JA 50 6.32 15.70 120.69
C GLN JA 50 6.48 17.19 120.49
N GLU JA 51 6.25 17.65 119.27
CA GLU JA 51 6.33 19.06 119.01
C GLU JA 51 4.99 19.68 119.34
N LYS JA 52 4.78 19.92 120.63
CA LYS JA 52 3.54 20.46 121.14
C LYS JA 52 3.17 21.83 120.57
N GLU JA 53 4.13 22.52 119.97
CA GLU JA 53 3.89 23.83 119.42
C GLU JA 53 3.14 23.78 118.09
N ARG JA 54 2.80 22.59 117.61
CA ARG JA 54 2.02 22.45 116.39
C ARG JA 54 0.54 22.63 116.69
N PHE JA 55 0.15 22.58 117.97
CA PHE JA 55 -1.26 22.68 118.31
C PHE JA 55 -1.53 23.75 119.33
N GLN JA 56 -2.68 24.38 119.24
CA GLN JA 56 -3.07 25.33 120.26
C GLN JA 56 -4.30 24.84 120.97
N VAL JA 57 -4.12 24.37 122.20
CA VAL JA 57 -5.26 23.90 122.96
C VAL JA 57 -6.02 25.06 123.55
N LEU JA 58 -7.34 25.04 123.35
CA LEU JA 58 -8.21 26.12 123.77
C LEU JA 58 -9.26 25.62 124.75
N PRO JA 59 -9.64 26.42 125.74
CA PRO JA 59 -10.62 26.00 126.75
C PRO JA 59 -11.96 26.68 126.51
N GLY JA 60 -12.86 25.99 125.81
CA GLY JA 60 -14.16 26.57 125.49
C GLY JA 60 -15.05 26.71 126.70
N ARG JA 61 -15.93 27.72 126.65
CA ARG JA 61 -16.85 28.01 127.75
C ARG JA 61 -17.94 26.94 127.88
N ASP JA 62 -18.08 26.11 126.86
CA ASP JA 62 -19.01 24.99 126.83
C ASP JA 62 -18.44 23.72 127.47
N LYS JA 63 -17.30 23.83 128.17
CA LYS JA 63 -16.63 22.72 128.83
C LYS JA 63 -15.99 21.74 127.85
N MET JA 64 -15.81 22.17 126.61
CA MET JA 64 -15.15 21.35 125.62
C MET JA 64 -13.76 21.88 125.39
N LEU JA 65 -12.79 20.98 125.44
CA LEU JA 65 -11.41 21.37 125.25
C LEU JA 65 -11.12 21.25 123.75
N TYR JA 66 -10.74 22.36 123.15
CA TYR JA 66 -10.56 22.38 121.71
C TYR JA 66 -9.10 22.28 121.29
N VAL JA 67 -8.87 21.66 120.14
CA VAL JA 67 -7.51 21.56 119.62
C VAL JA 67 -7.38 22.26 118.30
N ALA JA 68 -6.77 23.44 118.29
CA ALA JA 68 -6.65 24.16 117.03
C ALA JA 68 -5.46 23.66 116.24
N ALA JA 69 -5.73 23.20 115.03
CA ALA JA 69 -4.70 22.72 114.13
C ALA JA 69 -4.60 23.63 112.91
N GLN JA 70 -3.40 23.78 112.40
CA GLN JA 70 -3.15 24.66 111.25
C GLN JA 70 -3.12 23.93 109.91
N ASN JA 71 -3.24 22.62 109.94
CA ASN JA 71 -3.16 21.83 108.72
C ASN JA 71 -3.93 20.54 108.85
N GLU JA 72 -4.58 20.12 107.77
CA GLU JA 72 -5.36 18.89 107.78
C GLU JA 72 -4.59 17.64 108.22
N ARG JA 73 -3.27 17.64 108.09
CA ARG JA 73 -2.48 16.52 108.56
C ARG JA 73 -2.42 16.51 110.08
N ASP JA 74 -2.48 17.69 110.67
CA ASP JA 74 -2.42 17.84 112.10
C ASP JA 74 -3.82 17.65 112.63
N THR JA 75 -4.80 18.02 111.82
CA THR JA 75 -6.19 17.82 112.18
C THR JA 75 -6.42 16.34 112.38
N LEU JA 76 -6.00 15.55 111.39
CA LEU JA 76 -6.14 14.11 111.49
C LEU JA 76 -5.33 13.54 112.62
N TRP JA 77 -4.11 14.05 112.83
CA TRP JA 77 -3.26 13.60 113.91
C TRP JA 77 -4.02 13.65 115.24
N ALA JA 78 -4.54 14.83 115.54
CA ALA JA 78 -5.29 15.07 116.78
C ALA JA 78 -6.54 14.21 116.87
N ARG JA 79 -7.24 14.03 115.75
CA ARG JA 79 -8.44 13.21 115.77
C ARG JA 79 -8.08 11.77 116.10
N GLN JA 80 -6.96 11.29 115.58
CA GLN JA 80 -6.54 9.94 115.89
C GLN JA 80 -6.18 9.83 117.34
N VAL JA 81 -5.59 10.87 117.92
CA VAL JA 81 -5.30 10.85 119.35
C VAL JA 81 -6.55 10.69 120.17
N LEU JA 82 -7.58 11.45 119.83
CA LEU JA 82 -8.84 11.37 120.58
C LEU JA 82 -9.51 9.99 120.44
N ALA JA 83 -9.41 9.37 119.27
CA ALA JA 83 -10.00 8.05 119.06
C ALA JA 83 -9.14 6.91 119.61
N ARG JA 84 -7.82 7.07 119.53
CA ARG JA 84 -6.86 6.06 119.99
C ARG JA 84 -6.67 6.04 121.47
N GLY JA 85 -6.34 7.20 122.02
CA GLY JA 85 -6.10 7.34 123.43
C GLY JA 85 -7.37 7.73 124.13
N ASP JA 86 -7.24 8.45 125.22
CA ASP JA 86 -8.41 8.85 125.93
C ASP JA 86 -8.18 10.10 126.74
N TYR JA 87 -9.28 10.76 127.04
CA TYR JA 87 -9.29 11.95 127.82
C TYR JA 87 -10.70 12.16 128.31
N ASP JA 88 -10.91 12.02 129.61
CA ASP JA 88 -12.24 12.14 130.20
C ASP JA 88 -12.76 13.57 130.22
N LYS JA 89 -13.16 14.06 129.06
CA LYS JA 89 -13.70 15.40 128.92
C LYS JA 89 -14.05 15.68 127.48
N ASN JA 90 -15.11 16.46 127.27
CA ASN JA 90 -15.50 16.85 125.94
C ASN JA 90 -14.31 17.44 125.22
N ALA JA 91 -14.14 17.09 123.96
CA ALA JA 91 -13.03 17.60 123.18
C ALA JA 91 -13.38 17.65 121.71
N ARG JA 92 -12.77 18.58 120.99
CA ARG JA 92 -13.05 18.71 119.57
C ARG JA 92 -11.95 19.47 118.82
N VAL JA 93 -11.50 18.87 117.72
CA VAL JA 93 -10.45 19.45 116.91
C VAL JA 93 -10.96 20.54 115.98
N ILE JA 94 -10.28 21.68 116.00
CA ILE JA 94 -10.60 22.84 115.18
C ILE JA 94 -9.75 22.96 113.93
N ASN JA 95 -10.40 23.22 112.83
CA ASN JA 95 -9.76 23.41 111.54
C ASN JA 95 -10.28 24.66 110.88
N GLU JA 96 -9.40 25.64 110.68
CA GLU JA 96 -9.73 26.94 110.11
C GLU JA 96 -10.71 26.93 108.95
N ASN JA 97 -10.48 26.07 107.97
CA ASN JA 97 -11.39 26.02 106.83
C ASN JA 97 -12.70 25.35 107.18
N GLU JA 98 -12.65 24.31 108.02
CA GLU JA 98 -13.87 23.63 108.38
C GLU JA 98 -14.77 24.53 109.21
N GLU JA 99 -14.17 25.35 110.05
CA GLU JA 99 -14.94 26.26 110.87
C GLU JA 99 -15.47 27.40 110.06
N ASN JA 100 -14.69 27.86 109.09
CA ASN JA 100 -15.16 28.92 108.22
C ASN JA 100 -16.42 28.44 107.52
N LYS JA 101 -16.40 27.20 107.03
CA LYS JA 101 -17.54 26.61 106.36
C LYS JA 101 -18.73 26.40 107.29
N ARG JA 102 -18.50 25.85 108.48
CA ARG JA 102 -19.58 25.61 109.42
C ARG JA 102 -20.35 26.88 109.71
N ILE JA 103 -19.61 27.95 109.94
CA ILE JA 103 -20.22 29.23 110.20
C ILE JA 103 -20.99 29.74 109.01
N SER JA 104 -20.40 29.65 107.81
CA SER JA 104 -21.06 30.16 106.62
C SER JA 104 -22.39 29.48 106.36
N ILE JA 105 -22.52 28.22 106.76
CA ILE JA 105 -23.78 27.51 106.59
C ILE JA 105 -24.88 28.12 107.45
N TRP JA 106 -24.58 28.25 108.74
CA TRP JA 106 -25.53 28.82 109.68
C TRP JA 106 -25.87 30.24 109.29
N LEU JA 107 -24.83 30.97 108.93
CA LEU JA 107 -24.93 32.36 108.60
C LEU JA 107 -25.83 32.57 107.40
N ASP JA 108 -25.70 31.75 106.37
CA ASP JA 108 -26.59 31.89 105.21
C ASP JA 108 -28.06 31.68 105.58
N THR JA 109 -28.35 30.71 106.46
CA THR JA 109 -29.73 30.46 106.87
C THR JA 109 -30.36 31.59 107.66
N TYR JA 110 -29.64 32.11 108.64
CA TYR JA 110 -30.18 33.16 109.50
C TYR JA 110 -29.97 34.56 108.97
N TYR JA 111 -28.88 34.77 108.24
CA TYR JA 111 -28.61 36.05 107.61
C TYR JA 111 -28.38 35.91 106.11
N PRO JA 112 -29.41 35.54 105.34
CA PRO JA 112 -29.38 35.34 103.92
C PRO JA 112 -29.13 36.70 103.30
N GLN JA 113 -28.46 36.68 102.17
CA GLN JA 113 -28.06 37.89 101.44
C GLN JA 113 -26.95 38.70 102.12
N LEU JA 114 -26.42 38.24 103.26
CA LEU JA 114 -25.33 38.97 103.89
C LEU JA 114 -24.09 38.91 103.01
N ALA JA 115 -23.51 40.06 102.70
CA ALA JA 115 -22.32 40.06 101.85
C ALA JA 115 -21.07 40.06 102.69
N TYR JA 116 -20.30 38.99 102.62
CA TYR JA 116 -19.09 38.89 103.43
C TYR JA 116 -18.01 38.11 102.71
N TYR JA 117 -16.80 38.14 103.28
CA TYR JA 117 -15.64 37.50 102.66
C TYR JA 117 -15.16 36.26 103.37
N ARG JA 118 -14.39 36.42 104.43
CA ARG JA 118 -13.84 35.26 105.11
C ARG JA 118 -13.47 35.57 106.54
N ILE JA 119 -13.60 34.58 107.40
CA ILE JA 119 -13.22 34.76 108.79
C ILE JA 119 -11.76 34.39 108.99
N HIS JA 120 -11.01 35.32 109.57
CA HIS JA 120 -9.61 35.12 109.84
C HIS JA 120 -9.44 34.72 111.27
N PHE JA 121 -9.14 33.46 111.49
CA PHE JA 121 -9.09 32.96 112.85
C PHE JA 121 -7.83 33.37 113.58
N ASP JA 122 -6.68 33.33 112.88
CA ASP JA 122 -5.37 33.73 113.42
C ASP JA 122 -5.22 33.55 114.93
N GLU JA 123 -5.65 34.55 115.69
CA GLU JA 123 -5.65 34.48 117.15
C GLU JA 123 -6.99 34.01 117.66
N PRO JA 124 -7.20 32.69 117.77
CA PRO JA 124 -8.45 32.00 118.19
C PRO JA 124 -9.43 32.86 118.99
N ARG JA 125 -8.94 33.47 120.05
CA ARG JA 125 -9.70 34.31 120.96
C ARG JA 125 -10.52 35.41 120.31
N LYS JA 126 -9.94 36.06 119.30
CA LYS JA 126 -10.57 37.17 118.63
C LYS JA 126 -10.42 37.09 117.12
N PRO JA 127 -11.21 36.26 116.44
CA PRO JA 127 -11.23 36.07 115.00
C PRO JA 127 -11.80 37.31 114.36
N VAL JA 128 -11.36 37.59 113.14
CA VAL JA 128 -11.79 38.77 112.43
C VAL JA 128 -12.74 38.41 111.30
N PHE JA 129 -13.85 39.10 111.24
CA PHE JA 129 -14.85 38.81 110.24
C PHE JA 129 -14.86 39.86 109.15
N TRP JA 130 -14.41 39.53 107.94
CA TRP JA 130 -14.47 40.53 106.89
C TRP JA 130 -15.86 40.60 106.28
N LEU JA 131 -16.40 41.82 106.26
CA LEU JA 131 -17.76 42.12 105.82
C LEU JA 131 -17.73 43.14 104.67
N SER JA 132 -18.55 42.95 103.63
CA SER JA 132 -18.51 43.92 102.52
C SER JA 132 -19.01 45.29 102.94
N ARG JA 133 -18.09 46.25 102.99
CA ARG JA 133 -18.40 47.62 103.36
C ARG JA 133 -19.45 48.26 102.47
N GLN JA 134 -19.30 48.06 101.18
CA GLN JA 134 -20.17 48.70 100.20
C GLN JA 134 -21.51 48.01 100.01
N ARG JA 135 -21.56 46.69 100.07
CA ARG JA 135 -22.84 46.03 99.85
C ARG JA 135 -23.75 45.93 101.06
N ASN JA 136 -23.20 45.97 102.27
CA ASN JA 136 -24.07 45.87 103.43
C ASN JA 136 -24.46 47.23 103.97
N THR JA 137 -25.72 47.34 104.39
CA THR JA 137 -26.28 48.57 104.92
C THR JA 137 -26.79 48.40 106.35
N MET JA 138 -26.24 47.41 107.06
CA MET JA 138 -26.66 47.13 108.42
C MET JA 138 -26.28 48.27 109.37
N SER JA 139 -27.11 48.50 110.37
CA SER JA 139 -26.84 49.54 111.35
C SER JA 139 -25.84 49.03 112.35
N LYS JA 140 -25.25 49.93 113.11
CA LYS JA 140 -24.29 49.58 114.13
C LYS JA 140 -24.87 48.60 115.13
N LYS JA 141 -26.13 48.81 115.51
CA LYS JA 141 -26.81 47.95 116.46
C LYS JA 141 -27.01 46.57 115.88
N GLU JA 142 -27.37 46.52 114.60
CA GLU JA 142 -27.56 45.24 113.93
C GLU JA 142 -26.26 44.47 113.87
N LEU JA 143 -25.16 45.19 113.63
CA LEU JA 143 -23.85 44.57 113.58
C LEU JA 143 -23.45 44.03 114.95
N GLU JA 144 -23.84 44.74 116.02
CA GLU JA 144 -23.60 44.24 117.37
C GLU JA 144 -24.23 42.87 117.53
N VAL JA 145 -25.51 42.78 117.16
CA VAL JA 145 -26.25 41.55 117.27
C VAL JA 145 -25.60 40.44 116.47
N LEU JA 146 -25.20 40.75 115.24
CA LEU JA 146 -24.52 39.81 114.38
C LEU JA 146 -23.31 39.23 115.05
N SER JA 147 -22.45 40.09 115.63
CA SER JA 147 -21.25 39.58 116.28
C SER JA 147 -21.59 38.70 117.46
N GLN JA 148 -22.69 39.00 118.14
CA GLN JA 148 -23.11 38.19 119.26
C GLN JA 148 -23.53 36.81 118.83
N LYS JA 149 -24.18 36.72 117.67
CA LYS JA 149 -24.58 35.42 117.16
C LYS JA 149 -23.35 34.63 116.76
N LEU JA 150 -22.36 35.31 116.21
CA LEU JA 150 -21.12 34.65 115.84
C LEU JA 150 -20.40 34.14 117.08
N ARG JA 151 -20.46 34.90 118.18
CA ARG JA 151 -19.84 34.47 119.42
C ARG JA 151 -20.49 33.19 119.89
N ALA JA 152 -21.81 33.11 119.74
CA ALA JA 152 -22.54 31.89 120.10
C ALA JA 152 -22.05 30.71 119.28
N LEU JA 153 -21.78 30.94 117.99
CA LEU JA 153 -21.29 29.88 117.11
C LEU JA 153 -19.88 29.41 117.45
N MET JA 154 -19.09 30.25 118.11
CA MET JA 154 -17.71 29.92 118.48
C MET JA 154 -17.47 29.92 120.00
N PRO JA 155 -17.72 28.78 120.67
CA PRO JA 155 -17.59 28.47 122.10
C PRO JA 155 -16.28 28.91 122.73
N TYR JA 156 -15.21 28.93 121.93
CA TYR JA 156 -13.90 29.32 122.44
C TYR JA 156 -13.64 30.81 122.34
N ALA JA 157 -14.02 31.39 121.20
CA ALA JA 157 -13.79 32.81 120.94
C ALA JA 157 -14.42 33.64 122.03
N ASP JA 158 -13.71 34.69 122.43
CA ASP JA 158 -14.21 35.55 123.47
C ASP JA 158 -15.04 36.65 122.85
N SER JA 159 -14.62 37.13 121.68
CA SER JA 159 -15.36 38.15 120.97
C SER JA 159 -15.07 38.05 119.50
N VAL JA 160 -15.88 38.73 118.69
CA VAL JA 160 -15.69 38.71 117.25
C VAL JA 160 -15.47 40.10 116.72
N ASN JA 161 -14.39 40.28 115.96
CA ASN JA 161 -14.09 41.58 115.42
C ASN JA 161 -14.61 41.73 114.00
N ILE JA 162 -15.83 42.21 113.86
CA ILE JA 162 -16.37 42.44 112.53
C ILE JA 162 -15.83 43.73 111.99
N THR JA 163 -15.32 43.67 110.77
CA THR JA 163 -14.78 44.85 110.13
C THR JA 163 -15.20 44.89 108.68
N LEU JA 164 -15.35 46.11 108.18
CA LEU JA 164 -15.84 46.29 106.83
C LEU JA 164 -14.71 46.52 105.84
N MET JA 165 -14.73 45.75 104.75
CA MET JA 165 -13.70 45.82 103.71
C MET JA 165 -14.24 46.44 102.43
N ASP JA 166 -13.39 47.15 101.71
CA ASP JA 166 -13.82 47.78 100.47
C ASP JA 166 -13.67 46.85 99.27
N ASP JA 167 -14.81 46.48 98.69
CA ASP JA 167 -14.90 45.58 97.53
C ASP JA 167 -13.94 45.94 96.40
N VAL JA 168 -13.69 47.23 96.21
CA VAL JA 168 -12.82 47.70 95.17
C VAL JA 168 -11.39 47.25 95.37
N THR JA 169 -10.94 47.26 96.62
CA THR JA 169 -9.56 46.89 96.88
C THR JA 169 -9.37 45.40 96.74
N ALA JA 170 -10.44 44.64 97.00
CA ALA JA 170 -10.36 43.20 96.81
C ALA JA 170 -10.14 42.90 95.34
N ALA JA 171 -10.96 43.52 94.49
CA ALA JA 171 -10.86 43.33 93.05
C ALA JA 171 -9.54 43.85 92.51
N GLY JA 172 -9.11 45.00 93.03
CA GLY JA 172 -7.88 45.62 92.58
C GLY JA 172 -6.69 44.72 92.79
N GLN JA 173 -6.60 44.11 93.97
CA GLN JA 173 -5.50 43.21 94.25
C GLN JA 173 -5.54 41.99 93.37
N ALA JA 174 -6.73 41.44 93.15
CA ALA JA 174 -6.87 40.26 92.32
C ALA JA 174 -6.31 40.51 90.93
N GLU JA 175 -6.70 41.60 90.31
CA GLU JA 175 -6.25 41.88 88.97
C GLU JA 175 -4.79 42.29 88.93
N ALA JA 176 -4.36 43.12 89.89
CA ALA JA 176 -2.99 43.60 89.90
C ALA JA 176 -1.99 42.47 89.94
N GLY JA 177 -2.19 41.53 90.85
CA GLY JA 177 -1.26 40.41 90.97
C GLY JA 177 -1.31 39.53 89.72
N LEU JA 178 -2.52 39.33 89.21
CA LEU JA 178 -2.73 38.51 88.03
C LEU JA 178 -1.93 39.04 86.83
N LYS JA 179 -2.01 40.35 86.59
CA LYS JA 179 -1.26 40.93 85.49
C LYS JA 179 0.22 41.09 85.82
N GLN JA 180 0.59 41.18 87.10
CA GLN JA 180 2.00 41.23 87.48
C GLN JA 180 2.70 39.96 87.05
N GLN JA 181 2.01 38.83 87.18
CA GLN JA 181 2.52 37.54 86.76
C GLN JA 181 2.57 37.35 85.24
N ALA JA 182 2.18 38.38 84.46
CA ALA JA 182 2.17 38.39 83.01
C ALA JA 182 1.21 37.36 82.45
N LEU JA 183 0.11 37.13 83.16
CA LEU JA 183 -0.86 36.15 82.70
C LEU JA 183 -1.92 36.82 81.85
N PRO JA 184 -2.41 36.16 80.82
CA PRO JA 184 -3.49 36.56 79.95
C PRO JA 184 -4.79 36.33 80.67
N TYR JA 185 -5.74 37.23 80.51
CA TYR JA 185 -7.03 37.04 81.17
C TYR JA 185 -8.06 37.99 80.64
N SER JA 186 -9.31 37.74 81.01
CA SER JA 186 -10.36 38.65 80.65
C SER JA 186 -11.29 38.80 81.86
N ARG JA 187 -11.42 40.03 82.32
CA ARG JA 187 -12.23 40.34 83.49
C ARG JA 187 -13.72 40.37 83.20
N ARG JA 188 -14.51 39.89 84.15
CA ARG JA 188 -15.95 39.84 84.04
C ARG JA 188 -16.64 40.49 85.21
N ASN JA 189 -16.89 41.78 85.11
CA ASN JA 189 -17.58 42.47 86.19
C ASN JA 189 -19.07 42.18 86.09
N HIS JA 190 -19.69 41.89 87.21
CA HIS JA 190 -21.13 41.69 87.23
C HIS JA 190 -21.67 42.10 88.57
N LYS JA 191 -22.97 42.27 88.66
CA LYS JA 191 -23.52 42.66 89.94
C LYS JA 191 -23.25 41.59 90.95
N GLY JA 192 -22.62 41.97 92.05
CA GLY JA 192 -22.33 41.03 93.13
C GLY JA 192 -20.96 40.35 93.05
N GLY JA 193 -20.18 40.57 92.00
CA GLY JA 193 -18.87 39.90 91.96
C GLY JA 193 -18.07 40.14 90.69
N VAL JA 194 -16.96 39.43 90.58
CA VAL JA 194 -16.12 39.54 89.39
C VAL JA 194 -15.40 38.24 89.10
N THR JA 195 -15.37 37.86 87.82
CA THR JA 195 -14.70 36.64 87.42
C THR JA 195 -13.55 36.90 86.46
N PHE JA 196 -12.43 36.23 86.69
CA PHE JA 196 -11.26 36.38 85.85
C PHE JA 196 -11.03 35.13 85.00
N VAL JA 197 -11.34 35.26 83.72
CA VAL JA 197 -11.25 34.15 82.80
C VAL JA 197 -9.89 34.02 82.15
N ILE JA 198 -9.31 32.83 82.26
CA ILE JA 198 -8.00 32.56 81.66
C ILE JA 198 -8.12 31.41 80.67
N GLN JA 199 -8.13 31.71 79.38
CA GLN JA 199 -8.26 30.67 78.37
C GLN JA 199 -7.09 30.59 77.42
N GLY JA 200 -7.10 29.55 76.60
CA GLY JA 200 -6.07 29.32 75.59
C GLY JA 200 -5.08 28.28 76.06
N ALA JA 201 -4.14 27.94 75.18
CA ALA JA 201 -3.10 27.01 75.55
C ALA JA 201 -2.14 27.72 76.47
N LEU JA 202 -1.65 27.01 77.48
CA LEU JA 202 -0.77 27.65 78.44
C LEU JA 202 0.58 26.95 78.57
N ASP JA 203 1.62 27.74 78.73
CA ASP JA 203 2.97 27.27 78.97
C ASP JA 203 3.07 26.72 80.37
N ASP JA 204 3.73 25.60 80.56
CA ASP JA 204 3.86 25.01 81.89
C ASP JA 204 4.34 26.00 82.96
N VAL JA 205 5.15 26.98 82.55
CA VAL JA 205 5.66 27.94 83.49
C VAL JA 205 4.56 28.87 83.95
N GLU JA 206 3.78 29.41 83.02
CA GLU JA 206 2.70 30.30 83.40
C GLU JA 206 1.57 29.56 84.10
N ILE JA 207 1.46 28.26 83.86
CA ILE JA 207 0.47 27.49 84.59
C ILE JA 207 0.80 27.45 86.06
N LEU JA 208 2.07 27.16 86.35
CA LEU JA 208 2.53 27.13 87.72
C LEU JA 208 2.31 28.47 88.40
N ARG JA 209 2.73 29.54 87.75
CA ARG JA 209 2.57 30.88 88.29
C ARG JA 209 1.12 31.22 88.58
N ALA JA 210 0.24 30.87 87.65
CA ALA JA 210 -1.16 31.16 87.80
C ALA JA 210 -1.73 30.51 89.04
N ARG JA 211 -1.46 29.23 89.22
CA ARG JA 211 -2.01 28.56 90.38
C ARG JA 211 -1.49 29.13 91.68
N GLN JA 212 -0.19 29.42 91.75
CA GLN JA 212 0.37 29.97 92.97
C GLN JA 212 -0.34 31.24 93.38
N PHE JA 213 -0.54 32.12 92.41
CA PHE JA 213 -1.25 33.36 92.67
C PHE JA 213 -2.66 33.15 93.16
N VAL JA 214 -3.41 32.31 92.45
CA VAL JA 214 -4.79 32.05 92.79
C VAL JA 214 -4.95 31.48 94.17
N ASP JA 215 -4.13 30.50 94.52
CA ASP JA 215 -4.20 29.90 95.85
C ASP JA 215 -4.00 30.92 96.93
N SER JA 216 -3.03 31.81 96.75
CA SER JA 216 -2.78 32.84 97.75
C SER JA 216 -3.92 33.83 97.89
N TYR JA 217 -4.49 34.25 96.77
CA TYR JA 217 -5.61 35.18 96.81
C TYR JA 217 -6.78 34.57 97.56
N TYR JA 218 -7.07 33.32 97.22
CA TYR JA 218 -8.13 32.60 97.88
C TYR JA 218 -7.90 32.52 99.36
N ARG JA 219 -6.70 32.08 99.75
CA ARG JA 219 -6.36 31.97 101.16
C ARG JA 219 -6.64 33.26 101.93
N THR JA 220 -6.32 34.40 101.35
CA THR JA 220 -6.55 35.67 102.02
C THR JA 220 -8.00 36.13 101.97
N TRP JA 221 -8.48 36.44 100.78
CA TRP JA 221 -9.82 37.00 100.63
C TRP JA 221 -10.94 35.99 100.58
N GLY JA 222 -10.67 34.81 100.04
CA GLY JA 222 -11.72 33.81 99.89
C GLY JA 222 -12.33 33.94 98.49
N GLY JA 223 -13.16 32.98 98.12
CA GLY JA 223 -13.75 32.97 96.78
C GLY JA 223 -15.21 33.42 96.71
N ARG JA 224 -15.65 34.31 97.58
CA ARG JA 224 -17.04 34.75 97.55
C ARG JA 224 -17.29 35.97 96.68
N TYR JA 225 -16.25 36.69 96.32
CA TYR JA 225 -16.41 37.87 95.49
C TYR JA 225 -15.64 37.73 94.20
N VAL JA 226 -14.37 37.34 94.33
CA VAL JA 226 -13.53 37.10 93.16
C VAL JA 226 -13.46 35.64 92.82
N GLN JA 227 -13.82 35.33 91.59
CA GLN JA 227 -13.79 33.97 91.10
C GLN JA 227 -12.81 33.84 89.96
N PHE JA 228 -11.89 32.90 90.05
CA PHE JA 228 -10.95 32.71 88.96
C PHE JA 228 -11.38 31.52 88.12
N ALA JA 229 -11.06 31.55 86.84
CA ALA JA 229 -11.50 30.49 85.93
C ALA JA 229 -10.42 30.10 84.95
N ILE JA 230 -9.53 29.19 85.38
CA ILE JA 230 -8.47 28.71 84.51
C ILE JA 230 -8.99 27.61 83.60
N GLU JA 231 -8.88 27.82 82.31
CA GLU JA 231 -9.36 26.86 81.32
C GLU JA 231 -8.32 26.55 80.27
N LEU JA 232 -7.64 25.43 80.44
CA LEU JA 232 -6.61 25.00 79.50
C LEU JA 232 -7.24 24.45 78.23
N LYS JA 233 -7.11 25.21 77.14
CA LYS JA 233 -7.75 24.83 75.87
C LYS JA 233 -6.84 24.94 74.65
N ASP JA 234 -7.18 24.21 73.60
CA ASP JA 234 -6.43 24.26 72.34
C ASP JA 234 -6.77 25.49 71.52
N ASP JA 235 -5.78 26.00 70.81
CA ASP JA 235 -5.95 27.16 69.95
C ASP JA 235 -5.79 26.77 68.48
N ASP KA 3 17.39 0.25 118.01
CA ASP KA 3 17.76 -1.06 117.50
C ASP KA 3 16.69 -1.60 116.58
N LYS KA 4 16.47 -0.94 115.45
CA LYS KA 4 15.46 -1.37 114.50
C LYS KA 4 16.07 -1.76 113.18
N ASP KA 5 15.48 -2.77 112.54
CA ASP KA 5 15.94 -3.18 111.23
C ASP KA 5 15.30 -2.31 110.17
N LEU KA 6 16.11 -1.72 109.31
CA LEU KA 6 15.59 -0.85 108.28
C LEU KA 6 15.65 -1.55 106.92
N LEU KA 7 16.87 -1.89 106.47
CA LEU KA 7 17.05 -2.56 105.19
C LEU KA 7 17.87 -3.84 105.31
N LYS KA 8 17.60 -4.80 104.43
CA LYS KA 8 18.35 -6.07 104.43
C LYS KA 8 18.65 -6.56 103.03
N GLY KA 9 19.77 -7.27 102.88
CA GLY KA 9 20.11 -7.85 101.59
C GLY KA 9 20.66 -6.84 100.60
N LEU KA 10 21.25 -5.77 101.12
CA LEU KA 10 21.76 -4.73 100.24
C LEU KA 10 23.10 -5.11 99.68
N ASP KA 11 23.40 -4.60 98.49
CA ASP KA 11 24.72 -4.86 97.98
C ASP KA 11 25.61 -3.75 98.53
N GLN KA 12 26.88 -3.79 98.23
CA GLN KA 12 27.81 -2.82 98.78
C GLN KA 12 27.50 -1.38 98.42
N GLU KA 13 27.25 -1.12 97.13
CA GLU KA 13 26.95 0.22 96.66
C GLU KA 13 25.72 0.81 97.32
N GLN KA 14 24.64 0.05 97.30
CA GLN KA 14 23.38 0.47 97.88
C GLN KA 14 23.53 0.81 99.34
N ALA KA 15 24.20 -0.07 100.08
CA ALA KA 15 24.38 0.13 101.50
C ALA KA 15 25.06 1.45 101.79
N ASN KA 16 26.15 1.73 101.08
CA ASN KA 16 26.87 2.97 101.34
C ASN KA 16 26.06 4.20 100.92
N GLU KA 17 25.27 4.08 99.86
CA GLU KA 17 24.47 5.22 99.41
C GLU KA 17 23.38 5.59 100.40
N VAL KA 18 22.68 4.58 100.91
CA VAL KA 18 21.62 4.82 101.86
C VAL KA 18 22.15 5.46 103.11
N ILE KA 19 23.27 4.93 103.60
CA ILE KA 19 23.90 5.47 104.78
C ILE KA 19 24.26 6.93 104.61
N ALA KA 20 24.83 7.28 103.46
CA ALA KA 20 25.19 8.66 103.19
C ALA KA 20 24.01 9.59 103.40
N VAL KA 21 22.85 9.21 102.86
CA VAL KA 21 21.65 10.01 103.01
C VAL KA 21 21.22 10.17 104.46
N LEU KA 22 21.21 9.06 105.19
CA LEU KA 22 20.79 9.12 106.57
C LEU KA 22 21.68 10.02 107.41
N GLN KA 23 22.97 9.96 107.17
CA GLN KA 23 23.91 10.79 107.90
C GLN KA 23 23.69 12.24 107.58
N MET KA 24 23.45 12.53 106.30
CA MET KA 24 23.17 13.88 105.87
C MET KA 24 21.98 14.48 106.61
N HIS KA 25 21.00 13.66 106.93
CA HIS KA 25 19.84 14.12 107.67
C HIS KA 25 19.93 13.87 109.18
N ASN KA 26 21.15 13.76 109.69
CA ASN KA 26 21.39 13.60 111.12
C ASN KA 26 20.90 12.29 111.72
N ILE KA 27 21.14 11.19 111.01
CA ILE KA 27 20.78 9.87 111.51
C ILE KA 27 21.96 8.90 111.47
N GLU KA 28 22.35 8.38 112.63
CA GLU KA 28 23.41 7.38 112.69
C GLU KA 28 22.90 6.06 112.13
N ALA KA 29 23.78 5.30 111.48
CA ALA KA 29 23.35 4.04 110.90
C ALA KA 29 24.44 3.00 110.96
N ASN KA 30 24.05 1.75 111.17
CA ASN KA 30 24.99 0.66 111.26
C ASN KA 30 24.97 -0.17 110.00
N LYS KA 31 26.15 -0.51 109.48
CA LYS KA 31 26.22 -1.39 108.33
C LYS KA 31 26.66 -2.76 108.80
N ILE KA 32 25.80 -3.74 108.64
CA ILE KA 32 26.11 -5.08 109.10
C ILE KA 32 26.38 -6.04 107.97
N ASP KA 33 27.55 -6.63 108.00
CA ASP KA 33 27.98 -7.59 107.00
C ASP KA 33 27.52 -9.00 107.36
N SER KA 34 26.55 -9.52 106.62
CA SER KA 34 26.03 -10.86 106.87
C SER KA 34 26.53 -11.87 105.83
N GLY KA 35 27.70 -11.59 105.26
CA GLY KA 35 28.32 -12.48 104.30
C GLY KA 35 27.52 -12.58 103.02
N LYS KA 36 27.24 -13.81 102.62
CA LYS KA 36 26.49 -14.09 101.40
C LYS KA 36 25.09 -13.50 101.38
N LEU KA 37 24.58 -13.12 102.54
CA LEU KA 37 23.24 -12.57 102.62
C LEU KA 37 23.22 -11.07 102.37
N GLY KA 38 24.38 -10.44 102.19
CA GLY KA 38 24.43 -9.02 101.90
C GLY KA 38 24.56 -8.15 103.13
N TYR KA 39 24.25 -6.87 102.97
CA TYR KA 39 24.35 -5.92 104.06
C TYR KA 39 23.00 -5.54 104.64
N SER KA 40 23.02 -5.23 105.92
CA SER KA 40 21.81 -4.79 106.59
C SER KA 40 22.05 -3.46 107.27
N ILE KA 41 21.04 -2.62 107.24
CA ILE KA 41 21.15 -1.32 107.88
C ILE KA 41 20.21 -1.20 109.04
N THR KA 42 20.75 -0.85 110.20
CA THR KA 42 19.93 -0.68 111.39
C THR KA 42 20.12 0.69 111.99
N VAL KA 43 19.09 1.16 112.68
CA VAL KA 43 19.12 2.48 113.28
C VAL KA 43 18.59 2.50 114.70
N ALA KA 44 18.91 3.56 115.42
CA ALA KA 44 18.41 3.74 116.77
C ALA KA 44 16.91 3.96 116.72
N GLU KA 45 16.19 3.37 117.66
CA GLU KA 45 14.75 3.49 117.72
C GLU KA 45 14.21 4.93 117.70
N PRO KA 46 14.86 5.89 118.39
CA PRO KA 46 14.51 7.32 118.37
C PRO KA 46 14.51 7.92 116.97
N ASP KA 47 15.36 7.42 116.08
CA ASP KA 47 15.48 7.96 114.73
C ASP KA 47 14.66 7.18 113.73
N PHE KA 48 14.37 5.92 114.06
CA PHE KA 48 13.65 5.01 113.17
C PHE KA 48 12.49 5.61 112.38
N THR KA 49 11.65 6.42 113.02
CA THR KA 49 10.53 7.02 112.31
C THR KA 49 11.01 7.92 111.18
N ALA KA 50 11.96 8.79 111.50
CA ALA KA 50 12.53 9.70 110.52
C ALA KA 50 13.25 8.93 109.44
N ALA KA 51 13.97 7.88 109.84
CA ALA KA 51 14.72 7.08 108.89
C ALA KA 51 13.80 6.52 107.83
N VAL KA 52 12.66 5.97 108.25
CA VAL KA 52 11.68 5.43 107.32
C VAL KA 52 11.19 6.50 106.37
N TYR KA 53 10.88 7.67 106.91
CA TYR KA 53 10.42 8.77 106.09
C TYR KA 53 11.40 9.07 104.95
N TRP KA 54 12.69 9.13 105.29
CA TRP KA 54 13.70 9.45 104.29
C TRP KA 54 13.92 8.31 103.28
N ILE KA 55 13.78 7.05 103.70
CA ILE KA 55 13.88 5.94 102.75
C ILE KA 55 12.83 6.09 101.67
N LYS KA 56 11.64 6.47 102.09
CA LYS KA 56 10.57 6.73 101.15
C LYS KA 56 10.91 7.90 100.25
N THR KA 57 11.22 9.04 100.86
CA THR KA 57 11.51 10.28 100.15
C THR KA 57 12.54 10.13 99.05
N TYR KA 58 13.63 9.43 99.32
CA TYR KA 58 14.68 9.28 98.35
C TYR KA 58 14.67 8.01 97.54
N GLN KA 59 13.53 7.31 97.47
CA GLN KA 59 13.45 6.08 96.68
C GLN KA 59 14.58 5.09 97.00
N LEU KA 60 14.80 4.81 98.27
CA LEU KA 60 15.89 3.93 98.64
C LEU KA 60 15.42 2.51 98.93
N PRO KA 61 16.29 1.53 98.73
CA PRO KA 61 17.65 1.56 98.22
C PRO KA 61 17.65 1.79 96.71
N PRO KA 62 18.72 2.35 96.15
CA PRO KA 62 18.94 2.71 94.75
C PRO KA 62 18.81 1.54 93.80
N ARG KA 63 18.34 1.82 92.60
CA ARG KA 63 18.26 0.83 91.55
C ARG KA 63 19.61 0.81 90.83
N PRO KA 64 19.91 -0.25 90.09
CA PRO KA 64 21.10 -0.40 89.27
C PRO KA 64 21.01 0.53 88.07
N ARG KA 65 22.16 1.00 87.59
CA ARG KA 65 22.19 1.95 86.50
C ARG KA 65 21.82 1.32 85.17
N VAL KA 66 20.95 2.01 84.44
CA VAL KA 66 20.45 1.55 83.15
C VAL KA 66 21.22 2.10 81.98
N GLU KA 67 21.70 1.19 81.15
CA GLU KA 67 22.46 1.50 79.95
C GLU KA 67 21.83 0.76 78.79
N ILE KA 68 21.81 1.37 77.62
CA ILE KA 68 21.09 0.81 76.48
C ILE KA 68 21.56 -0.57 76.05
N ALA KA 69 22.86 -0.79 76.02
CA ALA KA 69 23.42 -2.07 75.61
C ALA KA 69 22.95 -3.24 76.44
N GLN KA 70 22.43 -2.99 77.63
CA GLN KA 70 22.00 -4.06 78.50
C GLN KA 70 20.80 -4.80 77.93
N MET KA 71 20.09 -4.18 76.99
CA MET KA 71 18.94 -4.81 76.38
C MET KA 71 19.18 -5.36 74.99
N PHE KA 72 20.42 -5.36 74.53
CA PHE KA 72 20.72 -5.92 73.22
C PHE KA 72 22.04 -6.65 73.29
N PRO KA 73 22.11 -7.74 74.05
CA PRO KA 73 23.29 -8.54 74.39
C PRO KA 73 23.87 -9.30 73.21
N ALA KA 74 25.19 -9.48 73.26
CA ALA KA 74 25.95 -10.19 72.23
C ALA KA 74 25.72 -11.69 72.28
N ASP KA 75 25.08 -12.15 73.34
CA ASP KA 75 24.77 -13.56 73.50
C ASP KA 75 23.71 -14.04 72.51
N SER KA 76 22.99 -13.11 71.87
CA SER KA 76 22.00 -13.52 70.90
C SER KA 76 22.63 -14.23 69.73
N LEU KA 77 21.96 -15.27 69.27
CA LEU KA 77 22.42 -16.08 68.16
C LEU KA 77 22.42 -15.31 66.85
N VAL KA 78 21.55 -14.33 66.76
CA VAL KA 78 21.41 -13.50 65.57
C VAL KA 78 21.44 -12.04 65.96
N SER KA 79 21.62 -11.18 64.98
CA SER KA 79 21.63 -9.75 65.25
C SER KA 79 20.94 -9.01 64.13
N SER KA 80 20.74 -7.72 64.33
CA SER KA 80 20.12 -6.90 63.33
C SER KA 80 20.79 -5.57 63.36
N PRO KA 81 20.78 -4.82 62.25
CA PRO KA 81 21.32 -3.49 62.08
C PRO KA 81 20.83 -2.58 63.19
N ARG KA 82 19.57 -2.72 63.52
CA ARG KA 82 18.96 -1.94 64.58
C ARG KA 82 19.66 -2.18 65.89
N ALA KA 83 19.80 -3.45 66.26
CA ALA KA 83 20.43 -3.79 67.50
C ALA KA 83 21.89 -3.39 67.54
N GLU KA 84 22.61 -3.62 66.45
CA GLU KA 84 24.04 -3.33 66.42
C GLU KA 84 24.31 -1.85 66.53
N LYS KA 85 23.52 -1.02 65.84
CA LYS KA 85 23.74 0.40 65.91
C LYS KA 85 23.46 0.90 67.31
N ALA KA 86 22.43 0.35 67.96
CA ALA KA 86 22.11 0.73 69.33
C ALA KA 86 23.25 0.38 70.27
N ARG KA 87 23.81 -0.82 70.11
CA ARG KA 87 24.92 -1.25 70.94
C ARG KA 87 26.09 -0.30 70.86
N LEU KA 88 26.41 0.12 69.65
CA LEU KA 88 27.51 1.05 69.46
C LEU KA 88 27.29 2.36 70.18
N TYR KA 89 26.11 2.95 70.00
CA TYR KA 89 25.83 4.23 70.64
C TYR KA 89 25.91 4.14 72.13
N SER KA 90 25.47 3.02 72.69
CA SER KA 90 25.53 2.85 74.13
C SER KA 90 26.96 2.95 74.62
N ALA KA 91 27.86 2.26 73.93
CA ALA KA 91 29.26 2.29 74.27
C ALA KA 91 29.84 3.68 74.16
N ILE KA 92 29.45 4.40 73.11
CA ILE KA 92 29.94 5.75 72.91
C ILE KA 92 29.55 6.67 74.04
N GLU KA 93 28.28 6.60 74.50
CA GLU KA 93 27.89 7.46 75.61
C GLU KA 93 28.75 7.19 76.82
N GLN KA 94 28.98 5.91 77.10
CA GLN KA 94 29.78 5.53 78.25
C GLN KA 94 31.19 6.07 78.15
N ARG KA 95 31.75 5.99 76.96
CA ARG KA 95 33.11 6.42 76.73
C ARG KA 95 33.23 7.93 76.87
N LEU KA 96 32.22 8.67 76.42
CA LEU KA 96 32.23 10.12 76.60
C LEU KA 96 32.12 10.51 78.06
N GLU KA 97 31.35 9.75 78.85
CA GLU KA 97 31.25 10.03 80.27
C GLU KA 97 32.59 9.82 80.94
N GLN KA 98 33.28 8.75 80.55
CA GLN KA 98 34.60 8.47 81.10
C GLN KA 98 35.56 9.60 80.83
N SER KA 99 35.44 10.23 79.66
CA SER KA 99 36.30 11.34 79.32
C SER KA 99 36.00 12.62 80.09
N LEU KA 100 34.73 13.00 80.19
CA LEU KA 100 34.41 14.25 80.86
C LEU KA 100 34.78 14.24 82.31
N GLN KA 101 34.70 13.09 82.95
CA GLN KA 101 35.02 13.00 84.36
C GLN KA 101 36.52 13.15 84.66
N THR KA 102 37.36 13.25 83.63
CA THR KA 102 38.78 13.46 83.84
C THR KA 102 39.15 14.92 83.68
N MET KA 103 38.20 15.77 83.29
CA MET KA 103 38.52 17.18 83.14
C MET KA 103 38.68 17.84 84.50
N GLU KA 104 39.56 18.82 84.54
CA GLU KA 104 39.86 19.54 85.76
C GLU KA 104 38.63 20.16 86.40
N GLY KA 105 38.41 19.83 87.65
CA GLY KA 105 37.30 20.39 88.41
C GLY KA 105 36.01 19.58 88.30
N VAL KA 106 35.97 18.58 87.42
CA VAL KA 106 34.75 17.81 87.28
C VAL KA 106 34.72 16.65 88.24
N LEU KA 107 33.65 16.57 89.01
CA LEU KA 107 33.47 15.52 89.98
C LEU KA 107 32.60 14.42 89.41
N SER KA 108 31.61 14.80 88.62
CA SER KA 108 30.72 13.84 88.00
C SER KA 108 30.09 14.36 86.72
N ALA KA 109 29.85 13.47 85.78
CA ALA KA 109 29.23 13.91 84.54
C ALA KA 109 28.48 12.80 83.85
N ARG KA 110 27.36 13.16 83.20
CA ARG KA 110 26.53 12.20 82.46
C ARG KA 110 26.31 12.69 81.04
N VAL KA 111 26.26 11.76 80.09
CA VAL KA 111 26.12 12.12 78.67
C VAL KA 111 25.05 11.34 77.94
N HIS KA 112 24.26 12.04 77.13
CA HIS KA 112 23.24 11.42 76.31
C HIS KA 112 23.44 11.75 74.84
N ILE KA 113 23.14 10.79 73.98
CA ILE KA 113 23.23 11.03 72.55
C ILE KA 113 21.94 10.56 71.94
N SER KA 114 21.44 11.29 70.95
CA SER KA 114 20.21 10.87 70.30
C SER KA 114 20.43 9.60 69.51
N TYR KA 115 19.34 8.88 69.26
CA TYR KA 115 19.42 7.62 68.54
C TYR KA 115 18.70 7.69 67.22
N ASP KA 116 19.04 6.76 66.34
CA ASP KA 116 18.46 6.65 65.02
C ASP KA 116 18.13 5.21 64.78
N ILE KA 117 16.85 4.90 64.85
CA ILE KA 117 16.41 3.54 64.75
C ILE KA 117 15.82 3.15 63.40
N ASP KA 118 15.39 4.13 62.62
CA ASP KA 118 14.81 3.74 61.34
C ASP KA 118 14.91 4.76 60.21
N ALA KA 119 15.97 5.57 60.15
CA ALA KA 119 16.10 6.50 59.01
C ALA KA 119 16.28 5.71 57.71
N GLY KA 120 17.43 5.04 57.55
CA GLY KA 120 17.74 4.24 56.36
C GLY KA 120 16.67 3.19 56.10
N GLU KA 121 16.12 2.62 57.17
CA GLU KA 121 15.01 1.66 57.11
C GLU KA 121 13.85 2.16 56.26
N ASN KA 122 13.56 3.45 56.36
CA ASN KA 122 12.45 4.05 55.64
C ASN KA 122 12.89 4.74 54.34
N GLY KA 123 14.13 4.51 53.91
CA GLY KA 123 14.63 5.14 52.70
C GLY KA 123 15.03 6.59 52.94
N ARG KA 124 15.17 6.98 54.21
CA ARG KA 124 15.49 8.34 54.55
C ARG KA 124 16.96 8.51 54.93
N PRO KA 125 17.50 9.71 54.76
CA PRO KA 125 18.81 10.13 55.19
C PRO KA 125 18.75 10.27 56.71
N PRO KA 126 19.88 10.15 57.39
CA PRO KA 126 20.06 10.23 58.82
C PRO KA 126 19.84 11.63 59.32
N LYS KA 127 19.44 11.73 60.58
CA LYS KA 127 19.20 13.03 61.18
C LYS KA 127 20.43 13.53 61.91
N PRO KA 128 20.53 14.82 62.16
CA PRO KA 128 21.58 15.49 62.91
C PRO KA 128 21.64 14.91 64.29
N VAL KA 129 22.82 14.88 64.86
CA VAL KA 129 22.98 14.29 66.17
C VAL KA 129 22.80 15.28 67.29
N HIS KA 130 22.02 14.90 68.29
CA HIS KA 130 21.82 15.78 69.43
C HIS KA 130 22.56 15.25 70.64
N LEU KA 131 23.13 16.16 71.41
CA LEU KA 131 23.85 15.78 72.60
C LEU KA 131 23.41 16.56 73.80
N SER KA 132 23.45 15.93 74.97
CA SER KA 132 23.14 16.66 76.17
C SER KA 132 24.00 16.13 77.29
N ALA KA 133 24.30 16.96 78.27
CA ALA KA 133 25.15 16.49 79.34
C ALA KA 133 24.94 17.21 80.64
N LEU KA 134 25.22 16.51 81.72
CA LEU KA 134 25.11 17.04 83.05
C LEU KA 134 26.47 17.04 83.71
N ALA KA 135 26.74 18.04 84.54
CA ALA KA 135 28.04 18.02 85.20
C ALA KA 135 28.03 18.66 86.58
N VAL KA 136 28.86 18.09 87.45
CA VAL KA 136 29.04 18.57 88.81
C VAL KA 136 30.48 18.98 89.02
N TYR KA 137 30.69 20.22 89.45
CA TYR KA 137 32.02 20.75 89.68
C TYR KA 137 32.40 20.97 91.12
N GLU KA 138 33.69 21.07 91.34
CA GLU KA 138 34.22 21.40 92.64
C GLU KA 138 33.73 22.79 93.04
N ARG KA 139 33.18 22.89 94.24
CA ARG KA 139 32.61 24.12 94.72
C ARG KA 139 33.60 25.28 94.65
N GLY KA 140 33.13 26.39 94.09
CA GLY KA 140 33.92 27.61 93.93
C GLY KA 140 34.46 27.79 92.51
N SER KA 141 34.32 26.76 91.69
CA SER KA 141 34.77 26.76 90.30
C SER KA 141 33.91 27.70 89.41
N PRO KA 142 34.50 28.37 88.41
CA PRO KA 142 33.89 29.33 87.46
C PRO KA 142 33.09 28.67 86.34
N LEU KA 143 31.99 28.03 86.74
CA LEU KA 143 31.07 27.29 85.86
C LEU KA 143 30.67 27.99 84.56
N ALA KA 144 30.47 29.30 84.64
CA ALA KA 144 30.03 30.09 83.49
C ALA KA 144 31.02 30.10 82.34
N HIS KA 145 32.25 29.68 82.57
CA HIS KA 145 33.24 29.68 81.52
C HIS KA 145 33.60 28.26 81.15
N GLN KA 146 33.60 27.39 82.17
CA GLN KA 146 33.95 25.99 82.00
C GLN KA 146 33.02 25.27 81.05
N ILE KA 147 31.75 25.67 81.06
CA ILE KA 147 30.75 25.13 80.15
C ILE KA 147 31.16 25.20 78.67
N SER KA 148 32.05 26.12 78.30
CA SER KA 148 32.45 26.24 76.90
C SER KA 148 33.44 25.17 76.49
N ASP KA 149 34.18 24.62 77.45
CA ASP KA 149 35.11 23.55 77.12
C ASP KA 149 34.37 22.30 76.82
N ILE KA 150 33.34 22.04 77.62
CA ILE KA 150 32.53 20.86 77.42
C ILE KA 150 31.90 20.88 76.08
N LYS KA 151 31.30 22.01 75.75
CA LYS KA 151 30.60 22.16 74.51
C LYS KA 151 31.52 22.06 73.30
N ARG KA 152 32.72 22.65 73.37
CA ARG KA 152 33.66 22.56 72.26
C ARG KA 152 34.18 21.15 72.06
N PHE KA 153 34.49 20.50 73.17
CA PHE KA 153 34.97 19.13 73.15
C PHE KA 153 33.97 18.22 72.50
N LEU KA 154 32.73 18.30 72.92
CA LEU KA 154 31.70 17.46 72.36
C LEU KA 154 31.43 17.77 70.90
N LYS KA 155 31.51 19.04 70.50
CA LYS KA 155 31.23 19.41 69.12
C LYS KA 155 32.07 18.62 68.12
N ASN KA 156 33.37 18.51 68.34
CA ASN KA 156 34.16 17.73 67.40
C ASN KA 156 34.35 16.27 67.81
N SER KA 157 33.54 15.79 68.75
CA SER KA 157 33.61 14.39 69.17
C SER KA 157 32.60 13.55 68.43
N PHE KA 158 31.94 14.09 67.42
CA PHE KA 158 30.98 13.28 66.72
C PHE KA 158 30.67 13.81 65.33
N ALA KA 159 30.54 12.90 64.39
CA ALA KA 159 30.32 13.11 62.95
C ALA KA 159 29.60 14.38 62.55
N ASP KA 160 28.46 14.69 63.17
CA ASP KA 160 27.75 15.88 62.74
C ASP KA 160 26.84 16.48 63.80
N VAL KA 161 27.40 17.37 64.59
CA VAL KA 161 26.67 18.11 65.60
C VAL KA 161 26.97 19.57 65.42
N ASP KA 162 26.35 20.41 66.23
CA ASP KA 162 26.59 21.83 66.15
C ASP KA 162 26.31 22.49 67.49
N TYR KA 163 26.65 23.77 67.63
CA TYR KA 163 26.50 24.45 68.90
C TYR KA 163 25.04 24.75 69.32
N ASP KA 164 24.08 24.46 68.45
CA ASP KA 164 22.69 24.66 68.82
C ASP KA 164 22.03 23.37 69.23
N ASN KA 165 22.69 22.24 68.96
CA ASN KA 165 22.12 20.95 69.28
C ASN KA 165 22.89 20.23 70.37
N ILE KA 166 23.66 21.00 71.14
CA ILE KA 166 24.39 20.47 72.29
C ILE KA 166 23.98 21.23 73.53
N SER KA 167 23.41 20.55 74.51
CA SER KA 167 23.00 21.25 75.71
C SER KA 167 23.72 20.79 76.95
N VAL KA 168 24.18 21.73 77.74
CA VAL KA 168 24.90 21.40 78.96
C VAL KA 168 24.27 22.08 80.17
N VAL KA 169 23.88 21.27 81.15
CA VAL KA 169 23.31 21.76 82.38
C VAL KA 169 24.23 21.33 83.51
N LEU KA 170 24.65 22.27 84.33
CA LEU KA 170 25.61 21.94 85.35
C LEU KA 170 25.52 22.76 86.61
N SER KA 171 26.23 22.30 87.64
CA SER KA 171 26.28 22.97 88.92
C SER KA 171 27.51 22.52 89.71
N GLU KA 172 27.46 22.68 91.03
CA GLU KA 172 28.58 22.32 91.87
C GLU KA 172 28.12 21.65 93.14
N ARG KA 173 29.04 20.94 93.79
CA ARG KA 173 28.70 20.20 95.00
C ARG KA 173 28.27 21.08 96.16
N SER KA 174 27.56 20.47 97.10
CA SER KA 174 27.07 21.10 98.32
C SER KA 174 28.12 21.07 99.44
N ASP KA 175 27.78 21.67 100.58
CA ASP KA 175 28.65 21.71 101.76
C ASP KA 175 28.87 20.30 102.27
N ALA KA 176 30.11 19.84 102.21
CA ALA KA 176 30.46 18.47 102.59
C ALA KA 176 30.08 18.10 104.01
N GLN KA 177 29.47 16.93 104.16
CA GLN KA 177 29.08 16.47 105.47
C GLN KA 177 30.26 15.81 106.15
N LEU KA 178 31.03 16.63 106.86
CA LEU KA 178 32.22 16.14 107.52
C LEU KA 178 32.05 15.87 109.01
N GLN KA 179 30.81 15.93 109.50
CA GLN KA 179 30.56 15.73 110.93
C GLN KA 179 29.59 14.61 111.20
N ALA KA 180 29.86 13.84 112.26
CA ALA KA 180 28.97 12.75 112.62
C ALA KA 180 27.66 13.29 113.19
N PRO KA 181 26.52 12.66 112.89
CA PRO KA 181 25.17 12.95 113.36
C PRO KA 181 25.03 12.98 114.87
N GLY KA 182 25.63 12.03 115.56
CA GLY KA 182 25.58 11.96 117.01
C GLY KA 182 24.51 10.99 117.46
N THR KA 183 24.64 10.52 118.70
CA THR KA 183 23.70 9.56 119.27
C THR KA 183 22.53 10.29 119.90
N PRO KA 184 21.43 9.58 120.19
CA PRO KA 184 20.24 10.04 120.88
C PRO KA 184 20.53 10.28 122.34
N VAL KA 185 19.75 11.16 122.95
CA VAL KA 185 19.95 11.48 124.35
C VAL KA 185 19.19 10.54 125.25
N LYS KA 186 19.93 9.71 125.99
CA LYS KA 186 19.36 8.79 126.94
C LYS KA 186 20.46 8.04 127.68
N ALA LA 42 21.83 18.78 129.71
CA ALA LA 42 21.84 18.64 128.25
C ALA LA 42 21.84 20.01 127.59
N GLU LA 43 22.91 20.76 127.77
CA GLU LA 43 22.99 22.08 127.16
C GLU LA 43 22.84 21.98 125.66
N LEU LA 44 21.91 22.76 125.13
CA LEU LA 44 21.59 22.75 123.71
C LEU LA 44 22.80 22.92 122.80
N ASP LA 45 23.74 23.75 123.21
CA ASP LA 45 24.95 23.95 122.43
C ASP LA 45 25.73 22.65 122.21
N SER LA 46 25.69 21.76 123.20
CA SER LA 46 26.38 20.49 123.07
C SER LA 46 25.51 19.47 122.34
N LEU LA 47 24.20 19.69 122.34
CA LEU LA 47 23.30 18.80 121.64
C LEU LA 47 23.41 18.99 120.13
N LEU LA 48 23.64 20.24 119.71
CA LEU LA 48 23.83 20.57 118.30
C LEU LA 48 25.22 20.13 117.83
N GLY LA 49 25.38 19.96 116.51
CA GLY LA 49 26.61 19.49 115.84
C GLY LA 49 27.96 20.02 116.38
N GLN LA 50 29.03 19.33 115.96
CA GLN LA 50 30.41 19.65 116.36
C GLN LA 50 30.80 21.08 116.02
N GLU LA 51 30.43 21.52 114.83
CA GLU LA 51 30.71 22.88 114.45
C GLU LA 51 29.59 23.76 114.95
N LYS LA 52 29.67 24.08 116.24
CA LYS LA 52 28.65 24.88 116.91
C LYS LA 52 28.43 26.25 116.31
N GLU LA 53 29.38 26.72 115.50
CA GLU LA 53 29.29 28.03 114.89
C GLU LA 53 28.31 28.08 113.71
N ARG LA 54 27.69 26.93 113.39
CA ARG LA 54 26.69 26.90 112.34
C ARG LA 54 25.34 27.37 112.86
N PHE LA 55 25.18 27.45 114.18
CA PHE LA 55 23.90 27.83 114.74
C PHE LA 55 24.01 28.97 115.72
N GLN LA 56 22.98 29.81 115.76
CA GLN LA 56 22.96 30.85 116.75
C GLN LA 56 21.81 30.64 117.71
N VAL LA 57 22.11 30.21 118.92
CA VAL LA 57 21.07 29.98 119.89
C VAL LA 57 20.64 31.29 120.50
N LEU LA 58 19.33 31.51 120.54
CA LEU LA 58 18.75 32.75 121.00
C LEU LA 58 17.81 32.51 122.19
N PRO LA 59 17.77 33.41 123.16
CA PRO LA 59 16.92 33.24 124.34
C PRO LA 59 15.70 34.13 124.28
N GLY LA 60 14.59 33.59 123.80
CA GLY LA 60 13.38 34.40 123.65
C GLY LA 60 12.75 34.76 124.98
N ARG LA 61 12.08 35.91 125.01
CA ARG LA 61 11.43 36.42 126.22
C ARG LA 61 10.20 35.59 126.61
N ASP LA 62 9.74 34.75 125.68
CA ASP LA 62 8.64 33.83 125.91
C ASP LA 62 9.08 32.51 126.53
N LYS LA 63 10.32 32.43 127.02
CA LYS LA 63 10.89 31.25 127.65
C LYS LA 63 11.17 30.12 126.66
N MET LA 64 11.20 30.44 125.37
CA MET LA 64 11.52 29.48 124.35
C MET LA 64 12.92 29.72 123.84
N LEU LA 65 13.70 28.66 123.81
CA LEU LA 65 15.06 28.77 123.37
C LEU LA 65 15.07 28.53 121.86
N TYR LA 66 15.51 29.52 121.11
CA TYR LA 66 15.45 29.44 119.67
C TYR LA 66 16.77 29.05 119.02
N VAL LA 67 16.68 28.34 117.89
CA VAL LA 67 17.88 27.96 117.16
C VAL LA 67 17.90 28.57 115.79
N ALA LA 68 18.69 29.62 115.59
CA ALA LA 68 18.71 30.23 114.28
C ALA LA 68 19.64 29.48 113.35
N ALA LA 69 19.08 29.04 112.22
CA ALA LA 69 19.83 28.33 111.21
C ALA LA 69 19.87 29.14 109.93
N GLN LA 70 20.97 29.05 109.21
CA GLN LA 70 21.16 29.81 107.98
C GLN LA 70 20.82 29.03 106.72
N ASN LA 71 20.48 27.76 106.86
CA ASN LA 71 20.20 26.92 105.70
C ASN LA 71 19.24 25.81 106.06
N GLU LA 72 18.35 25.46 105.14
CA GLU LA 72 17.38 24.41 105.38
C GLU LA 72 17.98 23.05 105.76
N ARG LA 73 19.25 22.80 105.43
CA ARG LA 73 19.89 21.57 105.85
C ARG LA 73 20.20 21.62 107.32
N ASP LA 74 20.46 22.82 107.82
CA ASP LA 74 20.80 23.02 109.21
C ASP LA 74 19.52 23.12 109.99
N THR LA 75 18.48 23.64 109.32
CA THR LA 75 17.16 23.71 109.92
C THR LA 75 16.72 22.31 110.26
N LEU LA 76 16.80 21.41 109.28
CA LEU LA 76 16.44 20.03 109.52
C LEU LA 76 17.32 19.38 110.54
N TRP LA 77 18.61 19.65 110.50
CA TRP LA 77 19.55 19.09 111.46
C TRP LA 77 19.06 19.35 112.88
N ALA LA 78 18.83 20.62 113.18
CA ALA LA 78 18.37 21.05 114.49
C ALA LA 78 17.02 20.45 114.86
N ARG LA 79 16.11 20.36 113.90
CA ARG LA 79 14.81 19.78 114.18
C ARG LA 79 14.95 18.31 114.56
N GLN LA 80 15.86 17.60 113.90
CA GLN LA 80 16.09 16.22 114.23
C GLN LA 80 16.67 16.10 115.61
N VAL LA 81 17.53 17.05 116.00
CA VAL LA 81 18.07 17.03 117.35
C VAL LA 81 16.96 17.15 118.39
N LEU LA 82 16.04 18.08 118.17
CA LEU LA 82 14.95 18.27 119.11
C LEU LA 82 14.03 17.04 119.20
N ALA LA 83 13.80 16.36 118.07
CA ALA LA 83 12.96 15.17 118.06
C ALA LA 83 13.70 13.92 118.56
N ARG LA 84 14.99 13.81 118.26
CA ARG LA 84 15.81 12.65 118.61
C ARG LA 84 16.25 12.67 120.04
N GLY LA 85 16.87 13.77 120.44
CA GLY LA 85 17.39 13.92 121.78
C GLY LA 85 16.36 14.58 122.64
N ASP LA 86 16.81 15.31 123.64
CA ASP LA 86 15.86 15.95 124.51
C ASP LA 86 16.45 17.17 125.16
N TYR LA 87 15.57 18.03 125.58
CA TYR LA 87 15.90 19.25 126.26
C TYR LA 87 14.66 19.74 126.96
N ASP LA 88 14.67 19.71 128.29
CA ASP LA 88 13.50 20.09 129.07
C ASP LA 88 13.25 21.59 129.07
N LYS LA 89 12.75 22.10 127.97
CA LYS LA 89 12.44 23.51 127.81
C LYS LA 89 11.90 23.79 126.43
N ASN LA 90 10.98 24.74 126.35
CA ASN LA 90 10.43 25.14 125.07
C ASN LA 90 11.56 25.46 124.12
N ALA LA 91 11.43 25.02 122.87
CA ALA LA 91 12.46 25.29 121.90
C ALA LA 91 11.87 25.33 120.49
N ARG LA 92 12.50 26.09 119.61
CA ARG LA 92 12.00 26.22 118.26
C ARG LA 92 13.06 26.71 117.27
N VAL LA 93 13.20 25.99 116.17
CA VAL LA 93 14.18 26.33 115.15
C VAL LA 93 13.71 27.46 114.24
N ILE LA 94 14.57 28.44 114.06
CA ILE LA 94 14.33 29.61 113.22
C ILE LA 94 14.95 29.50 111.83
N ASN LA 95 14.16 29.83 110.84
CA ASN LA 95 14.60 29.84 109.45
C ASN LA 95 14.19 31.14 108.80
N GLU LA 96 15.19 31.92 108.38
CA GLU LA 96 15.01 33.23 107.78
C GLU LA 96 13.83 33.35 106.80
N ASN LA 97 13.73 32.43 105.86
CA ASN LA 97 12.64 32.49 104.89
C ASN LA 97 11.32 32.10 105.51
N GLU LA 98 11.33 31.12 106.40
CA GLU LA 98 10.09 30.69 107.01
C GLU LA 98 9.53 31.78 107.90
N GLU LA 99 10.41 32.51 108.57
CA GLU LA 99 9.98 33.58 109.44
C GLU LA 99 9.51 34.76 108.64
N ASN LA 100 10.18 35.03 107.52
CA ASN LA 100 9.76 36.12 106.67
C ASN LA 100 8.33 35.86 106.22
N LYS LA 101 8.05 34.61 105.84
CA LYS LA 101 6.71 34.21 105.41
C LYS LA 101 5.68 34.28 106.53
N ARG LA 102 6.03 33.74 107.71
CA ARG LA 102 5.11 33.76 108.85
C ARG LA 102 4.63 35.16 109.14
N ILE LA 103 5.57 36.09 109.18
CA ILE LA 103 5.26 37.47 109.42
C ILE LA 103 4.40 38.06 108.34
N SER LA 104 4.75 37.80 107.08
CA SER LA 104 3.97 38.37 105.98
C SER LA 104 2.53 37.94 106.00
N ILE LA 105 2.25 36.75 106.51
CA ILE LA 105 0.87 36.29 106.61
C ILE LA 105 0.08 37.13 107.58
N TRP LA 106 0.60 37.26 108.79
CA TRP LA 106 -0.03 38.05 109.83
C TRP LA 106 -0.18 39.48 109.40
N LEU LA 107 0.89 39.99 108.81
CA LEU LA 107 0.99 41.36 108.39
C LEU LA 107 -0.07 41.68 107.34
N ASP LA 108 -0.28 40.80 106.37
CA ASP LA 108 -1.31 41.05 105.38
C ASP LA 108 -2.71 41.15 106.00
N THR LA 109 -3.00 40.29 106.98
CA THR LA 109 -4.31 40.32 107.63
C THR LA 109 -4.58 41.59 108.43
N TYR LA 110 -3.61 42.00 109.23
CA TYR LA 110 -3.79 43.17 110.09
C TYR LA 110 -3.43 44.48 109.43
N TYR LA 111 -2.48 44.45 108.52
CA TYR LA 111 -2.10 45.62 107.75
C TYR LA 111 -2.18 45.37 106.24
N PRO LA 112 -3.37 45.16 105.70
CA PRO LA 112 -3.61 44.92 104.30
C PRO LA 112 -3.26 46.16 103.55
N GLN LA 113 -2.81 45.97 102.32
CA GLN LA 113 -2.34 47.04 101.45
C GLN LA 113 -1.00 47.66 101.87
N LEU LA 114 -0.36 47.16 102.94
CA LEU LA 114 0.94 47.70 103.32
C LEU LA 114 1.97 47.36 102.25
N ALA LA 115 2.68 48.37 101.76
CA ALA LA 115 3.67 48.12 100.73
C ALA LA 115 5.04 47.92 101.35
N TYR LA 116 5.59 46.72 101.24
CA TYR LA 116 6.88 46.42 101.84
C TYR LA 116 7.66 45.42 101.01
N TYR LA 117 8.93 45.25 101.36
CA TYR LA 117 9.83 44.37 100.61
C TYR LA 117 10.20 43.10 101.32
N ARG LA 118 11.17 43.16 102.24
CA ARG LA 118 11.60 41.95 102.89
C ARG LA 118 12.28 42.25 104.22
N ILE LA 119 12.13 41.34 105.16
CA ILE LA 119 12.77 41.50 106.45
C ILE LA 119 14.16 40.87 106.44
N HIS LA 120 15.15 41.67 106.80
CA HIS LA 120 16.52 41.22 106.85
C HIS LA 120 16.86 40.87 108.26
N PHE LA 121 16.97 39.59 108.53
CA PHE LA 121 17.17 39.15 109.89
C PHE LA 121 18.60 39.34 110.36
N ASP LA 122 19.59 39.05 109.49
CA ASP LA 122 21.02 39.22 109.77
C ASP LA 122 21.40 39.08 111.24
N GLU LA 123 21.29 40.18 111.99
CA GLU LA 123 21.54 40.17 113.43
C GLU LA 123 20.24 40.00 114.19
N PRO LA 124 19.83 38.73 114.44
CA PRO LA 124 18.58 38.32 115.12
C PRO LA 124 17.92 39.38 115.99
N ARG LA 125 18.70 39.95 116.90
CA ARG LA 125 18.26 40.96 117.86
C ARG LA 125 17.55 42.16 117.27
N LYS LA 126 18.05 42.63 116.14
CA LYS LA 126 17.51 43.82 115.49
C LYS LA 126 17.38 43.64 113.98
N PRO LA 127 16.35 42.95 113.51
CA PRO LA 127 16.05 42.69 112.13
C PRO LA 127 15.60 44.00 111.49
N VAL LA 128 15.85 44.12 110.20
CA VAL LA 128 15.52 45.33 109.47
C VAL LA 128 14.33 45.10 108.56
N PHE LA 129 13.37 45.99 108.62
CA PHE LA 129 12.17 45.85 107.83
C PHE LA 129 12.16 46.84 106.69
N TRP LA 130 12.32 46.38 105.44
CA TRP LA 130 12.26 47.31 104.34
C TRP LA 130 10.81 47.63 103.97
N LEU LA 131 10.50 48.91 103.95
CA LEU LA 131 9.17 49.46 103.71
C LEU LA 131 9.17 50.39 102.50
N SER LA 132 8.17 50.31 101.63
CA SER LA 132 8.17 51.21 100.46
C SER LA 132 8.00 52.67 100.84
N ARG LA 133 9.08 53.44 100.67
CA ARG LA 133 9.09 54.86 100.99
C ARG LA 133 8.03 55.64 100.23
N GLN LA 134 7.90 55.36 98.95
CA GLN LA 134 7.01 56.10 98.09
C GLN LA 134 5.55 55.68 98.18
N ARG LA 135 5.28 54.39 98.35
CA ARG LA 135 3.88 53.96 98.39
C ARG LA 135 3.20 54.10 99.74
N ASN LA 136 3.95 54.09 100.83
CA ASN LA 136 3.31 54.21 102.13
C ASN LA 136 3.26 55.65 102.62
N THR LA 137 2.14 56.01 103.23
CA THR LA 137 1.91 57.35 103.75
C THR LA 137 1.64 57.34 105.25
N MET LA 138 2.11 56.30 105.94
CA MET LA 138 1.91 56.17 107.37
C MET LA 138 2.65 57.25 108.14
N SER LA 139 2.05 57.68 109.26
CA SER LA 139 2.68 58.69 110.09
C SER LA 139 3.73 58.05 110.95
N LYS LA 140 4.60 58.86 111.52
CA LYS LA 140 5.65 58.38 112.40
C LYS LA 140 5.09 57.56 113.56
N LYS LA 141 3.97 58.03 114.12
CA LYS LA 141 3.33 57.36 115.23
C LYS LA 141 2.79 56.01 114.80
N GLU LA 142 2.21 55.97 113.60
CA GLU LA 142 1.68 54.73 113.09
C GLU LA 142 2.80 53.72 112.86
N LEU LA 143 3.94 54.21 112.39
CA LEU LA 143 5.08 53.34 112.18
C LEU LA 143 5.61 52.81 113.49
N GLU LA 144 5.55 53.63 114.55
CA GLU LA 144 5.94 53.15 115.87
C GLU LA 144 5.12 51.93 116.24
N VAL LA 145 3.80 52.07 116.11
CA VAL LA 145 2.87 51.00 116.43
C VAL LA 145 3.17 49.76 115.62
N LEU LA 146 3.40 49.94 114.32
CA LEU LA 146 3.73 48.85 113.43
C LEU LA 146 4.93 48.07 113.94
N SER LA 147 6.01 48.78 114.30
CA SER LA 147 7.19 48.09 114.78
C SER LA 147 6.91 47.35 116.06
N GLN LA 148 6.02 47.88 116.89
CA GLN LA 148 5.68 47.22 118.13
C GLN LA 148 4.95 45.91 117.87
N LYS LA 149 4.10 45.90 116.85
CA LYS LA 149 3.39 44.68 116.52
C LYS LA 149 4.36 43.65 115.99
N LEU LA 150 5.35 44.11 115.22
CA LEU LA 150 6.36 43.21 114.71
C LEU LA 150 7.20 42.63 115.84
N ARG LA 151 7.46 43.44 116.87
CA ARG LA 151 8.21 42.95 118.02
C ARG LA 151 7.43 41.84 118.68
N ALA LA 152 6.11 42.00 118.77
CA ALA LA 152 5.26 40.96 119.34
C ALA LA 152 5.37 39.67 118.54
N LEU LA 153 5.44 39.79 117.22
CA LEU LA 153 5.57 38.62 116.35
C LEU LA 153 6.91 37.91 116.48
N MET LA 154 7.95 38.61 116.93
CA MET LA 154 9.29 38.05 117.10
C MET LA 154 9.79 38.07 118.56
N PRO LA 155 9.46 37.03 119.34
CA PRO LA 155 9.80 36.76 120.75
C PRO LA 155 11.26 36.97 121.11
N TYR LA 156 12.14 36.76 120.15
CA TYR LA 156 13.58 36.92 120.40
C TYR LA 156 14.08 38.33 120.13
N ALA LA 157 13.61 38.91 119.04
CA ALA LA 157 14.04 40.24 118.64
C ALA LA 157 13.78 41.23 119.75
N ASP LA 158 14.71 42.14 119.95
CA ASP LA 158 14.57 43.14 120.98
C ASP LA 158 13.85 44.34 120.43
N SER LA 159 14.13 44.67 119.17
CA SER LA 159 13.48 45.79 118.52
C SER LA 159 13.47 45.58 117.02
N VAL LA 160 12.68 46.35 116.32
CA VAL LA 160 12.59 46.23 114.88
C VAL LA 160 12.97 47.53 114.21
N ASN LA 161 13.90 47.46 113.27
CA ASN LA 161 14.33 48.66 112.59
C ASN LA 161 13.60 48.83 111.27
N ILE LA 162 12.47 49.53 111.30
CA ILE LA 162 11.76 49.80 110.06
C ILE LA 162 12.41 50.94 109.33
N THR LA 163 12.68 50.74 108.06
CA THR LA 163 13.30 51.76 107.25
C THR LA 163 12.64 51.82 105.89
N LEU LA 164 12.63 53.01 105.32
CA LEU LA 164 11.94 53.23 104.07
C LEU LA 164 12.90 53.20 102.89
N MET LA 165 12.56 52.39 101.88
CA MET LA 165 13.38 52.22 100.68
C MET LA 165 12.74 52.86 99.46
N ASP LA 166 13.56 53.37 98.55
CA ASP LA 166 13.03 54.01 97.37
C ASP LA 166 12.80 53.02 96.23
N ASP LA 167 11.53 52.85 95.88
CA ASP LA 167 11.08 51.93 94.82
C ASP LA 167 11.87 52.05 93.52
N VAL LA 168 12.30 53.26 93.20
CA VAL LA 168 13.05 53.51 91.99
C VAL LA 168 14.38 52.81 91.99
N THR LA 169 15.05 52.79 93.14
CA THR LA 169 16.36 52.18 93.20
C THR LA 169 16.25 50.67 93.14
N ALA LA 170 15.13 50.14 93.64
CA ALA LA 170 14.91 48.71 93.55
C ALA LA 170 14.81 48.30 92.09
N ALA LA 171 13.98 49.02 91.34
CA ALA LA 171 13.79 48.75 89.93
C ALA LA 171 15.06 49.00 89.14
N GLY LA 172 15.77 50.07 89.47
CA GLY LA 172 17.00 50.43 88.79
C GLY LA 172 18.03 49.32 88.87
N GLN LA 173 18.22 48.76 90.06
CA GLN LA 173 19.17 47.68 90.21
C GLN LA 173 18.76 46.44 89.45
N ALA LA 174 17.47 46.13 89.48
CA ALA LA 174 16.97 44.96 88.77
C ALA LA 174 17.31 45.03 87.30
N GLU LA 175 17.01 46.15 86.67
CA GLU LA 175 17.27 46.28 85.26
C GLU LA 175 18.75 46.41 84.94
N ALA LA 176 19.48 47.18 85.74
CA ALA LA 176 20.89 47.40 85.50
C ALA LA 176 21.67 46.10 85.46
N GLY LA 177 21.48 45.25 86.46
CA GLY LA 177 22.20 43.99 86.50
C GLY LA 177 21.77 43.08 85.35
N LEU LA 178 20.47 43.07 85.07
CA LEU LA 178 19.90 42.27 84.00
C LEU LA 178 20.56 42.58 82.66
N LYS LA 179 20.68 43.87 82.34
CA LYS LA 179 21.30 44.24 81.08
C LYS LA 179 22.82 44.13 81.14
N GLN LA 180 23.42 44.21 82.33
CA GLN LA 180 24.86 44.01 82.47
C GLN LA 180 25.25 42.62 82.03
N GLN LA 181 24.40 41.65 82.36
CA GLN LA 181 24.59 40.26 81.96
C GLN LA 181 24.34 40.01 80.46
N ALA LA 182 24.00 41.05 79.69
CA ALA LA 182 23.73 40.99 78.26
C ALA LA 182 22.52 40.14 77.95
N LEU LA 183 21.54 40.15 78.85
CA LEU LA 183 20.35 39.36 78.64
C LEU LA 183 19.30 40.19 77.92
N PRO LA 184 18.51 39.57 77.05
CA PRO LA 184 17.38 40.14 76.34
C PRO LA 184 16.21 40.18 77.28
N TYR LA 185 15.42 41.24 77.21
CA TYR LA 185 14.27 41.32 78.09
C TYR LA 185 13.34 42.42 77.67
N SER LA 186 12.16 42.43 78.26
CA SER LA 186 11.24 43.51 78.02
C SER LA 186 10.57 43.89 79.34
N ARG LA 187 10.74 45.14 79.72
CA ARG LA 187 10.24 45.66 80.98
C ARG LA 187 8.74 45.95 80.94
N ARG LA 188 8.06 45.67 82.04
CA ARG LA 188 6.63 45.89 82.18
C ARG LA 188 6.30 46.71 83.40
N ASN LA 189 6.26 48.02 83.24
CA ASN LA 189 5.90 48.87 84.37
C ASN LA 189 4.41 48.87 84.54
N HIS LA 190 3.95 48.75 85.77
CA HIS LA 190 2.53 48.83 86.03
C HIS LA 190 2.31 49.38 87.41
N LYS LA 191 1.09 49.80 87.70
CA LYS LA 191 0.86 50.35 89.01
C LYS LA 191 1.11 49.28 90.06
N GLY LA 192 1.99 49.59 91.00
CA GLY LA 192 2.29 48.67 92.07
C GLY LA 192 3.49 47.74 91.84
N GLY LA 193 4.09 47.76 90.65
CA GLY LA 193 5.23 46.86 90.44
C GLY LA 193 5.82 46.88 89.04
N VAL LA 194 6.76 45.98 88.81
CA VAL LA 194 7.38 45.87 87.49
C VAL LA 194 7.78 44.44 87.18
N THR LA 195 7.53 44.01 85.95
CA THR LA 195 7.88 42.67 85.55
C THR LA 195 8.87 42.66 84.39
N PHE LA 196 9.88 41.80 84.49
CA PHE LA 196 10.89 41.68 83.44
C PHE LA 196 10.74 40.39 82.68
N VAL LA 197 10.24 40.51 81.46
CA VAL LA 197 9.95 39.36 80.62
C VAL LA 197 11.13 38.95 79.76
N ILE LA 198 11.51 37.68 79.87
CA ILE LA 198 12.61 37.15 79.07
C ILE LA 198 12.11 35.99 78.22
N GLN LA 199 11.93 36.23 76.93
CA GLN LA 199 11.44 35.18 76.03
C GLN LA 199 12.39 34.84 74.91
N GLY LA 200 12.05 33.78 74.20
CA GLY LA 200 12.82 33.33 73.05
C GLY LA 200 13.69 32.14 73.42
N ALA LA 201 14.37 31.59 72.43
CA ALA LA 201 15.28 30.49 72.69
C ALA LA 201 16.51 31.04 73.38
N LEU LA 202 17.03 30.31 74.34
CA LEU LA 202 18.16 30.81 75.08
C LEU LA 202 19.36 29.86 75.05
N ASP LA 203 20.54 30.46 74.98
CA ASP LA 203 21.81 29.75 75.02
C ASP LA 203 22.05 29.27 76.42
N ASP LA 204 22.53 28.05 76.58
CA ASP LA 204 22.79 27.50 77.92
C ASP LA 204 23.62 28.44 78.81
N VAL LA 205 24.50 29.21 78.20
CA VAL LA 205 25.34 30.12 78.96
C VAL LA 205 24.51 31.25 79.53
N GLU LA 206 23.70 31.88 78.69
CA GLU LA 206 22.87 32.99 79.18
C GLU LA 206 21.78 32.50 80.10
N ILE LA 207 21.39 31.23 80.00
CA ILE LA 207 20.42 30.70 80.94
C ILE LA 207 21.01 30.67 82.33
N LEU LA 208 22.24 30.15 82.43
CA LEU LA 208 22.92 30.10 83.71
C LEU LA 208 23.06 31.48 84.31
N ARG LA 209 23.55 32.43 83.51
CA ARG LA 209 23.73 33.79 83.97
C ARG LA 209 22.44 34.42 84.46
N ALA LA 210 21.35 34.19 83.73
CA ALA LA 210 20.07 34.75 84.09
C ALA LA 210 19.63 34.28 85.44
N ARG LA 211 19.69 32.97 85.68
CA ARG LA 211 19.25 32.48 86.96
C ARG LA 211 20.08 33.00 88.12
N GLN LA 212 21.40 33.04 87.94
CA GLN LA 212 22.27 33.52 89.01
C GLN LA 212 21.88 34.92 89.43
N PHE LA 213 21.65 35.79 88.45
CA PHE LA 213 21.25 37.14 88.72
C PHE LA 213 19.92 37.22 89.45
N VAL LA 214 18.93 36.51 88.94
CA VAL LA 214 17.60 36.53 89.53
C VAL LA 214 17.60 36.07 90.96
N ASP LA 215 18.28 34.97 91.23
CA ASP LA 215 18.33 34.45 92.59
C ASP LA 215 18.91 35.46 93.55
N SER LA 216 19.98 36.15 93.15
CA SER LA 216 20.57 37.15 94.01
C SER LA 216 19.67 38.34 94.26
N TYR LA 217 18.99 38.81 93.21
CA TYR LA 217 18.09 39.94 93.37
C TYR LA 217 16.98 39.60 94.35
N TYR LA 218 16.42 38.42 94.16
CA TYR LA 218 15.37 37.93 95.04
C TYR LA 218 15.85 37.88 96.47
N ARG LA 219 17.00 37.24 96.69
CA ARG LA 219 17.56 37.13 98.03
C ARG LA 219 17.65 38.48 98.73
N THR LA 220 18.07 39.52 98.02
CA THR LA 220 18.19 40.84 98.60
C THR LA 220 16.86 41.56 98.77
N TRP LA 221 16.24 41.90 97.66
CA TRP LA 221 15.02 42.69 97.69
C TRP LA 221 13.74 41.91 97.90
N GLY LA 222 13.70 40.67 97.42
CA GLY LA 222 12.48 39.89 97.52
C GLY LA 222 11.67 40.07 96.25
N GLY LA 223 10.62 39.27 96.09
CA GLY LA 223 9.80 39.31 94.87
C GLY LA 223 8.45 40.02 95.01
N ARG LA 224 8.35 41.02 95.87
CA ARG LA 224 7.08 41.71 96.03
C ARG LA 224 6.90 42.92 95.12
N TYR LA 225 7.97 43.41 94.54
CA TYR LA 225 7.88 44.56 93.67
C TYR LA 225 8.36 44.21 92.28
N VAL LA 226 9.54 43.60 92.22
CA VAL LA 226 10.11 43.17 90.96
C VAL LA 226 9.85 41.70 90.72
N GLN LA 227 9.23 41.40 89.60
CA GLN LA 227 8.93 40.04 89.22
C GLN LA 227 9.66 39.67 87.93
N PHE LA 228 10.40 38.58 87.94
CA PHE LA 228 11.09 38.16 86.73
C PHE LA 228 10.29 37.05 86.08
N ALA LA 229 10.39 36.96 84.76
CA ALA LA 229 9.62 35.97 84.02
C ALA LA 229 10.42 35.32 82.91
N ILE LA 230 11.19 34.29 83.26
CA ILE LA 230 11.98 33.57 82.27
C ILE LA 230 11.12 32.55 81.55
N GLU LA 231 11.03 32.68 80.23
CA GLU LA 231 10.22 31.79 79.42
C GLU LA 231 10.99 31.24 78.22
N LEU LA 232 11.47 30.02 78.37
CA LEU LA 232 12.23 29.36 77.32
C LEU LA 232 11.30 28.89 76.21
N LYS LA 233 11.36 29.55 75.06
CA LYS LA 233 10.44 29.24 73.95
C LYS LA 233 11.13 29.12 72.59
N ASP LA 234 10.48 28.43 71.67
CA ASP LA 234 11.00 28.28 70.31
C ASP LA 234 10.73 29.51 69.46
N ASP LA 235 11.66 29.79 68.55
CA ASP LA 235 11.56 30.92 67.65
C ASP LA 235 11.38 30.44 66.20
N ASP MA 3 37.89 2.29 113.09
CA ASP MA 3 37.93 0.91 112.62
C ASP MA 3 36.64 0.54 111.93
N LYS MA 4 36.35 1.18 110.81
CA LYS MA 4 35.13 0.91 110.08
C LYS MA 4 35.40 0.34 108.71
N ASP MA 5 34.54 -0.56 108.26
CA ASP MA 5 34.68 -1.11 106.92
C ASP MA 5 34.02 -0.18 105.93
N LEU MA 6 34.76 0.21 104.90
CA LEU MA 6 34.23 1.12 103.89
C LEU MA 6 33.92 0.35 102.61
N LEU MA 7 34.96 -0.23 102.00
CA LEU MA 7 34.79 -0.99 100.75
C LEU MA 7 35.38 -2.39 100.83
N LYS MA 8 34.78 -3.32 100.09
CA LYS MA 8 35.28 -4.70 100.07
C LYS MA 8 35.25 -5.30 98.67
N GLY MA 9 36.17 -6.22 98.40
CA GLY MA 9 36.17 -6.91 97.11
C GLY MA 9 36.70 -6.07 95.98
N LEU MA 10 37.56 -5.11 96.30
CA LEU MA 10 38.09 -4.23 95.28
C LEU MA 10 39.21 -4.87 94.53
N ASP MA 11 39.38 -4.48 93.27
CA ASP MA 11 40.53 -5.01 92.57
C ASP MA 11 41.67 -4.06 92.88
N GLN MA 12 42.84 -4.36 92.37
CA GLN MA 12 44.02 -3.56 92.67
C GLN MA 12 43.90 -2.10 92.27
N GLU MA 13 43.48 -1.86 91.02
CA GLU MA 13 43.34 -0.51 90.51
C GLU MA 13 42.39 0.34 91.31
N GLN MA 14 41.19 -0.21 91.54
CA GLN MA 14 40.16 0.47 92.29
C GLN MA 14 40.62 0.84 93.67
N ALA MA 15 41.24 -0.12 94.35
CA ALA MA 15 41.71 0.10 95.70
C ALA MA 15 42.65 1.28 95.77
N ASN MA 16 43.63 1.32 94.88
CA ASN MA 16 44.58 2.42 94.91
C ASN MA 16 43.96 3.76 94.53
N GLU MA 17 42.98 3.75 93.63
CA GLU MA 17 42.34 4.99 93.24
C GLU MA 17 41.52 5.60 94.36
N VAL MA 18 40.74 4.77 95.05
CA VAL MA 18 39.93 5.25 96.14
C VAL MA 18 40.78 5.83 97.24
N ILE MA 19 41.86 5.13 97.57
CA ILE MA 19 42.78 5.59 98.59
C ILE MA 19 43.35 6.94 98.26
N ALA MA 20 43.76 7.12 97.00
CA ALA MA 20 44.31 8.40 96.57
C ALA MA 20 43.37 9.54 96.90
N VAL MA 21 42.08 9.36 96.60
CA VAL MA 21 41.09 10.39 96.88
C VAL MA 21 40.95 10.68 98.35
N LEU MA 22 40.88 9.64 99.17
CA LEU MA 22 40.73 9.83 100.60
C LEU MA 22 41.90 10.58 101.20
N GLN MA 23 43.11 10.27 100.75
CA GLN MA 23 44.29 10.95 101.25
C GLN MA 23 44.27 12.40 100.85
N MET MA 24 43.86 12.66 99.62
CA MET MA 24 43.75 14.02 99.13
C MET MA 24 42.85 14.86 100.01
N HIS MA 25 41.80 14.26 100.56
CA HIS MA 25 40.90 14.97 101.45
C HIS MA 25 41.21 14.78 102.92
N ASN MA 26 42.46 14.46 103.25
CA ASN MA 26 42.92 14.32 104.62
C ASN MA 26 42.33 13.16 105.39
N ILE MA 27 42.23 12.00 104.74
CA ILE MA 27 41.74 10.79 105.39
C ILE MA 27 42.70 9.62 105.23
N GLU MA 28 43.19 9.08 106.35
CA GLU MA 28 44.05 7.90 106.30
C GLU MA 28 43.22 6.69 105.93
N ALA MA 29 43.81 5.75 105.21
CA ALA MA 29 43.07 4.56 104.81
C ALA MA 29 43.97 3.33 104.77
N ASN MA 30 43.39 2.19 105.14
CA ASN MA 30 44.13 0.95 105.15
C ASN MA 30 43.74 0.09 103.98
N LYS MA 31 44.72 -0.49 103.31
CA LYS MA 31 44.43 -1.42 102.23
C LYS MA 31 44.70 -2.83 102.71
N ILE MA 32 43.66 -3.64 102.78
CA ILE MA 32 43.79 -4.98 103.29
C ILE MA 32 43.69 -6.03 102.21
N ASP MA 33 44.73 -6.83 102.08
CA ASP MA 33 44.80 -7.90 101.11
C ASP MA 33 44.16 -9.17 101.64
N SER MA 34 42.99 -9.54 101.12
CA SER MA 34 42.29 -10.75 101.56
C SER MA 34 42.42 -11.87 100.52
N GLY MA 35 43.49 -11.84 99.75
CA GLY MA 35 43.77 -12.88 98.77
C GLY MA 35 42.76 -12.88 97.66
N LYS MA 36 42.19 -14.05 97.39
CA LYS MA 36 41.20 -14.24 96.34
C LYS MA 36 39.95 -13.40 96.52
N LEU MA 37 39.72 -12.87 97.72
CA LEU MA 37 38.54 -12.09 97.96
C LEU MA 37 38.74 -10.61 97.62
N GLY MA 38 39.95 -10.23 97.21
CA GLY MA 38 40.20 -8.86 96.79
C GLY MA 38 40.70 -7.97 97.92
N TYR MA 39 40.59 -6.66 97.71
CA TYR MA 39 41.05 -5.71 98.69
C TYR MA 39 39.93 -5.06 99.46
N SER MA 40 40.22 -4.70 100.69
CA SER MA 40 39.25 -4.01 101.51
C SER MA 40 39.83 -2.72 102.03
N ILE MA 41 39.00 -1.69 102.12
CA ILE MA 41 39.46 -0.41 102.62
C ILE MA 41 38.76 -0.08 103.91
N THR MA 42 39.58 0.22 104.93
CA THR MA 42 39.01 0.59 106.23
C THR MA 42 39.55 1.94 106.67
N VAL MA 43 38.75 2.62 107.50
CA VAL MA 43 39.12 3.94 107.98
C VAL MA 43 38.87 4.13 109.45
N ALA MA 44 39.50 5.14 110.03
CA ALA MA 44 39.28 5.46 111.43
C ALA MA 44 37.87 5.97 111.61
N GLU MA 45 37.23 5.56 112.70
CA GLU MA 45 35.87 5.95 112.99
C GLU MA 45 35.61 7.47 112.94
N PRO MA 46 36.51 8.33 113.44
CA PRO MA 46 36.44 9.78 113.37
C PRO MA 46 36.31 10.32 111.94
N ASP MA 47 36.87 9.63 110.97
CA ASP MA 47 36.83 10.06 109.58
C ASP MA 47 35.72 9.41 108.80
N PHE MA 48 35.28 8.24 109.26
CA PHE MA 48 34.26 7.45 108.58
C PHE MA 48 33.12 8.23 107.96
N THR MA 49 32.56 9.21 108.65
CA THR MA 49 31.44 9.98 108.10
C THR MA 49 31.87 10.72 106.84
N ALA MA 50 33.01 11.39 106.92
CA ALA MA 50 33.55 12.14 105.80
C ALA MA 50 33.91 11.20 104.68
N ALA MA 51 34.49 10.05 105.03
CA ALA MA 51 34.91 9.08 104.03
C ALA MA 51 33.72 8.66 103.18
N VAL MA 52 32.61 8.36 103.84
CA VAL MA 52 31.40 7.98 103.13
C VAL MA 52 30.94 9.06 102.18
N TYR MA 53 30.94 10.29 102.68
CA TYR MA 53 30.55 11.42 101.87
C TYR MA 53 31.35 11.48 100.57
N TRP MA 54 32.67 11.31 100.68
CA TRP MA 54 33.52 11.39 99.50
C TRP MA 54 33.35 10.19 98.56
N ILE MA 55 33.06 9.01 99.10
CA ILE MA 55 32.81 7.85 98.23
C ILE MA 55 31.62 8.14 97.33
N LYS MA 56 30.61 8.77 97.90
CA LYS MA 56 29.46 9.18 97.15
C LYS MA 56 29.83 10.22 96.11
N THR MA 57 30.44 11.30 96.58
CA THR MA 57 30.82 12.43 95.73
C THR MA 57 31.59 12.04 94.49
N TYR MA 58 32.57 11.16 94.63
CA TYR MA 58 33.39 10.77 93.50
C TYR MA 58 33.00 9.48 92.82
N GLN MA 59 31.77 9.01 92.99
CA GLN MA 59 31.33 7.79 92.32
C GLN MA 59 32.29 6.62 92.53
N LEU MA 60 32.69 6.37 93.76
CA LEU MA 60 33.65 5.31 94.01
C LEU MA 60 33.00 4.02 94.48
N PRO MA 61 33.63 2.88 94.21
CA PRO MA 61 34.86 2.63 93.48
C PRO MA 61 34.63 2.79 91.99
N PRO MA 62 35.68 3.11 91.22
CA PRO MA 62 35.71 3.36 89.78
C PRO MA 62 35.20 2.19 88.94
N ARG MA 63 34.58 2.51 87.82
CA ARG MA 63 34.13 1.50 86.88
C ARG MA 63 35.31 1.19 85.96
N PRO MA 64 35.28 0.07 85.25
CA PRO MA 64 36.26 -0.34 84.27
C PRO MA 64 36.13 0.53 83.03
N ARG MA 65 37.24 0.75 82.33
CA ARG MA 65 37.25 1.63 81.18
C ARG MA 65 36.53 1.02 79.99
N VAL MA 66 35.69 1.84 79.35
CA VAL MA 66 34.90 1.42 78.21
C VAL MA 66 35.53 1.76 76.88
N GLU MA 67 35.70 0.73 76.06
CA GLU MA 67 36.26 0.84 74.74
C GLU MA 67 35.32 0.18 73.75
N ILE MA 68 35.19 0.73 72.55
CA ILE MA 68 34.19 0.26 71.61
C ILE MA 68 34.31 -1.19 71.21
N ALA MA 69 35.54 -1.66 70.98
CA ALA MA 69 35.78 -3.04 70.57
C ALA MA 69 35.27 -4.07 71.56
N GLN MA 70 35.02 -3.67 72.81
CA GLN MA 70 34.57 -4.59 73.81
C GLN MA 70 33.17 -5.12 73.50
N MET MA 71 32.43 -4.42 72.64
CA MET MA 71 31.09 -4.84 72.29
C MET MA 71 30.97 -5.49 70.93
N PHE MA 72 32.09 -5.75 70.27
CA PHE MA 72 32.06 -6.41 68.98
C PHE MA 72 33.22 -7.36 68.88
N PRO MA 73 33.22 -8.43 69.70
CA PRO MA 73 34.28 -9.41 69.89
C PRO MA 73 34.49 -10.32 68.70
N ALA MA 74 35.75 -10.75 68.55
CA ALA MA 74 36.18 -11.63 67.46
C ALA MA 74 35.70 -13.06 67.67
N ASP MA 75 35.18 -13.35 68.85
CA ASP MA 75 34.67 -14.66 69.17
C ASP MA 75 33.38 -14.97 68.42
N SER MA 76 32.73 -13.95 67.83
CA SER MA 76 31.52 -14.20 67.07
C SER MA 76 31.80 -15.08 65.88
N LEU MA 77 30.89 -15.99 65.61
CA LEU MA 77 31.00 -16.93 64.50
C LEU MA 77 30.90 -16.23 63.15
N VAL MA 78 30.21 -15.10 63.13
CA VAL MA 78 30.02 -14.32 61.92
C VAL MA 78 30.36 -12.88 62.20
N SER MA 79 30.53 -12.10 61.13
CA SER MA 79 30.84 -10.70 61.28
C SER MA 79 30.10 -9.89 60.24
N SER MA 80 30.17 -8.59 60.37
CA SER MA 80 29.53 -7.70 59.42
C SER MA 80 30.44 -6.52 59.24
N PRO MA 81 30.36 -5.84 58.10
CA PRO MA 81 31.09 -4.65 57.74
C PRO MA 81 30.98 -3.61 58.84
N ARG MA 82 29.79 -3.50 59.39
CA ARG MA 82 29.53 -2.56 60.46
C ARG MA 82 30.40 -2.87 61.65
N ALA MA 83 30.37 -4.13 62.09
CA ALA MA 83 31.15 -4.54 63.24
C ALA MA 83 32.63 -4.39 63.00
N GLU MA 84 33.09 -4.82 61.83
CA GLU MA 84 34.52 -4.80 61.55
C GLU MA 84 35.07 -3.40 61.49
N LYS MA 85 34.33 -2.48 60.87
CA LYS MA 85 34.80 -1.12 60.80
C LYS MA 85 34.87 -0.50 62.19
N ALA MA 86 33.88 -0.81 63.04
CA ALA MA 86 33.90 -0.33 64.41
C ALA MA 86 35.10 -0.84 65.17
N ARG MA 87 35.41 -2.13 65.01
CA ARG MA 87 36.56 -2.72 65.68
C ARG MA 87 37.84 -2.01 65.33
N LEU MA 88 38.01 -1.72 64.04
CA LEU MA 88 39.20 -1.03 63.61
C LEU MA 88 39.34 0.33 64.25
N TYR MA 89 38.28 1.13 64.23
CA TYR MA 89 38.35 2.46 64.80
C TYR MA 89 38.69 2.43 66.27
N SER MA 90 38.15 1.44 66.97
CA SER MA 90 38.43 1.32 68.39
C SER MA 90 39.92 1.18 68.63
N ALA MA 91 40.55 0.29 67.86
CA ALA MA 91 41.98 0.08 67.95
C ALA MA 91 42.75 1.33 67.64
N ILE MA 92 42.32 2.06 66.61
CA ILE MA 92 43.00 3.27 66.23
C ILE MA 92 42.99 4.31 67.34
N GLU MA 93 41.84 4.50 68.01
CA GLU MA 93 41.81 5.47 69.10
C GLU MA 93 42.80 5.09 70.17
N GLN MA 94 42.84 3.80 70.51
CA GLN MA 94 43.77 3.33 71.53
C GLN MA 94 45.20 3.59 71.15
N ARG MA 95 45.52 3.35 69.89
CA ARG MA 95 46.86 3.51 69.41
C ARG MA 95 47.28 4.98 69.42
N LEU MA 96 46.35 5.88 69.09
CA LEU MA 96 46.65 7.30 69.14
C LEU MA 96 46.88 7.77 70.57
N GLU MA 97 46.14 7.20 71.53
CA GLU MA 97 46.35 7.56 72.92
C GLU MA 97 47.72 7.14 73.38
N GLN MA 98 48.13 5.94 72.96
CA GLN MA 98 49.45 5.44 73.30
C GLN MA 98 50.53 6.36 72.79
N SER MA 99 50.32 6.94 71.61
CA SER MA 99 51.30 7.85 71.05
C SER MA 99 51.37 9.19 71.75
N LEU MA 100 50.23 9.82 72.03
CA LEU MA 100 50.26 11.14 72.64
C LEU MA 100 50.86 11.13 74.02
N GLN MA 101 50.70 10.04 74.75
CA GLN MA 101 51.25 9.96 76.08
C GLN MA 101 52.78 9.82 76.12
N THR MA 102 53.43 9.72 74.96
CA THR MA 102 54.88 9.67 74.92
C THR MA 102 55.47 11.03 74.59
N MET MA 103 54.63 12.02 74.29
CA MET MA 103 55.16 13.34 73.99
C MET MA 103 55.68 14.01 75.24
N GLU MA 104 56.72 14.82 75.06
CA GLU MA 104 57.35 15.52 76.16
C GLU MA 104 56.38 16.39 76.93
N GLY MA 105 56.33 16.17 78.24
CA GLY MA 105 55.49 16.95 79.12
C GLY MA 105 54.08 16.40 79.29
N VAL MA 106 53.71 15.39 78.50
CA VAL MA 106 52.35 14.86 78.63
C VAL MA 106 52.30 13.76 79.67
N LEU MA 107 51.38 13.92 80.61
CA LEU MA 107 51.19 12.97 81.67
C LEU MA 107 50.06 12.03 81.34
N SER MA 108 49.03 12.56 80.71
CA SER MA 108 47.88 11.76 80.31
C SER MA 108 47.14 12.32 79.12
N ALA MA 109 46.58 11.45 78.30
CA ALA MA 109 45.84 11.94 77.15
C ALA MA 109 44.79 10.96 76.69
N ARG MA 110 43.66 11.50 76.21
CA ARG MA 110 42.54 10.69 75.70
C ARG MA 110 42.16 11.14 74.29
N VAL MA 111 41.78 10.19 73.44
CA VAL MA 111 41.47 10.51 72.05
C VAL MA 111 40.16 9.91 71.56
N HIS MA 112 39.39 10.72 70.85
CA HIS MA 112 38.14 10.27 70.25
C HIS MA 112 38.13 10.48 68.76
N ILE MA 113 37.51 9.56 68.04
CA ILE MA 113 37.38 9.72 66.60
C ILE MA 113 35.94 9.47 66.24
N SER MA 114 35.41 10.23 65.29
CA SER MA 114 34.04 10.03 64.89
C SER MA 114 33.87 8.70 64.18
N TYR MA 115 32.65 8.19 64.18
CA TYR MA 115 32.37 6.91 63.55
C TYR MA 115 31.45 7.05 62.36
N ASP MA 116 31.47 6.04 61.51
CA ASP MA 116 30.65 5.98 60.32
C ASP MA 116 30.03 4.61 60.25
N ILE MA 117 28.75 4.55 60.56
CA ILE MA 117 28.06 3.30 60.63
C ILE MA 117 27.18 2.97 59.44
N ASP MA 118 26.80 3.97 58.66
CA ASP MA 118 25.95 3.64 57.53
C ASP MA 118 26.01 4.58 56.33
N ALA MA 119 27.18 5.17 56.02
CA ALA MA 119 27.27 5.99 54.82
C ALA MA 119 27.07 5.12 53.57
N GLY MA 120 28.04 4.26 53.28
CA GLY MA 120 27.98 3.35 52.13
C GLY MA 120 26.71 2.52 52.12
N GLU MA 121 26.27 2.11 53.31
CA GLU MA 121 25.02 1.37 53.50
C GLU MA 121 23.83 2.05 52.82
N ASN MA 122 23.80 3.38 52.87
CA ASN MA 122 22.70 4.13 52.30
C ASN MA 122 23.01 4.67 50.90
N GLY MA 123 24.10 4.18 50.29
CA GLY MA 123 24.49 4.66 48.96
C GLY MA 123 25.17 6.02 49.02
N ARG MA 124 25.59 6.43 50.21
CA ARG MA 124 26.22 7.73 50.39
C ARG MA 124 27.73 7.62 50.51
N PRO MA 125 28.44 8.69 50.16
CA PRO MA 125 29.85 8.88 50.33
C PRO MA 125 30.10 9.10 51.82
N PRO MA 126 31.29 8.80 52.30
CA PRO MA 126 31.72 8.90 53.68
C PRO MA 126 31.86 10.35 54.10
N LYS MA 127 31.72 10.59 55.39
CA LYS MA 127 31.81 11.92 55.93
C LYS MA 127 33.24 12.21 56.40
N PRO MA 128 33.61 13.48 56.53
CA PRO MA 128 34.86 13.97 57.05
C PRO MA 128 35.06 13.45 58.44
N VAL MA 129 36.30 13.22 58.81
CA VAL MA 129 36.60 12.66 60.11
C VAL MA 129 36.80 13.72 61.17
N HIS MA 130 36.14 13.55 62.31
CA HIS MA 130 36.31 14.50 63.39
C HIS MA 130 37.15 13.89 64.50
N LEU MA 131 37.99 14.71 65.10
CA LEU MA 131 38.85 14.25 66.17
C LEU MA 131 38.76 15.16 67.37
N SER MA 132 38.90 14.59 68.55
CA SER MA 132 38.95 15.42 69.74
C SER MA 132 39.88 14.77 70.73
N ALA MA 133 40.49 15.59 71.58
CA ALA MA 133 41.42 15.01 72.52
C ALA MA 133 41.57 15.82 73.78
N LEU MA 134 41.91 15.11 74.85
CA LEU MA 134 42.14 15.72 76.15
C LEU MA 134 43.57 15.50 76.56
N ALA MA 135 44.17 16.46 77.25
CA ALA MA 135 45.54 16.23 77.69
C ALA MA 135 45.89 16.92 78.99
N VAL MA 136 46.74 16.25 79.77
CA VAL MA 136 47.25 16.75 81.03
C VAL MA 136 48.76 16.89 80.96
N TYR MA 137 49.24 18.08 81.25
CA TYR MA 137 50.66 18.37 81.21
C TYR MA 137 51.33 18.58 82.55
N GLU MA 138 52.64 18.43 82.54
CA GLU MA 138 53.44 18.72 83.71
C GLU MA 138 53.28 20.18 84.08
N ARG MA 139 52.98 20.43 85.34
CA ARG MA 139 52.74 21.79 85.81
C ARG MA 139 53.88 22.73 85.49
N GLY MA 140 53.53 23.89 84.93
CA GLY MA 140 54.48 24.93 84.54
C GLY MA 140 54.78 24.93 83.04
N SER MA 141 54.32 23.91 82.35
CA SER MA 141 54.51 23.76 80.91
C SER MA 141 53.69 24.82 80.10
N PRO MA 142 54.20 25.31 78.97
CA PRO MA 142 53.61 26.33 78.07
C PRO MA 142 52.52 25.78 77.14
N LEU MA 143 51.41 25.38 77.76
CA LEU MA 143 50.24 24.79 77.12
C LEU MA 143 49.74 25.50 75.86
N ALA MA 144 49.80 26.82 75.86
CA ALA MA 144 49.31 27.63 74.75
C ALA MA 144 50.06 27.39 73.43
N HIS MA 145 51.22 26.75 73.49
CA HIS MA 145 51.99 26.52 72.30
C HIS MA 145 52.02 25.04 72.00
N GLN MA 146 52.05 24.24 73.05
CA GLN MA 146 52.10 22.80 72.94
C GLN MA 146 50.90 22.22 72.22
N ILE MA 147 49.75 22.84 72.41
CA ILE MA 147 48.54 22.46 71.72
C ILE MA 147 48.67 22.39 70.19
N SER MA 148 49.62 23.11 69.61
CA SER MA 148 49.78 23.10 68.16
C SER MA 148 50.48 21.84 67.67
N ASP MA 149 51.27 21.20 68.54
CA ASP MA 149 51.93 19.96 68.14
C ASP MA 149 50.93 18.86 68.07
N ILE MA 150 50.03 18.84 69.04
CA ILE MA 150 49.01 17.82 69.07
C ILE MA 150 48.16 17.90 67.85
N LYS MA 151 47.72 19.11 67.54
CA LYS MA 151 46.84 19.32 66.43
C LYS MA 151 47.51 19.00 65.09
N ARG MA 152 48.78 19.35 64.93
CA ARG MA 152 49.49 19.04 63.69
C ARG MA 152 49.69 17.55 63.52
N PHE MA 153 50.09 16.90 64.59
CA PHE MA 153 50.29 15.48 64.61
C PHE MA 153 49.06 14.73 64.19
N LEU MA 154 47.94 15.07 64.81
CA LEU MA 154 46.69 14.41 64.49
C LEU MA 154 46.23 14.70 63.08
N LYS MA 155 46.46 15.92 62.58
CA LYS MA 155 46.02 16.27 61.25
C LYS MA 155 46.50 15.29 60.18
N ASN MA 156 47.78 14.95 60.19
CA ASN MA 156 48.23 13.98 59.19
C ASN MA 156 48.24 12.54 59.68
N SER MA 157 47.53 12.26 60.76
CA SER MA 157 47.43 10.90 61.28
C SER MA 157 46.17 10.22 60.79
N PHE MA 158 45.45 10.84 59.86
CA PHE MA 158 44.24 10.19 59.39
C PHE MA 158 43.81 10.71 58.03
N ALA MA 159 43.34 9.79 57.21
CA ALA MA 159 42.91 9.98 55.82
C ALA MA 159 42.36 11.34 55.45
N ASP MA 160 41.43 11.89 56.22
CA ASP MA 160 40.88 13.17 55.82
C ASP MA 160 40.29 13.99 56.96
N VAL MA 161 41.14 14.78 57.58
CA VAL MA 161 40.74 15.69 58.64
C VAL MA 161 41.26 17.06 58.31
N ASP MA 162 40.95 18.04 59.14
CA ASP MA 162 41.43 19.39 58.91
C ASP MA 162 41.51 20.16 60.22
N TYR MA 163 42.08 21.35 60.19
CA TYR MA 163 42.28 22.09 61.43
C TYR MA 163 41.01 22.69 62.04
N ASP MA 164 39.87 22.54 61.39
CA ASP MA 164 38.63 23.02 61.97
C ASP MA 164 37.83 21.88 62.58
N ASN MA 165 38.22 20.65 62.29
CA ASN MA 165 37.49 19.51 62.80
C ASN MA 165 38.31 18.71 63.79
N ILE MA 166 39.33 19.34 64.37
CA ILE MA 166 40.14 18.74 65.42
C ILE MA 166 40.11 19.63 66.64
N SER MA 167 39.60 19.11 67.75
CA SER MA 167 39.54 19.92 68.95
C SER MA 167 40.38 19.38 70.08
N VAL MA 168 41.14 20.26 70.71
CA VAL MA 168 41.98 19.87 71.82
C VAL MA 168 41.71 20.70 73.06
N VAL MA 169 41.36 20.02 74.14
CA VAL MA 169 41.12 20.67 75.42
C VAL MA 169 42.13 20.13 76.40
N LEU MA 170 42.85 21.01 77.07
CA LEU MA 170 43.90 20.55 77.93
C LEU MA 170 44.19 21.42 79.14
N SER MA 171 44.97 20.88 80.05
CA SER MA 171 45.38 21.59 81.26
C SER MA 171 46.62 20.96 81.86
N GLU MA 172 46.84 21.18 83.16
CA GLU MA 172 48.02 20.65 83.82
C GLU MA 172 47.67 20.13 85.20
N ARG MA 173 48.55 19.30 85.74
CA ARG MA 173 48.31 18.70 87.05
C ARG MA 173 48.25 19.69 88.19
N SER MA 174 47.63 19.26 89.28
CA SER MA 174 47.48 20.03 90.51
C SER MA 174 48.69 19.86 91.43
N ASP MA 175 48.66 20.56 92.57
CA ASP MA 175 49.72 20.48 93.58
C ASP MA 175 49.77 19.08 94.16
N ALA MA 176 50.89 18.39 93.93
CA ALA MA 176 51.06 17.00 94.34
C ALA MA 176 50.87 16.77 95.83
N GLN MA 177 50.10 15.75 96.17
CA GLN MA 177 49.87 15.44 97.57
C GLN MA 177 51.01 14.60 98.09
N LEU MA 178 52.02 15.27 98.59
CA LEU MA 178 53.22 14.60 99.07
C LEU MA 178 53.26 14.44 100.59
N GLN MA 179 52.17 14.75 101.28
CA GLN MA 179 52.14 14.68 102.73
C GLN MA 179 51.05 13.76 103.25
N ALA MA 180 51.36 13.01 104.30
CA ALA MA 180 50.37 12.13 104.89
C ALA MA 180 49.30 12.92 105.64
N PRO MA 181 48.03 12.51 105.57
CA PRO MA 181 46.85 13.07 106.24
C PRO MA 181 47.00 13.19 107.76
N GLY MA 182 47.54 12.18 108.40
CA GLY MA 182 47.73 12.19 109.83
C GLY MA 182 46.61 11.46 110.53
N THR MA 183 46.87 11.03 111.77
CA THR MA 183 45.89 10.30 112.55
C THR MA 183 44.99 11.26 113.32
N PRO MA 184 43.87 10.77 113.84
CA PRO MA 184 42.91 11.49 114.67
C PRO MA 184 43.49 11.73 116.04
N VAL MA 185 43.00 12.77 116.70
CA VAL MA 185 43.50 13.11 118.03
C VAL MA 185 42.75 12.37 119.11
N LYS MA 186 43.45 11.46 119.77
CA LYS MA 186 42.90 10.69 120.88
C LYS MA 186 43.97 9.79 121.49
N ALA NA 42 47.57 20.15 122.41
CA ALA NA 42 47.30 19.95 120.99
C ALA NA 42 47.42 21.26 120.23
N GLU NA 43 48.63 21.81 120.18
CA GLU NA 43 48.84 23.06 119.46
C GLU NA 43 48.40 22.92 118.02
N LEU NA 44 47.54 23.85 117.59
CA LEU NA 44 46.97 23.83 116.25
C LEU NA 44 48.02 23.73 115.14
N ASP NA 45 49.15 24.38 115.32
CA ASP NA 45 50.22 24.31 114.33
C ASP NA 45 50.69 22.89 114.10
N SER NA 46 50.67 22.06 115.14
CA SER NA 46 51.10 20.67 115.00
C SER NA 46 49.95 19.81 114.51
N LEU NA 47 48.73 20.27 114.72
CA LEU NA 47 47.56 19.54 114.24
C LEU NA 47 47.44 19.64 112.71
N LEU NA 48 47.81 20.79 112.16
CA LEU NA 48 47.80 21.02 110.72
C LEU NA 48 48.98 20.31 110.07
N GLY NA 49 48.87 20.05 108.76
CA GLY NA 49 49.86 19.33 107.93
C GLY NA 49 51.35 19.61 108.20
N GLN NA 50 52.21 18.72 107.65
CA GLN NA 50 53.66 18.79 107.80
C GLN NA 50 54.22 20.11 107.30
N GLU NA 51 53.74 20.55 106.15
CA GLU NA 51 54.19 21.82 105.63
C GLU NA 51 53.35 22.91 106.23
N LYS NA 52 53.70 23.27 107.46
CA LYS NA 52 52.99 24.27 108.23
C LYS NA 52 52.91 25.64 107.57
N GLU NA 53 53.77 25.88 106.58
CA GLU NA 53 53.80 27.16 105.90
C GLU NA 53 52.66 27.33 104.90
N ARG NA 54 51.79 26.32 104.77
CA ARG NA 54 50.63 26.43 103.91
C ARG NA 54 49.50 27.16 104.60
N PHE NA 55 49.60 27.34 105.92
CA PHE NA 55 48.53 27.96 106.67
C PHE NA 55 49.01 29.11 107.52
N GLN NA 56 48.17 30.13 107.67
CA GLN NA 56 48.51 31.20 108.56
C GLN NA 56 47.52 31.26 109.71
N VAL NA 57 47.97 30.82 110.87
CA VAL NA 57 47.09 30.85 112.03
C VAL NA 57 47.01 32.25 112.61
N LEU NA 58 45.79 32.70 112.83
CA LEU NA 58 45.53 34.06 113.29
C LEU NA 58 44.79 34.05 114.64
N PRO NA 59 45.08 34.98 115.52
CA PRO NA 59 44.44 35.02 116.84
C PRO NA 59 43.42 36.13 116.91
N GLY NA 60 42.15 35.80 116.67
CA GLY NA 60 41.09 36.80 116.66
C GLY NA 60 40.79 37.34 118.05
N ARG NA 61 40.35 38.60 118.09
CA ARG NA 61 40.02 39.27 119.35
C ARG NA 61 38.76 38.71 120.00
N ASP NA 62 38.00 37.92 119.23
CA ASP NA 62 36.81 37.24 119.71
C ASP NA 62 37.11 35.89 120.36
N LYS NA 63 38.39 35.60 120.63
CA LYS NA 63 38.83 34.35 121.24
C LYS NA 63 38.73 33.15 120.31
N MET NA 64 38.59 33.41 119.02
CA MET NA 64 38.54 32.35 118.04
C MET NA 64 39.85 32.30 117.29
N LEU NA 65 40.42 31.12 117.21
CA LEU NA 65 41.68 30.95 116.53
C LEU NA 65 41.36 30.65 115.06
N TYR NA 66 41.85 31.50 114.18
CA TYR NA 66 41.51 31.36 112.78
C TYR NA 66 42.60 30.70 111.95
N VAL NA 67 42.19 29.98 110.92
CA VAL NA 67 43.15 29.34 110.03
C VAL NA 67 43.04 29.88 108.63
N ALA NA 68 43.95 30.74 108.22
CA ALA NA 68 43.86 31.28 106.88
C ALA NA 68 44.45 30.33 105.86
N ALA NA 69 43.63 29.96 104.89
CA ALA NA 69 44.04 29.07 103.83
C ALA NA 69 44.00 29.80 102.49
N GLN NA 70 44.93 29.47 101.60
CA GLN NA 70 45.03 30.12 100.31
C GLN NA 70 44.33 29.36 99.18
N ASN NA 71 43.81 28.19 99.48
CA ASN NA 71 43.18 27.37 98.46
C ASN NA 71 42.12 26.48 99.06
N GLU NA 72 41.03 26.26 98.33
CA GLU NA 72 39.94 25.41 98.80
C GLU NA 72 40.35 23.99 99.19
N ARG NA 73 41.47 23.50 98.66
CA ARG NA 73 41.95 22.19 99.07
C ARG NA 73 42.52 22.24 100.46
N ASP NA 74 43.07 23.40 100.81
CA ASP NA 74 43.69 23.58 102.10
C ASP NA 74 42.60 23.96 103.08
N THR NA 75 41.58 24.63 102.56
CA THR NA 75 40.42 24.98 103.36
C THR NA 75 39.79 23.71 103.88
N LEU NA 76 39.55 22.77 102.97
CA LEU NA 76 38.99 21.49 103.37
C LEU NA 76 39.90 20.73 104.28
N TRP NA 77 41.21 20.75 103.99
CA TRP NA 77 42.18 20.07 104.83
C TRP NA 77 42.01 20.48 106.29
N ALA NA 78 42.05 21.78 106.53
CA ALA NA 78 41.93 22.35 107.86
C ALA NA 78 40.58 22.04 108.50
N ARG NA 79 39.51 22.07 107.70
CA ARG NA 79 38.20 21.76 108.24
C ARG NA 79 38.13 20.32 108.71
N GLN NA 80 38.77 19.42 107.96
CA GLN NA 80 38.80 18.03 108.35
C GLN NA 80 39.59 17.87 109.62
N VAL NA 81 40.67 18.65 109.78
CA VAL NA 81 41.42 18.60 111.03
C VAL NA 81 40.57 18.97 112.23
N LEU NA 82 39.80 20.04 112.09
CA LEU NA 82 38.94 20.47 113.18
C LEU NA 82 37.85 19.44 113.52
N ALA NA 83 37.31 18.77 112.50
CA ALA NA 83 36.28 17.76 112.72
C ALA NA 83 36.85 16.41 113.18
N ARG NA 84 38.03 16.06 112.67
CA ARG NA 84 38.68 14.78 112.98
C ARG NA 84 39.37 14.77 114.31
N GLY NA 85 40.24 15.76 114.51
CA GLY NA 85 41.01 15.87 115.74
C GLY NA 85 40.27 16.75 116.70
N ASP NA 86 41.01 17.43 117.55
CA ASP NA 86 40.37 18.27 118.51
C ASP NA 86 41.27 19.39 118.96
N TYR NA 87 40.65 20.42 119.45
CA TYR NA 87 41.31 21.58 119.97
C TYR NA 87 40.31 22.33 120.83
N ASP NA 88 40.56 22.35 122.13
CA ASP NA 88 39.63 22.99 123.07
C ASP NA 88 39.66 24.51 123.01
N LYS NA 89 39.06 25.05 121.96
CA LYS NA 89 38.99 26.49 121.74
C LYS NA 89 38.27 26.80 120.46
N ASN NA 90 37.53 27.90 120.46
CA ASN NA 90 36.84 28.34 119.26
C ASN NA 90 37.83 28.40 118.11
N ALA NA 91 37.41 27.94 116.94
CA ALA NA 91 38.28 27.96 115.79
C ALA NA 91 37.46 28.05 114.51
N ARG NA 92 38.05 28.64 113.47
CA ARG NA 92 37.34 28.79 112.21
C ARG NA 92 38.28 29.03 111.03
N VAL NA 93 38.09 28.25 109.98
CA VAL NA 93 38.92 28.35 108.79
C VAL NA 93 38.50 29.51 107.90
N ILE NA 94 39.48 30.30 107.49
CA ILE NA 94 39.31 31.45 106.62
C ILE NA 94 39.64 31.17 105.16
N ASN NA 95 38.77 31.60 104.28
CA ASN NA 95 38.94 31.47 102.85
C ASN NA 95 38.66 32.78 102.17
N GLU NA 96 39.69 33.34 101.54
CA GLU NA 96 39.63 34.64 100.87
C GLU NA 96 38.36 34.93 100.10
N ASN NA 97 37.92 34.00 99.27
CA ASN NA 97 36.71 34.22 98.49
C ASN NA 97 35.47 34.12 99.35
N GLU NA 98 35.47 33.19 100.30
CA GLU NA 98 34.29 33.03 101.14
C GLU NA 98 34.10 34.25 102.03
N GLU NA 99 35.21 34.83 102.48
CA GLU NA 99 35.13 36.00 103.31
C GLU NA 99 34.75 37.21 102.52
N ASN NA 100 35.24 37.30 101.29
CA ASN NA 100 34.87 38.40 100.43
C ASN NA 100 33.36 38.40 100.25
N LYS NA 101 32.81 37.20 100.02
CA LYS NA 101 31.37 37.05 99.86
C LYS NA 101 30.59 37.37 101.13
N ARG NA 102 31.03 36.83 102.27
CA ARG NA 102 30.34 37.08 103.53
C ARG NA 102 30.19 38.55 103.80
N ILE NA 103 31.27 39.28 103.60
CA ILE NA 103 31.27 40.70 103.79
C ILE NA 103 30.34 41.39 102.82
N SER NA 104 30.41 41.02 101.53
CA SER NA 104 29.57 41.68 100.55
C SER NA 104 28.09 41.53 100.84
N ILE NA 105 27.70 40.43 101.48
CA ILE NA 105 26.29 40.24 101.85
C ILE NA 105 25.86 41.27 102.87
N TRP NA 106 26.60 41.35 103.95
CA TRP NA 106 26.30 42.29 105.02
C TRP NA 106 26.34 43.70 104.50
N LEU NA 107 27.36 43.97 103.72
CA LEU NA 107 27.63 45.28 103.18
C LEU NA 107 26.49 45.75 102.31
N ASP NA 108 25.95 44.88 101.46
CA ASP NA 108 24.82 45.28 100.63
C ASP NA 108 23.59 45.65 101.46
N THR NA 109 23.33 44.93 102.55
CA THR NA 109 22.18 45.23 103.41
C THR NA 109 22.29 46.56 104.13
N TYR NA 110 23.45 46.82 104.72
CA TYR NA 110 23.63 48.04 105.51
C TYR NA 110 24.09 49.22 104.70
N TYR NA 111 24.85 48.98 103.65
CA TYR NA 111 25.29 50.01 102.74
C TYR NA 111 24.90 49.71 101.29
N PRO NA 112 23.61 49.72 100.97
CA PRO NA 112 23.07 49.45 99.66
C PRO NA 112 23.51 50.57 98.76
N GLN NA 113 23.70 50.25 97.50
CA GLN NA 113 24.18 51.17 96.47
C GLN NA 113 25.67 51.54 96.62
N LEU NA 114 26.39 50.98 97.61
CA LEU NA 114 27.81 51.28 97.72
C LEU NA 114 28.55 50.71 96.52
N ALA NA 115 29.34 51.54 95.84
CA ALA NA 115 30.07 51.06 94.69
C ALA NA 115 31.47 50.63 95.08
N TYR NA 116 31.76 49.34 94.98
CA TYR NA 116 33.07 48.84 95.37
C TYR NA 116 33.50 47.67 94.50
N TYR NA 117 34.76 47.28 94.65
CA TYR NA 117 35.35 46.22 93.83
C TYR NA 117 35.60 44.93 94.57
N ARG NA 118 36.71 44.86 95.29
CA ARG NA 118 37.03 43.61 95.96
C ARG NA 118 37.97 43.84 97.13
N ILE NA 119 37.84 43.01 98.16
CA ILE NA 119 38.72 43.10 99.30
C ILE NA 119 39.94 42.23 99.10
N HIS NA 120 41.11 42.84 99.24
CA HIS NA 120 42.37 42.15 99.10
C HIS NA 120 42.89 41.80 100.45
N PHE NA 121 42.80 40.54 100.80
CA PHE NA 121 43.17 40.13 102.13
C PHE NA 121 44.67 40.06 102.34
N ASP NA 122 45.41 39.56 101.35
CA ASP NA 122 46.88 39.47 101.37
C ASP NA 122 47.49 39.33 102.76
N GLU NA 123 47.70 40.46 103.44
CA GLU NA 123 48.22 40.47 104.80
C GLU NA 123 47.05 40.57 105.79
N PRO NA 124 46.48 39.42 106.19
CA PRO NA 124 45.32 39.28 107.10
C PRO NA 124 45.02 40.49 107.99
N ARG NA 125 46.03 40.94 108.72
CA ARG NA 125 45.96 42.05 109.65
C ARG NA 125 45.38 43.34 109.09
N LYS NA 126 45.74 43.66 107.87
CA LYS NA 126 45.33 44.89 107.23
C LYS NA 126 44.90 44.68 105.79
N PRO NA 127 43.69 44.16 105.54
CA PRO NA 127 43.10 43.91 104.25
C PRO NA 127 42.80 45.25 103.60
N VAL NA 128 42.83 45.27 102.28
CA VAL NA 128 42.59 46.48 101.52
C VAL NA 128 41.25 46.44 100.84
N PHE NA 129 40.48 47.49 100.99
CA PHE NA 129 39.16 47.55 100.42
C PHE NA 129 39.12 48.47 99.23
N TRP NA 130 38.96 47.93 98.01
CA TRP NA 130 38.88 48.81 96.87
C TRP NA 130 37.47 49.37 96.72
N LEU NA 131 37.39 50.70 96.65
CA LEU NA 131 36.16 51.47 96.59
C LEU NA 131 36.11 52.33 95.34
N SER NA 132 34.97 52.40 94.66
CA SER NA 132 34.93 53.22 93.44
C SER NA 132 35.10 54.71 93.72
N ARG NA 133 36.24 55.25 93.32
CA ARG NA 133 36.55 56.65 93.52
C ARG NA 133 35.54 57.60 92.89
N GLN NA 134 35.14 57.28 91.67
CA GLN NA 134 34.25 58.14 90.92
C GLN NA 134 32.78 58.01 91.27
N ARG NA 135 32.31 56.80 91.59
CA ARG NA 135 30.90 56.65 91.89
C ARG NA 135 30.50 56.96 93.33
N ASN NA 136 31.42 56.87 94.28
CA ASN NA 136 31.05 57.17 95.65
C ASN NA 136 31.35 58.61 96.03
N THR NA 137 30.43 59.20 96.79
CA THR NA 137 30.55 60.58 97.23
C THR NA 137 30.55 60.69 98.75
N MET NA 138 30.94 59.61 99.43
CA MET NA 138 30.97 59.59 100.88
C MET NA 138 32.02 60.54 101.43
N SER NA 139 31.72 61.12 102.59
CA SER NA 139 32.66 62.04 103.23
C SER NA 139 33.71 61.25 103.96
N LYS NA 140 34.80 61.91 104.31
CA LYS NA 140 35.88 61.27 105.03
C LYS NA 140 35.39 60.63 106.32
N LYS NA 141 34.51 61.34 107.03
CA LYS NA 141 33.97 60.84 108.28
C LYS NA 141 33.13 59.61 108.05
N GLU NA 142 32.34 59.63 106.98
CA GLU NA 142 31.51 58.47 106.65
C GLU NA 142 32.38 57.27 106.32
N LEU NA 143 33.48 57.51 105.63
CA LEU NA 143 34.40 56.44 105.30
C LEU NA 143 35.05 55.87 106.54
N GLU NA 144 35.33 56.73 107.53
CA GLU NA 144 35.85 56.25 108.80
C GLU NA 144 34.91 55.23 109.40
N VAL NA 145 33.64 55.61 109.47
CA VAL NA 145 32.60 54.75 110.02
C VAL NA 145 32.52 53.43 109.28
N LEU NA 146 32.54 53.52 107.95
CA LEU NA 146 32.50 52.33 107.11
C LEU NA 146 33.63 51.37 107.47
N SER NA 147 34.85 51.89 107.58
CA SER NA 147 35.98 51.01 107.91
C SER NA 147 35.80 50.38 109.27
N GLN NA 148 35.18 51.11 110.19
CA GLN NA 148 34.94 50.57 111.52
C GLN NA 148 33.96 49.43 111.50
N LYS NA 149 32.95 49.53 110.63
CA LYS NA 149 32.00 48.44 110.51
C LYS NA 149 32.66 47.23 109.91
N LEU NA 150 33.56 47.47 108.96
CA LEU NA 150 34.28 46.37 108.35
C LEU NA 150 35.18 45.69 109.37
N ARG NA 151 35.78 46.48 110.28
CA ARG NA 151 36.61 45.91 111.33
C ARG NA 151 35.78 45.00 112.19
N ALA NA 152 34.54 45.41 112.48
CA ALA NA 152 33.64 44.58 113.27
C ALA NA 152 33.37 43.25 112.56
N LEU NA 153 33.23 43.30 111.24
CA LEU NA 153 33.00 42.09 110.46
C LEU NA 153 34.19 41.14 110.42
N MET NA 154 35.40 41.66 110.63
CA MET NA 154 36.62 40.86 110.62
C MET NA 154 37.37 40.84 111.96
N PRO NA 155 37.01 39.92 112.88
CA PRO NA 155 37.54 39.67 114.22
C PRO NA 155 39.05 39.61 114.31
N TYR NA 156 39.71 39.19 113.24
CA TYR NA 156 41.16 39.09 113.24
C TYR NA 156 41.85 40.37 112.79
N ALA NA 157 41.30 40.98 111.74
CA ALA NA 157 41.89 42.18 111.17
C ALA NA 157 42.00 43.25 112.23
N ASP NA 158 43.11 43.98 112.19
CA ASP NA 158 43.33 45.03 113.16
C ASP NA 158 42.76 46.32 112.65
N SER NA 159 42.86 46.53 111.34
CA SER NA 159 42.31 47.72 110.72
C SER NA 159 42.00 47.45 109.27
N VAL NA 160 41.24 48.33 108.65
CA VAL NA 160 40.88 48.16 107.25
C VAL NA 160 41.36 49.33 106.43
N ASN NA 161 42.08 49.06 105.36
CA ASN NA 161 42.58 50.12 104.52
C ASN NA 161 41.68 50.36 103.34
N ILE NA 162 40.72 51.26 103.49
CA ILE NA 162 39.85 51.61 102.39
C ILE NA 162 40.56 52.57 101.47
N THR NA 163 40.56 52.25 100.18
CA THR NA 163 41.20 53.12 99.21
C THR NA 163 40.34 53.23 97.98
N LEU NA 164 40.43 54.37 97.33
CA LEU NA 164 39.58 54.66 96.20
C LEU NA 164 40.29 54.38 94.88
N MET NA 165 39.64 53.62 94.00
CA MET NA 165 40.18 53.25 92.71
C MET NA 165 39.47 53.94 91.56
N ASP NA 166 40.19 54.25 90.50
CA ASP NA 166 39.58 54.92 89.36
C ASP NA 166 38.97 53.95 88.36
N ASP NA 167 37.65 54.00 88.24
CA ASP NA 167 36.87 53.13 87.35
C ASP NA 167 37.42 53.04 85.94
N VAL NA 168 38.00 54.14 85.45
CA VAL NA 168 38.55 54.18 84.11
C VAL NA 168 39.72 53.24 83.95
N THR NA 169 40.56 53.15 84.97
CA THR NA 169 41.74 52.30 84.86
C THR NA 169 41.35 50.85 84.93
N ALA NA 170 40.26 50.56 85.65
CA ALA NA 170 39.78 49.19 85.70
C ALA NA 170 39.34 48.74 84.32
N ALA NA 171 38.54 49.58 83.67
CA ALA NA 171 38.05 49.28 82.33
C ALA NA 171 39.18 49.25 81.32
N GLY NA 172 40.13 50.18 81.47
CA GLY NA 172 41.25 50.26 80.56
C GLY NA 172 42.07 49.00 80.55
N GLN NA 173 42.36 48.46 81.72
CA GLN NA 173 43.13 47.23 81.80
C GLN NA 173 42.37 46.06 81.22
N ALA NA 174 41.06 46.00 81.49
CA ALA NA 174 40.25 44.91 80.96
C ALA NA 174 40.34 44.84 79.45
N GLU NA 175 40.14 45.99 78.79
CA GLU NA 175 40.16 45.99 77.35
C GLU NA 175 41.55 45.82 76.79
N ALA NA 176 42.54 46.48 77.39
CA ALA NA 176 43.89 46.42 76.90
C ALA NA 176 44.42 45.00 76.84
N GLY NA 177 44.26 44.24 77.92
CA GLY NA 177 44.72 42.87 77.93
C GLY NA 177 43.94 42.01 76.95
N LEU NA 178 42.65 42.24 76.88
CA LEU NA 178 41.77 41.50 75.99
C LEU NA 178 42.21 41.62 74.54
N LYS NA 179 42.49 42.86 74.10
CA LYS NA 179 42.95 43.04 72.73
C LYS NA 179 44.42 42.65 72.55
N GLN NA 180 45.22 42.67 73.62
CA GLN NA 180 46.60 42.21 73.52
C GLN NA 180 46.65 40.75 73.13
N GLN NA 181 45.71 39.97 73.67
CA GLN NA 181 45.58 38.56 73.36
C GLN NA 181 45.03 38.29 71.94
N ALA NA 182 44.75 39.34 71.17
CA ALA NA 182 44.22 39.27 69.81
C ALA NA 182 42.84 38.65 69.77
N LEU NA 183 42.05 38.88 70.82
CA LEU NA 183 40.72 38.33 70.87
C LEU NA 183 39.72 39.29 70.28
N PRO NA 184 38.70 38.81 69.59
CA PRO NA 184 37.58 39.53 69.04
C PRO NA 184 36.63 39.85 70.16
N TYR NA 185 36.04 41.04 70.14
CA TYR NA 185 35.10 41.37 71.19
C TYR NA 185 34.31 42.61 70.85
N SER NA 186 33.28 42.87 71.62
CA SER NA 186 32.53 44.09 71.46
C SER NA 186 32.19 44.64 72.84
N ARG NA 187 32.65 45.85 73.09
CA ARG NA 187 32.47 46.51 74.36
C ARG NA 187 31.06 47.08 74.55
N ARG NA 188 30.56 46.98 75.78
CA ARG NA 188 29.23 47.48 76.12
C ARG NA 188 29.28 48.40 77.31
N ASN NA 189 29.46 49.69 77.06
CA ASN NA 189 29.45 50.64 78.16
C ASN NA 189 28.03 50.93 78.59
N HIS NA 190 27.79 50.95 79.88
CA HIS NA 190 26.48 51.31 80.36
C HIS NA 190 26.60 51.96 81.72
N LYS NA 191 25.56 52.61 82.18
CA LYS NA 191 25.67 53.25 83.46
C LYS NA 191 25.90 52.20 84.53
N GLY NA 192 26.97 52.38 85.28
CA GLY NA 192 27.30 51.47 86.37
C GLY NA 192 28.25 50.32 86.00
N GLY NA 193 28.62 50.17 84.73
CA GLY NA 193 29.52 49.06 84.41
C GLY NA 193 29.85 48.91 82.94
N VAL NA 194 30.55 47.83 82.61
CA VAL NA 194 30.89 47.56 81.22
C VAL NA 194 30.98 46.07 80.97
N THR NA 195 30.44 45.64 79.83
CA THR NA 195 30.47 44.23 79.48
C THR NA 195 31.22 43.98 78.18
N PHE NA 196 32.06 42.95 78.16
CA PHE NA 196 32.83 42.61 76.98
C PHE NA 196 32.32 41.32 76.35
N VAL NA 197 31.64 41.48 75.23
CA VAL NA 197 31.01 40.37 74.55
C VAL NA 197 31.92 39.71 73.54
N ILE NA 198 32.08 38.40 73.68
CA ILE NA 198 32.91 37.63 72.76
C ILE NA 198 32.09 36.55 72.08
N GLN NA 199 31.71 36.77 70.83
CA GLN NA 199 30.89 35.79 70.11
C GLN NA 199 31.55 35.23 68.88
N GLY NA 200 30.90 34.22 68.30
CA GLY NA 200 31.37 33.57 67.10
C GLY NA 200 32.06 32.26 67.41
N ALA NA 201 32.45 31.56 66.36
CA ALA NA 201 33.18 30.31 66.55
C ALA NA 201 34.59 30.65 66.98
N LEU NA 202 35.14 29.88 67.90
CA LEU NA 202 36.46 30.18 68.40
C LEU NA 202 37.44 29.04 68.24
N ASP NA 203 38.68 29.40 67.92
CA ASP NA 203 39.78 28.46 67.81
C ASP NA 203 40.18 28.00 69.19
N ASP NA 204 40.46 26.72 69.36
CA ASP NA 204 40.85 26.20 70.66
C ASP NA 204 41.97 26.99 71.34
N VAL NA 205 42.86 27.58 70.53
CA VAL NA 205 43.97 28.33 71.06
C VAL NA 205 43.47 29.63 71.68
N GLU NA 206 42.65 30.37 70.94
CA GLU NA 206 42.13 31.61 71.47
C GLU NA 206 41.15 31.39 72.61
N ILE NA 207 40.53 30.21 72.67
CA ILE NA 207 39.66 29.91 73.79
C ILE NA 207 40.47 29.84 75.06
N LEU NA 208 41.59 29.11 74.99
CA LEU NA 208 42.46 28.98 76.14
C LEU NA 208 42.96 30.34 76.61
N ARG NA 209 43.45 31.13 75.66
CA ARG NA 209 43.95 32.46 75.98
C ARG NA 209 42.90 33.34 76.63
N ALA NA 210 41.68 33.29 76.10
CA ALA NA 210 40.60 34.09 76.63
C ALA NA 210 40.33 33.78 78.07
N ARG NA 211 40.21 32.50 78.40
CA ARG NA 211 39.92 32.14 79.77
C ARG NA 211 41.02 32.56 80.72
N GLN NA 212 42.27 32.34 80.32
CA GLN NA 212 43.38 32.70 81.19
C GLN NA 212 43.33 34.17 81.57
N PHE NA 213 43.09 35.01 80.57
CA PHE NA 213 42.98 36.44 80.80
C PHE NA 213 41.86 36.79 81.73
N VAL NA 214 40.67 36.26 81.46
CA VAL NA 214 39.50 36.56 82.25
C VAL NA 214 39.66 36.16 83.69
N ASP NA 215 40.18 34.97 83.94
CA ASP NA 215 40.38 34.52 85.30
C ASP NA 215 41.29 35.45 86.07
N SER NA 216 42.37 35.90 85.44
CA SER NA 216 43.28 36.81 86.11
C SER NA 216 42.66 38.16 86.41
N TYR NA 217 41.91 38.70 85.46
CA TYR NA 217 41.26 39.99 85.68
C TYR NA 217 40.30 39.90 86.85
N TYR NA 218 39.51 38.83 86.86
CA TYR NA 218 38.57 38.60 87.93
C TYR NA 218 39.28 38.52 89.26
N ARG NA 219 40.31 37.69 89.33
CA ARG NA 219 41.07 37.54 90.57
C ARG NA 219 41.53 38.87 91.14
N THR NA 220 41.99 39.78 90.28
CA THR NA 220 42.44 41.08 90.75
C THR NA 220 41.32 42.05 91.07
N TRP NA 221 40.58 42.45 90.06
CA TRP NA 221 39.55 43.45 90.23
C TRP NA 221 38.21 42.94 90.71
N GLY NA 222 37.86 41.73 90.33
CA GLY NA 222 36.56 41.17 90.70
C GLY NA 222 35.57 41.45 89.57
N GLY NA 223 34.39 40.85 89.65
CA GLY NA 223 33.39 41.00 88.58
C GLY NA 223 32.24 41.95 88.89
N ARG NA 224 32.47 43.00 89.67
CA ARG NA 224 31.39 43.91 89.99
C ARG NA 224 31.26 45.09 89.04
N TYR NA 225 32.30 45.35 88.24
CA TYR NA 225 32.25 46.47 87.32
C TYR NA 225 32.42 45.96 85.90
N VAL NA 226 33.43 45.14 85.69
CA VAL NA 226 33.68 44.54 84.39
C VAL NA 226 33.14 43.14 84.31
N GLN NA 227 32.28 42.91 83.34
CA GLN NA 227 31.68 41.61 83.12
C GLN NA 227 32.09 41.06 81.76
N PHE NA 228 32.61 39.85 81.73
CA PHE NA 228 32.98 39.26 80.46
C PHE NA 228 31.91 38.29 80.02
N ALA NA 229 31.74 38.13 78.72
CA ALA NA 229 30.69 37.26 78.21
C ALA NA 229 31.15 36.43 77.02
N ILE NA 230 31.77 35.29 77.31
CA ILE NA 230 32.23 34.39 76.27
C ILE NA 230 31.10 33.52 75.78
N GLU NA 231 30.79 33.60 74.50
CA GLU NA 231 29.71 32.84 73.90
C GLU NA 231 30.14 32.11 72.65
N LEU NA 232 30.42 30.83 72.80
CA LEU NA 232 30.85 29.98 71.69
C LEU NA 232 29.66 29.65 70.79
N LYS NA 233 29.64 30.24 69.60
CA LYS NA 233 28.50 30.05 68.68
C LYS NA 233 28.90 29.75 67.24
N ASP NA 234 27.99 29.15 66.50
CA ASP NA 234 28.23 28.84 65.09
C ASP NA 234 28.04 30.06 64.20
N ASP NA 235 28.82 30.12 63.14
CA ASP NA 235 28.76 31.21 62.18
C ASP NA 235 28.25 30.72 60.82
N ASP OA 3 57.24 0.21 104.67
CA ASP OA 3 56.94 -1.18 104.32
C ASP OA 3 55.49 -1.33 103.89
N LYS OA 4 55.13 -0.70 102.78
CA LYS OA 4 53.77 -0.77 102.29
C LYS OA 4 53.68 -1.43 100.93
N ASP OA 5 52.61 -2.17 100.71
CA ASP OA 5 52.41 -2.81 99.41
C ASP OA 5 51.78 -1.81 98.46
N LEU OA 6 52.37 -1.62 97.31
CA LEU OA 6 51.84 -0.67 96.34
C LEU OA 6 51.17 -1.42 95.18
N LEU OA 7 51.97 -2.21 94.46
CA LEU OA 7 51.45 -2.98 93.33
C LEU OA 7 51.78 -4.47 93.41
N LYS OA 8 50.91 -5.31 92.85
CA LYS OA 8 51.14 -6.75 92.86
C LYS OA 8 50.76 -7.40 91.53
N GLY OA 9 51.43 -8.48 91.18
CA GLY OA 9 51.07 -9.22 89.97
C GLY OA 9 51.55 -8.54 88.70
N LEU OA 10 52.59 -7.75 88.80
CA LEU OA 10 53.09 -7.03 87.64
C LEU OA 10 53.92 -7.90 86.76
N ASP OA 11 53.94 -7.62 85.47
CA ASP OA 11 54.83 -8.38 84.63
C ASP OA 11 56.16 -7.66 84.67
N GLN OA 12 57.15 -8.19 83.99
CA GLN OA 12 58.49 -7.62 84.05
C GLN OA 12 58.57 -6.18 83.55
N GLU OA 13 57.98 -5.92 82.38
CA GLU OA 13 57.99 -4.58 81.79
C GLU OA 13 57.36 -3.55 82.68
N GLN OA 14 56.15 -3.84 83.13
CA GLN OA 14 55.39 -2.95 83.99
C GLN OA 14 56.15 -2.61 85.24
N ALA OA 15 56.71 -3.64 85.88
CA ALA OA 15 57.44 -3.44 87.12
C ALA OA 15 58.57 -2.46 86.94
N ASN OA 16 59.37 -2.66 85.89
CA ASN OA 16 60.49 -1.76 85.68
C ASN OA 16 60.06 -0.34 85.32
N GLU OA 17 58.95 -0.21 84.59
CA GLU OA 17 58.48 1.11 84.22
C GLU OA 17 57.99 1.92 85.41
N VAL OA 18 57.23 1.28 86.29
CA VAL OA 18 56.72 1.95 87.46
C VAL OA 18 57.84 2.41 88.35
N ILE OA 19 58.81 1.54 88.55
CA ILE OA 19 59.97 1.86 89.36
C ILE OA 19 60.70 3.06 88.82
N ALA OA 20 60.90 3.11 87.50
CA ALA OA 20 61.59 4.24 86.90
C ALA OA 20 60.94 5.55 87.30
N VAL OA 21 59.62 5.60 87.22
CA VAL OA 21 58.88 6.81 87.58
C VAL OA 21 59.07 7.19 89.03
N LEU OA 22 58.96 6.22 89.93
CA LEU OA 22 59.10 6.49 91.34
C LEU OA 22 60.47 7.04 91.69
N GLN OA 23 61.50 6.49 91.07
CA GLN OA 23 62.85 6.95 91.31
C GLN OA 23 63.03 8.36 90.81
N MET OA 24 62.46 8.65 89.64
CA MET OA 24 62.51 9.98 89.07
C MET OA 24 61.95 11.01 90.03
N HIS OA 25 60.91 10.64 90.78
CA HIS OA 25 60.33 11.54 91.75
C HIS OA 25 60.85 11.36 93.17
N ASN OA 26 62.06 10.83 93.30
CA ASN OA 26 62.73 10.67 94.58
C ASN OA 26 62.08 9.67 95.53
N ILE OA 27 61.67 8.53 95.00
CA ILE OA 27 61.10 7.47 95.82
C ILE OA 27 61.79 6.13 95.59
N GLU OA 28 62.36 5.56 96.65
CA GLU OA 28 62.98 4.24 96.55
C GLU OA 28 61.89 3.19 96.41
N ALA OA 29 62.18 2.12 95.68
CA ALA OA 29 61.18 1.07 95.51
C ALA OA 29 61.80 -0.30 95.41
N ASN OA 30 61.13 -1.29 95.96
CA ASN OA 30 61.62 -2.65 95.94
C ASN OA 30 60.88 -3.47 94.92
N LYS OA 31 61.60 -4.26 94.14
CA LYS OA 31 60.96 -5.17 93.20
C LYS OA 31 61.06 -6.57 93.75
N ILE OA 32 59.92 -7.18 94.04
CA ILE OA 32 59.91 -8.50 94.63
C ILE OA 32 59.42 -9.55 93.65
N ASP OA 33 60.27 -10.54 93.43
CA ASP OA 33 59.96 -11.64 92.54
C ASP OA 33 59.21 -12.75 93.27
N SER OA 34 57.93 -12.90 92.98
CA SER OA 34 57.12 -13.94 93.61
C SER OA 34 56.85 -15.11 92.67
N GLY OA 35 57.76 -15.32 91.72
CA GLY OA 35 57.67 -16.44 90.80
C GLY OA 35 56.49 -16.30 89.87
N LYS OA 36 55.68 -17.35 89.79
CA LYS OA 36 54.51 -17.39 88.94
C LYS OA 36 53.47 -16.33 89.26
N LEU OA 37 53.56 -15.72 90.43
CA LEU OA 37 52.60 -14.71 90.81
C LEU OA 37 53.01 -13.32 90.32
N GLY OA 38 54.17 -13.19 89.69
CA GLY OA 38 54.58 -11.91 89.13
C GLY OA 38 55.41 -11.08 90.09
N TYR OA 39 55.52 -9.79 89.80
CA TYR OA 39 56.30 -8.89 90.62
C TYR OA 39 55.46 -8.01 91.51
N SER OA 40 56.03 -7.65 92.64
CA SER OA 40 55.37 -6.76 93.56
C SER OA 40 56.25 -5.57 93.87
N ILE OA 41 55.64 -4.41 94.01
CA ILE OA 41 56.39 -3.22 94.33
C ILE OA 41 56.02 -2.69 95.70
N THR OA 42 57.04 -2.52 96.54
CA THR OA 42 56.80 -1.99 97.87
C THR OA 42 57.63 -0.75 98.12
N VAL OA 43 57.13 0.11 99.01
CA VAL OA 43 57.81 1.36 99.31
C VAL OA 43 57.85 1.65 100.81
N ALA OA 44 58.75 2.56 101.18
CA ALA OA 44 58.84 2.98 102.57
C ALA OA 44 57.59 3.74 102.95
N GLU OA 45 57.10 3.51 104.15
CA GLU OA 45 55.90 4.17 104.64
C GLU OA 45 55.91 5.70 104.51
N PRO OA 46 57.03 6.39 104.79
CA PRO OA 46 57.20 7.84 104.62
C PRO OA 46 56.91 8.32 103.19
N ASP OA 47 57.17 7.49 102.20
CA ASP OA 47 56.97 7.86 100.81
C ASP OA 47 55.63 7.40 100.27
N PHE OA 48 55.08 6.36 100.89
CA PHE OA 48 53.83 5.74 100.45
C PHE OA 48 52.75 6.69 99.96
N THR OA 49 52.51 7.80 100.67
CA THR OA 49 51.48 8.74 100.25
C THR OA 49 51.80 9.32 98.89
N ALA OA 50 53.03 9.77 98.73
CA ALA OA 50 53.47 10.35 97.48
C ALA OA 50 53.47 9.31 96.39
N ALA OA 51 53.89 8.09 96.72
CA ALA OA 51 53.93 7.02 95.75
C ALA OA 51 52.57 6.80 95.15
N VAL OA 52 51.55 6.73 96.00
CA VAL OA 52 50.18 6.56 95.52
C VAL OA 52 49.77 7.66 94.60
N TYR OA 53 50.07 8.90 94.98
CA TYR OA 53 49.75 10.03 94.15
C TYR OA 53 50.30 9.89 92.75
N TRP OA 54 51.57 9.47 92.64
CA TRP OA 54 52.20 9.34 91.34
C TRP OA 54 51.66 8.16 90.54
N ILE OA 55 51.26 7.06 91.20
CA ILE OA 55 50.66 5.95 90.49
C ILE OA 55 49.39 6.41 89.78
N LYS OA 56 48.63 7.24 90.47
CA LYS OA 56 47.45 7.83 89.88
C LYS OA 56 47.81 8.74 88.72
N THR OA 57 48.68 9.70 88.99
CA THR OA 57 49.10 10.70 88.01
C THR OA 57 49.56 10.12 86.69
N TYR OA 58 50.37 9.07 86.73
CA TYR OA 58 50.90 8.49 85.52
C TYR OA 58 50.17 7.27 85.01
N GLN OA 59 48.93 7.05 85.42
CA GLN OA 59 48.17 5.90 84.93
C GLN OA 59 48.93 4.58 85.06
N LEU OA 60 49.49 4.30 86.23
CA LEU OA 60 50.27 3.10 86.39
C LEU OA 60 49.50 1.98 87.08
N PRO OA 61 49.85 0.73 86.79
CA PRO OA 61 50.87 0.22 85.88
C PRO OA 61 50.40 0.35 84.43
N PRO OA 62 51.34 0.44 83.48
CA PRO OA 62 51.16 0.61 82.04
C PRO OA 62 50.32 -0.48 81.40
N ARG OA 63 49.56 -0.10 80.38
CA ARG OA 63 48.79 -1.05 79.59
C ARG OA 63 49.71 -1.62 78.52
N PRO OA 64 49.36 -2.74 77.92
CA PRO OA 64 50.06 -3.38 76.82
C PRO OA 64 49.86 -2.54 75.56
N ARG OA 65 50.85 -2.58 74.67
CA ARG OA 65 50.81 -1.77 73.47
C ARG OA 65 49.80 -2.28 72.46
N VAL OA 66 49.02 -1.35 71.91
CA VAL OA 66 47.96 -1.67 70.95
C VAL OA 66 48.41 -1.51 69.52
N GLU OA 67 48.24 -2.59 68.77
CA GLU OA 67 48.57 -2.64 67.36
C GLU OA 67 47.36 -3.16 66.60
N ILE OA 68 47.13 -2.64 65.40
CA ILE OA 68 45.91 -2.96 64.66
C ILE OA 68 45.70 -4.43 64.37
N ALA OA 69 46.77 -5.13 63.98
CA ALA OA 69 46.67 -6.55 63.64
C ALA OA 69 46.17 -7.41 64.79
N GLN OA 70 46.23 -6.91 66.02
CA GLN OA 70 45.80 -7.69 67.16
C GLN OA 70 44.30 -7.96 67.13
N MET OA 71 43.56 -7.17 66.35
CA MET OA 71 42.13 -7.36 66.26
C MET OA 71 41.65 -8.03 64.98
N PHE OA 72 42.57 -8.53 64.17
CA PHE OA 72 42.19 -9.22 62.96
C PHE OA 72 43.13 -10.39 62.74
N PRO OA 73 43.09 -11.38 63.63
CA PRO OA 73 43.97 -12.54 63.73
C PRO OA 73 43.81 -13.53 62.58
N ALA OA 74 44.92 -14.20 62.26
CA ALA OA 74 44.98 -15.19 61.19
C ALA OA 74 44.30 -16.49 61.58
N ASP OA 75 43.96 -16.63 62.85
CA ASP OA 75 43.28 -17.79 63.35
C ASP OA 75 41.84 -17.90 62.84
N SER OA 76 41.30 -16.81 62.30
CA SER OA 76 39.95 -16.86 61.78
C SER OA 76 39.85 -17.82 60.62
N LEU OA 77 38.74 -18.55 60.58
CA LEU OA 77 38.50 -19.54 59.54
C LEU OA 77 38.28 -18.90 58.18
N VAL OA 78 37.81 -17.67 58.19
CA VAL OA 78 37.56 -16.93 56.98
C VAL OA 78 38.19 -15.55 57.07
N SER OA 79 38.30 -14.88 55.95
CA SER OA 79 38.88 -13.54 55.92
C SER OA 79 38.13 -12.67 54.96
N SER OA 80 38.45 -11.39 54.98
CA SER OA 80 37.82 -10.45 54.09
C SER OA 80 38.87 -9.47 53.66
N PRO OA 81 38.72 -8.83 52.50
CA PRO OA 81 39.57 -7.82 51.94
C PRO OA 81 39.84 -6.74 52.95
N ARG OA 82 38.80 -6.37 53.70
CA ARG OA 82 38.91 -5.36 54.71
C ARG OA 82 39.91 -5.77 55.76
N ALA OA 83 39.74 -6.98 56.29
CA ALA OA 83 40.62 -7.47 57.32
C ALA OA 83 42.04 -7.63 56.83
N GLU OA 84 42.21 -8.19 55.64
CA GLU OA 84 43.53 -8.44 55.11
C GLU OA 84 44.31 -7.18 54.86
N LYS OA 85 43.65 -6.16 54.31
CA LYS OA 85 44.34 -4.91 54.06
C LYS OA 85 44.76 -4.27 55.36
N ALA OA 86 43.90 -4.35 56.39
CA ALA OA 86 44.24 -3.81 57.69
C ALA OA 86 45.45 -4.50 58.28
N ARG OA 87 45.49 -5.83 58.17
CA ARG OA 87 46.61 -6.60 58.68
C ARG OA 87 47.91 -6.16 58.07
N LEU OA 88 47.91 -5.97 56.76
CA LEU OA 88 49.10 -5.53 56.08
C LEU OA 88 49.60 -4.20 56.58
N TYR OA 89 48.71 -3.22 56.66
CA TYR OA 89 49.12 -1.90 57.12
C TYR OA 89 49.69 -1.92 58.51
N SER OA 90 49.13 -2.76 59.37
CA SER OA 90 49.63 -2.87 60.73
C SER OA 90 51.09 -3.28 60.72
N ALA OA 91 51.40 -4.30 59.92
CA ALA OA 91 52.76 -4.78 59.80
C ALA OA 91 53.68 -3.71 59.26
N ILE OA 92 53.21 -2.96 58.27
CA ILE OA 92 54.02 -1.91 57.69
C ILE OA 92 54.38 -0.85 58.70
N GLU OA 93 53.43 -0.41 59.54
CA GLU OA 93 53.76 0.59 60.54
C GLU OA 93 54.85 0.08 61.45
N GLN OA 94 54.72 -1.17 61.88
CA GLN OA 94 55.71 -1.76 62.77
C GLN OA 94 57.08 -1.78 62.14
N ARG OA 95 57.13 -2.14 60.86
CA ARG OA 95 58.37 -2.27 60.16
C ARG OA 95 59.03 -0.91 59.98
N LEU OA 96 58.24 0.14 59.73
CA LEU OA 96 58.78 1.47 59.64
C LEU OA 96 59.34 1.95 60.97
N GLU OA 97 58.70 1.59 62.07
CA GLU OA 97 59.21 1.97 63.38
C GLU OA 97 60.54 1.30 63.63
N GLN OA 98 60.66 0.04 63.25
CA GLN OA 98 61.90 -0.69 63.40
C GLN OA 98 63.02 -0.02 62.65
N SER OA 99 62.72 0.54 61.48
CA SER OA 99 63.72 1.23 60.69
C SER OA 99 64.15 2.56 61.26
N LEU OA 100 63.20 3.40 61.68
CA LEU OA 100 63.58 4.72 62.18
C LEU OA 100 64.42 4.66 63.43
N GLN OA 101 64.18 3.66 64.26
CA GLN OA 101 64.94 3.53 65.49
C GLN OA 101 66.40 3.11 65.28
N THR OA 102 66.81 2.84 64.03
CA THR OA 102 68.19 2.51 63.76
C THR OA 102 68.96 3.71 63.22
N MET OA 103 68.26 4.84 63.00
CA MET OA 103 68.95 6.02 62.52
C MET OA 103 69.80 6.63 63.60
N GLU OA 104 70.91 7.22 63.19
CA GLU OA 104 71.84 7.84 64.12
C GLU OA 104 71.21 8.90 64.97
N GLY OA 105 71.34 8.75 66.28
CA GLY OA 105 70.84 9.72 67.23
C GLY OA 105 69.40 9.46 67.67
N VAL OA 106 68.72 8.50 67.04
CA VAL OA 106 67.34 8.25 67.43
C VAL OA 106 67.28 7.23 68.54
N LEU OA 107 66.58 7.60 69.61
CA LEU OA 107 66.42 6.76 70.76
C LEU OA 107 65.09 6.02 70.69
N SER OA 108 64.07 6.72 70.19
CA SER OA 108 62.74 6.12 70.07
C SER OA 108 61.93 6.76 68.97
N ALA OA 109 61.08 5.97 68.33
CA ALA OA 109 60.25 6.54 67.28
C ALA OA 109 58.98 5.76 67.07
N ARG OA 110 57.89 6.48 66.75
CA ARG OA 110 56.58 5.88 66.50
C ARG OA 110 56.04 6.32 65.15
N VAL OA 111 55.35 5.43 64.44
CA VAL OA 111 54.86 5.74 63.10
C VAL OA 111 53.40 5.38 62.88
N HIS OA 112 52.66 6.28 62.26
CA HIS OA 112 51.27 6.04 61.91
C HIS OA 112 51.03 6.19 60.42
N ILE OA 113 50.14 5.37 59.89
CA ILE OA 113 49.78 5.48 58.48
C ILE OA 113 48.29 5.50 58.39
N SER OA 114 47.75 6.31 57.49
CA SER OA 114 46.32 6.34 57.34
C SER OA 114 45.78 5.04 56.77
N TYR OA 115 44.51 4.77 57.01
CA TYR OA 115 43.90 3.54 56.54
C TYR OA 115 42.82 3.80 55.51
N ASP OA 116 42.51 2.76 54.76
CA ASP OA 116 41.48 2.80 53.73
C ASP OA 116 40.64 1.58 53.86
N ILE OA 117 39.44 1.78 54.37
CA ILE OA 117 38.57 0.67 54.67
C ILE OA 117 37.45 0.47 53.67
N ASP OA 118 37.11 1.48 52.88
CA ASP OA 118 36.03 1.28 51.95
C ASP OA 118 36.04 2.13 50.68
N ALA OA 119 37.22 2.47 50.15
CA ALA OA 119 37.25 3.21 48.87
C ALA OA 119 36.68 2.34 47.75
N GLY OA 120 37.41 1.29 47.37
CA GLY OA 120 36.98 0.36 46.32
C GLY OA 120 35.61 -0.22 46.59
N GLU OA 121 35.32 -0.49 47.86
CA GLU OA 121 34.01 -0.95 48.31
C GLU OA 121 32.86 -0.11 47.80
N ASN OA 122 33.08 1.21 47.74
CA ASN OA 122 32.05 2.14 47.30
C ASN OA 122 32.20 2.54 45.83
N GLY OA 123 33.05 1.83 45.09
CA GLY OA 123 33.27 2.16 43.69
C GLY OA 123 34.19 3.37 43.53
N ARG OA 124 34.88 3.74 44.60
CA ARG OA 124 35.75 4.91 44.57
C ARG OA 124 37.22 4.52 44.44
N PRO OA 125 38.03 5.43 43.91
CA PRO OA 125 39.47 5.35 43.81
C PRO OA 125 40.00 5.59 45.22
N PRO OA 126 41.18 5.09 45.53
CA PRO OA 126 41.87 5.17 46.79
C PRO OA 126 42.34 6.58 47.08
N LYS OA 127 42.47 6.90 48.35
CA LYS OA 127 42.90 8.22 48.75
C LYS OA 127 44.40 8.24 48.97
N PRO OA 128 45.01 9.43 48.94
CA PRO OA 128 46.42 9.70 49.19
C PRO OA 128 46.76 9.21 50.57
N VAL OA 129 47.99 8.77 50.73
CA VAL OA 129 48.39 8.23 52.02
C VAL OA 129 48.97 9.28 52.94
N HIS OA 130 48.51 9.28 54.18
CA HIS OA 130 49.03 10.24 55.14
C HIS OA 130 49.93 9.54 56.14
N LEU OA 131 51.00 10.20 56.52
CA LEU OA 131 51.94 9.64 57.48
C LEU OA 131 52.23 10.60 58.59
N SER OA 132 52.47 10.07 59.78
CA SER OA 132 52.88 10.92 60.87
C SER OA 132 53.84 10.17 61.74
N ALA OA 133 54.74 10.88 62.41
CA ALA OA 133 55.70 10.19 63.23
C ALA OA 133 56.21 11.00 64.38
N LEU OA 134 56.60 10.30 65.43
CA LEU OA 134 57.16 10.91 66.62
C LEU OA 134 58.58 10.44 66.80
N ALA OA 135 59.45 11.30 67.31
CA ALA OA 135 60.82 10.84 67.53
C ALA OA 135 61.51 11.50 68.70
N VAL OA 136 62.35 10.72 69.37
CA VAL OA 136 63.15 11.17 70.49
C VAL OA 136 64.62 11.02 70.17
N TYR OA 137 65.36 12.11 70.27
CA TYR OA 137 66.78 12.12 69.98
C TYR OA 137 67.69 12.27 71.17
N GLU OA 138 68.95 11.87 70.96
CA GLU OA 138 69.97 12.06 71.94
C GLU OA 138 70.15 13.54 72.22
N ARG OA 139 70.12 13.90 73.49
CA ARG OA 139 70.22 15.29 73.88
C ARG OA 139 71.44 15.99 73.31
N GLY OA 140 71.19 17.17 72.72
CA GLY OA 140 72.24 17.99 72.11
C GLY OA 140 72.27 17.86 70.58
N SER OA 141 71.51 16.92 70.06
CA SER OA 141 71.41 16.68 68.61
C SER OA 141 70.66 17.83 67.88
N PRO OA 142 71.04 18.17 66.64
CA PRO OA 142 70.50 19.24 65.77
C PRO OA 142 69.18 18.86 65.10
N LEU OA 143 68.15 18.70 65.92
CA LEU OA 143 66.79 18.32 65.52
C LEU OA 143 66.21 19.03 64.31
N ALA OA 144 66.50 20.33 64.21
CA ALA OA 144 65.96 21.16 63.13
C ALA OA 144 66.42 20.74 61.74
N HIS OA 145 67.44 19.90 61.65
CA HIS OA 145 67.93 19.47 60.37
C HIS OA 145 67.65 18.00 60.18
N GLN OA 146 67.72 17.25 61.27
CA GLN OA 146 67.49 15.82 61.26
C GLN OA 146 66.11 15.45 60.80
N ILE OA 147 65.14 16.29 61.12
CA ILE OA 147 63.77 16.12 60.68
C ILE OA 147 63.61 15.94 59.16
N SER OA 148 64.56 16.45 58.37
CA SER OA 148 64.45 16.34 56.94
C SER OA 148 64.82 14.95 56.44
N ASP OA 149 65.62 14.21 57.20
CA ASP OA 149 65.96 12.85 56.79
C ASP OA 149 64.79 11.96 56.96
N ILE OA 150 64.10 12.16 58.08
CA ILE OA 150 62.93 11.36 58.36
C ILE OA 150 61.90 11.53 57.30
N LYS OA 151 61.64 12.78 56.97
CA LYS OA 151 60.63 13.12 56.01
C LYS OA 151 60.98 12.61 54.61
N ARG OA 152 62.24 12.71 54.21
CA ARG OA 152 62.64 12.22 52.89
C ARG OA 152 62.56 10.71 52.80
N PHE OA 153 63.01 10.04 53.85
CA PHE OA 153 62.96 8.61 53.94
C PHE OA 153 61.55 8.09 53.79
N LEU OA 154 60.64 8.66 54.57
CA LEU OA 154 59.26 8.23 54.51
C LEU OA 154 58.61 8.54 53.17
N LYS OA 155 58.97 9.67 52.55
CA LYS OA 155 58.36 10.04 51.28
C LYS OA 155 58.47 8.94 50.23
N ASN OA 156 59.64 8.36 50.05
CA ASN OA 156 59.74 7.29 49.07
C ASN OA 156 59.57 5.89 49.66
N SER OA 157 59.03 5.81 50.87
CA SER OA 157 58.77 4.52 51.50
C SER OA 157 57.35 4.06 51.27
N PHE OA 158 56.60 4.76 50.43
CA PHE OA 158 55.24 4.33 50.22
C PHE OA 158 54.66 4.86 48.92
N ALA OA 159 53.90 4.01 48.26
CA ALA OA 159 53.27 4.20 46.95
C ALA OA 159 52.91 5.64 46.57
N ASP OA 160 52.25 6.38 47.44
CA ASP OA 160 51.88 7.73 47.04
C ASP OA 160 51.65 8.69 48.20
N VAL OA 161 52.72 9.34 48.61
CA VAL OA 161 52.69 10.35 49.65
C VAL OA 161 53.38 11.58 49.12
N ASP OA 162 53.39 12.64 49.92
CA ASP OA 162 54.06 13.86 49.51
C ASP OA 162 54.50 14.65 50.72
N TYR OA 163 55.27 15.72 50.52
CA TYR OA 163 55.82 16.47 51.62
C TYR OA 163 54.80 17.31 52.41
N ASP OA 164 53.55 17.36 51.97
CA ASP OA 164 52.54 18.09 52.70
C ASP OA 164 51.67 17.15 53.52
N ASN OA 165 51.78 15.86 53.26
CA ASN OA 165 50.96 14.90 53.97
C ASN OA 165 51.78 14.00 54.88
N ILE OA 166 52.98 14.46 55.23
CA ILE OA 166 53.85 13.76 56.17
C ILE OA 166 54.20 14.70 57.31
N SER OA 167 53.81 14.34 58.53
CA SER OA 167 54.11 15.20 59.65
C SER OA 167 55.03 14.57 60.67
N VAL OA 168 56.03 15.31 61.10
CA VAL OA 168 56.98 14.81 62.07
C VAL OA 168 57.08 15.73 63.27
N VAL OA 169 56.82 15.18 64.44
CA VAL OA 169 56.93 15.92 65.69
C VAL OA 169 57.99 15.24 66.54
N LEU OA 170 58.95 16.00 66.99
CA LEU OA 170 60.05 15.38 67.71
C LEU OA 170 60.68 16.25 68.77
N SER OA 171 61.52 15.61 69.59
CA SER OA 171 62.25 16.28 70.64
C SER OA 171 63.45 15.45 71.09
N GLU OA 172 63.93 15.68 72.31
CA GLU OA 172 65.09 14.97 72.81
C GLU OA 172 64.90 14.59 74.26
N ARG OA 173 65.71 13.64 74.70
CA ARG OA 173 65.60 13.14 76.07
C ARG OA 173 65.92 14.19 77.13
N SER OA 174 65.44 13.93 78.35
CA SER OA 174 65.65 14.78 79.51
C SER OA 174 66.95 14.42 80.24
N ASP OA 175 67.26 15.16 81.31
CA ASP OA 175 68.45 14.93 82.13
C ASP OA 175 68.35 13.57 82.79
N ALA OA 176 69.27 12.68 82.44
CA ALA OA 176 69.26 11.30 82.92
C ALA OA 176 69.30 11.18 84.44
N GLN OA 177 68.43 10.33 84.97
CA GLN OA 177 68.40 10.13 86.41
C GLN OA 177 69.45 9.12 86.79
N LEU OA 178 70.65 9.62 87.07
CA LEU OA 178 71.77 8.76 87.40
C LEU OA 178 72.04 8.66 88.89
N GLN OA 179 71.16 9.19 89.73
CA GLN OA 179 71.39 9.19 91.17
C GLN OA 179 70.26 8.53 91.93
N ALA OA 180 70.61 7.78 92.97
CA ALA OA 180 69.60 7.12 93.79
C ALA OA 180 68.84 8.15 94.63
N PRO OA 181 67.52 7.97 94.80
CA PRO OA 181 66.60 8.77 95.63
C PRO OA 181 67.02 8.94 97.08
N GLY OA 182 67.48 7.87 97.70
CA GLY OA 182 67.93 7.91 99.07
C GLY OA 182 66.85 7.42 100.01
N THR OA 183 67.24 7.01 101.20
CA THR OA 183 66.30 6.52 102.20
C THR OA 183 65.73 7.67 103.02
N PRO OA 184 64.65 7.43 103.76
CA PRO OA 184 64.00 8.35 104.69
C PRO OA 184 64.86 8.54 105.92
N VAL OA 185 64.68 9.68 106.57
CA VAL OA 185 65.46 9.97 107.76
C VAL OA 185 64.80 9.44 109.01
N LYS OA 186 65.44 8.45 109.62
CA LYS OA 186 64.96 7.84 110.86
C LYS OA 186 65.94 6.79 111.34
N ALA PA 42 71.43 16.32 110.85
CA ALA PA 42 70.89 16.10 109.52
C ALA PA 42 71.10 17.33 108.65
N GLU PA 43 72.35 17.65 108.35
CA GLU PA 43 72.65 18.80 107.52
C GLU PA 43 71.94 18.69 106.18
N LEU PA 44 71.20 19.72 105.84
CA LEU PA 44 70.41 19.76 104.60
C LEU PA 44 71.21 19.41 103.36
N ASP PA 45 72.46 19.84 103.29
CA ASP PA 45 73.30 19.53 102.15
C ASP PA 45 73.47 18.03 101.95
N SER PA 46 73.48 17.27 103.04
CA SER PA 46 73.62 15.83 102.94
C SER PA 46 72.28 15.17 102.72
N LEU PA 47 71.20 15.87 103.08
CA LEU PA 47 69.86 15.35 102.86
C LEU PA 47 69.49 15.40 101.38
N LEU PA 48 69.95 16.43 100.70
CA LEU PA 48 69.73 16.59 99.26
C LEU PA 48 70.63 15.65 98.47
N GLY PA 49 70.25 15.36 97.23
CA GLY PA 49 70.93 14.43 96.30
C GLY PA 49 72.47 14.43 96.30
N GLN PA 50 73.03 13.37 95.69
CA GLN PA 50 74.49 13.18 95.59
C GLN PA 50 75.17 14.32 94.89
N GLU PA 51 74.59 14.81 93.81
CA GLU PA 51 75.15 15.94 93.12
C GLU PA 51 74.63 17.20 93.77
N LYS PA 52 75.26 17.54 94.89
CA LYS PA 52 74.89 18.69 95.69
C LYS PA 52 74.94 20.02 94.95
N GLU PA 53 75.63 20.05 93.81
CA GLU PA 53 75.77 21.26 93.04
C GLU PA 53 74.52 21.60 92.24
N ARG PA 54 73.48 20.77 92.34
CA ARG PA 54 72.22 21.06 91.67
C ARG PA 54 71.39 22.02 92.48
N PHE PA 55 71.74 22.23 93.76
CA PHE PA 55 70.95 23.09 94.61
C PHE PA 55 71.77 24.16 95.28
N GLN PA 56 71.17 25.32 95.49
CA GLN PA 56 71.85 26.36 96.23
C GLN PA 56 71.11 26.65 97.51
N VAL PA 57 71.67 26.20 98.62
CA VAL PA 57 71.03 26.43 99.89
C VAL PA 57 71.30 27.85 100.37
N LEU PA 58 70.24 28.53 100.77
CA LEU PA 58 70.31 29.93 101.15
C LEU PA 58 69.84 30.12 102.60
N PRO PA 59 70.44 31.02 103.35
CA PRO PA 59 70.06 31.24 104.75
C PRO PA 59 69.28 32.53 104.90
N GLY PA 60 67.95 32.42 104.90
CA GLY PA 60 67.11 33.61 104.99
C GLY PA 60 67.15 34.26 106.36
N ARG PA 61 66.96 35.59 106.38
CA ARG PA 61 66.99 36.36 107.62
C ARG PA 61 65.78 36.06 108.52
N ASP PA 62 64.77 35.42 107.95
CA ASP PA 62 63.58 34.99 108.66
C ASP PA 62 63.74 33.64 109.36
N LYS PA 63 64.99 33.13 109.44
CA LYS PA 63 65.30 31.85 110.06
C LYS PA 63 64.81 30.64 109.25
N MET PA 64 64.50 30.87 107.99
CA MET PA 64 64.08 29.79 107.12
C MET PA 64 65.22 29.47 106.17
N LEU PA 65 65.53 28.19 106.08
CA LEU PA 65 66.61 27.75 105.22
C LEU PA 65 65.99 27.45 103.85
N TYR PA 66 66.45 28.16 102.84
CA TYR PA 66 65.85 28.02 101.53
C TYR PA 66 66.64 27.14 100.58
N VAL PA 67 65.93 26.46 99.69
CA VAL PA 67 66.59 25.61 98.71
C VAL PA 67 66.32 26.09 97.30
N ALA PA 68 67.29 26.75 96.68
CA ALA PA 68 67.05 27.24 95.34
C ALA PA 68 67.28 26.14 94.32
N ALA PA 69 66.25 25.88 93.53
CA ALA PA 69 66.30 24.89 92.48
C ALA PA 69 66.15 25.56 91.12
N GLN PA 70 66.83 25.02 90.12
CA GLN PA 70 66.82 25.59 88.78
C GLN PA 70 65.81 24.92 87.85
N ASN PA 71 65.14 23.88 88.32
CA ASN PA 71 64.21 23.14 87.48
C ASN PA 71 63.13 22.50 88.31
N GLU PA 72 61.91 22.46 87.79
CA GLU PA 72 60.78 21.86 88.51
C GLU PA 72 61.00 20.40 88.93
N ARG PA 73 61.90 19.68 88.27
CA ARG PA 73 62.20 18.32 88.68
C ARG PA 73 63.01 18.33 89.95
N ASP PA 74 63.82 19.37 90.12
CA ASP PA 74 64.68 19.50 91.27
C ASP PA 74 63.86 20.12 92.38
N THR PA 75 62.89 20.95 91.99
CA THR PA 75 61.98 21.54 92.94
C THR PA 75 61.24 20.44 93.66
N LEU PA 76 60.68 19.52 92.87
CA LEU PA 76 59.97 18.39 93.45
C LEU PA 76 60.89 17.51 94.26
N TRP PA 77 62.10 17.27 93.76
CA TRP PA 77 63.08 16.46 94.48
C TRP PA 77 63.24 16.96 95.90
N ALA PA 78 63.56 18.24 96.03
CA ALA PA 78 63.77 18.88 97.32
C ALA PA 78 62.53 18.86 98.18
N ARG PA 79 61.35 19.06 97.59
CA ARG PA 79 60.13 19.02 98.35
C ARG PA 79 59.88 17.64 98.93
N GLN PA 80 60.22 16.60 98.16
CA GLN PA 80 60.07 15.25 98.65
C GLN PA 80 61.03 15.01 99.78
N VAL PA 81 62.23 15.58 99.71
CA VAL PA 81 63.18 15.45 100.81
C VAL PA 81 62.63 16.01 102.10
N LEU PA 82 62.05 17.21 102.01
CA LEU PA 82 61.49 17.84 103.19
C LEU PA 82 60.31 17.06 103.78
N ALA PA 83 59.49 16.45 102.92
CA ALA PA 83 58.35 15.67 103.39
C ALA PA 83 58.75 14.25 103.85
N ARG PA 84 59.74 13.66 103.18
CA ARG PA 84 60.19 12.30 103.47
C ARG PA 84 61.10 12.23 104.67
N GLY PA 85 62.15 13.03 104.65
CA GLY PA 85 63.12 13.05 105.71
C GLY PA 85 62.74 14.10 106.72
N ASP PA 86 63.73 14.66 107.38
CA ASP PA 86 63.43 15.65 108.36
C ASP PA 86 64.59 16.60 108.57
N TYR PA 87 64.26 17.76 109.08
CA TYR PA 87 65.19 18.79 109.39
C TYR PA 87 64.52 19.75 110.34
N ASP PA 88 64.98 19.79 111.58
CA ASP PA 88 64.37 20.63 112.61
C ASP PA 88 64.66 22.11 112.41
N LYS PA 89 64.00 22.71 111.44
CA LYS PA 89 64.14 24.12 111.13
C LYS PA 89 63.26 24.51 109.96
N ASN PA 90 62.75 25.73 110.00
CA ASN PA 90 61.95 26.23 108.90
C ASN PA 90 62.71 26.05 107.61
N ALA PA 91 62.01 25.63 106.57
CA ALA PA 91 62.65 25.43 105.29
C ALA PA 91 61.65 25.61 104.15
N ARG PA 92 62.14 26.03 103.00
CA ARG PA 92 61.26 26.27 101.86
C ARG PA 92 62.00 26.27 100.53
N VAL PA 93 61.49 25.49 99.59
CA VAL PA 93 62.10 25.38 98.27
C VAL PA 93 61.74 26.55 97.36
N ILE PA 94 62.77 27.13 96.75
CA ILE PA 94 62.63 28.25 95.83
C ILE PA 94 62.66 27.84 94.36
N ASN PA 95 61.73 28.39 93.61
CA ASN PA 95 61.62 28.16 92.18
C ASN PA 95 61.46 29.47 91.46
N GLU PA 96 62.45 29.79 90.63
CA GLU PA 96 62.50 31.05 89.88
C GLU PA 96 61.18 31.55 89.31
N ASN PA 97 60.45 30.67 88.63
CA ASN PA 97 59.17 31.09 88.06
C ASN PA 97 58.10 31.27 89.11
N GLU PA 98 58.11 30.40 90.12
CA GLU PA 98 57.10 30.50 91.16
C GLU PA 98 57.28 31.77 91.96
N GLU PA 99 58.53 32.16 92.18
CA GLU PA 99 58.82 33.35 92.93
C GLU PA 99 58.53 34.57 92.11
N ASN PA 100 58.80 34.50 90.81
CA ASN PA 100 58.49 35.63 89.95
C ASN PA 100 56.99 35.90 90.03
N LYS PA 101 56.20 34.83 89.97
CA LYS PA 101 54.75 34.93 90.07
C LYS PA 101 54.27 35.45 91.42
N ARG PA 102 54.81 34.90 92.52
CA ARG PA 102 54.42 35.31 93.85
C ARG PA 102 54.58 36.80 94.03
N ILE PA 103 55.72 37.31 93.59
CA ILE PA 103 56.00 38.72 93.67
C ILE PA 103 55.05 39.52 92.82
N SER PA 104 54.82 39.09 91.58
CA SER PA 104 53.95 39.84 90.69
C SER PA 104 52.55 40.00 91.24
N ILE PA 105 52.08 39.02 92.02
CA ILE PA 105 50.76 39.11 92.62
C ILE PA 105 50.70 40.25 93.62
N TRP PA 106 51.64 40.23 94.56
CA TRP PA 106 51.70 41.26 95.59
C TRP PA 106 51.90 42.62 94.96
N LEU PA 107 52.80 42.66 94.00
CA LEU PA 107 53.18 43.86 93.32
C LEU PA 107 52.00 44.50 92.62
N ASP PA 108 51.19 43.71 91.94
CA ASP PA 108 50.01 44.28 91.29
C ASP PA 108 49.04 44.92 92.28
N THR PA 109 48.85 44.29 93.44
CA THR PA 109 47.95 44.85 94.46
C THR PA 109 48.42 46.17 95.05
N TYR PA 110 49.69 46.23 95.42
CA TYR PA 110 50.22 47.42 96.07
C TYR PA 110 50.73 48.47 95.11
N TYR PA 111 51.24 48.03 93.96
CA TYR PA 111 51.69 48.93 92.91
C TYR PA 111 51.00 48.64 91.58
N PRO PA 112 49.69 48.87 91.47
CA PRO PA 112 48.89 48.65 90.30
C PRO PA 112 49.36 49.64 89.26
N GLN PA 113 49.26 49.22 88.01
CA GLN PA 113 49.70 49.99 86.85
C GLN PA 113 51.24 50.08 86.71
N LEU PA 114 52.01 49.44 87.61
CA LEU PA 114 53.46 49.47 87.47
C LEU PA 114 53.86 48.72 86.22
N ALA PA 115 54.65 49.35 85.35
CA ALA PA 115 55.06 48.68 84.12
C ALA PA 115 56.42 48.02 84.32
N TYR PA 116 56.45 46.70 84.26
CA TYR PA 116 57.70 45.98 84.47
C TYR PA 116 57.76 44.71 83.63
N TYR PA 117 58.93 44.09 83.60
CA TYR PA 117 59.15 42.91 82.77
C TYR PA 117 59.30 41.63 83.56
N ARG PA 118 60.49 41.37 84.10
CA ARG PA 118 60.71 40.12 84.80
C ARG PA 118 61.87 40.22 85.77
N ILE PA 119 61.77 39.48 86.86
CA ILE PA 119 62.84 39.47 87.83
C ILE PA 119 63.83 38.37 87.51
N HIS PA 120 65.09 38.74 87.40
CA HIS PA 120 66.16 37.83 87.10
C HIS PA 120 66.84 37.44 88.37
N PHE PA 121 66.61 36.23 88.82
CA PHE PA 121 67.13 35.83 90.11
C PHE PA 121 68.60 35.50 90.07
N ASP PA 122 69.05 34.81 89.01
CA ASP PA 122 70.47 34.45 88.79
C ASP PA 122 71.27 34.26 90.07
N GLU PA 123 71.81 35.35 90.61
CA GLU PA 123 72.53 35.33 91.87
C GLU PA 123 71.61 35.69 93.02
N PRO PA 124 70.92 34.70 93.60
CA PRO PA 124 69.93 34.82 94.71
C PRO PA 124 70.02 36.10 95.53
N ARG PA 125 71.21 36.38 96.04
CA ARG PA 125 71.50 37.53 96.89
C ARG PA 125 71.06 38.88 96.34
N LYS PA 126 71.27 39.07 95.04
CA LYS PA 126 70.97 40.32 94.39
C LYS PA 126 70.25 40.13 93.06
N PRO PA 127 68.95 39.85 93.06
CA PRO PA 127 68.11 39.66 91.90
C PRO PA 127 67.92 40.99 91.21
N VAL PA 128 67.73 40.94 89.91
CA VAL PA 128 67.59 42.14 89.11
C VAL PA 128 66.15 42.33 88.66
N PHE PA 129 65.63 43.51 88.86
CA PHE PA 129 64.26 43.79 88.53
C PHE PA 129 64.17 44.65 87.28
N TRP PA 130 63.71 44.09 86.16
CA TRP PA 130 63.58 44.93 84.97
C TRP PA 130 62.29 45.73 85.03
N LEU PA 131 62.44 47.04 84.86
CA LEU PA 131 61.37 48.03 84.96
C LEU PA 131 61.26 48.82 83.65
N SER PA 132 60.04 49.08 83.17
CA SER PA 132 59.93 49.84 81.92
C SER PA 132 60.41 51.27 82.06
N ARG PA 133 61.53 51.58 81.42
CA ARG PA 133 62.13 52.91 81.46
C ARG PA 133 61.20 53.99 80.94
N GLN PA 134 60.54 53.69 79.83
CA GLN PA 134 59.71 54.68 79.17
C GLN PA 134 58.32 54.83 79.78
N ARG PA 135 57.70 53.76 80.26
CA ARG PA 135 56.36 53.89 80.81
C ARG PA 135 56.30 54.34 82.26
N ASN PA 136 57.34 54.11 83.04
CA ASN PA 136 57.27 54.54 84.44
C ASN PA 136 57.88 55.91 84.65
N THR PA 137 57.24 56.71 85.50
CA THR PA 137 57.68 58.06 85.81
C THR PA 137 57.96 58.23 87.29
N MET PA 138 58.27 57.13 87.98
CA MET PA 138 58.56 57.16 89.40
C MET PA 138 59.85 57.93 89.71
N SER PA 139 59.87 58.61 90.85
CA SER PA 139 61.04 59.35 91.25
C SER PA 139 62.06 58.42 91.84
N LYS PA 140 63.28 58.87 91.96
CA LYS PA 140 64.36 58.07 92.54
C LYS PA 140 64.00 57.60 93.94
N LYS PA 141 63.39 58.49 94.73
CA LYS PA 141 63.00 58.16 96.08
C LYS PA 141 61.92 57.10 96.09
N GLU PA 142 60.98 57.22 95.17
CA GLU PA 142 59.91 56.23 95.07
C GLU PA 142 60.48 54.87 94.70
N LEU PA 143 61.47 54.86 93.81
CA LEU PA 143 62.11 53.63 93.41
C LEU PA 143 62.85 53.00 94.58
N GLU PA 144 63.45 53.84 95.44
CA GLU PA 144 64.10 53.33 96.64
C GLU PA 144 63.11 52.53 97.46
N VAL PA 145 61.96 53.14 97.72
CA VAL PA 145 60.90 52.52 98.49
C VAL PA 145 60.45 51.21 97.87
N LEU PA 146 60.26 51.22 96.56
CA LEU PA 146 59.86 50.04 95.83
C LEU PA 146 60.83 48.90 96.06
N SER PA 147 62.14 49.18 95.95
CA SER PA 147 63.12 48.12 96.15
C SER PA 147 63.08 47.61 97.56
N GLN PA 148 62.78 48.47 98.51
CA GLN PA 148 62.69 48.05 99.90
C GLN PA 148 61.53 47.11 100.12
N LYS PA 149 60.42 47.36 99.44
CA LYS PA 149 59.28 46.48 99.56
C LYS PA 149 59.60 45.13 98.95
N LEU PA 150 60.34 45.15 97.86
CA LEU PA 150 60.74 43.91 97.22
C LEU PA 150 61.67 43.12 98.13
N ARG PA 151 62.55 43.83 98.86
CA ARG PA 151 63.45 43.16 99.79
C ARG PA 151 62.63 42.46 100.86
N ALA PA 152 61.56 43.10 101.31
CA ALA PA 152 60.67 42.49 102.30
C ALA PA 152 60.05 41.21 101.75
N LEU PA 153 59.68 41.22 100.47
CA LEU PA 153 59.10 40.05 99.83
C LEU PA 153 60.08 38.89 99.67
N MET PA 154 61.38 39.18 99.64
CA MET PA 154 62.42 38.17 99.48
C MET PA 154 63.39 38.07 100.68
N PRO PA 155 63.04 37.27 101.71
CA PRO PA 155 63.73 36.99 102.97
C PRO PA 155 65.22 36.64 102.81
N TYR PA 156 65.58 36.06 101.67
CA TYR PA 156 66.96 35.68 101.44
C TYR PA 156 67.78 36.78 100.78
N ALA PA 157 67.18 37.44 99.80
CA ALA PA 157 67.85 38.49 99.06
C ALA PA 157 68.35 39.57 99.98
N ASP PA 158 69.54 40.07 99.71
CA ASP PA 158 70.11 41.10 100.54
C ASP PA 158 69.69 42.46 100.04
N SER PA 159 69.61 42.58 98.71
CA SER PA 159 69.17 43.82 98.11
C SER PA 159 68.56 43.55 96.75
N VAL PA 160 67.87 44.53 96.20
CA VAL PA 160 67.24 44.38 94.90
C VAL PA 160 67.78 45.40 93.93
N ASN PA 161 68.22 44.94 92.77
CA ASN PA 161 68.76 45.84 91.78
C ASN PA 161 67.72 46.20 90.74
N ILE PA 162 66.98 47.27 91.00
CA ILE PA 162 66.01 47.73 90.03
C ILE PA 162 66.69 48.49 88.93
N THR PA 163 66.41 48.13 87.69
CA THR PA 163 67.01 48.81 86.56
C THR PA 163 65.97 49.02 85.48
N LEU PA 164 66.14 50.10 84.74
CA LEU PA 164 65.17 50.49 83.75
C LEU PA 164 65.59 50.03 82.35
N MET PA 165 64.66 49.37 81.66
CA MET PA 165 64.89 48.83 80.32
C MET PA 165 64.12 49.60 79.27
N ASP PA 166 64.68 49.71 78.07
CA ASP PA 166 64.02 50.44 77.01
C ASP PA 166 63.07 49.56 76.20
N ASP PA 167 61.78 49.85 76.30
CA ASP PA 167 60.71 49.11 75.63
C ASP PA 167 60.98 48.85 74.14
N VAL PA 168 61.64 49.79 73.49
CA VAL PA 168 61.95 49.68 72.07
C VAL PA 168 62.88 48.52 71.79
N THR PA 169 63.87 48.32 72.66
CA THR PA 169 64.84 47.26 72.42
C THR PA 169 64.21 45.92 72.68
N ALA PA 170 63.23 45.87 73.58
CA ALA PA 170 62.53 44.62 73.82
C ALA PA 170 61.79 44.20 72.57
N ALA PA 171 61.04 45.14 71.99
CA ALA PA 171 60.29 44.88 70.79
C ALA PA 171 61.19 44.59 69.61
N GLY PA 172 62.30 45.33 69.52
CA GLY PA 172 63.24 45.17 68.42
C GLY PA 172 63.80 43.76 68.38
N GLN PA 173 64.20 43.23 69.53
CA GLN PA 173 64.73 41.88 69.58
C GLN PA 173 63.68 40.85 69.22
N ALA PA 174 62.45 41.05 69.71
CA ALA PA 174 61.38 40.12 69.42
C ALA PA 174 61.19 39.97 67.91
N GLU PA 175 61.08 41.09 67.22
CA GLU PA 175 60.84 41.03 65.80
C GLU PA 175 62.06 40.58 65.02
N ALA PA 176 63.24 41.07 65.40
CA ALA PA 176 64.46 40.73 64.69
C ALA PA 176 64.69 39.22 64.65
N GLY PA 177 64.60 38.57 65.81
CA GLY PA 177 64.81 37.13 65.85
C GLY PA 177 63.74 36.40 65.07
N LEU PA 178 62.50 36.86 65.20
CA LEU PA 178 61.36 36.26 64.54
C LEU PA 178 61.56 36.23 63.01
N LYS PA 179 61.98 37.37 62.45
CA LYS PA 179 62.20 37.40 61.02
C LYS PA 179 63.52 36.73 60.62
N GLN PA 180 64.49 36.65 61.53
CA GLN PA 180 65.73 35.93 61.25
C GLN PA 180 65.45 34.47 60.97
N GLN PA 181 64.50 33.91 61.72
CA GLN PA 181 64.05 32.54 61.54
C GLN PA 181 63.22 32.31 60.27
N ALA PA 182 63.00 33.37 59.47
CA ALA PA 182 62.24 33.33 58.22
C ALA PA 182 60.79 32.98 58.47
N LEU PA 183 60.26 33.40 59.61
CA LEU PA 183 58.87 33.11 59.93
C LEU PA 183 57.97 34.23 59.43
N PRO PA 184 56.78 33.91 58.96
CA PRO PA 184 55.72 34.81 58.55
C PRO PA 184 55.05 35.35 59.78
N TYR PA 185 54.69 36.61 59.78
CA TYR PA 185 54.03 37.18 60.94
C TYR PA 185 53.43 38.52 60.63
N SER PA 186 52.61 39.01 61.56
CA SER PA 186 52.08 40.34 61.42
C SER PA 186 52.09 41.01 62.79
N ARG PA 187 52.80 42.11 62.86
CA ARG PA 187 52.97 42.86 64.10
C ARG PA 187 51.74 43.69 64.47
N ARG PA 188 51.45 43.74 65.77
CA ARG PA 188 50.32 44.49 66.29
C ARG PA 188 50.73 45.45 67.38
N ASN PA 189 51.09 46.67 67.01
CA ASN PA 189 51.45 47.65 68.02
C ASN PA 189 50.21 48.21 68.65
N HIS PA 190 50.21 48.34 69.96
CA HIS PA 190 49.08 48.97 70.63
C HIS PA 190 49.57 49.64 71.88
N LYS PA 191 48.75 50.50 72.46
CA LYS PA 191 49.20 51.16 73.66
C LYS PA 191 49.44 50.15 74.74
N GLY PA 192 50.63 50.15 75.29
CA GLY PA 192 50.98 49.24 76.37
C GLY PA 192 51.62 47.92 75.94
N GLY PA 193 51.74 47.64 74.64
CA GLY PA 193 52.36 46.37 74.27
C GLY PA 193 52.38 46.10 72.77
N VAL PA 194 52.81 44.89 72.42
CA VAL PA 194 52.85 44.49 71.03
C VAL PA 194 52.62 43.00 70.87
N THR PA 195 51.82 42.63 69.88
CA THR PA 195 51.53 41.23 69.64
C THR PA 195 51.98 40.78 68.24
N PHE PA 196 52.61 39.62 68.18
CA PHE PA 196 53.09 39.07 66.91
C PHE PA 196 52.25 37.89 66.48
N VAL PA 197 51.42 38.12 65.47
CA VAL PA 197 50.49 37.12 64.99
C VAL PA 197 51.08 36.25 63.91
N ILE PA 198 51.02 34.94 64.12
CA ILE PA 198 51.53 33.99 63.14
C ILE PA 198 50.42 33.05 62.69
N GLN PA 199 49.88 33.28 61.50
CA GLN PA 199 48.78 32.45 61.01
C GLN PA 199 49.09 31.71 59.72
N GLY PA 200 48.19 30.82 59.36
CA GLY PA 200 48.30 30.04 58.14
C GLY PA 200 48.80 28.65 58.43
N ALA PA 201 48.87 27.82 57.38
CA ALA PA 201 49.38 26.48 57.54
C ALA PA 201 50.88 26.57 57.71
N LEU PA 202 51.43 25.75 58.58
CA LEU PA 202 52.86 25.82 58.84
C LEU PA 202 53.58 24.50 58.60
N ASP PA 203 54.78 24.61 58.06
CA ASP PA 203 55.66 23.48 57.83
C ASP PA 203 56.21 23.01 59.15
N ASP PA 204 56.28 21.71 59.38
CA ASP PA 204 56.80 21.18 60.64
C ASP PA 204 58.15 21.78 61.05
N VAL PA 205 58.97 22.15 60.06
CA VAL PA 205 60.27 22.70 60.35
C VAL PA 205 60.13 24.09 60.93
N GLU PA 206 59.33 24.94 60.29
CA GLU PA 206 59.15 26.28 60.80
C GLU PA 206 58.36 26.31 62.09
N ILE PA 207 57.56 25.28 62.35
CA ILE PA 207 56.87 25.19 63.62
C ILE PA 207 57.87 25.02 64.74
N LEU PA 208 58.80 24.09 64.55
CA LEU PA 208 59.84 23.85 65.54
C LEU PA 208 60.63 25.12 65.81
N ARG PA 209 61.09 25.76 64.74
CA ARG PA 209 61.86 26.98 64.86
C ARG PA 209 61.11 28.07 65.60
N ALA PA 210 59.84 28.23 65.30
CA ALA PA 210 59.03 29.25 65.93
C ALA PA 210 58.97 29.05 67.42
N ARG PA 211 58.68 27.84 67.85
CA ARG PA 211 58.59 27.61 69.28
C ARG PA 211 59.88 27.84 70.00
N GLN PA 212 60.99 27.38 69.42
CA GLN PA 212 62.29 27.56 70.06
C GLN PA 212 62.57 29.03 70.32
N PHE PA 213 62.31 29.86 69.31
CA PHE PA 213 62.50 31.28 69.45
C PHE PA 213 61.64 31.88 70.53
N VAL PA 214 60.34 31.57 70.49
CA VAL PA 214 59.40 32.13 71.44
C VAL PA 214 59.75 31.78 72.86
N ASP PA 215 60.08 30.51 73.11
CA ASP PA 215 60.43 30.09 74.46
C ASP PA 215 61.62 30.87 74.99
N SER PA 216 62.62 31.08 74.16
CA SER PA 216 63.79 31.83 74.59
C SER PA 216 63.49 33.28 74.89
N TYR PA 217 62.68 33.91 74.05
CA TYR PA 217 62.33 35.30 74.26
C TYR PA 217 61.59 35.45 75.58
N TYR PA 218 60.63 34.56 75.80
CA TYR PA 218 59.87 34.55 77.02
C TYR PA 218 60.79 34.41 78.22
N ARG PA 219 61.65 33.40 78.20
CA ARG PA 219 62.58 33.15 79.28
C ARG PA 219 63.36 34.41 79.67
N THR PA 220 63.82 35.17 78.68
CA THR PA 220 64.57 36.39 78.96
C THR PA 220 63.70 37.56 79.39
N TRP PA 221 62.88 38.05 78.48
CA TRP PA 221 62.09 39.24 78.74
C TRP PA 221 60.79 39.01 79.48
N GLY PA 222 60.17 37.86 79.27
CA GLY PA 222 58.88 37.59 79.89
C GLY PA 222 57.77 37.99 78.91
N GLY PA 223 56.53 37.63 79.24
CA GLY PA 223 55.41 37.92 78.34
C GLY PA 223 54.52 39.08 78.76
N ARG PA 224 55.07 40.09 79.41
CA ARG PA 224 54.24 41.22 79.84
C ARG PA 224 54.16 42.36 78.84
N TYR PA 225 55.06 42.38 77.86
CA TYR PA 225 55.06 43.43 76.87
C TYR PA 225 54.87 42.84 75.49
N VAL PA 226 55.68 41.83 75.18
CA VAL PA 226 55.58 41.15 73.90
C VAL PA 226 54.78 39.87 74.03
N GLN PA 227 53.73 39.77 73.23
CA GLN PA 227 52.88 38.60 73.22
C GLN PA 227 52.94 37.91 71.86
N PHE PA 228 53.23 36.63 71.83
CA PHE PA 228 53.26 35.92 70.56
C PHE PA 228 51.96 35.15 70.39
N ALA PA 229 51.55 34.96 69.15
CA ALA PA 229 50.28 34.30 68.88
C ALA PA 229 50.37 33.33 67.71
N ILE PA 230 50.81 32.11 67.99
CA ILE PA 230 50.91 31.10 66.95
C ILE PA 230 49.57 30.43 66.73
N GLU PA 231 49.07 30.52 65.50
CA GLU PA 231 47.78 29.95 65.17
C GLU PA 231 47.84 29.08 63.91
N LEU PA 232 47.92 27.78 64.11
CA LEU PA 232 47.98 26.82 63.01
C LEU PA 232 46.62 26.68 62.36
N LYS PA 233 46.48 27.21 61.13
CA LYS PA 233 45.19 27.20 60.44
C LYS PA 233 45.27 26.76 58.99
N ASP PA 234 44.14 26.32 58.45
CA ASP PA 234 44.07 25.91 57.06
C ASP PA 234 43.95 27.10 56.12
N ASP PA 235 44.53 26.96 54.93
CA ASP PA 235 44.48 28.00 53.92
C ASP PA 235 43.66 27.54 52.71
N ASP QA 3 74.08 -5.87 93.35
CA ASP QA 3 73.49 -7.19 93.15
C ASP QA 3 71.98 -7.10 92.98
N LYS QA 4 71.55 -6.45 91.91
CA LYS QA 4 70.13 -6.28 91.66
C LYS QA 4 69.69 -6.99 90.38
N ASP QA 5 68.47 -7.52 90.40
CA ASP QA 5 67.95 -8.15 89.21
C ASP QA 5 67.33 -7.11 88.31
N LEU QA 6 67.74 -7.08 87.05
CA LEU QA 6 67.22 -6.10 86.13
C LEU QA 6 66.24 -6.75 85.16
N LEU QA 7 66.74 -7.72 84.37
CA LEU QA 7 65.89 -8.42 83.40
C LEU QA 7 65.97 -9.94 83.54
N LYS QA 8 64.88 -10.62 83.20
CA LYS QA 8 64.84 -12.08 83.28
C LYS QA 8 64.12 -12.70 82.10
N GLY QA 9 64.51 -13.91 81.73
CA GLY QA 9 63.83 -14.62 80.65
C GLY QA 9 64.17 -14.11 79.27
N LEU QA 10 65.35 -13.52 79.13
CA LEU QA 10 65.74 -12.96 77.85
C LEU QA 10 66.25 -14.02 76.92
N ASP QA 11 66.08 -13.80 75.63
CA ASP QA 11 66.66 -14.74 74.71
C ASP QA 11 68.09 -14.29 74.47
N GLN QA 12 68.83 -15.03 73.69
CA GLN QA 12 70.23 -14.72 73.46
C GLN QA 12 70.47 -13.35 72.85
N GLU QA 13 69.74 -13.03 71.78
CA GLU QA 13 69.89 -11.75 71.09
C GLU QA 13 69.62 -10.57 72.00
N GLN QA 14 68.48 -10.61 72.67
CA GLN QA 14 68.06 -9.55 73.57
C GLN QA 14 69.08 -9.31 74.65
N ALA QA 15 69.55 -10.40 75.26
CA ALA QA 15 70.51 -10.29 76.34
C ALA QA 15 71.75 -9.55 75.90
N ASN QA 16 72.30 -9.93 74.75
CA ASN QA 16 73.51 -9.27 74.29
C ASN QA 16 73.28 -7.82 73.89
N GLU QA 17 72.10 -7.51 73.36
CA GLU QA 17 71.81 -6.14 72.96
C GLU QA 17 71.69 -5.21 74.15
N VAL QA 18 70.99 -5.65 75.19
CA VAL QA 18 70.83 -4.84 76.38
C VAL QA 18 72.16 -4.56 77.03
N ILE QA 19 72.98 -5.60 77.12
CA ILE QA 19 74.29 -5.45 77.71
C ILE QA 19 75.12 -4.44 76.97
N ALA QA 20 75.10 -4.50 75.64
CA ALA QA 20 75.86 -3.54 74.84
C ALA QA 20 75.53 -2.11 75.23
N VAL QA 21 74.24 -1.81 75.38
CA VAL QA 21 73.81 -0.48 75.76
C VAL QA 21 74.32 -0.07 77.13
N LEU QA 22 74.20 -0.97 78.10
CA LEU QA 22 74.63 -0.66 79.44
C LEU QA 22 76.11 -0.36 79.51
N GLN QA 23 76.91 -1.14 78.78
CA GLN QA 23 78.34 -0.92 78.75
C GLN QA 23 78.67 0.41 78.12
N MET QA 24 77.97 0.73 77.05
CA MET QA 24 78.15 2.01 76.38
C MET QA 24 77.96 3.18 77.34
N HIS QA 25 77.03 3.04 78.27
CA HIS QA 25 76.79 4.07 79.26
C HIS QA 25 77.52 3.87 80.58
N ASN QA 26 78.63 3.12 80.55
CA ASN QA 26 79.47 2.89 81.71
C ASN QA 26 78.83 2.09 82.82
N ILE QA 27 78.14 1.02 82.46
CA ILE QA 27 77.53 0.12 83.44
C ILE QA 27 77.93 -1.33 83.20
N GLU QA 28 78.57 -1.95 84.19
CA GLU QA 28 78.92 -3.36 84.09
C GLU QA 28 77.65 -4.21 84.22
N ALA QA 29 77.61 -5.34 83.54
CA ALA QA 29 76.42 -6.18 83.61
C ALA QA 29 76.77 -7.65 83.52
N ASN QA 30 76.03 -8.47 84.25
CA ASN QA 30 76.26 -9.89 84.26
C ASN QA 30 75.21 -10.61 83.45
N LYS QA 31 75.64 -11.55 82.61
CA LYS QA 31 74.69 -12.36 81.86
C LYS QA 31 74.64 -13.74 82.49
N ILE QA 32 73.48 -14.10 83.02
CA ILE QA 32 73.32 -15.37 83.70
C ILE QA 32 72.50 -16.35 82.91
N ASP QA 33 73.10 -17.49 82.62
CA ASP QA 33 72.46 -18.56 81.88
C ASP QA 33 71.67 -19.48 82.81
N SER QA 34 70.34 -19.40 82.74
CA SER QA 34 69.48 -20.22 83.58
C SER QA 34 68.85 -21.37 82.79
N GLY QA 35 69.52 -21.79 81.73
CA GLY QA 35 69.07 -22.91 80.92
C GLY QA 35 67.79 -22.59 80.19
N LYS QA 36 66.81 -23.48 80.34
CA LYS QA 36 65.51 -23.34 79.70
C LYS QA 36 64.76 -22.08 80.10
N LEU QA 37 65.17 -21.45 81.19
CA LEU QA 37 64.48 -20.26 81.64
C LEU QA 37 65.02 -18.99 80.99
N GLY QA 38 66.06 -19.11 80.16
CA GLY QA 38 66.59 -17.95 79.45
C GLY QA 38 67.72 -17.26 80.19
N TYR QA 39 67.99 -16.02 79.78
CA TYR QA 39 69.06 -15.26 80.39
C TYR QA 39 68.56 -14.19 81.34
N SER QA 40 69.37 -13.90 82.33
CA SER QA 40 69.06 -12.86 83.27
C SER QA 40 70.17 -11.85 83.34
N ILE QA 41 69.82 -10.58 83.49
CA ILE QA 41 70.82 -9.54 83.59
C ILE QA 41 70.79 -8.90 84.95
N THR QA 42 71.96 -8.87 85.60
CA THR QA 42 72.05 -8.25 86.91
C THR QA 42 73.13 -7.18 86.92
N VAL QA 43 72.95 -6.21 87.80
CA VAL QA 43 73.89 -5.09 87.90
C VAL QA 43 74.25 -4.75 89.33
N ALA QA 44 75.34 -4.01 89.48
CA ALA QA 44 75.75 -3.55 90.79
C ALA QA 44 74.75 -2.55 91.31
N GLU QA 45 74.45 -2.63 92.60
CA GLU QA 45 73.49 -1.73 93.23
C GLU QA 45 73.75 -0.24 92.99
N PRO QA 46 75.01 0.24 93.01
CA PRO QA 46 75.40 1.62 92.70
C PRO QA 46 74.95 2.08 91.32
N ASP QA 47 74.87 1.16 90.36
CA ASP QA 47 74.49 1.51 89.01
C ASP QA 47 73.03 1.28 88.74
N PHE QA 48 72.42 0.40 89.51
CA PHE QA 48 71.02 0.00 89.34
C PHE QA 48 70.06 1.13 88.97
N THR QA 49 70.15 2.28 89.62
CA THR QA 49 69.24 3.38 89.30
C THR QA 49 69.41 3.83 87.86
N ALA QA 50 70.66 4.03 87.46
CA ALA QA 50 70.97 4.46 86.12
C ALA QA 50 70.58 3.39 85.12
N ALA QA 51 70.83 2.13 85.48
CA ALA QA 51 70.52 1.03 84.60
C ALA QA 51 69.05 1.04 84.25
N VAL QA 52 68.19 1.21 85.25
CA VAL QA 52 66.75 1.27 85.04
C VAL QA 52 66.39 2.39 84.11
N TYR QA 53 66.97 3.56 84.34
CA TYR QA 53 66.72 4.70 83.50
C TYR QA 53 66.99 4.39 82.03
N TRP QA 54 68.12 3.74 81.75
CA TRP QA 54 68.46 3.43 80.38
C TRP QA 54 67.58 2.34 79.76
N ILE QA 55 67.13 1.37 80.57
CA ILE QA 55 66.21 0.36 80.05
C ILE QA 55 64.95 1.02 79.53
N LYS QA 56 64.48 2.01 80.27
CA LYS QA 56 63.34 2.78 79.85
C LYS QA 56 63.65 3.55 78.57
N THR QA 57 64.71 4.35 78.62
CA THR QA 57 65.12 5.21 77.51
C THR QA 57 65.22 4.49 76.18
N TYR QA 58 65.83 3.31 76.17
CA TYR QA 58 66.02 2.58 74.94
C TYR QA 58 65.00 1.49 74.64
N GLN QA 59 63.84 1.54 75.29
CA GLN QA 59 62.80 0.53 75.01
C GLN QA 59 63.33 -0.90 75.11
N LEU QA 60 64.03 -1.22 76.19
CA LEU QA 60 64.60 -2.55 76.31
C LEU QA 60 63.78 -3.47 77.20
N PRO QA 61 63.86 -4.78 76.96
CA PRO QA 61 64.58 -5.51 75.94
C PRO QA 61 63.90 -5.35 74.57
N PRO QA 62 64.65 -5.48 73.48
CA PRO QA 62 64.24 -5.35 72.09
C PRO QA 62 63.12 -6.29 71.67
N ARG QA 63 62.28 -5.82 70.76
CA ARG QA 63 61.22 -6.65 70.21
C ARG QA 63 61.82 -7.42 69.03
N PRO QA 64 61.17 -8.49 68.58
CA PRO QA 64 61.55 -9.29 67.44
C PRO QA 64 61.27 -8.50 66.17
N ARG QA 65 62.07 -8.76 65.14
CA ARG QA 65 61.97 -8.01 63.89
C ARG QA 65 60.71 -8.36 63.10
N VAL QA 66 60.03 -7.33 62.64
CA VAL QA 66 58.79 -7.48 61.89
C VAL QA 66 58.98 -7.48 60.40
N GLU QA 67 58.49 -8.54 59.76
CA GLU QA 67 58.55 -8.72 58.32
C GLU QA 67 57.16 -9.03 57.82
N ILE QA 68 56.81 -8.53 56.65
CA ILE QA 68 55.45 -8.65 56.15
C ILE QA 68 54.93 -10.07 56.00
N ALA QA 69 55.76 -10.97 55.50
CA ALA QA 69 55.36 -12.36 55.29
C ALA QA 69 54.93 -13.06 56.57
N GLN QA 70 55.28 -12.53 57.72
CA GLN QA 70 54.94 -13.16 58.98
C GLN QA 70 53.44 -13.14 59.22
N MET QA 71 52.71 -12.26 58.51
CA MET QA 71 51.28 -12.17 58.68
C MET QA 71 50.48 -12.80 57.56
N PHE QA 72 51.14 -13.50 56.65
CA PHE QA 72 50.43 -14.17 55.57
C PHE QA 72 51.09 -15.49 55.30
N PRO QA 73 51.03 -16.43 56.25
CA PRO QA 73 51.69 -17.72 56.28
C PRO QA 73 51.15 -18.72 55.27
N ALA QA 74 52.05 -19.59 54.81
CA ALA QA 74 51.74 -20.62 53.83
C ALA QA 74 50.92 -21.75 54.42
N ASP QA 75 50.80 -21.76 55.74
CA ASP QA 75 50.02 -22.77 56.44
C ASP QA 75 48.53 -22.62 56.19
N SER QA 76 48.10 -21.46 55.66
CA SER QA 76 46.68 -21.29 55.37
C SER QA 76 46.22 -22.27 54.32
N LEU QA 77 45.01 -22.78 54.53
CA LEU QA 77 44.40 -23.75 53.63
C LEU QA 77 44.07 -23.14 52.27
N VAL QA 78 43.84 -21.84 52.26
CA VAL QA 78 43.50 -21.12 51.06
C VAL QA 78 44.39 -19.89 50.93
N SER QA 79 44.40 -19.30 49.76
CA SER QA 79 45.20 -18.10 49.55
C SER QA 79 44.46 -17.14 48.66
N SER QA 80 45.00 -15.95 48.52
CA SER QA 80 44.40 -14.94 47.68
C SER QA 80 45.51 -14.20 47.01
N PRO QA 81 45.27 -13.61 45.85
CA PRO QA 81 46.18 -12.79 45.07
C PRO QA 81 46.81 -11.74 45.93
N ARG QA 82 46.01 -11.15 46.80
CA ARG QA 82 46.47 -10.13 47.71
C ARG QA 82 47.55 -10.67 48.61
N ALA QA 83 47.27 -11.80 49.25
CA ALA QA 83 48.22 -12.40 50.16
C ALA QA 83 49.47 -12.86 49.45
N GLU QA 84 49.33 -13.48 48.29
CA GLU QA 84 50.46 -14.01 47.57
C GLU QA 84 51.41 -12.92 47.10
N LYS QA 85 50.85 -11.83 46.59
CA LYS QA 85 51.68 -10.74 46.13
C LYS QA 85 52.44 -10.14 47.29
N ALA QA 86 51.78 -10.00 48.45
CA ALA QA 86 52.44 -9.48 49.64
C ALA QA 86 53.58 -10.37 50.06
N ARG QA 87 53.37 -11.68 50.06
CA ARG QA 87 54.41 -12.62 50.43
C ARG QA 87 55.64 -12.47 49.59
N LEU QA 88 55.44 -12.33 48.28
CA LEU QA 88 56.54 -12.16 47.38
C LEU QA 88 57.35 -10.93 47.68
N TYR QA 89 56.68 -9.79 47.84
CA TYR QA 89 57.39 -8.55 48.11
C TYR QA 89 58.19 -8.62 49.39
N SER QA 90 57.66 -9.30 50.39
CA SER QA 90 58.36 -9.44 51.65
C SER QA 90 59.69 -10.12 51.44
N ALA QA 91 59.68 -11.22 50.68
CA ALA QA 91 60.89 -11.95 50.36
C ALA QA 91 61.87 -11.10 49.60
N ILE QA 92 61.37 -10.31 48.65
CA ILE QA 92 62.24 -9.46 47.86
C ILE QA 92 62.95 -8.43 48.71
N GLU QA 93 62.25 -7.79 49.65
CA GLU QA 93 62.94 -6.83 50.50
C GLU QA 93 64.06 -7.50 51.27
N GLN QA 94 63.80 -8.69 51.80
CA GLN QA 94 64.81 -9.40 52.56
C GLN QA 94 66.01 -9.72 51.71
N ARG QA 95 65.77 -10.13 50.48
CA ARG QA 95 66.82 -10.53 49.59
C ARG QA 95 67.67 -9.32 49.20
N LEU QA 96 67.04 -8.16 49.02
CA LEU QA 96 67.80 -6.95 48.72
C LEU QA 96 68.67 -6.53 49.89
N GLU QA 97 68.17 -6.71 51.12
CA GLU QA 97 68.96 -6.38 52.29
C GLU QA 97 70.18 -7.27 52.38
N GLN QA 98 69.99 -8.55 52.07
CA GLN QA 98 71.10 -9.50 52.07
C GLN QA 98 72.17 -9.07 51.08
N SER QA 99 71.76 -8.53 49.95
CA SER QA 99 72.72 -8.07 48.95
C SER QA 99 73.49 -6.82 49.34
N LEU QA 100 72.79 -5.81 49.84
CA LEU QA 100 73.47 -4.56 50.17
C LEU QA 100 74.49 -4.72 51.27
N GLN QA 101 74.23 -5.63 52.19
CA GLN QA 101 75.16 -5.83 53.29
C GLN QA 101 76.46 -6.53 52.87
N THR QA 102 76.59 -6.93 51.60
CA THR QA 102 77.82 -7.53 51.13
C THR QA 102 78.67 -6.52 50.39
N MET QA 103 78.17 -5.30 50.19
CA MET QA 103 78.96 -4.29 49.51
C MET QA 103 80.09 -3.80 50.39
N GLU QA 104 81.20 -3.45 49.75
CA GLU QA 104 82.37 -2.98 50.46
C GLU QA 104 82.08 -1.77 51.32
N GLY QA 105 82.44 -1.89 52.60
CA GLY QA 105 82.27 -0.79 53.54
C GLY QA 105 80.92 -0.76 54.23
N VAL QA 106 79.98 -1.59 53.80
CA VAL QA 106 78.67 -1.58 54.44
C VAL QA 106 78.61 -2.51 55.62
N LEU QA 107 78.20 -1.97 56.75
CA LEU QA 107 78.10 -2.72 57.99
C LEU QA 107 76.68 -3.18 58.19
N SER QA 108 75.72 -2.33 57.81
CA SER QA 108 74.32 -2.67 57.96
C SER QA 108 73.44 -1.94 56.97
N ALA QA 109 72.37 -2.58 56.53
CA ALA QA 109 71.47 -1.91 55.60
C ALA QA 109 70.07 -2.45 55.66
N ARG QA 110 69.09 -1.55 55.47
CA ARG QA 110 67.67 -1.92 55.49
C ARG QA 110 66.99 -1.43 54.23
N VAL QA 111 66.03 -2.21 53.71
CA VAL QA 111 65.37 -1.87 52.45
C VAL QA 111 63.86 -1.96 52.50
N HIS QA 112 63.20 -0.96 51.94
CA HIS QA 112 61.75 -0.95 51.86
C HIS QA 112 61.27 -0.83 50.42
N ILE QA 113 60.17 -1.49 50.11
CA ILE QA 113 59.60 -1.37 48.78
C ILE QA 113 58.14 -1.08 48.94
N SER QA 114 57.59 -0.24 48.07
CA SER QA 114 56.18 0.08 48.16
C SER QA 114 55.34 -1.13 47.79
N TYR QA 115 54.10 -1.14 48.26
CA TYR QA 115 53.21 -2.27 47.99
C TYR QA 115 52.03 -1.85 47.14
N ASP QA 116 51.41 -2.85 46.53
CA ASP QA 116 50.25 -2.65 45.68
C ASP QA 116 49.23 -3.68 46.06
N ILE QA 117 48.20 -3.24 46.75
CA ILE QA 117 47.20 -4.15 47.26
C ILE QA 117 45.91 -4.18 46.49
N ASP QA 118 45.63 -3.17 45.69
CA ASP QA 118 44.37 -3.21 44.96
C ASP QA 118 44.32 -2.43 43.65
N ALA QA 119 45.42 -2.34 42.90
CA ALA QA 119 45.36 -1.68 41.59
C ALA QA 119 44.44 -2.47 40.64
N GLY QA 120 44.89 -3.65 40.23
CA GLY QA 120 44.14 -4.53 39.34
C GLY QA 120 42.74 -4.83 39.88
N GLU QA 121 42.65 -4.98 41.20
CA GLU QA 121 41.38 -5.17 41.90
C GLU QA 121 40.32 -4.15 41.52
N ASN QA 122 40.75 -2.90 41.32
CA ASN QA 122 39.85 -1.82 40.99
C ASN QA 122 39.80 -1.52 39.49
N GLY QA 123 40.37 -2.41 38.67
CA GLY QA 123 40.40 -2.19 37.23
C GLY QA 123 41.47 -1.18 36.83
N ARG QA 124 42.40 -0.90 37.74
CA ARG QA 124 43.44 0.07 37.47
C ARG QA 124 44.76 -0.57 37.14
N PRO QA 125 45.62 0.13 36.40
CA PRO QA 125 46.98 -0.21 36.08
C PRO QA 125 47.79 -0.02 37.36
N PRO QA 126 48.90 -0.72 37.50
CA PRO QA 126 49.81 -0.72 38.62
C PRO QA 126 50.56 0.59 38.72
N LYS QA 127 50.97 0.93 39.92
CA LYS QA 127 51.69 2.17 40.14
C LYS QA 127 53.19 1.92 40.10
N PRO QA 128 53.98 2.97 39.88
CA PRO QA 128 55.44 2.98 39.87
C PRO QA 128 55.93 2.49 41.20
N VAL QA 129 57.07 1.84 41.20
CA VAL QA 129 57.59 1.29 42.44
C VAL QA 129 58.50 2.26 43.16
N HIS QA 130 58.27 2.40 44.46
CA HIS QA 130 59.11 3.28 45.25
C HIS QA 130 60.04 2.47 46.13
N LEU QA 131 61.27 2.94 46.28
CA LEU QA 131 62.24 2.25 47.10
C LEU QA 131 62.90 3.18 48.07
N SER QA 132 63.24 2.67 49.25
CA SER QA 132 63.98 3.48 50.19
C SER QA 132 64.95 2.60 50.94
N ALA QA 133 66.05 3.17 51.40
CA ALA QA 133 67.00 2.33 52.10
C ALA QA 133 67.85 3.09 53.07
N LEU QA 134 68.29 2.38 54.10
CA LEU QA 134 69.15 2.92 55.12
C LEU QA 134 70.47 2.20 55.11
N ALA QA 135 71.56 2.90 55.39
CA ALA QA 135 72.83 2.20 55.41
C ALA QA 135 73.84 2.78 56.41
N VAL QA 136 74.63 1.88 56.98
CA VAL QA 136 75.69 2.22 57.91
C VAL QA 136 77.02 1.78 57.36
N TYR QA 137 77.95 2.72 57.26
CA TYR QA 137 79.28 2.44 56.73
C TYR QA 137 80.40 2.47 57.74
N GLU QA 138 81.49 1.84 57.35
CA GLU QA 138 82.70 1.87 58.14
C GLU QA 138 83.18 3.30 58.26
N ARG QA 139 83.45 3.72 59.49
CA ARG QA 139 83.86 5.08 59.75
C ARG QA 139 85.06 5.52 58.93
N GLY QA 140 84.93 6.69 58.30
CA GLY QA 140 85.98 7.27 57.47
C GLY QA 140 85.71 7.08 55.98
N SER QA 141 84.71 6.26 55.65
CA SER QA 141 84.32 5.99 54.27
C SER QA 141 83.67 7.21 53.59
N PRO QA 142 83.88 7.43 52.27
CA PRO QA 142 83.39 8.53 51.43
C PRO QA 142 81.92 8.39 51.02
N LEU QA 143 81.04 8.47 52.01
CA LEU QA 143 79.58 8.32 51.88
C LEU QA 143 78.94 9.09 50.72
N ALA QA 144 79.43 10.30 50.47
CA ALA QA 144 78.88 11.16 49.43
C ALA QA 144 78.98 10.60 48.03
N HIS QA 145 79.81 9.58 47.84
CA HIS QA 145 79.99 9.00 46.52
C HIS QA 145 79.42 7.61 46.50
N GLN QA 146 79.55 6.92 47.62
CA GLN QA 146 79.07 5.56 47.76
C GLN QA 146 77.57 5.43 47.56
N ILE QA 147 76.85 6.45 47.98
CA ILE QA 147 75.41 6.52 47.79
C ILE QA 147 74.97 6.30 46.33
N SER QA 148 75.84 6.59 45.36
CA SER QA 148 75.46 6.44 43.97
C SER QA 148 75.47 4.98 43.52
N ASP QA 149 76.25 4.14 44.20
CA ASP QA 149 76.28 2.72 43.85
C ASP QA 149 75.00 2.08 44.29
N ILE QA 150 74.56 2.45 45.49
CA ILE QA 150 73.34 1.90 46.01
C ILE QA 150 72.19 2.22 45.13
N LYS QA 151 72.10 3.48 44.75
CA LYS QA 151 71.01 3.95 43.94
C LYS QA 151 71.00 3.33 42.55
N ARG QA 152 72.18 3.18 41.94
CA ARG QA 152 72.25 2.55 40.61
C ARG QA 152 71.88 1.09 40.66
N PHE QA 153 72.39 0.39 41.66
CA PHE QA 153 72.09 -1.01 41.87
C PHE QA 153 70.62 -1.25 42.00
N LEU QA 154 69.97 -0.49 42.87
CA LEU QA 154 68.55 -0.64 43.08
C LEU QA 154 67.74 -0.28 41.85
N LYS QA 155 68.17 0.73 41.09
CA LYS QA 155 67.43 1.15 39.91
C LYS QA 155 67.14 0.01 38.95
N ASN QA 156 68.15 -0.79 38.63
CA ASN QA 156 67.88 -1.91 37.72
C ASN QA 156 67.57 -3.22 38.44
N SER QA 157 67.25 -3.15 39.73
CA SER QA 157 66.89 -4.34 40.48
C SER QA 157 65.39 -4.53 40.54
N PHE QA 158 64.63 -3.74 39.78
CA PHE QA 158 63.20 -3.92 39.84
C PHE QA 158 62.51 -3.34 38.61
N ALA QA 159 61.50 -4.05 38.16
CA ALA QA 159 60.69 -3.80 36.95
C ALA QA 159 60.54 -2.35 36.53
N ASP QA 160 60.18 -1.46 37.44
CA ASP QA 160 59.98 -0.08 37.01
C ASP QA 160 60.15 0.95 38.11
N VAL QA 161 61.38 1.41 38.28
CA VAL QA 161 61.70 2.45 39.22
C VAL QA 161 62.50 3.52 38.51
N ASP QA 162 62.84 4.58 39.20
CA ASP QA 162 63.64 5.63 38.60
C ASP QA 162 64.42 6.38 39.65
N TYR QA 163 65.31 7.27 39.24
CA TYR QA 163 66.18 7.96 40.19
C TYR QA 163 65.48 9.02 41.06
N ASP QA 164 64.20 9.27 40.82
CA ASP QA 164 63.48 10.22 41.66
C ASP QA 164 62.62 9.49 42.68
N ASN QA 165 62.45 8.18 42.51
CA ASN QA 165 61.61 7.43 43.42
C ASN QA 165 62.41 6.45 44.24
N ILE QA 166 63.71 6.68 44.35
CA ILE QA 166 64.60 5.88 45.18
C ILE QA 166 65.30 6.78 46.18
N SER QA 167 65.08 6.55 47.47
CA SER QA 167 65.72 7.39 48.46
C SER QA 167 66.68 6.64 49.34
N VAL QA 168 67.86 7.20 49.54
CA VAL QA 168 68.86 6.58 50.39
C VAL QA 168 69.34 7.52 51.47
N VAL QA 169 69.20 7.08 52.71
CA VAL QA 169 69.65 7.84 53.86
C VAL QA 169 70.70 7.02 54.57
N LEU QA 170 71.85 7.59 54.80
CA LEU QA 170 72.93 6.82 55.38
C LEU QA 170 73.89 7.59 56.24
N SER QA 171 74.74 6.85 56.95
CA SER QA 171 75.75 7.41 57.83
C SER QA 171 76.83 6.39 58.11
N GLU QA 172 77.56 6.59 59.22
CA GLU QA 172 78.64 5.70 59.57
C GLU QA 172 78.66 5.42 61.06
N ARG QA 173 79.35 4.36 61.44
CA ARG QA 173 79.40 3.95 62.84
C ARG QA 173 80.08 4.96 63.75
N SER QA 174 79.78 4.85 65.04
CA SER QA 174 80.36 5.69 66.09
C SER QA 174 81.68 5.13 66.61
N ASP QA 175 82.29 5.85 67.55
CA ASP QA 175 83.54 5.45 68.18
C ASP QA 175 83.33 4.15 68.96
N ALA QA 176 84.00 3.08 68.52
CA ALA QA 176 83.82 1.76 69.11
C ALA QA 176 84.11 1.71 70.60
N GLN QA 177 83.21 1.06 71.34
CA GLN QA 177 83.40 0.93 72.76
C GLN QA 177 84.31 -0.24 73.05
N LEU QA 178 85.60 0.04 73.08
CA LEU QA 178 86.59 -1.00 73.28
C LEU QA 178 87.12 -1.09 74.72
N GLN QA 179 86.50 -0.36 75.64
CA GLN QA 179 86.98 -0.34 77.02
C GLN QA 179 85.89 -0.74 78.02
N ALA QA 180 86.29 -1.50 79.03
CA ALA QA 180 85.34 -1.91 80.05
C ALA QA 180 84.93 -0.73 80.94
N PRO QA 181 83.66 -0.64 81.33
CA PRO QA 181 83.06 0.35 82.23
C PRO QA 181 83.76 0.50 83.57
N GLY QA 182 84.13 -0.61 84.19
CA GLY QA 182 84.81 -0.59 85.46
C GLY QA 182 83.84 -0.81 86.61
N THR QA 183 84.35 -1.24 87.75
CA THR QA 183 83.54 -1.51 88.92
C THR QA 183 83.34 -0.23 89.73
N PRO QA 184 82.38 -0.23 90.66
CA PRO QA 184 82.08 0.84 91.61
C PRO QA 184 83.16 0.92 92.66
N VAL QA 185 83.31 2.10 93.24
CA VAL QA 185 84.33 2.30 94.26
C VAL QA 185 83.82 1.95 95.64
N LYS QA 186 84.36 0.89 96.21
CA LYS QA 186 84.02 0.43 97.55
C LYS QA 186 84.87 -0.76 97.94
N ALA RA 42 91.79 7.53 95.82
CA ALA RA 42 90.99 7.36 94.61
C ALA RA 42 91.26 8.49 93.63
N GLU RA 43 92.47 8.54 93.09
CA GLU RA 43 92.82 9.58 92.14
C GLU RA 43 91.88 9.55 90.95
N LEU RA 44 91.27 10.69 90.66
CA LEU RA 44 90.31 10.82 89.58
C LEU RA 44 90.79 10.27 88.25
N ASP RA 45 92.07 10.46 87.94
CA ASP RA 45 92.63 9.94 86.70
C ASP RA 45 92.48 8.43 86.60
N SER RA 46 92.56 7.73 87.72
CA SER RA 46 92.41 6.28 87.71
C SER RA 46 90.95 5.88 87.76
N LEU RA 47 90.11 6.78 88.25
CA LEU RA 47 88.67 6.52 88.30
C LEU RA 47 88.06 6.57 86.89
N LEU RA 48 88.57 7.47 86.07
CA LEU RA 48 88.13 7.60 84.69
C LEU RA 48 88.69 6.47 83.84
N GLY RA 49 88.05 6.21 82.69
CA GLY RA 49 88.38 5.12 81.75
C GLY RA 49 89.87 4.82 81.48
N GLN RA 50 90.12 3.66 80.87
CA GLN RA 50 91.46 3.19 80.54
C GLN RA 50 92.22 4.15 79.66
N GLU RA 51 91.54 4.68 78.65
CA GLU RA 51 92.17 5.65 77.80
C GLU RA 51 92.01 7.02 78.43
N LYS RA 52 92.88 7.29 79.39
CA LYS RA 52 92.86 8.53 80.16
C LYS RA 52 93.01 9.79 79.31
N GLU RA 53 93.49 9.64 78.07
CA GLU RA 53 93.70 10.76 77.20
C GLU RA 53 92.41 11.30 76.59
N ARG RA 54 91.27 10.68 76.93
CA ARG RA 54 89.99 11.16 76.46
C ARG RA 54 89.49 12.32 77.33
N PHE RA 55 90.11 12.50 78.50
CA PHE RA 55 89.64 13.53 79.41
C PHE RA 55 90.75 14.46 79.84
N GLN RA 56 90.40 15.72 80.06
CA GLN RA 56 91.38 16.64 80.59
C GLN RA 56 90.94 17.12 81.96
N VAL RA 57 91.59 16.62 82.99
CA VAL RA 57 91.24 17.03 84.34
C VAL RA 57 91.85 18.39 84.64
N LEU RA 58 91.02 19.29 85.15
CA LEU RA 58 91.40 20.66 85.42
C LEU RA 58 91.23 20.99 86.90
N PRO RA 59 92.11 21.81 87.47
CA PRO RA 59 92.03 22.16 88.89
C PRO RA 59 91.53 23.57 89.08
N GLY RA 60 90.23 23.71 89.30
CA GLY RA 60 89.64 25.05 89.44
C GLY RA 60 90.04 25.74 90.74
N ARG RA 61 90.10 27.07 90.68
CA ARG RA 61 90.48 27.89 91.83
C ARG RA 61 89.41 27.86 92.94
N ASP RA 62 88.22 27.39 92.60
CA ASP RA 62 87.12 27.24 93.53
C ASP RA 62 87.16 25.90 94.29
N LYS RA 63 88.29 25.17 94.20
CA LYS RA 63 88.48 23.88 94.86
C LYS RA 63 87.64 22.77 94.24
N MET RA 64 87.15 22.99 93.03
CA MET RA 64 86.41 21.96 92.32
C MET RA 64 87.28 21.39 91.22
N LEU RA 65 87.34 20.07 91.18
CA LEU RA 65 88.15 19.41 90.20
C LEU RA 65 87.26 19.16 88.98
N TYR RA 66 87.65 19.73 87.85
CA TYR RA 66 86.81 19.64 86.67
C TYR RA 66 87.25 18.58 85.68
N VAL RA 67 86.29 18.01 84.98
CA VAL RA 67 86.60 17.01 83.96
C VAL RA 67 86.18 17.47 82.60
N ALA RA 68 87.12 17.91 81.77
CA ALA RA 68 86.74 18.37 80.45
C ALA RA 68 86.58 17.21 79.50
N ALA RA 69 85.39 17.12 78.91
CA ALA RA 69 85.08 16.07 77.94
C ALA RA 69 84.81 16.70 76.58
N GLN RA 70 85.20 15.99 75.53
CA GLN RA 70 85.04 16.49 74.17
C GLN RA 70 83.79 15.99 73.47
N ASN RA 71 83.04 15.12 74.13
CA ASN RA 71 81.85 14.54 73.52
C ASN RA 71 80.84 14.14 74.56
N GLU RA 72 79.56 14.31 74.26
CA GLU RA 72 78.50 13.97 75.19
C GLU RA 72 78.52 12.52 75.69
N ARG RA 73 79.15 11.61 74.94
CA ARG RA 73 79.27 10.24 75.40
C ARG RA 73 80.29 10.15 76.52
N ASP RA 74 81.28 11.03 76.47
CA ASP RA 74 82.34 11.04 77.45
C ASP RA 74 81.85 11.85 78.62
N THR RA 75 81.00 12.84 78.33
CA THR RA 75 80.39 13.64 79.38
C THR RA 75 79.61 12.72 80.28
N LEU RA 76 78.76 11.89 79.69
CA LEU RA 76 77.98 10.95 80.46
C LEU RA 76 78.85 9.94 81.17
N TRP RA 77 79.89 9.46 80.50
CA TRP RA 77 80.82 8.51 81.09
C TRP RA 77 81.32 9.03 82.43
N ALA RA 78 81.88 10.24 82.40
CA ALA RA 78 82.43 10.88 83.58
C ALA RA 78 81.37 11.13 84.65
N ARG RA 79 80.17 11.52 84.24
CA ARG RA 79 79.11 11.75 85.20
C ARG RA 79 78.74 10.47 85.92
N GLN RA 80 78.73 9.36 85.18
CA GLN RA 80 78.43 8.07 85.79
C GLN RA 80 79.52 7.71 86.77
N VAL RA 81 80.78 8.04 86.45
CA VAL RA 81 81.86 7.78 87.38
C VAL RA 81 81.66 8.50 88.70
N LEU RA 82 81.29 9.77 88.61
CA LEU RA 82 81.08 10.56 89.82
C LEU RA 82 79.90 10.03 90.65
N ALA RA 83 78.85 9.56 90.00
CA ALA RA 83 77.69 9.02 90.71
C ALA RA 83 77.90 7.58 91.20
N ARG RA 84 78.63 6.78 90.42
CA ARG RA 84 78.89 5.37 90.74
C ARG RA 84 79.96 5.19 91.77
N GLY RA 85 81.12 5.78 91.51
CA GLY RA 85 82.25 5.67 92.39
C GLY RA 85 82.25 6.81 93.37
N ASP RA 86 83.43 7.20 93.81
CA ASP RA 86 83.49 8.28 94.75
C ASP RA 86 84.81 8.99 94.68
N TYR RA 87 84.78 10.22 95.16
CA TYR RA 87 85.93 11.07 95.22
C TYR RA 87 85.61 12.18 96.20
N ASP RA 88 86.29 12.18 97.34
CA ASP RA 88 86.03 13.17 98.38
C ASP RA 88 86.54 14.56 98.04
N LYS RA 89 85.83 15.23 97.14
CA LYS RA 89 86.17 16.58 96.70
C LYS RA 89 85.18 17.06 95.67
N ASN RA 90 84.90 18.35 95.70
CA ASN RA 90 84.03 18.95 94.72
C ASN RA 90 84.50 18.57 93.32
N ALA RA 91 83.57 18.24 92.45
CA ALA RA 91 83.92 17.87 91.10
C ALA RA 91 82.79 18.19 90.14
N ARG RA 92 83.13 18.46 88.88
CA ARG RA 92 82.12 18.80 87.90
C ARG RA 92 82.60 18.61 86.47
N VAL RA 93 81.80 17.90 85.69
CA VAL RA 93 82.14 17.61 84.31
C VAL RA 93 81.83 18.79 83.38
N ILE RA 94 82.81 19.13 82.56
CA ILE RA 94 82.72 20.22 81.59
C ILE RA 94 82.41 19.74 80.18
N ASN RA 95 81.48 20.43 79.56
CA ASN RA 95 81.08 20.16 78.19
C ASN RA 95 81.03 21.45 77.40
N GLU RA 96 81.89 21.54 76.39
CA GLU RA 96 82.04 22.72 75.55
C GLU RA 96 80.75 23.43 75.16
N ASN RA 97 79.76 22.69 74.69
CA ASN RA 97 78.50 23.31 74.31
C ASN RA 97 77.69 23.73 75.50
N GLU RA 98 77.72 22.91 76.56
CA GLU RA 98 76.94 23.25 77.74
C GLU RA 98 77.48 24.50 78.41
N GLU RA 99 78.80 24.65 78.38
CA GLU RA 99 79.43 25.82 78.98
C GLU RA 99 79.21 27.03 78.13
N ASN RA 100 79.24 26.86 76.81
CA ASN RA 100 78.98 27.97 75.93
C ASN RA 100 77.59 28.52 76.23
N LYS RA 101 76.62 27.62 76.40
CA LYS RA 101 75.27 28.01 76.72
C LYS RA 101 75.13 28.66 78.09
N ARG RA 102 75.74 28.06 79.12
CA ARG RA 102 75.68 28.61 80.47
C ARG RA 102 76.13 30.06 80.50
N ILE RA 103 77.25 30.31 79.84
CA ILE RA 103 77.78 31.64 79.76
C ILE RA 103 76.86 32.57 79.02
N SER RA 104 76.34 32.13 77.87
CA SER RA 104 75.48 33.00 77.08
C SER RA 104 74.24 33.44 77.85
N ILE RA 105 73.76 32.60 78.77
CA ILE RA 105 72.60 32.98 79.57
C ILE RA 105 72.92 34.14 80.48
N TRP RA 106 73.99 34.00 81.25
CA TRP RA 106 74.42 35.03 82.17
C TRP RA 106 74.74 36.31 81.42
N LEU RA 107 75.44 36.12 80.32
CA LEU RA 107 75.91 37.20 79.50
C LEU RA 107 74.76 38.01 78.95
N ASP RA 108 73.71 37.36 78.47
CA ASP RA 108 72.56 38.11 77.98
C ASP RA 108 71.91 38.98 79.07
N THR RA 109 71.82 38.45 80.30
CA THR RA 109 71.21 39.21 81.41
C THR RA 109 72.02 40.44 81.81
N TYR RA 110 73.33 40.28 81.96
CA TYR RA 110 74.16 41.39 82.41
C TYR RA 110 74.68 42.26 81.29
N TYR RA 111 74.89 41.69 80.12
CA TYR RA 111 75.29 42.44 78.95
C TYR RA 111 74.34 42.22 77.77
N PRO RA 112 73.10 42.69 77.87
CA PRO RA 112 72.08 42.58 76.87
C PRO RA 112 72.52 43.41 75.69
N GLN RA 113 72.12 42.96 74.50
CA GLN RA 113 72.49 43.58 73.23
C GLN RA 113 73.96 43.37 72.84
N LEU RA 114 74.75 42.64 73.64
CA LEU RA 114 76.14 42.38 73.26
C LEU RA 114 76.17 41.52 72.02
N ALA RA 115 76.89 41.95 70.98
CA ALA RA 115 76.95 41.17 69.76
C ALA RA 115 78.18 40.26 69.77
N TYR RA 116 77.97 38.96 69.82
CA TYR RA 116 79.09 38.02 69.87
C TYR RA 116 78.76 36.73 69.14
N TYR RA 117 79.78 35.90 68.97
CA TYR RA 117 79.66 34.67 68.21
C TYR RA 117 79.71 33.41 69.05
N ARG RA 118 80.90 32.97 69.40
CA ARG RA 118 81.01 31.73 70.15
C ARG RA 118 82.32 31.66 70.90
N ILE RA 119 82.30 31.00 72.06
CA ILE RA 119 83.50 30.82 72.83
C ILE RA 119 84.21 29.54 72.43
N HIS RA 120 85.48 29.67 72.08
CA HIS RA 120 86.29 28.56 71.68
C HIS RA 120 87.11 28.11 72.85
N PHE RA 121 86.74 26.98 73.42
CA PHE RA 121 87.41 26.55 74.63
C PHE RA 121 88.77 25.94 74.38
N ASP RA 122 88.90 25.13 73.32
CA ASP RA 122 90.16 24.49 72.89
C ASP RA 122 91.13 24.22 74.03
N GLU RA 123 91.94 25.23 74.38
CA GLU RA 123 92.87 25.12 75.50
C GLU RA 123 92.24 25.70 76.76
N PRO RA 124 91.49 24.87 77.53
CA PRO RA 124 90.75 25.24 78.76
C PRO RA 124 91.22 26.52 79.46
N ARG RA 125 92.51 26.58 79.74
CA ARG RA 125 93.15 27.69 80.44
C ARG RA 125 92.88 29.07 79.86
N LYS RA 126 92.87 29.16 78.55
CA LYS RA 126 92.67 30.42 77.85
C LYS RA 126 91.72 30.32 76.68
N PRO RA 127 90.41 30.27 76.92
CA PRO RA 127 89.36 30.19 75.94
C PRO RA 127 89.30 31.51 75.19
N VAL RA 128 88.87 31.44 73.94
CA VAL RA 128 88.79 32.61 73.09
C VAL RA 128 87.37 33.03 72.87
N PHE RA 129 87.10 34.31 73.07
CA PHE RA 129 85.76 34.82 72.94
C PHE RA 129 85.61 35.64 71.66
N TRP RA 130 84.87 35.12 70.69
CA TRP RA 130 84.68 35.91 69.47
C TRP RA 130 83.59 36.95 69.67
N LEU RA 131 83.93 38.19 69.38
CA LEU RA 131 83.09 39.36 69.59
C LEU RA 131 82.89 40.11 68.27
N SER RA 132 81.67 40.57 67.97
CA SER RA 132 81.48 41.28 66.70
C SER RA 132 82.22 42.61 66.64
N ARG RA 133 83.26 42.66 65.81
CA ARG RA 133 84.07 43.85 65.64
C ARG RA 133 83.28 45.06 65.21
N GLN RA 134 82.39 44.85 64.25
CA GLN RA 134 81.64 45.94 63.66
C GLN RA 134 80.43 46.40 64.48
N ARG RA 135 79.74 45.47 65.14
CA ARG RA 135 78.55 45.87 65.89
C ARG RA 135 78.82 46.40 67.29
N ASN RA 136 79.94 46.01 67.91
CA ASN RA 136 80.19 46.51 69.26
C ASN RA 136 81.07 47.74 69.25
N THR RA 137 80.73 48.68 70.14
CA THR RA 137 81.46 49.94 70.27
C THR RA 137 82.03 50.12 71.66
N MET RA 138 82.26 49.01 72.36
CA MET RA 138 82.79 49.06 73.72
C MET RA 138 84.22 49.58 73.74
N SER RA 139 84.57 50.30 74.81
CA SER RA 139 85.92 50.83 74.95
C SER RA 139 86.83 49.74 75.43
N LYS RA 140 88.12 49.97 75.31
CA LYS RA 140 89.12 49.00 75.77
C LYS RA 140 88.94 48.66 77.24
N LYS RA 141 88.65 49.68 78.04
CA LYS RA 141 88.45 49.50 79.47
C LYS RA 141 87.22 48.66 79.74
N GLU RA 142 86.16 48.92 78.99
CA GLU RA 142 84.94 48.15 79.13
C GLU RA 142 85.18 46.69 78.78
N LEU RA 143 85.97 46.46 77.74
CA LEU RA 143 86.31 45.11 77.34
C LEU RA 143 87.13 44.40 78.41
N GLU RA 144 88.00 45.15 79.10
CA GLU RA 144 88.75 44.58 80.20
C GLU RA 144 87.80 44.02 81.24
N VAL RA 145 86.84 44.84 81.64
CA VAL RA 145 85.85 44.47 82.62
C VAL RA 145 85.07 43.25 82.19
N LEU RA 146 84.65 43.25 80.93
CA LEU RA 146 83.93 42.11 80.37
C LEU RA 146 84.71 40.82 80.53
N SER RA 147 86.00 40.84 80.17
CA SER RA 147 86.80 39.63 80.29
C SER RA 147 86.91 39.20 81.72
N GLN RA 148 86.94 40.15 82.64
CA GLN RA 148 87.03 39.82 84.05
C GLN RA 148 85.78 39.12 84.54
N LYS RA 149 84.62 39.54 84.03
CA LYS RA 149 83.38 38.90 84.41
C LYS RA 149 83.35 37.49 83.86
N LEU RA 150 83.88 37.31 82.66
CA LEU RA 150 83.92 36.00 82.06
C LEU RA 150 84.86 35.09 82.86
N ARG RA 151 85.95 35.65 83.38
CA ARG RA 151 86.86 34.87 84.20
C ARG RA 151 86.14 34.39 85.43
N ALA RA 152 85.30 35.24 86.01
CA ALA RA 152 84.51 34.86 87.17
C ALA RA 152 83.59 33.69 86.83
N LEU RA 153 83.01 33.71 85.63
CA LEU RA 153 82.13 32.64 85.21
C LEU RA 153 82.83 31.30 84.97
N MET RA 154 84.14 31.35 84.69
CA MET RA 154 84.94 30.14 84.44
C MET RA 154 86.06 29.93 85.48
N PRO RA 155 85.77 29.26 86.60
CA PRO RA 155 86.62 28.90 87.75
C PRO RA 155 87.96 28.29 87.38
N TYR RA 156 88.01 27.60 86.25
CA TYR RA 156 89.24 26.95 85.81
C TYR RA 156 90.11 27.84 84.94
N ALA RA 157 89.47 28.56 84.02
CA ALA RA 157 90.17 29.42 83.10
C ALA RA 157 91.01 30.42 83.85
N ASP RA 158 92.21 30.69 83.34
CA ASP RA 158 93.09 31.63 84.00
C ASP RA 158 92.83 33.01 83.45
N SER RA 159 92.54 33.09 82.15
CA SER RA 159 92.22 34.37 81.54
C SER RA 159 91.35 34.16 80.33
N VAL RA 160 90.76 35.22 79.83
CA VAL RA 160 89.90 35.12 78.66
C VAL RA 160 90.42 35.98 77.53
N ASN RA 161 90.57 35.39 76.36
CA ASN RA 161 91.07 36.14 75.24
C ASN RA 161 89.94 36.63 74.36
N ILE RA 162 89.46 37.84 74.64
CA ILE RA 162 88.42 38.43 73.82
C ILE RA 162 89.03 39.00 72.57
N THR RA 163 88.47 38.65 71.43
CA THR RA 163 88.97 39.14 70.16
C THR RA 163 87.82 39.50 69.26
N LEU RA 164 88.05 40.49 68.41
CA LEU RA 164 87.00 41.01 67.57
C LEU RA 164 87.06 40.42 66.17
N MET RA 165 85.93 39.92 65.70
CA MET RA 165 85.82 39.29 64.38
C MET RA 165 85.02 40.14 63.41
N ASP RA 166 85.37 40.08 62.14
CA ASP RA 166 84.67 40.88 61.14
C ASP RA 166 83.45 40.15 60.57
N ASP RA 167 82.27 40.68 60.87
CA ASP RA 167 80.99 40.14 60.43
C ASP RA 167 80.94 39.76 58.96
N VAL RA 168 81.63 40.52 58.13
CA VAL RA 168 81.66 40.30 56.69
C VAL RA 168 82.30 38.98 56.35
N THR RA 169 83.38 38.63 57.06
CA THR RA 169 84.08 37.40 56.75
C THR RA 169 83.28 36.20 57.21
N ALA RA 170 82.49 36.38 58.26
CA ALA RA 170 81.63 35.30 58.71
C ALA RA 170 80.61 34.97 57.64
N ALA RA 171 79.95 36.01 57.12
CA ALA RA 171 78.96 35.84 56.08
C ALA RA 171 79.57 35.33 54.80
N GLY RA 172 80.76 35.85 54.46
CA GLY RA 172 81.45 35.46 53.25
C GLY RA 172 81.74 33.98 53.22
N GLN RA 173 82.23 33.44 54.33
CA GLN RA 173 82.51 32.01 54.38
C GLN RA 173 81.26 31.19 54.29
N ALA RA 174 80.19 31.63 54.95
CA ALA RA 174 78.93 30.91 54.91
C ALA RA 174 78.45 30.74 53.49
N GLU RA 175 78.42 31.81 52.73
CA GLU RA 175 77.94 31.74 51.38
C GLU RA 175 78.89 31.03 50.45
N ALA RA 176 80.19 31.30 50.59
CA ALA RA 176 81.18 30.70 49.72
C ALA RA 176 81.13 29.19 49.75
N GLY RA 177 81.13 28.61 50.95
CA GLY RA 177 81.08 27.17 51.07
C GLY RA 177 79.78 26.61 50.54
N LEU RA 178 78.69 27.31 50.85
CA LEU RA 178 77.35 26.91 50.42
C LEU RA 178 77.27 26.77 48.90
N LYS RA 179 77.77 27.78 48.18
CA LYS RA 179 77.75 27.71 46.74
C LYS RA 179 78.84 26.79 46.18
N GLN RA 180 79.92 26.56 46.92
CA GLN RA 180 80.95 25.61 46.49
C GLN RA 180 80.36 24.22 46.37
N GLN RA 181 79.47 23.89 47.32
CA GLN RA 181 78.77 22.61 47.32
C GLN RA 181 77.70 22.49 46.22
N ALA RA 182 77.53 23.53 45.39
CA ALA RA 182 76.57 23.58 44.30
C ALA RA 182 75.14 23.52 44.80
N LEU RA 183 74.90 24.09 45.98
CA LEU RA 183 73.57 24.08 46.54
C LEU RA 183 72.81 25.31 46.12
N PRO RA 184 71.51 25.20 45.89
CA PRO RA 184 70.59 26.27 45.58
C PRO RA 184 70.25 26.99 46.88
N TYR RA 185 70.13 28.29 46.82
CA TYR RA 185 69.78 29.03 48.03
C TYR RA 185 69.39 30.44 47.73
N SER RA 186 68.84 31.11 48.73
CA SER RA 186 68.54 32.51 48.58
C SER RA 186 68.91 33.23 49.88
N ARG RA 187 69.81 34.19 49.75
CA ARG RA 187 70.33 34.94 50.88
C ARG RA 187 69.36 36.00 51.39
N ARG RA 188 69.31 36.17 52.70
CA ARG RA 188 68.45 37.14 53.35
C ARG RA 188 69.21 38.05 54.28
N ASN RA 189 69.71 39.16 53.76
CA ASN RA 189 70.41 40.10 54.61
C ASN RA 189 69.42 40.93 55.39
N HIS RA 190 69.67 41.10 56.67
CA HIS RA 190 68.82 41.96 57.47
C HIS RA 190 69.63 42.59 58.57
N LYS RA 191 69.09 43.61 59.21
CA LYS RA 191 69.86 44.24 60.26
C LYS RA 191 70.10 43.23 61.37
N GLY RA 192 71.36 43.04 61.70
CA GLY RA 192 71.72 42.13 62.78
C GLY RA 192 72.03 40.69 62.35
N GLY RA 193 71.87 40.35 61.09
CA GLY RA 193 72.17 38.96 60.71
C GLY RA 193 71.88 38.62 59.25
N VAL RA 194 72.02 37.34 58.93
CA VAL RA 194 71.74 36.88 57.58
C VAL RA 194 71.22 35.45 57.58
N THR RA 195 70.21 35.19 56.77
CA THR RA 195 69.64 33.86 56.69
C THR RA 195 69.75 33.28 55.28
N PHE RA 196 70.13 32.01 55.20
CA PHE RA 196 70.28 31.34 53.92
C PHE RA 196 69.17 30.31 53.73
N VAL RA 197 68.24 30.65 52.86
CA VAL RA 197 67.08 29.83 52.61
C VAL RA 197 67.29 28.80 51.51
N ILE RA 198 67.04 27.54 51.82
CA ILE RA 198 67.19 26.47 50.85
C ILE RA 198 65.86 25.74 50.67
N GLN RA 199 65.17 26.01 49.58
CA GLN RA 199 63.87 25.38 49.34
C GLN RA 199 63.82 24.54 48.08
N GLY RA 200 62.71 23.82 47.94
CA GLY RA 200 62.47 22.98 46.78
C GLY RA 200 62.76 21.53 47.09
N ALA RA 201 62.49 20.67 46.12
CA ALA RA 201 62.78 19.25 46.30
C ALA RA 201 64.28 19.07 46.20
N LEU RA 202 64.82 18.20 47.03
CA LEU RA 202 66.25 18.01 47.03
C LEU RA 202 66.67 16.57 46.79
N ASP RA 203 67.76 16.42 46.05
CA ASP RA 203 68.37 15.14 45.76
C ASP RA 203 69.06 14.63 47.01
N ASP RA 204 68.94 13.36 47.32
CA ASP RA 204 69.56 12.80 48.52
C ASP RA 204 71.04 13.16 48.65
N VAL RA 205 71.73 13.30 47.51
CA VAL RA 205 73.14 13.62 47.53
C VAL RA 205 73.35 15.04 48.02
N GLU RA 206 72.62 15.99 47.46
CA GLU RA 206 72.78 17.37 47.89
C GLU RA 206 72.24 17.60 49.29
N ILE RA 207 71.34 16.74 49.74
CA ILE RA 207 70.87 16.85 51.12
C ILE RA 207 72.00 16.55 52.07
N LEU RA 208 72.72 15.45 51.80
CA LEU RA 208 73.85 15.07 52.61
C LEU RA 208 74.89 16.16 52.65
N ARG RA 209 75.26 16.66 51.47
CA ARG RA 209 76.25 17.72 51.38
C ARG RA 209 75.86 18.96 52.14
N ALA RA 210 74.59 19.35 52.04
CA ALA RA 210 74.10 20.52 52.72
C ALA RA 210 74.27 20.42 54.21
N ARG RA 211 73.85 19.30 54.78
CA ARG RA 211 73.97 19.15 56.22
C ARG RA 211 75.40 19.17 56.69
N GLN RA 212 76.28 18.48 55.97
CA GLN RA 212 77.68 18.44 56.37
C GLN RA 212 78.26 19.84 56.47
N PHE RA 213 77.98 20.65 55.46
CA PHE RA 213 78.44 22.02 55.45
C PHE RA 213 77.91 22.83 56.61
N VAL RA 214 76.59 22.78 56.81
CA VAL RA 214 75.95 23.53 57.86
C VAL RA 214 76.47 23.18 59.23
N ASP RA 215 76.61 21.89 59.51
CA ASP RA 215 77.12 21.47 60.81
C ASP RA 215 78.50 22.04 61.07
N SER RA 216 79.37 22.02 60.07
CA SER RA 216 80.71 22.55 60.25
C SER RA 216 80.72 24.05 60.48
N TYR RA 217 79.90 24.78 59.72
CA TYR RA 217 79.85 26.23 59.89
C TYR RA 217 79.39 26.57 61.30
N TYR RA 218 78.35 25.88 61.75
CA TYR RA 218 77.83 26.07 63.08
C TYR RA 218 78.90 25.81 64.12
N ARG RA 219 79.55 24.66 64.02
CA ARG RA 219 80.61 24.30 64.96
C ARG RA 219 81.65 25.39 65.11
N THR RA 220 82.05 26.01 63.99
CA THR RA 220 83.04 27.07 64.06
C THR RA 220 82.50 28.41 64.54
N TRP RA 221 81.62 29.00 63.75
CA TRP RA 221 81.12 30.33 64.04
C TRP RA 221 79.95 30.39 65.00
N GLY RA 222 79.11 29.37 64.98
CA GLY RA 222 77.92 29.37 65.82
C GLY RA 222 76.75 29.93 65.02
N GLY RA 223 75.54 29.82 65.57
CA GLY RA 223 74.34 30.28 64.86
C GLY RA 223 73.76 31.60 65.33
N ARG RA 224 74.60 32.53 65.80
CA ARG RA 224 74.06 33.81 66.27
C ARG RA 224 74.01 34.89 65.20
N TYR RA 225 74.72 34.70 64.10
CA TYR RA 225 74.72 35.69 63.04
C TYR RA 225 74.19 35.08 61.76
N VAL RA 226 74.73 33.92 61.40
CA VAL RA 226 74.29 33.22 60.22
C VAL RA 226 73.31 32.12 60.57
N GLN RA 227 72.14 32.17 59.97
CA GLN RA 227 71.11 31.20 60.18
C GLN RA 227 70.81 30.45 58.90
N PHE RA 228 70.85 29.13 58.92
CA PHE RA 228 70.52 28.37 57.72
C PHE RA 228 69.11 27.86 57.83
N ALA RA 229 68.44 27.69 56.69
CA ALA RA 229 67.05 27.26 56.70
C ALA RA 229 66.77 26.25 55.60
N ILE RA 230 67.03 24.97 55.89
CA ILE RA 230 66.76 23.92 54.92
C ILE RA 230 65.30 23.52 54.99
N GLU RA 231 64.61 23.63 53.86
CA GLU RA 231 63.21 23.30 53.78
C GLU RA 231 62.89 22.39 52.60
N LEU RA 232 62.76 21.11 52.89
CA LEU RA 232 62.46 20.11 51.88
C LEU RA 232 61.00 20.20 51.47
N LYS RA 233 60.74 20.69 50.25
CA LYS RA 233 59.37 20.89 49.79
C LYS RA 233 59.10 20.37 48.38
N ASP RA 234 57.83 20.12 48.07
CA ASP RA 234 57.44 19.68 46.74
C ASP RA 234 57.37 20.82 45.75
N ASP RA 235 57.70 20.53 44.50
CA ASP RA 235 57.66 21.50 43.43
C ASP RA 235 56.56 21.16 42.41
N ASP SA 3 87.29 -15.54 79.88
CA ASP SA 3 86.44 -16.71 79.89
C ASP SA 3 84.97 -16.35 79.96
N LYS SA 4 84.48 -15.68 78.94
CA LYS SA 4 83.09 -15.27 78.91
C LYS SA 4 82.32 -15.92 77.79
N ASP SA 5 81.05 -16.22 78.04
CA ASP SA 5 80.20 -16.80 77.01
C ASP SA 5 79.64 -15.68 76.14
N LEU SA 6 79.82 -15.80 74.84
CA LEU SA 6 79.33 -14.78 73.93
C LEU SA 6 78.09 -15.29 73.20
N LEU SA 7 78.26 -16.35 72.42
CA LEU SA 7 77.15 -16.93 71.66
C LEU SA 7 76.97 -18.43 71.91
N LYS SA 8 75.74 -18.91 71.81
CA LYS SA 8 75.45 -20.32 72.00
C LYS SA 8 74.42 -20.86 71.00
N GLY SA 9 74.53 -22.13 70.67
CA GLY SA 9 73.56 -22.75 69.78
C GLY SA 9 73.74 -22.37 68.32
N LEU SA 10 74.95 -22.02 67.95
CA LEU SA 10 75.21 -21.61 66.58
C LEU SA 10 75.34 -22.78 65.66
N ASP SA 11 74.99 -22.59 64.40
CA ASP SA 11 75.21 -23.67 63.48
C ASP SA 11 76.63 -23.51 62.98
N GLN SA 12 77.08 -24.41 62.13
CA GLN SA 12 78.45 -24.37 61.67
C GLN SA 12 78.82 -23.10 60.91
N GLU SA 13 77.98 -22.70 59.96
CA GLU SA 13 78.23 -21.52 59.16
C GLU SA 13 78.34 -20.26 59.99
N GLN SA 14 77.35 -20.06 60.85
CA GLN SA 14 77.29 -18.90 61.72
C GLN SA 14 78.51 -18.81 62.60
N ALA SA 15 78.88 -19.93 63.20
CA ALA SA 15 80.02 -19.95 64.10
C ALA SA 15 81.28 -19.48 63.41
N ASN SA 16 81.54 -20.01 62.21
CA ASN SA 16 82.74 -19.61 61.50
C ASN SA 16 82.71 -18.16 61.04
N GLU SA 17 81.52 -17.66 60.68
CA GLU SA 17 81.42 -16.28 60.25
C GLU SA 17 81.69 -15.30 61.36
N VAL SA 18 81.11 -15.54 62.53
CA VAL SA 18 81.31 -14.66 63.66
C VAL SA 18 82.76 -14.62 64.05
N ILE SA 19 83.39 -15.78 64.10
CA ILE SA 19 84.79 -15.87 64.44
C ILE SA 19 85.65 -15.06 63.50
N ALA SA 20 85.38 -15.17 62.20
CA ALA SA 20 86.12 -14.42 61.21
C ALA SA 20 86.14 -12.93 61.54
N VAL SA 21 84.97 -12.39 61.88
CA VAL SA 21 84.86 -10.98 62.23
C VAL SA 21 85.67 -10.61 63.45
N LEU SA 22 85.56 -11.43 64.49
CA LEU SA 22 86.28 -11.14 65.72
C LEU SA 22 87.78 -11.13 65.51
N GLN SA 23 88.28 -12.08 64.72
CA GLN SA 23 89.70 -12.14 64.44
C GLN SA 23 90.14 -10.93 63.67
N MET SA 24 89.33 -10.51 62.70
CA MET SA 24 89.61 -9.33 61.91
C MET SA 24 89.81 -8.10 62.80
N HIS SA 25 89.04 -8.02 63.88
CA HIS SA 25 89.18 -6.91 64.81
C HIS SA 25 90.09 -7.19 66.00
N ASN SA 26 91.01 -8.14 65.84
CA ASN SA 26 91.99 -8.47 66.86
C ASN SA 26 91.43 -9.10 68.13
N ILE SA 27 90.50 -10.03 67.97
CA ILE SA 27 89.94 -10.75 69.11
C ILE SA 27 90.01 -12.26 68.91
N GLU SA 28 90.70 -12.94 69.82
CA GLU SA 28 90.77 -14.40 69.78
C GLU SA 28 89.43 -14.98 70.19
N ALA SA 29 89.05 -16.11 69.61
CA ALA SA 29 87.77 -16.70 69.95
C ALA SA 29 87.83 -18.22 69.91
N ASN SA 30 87.10 -18.85 70.82
CA ASN SA 30 87.07 -20.30 70.89
C ASN SA 30 85.78 -20.84 70.32
N LYS SA 31 85.87 -21.87 69.50
CA LYS SA 31 84.68 -22.53 69.00
C LYS SA 31 84.49 -23.85 69.73
N ILE SA 32 83.40 -23.95 70.46
CA ILE SA 32 83.15 -25.13 71.25
C ILE SA 32 82.04 -25.98 70.69
N ASP SA 33 82.36 -27.23 70.39
CA ASP SA 33 81.42 -28.18 69.86
C ASP SA 33 80.66 -28.89 70.97
N SER SA 34 79.37 -28.57 71.13
CA SER SA 34 78.54 -29.18 72.16
C SER SA 34 77.59 -30.22 71.58
N GLY SA 35 77.98 -30.81 70.45
CA GLY SA 35 77.20 -31.86 69.82
C GLY SA 35 75.88 -31.34 69.28
N LYS SA 36 74.80 -32.01 69.66
CA LYS SA 36 73.46 -31.66 69.24
C LYS SA 36 73.02 -30.26 69.65
N LEU SA 37 73.73 -29.67 70.62
CA LEU SA 37 73.36 -28.35 71.08
C LEU SA 37 73.99 -27.24 70.25
N GLY SA 38 74.83 -27.60 69.28
CA GLY SA 38 75.42 -26.60 68.40
C GLY SA 38 76.77 -26.09 68.88
N TYR SA 39 77.18 -24.95 68.34
CA TYR SA 39 78.45 -24.37 68.70
C TYR SA 39 78.33 -23.19 69.63
N SER SA 40 79.35 -23.02 70.45
CA SER SA 40 79.39 -21.89 71.35
C SER SA 40 80.67 -21.10 71.15
N ILE SA 41 80.57 -19.79 71.26
CA ILE SA 41 81.75 -18.95 71.11
C ILE SA 41 82.07 -18.25 72.40
N THR SA 42 83.32 -18.42 72.85
CA THR SA 42 83.76 -17.77 74.07
C THR SA 42 84.99 -16.92 73.82
N VAL SA 43 85.15 -15.89 74.64
CA VAL SA 43 86.28 -14.97 74.50
C VAL SA 43 86.94 -14.63 75.81
N ALA SA 44 88.16 -14.11 75.73
CA ALA SA 44 88.87 -13.68 76.91
C ALA SA 44 88.17 -12.49 77.52
N GLU SA 45 88.09 -12.44 78.84
CA GLU SA 45 87.43 -11.37 79.55
C GLU SA 45 87.91 -9.95 79.15
N PRO SA 46 89.22 -9.72 78.93
CA PRO SA 46 89.78 -8.46 78.45
C PRO SA 46 89.19 -7.98 77.13
N ASP SA 47 88.78 -8.90 76.27
CA ASP SA 47 88.23 -8.56 74.97
C ASP SA 47 86.73 -8.52 74.97
N PHE SA 48 86.11 -9.24 75.90
CA PHE SA 48 84.66 -9.36 76.00
C PHE SA 48 83.86 -8.11 75.70
N THR SA 49 84.27 -6.95 76.24
CA THR SA 49 83.53 -5.73 75.99
C THR SA 49 83.51 -5.37 74.52
N ALA SA 50 84.69 -5.42 73.90
CA ALA SA 50 84.83 -5.13 72.50
C ALA SA 50 84.09 -6.15 71.66
N ALA SA 51 84.17 -7.42 72.06
CA ALA SA 51 83.51 -8.48 71.34
C ALA SA 51 82.02 -8.21 71.24
N VAL SA 52 81.42 -7.84 72.36
CA VAL SA 52 79.99 -7.51 72.38
C VAL SA 52 79.67 -6.38 71.44
N TYR SA 53 80.49 -5.33 71.48
CA TYR SA 53 80.30 -4.21 70.60
C TYR SA 53 80.23 -4.63 69.15
N TRP SA 54 81.16 -5.49 68.73
CA TRP SA 54 81.20 -5.93 67.34
C TRP SA 54 80.05 -6.86 66.97
N ILE SA 55 79.58 -7.68 67.92
CA ILE SA 55 78.42 -8.53 67.64
C ILE SA 55 77.22 -7.66 67.29
N LYS SA 56 77.07 -6.58 68.01
CA LYS SA 56 76.03 -5.62 67.72
C LYS SA 56 76.24 -4.98 66.36
N THR SA 57 77.42 -4.40 66.17
CA THR SA 57 77.77 -3.69 64.94
C THR SA 57 77.51 -4.46 63.67
N TYR SA 58 77.88 -5.74 63.66
CA TYR SA 58 77.72 -6.54 62.47
C TYR SA 58 76.49 -7.43 62.44
N GLN SA 59 75.48 -7.14 63.26
CA GLN SA 59 74.25 -7.94 63.24
C GLN SA 59 74.53 -9.44 63.36
N LEU SA 60 75.33 -9.84 64.33
CA LEU SA 60 75.68 -11.25 64.46
C LEU SA 60 74.88 -11.95 65.53
N PRO SA 61 74.67 -13.26 65.38
CA PRO SA 61 75.07 -14.16 64.31
C PRO SA 61 74.19 -13.94 63.08
N PRO SA 62 74.69 -14.26 61.89
CA PRO SA 62 74.08 -14.12 60.57
C PRO SA 62 72.75 -14.85 60.43
N ARG SA 63 71.87 -14.27 59.64
CA ARG SA 63 70.59 -14.91 59.32
C ARG SA 63 70.82 -15.83 58.15
N PRO SA 64 69.92 -16.78 57.89
CA PRO SA 64 69.94 -17.69 56.76
C PRO SA 64 69.60 -16.91 55.49
N ARG SA 65 70.13 -17.36 54.37
CA ARG SA 65 69.94 -16.66 53.11
C ARG SA 65 68.54 -16.81 52.58
N VAL SA 66 67.96 -15.69 52.14
CA VAL SA 66 66.60 -15.64 51.62
C VAL SA 66 66.54 -15.74 50.12
N GLU SA 67 65.76 -16.71 49.66
CA GLU SA 67 65.53 -16.97 48.25
C GLU SA 67 64.03 -17.04 48.02
N ILE SA 68 63.57 -16.54 46.89
CA ILE SA 68 62.14 -16.41 46.62
C ILE SA 68 61.37 -17.71 46.68
N ALA SA 69 61.92 -18.78 46.11
CA ALA SA 69 61.25 -20.08 46.09
C ALA SA 69 60.94 -20.63 47.47
N GLN SA 70 61.58 -20.11 48.51
CA GLN SA 70 61.35 -20.62 49.84
C GLN SA 70 59.95 -20.29 50.33
N MET SA 71 59.28 -19.33 49.69
CA MET SA 71 57.94 -18.97 50.09
C MET SA 71 56.84 -19.48 49.16
N PHE SA 72 57.19 -20.33 48.21
CA PHE SA 72 56.20 -20.90 47.32
C PHE SA 72 56.56 -22.34 47.05
N PRO SA 73 56.50 -23.21 48.06
CA PRO SA 73 56.92 -24.60 48.09
C PRO SA 73 56.04 -25.52 47.26
N ALA SA 74 56.67 -26.57 46.72
CA ALA SA 74 56.02 -27.57 45.89
C ALA SA 74 55.13 -28.49 46.70
N ASP SA 75 55.24 -28.42 48.02
CA ASP SA 75 54.43 -29.22 48.90
C ASP SA 75 52.97 -28.80 48.90
N SER SA 76 52.67 -27.62 48.36
CA SER SA 76 51.27 -27.19 48.29
C SER SA 76 50.46 -28.12 47.42
N LEU SA 77 49.24 -28.38 47.86
CA LEU SA 77 48.32 -29.26 47.16
C LEU SA 77 47.87 -28.66 45.84
N VAL SA 78 47.87 -27.33 45.76
CA VAL SA 78 47.46 -26.62 44.58
C VAL SA 78 48.51 -25.59 44.22
N SER SA 79 48.43 -25.06 43.01
CA SER SA 79 49.37 -24.05 42.57
C SER SA 79 48.67 -23.01 41.75
N SER SA 80 49.38 -21.95 41.43
CA SER SA 80 48.83 -20.88 40.62
C SER SA 80 49.92 -20.39 39.72
N PRO SA 81 49.58 -19.82 38.57
CA PRO SA 81 50.46 -19.23 37.60
C PRO SA 81 51.42 -18.28 38.26
N ARG SA 82 50.91 -17.50 39.21
CA ARG SA 82 51.69 -16.55 39.94
C ARG SA 82 52.80 -17.25 40.69
N ALA SA 83 52.44 -18.27 41.46
CA ALA SA 83 53.42 -19.00 42.24
C ALA SA 83 54.43 -19.71 41.36
N GLU SA 84 53.96 -20.36 40.30
CA GLU SA 84 54.84 -21.12 39.44
C GLU SA 84 55.86 -20.25 38.74
N LYS SA 85 55.43 -19.09 38.25
CA LYS SA 85 56.35 -18.21 37.57
C LYS SA 85 57.40 -17.70 38.53
N ALA SA 86 56.98 -17.40 39.77
CA ALA SA 86 57.92 -16.96 40.79
C ALA SA 86 58.96 -18.02 41.09
N ARG SA 87 58.51 -19.27 41.22
CA ARG SA 87 59.42 -20.37 41.49
C ARG SA 87 60.48 -20.49 40.43
N LEU SA 88 60.08 -20.38 39.18
CA LEU SA 88 61.02 -20.46 38.09
C LEU SA 88 62.09 -19.39 38.16
N TYR SA 89 61.67 -18.14 38.34
CA TYR SA 89 62.63 -17.04 38.39
C TYR SA 89 63.60 -17.21 39.53
N SER SA 90 63.14 -17.73 40.65
CA SER SA 90 64.03 -17.94 41.78
C SER SA 90 65.16 -18.87 41.40
N ALA SA 91 64.81 -19.97 40.74
CA ALA SA 91 65.80 -20.94 40.29
C ALA SA 91 66.76 -20.33 39.31
N ILE SA 92 66.25 -19.51 38.41
CA ILE SA 92 67.10 -18.87 37.41
C ILE SA 92 68.13 -17.96 38.05
N GLU SA 93 67.74 -17.16 39.04
CA GLU SA 93 68.72 -16.30 39.69
C GLU SA 93 69.82 -17.13 40.30
N GLN SA 94 69.44 -18.22 40.97
CA GLN SA 94 70.43 -19.08 41.60
C GLN SA 94 71.39 -19.65 40.60
N ARG SA 95 70.86 -20.07 39.46
CA ARG SA 95 71.66 -20.69 38.43
C ARG SA 95 72.62 -19.69 37.81
N LEU SA 96 72.19 -18.44 37.65
CA LEU SA 96 73.08 -17.41 37.14
C LEU SA 96 74.20 -17.11 38.11
N GLU SA 97 73.91 -17.14 39.41
CA GLU SA 97 74.95 -16.91 40.42
C GLU SA 97 75.98 -18.02 40.35
N GLN SA 98 75.51 -19.25 40.19
CA GLN SA 98 76.42 -20.38 40.08
C GLN SA 98 77.35 -20.22 38.90
N SER SA 99 76.85 -19.65 37.81
CA SER SA 99 77.69 -19.44 36.63
C SER SA 99 78.72 -18.33 36.80
N LEU SA 100 78.31 -17.18 37.32
CA LEU SA 100 79.26 -16.07 37.44
C LEU SA 100 80.40 -16.37 38.36
N GLN SA 101 80.17 -17.17 39.38
CA GLN SA 101 81.22 -17.50 40.32
C GLN SA 101 82.28 -18.45 39.75
N THR SA 102 82.10 -18.92 38.51
CA THR SA 102 83.10 -19.76 37.89
C THR SA 102 83.99 -18.96 36.93
N MET SA 103 83.67 -17.68 36.73
CA MET SA 103 84.50 -16.88 35.84
C MET SA 103 85.83 -16.55 36.50
N GLU SA 104 86.85 -16.46 35.66
CA GLU SA 104 88.20 -16.18 36.11
C GLU SA 104 88.30 -14.91 36.92
N GLY SA 105 88.84 -15.03 38.12
CA GLY SA 105 89.05 -13.89 38.99
C GLY SA 105 87.87 -13.57 39.90
N VAL SA 106 86.72 -14.23 39.70
CA VAL SA 106 85.58 -13.94 40.53
C VAL SA 106 85.57 -14.79 41.78
N LEU SA 107 85.47 -14.13 42.91
CA LEU SA 107 85.46 -14.79 44.20
C LEU SA 107 84.03 -14.96 44.68
N SER SA 108 83.20 -13.97 44.40
CA SER SA 108 81.79 -14.03 44.81
C SER SA 108 80.90 -13.19 43.92
N ALA SA 109 79.67 -13.64 43.72
CA ALA SA 109 78.77 -12.85 42.90
C ALA SA 109 77.31 -13.12 43.24
N ARG SA 110 76.49 -12.05 43.15
CA ARG SA 110 75.06 -12.14 43.43
C ARG SA 110 74.26 -11.59 42.26
N VAL SA 111 73.11 -12.20 41.97
CA VAL SA 111 72.30 -11.81 40.81
C VAL SA 111 70.83 -11.61 41.13
N HIS SA 112 70.26 -10.53 40.61
CA HIS SA 112 68.85 -10.24 40.76
C HIS SA 112 68.17 -10.10 39.42
N ILE SA 113 66.93 -10.56 39.35
CA ILE SA 113 66.15 -10.39 38.13
C ILE SA 113 64.81 -9.82 38.51
N SER SA 114 64.29 -8.92 37.68
CA SER SA 114 62.99 -8.35 37.98
C SER SA 114 61.90 -9.39 37.84
N TYR SA 115 60.78 -9.15 38.51
CA TYR SA 115 59.66 -10.10 38.49
C TYR SA 115 58.45 -9.51 37.81
N ASP SA 116 57.56 -10.39 37.39
CA ASP SA 116 56.32 -10.02 36.74
C ASP SA 116 55.22 -10.82 37.36
N ILE SA 117 54.42 -10.17 38.17
CA ILE SA 117 53.39 -10.85 38.92
C ILE SA 117 51.99 -10.67 38.37
N ASP SA 118 51.76 -9.65 37.55
CA ASP SA 118 50.41 -9.49 37.06
C ASP SA 118 50.25 -8.77 35.71
N ALA SA 119 51.22 -8.92 34.79
CA ALA SA 119 51.02 -8.32 33.46
C ALA SA 119 49.84 -8.97 32.75
N GLY SA 120 50.00 -10.24 32.35
CA GLY SA 120 48.95 -11.00 31.66
C GLY SA 120 47.64 -11.00 32.45
N GLU SA 121 47.75 -11.07 33.79
CA GLU SA 121 46.62 -10.99 34.69
C GLU SA 121 45.70 -9.80 34.41
N ASN SA 122 46.31 -8.67 34.06
CA ASN SA 122 45.57 -7.45 33.80
C ASN SA 122 45.31 -7.22 32.31
N GLY SA 123 45.55 -8.23 31.47
CA GLY SA 123 45.36 -8.09 30.04
C GLY SA 123 46.51 -7.32 29.39
N ARG SA 124 47.62 -7.18 30.10
CA ARG SA 124 48.76 -6.43 29.59
C ARG SA 124 49.87 -7.33 29.09
N PRO SA 125 50.68 -6.84 28.16
CA PRO SA 125 51.89 -7.45 27.66
C PRO SA 125 52.93 -7.36 28.76
N PRO SA 126 53.90 -8.25 28.77
CA PRO SA 126 54.99 -8.36 29.73
C PRO SA 126 55.95 -7.21 29.59
N LYS SA 127 56.63 -6.89 30.68
CA LYS SA 127 57.60 -5.81 30.68
C LYS SA 127 58.99 -6.34 30.41
N PRO SA 128 59.90 -5.47 29.98
CA PRO SA 128 61.31 -5.73 29.73
C PRO SA 128 61.94 -6.25 31.00
N VAL SA 129 62.93 -7.10 30.85
CA VAL SA 129 63.56 -7.68 32.02
C VAL SA 129 64.73 -6.87 32.52
N HIS SA 130 64.77 -6.64 33.82
CA HIS SA 130 65.88 -5.90 34.39
C HIS SA 130 66.79 -6.83 35.16
N LEU SA 131 68.08 -6.60 35.06
CA LEU SA 131 69.05 -7.41 35.76
C LEU SA 131 70.03 -6.57 36.54
N SER SA 132 70.47 -7.09 37.67
CA SER SA 132 71.51 -6.39 38.41
C SER SA 132 72.41 -7.41 39.06
N ALA SA 133 73.66 -7.04 39.29
CA ALA SA 133 74.56 -8.00 39.87
C ALA SA 133 75.69 -7.37 40.63
N LEU SA 134 76.17 -8.11 41.63
CA LEU SA 134 77.28 -7.69 42.45
C LEU SA 134 78.43 -8.65 42.27
N ALA SA 135 79.66 -8.16 42.31
CA ALA SA 135 80.77 -9.09 42.18
C ALA SA 135 82.02 -8.67 42.94
N VAL SA 136 82.74 -9.66 43.44
CA VAL SA 136 83.99 -9.49 44.15
C VAL SA 136 85.10 -10.20 43.42
N TYR SA 137 86.14 -9.46 43.09
CA TYR SA 137 87.29 -10.00 42.38
C TYR SA 137 88.55 -10.14 43.19
N GLU SA 138 89.43 -10.99 42.67
CA GLU SA 138 90.75 -11.14 43.24
C GLU SA 138 91.50 -9.82 43.17
N ARG SA 139 92.05 -9.41 44.30
CA ARG SA 139 92.73 -8.14 44.38
C ARG SA 139 93.82 -7.99 43.34
N GLY SA 140 93.80 -6.84 42.66
CA GLY SA 140 94.76 -6.50 41.62
C GLY SA 140 94.21 -6.71 40.20
N SER SA 141 93.04 -7.34 40.11
CA SER SA 141 92.36 -7.59 38.85
C SER SA 141 91.83 -6.29 38.19
N PRO SA 142 91.84 -6.19 36.85
CA PRO SA 142 91.41 -5.05 36.02
C PRO SA 142 89.88 -4.93 35.86
N LEU SA 143 89.23 -4.64 36.98
CA LEU SA 143 87.77 -4.52 37.10
C LEU SA 143 87.08 -3.69 36.02
N ALA SA 144 87.72 -2.61 35.59
CA ALA SA 144 87.15 -1.70 34.60
C ALA SA 144 86.92 -2.34 33.24
N HIS SA 145 87.50 -3.50 33.00
CA HIS SA 145 87.32 -4.16 31.72
C HIS SA 145 86.52 -5.42 31.89
N GLN SA 146 86.73 -6.08 33.03
CA GLN SA 146 86.04 -7.32 33.36
C GLN SA 146 84.54 -7.17 33.42
N ILE SA 147 84.09 -6.02 33.87
CA ILE SA 147 82.69 -5.68 33.91
C ILE SA 147 81.95 -5.87 32.58
N SER SA 148 82.67 -5.80 31.45
CA SER SA 148 82.03 -5.94 30.16
C SER SA 148 81.71 -7.39 29.83
N ASP SA 149 82.43 -8.34 30.43
CA ASP SA 149 82.14 -9.74 30.20
C ASP SA 149 80.88 -10.11 30.89
N ILE SA 150 80.72 -9.61 32.11
CA ILE SA 150 79.53 -9.90 32.87
C ILE SA 150 78.32 -9.40 32.16
N LYS SA 151 78.40 -8.17 31.71
CA LYS SA 151 77.29 -7.54 31.07
C LYS SA 151 76.92 -8.22 29.75
N ARG SA 152 77.92 -8.62 28.96
CA ARG SA 152 77.64 -9.30 27.70
C ARG SA 152 77.03 -10.66 27.92
N PHE SA 153 77.58 -11.39 28.87
CA PHE SA 153 77.08 -12.71 29.23
C PHE SA 153 75.63 -12.65 29.62
N LEU SA 154 75.29 -11.74 30.53
CA LEU SA 154 73.93 -11.62 30.98
C LEU SA 154 72.99 -11.17 29.88
N LYS SA 155 73.46 -10.30 28.98
CA LYS SA 155 72.60 -9.79 27.92
C LYS SA 155 71.96 -10.90 27.11
N ASN SA 156 72.73 -11.89 26.68
CA ASN SA 156 72.10 -12.98 25.93
C ASN SA 156 71.70 -14.17 26.78
N SER SA 157 71.63 -13.99 28.10
CA SER SA 157 71.20 -15.05 28.99
C SER SA 157 69.72 -14.95 29.31
N PHE SA 158 69.00 -14.07 28.63
CA PHE SA 158 67.59 -13.97 28.94
C PHE SA 158 66.81 -13.33 27.80
N ALA SA 159 65.62 -13.86 27.58
CA ALA SA 159 64.67 -13.52 26.51
C ALA SA 159 64.71 -12.09 26.01
N ASP SA 160 64.68 -11.09 26.89
CA ASP SA 160 64.66 -9.72 26.39
C ASP SA 160 65.19 -8.69 27.37
N VAL SA 161 66.50 -8.47 27.30
CA VAL SA 161 67.17 -7.46 28.10
C VAL SA 161 68.00 -6.61 27.17
N ASP SA 162 68.65 -5.60 27.71
CA ASP SA 162 69.49 -4.74 26.91
C ASP SA 162 70.57 -4.10 27.76
N TYR SA 163 71.52 -3.42 27.14
CA TYR SA 163 72.65 -2.87 27.86
C TYR SA 163 72.32 -1.66 28.76
N ASP SA 164 71.08 -1.18 28.72
CA ASP SA 164 70.70 -0.08 29.58
C ASP SA 164 69.92 -0.58 30.79
N ASN SA 165 69.50 -1.83 30.76
CA ASN SA 165 68.71 -2.38 31.84
C ASN SA 165 69.46 -3.46 32.59
N ILE SA 166 70.78 -3.47 32.47
CA ILE SA 166 71.64 -4.39 33.20
C ILE SA 166 72.66 -3.59 33.99
N SER SA 167 72.63 -3.72 35.31
CA SER SA 167 73.58 -2.97 36.11
C SER SA 167 74.53 -3.84 36.89
N VAL SA 168 75.81 -3.50 36.85
CA VAL SA 168 76.81 -4.27 37.55
C VAL SA 168 77.63 -3.38 38.47
N VAL SA 169 77.65 -3.74 39.75
CA VAL SA 169 78.42 -3.02 40.74
C VAL SA 169 79.42 -4.00 41.33
N LEU SA 170 80.67 -3.64 41.32
CA LEU SA 170 81.68 -4.58 41.77
C LEU SA 170 82.90 -3.96 42.39
N SER SA 171 83.71 -4.81 43.02
CA SER SA 171 84.95 -4.42 43.65
C SER SA 171 85.88 -5.61 43.85
N GLU SA 172 86.80 -5.50 44.79
CA GLU SA 172 87.76 -6.57 45.03
C GLU SA 172 87.99 -6.77 46.51
N ARG SA 173 88.53 -7.93 46.85
CA ARG SA 173 88.76 -8.27 48.26
C ARG SA 173 89.76 -7.36 48.95
N SER SA 174 89.68 -7.37 50.28
CA SER SA 174 90.57 -6.60 51.15
C SER SA 174 91.84 -7.38 51.48
N ASP SA 175 92.73 -6.74 52.25
CA ASP SA 175 93.98 -7.35 52.69
C ASP SA 175 93.69 -8.54 53.59
N ALA SA 176 94.07 -9.73 53.14
CA ALA SA 176 93.76 -10.97 53.84
C ALA SA 176 94.30 -11.02 55.26
N GLN SA 177 93.45 -11.44 56.19
CA GLN SA 177 93.87 -11.54 57.57
C GLN SA 177 94.58 -12.85 57.79
N LEU SA 178 95.89 -12.82 57.59
CA LEU SA 178 96.70 -14.02 57.70
C LEU SA 178 97.44 -14.14 59.03
N GLN SA 179 97.15 -13.26 59.98
CA GLN SA 179 97.85 -13.27 61.26
C GLN SA 179 96.92 -13.42 62.44
N ALA SA 180 97.34 -14.18 63.44
CA ALA SA 180 96.53 -14.37 64.63
C ALA SA 180 96.50 -13.09 65.47
N PRO SA 181 95.36 -12.75 66.07
CA PRO SA 181 95.11 -11.63 66.98
C PRO SA 181 96.06 -11.54 68.17
N GLY SA 182 96.32 -12.67 68.80
CA GLY SA 182 97.21 -12.73 69.94
C GLY SA 182 96.43 -12.71 71.25
N THR SA 183 97.07 -13.18 72.31
CA THR SA 183 96.42 -13.22 73.61
C THR SA 183 96.61 -11.90 74.36
N PRO SA 184 95.85 -11.68 75.42
CA PRO SA 184 95.92 -10.53 76.32
C PRO SA 184 97.16 -10.61 77.17
N VAL SA 185 97.63 -9.45 77.63
CA VAL SA 185 98.82 -9.40 78.44
C VAL SA 185 98.51 -9.58 79.91
N LYS SA 186 98.95 -10.71 80.46
CA LYS SA 186 98.77 -11.02 81.87
C LYS SA 186 99.45 -12.34 82.20
N ALA TA 42 107.25 -5.61 78.33
CA ALA TA 42 106.23 -5.67 77.29
C ALA TA 42 106.52 -4.66 76.19
N GLU TA 43 107.62 -4.87 75.46
CA GLU TA 43 107.96 -3.95 74.38
C GLU TA 43 106.83 -3.87 73.38
N LEU TA 44 106.40 -2.64 73.10
CA LEU TA 44 105.29 -2.39 72.19
C LEU TA 44 105.42 -3.08 70.84
N ASP TA 45 106.64 -3.15 70.32
CA ASP TA 45 106.86 -3.82 69.04
C ASP TA 45 106.44 -5.28 69.07
N SER TA 46 106.59 -5.92 70.23
CA SER TA 46 106.19 -7.32 70.34
C SER TA 46 104.72 -7.44 70.67
N LEU TA 47 104.14 -6.37 71.24
CA LEU TA 47 102.72 -6.35 71.53
C LEU TA 47 101.89 -6.26 70.26
N LEU TA 48 102.39 -5.50 69.28
CA LEU TA 48 101.74 -5.35 67.99
C LEU TA 48 101.94 -6.61 67.14
N GLY TA 49 101.06 -6.80 66.15
CA GLY TA 49 101.01 -7.97 65.25
C GLY TA 49 102.37 -8.55 64.75
N GLN TA 50 102.29 -9.78 64.21
CA GLN TA 50 103.46 -10.51 63.70
C GLN TA 50 104.19 -9.73 62.62
N GLU TA 51 103.45 -9.13 61.72
CA GLU TA 51 104.08 -8.33 60.69
C GLU TA 51 104.28 -6.94 61.23
N LYS TA 52 105.34 -6.79 62.02
CA LYS TA 52 105.68 -5.54 62.68
C LYS TA 52 105.91 -4.37 61.72
N GLU TA 53 106.12 -4.67 60.44
CA GLU TA 53 106.36 -3.64 59.46
C GLU TA 53 105.10 -2.90 59.04
N ARG TA 54 103.96 -3.28 59.60
CA ARG TA 54 102.72 -2.58 59.32
C ARG TA 54 102.58 -1.32 60.17
N PHE TA 55 103.43 -1.19 61.20
CA PHE TA 55 103.32 -0.05 62.09
C PHE TA 55 104.63 0.67 62.26
N GLN TA 56 104.57 1.97 62.44
CA GLN TA 56 105.77 2.72 62.72
C GLN TA 56 105.67 3.33 64.10
N VAL TA 57 106.40 2.77 65.06
CA VAL TA 57 106.37 3.30 66.39
C VAL TA 57 107.26 4.52 66.49
N LEU TA 58 106.70 5.58 67.06
CA LEU TA 58 107.37 6.87 67.15
C LEU TA 58 107.53 7.30 68.62
N PRO TA 59 108.62 7.95 68.96
CA PRO TA 59 108.86 8.38 70.35
C PRO TA 59 108.66 9.87 70.51
N GLY TA 60 107.46 10.27 70.93
CA GLY TA 60 107.16 11.69 71.06
C GLY TA 60 107.90 12.35 72.22
N ARG TA 61 108.18 13.64 72.04
CA ARG TA 61 108.90 14.42 73.06
C ARG TA 61 108.07 14.66 74.31
N ASP TA 62 106.77 14.40 74.22
CA ASP TA 62 105.83 14.50 75.33
C ASP TA 62 105.78 13.22 76.17
N LYS TA 63 106.71 12.29 75.96
CA LYS TA 63 106.79 11.01 76.68
C LYS TA 63 105.68 10.05 76.29
N MET TA 64 105.03 10.30 75.16
CA MET TA 64 104.00 9.40 74.67
C MET TA 64 104.54 8.63 73.49
N LEU TA 65 104.36 7.33 73.55
CA LEU TA 65 104.85 6.47 72.50
C LEU TA 65 103.72 6.35 71.46
N TYR TA 66 104.00 6.78 70.25
CA TYR TA 66 102.97 6.80 69.23
C TYR TA 66 103.03 5.63 68.27
N VAL TA 67 101.86 5.22 67.77
CA VAL TA 67 101.81 4.13 66.80
C VAL TA 67 101.24 4.61 65.50
N ALA TA 68 102.08 4.81 64.50
CA ALA TA 68 101.57 5.28 63.23
C ALA TA 68 101.03 4.13 62.40
N ALA TA 69 99.76 4.23 62.03
CA ALA TA 69 99.10 3.24 61.21
C ALA TA 69 98.72 3.84 59.87
N GLN TA 70 98.78 3.02 58.82
CA GLN TA 70 98.47 3.48 57.48
C GLN TA 70 97.05 3.19 57.04
N ASN TA 71 96.28 2.51 57.88
CA ASN TA 71 94.92 2.13 57.52
C ASN TA 71 94.05 1.98 58.74
N GLU TA 72 92.80 2.38 58.65
CA GLU TA 72 91.87 2.29 59.76
C GLU TA 72 91.72 0.88 60.36
N ARG TA 73 92.03 -0.16 59.59
CA ARG TA 73 91.99 -1.51 60.14
C ARG TA 73 93.15 -1.74 61.06
N ASP TA 74 94.26 -1.07 60.79
CA ASP TA 74 95.46 -1.21 61.57
C ASP TA 74 95.35 -0.27 62.74
N THR TA 75 94.65 0.85 62.53
CA THR TA 75 94.38 1.78 63.59
C THR TA 75 93.62 1.08 64.68
N LEU TA 76 92.54 0.40 64.30
CA LEU TA 76 91.76 -0.35 65.27
C LEU TA 76 92.55 -1.47 65.89
N TRP TA 77 93.35 -2.17 65.10
CA TRP TA 77 94.19 -3.24 65.61
C TRP TA 77 95.01 -2.76 66.80
N ALA TA 78 95.76 -1.69 66.58
CA ALA TA 78 96.62 -1.11 67.60
C ALA TA 78 95.82 -0.61 68.80
N ARG TA 79 94.65 -0.03 68.57
CA ARG TA 79 93.84 0.44 69.68
C ARG TA 79 93.38 -0.72 70.54
N GLN TA 80 93.05 -1.84 69.90
CA GLN TA 80 92.64 -3.00 70.65
C GLN TA 80 93.80 -3.52 71.46
N VAL TA 81 95.01 -3.46 70.91
CA VAL TA 81 96.19 -3.88 71.67
C VAL TA 81 96.36 -3.07 72.93
N LEU TA 82 96.22 -1.76 72.82
CA LEU TA 82 96.35 -0.89 73.98
C LEU TA 82 95.27 -1.14 75.04
N ALA TA 83 94.05 -1.44 74.60
CA ALA TA 83 92.96 -1.71 75.54
C ALA TA 83 93.00 -3.14 76.09
N ARG TA 84 93.43 -4.10 75.27
CA ARG TA 84 93.48 -5.51 75.65
C ARG TA 84 94.67 -5.86 76.50
N GLY TA 85 95.85 -5.51 76.00
CA GLY TA 85 97.08 -5.80 76.69
C GLY TA 85 97.46 -4.64 77.56
N ASP TA 86 98.74 -4.45 77.77
CA ASP TA 86 99.16 -3.36 78.60
C ASP TA 86 100.56 -2.91 78.26
N TYR TA 87 100.83 -1.68 78.64
CA TYR TA 87 102.10 -1.06 78.44
C TYR TA 87 102.17 0.13 79.37
N ASP TA 88 103.04 0.06 80.38
CA ASP TA 88 103.14 1.12 81.37
C ASP TA 88 103.82 2.38 80.84
N LYS TA 89 103.09 3.13 80.02
CA LYS TA 89 103.59 4.36 79.44
C LYS TA 89 102.53 4.98 78.55
N ASN TA 90 102.49 6.30 78.52
CA ASN TA 90 101.58 7.01 77.65
C ASN TA 90 101.72 6.49 76.24
N ALA TA 91 100.61 6.30 75.56
CA ALA TA 91 100.64 5.81 74.20
C ALA TA 91 99.43 6.29 73.42
N ARG TA 92 99.59 6.44 72.11
CA ARG TA 92 98.49 6.91 71.29
C ARG TA 92 98.67 6.57 69.81
N VAL TA 93 97.63 5.99 69.23
CA VAL TA 93 97.65 5.59 67.84
C VAL TA 93 97.40 6.75 66.89
N ILE TA 94 98.27 6.86 65.89
CA ILE TA 94 98.22 7.90 64.86
C ILE TA 94 97.58 7.44 63.57
N ASN TA 95 96.68 8.25 63.06
CA ASN TA 95 96.00 8.00 61.80
C ASN TA 95 96.05 9.24 60.93
N GLU TA 96 96.71 9.12 59.79
CA GLU TA 96 96.92 10.22 58.84
C GLU TA 96 95.73 11.14 58.64
N ASN TA 97 94.55 10.58 58.39
CA ASN TA 97 93.38 11.40 58.18
C ASN TA 97 92.87 12.02 59.46
N GLU TA 98 92.95 11.27 60.55
CA GLU TA 98 92.46 11.80 61.82
C GLU TA 98 93.33 12.95 62.28
N GLU TA 99 94.63 12.85 62.03
CA GLU TA 99 95.54 13.90 62.42
C GLU TA 99 95.41 15.09 61.52
N ASN TA 100 95.16 14.86 60.24
CA ASN TA 100 94.96 15.95 59.33
C ASN TA 100 93.77 16.78 59.82
N LYS TA 101 92.70 16.08 60.21
CA LYS TA 101 91.51 16.73 60.73
C LYS TA 101 91.75 17.46 62.04
N ARG TA 102 92.41 16.80 63.00
CA ARG TA 102 92.68 17.42 64.29
C ARG TA 102 93.38 18.74 64.13
N ILE TA 103 94.40 18.76 63.28
CA ILE TA 103 95.14 19.96 63.02
C ILE TA 103 94.27 21.02 62.37
N SER TA 104 93.49 20.63 61.36
CA SER TA 104 92.66 21.61 60.67
C SER TA 104 91.68 22.31 61.58
N ILE TA 105 91.23 21.62 62.63
CA ILE TA 105 90.32 22.23 63.58
C ILE TA 105 91.00 23.37 64.33
N TRP TA 106 92.15 23.06 64.93
CA TRP TA 106 92.92 24.03 65.68
C TRP TA 106 93.32 25.18 64.79
N LEU TA 107 93.77 24.82 63.60
CA LEU TA 107 94.27 25.76 62.63
C LEU TA 107 93.20 26.75 62.23
N ASP TA 108 91.98 26.29 61.99
CA ASP TA 108 90.91 27.22 61.64
C ASP TA 108 90.63 28.23 62.75
N THR TA 109 90.67 27.79 64.01
CA THR TA 109 90.43 28.70 65.13
C THR TA 109 91.48 29.78 65.30
N TYR TA 110 92.75 29.38 65.25
CA TYR TA 110 93.84 30.32 65.47
C TYR TA 110 94.30 31.04 64.22
N TYR TA 111 94.18 30.38 63.07
CA TYR TA 111 94.51 30.99 61.79
C TYR TA 111 93.33 30.90 60.81
N PRO TA 112 92.24 31.60 61.08
CA PRO TA 112 91.05 31.64 60.26
C PRO TA 112 91.41 32.31 58.98
N GLN TA 113 90.73 31.90 57.91
CA GLN TA 113 90.97 32.38 56.55
C GLN TA 113 92.29 31.88 55.94
N LEU TA 114 93.07 31.05 56.65
CA LEU TA 114 94.29 30.52 56.06
C LEU TA 114 93.96 29.60 54.90
N ALA TA 115 94.55 29.85 53.74
CA ALA TA 115 94.26 29.01 52.58
C ALA TA 115 95.27 27.90 52.46
N TYR TA 116 94.85 26.66 52.64
CA TYR TA 116 95.78 25.53 52.58
C TYR TA 116 95.10 24.29 52.02
N TYR TA 117 95.91 23.28 51.73
CA TYR TA 117 95.43 22.05 51.10
C TYR TA 117 95.41 20.85 52.03
N ARG TA 118 96.55 20.20 52.21
CA ARG TA 118 96.57 19.01 53.01
C ARG TA 118 97.95 18.71 53.54
N ILE TA 119 98.01 18.12 54.74
CA ILE TA 119 99.30 17.76 55.31
C ILE TA 119 99.68 16.35 54.90
N HIS TA 120 100.86 16.23 54.34
CA HIS TA 120 101.38 14.96 53.88
C HIS TA 120 102.30 14.42 54.94
N PHE TA 121 101.85 13.41 55.66
CA PHE TA 121 102.63 12.92 56.77
C PHE TA 121 103.80 12.05 56.34
N ASP TA 122 103.59 11.19 55.33
CA ASP TA 122 104.62 10.31 54.75
C ASP TA 122 105.71 9.91 55.73
N GLU TA 123 106.74 10.74 55.87
CA GLU TA 123 107.82 10.52 56.82
C GLU TA 123 107.53 11.26 58.12
N PRO TA 124 106.81 10.63 59.05
CA PRO TA 124 106.37 11.19 60.37
C PRO TA 124 107.17 12.38 60.88
N ARG TA 125 108.48 12.22 60.93
CA ARG TA 125 109.42 13.22 61.42
C ARG TA 125 109.30 14.60 60.80
N LYS TA 126 109.07 14.63 59.50
CA LYS TA 126 109.00 15.87 58.75
C LYS TA 126 107.84 15.89 57.77
N PRO TA 127 106.62 16.11 58.22
CA PRO TA 127 105.40 16.18 57.44
C PRO TA 127 105.45 17.45 56.61
N VAL TA 128 104.80 17.41 55.46
CA VAL TA 128 104.78 18.53 54.55
C VAL TA 128 103.44 19.20 54.54
N PHE TA 129 103.45 20.52 54.67
CA PHE TA 129 102.21 21.27 54.73
C PHE TA 129 101.99 22.04 53.44
N TRP TA 130 101.01 21.62 52.64
CA TRP TA 130 100.74 22.38 51.42
C TRP TA 130 99.90 23.62 51.72
N LEU TA 131 100.41 24.76 51.29
CA LEU TA 131 99.83 26.07 51.53
C LEU TA 131 99.54 26.79 50.21
N SER TA 132 98.40 27.46 50.08
CA SER TA 132 98.11 28.13 48.81
C SER TA 132 99.05 29.29 48.53
N ARG TA 133 99.91 29.11 47.53
CA ARG TA 133 100.88 30.12 47.14
C ARG TA 133 100.26 31.43 46.75
N GLN TA 134 99.19 31.35 45.98
CA GLN TA 134 98.55 32.54 45.44
C GLN TA 134 97.61 33.24 46.41
N ARG TA 135 96.89 32.50 47.25
CA ARG TA 135 95.95 33.15 48.14
C ARG TA 135 96.55 33.68 49.44
N ASN TA 136 97.67 33.13 49.89
CA ASN TA 136 98.25 33.61 51.14
C ASN TA 136 99.31 34.67 50.89
N THR TA 137 99.31 35.68 51.75
CA THR TA 137 100.25 36.79 51.65
C THR TA 137 101.09 36.93 52.92
N MET TA 138 101.24 35.82 53.66
CA MET TA 138 102.00 35.83 54.90
C MET TA 138 103.49 36.07 54.64
N SER TA 139 104.14 36.76 55.57
CA SER TA 139 105.56 37.03 55.45
C SER TA 139 106.34 35.81 55.86
N LYS TA 140 107.61 35.78 55.50
CA LYS TA 140 108.48 34.67 55.86
C LYS TA 140 108.50 34.44 57.36
N LYS TA 141 108.55 35.54 58.12
CA LYS TA 141 108.59 35.46 59.57
C LYS TA 141 107.30 34.87 60.11
N GLU TA 142 106.18 35.30 59.52
CA GLU TA 142 104.89 34.77 59.92
C GLU TA 142 104.79 33.29 59.66
N LEU TA 143 105.35 32.86 58.53
CA LEU TA 143 105.35 31.45 58.18
C LEU TA 143 106.21 30.66 59.14
N GLU TA 144 107.31 31.26 59.61
CA GLU TA 144 108.13 30.60 60.63
C GLU TA 144 107.30 30.28 61.84
N VAL TA 145 106.58 31.29 62.33
CA VAL TA 145 105.73 31.16 63.49
C VAL TA 145 104.68 30.08 63.29
N LEU TA 146 104.04 30.10 62.12
CA LEU TA 146 103.05 29.11 61.77
C LEU TA 146 103.60 27.70 61.90
N SER TA 147 104.79 27.45 61.33
CA SER TA 147 105.37 26.12 61.41
C SER TA 147 105.67 25.73 62.84
N GLN TA 148 106.03 26.72 63.67
CA GLN TA 148 106.30 26.43 65.06
C GLN TA 148 105.05 26.01 65.81
N LYS TA 149 103.93 26.61 65.46
CA LYS TA 149 102.68 26.24 66.09
C LYS TA 149 102.29 24.83 65.67
N LEU TA 150 102.55 24.51 64.41
CA LEU TA 150 102.26 23.18 63.91
C LEU TA 150 103.15 22.15 64.61
N ARG TA 151 104.40 22.51 64.89
CA ARG TA 151 105.29 21.61 65.61
C ARG TA 151 104.72 21.33 66.98
N ALA TA 152 104.16 22.35 67.63
CA ALA TA 152 103.54 22.18 68.93
C ALA TA 152 102.38 21.19 68.84
N LEU TA 153 101.61 21.27 67.76
CA LEU TA 153 100.48 20.36 67.56
C LEU TA 153 100.89 18.92 67.32
N MET TA 154 102.12 18.70 66.83
CA MET TA 154 102.63 17.35 66.54
C MET TA 154 103.86 16.97 67.38
N PRO TA 155 103.66 16.43 68.59
CA PRO TA 155 104.62 15.97 69.61
C PRO TA 155 105.74 15.09 69.06
N TYR TA 156 105.46 14.36 68.00
CA TYR TA 156 106.47 13.46 67.42
C TYR TA 156 107.31 14.15 66.35
N ALA TA 157 106.65 14.93 65.49
CA ALA TA 157 107.33 15.60 64.40
C ALA TA 157 108.45 16.46 64.92
N ASP TA 158 109.56 16.46 64.21
CA ASP TA 158 110.70 17.25 64.62
C ASP TA 158 110.60 18.64 64.03
N SER TA 159 110.10 18.71 62.80
CA SER TA 159 109.92 19.99 62.14
C SER TA 159 108.82 19.88 61.11
N VAL TA 160 108.34 21.03 60.64
CA VAL TA 160 107.28 21.04 59.65
C VAL TA 160 107.74 21.73 58.39
N ASN TA 161 107.57 21.08 57.26
CA ASN TA 161 107.99 21.66 56.00
C ASN TA 161 106.83 22.33 55.29
N ILE TA 162 106.63 23.61 55.56
CA ILE TA 162 105.58 24.34 54.88
C ILE TA 162 106.06 24.73 53.50
N THR TA 163 105.24 24.44 52.51
CA THR TA 163 105.58 24.77 51.14
C THR TA 163 104.38 25.30 50.41
N LEU TA 164 104.63 26.20 49.48
CA LEU TA 164 103.56 26.86 48.78
C LEU TA 164 103.26 26.21 47.43
N MET TA 165 101.99 25.91 47.20
CA MET TA 165 101.54 25.25 45.96
C MET TA 165 100.75 26.20 45.08
N ASP TA 166 100.85 26.01 43.77
CA ASP TA 166 100.13 26.89 42.85
C ASP TA 166 98.73 26.37 42.55
N ASP TA 167 97.73 27.13 42.99
CA ASP TA 167 96.31 26.82 42.82
C ASP TA 167 95.93 26.39 41.41
N VAL TA 168 96.59 26.98 40.41
CA VAL TA 168 96.33 26.68 39.03
C VAL TA 168 96.65 25.25 38.69
N THR TA 169 97.76 24.73 39.23
CA THR TA 169 98.17 23.39 38.90
C THR TA 169 97.26 22.39 39.57
N ALA TA 170 96.71 22.76 40.73
CA ALA TA 170 95.77 21.88 41.39
C ALA TA 170 94.54 21.70 40.53
N ALA TA 171 93.99 22.82 40.06
CA ALA TA 171 92.81 22.80 39.21
C ALA TA 171 93.09 22.12 37.88
N GLY TA 172 94.26 22.39 37.32
CA GLY TA 172 94.65 21.82 36.04
C GLY TA 172 94.66 20.31 36.08
N GLN TA 173 95.23 19.73 37.13
CA GLN TA 173 95.27 18.29 37.26
C GLN TA 173 93.89 17.70 37.43
N ALA TA 174 93.05 18.38 38.22
CA ALA TA 174 91.70 17.90 38.45
C ALA TA 174 90.94 17.76 37.14
N GLU TA 175 90.98 18.79 36.32
CA GLU TA 175 90.25 18.75 35.08
C GLU TA 175 90.89 17.83 34.05
N ALA TA 176 92.21 17.86 33.96
CA ALA TA 176 92.91 17.04 32.98
C ALA TA 176 92.60 15.57 33.15
N GLY TA 177 92.71 15.06 34.36
CA GLY TA 177 92.43 13.66 34.60
C GLY TA 177 90.98 13.33 34.35
N LEU TA 178 90.09 14.24 34.77
CA LEU TA 178 88.67 14.08 34.60
C LEU TA 178 88.28 13.88 33.13
N LYS TA 179 88.82 14.75 32.27
CA LYS TA 179 88.53 14.62 30.85
C LYS TA 179 89.31 13.48 30.20
N GLN TA 180 90.46 13.10 30.77
CA GLN TA 180 91.21 11.94 30.24
C GLN TA 180 90.37 10.68 30.33
N GLN TA 181 89.62 10.57 31.43
CA GLN TA 181 88.71 9.45 31.65
C GLN TA 181 87.45 9.48 30.76
N ALA TA 182 87.33 10.50 29.89
CA ALA TA 182 86.21 10.68 28.98
C ALA TA 182 84.92 10.91 29.72
N LEU TA 183 84.99 11.57 30.87
CA LEU TA 183 83.80 11.83 31.64
C LEU TA 183 83.21 13.18 31.26
N PRO TA 184 81.89 13.30 31.25
CA PRO TA 184 81.13 14.51 31.03
C PRO TA 184 81.16 15.33 32.29
N TYR TA 185 81.27 16.64 32.17
CA TYR TA 185 81.29 17.48 33.36
C TYR TA 185 81.10 18.93 33.01
N SER TA 186 80.88 19.73 34.03
CA SER TA 186 80.80 21.16 33.83
C SER TA 186 81.53 21.85 34.98
N ARG TA 187 82.54 22.62 34.63
CA ARG TA 187 83.38 23.30 35.60
C ARG TA 187 82.71 24.55 36.18
N ARG TA 188 82.94 24.78 37.47
CA ARG TA 188 82.39 25.93 38.17
C ARG TA 188 83.46 26.72 38.89
N ASN TA 189 84.05 27.69 38.22
CA ASN TA 189 85.03 28.51 38.86
C ASN TA 189 84.36 29.55 39.73
N HIS TA 190 84.87 29.73 40.93
CA HIS TA 190 84.34 30.77 41.79
C HIS TA 190 85.43 31.28 42.70
N LYS TA 191 85.20 32.41 43.33
CA LYS TA 191 86.24 32.93 44.18
C LYS TA 191 86.49 31.95 45.31
N GLY TA 192 87.74 31.54 45.46
CA GLY TA 192 88.13 30.63 46.52
C GLY TA 192 88.09 29.15 46.16
N GLY TA 193 87.64 28.78 44.96
CA GLY TA 193 87.62 27.35 44.64
C GLY TA 193 87.02 26.99 43.29
N VAL TA 194 86.87 25.69 43.05
CA VAL TA 194 86.28 25.24 41.81
C VAL TA 194 85.53 23.93 42.00
N THR TA 195 84.35 23.84 41.39
CA THR TA 195 83.55 22.63 41.51
C THR TA 195 83.30 21.98 40.16
N PHE TA 196 83.43 20.66 40.11
CA PHE TA 196 83.22 19.91 38.88
C PHE TA 196 81.94 19.10 38.95
N VAL TA 197 80.94 19.57 38.23
CA VAL TA 197 79.62 18.97 38.24
C VAL TA 197 79.45 17.88 37.21
N ILE TA 198 79.04 16.71 37.65
CA ILE TA 198 78.82 15.58 36.76
C ILE TA 198 77.37 15.11 36.86
N GLN TA 199 76.56 15.45 35.88
CA GLN TA 199 75.15 15.07 35.91
C GLN TA 199 74.73 14.20 34.74
N GLY TA 200 73.51 13.69 34.84
CA GLY TA 200 72.91 12.87 33.81
C GLY TA 200 72.98 11.40 34.18
N ALA TA 201 72.40 10.55 33.33
CA ALA TA 201 72.46 9.13 33.57
C ALA TA 201 73.86 8.66 33.25
N LEU TA 202 74.38 7.74 34.03
CA LEU TA 202 75.73 7.28 33.81
C LEU TA 202 75.84 5.79 33.61
N ASP TA 203 76.73 5.40 32.71
CA ASP TA 203 77.04 4.01 32.43
C ASP TA 203 77.84 3.45 33.59
N ASP TA 204 77.55 2.23 34.01
CA ASP TA 204 78.27 1.62 35.11
C ASP TA 204 79.79 1.69 34.98
N VAL TA 205 80.27 1.66 33.73
CA VAL TA 205 81.70 1.70 33.49
C VAL TA 205 82.25 3.07 33.83
N GLU TA 206 81.61 4.13 33.32
CA GLU TA 206 82.08 5.47 33.61
C GLU TA 206 81.86 5.85 35.07
N ILE TA 207 80.90 5.21 35.73
CA ILE TA 207 80.73 5.47 37.15
C ILE TA 207 81.93 4.99 37.91
N LEU TA 208 82.37 3.77 37.62
CA LEU TA 208 83.55 3.22 38.26
C LEU TA 208 84.77 4.10 38.03
N ARG TA 209 85.00 4.47 36.78
CA ARG TA 209 86.12 5.32 36.43
C ARG TA 209 86.10 6.65 37.16
N ALA TA 210 84.92 7.25 37.24
CA ALA TA 210 84.78 8.53 37.90
C ALA TA 210 85.19 8.46 39.34
N ARG TA 211 84.69 7.46 40.06
CA ARG TA 211 85.03 7.36 41.47
C ARG TA 211 86.51 7.13 41.69
N GLN TA 212 87.11 6.26 40.89
CA GLN TA 212 88.53 5.97 41.05
C GLN TA 212 89.35 7.24 40.94
N PHE TA 213 89.05 8.05 39.94
CA PHE TA 213 89.74 9.31 39.74
C PHE TA 213 89.56 10.25 40.91
N VAL TA 214 88.33 10.45 41.33
CA VAL TA 214 88.02 11.36 42.42
C VAL TA 214 88.72 10.98 43.70
N ASP TA 215 88.66 9.71 44.06
CA ASP TA 215 89.32 9.27 45.28
C ASP TA 215 90.80 9.56 45.26
N SER TA 216 91.46 9.33 44.12
CA SER TA 216 92.88 9.61 44.04
C SER TA 216 93.20 11.09 44.16
N TYR TA 217 92.40 11.93 43.50
CA TYR TA 217 92.64 13.36 43.56
C TYR TA 217 92.52 13.84 44.99
N TYR TA 218 91.47 13.39 45.66
CA TYR TA 218 91.23 13.74 47.04
C TYR TA 218 92.40 13.32 47.89
N ARG TA 219 92.81 12.07 47.78
CA ARG TA 219 93.93 11.56 48.55
C ARG TA 219 95.16 12.44 48.45
N THR TA 220 95.46 12.93 47.25
CA THR TA 220 96.63 13.78 47.05
C THR TA 220 96.42 15.21 47.50
N TRP TA 221 95.53 15.92 46.83
CA TRP TA 221 95.34 17.33 47.10
C TRP TA 221 94.38 17.65 48.24
N GLY TA 222 93.39 16.80 48.44
CA GLY TA 222 92.38 17.08 49.46
C GLY TA 222 91.21 17.81 48.83
N GLY TA 223 90.12 17.97 49.58
CA GLY TA 223 88.91 18.60 49.04
C GLY TA 223 88.67 20.04 49.49
N ARG TA 224 89.72 20.80 49.75
CA ARG TA 224 89.52 22.18 50.19
C ARG TA 224 89.48 23.20 49.07
N TYR TA 225 89.92 22.83 47.88
CA TYR TA 225 89.92 23.76 46.77
C TYR TA 225 89.07 23.20 45.65
N VAL TA 226 89.32 21.95 45.30
CA VAL TA 226 88.55 21.28 44.26
C VAL TA 226 87.49 20.40 44.85
N GLN TA 227 86.25 20.66 44.44
CA GLN TA 227 85.12 19.89 44.91
C GLN TA 227 84.46 19.17 43.74
N PHE TA 228 84.28 17.87 43.87
CA PHE TA 228 83.61 17.14 42.81
C PHE TA 228 82.16 16.89 43.19
N ALA TA 229 81.30 16.81 42.19
CA ALA TA 229 79.87 16.64 42.46
C ALA TA 229 79.21 15.66 41.51
N ILE TA 230 79.30 14.38 41.84
CA ILE TA 230 78.68 13.35 41.03
C ILE TA 230 77.21 13.22 41.36
N GLU TA 231 76.36 13.42 40.36
CA GLU TA 231 74.91 13.36 40.54
C GLU TA 231 74.24 12.47 39.52
N LEU TA 232 73.95 11.25 39.92
CA LEU TA 232 73.29 10.29 39.04
C LEU TA 232 71.82 10.63 38.88
N LYS TA 233 71.45 11.09 37.69
CA LYS TA 233 70.07 11.54 37.44
C LYS TA 233 69.47 11.02 36.14
N ASP TA 234 68.15 11.00 36.07
CA ASP TA 234 67.45 10.58 34.86
C ASP TA 234 67.40 11.67 33.81
N ASP TA 235 67.45 11.25 32.55
CA ASP TA 235 67.39 12.17 31.43
C ASP TA 235 66.10 12.00 30.63
N ASP UA 3 95.95 -28.10 65.19
CA ASP UA 3 94.93 -29.11 65.43
C ASP UA 3 93.59 -28.46 65.72
N LYS UA 4 93.05 -27.76 64.73
CA LYS UA 4 91.77 -27.09 64.92
C LYS UA 4 90.70 -27.64 63.99
N ASP UA 5 89.47 -27.69 64.47
CA ASP UA 5 88.37 -28.14 63.65
C ASP UA 5 87.86 -26.98 62.80
N LEU UA 6 87.78 -27.19 61.50
CA LEU UA 6 87.33 -26.13 60.61
C LEU UA 6 85.91 -26.42 60.13
N LEU UA 7 85.75 -27.54 59.42
CA LEU UA 7 84.42 -27.93 58.91
C LEU UA 7 84.04 -29.36 59.30
N LYS UA 8 82.74 -29.59 59.44
CA LYS UA 8 82.24 -30.93 59.78
C LYS UA 8 80.98 -31.30 59.01
N GLY UA 9 80.80 -32.59 58.76
CA GLY UA 9 79.58 -33.05 58.10
C GLY UA 9 79.56 -32.78 56.61
N LEU UA 10 80.74 -32.69 56.01
CA LEU UA 10 80.82 -32.39 54.59
C LEU UA 10 80.57 -33.60 53.77
N ASP UA 11 80.04 -33.41 52.57
CA ASP UA 11 79.90 -34.55 51.70
C ASP UA 11 81.22 -34.68 50.96
N GLN UA 12 81.34 -35.68 50.12
CA GLN UA 12 82.59 -35.93 49.43
C GLN UA 12 83.04 -34.79 48.53
N GLU UA 13 82.13 -34.28 47.71
CA GLU UA 13 82.44 -33.19 46.78
C GLU UA 13 82.92 -31.95 47.50
N GLN UA 14 82.15 -31.52 48.49
CA GLN UA 14 82.45 -30.34 49.27
C GLN UA 14 83.80 -30.44 49.91
N ALA UA 15 84.07 -31.59 50.53
CA ALA UA 15 85.33 -31.78 51.23
C ALA UA 15 86.50 -31.59 50.30
N ASN UA 16 86.45 -32.20 49.12
CA ASN UA 16 87.57 -32.09 48.20
C ASN UA 16 87.71 -30.67 47.63
N GLU UA 17 86.59 -29.97 47.44
CA GLU UA 17 86.66 -28.62 46.92
C GLU UA 17 87.28 -27.64 47.90
N VAL UA 18 86.89 -27.74 49.17
CA VAL UA 18 87.44 -26.85 50.18
C VAL UA 18 88.92 -27.07 50.32
N ILE UA 19 89.33 -28.32 50.34
CA ILE UA 19 90.73 -28.65 50.45
C ILE UA 19 91.54 -28.07 49.32
N ALA UA 20 91.02 -28.18 48.10
CA ALA UA 20 91.71 -27.63 46.94
C ALA UA 20 92.05 -26.17 47.15
N VAL UA 21 91.08 -25.40 47.64
CA VAL UA 21 91.28 -23.97 47.88
C VAL UA 21 92.35 -23.71 48.94
N LEU UA 22 92.29 -24.45 50.03
CA LEU UA 22 93.24 -24.25 51.10
C LEU UA 22 94.65 -24.53 50.65
N GLN UA 23 94.83 -25.59 49.86
CA GLN UA 23 96.15 -25.92 49.35
C GLN UA 23 96.65 -24.86 48.42
N MET UA 24 95.77 -24.34 47.57
CA MET UA 24 96.12 -23.27 46.66
C MET UA 24 96.68 -22.06 47.40
N HIS UA 25 96.15 -21.79 48.59
CA HIS UA 25 96.64 -20.69 49.39
C HIS UA 25 97.68 -21.08 50.43
N ASN UA 26 98.38 -22.19 50.20
CA ASN UA 26 99.45 -22.64 51.06
C ASN UA 26 99.03 -23.10 52.45
N ILE UA 27 97.93 -23.85 52.52
CA ILE UA 27 97.46 -24.40 53.79
C ILE UA 27 97.23 -25.90 53.70
N GLU UA 28 97.94 -26.66 54.54
CA GLU UA 28 97.73 -28.11 54.60
C GLU UA 28 96.40 -28.40 55.27
N ALA UA 29 95.73 -29.47 54.85
CA ALA UA 29 94.44 -29.80 55.44
C ALA UA 29 94.23 -31.30 55.51
N ASN UA 30 93.57 -31.73 56.57
CA ASN UA 30 93.30 -33.15 56.76
C ASN UA 30 91.86 -33.46 56.45
N LYS UA 31 91.62 -34.54 55.71
CA LYS UA 31 90.26 -34.97 55.46
C LYS UA 31 89.97 -36.19 56.32
N ILE UA 32 89.03 -36.06 57.23
CA ILE UA 32 88.71 -37.13 58.14
C ILE UA 32 87.38 -37.78 57.83
N ASP UA 33 87.43 -39.07 57.59
CA ASP UA 33 86.24 -39.86 57.30
C ASP UA 33 85.57 -40.36 58.57
N SER UA 34 84.43 -39.79 58.91
CA SER UA 34 83.70 -40.19 60.11
C SER UA 34 82.48 -41.06 59.77
N GLY UA 35 82.55 -41.76 58.64
CA GLY UA 35 81.49 -42.67 58.24
C GLY UA 35 80.23 -41.93 57.89
N LYS UA 36 79.12 -42.38 58.49
CA LYS UA 36 77.81 -41.79 58.28
C LYS UA 36 77.71 -40.33 58.65
N LEU UA 37 78.66 -39.83 59.43
CA LEU UA 37 78.63 -38.45 59.85
C LEU UA 37 79.29 -37.52 58.85
N GLY UA 38 79.86 -38.07 57.77
CA GLY UA 38 80.46 -37.23 56.73
C GLY UA 38 81.94 -36.97 56.95
N TYR UA 39 82.44 -35.96 56.25
CA TYR UA 39 83.84 -35.61 56.35
C TYR UA 39 84.10 -34.38 57.20
N SER UA 40 85.26 -34.37 57.82
CA SER UA 40 85.66 -33.23 58.61
C SER UA 40 87.01 -32.72 58.14
N ILE UA 41 87.17 -31.41 58.17
CA ILE UA 41 88.42 -30.81 57.76
C ILE UA 41 89.10 -30.13 58.91
N THR UA 42 90.35 -30.51 59.16
CA THR UA 42 91.11 -29.89 60.23
C THR UA 42 92.40 -29.31 59.73
N VAL UA 43 92.89 -28.29 60.43
CA VAL UA 43 94.12 -27.61 60.03
C VAL UA 43 95.05 -27.34 61.18
N ALA UA 44 96.31 -27.06 60.86
CA ALA UA 44 97.28 -26.72 61.87
C ALA UA 44 96.92 -25.39 62.48
N GLU UA 45 97.09 -25.28 63.79
CA GLU UA 45 96.77 -24.05 64.51
C GLU UA 45 97.42 -22.78 63.94
N PRO UA 46 98.69 -22.81 63.48
CA PRO UA 46 99.38 -21.69 62.83
C PRO UA 46 98.65 -21.18 61.59
N ASP UA 47 97.94 -22.04 60.88
CA ASP UA 47 97.24 -21.67 59.67
C ASP UA 47 95.79 -21.34 59.91
N PHE UA 48 95.23 -21.88 60.99
CA PHE UA 48 93.82 -21.74 61.33
C PHE UA 48 93.22 -20.36 61.08
N THR UA 49 93.92 -19.29 61.45
CA THR UA 49 93.37 -17.94 61.23
C THR UA 49 93.17 -17.67 59.76
N ALA UA 50 94.18 -17.97 58.97
CA ALA UA 50 94.13 -17.78 57.54
C ALA UA 50 93.07 -18.67 56.92
N ALA UA 51 92.99 -19.91 57.40
CA ALA UA 51 92.04 -20.86 56.88
C ALA UA 51 90.63 -20.32 57.01
N VAL UA 52 90.31 -19.78 58.18
CA VAL UA 52 88.99 -19.20 58.41
C VAL UA 52 88.72 -18.08 57.45
N TYR UA 53 89.70 -17.20 57.28
CA TYR UA 53 89.55 -16.10 56.36
C TYR UA 53 89.16 -16.56 54.97
N TRP UA 54 89.83 -17.60 54.47
CA TRP UA 54 89.54 -18.09 53.13
C TRP UA 54 88.20 -18.82 53.04
N ILE UA 55 87.77 -19.49 54.11
CA ILE UA 55 86.44 -20.11 54.09
C ILE UA 55 85.38 -19.06 53.87
N LYS UA 56 85.56 -17.92 54.53
CA LYS UA 56 84.67 -16.80 54.34
C LYS UA 56 84.74 -16.27 52.92
N THR UA 57 85.95 -15.94 52.49
CA THR UA 57 86.20 -15.36 51.19
C THR UA 57 85.58 -16.13 50.03
N TYR UA 58 85.72 -17.45 50.05
CA TYR UA 58 85.20 -18.27 48.97
C TYR UA 58 83.85 -18.91 49.22
N GLN UA 59 83.06 -18.40 50.16
CA GLN UA 59 81.73 -18.95 50.41
C GLN UA 59 81.76 -20.48 50.60
N LEU UA 60 82.64 -20.97 51.45
CA LEU UA 60 82.75 -22.40 51.64
C LEU UA 60 82.02 -22.90 52.88
N PRO UA 61 81.58 -24.15 52.87
CA PRO UA 61 81.61 -25.15 51.82
C PRO UA 61 80.58 -24.83 50.72
N PRO UA 62 80.80 -25.30 49.50
CA PRO UA 62 80.00 -25.10 48.30
C PRO UA 62 78.55 -25.57 48.43
N ARG UA 63 77.66 -24.87 47.76
CA ARG UA 63 76.26 -25.26 47.71
C ARG UA 63 76.11 -26.27 46.58
N PRO UA 64 75.02 -27.05 46.55
CA PRO UA 64 74.67 -27.98 45.52
C PRO UA 64 74.26 -27.22 44.26
N ARG UA 65 74.50 -27.81 43.10
CA ARG UA 65 74.21 -27.15 41.84
C ARG UA 65 72.72 -27.05 41.56
N VAL UA 66 72.29 -25.86 41.15
CA VAL UA 66 70.90 -25.58 40.86
C VAL UA 66 70.54 -25.74 39.41
N GLU UA 67 69.54 -26.56 39.16
CA GLU UA 67 69.02 -26.83 37.83
C GLU UA 67 67.52 -26.63 37.86
N ILE UA 68 66.96 -26.11 36.77
CA ILE UA 68 65.55 -25.72 36.75
C ILE UA 68 64.58 -26.85 37.04
N ALA UA 69 64.82 -28.02 36.47
CA ALA UA 69 63.94 -29.17 36.66
C ALA UA 69 63.78 -29.60 38.10
N GLN UA 70 64.68 -29.16 38.98
CA GLN UA 70 64.61 -29.55 40.37
C GLN UA 70 63.39 -28.95 41.06
N MET UA 71 62.81 -27.91 40.47
CA MET UA 71 61.64 -27.27 41.05
C MET UA 71 60.33 -27.62 40.36
N PHE UA 72 60.35 -28.57 39.43
CA PHE UA 72 59.12 -28.97 38.77
C PHE UA 72 59.16 -30.46 38.55
N PRO UA 73 59.14 -31.26 39.63
CA PRO UA 73 59.30 -32.70 39.69
C PRO UA 73 58.13 -33.48 39.09
N ALA UA 74 58.47 -34.65 38.54
CA ALA UA 74 57.50 -35.55 37.91
C ALA UA 74 56.63 -36.25 38.92
N ASP UA 75 56.99 -36.14 40.20
CA ASP UA 75 56.22 -36.73 41.27
C ASP UA 75 54.87 -36.04 41.47
N SER UA 76 54.69 -34.85 40.90
CA SER UA 76 53.41 -34.17 41.03
C SER UA 76 52.31 -34.96 40.37
N LEU UA 77 51.16 -34.97 41.04
CA LEU UA 77 49.98 -35.69 40.56
C LEU UA 77 49.42 -35.08 39.29
N VAL UA 78 49.64 -33.78 39.12
CA VAL UA 78 49.16 -33.05 37.97
C VAL UA 78 50.29 -32.26 37.37
N SER UA 79 50.09 -31.78 36.15
CA SER UA 79 51.11 -30.98 35.49
C SER UA 79 50.47 -29.87 34.70
N SER UA 80 51.29 -28.97 34.20
CA SER UA 80 50.80 -27.87 33.41
C SER UA 80 51.79 -27.63 32.31
N PRO UA 81 51.36 -27.05 31.19
CA PRO UA 81 52.15 -26.69 30.04
C PRO UA 81 53.36 -25.90 30.46
N ARG UA 82 53.16 -25.01 31.41
CA ARG UA 82 54.23 -24.19 31.93
C ARG UA 82 55.31 -25.05 32.54
N ALA UA 83 54.91 -25.94 33.43
CA ALA UA 83 55.86 -26.81 34.08
C ALA UA 83 56.56 -27.74 33.11
N GLU UA 84 55.81 -28.33 32.20
CA GLU UA 84 56.37 -29.29 31.27
C GLU UA 84 57.39 -28.65 30.34
N LYS UA 85 57.09 -27.46 29.84
CA LYS UA 85 58.02 -26.80 28.95
C LYS UA 85 59.29 -26.46 29.69
N ALA UA 86 59.17 -26.03 30.95
CA ALA UA 86 60.33 -25.72 31.76
C ALA UA 86 61.20 -26.95 31.97
N ARG UA 87 60.57 -28.09 32.27
CA ARG UA 87 61.30 -29.33 32.46
C ARG UA 87 62.12 -29.69 31.26
N LEU UA 88 61.52 -29.57 30.08
CA LEU UA 88 62.23 -29.87 28.86
C LEU UA 88 63.45 -29.01 28.67
N TYR UA 89 63.31 -27.70 28.83
CA TYR UA 89 64.44 -26.81 28.63
C TYR UA 89 65.56 -27.10 29.59
N SER UA 90 65.23 -27.47 30.82
CA SER UA 90 66.24 -27.80 31.80
C SER UA 90 67.10 -28.93 31.30
N ALA UA 91 66.44 -29.98 30.80
CA ALA UA 91 67.15 -31.14 30.26
C ALA UA 91 68.03 -30.76 29.09
N ILE UA 92 67.51 -29.90 28.22
CA ILE UA 92 68.27 -29.48 27.06
C ILE UA 92 69.55 -28.75 27.45
N GLU UA 93 69.49 -27.85 28.43
CA GLU UA 93 70.70 -27.16 28.83
C GLU UA 93 71.73 -28.16 29.31
N GLN UA 94 71.29 -29.13 30.11
CA GLN UA 94 72.20 -30.14 30.64
C GLN UA 94 72.85 -30.92 29.53
N ARG UA 95 72.06 -31.28 28.54
CA ARG UA 95 72.54 -32.09 27.44
C ARG UA 95 73.54 -31.31 26.60
N LEU UA 96 73.32 -30.01 26.41
CA LEU UA 96 74.27 -29.20 25.69
C LEU UA 96 75.59 -29.06 26.44
N GLU UA 97 75.53 -28.98 27.77
CA GLU UA 97 76.76 -28.91 28.55
C GLU UA 97 77.54 -30.19 28.41
N GLN UA 98 76.84 -31.32 28.42
CA GLN UA 98 77.50 -32.60 28.26
C GLN UA 98 78.22 -32.68 26.92
N SER UA 99 77.65 -32.07 25.89
CA SER UA 99 78.28 -32.08 24.58
C SER UA 99 79.50 -31.18 24.48
N LEU UA 100 79.41 -29.94 24.98
CA LEU UA 100 80.54 -29.03 24.85
C LEU UA 100 81.77 -29.50 25.58
N GLN UA 101 81.57 -30.20 26.69
CA GLN UA 101 82.71 -30.68 27.46
C GLN UA 101 83.46 -31.83 26.79
N THR UA 102 82.98 -32.32 25.64
CA THR UA 102 83.69 -33.36 24.92
C THR UA 102 84.51 -32.79 23.79
N MET UA 103 84.40 -31.47 23.54
CA MET UA 103 85.18 -30.88 22.48
C MET UA 103 86.65 -30.79 22.86
N GLU UA 104 87.51 -30.92 21.86
CA GLU UA 104 88.94 -30.90 22.07
C GLU UA 104 89.41 -29.63 22.74
N GLY UA 105 90.12 -29.79 23.84
CA GLY UA 105 90.69 -28.67 24.57
C GLY UA 105 89.75 -28.09 25.64
N VAL UA 106 88.50 -28.54 25.68
CA VAL UA 106 87.58 -27.99 26.67
C VAL UA 106 87.65 -28.77 27.95
N LEU UA 107 87.88 -28.05 29.04
CA LEU UA 107 87.97 -28.64 30.37
C LEU UA 107 86.64 -28.52 31.08
N SER UA 108 85.97 -27.40 30.88
CA SER UA 108 84.67 -27.18 31.51
C SER UA 108 83.80 -26.23 30.73
N ALA UA 109 82.49 -26.44 30.77
CA ALA UA 109 81.61 -25.53 30.05
C ALA UA 109 80.22 -25.50 30.65
N ARG UA 110 79.59 -24.31 30.61
CA ARG UA 110 78.24 -24.12 31.13
C ARG UA 110 77.35 -23.48 30.07
N VAL UA 111 76.09 -23.87 30.03
CA VAL UA 111 75.17 -23.39 29.00
C VAL UA 111 73.84 -22.90 29.53
N HIS UA 112 73.39 -21.76 29.03
CA HIS UA 112 72.09 -21.20 29.39
C HIS UA 112 71.22 -20.99 28.18
N ILE UA 113 69.92 -21.22 28.35
CA ILE UA 113 68.99 -20.96 27.26
C ILE UA 113 67.86 -20.13 27.82
N SER UA 114 67.37 -19.19 27.02
CA SER UA 114 66.27 -18.37 27.49
C SER UA 114 65.00 -19.19 27.62
N TYR UA 115 64.08 -18.71 28.44
CA TYR UA 115 62.83 -19.42 28.68
C TYR UA 115 61.64 -18.65 28.17
N ASP UA 116 60.55 -19.36 27.98
CA ASP UA 116 59.30 -18.80 27.51
C ASP UA 116 58.19 -19.35 28.36
N ILE UA 117 57.69 -18.52 29.24
CA ILE UA 117 56.70 -18.96 30.19
C ILE UA 117 55.28 -18.55 29.88
N ASP UA 118 55.09 -17.53 29.04
CA ASP UA 118 53.72 -17.15 28.76
C ASP UA 118 53.46 -16.48 27.41
N ALA UA 119 54.20 -16.85 26.35
CA ALA UA 119 53.89 -16.28 25.03
C ALA UA 119 52.50 -16.72 24.58
N GLY UA 120 52.36 -18.02 24.27
CA GLY UA 120 51.09 -18.59 23.82
C GLY UA 120 49.96 -18.32 24.81
N GLU UA 121 50.29 -18.34 26.11
CA GLU UA 121 49.37 -18.01 27.19
C GLU UA 121 48.65 -16.69 26.96
N ASN UA 122 49.38 -15.71 26.43
CA ASN UA 122 48.83 -14.38 26.21
C ASN UA 122 48.35 -14.18 24.77
N GLY UA 123 48.26 -15.25 23.98
CA GLY UA 123 47.84 -15.14 22.60
C GLY UA 123 48.98 -14.63 21.70
N ARG UA 124 50.21 -14.67 22.21
CA ARG UA 124 51.35 -14.18 21.47
C ARG UA 124 52.17 -15.29 20.86
N PRO UA 125 52.88 -15.00 19.78
CA PRO UA 125 53.85 -15.85 19.12
C PRO UA 125 55.07 -15.90 20.02
N PRO UA 126 55.86 -16.96 19.94
CA PRO UA 126 57.05 -17.24 20.71
C PRO UA 126 58.18 -16.30 20.33
N LYS UA 127 59.08 -16.07 21.26
CA LYS UA 127 60.19 -15.18 21.02
C LYS UA 127 61.41 -15.98 20.57
N PRO UA 128 62.37 -15.33 19.92
CA PRO UA 128 63.64 -15.86 19.46
C PRO UA 128 64.39 -16.42 20.63
N VAL UA 129 65.16 -17.45 20.40
CA VAL UA 129 65.87 -18.09 21.49
C VAL UA 129 67.24 -17.49 21.72
N HIS UA 130 67.57 -17.21 22.97
CA HIS UA 130 68.87 -16.66 23.29
C HIS UA 130 69.72 -17.72 23.96
N LEU UA 131 71.00 -17.74 23.63
CA LEU UA 131 71.91 -18.69 24.23
C LEU UA 131 73.14 -18.02 24.77
N SER UA 132 73.69 -18.55 25.84
CA SER UA 132 74.94 -18.03 26.34
C SER UA 132 75.75 -19.17 26.91
N ALA UA 133 77.06 -19.03 26.89
CA ALA UA 133 77.87 -20.12 27.40
C ALA UA 133 79.21 -19.68 27.91
N LEU UA 134 79.72 -20.46 28.86
CA LEU UA 134 81.02 -20.22 29.44
C LEU UA 134 81.92 -21.39 29.15
N ALA UA 135 83.21 -21.12 28.95
CA ALA UA 135 84.10 -22.26 28.72
C ALA UA 135 85.51 -22.04 29.22
N VAL UA 136 86.11 -23.14 29.67
CA VAL UA 136 87.48 -23.17 30.15
C VAL UA 136 88.30 -24.10 29.31
N TYR UA 137 89.39 -23.59 28.75
CA TYR UA 137 90.28 -24.37 27.90
C TYR UA 137 91.61 -24.71 28.49
N GLU UA 138 92.23 -25.73 27.90
CA GLU UA 138 93.58 -26.11 28.25
C GLU UA 138 94.52 -24.96 27.96
N ARG UA 139 95.33 -24.61 28.94
CA ARG UA 139 96.23 -23.48 28.82
C ARG UA 139 97.13 -23.58 27.60
N GLY UA 140 97.19 -22.48 26.84
CA GLY UA 140 98.00 -22.38 25.64
C GLY UA 140 97.17 -22.54 24.35
N SER UA 141 95.91 -22.94 24.51
CA SER UA 141 94.98 -23.13 23.40
C SER UA 141 94.58 -21.79 22.73
N PRO UA 142 94.37 -21.73 21.41
CA PRO UA 142 94.01 -20.57 20.57
C PRO UA 142 92.54 -20.18 20.66
N LEU UA 143 92.15 -19.72 21.85
CA LEU UA 143 90.78 -19.32 22.21
C LEU UA 143 90.07 -18.43 21.19
N ALA UA 144 90.80 -17.51 20.58
CA ALA UA 144 90.24 -16.55 19.64
C ALA UA 144 89.65 -17.20 18.38
N HIS UA 145 89.97 -18.46 18.13
CA HIS UA 145 89.45 -19.13 16.97
C HIS UA 145 88.48 -20.21 17.37
N GLN UA 146 88.77 -20.83 18.50
CA GLN UA 146 87.94 -21.92 19.03
C GLN UA 146 86.53 -21.48 19.32
N ILE UA 147 86.38 -20.24 19.76
CA ILE UA 147 85.08 -19.64 20.01
C ILE UA 147 84.10 -19.75 18.83
N SER UA 148 84.61 -19.87 17.60
CA SER UA 148 83.73 -19.95 16.45
C SER UA 148 83.11 -21.32 16.29
N ASP UA 149 83.74 -22.36 16.84
CA ASP UA 149 83.17 -23.69 16.75
C ASP UA 149 82.00 -23.79 17.67
N ILE UA 150 82.16 -23.21 18.86
CA ILE UA 150 81.11 -23.24 19.84
C ILE UA 150 79.89 -22.56 19.30
N LYS UA 151 80.10 -21.38 18.75
CA LYS UA 151 79.03 -20.58 18.25
C LYS UA 151 78.31 -21.23 17.07
N ARG UA 152 79.06 -21.85 16.16
CA ARG UA 152 78.45 -22.52 15.02
C ARG UA 152 77.65 -23.74 15.44
N PHE UA 153 78.22 -24.51 16.35
CA PHE UA 153 77.57 -25.69 16.88
C PHE UA 153 76.26 -25.34 17.50
N LEU UA 154 76.25 -24.35 18.38
CA LEU UA 154 75.03 -23.96 19.04
C LEU UA 154 74.01 -23.38 18.08
N LYS UA 155 74.45 -22.65 17.05
CA LYS UA 155 73.52 -22.05 16.11
C LYS UA 155 72.56 -23.04 15.51
N ASN UA 156 73.05 -24.19 15.04
CA ASN UA 156 72.12 -25.17 14.48
C ASN UA 156 71.67 -26.23 15.48
N SER UA 157 71.87 -25.98 16.77
CA SER UA 157 71.42 -26.90 17.81
C SER UA 157 70.07 -26.50 18.36
N PHE UA 158 69.41 -25.53 17.74
CA PHE UA 158 68.12 -25.15 18.27
C PHE UA 158 67.27 -24.42 17.24
N ALA UA 159 65.99 -24.74 17.25
CA ALA UA 159 64.94 -24.27 16.33
C ALA UA 159 65.14 -22.89 15.73
N ASP UA 160 65.45 -21.87 16.52
CA ASP UA 160 65.58 -20.55 15.92
C ASP UA 160 66.46 -19.59 16.72
N VAL UA 161 67.74 -19.63 16.41
CA VAL UA 161 68.72 -18.73 17.02
C VAL UA 161 69.50 -18.08 15.90
N ASP UA 162 70.40 -17.20 16.25
CA ASP UA 162 71.23 -16.55 15.24
C ASP UA 162 72.55 -16.10 15.85
N TYR UA 163 73.47 -15.63 15.03
CA TYR UA 163 74.80 -15.26 15.52
C TYR UA 163 74.84 -13.98 16.36
N ASP UA 164 73.72 -13.27 16.48
CA ASP UA 164 73.71 -12.08 17.32
C ASP UA 164 73.09 -12.37 18.67
N ASN UA 165 72.45 -13.52 18.80
CA ASN UA 165 71.79 -13.87 20.04
C ASN UA 165 72.45 -15.03 20.74
N ILE UA 166 73.69 -15.30 20.40
CA ILE UA 166 74.49 -16.32 21.05
C ILE UA 166 75.77 -15.70 21.59
N SER UA 167 75.95 -15.76 22.91
CA SER UA 167 77.14 -15.16 23.48
C SER UA 167 78.05 -16.17 24.15
N VAL UA 168 79.34 -16.07 23.87
CA VAL UA 168 80.29 -16.99 24.45
C VAL UA 168 81.41 -16.24 25.15
N VAL UA 169 81.58 -16.52 26.43
CA VAL UA 169 82.65 -15.93 27.23
C VAL UA 169 83.54 -17.05 27.71
N LEU UA 170 84.82 -16.93 27.47
CA LEU UA 170 85.71 -18.01 27.80
C LEU UA 170 87.12 -17.61 28.18
N SER UA 171 87.84 -18.58 28.72
CA SER UA 171 89.24 -18.39 29.11
C SER UA 171 89.95 -19.73 29.24
N GLU UA 172 91.04 -19.75 30.00
CA GLU UA 172 91.82 -20.97 30.16
C GLU UA 172 92.26 -21.15 31.60
N ARG UA 173 92.65 -22.37 31.93
CA ARG UA 173 93.05 -22.69 33.29
C ARG UA 173 94.31 -21.96 33.74
N SER UA 174 94.46 -21.87 35.06
CA SER UA 174 95.62 -21.26 35.71
C SER UA 174 96.77 -22.24 35.89
N ASP UA 175 97.88 -21.76 36.45
CA ASP UA 175 99.06 -22.56 36.72
C ASP UA 175 98.72 -23.64 37.75
N ALA UA 176 98.80 -24.90 37.33
CA ALA UA 176 98.41 -26.03 38.17
C ALA UA 176 99.17 -26.11 39.48
N GLN UA 177 98.44 -26.33 40.56
CA GLN UA 177 99.07 -26.44 41.86
C GLN UA 177 99.56 -27.85 42.05
N LEU UA 178 100.79 -28.08 41.64
CA LEU UA 178 101.39 -29.40 41.70
C LEU UA 178 102.33 -29.60 42.90
N GLN UA 179 102.36 -28.63 43.81
CA GLN UA 179 103.27 -28.72 44.96
C GLN UA 179 102.54 -28.63 46.29
N ALA UA 180 103.00 -29.41 47.25
CA ALA UA 180 102.39 -29.40 48.58
C ALA UA 180 102.75 -28.10 49.31
N PRO UA 181 101.81 -27.53 50.06
CA PRO UA 181 101.93 -26.32 50.90
C PRO UA 181 103.08 -26.37 51.91
N GLY UA 182 103.24 -27.51 52.58
CA GLY UA 182 104.30 -27.67 53.55
C GLY UA 182 103.77 -27.45 54.96
N THR UA 183 104.49 -27.98 55.93
CA THR UA 183 104.10 -27.85 57.33
C THR UA 183 104.65 -26.56 57.93
N PRO UA 184 104.14 -26.14 59.09
CA PRO UA 184 104.56 -24.99 59.87
C PRO UA 184 105.90 -25.26 60.50
N VAL UA 185 106.64 -24.20 60.79
CA VAL UA 185 107.96 -24.33 61.38
C VAL UA 185 107.89 -24.39 62.89
N LYS UA 186 108.21 -25.55 63.45
CA LYS UA 186 108.23 -25.76 64.89
C LYS UA 186 108.71 -27.16 65.21
N ALA VA 42 116.77 -22.21 59.57
CA ALA VA 42 115.59 -22.13 58.73
C ALA VA 42 115.85 -21.24 57.52
N GLU VA 43 116.74 -21.68 56.64
CA GLU VA 43 117.05 -20.90 55.45
C GLU VA 43 115.79 -20.65 54.65
N LEU VA 44 115.55 -19.38 54.34
CA LEU VA 44 114.36 -18.96 53.62
C LEU VA 44 114.12 -19.72 52.33
N ASP VA 45 115.20 -20.04 51.61
CA ASP VA 45 115.07 -20.79 50.37
C ASP VA 45 114.40 -22.15 50.59
N SER VA 46 114.63 -22.76 51.75
CA SER VA 46 114.02 -24.04 52.04
C SER VA 46 112.63 -23.86 52.62
N LEU VA 47 112.36 -22.68 53.18
CA LEU VA 47 111.04 -22.39 53.71
C LEU VA 47 110.03 -22.19 52.59
N LEU VA 48 110.48 -21.59 51.48
CA LEU VA 48 109.64 -21.38 50.30
C LEU VA 48 109.45 -22.69 49.54
N GLY VA 49 108.39 -22.76 48.73
CA GLY VA 49 107.99 -23.94 47.94
C GLY VA 49 109.10 -24.78 47.27
N GLN VA 50 108.72 -25.99 46.85
CA GLN VA 50 109.62 -26.95 46.20
C GLN VA 50 110.29 -26.38 44.97
N GLU VA 51 109.51 -25.70 44.15
CA GLU VA 51 110.08 -25.07 42.98
C GLU VA 51 110.62 -23.73 43.37
N LYS VA 52 111.81 -23.74 43.96
CA LYS VA 52 112.47 -22.55 44.44
C LYS VA 52 112.74 -21.49 43.38
N GLU VA 53 112.67 -21.87 42.11
CA GLU VA 53 112.91 -20.96 41.02
C GLU VA 53 111.73 -20.02 40.76
N ARG VA 54 110.66 -20.14 41.53
CA ARG VA 54 109.53 -19.24 41.42
C ARG VA 54 109.79 -17.94 42.17
N PHE VA 55 110.81 -17.94 43.03
CA PHE VA 55 111.08 -16.75 43.84
C PHE VA 55 112.50 -16.28 43.73
N GLN VA 56 112.70 -14.98 43.81
CA GLN VA 56 114.05 -14.47 43.84
C GLN VA 56 114.31 -13.78 45.16
N VAL VA 57 115.08 -14.43 46.02
CA VAL VA 57 115.38 -13.84 47.31
C VAL VA 57 116.48 -12.80 47.15
N LEU VA 58 116.23 -11.63 47.73
CA LEU VA 58 117.12 -10.50 47.61
C LEU VA 58 117.61 -10.03 48.98
N PRO VA 59 118.85 -9.59 49.10
CA PRO VA 59 119.39 -9.15 50.39
C PRO VA 59 119.50 -7.64 50.45
N GLY VA 60 118.49 -7.00 51.04
CA GLY VA 60 118.46 -5.55 51.11
C GLY VA 60 119.51 -4.99 52.07
N ARG VA 61 119.98 -3.78 51.76
CA ARG VA 61 120.99 -3.10 52.57
C ARG VA 61 120.45 -2.66 53.94
N ASP VA 62 119.13 -2.67 54.07
CA ASP VA 62 118.45 -2.35 55.31
C ASP VA 62 118.30 -3.56 56.25
N LYS VA 63 119.02 -4.66 55.95
CA LYS VA 63 118.98 -5.89 56.74
C LYS VA 63 117.67 -6.65 56.63
N MET VA 64 116.88 -6.32 55.61
CA MET VA 64 115.64 -7.03 55.37
C MET VA 64 115.82 -7.94 54.17
N LEU VA 65 115.42 -9.19 54.36
CA LEU VA 65 115.55 -10.17 53.31
C LEU VA 65 114.26 -10.13 52.49
N TYR VA 66 114.38 -9.81 51.22
CA TYR VA 66 113.21 -9.64 50.39
C TYR VA 66 112.89 -10.84 49.53
N VAL VA 67 111.60 -11.04 49.27
CA VAL VA 67 111.19 -12.14 48.40
C VAL VA 67 110.48 -11.63 47.17
N ALA VA 68 111.16 -11.62 46.03
CA ALA VA 68 110.51 -11.13 44.83
C ALA VA 68 109.65 -12.20 44.20
N ALA VA 69 108.38 -11.87 44.04
CA ALA VA 69 107.42 -12.77 43.43
C ALA VA 69 106.91 -12.17 42.13
N GLN VA 70 106.64 -13.02 41.15
CA GLN VA 70 106.18 -12.58 39.84
C GLN VA 70 104.67 -12.61 39.66
N ASN VA 71 103.96 -13.10 40.66
CA ASN VA 71 102.51 -13.23 40.57
C ASN VA 71 101.87 -13.16 41.93
N GLU VA 72 100.69 -12.53 42.02
CA GLU VA 72 99.98 -12.40 43.28
C GLU VA 72 99.69 -13.72 44.00
N ARG VA 73 99.68 -14.84 43.27
CA ARG VA 73 99.49 -16.12 43.92
C ARG VA 73 100.74 -16.54 44.65
N ASP VA 74 101.89 -16.10 44.14
CA ASP VA 74 103.16 -16.42 44.72
C ASP VA 74 103.43 -15.42 45.82
N THR VA 75 102.90 -14.21 45.64
CA THR VA 75 103.01 -13.19 46.65
C THR VA 75 102.34 -13.69 47.92
N LEU VA 76 101.10 -14.17 47.77
CA LEU VA 76 100.39 -14.71 48.90
C LEU VA 76 101.07 -15.93 49.48
N TRP VA 77 101.58 -16.80 48.61
CA TRP VA 77 102.29 -17.99 49.06
C TRP VA 77 103.37 -17.63 50.06
N ALA VA 78 104.26 -16.72 49.64
CA ALA VA 78 105.37 -16.27 50.45
C ALA VA 78 104.90 -15.58 51.72
N ARG VA 79 103.83 -14.80 51.65
CA ARG VA 79 103.33 -14.13 52.84
C ARG VA 79 102.83 -15.14 53.84
N GLN VA 80 102.20 -16.20 53.36
CA GLN VA 80 101.73 -17.24 54.26
C GLN VA 80 102.90 -17.94 54.90
N VAL VA 81 103.99 -18.12 54.16
CA VAL VA 81 105.18 -18.72 54.74
C VAL VA 81 105.72 -17.90 55.89
N LEU VA 82 105.79 -16.59 55.70
CA LEU VA 82 106.29 -15.72 56.75
C LEU VA 82 105.39 -15.72 57.99
N ALA VA 83 104.07 -15.80 57.79
CA ALA VA 83 103.14 -15.81 58.91
C ALA VA 83 103.02 -17.20 59.57
N ARG VA 84 103.12 -18.26 58.76
CA ARG VA 84 102.98 -19.64 59.23
C ARG VA 84 104.22 -20.15 59.90
N GLY VA 85 105.33 -20.06 59.19
CA GLY VA 85 106.60 -20.55 59.68
C GLY VA 85 107.33 -19.44 60.39
N ASP VA 86 108.63 -19.49 60.35
CA ASP VA 86 109.38 -18.46 61.02
C ASP VA 86 110.75 -18.29 60.42
N TYR VA 87 111.31 -17.14 60.65
CA TYR VA 87 112.62 -16.78 60.19
C TYR VA 87 113.05 -15.57 61.01
N ASP VA 88 114.06 -15.75 61.86
CA ASP VA 88 114.53 -14.69 62.73
C ASP VA 88 115.32 -13.61 62.00
N LYS VA 89 114.60 -12.78 61.26
CA LYS VA 89 115.19 -11.69 60.51
C LYS VA 89 114.13 -10.92 59.76
N ASN VA 90 114.32 -9.61 59.64
CA ASN VA 90 113.41 -8.79 58.88
C ASN VA 90 113.20 -9.39 57.51
N ALA VA 91 111.96 -9.39 57.05
CA ALA VA 91 111.67 -9.95 55.74
C ALA VA 91 110.45 -9.28 55.13
N ARG VA 92 110.39 -9.23 53.82
CA ARG VA 92 109.27 -8.58 53.15
C ARG VA 92 109.12 -9.03 51.69
N VAL VA 93 107.90 -9.42 51.34
CA VAL VA 93 107.61 -9.90 49.99
C VAL VA 93 107.40 -8.74 49.01
N ILE VA 94 108.09 -8.83 47.88
CA ILE VA 94 108.03 -7.85 46.81
C ILE VA 94 107.10 -8.25 45.67
N ASN VA 95 106.29 -7.30 45.26
CA ASN VA 95 105.36 -7.47 44.15
C ASN VA 95 105.48 -6.31 43.20
N GLU VA 96 105.89 -6.61 41.98
CA GLU VA 96 106.13 -5.61 40.93
C GLU VA 96 105.09 -4.49 40.84
N ASN VA 97 103.81 -4.83 40.84
CA ASN VA 97 102.79 -3.80 40.77
C ASN VA 97 102.64 -3.05 42.05
N GLU VA 98 102.77 -3.75 43.18
CA GLU VA 98 102.63 -3.08 44.47
C GLU VA 98 103.75 -2.09 44.69
N GLU VA 99 104.94 -2.45 44.23
CA GLU VA 99 106.08 -1.58 44.38
C GLU VA 99 106.00 -0.42 43.43
N ASN VA 100 105.50 -0.67 42.23
CA ASN VA 100 105.33 0.41 41.28
C ASN VA 100 104.41 1.46 41.89
N LYS VA 101 103.33 1.00 42.51
CA LYS VA 101 102.39 1.89 43.17
C LYS VA 101 102.97 2.61 44.36
N ARG VA 102 103.67 1.89 45.25
CA ARG VA 102 104.27 2.50 46.42
C ARG VA 102 105.15 3.66 46.05
N ILE VA 103 105.99 3.44 45.04
CA ILE VA 103 106.87 4.48 44.57
C ILE VA 103 106.11 5.64 43.99
N SER VA 104 105.10 5.37 43.15
CA SER VA 104 104.36 6.45 42.53
C SER VA 104 103.69 7.36 43.55
N ILE VA 105 103.32 6.82 44.71
CA ILE VA 105 102.72 7.64 45.75
C ILE VA 105 103.71 8.65 46.29
N TRP VA 106 104.87 8.16 46.70
CA TRP VA 106 105.92 9.01 47.24
C TRP VA 106 106.35 10.02 46.20
N LEU VA 107 106.52 9.53 44.99
CA LEU VA 107 107.00 10.30 43.89
C LEU VA 107 106.07 11.46 43.59
N ASP VA 108 104.76 11.22 43.58
CA ASP VA 108 103.83 12.33 43.35
C ASP VA 108 103.94 13.43 44.41
N THR VA 109 104.12 13.04 45.69
CA THR VA 109 104.25 14.03 46.75
C THR VA 109 105.49 14.88 46.66
N TYR VA 110 106.64 14.26 46.42
CA TYR VA 110 107.90 14.98 46.39
C TYR VA 110 108.24 15.55 45.03
N TYR VA 111 107.82 14.88 43.98
CA TYR VA 111 108.00 15.35 42.62
C TYR VA 111 106.69 15.45 41.85
N PRO VA 112 105.79 16.35 42.24
CA PRO VA 112 104.51 16.57 41.64
C PRO VA 112 104.74 17.11 40.26
N GLN VA 113 103.84 16.78 39.36
CA GLN VA 113 103.91 17.14 37.95
C GLN VA 113 104.99 16.38 37.16
N LEU VA 114 105.72 15.45 37.80
CA LEU VA 114 106.70 14.67 37.05
C LEU VA 114 106.00 13.78 36.04
N ALA VA 115 106.41 13.87 34.78
CA ALA VA 115 105.77 13.04 33.76
C ALA VA 115 106.55 11.75 33.55
N TYR VA 116 105.94 10.63 33.90
CA TYR VA 116 106.62 9.35 33.77
C TYR VA 116 105.66 8.23 33.42
N TYR VA 117 106.21 7.07 33.09
CA TYR VA 117 105.42 5.93 32.65
C TYR VA 117 105.34 4.80 33.65
N ARG VA 118 106.37 3.96 33.68
CA ARG VA 118 106.31 2.81 34.57
C ARG VA 118 107.69 2.29 34.88
N ILE VA 119 107.85 1.76 36.09
CA ILE VA 119 109.14 1.18 36.47
C ILE VA 119 109.18 -0.29 36.10
N HIS VA 120 110.21 -0.67 35.37
CA HIS VA 120 110.41 -2.02 34.94
C HIS VA 120 111.39 -2.68 35.86
N PHE VA 121 110.90 -3.55 36.72
CA PHE VA 121 111.76 -4.14 37.71
C PHE VA 121 112.65 -5.22 37.17
N ASP VA 122 112.12 -6.08 36.28
CA ASP VA 122 112.86 -7.16 35.61
C ASP VA 122 114.02 -7.71 36.42
N GLU VA 123 115.19 -7.08 36.32
CA GLU VA 123 116.36 -7.46 37.09
C GLU VA 123 116.46 -6.61 38.36
N PRO VA 124 115.80 -7.05 39.45
CA PRO VA 124 115.72 -6.38 40.77
C PRO VA 124 116.79 -5.34 41.04
N ARG VA 125 118.05 -5.73 40.90
CA ARG VA 125 119.22 -4.91 41.14
C ARG VA 125 119.24 -3.56 40.45
N LYS VA 126 118.79 -3.55 39.21
CA LYS VA 126 118.80 -2.35 38.39
C LYS VA 126 117.51 -2.16 37.60
N PRO VA 127 116.43 -1.69 38.24
CA PRO VA 127 115.15 -1.42 37.67
C PRO VA 127 115.26 -0.22 36.74
N VAL VA 128 114.42 -0.19 35.72
CA VAL VA 128 114.44 0.86 34.75
C VAL VA 128 113.26 1.79 34.91
N PHE VA 129 113.54 3.07 34.94
CA PHE VA 129 112.48 4.05 35.14
C PHE VA 129 112.16 4.78 33.85
N TRP VA 130 111.00 4.53 33.26
CA TRP VA 130 110.67 5.27 32.04
C TRP VA 130 110.12 6.65 32.39
N LEU VA 131 110.75 7.66 31.79
CA LEU VA 131 110.47 9.06 32.02
C LEU VA 131 110.07 9.76 30.71
N SER VA 132 109.06 10.62 30.73
CA SER VA 132 108.67 11.28 29.48
C SER VA 132 109.75 12.22 28.96
N ARG VA 133 110.37 11.84 27.85
CA ARG VA 133 111.42 12.63 27.22
C ARG VA 133 110.98 14.03 26.84
N GLN VA 134 109.79 14.12 26.26
CA GLN VA 134 109.29 15.37 25.75
C GLN VA 134 108.67 16.28 26.80
N ARG VA 135 107.99 15.72 27.80
CA ARG VA 135 107.37 16.59 28.79
C ARG VA 135 108.26 17.05 29.93
N ASN VA 136 109.33 16.31 30.22
CA ASN VA 136 110.19 16.74 31.32
C ASN VA 136 111.37 17.56 30.81
N THR VA 137 111.71 18.60 31.57
CA THR VA 137 112.80 19.50 31.24
C THR VA 137 113.86 19.53 32.34
N MET VA 138 113.94 18.46 33.12
CA MET VA 138 114.91 18.38 34.21
C MET VA 138 116.34 18.32 33.70
N SER VA 139 117.25 18.92 34.45
CA SER VA 139 118.66 18.91 34.07
C SER VA 139 119.27 17.58 34.44
N LYS VA 140 120.43 17.30 33.88
CA LYS VA 140 121.14 16.06 34.17
C LYS VA 140 121.39 15.89 35.66
N LYS VA 141 121.77 17.00 36.32
CA LYS VA 141 122.04 16.98 37.74
C LYS VA 141 120.78 16.67 38.53
N GLU VA 142 119.67 17.27 38.10
CA GLU VA 142 118.40 17.03 38.76
C GLU VA 142 118.00 15.57 38.63
N LEU VA 143 118.25 15.00 37.46
CA LEU VA 143 117.94 13.59 37.23
C LEU VA 143 118.80 12.70 38.09
N GLU VA 144 120.06 13.10 38.32
CA GLU VA 144 120.92 12.35 39.24
C GLU VA 144 120.27 12.25 40.59
N VAL VA 145 119.85 13.40 41.11
CA VAL VA 145 119.20 13.48 42.41
C VAL VA 145 117.97 12.61 42.47
N LEU VA 146 117.14 12.69 41.42
CA LEU VA 146 115.95 11.89 41.32
C LEU VA 146 116.25 10.42 41.46
N SER VA 147 117.25 9.93 40.72
CA SER VA 147 117.59 8.51 40.81
C SER VA 147 118.06 8.14 42.19
N GLN VA 148 118.73 9.07 42.87
CA GLN VA 148 119.20 8.80 44.22
C GLN VA 148 118.05 8.66 45.19
N LYS VA 149 116.99 9.45 44.99
CA LYS VA 149 115.83 9.34 45.84
C LYS VA 149 115.14 8.03 45.61
N LEU VA 150 115.12 7.60 44.35
CA LEU VA 150 114.50 6.33 44.02
C LEU VA 150 115.30 5.18 44.63
N ARG VA 151 116.62 5.31 44.67
CA ARG VA 151 117.46 4.30 45.30
C ARG VA 151 117.11 4.18 46.77
N ALA VA 152 116.85 5.32 47.41
CA ALA VA 152 116.45 5.33 48.81
C ALA VA 152 115.13 4.58 48.99
N LEU VA 153 114.21 4.75 48.05
CA LEU VA 153 112.93 4.06 48.11
C LEU VA 153 113.02 2.56 47.92
N MET VA 154 114.08 2.09 47.25
CA MET VA 154 114.29 0.66 46.99
C MET VA 154 115.56 0.09 47.64
N PRO VA 155 115.47 -0.35 48.90
CA PRO VA 155 116.51 -0.94 49.77
C PRO VA 155 117.34 -2.04 49.12
N TYR VA 156 116.75 -2.75 48.18
CA TYR VA 156 117.46 -3.84 47.51
C TYR VA 156 118.20 -3.38 46.26
N ALA VA 157 117.57 -2.53 45.48
CA ALA VA 157 118.14 -2.04 44.23
C ALA VA 157 119.48 -1.39 44.50
N ASP VA 158 120.43 -1.63 43.61
CA ASP VA 158 121.74 -1.06 43.76
C ASP VA 158 121.79 0.29 43.09
N SER VA 159 121.09 0.41 41.96
CA SER VA 159 121.02 1.67 41.24
C SER VA 159 119.76 1.73 40.43
N VAL VA 160 119.42 2.92 39.95
CA VAL VA 160 118.22 3.08 39.15
C VAL VA 160 118.56 3.63 37.78
N ASN VA 161 118.09 2.96 36.75
CA ASN VA 161 118.36 3.40 35.41
C ASN VA 161 117.24 4.24 34.84
N ILE VA 162 117.32 5.54 35.05
CA ILE VA 162 116.32 6.43 34.48
C ILE VA 162 116.59 6.66 33.02
N THR VA 163 115.58 6.48 32.20
CA THR VA 163 115.73 6.69 30.77
C THR VA 163 114.53 7.41 30.22
N LEU VA 164 114.76 8.19 29.19
CA LEU VA 164 113.72 9.01 28.63
C LEU VA 164 113.09 8.37 27.41
N MET VA 165 111.75 8.30 27.41
CA MET VA 165 110.98 7.68 26.33
C MET VA 165 110.22 8.73 25.52
N ASP VA 166 110.05 8.47 24.23
CA ASP VA 166 109.36 9.41 23.38
C ASP VA 166 107.85 9.15 23.36
N ASP VA 167 107.10 10.11 23.90
CA ASP VA 167 105.64 10.06 23.99
C ASP VA 167 104.94 9.65 22.70
N VAL VA 168 105.51 10.07 21.57
CA VAL VA 168 104.95 9.76 20.27
C VAL VA 168 104.96 8.28 19.99
N THR VA 169 106.03 7.59 20.38
CA THR VA 169 106.13 6.17 20.08
C THR VA 169 105.19 5.39 20.97
N ALA VA 170 104.93 5.91 22.17
CA ALA VA 170 103.97 5.26 23.06
C ALA VA 170 102.60 5.28 22.43
N ALA VA 171 102.19 6.46 21.97
CA ALA VA 171 100.89 6.61 21.33
C ALA VA 171 100.80 5.84 20.04
N GLY VA 172 101.89 5.86 19.27
CA GLY VA 172 101.93 5.17 17.99
C GLY VA 172 101.67 3.69 18.14
N GLN VA 173 102.33 3.07 19.11
CA GLN VA 173 102.13 1.64 19.35
C GLN VA 173 100.71 1.34 19.79
N ALA VA 174 100.17 2.19 20.66
CA ALA VA 174 98.81 1.99 21.15
C ALA VA 174 97.82 1.93 20.00
N GLU VA 175 97.89 2.91 19.11
CA GLU VA 175 96.96 2.94 18.00
C GLU VA 175 97.23 1.87 16.97
N ALA VA 176 98.50 1.65 16.65
CA ALA VA 176 98.86 0.67 15.64
C ALA VA 176 98.33 -0.71 15.96
N GLY VA 177 98.55 -1.16 17.18
CA GLY VA 177 98.08 -2.49 17.57
C GLY VA 177 96.56 -2.54 17.59
N LEU VA 178 95.95 -1.47 18.08
CA LEU VA 178 94.51 -1.36 18.17
C LEU VA 178 93.85 -1.54 16.80
N LYS VA 179 94.36 -0.84 15.79
CA LYS VA 179 93.81 -0.97 14.46
C LYS VA 179 94.25 -2.26 13.77
N GLN VA 180 95.39 -2.84 14.17
CA GLN VA 180 95.82 -4.13 13.62
C GLN VA 180 94.80 -5.21 13.95
N GLN VA 181 94.24 -5.13 15.16
CA GLN VA 181 93.21 -6.04 15.62
C GLN VA 181 91.84 -5.81 14.95
N ALA VA 182 91.75 -4.83 14.04
CA ALA VA 182 90.53 -4.49 13.31
C ALA VA 182 89.45 -3.98 14.23
N LEU VA 183 89.85 -3.30 15.29
CA LEU VA 183 88.88 -2.77 16.24
C LEU VA 183 88.49 -1.36 15.86
N PRO VA 184 87.23 -0.99 16.06
CA PRO VA 184 86.66 0.32 15.87
C PRO VA 184 87.06 1.18 17.05
N TYR VA 185 87.37 2.45 16.81
CA TYR VA 185 87.75 3.31 17.91
C TYR VA 185 87.77 4.75 17.49
N SER VA 186 87.88 5.63 18.46
CA SER VA 186 88.02 7.04 18.17
C SER VA 186 89.05 7.63 19.13
N ARG VA 187 90.11 8.17 18.56
CA ARG VA 187 91.21 8.73 19.31
C ARG VA 187 90.90 10.10 19.89
N ARG VA 188 91.38 10.35 21.11
CA ARG VA 188 91.18 11.61 21.81
C ARG VA 188 92.48 12.21 22.27
N ASN VA 189 93.10 13.04 21.44
CA ASN VA 189 94.33 13.68 21.84
C ASN VA 189 94.02 14.86 22.73
N HIS VA 190 94.75 14.99 23.81
CA HIS VA 190 94.57 16.16 24.67
C HIS VA 190 95.88 16.49 25.33
N LYS VA 191 95.98 17.67 25.91
CA LYS VA 191 97.22 18.02 26.53
C LYS VA 191 97.49 17.07 27.68
N GLY VA 192 98.65 16.43 27.64
CA GLY VA 192 99.05 15.52 28.69
C GLY VA 192 98.68 14.05 28.46
N GLY VA 193 97.97 13.72 27.39
CA GLY VA 193 97.64 12.30 27.18
C GLY VA 193 96.76 12.01 25.99
N VAL VA 194 96.34 10.76 25.88
CA VAL VA 194 95.46 10.36 24.79
C VAL VA 194 94.54 9.23 25.20
N THR VA 195 93.28 9.34 24.81
CA THR VA 195 92.31 8.32 25.14
C THR VA 195 91.71 7.65 23.91
N PHE VA 196 91.60 6.33 23.94
CA PHE VA 196 91.04 5.58 22.83
C PHE VA 196 89.67 5.04 23.18
N VAL VA 197 88.65 5.65 22.59
CA VAL VA 197 87.27 5.31 22.87
C VAL VA 197 86.74 4.23 21.97
N ILE VA 198 86.21 3.17 22.56
CA ILE VA 198 85.63 2.08 21.80
C ILE VA 198 84.17 1.88 22.18
N GLN VA 199 83.26 2.33 21.32
CA GLN VA 199 81.83 2.23 21.61
C GLN VA 199 81.06 1.40 20.62
N GLY VA 200 79.81 1.14 20.95
CA GLY VA 200 78.90 0.38 20.10
C GLY VA 200 78.77 -1.04 20.56
N ALA VA 201 77.91 -1.80 19.90
CA ALA VA 201 77.76 -3.20 20.23
C ALA VA 201 78.97 -3.95 19.71
N LEU VA 202 79.45 -4.91 20.47
CA LEU VA 202 80.64 -5.62 20.07
C LEU VA 202 80.45 -7.12 19.97
N ASP VA 203 81.07 -7.71 18.96
CA ASP VA 203 81.08 -9.14 18.75
C ASP VA 203 81.96 -9.80 19.79
N ASP VA 204 81.54 -10.90 20.34
CA ASP VA 204 82.32 -11.60 21.36
C ASP VA 204 83.79 -11.82 20.96
N VAL VA 205 84.03 -12.00 19.66
CA VAL VA 205 85.37 -12.23 19.19
C VAL VA 205 86.21 -10.98 19.33
N GLU VA 206 85.69 -9.85 18.85
CA GLU VA 206 86.43 -8.60 18.95
C GLU VA 206 86.54 -8.12 20.38
N ILE VA 207 85.62 -8.54 21.25
CA ILE VA 207 85.75 -8.20 22.65
C ILE VA 207 86.97 -8.85 23.24
N LEU VA 208 87.13 -10.14 22.97
CA LEU VA 208 88.28 -10.88 23.45
C LEU VA 208 89.56 -10.25 22.96
N ARG VA 209 89.64 -10.00 21.66
CA ARG VA 209 90.82 -9.40 21.07
C ARG VA 209 91.16 -8.06 21.68
N ALA VA 210 90.14 -7.23 21.91
CA ALA VA 210 90.35 -5.92 22.48
C ALA VA 210 90.99 -6.00 23.84
N ARG VA 211 90.45 -6.85 24.71
CA ARG VA 211 91.03 -6.95 26.03
C ARG VA 211 92.44 -7.45 26.02
N GLN VA 212 92.74 -8.45 25.21
CA GLN VA 212 94.09 -9.00 25.15
C GLN VA 212 95.09 -7.91 24.81
N PHE VA 213 94.76 -7.11 23.81
CA PHE VA 213 95.61 -6.02 23.41
C PHE VA 213 95.83 -5.00 24.51
N VAL VA 214 94.73 -4.55 25.12
CA VAL VA 214 94.80 -3.55 26.16
C VAL VA 214 95.63 -3.99 27.33
N ASP VA 215 95.42 -5.22 27.80
CA ASP VA 215 96.18 -5.73 28.92
C ASP VA 215 97.66 -5.71 28.64
N SER VA 216 98.06 -6.11 27.43
CA SER VA 216 99.47 -6.11 27.09
C SER VA 216 100.06 -4.72 27.03
N TYR VA 217 99.33 -3.78 26.45
CA TYR VA 217 99.82 -2.41 26.36
C TYR VA 217 100.05 -1.85 27.75
N TYR VA 218 99.06 -2.06 28.62
CA TYR VA 218 99.14 -1.61 29.99
C TYR VA 218 100.35 -2.20 30.67
N ARG VA 219 100.51 -3.52 30.59
CA ARG VA 219 101.64 -4.20 31.20
C ARG VA 219 102.97 -3.56 30.82
N THR VA 220 103.13 -3.20 29.55
CA THR VA 220 104.37 -2.60 29.10
C THR VA 220 104.51 -1.13 29.47
N TRP VA 221 103.66 -0.30 28.90
CA TRP VA 221 103.77 1.14 29.09
C TRP VA 221 103.10 1.68 30.34
N GLY VA 222 102.03 1.05 30.77
CA GLY VA 222 101.29 1.56 31.92
C GLY VA 222 100.17 2.47 31.44
N GLY VA 223 99.27 2.85 32.34
CA GLY VA 223 98.13 3.68 31.97
C GLY VA 223 98.22 5.15 32.35
N ARG VA 224 99.43 5.72 32.36
CA ARG VA 224 99.55 7.13 32.73
C ARG VA 224 99.49 8.09 31.56
N TYR VA 225 99.65 7.58 30.35
CA TYR VA 225 99.61 8.45 29.17
C TYR VA 225 98.50 8.01 28.25
N VAL VA 226 98.45 6.72 27.96
CA VAL VA 226 97.41 6.16 27.12
C VAL VA 226 96.31 5.53 27.95
N GLN VA 227 95.10 6.00 27.74
CA GLN VA 227 93.94 5.48 28.43
C GLN VA 227 92.98 4.84 27.46
N PHE VA 228 92.58 3.61 27.72
CA PHE VA 228 91.62 2.96 26.83
C PHE VA 228 90.25 3.02 27.46
N ALA VA 229 89.21 3.05 26.64
CA ALA VA 229 87.85 3.17 27.15
C ALA VA 229 86.87 2.29 26.40
N ILE VA 230 86.78 1.03 26.83
CA ILE VA 230 85.85 0.10 26.20
C ILE VA 230 84.47 0.27 26.78
N GLU VA 231 83.50 0.57 25.92
CA GLU VA 231 82.14 0.80 26.35
C GLU VA 231 81.14 0.01 25.52
N LEU VA 232 80.70 -1.12 26.06
CA LEU VA 232 79.75 -1.98 25.38
C LEU VA 232 78.35 -1.37 25.44
N LYS VA 233 77.87 -0.90 24.29
CA LYS VA 233 76.57 -0.21 24.25
C LYS VA 233 75.66 -0.67 23.11
N ASP VA 234 74.36 -0.45 23.26
CA ASP VA 234 73.40 -0.78 22.22
C ASP VA 234 73.36 0.25 21.11
N ASP VA 235 73.11 -0.22 19.90
CA ASP VA 235 73.02 0.65 18.73
C ASP VA 235 71.59 0.68 18.18
N ASP WA 3 99.49 -42.74 50.28
CA ASP WA 3 98.37 -43.52 50.76
C ASP WA 3 97.24 -42.62 51.22
N LYS WA 4 96.66 -41.87 50.29
CA LYS WA 4 95.57 -40.97 50.63
C LYS WA 4 94.29 -41.35 49.94
N ASP WA 5 93.17 -41.13 50.62
CA ASP WA 5 91.87 -41.40 50.03
C ASP WA 5 91.44 -40.21 49.20
N LEU WA 6 91.09 -40.46 47.94
CA LEU WA 6 90.68 -39.38 47.07
C LEU WA 6 89.17 -39.42 46.85
N LEU WA 7 88.69 -40.52 46.26
CA LEU WA 7 87.25 -40.68 46.01
C LEU WA 7 86.69 -41.98 46.57
N LYS WA 8 85.42 -41.96 46.94
CA LYS WA 8 84.76 -43.17 47.47
C LYS WA 8 83.34 -43.32 46.95
N GLY WA 9 82.89 -44.56 46.83
CA GLY WA 9 81.51 -44.81 46.42
C GLY WA 9 81.28 -44.62 44.94
N LEU WA 10 82.32 -44.78 44.14
CA LEU WA 10 82.20 -44.55 42.72
C LEU WA 10 81.59 -45.74 42.02
N ASP WA 11 80.90 -45.51 40.92
CA ASP WA 11 80.41 -46.64 40.19
C ASP WA 11 81.54 -47.05 39.25
N GLN WA 12 81.32 -48.10 38.48
CA GLN WA 12 82.37 -48.60 37.61
C GLN WA 12 82.85 -47.60 36.57
N GLU WA 13 81.91 -46.98 35.87
CA GLU WA 13 82.23 -46.00 34.83
C GLU WA 13 83.05 -44.85 35.35
N GLN WA 14 82.56 -44.24 36.42
CA GLN WA 14 83.20 -43.10 37.04
C GLN WA 14 84.60 -43.42 37.46
N ALA WA 15 84.77 -44.57 38.12
CA ALA WA 15 86.07 -44.97 38.61
C ALA WA 15 87.07 -45.04 37.48
N ASN WA 16 86.71 -45.70 36.38
CA ASN WA 16 87.64 -45.82 35.28
C ASN WA 16 87.93 -44.49 34.59
N GLU WA 17 86.93 -43.61 34.53
CA GLU WA 17 87.15 -42.31 33.91
C GLU WA 17 88.11 -41.43 34.68
N VAL WA 18 87.93 -41.39 36.00
CA VAL WA 18 88.81 -40.58 36.84
C VAL WA 18 90.23 -41.06 36.75
N ILE WA 19 90.41 -42.38 36.80
CA ILE WA 19 91.72 -42.96 36.70
C ILE WA 19 92.40 -42.58 35.41
N ALA WA 20 91.67 -42.65 34.31
CA ALA WA 20 92.23 -42.29 33.01
C ALA WA 20 92.85 -40.91 33.05
N VAL WA 21 92.13 -39.96 33.63
CA VAL WA 21 92.63 -38.58 33.73
C VAL WA 21 93.89 -38.48 34.56
N LEU WA 22 93.90 -39.14 35.70
CA LEU WA 22 95.05 -39.08 36.58
C LEU WA 22 96.29 -39.64 35.92
N GLN WA 23 96.13 -40.74 35.19
CA GLN WA 23 97.26 -41.35 34.50
C GLN WA 23 97.77 -40.43 33.42
N MET WA 24 96.86 -39.80 32.70
CA MET WA 24 97.22 -38.86 31.67
C MET WA 24 98.11 -37.75 32.21
N HIS WA 25 97.86 -37.33 33.44
CA HIS WA 25 98.68 -36.30 34.06
C HIS WA 25 99.80 -36.83 34.94
N ASN WA 26 100.22 -38.07 34.68
CA ASN WA 26 101.34 -38.68 35.39
C ASN WA 26 101.09 -38.98 36.86
N ILE WA 27 99.91 -39.51 37.17
CA ILE WA 27 99.57 -39.90 38.53
C ILE WA 27 99.08 -41.34 38.61
N GLU WA 28 99.77 -42.17 39.37
CA GLU WA 28 99.33 -43.55 39.57
C GLU WA 28 98.10 -43.56 40.47
N ALA WA 29 97.20 -44.50 40.25
CA ALA WA 29 96.00 -44.56 41.07
C ALA WA 29 95.54 -45.98 41.29
N ASN WA 30 95.00 -46.23 42.48
CA ASN WA 30 94.52 -47.56 42.83
C ASN WA 30 93.02 -47.61 42.79
N LYS WA 31 92.47 -48.64 42.18
CA LYS WA 31 91.03 -48.84 42.20
C LYS WA 31 90.68 -49.93 43.17
N ILE WA 32 89.96 -49.59 44.23
CA ILE WA 32 89.62 -50.55 45.24
C ILE WA 32 88.16 -50.94 45.22
N ASP WA 33 87.93 -52.23 45.07
CA ASP WA 33 86.60 -52.79 45.04
C ASP WA 33 86.09 -53.09 46.44
N SER WA 34 85.13 -52.31 46.92
CA SER WA 34 84.57 -52.51 48.25
C SER WA 34 83.19 -53.15 48.20
N GLY WA 35 82.93 -53.90 47.13
CA GLY WA 35 81.67 -54.61 46.97
C GLY WA 35 80.51 -53.66 46.79
N LYS WA 36 79.47 -53.86 47.59
CA LYS WA 36 78.26 -53.05 47.56
C LYS WA 36 78.50 -51.58 47.83
N LEU WA 37 79.65 -51.24 48.40
CA LEU WA 37 79.94 -49.86 48.71
C LEU WA 37 80.56 -49.11 47.54
N GLY WA 38 80.82 -49.80 46.43
CA GLY WA 38 81.36 -49.15 45.25
C GLY WA 38 82.89 -49.16 45.18
N TYR WA 39 83.43 -48.29 44.35
CA TYR WA 39 84.87 -48.21 44.18
C TYR WA 39 85.48 -47.02 44.88
N SER WA 40 86.72 -47.19 45.30
CA SER WA 40 87.46 -46.12 45.91
C SER WA 40 88.76 -45.89 45.19
N ILE WA 41 89.16 -44.63 45.09
CA ILE WA 41 90.40 -44.31 44.44
C ILE WA 41 91.38 -43.71 45.40
N THR WA 42 92.57 -44.31 45.47
CA THR WA 42 93.61 -43.80 46.35
C THR WA 42 94.88 -43.49 45.58
N VAL WA 43 95.66 -42.55 46.12
CA VAL WA 43 96.89 -42.13 45.47
C VAL WA 43 98.05 -42.00 46.43
N ALA WA 44 99.25 -41.97 45.88
CA ALA WA 44 100.44 -41.79 46.69
C ALA WA 44 100.44 -40.38 47.24
N GLU WA 45 100.85 -40.24 48.50
CA GLU WA 45 100.89 -38.95 49.17
C GLU WA 45 101.63 -37.85 48.39
N PRO WA 46 102.77 -38.14 47.73
CA PRO WA 46 103.52 -37.20 46.89
C PRO WA 46 102.69 -36.61 45.75
N ASP WA 47 101.72 -37.36 45.25
CA ASP WA 47 100.91 -36.91 44.14
C ASP WA 47 99.60 -36.30 44.59
N PHE WA 48 99.15 -36.69 45.79
CA PHE WA 48 97.88 -36.26 46.34
C PHE WA 48 97.50 -34.80 46.09
N THR WA 49 98.43 -33.87 46.26
CA THR WA 49 98.10 -32.46 46.04
C THR WA 49 97.68 -32.22 44.60
N ALA WA 50 98.48 -32.74 43.68
CA ALA WA 50 98.20 -32.60 42.26
C ALA WA 50 96.92 -33.31 41.90
N ALA WA 51 96.70 -34.48 42.49
CA ALA WA 51 95.52 -35.27 42.20
C ALA WA 51 94.27 -34.46 42.53
N VAL WA 52 94.26 -33.82 43.69
CA VAL WA 52 93.13 -32.99 44.08
C VAL WA 52 92.90 -31.88 43.11
N TYR WA 53 93.97 -31.22 42.71
CA TYR WA 53 93.87 -30.14 41.74
C TYR WA 53 93.16 -30.59 40.47
N TRP WA 54 93.53 -31.76 39.95
CA TRP WA 54 92.93 -32.25 38.72
C TRP WA 54 91.48 -32.71 38.90
N ILE WA 55 91.13 -33.23 40.08
CA ILE WA 55 89.73 -33.60 40.34
C ILE WA 55 88.85 -32.38 40.22
N LYS WA 56 89.35 -31.27 40.74
CA LYS WA 56 88.65 -30.01 40.62
C LYS WA 56 88.56 -29.57 39.18
N THR WA 57 89.71 -29.49 38.53
CA THR WA 57 89.83 -29.02 37.15
C THR WA 57 88.89 -29.72 36.18
N TYR WA 58 88.79 -31.03 36.29
CA TYR WA 58 87.95 -31.78 35.37
C TYR WA 58 86.57 -32.14 35.88
N GLN WA 59 86.08 -31.46 36.91
CA GLN WA 59 84.73 -31.75 37.41
C GLN WA 59 84.52 -33.23 37.71
N LEU WA 60 85.43 -33.84 38.44
CA LEU WA 60 85.31 -35.26 38.70
C LEU WA 60 84.76 -35.55 40.09
N PRO WA 61 84.09 -36.70 40.25
CA PRO WA 61 83.75 -37.74 39.30
C PRO WA 61 82.62 -37.28 38.37
N PRO WA 62 82.53 -37.84 37.16
CA PRO WA 62 81.58 -37.55 36.10
C PRO WA 62 80.13 -37.72 36.50
N ARG WA 63 79.26 -36.90 35.94
CA ARG WA 63 77.83 -37.02 36.16
C ARG WA 63 77.30 -38.03 35.15
N PRO WA 64 76.11 -38.59 35.36
CA PRO WA 64 75.42 -39.49 34.47
C PRO WA 64 74.93 -38.72 33.25
N ARG WA 65 74.86 -39.40 32.12
CA ARG WA 65 74.47 -38.74 30.87
C ARG WA 65 72.99 -38.38 30.84
N VAL WA 66 72.72 -37.16 30.41
CA VAL WA 66 71.37 -36.63 30.34
C VAL WA 66 70.74 -36.78 28.98
N GLU WA 67 69.57 -37.40 28.96
CA GLU WA 67 68.79 -37.64 27.77
C GLU WA 67 67.37 -37.15 28.03
N ILE WA 68 66.73 -36.58 27.02
CA ILE WA 68 65.44 -35.94 27.20
C ILE WA 68 64.35 -36.86 27.73
N ALA WA 69 64.27 -38.08 27.22
CA ALA WA 69 63.25 -39.02 27.64
C ALA WA 69 63.28 -39.34 29.12
N GLN WA 70 64.38 -39.06 29.80
CA GLN WA 70 64.49 -39.36 31.21
C GLN WA 70 63.54 -38.51 32.04
N MET WA 71 63.06 -37.40 31.47
CA MET WA 71 62.14 -36.54 32.19
C MET WA 71 60.69 -36.66 31.76
N PHE WA 72 60.37 -37.63 30.92
CA PHE WA 72 58.99 -37.83 30.51
C PHE WA 72 58.73 -39.31 30.40
N PRO WA 73 58.76 -40.03 31.52
CA PRO WA 73 58.67 -41.48 31.66
C PRO WA 73 57.29 -42.05 31.33
N ALA WA 74 57.31 -43.28 30.83
CA ALA WA 74 56.10 -44.01 30.43
C ALA WA 74 55.31 -44.49 31.63
N ASP WA 75 55.90 -44.39 32.81
CA ASP WA 75 55.25 -44.78 34.03
C ASP WA 75 54.10 -43.84 34.42
N SER WA 76 54.04 -42.66 33.78
CA SER WA 76 52.94 -41.75 34.08
C SER WA 76 51.62 -42.34 33.68
N LEU WA 77 50.62 -42.10 34.52
CA LEU WA 77 49.28 -42.61 34.30
C LEU WA 77 48.60 -41.97 33.10
N VAL WA 78 49.03 -40.75 32.80
CA VAL WA 78 48.48 -39.99 31.69
C VAL WA 78 49.62 -39.45 30.83
N SER WA 79 49.30 -39.00 29.64
CA SER WA 79 50.30 -38.44 28.76
C SER WA 79 49.74 -37.26 28.01
N SER WA 80 50.60 -36.55 27.31
CA SER WA 80 50.19 -35.41 26.53
C SER WA 80 50.98 -35.42 25.26
N PRO WA 81 50.47 -34.82 24.19
CA PRO WA 81 51.10 -34.66 22.90
C PRO WA 81 52.48 -34.10 23.05
N ARG WA 82 52.62 -33.14 23.95
CA ARG WA 82 53.90 -32.52 24.23
C ARG WA 82 54.90 -33.53 24.70
N ALA WA 83 54.50 -34.31 25.72
CA ALA WA 83 55.40 -35.31 26.27
C ALA WA 83 55.73 -36.39 25.27
N GLU WA 84 54.73 -36.87 24.55
CA GLU WA 84 54.95 -37.95 23.61
C GLU WA 84 55.87 -37.57 22.48
N LYS WA 85 55.71 -36.37 21.94
CA LYS WA 85 56.56 -35.93 20.86
C LYS WA 85 57.99 -35.80 21.35
N ALA WA 86 58.17 -35.30 22.58
CA ALA WA 86 59.50 -35.18 23.16
C ALA WA 86 60.16 -36.54 23.31
N ARG WA 87 59.40 -37.53 23.80
CA ARG WA 87 59.92 -38.87 23.96
C ARG WA 87 60.44 -39.44 22.67
N LEU WA 88 59.67 -39.26 21.60
CA LEU WA 88 60.09 -39.74 20.31
C LEU WA 88 61.39 -39.15 19.85
N TYR WA 89 61.50 -37.82 19.93
CA TYR WA 89 62.72 -37.17 19.48
C TYR WA 89 63.93 -37.62 20.26
N SER WA 90 63.76 -37.87 21.55
CA SER WA 90 64.85 -38.33 22.37
C SER WA 90 65.40 -39.64 21.83
N ALA WA 91 64.49 -40.56 21.53
CA ALA WA 91 64.87 -41.85 20.97
C ALA WA 91 65.58 -41.70 19.65
N ILE WA 92 65.07 -40.80 18.81
CA ILE WA 92 65.67 -40.59 17.51
C ILE WA 92 67.10 -40.10 17.62
N GLU WA 93 67.39 -39.15 18.52
CA GLU WA 93 68.77 -38.69 18.67
C GLU WA 93 69.66 -39.84 19.05
N GLN WA 94 69.20 -40.66 19.98
CA GLN WA 94 70.00 -41.81 20.42
C GLN WA 94 70.30 -42.76 19.29
N ARG WA 95 69.29 -43.00 18.47
CA ARG WA 95 69.41 -43.93 17.38
C ARG WA 95 70.38 -43.40 16.32
N LEU WA 96 70.35 -42.08 16.07
CA LEU WA 96 71.30 -41.50 15.13
C LEU WA 96 72.71 -41.58 15.64
N GLU WA 97 72.91 -41.43 16.95
CA GLU WA 97 74.25 -41.56 17.51
C GLU WA 97 74.77 -42.97 17.34
N GLN WA 98 73.89 -43.95 17.56
CA GLN WA 98 74.27 -45.33 17.38
C GLN WA 98 74.71 -45.60 15.96
N SER WA 99 74.08 -44.95 14.99
CA SER WA 99 74.46 -45.13 13.60
C SER WA 99 75.79 -44.49 13.24
N LEU WA 100 76.00 -43.23 13.65
CA LEU WA 100 77.24 -42.56 13.26
C LEU WA 100 78.47 -43.22 13.81
N GLN WA 101 78.36 -43.81 14.99
CA GLN WA 101 79.50 -44.46 15.59
C GLN WA 101 79.91 -45.77 14.90
N THR WA 102 79.16 -46.20 13.88
CA THR WA 102 79.53 -47.39 13.15
C THR WA 102 80.23 -47.04 11.84
N MET WA 103 80.31 -45.75 11.52
CA MET WA 103 80.99 -45.35 10.29
C MET WA 103 82.48 -45.52 10.42
N GLU WA 104 83.11 -45.87 9.31
CA GLU WA 104 84.54 -46.09 9.27
C GLU WA 104 85.33 -44.90 9.76
N GLY WA 105 86.20 -45.15 10.74
CA GLY WA 105 87.07 -44.13 11.27
C GLY WA 105 86.46 -43.34 12.43
N VAL WA 106 85.18 -43.53 12.71
CA VAL WA 106 84.57 -42.79 13.80
C VAL WA 106 84.72 -43.50 15.11
N LEU WA 107 85.26 -42.79 16.09
CA LEU WA 107 85.48 -43.32 17.41
C LEU WA 107 84.34 -42.93 18.33
N SER WA 108 83.85 -41.71 18.15
CA SER WA 108 82.74 -41.22 18.97
C SER WA 108 81.94 -40.15 18.28
N ALA WA 109 80.64 -40.11 18.55
CA ALA WA 109 79.82 -39.09 17.93
C ALA WA 109 78.59 -38.77 18.74
N ARG WA 110 78.20 -37.49 18.71
CA ARG WA 110 77.00 -37.02 19.43
C ARG WA 110 76.07 -36.27 18.49
N VAL WA 111 74.76 -36.42 18.69
CA VAL WA 111 73.78 -35.82 17.79
C VAL WA 111 72.67 -35.06 18.51
N HIS WA 112 72.35 -33.87 18.00
CA HIS WA 112 71.27 -33.08 18.53
C HIS WA 112 70.24 -32.76 17.47
N ILE WA 113 68.98 -32.72 17.86
CA ILE WA 113 67.92 -32.34 16.93
C ILE WA 113 67.08 -31.30 17.59
N SER WA 114 66.63 -30.32 16.83
CA SER WA 114 65.80 -29.28 17.41
C SER WA 114 64.45 -29.84 17.81
N TYR WA 115 63.78 -29.17 18.73
CA TYR WA 115 62.49 -29.61 19.23
C TYR WA 115 61.38 -28.65 18.86
N ASP WA 116 60.17 -29.16 18.92
CA ASP WA 116 58.97 -28.40 18.62
C ASP WA 116 57.96 -28.69 19.68
N ILE WA 117 57.77 -27.73 20.57
CA ILE WA 117 56.92 -27.93 21.70
C ILE WA 117 55.56 -27.27 21.59
N ASP WA 118 55.41 -26.29 20.72
CA ASP WA 118 54.10 -25.66 20.65
C ASP WA 118 53.73 -25.02 19.31
N ALA WA 119 54.18 -25.56 18.17
CA ALA WA 119 53.75 -25.01 16.89
C ALA WA 119 52.24 -25.20 16.70
N GLY WA 120 51.82 -26.45 16.52
CA GLY WA 120 50.40 -26.81 16.35
C GLY WA 120 49.54 -26.28 17.48
N GLU WA 121 50.09 -26.31 18.70
CA GLU WA 121 49.44 -25.76 19.89
C GLU WA 121 48.95 -24.33 19.69
N ASN WA 122 49.73 -23.53 18.97
CA ASN WA 122 49.40 -22.13 18.74
C ASN WA 122 48.71 -21.91 17.39
N GLY WA 123 48.30 -22.98 16.72
CA GLY WA 123 47.67 -22.85 15.41
C GLY WA 123 48.69 -22.61 14.31
N ARG WA 124 49.97 -22.85 14.60
CA ARG WA 124 51.03 -22.62 13.64
C ARG WA 124 51.51 -23.90 12.99
N PRO WA 125 52.07 -23.81 11.79
CA PRO WA 125 52.73 -24.85 11.05
C PRO WA 125 54.07 -25.08 11.74
N PRO WA 126 54.63 -26.28 11.61
CA PRO WA 126 55.88 -26.74 12.19
C PRO WA 126 57.06 -26.05 11.55
N LYS WA 127 58.14 -25.95 12.31
CA LYS WA 127 59.34 -25.31 11.81
C LYS WA 127 60.28 -26.34 11.22
N PRO WA 128 61.22 -25.90 10.37
CA PRO WA 128 62.27 -26.69 9.75
C PRO WA 128 63.10 -27.32 10.83
N VAL WA 129 63.63 -28.49 10.55
CA VAL WA 129 64.39 -29.20 11.55
C VAL WA 129 65.87 -28.88 11.49
N HIS WA 130 66.45 -28.60 12.65
CA HIS WA 130 67.86 -28.29 12.71
C HIS WA 130 68.62 -29.45 13.31
N LEU WA 131 69.80 -29.74 12.78
CA LEU WA 131 70.62 -30.81 13.29
C LEU WA 131 72.02 -30.36 13.56
N SER WA 132 72.65 -30.94 14.57
CA SER WA 132 74.04 -30.64 14.81
C SER WA 132 74.72 -31.88 15.32
N ALA WA 133 76.01 -32.00 15.07
CA ALA WA 133 76.69 -33.20 15.53
C ALA WA 133 78.15 -32.99 15.77
N LEU WA 134 78.69 -33.81 16.67
CA LEU WA 134 80.09 -33.79 17.01
C LEU WA 134 80.71 -35.12 16.67
N ALA WA 135 81.96 -35.12 16.25
CA ALA WA 135 82.57 -36.41 15.94
C ALA WA 135 84.07 -36.44 16.19
N VAL WA 136 84.54 -37.61 16.61
CA VAL WA 136 85.95 -37.88 16.87
C VAL WA 136 86.42 -38.98 15.97
N TYR WA 137 87.46 -38.71 15.20
CA TYR WA 137 88.03 -39.68 14.28
C TYR WA 137 89.37 -40.24 14.66
N GLU WA 138 89.68 -41.38 14.05
CA GLU WA 138 90.98 -42.00 14.21
C GLU WA 138 92.04 -41.06 13.68
N ARG WA 139 93.07 -40.82 14.48
CA ARG WA 139 94.12 -39.90 14.13
C ARG WA 139 94.76 -40.22 12.78
N GLY WA 140 94.87 -39.18 11.95
CA GLY WA 140 95.46 -39.29 10.61
C GLY WA 140 94.40 -39.36 9.50
N SER WA 141 93.14 -39.49 9.89
CA SER WA 141 92.02 -39.55 8.97
C SER WA 141 91.75 -38.18 8.28
N PRO WA 142 91.32 -38.17 7.01
CA PRO WA 142 91.02 -37.00 6.17
C PRO WA 142 89.68 -36.32 6.46
N LEU WA 143 89.59 -35.76 7.66
CA LEU WA 143 88.41 -35.08 8.20
C LEU WA 143 87.69 -34.12 7.25
N ALA WA 144 88.46 -33.39 6.47
CA ALA WA 144 87.92 -32.39 5.56
C ALA WA 144 87.01 -32.95 4.48
N HIS WA 145 87.05 -34.27 4.28
CA HIS WA 145 86.23 -34.88 3.26
C HIS WA 145 85.16 -35.73 3.90
N GLN WA 146 85.53 -36.36 5.01
CA GLN WA 146 84.64 -37.24 5.75
C GLN WA 146 83.39 -36.52 6.25
N ILE WA 147 83.55 -35.26 6.60
CA ILE WA 147 82.45 -34.42 7.03
C ILE WA 147 81.27 -34.39 6.03
N SER WA 148 81.52 -34.65 4.75
CA SER WA 148 80.46 -34.63 3.77
C SER WA 148 79.58 -35.86 3.82
N ASP WA 149 80.10 -36.98 4.33
CA ASP WA 149 79.30 -38.18 4.46
C ASP WA 149 78.31 -38.01 5.56
N ILE WA 150 78.78 -37.42 6.65
CA ILE WA 150 77.92 -37.20 7.79
C ILE WA 150 76.77 -36.33 7.42
N LYS WA 151 77.09 -35.24 6.74
CA LYS WA 151 76.10 -34.27 6.38
C LYS WA 151 75.08 -34.83 5.38
N ARG WA 152 75.55 -35.62 4.41
CA ARG WA 152 74.63 -36.22 3.44
C ARG WA 152 73.71 -37.24 4.08
N PHE WA 153 74.29 -38.07 4.93
CA PHE WA 153 73.55 -39.07 5.65
C PHE WA 153 72.44 -38.46 6.47
N LEU WA 154 72.77 -37.45 7.25
CA LEU WA 154 71.78 -36.80 8.07
C LEU WA 154 70.72 -36.08 7.26
N LYS WA 155 71.10 -35.51 6.12
CA LYS WA 155 70.14 -34.78 5.30
C LYS WA 155 68.92 -35.60 4.94
N ASN WA 156 69.10 -36.83 4.48
CA ASN WA 156 67.93 -37.64 4.17
C ASN WA 156 67.49 -38.55 5.31
N SER WA 157 67.95 -38.28 6.53
CA SER WA 157 67.54 -39.06 7.69
C SER WA 157 66.40 -38.39 8.42
N PHE WA 158 65.83 -37.34 7.85
CA PHE WA 158 64.74 -36.70 8.55
C PHE WA 158 63.86 -35.88 7.63
N ALA WA 159 62.57 -35.94 7.88
CA ALA WA 159 61.48 -35.33 7.12
C ALA WA 159 61.81 -34.03 6.37
N ASP WA 160 62.43 -33.06 7.03
CA ASP WA 160 62.68 -31.81 6.32
C ASP WA 160 63.84 -31.01 6.88
N VAL WA 161 65.03 -31.30 6.37
CA VAL WA 161 66.23 -30.58 6.73
C VAL WA 161 66.91 -30.14 5.46
N ASP WA 162 68.01 -29.42 5.57
CA ASP WA 162 68.75 -28.99 4.40
C ASP WA 162 70.20 -28.76 4.74
N TYR WA 163 71.04 -28.51 3.74
CA TYR WA 163 72.47 -28.39 3.98
C TYR WA 163 72.90 -27.09 4.69
N ASP WA 164 71.97 -26.19 4.95
CA ASP WA 164 72.31 -24.98 5.68
C ASP WA 164 71.89 -25.08 7.13
N ASN WA 165 71.09 -26.09 7.46
CA ASN WA 165 70.61 -26.24 8.82
C ASN WA 165 71.17 -27.47 9.49
N ILE WA 166 72.28 -27.98 8.96
CA ILE WA 166 72.98 -29.12 9.54
C ILE WA 166 74.40 -28.72 9.83
N SER WA 167 74.81 -28.75 11.08
CA SER WA 167 76.18 -28.37 11.40
C SER WA 167 76.99 -29.50 11.99
N VAL WA 168 78.21 -29.66 11.49
CA VAL WA 168 79.08 -30.71 11.98
C VAL WA 168 80.41 -30.16 12.42
N VAL WA 169 80.76 -30.41 13.67
CA VAL WA 169 82.03 -29.99 14.24
C VAL WA 169 82.78 -31.23 14.65
N LEU WA 170 84.00 -31.37 14.18
CA LEU WA 170 84.73 -32.59 14.45
C LEU WA 170 86.23 -32.45 14.56
N SER WA 171 86.86 -33.51 15.04
CA SER WA 171 88.30 -33.57 15.18
C SER WA 171 88.78 -35.00 15.29
N GLU WA 172 89.96 -35.20 15.86
CA GLU WA 172 90.53 -36.53 15.98
C GLU WA 172 91.18 -36.73 17.33
N ARG WA 173 91.40 -37.98 17.69
CA ARG WA 173 91.97 -38.31 18.98
C ARG WA 173 93.41 -37.81 19.16
N SER WA 174 93.81 -37.70 20.42
CA SER WA 174 95.15 -37.28 20.82
C SER WA 174 96.12 -38.46 20.89
N ASP WA 175 97.38 -38.16 21.21
CA ASP WA 175 98.43 -39.17 21.35
C ASP WA 175 98.08 -40.12 22.50
N ALA WA 176 97.86 -41.39 22.16
CA ALA WA 176 97.44 -42.38 23.15
C ALA WA 176 98.39 -42.54 24.31
N GLN WA 177 97.84 -42.57 25.51
CA GLN WA 177 98.65 -42.74 26.70
C GLN WA 177 98.93 -44.21 26.92
N LEU WA 178 100.00 -44.69 26.32
CA LEU WA 178 100.35 -46.09 26.39
C LEU WA 178 101.43 -46.41 27.42
N GLN WA 179 101.80 -45.42 28.24
CA GLN WA 179 102.87 -45.64 29.21
C GLN WA 179 102.42 -45.35 30.64
N ALA WA 180 102.89 -46.16 31.57
CA ALA WA 180 102.54 -45.97 32.97
C ALA WA 180 103.25 -44.73 33.53
N PRO WA 181 102.57 -43.96 34.39
CA PRO WA 181 103.06 -42.77 35.10
C PRO WA 181 104.33 -42.98 35.91
N GLY WA 182 104.41 -44.10 36.62
CA GLY WA 182 105.58 -44.41 37.41
C GLY WA 182 105.35 -44.03 38.87
N THR WA 183 106.14 -44.64 39.75
CA THR WA 183 106.02 -44.38 41.18
C THR WA 183 106.90 -43.19 41.57
N PRO WA 184 106.68 -42.63 42.77
CA PRO WA 184 107.43 -41.55 43.37
C PRO WA 184 108.80 -42.04 43.80
N VAL WA 185 109.76 -41.12 43.86
CA VAL WA 185 111.11 -41.47 44.25
C VAL WA 185 111.29 -41.44 45.75
N LYS WA 186 111.49 -42.62 46.32
CA LYS WA 186 111.75 -42.77 47.76
C LYS WA 186 112.01 -44.22 48.10
N ALA XA 42 119.69 -41.14 40.84
CA ALA XA 42 118.41 -40.87 40.20
C ALA XA 42 118.60 -40.10 38.90
N GLU XA 43 119.24 -40.74 37.92
CA GLU XA 43 119.46 -40.09 36.64
C GLU XA 43 118.15 -39.64 36.03
N LEU XA 44 118.08 -38.36 35.68
CA LEU XA 44 116.88 -37.76 35.14
C LEU XA 44 116.28 -38.52 33.96
N ASP XA 45 117.13 -39.07 33.10
CA ASP XA 45 116.66 -39.85 31.97
C ASP XA 45 115.81 -41.03 32.40
N SER XA 46 116.13 -41.62 33.54
CA SER XA 46 115.36 -42.76 34.03
C SER XA 46 114.15 -42.29 34.82
N LEU XA 47 114.21 -41.06 35.32
CA LEU XA 47 113.07 -40.50 36.04
C LEU XA 47 111.92 -40.16 35.09
N LEU XA 48 112.28 -39.71 33.88
CA LEU XA 48 111.29 -39.39 32.85
C LEU XA 48 110.74 -40.68 32.23
N GLY XA 49 109.56 -40.58 31.61
CA GLY XA 49 108.82 -41.70 30.99
C GLY XA 49 109.63 -42.76 30.22
N GLN XA 50 108.96 -43.90 29.96
CA GLN XA 50 109.55 -45.05 29.25
C GLN XA 50 110.07 -44.67 27.89
N GLU XA 51 109.30 -43.88 27.15
CA GLU XA 51 109.76 -43.44 25.86
C GLU XA 51 110.59 -42.19 26.05
N LYS XA 52 111.84 -42.41 26.43
CA LYS XA 52 112.79 -41.34 26.71
C LYS XA 52 113.03 -40.40 25.53
N GLU XA 53 112.68 -40.82 24.33
CA GLU XA 53 112.88 -40.02 23.15
C GLU XA 53 111.87 -38.89 23.01
N ARG XA 54 110.94 -38.77 23.96
CA ARG XA 54 109.99 -37.68 23.96
C ARG XA 54 110.60 -36.43 24.56
N PHE XA 55 111.75 -36.56 25.24
CA PHE XA 55 112.35 -35.41 25.89
C PHE XA 55 113.79 -35.23 25.52
N GLN XA 56 114.23 -33.98 25.47
CA GLN XA 56 115.63 -33.73 25.23
C GLN XA 56 116.24 -33.05 26.43
N VAL XA 57 117.03 -33.79 27.19
CA VAL XA 57 117.66 -33.21 28.36
C VAL XA 57 118.87 -32.41 27.95
N LEU XA 58 118.94 -31.19 28.47
CA LEU XA 58 119.99 -30.25 28.12
C LEU XA 58 120.78 -29.83 29.35
N PRO XA 59 122.08 -29.62 29.22
CA PRO XA 59 122.92 -29.23 30.36
C PRO XA 59 123.30 -27.78 30.30
N GLY XA 60 122.55 -26.92 30.99
CA GLY XA 60 122.80 -25.49 30.96
C GLY XA 60 124.07 -25.09 31.67
N ARG XA 61 124.69 -24.01 31.20
CA ARG XA 61 125.93 -23.51 31.78
C ARG XA 61 125.73 -22.91 33.17
N ASP XA 62 124.48 -22.66 33.53
CA ASP XA 62 124.09 -22.17 34.84
C ASP XA 62 123.91 -23.28 35.88
N LYS XA 63 124.34 -24.51 35.55
CA LYS XA 63 124.24 -25.67 36.43
C LYS XA 63 122.81 -26.17 36.59
N MET XA 64 121.92 -25.75 35.69
CA MET XA 64 120.55 -26.22 35.71
C MET XA 64 120.35 -27.21 34.59
N LEU XA 65 119.78 -28.35 34.93
CA LEU XA 65 119.55 -29.38 33.95
C LEU XA 65 118.16 -29.13 33.35
N TYR XA 66 118.10 -28.90 32.07
CA TYR XA 66 116.86 -28.55 31.43
C TYR XA 66 116.18 -29.70 30.72
N VAL XA 67 114.85 -29.67 30.70
CA VAL XA 67 114.09 -30.71 30.01
C VAL XA 67 113.29 -30.13 28.88
N ALA XA 68 113.74 -30.31 27.65
CA ALA XA 68 112.99 -29.76 26.54
C ALA XA 68 111.85 -30.67 26.14
N ALA XA 69 110.65 -30.11 26.17
CA ALA XA 69 109.45 -30.84 25.80
C ALA XA 69 108.84 -30.21 24.55
N GLN XA 70 108.24 -31.04 23.70
CA GLN XA 70 107.65 -30.57 22.45
C GLN XA 70 106.15 -30.34 22.54
N ASN XA 71 105.55 -30.63 23.68
CA ASN XA 71 104.11 -30.50 23.84
C ASN XA 71 103.74 -30.23 25.28
N GLU XA 72 102.74 -29.40 25.51
CA GLU XA 72 102.29 -29.07 26.86
C GLU XA 72 101.90 -30.29 27.71
N ARG XA 73 101.56 -31.42 27.08
CA ARG XA 73 101.27 -32.61 27.85
C ARG XA 73 102.55 -33.21 28.40
N ASP XA 74 103.63 -33.03 27.67
CA ASP XA 74 104.91 -33.56 28.05
C ASP XA 74 105.54 -32.58 29.01
N THR XA 75 105.22 -31.30 28.84
CA THR XA 75 105.68 -30.27 29.73
C THR XA 75 105.17 -30.58 31.11
N LEU XA 76 103.87 -30.82 31.22
CA LEU XA 76 103.28 -31.16 32.50
C LEU XA 76 103.81 -32.47 33.04
N TRP XA 77 104.01 -33.46 32.18
CA TRP XA 77 104.56 -34.74 32.59
C TRP XA 77 105.85 -34.54 33.36
N ALA XA 78 106.79 -33.84 32.73
CA ALA XA 78 108.10 -33.57 33.31
C ALA XA 78 107.99 -32.75 34.59
N ARG XA 79 107.09 -31.78 34.62
CA ARG XA 79 106.92 -30.98 35.83
C ARG XA 79 106.44 -31.83 36.99
N GLN XA 80 105.55 -32.78 36.70
CA GLN XA 80 105.07 -33.66 37.74
C GLN XA 80 106.19 -34.54 38.22
N VAL XA 81 107.08 -34.96 37.33
CA VAL XA 81 108.24 -35.75 37.75
C VAL XA 81 109.11 -34.99 38.73
N LEU XA 82 109.38 -33.73 38.43
CA LEU XA 82 110.20 -32.92 39.31
C LEU XA 82 109.55 -32.69 40.67
N ALA XA 83 108.23 -32.52 40.70
CA ALA XA 83 107.52 -32.32 41.96
C ALA XA 83 107.27 -33.63 42.73
N ARG XA 84 107.03 -34.72 42.00
CA ARG XA 84 106.75 -36.02 42.59
C ARG XA 84 107.97 -36.74 43.08
N GLY XA 85 108.93 -36.89 42.19
CA GLY XA 85 110.16 -37.58 42.50
C GLY XA 85 111.19 -36.60 42.99
N ASP XA 86 112.45 -36.90 42.75
CA ASP XA 86 113.47 -36.00 43.20
C ASP XA 86 114.72 -36.13 42.36
N TYR XA 87 115.50 -35.07 42.42
CA TYR XA 87 116.75 -34.99 41.72
C TYR XA 87 117.53 -33.85 42.35
N ASP XA 88 118.62 -34.20 43.03
CA ASP XA 88 119.43 -33.19 43.73
C ASP XA 88 120.24 -32.32 42.80
N LYS XA 89 119.57 -31.39 42.12
CA LYS XA 89 120.20 -30.47 41.20
C LYS XA 89 119.17 -29.55 40.59
N ASN XA 90 119.57 -28.31 40.33
CA ASN XA 90 118.71 -27.36 39.68
C ASN XA 90 118.15 -27.98 38.41
N ALA XA 91 116.87 -27.77 38.17
CA ALA XA 91 116.26 -28.31 36.97
C ALA XA 91 115.08 -27.45 36.53
N ARG XA 92 114.80 -27.46 35.23
CA ARG XA 92 113.71 -26.64 34.71
C ARG XA 92 113.23 -27.11 33.35
N VAL XA 93 111.92 -27.29 33.23
CA VAL XA 93 111.31 -27.76 31.99
C VAL XA 93 111.15 -26.63 30.98
N ILE XA 94 111.59 -26.90 29.76
CA ILE XA 94 111.52 -25.98 28.64
C ILE XA 94 110.34 -26.24 27.70
N ASN XA 95 109.65 -25.18 27.35
CA ASN XA 95 108.53 -25.23 26.44
C ASN XA 95 108.68 -24.14 25.39
N GLU XA 96 108.82 -24.57 24.14
CA GLU XA 96 109.03 -23.68 23.00
C GLU XA 96 108.21 -22.40 23.00
N ASN XA 97 106.91 -22.49 23.24
CA ASN XA 97 106.09 -21.30 23.25
C ASN XA 97 106.31 -20.46 24.49
N GLU XA 98 106.52 -21.12 25.63
CA GLU XA 98 106.72 -20.38 26.86
C GLU XA 98 108.03 -19.62 26.81
N GLU XA 99 109.04 -20.21 26.20
CA GLU XA 99 110.32 -19.57 26.08
C GLU XA 99 110.28 -18.46 25.08
N ASN XA 100 109.53 -18.66 24.00
CA ASN XA 100 109.40 -17.61 23.01
C ASN XA 100 108.81 -16.37 23.68
N LYS XA 101 107.78 -16.60 24.51
CA LYS XA 101 107.13 -15.52 25.25
C LYS XA 101 108.06 -14.87 26.27
N ARG XA 102 108.75 -15.67 27.07
CA ARG XA 102 109.65 -15.14 28.08
C ARG XA 102 110.66 -14.18 27.48
N ILE XA 103 111.24 -14.59 26.37
CA ILE XA 103 112.20 -13.77 25.67
C ILE XA 103 111.57 -12.51 25.14
N SER XA 104 110.39 -12.63 24.52
CA SER XA 104 109.75 -11.45 23.93
C SER XA 104 109.45 -10.38 24.97
N ILE XA 105 109.20 -10.79 26.22
CA ILE XA 105 108.95 -9.82 27.29
C ILE XA 105 110.18 -8.99 27.57
N TRP XA 106 111.28 -9.68 27.81
CA TRP XA 106 112.55 -9.02 28.10
C TRP XA 106 112.98 -8.16 26.94
N LEU XA 107 112.83 -8.72 25.77
CA LEU XA 107 113.23 -8.10 24.53
C LEU XA 107 112.48 -6.81 24.31
N ASP XA 108 111.18 -6.79 24.54
CA ASP XA 108 110.43 -5.54 24.38
C ASP XA 108 110.92 -4.44 25.31
N THR XA 109 111.26 -4.79 26.57
CA THR XA 109 111.74 -3.80 27.53
C THR XA 109 113.09 -3.19 27.16
N TYR XA 110 114.04 -4.04 26.79
CA TYR XA 110 115.38 -3.56 26.49
C TYR XA 110 115.57 -3.14 25.04
N TYR XA 111 114.85 -3.77 24.13
CA TYR XA 111 114.88 -3.40 22.72
C TYR XA 111 113.49 -3.10 22.18
N PRO XA 112 112.85 -2.02 22.65
CA PRO XA 112 111.54 -1.59 22.25
C PRO XA 112 111.62 -1.17 20.82
N GLN XA 113 110.52 -1.35 20.11
CA GLN XA 113 110.40 -1.07 18.68
C GLN XA 113 111.17 -2.07 17.78
N LEU XA 114 111.82 -3.09 18.36
CA LEU XA 114 112.50 -4.07 17.52
C LEU XA 114 111.49 -4.85 16.71
N ALA XA 115 111.68 -4.91 15.40
CA ALA XA 115 110.73 -5.64 14.57
C ALA XA 115 111.22 -7.06 14.34
N TYR XA 116 110.49 -8.05 14.86
CA TYR XA 116 110.90 -9.42 14.72
C TYR XA 116 109.70 -10.35 14.63
N TYR XA 117 109.97 -11.61 14.30
CA TYR XA 117 108.92 -12.60 14.09
C TYR XA 117 108.83 -13.66 15.17
N ARG XA 118 109.67 -14.67 15.10
CA ARG XA 118 109.58 -15.75 16.07
C ARG XA 118 110.88 -16.50 16.18
N ILE XA 119 111.16 -17.00 17.38
CA ILE XA 119 112.36 -17.79 17.59
C ILE XA 119 112.08 -19.26 17.34
N HIS XA 120 112.87 -19.85 16.47
CA HIS XA 120 112.75 -21.25 16.12
C HIS XA 120 113.74 -22.04 16.92
N PHE XA 121 113.27 -22.76 17.91
CA PHE XA 121 114.17 -23.44 18.79
C PHE XA 121 114.75 -24.70 18.18
N ASP XA 122 113.92 -25.48 17.47
CA ASP XA 122 114.33 -26.72 16.77
C ASP XA 122 115.50 -27.44 17.42
N GLU XA 123 116.72 -27.04 17.07
CA GLU XA 123 117.93 -27.61 17.67
C GLU XA 123 118.39 -26.74 18.83
N PRO XA 124 117.87 -26.99 20.05
CA PRO XA 124 118.15 -26.25 21.31
C PRO XA 124 119.42 -25.42 21.32
N ARG XA 125 120.54 -26.05 21.00
CA ARG XA 125 121.86 -25.46 20.98
C ARG XA 125 122.00 -24.17 20.19
N LYS XA 126 121.35 -24.13 19.03
CA LYS XA 126 121.43 -22.99 18.14
C LYS XA 126 120.07 -22.59 17.57
N PRO XA 127 119.23 -21.91 18.34
CA PRO XA 127 117.92 -21.42 17.96
C PRO XA 127 118.09 -20.32 16.95
N VAL XA 128 117.11 -20.18 16.09
CA VAL XA 128 117.13 -19.18 15.04
C VAL XA 128 116.18 -18.05 15.32
N PHE XA 129 116.67 -16.84 15.21
CA PHE XA 129 115.87 -15.67 15.51
C PHE XA 129 115.47 -14.95 14.23
N TRP XA 130 114.18 -15.01 13.87
CA TRP XA 130 113.78 -14.27 12.67
C TRP XA 130 113.56 -12.80 12.99
N LEU XA 131 114.24 -11.95 12.22
CA LEU XA 131 114.26 -10.51 12.38
C LEU XA 131 113.77 -9.81 11.12
N SER XA 132 112.95 -8.77 11.23
CA SER XA 132 112.46 -8.12 10.01
C SER XA 132 113.58 -7.41 9.25
N ARG XA 133 113.92 -7.96 8.09
CA ARG XA 133 114.97 -7.41 7.24
C ARG XA 133 114.71 -5.97 6.83
N GLN XA 134 113.48 -5.68 6.45
CA GLN XA 134 113.13 -4.38 5.94
C GLN XA 134 112.88 -3.32 7.00
N ARG XA 135 112.30 -3.70 8.14
CA ARG XA 135 112.02 -2.69 9.15
C ARG XA 135 113.18 -2.35 10.08
N ASN XA 136 114.13 -3.26 10.25
CA ASN XA 136 115.24 -2.96 11.14
C ASN XA 136 116.44 -2.40 10.39
N THR XA 137 117.08 -1.41 11.01
CA THR XA 137 118.24 -0.74 10.43
C THR XA 137 119.46 -0.86 11.33
N MET XA 138 119.49 -1.90 12.17
CA MET XA 138 120.60 -2.11 13.08
C MET XA 138 121.89 -2.46 12.35
N SER XA 139 123.01 -2.02 12.89
CA SER XA 139 124.30 -2.31 12.28
C SER XA 139 124.72 -3.70 12.64
N LYS XA 140 125.70 -4.23 11.92
CA LYS XA 140 126.21 -5.57 12.18
C LYS XA 140 126.69 -5.70 13.62
N LYS XA 141 127.37 -4.67 14.12
CA LYS XA 141 127.88 -4.67 15.47
C LYS XA 141 126.75 -4.69 16.48
N GLU XA 142 125.71 -3.92 16.20
CA GLU XA 142 124.55 -3.89 17.08
C GLU XA 142 123.88 -5.25 17.13
N LEU XA 143 123.81 -5.91 15.98
CA LEU XA 143 123.23 -7.24 15.90
C LEU XA 143 124.05 -8.24 16.69
N GLU XA 144 125.38 -8.07 16.67
CA GLU XA 144 126.24 -8.94 17.49
C GLU XA 144 125.83 -8.85 18.94
N VAL XA 145 125.73 -7.62 19.42
CA VAL XA 145 125.35 -7.36 20.80
C VAL XA 145 124.00 -7.97 21.13
N LEU XA 146 123.04 -7.79 20.24
CA LEU XA 146 121.71 -8.35 20.40
C LEU XA 146 121.78 -9.85 20.61
N SER XA 147 122.52 -10.56 19.75
CA SER XA 147 122.62 -12.00 19.88
C SER XA 147 123.25 -12.39 21.20
N GLN XA 148 124.19 -11.58 21.68
CA GLN XA 148 124.83 -11.86 22.94
C GLN XA 148 123.86 -11.74 24.10
N LYS XA 149 122.96 -10.78 24.02
CA LYS XA 149 121.96 -10.62 25.06
C LYS XA 149 121.01 -11.80 25.04
N LEU XA 150 120.68 -12.27 23.85
CA LEU XA 150 119.81 -13.42 23.71
C LEU XA 150 120.48 -14.66 24.28
N ARG XA 151 121.80 -14.78 24.09
CA ARG XA 151 122.53 -15.91 24.64
C ARG XA 151 122.43 -15.88 26.16
N ALA XA 152 122.52 -14.69 26.74
CA ALA XA 152 122.37 -14.55 28.19
C ALA XA 152 121.00 -15.03 28.64
N LEU XA 153 119.96 -14.73 27.85
CA LEU XA 153 118.61 -15.16 28.18
C LEU XA 153 118.40 -16.66 28.09
N MET XA 154 119.22 -17.35 27.29
CA MET XA 154 119.13 -18.80 27.11
C MET XA 154 120.37 -19.57 27.59
N PRO XA 155 120.44 -19.93 28.88
CA PRO XA 155 121.48 -20.67 29.60
C PRO XA 155 121.98 -21.92 28.91
N TYR XA 156 121.12 -22.56 28.14
CA TYR XA 156 121.48 -23.78 27.44
C TYR XA 156 122.07 -23.53 26.06
N ALA XA 157 121.45 -22.62 25.33
CA ALA XA 157 121.88 -22.31 23.97
C ALA XA 157 123.34 -21.90 23.96
N ASP XA 158 124.05 -22.36 22.95
CA ASP XA 158 125.46 -22.03 22.84
C ASP XA 158 125.62 -20.74 22.06
N SER XA 159 124.77 -20.56 21.07
CA SER XA 159 124.81 -19.34 20.27
C SER XA 159 123.45 -19.07 19.67
N VAL XA 160 123.25 -17.88 19.17
CA VAL XA 160 121.96 -17.52 18.56
C VAL XA 160 122.15 -17.11 17.13
N ASN XA 161 121.38 -17.72 16.24
CA ASN XA 161 121.50 -17.41 14.84
C ASN XA 161 120.46 -16.39 14.41
N ILE XA 162 120.80 -15.12 14.49
CA ILE XA 162 119.89 -14.09 14.04
C ILE XA 162 119.94 -13.98 12.54
N THR XA 163 118.78 -14.00 11.92
CA THR XA 163 118.71 -13.90 10.47
C THR XA 163 117.57 -12.99 10.08
N LEU XA 164 117.75 -12.31 8.96
CA LEU XA 164 116.79 -11.33 8.51
C LEU XA 164 115.84 -11.90 7.47
N MET XA 165 114.55 -11.71 7.70
CA MET XA 165 113.50 -12.22 6.82
C MET XA 165 112.81 -11.10 6.06
N ASP XA 166 112.37 -11.37 4.84
CA ASP XA 166 111.71 -10.34 4.05
C ASP XA 166 110.20 -10.31 4.30
N ASP XA 167 109.74 -9.21 4.88
CA ASP XA 167 108.34 -8.98 5.22
C ASP XA 167 107.36 -9.31 4.09
N VAL XA 168 107.78 -9.07 2.85
CA VAL XA 168 106.95 -9.33 1.70
C VAL XA 168 106.65 -10.79 1.53
N THR XA 169 107.63 -11.65 1.79
CA THR XA 169 107.41 -13.06 1.60
C THR XA 169 106.54 -13.62 2.70
N ALA XA 170 106.59 -13.00 3.87
CA ALA XA 170 105.72 -13.43 4.95
C ALA XA 170 104.26 -13.17 4.56
N ALA XA 171 103.99 -11.96 4.08
CA ALA XA 171 102.66 -11.59 3.66
C ALA XA 171 102.21 -12.39 2.46
N GLY XA 172 103.12 -12.62 1.52
CA GLY XA 172 102.81 -13.36 0.31
C GLY XA 172 102.33 -14.75 0.61
N GLN XA 173 103.02 -15.44 1.52
CA GLN XA 173 102.61 -16.79 1.89
C GLN XA 173 101.27 -16.80 2.59
N ALA XA 174 101.05 -15.82 3.47
CA ALA XA 174 99.78 -15.74 4.18
C ALA XA 174 98.62 -15.66 3.22
N GLU XA 175 98.70 -14.76 2.26
CA GLU XA 175 97.61 -14.60 1.33
C GLU XA 175 97.49 -15.74 0.35
N ALA XA 176 98.63 -16.21 -0.15
CA ALA XA 176 98.62 -17.29 -1.14
C ALA XA 176 97.91 -18.53 -0.63
N GLY XA 177 98.27 -18.97 0.57
CA GLY XA 177 97.65 -20.16 1.13
C GLY XA 177 96.18 -19.92 1.41
N LEU XA 178 95.85 -18.73 1.91
CA LEU XA 178 94.50 -18.35 2.23
C LEU XA 178 93.58 -18.46 1.01
N LYS XA 179 94.03 -17.92 -0.13
CA LYS XA 179 93.23 -18.00 -1.33
C LYS XA 179 93.31 -19.39 -1.98
N GLN XA 180 94.37 -20.14 -1.74
CA GLN XA 180 94.46 -21.52 -2.24
C GLN XA 180 93.34 -22.36 -1.66
N GLN XA 181 93.04 -22.13 -0.39
CA GLN XA 181 91.95 -22.82 0.30
C GLN XA 181 90.55 -22.36 -0.15
N ALA XA 182 90.47 -21.43 -1.11
CA ALA XA 182 89.23 -20.89 -1.65
C ALA XA 182 88.44 -20.13 -0.60
N LEU XA 183 89.13 -19.50 0.33
CA LEU XA 183 88.45 -18.77 1.38
C LEU XA 183 88.25 -17.32 0.96
N PRO XA 184 87.14 -16.71 1.35
CA PRO XA 184 86.80 -15.32 1.14
C PRO XA 184 87.54 -14.51 2.17
N TYR XA 185 88.02 -13.34 1.78
CA TYR XA 185 88.75 -12.51 2.74
C TYR XA 185 88.95 -11.11 2.21
N SER XA 186 89.38 -10.23 3.08
CA SER XA 186 89.72 -8.89 2.66
C SER XA 186 90.98 -8.47 3.39
N ARG XA 187 92.00 -8.15 2.61
CA ARG XA 187 93.30 -7.78 3.12
C ARG XA 187 93.34 -6.34 3.64
N ARG XA 188 94.08 -6.14 4.74
CA ARG XA 188 94.23 -4.84 5.35
C ARG XA 188 95.68 -4.46 5.55
N ASN XA 189 96.27 -3.82 4.57
CA ASN XA 189 97.65 -3.40 4.71
C ASN XA 189 97.72 -2.13 5.54
N HIS XA 190 98.64 -2.09 6.47
CA HIS XA 190 98.83 -0.88 7.25
C HIS XA 190 100.27 -0.77 7.66
N LYS XA 191 100.68 0.40 8.12
CA LYS XA 191 102.06 0.53 8.50
C LYS XA 191 102.36 -0.40 9.66
N GLY XA 192 103.36 -1.25 9.47
CA GLY XA 192 103.77 -2.17 10.51
C GLY XA 192 103.11 -3.56 10.46
N GLY XA 193 102.17 -3.79 9.54
CA GLY XA 193 101.56 -5.13 9.52
C GLY XA 193 100.44 -5.31 8.51
N VAL XA 194 99.80 -6.46 8.56
CA VAL XA 194 98.68 -6.73 7.67
C VAL XA 194 97.66 -7.64 8.32
N THR XA 195 96.39 -7.32 8.13
CA THR XA 195 95.33 -8.13 8.71
C THR XA 195 94.41 -8.72 7.64
N PHE XA 196 94.08 -9.99 7.80
CA PHE XA 196 93.20 -10.67 6.85
C PHE XA 196 91.84 -10.93 7.46
N VAL XA 197 90.86 -10.16 7.01
CA VAL XA 197 89.52 -10.23 7.54
C VAL XA 197 88.64 -11.22 6.82
N ILE XA 198 88.05 -12.14 7.58
CA ILE XA 198 87.16 -13.15 7.01
C ILE XA 198 85.78 -13.03 7.64
N GLN XA 199 84.83 -12.46 6.91
CA GLN XA 199 83.49 -12.28 7.46
C GLN XA 199 82.41 -12.99 6.67
N GLY XA 200 81.22 -13.00 7.22
CA GLY XA 200 80.05 -13.60 6.58
C GLY XA 200 79.75 -14.96 7.18
N ALA XA 201 78.66 -15.56 6.72
CA ALA XA 201 78.32 -16.90 7.19
C ALA XA 201 79.27 -17.88 6.53
N LEU XA 202 79.70 -18.88 7.27
CA LEU XA 202 80.66 -19.82 6.73
C LEU XA 202 80.18 -21.26 6.77
N ASP XA 203 80.51 -22.00 5.74
CA ASP XA 203 80.22 -23.42 5.63
C ASP XA 203 81.13 -24.18 6.56
N ASP XA 204 80.62 -25.17 7.27
CA ASP XA 204 81.45 -25.95 8.19
C ASP XA 204 82.75 -26.46 7.57
N VAL XA 205 82.72 -26.74 6.27
CA VAL XA 205 83.90 -27.24 5.60
C VAL XA 205 84.96 -26.17 5.49
N GLU XA 206 84.56 -24.98 5.02
CA GLU XA 206 85.53 -23.89 4.90
C GLU XA 206 85.97 -23.38 6.26
N ILE XA 207 85.16 -23.58 7.29
CA ILE XA 207 85.59 -23.20 8.63
C ILE XA 207 86.76 -24.05 9.05
N LEU XA 208 86.64 -25.36 8.86
CA LEU XA 208 87.71 -26.27 9.19
C LEU XA 208 88.99 -25.92 8.45
N ARG XA 209 88.86 -25.75 7.13
CA ARG XA 209 90.01 -25.40 6.32
C ARG XA 209 90.69 -24.13 6.76
N ALA XA 210 89.89 -23.11 7.08
CA ALA XA 210 90.43 -21.84 7.51
C ALA XA 210 91.28 -21.98 8.74
N ARG XA 211 90.76 -22.67 9.76
CA ARG XA 211 91.53 -22.81 10.97
C ARG XA 211 92.81 -23.58 10.77
N GLN XA 212 92.77 -24.65 9.99
CA GLN XA 212 93.96 -25.44 9.75
C GLN XA 212 95.08 -24.58 9.17
N PHE XA 213 94.72 -23.78 8.18
CA PHE XA 213 95.67 -22.88 7.56
C PHE XA 213 96.25 -21.88 8.53
N VAL XA 214 95.38 -21.21 9.27
CA VAL XA 214 95.81 -20.19 10.20
C VAL XA 214 96.74 -20.72 11.26
N ASP XA 215 96.39 -21.87 11.84
CA ASP XA 215 97.25 -22.46 12.86
C ASP XA 215 98.64 -22.73 12.33
N SER XA 216 98.73 -23.26 11.11
CA SER XA 216 100.04 -23.55 10.54
C SER XA 216 100.85 -22.30 10.28
N TYR XA 217 100.20 -21.25 9.75
CA TYR XA 217 100.91 -20.01 9.48
C TYR XA 217 101.47 -19.43 10.77
N TYR XA 218 100.64 -19.42 11.79
CA TYR XA 218 101.03 -18.94 13.09
C TYR XA 218 102.23 -19.72 13.62
N ARG XA 219 102.12 -21.04 13.60
CA ARG XA 219 103.21 -21.88 14.07
C ARG XA 219 104.54 -21.54 13.43
N THR XA 220 104.54 -21.27 12.12
CA THR XA 220 105.77 -20.92 11.43
C THR XA 220 106.23 -19.50 11.66
N TRP XA 221 105.46 -18.55 11.18
CA TRP XA 221 105.84 -17.15 11.23
C TRP XA 221 105.52 -16.43 12.53
N GLY XA 222 104.45 -16.83 13.18
CA GLY XA 222 104.02 -16.15 14.39
C GLY XA 222 103.01 -15.07 14.04
N GLY XA 223 102.37 -14.47 15.04
CA GLY XA 223 101.35 -13.47 14.81
C GLY XA 223 101.77 -12.02 15.05
N ARG XA 224 103.03 -11.69 14.82
CA ARG XA 224 103.48 -10.31 15.05
C ARG XA 224 103.38 -9.41 13.83
N TYR XA 225 103.23 -9.99 12.65
CA TYR XA 225 103.14 -9.20 11.44
C TYR XA 225 101.81 -9.45 10.76
N VAL XA 226 101.49 -10.72 10.57
CA VAL XA 226 100.24 -11.12 9.96
C VAL XA 226 99.21 -11.49 11.00
N GLN XA 227 98.08 -10.81 10.97
CA GLN XA 227 97.00 -11.07 11.89
C GLN XA 227 95.76 -11.56 11.14
N PHE XA 228 95.22 -12.69 11.55
CA PHE XA 228 94.01 -13.18 10.89
C PHE XA 228 92.80 -12.83 11.74
N ALA XA 229 91.66 -12.64 11.10
CA ALA XA 229 90.46 -12.24 11.81
C ALA XA 229 89.22 -12.96 11.32
N ILE XA 230 88.98 -14.16 11.84
CA ILE XA 230 87.81 -14.93 11.45
C ILE XA 230 86.60 -14.47 12.24
N GLU XA 231 85.57 -14.02 11.54
CA GLU XA 231 84.36 -13.53 12.17
C GLU XA 231 83.10 -14.15 11.57
N LEU XA 232 82.58 -15.15 12.26
CA LEU XA 232 81.38 -15.85 11.82
C LEU XA 232 80.15 -14.99 12.07
N LYS XA 233 79.56 -14.47 10.99
CA LYS XA 233 78.42 -13.56 11.11
C LYS XA 233 77.25 -13.89 10.17
N ASP XA 234 76.07 -13.42 10.52
CA ASP XA 234 74.89 -13.62 9.68
C ASP XA 234 74.85 -12.64 8.51
N ASP XA 235 74.30 -13.11 7.40
CA ASP XA 235 74.16 -12.30 6.20
C ASP XA 235 72.69 -12.02 5.90
N ASP YA 3 97.67 -58.43 36.17
CA ASP YA 3 96.52 -58.96 36.88
C ASP YA 3 95.66 -57.84 37.45
N LYS YA 4 95.07 -57.04 36.58
CA LYS YA 4 94.24 -55.94 37.02
C LYS YA 4 92.81 -56.10 36.59
N ASP YA 5 91.88 -55.65 37.42
CA ASP YA 5 90.47 -55.70 37.08
C ASP YA 5 90.13 -54.49 36.23
N LEU YA 6 89.52 -54.72 35.08
CA LEU YA 6 89.16 -53.61 34.21
C LEU YA 6 87.65 -53.38 34.25
N LEU YA 7 86.89 -54.40 33.84
CA LEU YA 7 85.42 -54.29 33.84
C LEU YA 7 84.75 -55.44 34.58
N LYS YA 8 83.58 -55.17 35.16
CA LYS YA 8 82.83 -56.19 35.88
C LYS YA 8 81.34 -56.11 35.62
N GLY YA 9 80.66 -57.25 35.68
CA GLY YA 9 79.20 -57.25 35.52
C GLY YA 9 78.74 -57.07 34.09
N LEU YA 10 79.59 -57.46 33.14
CA LEU YA 10 79.25 -57.29 31.74
C LEU YA 10 78.34 -58.38 31.26
N ASP YA 11 77.52 -58.06 30.27
CA ASP YA 11 76.71 -59.12 29.72
C ASP YA 11 77.56 -59.76 28.64
N GLN YA 12 77.03 -60.80 28.01
CA GLN YA 12 77.79 -61.53 27.02
C GLN YA 12 78.25 -60.69 25.83
N GLU YA 13 77.33 -59.92 25.25
CA GLU YA 13 77.63 -59.08 24.10
C GLU YA 13 78.71 -58.08 24.39
N GLN YA 14 78.54 -57.33 25.47
CA GLN YA 14 79.47 -56.30 25.89
C GLN YA 14 80.85 -56.87 26.09
N ALA YA 15 80.92 -58.00 26.80
CA ALA YA 15 82.20 -58.61 27.09
C ALA YA 15 82.96 -58.92 25.82
N ASN YA 16 82.30 -59.55 24.86
CA ASN YA 16 82.97 -59.90 23.62
C ASN YA 16 83.37 -58.68 22.80
N GLU YA 17 82.56 -57.62 22.84
CA GLU YA 17 82.89 -56.43 22.09
C GLU YA 17 84.10 -55.71 22.62
N VAL YA 18 84.18 -55.57 23.94
CA VAL YA 18 85.31 -54.91 24.56
C VAL YA 18 86.59 -55.65 24.28
N ILE YA 19 86.54 -56.96 24.40
CA ILE YA 19 87.69 -57.80 24.13
C ILE YA 19 88.19 -57.61 22.72
N ALA YA 20 87.27 -57.59 21.76
CA ALA YA 20 87.65 -57.41 20.36
C ALA YA 20 88.50 -56.16 20.19
N VAL YA 21 88.07 -55.05 20.80
CA VAL YA 21 88.81 -53.81 20.71
C VAL YA 21 90.21 -53.91 21.31
N LEU YA 22 90.30 -54.50 22.49
CA LEU YA 22 91.58 -54.62 23.15
C LEU YA 22 92.57 -55.44 22.34
N GLN YA 23 92.09 -56.52 21.74
CA GLN YA 23 92.94 -57.35 20.92
C GLN YA 23 93.41 -56.62 19.70
N MET YA 24 92.51 -55.85 19.10
CA MET YA 24 92.85 -55.03 17.94
C MET YA 24 94.00 -54.09 18.24
N HIS YA 25 94.05 -53.58 19.46
CA HIS YA 25 95.14 -52.69 19.86
C HIS YA 25 96.27 -53.39 20.58
N ASN YA 26 96.43 -54.69 20.35
CA ASN YA 26 97.53 -55.47 20.91
C ASN YA 26 97.49 -55.65 22.40
N ILE YA 27 96.32 -55.93 22.95
CA ILE YA 27 96.16 -56.19 24.38
C ILE YA 27 95.44 -57.50 24.64
N GLU YA 28 96.10 -58.42 25.34
CA GLU YA 28 95.46 -59.68 25.72
C GLU YA 28 94.43 -59.42 26.81
N ALA YA 29 93.34 -60.18 26.82
CA ALA YA 29 92.32 -59.97 27.83
C ALA YA 29 91.66 -61.27 28.24
N ASN YA 30 91.30 -61.37 29.52
CA ASN YA 30 90.67 -62.56 30.03
C ASN YA 30 89.21 -62.32 30.25
N LYS YA 31 88.37 -63.27 29.83
CA LYS YA 31 86.94 -63.18 30.10
C LYS YA 31 86.59 -64.15 31.20
N ILE YA 32 86.14 -63.63 32.32
CA ILE YA 32 85.83 -64.45 33.46
C ILE YA 32 84.35 -64.57 33.70
N ASP YA 33 83.86 -65.80 33.70
CA ASP YA 33 82.45 -66.09 33.93
C ASP YA 33 82.17 -66.24 35.42
N SER YA 34 81.47 -65.27 35.99
CA SER YA 34 81.12 -65.30 37.41
C SER YA 34 79.66 -65.66 37.63
N GLY YA 35 79.08 -66.40 36.69
CA GLY YA 35 77.71 -66.86 36.79
C GLY YA 35 76.73 -65.73 36.73
N LYS YA 36 75.83 -65.68 37.71
CA LYS YA 36 74.79 -64.66 37.82
C LYS YA 36 75.33 -63.25 37.93
N LEU YA 37 76.62 -63.11 38.27
CA LEU YA 37 77.19 -61.80 38.43
C LEU YA 37 77.72 -61.24 37.11
N GLY YA 38 77.66 -62.01 36.03
CA GLY YA 38 78.08 -61.53 34.73
C GLY YA 38 79.54 -61.83 34.42
N TYR YA 39 80.08 -61.12 33.44
CA TYR YA 39 81.45 -61.32 33.03
C TYR YA 39 82.38 -60.24 33.51
N SER YA 40 83.62 -60.62 33.73
CA SER YA 40 84.63 -59.67 34.13
C SER YA 40 85.81 -59.73 33.20
N ILE YA 41 86.40 -58.58 32.93
CA ILE YA 41 87.55 -58.52 32.05
C ILE YA 41 88.77 -58.08 32.80
N THR YA 42 89.83 -58.88 32.70
CA THR YA 42 91.08 -58.54 33.37
C THR YA 42 92.22 -58.51 32.37
N VAL YA 43 93.24 -57.72 32.70
CA VAL YA 43 94.39 -57.57 31.82
C VAL YA 43 95.71 -57.61 32.56
N ALA YA 44 96.79 -57.84 31.82
CA ALA YA 44 98.12 -57.84 32.40
C ALA YA 44 98.46 -56.43 32.84
N GLU YA 45 99.10 -56.32 33.99
CA GLU YA 45 99.49 -55.03 34.54
C GLU YA 45 100.28 -54.13 33.57
N PRO YA 46 101.21 -54.65 32.76
CA PRO YA 46 101.95 -53.91 31.74
C PRO YA 46 101.05 -53.23 30.70
N ASP YA 47 99.89 -53.81 30.43
CA ASP YA 47 98.98 -53.26 29.45
C ASP YA 47 97.90 -52.40 30.07
N PHE YA 48 97.62 -52.64 31.34
CA PHE YA 48 96.56 -51.95 32.06
C PHE YA 48 96.40 -50.47 31.77
N THR YA 49 97.49 -49.71 31.70
CA THR YA 49 97.39 -48.28 31.42
C THR YA 49 96.77 -48.03 30.07
N ALA YA 50 97.28 -48.73 29.07
CA ALA YA 50 96.78 -48.60 27.71
C ALA YA 50 95.36 -49.07 27.62
N ALA YA 51 95.05 -50.16 28.32
CA ALA YA 51 93.70 -50.71 28.30
C ALA YA 51 92.71 -49.68 28.76
N VAL YA 52 93.02 -48.99 29.86
CA VAL YA 52 92.14 -47.95 30.38
C VAL YA 52 91.94 -46.86 29.37
N TYR YA 53 93.03 -46.43 28.75
CA TYR YA 53 92.94 -45.41 27.73
C TYR YA 53 91.95 -45.77 26.63
N TRP YA 54 92.02 -47.00 26.15
CA TRP YA 54 91.12 -47.43 25.08
C TRP YA 54 89.67 -47.59 25.54
N ILE YA 55 89.45 -47.99 26.80
CA ILE YA 55 88.08 -48.08 27.31
C ILE YA 55 87.42 -46.71 27.24
N LYS YA 56 88.20 -45.69 27.59
CA LYS YA 56 87.72 -44.33 27.49
C LYS YA 56 87.46 -43.95 26.05
N THR YA 57 88.47 -44.12 25.21
CA THR YA 57 88.42 -43.75 23.80
C THR YA 57 87.22 -44.30 23.06
N TYR YA 58 86.90 -45.56 23.27
CA TYR YA 58 85.79 -46.18 22.58
C TYR YA 58 84.48 -46.26 23.34
N GLN YA 59 84.31 -45.44 24.37
CA GLN YA 59 83.04 -45.44 25.12
C GLN YA 59 82.63 -46.84 25.56
N LEU YA 60 83.54 -47.58 26.17
CA LEU YA 60 83.22 -48.95 26.56
C LEU YA 60 82.87 -49.06 28.04
N PRO YA 61 82.04 -50.06 28.40
CA PRO YA 61 81.37 -51.05 27.60
C PRO YA 61 80.19 -50.43 26.84
N PRO YA 62 79.79 -51.01 25.70
CA PRO YA 62 78.73 -50.59 24.80
C PRO YA 62 77.37 -50.48 25.46
N ARG YA 63 76.57 -49.52 24.98
CA ARG YA 63 75.20 -49.38 25.44
C ARG YA 63 74.33 -50.30 24.61
N PRO YA 64 73.12 -50.62 25.06
CA PRO YA 64 72.13 -51.41 24.37
C PRO YA 64 71.58 -50.62 23.20
N ARG YA 65 71.18 -51.32 22.16
CA ARG YA 65 70.70 -50.67 20.94
C ARG YA 65 69.33 -50.04 21.11
N VAL YA 66 69.21 -48.80 20.65
CA VAL YA 66 67.99 -48.03 20.77
C VAL YA 66 67.10 -48.11 19.54
N GLU YA 67 65.86 -48.52 19.77
CA GLU YA 67 64.86 -48.65 18.74
C GLU YA 67 63.61 -47.90 19.20
N ILE YA 68 62.92 -47.26 18.27
CA ILE YA 68 61.81 -46.38 18.61
C ILE YA 68 60.69 -47.05 19.39
N ALA YA 69 60.30 -48.26 19.00
CA ALA YA 69 59.21 -48.97 19.65
C ALA YA 69 59.45 -49.22 21.13
N GLN YA 70 60.69 -49.12 21.59
CA GLN YA 70 61.00 -49.38 22.97
C GLN YA 70 60.37 -48.32 23.89
N MET YA 71 60.00 -47.17 23.33
CA MET YA 71 59.40 -46.12 24.11
C MET YA 71 57.90 -45.98 23.95
N PHE YA 72 57.27 -46.91 23.24
CA PHE YA 72 55.83 -46.87 23.09
C PHE YA 72 55.29 -48.28 23.13
N PRO YA 73 55.39 -48.94 24.29
CA PRO YA 73 55.06 -50.33 24.56
C PRO YA 73 53.58 -50.64 24.50
N ALA YA 74 53.28 -51.89 24.10
CA ALA YA 74 51.92 -52.39 23.97
C ALA YA 74 51.28 -52.65 25.32
N ASP YA 75 52.08 -52.61 26.37
CA ASP YA 75 51.59 -52.81 27.72
C ASP YA 75 50.71 -51.66 28.20
N SER YA 76 50.75 -50.52 27.51
CA SER YA 76 49.91 -49.41 27.90
C SER YA 76 48.44 -49.76 27.78
N LEU YA 77 47.67 -49.30 28.76
CA LEU YA 77 46.24 -49.55 28.80
C LEU YA 77 45.49 -48.84 27.68
N VAL YA 78 46.06 -47.74 27.21
CA VAL YA 78 45.47 -46.95 26.16
C VAL YA 78 46.52 -46.67 25.10
N SER YA 79 46.07 -46.22 23.94
CA SER YA 79 46.99 -45.91 22.86
C SER YA 79 46.52 -44.67 22.13
N SER YA 80 47.36 -44.17 21.24
CA SER YA 80 47.02 -43.01 20.46
C SER YA 80 47.57 -43.23 19.08
N PRO YA 81 46.99 -42.59 18.06
CA PRO YA 81 47.39 -42.61 16.68
C PRO YA 81 48.86 -42.32 16.55
N ARG YA 82 49.33 -41.36 17.34
CA ARG YA 82 50.72 -40.98 17.35
C ARG YA 82 51.59 -42.15 17.73
N ALA YA 83 51.26 -42.78 18.85
CA ALA YA 83 52.04 -43.90 19.32
C ALA YA 83 51.99 -45.07 18.37
N GLU YA 84 50.81 -45.39 17.86
CA GLU YA 84 50.66 -46.54 16.99
C GLU YA 84 51.42 -46.39 15.69
N LYS YA 85 51.38 -45.20 15.10
CA LYS YA 85 52.09 -44.98 13.87
C LYS YA 85 53.59 -45.11 14.09
N ALA YA 86 54.07 -44.59 15.23
CA ALA YA 86 55.48 -44.70 15.57
C ALA YA 86 55.89 -46.15 15.72
N ARG YA 87 55.08 -46.94 16.39
CA ARG YA 87 55.36 -48.36 16.58
C ARG YA 87 55.53 -49.07 15.27
N LEU YA 88 54.64 -48.79 14.34
CA LEU YA 88 54.73 -49.41 13.03
C LEU YA 88 56.01 -49.08 12.31
N TYR YA 89 56.38 -47.81 12.26
CA TYR YA 89 57.59 -47.42 11.57
C TYR YA 89 58.81 -48.05 12.18
N SER YA 90 58.84 -48.20 13.49
CA SER YA 90 59.96 -48.83 14.15
C SER YA 90 60.16 -50.24 13.63
N ALA YA 91 59.06 -50.99 13.55
CA ALA YA 91 59.10 -52.35 13.05
C ALA YA 91 59.57 -52.39 11.62
N ILE YA 92 59.10 -51.45 10.81
CA ILE YA 92 59.49 -51.42 9.41
C ILE YA 92 60.98 -51.20 9.24
N GLU YA 93 61.57 -50.28 10.01
CA GLU YA 93 63.02 -50.09 9.89
C GLU YA 93 63.76 -51.36 10.19
N GLN YA 94 63.33 -52.06 11.26
CA GLN YA 94 63.98 -53.29 11.64
C GLN YA 94 63.89 -54.34 10.55
N ARG YA 95 62.73 -54.43 9.94
CA ARG YA 95 62.48 -55.40 8.91
C ARG YA 95 63.32 -55.11 7.68
N LEU YA 96 63.49 -53.84 7.33
CA LEU YA 96 64.34 -53.48 6.21
C LEU YA 96 65.80 -53.81 6.48
N GLU YA 97 66.25 -53.63 7.72
CA GLU YA 97 67.62 -53.99 8.06
C GLU YA 97 67.84 -55.48 7.91
N GLN YA 98 66.85 -56.26 8.35
CA GLN YA 98 66.93 -57.70 8.22
C GLN YA 98 67.07 -58.11 6.77
N SER YA 99 66.39 -57.39 5.87
CA SER YA 99 66.49 -57.71 4.45
C SER YA 99 67.82 -57.34 3.83
N LEU YA 100 68.32 -56.13 4.10
CA LEU YA 100 69.58 -55.72 3.46
C LEU YA 100 70.74 -56.59 3.85
N GLN YA 101 70.73 -57.09 5.07
CA GLN YA 101 71.83 -57.92 5.53
C GLN YA 101 71.88 -59.30 4.88
N THR YA 102 70.90 -59.64 4.04
CA THR YA 102 70.92 -60.91 3.34
C THR YA 102 71.42 -60.75 1.91
N MET YA 103 71.68 -59.51 1.48
CA MET YA 103 72.17 -59.32 0.13
C MET YA 103 73.62 -59.75 0.03
N GLU YA 104 73.97 -60.25 -1.14
CA GLU YA 104 75.30 -60.75 -1.41
C GLU YA 104 76.37 -59.71 -1.15
N GLY YA 105 77.34 -60.08 -0.32
CA GLY YA 105 78.45 -59.21 -0.01
C GLY YA 105 78.21 -58.27 1.17
N VAL YA 106 76.99 -58.21 1.67
CA VAL YA 106 76.72 -57.30 2.78
C VAL YA 106 76.98 -57.98 4.11
N LEU YA 107 77.80 -57.34 4.93
CA LEU YA 107 78.16 -57.85 6.22
C LEU YA 107 77.29 -57.21 7.29
N SER YA 108 76.99 -55.92 7.10
CA SER YA 108 76.16 -55.19 8.06
C SER YA 108 75.44 -54.03 7.42
N ALA YA 109 74.25 -53.74 7.91
CA ALA YA 109 73.53 -52.60 7.35
C ALA YA 109 72.52 -52.01 8.33
N ARG YA 110 72.37 -50.69 8.28
CA ARG YA 110 71.43 -49.97 9.14
C ARG YA 110 70.49 -49.11 8.31
N VAL YA 111 69.25 -49.00 8.74
CA VAL YA 111 68.24 -48.25 7.97
C VAL YA 111 67.42 -47.28 8.79
N HIS YA 112 67.24 -46.07 8.25
CA HIS YA 112 66.42 -45.06 8.90
C HIS YA 112 65.30 -44.60 8.00
N ILE YA 113 64.15 -44.31 8.60
CA ILE YA 113 63.03 -43.78 7.83
C ILE YA 113 62.52 -42.56 8.54
N SER YA 114 62.12 -41.56 7.79
CA SER YA 114 61.59 -40.36 8.41
C SER YA 114 60.26 -40.63 9.08
N TYR YA 115 59.91 -39.80 10.04
CA TYR YA 115 58.67 -39.98 10.78
C TYR YA 115 57.70 -38.84 10.54
N ASP YA 116 56.44 -39.11 10.82
CA ASP YA 116 55.37 -38.13 10.67
C ASP YA 116 54.53 -38.19 11.91
N ILE YA 117 54.68 -37.18 12.74
CA ILE YA 117 54.01 -37.16 14.02
C ILE YA 117 52.79 -36.26 14.08
N ASP YA 118 52.66 -35.30 13.17
CA ASP YA 118 51.50 -34.45 13.26
C ASP YA 118 51.01 -33.81 11.96
N ALA YA 119 51.16 -34.48 10.82
CA ALA YA 119 50.60 -33.92 9.57
C ALA YA 119 49.09 -33.83 9.67
N GLY YA 120 48.41 -34.99 9.65
CA GLY YA 120 46.95 -35.07 9.74
C GLY YA 120 46.42 -34.33 10.96
N GLU YA 121 47.16 -34.41 12.07
CA GLU YA 121 46.84 -33.70 13.31
C GLU YA 121 46.59 -32.21 13.08
N ASN YA 122 47.35 -31.61 12.18
CA ASN YA 122 47.24 -30.19 11.90
C ASN YA 122 46.38 -29.90 10.66
N GLY YA 123 45.67 -30.91 10.16
CA GLY YA 123 44.84 -30.72 8.97
C GLY YA 123 45.69 -30.73 7.69
N ARG YA 124 46.93 -31.19 7.80
CA ARG YA 124 47.83 -31.20 6.65
C ARG YA 124 47.96 -32.59 6.04
N PRO YA 125 48.29 -32.65 4.75
CA PRO YA 125 48.62 -33.82 3.99
C PRO YA 125 49.99 -34.28 4.47
N PRO YA 126 50.29 -35.56 4.34
CA PRO YA 126 51.52 -36.23 4.74
C PRO YA 126 52.67 -35.79 3.86
N LYS YA 127 53.88 -35.87 4.41
CA LYS YA 127 55.06 -35.49 3.69
C LYS YA 127 55.69 -36.71 3.02
N PRO YA 128 56.52 -36.50 2.00
CA PRO YA 128 57.28 -37.49 1.28
C PRO YA 128 58.17 -38.23 2.25
N VAL YA 129 58.43 -39.48 1.97
CA VAL YA 129 59.22 -40.27 2.88
C VAL YA 129 60.69 -40.23 2.56
N HIS YA 130 61.51 -40.02 3.59
CA HIS YA 130 62.94 -39.99 3.38
C HIS YA 130 63.58 -41.24 3.94
N LEU YA 131 64.57 -41.76 3.24
CA LEU YA 131 65.26 -42.95 3.68
C LEU YA 131 66.75 -42.75 3.68
N SER YA 132 67.43 -43.40 4.61
CA SER YA 132 68.88 -43.36 4.59
C SER YA 132 69.41 -44.69 5.08
N ALA YA 133 70.59 -45.06 4.63
CA ALA YA 133 71.11 -46.34 5.05
C ALA YA 133 72.61 -46.41 5.03
N LEU YA 134 73.14 -47.26 5.90
CA LEU YA 134 74.56 -47.49 6.00
C LEU YA 134 74.86 -48.93 5.66
N ALA YA 135 75.99 -49.19 5.04
CA ALA YA 135 76.32 -50.58 4.73
C ALA YA 135 77.80 -50.88 4.73
N VAL YA 136 78.12 -52.09 5.16
CA VAL YA 136 79.48 -52.61 5.19
C VAL YA 136 79.58 -53.83 4.31
N TYR YA 137 80.51 -53.80 3.37
CA TYR YA 137 80.70 -54.89 2.44
C TYR YA 137 81.98 -55.68 2.64
N GLU YA 138 81.96 -56.89 2.09
CA GLU YA 138 83.14 -57.72 2.06
C GLU YA 138 84.24 -57.03 1.29
N ARG YA 139 85.42 -56.95 1.90
CA ARG YA 139 86.54 -56.26 1.29
C ARG YA 139 86.85 -56.75 -0.11
N GLY YA 140 87.01 -55.80 -1.02
CA GLY YA 140 87.32 -56.08 -2.43
C GLY YA 140 86.08 -56.00 -3.34
N SER YA 141 84.91 -55.87 -2.73
CA SER YA 141 83.64 -55.76 -3.45
C SER YA 141 83.51 -54.40 -4.19
N PRO YA 142 82.87 -54.35 -5.37
CA PRO YA 142 82.65 -53.20 -6.24
C PRO YA 142 81.51 -52.26 -5.77
N LEU YA 143 81.75 -51.63 -4.62
CA LEU YA 143 80.82 -50.73 -3.94
C LEU YA 143 80.13 -49.69 -4.83
N ALA YA 144 80.86 -49.15 -5.79
CA ALA YA 144 80.35 -48.11 -6.68
C ALA YA 144 79.18 -48.55 -7.54
N HIS YA 145 78.95 -49.85 -7.65
CA HIS YA 145 77.86 -50.34 -8.46
C HIS YA 145 76.79 -50.95 -7.58
N GLN YA 146 77.24 -51.58 -6.50
CA GLN YA 146 76.35 -52.24 -5.56
C GLN YA 146 75.36 -51.28 -4.92
N ILE YA 147 75.80 -50.06 -4.70
CA ILE YA 147 74.95 -49.01 -4.17
C ILE YA 147 73.64 -48.80 -4.95
N SER YA 148 73.61 -49.17 -6.23
CA SER YA 148 72.41 -48.98 -7.02
C SER YA 148 71.35 -50.03 -6.73
N ASP YA 149 71.76 -51.20 -6.22
CA ASP YA 149 70.78 -52.22 -5.88
C ASP YA 149 70.06 -51.82 -4.64
N ILE YA 150 70.80 -51.28 -3.69
CA ILE YA 150 70.22 -50.86 -2.44
C ILE YA 150 69.19 -49.79 -2.69
N LYS YA 151 69.57 -48.81 -3.48
CA LYS YA 151 68.72 -47.69 -3.76
C LYS YA 151 67.47 -48.09 -4.53
N ARG YA 152 67.60 -49.00 -5.49
CA ARG YA 152 66.43 -49.46 -6.26
C ARG YA 152 65.48 -50.26 -5.39
N PHE YA 153 66.03 -51.14 -4.58
CA PHE YA 153 65.27 -51.95 -3.67
C PHE YA 153 64.45 -51.11 -2.74
N LEU YA 154 65.09 -50.14 -2.10
CA LEU YA 154 64.39 -49.28 -1.18
C LEU YA 154 63.35 -48.42 -1.86
N LYS YA 155 63.61 -47.97 -3.08
CA LYS YA 155 62.68 -47.11 -3.79
C LYS YA 155 61.28 -47.70 -3.88
N ASN YA 156 61.16 -48.97 -4.25
CA ASN YA 156 59.83 -49.56 -4.31
C ASN YA 156 59.44 -50.32 -3.04
N SER YA 157 60.15 -50.08 -1.95
CA SER YA 157 59.83 -50.71 -0.67
C SER YA 157 58.96 -49.81 0.18
N PHE YA 158 58.50 -48.70 -0.37
CA PHE YA 158 57.68 -47.83 0.47
C PHE YA 158 56.81 -46.90 -0.37
N ALA YA 159 55.60 -46.71 0.11
CA ALA YA 159 54.51 -45.93 -0.52
C ALA YA 159 54.93 -44.77 -1.40
N ASP YA 160 55.82 -43.90 -0.94
CA ASP YA 160 56.16 -42.75 -1.77
C ASP YA 160 57.53 -42.15 -1.47
N VAL YA 161 58.54 -42.69 -2.15
CA VAL YA 161 59.89 -42.19 -2.06
C VAL YA 161 60.40 -41.95 -3.46
N ASP YA 162 61.62 -41.45 -3.58
CA ASP YA 162 62.20 -41.21 -4.88
C ASP YA 162 63.71 -41.24 -4.81
N TYR YA 163 64.38 -41.21 -5.95
CA TYR YA 163 65.83 -41.34 -5.97
C TYR YA 163 66.60 -40.13 -5.43
N ASP YA 164 65.91 -39.05 -5.10
CA ASP YA 164 66.59 -37.89 -4.53
C ASP YA 164 66.43 -37.85 -3.02
N ASN YA 165 65.53 -38.67 -2.49
CA ASN YA 165 65.27 -38.66 -1.07
C ASN YA 165 65.71 -39.96 -0.40
N ILE YA 166 66.60 -40.69 -1.06
CA ILE YA 166 67.18 -41.91 -0.53
C ILE YA 166 68.68 -41.78 -0.52
N SER YA 167 69.30 -41.82 0.66
CA SER YA 167 70.75 -41.70 0.72
C SER YA 167 71.43 -42.92 1.24
N VAL YA 168 72.49 -43.34 0.56
CA VAL YA 168 73.24 -44.51 0.98
C VAL YA 168 74.71 -44.19 1.15
N VAL YA 169 75.22 -44.45 2.34
CA VAL YA 169 76.63 -44.26 2.65
C VAL YA 169 77.20 -45.60 3.03
N LEU YA 170 78.27 -45.99 2.38
CA LEU YA 170 78.80 -47.31 2.62
C LEU YA 170 80.30 -47.44 2.45
N SER YA 171 80.82 -48.58 2.91
CA SER YA 171 82.23 -48.91 2.81
C SER YA 171 82.45 -50.41 2.95
N GLU YA 172 83.66 -50.80 3.32
CA GLU YA 172 83.99 -52.21 3.46
C GLU YA 172 84.84 -52.46 4.69
N ARG YA 173 84.88 -53.71 5.10
CA ARG YA 173 85.61 -54.08 6.31
C ARG YA 173 87.12 -53.85 6.20
N SER YA 174 87.74 -53.76 7.37
CA SER YA 174 89.19 -53.59 7.52
C SER YA 174 89.93 -54.93 7.50
N ASP YA 175 91.26 -54.86 7.59
CA ASP YA 175 92.12 -56.04 7.61
C ASP YA 175 91.83 -56.85 8.88
N ALA YA 176 91.33 -58.07 8.70
CA ALA YA 176 90.91 -58.92 9.81
C ALA YA 176 92.01 -59.21 10.81
N GLN YA 177 91.69 -59.07 12.08
CA GLN YA 177 92.66 -59.34 13.12
C GLN YA 177 92.69 -60.82 13.40
N LEU YA 178 93.55 -61.52 12.67
CA LEU YA 178 93.65 -62.95 12.79
C LEU YA 178 94.82 -63.43 13.65
N GLN YA 179 95.50 -62.51 14.32
CA GLN YA 179 96.67 -62.85 15.12
C GLN YA 179 96.54 -62.44 16.56
N ALA YA 180 97.01 -63.28 17.48
CA ALA YA 180 96.96 -62.96 18.89
C ALA YA 180 97.96 -61.85 19.23
N PRO YA 181 97.61 -60.92 20.12
CA PRO YA 181 98.41 -59.82 20.65
C PRO YA 181 99.75 -60.23 21.25
N GLY YA 182 99.75 -61.30 22.02
CA GLY YA 182 100.96 -61.80 22.64
C GLY YA 182 101.08 -61.32 24.07
N THR YA 183 101.88 -62.02 24.86
CA THR YA 183 102.08 -61.68 26.26
C THR YA 183 103.20 -60.66 26.41
N PRO YA 184 103.30 -60.02 27.58
CA PRO YA 184 104.33 -59.07 27.96
C PRO YA 184 105.65 -59.79 28.18
N VAL YA 185 106.74 -59.07 28.02
CA VAL YA 185 108.05 -59.65 28.20
C VAL YA 185 108.52 -59.60 29.64
N LYS YA 186 108.60 -60.76 30.27
CA LYS YA 186 109.06 -60.88 31.65
C LYS YA 186 109.13 -62.34 32.05
N ASP ZA 3 24.00 -116.92 5.85
CA ASP ZA 3 23.90 -116.40 7.20
C ASP ZA 3 24.72 -115.14 7.36
N LYS ZA 4 24.32 -114.08 6.65
CA LYS ZA 4 25.05 -112.82 6.72
C LYS ZA 4 24.19 -111.72 7.28
N ASP ZA 5 24.81 -110.81 8.03
CA ASP ZA 5 24.09 -109.67 8.57
C ASP ZA 5 24.04 -108.58 7.53
N LEU ZA 6 22.84 -108.09 7.24
CA LEU ZA 6 22.68 -107.05 6.24
C LEU ZA 6 22.39 -105.71 6.91
N LEU ZA 7 21.27 -105.63 7.64
CA LEU ZA 7 20.89 -104.41 8.34
C LEU ZA 7 20.60 -104.63 9.82
N LYS ZA 8 20.86 -103.61 10.63
CA LYS ZA 8 20.59 -103.69 12.07
C LYS ZA 8 20.00 -102.40 12.63
N GLY ZA 9 19.19 -102.54 13.67
CA GLY ZA 9 18.63 -101.36 14.33
C GLY ZA 9 17.50 -100.72 13.56
N LEU ZA 10 16.81 -101.51 12.75
CA LEU ZA 10 15.74 -100.98 11.94
C LEU ZA 10 14.48 -100.82 12.73
N ASP ZA 11 13.65 -99.86 12.36
CA ASP ZA 11 12.38 -99.76 13.03
C ASP ZA 11 11.44 -100.68 12.29
N GLN ZA 12 10.21 -100.79 12.76
CA GLN ZA 12 9.27 -101.71 12.16
C GLN ZA 12 8.97 -101.44 10.70
N GLU ZA 13 8.68 -100.19 10.37
CA GLU ZA 13 8.37 -99.79 8.99
C GLU ZA 13 9.49 -100.11 8.03
N GLN ZA 14 10.69 -99.66 8.38
CA GLN ZA 14 11.87 -99.86 7.57
C GLN ZA 14 12.12 -101.31 7.31
N ALA ZA 15 12.04 -102.13 8.37
CA ALA ZA 15 12.30 -103.55 8.24
C ALA ZA 15 11.38 -104.18 7.23
N ASN ZA 16 10.09 -103.90 7.32
CA ASN ZA 16 9.14 -104.49 6.39
C ASN ZA 16 9.32 -103.99 4.96
N GLU ZA 17 9.72 -102.74 4.80
CA GLU ZA 17 9.92 -102.20 3.47
C GLU ZA 17 11.10 -102.83 2.75
N VAL ZA 18 12.21 -102.96 3.48
CA VAL ZA 18 13.40 -103.56 2.89
C VAL ZA 18 13.15 -104.98 2.48
N ILE ZA 19 12.47 -105.73 3.35
CA ILE ZA 19 12.15 -107.10 3.05
C ILE ZA 19 11.31 -107.22 1.81
N ALA ZA 20 10.31 -106.35 1.67
CA ALA ZA 20 9.46 -106.38 0.48
C ALA ZA 20 10.29 -106.32 -0.79
N VAL ZA 21 11.26 -105.40 -0.83
CA VAL ZA 21 12.13 -105.25 -1.98
C VAL ZA 21 12.94 -106.50 -2.27
N LEU ZA 22 13.54 -107.07 -1.23
CA LEU ZA 22 14.36 -108.24 -1.41
C LEU ZA 22 13.58 -109.41 -1.96
N GLN ZA 23 12.35 -109.58 -1.46
CA GLN ZA 23 11.51 -110.66 -1.93
C GLN ZA 23 11.14 -110.45 -3.38
N MET ZA 24 10.84 -109.21 -3.74
CA MET ZA 24 10.52 -108.86 -5.11
C MET ZA 24 11.63 -109.27 -6.07
N HIS ZA 25 12.87 -109.16 -5.62
CA HIS ZA 25 14.01 -109.55 -6.44
C HIS ZA 25 14.50 -110.97 -6.17
N ASN ZA 26 13.64 -111.83 -5.65
CA ASN ZA 26 13.94 -113.22 -5.41
C ASN ZA 26 14.99 -113.49 -4.34
N ILE ZA 27 14.89 -112.77 -3.23
CA ILE ZA 27 15.79 -112.98 -2.11
C ILE ZA 27 15.03 -113.20 -0.80
N GLU ZA 28 15.24 -114.35 -0.17
CA GLU ZA 28 14.63 -114.63 1.13
C GLU ZA 28 15.30 -113.78 2.19
N ALA ZA 29 14.55 -113.36 3.20
CA ALA ZA 29 15.14 -112.53 4.25
C ALA ZA 29 14.51 -112.81 5.60
N ASN ZA 30 15.33 -112.74 6.65
CA ASN ZA 30 14.86 -113.00 7.99
C ASN ZA 30 14.71 -111.71 8.75
N LYS ZA 31 13.61 -111.54 9.46
CA LYS ZA 31 13.44 -110.38 10.32
C LYS ZA 31 13.62 -110.81 11.76
N ILE ZA 32 14.65 -110.26 12.39
CA ILE ZA 32 14.95 -110.65 13.75
C ILE ZA 32 14.63 -109.55 14.75
N ASP ZA 33 13.78 -109.88 15.69
CA ASP ZA 33 13.37 -108.97 16.74
C ASP ZA 33 14.35 -109.00 17.92
N SER ZA 34 15.13 -107.93 18.08
CA SER ZA 34 16.09 -107.85 19.17
C SER ZA 34 15.61 -106.91 20.27
N GLY ZA 35 14.29 -106.77 20.41
CA GLY ZA 35 13.70 -105.96 21.46
C GLY ZA 35 14.01 -104.49 21.27
N LYS ZA 36 14.52 -103.88 22.33
CA LYS ZA 36 14.86 -102.46 22.34
C LYS ZA 36 15.91 -102.08 21.32
N LEU ZA 37 16.64 -103.06 20.79
CA LEU ZA 37 17.67 -102.77 19.83
C LEU ZA 37 17.14 -102.70 18.40
N GLY ZA 38 15.86 -102.97 18.21
CA GLY ZA 38 15.26 -102.88 16.88
C GLY ZA 38 15.29 -104.18 16.11
N TYR ZA 39 15.10 -104.08 14.80
CA TYR ZA 39 15.09 -105.25 13.94
C TYR ZA 39 16.35 -105.41 13.14
N SER ZA 40 16.68 -106.66 12.85
CA SER ZA 40 17.83 -106.97 12.04
C SER ZA 40 17.44 -107.82 10.87
N ILE ZA 41 18.06 -107.59 9.73
CA ILE ZA 41 17.76 -108.38 8.55
C ILE ZA 41 18.95 -109.18 8.12
N THR ZA 42 18.74 -110.49 7.99
CA THR ZA 42 19.82 -111.37 7.56
C THR ZA 42 19.42 -112.15 6.33
N VAL ZA 43 20.42 -112.54 5.55
CA VAL ZA 43 20.18 -113.27 4.30
C VAL ZA 43 21.12 -114.43 4.12
N ALA ZA 44 20.74 -115.34 3.22
CA ALA ZA 44 21.59 -116.47 2.91
C ALA ZA 44 22.83 -115.99 2.19
N GLU ZA 45 23.97 -116.57 2.51
CA GLU ZA 45 25.23 -116.18 1.92
C GLU ZA 45 25.24 -116.17 0.38
N PRO ZA 46 24.60 -117.13 -0.31
CA PRO ZA 46 24.46 -117.17 -1.77
C PRO ZA 46 23.79 -115.92 -2.35
N ASP ZA 47 22.90 -115.30 -1.59
CA ASP ZA 47 22.19 -114.13 -2.06
C ASP ZA 47 22.82 -112.83 -1.60
N PHE ZA 48 23.58 -112.90 -0.51
CA PHE ZA 48 24.21 -111.73 0.09
C PHE ZA 48 24.78 -110.70 -0.86
N THR ZA 49 25.48 -111.12 -1.91
CA THR ZA 49 26.05 -110.17 -2.86
C THR ZA 49 24.97 -109.36 -3.54
N ALA ZA 50 23.96 -110.06 -4.04
CA ALA ZA 50 22.84 -109.43 -4.71
C ALA ZA 50 22.08 -108.55 -3.75
N ALA ZA 51 21.90 -109.02 -2.52
CA ALA ZA 51 21.17 -108.28 -1.51
C ALA ZA 51 21.80 -106.92 -1.31
N VAL ZA 52 23.13 -106.90 -1.17
CA VAL ZA 52 23.86 -105.65 -0.99
C VAL ZA 52 23.64 -104.72 -2.15
N TYR ZA 53 23.74 -105.27 -3.36
CA TYR ZA 53 23.52 -104.47 -4.55
C TYR ZA 53 22.18 -103.76 -4.52
N TRP ZA 54 21.12 -104.48 -4.14
CA TRP ZA 54 19.79 -103.89 -4.11
C TRP ZA 54 19.61 -102.88 -2.97
N ILE ZA 55 20.28 -103.09 -1.83
CA ILE ZA 55 20.21 -102.10 -0.75
C ILE ZA 55 20.74 -100.77 -1.24
N LYS ZA 56 21.82 -100.82 -2.00
CA LYS ZA 56 22.38 -99.64 -2.61
C LYS ZA 56 21.41 -99.02 -3.61
N THR ZA 57 20.97 -99.84 -4.57
CA THR ZA 57 20.09 -99.41 -5.64
C THR ZA 57 18.85 -98.67 -5.16
N TYR ZA 58 18.20 -99.19 -4.14
CA TYR ZA 58 16.98 -98.59 -3.65
C TYR ZA 58 17.13 -97.67 -2.45
N GLN ZA 59 18.33 -97.18 -2.18
CA GLN ZA 59 18.53 -96.26 -1.04
C GLN ZA 59 17.95 -96.80 0.26
N LEU ZA 60 18.26 -98.04 0.61
CA LEU ZA 60 17.69 -98.62 1.80
C LEU ZA 60 18.66 -98.59 2.98
N PRO ZA 61 18.11 -98.56 4.20
CA PRO ZA 61 16.73 -98.50 4.63
C PRO ZA 61 16.16 -97.11 4.40
N PRO ZA 62 14.83 -96.98 4.22
CA PRO ZA 62 14.06 -95.78 3.96
C PRO ZA 62 14.22 -94.70 5.02
N ARG ZA 63 14.15 -93.45 4.58
CA ARG ZA 63 14.18 -92.32 5.49
C ARG ZA 63 12.76 -92.08 5.96
N PRO ZA 64 12.57 -91.34 7.05
CA PRO ZA 64 11.28 -90.93 7.59
C PRO ZA 64 10.67 -89.88 6.67
N ARG ZA 65 9.35 -89.84 6.63
CA ARG ZA 65 8.65 -88.94 5.73
C ARG ZA 65 8.73 -87.49 6.19
N VAL ZA 66 9.04 -86.61 5.24
CA VAL ZA 66 9.19 -85.18 5.50
C VAL ZA 66 7.95 -84.39 5.24
N GLU ZA 67 7.53 -83.65 6.26
CA GLU ZA 67 6.36 -82.80 6.21
C GLU ZA 67 6.77 -81.42 6.71
N ILE ZA 68 6.20 -80.38 6.11
CA ILE ZA 68 6.63 -79.01 6.39
C ILE ZA 68 6.50 -78.60 7.85
N ALA ZA 69 5.40 -78.95 8.50
CA ALA ZA 69 5.17 -78.58 9.89
C ALA ZA 69 6.23 -79.09 10.84
N GLN ZA 70 7.02 -80.08 10.44
CA GLN ZA 70 8.03 -80.64 11.30
C GLN ZA 70 9.14 -79.64 11.59
N MET ZA 71 9.25 -78.60 10.77
CA MET ZA 71 10.27 -77.59 10.96
C MET ZA 71 9.77 -76.29 11.56
N PHE ZA 72 8.51 -76.25 11.98
CA PHE ZA 72 7.98 -75.04 12.60
C PHE ZA 72 7.06 -75.44 13.72
N PRO ZA 73 7.60 -76.06 14.79
CA PRO ZA 73 6.92 -76.65 15.92
C PRO ZA 73 6.25 -75.64 16.84
N ALA ZA 74 5.14 -76.08 17.46
CA ALA ZA 74 4.36 -75.26 18.37
C ALA ZA 74 5.04 -75.06 19.70
N ASP ZA 75 6.11 -75.82 19.93
CA ASP ZA 75 6.88 -75.70 21.15
C ASP ZA 75 7.64 -74.38 21.24
N SER ZA 76 7.77 -73.66 20.13
CA SER ZA 76 8.47 -72.38 20.17
C SER ZA 76 7.72 -71.40 21.05
N LEU ZA 77 8.50 -70.62 21.81
CA LEU ZA 77 7.96 -69.63 22.72
C LEU ZA 77 7.29 -68.49 21.99
N VAL ZA 78 7.72 -68.24 20.76
CA VAL ZA 78 7.19 -67.18 19.95
C VAL ZA 78 6.85 -67.72 18.58
N SER ZA 79 6.08 -66.95 17.82
CA SER ZA 79 5.70 -67.38 16.48
C SER ZA 79 5.71 -66.19 15.55
N SER ZA 80 5.56 -66.47 14.27
CA SER ZA 80 5.52 -65.42 13.27
C SER ZA 80 4.50 -65.81 12.24
N PRO ZA 81 3.91 -64.85 11.55
CA PRO ZA 81 2.95 -65.02 10.47
C PRO ZA 81 3.47 -66.02 9.46
N ARG ZA 82 4.76 -65.92 9.16
CA ARG ZA 82 5.40 -66.81 8.22
C ARG ZA 82 5.29 -68.23 8.69
N ALA ZA 83 5.69 -68.48 9.93
CA ALA ZA 83 5.65 -69.82 10.47
C ALA ZA 83 4.24 -70.35 10.58
N GLU ZA 84 3.31 -69.53 11.04
CA GLU ZA 84 1.94 -69.98 11.24
C GLU ZA 84 1.27 -70.35 9.94
N LYS ZA 85 1.48 -69.54 8.90
CA LYS ZA 85 0.87 -69.83 7.63
C LYS ZA 85 1.43 -71.13 7.06
N ALA ZA 86 2.73 -71.35 7.24
CA ALA ZA 86 3.36 -72.59 6.79
C ALA ZA 86 2.76 -73.79 7.50
N ARG ZA 87 2.59 -73.68 8.81
CA ARG ZA 87 2.02 -74.76 9.59
C ARG ZA 87 0.66 -75.16 9.09
N LEU ZA 88 -0.18 -74.16 8.80
CA LEU ZA 88 -1.50 -74.44 8.30
C LEU ZA 88 -1.47 -75.20 6.99
N TYR ZA 89 -0.68 -74.73 6.03
CA TYR ZA 89 -0.62 -75.39 4.73
C TYR ZA 89 -0.16 -76.82 4.85
N SER ZA 90 0.78 -77.08 5.76
CA SER ZA 90 1.26 -78.43 5.95
C SER ZA 90 0.12 -79.36 6.34
N ALA ZA 91 -0.69 -78.90 7.29
CA ALA ZA 91 -1.84 -79.67 7.73
C ALA ZA 91 -2.83 -79.90 6.61
N ILE ZA 92 -3.06 -78.88 5.80
CA ILE ZA 92 -3.98 -79.00 4.69
C ILE ZA 92 -3.54 -80.05 3.69
N GLU ZA 93 -2.24 -80.08 3.34
CA GLU ZA 93 -1.80 -81.10 2.41
C GLU ZA 93 -2.07 -82.48 2.96
N GLN ZA 94 -1.77 -82.67 4.24
CA GLN ZA 94 -1.99 -83.96 4.87
C GLN ZA 94 -3.44 -84.37 4.83
N ARG ZA 95 -4.31 -83.41 5.09
CA ARG ZA 95 -5.73 -83.68 5.14
C ARG ZA 95 -6.27 -84.02 3.75
N LEU ZA 96 -5.75 -83.37 2.72
CA LEU ZA 96 -6.15 -83.70 1.36
C LEU ZA 96 -5.69 -85.10 0.97
N GLU ZA 97 -4.50 -85.50 1.42
CA GLU ZA 97 -4.03 -86.85 1.13
C GLU ZA 97 -4.93 -87.88 1.77
N GLN ZA 98 -5.33 -87.60 3.01
CA GLN ZA 98 -6.22 -88.49 3.73
C GLN ZA 98 -7.53 -88.68 2.97
N SER ZA 99 -8.01 -87.61 2.34
CA SER ZA 99 -9.24 -87.69 1.59
C SER ZA 99 -9.12 -88.47 0.28
N LEU ZA 100 -8.08 -88.20 -0.50
CA LEU ZA 100 -7.96 -88.88 -1.80
C LEU ZA 100 -7.80 -90.37 -1.66
N GLN ZA 101 -7.15 -90.81 -0.59
CA GLN ZA 101 -6.94 -92.22 -0.39
C GLN ZA 101 -8.22 -93.00 -0.02
N THR ZA 102 -9.34 -92.30 0.15
CA THR ZA 102 -10.59 -92.98 0.44
C THR ZA 102 -11.44 -93.12 -0.83
N MET ZA 103 -10.99 -92.54 -1.93
CA MET ZA 103 -11.76 -92.66 -3.16
C MET ZA 103 -11.67 -94.07 -3.72
N GLU ZA 104 -12.75 -94.50 -4.36
CA GLU ZA 104 -12.82 -95.83 -4.93
C GLU ZA 104 -11.71 -96.11 -5.92
N GLY ZA 105 -10.99 -97.19 -5.68
CA GLY ZA 105 -9.93 -97.62 -6.57
C GLY ZA 105 -8.57 -97.02 -6.24
N VAL ZA 106 -8.52 -96.06 -5.32
CA VAL ZA 106 -7.23 -95.45 -5.01
C VAL ZA 106 -6.52 -96.21 -3.92
N LEU ZA 107 -5.28 -96.58 -4.20
CA LEU ZA 107 -4.47 -97.33 -3.27
C LEU ZA 107 -3.54 -96.39 -2.52
N SER ZA 108 -3.05 -95.38 -3.23
CA SER ZA 108 -2.15 -94.40 -2.61
C SER ZA 108 -2.19 -93.06 -3.31
N ALA ZA 109 -2.02 -91.98 -2.56
CA ALA ZA 109 -2.02 -90.69 -3.18
C ALA ZA 109 -1.23 -89.66 -2.39
N ARG ZA 110 -0.57 -88.74 -3.11
CA ARG ZA 110 0.22 -87.68 -2.49
C ARG ZA 110 -0.21 -86.32 -3.03
N VAL ZA 111 -0.19 -85.31 -2.18
CA VAL ZA 111 -0.66 -83.97 -2.57
C VAL ZA 111 0.28 -82.85 -2.19
N HIS ZA 112 0.50 -81.93 -3.13
CA HIS ZA 112 1.32 -80.76 -2.89
C HIS ZA 112 0.56 -79.48 -3.14
N ILE ZA 113 0.84 -78.46 -2.34
CA ILE ZA 113 0.21 -77.16 -2.54
C ILE ZA 113 1.29 -76.13 -2.53
N SER ZA 114 1.17 -75.13 -3.39
CA SER ZA 114 2.17 -74.08 -3.41
C SER ZA 114 2.12 -73.25 -2.13
N TYR ZA 115 3.23 -72.60 -1.83
CA TYR ZA 115 3.32 -71.79 -0.61
C TYR ZA 115 3.49 -70.32 -0.93
N ASP ZA 116 3.18 -69.51 0.06
CA ASP ZA 116 3.30 -68.06 -0.04
C ASP ZA 116 3.95 -67.57 1.21
N ILE ZA 117 5.21 -67.19 1.08
CA ILE ZA 117 5.99 -66.80 2.22
C ILE ZA 117 6.20 -65.30 2.36
N ASP ZA 118 6.01 -64.53 1.30
CA ASP ZA 118 6.21 -63.11 1.47
C ASP ZA 118 5.44 -62.19 0.53
N ALA ZA 119 4.21 -62.56 0.12
CA ALA ZA 119 3.42 -61.65 -0.70
C ALA ZA 119 3.09 -60.38 0.09
N GLY ZA 120 2.22 -60.52 1.10
CA GLY ZA 120 1.80 -59.41 1.96
C GLY ZA 120 2.99 -58.70 2.58
N GLU ZA 121 4.01 -59.47 2.95
CA GLU ZA 121 5.27 -58.94 3.48
C GLU ZA 121 5.87 -57.84 2.62
N ASN ZA 122 5.75 -57.99 1.30
CA ASN ZA 122 6.30 -57.04 0.36
C ASN ZA 122 5.26 -56.03 -0.14
N GLY ZA 123 4.09 -55.99 0.49
CA GLY ZA 123 3.05 -55.08 0.06
C GLY ZA 123 2.31 -55.60 -1.18
N ARG ZA 124 2.50 -56.88 -1.49
CA ARG ZA 124 1.89 -57.46 -2.66
C ARG ZA 124 0.68 -58.31 -2.33
N PRO ZA 125 -0.25 -58.46 -3.28
CA PRO ZA 125 -1.40 -59.32 -3.24
C PRO ZA 125 -0.88 -60.74 -3.39
N PRO ZA 126 -1.62 -61.72 -2.89
CA PRO ZA 126 -1.33 -63.14 -2.88
C PRO ZA 126 -1.41 -63.71 -4.29
N LYS ZA 127 -0.67 -64.78 -4.52
CA LYS ZA 127 -0.65 -65.42 -5.82
C LYS ZA 127 -1.66 -66.55 -5.86
N PRO ZA 128 -2.08 -66.97 -7.05
CA PRO ZA 128 -2.97 -68.08 -7.34
C PRO ZA 128 -2.37 -69.34 -6.75
N VAL ZA 129 -3.22 -70.25 -6.33
CA VAL ZA 129 -2.74 -71.46 -5.71
C VAL ZA 129 -2.51 -72.57 -6.71
N HIS ZA 130 -1.37 -73.22 -6.60
CA HIS ZA 130 -1.08 -74.33 -7.50
C HIS ZA 130 -1.17 -75.64 -6.75
N LEU ZA 131 -1.70 -76.65 -7.41
CA LEU ZA 131 -1.83 -77.96 -6.79
C LEU ZA 131 -1.28 -79.04 -7.68
N SER ZA 132 -0.72 -80.08 -7.07
CA SER ZA 132 -0.29 -81.21 -7.85
C SER ZA 132 -0.50 -82.47 -7.05
N ALA ZA 133 -0.69 -83.58 -7.74
CA ALA ZA 133 -0.95 -84.80 -7.00
C ALA ZA 133 -0.56 -86.04 -7.75
N LEU ZA 134 -0.22 -87.06 -6.99
CA LEU ZA 134 0.16 -88.35 -7.52
C LEU ZA 134 -0.82 -89.40 -7.07
N ALA ZA 135 -1.11 -90.38 -7.90
CA ALA ZA 135 -2.03 -91.41 -7.45
C ALA ZA 135 -1.77 -92.77 -8.05
N VAL ZA 136 -2.02 -93.80 -7.24
CA VAL ZA 136 -1.89 -95.19 -7.63
C VAL ZA 136 -3.22 -95.89 -7.53
N TYR ZA 137 -3.65 -96.49 -8.63
CA TYR ZA 137 -4.93 -97.19 -8.68
C TYR ZA 137 -4.84 -98.69 -8.76
N GLU ZA 138 -5.95 -99.32 -8.41
CA GLU ZA 138 -6.09 -100.75 -8.55
C GLU ZA 138 -5.96 -101.13 -10.00
N ARG ZA 139 -5.10 -102.11 -10.28
CA ARG ZA 139 -4.83 -102.51 -11.63
C ARG ZA 139 -6.08 -102.89 -12.41
N GLY ZA 140 -6.20 -102.35 -13.61
CA GLY ZA 140 -7.35 -102.59 -14.50
C GLY ZA 140 -8.36 -101.44 -14.47
N SER ZA 141 -8.18 -100.50 -13.55
CA SER ZA 141 -9.05 -99.33 -13.41
C SER ZA 141 -8.88 -98.33 -14.60
N PRO ZA 142 -9.95 -97.66 -15.04
CA PRO ZA 142 -10.03 -96.69 -16.14
C PRO ZA 142 -9.49 -95.30 -15.80
N LEU ZA 143 -8.18 -95.25 -15.56
CA LEU ZA 143 -7.42 -94.06 -15.18
C LEU ZA 143 -7.71 -92.79 -15.98
N ALA ZA 144 -7.93 -92.95 -17.28
CA ALA ZA 144 -8.17 -91.82 -18.17
C ALA ZA 144 -9.43 -91.04 -17.85
N HIS ZA 145 -10.32 -91.60 -17.05
CA HIS ZA 145 -11.55 -90.92 -16.71
C HIS ZA 145 -11.54 -90.53 -15.26
N GLN ZA 146 -10.94 -91.38 -14.44
CA GLN ZA 146 -10.86 -91.17 -13.01
C GLN ZA 146 -10.12 -89.89 -12.64
N ILE ZA 147 -9.12 -89.56 -13.44
CA ILE ZA 147 -8.38 -88.32 -13.27
C ILE ZA 147 -9.25 -87.06 -13.20
N SER ZA 148 -10.45 -87.10 -13.78
CA SER ZA 148 -11.31 -85.93 -13.77
C SER ZA 148 -11.99 -85.72 -12.42
N ASP ZA 149 -12.16 -86.79 -11.65
CA ASP ZA 149 -12.76 -86.67 -10.33
C ASP ZA 149 -11.80 -85.99 -9.41
N ILE ZA 150 -10.54 -86.40 -9.51
CA ILE ZA 150 -9.52 -85.82 -8.66
C ILE ZA 150 -9.42 -84.35 -8.90
N LYS ZA 151 -9.36 -83.99 -10.17
CA LYS ZA 151 -9.19 -82.61 -10.54
C LYS ZA 151 -10.38 -81.75 -10.15
N ARG ZA 152 -11.60 -82.27 -10.30
CA ARG ZA 152 -12.78 -81.52 -9.90
C ARG ZA 152 -12.87 -81.33 -8.41
N PHE ZA 153 -12.57 -82.39 -7.68
CA PHE ZA 153 -12.58 -82.36 -6.24
C PHE ZA 153 -11.62 -81.32 -5.72
N LEU ZA 154 -10.39 -81.34 -6.20
CA LEU ZA 154 -9.41 -80.39 -5.76
C LEU ZA 154 -9.75 -78.97 -6.14
N LYS ZA 155 -10.36 -78.77 -7.31
CA LYS ZA 155 -10.70 -77.43 -7.77
C LYS ZA 155 -11.52 -76.64 -6.75
N ASN ZA 156 -12.56 -77.25 -6.21
CA ASN ZA 156 -13.34 -76.52 -5.20
C ASN ZA 156 -12.92 -76.80 -3.77
N SER ZA 157 -11.73 -77.37 -3.57
CA SER ZA 157 -11.21 -77.63 -2.25
C SER ZA 157 -10.30 -76.52 -1.78
N PHE ZA 158 -10.22 -75.42 -2.52
CA PHE ZA 158 -9.34 -74.36 -2.07
C PHE ZA 158 -9.72 -73.02 -2.69
N ALA ZA 159 -9.61 -71.99 -1.88
CA ALA ZA 159 -9.97 -70.59 -2.15
C ALA ZA 159 -9.85 -70.13 -3.60
N ASP ZA 160 -8.74 -70.40 -4.27
CA ASP ZA 160 -8.63 -69.90 -5.63
C ASP ZA 160 -7.65 -70.68 -6.50
N VAL ZA 161 -8.16 -71.72 -7.14
CA VAL ZA 161 -7.40 -72.53 -8.08
C VAL ZA 161 -8.19 -72.62 -9.36
N ASP ZA 162 -7.63 -73.28 -10.35
CA ASP ZA 162 -8.32 -73.45 -11.62
C ASP ZA 162 -7.84 -74.69 -12.33
N TYR ZA 163 -8.49 -75.08 -13.42
CA TYR ZA 163 -8.14 -76.31 -14.10
C TYR ZA 163 -6.81 -76.28 -14.87
N ASP ZA 164 -6.15 -75.13 -14.92
CA ASP ZA 164 -4.86 -75.07 -15.58
C ASP ZA 164 -3.72 -75.09 -14.57
N ASN ZA 165 -4.05 -74.91 -13.30
CA ASN ZA 165 -3.02 -74.89 -12.27
C ASN ZA 165 -3.12 -76.07 -11.33
N ILE ZA 166 -3.78 -77.13 -11.78
CA ILE ZA 166 -3.88 -78.37 -11.04
C ILE ZA 166 -3.35 -79.51 -11.90
N SER ZA 167 -2.29 -80.17 -11.45
CA SER ZA 167 -1.74 -81.25 -12.23
C SER ZA 167 -1.82 -82.59 -11.55
N VAL ZA 168 -2.27 -83.60 -12.28
CA VAL ZA 168 -2.39 -84.94 -11.73
C VAL ZA 168 -1.64 -85.96 -12.57
N VAL ZA 169 -0.73 -86.65 -11.93
CA VAL ZA 169 0.04 -87.70 -12.57
C VAL ZA 169 -0.25 -89.01 -11.86
N LEU ZA 170 -0.64 -90.01 -12.61
CA LEU ZA 170 -1.05 -91.24 -11.96
C LEU ZA 170 -0.80 -92.49 -12.77
N SER ZA 171 -0.95 -93.62 -12.09
CA SER ZA 171 -0.79 -94.94 -12.69
C SER ZA 171 -1.47 -96.01 -11.86
N GLU ZA 172 -1.03 -97.25 -12.02
CA GLU ZA 172 -1.63 -98.36 -11.30
C GLU ZA 172 -0.58 -99.33 -10.81
N ARG ZA 173 -0.96 -100.16 -9.85
CA ARG ZA 173 -0.03 -101.11 -9.25
C ARG ZA 173 0.47 -102.16 -10.23
N SER ZA 174 1.61 -102.76 -9.87
CA SER ZA 174 2.25 -103.83 -10.63
C SER ZA 174 1.71 -105.21 -10.25
N ASP ZA 175 2.21 -106.24 -10.93
CA ASP ZA 175 1.82 -107.62 -10.66
C ASP ZA 175 2.23 -108.02 -9.26
N ALA ZA 176 1.25 -108.30 -8.41
CA ALA ZA 176 1.49 -108.61 -7.00
C ALA ZA 176 2.43 -109.78 -6.77
N GLN ZA 177 3.39 -109.60 -5.87
CA GLN ZA 177 4.32 -110.65 -5.57
C GLN ZA 177 3.71 -111.58 -4.56
N LEU ZA 178 3.00 -112.59 -5.05
CA LEU ZA 178 2.31 -113.53 -4.20
C LEU ZA 178 3.05 -114.85 -4.00
N GLN ZA 179 4.30 -114.93 -4.47
CA GLN ZA 179 5.06 -116.18 -4.36
C GLN ZA 179 6.37 -116.00 -3.62
N ALA ZA 180 6.73 -116.98 -2.80
CA ALA ZA 180 7.98 -116.92 -2.07
C ALA ZA 180 9.17 -117.11 -3.02
N PRO ZA 181 10.27 -116.39 -2.80
CA PRO ZA 181 11.55 -116.45 -3.52
C PRO ZA 181 12.17 -117.84 -3.61
N GLY ZA 182 12.16 -118.56 -2.50
CA GLY ZA 182 12.71 -119.90 -2.45
C GLY ZA 182 14.11 -119.89 -1.88
N THR ZA 183 14.56 -121.03 -1.39
CA THR ZA 183 15.88 -121.16 -0.81
C THR ZA 183 16.92 -121.48 -1.88
N PRO ZA 184 18.21 -121.33 -1.57
CA PRO ZA 184 19.35 -121.64 -2.41
C PRO ZA 184 19.51 -123.14 -2.53
N VAL ZA 185 20.13 -123.57 -3.62
CA VAL ZA 185 20.32 -124.99 -3.85
C VAL ZA 185 21.60 -125.50 -3.21
N LYS ZA 186 21.44 -126.33 -2.19
CA LYS ZA 186 22.57 -126.94 -1.49
C LYS ZA 186 22.07 -127.90 -0.42
N ALA AB 42 18.15 -131.48 -10.07
CA ALA AB 42 17.69 -130.10 -9.94
C ALA AB 42 17.05 -129.63 -11.24
N GLU AB 43 15.91 -130.23 -11.59
CA GLU AB 43 15.23 -129.83 -12.81
C GLU AB 43 14.90 -128.35 -12.78
N LEU AB 44 15.30 -127.65 -13.82
CA LEU AB 44 15.11 -126.21 -13.92
C LEU AB 44 13.68 -125.75 -13.68
N ASP AB 45 12.71 -126.54 -14.14
CA ASP AB 45 11.31 -126.20 -13.93
C ASP AB 45 10.97 -126.09 -12.45
N SER AB 46 11.61 -126.89 -11.62
CA SER AB 46 11.35 -126.86 -10.19
C SER AB 46 12.19 -125.78 -9.52
N LEU AB 47 13.29 -125.40 -10.17
CA LEU AB 47 14.14 -124.34 -9.63
C LEU AB 47 13.47 -122.97 -9.78
N LEU AB 48 12.74 -122.80 -10.88
CA LEU AB 48 12.00 -121.56 -11.13
C LEU AB 48 10.73 -121.51 -10.26
N GLY AB 49 10.21 -120.30 -10.06
CA GLY AB 49 9.04 -120.00 -9.21
C GLY AB 49 7.85 -120.99 -9.24
N GLN AB 50 6.98 -120.85 -8.24
CA GLN AB 50 5.79 -121.70 -8.08
C GLN AB 50 4.89 -121.67 -9.29
N GLU AB 51 4.67 -120.49 -9.83
CA GLU AB 51 3.86 -120.38 -11.03
C GLU AB 51 4.75 -120.59 -12.22
N LYS AB 52 5.02 -121.86 -12.50
CA LYS AB 52 5.89 -122.27 -13.59
C LYS AB 52 5.45 -121.80 -14.96
N GLU AB 53 4.19 -121.39 -15.08
CA GLU AB 53 3.66 -120.93 -16.35
C GLU AB 53 4.12 -119.52 -16.72
N ARG AB 54 4.93 -118.89 -15.86
CA ARG AB 54 5.46 -117.58 -16.16
C ARG AB 54 6.70 -117.70 -17.06
N PHE AB 55 7.25 -118.91 -17.18
CA PHE AB 55 8.46 -119.09 -17.96
C PHE AB 55 8.33 -120.17 -19.00
N GLN AB 56 8.99 -119.98 -20.13
CA GLN AB 56 9.01 -121.03 -21.14
C GLN AB 56 10.42 -121.54 -21.31
N VAL AB 57 10.69 -122.72 -20.79
CA VAL AB 57 12.02 -123.29 -20.92
C VAL AB 57 12.20 -123.89 -22.30
N LEU AB 58 13.29 -123.53 -22.95
CA LEU AB 58 13.58 -123.93 -24.31
C LEU AB 58 14.89 -124.72 -24.39
N PRO AB 59 14.97 -125.73 -25.24
CA PRO AB 59 16.17 -126.55 -25.36
C PRO AB 59 16.95 -126.22 -26.61
N GLY AB 60 17.95 -125.35 -26.49
CA GLY AB 60 18.72 -124.93 -27.65
C GLY AB 60 19.61 -126.03 -28.20
N ARG AB 61 19.85 -125.97 -29.51
CA ARG AB 61 20.68 -126.97 -30.19
C ARG AB 61 22.16 -126.85 -29.81
N ASP AB 62 22.52 -125.73 -29.19
CA ASP AB 62 23.86 -125.49 -28.69
C ASP AB 62 24.10 -126.06 -27.29
N LYS AB 63 23.18 -126.91 -26.80
CA LYS AB 63 23.26 -127.55 -25.49
C LYS AB 63 23.04 -126.57 -24.34
N MET AB 64 22.47 -125.40 -24.65
CA MET AB 64 22.16 -124.43 -23.62
C MET AB 64 20.67 -124.42 -23.39
N LEU AB 65 20.29 -124.51 -22.13
CA LEU AB 65 18.89 -124.54 -21.78
C LEU AB 65 18.47 -123.08 -21.56
N TYR AB 66 17.51 -122.63 -22.35
CA TYR AB 66 17.10 -121.24 -22.29
C TYR AB 66 15.84 -121.00 -21.48
N VAL AB 67 15.76 -119.84 -20.86
CA VAL AB 67 14.57 -119.48 -20.10
C VAL AB 67 13.90 -118.26 -20.68
N ALA AB 68 12.81 -118.44 -21.39
CA ALA AB 68 12.15 -117.28 -21.97
C ALA AB 68 11.26 -116.61 -20.95
N ALA AB 69 11.52 -115.33 -20.73
CA ALA AB 69 10.74 -114.52 -19.82
C ALA AB 69 10.01 -113.42 -20.58
N GLN AB 70 8.82 -113.08 -20.12
CA GLN AB 70 8.00 -112.07 -20.78
C GLN AB 70 8.12 -110.69 -20.16
N ASN AB 71 8.87 -110.56 -19.08
CA ASN AB 71 9.00 -109.29 -18.39
C ASN AB 71 10.32 -109.20 -17.66
N GLU AB 72 10.91 -108.01 -17.63
CA GLU AB 72 12.19 -107.80 -16.97
C GLU AB 72 12.21 -108.20 -15.49
N ARG AB 73 11.05 -108.26 -14.84
CA ARG AB 73 11.00 -108.71 -13.45
C ARG AB 73 11.21 -110.21 -13.39
N ASP AB 74 10.76 -110.89 -14.43
CA ASP AB 74 10.86 -112.33 -14.49
C ASP AB 74 12.24 -112.67 -15.02
N THR AB 75 12.77 -111.78 -15.86
CA THR AB 75 14.11 -111.94 -16.37
C THR AB 75 15.07 -111.96 -15.20
N LEU AB 76 14.95 -110.97 -14.33
CA LEU AB 76 15.79 -110.90 -13.15
C LEU AB 76 15.56 -112.08 -12.22
N TRP AB 77 14.29 -112.48 -12.05
CA TRP AB 77 13.96 -113.61 -11.21
C TRP AB 77 14.79 -114.83 -11.61
N ALA AB 78 14.70 -115.18 -12.89
CA ALA AB 78 15.41 -116.32 -13.44
C ALA AB 78 16.93 -116.17 -13.33
N ARG AB 79 17.44 -114.97 -13.54
CA ARG AB 79 18.88 -114.76 -13.42
C ARG AB 79 19.34 -114.99 -12.00
N GLN AB 80 18.52 -114.57 -11.03
CA GLN AB 80 18.88 -114.79 -9.64
C GLN AB 80 18.86 -116.26 -9.34
N VAL AB 81 17.93 -117.01 -9.93
CA VAL AB 81 17.91 -118.46 -9.74
C VAL AB 81 19.20 -119.10 -10.21
N LEU AB 82 19.65 -118.70 -11.39
CA LEU AB 82 20.88 -119.27 -11.93
C LEU AB 82 22.11 -118.93 -11.09
N ALA AB 83 22.15 -117.72 -10.53
CA ALA AB 83 23.26 -117.30 -9.69
C ALA AB 83 23.17 -117.85 -8.25
N ARG AB 84 21.95 -117.96 -7.73
CA ARG AB 84 21.71 -118.42 -6.36
C ARG AB 84 21.79 -119.91 -6.22
N GLY AB 85 21.02 -120.61 -7.05
CA GLY AB 85 20.97 -122.05 -7.01
C GLY AB 85 21.98 -122.61 -7.98
N ASP AB 86 21.67 -123.77 -8.51
CA ASP AB 86 22.60 -124.37 -9.43
C ASP AB 86 21.91 -125.32 -10.37
N TYR AB 87 22.57 -125.54 -11.48
CA TYR AB 87 22.11 -126.43 -12.52
C TYR AB 87 23.30 -126.76 -13.39
N ASP AB 88 23.75 -128.00 -13.34
CA ASP AB 88 24.92 -128.42 -14.11
C ASP AB 88 24.68 -128.52 -15.60
N LYS AB 89 24.59 -127.37 -16.26
CA LYS AB 89 24.36 -127.29 -17.69
C LYS AB 89 24.30 -125.85 -18.14
N ASN AB 90 24.79 -125.59 -19.33
CA ASN AB 90 24.73 -124.26 -19.91
C ASN AB 90 23.30 -123.76 -19.83
N ALA AB 91 23.14 -122.50 -19.47
CA ALA AB 91 21.81 -121.93 -19.38
C ALA AB 91 21.85 -120.43 -19.61
N ARG AB 92 20.76 -119.88 -20.13
CA ARG AB 92 20.71 -118.46 -20.43
C ARG AB 92 19.29 -117.93 -20.54
N VAL AB 93 19.02 -116.84 -19.82
CA VAL AB 93 17.70 -116.23 -19.81
C VAL AB 93 17.46 -115.36 -21.04
N ILE AB 94 16.32 -115.58 -21.67
CA ILE AB 94 15.89 -114.83 -22.85
C ILE AB 94 14.91 -113.72 -22.55
N ASN AB 95 15.17 -112.57 -23.14
CA ASN AB 95 14.32 -111.40 -23.01
C ASN AB 95 14.04 -110.80 -24.37
N GLU AB 96 12.77 -110.82 -24.77
CA GLU AB 96 12.33 -110.34 -26.07
C GLU AB 96 13.00 -109.07 -26.58
N ASN AB 97 13.07 -108.04 -25.75
CA ASN AB 97 13.70 -106.80 -26.18
C ASN AB 97 15.20 -106.92 -26.25
N GLU AB 98 15.79 -107.65 -25.31
CA GLU AB 98 17.24 -107.79 -25.32
C GLU AB 98 17.70 -108.57 -26.53
N GLU AB 99 16.90 -109.57 -26.93
CA GLU AB 99 17.24 -110.37 -28.07
C GLU AB 99 17.02 -109.61 -29.34
N ASN AB 100 15.96 -108.80 -29.37
CA ASN AB 100 15.71 -107.98 -30.54
C ASN AB 100 16.91 -107.09 -30.78
N LYS AB 101 17.42 -106.48 -29.70
CA LYS AB 101 18.59 -105.62 -29.77
C LYS AB 101 19.86 -106.37 -30.18
N ARG AB 102 20.12 -107.52 -29.56
CA ARG AB 102 21.32 -108.30 -29.88
C ARG AB 102 21.39 -108.59 -31.35
N ILE AB 103 20.27 -109.03 -31.91
CA ILE AB 103 20.20 -109.32 -33.32
C ILE AB 103 20.42 -108.10 -34.16
N SER AB 104 19.76 -106.99 -33.81
CA SER AB 104 19.90 -105.78 -34.61
C SER AB 104 21.33 -105.29 -34.70
N ILE AB 105 22.13 -105.55 -33.66
CA ILE AB 105 23.53 -105.15 -33.69
C ILE AB 105 24.30 -105.93 -34.75
N TRP AB 106 24.18 -107.24 -34.68
CA TRP AB 106 24.86 -108.11 -35.63
C TRP AB 106 24.39 -107.82 -37.04
N LEU AB 107 23.09 -107.67 -37.16
CA LEU AB 107 22.44 -107.45 -38.42
C LEU AB 107 22.92 -106.18 -39.07
N ASP AB 108 23.04 -105.09 -38.32
CA ASP AB 108 23.56 -103.86 -38.91
C ASP AB 108 24.98 -104.02 -39.46
N THR AB 109 25.84 -104.76 -38.75
CA THR AB 109 27.21 -104.96 -39.22
C THR AB 109 27.31 -105.78 -40.49
N TYR AB 110 26.59 -106.88 -40.56
CA TYR AB 110 26.68 -107.76 -41.72
C TYR AB 110 25.72 -107.41 -42.83
N TYR AB 111 24.58 -106.85 -42.49
CA TYR AB 111 23.61 -106.38 -43.47
C TYR AB 111 23.26 -104.91 -43.26
N PRO AB 112 24.19 -103.99 -43.47
CA PRO AB 112 24.04 -102.57 -43.32
C PRO AB 112 23.07 -102.13 -44.39
N GLN AB 113 22.32 -101.09 -44.06
CA GLN AB 113 21.28 -100.53 -44.91
C GLN AB 113 20.03 -101.42 -45.04
N LEU AB 114 19.98 -102.57 -44.35
CA LEU AB 114 18.78 -103.40 -44.42
C LEU AB 114 17.62 -102.67 -43.77
N ALA AB 115 16.50 -102.56 -44.48
CA ALA AB 115 15.36 -101.87 -43.91
C ALA AB 115 14.41 -102.86 -43.27
N TYR AB 116 14.27 -102.79 -41.95
CA TYR AB 116 13.41 -103.72 -41.24
C TYR AB 116 12.75 -103.07 -40.04
N TYR AB 117 11.80 -103.78 -39.44
CA TYR AB 117 11.02 -103.26 -38.33
C TYR AB 117 11.33 -103.91 -36.99
N ARG AB 118 10.76 -105.06 -36.73
CA ARG AB 118 10.97 -105.69 -35.44
C ARG AB 118 10.72 -107.17 -35.49
N ILE AB 119 11.46 -107.91 -34.68
CA ILE AB 119 11.26 -109.34 -34.61
C ILE AB 119 10.22 -109.70 -33.56
N HIS AB 120 9.22 -110.45 -33.96
CA HIS AB 120 8.16 -110.87 -33.10
C HIS AB 120 8.44 -112.27 -32.64
N PHE AB 121 8.84 -112.40 -31.39
CA PHE AB 121 9.24 -113.70 -30.91
C PHE AB 121 8.08 -114.62 -30.61
N ASP AB 122 7.01 -114.07 -30.01
CA ASP AB 122 5.77 -114.80 -29.69
C ASP AB 122 5.97 -116.30 -29.43
N GLU AB 123 5.97 -117.10 -30.50
CA GLU AB 123 6.22 -118.52 -30.40
C GLU AB 123 7.69 -118.82 -30.66
N PRO AB 124 8.54 -118.77 -29.61
CA PRO AB 124 10.01 -118.98 -29.63
C PRO AB 124 10.55 -119.72 -30.85
N ARG AB 125 10.00 -120.88 -31.13
CA ARG AB 125 10.39 -121.77 -32.21
C ARG AB 125 10.44 -121.12 -33.59
N LYS AB 126 9.47 -120.27 -33.88
CA LYS AB 126 9.36 -119.63 -35.17
C LYS AB 126 9.03 -118.15 -35.06
N PRO AB 127 10.00 -117.29 -34.74
CA PRO AB 127 9.89 -115.86 -34.62
C PRO AB 127 9.66 -115.27 -36.00
N VAL AB 128 8.97 -114.16 -36.04
CA VAL AB 128 8.64 -113.51 -37.29
C VAL AB 128 9.45 -112.25 -37.47
N PHE AB 129 10.05 -112.11 -38.63
CA PHE AB 129 10.89 -110.96 -38.91
C PHE AB 129 10.21 -110.00 -39.85
N TRP AB 130 9.80 -108.82 -39.36
CA TRP AB 130 9.19 -107.88 -40.28
C TRP AB 130 10.25 -107.11 -41.05
N LEU AB 131 10.11 -107.14 -42.36
CA LEU AB 131 11.05 -106.55 -43.32
C LEU AB 131 10.35 -105.53 -44.21
N SER AB 132 10.97 -104.38 -44.48
CA SER AB 132 10.30 -103.39 -45.31
C SER AB 132 10.12 -103.86 -46.75
N ARG AB 133 8.87 -104.13 -47.12
CA ARG AB 133 8.51 -104.59 -48.45
C ARG AB 133 8.94 -103.64 -49.55
N GLN AB 134 8.72 -102.35 -49.33
CA GLN AB 134 9.00 -101.35 -50.33
C GLN AB 134 10.45 -100.92 -50.42
N ARG AB 135 11.16 -100.85 -49.29
CA ARG AB 135 12.54 -100.40 -49.37
C ARG AB 135 13.57 -101.47 -49.71
N ASN AB 136 13.27 -102.74 -49.45
CA ASN AB 136 14.24 -103.78 -49.77
C ASN AB 136 13.99 -104.39 -51.14
N THR AB 137 15.08 -104.65 -51.85
CA THR AB 137 15.03 -105.22 -53.20
C THR AB 137 15.78 -106.54 -53.26
N MET AB 138 15.91 -107.22 -52.12
CA MET AB 138 16.61 -108.50 -52.07
C MET AB 138 15.88 -109.58 -52.83
N SER AB 139 16.64 -110.49 -53.43
CA SER AB 139 16.05 -111.60 -54.17
C SER AB 139 15.61 -112.66 -53.21
N LYS AB 140 14.77 -113.56 -53.69
CA LYS AB 140 14.28 -114.67 -52.87
C LYS AB 140 15.43 -115.49 -52.28
N LYS AB 141 16.45 -115.72 -53.11
CA LYS AB 141 17.60 -116.49 -52.67
C LYS AB 141 18.37 -115.76 -51.60
N GLU AB 142 18.49 -114.45 -51.75
CA GLU AB 142 19.18 -113.65 -50.77
C GLU AB 142 18.44 -113.67 -49.45
N LEU AB 143 17.10 -113.64 -49.52
CA LEU AB 143 16.29 -113.69 -48.33
C LEU AB 143 16.43 -115.04 -47.64
N GLU AB 144 16.58 -116.12 -48.42
CA GLU AB 144 16.84 -117.43 -47.84
C GLU AB 144 18.07 -117.38 -46.97
N VAL AB 145 19.15 -116.85 -47.54
CA VAL AB 145 20.41 -116.74 -46.83
C VAL AB 145 20.27 -115.93 -45.57
N LEU AB 146 19.58 -114.80 -45.67
CA LEU AB 146 19.33 -113.94 -44.53
C LEU AB 146 18.68 -114.69 -43.40
N SER AB 147 17.62 -115.46 -43.71
CA SER AB 147 16.94 -116.21 -42.66
C SER AB 147 17.84 -117.24 -42.04
N GLN AB 148 18.75 -117.81 -42.84
CA GLN AB 148 19.69 -118.78 -42.32
C GLN AB 148 20.66 -118.17 -41.34
N LYS AB 149 21.07 -116.93 -41.61
CA LYS AB 149 21.97 -116.25 -40.71
C LYS AB 149 21.25 -115.95 -39.41
N LEU AB 150 19.98 -115.59 -39.51
CA LEU AB 150 19.19 -115.30 -38.34
C LEU AB 150 19.01 -116.58 -37.50
N ARG AB 151 18.86 -117.73 -38.17
CA ARG AB 151 18.74 -118.98 -37.46
C ARG AB 151 20.01 -119.24 -36.67
N ALA AB 152 21.16 -118.92 -37.26
CA ALA AB 152 22.43 -119.07 -36.57
C ALA AB 152 22.47 -118.20 -35.32
N LEU AB 153 21.92 -116.99 -35.41
CA LEU AB 153 21.88 -116.08 -34.27
C LEU AB 153 20.96 -116.55 -33.14
N MET AB 154 19.97 -117.37 -33.46
CA MET AB 154 19.02 -117.89 -32.48
C MET AB 154 19.05 -119.42 -32.32
N PRO AB 155 19.93 -119.94 -31.44
CA PRO AB 155 20.19 -121.34 -31.08
C PRO AB 155 18.95 -122.16 -30.79
N TYR AB 156 17.90 -121.51 -30.29
CA TYR AB 156 16.67 -122.21 -29.97
C TYR AB 156 15.69 -122.29 -31.12
N ALA AB 157 15.55 -121.18 -31.84
CA ALA AB 157 14.62 -121.09 -32.95
C ALA AB 157 14.91 -122.17 -33.96
N ASP AB 158 13.86 -122.75 -34.50
CA ASP AB 158 14.02 -123.79 -35.49
C ASP AB 158 14.10 -123.19 -36.87
N SER AB 159 13.32 -122.14 -37.08
CA SER AB 159 13.33 -121.44 -38.35
C SER AB 159 12.90 -120.00 -38.17
N VAL AB 160 13.14 -119.18 -39.17
CA VAL AB 160 12.76 -117.78 -39.09
C VAL AB 160 11.79 -117.42 -40.20
N ASN AB 161 10.68 -116.81 -39.82
CA ASN AB 161 9.69 -116.45 -40.82
C ASN AB 161 9.84 -115.00 -41.23
N ILE AB 162 10.63 -114.75 -42.26
CA ILE AB 162 10.77 -113.40 -42.76
C ILE AB 162 9.59 -113.04 -43.61
N THR AB 163 8.99 -111.90 -43.34
CA THR AB 163 7.84 -111.46 -44.10
C THR AB 163 7.94 -109.98 -44.38
N LEU AB 164 7.40 -109.58 -45.51
CA LEU AB 164 7.53 -108.20 -45.95
C LEU AB 164 6.29 -107.38 -45.59
N MET AB 165 6.50 -106.23 -44.96
CA MET AB 165 5.43 -105.35 -44.53
C MET AB 165 5.38 -104.07 -45.36
N ASP AB 166 4.19 -103.53 -45.56
CA ASP AB 166 4.06 -102.32 -46.35
C ASP AB 166 4.20 -101.06 -45.50
N ASP AB 167 5.27 -100.31 -45.75
CA ASP AB 167 5.60 -99.07 -45.05
C ASP AB 167 4.42 -98.11 -44.91
N VAL AB 168 3.55 -98.08 -45.91
CA VAL AB 168 2.40 -97.20 -45.89
C VAL AB 168 1.43 -97.54 -44.79
N THR AB 169 1.23 -98.83 -44.54
CA THR AB 169 0.29 -99.23 -43.52
C THR AB 169 0.84 -98.97 -42.14
N ALA AB 170 2.16 -99.02 -42.02
CA ALA AB 170 2.78 -98.70 -40.74
C ALA AB 170 2.51 -97.24 -40.39
N ALA AB 171 2.77 -96.36 -41.36
CA ALA AB 171 2.55 -94.94 -41.17
C ALA AB 171 1.08 -94.63 -40.98
N GLY AB 172 0.23 -95.29 -41.74
CA GLY AB 172 -1.20 -95.07 -41.68
C GLY AB 172 -1.75 -95.34 -40.29
N GLN AB 173 -1.34 -96.45 -39.69
CA GLN AB 173 -1.80 -96.78 -38.35
C GLN AB 173 -1.29 -95.79 -37.33
N ALA AB 174 -0.03 -95.37 -37.47
CA ALA AB 174 0.53 -94.41 -36.54
C ALA AB 174 -0.29 -93.14 -36.49
N GLU AB 175 -0.59 -92.59 -37.66
CA GLU AB 175 -1.33 -91.35 -37.69
C GLU AB 175 -2.78 -91.53 -37.32
N ALA AB 176 -3.41 -92.60 -37.81
CA ALA AB 176 -4.82 -92.84 -37.54
C ALA AB 176 -5.12 -92.90 -36.05
N GLY AB 177 -4.34 -93.69 -35.31
CA GLY AB 177 -4.56 -93.80 -33.88
C GLY AB 177 -4.29 -92.49 -33.17
N LEU AB 178 -3.23 -91.80 -33.61
CA LEU AB 178 -2.83 -90.53 -33.04
C LEU AB 178 -3.96 -89.50 -33.12
N LYS AB 179 -4.58 -89.39 -34.29
CA LYS AB 179 -5.67 -88.45 -34.44
C LYS AB 179 -6.97 -88.96 -33.83
N GLN AB 180 -7.12 -90.29 -33.70
CA GLN AB 180 -8.30 -90.85 -33.02
C GLN AB 180 -8.35 -90.39 -31.58
N GLN AB 181 -7.18 -90.33 -30.95
CA GLN AB 181 -7.04 -89.84 -29.58
C GLN AB 181 -7.24 -88.33 -29.44
N ALA AB 182 -7.53 -87.62 -30.54
CA ALA AB 182 -7.75 -86.18 -30.58
C ALA AB 182 -6.51 -85.41 -30.18
N LEU AB 183 -5.34 -85.94 -30.51
CA LEU AB 183 -4.11 -85.28 -30.17
C LEU AB 183 -3.67 -84.37 -31.30
N PRO AB 184 -3.07 -83.22 -30.99
CA PRO AB 184 -2.49 -82.26 -31.90
C PRO AB 184 -1.14 -82.80 -32.34
N TYR AB 185 -0.80 -82.61 -33.59
CA TYR AB 185 0.49 -83.07 -34.06
C TYR AB 185 0.83 -82.52 -35.41
N SER AB 186 2.08 -82.70 -35.81
CA SER AB 186 2.48 -82.31 -37.13
C SER AB 186 3.39 -83.39 -37.71
N ARG AB 187 2.97 -83.95 -38.83
CA ARG AB 187 3.68 -85.04 -39.48
C ARG AB 187 4.90 -84.56 -40.25
N ARG AB 188 5.97 -85.35 -40.21
CA ARG AB 188 7.21 -85.06 -40.90
C ARG AB 188 7.66 -86.19 -41.79
N ASN AB 189 7.22 -86.19 -43.03
CA ASN AB 189 7.66 -87.23 -43.94
C ASN AB 189 9.05 -86.93 -44.45
N HIS AB 190 9.90 -87.92 -44.48
CA HIS AB 190 11.23 -87.74 -45.02
C HIS AB 190 11.71 -89.03 -45.62
N LYS AB 191 12.76 -88.98 -46.42
CA LYS AB 191 13.22 -90.21 -47.01
C LYS AB 191 13.69 -91.14 -45.93
N GLY AB 192 13.13 -92.34 -45.91
CA GLY AB 192 13.50 -93.35 -44.94
C GLY AB 192 12.66 -93.38 -43.66
N GLY AB 193 11.72 -92.46 -43.48
CA GLY AB 193 10.92 -92.52 -42.25
C GLY AB 193 9.92 -91.39 -42.08
N VAL AB 194 9.30 -91.34 -40.91
CA VAL AB 194 8.34 -90.30 -40.61
C VAL AB 194 8.32 -89.97 -39.13
N THR AB 195 8.27 -88.68 -38.82
CA THR AB 195 8.24 -88.25 -37.43
C THR AB 195 6.98 -87.46 -37.10
N PHE AB 196 6.39 -87.78 -35.95
CA PHE AB 196 5.18 -87.09 -35.51
C PHE AB 196 5.46 -86.18 -34.34
N VAL AB 197 5.46 -84.88 -34.63
CA VAL AB 197 5.80 -83.88 -33.65
C VAL AB 197 4.59 -83.39 -32.86
N ILE AB 198 4.69 -83.46 -31.54
CA ILE AB 198 3.61 -83.00 -30.67
C ILE AB 198 4.13 -81.91 -29.75
N GLN AB 199 3.78 -80.66 -30.04
CA GLN AB 199 4.25 -79.54 -29.23
C GLN AB 199 3.14 -78.74 -28.59
N GLY AB 200 3.53 -77.83 -27.71
CA GLY AB 200 2.62 -76.95 -27.02
C GLY AB 200 2.33 -77.43 -25.62
N ALA AB 201 1.56 -76.65 -24.88
CA ALA AB 201 1.19 -77.05 -23.54
C ALA AB 201 0.16 -78.15 -23.64
N LEU AB 202 0.25 -79.14 -22.77
CA LEU AB 202 -0.67 -80.25 -22.85
C LEU AB 202 -1.45 -80.49 -21.57
N ASP AB 203 -2.70 -80.86 -21.74
CA ASP AB 203 -3.59 -81.21 -20.64
C ASP AB 203 -3.18 -82.56 -20.10
N ASP AB 204 -3.17 -82.72 -18.79
CA ASP AB 204 -2.79 -83.99 -18.18
C ASP AB 204 -3.52 -85.21 -18.78
N VAL AB 205 -4.75 -85.00 -19.23
CA VAL AB 205 -5.53 -86.08 -19.78
C VAL AB 205 -4.96 -86.50 -21.13
N GLU AB 206 -4.72 -85.52 -22.01
CA GLU AB 206 -4.16 -85.85 -23.31
C GLU AB 206 -2.73 -86.32 -23.22
N ILE AB 207 -2.02 -85.95 -22.15
CA ILE AB 207 -0.67 -86.47 -21.97
C ILE AB 207 -0.72 -87.96 -21.74
N LEU AB 208 -1.61 -88.38 -20.84
CA LEU AB 208 -1.78 -89.79 -20.57
C LEU AB 208 -2.14 -90.57 -21.82
N ARG AB 209 -3.13 -90.07 -22.54
CA ARG AB 209 -3.57 -90.72 -23.77
C ARG AB 209 -2.45 -90.85 -24.79
N ALA AB 210 -1.67 -89.79 -24.94
CA ALA AB 210 -0.58 -89.79 -25.90
C ALA AB 210 0.41 -90.87 -25.59
N ARG AB 211 0.84 -90.97 -24.34
CA ARG AB 211 1.82 -91.98 -24.02
C ARG AB 211 1.30 -93.39 -24.22
N GLN AB 212 0.06 -93.64 -23.82
CA GLN AB 212 -0.50 -94.97 -23.99
C GLN AB 212 -0.45 -95.42 -25.44
N PHE AB 213 -0.85 -94.52 -26.32
CA PHE AB 213 -0.82 -94.79 -27.74
C PHE AB 213 0.56 -95.09 -28.26
N VAL AB 214 1.51 -94.22 -27.92
CA VAL AB 214 2.87 -94.35 -28.38
C VAL AB 214 3.50 -95.64 -27.94
N ASP AB 215 3.34 -95.99 -26.67
CA ASP AB 215 3.90 -97.22 -26.16
C ASP AB 215 3.39 -98.42 -26.92
N SER AB 216 2.10 -98.46 -27.22
CA SER AB 216 1.53 -99.57 -27.95
C SER AB 216 2.05 -99.66 -29.37
N TYR AB 217 2.16 -98.53 -30.05
CA TYR AB 217 2.65 -98.51 -31.41
C TYR AB 217 4.07 -99.05 -31.45
N TYR AB 218 4.89 -98.56 -30.53
CA TYR AB 218 6.25 -99.01 -30.42
C TYR AB 218 6.32 -100.50 -30.21
N ARG AB 219 5.58 -100.99 -29.22
CA ARG AB 219 5.57 -102.42 -28.92
C ARG AB 219 5.29 -103.27 -30.16
N THR AB 220 4.36 -102.83 -30.99
CA THR AB 220 4.03 -103.58 -32.20
C THR AB 220 5.05 -103.40 -33.33
N TRP AB 221 5.12 -102.20 -33.87
CA TRP AB 221 5.97 -101.94 -35.01
C TRP AB 221 7.42 -101.65 -34.71
N GLY AB 222 7.68 -101.04 -33.57
CA GLY AB 222 9.04 -100.66 -33.23
C GLY AB 222 9.28 -99.22 -33.68
N GLY AB 223 10.42 -98.65 -33.27
CA GLY AB 223 10.71 -97.25 -33.59
C GLY AB 223 11.73 -97.04 -34.70
N ARG AB 224 11.80 -97.94 -35.68
CA ARG AB 224 12.77 -97.76 -36.75
C ARG AB 224 12.24 -97.00 -37.96
N TYR AB 225 10.94 -96.84 -38.06
CA TYR AB 225 10.37 -96.12 -39.20
C TYR AB 225 9.57 -94.93 -38.70
N VAL AB 226 8.71 -95.17 -37.72
CA VAL AB 226 7.92 -94.12 -37.13
C VAL AB 226 8.53 -93.64 -35.83
N GLN AB 227 8.81 -92.35 -35.77
CA GLN AB 227 9.36 -91.74 -34.58
C GLN AB 227 8.41 -90.71 -34.00
N PHE AB 228 8.09 -90.83 -32.72
CA PHE AB 228 7.21 -89.85 -32.11
C PHE AB 228 8.04 -88.86 -31.33
N ALA AB 229 7.54 -87.63 -31.22
CA ALA AB 229 8.30 -86.58 -30.54
C ALA AB 229 7.41 -85.71 -29.68
N ILE AB 230 7.17 -86.16 -28.45
CA ILE AB 230 6.36 -85.39 -27.51
C ILE AB 230 7.20 -84.32 -26.83
N GLU AB 231 6.80 -83.08 -27.00
CA GLU AB 231 7.53 -81.96 -26.42
C GLU AB 231 6.62 -81.00 -25.65
N LEU AB 232 6.62 -81.15 -24.34
CA LEU AB 232 5.80 -80.32 -23.47
C LEU AB 232 6.41 -78.93 -23.35
N LYS AB 233 5.77 -77.94 -23.95
CA LYS AB 233 6.30 -76.57 -23.97
C LYS AB 233 5.27 -75.49 -23.64
N ASP AB 234 5.76 -74.34 -23.21
CA ASP AB 234 4.89 -73.21 -22.90
C ASP AB 234 4.46 -72.47 -24.14
N ASP AB 235 3.24 -71.94 -24.10
CA ASP AB 235 2.68 -71.18 -25.21
C ASP AB 235 2.50 -69.72 -24.83
N ASP BB 3 3.49 -118.96 10.78
CA ASP BB 3 3.74 -118.38 12.08
C ASP BB 3 4.78 -117.27 12.00
N LYS BB 4 4.46 -116.20 11.30
CA LYS BB 4 5.39 -115.09 11.14
C LYS BB 4 4.86 -113.82 11.75
N ASP BB 5 5.76 -113.02 12.31
CA ASP BB 5 5.36 -111.74 12.88
C ASP BB 5 5.31 -110.70 11.78
N LEU BB 6 4.19 -110.01 11.66
CA LEU BB 6 4.04 -109.01 10.61
C LEU BB 6 4.12 -107.61 11.22
N LEU BB 7 3.19 -107.30 12.12
CA LEU BB 7 3.16 -105.99 12.77
C LEU BB 7 3.10 -106.09 14.29
N LYS BB 8 3.67 -105.09 14.97
CA LYS BB 8 3.66 -105.06 16.43
C LYS BB 8 3.41 -103.66 16.98
N GLY BB 9 2.79 -103.59 18.16
CA GLY BB 9 2.58 -102.30 18.80
C GLY BB 9 1.46 -101.50 18.18
N LEU BB 10 0.50 -102.17 17.56
CA LEU BB 10 -0.59 -101.48 16.91
C LEU BB 10 -1.64 -101.05 17.89
N ASP BB 11 -2.33 -99.97 17.58
CA ASP BB 11 -3.42 -99.61 18.45
C ASP BB 11 -4.63 -100.37 17.94
N GLN BB 12 -5.75 -100.22 18.61
CA GLN BB 12 -6.94 -100.98 18.26
C GLN BB 12 -7.44 -100.73 16.84
N GLU BB 13 -7.55 -99.46 16.47
CA GLU BB 13 -8.03 -99.07 15.14
C GLU BB 13 -7.17 -99.63 14.04
N GLN BB 14 -5.87 -99.40 14.14
CA GLN BB 14 -4.90 -99.85 13.17
C GLN BB 14 -4.96 -101.35 12.98
N ALA BB 15 -5.00 -102.08 14.10
CA ALA BB 15 -5.03 -103.53 14.04
C ALA BB 15 -6.21 -104.02 13.25
N ASN BB 16 -7.39 -103.49 13.54
CA ASN BB 16 -8.58 -103.94 12.83
C ASN BB 16 -8.56 -103.55 11.35
N GLU BB 17 -7.99 -102.39 11.03
CA GLU BB 17 -7.94 -101.98 9.64
C GLU BB 17 -7.03 -102.84 8.79
N VAL BB 18 -5.85 -103.15 9.33
CA VAL BB 18 -4.91 -103.98 8.60
C VAL BB 18 -5.48 -105.35 8.34
N ILE BB 19 -6.12 -105.92 9.37
CA ILE BB 19 -6.73 -107.21 9.24
C ILE BB 19 -7.78 -107.24 8.16
N ALA BB 20 -8.62 -106.20 8.12
CA ALA BB 20 -9.66 -106.12 7.10
C ALA BB 20 -9.07 -106.26 5.71
N VAL BB 21 -7.97 -105.56 5.45
CA VAL BB 21 -7.31 -105.63 4.15
C VAL BB 21 -6.79 -107.01 3.83
N LEU BB 22 -6.14 -107.64 4.80
CA LEU BB 22 -5.58 -108.95 4.57
C LEU BB 22 -6.65 -109.98 4.25
N GLN BB 23 -7.77 -109.90 4.96
CA GLN BB 23 -8.87 -110.81 4.72
C GLN BB 23 -9.44 -110.60 3.34
N MET BB 24 -9.58 -109.35 2.94
CA MET BB 24 -10.07 -109.00 1.62
C MET BB 24 -9.24 -109.65 0.53
N HIS BB 25 -7.93 -109.76 0.76
CA HIS BB 25 -7.05 -110.40 -0.20
C HIS BB 25 -6.78 -111.87 0.08
N ASN BB 26 -7.68 -112.53 0.80
CA ASN BB 26 -7.59 -113.94 1.09
C ASN BB 26 -6.44 -114.35 1.99
N ILE BB 27 -6.20 -113.58 3.05
CA ILE BB 27 -5.17 -113.90 4.01
C ILE BB 27 -5.71 -113.91 5.45
N GLU BB 28 -5.59 -115.06 6.12
CA GLU BB 28 -6.01 -115.15 7.52
C GLU BB 28 -5.01 -114.41 8.39
N ALA BB 29 -5.49 -113.80 9.48
CA ALA BB 29 -4.58 -113.05 10.33
C ALA BB 29 -5.01 -113.15 11.80
N ASN BB 30 -4.02 -113.19 12.68
CA ASN BB 30 -4.28 -113.30 14.09
C ASN BB 30 -4.06 -111.97 14.77
N LYS BB 31 -4.97 -111.56 15.64
CA LYS BB 31 -4.77 -110.35 16.42
C LYS BB 31 -4.42 -110.73 17.84
N ILE BB 32 -3.21 -110.37 18.26
CA ILE BB 32 -2.74 -110.74 19.57
C ILE BB 32 -2.69 -109.56 20.51
N ASP BB 33 -3.40 -109.68 21.61
CA ASP BB 33 -3.44 -108.65 22.64
C ASP BB 33 -2.30 -108.82 23.63
N SER BB 34 -1.32 -107.92 23.58
CA SER BB 34 -0.18 -107.96 24.48
C SER BB 34 -0.28 -106.91 25.58
N GLY BB 35 -1.50 -106.51 25.91
CA GLY BB 35 -1.75 -105.56 26.98
C GLY BB 35 -1.22 -104.19 26.63
N LYS BB 36 -0.43 -103.63 27.55
CA LYS BB 36 0.16 -102.30 27.39
C LYS BB 36 1.06 -102.18 26.18
N LEU BB 37 1.49 -103.30 25.62
CA LEU BB 37 2.37 -103.25 24.48
C LEU BB 37 1.62 -103.16 23.16
N GLY BB 38 0.29 -103.19 23.20
CA GLY BB 38 -0.51 -103.04 21.98
C GLY BB 38 -0.85 -104.36 21.32
N TYR BB 39 -1.24 -104.27 20.05
CA TYR BB 39 -1.62 -105.46 19.31
C TYR BB 39 -0.56 -105.90 18.33
N SER BB 40 -0.52 -107.20 18.09
CA SER BB 40 0.40 -107.75 17.12
C SER BB 40 -0.36 -108.57 16.10
N ILE BB 41 0.09 -108.51 14.86
CA ILE BB 41 -0.54 -109.28 13.81
C ILE BB 41 0.39 -110.32 13.25
N THR BB 42 -0.07 -111.56 13.25
CA THR BB 42 0.73 -112.64 12.72
C THR BB 42 -0.01 -113.40 11.64
N VAL BB 43 0.75 -114.00 10.73
CA VAL BB 43 0.17 -114.72 9.61
C VAL BB 43 0.84 -116.06 9.36
N ALA BB 44 0.15 -116.91 8.61
CA ALA BB 44 0.72 -118.19 8.24
C ALA BB 44 1.87 -117.99 7.30
N GLU BB 45 2.93 -118.76 7.47
CA GLU BB 45 4.12 -118.66 6.65
C GLU BB 45 3.86 -118.71 5.13
N PRO BB 46 2.94 -119.56 4.63
CA PRO BB 46 2.53 -119.63 3.23
C PRO BB 46 2.01 -118.30 2.67
N ASP BB 47 1.39 -117.49 3.52
CA ASP BB 47 0.83 -116.23 3.09
C ASP BB 47 1.75 -115.07 3.33
N PHE BB 48 2.67 -115.22 4.28
CA PHE BB 48 3.60 -114.17 4.68
C PHE BB 48 4.16 -113.31 3.56
N THR BB 49 4.58 -113.90 2.45
CA THR BB 49 5.13 -113.12 1.36
C THR BB 49 4.11 -112.16 0.80
N ALA BB 50 2.91 -112.67 0.54
CA ALA BB 50 1.83 -111.87 0.02
C ALA BB 50 1.41 -110.82 1.02
N ALA BB 51 1.38 -111.20 2.29
CA ALA BB 51 0.99 -110.27 3.35
C ALA BB 51 1.88 -109.06 3.34
N VAL BB 52 3.19 -109.28 3.25
CA VAL BB 52 4.15 -108.18 3.20
C VAL BB 52 3.90 -107.29 2.02
N TYR BB 53 3.67 -107.89 0.86
CA TYR BB 53 3.39 -107.13 -0.32
C TYR BB 53 2.23 -106.18 -0.12
N TRP BB 54 1.15 -106.67 0.47
CA TRP BB 54 -0.03 -105.83 0.68
C TRP BB 54 0.18 -104.76 1.75
N ILE BB 55 0.99 -105.03 2.78
CA ILE BB 55 1.29 -104.01 3.78
C ILE BB 55 1.96 -102.82 3.10
N LYS BB 56 2.86 -103.12 2.18
CA LYS BB 56 3.49 -102.09 1.39
C LYS BB 56 2.49 -101.35 0.53
N THR BB 57 1.76 -102.11 -0.28
CA THR BB 57 0.78 -101.56 -1.22
C THR BB 57 -0.20 -100.58 -0.60
N TYR BB 58 -0.74 -100.93 0.55
CA TYR BB 58 -1.73 -100.08 1.19
C TYR BB 58 -1.21 -99.15 2.28
N GLN BB 59 0.10 -98.88 2.31
CA GLN BB 59 0.65 -97.97 3.31
C GLN BB 59 0.22 -98.33 4.73
N LEU BB 60 0.37 -99.59 5.12
CA LEU BB 60 -0.07 -100.00 6.43
C LEU BB 60 1.07 -100.10 7.43
N PRO BB 61 0.78 -99.91 8.72
CA PRO BB 61 -0.48 -99.58 9.37
C PRO BB 61 -0.83 -98.10 9.12
N PRO BB 62 -2.11 -97.75 9.17
CA PRO BB 62 -2.70 -96.44 8.94
C PRO BB 62 -2.16 -95.35 9.87
N ARG BB 63 -2.09 -94.14 9.36
CA ARG BB 63 -1.70 -93.00 10.16
C ARG BB 63 -2.95 -92.46 10.83
N PRO BB 64 -2.81 -91.65 11.88
CA PRO BB 64 -3.88 -90.99 12.60
C PRO BB 64 -4.45 -89.88 11.72
N ARG BB 65 -5.73 -89.60 11.88
CA ARG BB 65 -6.40 -88.61 11.05
C ARG BB 65 -5.98 -87.20 11.38
N VAL BB 66 -5.70 -86.43 10.32
CA VAL BB 66 -5.25 -85.05 10.45
C VAL BB 66 -6.36 -84.04 10.34
N GLU BB 67 -6.46 -83.20 11.35
CA GLU BB 67 -7.45 -82.14 11.43
C GLU BB 67 -6.72 -80.84 11.74
N ILE BB 68 -7.18 -79.74 11.17
CA ILE BB 68 -6.47 -78.47 11.28
C ILE BB 68 -6.26 -77.97 12.69
N ALA BB 69 -7.27 -78.09 13.54
CA ALA BB 69 -7.18 -77.62 14.92
C ALA BB 69 -6.08 -78.28 15.72
N GLN BB 70 -5.57 -79.41 15.26
CA GLN BB 70 -4.54 -80.12 15.99
C GLN BB 70 -3.23 -79.32 16.01
N MET BB 71 -3.08 -78.36 15.10
CA MET BB 71 -1.88 -77.56 15.05
C MET BB 71 -2.03 -76.16 15.62
N PHE BB 72 -3.16 -75.86 16.24
CA PHE BB 72 -3.36 -74.55 16.84
C PHE BB 72 -4.12 -74.73 18.13
N PRO BB 73 -3.52 -75.37 19.13
CA PRO BB 73 -4.08 -75.77 20.41
C PRO BB 73 -4.39 -74.61 21.35
N ALA BB 74 -5.42 -74.81 22.17
CA ALA BB 74 -5.89 -73.82 23.14
C ALA BB 74 -4.94 -73.69 24.31
N ASP BB 75 -4.00 -74.62 24.43
CA ASP BB 75 -3.02 -74.61 25.48
C ASP BB 75 -2.03 -73.45 25.35
N SER BB 76 -1.96 -72.82 24.17
CA SER BB 76 -1.07 -71.69 24.00
C SER BB 76 -1.45 -70.55 24.91
N LEU BB 77 -0.43 -69.90 25.47
CA LEU BB 77 -0.61 -68.79 26.38
C LEU BB 77 -1.20 -67.57 25.68
N VAL BB 78 -0.94 -67.46 24.39
CA VAL BB 78 -1.42 -66.35 23.59
C VAL BB 78 -2.09 -66.89 22.34
N SER BB 79 -2.83 -66.03 21.66
CA SER BB 79 -3.51 -66.43 20.44
C SER BB 79 -3.46 -65.31 19.43
N SER BB 80 -3.88 -65.60 18.22
CA SER BB 80 -3.91 -64.62 17.17
C SER BB 80 -5.14 -64.85 16.36
N PRO BB 81 -5.67 -63.84 15.69
CA PRO BB 81 -6.82 -63.87 14.81
C PRO BB 81 -6.67 -64.98 13.81
N ARG BB 82 -5.46 -65.15 13.29
CA ARG BB 82 -5.17 -66.18 12.34
C ARG BB 82 -5.44 -67.54 12.91
N ALA BB 83 -4.88 -67.80 14.10
CA ALA BB 83 -5.06 -69.08 14.75
C ALA BB 83 -6.50 -69.34 15.11
N GLU BB 84 -7.17 -68.34 15.66
CA GLU BB 84 -8.54 -68.51 16.11
C GLU BB 84 -9.48 -68.80 14.98
N LYS BB 85 -9.33 -68.10 13.86
CA LYS BB 85 -10.20 -68.33 12.73
C LYS BB 85 -9.99 -69.73 12.20
N ALA BB 86 -8.73 -70.18 12.16
CA ALA BB 86 -8.43 -71.54 11.71
C ALA BB 86 -9.09 -72.57 12.60
N ARG BB 87 -9.00 -72.37 13.92
CA ARG BB 87 -9.62 -73.29 14.85
C ARG BB 87 -11.09 -73.45 14.62
N LEU BB 88 -11.77 -72.33 14.39
CA LEU BB 88 -13.19 -72.36 14.14
C LEU BB 88 -13.53 -73.17 12.91
N TYR BB 89 -12.84 -72.91 11.79
CA TYR BB 89 -13.14 -73.62 10.58
C TYR BB 89 -12.93 -75.11 10.72
N SER BB 90 -11.91 -75.50 11.48
CA SER BB 90 -11.64 -76.90 11.69
C SER BB 90 -12.85 -77.58 12.32
N ALA BB 91 -13.38 -76.95 13.37
CA ALA BB 91 -14.55 -77.46 14.05
C ALA BB 91 -15.74 -77.55 13.13
N ILE BB 92 -15.92 -76.54 12.29
CA ILE BB 92 -17.05 -76.54 11.37
C ILE BB 92 -16.98 -77.69 10.38
N GLU BB 93 -15.80 -77.98 9.83
CA GLU BB 93 -15.71 -79.11 8.91
C GLU BB 93 -16.11 -80.39 9.61
N GLN BB 94 -15.64 -80.56 10.84
CA GLN BB 94 -15.96 -81.76 11.59
C GLN BB 94 -17.45 -81.90 11.82
N ARG BB 95 -18.07 -80.79 12.15
CA ARG BB 95 -19.48 -80.77 12.46
C ARG BB 95 -20.31 -81.07 11.21
N LEU BB 96 -19.88 -80.57 10.06
CA LEU BB 96 -20.57 -80.89 8.81
C LEU BB 96 -20.44 -82.36 8.46
N GLU BB 97 -19.30 -82.96 8.73
CA GLU BB 97 -19.12 -84.39 8.47
C GLU BB 97 -20.06 -85.20 9.34
N GLN BB 98 -20.18 -84.79 10.60
CA GLN BB 98 -21.07 -85.47 11.52
C GLN BB 98 -22.51 -85.43 11.01
N SER BB 99 -22.90 -84.32 10.39
CA SER BB 99 -24.24 -84.20 9.86
C SER BB 99 -24.49 -85.05 8.62
N LEU BB 100 -23.57 -85.02 7.64
CA LEU BB 100 -23.81 -85.76 6.41
C LEU BB 100 -23.88 -87.25 6.63
N GLN BB 101 -23.15 -87.75 7.61
CA GLN BB 101 -23.17 -89.18 7.88
C GLN BB 101 -24.47 -89.67 8.51
N THR BB 102 -25.41 -88.77 8.81
CA THR BB 102 -26.69 -89.19 9.35
C THR BB 102 -27.76 -89.21 8.28
N MET BB 103 -27.42 -88.79 7.06
CA MET BB 103 -28.41 -88.83 5.99
C MET BB 103 -28.66 -90.25 5.53
N GLU BB 104 -29.90 -90.49 5.12
CA GLU BB 104 -30.31 -91.81 4.68
C GLU BB 104 -29.46 -92.34 3.54
N GLY BB 105 -28.91 -93.52 3.74
CA GLY BB 105 -28.12 -94.18 2.72
C GLY BB 105 -26.64 -93.83 2.77
N VAL BB 106 -26.24 -92.86 3.58
CA VAL BB 106 -24.84 -92.50 3.64
C VAL BB 106 -24.10 -93.33 4.66
N LEU BB 107 -23.01 -93.94 4.20
CA LEU BB 107 -22.19 -94.79 5.04
C LEU BB 107 -21.00 -94.00 5.55
N SER BB 108 -20.47 -93.13 4.69
CA SER BB 108 -19.31 -92.31 5.07
C SER BB 108 -19.24 -91.03 4.29
N ALA BB 109 -18.74 -89.97 4.92
CA ALA BB 109 -18.63 -88.72 4.19
C ALA BB 109 -17.55 -87.82 4.77
N ARG BB 110 -16.87 -87.09 3.88
CA ARG BB 110 -15.80 -86.16 4.27
C ARG BB 110 -16.07 -84.78 3.71
N VAL BB 111 -15.72 -83.74 4.47
CA VAL BB 111 -16.01 -82.37 4.06
C VAL BB 111 -14.82 -81.43 4.19
N HIS BB 112 -14.62 -80.60 3.16
CA HIS BB 112 -13.57 -79.60 3.17
C HIS BB 112 -14.13 -78.21 2.95
N ILE BB 113 -13.54 -77.22 3.62
CA ILE BB 113 -13.95 -75.85 3.42
C ILE BB 113 -12.71 -75.04 3.16
N SER BB 114 -12.80 -74.07 2.27
CA SER BB 114 -11.65 -73.23 2.00
C SER BB 114 -11.33 -72.35 3.20
N TYR BB 115 -10.09 -71.90 3.26
CA TYR BB 115 -9.64 -71.08 4.38
C TYR BB 115 -9.27 -69.68 3.93
N ASP BB 116 -9.24 -68.78 4.89
CA ASP BB 116 -8.90 -67.39 4.67
C ASP BB 116 -7.95 -66.97 5.74
N ILE BB 117 -6.69 -66.85 5.36
CA ILE BB 117 -5.65 -66.56 6.32
C ILE BB 117 -5.17 -65.13 6.33
N ASP BB 118 -5.41 -64.38 5.25
CA ASP BB 118 -4.92 -63.01 5.28
C ASP BB 118 -5.68 -62.01 4.42
N ALA BB 119 -7.00 -62.16 4.25
CA ALA BB 119 -7.75 -61.15 3.49
C ALA BB 119 -7.71 -59.81 4.23
N GLY BB 120 -8.40 -59.73 5.38
CA GLY BB 120 -8.46 -58.53 6.21
C GLY BB 120 -7.05 -58.03 6.56
N GLU BB 121 -6.14 -58.96 6.81
CA GLU BB 121 -4.74 -58.66 7.08
C GLU BB 121 -4.11 -57.73 6.05
N ASN BB 122 -4.48 -57.91 4.79
CA ASN BB 122 -3.95 -57.12 3.70
C ASN BB 122 -4.86 -55.96 3.30
N GLY BB 123 -5.88 -55.67 4.12
CA GLY BB 123 -6.81 -54.59 3.80
C GLY BB 123 -7.83 -55.03 2.74
N ARG BB 124 -7.94 -56.33 2.50
CA ARG BB 124 -8.84 -56.85 1.50
C ARG BB 124 -10.11 -57.43 2.09
N PRO BB 125 -11.19 -57.44 1.32
CA PRO BB 125 -12.45 -58.07 1.61
C PRO BB 125 -12.23 -59.57 1.50
N PRO BB 126 -13.03 -60.37 2.18
CA PRO BB 126 -13.00 -61.82 2.25
C PRO BB 126 -13.43 -62.42 0.93
N LYS BB 127 -12.94 -63.62 0.66
CA LYS BB 127 -13.28 -64.31 -0.57
C LYS BB 127 -14.46 -65.23 -0.36
N PRO BB 128 -15.15 -65.62 -1.42
CA PRO BB 128 -16.25 -66.56 -1.48
C PRO BB 128 -15.80 -67.88 -0.90
N VAL BB 129 -16.71 -68.58 -0.28
CA VAL BB 129 -16.34 -69.84 0.36
C VAL BB 129 -16.51 -71.02 -0.58
N HIS BB 130 -15.50 -71.87 -0.62
CA HIS BB 130 -15.57 -73.04 -1.46
C HIS BB 130 -15.75 -74.28 -0.61
N LEU BB 131 -16.57 -75.20 -1.09
CA LEU BB 131 -16.82 -76.44 -0.36
C LEU BB 131 -16.63 -77.65 -1.24
N SER BB 132 -16.17 -78.73 -0.66
CA SER BB 132 -16.08 -79.96 -1.42
C SER BB 132 -16.38 -81.12 -0.50
N ALA BB 133 -16.89 -82.21 -1.05
CA ALA BB 133 -17.22 -83.32 -0.19
C ALA BB 133 -17.19 -84.65 -0.90
N LEU BB 134 -16.91 -85.69 -0.12
CA LEU BB 134 -16.87 -87.04 -0.61
C LEU BB 134 -17.92 -87.86 0.09
N ALA BB 135 -18.53 -88.80 -0.62
CA ALA BB 135 -19.53 -89.62 0.06
C ALA BB 135 -19.62 -91.05 -0.46
N VAL BB 136 -19.91 -91.96 0.45
CA VAL BB 136 -20.09 -93.37 0.16
C VAL BB 136 -21.49 -93.79 0.53
N TYR BB 137 -22.21 -94.36 -0.43
CA TYR BB 137 -23.57 -94.80 -0.23
C TYR BB 137 -23.77 -96.29 -0.19
N GLU BB 138 -24.90 -96.68 0.38
CA GLU BB 138 -25.31 -98.07 0.38
C GLU BB 138 -25.51 -98.53 -1.05
N ARG BB 139 -24.90 -99.66 -1.39
CA ARG BB 139 -24.95 -100.18 -2.73
C ARG BB 139 -26.38 -100.35 -3.24
N GLY BB 140 -26.61 -99.84 -4.45
CA GLY BB 140 -27.91 -99.90 -5.11
C GLY BB 140 -28.68 -98.58 -5.02
N SER BB 141 -28.18 -97.66 -4.22
CA SER BB 141 -28.79 -96.35 -4.02
C SER BB 141 -28.66 -95.45 -5.29
N PRO BB 142 -29.65 -94.60 -5.59
CA PRO BB 142 -29.76 -93.69 -6.75
C PRO BB 142 -28.92 -92.41 -6.61
N LEU BB 143 -27.59 -92.59 -6.59
CA LEU BB 143 -26.58 -91.55 -6.43
C LEU BB 143 -26.79 -90.29 -7.27
N ALA BB 144 -27.25 -90.46 -8.50
CA ALA BB 144 -27.45 -89.35 -9.42
C ALA BB 144 -28.48 -88.33 -8.96
N HIS BB 145 -29.29 -88.68 -7.98
CA HIS BB 145 -30.30 -87.77 -7.50
C HIS BB 145 -29.96 -87.31 -6.10
N GLN BB 146 -29.39 -88.22 -5.33
CA GLN BB 146 -29.01 -87.97 -3.94
C GLN BB 146 -28.01 -86.85 -3.81
N ILE BB 147 -27.12 -86.74 -4.79
CA ILE BB 147 -26.15 -85.66 -4.84
C ILE BB 147 -26.76 -84.26 -4.72
N SER BB 148 -28.03 -84.09 -5.09
CA SER BB 148 -28.65 -82.77 -5.03
C SER BB 148 -29.04 -82.39 -3.61
N ASP BB 149 -29.25 -83.38 -2.73
CA ASP BB 149 -29.58 -83.07 -1.35
C ASP BB 149 -28.37 -82.56 -0.65
N ILE BB 150 -27.24 -83.19 -0.93
CA ILE BB 150 -26.00 -82.78 -0.31
C ILE BB 150 -25.67 -81.37 -0.67
N LYS BB 151 -25.78 -81.08 -1.96
CA LYS BB 151 -25.44 -79.78 -2.47
C LYS BB 151 -26.37 -78.69 -1.94
N ARG BB 152 -27.66 -78.98 -1.85
CA ARG BB 152 -28.61 -78.00 -1.33
C ARG BB 152 -28.39 -77.73 0.14
N PHE BB 153 -28.16 -78.80 0.90
CA PHE BB 153 -27.91 -78.70 2.31
C PHE BB 153 -26.71 -77.84 2.59
N LEU BB 154 -25.61 -78.11 1.91
CA LEU BB 154 -24.40 -77.34 2.11
C LEU BB 154 -24.55 -75.90 1.67
N LYS BB 155 -25.31 -75.64 0.61
CA LYS BB 155 -25.47 -74.28 0.11
C LYS BB 155 -25.95 -73.32 1.19
N ASN BB 156 -26.97 -73.69 1.95
CA ASN BB 156 -27.42 -72.79 3.00
C ASN BB 156 -26.80 -73.08 4.37
N SER BB 157 -25.72 -73.85 4.39
CA SER BB 157 -25.03 -74.14 5.65
C SER BB 157 -23.86 -73.20 5.86
N PHE BB 158 -23.72 -72.17 5.03
CA PHE BB 158 -22.62 -71.28 5.25
C PHE BB 158 -22.84 -69.92 4.60
N ALA BB 159 -22.41 -68.89 5.30
CA ALA BB 159 -22.56 -67.46 4.98
C ALA BB 159 -22.62 -67.10 3.51
N ASP BB 160 -21.71 -67.60 2.68
CA ASP BB 160 -21.75 -67.21 1.29
C ASP BB 160 -21.10 -68.19 0.33
N VAL BB 161 -21.90 -69.13 -0.13
CA VAL BB 161 -21.48 -70.11 -1.12
C VAL BB 161 -22.48 -70.11 -2.24
N ASP BB 162 -22.23 -70.91 -3.26
CA ASP BB 162 -23.17 -71.00 -4.37
C ASP BB 162 -23.03 -72.34 -5.06
N TYR BB 163 -23.92 -72.65 -6.00
CA TYR BB 163 -23.93 -73.96 -6.62
C TYR BB 163 -22.77 -74.21 -7.61
N ASP BB 164 -21.93 -73.22 -7.85
CA ASP BB 164 -20.79 -73.42 -8.73
C ASP BB 164 -19.52 -73.61 -7.92
N ASN BB 165 -19.57 -73.32 -6.62
CA ASN BB 165 -18.40 -73.44 -5.78
C ASN BB 165 -18.53 -74.55 -4.75
N ILE BB 166 -19.44 -75.48 -5.01
CA ILE BB 166 -19.63 -76.65 -4.16
C ILE BB 166 -19.47 -77.89 -5.01
N SER BB 167 -18.48 -78.73 -4.69
CA SER BB 167 -18.28 -79.93 -5.47
C SER BB 167 -18.49 -81.21 -4.68
N VAL BB 168 -19.23 -82.13 -5.25
CA VAL BB 168 -19.48 -83.39 -4.59
C VAL BB 168 -19.09 -84.57 -5.45
N VAL BB 169 -18.21 -85.41 -4.92
CA VAL BB 169 -17.77 -86.61 -5.61
C VAL BB 169 -18.15 -87.79 -4.76
N LEU BB 170 -18.85 -88.74 -5.34
CA LEU BB 170 -19.35 -89.84 -4.55
C LEU BB 170 -19.47 -91.16 -5.28
N SER BB 171 -19.70 -92.20 -4.51
CA SER BB 171 -19.88 -93.55 -5.02
C SER BB 171 -20.58 -94.45 -4.01
N GLU BB 172 -20.41 -95.75 -4.14
CA GLU BB 172 -21.06 -96.69 -3.25
C GLU BB 172 -20.13 -97.82 -2.88
N ARG BB 173 -20.47 -98.51 -1.80
CA ARG BB 173 -19.63 -99.59 -1.29
C ARG BB 173 -19.51 -100.76 -2.25
N SER BB 174 -18.45 -101.54 -2.04
CA SER BB 174 -18.16 -102.75 -2.82
C SER BB 174 -18.86 -103.98 -2.24
N ASP BB 175 -18.68 -105.12 -2.91
CA ASP BB 175 -19.26 -106.41 -2.49
C ASP BB 175 -18.67 -106.80 -1.14
N ALA BB 176 -19.53 -106.86 -0.12
CA ALA BB 176 -19.10 -107.13 1.24
C ALA BB 176 -18.36 -108.46 1.40
N GLN BB 177 -17.24 -108.41 2.12
CA GLN BB 177 -16.46 -109.62 2.34
C GLN BB 177 -17.05 -110.37 3.52
N LEU BB 178 -17.99 -111.24 3.22
CA LEU BB 178 -18.68 -111.99 4.25
C LEU BB 178 -18.16 -113.42 4.42
N GLN BB 179 -17.05 -113.76 3.77
CA GLN BB 179 -16.53 -115.12 3.84
C GLN BB 179 -15.09 -115.16 4.33
N ALA BB 180 -14.78 -116.16 5.15
CA ALA BB 180 -13.42 -116.29 5.65
C ALA BB 180 -12.47 -116.76 4.54
N PRO BB 181 -11.23 -116.24 4.51
CA PRO BB 181 -10.14 -116.57 3.60
C PRO BB 181 -9.80 -118.06 3.52
N GLY BB 182 -9.75 -118.71 4.67
CA GLY BB 182 -9.45 -120.13 4.73
C GLY BB 182 -7.97 -120.36 5.05
N THR BB 183 -7.67 -121.54 5.55
CA THR BB 183 -6.30 -121.89 5.91
C THR BB 183 -5.55 -122.45 4.70
N PRO BB 184 -4.22 -122.52 4.78
CA PRO BB 184 -3.32 -123.09 3.80
C PRO BB 184 -3.46 -124.59 3.76
N VAL BB 185 -3.12 -125.18 2.63
CA VAL BB 185 -3.22 -126.63 2.48
C VAL BB 185 -1.96 -127.33 2.93
N LYS BB 186 -2.08 -128.07 4.03
CA LYS BB 186 -0.98 -128.85 4.57
C LYS BB 186 -1.45 -129.65 5.78
N ALA CB 42 -7.59 -132.85 -2.78
CA ALA CB 42 -7.76 -131.41 -2.68
C ALA CB 42 -8.53 -130.88 -3.88
N GLU CB 43 -9.80 -131.27 -3.99
CA GLU CB 43 -10.62 -130.81 -5.11
C GLU CB 43 -10.66 -129.29 -5.13
N LEU CB 44 -10.34 -128.73 -6.29
CA LEU CB 44 -10.28 -127.29 -6.47
C LEU CB 44 -11.54 -126.56 -6.02
N ASP CB 45 -12.70 -127.16 -6.26
CA ASP CB 45 -13.96 -126.56 -5.84
C ASP CB 45 -14.00 -126.32 -4.34
N SER CB 46 -13.38 -127.20 -3.56
CA SER CB 46 -13.37 -127.05 -2.12
C SER CB 46 -12.25 -126.12 -1.68
N LEU CB 47 -11.22 -125.98 -2.53
CA LEU CB 47 -10.12 -125.07 -2.23
C LEU CB 47 -10.56 -123.61 -2.37
N LEU CB 48 -11.43 -123.35 -3.35
CA LEU CB 48 -11.97 -122.02 -3.56
C LEU CB 48 -13.03 -121.69 -2.50
N GLY CB 49 -13.28 -120.39 -2.31
CA GLY CB 49 -14.21 -119.85 -1.30
C GLY CB 49 -15.54 -120.59 -1.06
N GLN CB 50 -16.20 -120.24 0.07
CA GLN CB 50 -17.46 -120.85 0.49
C GLN CB 50 -18.54 -120.69 -0.56
N GLU CB 51 -18.64 -119.52 -1.15
CA GLU CB 51 -19.61 -119.31 -2.20
C GLU CB 51 -19.01 -119.74 -3.50
N LYS CB 52 -19.02 -121.05 -3.72
CA LYS CB 52 -18.45 -121.67 -4.91
C LYS CB 52 -19.03 -121.18 -6.22
N GLU CB 53 -20.19 -120.55 -6.17
CA GLU CB 53 -20.85 -120.06 -7.35
C GLU CB 53 -20.23 -118.77 -7.90
N ARG CB 54 -19.18 -118.28 -7.25
CA ARG CB 54 -18.48 -117.11 -7.74
C ARG CB 54 -17.47 -117.49 -8.80
N PHE CB 55 -17.18 -118.79 -8.93
CA PHE CB 55 -16.17 -119.22 -9.89
C PHE CB 55 -16.67 -120.31 -10.80
N GLN CB 56 -16.19 -120.30 -12.03
CA GLN CB 56 -16.54 -121.38 -12.94
C GLN CB 56 -15.29 -122.16 -13.31
N VAL CB 57 -15.15 -123.34 -12.75
CA VAL CB 57 -14.00 -124.16 -13.05
C VAL CB 57 -14.19 -124.83 -14.40
N LEU CB 58 -13.17 -124.72 -15.24
CA LEU CB 58 -13.20 -125.23 -16.59
C LEU CB 58 -12.09 -126.27 -16.82
N PRO CB 59 -12.35 -127.30 -17.60
CA PRO CB 59 -11.34 -128.34 -17.86
C PRO CB 59 -10.76 -128.21 -19.24
N GLY CB 60 -9.62 -127.55 -19.35
CA GLY CB 60 -9.00 -127.33 -20.65
C GLY CB 60 -8.43 -128.60 -21.26
N ARG CB 61 -8.42 -128.66 -22.60
CA ARG CB 61 -7.92 -129.81 -23.33
C ARG CB 61 -6.40 -129.96 -23.21
N ASP CB 62 -5.74 -128.91 -22.74
CA ASP CB 62 -4.31 -128.91 -22.50
C ASP CB 62 -3.93 -129.45 -21.11
N LYS CB 63 -4.89 -130.08 -20.41
CA LYS CB 63 -4.68 -130.66 -19.08
C LYS CB 63 -4.52 -129.61 -18.00
N MET CB 64 -4.92 -128.37 -18.30
CA MET CB 64 -4.86 -127.31 -17.31
C MET CB 64 -6.27 -127.01 -16.83
N LEU CB 65 -6.42 -126.98 -15.53
CA LEU CB 65 -7.72 -126.72 -14.95
C LEU CB 65 -7.84 -125.20 -14.77
N TYR CB 66 -8.83 -124.61 -15.42
CA TYR CB 66 -8.95 -123.18 -15.41
C TYR CB 66 -9.99 -122.66 -14.43
N VAL CB 67 -9.75 -121.47 -13.88
CA VAL CB 67 -10.70 -120.86 -12.97
C VAL CB 67 -11.23 -119.57 -13.52
N ALA CB 68 -12.46 -119.57 -14.02
CA ALA CB 68 -12.99 -118.34 -14.58
C ALA CB 68 -13.56 -117.46 -13.48
N ALA CB 69 -13.03 -116.24 -13.40
CA ALA CB 69 -13.49 -115.26 -12.44
C ALA CB 69 -14.12 -114.08 -13.14
N GLN CB 70 -15.14 -113.50 -12.52
CA GLN CB 70 -15.86 -112.39 -13.11
C GLN CB 70 -15.39 -111.03 -12.64
N ASN CB 71 -14.44 -111.00 -11.70
CA ASN CB 71 -13.97 -109.74 -11.14
C ASN CB 71 -12.55 -109.87 -10.66
N GLU CB 72 -11.77 -108.81 -10.82
CA GLU CB 72 -10.37 -108.82 -10.40
C GLU CB 72 -10.16 -109.15 -8.91
N ARG CB 73 -11.17 -108.95 -8.08
CA ARG CB 73 -11.05 -109.32 -6.67
C ARG CB 73 -11.12 -110.83 -6.53
N ASP CB 74 -11.85 -111.47 -7.42
CA ASP CB 74 -12.02 -112.90 -7.39
C ASP CB 74 -10.85 -113.51 -8.11
N THR CB 75 -10.32 -112.79 -9.08
CA THR CB 75 -9.14 -113.21 -9.80
C THR CB 75 -8.01 -113.36 -8.82
N LEU CB 76 -7.79 -112.32 -8.01
CA LEU CB 76 -6.76 -112.37 -6.99
C LEU CB 76 -7.03 -113.42 -5.96
N TRP CB 77 -8.29 -113.57 -5.55
CA TRP CB 77 -8.66 -114.59 -4.58
C TRP CB 77 -8.15 -115.95 -5.01
N ALA CB 78 -8.53 -116.34 -6.23
CA ALA CB 78 -8.14 -117.63 -6.80
C ALA CB 78 -6.63 -117.76 -6.95
N ARG CB 79 -5.96 -116.68 -7.34
CA ARG CB 79 -4.51 -116.74 -7.49
C ARG CB 79 -3.85 -116.99 -6.15
N GLN CB 80 -4.39 -116.38 -5.09
CA GLN CB 80 -3.85 -116.61 -3.77
C GLN CB 80 -4.07 -118.03 -3.35
N VAL CB 81 -5.20 -118.62 -3.72
CA VAL CB 81 -5.45 -120.02 -3.42
C VAL CB 81 -4.40 -120.92 -4.05
N LEU CB 82 -4.10 -120.67 -5.31
CA LEU CB 82 -3.11 -121.48 -6.00
C LEU CB 82 -1.71 -121.33 -5.41
N ALA CB 83 -1.36 -120.13 -4.95
CA ALA CB 83 -0.05 -119.90 -4.35
C ALA CB 83 0.02 -120.35 -2.88
N ARG CB 84 -1.09 -120.21 -2.15
CA ARG CB 84 -1.16 -120.56 -0.73
C ARG CB 84 -1.33 -122.03 -0.49
N GLY CB 85 -2.34 -122.60 -1.12
CA GLY CB 85 -2.64 -124.00 -0.97
C GLY CB 85 -1.95 -124.79 -2.04
N ASP CB 86 -2.53 -125.89 -2.42
CA ASP CB 86 -1.90 -126.70 -3.43
C ASP CB 86 -2.91 -127.53 -4.18
N TYR CB 87 -2.51 -127.93 -5.35
CA TYR CB 87 -3.30 -128.76 -6.23
C TYR CB 87 -2.36 -129.34 -7.26
N ASP CB 88 -2.14 -130.64 -7.20
CA ASP CB 88 -1.20 -131.31 -8.10
C ASP CB 88 -1.73 -131.43 -9.53
N LYS CB 89 -1.72 -130.32 -10.25
CA LYS CB 89 -2.18 -130.26 -11.62
C LYS CB 89 -2.07 -128.86 -12.17
N ASN CB 90 -1.76 -128.75 -13.44
CA ASN CB 90 -1.69 -127.46 -14.10
C ASN CB 90 -2.97 -126.70 -13.82
N ALA CB 91 -2.84 -125.42 -13.54
CA ALA CB 91 -4.01 -124.59 -13.27
C ALA CB 91 -3.74 -123.14 -13.64
N ARG CB 92 -4.80 -122.42 -13.99
CA ARG CB 92 -4.64 -121.03 -14.38
C ARG CB 92 -5.94 -120.25 -14.29
N VAL CB 93 -5.87 -119.10 -13.63
CA VAL CB 93 -7.04 -118.25 -13.45
C VAL CB 93 -7.34 -117.41 -14.68
N ILE CB 94 -8.59 -117.43 -15.11
CA ILE CB 94 -9.09 -116.68 -16.26
C ILE CB 94 -9.79 -115.39 -15.88
N ASN CB 95 -9.43 -114.33 -16.58
CA ASN CB 95 -10.03 -113.02 -16.40
C ASN CB 95 -10.43 -112.45 -17.74
N GLU CB 96 -11.73 -112.24 -17.92
CA GLU CB 96 -12.31 -111.75 -19.16
C GLU CB 96 -11.53 -110.65 -19.87
N ASN CB 97 -11.12 -109.62 -19.15
CA ASN CB 97 -10.37 -108.54 -19.77
C ASN CB 97 -8.96 -108.94 -20.08
N GLU CB 98 -8.34 -109.72 -19.20
CA GLU CB 98 -6.97 -110.13 -19.44
C GLU CB 98 -6.89 -111.04 -20.65
N GLU CB 99 -7.89 -111.89 -20.83
CA GLU CB 99 -7.92 -112.78 -21.96
C GLU CB 99 -8.23 -112.06 -23.23
N ASN CB 100 -9.10 -111.06 -23.15
CA ASN CB 100 -9.41 -110.27 -24.31
C ASN CB 100 -8.13 -109.62 -24.82
N LYS CB 101 -7.34 -109.09 -23.88
CA LYS CB 101 -6.06 -108.46 -24.22
C LYS CB 101 -5.05 -109.45 -24.77
N ARG CB 102 -4.89 -110.60 -24.11
CA ARG CB 102 -3.93 -111.61 -24.56
C ARG CB 102 -4.17 -111.99 -26.00
N ILE CB 103 -5.43 -112.22 -26.33
CA ILE CB 103 -5.80 -112.55 -27.68
C ILE CB 103 -5.52 -111.43 -28.64
N SER CB 104 -5.89 -110.21 -28.28
CA SER CB 104 -5.68 -109.08 -29.18
C SER CB 104 -4.22 -108.88 -29.53
N ILE CB 105 -3.31 -109.24 -28.63
CA ILE CB 105 -1.90 -109.11 -28.92
C ILE CB 105 -1.48 -110.06 -30.04
N TRP CB 106 -1.81 -111.33 -29.85
CA TRP CB 106 -1.48 -112.35 -30.83
C TRP CB 106 -2.13 -112.04 -32.15
N LEU CB 107 -3.38 -111.65 -32.06
CA LEU CB 107 -4.21 -111.38 -33.21
C LEU CB 107 -3.64 -110.25 -34.03
N ASP CB 108 -3.18 -109.18 -33.39
CA ASP CB 108 -2.57 -108.09 -34.15
C ASP CB 108 -1.32 -108.53 -34.92
N THR CB 109 -0.49 -109.39 -34.31
CA THR CB 109 0.72 -109.87 -34.98
C THR CB 109 0.44 -110.74 -36.20
N TYR CB 110 -0.46 -111.69 -36.05
CA TYR CB 110 -0.75 -112.63 -37.13
C TYR CB 110 -1.80 -112.15 -38.10
N TYR CB 111 -2.75 -111.37 -37.62
CA TYR CB 111 -3.77 -110.77 -38.46
C TYR CB 111 -3.82 -109.25 -38.31
N PRO CB 112 -2.79 -108.53 -38.74
CA PRO CB 112 -2.66 -107.11 -38.68
C PRO CB 112 -3.71 -106.54 -39.59
N GLN CB 113 -4.19 -105.36 -39.24
CA GLN CB 113 -5.25 -104.65 -39.94
C GLN CB 113 -6.64 -105.30 -39.79
N LEU CB 114 -6.77 -106.39 -39.02
CA LEU CB 114 -8.09 -106.98 -38.82
C LEU CB 114 -8.97 -106.02 -38.05
N ALA CB 115 -10.15 -105.73 -38.56
CA ALA CB 115 -11.04 -104.81 -37.86
C ALA CB 115 -12.02 -105.57 -37.00
N TYR CB 116 -11.92 -105.41 -35.69
CA TYR CB 116 -12.78 -106.14 -34.77
C TYR CB 116 -13.09 -105.33 -33.53
N TYR CB 117 -14.03 -105.81 -32.74
CA TYR CB 117 -14.50 -105.10 -31.55
C TYR CB 117 -14.06 -105.73 -30.24
N ARG CB 118 -14.78 -106.75 -29.80
CA ARG CB 118 -14.46 -107.34 -28.51
C ARG CB 118 -14.97 -108.76 -28.41
N ILE CB 119 -14.25 -109.59 -27.67
CA ILE CB 119 -14.69 -110.95 -27.47
C ILE CB 119 -15.56 -111.05 -26.23
N HIS CB 120 -16.74 -111.62 -26.41
CA HIS CB 120 -17.68 -111.79 -25.34
C HIS CB 120 -17.59 -113.19 -24.83
N PHE CB 121 -17.00 -113.35 -23.66
CA PHE CB 121 -16.75 -114.67 -23.15
C PHE CB 121 -17.99 -115.35 -22.60
N ASP CB 122 -18.82 -114.58 -21.86
CA ASP CB 122 -20.10 -115.04 -21.29
C ASP CB 122 -20.12 -116.54 -20.95
N GLU CB 123 -20.45 -117.37 -21.94
CA GLU CB 123 -20.44 -118.82 -21.77
C GLU CB 123 -19.12 -119.39 -22.25
N PRO CB 124 -18.11 -119.46 -21.36
CA PRO CB 124 -16.72 -119.93 -21.62
C PRO CB 124 -16.55 -120.82 -22.85
N ARG CB 125 -17.34 -121.87 -22.93
CA ARG CB 125 -17.32 -122.87 -24.00
C ARG CB 125 -17.38 -122.30 -25.41
N LYS CB 126 -18.23 -121.30 -25.60
CA LYS CB 126 -18.45 -120.70 -26.90
C LYS CB 126 -18.49 -119.18 -26.85
N PRO CB 127 -17.34 -118.52 -26.77
CA PRO CB 127 -17.17 -117.08 -26.73
C PRO CB 127 -17.53 -116.52 -28.10
N VAL CB 128 -18.01 -115.30 -28.11
CA VAL CB 128 -18.44 -114.66 -29.34
C VAL CB 128 -17.46 -113.59 -29.75
N PHE CB 129 -17.06 -113.61 -31.00
CA PHE CB 129 -16.09 -112.67 -31.49
C PHE CB 129 -16.75 -111.63 -32.39
N TRP CB 130 -16.85 -110.37 -31.93
CA TRP CB 130 -17.43 -109.37 -32.80
C TRP CB 130 -16.40 -108.86 -33.79
N LEU CB 131 -16.78 -108.92 -35.07
CA LEU CB 131 -15.94 -108.57 -36.21
C LEU CB 131 -16.60 -107.46 -37.04
N SER CB 132 -15.83 -106.48 -37.50
CA SER CB 132 -16.46 -105.41 -38.29
C SER CB 132 -16.98 -105.91 -39.63
N ARG CB 133 -18.30 -105.94 -39.76
CA ARG CB 133 -18.96 -106.39 -40.97
C ARG CB 133 -18.56 -105.59 -42.21
N GLN CB 134 -18.51 -104.28 -42.05
CA GLN CB 134 -18.24 -103.39 -43.16
C GLN CB 134 -16.77 -103.25 -43.52
N ARG CB 135 -15.88 -103.26 -42.54
CA ARG CB 135 -14.47 -103.09 -42.88
C ARG CB 135 -13.74 -104.35 -43.29
N ASN CB 136 -14.21 -105.52 -42.90
CA ASN CB 136 -13.51 -106.73 -43.29
C ASN CB 136 -14.10 -107.35 -44.55
N THR CB 137 -13.21 -107.85 -45.41
CA THR CB 137 -13.61 -108.46 -46.68
C THR CB 137 -13.13 -109.90 -46.77
N MET CB 138 -12.93 -110.54 -45.61
CA MET CB 138 -12.45 -111.92 -45.58
C MET CB 138 -13.50 -112.88 -46.12
N SER CB 139 -13.02 -113.94 -46.77
CA SER CB 139 -13.93 -114.94 -47.31
C SER CB 139 -14.38 -115.86 -46.21
N LYS CB 140 -15.43 -116.62 -46.47
CA LYS CB 140 -15.95 -117.57 -45.50
C LYS CB 140 -14.89 -118.56 -45.06
N LYS CB 141 -14.08 -119.02 -46.01
CA LYS CB 141 -13.03 -119.98 -45.72
C LYS CB 141 -11.96 -119.35 -44.85
N GLU CB 142 -11.64 -118.10 -45.13
CA GLU CB 142 -10.66 -117.39 -44.33
C GLU CB 142 -11.15 -117.22 -42.91
N LEU CB 143 -12.44 -116.93 -42.76
CA LEU CB 143 -13.03 -116.79 -41.45
C LEU CB 143 -13.01 -118.11 -40.69
N GLU CB 144 -13.19 -119.23 -41.40
CA GLU CB 144 -13.09 -120.53 -40.77
C GLU CB 144 -11.72 -120.67 -40.12
N VAL CB 145 -10.69 -120.39 -40.90
CA VAL CB 145 -9.32 -120.48 -40.43
C VAL CB 145 -9.08 -119.60 -39.23
N LEU CB 146 -9.57 -118.36 -39.31
CA LEU CB 146 -9.45 -117.43 -38.21
C LEU CB 146 -10.02 -118.00 -36.92
N SER CB 147 -11.24 -118.56 -36.99
CA SER CB 147 -11.84 -119.12 -35.79
C SER CB 147 -11.03 -120.27 -35.25
N GLN CB 148 -10.40 -121.03 -36.14
CA GLN CB 148 -9.58 -122.15 -35.71
C GLN CB 148 -8.35 -121.68 -34.96
N LYS CB 149 -7.78 -120.56 -35.40
CA LYS CB 149 -6.63 -120.02 -34.70
C LYS CB 149 -7.04 -119.52 -33.33
N LEU CB 150 -8.22 -118.94 -33.25
CA LEU CB 150 -8.74 -118.47 -31.99
C LEU CB 150 -8.98 -119.63 -31.04
N ARG CB 151 -9.44 -120.76 -31.59
CA ARG CB 151 -9.66 -121.95 -30.76
C ARG CB 151 -8.35 -122.40 -30.18
N ALA CB 152 -7.28 -122.33 -30.97
CA ALA CB 152 -5.96 -122.68 -30.49
C ALA CB 152 -5.54 -121.79 -29.33
N LEU CB 153 -5.87 -120.50 -29.43
CA LEU CB 153 -5.54 -119.55 -28.37
C LEU CB 153 -6.31 -119.78 -27.08
N MET CB 154 -7.47 -120.42 -27.16
CA MET CB 154 -8.32 -120.70 -26.01
C MET CB 154 -8.53 -122.20 -25.73
N PRO CB 155 -7.62 -122.84 -24.97
CA PRO CB 155 -7.55 -124.24 -24.56
C PRO CB 155 -8.84 -124.80 -24.00
N TYR CB 156 -9.66 -123.95 -23.39
CA TYR CB 156 -10.91 -124.39 -22.80
C TYR CB 156 -12.08 -124.33 -23.78
N ALA CB 157 -12.14 -123.24 -24.54
CA ALA CB 157 -13.22 -123.03 -25.48
C ALA CB 157 -13.32 -124.19 -26.44
N ASP CB 158 -14.54 -124.59 -26.76
CA ASP CB 158 -14.74 -125.69 -27.67
C ASP CB 158 -14.80 -125.17 -29.09
N SER CB 159 -15.41 -124.00 -29.25
CA SER CB 159 -15.49 -123.37 -30.56
C SER CB 159 -15.63 -121.88 -30.41
N VAL CB 160 -15.42 -121.16 -31.50
CA VAL CB 160 -15.53 -119.71 -31.47
C VAL CB 160 -16.59 -119.23 -32.42
N ASN CB 161 -17.50 -118.41 -31.91
CA ASN CB 161 -18.57 -117.90 -32.75
C ASN CB 161 -18.24 -116.52 -33.29
N ILE CB 162 -17.62 -116.48 -34.46
CA ILE CB 162 -17.33 -115.20 -35.08
C ILE CB 162 -18.56 -114.68 -35.75
N THR CB 163 -18.90 -113.42 -35.46
CA THR CB 163 -20.06 -112.81 -36.06
C THR CB 163 -19.74 -111.38 -36.46
N LEU CB 164 -20.40 -110.94 -37.51
CA LEU CB 164 -20.11 -109.63 -38.07
C LEU CB 164 -21.11 -108.58 -37.58
N MET CB 165 -20.57 -107.47 -37.09
CA MET CB 165 -21.38 -106.38 -36.55
C MET CB 165 -21.34 -105.15 -37.46
N ASP CB 166 -22.44 -104.41 -37.51
CA ASP CB 166 -22.48 -103.23 -38.34
C ASP CB 166 -21.98 -101.98 -37.63
N ASP CB 167 -20.86 -101.45 -38.13
CA ASP CB 167 -20.19 -100.28 -37.58
C ASP CB 167 -21.13 -99.10 -37.31
N VAL CB 168 -22.15 -98.95 -38.15
CA VAL CB 168 -23.10 -97.87 -38.01
C VAL CB 168 -23.89 -97.98 -36.74
N THR CB 169 -24.28 -99.20 -36.36
CA THR CB 169 -25.09 -99.36 -35.18
C THR CB 169 -24.26 -99.14 -33.94
N ALA CB 170 -22.96 -99.43 -34.02
CA ALA CB 170 -22.08 -99.17 -32.90
C ALA CB 170 -22.02 -97.68 -32.63
N ALA CB 171 -21.79 -96.92 -33.69
CA ALA CB 171 -21.71 -95.47 -33.57
C ALA CB 171 -23.05 -94.87 -33.17
N GLY CB 172 -24.13 -95.40 -33.73
CA GLY CB 172 -25.47 -94.92 -33.43
C GLY CB 172 -25.79 -95.01 -31.97
N GLN CB 173 -25.48 -96.16 -31.36
CA GLN CB 173 -25.75 -96.33 -29.94
C GLN CB 173 -24.90 -95.40 -29.09
N ALA CB 174 -23.64 -95.24 -29.47
CA ALA CB 174 -22.75 -94.36 -28.73
C ALA CB 174 -23.31 -92.96 -28.65
N GLU CB 175 -23.71 -92.41 -29.78
CA GLU CB 175 -24.21 -91.06 -29.79
C GLU CB 175 -25.59 -90.94 -29.17
N ALA CB 176 -26.46 -91.90 -29.45
CA ALA CB 176 -27.82 -91.85 -28.94
C ALA CB 176 -27.86 -91.79 -27.42
N GLY CB 177 -27.12 -92.68 -26.76
CA GLY CB 177 -27.10 -92.68 -25.32
C GLY CB 177 -26.47 -91.41 -24.77
N LEU CB 178 -25.41 -90.96 -25.42
CA LEU CB 178 -24.69 -89.76 -25.03
C LEU CB 178 -25.62 -88.55 -24.99
N LYS CB 179 -26.40 -88.37 -26.06
CA LYS CB 179 -27.32 -87.25 -26.09
C LYS CB 179 -28.56 -87.48 -25.23
N GLN CB 180 -28.92 -88.75 -24.98
CA GLN CB 180 -30.04 -89.05 -24.08
C GLN CB 180 -29.75 -88.52 -22.68
N GLN CB 181 -28.49 -88.65 -22.27
CA GLN CB 181 -28.03 -88.14 -20.98
C GLN CB 181 -27.92 -86.60 -20.92
N ALA CB 182 -28.28 -85.91 -22.01
CA ALA CB 182 -28.24 -84.45 -22.12
C ALA CB 182 -26.83 -83.91 -22.00
N LEU CB 183 -25.86 -84.68 -22.48
CA LEU CB 183 -24.48 -84.24 -22.40
C LEU CB 183 -24.10 -83.49 -23.66
N PRO CB 184 -23.26 -82.46 -23.53
CA PRO CB 184 -22.68 -81.67 -24.60
C PRO CB 184 -21.56 -82.46 -25.21
N TYR CB 185 -21.41 -82.40 -26.52
CA TYR CB 185 -20.33 -83.12 -27.16
C TYR CB 185 -20.14 -82.70 -28.58
N SER CB 186 -19.04 -83.13 -29.17
CA SER CB 186 -18.81 -82.89 -30.57
C SER CB 186 -18.23 -84.14 -31.20
N ARG CB 187 -18.93 -84.67 -32.19
CA ARG CB 187 -18.56 -85.89 -32.86
C ARG CB 187 -17.43 -85.69 -33.87
N ARG CB 188 -16.53 -86.67 -33.94
CA ARG CB 188 -15.40 -86.65 -34.85
C ARG CB 188 -15.32 -87.88 -35.70
N ASN CB 189 -15.96 -87.86 -36.85
CA ASN CB 189 -15.89 -89.00 -37.75
C ASN CB 189 -14.59 -88.99 -38.50
N HIS CB 190 -13.94 -90.13 -38.59
CA HIS CB 190 -12.72 -90.22 -39.38
C HIS CB 190 -12.59 -91.60 -39.93
N LYS CB 191 -11.71 -91.78 -40.90
CA LYS CB 191 -11.58 -93.11 -41.46
C LYS CB 191 -11.10 -94.06 -40.40
N GLY CB 192 -11.85 -95.13 -40.19
CA GLY CB 192 -11.50 -96.14 -39.22
C GLY CB 192 -12.09 -95.96 -37.83
N GLY CB 193 -12.82 -94.87 -37.56
CA GLY CB 193 -13.37 -94.73 -36.21
C GLY CB 193 -14.11 -93.41 -35.97
N VAL CB 194 -14.50 -93.21 -34.73
CA VAL CB 194 -15.18 -91.99 -34.35
C VAL CB 194 -14.88 -91.59 -32.92
N THR CB 195 -14.64 -90.30 -32.70
CA THR CB 195 -14.35 -89.81 -31.37
C THR CB 195 -15.37 -88.79 -30.88
N PHE CB 196 -15.80 -88.93 -29.63
CA PHE CB 196 -16.77 -88.01 -29.05
C PHE CB 196 -16.12 -87.12 -28.03
N VAL CB 197 -15.94 -85.86 -28.40
CA VAL CB 197 -15.27 -84.89 -27.58
C VAL CB 197 -16.20 -84.15 -26.64
N ILE CB 198 -15.89 -84.18 -25.35
CA ILE CB 198 -16.69 -83.49 -24.36
C ILE CB 198 -15.84 -82.46 -23.61
N GLN CB 199 -16.00 -81.19 -23.94
CA GLN CB 199 -15.20 -80.14 -23.31
C GLN CB 199 -16.02 -79.12 -22.56
N GLY CB 200 -15.33 -78.27 -21.83
CA GLY CB 200 -15.94 -77.19 -21.06
C GLY CB 200 -16.04 -77.55 -19.60
N ALA CB 201 -16.52 -76.60 -18.81
CA ALA CB 201 -16.71 -76.86 -17.39
C ALA CB 201 -17.92 -77.76 -17.24
N LEU CB 202 -17.85 -78.71 -16.33
CA LEU CB 202 -18.96 -79.63 -16.17
C LEU CB 202 -19.53 -79.65 -14.76
N ASP CB 203 -20.84 -79.79 -14.68
CA ASP CB 203 -21.56 -79.91 -13.44
C ASP CB 203 -21.31 -81.29 -12.86
N ASP CB 204 -21.10 -81.40 -11.56
CA ASP CB 204 -20.85 -82.68 -10.94
C ASP CB 204 -21.87 -83.76 -11.31
N VAL CB 205 -23.11 -83.34 -11.55
CA VAL CB 205 -24.15 -84.29 -11.89
C VAL CB 205 -23.91 -84.86 -13.28
N GLU CB 206 -23.66 -84.00 -14.26
CA GLU CB 206 -23.42 -84.48 -15.60
C GLU CB 206 -22.10 -85.21 -15.72
N ILE CB 207 -21.16 -84.93 -14.82
CA ILE CB 207 -19.92 -85.69 -14.82
C ILE CB 207 -20.18 -87.13 -14.47
N LEU CB 208 -20.96 -87.34 -13.41
CA LEU CB 208 -21.33 -88.67 -12.99
C LEU CB 208 -22.03 -89.42 -14.11
N ARG CB 209 -23.04 -88.79 -14.69
CA ARG CB 209 -23.79 -89.39 -15.78
C ARG CB 209 -22.92 -89.77 -16.95
N ALA CB 210 -21.99 -88.89 -17.32
CA ALA CB 210 -21.11 -89.14 -18.43
C ALA CB 210 -20.29 -90.38 -18.22
N ARG CB 211 -19.67 -90.49 -17.05
CA ARG CB 211 -18.84 -91.66 -16.82
C ARG CB 211 -19.63 -92.95 -16.82
N GLN CB 212 -20.81 -92.94 -16.21
CA GLN CB 212 -21.62 -94.16 -16.17
C GLN CB 212 -21.91 -94.66 -17.57
N PHE CB 213 -22.30 -93.74 -18.45
CA PHE CB 213 -22.57 -94.09 -19.82
C PHE CB 213 -21.37 -94.66 -20.54
N VAL CB 214 -20.24 -93.96 -20.44
CA VAL CB 214 -19.03 -94.37 -21.11
C VAL CB 214 -18.56 -95.74 -20.67
N ASP CB 215 -18.56 -95.99 -19.37
CA ASP CB 215 -18.14 -97.29 -18.87
C ASP CB 215 -18.99 -98.41 -19.44
N SER CB 216 -20.30 -98.21 -19.50
CA SER CB 216 -21.17 -99.23 -20.05
C SER CB 216 -20.94 -99.48 -21.53
N TYR CB 217 -20.76 -98.41 -22.30
CA TYR CB 217 -20.52 -98.55 -23.73
C TYR CB 217 -19.25 -99.35 -23.96
N TYR CB 218 -18.21 -98.98 -23.22
CA TYR CB 218 -16.94 -99.67 -23.30
C TYR CB 218 -17.10 -101.14 -23.00
N ARG CB 219 -17.73 -101.44 -21.87
CA ARG CB 219 -17.95 -102.82 -21.47
C ARG CB 219 -18.58 -103.66 -22.56
N THR CB 220 -19.56 -103.09 -23.27
CA THR CB 220 -20.22 -103.83 -24.34
C THR CB 220 -19.42 -103.89 -25.63
N TRP CB 221 -19.22 -102.75 -26.26
CA TRP CB 221 -18.56 -102.70 -27.55
C TRP CB 221 -17.05 -102.68 -27.51
N GLY CB 222 -16.48 -102.07 -26.48
CA GLY CB 222 -15.04 -101.95 -26.40
C GLY CB 222 -14.62 -100.61 -26.99
N GLY CB 223 -13.36 -100.24 -26.83
CA GLY CB 223 -12.88 -98.94 -27.30
C GLY CB 223 -12.06 -98.97 -28.58
N ARG CB 224 -12.32 -99.90 -29.49
CA ARG CB 224 -11.54 -99.96 -30.72
C ARG CB 224 -12.12 -99.17 -31.87
N TYR CB 225 -13.38 -98.78 -31.77
CA TYR CB 225 -14.00 -98.01 -32.84
C TYR CB 225 -14.47 -96.68 -32.31
N VAL CB 226 -15.18 -96.71 -31.19
CA VAL CB 226 -15.65 -95.49 -30.56
C VAL CB 226 -14.75 -95.07 -29.42
N GLN CB 227 -14.24 -93.87 -29.50
CA GLN CB 227 -13.38 -93.32 -28.48
C GLN CB 227 -14.02 -92.11 -27.83
N PHE CB 228 -14.11 -92.10 -26.51
CA PHE CB 228 -14.69 -90.95 -25.84
C PHE CB 228 -13.57 -90.10 -25.28
N ALA CB 229 -13.81 -88.80 -25.19
CA ALA CB 229 -12.77 -87.88 -24.72
C ALA CB 229 -13.32 -86.81 -23.79
N ILE CB 230 -13.41 -87.16 -22.51
CA ILE CB 230 -13.90 -86.20 -21.51
C ILE CB 230 -12.77 -85.30 -21.08
N GLU CB 231 -12.96 -84.00 -21.26
CA GLU CB 231 -11.96 -83.00 -20.91
C GLU CB 231 -12.53 -81.87 -20.08
N LEU CB 232 -12.33 -81.95 -18.77
CA LEU CB 232 -12.81 -80.95 -17.84
C LEU CB 232 -11.96 -79.69 -17.93
N LYS CB 233 -12.52 -78.62 -18.50
CA LYS CB 233 -11.76 -77.39 -18.71
C LYS CB 233 -12.50 -76.12 -18.30
N ASP CB 234 -11.74 -75.05 -18.03
CA ASP CB 234 -12.33 -73.77 -17.69
C ASP CB 234 -12.85 -73.02 -18.89
N ASP CB 235 -13.92 -72.26 -18.69
CA ASP CB 235 -14.53 -71.46 -19.74
C ASP CB 235 -14.37 -69.97 -19.45
N ASP DB 3 -15.84 -116.87 19.19
CA ASP DB 3 -15.27 -116.28 20.39
C ASP DB 3 -14.08 -115.40 20.05
N LYS DB 4 -14.32 -114.32 19.32
CA LYS DB 4 -13.25 -113.42 18.93
C LYS DB 4 -13.43 -112.04 19.52
N ASP DB 5 -12.32 -111.40 19.86
CA ASP DB 5 -12.38 -110.05 20.39
C ASP DB 5 -12.43 -109.07 19.23
N LEU DB 6 -13.42 -108.18 19.25
CA LEU DB 6 -13.57 -107.22 18.18
C LEU DB 6 -13.13 -105.84 18.65
N LEU DB 7 -13.83 -105.31 19.66
CA LEU DB 7 -13.50 -103.98 20.20
C LEU DB 7 -13.30 -104.00 21.71
N LYS DB 8 -12.46 -103.10 22.21
CA LYS DB 8 -12.20 -103.01 23.65
C LYS DB 8 -12.10 -101.57 24.13
N GLY DB 9 -12.47 -101.33 25.37
CA GLY DB 9 -12.34 -99.99 25.95
C GLY DB 9 -13.39 -99.01 25.46
N LEU DB 10 -14.54 -99.53 25.06
CA LEU DB 10 -15.59 -98.68 24.54
C LEU DB 10 -16.35 -98.01 25.65
N ASP DB 11 -16.88 -96.84 25.38
CA ASP DB 11 -17.72 -96.23 26.38
C ASP DB 11 -19.11 -96.78 26.15
N GLN DB 12 -20.05 -96.39 26.99
CA GLN DB 12 -21.40 -96.92 26.88
C GLN DB 12 -22.09 -96.64 25.57
N GLU DB 13 -22.04 -95.39 25.11
CA GLU DB 13 -22.68 -94.99 23.87
C GLU DB 13 -22.14 -95.75 22.67
N GLN DB 14 -20.82 -95.77 22.55
CA GLN DB 14 -20.15 -96.44 21.46
C GLN DB 14 -20.51 -97.90 21.40
N ALA DB 15 -20.46 -98.56 22.55
CA ALA DB 15 -20.75 -99.97 22.62
C ALA DB 15 -22.13 -100.27 22.08
N ASN DB 16 -23.13 -99.51 22.51
CA ASN DB 16 -24.48 -99.77 22.05
C ASN DB 16 -24.67 -99.45 20.57
N GLU DB 17 -23.96 -98.44 20.07
CA GLU DB 17 -24.09 -98.10 18.66
C GLU DB 17 -23.51 -99.16 17.75
N VAL DB 18 -22.33 -99.66 18.09
CA VAL DB 18 -21.70 -100.69 17.29
C VAL DB 18 -22.54 -101.93 17.24
N ILE DB 19 -23.07 -102.33 18.40
CA ILE DB 19 -23.92 -103.49 18.48
C ILE DB 19 -25.12 -103.36 17.59
N ALA DB 20 -25.77 -102.18 17.61
CA ALA DB 20 -26.94 -101.95 16.78
C ALA DB 20 -26.63 -102.28 15.32
N VAL DB 21 -25.49 -101.80 14.82
CA VAL DB 21 -25.11 -102.04 13.44
C VAL DB 21 -24.90 -103.52 13.15
N LEU DB 22 -24.21 -104.21 14.04
CA LEU DB 22 -23.94 -105.62 13.83
C LEU DB 22 -25.22 -106.44 13.77
N GLN DB 23 -26.16 -106.12 14.65
CA GLN DB 23 -27.43 -106.82 14.66
C GLN DB 23 -28.20 -106.57 13.39
N MET DB 24 -28.17 -105.32 12.92
CA MET DB 24 -28.83 -104.96 11.68
C MET DB 24 -28.33 -105.80 10.52
N HIS DB 25 -27.05 -106.14 10.53
CA HIS DB 25 -26.48 -106.98 9.49
C HIS DB 25 -26.42 -108.46 9.84
N ASN DB 26 -27.28 -108.90 10.75
CA ASN DB 26 -27.40 -110.30 11.12
C ASN DB 26 -26.19 -110.87 11.85
N ILE DB 27 -25.64 -110.11 12.79
CA ILE DB 27 -24.52 -110.58 13.60
C ILE DB 27 -24.80 -110.43 15.09
N GLU DB 28 -24.77 -111.54 15.82
CA GLU DB 28 -24.94 -111.49 17.27
C GLU DB 28 -23.69 -110.90 17.91
N ALA DB 29 -23.85 -110.18 19.00
CA ALA DB 29 -22.68 -109.57 19.65
C ALA DB 29 -22.84 -109.52 21.15
N ASN DB 30 -21.75 -109.71 21.85
CA ASN DB 30 -21.76 -109.69 23.31
C ASN DB 30 -21.19 -108.40 23.83
N LYS DB 31 -21.84 -107.80 24.81
CA LYS DB 31 -21.31 -106.61 25.45
C LYS DB 31 -20.77 -106.99 26.81
N ILE DB 32 -19.47 -106.84 26.99
CA ILE DB 32 -18.85 -107.24 28.24
C ILE DB 32 -18.41 -106.04 29.06
N ASP DB 33 -18.93 -105.98 30.27
CA ASP DB 33 -18.60 -104.92 31.21
C ASP DB 33 -17.36 -105.25 32.01
N SER DB 34 -16.26 -104.55 31.73
CA SER DB 34 -15.00 -104.77 32.42
C SER DB 34 -14.71 -103.67 33.45
N GLY DB 35 -15.78 -103.03 33.94
CA GLY DB 35 -15.64 -102.01 34.96
C GLY DB 35 -14.96 -100.78 34.42
N LYS DB 36 -13.93 -100.34 35.15
CA LYS DB 36 -13.15 -99.15 34.79
C LYS DB 36 -12.47 -99.25 33.44
N LEU DB 37 -12.35 -100.45 32.90
CA LEU DB 37 -11.69 -100.63 31.63
C LEU DB 37 -12.63 -100.45 30.45
N GLY DB 38 -13.92 -100.23 30.71
CA GLY DB 38 -14.89 -99.99 29.64
C GLY DB 38 -15.57 -101.25 29.15
N TYR DB 39 -16.16 -101.15 27.96
CA TYR DB 39 -16.86 -102.28 27.39
C TYR DB 39 -16.09 -102.96 26.28
N SER DB 40 -16.33 -104.24 26.13
CA SER DB 40 -15.72 -105.00 25.07
C SER DB 40 -16.76 -105.71 24.26
N ILE DB 41 -16.55 -105.78 22.96
CA ILE DB 41 -17.49 -106.47 22.09
C ILE DB 41 -16.87 -107.69 21.48
N THR DB 42 -17.54 -108.83 21.65
CA THR DB 42 -17.04 -110.07 21.07
C THR DB 42 -18.08 -110.71 20.18
N VAL DB 43 -17.61 -111.49 19.21
CA VAL DB 43 -18.51 -112.14 18.26
C VAL DB 43 -18.15 -113.59 18.01
N ALA DB 44 -19.09 -114.33 17.46
CA ALA DB 44 -18.85 -115.71 17.11
C ALA DB 44 -17.86 -115.76 15.96
N GLU DB 45 -16.94 -116.72 16.02
CA GLU DB 45 -15.92 -116.88 15.00
C GLU DB 45 -16.45 -116.94 13.56
N PRO DB 46 -17.57 -117.63 13.29
CA PRO DB 46 -18.23 -117.69 11.98
C PRO DB 46 -18.61 -116.31 11.42
N ASP DB 47 -18.90 -115.36 12.29
CA ASP DB 47 -19.30 -114.03 11.86
C ASP DB 47 -18.16 -113.06 11.85
N PHE DB 48 -17.13 -113.34 12.65
CA PHE DB 48 -15.98 -112.46 12.81
C PHE DB 48 -15.47 -111.78 11.55
N THR DB 49 -15.37 -112.50 10.44
CA THR DB 49 -14.89 -111.88 9.20
C THR DB 49 -15.82 -110.77 8.75
N ALA DB 50 -17.11 -111.06 8.74
CA ALA DB 50 -18.10 -110.09 8.34
C ALA DB 50 -18.14 -108.93 9.31
N ALA DB 51 -18.02 -109.23 10.60
CA ALA DB 51 -18.05 -108.22 11.63
C ALA DB 51 -16.96 -107.18 11.38
N VAL DB 52 -15.75 -107.66 11.09
CA VAL DB 52 -14.63 -106.77 10.80
C VAL DB 52 -14.93 -105.89 9.62
N TYR DB 53 -15.46 -106.49 8.57
CA TYR DB 53 -15.82 -105.75 7.38
C TYR DB 53 -16.73 -104.58 7.70
N TRP DB 54 -17.76 -104.83 8.50
CA TRP DB 54 -18.71 -103.78 8.83
C TRP DB 54 -18.13 -102.72 9.77
N ILE DB 55 -17.20 -103.10 10.66
CA ILE DB 55 -16.56 -102.10 11.52
C ILE DB 55 -15.82 -101.09 10.65
N LYS DB 56 -15.17 -101.60 9.61
CA LYS DB 56 -14.51 -100.74 8.66
C LYS DB 56 -15.50 -99.86 7.92
N THR DB 57 -16.49 -100.50 7.31
CA THR DB 57 -17.50 -99.82 6.51
C THR DB 57 -18.17 -98.66 7.19
N TYR DB 58 -18.54 -98.84 8.45
CA TYR DB 58 -19.24 -97.79 9.18
C TYR DB 58 -18.38 -96.93 10.09
N GLN DB 59 -17.06 -96.91 9.87
CA GLN DB 59 -16.18 -96.08 10.70
C GLN DB 59 -16.41 -96.28 12.20
N LEU DB 60 -16.43 -97.53 12.65
CA LEU DB 60 -16.69 -97.79 14.05
C LEU DB 60 -15.43 -98.06 14.85
N PRO DB 61 -15.44 -97.76 16.14
CA PRO DB 61 -16.49 -97.17 16.96
C PRO DB 61 -16.61 -95.67 16.67
N PRO DB 62 -17.78 -95.07 16.90
CA PRO DB 62 -18.15 -93.68 16.67
C PRO DB 62 -17.28 -92.69 17.42
N ARG DB 63 -17.08 -91.53 16.80
CA ARG DB 63 -16.35 -90.45 17.44
C ARG DB 63 -17.35 -89.65 18.27
N PRO DB 64 -16.87 -88.84 19.22
CA PRO DB 64 -17.67 -87.95 20.05
C PRO DB 64 -18.18 -86.80 19.20
N ARG DB 65 -19.35 -86.28 19.54
CA ARG DB 65 -19.97 -85.22 18.77
C ARG DB 65 -19.25 -83.89 18.91
N VAL DB 66 -19.03 -83.24 17.76
CA VAL DB 66 -18.32 -81.97 17.71
C VAL DB 66 -19.25 -80.77 17.70
N GLU DB 67 -19.01 -79.88 18.65
CA GLU DB 67 -19.76 -78.66 18.81
C GLU DB 67 -18.76 -77.50 18.90
N ILE DB 68 -19.12 -76.36 18.32
CA ILE DB 68 -18.19 -75.25 18.21
C ILE DB 68 -17.64 -74.73 19.52
N ALA DB 69 -18.49 -74.61 20.54
CA ALA DB 69 -18.08 -74.11 21.84
C ALA DB 69 -16.99 -74.93 22.50
N GLN DB 70 -16.78 -76.16 22.05
CA GLN DB 70 -15.77 -77.02 22.64
C GLN DB 70 -14.36 -76.49 22.39
N MET DB 71 -14.22 -75.60 21.39
CA MET DB 71 -12.92 -75.04 21.09
C MET DB 71 -12.71 -73.62 21.56
N PHE DB 72 -13.64 -73.09 22.33
CA PHE DB 72 -13.48 -71.74 22.86
C PHE DB 72 -14.03 -71.70 24.27
N PRO DB 73 -13.38 -72.40 25.20
CA PRO DB 73 -13.77 -72.63 26.59
C PRO DB 73 -13.69 -71.40 27.46
N ALA DB 74 -14.58 -71.37 28.46
CA ALA DB 74 -14.68 -70.26 29.41
C ALA DB 74 -13.54 -70.27 30.41
N ASP DB 75 -12.77 -71.34 30.42
CA ASP DB 75 -11.63 -71.46 31.30
C ASP DB 75 -10.49 -70.52 30.91
N SER DB 76 -10.54 -69.97 29.70
CA SER DB 76 -9.49 -69.04 29.30
C SER DB 76 -9.49 -67.80 30.17
N LEU DB 77 -8.29 -67.34 30.49
CA LEU DB 77 -8.11 -66.17 31.34
C LEU DB 77 -8.58 -64.89 30.66
N VAL DB 78 -8.54 -64.90 29.33
CA VAL DB 78 -8.95 -63.76 28.54
C VAL DB 78 -9.91 -64.21 27.47
N SER DB 79 -10.60 -63.26 26.85
CA SER DB 79 -11.54 -63.58 25.79
C SER DB 79 -11.48 -62.54 24.71
N SER DB 80 -12.16 -62.80 23.62
CA SER DB 80 -12.20 -61.87 22.51
C SER DB 80 -13.58 -61.92 21.94
N PRO DB 81 -14.02 -60.85 21.29
CA PRO DB 81 -15.30 -60.70 20.61
C PRO DB 81 -15.54 -61.86 19.69
N ARG DB 82 -14.49 -62.28 19.00
CA ARG DB 82 -14.56 -63.39 18.09
C ARG DB 82 -14.95 -64.65 18.81
N ALA DB 83 -14.25 -64.95 19.89
CA ALA DB 83 -14.53 -66.14 20.66
C ALA DB 83 -15.91 -66.11 21.29
N GLU DB 84 -16.28 -64.97 21.86
CA GLU DB 84 -17.55 -64.87 22.55
C GLU DB 84 -18.73 -65.02 21.61
N LYS DB 85 -18.64 -64.41 20.43
CA LYS DB 85 -19.73 -64.53 19.48
C LYS DB 85 -19.87 -65.96 19.02
N ALA DB 86 -18.74 -66.65 18.82
CA ALA DB 86 -18.78 -68.06 18.43
C ALA DB 86 -19.44 -68.90 19.49
N ARG DB 87 -19.08 -68.67 20.75
CA ARG DB 87 -19.67 -69.41 21.85
C ARG DB 87 -21.17 -69.29 21.87
N LEU DB 88 -21.66 -68.08 21.68
CA LEU DB 88 -23.09 -67.86 21.67
C LEU DB 88 -23.78 -68.64 20.58
N TYR DB 89 -23.28 -68.56 19.36
CA TYR DB 89 -23.90 -69.27 18.26
C TYR DB 89 -23.94 -70.76 18.48
N SER DB 90 -22.89 -71.30 19.08
CA SER DB 90 -22.84 -72.72 19.36
C SER DB 90 -24.01 -73.12 20.24
N ALA DB 91 -24.23 -72.35 21.29
CA ALA DB 91 -25.34 -72.60 22.20
C ALA DB 91 -26.66 -72.51 21.50
N ILE DB 92 -26.81 -71.52 20.63
CA ILE DB 92 -28.06 -71.34 19.92
C ILE DB 92 -28.37 -72.53 19.04
N GLU DB 93 -27.39 -73.07 18.30
CA GLU DB 93 -27.66 -74.23 17.47
C GLU DB 93 -28.16 -75.38 18.33
N GLN DB 94 -27.52 -75.59 19.46
CA GLN DB 94 -27.91 -76.67 20.35
C GLN DB 94 -29.33 -76.51 20.84
N ARG DB 95 -29.68 -75.28 21.18
CA ARG DB 95 -30.98 -75.00 21.71
C ARG DB 95 -32.06 -75.19 20.65
N LEU DB 96 -31.76 -74.83 19.40
CA LEU DB 96 -32.70 -75.06 18.32
C LEU DB 96 -32.91 -76.55 18.06
N GLU DB 97 -31.85 -77.35 18.20
CA GLU DB 97 -31.99 -78.78 18.02
C GLU DB 97 -32.88 -79.37 19.09
N GLN DB 98 -32.71 -78.89 20.32
CA GLN DB 98 -33.53 -79.34 21.42
C GLN DB 98 -35.00 -79.06 21.16
N SER DB 99 -35.28 -77.92 20.53
CA SER DB 99 -36.66 -77.58 20.21
C SER DB 99 -37.28 -78.42 19.10
N LEU DB 100 -36.55 -78.61 18.00
CA LEU DB 100 -37.13 -79.35 16.88
C LEU DB 100 -37.44 -80.78 17.22
N GLN DB 101 -36.64 -81.38 18.10
CA GLN DB 101 -36.86 -82.75 18.47
C GLN DB 101 -38.10 -82.96 19.36
N THR DB 102 -38.78 -81.89 19.74
CA THR DB 102 -40.01 -82.03 20.52
C THR DB 102 -41.24 -81.90 19.64
N MET DB 103 -41.05 -81.61 18.35
CA MET DB 103 -42.20 -81.50 17.46
C MET DB 103 -42.78 -82.87 17.17
N GLU DB 104 -44.10 -82.90 16.99
CA GLU DB 104 -44.81 -84.12 16.72
C GLU DB 104 -44.29 -84.86 15.51
N GLY DB 105 -43.93 -86.12 15.70
CA GLY DB 105 -43.46 -86.97 14.61
C GLY DB 105 -41.95 -86.89 14.39
N VAL DB 106 -41.26 -85.98 15.06
CA VAL DB 106 -39.82 -85.89 14.84
C VAL DB 106 -39.07 -86.80 15.79
N LEU DB 107 -38.22 -87.62 15.20
CA LEU DB 107 -37.42 -88.56 15.95
C LEU DB 107 -36.03 -88.00 16.20
N SER DB 108 -35.51 -87.29 15.20
CA SER DB 108 -34.19 -86.68 15.32
C SER DB 108 -34.03 -85.47 14.43
N ALA DB 109 -33.24 -84.50 14.89
CA ALA DB 109 -33.03 -83.32 14.06
C ALA DB 109 -31.73 -82.63 14.38
N ARG DB 110 -31.10 -82.07 13.34
CA ARG DB 110 -29.83 -81.35 13.47
C ARG DB 110 -29.94 -79.96 12.86
N VAL DB 111 -29.28 -78.98 13.47
CA VAL DB 111 -29.39 -77.59 13.00
C VAL DB 111 -28.07 -76.89 12.86
N HIS DB 112 -27.90 -76.17 11.75
CA HIS DB 112 -26.71 -75.37 11.51
C HIS DB 112 -27.03 -73.92 11.28
N ILE DB 113 -26.17 -73.04 11.76
CA ILE DB 113 -26.35 -71.62 11.53
C ILE DB 113 -25.05 -71.06 11.01
N SER DB 114 -25.14 -70.14 10.08
CA SER DB 114 -23.92 -69.54 9.55
C SER DB 114 -23.24 -68.70 10.60
N TYR DB 115 -21.94 -68.48 10.42
CA TYR DB 115 -21.16 -67.71 11.38
C TYR DB 115 -20.64 -66.44 10.78
N ASP DB 116 -20.28 -65.50 11.65
CA ASP DB 116 -19.74 -64.22 11.25
C ASP DB 116 -18.55 -63.94 12.13
N ILE DB 117 -17.38 -64.07 11.55
CA ILE DB 117 -16.16 -63.94 12.29
C ILE DB 117 -15.44 -62.62 12.10
N ASP DB 118 -15.72 -61.90 11.03
CA ASP DB 118 -15.01 -60.64 10.86
C ASP DB 118 -15.71 -59.55 10.06
N ALA DB 119 -17.04 -59.46 10.12
CA ALA DB 119 -17.73 -58.36 9.44
C ALA DB 119 -17.32 -57.02 10.06
N GLY DB 120 -17.76 -56.76 11.29
CA GLY DB 120 -17.46 -55.54 12.02
C GLY DB 120 -15.95 -55.29 12.10
N GLU DB 121 -15.19 -56.37 12.27
CA GLU DB 121 -13.73 -56.33 12.27
C GLU DB 121 -13.14 -55.58 11.09
N ASN DB 122 -13.76 -55.74 9.92
CA ASN DB 122 -13.29 -55.12 8.69
C ASN DB 122 -14.04 -53.82 8.37
N GLY DB 123 -14.84 -53.31 9.31
CA GLY DB 123 -15.59 -52.10 9.07
C GLY DB 123 -16.85 -52.38 8.23
N ARG DB 124 -17.23 -53.65 8.12
CA ARG DB 124 -18.37 -54.03 7.32
C ARG DB 124 -19.60 -54.32 8.16
N PRO DB 125 -20.78 -54.18 7.59
CA PRO DB 125 -22.06 -54.54 8.13
C PRO DB 125 -22.14 -56.05 8.10
N PRO DB 126 -22.94 -56.66 8.97
CA PRO DB 126 -23.15 -58.09 9.13
C PRO DB 126 -23.90 -58.65 7.96
N LYS DB 127 -23.70 -59.93 7.71
CA LYS DB 127 -24.36 -60.60 6.61
C LYS DB 127 -25.63 -61.28 7.09
N PRO DB 128 -26.55 -61.58 6.17
CA PRO DB 128 -27.80 -62.29 6.39
C PRO DB 128 -27.50 -63.63 6.97
N VAL DB 129 -28.39 -64.14 7.80
CA VAL DB 129 -28.15 -65.41 8.44
C VAL DB 129 -28.68 -66.57 7.65
N HIS DB 130 -27.86 -67.60 7.51
CA HIS DB 130 -28.29 -68.78 6.79
C HIS DB 130 -28.54 -69.92 7.75
N LEU DB 131 -29.58 -70.69 7.48
CA LEU DB 131 -29.91 -71.83 8.33
C LEU DB 131 -30.10 -73.08 7.53
N SER DB 132 -29.74 -74.21 8.11
CA SER DB 132 -30.01 -75.46 7.45
C SER DB 132 -30.35 -76.50 8.49
N ALA DB 133 -31.13 -77.50 8.12
CA ALA DB 133 -31.49 -78.49 9.11
C ALA DB 133 -31.83 -79.83 8.50
N LEU DB 134 -31.60 -80.86 9.31
CA LEU DB 134 -31.89 -82.23 8.92
C LEU DB 134 -32.94 -82.79 9.84
N ALA DB 135 -33.81 -83.65 9.32
CA ALA DB 135 -34.81 -84.23 10.22
C ALA DB 135 -35.24 -85.63 9.83
N VAL DB 136 -35.52 -86.43 10.85
CA VAL DB 136 -36.00 -87.79 10.70
C VAL DB 136 -37.37 -87.92 11.33
N TYR DB 137 -38.33 -88.38 10.55
CA TYR DB 137 -39.69 -88.56 11.01
C TYR DB 137 -40.15 -89.99 11.19
N GLU DB 138 -41.21 -90.13 11.97
CA GLU DB 138 -41.85 -91.41 12.15
C GLU DB 138 -42.38 -91.89 10.81
N ARG DB 139 -42.04 -93.12 10.47
CA ARG DB 139 -42.43 -93.68 9.19
C ARG DB 139 -43.92 -93.61 8.94
N GLY DB 140 -44.28 -93.12 7.75
CA GLY DB 140 -45.67 -92.96 7.32
C GLY DB 140 -46.17 -91.52 7.44
N SER DB 141 -45.38 -90.67 8.07
CA SER DB 141 -45.69 -89.26 8.26
C SER DB 141 -45.63 -88.46 6.93
N PRO DB 142 -46.50 -87.45 6.73
CA PRO DB 142 -46.63 -86.59 5.54
C PRO DB 142 -45.57 -85.48 5.45
N LEU DB 143 -44.33 -85.92 5.25
CA LEU DB 143 -43.14 -85.07 5.16
C LEU DB 143 -43.25 -83.84 4.28
N ALA DB 144 -43.94 -83.98 3.15
CA ALA DB 144 -44.11 -82.90 2.19
C ALA DB 144 -44.83 -81.68 2.74
N HIS DB 145 -45.50 -81.82 3.87
CA HIS DB 145 -46.25 -80.71 4.43
C HIS DB 145 -45.59 -80.28 5.72
N GLN DB 146 -45.06 -81.24 6.45
CA GLN DB 146 -44.41 -81.00 7.73
C GLN DB 146 -43.21 -80.08 7.62
N ILE DB 147 -42.51 -80.19 6.50
CA ILE DB 147 -41.38 -79.32 6.20
C ILE DB 147 -41.70 -77.82 6.30
N SER DB 148 -42.97 -77.43 6.15
CA SER DB 148 -43.32 -76.02 6.21
C SER DB 148 -43.37 -75.50 7.64
N ASP DB 149 -43.60 -76.39 8.60
CA ASP DB 149 -43.61 -75.97 10.00
C ASP DB 149 -42.23 -75.65 10.44
N ILE DB 150 -41.30 -76.50 10.03
CA ILE DB 150 -39.91 -76.31 10.40
C ILE DB 150 -39.41 -75.01 9.88
N LYS DB 151 -39.69 -74.75 8.61
CA LYS DB 151 -39.22 -73.57 7.96
C LYS DB 151 -39.83 -72.31 8.54
N ARG DB 152 -41.12 -72.34 8.87
CA ARG DB 152 -41.77 -71.17 9.47
C ARG DB 152 -41.24 -70.88 10.86
N PHE DB 153 -41.09 -71.93 11.64
CA PHE DB 153 -40.56 -71.83 12.98
C PHE DB 153 -39.20 -71.19 12.99
N LEU DB 154 -38.30 -71.70 12.16
CA LEU DB 154 -36.97 -71.17 12.10
C LEU DB 154 -36.94 -69.75 11.58
N LYS DB 155 -37.82 -69.40 10.64
CA LYS DB 155 -37.82 -68.06 10.07
C LYS DB 155 -37.92 -66.97 11.13
N ASN DB 156 -38.84 -67.10 12.08
CA ASN DB 156 -38.92 -66.09 13.12
C ASN DB 156 -38.13 -66.43 14.38
N SER DB 157 -37.22 -67.39 14.29
CA SER DB 157 -36.38 -67.75 15.42
C SER DB 157 -35.05 -67.04 15.37
N PHE DB 158 -34.88 -66.09 14.46
CA PHE DB 158 -33.60 -65.42 14.41
C PHE DB 158 -33.69 -64.07 13.71
N ALA DB 159 -32.97 -63.10 14.25
CA ALA DB 159 -32.91 -61.70 13.85
C ALA DB 159 -33.18 -61.40 12.38
N ASP DB 160 -32.53 -62.09 11.47
CA ASP DB 160 -32.75 -61.75 10.06
C ASP DB 160 -32.47 -62.89 9.09
N VAL DB 161 -33.49 -63.69 8.84
CA VAL DB 161 -33.43 -64.77 7.88
C VAL DB 161 -34.59 -64.63 6.94
N ASP DB 162 -34.67 -65.51 5.96
CA ASP DB 162 -35.80 -65.48 5.03
C ASP DB 162 -36.03 -66.85 4.44
N TYR DB 163 -37.12 -67.02 3.69
CA TYR DB 163 -37.46 -68.33 3.16
C TYR DB 163 -36.56 -68.84 2.04
N ASP DB 164 -35.62 -68.03 1.58
CA ASP DB 164 -34.71 -68.49 0.54
C ASP DB 164 -33.36 -68.88 1.14
N ASN DB 165 -33.14 -68.53 2.40
CA ASN DB 165 -31.87 -68.83 3.04
C ASN DB 165 -32.02 -69.84 4.16
N ILE DB 166 -33.11 -70.59 4.12
CA ILE DB 166 -33.35 -71.67 5.08
C ILE DB 166 -33.57 -72.96 4.32
N SER DB 167 -32.70 -73.95 4.54
CA SER DB 167 -32.86 -75.21 3.83
C SER DB 167 -33.14 -76.38 4.74
N VAL DB 168 -34.12 -77.18 4.37
CA VAL DB 168 -34.48 -78.33 5.17
C VAL DB 168 -34.46 -79.61 4.34
N VAL DB 169 -33.66 -80.57 4.77
CA VAL DB 169 -33.57 -81.86 4.12
C VAL DB 169 -34.01 -82.91 5.11
N LEU DB 170 -34.96 -83.73 4.72
CA LEU DB 170 -35.49 -84.68 5.68
C LEU DB 170 -35.97 -85.98 5.08
N SER DB 171 -36.24 -86.94 5.96
CA SER DB 171 -36.75 -88.25 5.58
C SER DB 171 -37.41 -88.94 6.76
N GLU DB 172 -37.49 -90.26 6.71
CA GLU DB 172 -38.13 -91.02 7.76
C GLU DB 172 -37.37 -92.29 8.07
N ARG DB 173 -37.63 -92.86 9.24
CA ARG DB 173 -36.92 -94.05 9.67
C ARG DB 173 -37.18 -95.27 8.80
N SER DB 174 -36.26 -96.22 8.89
CA SER DB 174 -36.34 -97.49 8.18
C SER DB 174 -37.13 -98.54 8.95
N ASP DB 175 -37.27 -99.74 8.35
CA ASP DB 175 -37.98 -100.86 8.96
C ASP DB 175 -37.24 -101.30 10.22
N ALA DB 176 -37.91 -101.15 11.38
CA ALA DB 176 -37.29 -101.44 12.67
C ALA DB 176 -36.79 -102.87 12.80
N GLN DB 177 -35.57 -103.00 13.31
CA GLN DB 177 -35.00 -104.32 13.50
C GLN DB 177 -35.48 -104.89 14.80
N LEU DB 178 -36.61 -105.59 14.73
CA LEU DB 178 -37.22 -106.14 15.92
C LEU DB 178 -36.94 -107.63 16.12
N GLN DB 179 -36.05 -108.20 15.32
CA GLN DB 179 -35.76 -109.63 15.40
C GLN DB 179 -34.29 -109.91 15.65
N ALA DB 180 -34.03 -110.92 16.47
CA ALA DB 180 -32.64 -111.30 16.76
C ALA DB 180 -32.01 -111.97 15.55
N PRO DB 181 -30.72 -111.70 15.28
CA PRO DB 181 -29.88 -112.28 14.22
C PRO DB 181 -29.83 -113.80 14.20
N GLY DB 182 -29.69 -114.40 15.37
CA GLY DB 182 -29.65 -115.85 15.49
C GLY DB 182 -28.21 -116.33 15.57
N THR DB 183 -28.03 -117.53 16.10
CA THR DB 183 -26.71 -118.11 16.26
C THR DB 183 -26.29 -118.85 14.99
N PRO DB 184 -25.01 -119.17 14.86
CA PRO DB 184 -24.41 -119.95 13.78
C PRO DB 184 -24.82 -121.41 13.88
N VAL DB 185 -24.80 -122.09 12.76
CA VAL DB 185 -25.19 -123.49 12.74
C VAL DB 185 -24.02 -124.41 13.03
N LYS DB 186 -24.06 -125.06 14.19
CA LYS DB 186 -23.04 -126.00 14.60
C LYS DB 186 -23.41 -126.65 15.92
N ALA EB 42 -31.45 -129.02 8.79
CA ALA EB 42 -31.35 -127.57 8.79
C ALA EB 42 -32.21 -126.96 7.71
N GLU EB 43 -33.53 -127.11 7.83
CA GLU EB 43 -34.43 -126.55 6.84
C GLU EB 43 -34.22 -125.06 6.71
N LEU EB 44 -34.00 -124.61 5.47
CA LEU EB 44 -33.72 -123.22 5.18
C LEU EB 44 -34.73 -122.25 5.76
N ASP EB 45 -36.00 -122.63 5.77
CA ASP EB 45 -37.03 -121.78 6.34
C ASP EB 45 -36.77 -121.47 7.81
N SER EB 46 -36.19 -122.41 8.54
CA SER EB 46 -35.89 -122.20 9.94
C SER EB 46 -34.57 -121.48 10.11
N LEU EB 47 -33.70 -121.57 9.10
CA LEU EB 47 -32.43 -120.88 9.14
C LEU EB 47 -32.61 -119.37 8.97
N LEU EB 48 -33.57 -118.99 8.13
CA LEU EB 48 -33.90 -117.59 7.90
C LEU EB 48 -34.68 -117.03 9.09
N GLY EB 49 -34.66 -115.69 9.23
CA GLY EB 49 -35.28 -114.93 10.34
C GLY EB 49 -36.66 -115.41 10.85
N GLN EB 50 -37.03 -114.89 12.04
CA GLN EB 50 -38.29 -115.23 12.70
C GLN EB 50 -39.50 -114.92 11.84
N GLU EB 51 -39.48 -113.77 11.20
CA GLU EB 51 -40.58 -113.44 10.31
C GLU EB 51 -40.29 -114.03 8.96
N LYS EB 52 -40.58 -115.32 8.84
CA LYS EB 52 -40.35 -116.10 7.63
C LYS EB 52 -41.06 -115.56 6.41
N GLU EB 53 -42.07 -114.72 6.60
CA GLU EB 53 -42.83 -114.17 5.50
C GLU EB 53 -42.09 -113.06 4.76
N ARG EB 54 -40.87 -112.73 5.20
CA ARG EB 54 -40.07 -111.74 4.51
C ARG EB 54 -39.35 -112.36 3.31
N PHE EB 55 -39.32 -113.69 3.25
CA PHE EB 55 -38.59 -114.35 2.17
C PHE EB 55 -39.43 -115.36 1.44
N GLN EB 56 -39.19 -115.50 0.15
CA GLN EB 56 -39.88 -116.53 -0.60
C GLN EB 56 -38.87 -117.54 -1.12
N VAL EB 57 -38.86 -118.71 -0.49
CA VAL EB 57 -37.94 -119.74 -0.93
C VAL EB 57 -38.46 -120.44 -2.16
N LEU EB 58 -37.61 -120.56 -3.17
CA LEU EB 58 -37.98 -121.10 -4.46
C LEU EB 58 -37.13 -122.34 -4.79
N PRO EB 59 -37.70 -123.34 -5.44
CA PRO EB 59 -36.97 -124.57 -5.76
C PRO EB 59 -36.62 -124.61 -7.24
N GLY EB 60 -35.42 -124.18 -7.59
CA GLY EB 60 -35.01 -124.14 -8.99
C GLY EB 60 -34.79 -125.52 -9.58
N ARG EB 61 -35.03 -125.64 -10.88
CA ARG EB 61 -34.88 -126.90 -11.60
C ARG EB 61 -33.42 -127.33 -11.73
N ASP EB 62 -32.51 -126.40 -11.45
CA ASP EB 62 -31.07 -126.65 -11.45
C ASP EB 62 -30.57 -127.20 -10.11
N LYS EB 63 -31.48 -127.60 -9.22
CA LYS EB 63 -31.15 -128.15 -7.91
C LYS EB 63 -30.61 -127.09 -6.94
N MET EB 64 -30.82 -125.82 -7.26
CA MET EB 64 -30.41 -124.75 -6.39
C MET EB 64 -31.64 -124.17 -5.71
N LEU EB 65 -31.54 -124.04 -4.39
CA LEU EB 65 -32.64 -123.52 -3.63
C LEU EB 65 -32.46 -122.00 -3.56
N TYR EB 66 -33.43 -121.27 -4.07
CA TYR EB 66 -33.30 -119.83 -4.16
C TYR EB 66 -34.03 -119.09 -3.05
N VAL EB 67 -33.49 -117.95 -2.66
CA VAL EB 67 -34.14 -117.13 -1.64
C VAL EB 67 -34.52 -115.78 -2.19
N ALA EB 68 -35.80 -115.58 -2.49
CA ALA EB 68 -36.19 -114.29 -3.03
C ALA EB 68 -36.39 -113.28 -1.93
N ALA EB 69 -35.65 -112.17 -2.05
CA ALA EB 69 -35.74 -111.09 -1.08
C ALA EB 69 -36.27 -109.85 -1.77
N GLN EB 70 -37.04 -109.04 -1.04
CA GLN EB 70 -37.65 -107.84 -1.58
C GLN EB 70 -36.87 -106.57 -1.30
N ASN EB 71 -35.79 -106.68 -0.54
CA ASN EB 71 -35.01 -105.52 -0.16
C ASN EB 71 -33.57 -105.89 0.09
N GLU EB 72 -32.64 -105.01 -0.28
CA GLU EB 72 -31.21 -105.26 -0.09
C GLU EB 72 -30.81 -105.55 1.35
N ARG EB 73 -31.61 -105.13 2.33
CA ARG EB 73 -31.30 -105.46 3.71
C ARG EB 73 -31.61 -106.91 3.99
N ASP EB 74 -32.59 -107.44 3.28
CA ASP EB 74 -33.00 -108.82 3.44
C ASP EB 74 -32.11 -109.67 2.59
N THR EB 75 -31.64 -109.10 1.49
CA THR EB 75 -30.70 -109.77 0.62
C THR EB 75 -29.46 -110.09 1.42
N LEU EB 76 -28.92 -109.07 2.09
CA LEU EB 76 -27.75 -109.27 2.92
C LEU EB 76 -28.01 -110.20 4.06
N TRP EB 77 -29.19 -110.09 4.69
CA TRP EB 77 -29.55 -110.98 5.77
C TRP EB 77 -29.39 -112.44 5.37
N ALA EB 78 -30.03 -112.80 4.26
CA ALA EB 78 -29.99 -114.16 3.75
C ALA EB 78 -28.58 -114.58 3.35
N ARG EB 79 -27.80 -113.66 2.77
CA ARG EB 79 -26.44 -114.01 2.40
C ARG EB 79 -25.60 -114.32 3.62
N GLN EB 80 -25.83 -113.57 4.70
CA GLN EB 80 -25.11 -113.83 5.94
C GLN EB 80 -25.51 -115.17 6.49
N VAL EB 81 -26.78 -115.54 6.36
CA VAL EB 81 -27.21 -116.86 6.80
C VAL EB 81 -26.47 -117.96 6.08
N LEU EB 82 -26.36 -117.84 4.77
CA LEU EB 82 -25.66 -118.85 3.99
C LEU EB 82 -24.18 -118.95 4.34
N ALA EB 83 -23.54 -117.81 4.63
CA ALA EB 83 -22.13 -117.81 4.98
C ALA EB 83 -21.88 -118.20 6.44
N ARG EB 84 -22.79 -117.81 7.34
CA ARG EB 84 -22.68 -118.07 8.77
C ARG EB 84 -23.05 -119.47 9.15
N GLY EB 85 -24.25 -119.87 8.74
CA GLY EB 85 -24.76 -121.18 9.05
C GLY EB 85 -24.42 -122.14 7.95
N ASP EB 86 -25.26 -123.13 7.75
CA ASP EB 86 -24.97 -124.08 6.71
C ASP EB 86 -26.23 -124.75 6.22
N TYR EB 87 -26.12 -125.26 5.02
CA TYR EB 87 -27.18 -125.97 4.36
C TYR EB 87 -26.55 -126.77 3.23
N ASP EB 88 -26.57 -128.08 3.35
CA ASP EB 88 -25.95 -128.95 2.36
C ASP EB 88 -26.73 -129.03 1.06
N LYS EB 89 -26.65 -127.97 0.27
CA LYS EB 89 -27.33 -127.89 -1.01
C LYS EB 89 -27.06 -126.56 -1.67
N ASN EB 90 -26.97 -126.58 -2.99
CA ASN EB 90 -26.79 -125.35 -3.74
C ASN EB 90 -27.84 -124.35 -3.33
N ALA EB 91 -27.44 -123.10 -3.16
CA ALA EB 91 -28.38 -122.07 -2.78
C ALA EB 91 -27.93 -120.71 -3.27
N ARG EB 92 -28.89 -119.82 -3.51
CA ARG EB 92 -28.55 -118.51 -4.04
C ARG EB 92 -29.66 -117.48 -3.79
N VAL EB 93 -29.27 -116.34 -3.24
CA VAL EB 93 -30.22 -115.28 -2.93
C VAL EB 93 -30.58 -114.45 -4.16
N ILE EB 94 -31.87 -114.26 -4.37
CA ILE EB 94 -32.42 -113.48 -5.47
C ILE EB 94 -32.80 -112.06 -5.08
N ASN EB 95 -32.40 -111.13 -5.92
CA ASN EB 95 -32.70 -109.72 -5.74
C ASN EB 95 -33.22 -109.14 -7.03
N GLU EB 96 -34.48 -108.70 -7.01
CA GLU EB 96 -35.17 -108.16 -8.18
C GLU EB 96 -34.34 -107.27 -9.09
N ASN EB 97 -33.65 -106.30 -8.52
CA ASN EB 97 -32.84 -105.41 -9.34
C ASN EB 97 -31.59 -106.08 -9.85
N GLU EB 98 -30.99 -106.93 -9.03
CA GLU EB 98 -29.77 -107.59 -9.46
C GLU EB 98 -30.06 -108.56 -10.59
N GLU EB 99 -31.22 -109.20 -10.53
CA GLU EB 99 -31.60 -110.13 -11.57
C GLU EB 99 -32.00 -109.42 -12.82
N ASN EB 100 -32.65 -108.27 -12.67
CA ASN EB 100 -33.02 -107.49 -13.83
C ASN EB 100 -31.75 -107.13 -14.59
N LYS EB 101 -30.72 -106.70 -13.85
CA LYS EB 101 -29.44 -106.34 -14.43
C LYS EB 101 -28.73 -107.54 -15.07
N ARG EB 102 -28.66 -108.67 -14.36
CA ARG EB 102 -28.00 -109.85 -14.89
C ARG EB 102 -28.56 -110.24 -16.23
N ILE EB 103 -29.87 -110.25 -16.33
CA ILE EB 103 -30.54 -110.58 -17.56
C ILE EB 103 -30.23 -109.57 -18.64
N SER EB 104 -30.31 -108.27 -18.32
CA SER EB 104 -30.07 -107.26 -19.32
C SER EB 104 -28.68 -107.34 -19.94
N ILE EB 105 -27.71 -107.82 -19.16
CA ILE EB 105 -26.36 -107.98 -19.69
C ILE EB 105 -26.32 -109.05 -20.78
N TRP EB 106 -26.84 -110.21 -20.45
CA TRP EB 106 -26.87 -111.32 -21.39
C TRP EB 106 -27.68 -110.96 -22.61
N LEU EB 107 -28.82 -110.33 -22.34
CA LEU EB 107 -29.77 -109.96 -23.36
C LEU EB 107 -29.16 -108.99 -24.35
N ASP EB 108 -28.41 -108.00 -23.88
CA ASP EB 108 -27.76 -107.09 -24.81
C ASP EB 108 -26.77 -107.80 -25.74
N THR EB 109 -26.01 -108.76 -25.21
CA THR EB 109 -25.05 -109.49 -26.03
C THR EB 109 -25.68 -110.35 -27.11
N TYR EB 110 -26.70 -111.11 -26.75
CA TYR EB 110 -27.34 -112.02 -27.70
C TYR EB 110 -28.45 -111.39 -28.51
N TYR EB 111 -29.14 -110.43 -27.94
CA TYR EB 111 -30.17 -109.69 -28.64
C TYR EB 111 -29.92 -108.18 -28.59
N PRO EB 112 -28.86 -107.69 -29.25
CA PRO EB 112 -28.48 -106.31 -29.32
C PRO EB 112 -29.55 -105.59 -30.09
N GLN EB 113 -29.75 -104.33 -29.74
CA GLN EB 113 -30.77 -103.47 -30.31
C GLN EB 113 -32.21 -103.83 -29.89
N LEU EB 114 -32.39 -104.85 -29.03
CA LEU EB 114 -33.74 -105.17 -28.56
C LEU EB 114 -34.28 -104.03 -27.72
N ALA EB 115 -35.46 -103.53 -28.06
CA ALA EB 115 -36.04 -102.44 -27.30
C ALA EB 115 -36.96 -102.96 -26.23
N TYR EB 116 -36.60 -102.76 -24.97
CA TYR EB 116 -37.40 -103.27 -23.87
C TYR EB 116 -37.33 -102.36 -22.66
N TYR EB 117 -38.20 -102.63 -21.68
CA TYR EB 117 -38.31 -101.79 -20.50
C TYR EB 117 -37.77 -102.43 -19.23
N ARG EB 118 -38.56 -103.27 -18.60
CA ARG EB 118 -38.14 -103.85 -17.34
C ARG EB 118 -38.87 -105.15 -17.04
N ILE EB 119 -38.18 -106.06 -16.38
CA ILE EB 119 -38.80 -107.31 -16.00
C ILE EB 119 -39.45 -107.19 -14.63
N HIS EB 120 -40.73 -107.53 -14.56
CA HIS EB 120 -41.49 -107.46 -13.34
C HIS EB 120 -41.54 -108.85 -12.75
N PHE EB 121 -40.80 -109.05 -11.69
CA PHE EB 121 -40.70 -110.37 -11.13
C PHE EB 121 -41.92 -110.77 -10.32
N ASP EB 122 -42.46 -109.84 -9.53
CA ASP EB 122 -43.68 -110.02 -8.71
C ASP EB 122 -43.90 -111.46 -8.25
N GLU EB 123 -44.54 -112.27 -9.11
CA GLU EB 123 -44.77 -113.68 -8.83
C GLU EB 123 -43.66 -114.52 -9.48
N PRO EB 124 -42.55 -114.74 -8.77
CA PRO EB 124 -41.34 -115.47 -9.22
C PRO EB 124 -41.54 -116.43 -10.39
N ARG EB 125 -42.51 -117.31 -10.26
CA ARG EB 125 -42.86 -118.34 -11.23
C ARG EB 125 -43.08 -117.84 -12.65
N LYS EB 126 -43.75 -116.70 -12.77
CA LYS EB 126 -44.09 -116.14 -14.06
C LYS EB 126 -43.85 -114.64 -14.13
N PRO EB 127 -42.60 -114.20 -14.29
CA PRO EB 127 -42.18 -112.82 -14.39
C PRO EB 127 -42.67 -112.27 -15.72
N VAL EB 128 -42.92 -110.98 -15.74
CA VAL EB 128 -43.43 -110.32 -16.93
C VAL EB 128 -42.37 -109.47 -17.58
N PHE EB 129 -42.21 -109.63 -18.87
CA PHE EB 129 -41.19 -108.91 -19.60
C PHE EB 129 -41.80 -107.80 -20.44
N TRP EB 130 -41.59 -106.54 -20.07
CA TRP EB 130 -42.13 -105.48 -20.91
C TRP EB 130 -41.22 -105.21 -22.10
N LEU EB 131 -41.82 -105.26 -23.28
CA LEU EB 131 -41.14 -105.13 -24.57
C LEU EB 131 -41.73 -103.96 -25.36
N SER EB 132 -40.91 -103.15 -26.02
CA SER EB 132 -41.46 -102.02 -26.77
C SER EB 132 -42.29 -102.47 -27.96
N ARG EB 133 -43.60 -102.26 -27.87
CA ARG EB 133 -44.53 -102.64 -28.93
C ARG EB 133 -44.22 -101.98 -30.26
N GLN EB 134 -43.92 -100.70 -30.21
CA GLN EB 134 -43.70 -99.93 -31.42
C GLN EB 134 -42.32 -100.07 -32.03
N ARG EB 135 -41.28 -100.22 -31.21
CA ARG EB 135 -39.94 -100.32 -31.78
C ARG EB 135 -39.53 -101.72 -32.23
N ASN EB 136 -40.12 -102.76 -31.67
CA ASN EB 136 -39.74 -104.10 -32.09
C ASN EB 136 -40.64 -104.65 -33.17
N THR EB 137 -40.02 -105.35 -34.12
CA THR EB 137 -40.74 -105.93 -35.25
C THR EB 137 -40.55 -107.44 -35.32
N MET EB 138 -40.25 -108.05 -34.16
CA MET EB 138 -40.04 -109.50 -34.10
C MET EB 138 -41.32 -110.27 -34.39
N SER EB 139 -41.17 -111.43 -35.02
CA SER EB 139 -42.32 -112.26 -35.33
C SER EB 139 -42.71 -113.03 -34.10
N LYS EB 140 -43.92 -113.58 -34.12
CA LYS EB 140 -44.42 -114.37 -33.00
C LYS EB 140 -43.48 -115.52 -32.67
N LYS EB 141 -42.96 -116.17 -33.71
CA LYS EB 141 -42.05 -117.29 -33.53
C LYS EB 141 -40.76 -116.85 -32.89
N GLU EB 142 -40.27 -115.69 -33.32
CA GLU EB 142 -39.05 -115.15 -32.75
C GLU EB 142 -39.25 -114.82 -31.29
N LEU EB 143 -40.42 -114.29 -30.94
CA LEU EB 143 -40.74 -113.98 -29.56
C LEU EB 143 -40.81 -115.23 -28.73
N GLU EB 144 -41.32 -116.33 -29.31
CA GLU EB 144 -41.32 -117.61 -28.61
C GLU EB 144 -39.92 -117.98 -28.18
N VAL EB 145 -39.01 -117.93 -29.14
CA VAL EB 145 -37.61 -118.26 -28.91
C VAL EB 145 -37.01 -117.38 -27.82
N LEU EB 146 -37.28 -116.08 -27.92
CA LEU EB 146 -36.81 -115.13 -26.93
C LEU EB 146 -37.23 -115.53 -25.53
N SER EB 147 -38.52 -115.85 -25.35
CA SER EB 147 -38.99 -116.24 -24.02
C SER EB 147 -38.32 -117.50 -23.54
N GLN EB 148 -38.00 -118.40 -24.46
CA GLN EB 148 -37.33 -119.63 -24.09
C GLN EB 148 -35.93 -119.37 -23.59
N LYS EB 149 -35.25 -118.39 -24.20
CA LYS EB 149 -33.92 -118.05 -23.76
C LYS EB 149 -33.97 -117.42 -22.38
N LEU EB 150 -35.01 -116.63 -22.14
CA LEU EB 150 -35.19 -116.01 -20.86
C LEU EB 150 -35.47 -117.06 -19.79
N ARG EB 151 -36.22 -118.10 -20.16
CA ARG EB 151 -36.50 -119.19 -19.23
C ARG EB 151 -35.19 -119.86 -18.83
N ALA EB 152 -34.29 -120.03 -19.80
CA ALA EB 152 -32.98 -120.61 -19.52
C ALA EB 152 -32.22 -119.75 -18.53
N LEU EB 153 -32.33 -118.42 -18.66
CA LEU EB 153 -31.65 -117.51 -17.75
C LEU EB 153 -32.20 -117.53 -16.33
N MET EB 154 -33.47 -117.94 -16.17
CA MET EB 154 -34.13 -118.00 -14.87
C MET EB 154 -34.54 -119.43 -14.45
N PRO EB 155 -33.64 -120.19 -13.81
CA PRO EB 155 -33.76 -121.57 -13.31
C PRO EB 155 -35.01 -121.85 -12.49
N TYR EB 156 -35.53 -120.82 -11.82
CA TYR EB 156 -36.72 -120.99 -11.01
C TYR EB 156 -38.02 -120.75 -11.77
N ALA EB 157 -38.01 -119.71 -12.59
CA ALA EB 157 -39.20 -119.34 -13.36
C ALA EB 157 -39.66 -120.50 -14.20
N ASP EB 158 -40.97 -120.68 -14.28
CA ASP EB 158 -41.52 -121.76 -15.06
C ASP EB 158 -41.75 -121.30 -16.47
N SER EB 159 -42.15 -120.05 -16.62
CA SER EB 159 -42.36 -119.48 -17.95
C SER EB 159 -42.18 -117.99 -17.90
N VAL EB 160 -42.06 -117.37 -19.06
CA VAL EB 160 -41.90 -115.92 -19.12
C VAL EB 160 -43.01 -115.29 -19.91
N ASN EB 161 -43.65 -114.29 -19.33
CA ASN EB 161 -44.74 -113.63 -20.01
C ASN EB 161 -44.28 -112.37 -20.70
N ILE EB 162 -43.88 -112.49 -21.96
CA ILE EB 162 -43.48 -111.32 -22.71
C ILE EB 162 -44.70 -110.60 -23.21
N THR EB 163 -44.74 -109.30 -22.97
CA THR EB 163 -45.87 -108.50 -23.41
C THR EB 163 -45.38 -107.19 -23.96
N LEU EB 164 -46.11 -106.67 -24.93
CA LEU EB 164 -45.72 -105.47 -25.62
C LEU EB 164 -46.40 -104.23 -25.06
N MET EB 165 -45.60 -103.21 -24.75
CA MET EB 165 -46.08 -101.96 -24.17
C MET EB 165 -46.00 -100.81 -25.16
N ASP EB 166 -46.93 -99.88 -25.07
CA ASP EB 166 -46.92 -98.75 -25.99
C ASP EB 166 -46.08 -97.59 -25.47
N ASP EB 167 -44.99 -97.31 -26.18
CA ASP EB 167 -44.03 -96.25 -25.85
C ASP EB 167 -44.68 -94.91 -25.52
N VAL EB 168 -45.79 -94.61 -26.19
CA VAL EB 168 -46.51 -93.37 -25.98
C VAL EB 168 -47.07 -93.26 -24.58
N THR EB 169 -47.58 -94.37 -24.06
CA THR EB 169 -48.18 -94.32 -22.75
C THR EB 169 -47.12 -94.21 -21.68
N ALA EB 170 -45.94 -94.74 -21.96
CA ALA EB 170 -44.84 -94.61 -21.01
C ALA EB 170 -44.47 -93.14 -20.87
N ALA EB 171 -44.29 -92.48 -22.01
CA ALA EB 171 -43.94 -91.06 -22.03
C ALA EB 171 -45.05 -90.22 -21.45
N GLY EB 172 -46.29 -90.56 -21.78
CA GLY EB 172 -47.45 -89.81 -21.31
C GLY EB 172 -47.52 -89.78 -19.81
N GLN EB 173 -47.32 -90.93 -19.17
CA GLN EB 173 -47.35 -90.99 -17.72
C GLN EB 173 -46.22 -90.20 -17.10
N ALA EB 174 -45.03 -90.30 -17.69
CA ALA EB 174 -43.88 -89.57 -17.18
C ALA EB 174 -44.17 -88.08 -17.11
N GLU EB 175 -44.65 -87.52 -18.21
CA GLU EB 175 -44.90 -86.10 -18.23
C GLU EB 175 -46.10 -85.69 -17.40
N ALA EB 176 -47.17 -86.49 -17.46
CA ALA EB 176 -48.39 -86.16 -16.73
C ALA EB 176 -48.14 -86.03 -15.24
N GLY EB 177 -47.47 -87.00 -14.65
CA GLY EB 177 -47.19 -86.95 -13.23
C GLY EB 177 -46.26 -85.79 -12.89
N LEU EB 178 -45.26 -85.58 -13.75
CA LEU EB 178 -44.29 -84.52 -13.57
C LEU EB 178 -44.96 -83.16 -13.48
N LYS EB 179 -45.88 -82.88 -14.41
CA LYS EB 179 -46.57 -81.61 -14.38
C LYS EB 179 -47.66 -81.57 -13.31
N GLN EB 180 -48.19 -82.73 -12.90
CA GLN EB 180 -49.17 -82.77 -11.80
C GLN EB 180 -48.55 -82.23 -10.53
N GLN EB 181 -47.28 -82.58 -10.32
CA GLN EB 181 -46.51 -82.12 -9.17
C GLN EB 181 -46.13 -80.62 -9.24
N ALA EB 182 -46.53 -79.93 -10.31
CA ALA EB 182 -46.26 -78.52 -10.54
C ALA EB 182 -44.78 -78.25 -10.69
N LEU EB 183 -44.06 -79.19 -11.27
CA LEU EB 183 -42.63 -79.03 -11.46
C LEU EB 183 -42.35 -78.42 -12.81
N PRO EB 184 -41.34 -77.56 -12.91
CA PRO EB 184 -40.84 -76.94 -14.11
C PRO EB 184 -39.99 -77.95 -14.85
N TYR EB 185 -40.07 -77.99 -16.15
CA TYR EB 185 -39.26 -78.93 -16.91
C TYR EB 185 -39.26 -78.61 -18.37
N SER EB 186 -38.38 -79.28 -19.10
CA SER EB 186 -38.36 -79.14 -20.53
C SER EB 186 -38.13 -80.51 -21.16
N ARG EB 187 -39.08 -80.94 -21.96
CA ARG EB 187 -39.05 -82.24 -22.60
C ARG EB 187 -38.11 -82.29 -23.79
N ARG EB 188 -37.43 -83.43 -23.93
CA ARG EB 188 -36.48 -83.66 -25.01
C ARG EB 188 -36.78 -84.93 -25.78
N ASN EB 189 -37.61 -84.84 -26.80
CA ASN EB 189 -37.90 -86.01 -27.60
C ASN EB 189 -36.76 -86.27 -28.55
N HIS EB 190 -36.36 -87.52 -28.66
CA HIS EB 190 -35.33 -87.87 -29.63
C HIS EB 190 -35.55 -89.28 -30.09
N LYS EB 191 -34.90 -89.67 -31.17
CA LYS EB 191 -35.11 -91.01 -31.65
C LYS EB 191 -34.64 -92.00 -30.60
N GLY EB 192 -35.52 -92.89 -30.20
CA GLY EB 192 -35.18 -93.92 -29.23
C GLY EB 192 -35.48 -93.56 -27.77
N GLY EB 193 -35.92 -92.34 -27.47
CA GLY EB 193 -36.21 -92.03 -26.07
C GLY EB 193 -36.64 -90.60 -25.80
N VAL EB 194 -36.76 -90.27 -24.53
CA VAL EB 194 -37.14 -88.92 -24.15
C VAL EB 194 -36.52 -88.53 -22.82
N THR EB 195 -36.02 -87.30 -22.74
CA THR EB 195 -35.41 -86.81 -21.52
C THR EB 195 -36.13 -85.59 -20.95
N PHE EB 196 -36.35 -85.59 -19.65
CA PHE EB 196 -37.02 -84.48 -18.98
C PHE EB 196 -36.05 -83.68 -18.15
N VAL EB 197 -35.72 -82.50 -18.64
CA VAL EB 197 -34.75 -81.63 -18.03
C VAL EB 197 -35.36 -80.69 -17.00
N ILE EB 198 -34.83 -80.72 -15.79
CA ILE EB 198 -35.30 -79.84 -14.73
C ILE EB 198 -34.18 -78.97 -14.22
N GLN EB 199 -34.16 -77.70 -14.61
CA GLN EB 199 -33.09 -76.80 -14.21
C GLN EB 199 -33.57 -75.61 -13.41
N GLY EB 200 -32.61 -74.87 -12.88
CA GLY EB 200 -32.88 -73.67 -12.11
C GLY EB 200 -32.78 -73.93 -10.62
N ALA EB 201 -32.93 -72.88 -9.83
CA ALA EB 201 -32.91 -73.04 -8.40
C ALA EB 201 -34.21 -73.67 -7.97
N LEU EB 202 -34.15 -74.58 -7.01
CA LEU EB 202 -35.36 -75.26 -6.60
C LEU EB 202 -35.67 -75.11 -5.12
N ASP EB 203 -36.94 -75.00 -4.82
CA ASP EB 203 -37.45 -74.93 -3.45
C ASP EB 203 -37.34 -76.30 -2.83
N ASP EB 204 -36.93 -76.38 -1.59
CA ASP EB 204 -36.80 -77.67 -0.91
C ASP EB 204 -38.05 -78.55 -1.01
N VAL EB 205 -39.22 -77.92 -1.08
CA VAL EB 205 -40.45 -78.66 -1.17
C VAL EB 205 -40.58 -79.33 -2.53
N GLU EB 206 -40.35 -78.57 -3.60
CA GLU EB 206 -40.44 -79.15 -4.93
C GLU EB 206 -39.31 -80.12 -5.20
N ILE EB 207 -38.19 -79.99 -4.50
CA ILE EB 207 -37.12 -80.96 -4.65
C ILE EB 207 -37.58 -82.31 -4.14
N LEU EB 208 -38.18 -82.32 -2.96
CA LEU EB 208 -38.70 -83.55 -2.39
C LEU EB 208 -39.71 -84.20 -3.31
N ARG EB 209 -40.68 -83.41 -3.77
CA ARG EB 209 -41.70 -83.91 -4.66
C ARG EB 209 -41.14 -84.50 -5.93
N ALA EB 210 -40.15 -83.82 -6.50
CA ALA EB 210 -39.54 -84.29 -7.74
C ALA EB 210 -38.93 -85.65 -7.57
N ARG EB 211 -38.13 -85.83 -6.52
CA ARG EB 211 -37.51 -87.12 -6.33
C ARG EB 211 -38.50 -88.23 -6.11
N GLN EB 212 -39.53 -87.98 -5.30
CA GLN EB 212 -40.52 -89.01 -5.04
C GLN EB 212 -41.14 -89.51 -6.32
N PHE EB 213 -41.52 -88.58 -7.20
CA PHE EB 213 -42.08 -88.93 -8.48
C PHE EB 213 -41.14 -89.75 -9.34
N VAL EB 214 -39.91 -89.27 -9.47
CA VAL EB 214 -38.93 -89.94 -10.30
C VAL EB 214 -38.65 -91.34 -9.85
N ASP EB 215 -38.46 -91.53 -8.55
CA ASP EB 215 -38.19 -92.86 -8.03
C ASP EB 215 -39.32 -93.83 -8.36
N SER EB 216 -40.56 -93.39 -8.23
CA SER EB 216 -41.68 -94.25 -8.54
C SER EB 216 -41.77 -94.60 -10.01
N TYR EB 217 -41.53 -93.62 -10.88
CA TYR EB 217 -41.58 -93.88 -12.30
C TYR EB 217 -40.53 -94.91 -12.69
N TYR EB 218 -39.33 -94.71 -12.17
CA TYR EB 218 -38.25 -95.63 -12.41
C TYR EB 218 -38.60 -97.03 -11.96
N ARG EB 219 -39.07 -97.15 -10.73
CA ARG EB 219 -39.46 -98.44 -10.18
C ARG EB 219 -40.41 -99.19 -11.09
N THR EB 220 -41.38 -98.49 -11.66
CA THR EB 220 -42.34 -99.13 -12.55
C THR EB 220 -41.81 -99.41 -13.95
N TRP EB 221 -41.52 -98.35 -14.69
CA TRP EB 221 -41.11 -98.49 -16.07
C TRP EB 221 -39.63 -98.75 -16.29
N GLY EB 222 -38.80 -98.22 -15.42
CA GLY EB 222 -37.36 -98.36 -15.59
C GLY EB 222 -36.83 -97.15 -16.35
N GLY EB 223 -35.50 -97.02 -16.42
CA GLY EB 223 -34.90 -95.86 -17.07
C GLY EB 223 -34.33 -96.10 -18.46
N ARG EB 224 -34.92 -97.00 -19.23
CA ARG EB 224 -34.39 -97.27 -20.56
C ARG EB 224 -35.02 -96.44 -21.67
N TYR EB 225 -36.14 -95.80 -21.39
CA TYR EB 225 -36.81 -94.99 -22.39
C TYR EB 225 -36.92 -93.57 -21.90
N VAL EB 226 -37.41 -93.41 -20.68
CA VAL EB 226 -37.54 -92.10 -20.07
C VAL EB 226 -36.40 -91.81 -19.14
N GLN EB 227 -35.70 -90.72 -19.39
CA GLN EB 227 -34.58 -90.30 -18.58
C GLN EB 227 -34.87 -88.97 -17.92
N PHE EB 228 -34.74 -88.88 -16.61
CA PHE EB 228 -34.97 -87.61 -15.94
C PHE EB 228 -33.63 -86.96 -15.65
N ALA EB 229 -33.62 -85.63 -15.62
CA ALA EB 229 -32.37 -84.91 -15.40
C ALA EB 229 -32.54 -83.72 -14.48
N ILE EB 230 -32.46 -83.98 -13.18
CA ILE EB 230 -32.58 -82.92 -12.19
C ILE EB 230 -31.25 -82.20 -12.01
N GLU EB 231 -31.24 -80.90 -12.26
CA GLU EB 231 -30.03 -80.11 -12.16
C GLU EB 231 -30.24 -78.85 -11.34
N LEU EB 232 -29.82 -78.91 -10.09
CA LEU EB 232 -29.94 -77.79 -9.17
C LEU EB 232 -28.91 -76.72 -9.49
N LYS EB 233 -29.36 -75.59 -10.04
CA LYS EB 233 -28.45 -74.53 -10.47
C LYS EB 233 -28.86 -73.14 -10.03
N ASP EB 234 -27.90 -72.22 -9.99
CA ASP EB 234 -28.18 -70.83 -9.64
C ASP EB 234 -28.75 -70.06 -10.81
N ASP EB 235 -29.62 -69.10 -10.48
CA ASP EB 235 -30.26 -68.25 -11.48
C ASP EB 235 -29.78 -66.81 -11.33
N ASP FB 3 -32.70 -110.79 30.51
CA ASP FB 3 -31.82 -110.26 31.55
C ASP FB 3 -30.56 -109.64 30.95
N LYS FB 4 -30.75 -108.57 30.19
CA LYS FB 4 -29.61 -107.91 29.57
C LYS FB 4 -29.44 -106.49 30.07
N ASP FB 5 -28.18 -106.06 30.17
CA ASP FB 5 -27.91 -104.70 30.59
C ASP FB 5 -28.00 -103.78 29.38
N LEU FB 6 -28.79 -102.72 29.50
CA LEU FB 6 -28.94 -101.80 28.39
C LEU FB 6 -28.19 -100.50 28.67
N LEU FB 7 -28.60 -99.81 29.75
CA LEU FB 7 -27.94 -98.55 30.12
C LEU FB 7 -27.49 -98.53 31.58
N LYS FB 8 -26.42 -97.79 31.86
CA LYS FB 8 -25.90 -97.68 33.22
C LYS FB 8 -25.46 -96.26 33.56
N GLY FB 9 -25.56 -95.90 34.84
CA GLY FB 9 -25.09 -94.59 35.27
C GLY FB 9 -26.02 -93.45 34.89
N LEU FB 10 -27.30 -93.76 34.73
CA LEU FB 10 -28.25 -92.75 34.33
C LEU FB 10 -28.68 -91.90 35.50
N ASP FB 11 -29.03 -90.66 35.22
CA ASP FB 11 -29.55 -89.87 36.31
C ASP FB 11 -31.04 -90.15 36.35
N GLN FB 12 -31.74 -89.55 37.30
CA GLN FB 12 -33.14 -89.81 37.47
C GLN FB 12 -34.00 -89.48 36.26
N GLU FB 13 -33.81 -88.28 35.71
CA GLU FB 13 -34.57 -87.83 34.55
C GLU FB 13 -34.41 -88.72 33.35
N GLN FB 14 -33.16 -89.00 33.01
CA GLN FB 14 -32.81 -89.84 31.88
C GLN FB 14 -33.42 -91.20 32.00
N ALA FB 15 -33.31 -91.79 33.18
CA ALA FB 15 -33.83 -93.12 33.40
C ALA FB 15 -35.31 -93.18 33.12
N ASN FB 16 -36.07 -92.24 33.66
CA ASN FB 16 -37.50 -92.26 33.44
C ASN FB 16 -37.89 -91.98 31.99
N GLU FB 17 -37.11 -91.14 31.31
CA GLU FB 17 -37.42 -90.84 29.92
C GLU FB 17 -37.21 -92.03 29.01
N VAL FB 18 -36.10 -92.73 29.19
CA VAL FB 18 -35.81 -93.90 28.38
C VAL FB 18 -36.86 -94.96 28.56
N ILE FB 19 -37.24 -95.19 29.81
CA ILE FB 19 -38.25 -96.16 30.12
C ILE FB 19 -39.56 -95.85 29.44
N ALA FB 20 -39.96 -94.59 29.48
CA ALA FB 20 -41.19 -94.18 28.83
C ALA FB 20 -41.23 -94.61 27.38
N VAL FB 21 -40.13 -94.38 26.66
CA VAL FB 21 -40.04 -94.76 25.26
C VAL FB 21 -40.16 -96.26 25.05
N LEU FB 22 -39.44 -97.03 25.86
CA LEU FB 22 -39.48 -98.47 25.72
C LEU FB 22 -40.87 -99.02 25.94
N GLN FB 23 -41.57 -98.50 26.93
CA GLN FB 23 -42.92 -98.95 27.21
C GLN FB 23 -43.84 -98.61 26.07
N MET FB 24 -43.68 -97.42 25.52
CA MET FB 24 -44.47 -96.99 24.37
C MET FB 24 -44.34 -97.96 23.21
N HIS FB 25 -43.16 -98.55 23.04
CA HIS FB 25 -42.95 -99.52 21.98
C HIS FB 25 -43.09 -100.97 22.43
N ASN FB 26 -43.84 -101.19 23.50
CA ASN FB 26 -44.13 -102.53 24.00
C ASN FB 26 -42.94 -103.28 24.55
N ILE FB 27 -42.10 -102.60 25.33
CA ILE FB 27 -40.96 -103.23 25.98
C ILE FB 27 -40.94 -102.96 27.48
N GLU FB 28 -40.98 -104.02 28.28
CA GLU FB 28 -40.87 -103.88 29.73
C GLU FB 28 -39.44 -103.51 30.09
N ALA FB 29 -39.27 -102.71 31.14
CA ALA FB 29 -37.93 -102.31 31.54
C ALA FB 29 -37.81 -102.17 33.05
N ASN FB 30 -36.65 -102.53 33.56
CA ASN FB 30 -36.40 -102.45 34.99
C ASN FB 30 -35.53 -101.27 35.31
N LYS FB 31 -35.89 -100.50 36.34
CA LYS FB 31 -35.04 -99.41 36.79
C LYS FB 31 -34.35 -99.82 38.06
N ILE FB 32 -33.03 -99.92 38.01
CA ILE FB 32 -32.27 -100.36 39.16
C ILE FB 32 -31.49 -99.24 39.81
N ASP FB 33 -31.77 -99.03 41.08
CA ASP FB 33 -31.09 -98.00 41.87
C ASP FB 33 -29.81 -98.53 42.47
N SER FB 34 -28.67 -98.06 41.95
CA SER FB 34 -27.36 -98.48 42.45
C SER FB 34 -26.71 -97.41 43.31
N GLY FB 35 -27.53 -96.56 43.93
CA GLY FB 35 -27.05 -95.53 44.83
C GLY FB 35 -26.26 -94.48 44.09
N LYS FB 36 -25.06 -94.20 44.60
CA LYS FB 36 -24.16 -93.21 44.03
C LYS FB 36 -23.75 -93.50 42.61
N LEU FB 37 -23.95 -94.73 42.15
CA LEU FB 37 -23.57 -95.08 40.80
C LEU FB 37 -24.66 -94.78 39.79
N GLY FB 38 -25.83 -94.31 40.24
CA GLY FB 38 -26.90 -93.94 39.33
C GLY FB 38 -27.86 -95.07 39.05
N TYR FB 39 -28.63 -94.92 37.98
CA TYR FB 39 -29.63 -95.91 37.61
C TYR FB 39 -29.20 -96.77 36.45
N SER FB 40 -29.68 -98.00 36.45
CA SER FB 40 -29.41 -98.90 35.37
C SER FB 40 -30.70 -99.44 34.79
N ILE FB 41 -30.73 -99.62 33.49
CA ILE FB 41 -31.91 -100.14 32.83
C ILE FB 41 -31.64 -101.49 32.22
N THR FB 42 -32.45 -102.47 32.59
CA THR FB 42 -32.30 -103.80 32.04
C THR FB 42 -33.58 -104.28 31.40
N VAL FB 43 -33.44 -105.17 30.42
CA VAL FB 43 -34.60 -105.68 29.69
C VAL FB 43 -34.54 -107.19 29.49
N ALA FB 44 -35.69 -107.76 29.16
CA ALA FB 44 -35.76 -109.18 28.88
C ALA FB 44 -35.01 -109.47 27.59
N GLU FB 45 -34.28 -110.58 27.57
CA GLU FB 45 -33.50 -110.97 26.41
C GLU FB 45 -34.29 -111.00 25.09
N PRO FB 46 -35.54 -111.47 25.05
CA PRO FB 46 -36.43 -111.47 23.89
C PRO FB 46 -36.64 -110.08 23.29
N ASP FB 47 -36.61 -109.04 24.12
CA ASP FB 47 -36.84 -107.68 23.67
C ASP FB 47 -35.54 -106.94 23.40
N PHE FB 48 -34.47 -107.38 24.03
CA PHE FB 48 -33.17 -106.73 23.92
C PHE FB 48 -32.78 -106.21 22.55
N THR FB 49 -33.01 -106.98 21.49
CA THR FB 49 -32.65 -106.52 20.15
C THR FB 49 -33.43 -105.28 19.77
N ALA FB 50 -34.72 -105.32 20.00
CA ALA FB 50 -35.60 -104.20 19.70
C ALA FB 50 -35.25 -103.01 20.57
N ALA FB 51 -34.96 -103.27 21.84
CA ALA FB 51 -34.62 -102.22 22.78
C ALA FB 51 -33.43 -101.43 22.28
N VAL FB 52 -32.39 -102.14 21.83
CA VAL FB 52 -31.21 -101.49 21.29
C VAL FB 52 -31.56 -100.63 20.10
N TYR FB 53 -32.36 -101.17 19.20
CA TYR FB 53 -32.78 -100.41 18.04
C TYR FB 53 -33.40 -99.08 18.41
N TRP FB 54 -34.30 -99.10 19.40
CA TRP FB 54 -34.97 -97.87 19.80
C TRP FB 54 -34.05 -96.90 20.54
N ILE FB 55 -33.07 -97.40 21.29
CA ILE FB 55 -32.10 -96.51 21.94
C ILE FB 55 -31.37 -95.70 20.90
N LYS FB 56 -31.02 -96.36 19.81
CA LYS FB 56 -30.39 -95.69 18.70
C LYS FB 56 -31.33 -94.68 18.07
N THR FB 57 -32.51 -95.15 17.68
CA THR FB 57 -33.51 -94.33 17.01
C THR FB 57 -33.83 -93.03 17.70
N TYR FB 58 -34.01 -93.07 19.02
CA TYR FB 58 -34.36 -91.88 19.77
C TYR FB 58 -33.21 -91.17 20.45
N GLN FB 59 -31.97 -91.41 20.02
CA GLN FB 59 -30.82 -90.71 20.62
C GLN FB 59 -30.82 -90.81 22.14
N LEU FB 60 -30.97 -92.00 22.69
CA LEU FB 60 -31.02 -92.15 24.13
C LEU FB 60 -29.70 -92.61 24.72
N PRO FB 61 -29.44 -92.25 25.98
CA PRO FB 61 -30.20 -91.44 26.91
C PRO FB 61 -30.10 -89.96 26.53
N PRO FB 62 -31.08 -89.15 26.91
CA PRO FB 62 -31.24 -87.72 26.64
C PRO FB 62 -30.09 -86.87 27.14
N ARG FB 63 -29.80 -85.81 26.42
CA ARG FB 63 -28.79 -84.85 26.83
C ARG FB 63 -29.46 -83.85 27.76
N PRO FB 64 -28.70 -83.10 28.54
CA PRO FB 64 -29.15 -82.03 29.42
C PRO FB 64 -29.60 -80.85 28.58
N ARG FB 65 -30.57 -80.10 29.09
CA ARG FB 65 -31.12 -78.98 28.34
C ARG FB 65 -30.17 -77.80 28.25
N VAL FB 66 -30.03 -77.27 27.04
CA VAL FB 66 -29.13 -76.15 26.78
C VAL FB 66 -29.81 -74.81 26.83
N GLU FB 67 -29.25 -73.93 27.65
CA GLU FB 67 -29.74 -72.58 27.85
C GLU FB 67 -28.56 -71.64 27.67
N ILE FB 68 -28.81 -70.47 27.08
CA ILE FB 68 -27.72 -69.56 26.73
C ILE FB 68 -26.87 -69.09 27.89
N ALA FB 69 -27.49 -68.78 29.02
CA ALA FB 69 -26.77 -68.30 30.20
C ALA FB 69 -25.74 -69.29 30.72
N GLN FB 70 -25.84 -70.55 30.34
CA GLN FB 70 -24.90 -71.54 30.82
C GLN FB 70 -23.50 -71.30 30.30
N MET FB 71 -23.37 -70.52 29.23
CA MET FB 71 -22.07 -70.23 28.67
C MET FB 71 -21.53 -68.85 28.98
N PHE FB 72 -22.20 -68.12 29.86
CA PHE FB 72 -21.72 -66.80 30.24
C PHE FB 72 -21.99 -66.60 31.71
N PRO FB 73 -21.32 -67.36 32.58
CA PRO FB 73 -21.49 -67.46 34.03
C PRO FB 73 -21.05 -66.22 34.78
N ALA FB 74 -21.72 -65.96 35.90
CA ALA FB 74 -21.45 -64.82 36.78
C ALA FB 74 -20.16 -65.00 37.55
N ASP FB 75 -19.61 -66.20 37.53
CA ASP FB 75 -18.37 -66.50 38.21
C ASP FB 75 -17.18 -65.81 37.57
N SER FB 76 -17.33 -65.30 36.34
CA SER FB 76 -16.23 -64.61 35.71
C SER FB 76 -15.85 -63.36 36.47
N LEU FB 77 -14.56 -63.12 36.55
CA LEU FB 77 -14.02 -61.97 37.25
C LEU FB 77 -14.36 -60.66 36.57
N VAL FB 78 -14.57 -60.73 35.26
CA VAL FB 78 -14.90 -59.56 34.46
C VAL FB 78 -16.11 -59.87 33.60
N SER FB 79 -16.71 -58.84 33.04
CA SER FB 79 -17.87 -59.03 32.18
C SER FB 79 -17.80 -58.06 31.03
N SER FB 80 -18.70 -58.25 30.08
CA SER FB 80 -18.78 -57.38 28.93
C SER FB 80 -20.22 -57.18 28.59
N PRO FB 81 -20.58 -56.08 27.95
CA PRO FB 81 -21.90 -55.73 27.48
C PRO FB 81 -22.51 -56.86 26.71
N ARG FB 82 -21.69 -57.50 25.89
CA ARG FB 82 -22.12 -58.62 25.09
C ARG FB 82 -22.60 -59.74 25.96
N ALA FB 83 -21.77 -60.12 26.93
CA ALA FB 83 -22.13 -61.21 27.82
C ALA FB 83 -23.34 -60.89 28.66
N GLU FB 84 -23.39 -59.68 29.20
CA GLU FB 84 -24.49 -59.30 30.08
C GLU FB 84 -25.82 -59.27 29.37
N LYS FB 85 -25.84 -58.74 28.14
CA LYS FB 85 -27.08 -58.69 27.40
C LYS FB 85 -27.55 -60.10 27.09
N ALA FB 86 -26.62 -60.99 26.76
CA ALA FB 86 -26.96 -62.38 26.48
C ALA FB 86 -27.58 -63.04 27.70
N ARG FB 87 -26.97 -62.81 28.87
CA ARG FB 87 -27.47 -63.39 30.10
C ARG FB 87 -28.89 -62.99 30.36
N LEU FB 88 -29.19 -61.71 30.17
CA LEU FB 88 -30.53 -61.23 30.38
C LEU FB 88 -31.55 -61.92 29.48
N TYR FB 89 -31.25 -61.99 28.18
CA TYR FB 89 -32.18 -62.61 27.26
C TYR FB 89 -32.44 -64.05 27.60
N SER FB 90 -31.41 -64.76 28.06
CA SER FB 90 -31.57 -66.14 28.43
C SER FB 90 -32.62 -66.28 29.52
N ALA FB 91 -32.51 -65.43 30.54
CA ALA FB 91 -33.45 -65.44 31.64
C ALA FB 91 -34.86 -65.13 31.16
N ILE FB 92 -34.98 -64.17 30.26
CA ILE FB 92 -36.28 -63.79 29.74
C ILE FB 92 -36.95 -64.94 29.02
N GLU FB 93 -36.22 -65.68 28.18
CA GLU FB 93 -36.85 -66.81 27.50
C GLU FB 93 -37.37 -67.80 28.51
N GLN FB 94 -36.58 -68.08 29.54
CA GLN FB 94 -37.00 -69.03 30.56
C GLN FB 94 -38.25 -68.58 31.26
N ARG FB 95 -38.33 -67.29 31.56
CA ARG FB 95 -39.44 -66.74 32.28
C ARG FB 95 -40.70 -66.78 31.43
N LEU FB 96 -40.57 -66.54 30.13
CA LEU FB 96 -41.72 -66.64 29.24
C LEU FB 96 -42.22 -68.07 29.13
N GLU FB 97 -41.31 -69.05 29.15
CA GLU FB 97 -41.74 -70.44 29.11
C GLU FB 97 -42.52 -70.79 30.35
N GLN FB 98 -42.04 -70.29 31.50
CA GLN FB 98 -42.73 -70.54 32.76
C GLN FB 98 -44.14 -70.00 32.71
N SER FB 99 -44.34 -68.86 32.06
CA SER FB 99 -45.67 -68.27 31.95
C SER FB 99 -46.60 -69.03 31.02
N LEU FB 100 -46.13 -69.40 29.83
CA LEU FB 100 -47.03 -70.07 28.89
C LEU FB 100 -47.51 -71.40 29.38
N GLN FB 101 -46.68 -72.09 30.16
CA GLN FB 101 -47.08 -73.39 30.67
C GLN FB 101 -48.16 -73.32 31.76
N THR FB 102 -48.57 -72.12 32.17
CA THR FB 102 -49.63 -71.99 33.15
C THR FB 102 -50.96 -71.68 32.48
N MET FB 103 -50.96 -71.48 31.15
CA MET FB 103 -52.21 -71.20 30.47
C MET FB 103 -53.06 -72.44 30.39
N GLU FB 104 -54.37 -72.23 30.43
CA GLU FB 104 -55.33 -73.31 30.37
C GLU FB 104 -55.17 -74.19 29.15
N GLY FB 105 -55.01 -75.48 29.38
CA GLY FB 105 -54.90 -76.45 28.30
C GLY FB 105 -53.48 -76.67 27.82
N VAL FB 106 -52.51 -75.88 28.30
CA VAL FB 106 -51.15 -76.06 27.84
C VAL FB 106 -50.41 -77.05 28.70
N LEU FB 107 -49.84 -78.06 28.06
CA LEU FB 107 -49.10 -79.10 28.74
C LEU FB 107 -47.62 -78.79 28.70
N SER FB 108 -47.17 -78.24 27.58
CA SER FB 108 -45.76 -77.89 27.43
C SER FB 108 -45.55 -76.76 26.44
N ALA FB 109 -44.53 -75.94 26.68
CA ALA FB 109 -44.26 -74.87 25.75
C ALA FB 109 -42.82 -74.43 25.78
N ARG FB 110 -42.30 -74.04 24.61
CA ARG FB 110 -40.92 -73.56 24.48
C ARG FB 110 -40.89 -72.21 23.79
N VAL FB 111 -39.97 -71.34 24.19
CA VAL FB 111 -39.91 -69.98 23.66
C VAL FB 111 -38.52 -69.54 23.24
N HIS FB 112 -38.43 -68.92 22.07
CA HIS FB 112 -37.17 -68.38 21.57
C HIS FB 112 -37.27 -66.90 21.29
N ILE FB 113 -36.20 -66.18 21.55
CA ILE FB 113 -36.17 -64.76 21.24
C ILE FB 113 -34.91 -64.48 20.47
N SER FB 114 -34.98 -63.61 19.49
CA SER FB 114 -33.79 -63.28 18.73
C SER FB 114 -32.80 -62.52 19.57
N TYR FB 115 -31.53 -62.57 19.18
CA TYR FB 115 -30.47 -61.90 19.93
C TYR FB 115 -29.85 -60.79 19.15
N ASP FB 116 -29.18 -59.90 19.86
CA ASP FB 116 -28.49 -58.76 19.30
C ASP FB 116 -27.15 -58.67 19.93
N ILE FB 117 -26.14 -59.05 19.17
CA ILE FB 117 -24.80 -59.12 19.69
C ILE FB 117 -23.89 -57.97 19.30
N ASP FB 118 -24.23 -57.25 18.22
CA ASP FB 118 -23.35 -56.16 17.85
C ASP FB 118 -23.99 -55.00 17.09
N ALA FB 119 -25.25 -54.65 17.38
CA ALA FB 119 -25.83 -53.47 16.72
C ALA FB 119 -25.08 -52.21 17.16
N GLY FB 120 -25.25 -51.82 18.43
CA GLY FB 120 -24.60 -50.64 19.00
C GLY FB 120 -23.09 -50.69 18.81
N GLU FB 121 -22.52 -51.88 18.92
CA GLU FB 121 -21.10 -52.11 18.69
C GLU FB 121 -20.61 -51.54 17.36
N ASN FB 122 -21.44 -51.64 16.33
CA ASN FB 122 -21.09 -51.17 15.00
C ASN FB 122 -21.64 -49.78 14.71
N GLY FB 123 -22.15 -49.08 15.72
CA GLY FB 123 -22.72 -47.75 15.52
C GLY FB 123 -24.12 -47.82 14.94
N ARG FB 124 -24.74 -49.01 14.98
CA ARG FB 124 -26.05 -49.20 14.41
C ARG FB 124 -27.14 -49.23 15.47
N PRO FB 125 -28.37 -48.88 15.09
CA PRO FB 125 -29.58 -48.96 15.87
C PRO FB 125 -29.92 -50.44 15.96
N PRO FB 126 -30.65 -50.85 16.99
CA PRO FB 126 -31.08 -52.20 17.30
C PRO FB 126 -32.12 -52.67 16.32
N LYS FB 127 -32.19 -53.98 16.14
CA LYS FB 127 -33.16 -54.56 15.22
C LYS FB 127 -34.41 -54.96 15.95
N PRO FB 128 -35.53 -55.12 15.23
CA PRO FB 128 -36.82 -55.57 15.70
C PRO FB 128 -36.66 -56.92 16.34
N VAL FB 129 -37.47 -57.21 17.33
CA VAL FB 129 -37.35 -58.46 18.03
C VAL FB 129 -38.21 -59.55 17.43
N HIS FB 130 -37.63 -60.73 17.23
CA HIS FB 130 -38.39 -61.83 16.68
C HIS FB 130 -38.66 -62.85 17.76
N LEU FB 131 -39.84 -63.42 17.72
CA LEU FB 131 -40.21 -64.43 18.71
C LEU FB 131 -40.76 -65.67 18.04
N SER FB 132 -40.51 -66.81 18.64
CA SER FB 132 -41.12 -68.02 18.14
C SER FB 132 -41.43 -68.94 19.29
N ALA FB 133 -42.44 -69.78 19.13
CA ALA FB 133 -42.80 -70.64 20.25
C ALA FB 133 -43.47 -71.92 19.81
N LEU FB 134 -43.29 -72.94 20.63
CA LEU FB 134 -43.88 -74.24 20.41
C LEU FB 134 -44.83 -74.57 21.54
N ALA FB 135 -45.92 -75.25 21.24
CA ALA FB 135 -46.82 -75.60 22.33
C ALA FB 135 -47.56 -76.91 22.12
N VAL FB 136 -47.79 -77.59 23.24
CA VAL FB 136 -48.53 -78.84 23.28
C VAL FB 136 -49.76 -78.69 24.13
N TYR FB 137 -50.92 -79.00 23.56
CA TYR FB 137 -52.18 -78.89 24.26
C TYR FB 137 -52.85 -80.19 24.61
N GLU FB 138 -53.76 -80.10 25.58
CA GLU FB 138 -54.58 -81.22 25.96
C GLU FB 138 -55.41 -81.65 24.76
N ARG FB 139 -55.37 -82.94 24.47
CA ARG FB 139 -56.07 -83.49 23.32
C ARG FB 139 -57.55 -83.13 23.32
N GLY FB 140 -58.01 -82.64 22.17
CA GLY FB 140 -59.41 -82.24 21.96
C GLY FB 140 -59.62 -80.72 22.05
N SER FB 141 -58.58 -80.01 22.48
CA SER FB 141 -58.60 -78.56 22.61
C SER FB 141 -58.64 -77.85 21.23
N PRO FB 142 -59.33 -76.71 21.10
CA PRO FB 142 -59.53 -75.89 19.88
C PRO FB 142 -58.32 -75.01 19.52
N LEU FB 143 -57.22 -75.68 19.16
CA LEU FB 143 -55.94 -75.09 18.81
C LEU FB 143 -55.99 -73.89 17.87
N ALA FB 144 -56.88 -73.95 16.89
CA ALA FB 144 -57.01 -72.90 15.89
C ALA FB 144 -57.41 -71.53 16.45
N HIS FB 145 -57.89 -71.50 17.69
CA HIS FB 145 -58.29 -70.24 18.28
C HIS FB 145 -57.36 -69.88 19.39
N GLN FB 146 -56.88 -70.90 20.10
CA GLN FB 146 -55.98 -70.73 21.23
C GLN FB 146 -54.68 -70.05 20.85
N ILE FB 147 -54.22 -70.34 19.64
CA ILE FB 147 -53.03 -69.71 19.10
C ILE FB 147 -53.05 -68.18 19.14
N SER FB 148 -54.24 -67.56 19.15
CA SER FB 148 -54.31 -66.12 19.17
C SER FB 148 -54.03 -65.54 20.55
N ASP FB 149 -54.22 -66.32 21.61
CA ASP FB 149 -53.92 -65.83 22.94
C ASP FB 149 -52.45 -65.78 23.12
N ILE FB 150 -51.77 -66.81 22.63
CA ILE FB 150 -50.33 -66.86 22.75
C ILE FB 150 -49.70 -65.70 22.05
N LYS FB 151 -50.15 -65.45 20.83
CA LYS FB 151 -49.61 -64.41 20.02
C LYS FB 151 -49.87 -63.02 20.60
N ARG FB 152 -51.07 -62.80 21.14
CA ARG FB 152 -51.37 -61.50 21.75
C ARG FB 152 -50.56 -61.25 23.00
N PHE FB 153 -50.46 -62.28 23.82
CA PHE FB 153 -49.70 -62.22 25.04
C PHE FB 153 -48.26 -61.85 24.78
N LEU FB 154 -47.64 -62.55 23.85
CA LEU FB 154 -46.26 -62.29 23.52
C LEU FB 154 -46.07 -60.92 22.90
N LYS FB 155 -47.02 -60.46 22.10
CA LYS FB 155 -46.89 -59.17 21.45
C LYS FB 155 -46.60 -58.04 22.42
N ASN FB 156 -47.35 -57.95 23.51
CA ASN FB 156 -47.06 -56.89 24.47
C ASN FB 156 -46.13 -57.31 25.60
N SER FB 157 -45.44 -58.43 25.44
CA SER FB 157 -44.49 -58.90 26.44
C SER FB 157 -43.08 -58.45 26.11
N PHE FB 158 -42.91 -57.60 25.11
CA PHE FB 158 -41.57 -57.18 24.80
C PHE FB 158 -41.54 -55.87 24.02
N ALA FB 159 -40.57 -55.04 24.36
CA ALA FB 159 -40.34 -53.68 23.85
C ALA FB 159 -40.80 -53.41 22.42
N ASP FB 160 -40.46 -54.26 21.46
CA ASP FB 160 -40.86 -53.94 20.10
C ASP FB 160 -40.96 -55.15 19.18
N VAL FB 161 -42.14 -55.76 19.18
CA VAL FB 161 -42.44 -56.87 18.30
C VAL FB 161 -43.72 -56.56 17.55
N ASP FB 162 -44.13 -57.45 16.68
CA ASP FB 162 -45.37 -57.24 15.94
C ASP FB 162 -45.95 -58.58 15.51
N TYR FB 163 -47.16 -58.57 14.97
CA TYR FB 163 -47.82 -59.81 14.62
C TYR FB 163 -47.25 -60.54 13.39
N ASP FB 164 -46.27 -59.94 12.72
CA ASP FB 164 -45.65 -60.61 11.59
C ASP FB 164 -44.31 -61.23 11.98
N ASN FB 165 -43.81 -60.86 13.16
CA ASN FB 165 -42.52 -61.37 13.60
C ASN FB 165 -42.64 -62.28 14.80
N ILE FB 166 -43.84 -62.82 15.01
CA ILE FB 166 -44.09 -63.78 16.07
C ILE FB 166 -44.67 -65.04 15.46
N SER FB 167 -43.97 -66.16 15.60
CA SER FB 167 -44.48 -67.39 15.02
C SER FB 167 -44.78 -68.45 16.06
N VAL FB 168 -45.94 -69.07 15.93
CA VAL FB 168 -46.36 -70.11 16.86
C VAL FB 168 -46.71 -71.39 16.13
N VAL FB 169 -46.03 -72.46 16.50
CA VAL FB 169 -46.29 -73.78 15.94
C VAL FB 169 -46.73 -74.68 17.07
N LEU FB 170 -47.85 -75.33 16.92
CA LEU FB 170 -48.37 -76.12 18.01
C LEU FB 170 -49.19 -77.33 17.60
N SER FB 171 -49.45 -78.17 18.60
CA SER FB 171 -50.24 -79.38 18.40
C SER FB 171 -50.79 -79.88 19.74
N GLU FB 172 -51.13 -81.17 19.79
CA GLU FB 172 -51.69 -81.74 21.00
C GLU FB 172 -51.12 -83.12 21.26
N ARG FB 173 -51.27 -83.57 22.50
CA ARG FB 173 -50.71 -84.85 22.91
C ARG FB 173 -51.34 -86.04 22.19
N SER FB 174 -50.61 -87.15 22.19
CA SER FB 174 -51.02 -88.41 21.60
C SER FB 174 -51.85 -89.26 22.58
N ASP FB 175 -52.30 -90.42 22.10
CA ASP FB 175 -53.08 -91.36 22.91
C ASP FB 175 -52.23 -91.88 24.06
N ALA FB 176 -52.63 -91.56 25.29
CA ALA FB 176 -51.86 -91.90 26.48
C ALA FB 176 -51.60 -93.38 26.63
N GLN FB 177 -50.36 -93.72 26.95
CA GLN FB 177 -50.00 -95.12 27.13
C GLN FB 177 -50.35 -95.53 28.55
N LEU FB 178 -51.57 -96.00 28.72
CA LEU FB 178 -52.06 -96.37 30.03
C LEU FB 178 -52.02 -97.88 30.29
N GLN FB 179 -51.39 -98.65 29.40
CA GLN FB 179 -51.35 -100.09 29.55
C GLN FB 179 -49.94 -100.65 29.57
N ALA FB 180 -49.71 -101.65 30.42
CA ALA FB 180 -48.39 -102.26 30.49
C ALA FB 180 -48.11 -103.10 29.25
N PRO FB 181 -46.87 -103.09 28.74
CA PRO FB 181 -46.34 -103.86 27.61
C PRO FB 181 -46.57 -105.37 27.70
N GLY FB 182 -46.34 -105.92 28.87
CA GLY FB 182 -46.53 -107.35 29.09
C GLY FB 182 -45.20 -108.09 28.98
N THR FB 183 -45.15 -109.28 29.56
CA THR FB 183 -43.95 -110.10 29.53
C THR FB 183 -43.90 -110.95 28.29
N PRO FB 184 -42.74 -111.52 27.96
CA PRO FB 184 -42.48 -112.44 26.86
C PRO FB 184 -43.12 -113.78 27.14
N VAL FB 185 -43.44 -114.52 26.09
CA VAL FB 185 -44.05 -115.82 26.24
C VAL FB 185 -43.03 -116.92 26.40
N LYS FB 186 -43.00 -117.50 27.60
CA LYS FB 186 -42.10 -118.60 27.91
C LYS FB 186 -42.33 -119.10 29.32
N ALA GB 42 -51.81 -120.23 23.82
CA ALA GB 42 -51.45 -118.82 23.70
C ALA GB 42 -52.37 -118.12 22.73
N GLU GB 43 -53.65 -118.01 23.07
CA GLU GB 43 -54.59 -117.33 22.22
C GLU GB 43 -54.14 -115.92 21.93
N LEU GB 44 -54.07 -115.57 20.65
CA LEU GB 44 -53.61 -114.27 20.21
C LEU GB 44 -54.31 -113.11 20.88
N ASP GB 45 -55.62 -113.24 21.12
CA ASP GB 45 -56.35 -112.19 21.79
C ASP GB 45 -55.79 -111.87 23.17
N SER GB 46 -55.26 -112.87 23.85
CA SER GB 46 -54.69 -112.64 25.17
C SER GB 46 -53.24 -112.19 25.06
N LEU GB 47 -52.60 -112.49 23.94
CA LEU GB 47 -51.24 -112.05 23.70
C LEU GB 47 -51.17 -110.54 23.44
N LEU GB 48 -52.20 -110.03 22.76
CA LEU GB 48 -52.30 -108.60 22.48
C LEU GB 48 -52.74 -107.84 23.74
N GLY GB 49 -52.46 -106.54 23.77
CA GLY GB 49 -52.73 -105.62 24.89
C GLY GB 49 -54.05 -105.80 25.67
N GLN GB 50 -54.11 -105.17 26.86
CA GLN GB 50 -55.27 -105.23 27.74
C GLN GB 50 -56.54 -104.75 27.08
N GLU GB 51 -56.44 -103.65 26.35
CA GLU GB 51 -57.60 -103.16 25.64
C GLU GB 51 -57.67 -103.86 24.30
N LYS GB 52 -58.20 -105.07 24.34
CA LYS GB 52 -58.31 -105.93 23.17
C LYS GB 52 -59.14 -105.32 22.04
N GLU GB 53 -59.92 -104.30 22.34
CA GLU GB 53 -60.76 -103.66 21.34
C GLU GB 53 -59.98 -102.75 20.40
N ARG GB 54 -58.66 -102.64 20.61
CA ARG GB 54 -57.83 -101.85 19.72
C ARG GB 54 -57.45 -102.64 18.47
N PHE GB 55 -57.68 -103.96 18.50
CA PHE GB 55 -57.28 -104.79 17.37
C PHE GB 55 -58.41 -105.66 16.87
N GLN GB 56 -58.43 -105.90 15.57
CA GLN GB 56 -59.40 -106.82 15.03
C GLN GB 56 -58.71 -108.02 14.44
N VAL GB 57 -58.79 -109.14 15.13
CA VAL GB 57 -58.15 -110.34 14.63
C VAL GB 57 -59.02 -110.98 13.56
N LEU GB 58 -58.39 -111.29 12.44
CA LEU GB 58 -59.08 -111.84 11.28
C LEU GB 58 -58.53 -113.22 10.91
N PRO GB 59 -59.37 -114.12 10.45
CA PRO GB 59 -58.93 -115.48 10.09
C PRO GB 59 -58.88 -115.65 8.59
N GLY GB 60 -57.69 -115.47 8.01
CA GLY GB 60 -57.54 -115.58 6.57
C GLY GB 60 -57.69 -117.00 6.06
N ARG GB 61 -58.17 -117.12 4.83
CA ARG GB 61 -58.37 -118.42 4.19
C ARG GB 61 -57.06 -119.12 3.85
N ASP GB 62 -55.96 -118.37 3.89
CA ASP GB 62 -54.63 -118.89 3.68
C ASP GB 62 -53.98 -119.46 4.95
N LYS GB 63 -54.78 -119.65 6.01
CA LYS GB 63 -54.32 -120.18 7.30
C LYS GB 63 -53.44 -119.21 8.07
N MET GB 64 -53.48 -117.94 7.70
CA MET GB 64 -52.74 -116.92 8.40
C MET GB 64 -53.70 -116.09 9.23
N LEU GB 65 -53.35 -115.93 10.49
CA LEU GB 65 -54.19 -115.17 11.39
C LEU GB 65 -53.73 -113.71 11.31
N TYR GB 66 -54.63 -112.84 10.91
CA TYR GB 66 -54.26 -111.46 10.70
C TYR GB 66 -54.64 -110.54 11.84
N VAL GB 67 -53.84 -109.50 12.06
CA VAL GB 67 -54.15 -108.52 13.10
C VAL GB 67 -54.37 -107.16 12.51
N ALA GB 68 -55.62 -106.74 12.42
CA ALA GB 68 -55.87 -105.42 11.85
C ALA GB 68 -55.69 -104.34 12.89
N ALA GB 69 -54.80 -103.40 12.58
CA ALA GB 69 -54.52 -102.27 13.45
C ALA GB 69 -54.93 -100.98 12.77
N GLN GB 70 -55.41 -100.03 13.55
CA GLN GB 70 -55.88 -98.75 13.02
C GLN GB 70 -54.84 -97.64 13.08
N ASN GB 71 -53.68 -97.93 13.65
CA ASN GB 71 -52.65 -96.91 13.80
C ASN GB 71 -51.28 -97.53 13.84
N GLU GB 72 -50.30 -96.86 13.25
CA GLU GB 72 -48.93 -97.37 13.21
C GLU GB 72 -48.33 -97.67 14.60
N ARG GB 73 -48.85 -97.06 15.66
CA ARG GB 73 -48.37 -97.38 16.99
C ARG GB 73 -48.88 -98.74 17.42
N ASP GB 74 -50.05 -99.10 16.93
CA ASP GB 74 -50.67 -100.35 17.27
C ASP GB 74 -50.10 -101.41 16.35
N THR GB 75 -49.75 -100.98 15.13
CA THR GB 75 -49.10 -101.86 14.19
C THR GB 75 -47.81 -102.36 14.78
N LEU GB 76 -47.00 -101.44 15.28
CA LEU GB 76 -45.76 -101.82 15.91
C LEU GB 76 -45.97 -102.63 17.15
N TRP GB 77 -46.98 -102.28 17.95
CA TRP GB 77 -47.30 -103.02 19.16
C TRP GB 77 -47.46 -104.51 18.84
N ALA GB 78 -48.35 -104.79 17.89
CA ALA GB 78 -48.64 -106.15 17.47
C ALA GB 78 -47.42 -106.85 16.89
N ARG GB 79 -46.61 -106.13 16.12
CA ARG GB 79 -45.42 -106.74 15.55
C ARG GB 79 -44.45 -107.15 16.64
N GLN GB 80 -44.35 -106.32 17.68
CA GLN GB 80 -43.48 -106.65 18.79
C GLN GB 80 -44.00 -107.87 19.50
N VAL GB 81 -45.31 -108.00 19.62
CA VAL GB 81 -45.89 -109.19 20.23
C VAL GB 81 -45.49 -110.45 19.48
N LEU GB 82 -45.61 -110.41 18.16
CA LEU GB 82 -45.25 -111.56 17.36
C LEU GB 82 -43.76 -111.92 17.46
N ALA GB 83 -42.89 -110.92 17.55
CA ALA GB 83 -41.46 -111.16 17.66
C ALA GB 83 -41.04 -111.53 19.10
N ARG GB 84 -41.69 -110.94 20.09
CA ARG GB 84 -41.37 -111.14 21.50
C ARG GB 84 -41.92 -112.43 22.05
N GLY GB 85 -43.21 -112.61 21.88
CA GLY GB 85 -43.89 -113.80 22.37
C GLY GB 85 -43.92 -114.85 21.30
N ASP GB 86 -44.95 -115.67 21.33
CA ASP GB 86 -45.03 -116.71 20.33
C ASP GB 86 -46.44 -117.15 20.10
N TYR GB 87 -46.65 -117.72 18.94
CA TYR GB 87 -47.92 -118.24 18.52
C TYR GB 87 -47.66 -119.19 17.37
N ASP GB 88 -47.88 -120.48 17.60
CA ASP GB 88 -47.61 -121.49 16.59
C ASP GB 88 -48.61 -121.49 15.44
N LYS GB 89 -48.49 -120.49 14.57
CA LYS GB 89 -49.36 -120.35 13.42
C LYS GB 89 -48.98 -119.12 12.62
N ASN GB 90 -49.14 -119.21 11.31
CA ASN GB 90 -48.87 -118.08 10.45
C ASN GB 90 -49.64 -116.88 10.96
N ALA GB 91 -49.00 -115.72 10.96
CA ALA GB 91 -49.64 -114.51 11.41
C ALA GB 91 -49.06 -113.29 10.73
N ARG GB 92 -49.87 -112.25 10.59
CA ARG GB 92 -49.41 -111.04 9.93
C ARG GB 92 -50.26 -109.82 10.27
N VAL GB 93 -49.58 -108.75 10.66
CA VAL GB 93 -50.25 -107.52 11.04
C VAL GB 93 -50.66 -106.69 9.83
N ILE GB 94 -51.92 -106.26 9.83
CA ILE GB 94 -52.51 -105.45 8.78
C ILE GB 94 -52.56 -103.97 9.10
N ASN GB 95 -52.15 -103.16 8.14
CA ASN GB 95 -52.17 -101.71 8.26
C ASN GB 95 -52.80 -101.11 7.03
N GLU GB 96 -53.93 -100.44 7.23
CA GLU GB 96 -54.72 -99.83 6.16
C GLU GB 96 -53.91 -99.14 5.05
N ASN GB 97 -52.96 -98.30 5.42
CA ASN GB 97 -52.17 -97.62 4.42
C ASN GB 97 -51.18 -98.54 3.75
N GLU GB 98 -50.59 -99.45 4.53
CA GLU GB 98 -49.61 -100.36 3.95
C GLU GB 98 -50.26 -101.30 2.97
N GLU GB 99 -51.49 -101.71 3.26
CA GLU GB 99 -52.21 -102.59 2.38
C GLU GB 99 -52.69 -101.88 1.16
N ASN GB 100 -53.10 -100.62 1.33
CA ASN GB 100 -53.52 -99.84 0.20
C ASN GB 100 -52.36 -99.75 -0.79
N LYS GB 101 -51.15 -99.49 -0.26
CA LYS GB 101 -49.95 -99.42 -1.08
C LYS GB 101 -49.59 -100.74 -1.73
N ARG GB 102 -49.60 -101.83 -0.96
CA ARG GB 102 -49.26 -103.15 -1.50
C ARG GB 102 -50.11 -103.48 -2.71
N ILE GB 103 -51.40 -103.25 -2.58
CA ILE GB 103 -52.31 -103.50 -3.65
C ILE GB 103 -52.03 -102.62 -4.84
N SER GB 104 -51.83 -101.32 -4.61
CA SER GB 104 -51.59 -100.41 -5.72
C SER GB 104 -50.37 -100.79 -6.54
N ILE GB 105 -49.38 -101.41 -5.92
CA ILE GB 105 -48.20 -101.84 -6.65
C ILE GB 105 -48.55 -102.93 -7.64
N TRP GB 106 -49.19 -103.98 -7.14
CA TRP GB 106 -49.59 -105.10 -7.97
C TRP GB 106 -50.53 -104.64 -9.06
N LEU GB 107 -51.46 -103.80 -8.66
CA LEU GB 107 -52.50 -103.30 -9.53
C LEU GB 107 -51.91 -102.52 -10.67
N ASP GB 108 -50.93 -101.66 -10.41
CA ASP GB 108 -50.31 -100.92 -11.51
C ASP GB 108 -49.64 -101.85 -12.54
N THR GB 109 -48.98 -102.91 -12.07
CA THR GB 109 -48.32 -103.86 -12.98
C THR GB 109 -49.29 -104.62 -13.87
N TYR GB 110 -50.35 -105.16 -13.28
CA TYR GB 110 -51.28 -105.98 -14.03
C TYR GB 110 -52.39 -105.19 -14.69
N TYR GB 111 -52.79 -104.09 -14.10
CA TYR GB 111 -53.78 -103.19 -14.66
C TYR GB 111 -53.26 -101.76 -14.79
N PRO GB 112 -52.27 -101.52 -15.64
CA PRO GB 112 -51.67 -100.24 -15.88
C PRO GB 112 -52.71 -99.36 -16.51
N GLN GB 113 -52.62 -98.07 -16.24
CA GLN GB 113 -53.56 -97.06 -16.70
C GLN GB 113 -54.93 -97.13 -16.02
N LEU GB 114 -55.14 -98.05 -15.05
CA LEU GB 114 -56.41 -98.09 -14.35
C LEU GB 114 -56.59 -96.83 -13.53
N ALA GB 115 -57.71 -96.14 -13.70
CA ALA GB 115 -57.93 -94.91 -12.95
C ALA GB 115 -58.73 -95.21 -11.69
N TYR GB 116 -58.12 -95.03 -10.53
CA TYR GB 116 -58.80 -95.32 -9.28
C TYR GB 116 -58.35 -94.39 -8.18
N TYR GB 117 -59.06 -94.44 -7.05
CA TYR GB 117 -58.80 -93.54 -5.93
C TYR GB 117 -58.18 -94.21 -4.72
N ARG GB 118 -58.97 -94.87 -3.90
CA ARG GB 118 -58.45 -95.46 -2.70
C ARG GB 118 -59.33 -96.57 -2.18
N ILE GB 119 -58.71 -97.58 -1.56
CA ILE GB 119 -59.47 -98.66 -0.99
C ILE GB 119 -59.82 -98.36 0.45
N HIS GB 120 -61.10 -98.45 0.75
CA HIS GB 120 -61.62 -98.19 2.08
C HIS GB 120 -61.81 -99.51 2.78
N PHE GB 121 -60.94 -99.80 3.71
CA PHE GB 121 -60.99 -101.10 4.34
C PHE GB 121 -62.09 -101.21 5.37
N ASP GB 122 -62.30 -100.16 6.17
CA ASP GB 122 -63.37 -100.08 7.20
C ASP GB 122 -63.77 -101.42 7.78
N GLU GB 123 -64.68 -102.13 7.12
CA GLU GB 123 -65.10 -103.46 7.53
C GLU GB 123 -64.29 -104.52 6.77
N PRO GB 124 -63.12 -104.91 7.30
CA PRO GB 124 -62.16 -105.89 6.72
C PRO GB 124 -62.75 -106.84 5.67
N ARG GB 125 -63.82 -107.53 6.04
CA ARG GB 125 -64.50 -108.50 5.21
C ARG GB 125 -64.88 -108.03 3.82
N LYS GB 126 -65.35 -106.80 3.73
CA LYS GB 126 -65.81 -106.25 2.47
C LYS GB 126 -65.31 -104.82 2.25
N PRO GB 127 -64.06 -104.63 1.85
CA PRO GB 127 -63.43 -103.37 1.57
C PRO GB 127 -64.04 -102.79 0.31
N VAL GB 128 -64.05 -101.47 0.23
CA VAL GB 128 -64.64 -100.78 -0.91
C VAL GB 128 -63.59 -100.18 -1.79
N PHE GB 129 -63.69 -100.43 -3.07
CA PHE GB 129 -62.69 -99.94 -4.01
C PHE GB 129 -63.24 -98.79 -4.83
N TRP GB 130 -62.75 -97.57 -4.59
CA TRP GB 130 -63.23 -96.46 -5.41
C TRP GB 130 -62.52 -96.43 -6.75
N LEU GB 131 -63.32 -96.42 -7.81
CA LEU GB 131 -62.87 -96.47 -9.19
C LEU GB 131 -63.37 -95.25 -9.97
N SER GB 132 -62.53 -94.64 -10.81
CA SER GB 132 -63.00 -93.46 -11.55
C SER GB 132 -64.11 -93.80 -12.55
N ARG GB 133 -65.32 -93.35 -12.26
CA ARG GB 133 -66.47 -93.58 -13.10
C ARG GB 133 -66.30 -93.05 -14.52
N GLN GB 134 -65.76 -91.86 -14.63
CA GLN GB 134 -65.62 -91.20 -15.91
C GLN GB 134 -64.43 -91.64 -16.73
N ARG GB 135 -63.30 -91.92 -16.09
CA ARG GB 135 -62.13 -92.31 -16.86
C ARG GB 135 -62.05 -93.77 -17.26
N ASN GB 136 -62.72 -94.66 -16.53
CA ASN GB 136 -62.65 -96.07 -16.90
C ASN GB 136 -63.82 -96.49 -17.78
N THR GB 137 -63.52 -97.33 -18.76
CA THR GB 137 -64.52 -97.82 -19.71
C THR GB 137 -64.61 -99.34 -19.69
N MET GB 138 -64.23 -99.94 -18.56
CA MET GB 138 -64.27 -101.39 -18.41
C MET GB 138 -65.69 -101.92 -18.42
N SER GB 139 -65.87 -103.12 -18.98
CA SER GB 139 -67.18 -103.74 -19.03
C SER GB 139 -67.49 -104.36 -17.69
N LYS GB 140 -68.76 -104.67 -17.48
CA LYS GB 140 -69.18 -105.30 -16.23
C LYS GB 140 -68.43 -106.59 -15.97
N LYS GB 141 -68.22 -107.38 -17.03
CA LYS GB 141 -67.51 -108.64 -16.91
C LYS GB 141 -66.06 -108.41 -16.53
N GLU GB 142 -65.45 -107.39 -17.13
CA GLU GB 142 -64.07 -107.06 -16.81
C GLU GB 142 -63.95 -106.64 -15.37
N LEU GB 143 -64.92 -105.89 -14.88
CA LEU GB 143 -64.93 -105.45 -13.49
C LEU GB 143 -65.08 -106.64 -12.56
N GLU GB 144 -65.87 -107.64 -12.96
CA GLU GB 144 -65.98 -108.86 -12.17
C GLU GB 144 -64.61 -109.47 -11.96
N VAL GB 145 -63.89 -109.64 -13.06
CA VAL GB 145 -62.56 -110.21 -13.03
C VAL GB 145 -61.63 -109.41 -12.14
N LEU GB 146 -61.67 -108.10 -12.28
CA LEU GB 146 -60.87 -107.20 -11.46
C LEU GB 146 -61.10 -107.46 -10.00
N SER GB 147 -62.36 -107.52 -9.57
CA SER GB 147 -62.66 -107.75 -8.16
C SER GB 147 -62.14 -109.09 -7.70
N GLN GB 148 -62.17 -110.08 -8.59
CA GLN GB 148 -61.67 -111.39 -8.25
C GLN GB 148 -60.17 -111.38 -8.01
N LYS GB 149 -59.45 -110.58 -8.79
CA LYS GB 149 -58.02 -110.48 -8.60
C LYS GB 149 -57.73 -109.79 -7.29
N LEU GB 150 -58.55 -108.80 -6.95
CA LEU GB 150 -58.38 -108.10 -5.69
C LEU GB 150 -58.65 -109.03 -4.53
N ARG GB 151 -59.63 -109.93 -4.69
CA ARG GB 151 -59.91 -110.90 -3.64
C ARG GB 151 -58.71 -111.79 -3.42
N ALA GB 152 -58.04 -112.16 -4.50
CA ALA GB 152 -56.82 -112.96 -4.40
C ALA GB 152 -55.75 -112.22 -3.61
N LEU GB 153 -55.65 -110.91 -3.83
CA LEU GB 153 -54.67 -110.10 -3.12
C LEU GB 153 -54.96 -109.95 -1.63
N MET GB 154 -56.23 -110.11 -1.23
CA MET GB 154 -56.63 -109.99 0.17
C MET GB 154 -57.23 -111.28 0.76
N PRO GB 155 -56.37 -112.18 1.30
CA PRO GB 155 -56.63 -113.48 1.92
C PRO GB 155 -57.75 -113.48 2.95
N TYR GB 156 -57.96 -112.35 3.60
CA TYR GB 156 -59.00 -112.25 4.62
C TYR GB 156 -60.34 -111.80 4.07
N ALA GB 157 -60.31 -110.83 3.18
CA ALA GB 157 -61.52 -110.27 2.60
C ALA GB 157 -62.32 -111.37 1.93
N ASP GB 158 -63.62 -111.30 2.09
CA ASP GB 158 -64.50 -112.29 1.51
C ASP GB 158 -64.89 -111.86 0.11
N SER GB 159 -65.07 -110.56 -0.07
CA SER GB 159 -65.41 -110.02 -1.38
C SER GB 159 -64.98 -108.58 -1.47
N VAL GB 160 -64.95 -108.05 -2.68
CA VAL GB 160 -64.55 -106.67 -2.88
C VAL GB 160 -65.66 -105.87 -3.53
N ASN GB 161 -65.99 -104.75 -2.92
CA ASN GB 161 -67.05 -103.93 -3.46
C ASN GB 161 -66.50 -102.81 -4.31
N ILE GB 162 -66.35 -103.06 -5.61
CA ILE GB 162 -65.90 -102.02 -6.51
C ILE GB 162 -67.04 -101.10 -6.85
N THR GB 163 -66.80 -99.81 -6.70
CA THR GB 163 -67.83 -98.83 -7.02
C THR GB 163 -67.22 -97.67 -7.75
N LEU GB 164 -68.02 -97.05 -8.60
CA LEU GB 164 -67.54 -95.99 -9.45
C LEU GB 164 -67.88 -94.62 -8.87
N MET GB 165 -66.87 -93.76 -8.78
CA MET GB 165 -67.01 -92.41 -8.23
C MET GB 165 -66.89 -91.35 -9.31
N ASP GB 166 -67.62 -90.25 -9.14
CA ASP GB 166 -67.57 -89.18 -10.13
C ASP GB 166 -66.46 -88.18 -9.85
N ASP GB 167 -65.48 -88.15 -10.75
CA ASP GB 167 -64.31 -87.27 -10.67
C ASP GB 167 -64.64 -85.82 -10.33
N VAL GB 168 -65.78 -85.35 -10.83
CA VAL GB 168 -66.21 -83.98 -10.60
C VAL GB 168 -66.48 -83.71 -9.14
N THR GB 169 -67.09 -84.68 -8.46
CA THR GB 169 -67.43 -84.45 -7.06
C THR GB 169 -66.20 -84.50 -6.21
N ALA GB 170 -65.19 -85.26 -6.64
CA ALA GB 170 -63.93 -85.29 -5.90
C ALA GB 170 -63.30 -83.92 -5.94
N ALA GB 171 -63.21 -83.35 -7.15
CA ALA GB 171 -62.62 -82.04 -7.32
C ALA GB 171 -63.43 -80.96 -6.63
N GLY GB 172 -64.76 -81.08 -6.73
CA GLY GB 172 -65.65 -80.11 -6.13
C GLY GB 172 -65.45 -79.99 -4.64
N GLN GB 173 -65.36 -81.14 -3.96
CA GLN GB 173 -65.14 -81.12 -2.52
C GLN GB 173 -63.79 -80.53 -2.16
N ALA GB 174 -62.76 -80.88 -2.94
CA ALA GB 174 -61.43 -80.36 -2.68
C ALA GB 174 -61.43 -78.84 -2.68
N GLU GB 175 -62.00 -78.25 -3.71
CA GLU GB 175 -61.99 -76.81 -3.81
C GLU GB 175 -62.93 -76.15 -2.83
N ALA GB 176 -64.12 -76.73 -2.65
CA ALA GB 176 -65.11 -76.14 -1.76
C ALA GB 176 -64.58 -75.99 -0.34
N GLY GB 177 -63.98 -77.04 0.20
CA GLY GB 177 -63.46 -76.98 1.55
C GLY GB 177 -62.29 -76.01 1.64
N LEU GB 178 -61.44 -76.03 0.61
CA LEU GB 178 -60.28 -75.17 0.54
C LEU GB 178 -60.67 -73.69 0.64
N LYS GB 179 -61.67 -73.29 -0.15
CA LYS GB 179 -62.12 -71.91 -0.10
C LYS GB 179 -62.98 -71.62 1.13
N GLN GB 180 -63.62 -72.64 1.71
CA GLN GB 180 -64.38 -72.44 2.95
C GLN GB 180 -63.46 -71.98 4.06
N GLN GB 181 -62.25 -72.55 4.09
CA GLN GB 181 -61.22 -72.19 5.06
C GLN GB 181 -60.59 -70.80 4.81
N ALA GB 182 -61.06 -70.09 3.76
CA ALA GB 182 -60.58 -68.77 3.40
C ALA GB 182 -59.13 -68.78 2.98
N LEU GB 183 -58.70 -69.89 2.36
CA LEU GB 183 -57.33 -69.99 1.93
C LEU GB 183 -57.18 -69.50 0.50
N PRO GB 184 -56.07 -68.86 0.17
CA PRO GB 184 -55.69 -68.41 -1.15
C PRO GB 184 -55.18 -69.59 -1.92
N TYR GB 185 -55.49 -69.67 -3.20
CA TYR GB 185 -55.02 -70.78 -4.00
C TYR GB 185 -55.22 -70.54 -5.47
N SER GB 186 -54.61 -71.38 -6.28
CA SER GB 186 -54.83 -71.32 -7.70
C SER GB 186 -54.96 -72.73 -8.25
N ARG GB 187 -56.10 -73.01 -8.85
CA ARG GB 187 -56.41 -74.32 -9.38
C ARG GB 187 -55.72 -74.61 -10.70
N ARG GB 188 -55.29 -75.86 -10.87
CA ARG GB 188 -54.62 -76.31 -12.07
C ARG GB 188 -55.26 -77.53 -12.67
N ASN GB 189 -56.23 -77.33 -13.55
CA ASN GB 189 -56.86 -78.47 -14.20
C ASN GB 189 -55.97 -78.98 -15.30
N HIS GB 190 -55.82 -80.28 -15.38
CA HIS GB 190 -55.07 -80.87 -16.47
C HIS GB 190 -55.61 -82.23 -16.79
N LYS GB 191 -55.25 -82.78 -17.93
CA LYS GB 191 -55.77 -84.08 -18.25
C LYS GB 191 -55.30 -85.09 -17.23
N GLY GB 192 -56.24 -85.78 -16.62
CA GLY GB 192 -55.93 -86.81 -15.64
C GLY GB 192 -55.89 -86.33 -14.18
N GLY GB 193 -56.06 -85.04 -13.91
CA GLY GB 193 -56.02 -84.62 -12.51
C GLY GB 193 -56.14 -83.12 -12.28
N VAL GB 194 -55.97 -82.71 -11.03
CA VAL GB 194 -56.02 -81.30 -10.70
C VAL GB 194 -55.12 -80.97 -9.53
N THR GB 195 -54.41 -79.86 -9.64
CA THR GB 195 -53.51 -79.45 -8.57
C THR GB 195 -53.90 -78.09 -7.99
N PHE GB 196 -53.87 -77.99 -6.67
CA PHE GB 196 -54.21 -76.75 -5.98
C PHE GB 196 -52.98 -76.11 -5.39
N VAL GB 197 -52.54 -75.02 -6.02
CA VAL GB 197 -51.33 -74.34 -5.64
C VAL GB 197 -51.58 -73.25 -4.61
N ILE GB 198 -50.85 -73.32 -3.50
CA ILE GB 198 -50.96 -72.33 -2.44
C ILE GB 198 -49.62 -71.66 -2.20
N GLN GB 199 -49.45 -70.44 -2.69
CA GLN GB 199 -48.18 -69.73 -2.54
C GLN GB 199 -48.30 -68.44 -1.77
N GLY GB 200 -47.14 -67.87 -1.47
CA GLY GB 200 -47.04 -66.60 -0.75
C GLY GB 200 -46.73 -66.82 0.71
N ALA GB 201 -46.55 -65.72 1.43
CA ALA GB 201 -46.31 -65.81 2.86
C ALA GB 201 -47.60 -66.17 3.53
N LEU GB 202 -47.54 -67.03 4.54
CA LEU GB 202 -48.76 -67.46 5.19
C LEU GB 202 -48.76 -67.19 6.70
N ASP GB 203 -49.92 -66.82 7.20
CA ASP GB 203 -50.16 -66.59 8.61
C ASP GB 203 -50.19 -67.92 9.31
N ASP GB 204 -49.58 -68.03 10.48
CA ASP GB 204 -49.56 -69.28 11.22
C ASP GB 204 -50.94 -69.92 11.38
N VAL GB 205 -51.98 -69.08 11.46
CA VAL GB 205 -53.32 -69.58 11.64
C VAL GB 205 -53.81 -70.27 10.38
N GLU GB 206 -53.64 -69.62 9.23
CA GLU GB 206 -54.06 -70.23 7.98
C GLU GB 206 -53.20 -71.41 7.60
N ILE GB 207 -51.97 -71.46 8.10
CA ILE GB 207 -51.13 -72.62 7.85
C ILE GB 207 -51.72 -73.84 8.52
N LEU GB 208 -52.09 -73.67 9.80
CA LEU GB 208 -52.71 -74.76 10.53
C LEU GB 208 -53.97 -75.24 9.84
N ARG GB 209 -54.85 -74.32 9.50
CA ARG GB 209 -56.09 -74.66 8.83
C ARG GB 209 -55.88 -75.40 7.53
N ALA GB 210 -54.90 -74.95 6.75
CA ALA GB 210 -54.62 -75.57 5.48
C ALA GB 210 -54.23 -77.01 5.64
N ARG GB 211 -53.31 -77.29 6.56
CA ARG GB 211 -52.90 -78.66 6.74
C ARG GB 211 -54.01 -79.56 7.21
N GLN GB 212 -54.82 -79.08 8.14
CA GLN GB 212 -55.92 -79.89 8.65
C GLN GB 212 -56.83 -80.33 7.53
N PHE GB 213 -57.18 -79.38 6.67
CA PHE GB 213 -58.03 -79.68 5.52
C PHE GB 213 -57.42 -80.70 4.59
N VAL GB 214 -56.16 -80.46 4.21
CA VAL GB 214 -55.48 -81.35 3.29
C VAL GB 214 -55.37 -82.76 3.79
N ASP GB 215 -55.00 -82.92 5.05
CA ASP GB 215 -54.89 -84.25 5.62
C ASP GB 215 -56.20 -85.00 5.55
N SER GB 216 -57.31 -84.32 5.86
CA SER GB 216 -58.60 -84.98 5.81
C SER GB 216 -59.01 -85.37 4.41
N TYR GB 217 -58.76 -84.49 3.44
CA TYR GB 217 -59.11 -84.80 2.06
C TYR GB 217 -58.34 -86.02 1.59
N TYR GB 218 -57.05 -86.03 1.89
CA TYR GB 218 -56.21 -87.15 1.54
C TYR GB 218 -56.72 -88.43 2.15
N ARG GB 219 -56.97 -88.41 3.45
CA ARG GB 219 -57.48 -89.58 4.14
C ARG GB 219 -58.70 -90.18 3.47
N THR GB 220 -59.62 -89.33 3.01
CA THR GB 220 -60.82 -89.82 2.34
C THR GB 220 -60.60 -90.25 0.91
N TRP GB 221 -60.27 -89.31 0.05
CA TRP GB 221 -60.14 -89.58 -1.37
C TRP GB 221 -58.80 -90.12 -1.81
N GLY GB 222 -57.74 -89.72 -1.13
CA GLY GB 222 -56.40 -90.14 -1.53
C GLY GB 222 -55.80 -89.08 -2.45
N GLY GB 223 -54.51 -89.21 -2.76
CA GLY GB 223 -53.83 -88.21 -3.58
C GLY GB 223 -53.57 -88.62 -5.03
N ARG GB 224 -54.45 -89.44 -5.62
CA ARG GB 224 -54.22 -89.86 -6.99
C ARG GB 224 -54.87 -88.97 -8.04
N TYR GB 225 -55.81 -88.12 -7.62
CA TYR GB 225 -56.47 -87.24 -8.56
C TYR GB 225 -56.24 -85.80 -8.17
N VAL GB 226 -56.48 -85.50 -6.91
CA VAL GB 226 -56.26 -84.17 -6.39
C VAL GB 226 -54.93 -84.06 -5.68
N GLN GB 227 -54.11 -83.13 -6.13
CA GLN GB 227 -52.81 -82.89 -5.54
C GLN GB 227 -52.75 -81.50 -4.95
N PHE GB 228 -52.35 -81.39 -3.70
CA PHE GB 228 -52.23 -80.07 -3.09
C PHE GB 228 -50.78 -79.66 -3.09
N ALA GB 229 -50.52 -78.36 -3.16
CA ALA GB 229 -49.14 -77.88 -3.21
C ALA GB 229 -48.93 -76.64 -2.36
N ILE GB 230 -48.67 -76.85 -1.07
CA ILE GB 230 -48.43 -75.73 -0.17
C ILE GB 230 -46.98 -75.29 -0.27
N GLU GB 231 -46.77 -74.02 -0.62
CA GLU GB 231 -45.45 -73.47 -0.78
C GLU GB 231 -45.27 -72.16 -0.04
N LEU GB 232 -44.66 -72.23 1.13
CA LEU GB 232 -44.43 -71.07 1.96
C LEU GB 232 -43.29 -70.24 1.39
N LYS GB 233 -43.62 -69.07 0.84
CA LYS GB 233 -42.62 -68.22 0.19
C LYS GB 233 -42.70 -66.75 0.58
N ASP GB 234 -41.59 -66.03 0.39
CA ASP GB 234 -41.55 -64.60 0.67
C ASP GB 234 -42.18 -63.79 -0.44
N ASP GB 235 -42.80 -62.67 -0.06
CA ASP GB 235 -43.43 -61.76 -0.99
C ASP GB 235 -42.69 -60.42 -1.04
N ASP HB 3 -45.89 -101.13 43.98
CA ASP HB 3 -44.77 -100.74 44.81
C ASP HB 3 -43.56 -100.39 43.97
N LYS HB 4 -43.67 -99.34 43.18
CA LYS HB 4 -42.58 -98.93 42.31
C LYS HB 4 -42.06 -97.55 42.67
N ASP HB 5 -40.76 -97.36 42.53
CA ASP HB 5 -40.17 -96.05 42.79
C ASP HB 5 -40.31 -95.19 41.55
N LEU HB 6 -40.86 -94.00 41.71
CA LEU HB 6 -41.05 -93.11 40.58
C LEU HB 6 -40.04 -91.98 40.63
N LEU HB 7 -40.12 -91.17 41.70
CA LEU HB 7 -39.20 -90.04 41.86
C LEU HB 7 -38.49 -90.05 43.21
N LYS HB 8 -37.28 -89.50 43.25
CA LYS HB 8 -36.52 -89.43 44.50
C LYS HB 8 -35.77 -88.11 44.65
N GLY HB 9 -35.58 -87.67 45.89
CA GLY HB 9 -34.81 -86.46 46.14
C GLY HB 9 -35.57 -85.19 45.84
N LEU HB 10 -36.90 -85.26 45.91
CA LEU HB 10 -37.71 -84.10 45.60
C LEU HB 10 -37.77 -83.14 46.75
N ASP HB 11 -37.93 -81.87 46.45
CA ASP HB 11 -38.11 -80.94 47.54
C ASP HB 11 -39.59 -80.94 47.86
N GLN HB 12 -39.98 -80.17 48.85
CA GLN HB 12 -41.37 -80.16 49.27
C GLN HB 12 -42.35 -79.72 48.20
N GLU HB 13 -42.05 -78.60 47.54
CA GLU HB 13 -42.91 -78.07 46.49
C GLU HB 13 -43.12 -79.03 45.36
N GLN HB 14 -42.02 -79.55 44.83
CA GLN HB 14 -42.04 -80.49 43.72
C GLN HB 14 -42.86 -81.71 44.05
N ALA HB 15 -42.63 -82.26 45.24
CA ALA HB 15 -43.34 -83.46 45.64
C ALA HB 15 -44.83 -83.25 45.62
N ASN HB 16 -45.29 -82.16 46.20
CA ASN HB 16 -46.73 -81.92 46.23
C ASN HB 16 -47.31 -81.63 44.85
N GLU HB 17 -46.54 -80.98 43.98
CA GLU HB 17 -47.02 -80.70 42.63
C GLU HB 17 -47.20 -81.95 41.80
N VAL HB 18 -46.21 -82.84 41.85
CA VAL HB 18 -46.29 -84.07 41.09
C VAL HB 18 -47.46 -84.91 41.54
N ILE HB 19 -47.64 -85.01 42.85
CA ILE HB 19 -48.74 -85.76 43.40
C ILE HB 19 -50.07 -85.24 42.92
N ALA HB 20 -50.24 -83.92 42.92
CA ALA HB 20 -51.47 -83.31 42.46
C ALA HB 20 -51.84 -83.79 41.07
N VAL HB 21 -50.85 -83.81 40.17
CA VAL HB 21 -51.09 -84.25 38.81
C VAL HB 21 -51.51 -85.72 38.74
N LEU HB 22 -50.80 -86.57 39.47
CA LEU HB 22 -51.12 -87.98 39.45
C LEU HB 22 -52.53 -88.26 39.94
N GLN HB 23 -52.94 -87.56 40.99
CA GLN HB 23 -54.28 -87.74 41.53
C GLN HB 23 -55.31 -87.28 40.53
N MET HB 24 -55.04 -86.17 39.86
CA MET HB 24 -55.93 -85.66 38.83
C MET HB 24 -56.20 -86.69 37.75
N HIS HB 25 -55.18 -87.47 37.43
CA HIS HB 25 -55.33 -88.52 36.43
C HIS HB 25 -55.65 -89.90 37.01
N ASN HB 26 -56.22 -89.93 38.20
CA ASN HB 26 -56.67 -91.16 38.84
C ASN HB 26 -55.55 -92.10 39.25
N ILE HB 27 -54.47 -91.56 39.82
CA ILE HB 27 -53.36 -92.36 40.31
C ILE HB 27 -53.02 -92.04 41.77
N GLU HB 28 -53.11 -93.03 42.64
CA GLU HB 28 -52.73 -92.85 44.03
C GLU HB 28 -51.22 -92.73 44.13
N ALA HB 29 -50.73 -91.94 45.07
CA ALA HB 29 -49.28 -91.78 45.21
C ALA HB 29 -48.87 -91.60 46.66
N ASN HB 30 -47.72 -92.14 47.00
CA ASN HB 30 -47.21 -92.04 48.36
C ASN HB 30 -46.10 -91.04 48.44
N LYS HB 31 -46.12 -90.18 49.45
CA LYS HB 31 -45.03 -89.25 49.65
C LYS HB 31 -44.20 -89.72 50.84
N ILE HB 32 -42.95 -90.07 50.57
CA ILE HB 32 -42.10 -90.59 51.60
C ILE HB 32 -41.03 -89.61 52.03
N ASP HB 33 -41.03 -89.29 53.31
CA ASP HB 33 -40.06 -88.37 53.90
C ASP HB 33 -38.80 -89.11 54.30
N SER HB 34 -37.71 -88.89 53.57
CA SER HB 34 -36.42 -89.53 53.88
C SER HB 34 -35.45 -88.55 54.54
N GLY HB 35 -35.99 -87.55 55.22
CA GLY HB 35 -35.17 -86.58 55.94
C GLY HB 35 -34.35 -85.74 55.00
N LYS HB 36 -33.05 -85.67 55.28
CA LYS HB 36 -32.10 -84.89 54.50
C LYS HB 36 -32.02 -85.31 53.04
N LEU HB 37 -32.51 -86.51 52.72
CA LEU HB 37 -32.44 -86.98 51.36
C LEU HB 37 -33.63 -86.52 50.52
N GLY HB 38 -34.59 -85.83 51.13
CA GLY HB 38 -35.72 -85.30 50.38
C GLY HB 38 -36.92 -86.24 50.36
N TYR HB 39 -37.82 -85.99 49.42
CA TYR HB 39 -39.02 -86.80 49.30
C TYR HB 39 -38.96 -87.77 48.15
N SER HB 40 -39.65 -88.88 48.33
CA SER HB 40 -39.75 -89.88 47.28
C SER HB 40 -41.19 -90.18 46.98
N ILE HB 41 -41.48 -90.42 45.71
CA ILE HB 41 -42.83 -90.73 45.31
C ILE HB 41 -42.92 -92.13 44.77
N THR HB 42 -43.82 -92.92 45.34
CA THR HB 42 -44.00 -94.28 44.88
C THR HB 42 -45.45 -94.54 44.50
N VAL HB 43 -45.64 -95.48 43.58
CA VAL HB 43 -46.98 -95.81 43.09
C VAL HB 43 -47.23 -97.29 43.00
N ALA HB 44 -48.50 -97.65 42.92
CA ALA HB 44 -48.87 -99.05 42.75
C ALA HB 44 -48.43 -99.53 41.39
N GLU HB 45 -47.93 -100.75 41.33
CA GLU HB 45 -47.44 -101.34 40.10
C GLU HB 45 -48.44 -101.28 38.93
N PRO HB 46 -49.76 -101.52 39.15
CA PRO HB 46 -50.81 -101.39 38.14
C PRO HB 46 -50.88 -100.01 37.48
N ASP HB 47 -50.51 -98.98 38.22
CA ASP HB 47 -50.58 -97.61 37.70
C ASP HB 47 -49.25 -97.14 37.16
N PHE HB 48 -48.16 -97.74 37.63
CA PHE HB 48 -46.80 -97.36 37.27
C PHE HB 48 -46.58 -96.98 35.82
N THR HB 49 -47.13 -97.75 34.88
CA THR HB 49 -46.95 -97.42 33.46
C THR HB 49 -47.54 -96.07 33.13
N ALA HB 50 -48.77 -95.85 33.56
CA ALA HB 50 -49.46 -94.61 33.33
C ALA HB 50 -48.76 -93.47 34.04
N ALA HB 51 -48.30 -93.73 35.25
CA ALA HB 51 -47.61 -92.72 36.04
C ALA HB 51 -46.42 -92.19 35.28
N VAL HB 52 -45.61 -93.10 34.72
CA VAL HB 52 -44.45 -92.70 33.95
C VAL HB 52 -44.84 -91.84 32.78
N TYR HB 53 -45.87 -92.26 32.06
CA TYR HB 53 -46.35 -91.50 30.93
C TYR HB 53 -46.65 -90.06 31.30
N TRP HB 54 -47.35 -89.86 32.42
CA TRP HB 54 -47.71 -88.52 32.83
C TRP HB 54 -46.52 -87.70 33.33
N ILE HB 55 -45.52 -88.34 33.95
CA ILE HB 55 -44.32 -87.62 34.36
C ILE HB 55 -43.64 -87.01 33.15
N LYS HB 56 -43.61 -87.78 32.07
CA LYS HB 56 -43.09 -87.29 30.82
C LYS HB 56 -43.93 -86.15 30.28
N THR HB 57 -45.22 -86.40 30.13
CA THR HB 57 -46.17 -85.45 29.57
C THR HB 57 -46.12 -84.07 30.20
N TYR HB 58 -46.05 -84.03 31.53
CA TYR HB 58 -46.05 -82.76 32.23
C TYR HB 58 -44.69 -82.25 32.66
N GLN HB 59 -43.61 -82.73 32.05
CA GLN HB 59 -42.28 -82.24 32.39
C GLN HB 59 -42.02 -82.26 33.90
N LEU HB 60 -42.28 -83.38 34.56
CA LEU HB 60 -42.10 -83.45 35.99
C LEU HB 60 -40.80 -84.13 36.38
N PRO HB 61 -40.26 -83.77 37.55
CA PRO HB 61 -40.69 -82.78 38.53
C PRO HB 61 -40.39 -81.37 38.02
N PRO HB 62 -41.14 -80.37 38.49
CA PRO HB 62 -41.07 -78.95 38.14
C PRO HB 62 -39.72 -78.32 38.39
N ARG HB 63 -39.37 -77.35 37.54
CA ARG HB 63 -38.15 -76.59 37.72
C ARG HB 63 -38.47 -75.44 38.66
N PRO HB 64 -37.45 -74.81 39.24
CA PRO HB 64 -37.55 -73.64 40.10
C PRO HB 64 -37.92 -72.43 39.26
N ARG HB 65 -38.64 -71.49 39.85
CA ARG HB 65 -39.10 -70.32 39.13
C ARG HB 65 -37.98 -69.36 38.79
N VAL HB 66 -37.97 -68.90 37.53
CA VAL HB 66 -36.95 -68.00 37.04
C VAL HB 66 -37.37 -66.54 37.10
N GLU HB 67 -36.52 -65.76 37.75
CA GLU HB 67 -36.71 -64.32 37.91
C GLU HB 67 -35.44 -63.63 37.48
N ILE HB 68 -35.57 -62.47 36.85
CA ILE HB 68 -34.42 -61.80 36.25
C ILE HB 68 -33.31 -61.45 37.22
N ALA HB 69 -33.66 -60.97 38.41
CA ALA HB 69 -32.66 -60.59 39.40
C ALA HB 69 -31.75 -61.72 39.82
N GLN HB 70 -32.13 -62.96 39.56
CA GLN HB 70 -31.32 -64.08 39.96
C GLN HB 70 -30.01 -64.14 39.18
N MET HB 71 -29.94 -63.44 38.05
CA MET HB 71 -28.72 -63.44 37.27
C MET HB 71 -27.91 -62.17 37.38
N PHE HB 72 -28.27 -61.28 38.30
CA PHE HB 72 -27.50 -60.06 38.49
C PHE HB 72 -27.46 -59.75 39.97
N PRO HB 73 -26.80 -60.59 40.77
CA PRO HB 73 -26.72 -60.58 42.22
C PRO HB 73 -25.93 -59.42 42.79
N ALA HB 74 -26.34 -58.99 43.99
CA ALA HB 74 -25.72 -57.88 44.71
C ALA HB 74 -24.37 -58.26 45.28
N ASP HB 75 -24.05 -59.54 45.26
CA ASP HB 75 -22.78 -60.03 45.75
C ASP HB 75 -21.62 -59.62 44.86
N SER HB 76 -21.90 -59.15 43.64
CA SER HB 76 -20.82 -58.71 42.78
C SER HB 76 -20.11 -57.51 43.37
N LEU HB 77 -18.79 -57.52 43.20
CA LEU HB 77 -17.93 -56.46 43.73
C LEU HB 77 -18.16 -55.14 43.01
N VAL HB 78 -18.60 -55.24 41.76
CA VAL HB 78 -18.86 -54.06 40.94
C VAL HB 78 -20.24 -54.18 40.32
N SER HB 79 -20.73 -53.07 39.79
CA SER HB 79 -22.03 -53.08 39.15
C SER HB 79 -22.01 -52.19 37.94
N SER HB 80 -23.08 -52.24 37.17
CA SER HB 80 -23.20 -51.43 35.97
C SER HB 80 -24.62 -50.99 35.88
N PRO HB 81 -24.89 -49.86 35.22
CA PRO HB 81 -26.19 -49.29 34.96
C PRO HB 81 -27.12 -50.33 34.38
N ARG HB 82 -26.58 -51.14 33.49
CA ARG HB 82 -27.34 -52.20 32.86
C ARG HB 82 -27.85 -53.17 33.88
N ALA HB 83 -26.95 -53.66 34.73
CA ALA HB 83 -27.33 -54.62 35.75
C ALA HB 83 -28.30 -54.03 36.76
N GLU HB 84 -28.04 -52.80 37.20
CA GLU HB 84 -28.86 -52.18 38.21
C GLU HB 84 -30.27 -51.94 37.73
N LYS HB 85 -30.42 -51.48 36.49
CA LYS HB 85 -31.74 -51.23 35.97
C LYS HB 85 -32.51 -52.53 35.84
N ALA HB 86 -31.83 -53.60 35.43
CA ALA HB 86 -32.46 -54.91 35.32
C ALA HB 86 -32.94 -55.39 36.68
N ARG HB 87 -32.11 -55.23 37.71
CA ARG HB 87 -32.48 -55.64 39.05
C ARG HB 87 -33.74 -54.96 39.51
N LEU HB 88 -33.84 -53.67 39.27
CA LEU HB 88 -35.01 -52.93 39.66
C LEU HB 88 -36.27 -53.45 39.00
N TYR HB 89 -36.23 -53.64 37.69
CA TYR HB 89 -37.40 -54.11 36.98
C TYR HB 89 -37.85 -55.47 37.46
N SER HB 90 -36.90 -56.33 37.80
CA SER HB 90 -37.23 -57.64 38.30
C SER HB 90 -38.08 -57.53 39.56
N ALA HB 91 -37.64 -56.67 40.48
CA ALA HB 91 -38.37 -56.45 41.71
C ALA HB 91 -39.74 -55.90 41.46
N ILE HB 92 -39.86 -54.98 40.51
CA ILE HB 92 -41.14 -54.39 40.20
C ILE HB 92 -42.13 -55.42 39.68
N GLU HB 93 -41.70 -56.32 38.80
CA GLU HB 93 -42.62 -57.34 38.32
C GLU HB 93 -43.14 -58.17 39.47
N GLN HB 94 -42.24 -58.55 40.38
CA GLN HB 94 -42.63 -59.35 41.52
C GLN HB 94 -43.64 -58.64 42.38
N ARG HB 95 -43.42 -57.35 42.59
CA ARG HB 95 -44.27 -56.56 43.44
C ARG HB 95 -45.65 -56.40 42.82
N LEU HB 96 -45.71 -56.26 41.49
CA LEU HB 96 -47.00 -56.18 40.82
C LEU HB 96 -47.77 -57.49 40.91
N GLU HB 97 -47.06 -58.61 40.85
CA GLU HB 97 -47.72 -59.91 40.99
C GLU HB 97 -48.31 -60.05 42.37
N GLN HB 98 -47.57 -59.61 43.37
CA GLN HB 98 -48.04 -59.65 44.74
C GLN HB 98 -49.33 -58.86 44.90
N SER HB 99 -49.43 -57.73 44.19
CA SER HB 99 -50.63 -56.91 44.27
C SER HB 99 -51.83 -57.52 43.57
N LEU HB 100 -51.65 -58.02 42.35
CA LEU HB 100 -52.81 -58.55 41.62
C LEU HB 100 -53.42 -59.75 42.30
N GLN HB 101 -52.61 -60.55 42.97
CA GLN HB 101 -53.14 -61.72 43.64
C GLN HB 101 -53.98 -61.41 44.88
N THR HB 102 -54.08 -60.12 45.27
CA THR HB 102 -54.92 -59.76 46.39
C THR HB 102 -56.27 -59.23 45.93
N MET HB 103 -56.46 -59.10 44.61
CA MET HB 103 -57.74 -58.61 44.13
C MET HB 103 -58.82 -59.67 44.28
N GLU HB 104 -60.03 -59.23 44.52
CA GLU HB 104 -61.16 -60.11 44.73
C GLU HB 104 -61.38 -61.04 43.56
N GLY HB 105 -61.42 -62.33 43.86
CA GLY HB 105 -61.67 -63.35 42.85
C GLY HB 105 -60.42 -63.87 42.16
N VAL HB 106 -59.27 -63.24 42.40
CA VAL HB 106 -58.06 -63.70 41.74
C VAL HB 106 -57.37 -64.78 42.55
N LEU HB 107 -57.10 -65.89 41.90
CA LEU HB 107 -56.45 -67.03 42.52
C LEU HB 107 -54.97 -67.01 42.21
N SER HB 108 -54.63 -66.60 41.00
CA SER HB 108 -53.24 -66.53 40.58
C SER HB 108 -53.00 -65.52 39.49
N ALA HB 109 -51.83 -64.89 39.50
CA ALA HB 109 -51.55 -63.93 38.44
C ALA HB 109 -50.07 -63.75 38.21
N ARG HB 110 -49.70 -63.53 36.94
CA ARG HB 110 -48.31 -63.34 36.54
C ARG HB 110 -48.17 -62.04 35.75
N VAL HB 111 -47.05 -61.34 35.94
CA VAL HB 111 -46.84 -60.05 35.29
C VAL HB 111 -45.49 -59.90 34.61
N HIS HB 112 -45.50 -59.35 33.40
CA HIS HB 112 -44.28 -59.09 32.66
C HIS HB 112 -44.17 -57.63 32.29
N ILE HB 113 -42.95 -57.11 32.30
CA ILE HB 113 -42.72 -55.74 31.89
C ILE HB 113 -41.58 -55.74 30.91
N SER HB 114 -41.67 -54.91 29.88
CA SER HB 114 -40.61 -54.85 28.91
C SER HB 114 -39.35 -54.25 29.52
N TYR HB 115 -38.21 -54.56 28.92
CA TYR HB 115 -36.93 -54.08 29.43
C TYR HB 115 -36.27 -53.13 28.48
N ASP HB 116 -35.34 -52.35 29.00
CA ASP HB 116 -34.56 -51.39 28.23
C ASP HB 116 -33.13 -51.53 28.63
N ILE HB 117 -32.36 -52.12 27.75
CA ILE HB 117 -30.98 -52.42 28.04
C ILE HB 117 -29.97 -51.48 27.40
N ASP HB 118 -30.37 -50.77 26.35
CA ASP HB 118 -29.39 -49.88 25.76
C ASP HB 118 -29.92 -48.66 25.03
N ALA HB 119 -31.03 -48.07 25.49
CA ALA HB 119 -31.51 -46.83 24.85
C ALA HB 119 -30.48 -45.71 25.06
N GLY HB 120 -30.35 -45.24 26.31
CA GLY HB 120 -29.41 -44.18 26.67
C GLY HB 120 -27.99 -44.51 26.23
N GLU HB 121 -27.63 -45.79 26.35
CA GLU HB 121 -26.33 -46.30 25.89
C GLU HB 121 -25.99 -45.88 24.47
N ASN HB 122 -27.00 -45.87 23.60
CA ASN HB 122 -26.81 -45.54 22.20
C ASN HB 122 -27.15 -44.07 21.89
N GLY HB 123 -27.34 -43.25 22.93
CA GLY HB 123 -27.69 -41.85 22.71
C GLY HB 123 -29.17 -41.68 22.38
N ARG HB 124 -29.96 -42.73 22.62
CA ARG HB 124 -31.37 -42.70 22.29
C ARG HB 124 -32.24 -42.47 23.51
N PRO HB 125 -33.43 -41.91 23.32
CA PRO HB 125 -34.48 -41.74 24.29
C PRO HB 125 -35.07 -43.11 24.56
N PRO HB 126 -35.65 -43.32 25.72
CA PRO HB 126 -36.25 -44.55 26.20
C PRO HB 126 -37.53 -44.86 25.44
N LYS HB 127 -37.85 -46.14 25.37
CA LYS HB 127 -39.06 -46.57 24.68
C LYS HB 127 -40.21 -46.69 25.64
N PRO HB 128 -41.45 -46.67 25.13
CA PRO HB 128 -42.69 -46.85 25.84
C PRO HB 128 -42.67 -48.17 26.54
N VAL HB 129 -43.32 -48.26 27.68
CA VAL HB 129 -43.30 -49.49 28.44
C VAL HB 129 -44.44 -50.41 28.07
N HIS HB 130 -44.13 -51.68 27.87
CA HIS HB 130 -45.15 -52.65 27.55
C HIS HB 130 -45.40 -53.56 28.74
N LEU HB 131 -46.66 -53.90 28.95
CA LEU HB 131 -47.02 -54.77 30.04
C LEU HB 131 -47.90 -55.91 29.59
N SER HB 132 -47.76 -57.06 30.22
CA SER HB 132 -48.65 -58.15 29.91
C SER HB 132 -48.91 -58.93 31.18
N ALA HB 133 -50.06 -59.58 31.24
CA ALA HB 133 -50.36 -60.30 32.46
C ALA HB 133 -51.31 -61.46 32.25
N LEU HB 134 -51.17 -62.45 33.11
CA LEU HB 134 -52.01 -63.62 33.09
C LEU HB 134 -52.79 -63.70 34.38
N ALA HB 135 -54.02 -64.19 34.32
CA ALA HB 135 -54.77 -64.31 35.57
C ALA HB 135 -55.75 -65.46 35.59
N VAL HB 136 -55.90 -66.05 36.78
CA VAL HB 136 -56.83 -67.13 37.04
C VAL HB 136 -57.84 -66.71 38.07
N TYR HB 137 -59.11 -66.81 37.72
CA TYR HB 137 -60.20 -66.43 38.61
C TYR HB 137 -61.00 -67.58 39.17
N GLU HB 138 -61.70 -67.27 40.26
CA GLU HB 138 -62.63 -68.20 40.86
C GLU HB 138 -63.72 -68.52 39.86
N ARG HB 139 -63.97 -69.81 39.66
CA ARG HB 139 -64.95 -70.26 38.69
C ARG HB 139 -66.32 -69.63 38.90
N GLY HB 140 -66.88 -69.12 37.82
CA GLY HB 140 -68.19 -68.47 37.82
C GLY HB 140 -68.11 -66.94 37.82
N SER HB 141 -66.90 -66.41 38.02
CA SER HB 141 -66.64 -64.99 38.03
C SER HB 141 -66.80 -64.35 36.62
N PRO HB 142 -67.29 -63.10 36.52
CA PRO HB 142 -67.55 -62.31 35.30
C PRO HB 142 -66.29 -61.70 34.68
N LEU HB 143 -65.41 -62.58 34.19
CA LEU HB 143 -64.12 -62.25 33.59
C LEU HB 143 -64.13 -61.11 32.57
N ALA HB 144 -65.17 -61.04 31.77
CA ALA HB 144 -65.30 -60.03 30.72
C ALA HB 144 -65.33 -58.60 31.24
N HIS HB 145 -65.57 -58.41 32.53
CA HIS HB 145 -65.64 -57.09 33.09
C HIS HB 145 -64.46 -56.85 33.99
N GLN HB 146 -64.06 -57.90 34.69
CA GLN HB 146 -62.96 -57.85 35.64
C GLN HB 146 -61.65 -57.46 34.99
N ILE HB 147 -61.46 -57.88 33.75
CA ILE HB 147 -60.30 -57.51 32.96
C ILE HB 147 -60.04 -56.00 32.89
N SER HB 148 -61.08 -55.18 33.06
CA SER HB 148 -60.89 -53.74 32.97
C SER HB 148 -60.26 -53.16 34.23
N ASP HB 149 -60.41 -53.85 35.37
CA ASP HB 149 -59.79 -53.37 36.59
C ASP HB 149 -58.32 -53.58 36.53
N ILE HB 150 -57.93 -54.74 36.01
CA ILE HB 150 -56.52 -55.06 35.89
C ILE HB 150 -55.83 -54.06 35.01
N LYS HB 151 -56.45 -53.81 33.87
CA LYS HB 151 -55.88 -52.92 32.90
C LYS HB 151 -55.78 -51.48 33.40
N ARG HB 152 -56.80 -51.01 34.12
CA ARG HB 152 -56.77 -49.66 34.66
C ARG HB 152 -55.71 -49.50 35.74
N PHE HB 153 -55.66 -50.50 36.61
CA PHE HB 153 -54.69 -50.52 37.68
C PHE HB 153 -53.28 -50.45 37.16
N LEU HB 154 -52.97 -51.29 36.19
CA LEU HB 154 -51.64 -51.31 35.61
C LEU HB 154 -51.31 -50.03 34.87
N LYS HB 155 -52.30 -49.43 34.20
CA LYS HB 155 -52.06 -48.22 33.43
C LYS HB 155 -51.41 -47.12 34.26
N ASN HB 156 -51.92 -46.85 35.46
CA ASN HB 156 -51.28 -45.82 36.27
C ASN HB 156 -50.26 -46.36 37.26
N SER HB 157 -49.82 -47.60 37.07
CA SER HB 157 -48.80 -48.19 37.93
C SER HB 157 -47.41 -48.03 37.33
N PHE HB 158 -47.28 -47.27 36.26
CA PHE HB 158 -45.95 -47.12 35.70
C PHE HB 158 -45.84 -45.88 34.83
N ALA HB 159 -44.69 -45.24 34.94
CA ALA HB 159 -44.32 -43.97 34.29
C ALA HB 159 -44.96 -43.68 32.95
N ASP HB 160 -44.96 -44.61 32.01
CA ASP HB 160 -45.53 -44.29 30.71
C ASP HB 160 -46.01 -45.51 29.93
N VAL HB 161 -47.25 -45.87 30.15
CA VAL HB 161 -47.90 -46.95 29.43
C VAL HB 161 -49.22 -46.44 28.89
N ASP HB 162 -49.93 -47.27 28.17
CA ASP HB 162 -51.22 -46.87 27.64
C ASP HB 162 -52.09 -48.09 27.40
N TYR HB 163 -53.37 -47.88 27.07
CA TYR HB 163 -54.29 -48.99 26.93
C TYR HB 163 -54.07 -49.86 25.69
N ASP HB 164 -53.15 -49.50 24.82
CA ASP HB 164 -52.87 -50.32 23.66
C ASP HB 164 -51.61 -51.15 23.87
N ASN HB 165 -50.85 -50.84 24.91
CA ASN HB 165 -49.62 -51.56 25.17
C ASN HB 165 -49.68 -52.38 26.44
N ILE HB 166 -50.90 -52.67 26.89
CA ILE HB 166 -51.13 -53.52 28.04
C ILE HB 166 -52.02 -54.68 27.64
N SER HB 167 -51.52 -55.90 27.75
CA SER HB 167 -52.33 -57.04 27.36
C SER HB 167 -52.64 -57.97 28.52
N VAL HB 168 -53.90 -58.37 28.62
CA VAL HB 168 -54.31 -59.26 29.68
C VAL HB 168 -55.01 -60.48 29.13
N VAL HB 169 -54.48 -61.65 29.47
CA VAL HB 169 -55.06 -62.92 29.07
C VAL HB 169 -55.44 -63.67 30.31
N LEU HB 170 -56.67 -64.10 30.40
CA LEU HB 170 -57.13 -64.73 31.62
C LEU HB 170 -58.20 -65.78 31.45
N SER HB 171 -58.44 -66.52 32.53
CA SER HB 171 -59.45 -67.55 32.57
C SER HB 171 -59.83 -67.88 34.00
N GLU HB 172 -60.37 -69.08 34.22
CA GLU HB 172 -60.81 -69.48 35.55
C GLU HB 172 -60.45 -70.93 35.82
N ARG HB 173 -60.46 -71.28 37.10
CA ARG HB 173 -60.08 -72.63 37.50
C ARG HB 173 -61.02 -73.71 36.99
N SER HB 174 -60.51 -74.93 36.96
CA SER HB 174 -61.24 -76.13 36.54
C SER HB 174 -62.01 -76.75 37.71
N ASP HB 175 -62.75 -77.83 37.40
CA ASP HB 175 -63.53 -78.57 38.40
C ASP HB 175 -62.58 -79.18 39.42
N ALA HB 176 -62.70 -78.74 40.68
CA ALA HB 176 -61.80 -79.16 41.74
C ALA HB 176 -61.80 -80.66 41.96
N GLN HB 177 -60.59 -81.22 42.09
CA GLN HB 177 -60.46 -82.65 42.33
C GLN HB 177 -60.61 -82.92 43.81
N LEU HB 178 -61.85 -83.14 44.21
CA LEU HB 178 -62.16 -83.37 45.62
C LEU HB 178 -62.34 -84.84 45.98
N GLN HB 179 -62.03 -85.75 45.06
CA GLN HB 179 -62.23 -87.17 45.31
C GLN HB 179 -60.95 -87.97 45.14
N ALA HB 180 -60.75 -88.96 46.01
CA ALA HB 180 -59.58 -89.81 45.92
C ALA HB 180 -59.68 -90.74 44.70
N PRO HB 181 -58.57 -90.98 44.00
CA PRO HB 181 -58.40 -91.89 42.86
C PRO HB 181 -58.87 -93.32 43.11
N GLY HB 182 -58.53 -93.86 44.26
CA GLY HB 182 -58.93 -95.21 44.62
C GLY HB 182 -57.80 -96.20 44.35
N THR HB 183 -57.86 -97.34 45.00
CA THR HB 183 -56.84 -98.37 44.84
C THR HB 183 -57.17 -99.28 43.66
N PRO HB 184 -56.21 -100.07 43.20
CA PRO HB 184 -56.32 -101.07 42.15
C PRO HB 184 -57.13 -102.25 42.63
N VAL HB 185 -57.75 -102.96 41.70
CA VAL HB 185 -58.56 -104.11 42.06
C VAL HB 185 -57.73 -105.37 42.13
N LYS HB 186 -57.58 -105.90 43.34
CA LYS HB 186 -56.85 -107.14 43.59
C LYS HB 186 -56.93 -107.52 45.05
N ALA IB 42 -67.27 -107.09 41.31
CA ALA IB 42 -66.70 -105.78 41.02
C ALA IB 42 -67.63 -104.96 40.16
N GLU IB 43 -68.78 -104.59 40.72
CA GLU IB 43 -69.74 -103.79 39.97
C GLU IB 43 -69.10 -102.50 39.51
N LEU IB 44 -69.20 -102.24 38.21
CA LEU IB 44 -68.60 -101.07 37.59
C LEU IB 44 -68.95 -99.76 38.28
N ASP IB 45 -70.18 -99.64 38.76
CA ASP IB 45 -70.60 -98.43 39.45
C ASP IB 45 -69.76 -98.16 40.69
N SER IB 46 -69.29 -99.21 41.35
CA SER IB 46 -68.47 -99.04 42.54
C SER IB 46 -67.01 -98.88 42.15
N LEU IB 47 -66.65 -99.34 40.95
CA LEU IB 47 -65.28 -99.17 40.47
C LEU IB 47 -65.00 -97.73 40.09
N LEU IB 48 -66.02 -97.06 39.55
CA LEU IB 48 -65.92 -95.64 39.18
C LEU IB 48 -65.98 -94.76 40.43
N GLY IB 49 -65.48 -93.53 40.30
CA GLY IB 49 -65.37 -92.54 41.39
C GLY IB 49 -66.54 -92.43 42.39
N GLN IB 50 -66.28 -91.75 43.51
CA GLN IB 50 -67.26 -91.55 44.59
C GLN IB 50 -68.52 -90.86 44.10
N GLU IB 51 -68.35 -89.84 43.28
CA GLU IB 51 -69.51 -89.17 42.74
C GLU IB 51 -69.94 -89.90 41.50
N LYS IB 52 -70.67 -90.99 41.71
CA LYS IB 52 -71.14 -91.86 40.65
C LYS IB 52 -72.03 -91.16 39.62
N GLU IB 53 -72.56 -90.00 39.97
CA GLU IB 53 -73.42 -89.26 39.09
C GLU IB 53 -72.67 -88.55 37.96
N ARG IB 54 -71.34 -88.68 37.93
CA ARG IB 54 -70.55 -88.10 36.86
C ARG IB 54 -70.56 -89.01 35.63
N PHE IB 55 -71.00 -90.26 35.79
CA PHE IB 55 -70.96 -91.20 34.70
C PHE IB 55 -72.30 -91.86 34.46
N GLN IB 56 -72.59 -92.15 33.20
CA GLN IB 56 -73.80 -92.89 32.91
C GLN IB 56 -73.44 -94.23 32.30
N VAL IB 57 -73.59 -95.29 33.08
CA VAL IB 57 -73.29 -96.60 32.58
C VAL IB 57 -74.42 -97.11 31.71
N LEU IB 58 -74.07 -97.60 30.52
CA LEU IB 58 -75.04 -98.05 29.55
C LEU IB 58 -74.82 -99.52 29.20
N PRO IB 59 -75.88 -100.27 28.96
CA PRO IB 59 -75.77 -101.70 28.63
C PRO IB 59 -76.01 -101.95 27.17
N GLY IB 60 -74.93 -102.03 26.38
CA GLY IB 60 -75.06 -102.22 24.95
C GLY IB 60 -75.54 -103.61 24.58
N ARG IB 61 -76.24 -103.70 23.45
CA ARG IB 61 -76.79 -104.97 22.96
C ARG IB 61 -75.71 -105.91 22.47
N ASP IB 62 -74.50 -105.38 22.27
CA ASP IB 62 -73.34 -106.16 21.88
C ASP IB 62 -72.60 -106.78 23.06
N LYS IB 63 -73.21 -106.76 24.26
CA LYS IB 63 -72.64 -107.31 25.49
C LYS IB 63 -71.48 -106.49 26.02
N MET IB 64 -71.35 -105.25 25.56
CA MET IB 64 -70.32 -104.36 26.06
C MET IB 64 -70.96 -103.33 26.96
N LEU IB 65 -70.37 -103.17 28.13
CA LEU IB 65 -70.89 -102.23 29.10
C LEU IB 65 -70.19 -100.90 28.83
N TYR IB 66 -70.98 -99.89 28.51
CA TYR IB 66 -70.41 -98.61 28.14
C TYR IB 66 -70.42 -97.59 29.25
N VAL IB 67 -69.42 -96.71 29.26
CA VAL IB 67 -69.35 -95.65 30.26
C VAL IB 67 -69.43 -94.29 29.62
N ALA IB 68 -70.58 -93.64 29.70
CA ALA IB 68 -70.70 -92.33 29.08
C ALA IB 68 -70.14 -91.26 29.99
N ALA IB 69 -69.17 -90.52 29.46
CA ALA IB 69 -68.54 -89.43 30.18
C ALA IB 69 -68.84 -88.12 29.48
N GLN IB 70 -68.99 -87.05 30.26
CA GLN IB 70 -69.31 -85.74 29.72
C GLN IB 70 -68.10 -84.84 29.51
N ASN IB 71 -66.92 -85.31 29.91
CA ASN IB 71 -65.71 -84.51 29.80
C ASN IB 71 -64.50 -85.37 29.66
N GLU IB 72 -63.52 -84.93 28.86
CA GLU IB 72 -62.29 -85.68 28.64
C GLU IB 72 -61.53 -86.02 29.92
N ARG IB 73 -61.74 -85.28 31.00
CA ARG IB 73 -61.10 -85.63 32.26
C ARG IB 73 -61.75 -86.84 32.87
N ASP IB 74 -63.04 -87.01 32.61
CA ASP IB 74 -63.79 -88.10 33.14
C ASP IB 74 -63.59 -89.29 32.23
N THR IB 75 -63.39 -88.98 30.94
CA THR IB 75 -63.09 -90.01 29.97
C THR IB 75 -61.84 -90.73 30.39
N LEU IB 76 -60.79 -89.95 30.66
CA LEU IB 76 -59.54 -90.53 31.11
C LEU IB 76 -59.68 -91.23 32.43
N TRP IB 77 -60.44 -90.65 33.36
CA TRP IB 77 -60.67 -91.27 34.65
C TRP IB 77 -61.15 -92.71 34.48
N ALA IB 78 -62.22 -92.86 33.71
CA ALA IB 78 -62.83 -94.17 33.46
C ALA IB 78 -61.88 -95.10 32.74
N ARG IB 79 -61.10 -94.59 31.79
CA ARG IB 79 -60.16 -95.43 31.07
C ARG IB 79 -59.10 -95.96 32.02
N GLN IB 80 -58.66 -95.13 32.96
CA GLN IB 80 -57.69 -95.57 33.92
C GLN IB 80 -58.28 -96.62 34.81
N VAL IB 81 -59.56 -96.50 35.16
CA VAL IB 81 -60.22 -97.55 35.95
C VAL IB 81 -60.20 -98.89 35.24
N LEU IB 82 -60.52 -98.88 33.95
CA LEU IB 82 -60.52 -100.12 33.19
C LEU IB 82 -59.14 -100.74 33.07
N ALA IB 83 -58.10 -99.92 32.95
CA ALA IB 83 -56.74 -100.42 32.84
C ALA IB 83 -56.13 -100.80 34.20
N ARG IB 84 -56.48 -100.05 35.25
CA ARG IB 84 -55.96 -100.25 36.60
C ARG IB 84 -56.62 -101.39 37.32
N GLY IB 85 -57.94 -101.33 37.38
CA GLY IB 85 -58.72 -102.34 38.07
C GLY IB 85 -59.13 -103.41 37.11
N ASP IB 86 -60.27 -104.02 37.36
CA ASP IB 86 -60.70 -105.07 36.47
C ASP IB 86 -62.19 -105.24 36.52
N TYR IB 87 -62.69 -105.82 35.46
CA TYR IB 87 -64.09 -106.12 35.30
C TYR IB 87 -64.21 -107.14 34.20
N ASP IB 88 -64.62 -108.36 34.56
CA ASP IB 88 -64.71 -109.45 33.59
C ASP IB 88 -65.89 -109.31 32.65
N LYS IB 89 -65.76 -108.39 31.69
CA LYS IB 89 -66.77 -108.14 30.69
C LYS IB 89 -66.33 -107.04 29.75
N ASN IB 90 -66.73 -107.17 28.49
CA ASN IB 90 -66.43 -106.13 27.51
C ASN IB 90 -66.86 -104.79 28.05
N ALA IB 91 -66.03 -103.78 27.85
CA ALA IB 91 -66.37 -102.45 28.31
C ALA IB 91 -65.70 -101.38 27.45
N ARG IB 92 -66.33 -100.22 27.38
CA ARG IB 92 -65.79 -99.16 26.54
C ARG IB 92 -66.32 -97.78 26.93
N VAL IB 93 -65.41 -96.84 27.12
CA VAL IB 93 -65.77 -95.48 27.50
C VAL IB 93 -66.24 -94.65 26.32
N ILE IB 94 -67.38 -93.99 26.49
CA ILE IB 94 -67.99 -93.13 25.50
C ILE IB 94 -67.72 -91.66 25.71
N ASN IB 95 -67.35 -90.98 24.64
CA ASN IB 95 -67.09 -89.55 24.65
C ASN IB 95 -67.81 -88.90 23.50
N GLU IB 96 -68.75 -88.02 23.82
CA GLU IB 96 -69.59 -87.33 22.86
C GLU IB 96 -68.89 -86.85 21.58
N ASN IB 97 -67.75 -86.19 21.73
CA ASN IB 97 -67.04 -85.72 20.55
C ASN IB 97 -66.37 -86.83 19.81
N GLU IB 98 -65.83 -87.81 20.54
CA GLU IB 98 -65.14 -88.90 19.88
C GLU IB 98 -66.11 -89.75 19.09
N GLU IB 99 -67.32 -89.90 19.62
CA GLU IB 99 -68.33 -90.68 18.94
C GLU IB 99 -68.88 -89.94 17.77
N ASN IB 100 -69.02 -88.63 17.90
CA ASN IB 100 -69.50 -87.82 16.79
C ASN IB 100 -68.53 -88.01 15.63
N LYS IB 101 -67.23 -87.96 15.92
CA LYS IB 101 -66.21 -88.15 14.91
C LYS IB 101 -66.20 -89.54 14.31
N ARG IB 102 -66.27 -90.57 15.16
CA ARG IB 102 -66.27 -91.95 14.68
C ARG IB 102 -67.35 -92.18 13.67
N ILE IB 103 -68.54 -91.70 13.98
CA ILE IB 103 -69.67 -91.81 13.10
C ILE IB 103 -69.45 -91.06 11.81
N SER IB 104 -68.98 -89.82 11.91
CA SER IB 104 -68.79 -89.01 10.71
C SER IB 104 -67.82 -89.65 9.72
N ILE IB 105 -66.86 -90.42 10.22
CA ILE IB 105 -65.93 -91.10 9.34
C ILE IB 105 -66.63 -92.15 8.50
N TRP IB 106 -67.35 -93.03 9.19
CA TRP IB 106 -68.08 -94.10 8.52
C TRP IB 106 -69.09 -93.52 7.57
N LEU IB 107 -69.79 -92.50 8.06
CA LEU IB 107 -70.84 -91.86 7.34
C LEU IB 107 -70.35 -91.25 6.05
N ASP IB 108 -69.20 -90.58 6.07
CA ASP IB 108 -68.66 -90.03 4.83
C ASP IB 108 -68.36 -91.11 3.79
N THR IB 109 -67.83 -92.26 4.23
CA THR IB 109 -67.52 -93.35 3.29
C THR IB 109 -68.75 -93.95 2.63
N TYR IB 110 -69.76 -94.26 3.44
CA TYR IB 110 -70.96 -94.91 2.91
C TYR IB 110 -72.00 -93.97 2.38
N TYR IB 111 -72.08 -92.78 2.95
CA TYR IB 111 -72.98 -91.74 2.49
C TYR IB 111 -72.25 -90.44 2.17
N PRO IB 112 -71.40 -90.43 1.15
CA PRO IB 112 -70.63 -89.30 0.72
C PRO IB 112 -71.60 -88.27 0.20
N GLN IB 113 -71.23 -87.01 0.36
CA GLN IB 113 -72.04 -85.86 -0.02
C GLN IB 113 -73.26 -85.64 0.89
N LEU IB 114 -73.46 -86.45 1.93
CA LEU IB 114 -74.57 -86.22 2.84
C LEU IB 114 -74.37 -84.91 3.58
N ALA IB 115 -75.36 -84.03 3.54
CA ALA IB 115 -75.23 -82.76 4.23
C ALA IB 115 -75.83 -82.84 5.62
N TYR IB 116 -75.00 -82.73 6.65
CA TYR IB 116 -75.48 -82.83 8.02
C TYR IB 116 -74.69 -81.95 8.96
N TYR IB 117 -75.18 -81.81 10.19
CA TYR IB 117 -74.58 -80.93 11.17
C TYR IB 117 -73.87 -81.65 12.30
N ARG IB 118 -74.63 -82.10 13.30
CA ARG IB 118 -74.00 -82.73 14.44
C ARG IB 118 -74.96 -83.63 15.17
N ILE IB 119 -74.43 -84.71 15.75
CA ILE IB 119 -75.26 -85.61 16.52
C ILE IB 119 -75.30 -85.18 17.98
N HIS IB 120 -76.50 -85.01 18.50
CA HIS IB 120 -76.71 -84.60 19.86
C HIS IB 120 -77.00 -85.82 20.69
N PHE IB 121 -76.04 -86.23 21.48
CA PHE IB 121 -76.21 -87.46 22.21
C PHE IB 121 -77.12 -87.33 23.42
N ASP IB 122 -76.99 -86.22 24.16
CA ASP IB 122 -77.83 -85.89 25.33
C ASP IB 122 -78.35 -87.11 26.08
N GLU IB 123 -79.48 -87.66 25.63
CA GLU IB 123 -80.04 -88.87 26.21
C GLU IB 123 -79.60 -90.10 25.42
N PRO IB 124 -78.43 -90.68 25.77
CA PRO IB 124 -77.78 -91.83 25.12
C PRO IB 124 -78.70 -92.71 24.26
N ARG IB 125 -79.80 -93.16 24.84
CA ARG IB 125 -80.78 -94.03 24.23
C ARG IB 125 -81.31 -93.56 22.88
N LYS IB 126 -81.56 -92.27 22.77
CA LYS IB 126 -82.13 -91.68 21.58
C LYS IB 126 -81.44 -90.39 21.17
N PRO IB 127 -80.26 -90.46 20.55
CA PRO IB 127 -79.47 -89.35 20.07
C PRO IB 127 -80.18 -88.73 18.89
N VAL IB 128 -79.98 -87.44 18.71
CA VAL IB 128 -80.63 -86.70 17.64
C VAL IB 128 -79.65 -86.36 16.55
N PHE IB 129 -80.02 -86.63 15.32
CA PHE IB 129 -79.15 -86.39 14.20
C PHE IB 129 -79.61 -85.18 13.40
N TRP IB 130 -78.87 -84.07 13.45
CA TRP IB 130 -79.30 -82.93 12.64
C TRP IB 130 -78.84 -83.09 11.20
N LEU IB 131 -79.79 -82.98 10.30
CA LEU IB 131 -79.62 -83.18 8.86
C LEU IB 131 -80.03 -81.92 8.09
N SER IB 132 -79.26 -81.52 7.08
CA SER IB 132 -79.63 -80.31 6.34
C SER IB 132 -80.94 -80.48 5.56
N ARG IB 133 -81.97 -79.79 6.01
CA ARG IB 133 -83.29 -79.85 5.39
C ARG IB 133 -83.27 -79.43 3.93
N GLN IB 134 -82.56 -78.35 3.64
CA GLN IB 134 -82.54 -77.79 2.31
C GLN IB 134 -81.60 -78.48 1.35
N ARG IB 135 -80.44 -78.96 1.81
CA ARG IB 135 -79.52 -79.59 0.88
C ARG IB 135 -79.79 -81.05 0.59
N ASN IB 136 -80.45 -81.78 1.49
CA ASN IB 136 -80.70 -83.18 1.22
C ASN IB 136 -82.06 -83.40 0.59
N THR IB 137 -82.10 -84.33 -0.36
CA THR IB 137 -83.31 -84.66 -1.10
C THR IB 137 -83.68 -86.14 -0.94
N MET IB 138 -83.22 -86.75 0.16
CA MET IB 138 -83.49 -88.16 0.41
C MET IB 138 -84.96 -88.41 0.68
N SER IB 139 -85.44 -89.58 0.25
CA SER IB 139 -86.83 -89.94 0.47
C SER IB 139 -87.00 -90.43 1.88
N LYS IB 140 -88.24 -90.49 2.34
CA LYS IB 140 -88.56 -90.97 3.68
C LYS IB 140 -88.00 -92.37 3.91
N LYS IB 141 -88.13 -93.23 2.90
CA LYS IB 141 -87.65 -94.59 2.98
C LYS IB 141 -86.14 -94.62 3.10
N GLU IB 142 -85.47 -93.77 2.33
CA GLU IB 142 -84.03 -93.68 2.39
C GLU IB 142 -83.56 -93.23 3.76
N LEU IB 143 -84.30 -92.29 4.34
CA LEU IB 143 -83.98 -91.80 5.67
C LEU IB 143 -84.17 -92.89 6.71
N GLU IB 144 -85.18 -93.75 6.52
CA GLU IB 144 -85.35 -94.88 7.41
C GLU IB 144 -84.11 -95.73 7.44
N VAL IB 145 -83.64 -96.08 6.25
CA VAL IB 145 -82.44 -96.90 6.10
C VAL IB 145 -81.25 -96.25 6.76
N LEU IB 146 -81.08 -94.95 6.53
CA LEU IB 146 -79.99 -94.19 7.12
C LEU IB 146 -79.99 -94.32 8.63
N SER IB 147 -81.16 -94.13 9.26
CA SER IB 147 -81.24 -94.24 10.70
C SER IB 147 -80.90 -95.63 11.18
N GLN IB 148 -81.25 -96.64 10.39
CA GLN IB 148 -80.94 -98.01 10.75
C GLN IB 148 -79.45 -98.26 10.73
N LYS IB 149 -78.75 -97.65 9.78
CA LYS IB 149 -77.31 -97.81 9.72
C LYS IB 149 -76.68 -97.13 10.92
N LEU IB 150 -77.23 -95.99 11.30
CA LEU IB 150 -76.72 -95.28 12.46
C LEU IB 150 -76.94 -96.10 13.72
N ARG IB 151 -78.07 -96.80 13.80
CA ARG IB 151 -78.34 -97.65 14.95
C ARG IB 151 -77.29 -98.73 15.03
N ALA IB 152 -76.90 -99.28 13.89
CA ALA IB 152 -75.85 -100.28 13.85
C ALA IB 152 -74.53 -99.73 14.38
N LEU IB 153 -74.25 -98.47 14.05
CA LEU IB 153 -73.03 -97.83 14.53
C LEU IB 153 -73.01 -97.56 16.02
N MET IB 154 -74.20 -97.46 16.63
CA MET IB 154 -74.33 -97.19 18.07
C MET IB 154 -75.02 -98.33 18.84
N PRO IB 155 -74.26 -99.34 19.30
CA PRO IB 155 -74.64 -100.54 20.06
C PRO IB 155 -75.54 -100.28 21.26
N TYR IB 156 -75.41 -99.11 21.85
CA TYR IB 156 -76.22 -98.77 23.02
C TYR IB 156 -77.54 -98.11 22.66
N ALA IB 157 -77.49 -97.19 21.71
CA ALA IB 157 -78.67 -96.44 21.30
C ALA IB 157 -79.76 -97.40 20.86
N ASP IB 158 -80.98 -97.07 21.23
CA ASP IB 158 -82.11 -97.91 20.86
C ASP IB 158 -82.65 -97.48 19.53
N SER IB 159 -82.64 -96.17 19.29
CA SER IB 159 -83.10 -95.65 18.01
C SER IB 159 -82.44 -94.32 17.74
N VAL IB 160 -82.53 -93.85 16.50
CA VAL IB 160 -81.93 -92.59 16.13
C VAL IB 160 -82.97 -91.62 15.63
N ASN IB 161 -83.00 -90.43 16.18
CA ASN IB 161 -83.97 -89.44 15.77
C ASN IB 161 -83.39 -88.49 14.75
N ILE IB 162 -83.52 -88.83 13.48
CA ILE IB 162 -83.06 -87.94 12.44
C ILE IB 162 -84.06 -86.84 12.22
N THR IB 163 -83.58 -85.60 12.22
CA THR IB 163 -84.45 -84.46 12.01
C THR IB 163 -83.78 -83.47 11.10
N LEU IB 164 -84.60 -82.76 10.34
CA LEU IB 164 -84.09 -81.84 9.35
C LEU IB 164 -84.08 -80.41 9.86
N MET IB 165 -82.93 -79.75 9.73
CA MET IB 165 -82.73 -78.37 10.19
C MET IB 165 -82.63 -77.40 9.03
N ASP IB 166 -83.10 -76.18 9.22
CA ASP IB 166 -83.04 -75.19 8.16
C ASP IB 166 -81.73 -74.41 8.18
N ASP IB 167 -80.94 -74.60 7.12
CA ASP IB 167 -79.64 -73.95 6.95
C ASP IB 167 -79.64 -72.45 7.22
N VAL IB 168 -80.75 -71.80 6.88
CA VAL IB 168 -80.88 -70.36 7.07
C VAL IB 168 -80.83 -69.98 8.53
N THR IB 169 -81.47 -70.78 9.38
CA THR IB 169 -81.52 -70.44 10.79
C THR IB 169 -80.18 -70.67 11.43
N ALA IB 170 -79.42 -71.63 10.90
CA ALA IB 170 -78.07 -71.86 11.42
C ALA IB 170 -77.21 -70.64 11.16
N ALA IB 171 -77.24 -70.16 9.93
CA ALA IB 171 -76.47 -68.98 9.55
C ALA IB 171 -76.95 -67.74 10.28
N GLY IB 172 -78.27 -67.61 10.42
CA GLY IB 172 -78.86 -66.46 11.08
C GLY IB 172 -78.37 -66.33 12.50
N GLN IB 173 -78.37 -67.43 13.24
CA GLN IB 173 -77.90 -67.39 14.61
C GLN IB 173 -76.43 -67.06 14.70
N ALA IB 174 -75.63 -67.62 13.78
CA ALA IB 174 -74.20 -67.35 13.78
C ALA IB 174 -73.92 -65.86 13.66
N GLU IB 175 -74.55 -65.22 12.69
CA GLU IB 175 -74.30 -63.82 12.49
C GLU IB 175 -74.92 -62.95 13.56
N ALA IB 176 -76.14 -63.27 13.98
CA ALA IB 176 -76.84 -62.48 14.97
C ALA IB 176 -76.05 -62.36 16.27
N GLY IB 177 -75.57 -63.49 16.78
CA GLY IB 177 -74.80 -63.47 18.02
C GLY IB 177 -73.49 -62.73 17.83
N LEU IB 178 -72.86 -62.95 16.69
CA LEU IB 178 -71.59 -62.33 16.36
C LEU IB 178 -71.69 -60.81 16.40
N LYS IB 179 -72.72 -60.26 15.77
CA LYS IB 179 -72.90 -58.81 15.79
C LYS IB 179 -73.46 -58.32 17.12
N GLN IB 180 -74.17 -59.16 17.87
CA GLN IB 180 -74.64 -58.78 19.20
C GLN IB 180 -73.46 -58.45 20.11
N GLN IB 181 -72.40 -59.24 19.97
CA GLN IB 181 -71.17 -59.02 20.72
C GLN IB 181 -70.36 -57.80 20.26
N ALA IB 182 -70.86 -57.06 19.26
CA ALA IB 182 -70.23 -55.87 18.72
C ALA IB 182 -68.91 -56.18 18.07
N LEU IB 183 -68.80 -57.36 17.47
CA LEU IB 183 -67.56 -57.75 16.82
C LEU IB 183 -67.59 -57.37 15.37
N PRO IB 184 -66.45 -56.96 14.80
CA PRO IB 184 -66.23 -56.65 13.41
C PRO IB 184 -66.09 -57.94 12.65
N TYR IB 185 -66.64 -58.01 11.45
CA TYR IB 185 -66.52 -59.23 10.68
C TYR IB 185 -66.93 -59.02 9.25
N SER IB 186 -66.64 -60.01 8.42
CA SER IB 186 -67.09 -59.95 7.05
C SER IB 186 -67.57 -61.35 6.65
N ARG IB 187 -68.82 -61.42 6.26
CA ARG IB 187 -69.46 -62.67 5.90
C ARG IB 187 -69.07 -63.16 4.50
N ARG IB 188 -68.91 -64.47 4.36
CA ARG IB 188 -68.55 -65.10 3.11
C ARG IB 188 -69.50 -66.20 2.72
N ASN IB 189 -70.55 -65.85 2.00
CA ASN IB 189 -71.48 -66.87 1.56
C ASN IB 189 -70.92 -67.59 0.36
N HIS IB 190 -71.01 -68.92 0.36
CA HIS IB 190 -70.58 -69.68 -0.80
C HIS IB 190 -71.41 -70.93 -0.91
N LYS IB 191 -71.35 -71.59 -2.04
CA LYS IB 191 -72.15 -72.78 -2.18
C LYS IB 191 -71.69 -73.80 -1.18
N GLY IB 192 -72.63 -74.29 -0.36
CA GLY IB 192 -72.33 -75.30 0.62
C GLY IB 192 -71.94 -74.79 2.02
N GLY IB 193 -71.83 -73.47 2.21
CA GLY IB 193 -71.47 -73.00 3.55
C GLY IB 193 -71.27 -71.50 3.67
N VAL IB 194 -70.81 -71.07 4.84
CA VAL IB 194 -70.56 -69.66 5.07
C VAL IB 194 -69.42 -69.46 6.04
N THR IB 195 -68.55 -68.50 5.73
CA THR IB 195 -67.42 -68.22 6.60
C THR IB 195 -67.45 -66.79 7.14
N PHE IB 196 -67.17 -66.64 8.42
CA PHE IB 196 -67.16 -65.32 9.06
C PHE IB 196 -65.74 -64.89 9.38
N VAL IB 197 -65.24 -63.95 8.60
CA VAL IB 197 -63.87 -63.49 8.73
C VAL IB 197 -63.73 -62.33 9.69
N ILE IB 198 -62.85 -62.49 10.66
CA ILE IB 198 -62.60 -61.43 11.65
C ILE IB 198 -61.13 -61.03 11.61
N GLN IB 199 -60.84 -59.88 11.01
CA GLN IB 199 -59.46 -59.42 10.89
C GLN IB 199 -59.21 -58.10 11.57
N GLY IB 200 -57.92 -57.75 11.64
CA GLY IB 200 -57.49 -56.49 12.22
C GLY IB 200 -56.96 -56.69 13.62
N ALA IB 201 -56.46 -55.61 14.22
CA ALA IB 201 -55.98 -55.69 15.59
C ALA IB 201 -57.19 -55.77 16.50
N LEU IB 202 -57.10 -56.57 17.53
CA LEU IB 202 -58.23 -56.74 18.42
C LEU IB 202 -57.92 -56.41 19.87
N ASP IB 203 -58.90 -55.80 20.53
CA ASP IB 203 -58.83 -55.47 21.94
C ASP IB 203 -58.98 -56.73 22.74
N ASP IB 204 -58.19 -56.90 23.79
CA ASP IB 204 -58.26 -58.10 24.62
C ASP IB 204 -59.69 -58.46 25.06
N VAL IB 205 -60.53 -57.44 25.24
CA VAL IB 205 -61.88 -57.67 25.68
C VAL IB 205 -62.70 -58.32 24.57
N GLU IB 206 -62.63 -57.76 23.36
CA GLU IB 206 -63.37 -58.33 22.26
C GLU IB 206 -62.81 -59.67 21.83
N ILE IB 207 -61.53 -59.93 22.12
CA ILE IB 207 -60.98 -61.23 21.82
C ILE IB 207 -61.65 -62.28 22.68
N LEU IB 208 -61.75 -62.00 23.98
CA LEU IB 208 -62.41 -62.91 24.89
C LEU IB 208 -63.84 -63.18 24.46
N ARG IB 209 -64.58 -62.12 24.19
CA ARG IB 209 -65.97 -62.24 23.77
C ARG IB 209 -66.12 -63.07 22.51
N ALA IB 210 -65.24 -62.86 21.54
CA ALA IB 210 -65.30 -63.58 20.30
C ALA IB 210 -65.15 -65.06 20.51
N ARG IB 211 -64.15 -65.46 21.28
CA ARG IB 211 -63.96 -66.87 21.49
C ARG IB 211 -65.12 -67.53 22.20
N GLN IB 212 -65.65 -66.86 23.23
CA GLN IB 212 -66.76 -67.43 23.97
C GLN IB 212 -67.93 -67.74 23.06
N PHE IB 213 -68.25 -66.78 22.19
CA PHE IB 213 -69.32 -66.96 21.23
C PHE IB 213 -69.08 -68.12 20.29
N VAL IB 214 -67.89 -68.14 19.69
CA VAL IB 214 -67.56 -69.18 18.73
C VAL IB 214 -67.61 -70.55 19.32
N ASP IB 215 -67.05 -70.73 20.51
CA ASP IB 215 -67.08 -72.03 21.16
C ASP IB 215 -68.50 -72.52 21.37
N SER IB 216 -69.39 -71.63 21.80
CA SER IB 216 -70.77 -72.03 22.01
C SER IB 216 -71.49 -72.41 20.73
N TYR IB 217 -71.26 -71.64 19.67
CA TYR IB 217 -71.90 -71.93 18.40
C TYR IB 217 -71.46 -73.30 17.91
N TYR IB 218 -70.16 -73.54 17.99
CA TYR IB 218 -69.60 -74.81 17.59
C TYR IB 218 -70.22 -75.94 18.37
N ARG IB 219 -70.23 -75.82 19.69
CA ARG IB 219 -70.81 -76.84 20.55
C ARG IB 219 -72.21 -77.23 20.13
N THR IB 220 -73.03 -76.24 19.76
CA THR IB 220 -74.40 -76.52 19.36
C THR IB 220 -74.51 -77.06 17.93
N TRP IB 221 -74.18 -76.22 16.97
CA TRP IB 221 -74.35 -76.58 15.58
C TRP IB 221 -73.23 -77.39 14.96
N GLY IB 222 -72.01 -77.17 15.42
CA GLY IB 222 -70.86 -77.85 14.83
C GLY IB 222 -70.26 -76.96 13.75
N GLY IB 223 -69.09 -77.34 13.24
CA GLY IB 223 -68.40 -76.54 12.24
C GLY IB 223 -68.48 -77.06 10.81
N ARG IB 224 -69.57 -77.71 10.44
CA ARG IB 224 -69.67 -78.23 9.07
C ARG IB 224 -70.33 -77.28 8.09
N TYR IB 225 -71.01 -76.26 8.59
CA TYR IB 225 -71.66 -75.31 7.70
C TYR IB 225 -71.12 -73.92 7.94
N VAL IB 226 -71.07 -73.52 9.20
CA VAL IB 226 -70.53 -72.23 9.57
C VAL IB 226 -69.09 -72.35 10.04
N GLN IB 227 -68.22 -71.61 9.38
CA GLN IB 227 -66.82 -71.59 9.73
C GLN IB 227 -66.39 -70.22 10.19
N PHE IB 228 -65.78 -70.12 11.35
CA PHE IB 228 -65.32 -68.82 11.82
C PHE IB 228 -63.83 -68.70 11.56
N ALA IB 229 -63.36 -67.48 11.34
CA ALA IB 229 -61.96 -67.26 11.03
C ALA IB 229 -61.38 -66.05 11.73
N ILE IB 230 -60.94 -66.24 12.96
CA ILE IB 230 -60.34 -65.16 13.73
C ILE IB 230 -58.88 -64.99 13.35
N GLU IB 231 -58.53 -63.81 12.88
CA GLU IB 231 -57.16 -63.52 12.45
C GLU IB 231 -56.63 -62.23 13.06
N LEU IB 232 -55.85 -62.38 14.11
CA LEU IB 232 -55.26 -61.25 14.80
C LEU IB 232 -54.11 -60.67 13.98
N LYS IB 233 -54.33 -59.48 13.41
CA LYS IB 233 -53.32 -58.87 12.54
C LYS IB 233 -53.07 -57.40 12.81
N ASP IB 234 -51.91 -56.91 12.39
CA ASP IB 234 -51.56 -55.50 12.56
C ASP IB 234 -52.22 -54.63 11.51
N ASP IB 235 -52.54 -53.40 11.90
CA ASP IB 235 -53.17 -52.43 11.01
C ASP IB 235 -52.23 -51.26 10.74
N ASP JB 3 -54.56 -88.56 58.66
CA ASP JB 3 -53.25 -88.35 59.28
C ASP JB 3 -52.17 -88.28 58.21
N LYS JB 4 -52.24 -87.25 57.36
CA LYS JB 4 -51.26 -87.10 56.31
C LYS JB 4 -50.45 -85.83 56.47
N ASP JB 5 -49.17 -85.90 56.09
CA ASP JB 5 -48.33 -84.71 56.15
C ASP JB 5 -48.53 -83.90 54.89
N LEU JB 6 -48.83 -82.62 55.05
CA LEU JB 6 -49.06 -81.76 53.90
C LEU JB 6 -47.86 -80.83 53.70
N LEU JB 7 -47.60 -79.99 54.70
CA LEU JB 7 -46.48 -79.03 54.61
C LEU JB 7 -45.57 -79.11 55.83
N LYS JB 8 -44.27 -78.81 55.62
CA LYS JB 8 -43.31 -78.83 56.72
C LYS JB 8 -42.33 -77.67 56.64
N GLY JB 9 -41.84 -77.22 57.79
CA GLY JB 9 -40.84 -76.16 57.82
C GLY JB 9 -41.41 -74.79 57.55
N LEU JB 10 -42.69 -74.60 57.85
CA LEU JB 10 -43.32 -73.33 57.59
C LEU JB 10 -43.01 -72.32 58.65
N ASP JB 11 -42.99 -71.05 58.28
CA ASP JB 11 -42.79 -70.06 59.32
C ASP JB 11 -44.18 -69.76 59.87
N GLN JB 12 -44.25 -68.89 60.85
CA GLN JB 12 -45.51 -68.60 61.51
C GLN JB 12 -46.58 -68.03 60.57
N GLU JB 13 -46.20 -67.02 59.79
CA GLU JB 13 -47.12 -66.38 58.86
C GLU JB 13 -47.71 -67.34 57.85
N GLN JB 14 -46.82 -68.08 57.19
CA GLN JB 14 -47.20 -69.05 56.18
C GLN JB 14 -48.16 -70.08 56.73
N ALA JB 15 -47.82 -70.62 57.91
CA ALA JB 15 -48.65 -71.63 58.51
C ALA JB 15 -50.06 -71.15 58.72
N ASN JB 16 -50.22 -69.96 59.29
CA ASN JB 16 -51.55 -69.44 59.53
C ASN JB 16 -52.30 -69.12 58.25
N GLU JB 17 -51.60 -68.67 57.22
CA GLU JB 17 -52.26 -68.36 55.96
C GLU JB 17 -52.80 -69.59 55.27
N VAL JB 18 -52.00 -70.64 55.22
CA VAL JB 18 -52.42 -71.88 54.57
C VAL JB 18 -53.62 -72.45 55.27
N ILE JB 19 -53.58 -72.46 56.60
CA ILE JB 19 -54.70 -72.97 57.38
C ILE JB 19 -55.96 -72.22 57.09
N ALA JB 20 -55.89 -70.89 57.02
CA ALA JB 20 -57.06 -70.09 56.73
C ALA JB 20 -57.75 -70.56 55.46
N VAL JB 21 -56.96 -70.80 54.41
CA VAL JB 21 -57.50 -71.26 53.14
C VAL JB 21 -58.19 -72.62 53.26
N LEU JB 22 -57.53 -73.55 53.93
CA LEU JB 22 -58.09 -74.88 54.07
C LEU JB 22 -59.41 -74.86 54.81
N GLN JB 23 -59.50 -74.05 55.85
CA GLN JB 23 -60.73 -73.94 56.61
C GLN JB 23 -61.82 -73.35 55.78
N MET JB 24 -61.48 -72.35 54.98
CA MET JB 24 -62.44 -71.71 54.09
C MET JB 24 -63.07 -72.73 53.14
N HIS JB 25 -62.28 -73.71 52.71
CA HIS JB 25 -62.79 -74.75 51.85
C HIS JB 25 -63.25 -76.01 52.56
N ASN JB 26 -63.60 -75.88 53.83
CA ASN JB 26 -64.12 -76.98 54.65
C ASN JB 26 -63.13 -78.10 54.93
N ILE JB 27 -61.90 -77.74 55.27
CA ILE JB 27 -60.89 -78.72 55.63
C ILE JB 27 -60.24 -78.39 56.97
N GLU JB 28 -60.35 -79.32 57.93
CA GLU JB 28 -59.69 -79.14 59.22
C GLU JB 28 -58.19 -79.31 59.05
N ALA JB 29 -57.41 -78.58 59.84
CA ALA JB 29 -55.96 -78.70 59.72
C ALA JB 29 -55.27 -78.52 61.06
N ASN JB 30 -54.18 -79.26 61.25
CA ASN JB 30 -53.45 -79.20 62.49
C ASN JB 30 -52.18 -78.42 62.30
N LYS JB 31 -51.87 -77.52 63.23
CA LYS JB 31 -50.60 -76.80 63.19
C LYS JB 31 -49.68 -77.38 64.24
N ILE JB 32 -48.58 -77.96 63.81
CA ILE JB 32 -47.66 -78.59 64.72
C ILE JB 32 -46.38 -77.82 64.88
N ASP JB 33 -46.09 -77.45 66.11
CA ASP JB 33 -44.88 -76.70 66.46
C ASP JB 33 -43.72 -77.64 66.71
N SER JB 34 -42.75 -77.66 65.80
CA SER JB 34 -41.58 -78.52 65.92
C SER JB 34 -40.33 -77.72 66.33
N GLY JB 35 -40.56 -76.60 67.02
CA GLY JB 35 -39.47 -75.77 67.52
C GLY JB 35 -38.69 -75.14 66.39
N LYS JB 36 -37.37 -75.31 66.45
CA LYS JB 36 -36.45 -74.75 65.46
C LYS JB 36 -36.70 -75.25 64.04
N LEU JB 37 -37.45 -76.35 63.90
CA LEU JB 37 -37.71 -76.88 62.59
C LEU JB 37 -38.92 -76.25 61.93
N GLY JB 38 -39.62 -75.35 62.62
CA GLY JB 38 -40.76 -74.66 62.05
C GLY JB 38 -42.09 -75.36 62.30
N TYR JB 39 -43.08 -74.99 61.50
CA TYR JB 39 -44.41 -75.56 61.65
C TYR JB 39 -44.74 -76.58 60.58
N SER JB 40 -45.57 -77.53 60.96
CA SER JB 40 -46.02 -78.53 60.02
C SER JB 40 -47.52 -78.58 59.98
N ILE JB 41 -48.08 -78.80 58.81
CA ILE JB 41 -49.51 -78.88 58.67
C ILE JB 41 -49.94 -80.26 58.25
N THR JB 42 -50.86 -80.84 59.03
CA THR JB 42 -51.36 -82.17 58.71
C THR JB 42 -52.86 -82.16 58.59
N VAL JB 43 -53.38 -83.09 57.79
CA VAL JB 43 -54.83 -83.17 57.56
C VAL JB 43 -55.35 -84.59 57.63
N ALA JB 44 -56.66 -84.71 57.78
CA ALA JB 44 -57.29 -86.01 57.80
C ALA JB 44 -57.19 -86.63 56.42
N GLU JB 45 -56.94 -87.92 56.38
CA GLU JB 45 -56.79 -88.64 55.13
C GLU JB 45 -57.96 -88.45 54.14
N PRO JB 46 -59.23 -88.42 54.59
CA PRO JB 46 -60.41 -88.15 53.77
C PRO JB 46 -60.34 -86.81 53.03
N ASP JB 47 -59.67 -85.83 53.61
CA ASP JB 47 -59.58 -84.51 53.00
C ASP JB 47 -58.31 -84.32 52.21
N PHE JB 48 -57.28 -85.10 52.55
CA PHE JB 48 -55.97 -85.00 51.93
C PHE JB 48 -55.95 -84.72 50.43
N THR JB 49 -56.78 -85.42 49.66
CA THR JB 49 -56.79 -85.20 48.21
C THR JB 49 -57.18 -83.77 47.88
N ALA JB 50 -58.25 -83.31 48.50
CA ALA JB 50 -58.75 -81.97 48.28
C ALA JB 50 -57.74 -80.95 48.78
N ALA JB 51 -57.12 -81.24 49.91
CA ALA JB 51 -56.14 -80.34 50.50
C ALA JB 51 -55.02 -80.08 49.52
N VAL JB 52 -54.50 -81.15 48.90
CA VAL JB 52 -53.45 -81.01 47.92
C VAL JB 52 -53.88 -80.15 46.77
N TYR JB 53 -55.08 -80.40 46.27
CA TYR JB 53 -55.61 -79.61 45.18
C TYR JB 53 -55.58 -78.13 45.47
N TRP JB 54 -56.02 -77.76 46.68
CA TRP JB 54 -56.06 -76.35 47.04
C TRP JB 54 -54.67 -75.75 47.27
N ILE JB 55 -53.71 -76.54 47.76
CA ILE JB 55 -52.34 -76.04 47.90
C ILE JB 55 -51.80 -75.62 46.56
N LYS JB 56 -52.10 -76.43 45.55
CA LYS JB 56 -51.72 -76.10 44.20
C LYS JB 56 -52.43 -74.85 43.72
N THR JB 57 -53.76 -74.86 43.80
CA THR JB 57 -54.59 -73.77 43.33
C THR JB 57 -54.20 -72.40 43.85
N TYR JB 58 -53.88 -72.31 45.13
CA TYR JB 58 -53.53 -71.04 45.72
C TYR JB 58 -52.06 -70.77 45.88
N GLN JB 59 -51.20 -71.48 45.14
CA GLN JB 59 -49.76 -71.22 45.22
C GLN JB 59 -49.24 -71.23 46.65
N LEU JB 60 -49.58 -72.25 47.43
CA LEU JB 60 -49.17 -72.29 48.82
C LEU JB 60 -47.96 -73.19 49.05
N PRO JB 61 -47.16 -72.88 50.08
CA PRO JB 61 -47.22 -71.79 51.03
C PRO JB 61 -46.78 -70.48 50.38
N PRO JB 62 -47.24 -69.33 50.88
CA PRO JB 62 -46.99 -67.98 50.42
C PRO JB 62 -45.51 -67.59 50.38
N ARG JB 63 -45.16 -66.75 49.42
CA ARG JB 63 -43.81 -66.23 49.33
C ARG JB 63 -43.74 -65.00 50.21
N PRO JB 64 -42.54 -64.55 50.58
CA PRO JB 64 -42.29 -63.34 51.35
C PRO JB 64 -42.58 -62.13 50.48
N ARG JB 65 -43.00 -61.04 51.11
CA ARG JB 65 -43.37 -59.84 50.39
C ARG JB 65 -42.17 -59.11 49.80
N VAL JB 66 -42.30 -58.73 48.53
CA VAL JB 66 -41.24 -58.05 47.80
C VAL JB 66 -41.37 -56.55 47.82
N GLU JB 67 -40.30 -55.91 48.25
CA GLU JB 67 -40.21 -54.46 48.34
C GLU JB 67 -38.93 -54.04 47.64
N ILE JB 68 -38.96 -52.91 46.95
CA ILE JB 68 -37.83 -52.49 46.13
C ILE JB 68 -36.52 -52.31 46.86
N ALA JB 69 -36.56 -51.73 48.05
CA ALA JB 69 -35.35 -51.49 48.83
C ALA JB 69 -34.59 -52.75 49.18
N GLN JB 70 -35.24 -53.91 49.08
CA GLN JB 70 -34.58 -55.15 49.43
C GLN JB 70 -33.46 -55.48 48.46
N MET JB 71 -33.46 -54.86 47.27
CA MET JB 71 -32.43 -55.13 46.30
C MET JB 71 -31.39 -54.03 46.18
N PHE JB 72 -31.42 -53.05 47.07
CA PHE JB 72 -30.42 -52.00 47.04
C PHE JB 72 -30.06 -51.62 48.46
N PRO JB 73 -29.43 -52.54 49.20
CA PRO JB 73 -29.10 -52.48 50.62
C PRO JB 73 -28.03 -51.45 50.96
N ALA JB 74 -28.14 -50.91 52.18
CA ALA JB 74 -27.21 -49.90 52.69
C ALA JB 74 -25.87 -50.50 53.06
N ASP JB 75 -25.80 -51.83 53.09
CA ASP JB 75 -24.56 -52.53 53.39
C ASP JB 75 -23.52 -52.38 52.29
N SER JB 76 -23.92 -51.92 51.10
CA SER JB 76 -22.96 -51.73 50.04
C SER JB 76 -21.95 -50.67 50.40
N LEU JB 77 -20.70 -50.93 50.04
CA LEU JB 77 -19.60 -50.03 50.32
C LEU JB 77 -19.71 -48.71 49.55
N VAL JB 78 -20.37 -48.78 48.40
CA VAL JB 78 -20.56 -47.62 47.55
C VAL JB 78 -22.02 -47.50 47.17
N SER JB 79 -22.40 -46.35 46.65
CA SER JB 79 -23.77 -46.14 46.24
C SER JB 79 -23.82 -45.33 44.98
N SER JB 80 -25.00 -45.22 44.40
CA SER JB 80 -25.18 -44.45 43.18
C SER JB 80 -26.50 -43.74 43.29
N PRO JB 81 -26.66 -42.63 42.60
CA PRO JB 81 -27.87 -41.82 42.52
C PRO JB 81 -29.06 -42.70 42.19
N ARG JB 82 -28.84 -43.64 41.28
CA ARG JB 82 -29.87 -44.56 40.87
C ARG JB 82 -30.35 -45.37 42.04
N ALA JB 83 -29.42 -45.98 42.77
CA ALA JB 83 -29.77 -46.80 43.90
C ALA JB 83 -30.43 -45.99 45.00
N GLU JB 84 -29.88 -44.83 45.30
CA GLU JB 84 -30.39 -44.02 46.39
C GLU JB 84 -31.80 -43.53 46.13
N LYS JB 85 -32.08 -43.11 44.90
CA LYS JB 85 -33.41 -42.63 44.59
C LYS JB 85 -34.40 -43.78 44.69
N ALA JB 86 -34.01 -44.97 44.25
CA ALA JB 86 -34.88 -46.14 44.35
C ALA JB 86 -35.18 -46.46 45.81
N ARG JB 87 -34.17 -46.41 46.66
CA ARG JB 87 -34.35 -46.69 48.08
C ARG JB 87 -35.38 -45.76 48.69
N LEU JB 88 -35.28 -44.48 48.37
CA LEU JB 88 -36.22 -43.52 48.90
C LEU JB 88 -37.64 -43.83 48.49
N TYR JB 89 -37.88 -44.07 47.20
CA TYR JB 89 -39.23 -44.36 46.74
C TYR JB 89 -39.81 -45.57 47.40
N SER JB 90 -38.98 -46.58 47.64
CA SER JB 90 -39.45 -47.79 48.30
C SER JB 90 -40.03 -47.46 49.65
N ALA JB 91 -39.28 -46.66 50.42
CA ALA JB 91 -39.73 -46.24 51.73
C ALA JB 91 -41.01 -45.47 51.67
N ILE JB 92 -41.12 -44.57 50.69
CA ILE JB 92 -42.31 -43.77 50.54
C ILE JB 92 -43.55 -44.62 50.28
N GLU JB 93 -43.45 -45.63 49.41
CA GLU JB 93 -44.61 -46.48 49.18
C GLU JB 93 -45.05 -47.14 50.46
N GLN JB 94 -44.08 -47.64 51.23
CA GLN JB 94 -44.40 -48.31 52.48
C GLN JB 94 -45.10 -47.37 53.45
N ARG JB 95 -44.62 -46.15 53.51
CA ARG JB 95 -45.16 -45.17 54.42
C ARG JB 95 -46.58 -44.78 54.03
N LEU JB 96 -46.84 -44.68 52.73
CA LEU JB 96 -48.19 -44.39 52.27
C LEU JB 96 -49.15 -45.53 52.59
N GLU JB 97 -48.68 -46.77 52.50
CA GLU JB 97 -49.53 -47.91 52.84
C GLU JB 97 -49.88 -47.87 54.32
N GLN JB 98 -48.90 -47.53 55.15
CA GLN JB 98 -49.12 -47.43 56.58
C GLN JB 98 -50.19 -46.40 56.88
N SER JB 99 -50.22 -45.31 56.12
CA SER JB 99 -51.22 -44.28 56.33
C SER JB 99 -52.62 -44.68 55.89
N LEU JB 100 -52.76 -45.26 54.69
CA LEU JB 100 -54.09 -45.60 54.21
C LEU JB 100 -54.79 -46.62 55.07
N GLN JB 101 -54.02 -47.52 55.67
CA GLN JB 101 -54.62 -48.55 56.50
C GLN JB 101 -55.15 -48.02 57.84
N THR JB 102 -54.96 -46.73 58.14
CA THR JB 102 -55.50 -46.16 59.35
C THR JB 102 -56.79 -45.41 59.08
N MET JB 103 -57.20 -45.30 57.80
CA MET JB 103 -58.44 -44.60 57.50
C MET JB 103 -59.63 -45.44 57.91
N GLU JB 104 -60.69 -44.75 58.32
CA GLU JB 104 -61.90 -45.40 58.77
C GLU JB 104 -62.49 -46.33 57.74
N GLY JB 105 -62.70 -47.57 58.13
CA GLY JB 105 -63.31 -48.56 57.27
C GLY JB 105 -62.30 -49.34 56.42
N VAL JB 106 -61.04 -48.93 56.42
CA VAL JB 106 -60.07 -49.65 55.60
C VAL JB 106 -59.45 -50.79 56.36
N LEU JB 107 -59.51 -51.97 55.77
CA LEU JB 107 -58.97 -53.17 56.36
C LEU JB 107 -57.59 -53.44 55.81
N SER JB 108 -57.40 -53.17 54.52
CA SER JB 108 -56.11 -53.39 53.88
C SER JB 108 -55.89 -52.48 52.68
N ALA JB 109 -54.66 -52.08 52.45
CA ALA JB 109 -54.40 -51.24 51.30
C ALA JB 109 -52.97 -51.36 50.80
N ARG JB 110 -52.81 -51.27 49.47
CA ARG JB 110 -51.49 -51.36 48.84
C ARG JB 110 -51.26 -50.16 47.94
N VAL JB 111 -50.03 -49.68 47.88
CA VAL JB 111 -49.71 -48.47 47.11
C VAL JB 111 -48.50 -48.61 46.21
N HIS JB 112 -48.63 -48.13 44.98
CA HIS JB 112 -47.53 -48.13 44.03
C HIS JB 112 -47.23 -46.74 43.53
N ILE JB 113 -45.95 -46.46 43.30
CA ILE JB 113 -45.56 -45.18 42.75
C ILE JB 113 -44.64 -45.43 41.59
N SER JB 114 -44.76 -44.65 40.53
CA SER JB 114 -43.89 -44.84 39.40
C SER JB 114 -42.46 -44.47 39.75
N TYR JB 115 -41.51 -45.01 39.00
CA TYR JB 115 -40.10 -44.75 39.25
C TYR JB 115 -39.45 -43.99 38.11
N ASP JB 116 -38.33 -43.38 38.42
CA ASP JB 116 -37.54 -42.61 37.47
C ASP JB 116 -36.11 -43.00 37.63
N ILE JB 117 -35.63 -43.77 36.68
CA ILE JB 117 -34.29 -44.31 36.76
C ILE JB 117 -33.26 -43.61 35.89
N ASP JB 118 -33.69 -42.88 34.88
CA ASP JB 118 -32.70 -42.22 34.06
C ASP JB 118 -33.13 -40.95 33.33
N ALA JB 119 -34.02 -40.14 33.92
CA ALA JB 119 -34.37 -38.86 33.28
C ALA JB 119 -33.14 -37.96 33.23
N GLY JB 120 -32.71 -37.46 34.39
CA GLY JB 120 -31.55 -36.58 34.51
C GLY JB 120 -30.31 -37.20 33.87
N GLU JB 121 -30.16 -38.51 34.01
CA GLU JB 121 -29.08 -39.27 33.40
C GLU JB 121 -28.93 -39.00 31.91
N ASN JB 122 -30.07 -38.83 31.23
CA ASN JB 122 -30.07 -38.60 29.80
C ASN JB 122 -30.20 -37.12 29.43
N GLY JB 123 -30.04 -36.23 30.42
CA GLY JB 123 -30.17 -34.80 30.16
C GLY JB 123 -31.63 -34.37 30.06
N ARG JB 124 -32.54 -35.24 30.51
CA ARG JB 124 -33.96 -34.95 30.42
C ARG JB 124 -34.55 -34.51 31.75
N PRO JB 125 -35.64 -33.75 31.71
CA PRO JB 125 -36.45 -33.34 32.82
C PRO JB 125 -37.20 -34.56 33.29
N PRO JB 126 -37.61 -34.61 34.56
CA PRO JB 126 -38.32 -35.68 35.22
C PRO JB 126 -39.74 -35.78 34.71
N LYS JB 127 -40.30 -36.97 34.80
CA LYS JB 127 -41.66 -37.20 34.34
C LYS JB 127 -42.64 -37.05 35.49
N PRO JB 128 -43.91 -36.83 35.20
CA PRO JB 128 -45.03 -36.73 36.11
C PRO JB 128 -45.12 -38.01 36.90
N VAL JB 129 -45.57 -37.92 38.14
CA VAL JB 129 -45.63 -39.09 38.97
C VAL JB 129 -46.96 -39.80 38.88
N HIS JB 130 -46.91 -41.11 38.72
CA HIS JB 130 -48.14 -41.88 38.64
C HIS JB 130 -48.33 -42.67 39.92
N LEU JB 131 -49.58 -42.76 40.37
CA LEU JB 131 -49.89 -43.50 41.58
C LEU JB 131 -51.01 -44.47 41.36
N SER JB 132 -50.96 -45.59 42.05
CA SER JB 132 -52.07 -46.51 41.99
C SER JB 132 -52.25 -47.17 43.32
N ALA JB 133 -53.45 -47.58 43.63
CA ALA JB 133 -53.66 -48.19 44.94
C ALA JB 133 -54.83 -49.14 44.97
N LEU JB 134 -54.71 -50.11 45.87
CA LEU JB 134 -55.75 -51.11 46.08
C LEU JB 134 -56.28 -50.98 47.49
N ALA JB 135 -57.57 -51.22 47.68
CA ALA JB 135 -58.09 -51.15 49.04
C ALA JB 135 -59.24 -52.09 49.31
N VAL JB 136 -59.29 -52.57 50.54
CA VAL JB 136 -60.32 -53.45 51.04
C VAL JB 136 -61.04 -52.80 52.19
N TYR JB 137 -62.36 -52.68 52.07
CA TYR JB 137 -63.18 -52.07 53.09
C TYR JB 137 -64.07 -53.01 53.87
N GLU JB 138 -64.49 -52.53 55.03
CA GLU JB 138 -65.44 -53.24 55.84
C GLU JB 138 -66.74 -53.39 55.07
N ARG JB 139 -67.24 -54.62 55.01
CA ARG JB 139 -68.44 -54.92 54.25
C ARG JB 139 -69.62 -54.03 54.65
N GLY JB 140 -70.27 -53.47 53.63
CA GLY JB 140 -71.42 -52.59 53.80
C GLY JB 140 -71.07 -51.11 53.67
N SER JB 141 -69.78 -50.81 53.61
CA SER JB 141 -69.27 -49.45 53.48
C SER JB 141 -69.55 -48.85 52.07
N PRO JB 142 -69.82 -47.55 51.96
CA PRO JB 142 -70.15 -46.78 50.74
C PRO JB 142 -68.93 -46.45 49.88
N LEU JB 143 -68.33 -47.50 49.32
CA LEU JB 143 -67.13 -47.45 48.48
C LEU JB 143 -67.11 -46.37 47.40
N ALA JB 144 -68.26 -46.14 46.77
CA ALA JB 144 -68.38 -45.18 45.69
C ALA JB 144 -68.07 -43.74 46.09
N HIS JB 145 -68.03 -43.46 47.39
CA HIS JB 145 -67.76 -42.11 47.83
C HIS JB 145 -66.42 -42.06 48.53
N GLN JB 146 -66.10 -43.15 49.22
CA GLN JB 146 -64.85 -43.26 49.97
C GLN JB 146 -63.63 -43.15 49.08
N ILE JB 147 -63.76 -43.66 47.87
CA ILE JB 147 -62.69 -43.56 46.87
C ILE JB 147 -62.19 -42.12 46.64
N SER JB 148 -63.01 -41.11 46.91
CA SER JB 148 -62.59 -39.74 46.69
C SER JB 148 -61.66 -39.23 47.78
N ASP JB 149 -61.73 -39.83 48.97
CA ASP JB 149 -60.82 -39.42 50.03
C ASP JB 149 -59.45 -39.90 49.73
N ILE JB 150 -59.37 -41.13 49.25
CA ILE JB 150 -58.09 -41.72 48.92
C ILE JB 150 -57.40 -40.92 47.87
N LYS JB 151 -58.15 -40.60 46.83
CA LYS JB 151 -57.61 -39.88 45.71
C LYS JB 151 -57.17 -38.46 46.08
N ARG JB 152 -57.95 -37.78 46.92
CA ARG JB 152 -57.57 -36.43 47.34
C ARG JB 152 -56.34 -36.44 48.22
N PHE JB 153 -56.30 -37.37 49.14
CA PHE JB 153 -55.18 -37.54 50.03
C PHE JB 153 -53.90 -37.76 49.28
N LEU JB 154 -53.92 -38.70 48.34
CA LEU JB 154 -52.74 -38.98 47.56
C LEU JB 154 -52.33 -37.82 46.67
N LYS JB 155 -53.30 -37.08 46.14
CA LYS JB 155 -52.98 -35.97 45.25
C LYS JB 155 -52.01 -34.97 45.87
N ASN JB 156 -52.25 -34.55 47.10
CA ASN JB 156 -51.30 -33.63 47.71
C ASN JB 156 -50.23 -34.31 48.56
N SER JB 157 -50.05 -35.61 48.39
CA SER JB 157 -49.03 -36.34 49.11
C SER JB 157 -47.77 -36.48 48.29
N PHE JB 158 -47.68 -35.80 47.15
CA PHE JB 158 -46.48 -35.94 46.37
C PHE JB 158 -46.30 -34.78 45.40
N ALA JB 159 -45.06 -34.36 45.26
CA ALA JB 159 -44.58 -33.22 44.47
C ALA JB 159 -45.40 -32.87 43.24
N ASP JB 160 -45.73 -33.83 42.38
CA ASP JB 160 -46.46 -33.47 41.18
C ASP JB 160 -47.27 -34.61 40.57
N VAL JB 161 -48.50 -34.72 41.04
CA VAL JB 161 -49.45 -35.69 40.52
C VAL JB 161 -50.73 -34.96 40.17
N ASP JB 162 -51.70 -35.67 39.63
CA ASP JB 162 -52.97 -35.07 39.30
C ASP JB 162 -54.08 -36.10 39.31
N TYR JB 163 -55.32 -35.67 39.18
CA TYR JB 163 -56.45 -36.59 39.28
C TYR JB 163 -56.61 -37.55 38.09
N ASP JB 164 -55.80 -37.40 37.05
CA ASP JB 164 -55.88 -38.31 35.93
C ASP JB 164 -54.77 -39.36 35.99
N ASN JB 165 -53.80 -39.15 36.87
CA ASN JB 165 -52.69 -40.07 36.97
C ASN JB 165 -52.67 -40.81 38.29
N ILE JB 166 -53.83 -40.84 38.95
CA ILE JB 166 -54.00 -41.58 40.20
C ILE JB 166 -55.13 -42.57 40.04
N SER JB 167 -54.84 -43.85 40.16
CA SER JB 167 -55.89 -44.84 40.00
C SER JB 167 -56.16 -45.65 41.25
N VAL JB 168 -57.43 -45.79 41.60
CA VAL JB 168 -57.79 -46.55 42.78
C VAL JB 168 -58.79 -47.64 42.45
N VAL JB 169 -58.42 -48.86 42.78
CA VAL JB 169 -59.28 -50.01 42.58
C VAL JB 169 -59.56 -50.62 43.93
N LEU JB 170 -60.82 -50.81 44.25
CA LEU JB 170 -61.15 -51.28 45.58
C LEU JB 170 -62.41 -52.12 45.67
N SER JB 171 -62.57 -52.75 46.83
CA SER JB 171 -63.74 -53.58 47.12
C SER JB 171 -63.91 -53.77 48.61
N GLU JB 172 -64.61 -54.82 49.01
CA GLU JB 172 -64.86 -55.07 50.41
C GLU JB 172 -64.72 -56.55 50.74
N ARG JB 173 -64.57 -56.84 52.01
CA ARG JB 173 -64.37 -58.22 52.46
C ARG JB 173 -65.57 -59.12 52.19
N SER JB 174 -65.29 -60.42 52.17
CA SER JB 174 -66.29 -61.47 51.98
C SER JB 174 -66.94 -61.88 53.30
N ASP JB 175 -67.89 -62.82 53.21
CA ASP JB 175 -68.61 -63.36 54.37
C ASP JB 175 -67.62 -64.09 55.28
N ALA JB 176 -67.42 -63.57 56.48
CA ALA JB 176 -66.45 -64.11 57.42
C ALA JB 176 -66.66 -65.57 57.76
N GLN JB 177 -65.58 -66.34 57.72
CA GLN JB 177 -65.67 -67.75 58.04
C GLN JB 177 -65.60 -67.93 59.54
N LEU JB 178 -66.76 -67.89 60.17
CA LEU JB 178 -66.85 -67.99 61.62
C LEU JB 178 -67.22 -69.38 62.12
N GLN JB 179 -67.25 -70.37 61.22
CA GLN JB 179 -67.66 -71.72 61.61
C GLN JB 179 -66.60 -72.76 61.30
N ALA JB 180 -66.42 -73.72 62.19
CA ALA JB 180 -65.45 -74.78 61.98
C ALA JB 180 -65.92 -75.73 60.87
N PRO JB 181 -65.02 -76.21 60.02
CA PRO JB 181 -65.21 -77.18 58.93
C PRO JB 181 -65.88 -78.48 59.37
N GLY JB 182 -65.44 -79.03 60.49
CA GLY JB 182 -66.00 -80.27 61.01
C GLY JB 182 -65.14 -81.45 60.63
N THR JB 183 -65.29 -82.54 61.37
CA THR JB 183 -64.51 -83.75 61.12
C THR JB 183 -65.21 -84.62 60.09
N PRO JB 184 -64.50 -85.61 59.53
CA PRO JB 184 -64.97 -86.61 58.60
C PRO JB 184 -65.88 -87.60 59.30
N VAL JB 185 -66.76 -88.21 58.55
CA VAL JB 185 -67.69 -89.18 59.12
C VAL JB 185 -67.10 -90.57 59.15
N LYS JB 186 -66.84 -91.06 60.35
CA LYS JB 186 -66.30 -92.40 60.56
C LYS JB 186 -66.18 -92.70 62.06
N ALA KB 42 -76.79 -90.49 60.06
CA ALA KB 42 -76.05 -89.32 59.58
C ALA KB 42 -76.96 -88.38 58.83
N GLU KB 43 -77.91 -87.78 59.54
CA GLU KB 43 -78.82 -86.85 58.90
C GLU KB 43 -78.06 -85.72 58.24
N LEU KB 44 -78.34 -85.51 56.96
CA LEU KB 44 -77.66 -84.50 56.16
C LEU KB 44 -77.65 -83.12 56.80
N ASP KB 45 -78.73 -82.74 57.46
CA ASP KB 45 -78.80 -81.46 58.12
C ASP KB 45 -77.70 -81.29 59.17
N SER KB 46 -77.33 -82.38 59.83
CA SER KB 46 -76.30 -82.32 60.84
C SER KB 46 -74.92 -82.44 60.21
N LEU KB 47 -74.86 -83.03 59.01
CA LEU KB 47 -73.60 -83.15 58.29
C LEU KB 47 -73.15 -81.78 57.76
N LEU KB 48 -74.10 -80.96 57.34
CA LEU KB 48 -73.82 -79.61 56.86
C LEU KB 48 -73.50 -78.69 58.03
N GLY KB 49 -72.81 -77.58 57.73
CA GLY KB 49 -72.34 -76.57 58.71
C GLY KB 49 -73.28 -76.20 59.87
N GLN KB 50 -72.71 -75.53 60.88
CA GLN KB 50 -73.42 -75.10 62.08
C GLN KB 50 -74.60 -74.21 61.77
N GLU KB 51 -74.41 -73.27 60.85
CA GLU KB 51 -75.51 -72.42 60.45
C GLU KB 51 -76.28 -73.11 59.36
N LYS KB 52 -77.13 -74.04 59.79
CA LYS KB 52 -77.94 -74.85 58.88
C LYS KB 52 -78.85 -74.05 57.96
N GLU KB 53 -79.09 -72.79 58.30
CA GLU KB 53 -79.96 -71.94 57.52
C GLU KB 53 -79.31 -71.44 56.24
N ARG KB 54 -78.06 -71.81 56.00
CA ARG KB 54 -77.38 -71.45 54.76
C ARG KB 54 -77.76 -72.39 53.64
N PHE KB 55 -78.38 -73.53 53.97
CA PHE KB 55 -78.71 -74.51 52.95
C PHE KB 55 -80.17 -74.91 52.98
N GLN KB 56 -80.72 -75.20 51.82
CA GLN KB 56 -82.07 -75.71 51.79
C GLN KB 56 -82.08 -77.12 51.24
N VAL KB 57 -82.27 -78.09 52.11
CA VAL KB 57 -82.30 -79.46 51.67
C VAL KB 57 -83.64 -79.79 51.04
N LEU KB 58 -83.60 -80.38 49.86
CA LEU KB 58 -84.78 -80.69 49.09
C LEU KB 58 -84.90 -82.19 48.83
N PRO KB 59 -86.11 -82.73 48.82
CA PRO KB 59 -86.30 -84.17 48.60
C PRO KB 59 -86.85 -84.45 47.22
N GLY KB 60 -85.95 -84.75 46.28
CA GLY KB 60 -86.36 -84.98 44.89
C GLY KB 60 -87.15 -86.27 44.71
N ARG KB 61 -88.05 -86.27 43.74
CA ARG KB 61 -88.89 -87.43 43.45
C ARG KB 61 -88.10 -88.60 42.86
N ASP KB 62 -86.87 -88.31 42.42
CA ASP KB 62 -85.95 -89.30 41.90
C ASP KB 62 -85.13 -90.00 42.99
N LYS KB 63 -85.50 -89.82 44.26
CA LYS KB 63 -84.83 -90.41 45.42
C LYS KB 63 -83.47 -89.80 45.69
N MET KB 64 -83.21 -88.63 45.12
CA MET KB 64 -81.97 -87.93 45.36
C MET KB 64 -82.23 -86.75 46.28
N LEU KB 65 -81.43 -86.66 47.32
CA LEU KB 65 -81.60 -85.60 48.28
C LEU KB 65 -80.73 -84.43 47.81
N TYR KB 66 -81.36 -83.30 47.54
CA TYR KB 66 -80.66 -82.17 46.98
C TYR KB 66 -80.29 -81.12 48.00
N VAL KB 67 -79.17 -80.45 47.77
CA VAL KB 67 -78.74 -79.38 48.66
C VAL KB 67 -78.69 -78.06 47.94
N ALA KB 68 -79.66 -77.19 48.16
CA ALA KB 68 -79.65 -75.93 47.47
C ALA KB 68 -78.77 -74.93 48.18
N ALA KB 69 -77.78 -74.42 47.45
CA ALA KB 69 -76.86 -73.42 47.96
C ALA KB 69 -77.03 -72.11 47.22
N GLN KB 70 -76.84 -71.02 47.93
CA GLN KB 70 -77.02 -69.69 47.36
C GLN KB 70 -75.72 -69.05 46.88
N ASN KB 71 -74.60 -69.70 47.11
CA ASN KB 71 -73.31 -69.15 46.74
C ASN KB 71 -72.31 -70.23 46.47
N GLU KB 72 -71.43 -70.02 45.49
CA GLU KB 72 -70.42 -71.00 45.13
C GLU KB 72 -69.50 -71.43 46.28
N ARG KB 73 -69.39 -70.61 47.33
CA ARG KB 73 -68.60 -71.01 48.48
C ARG KB 73 -69.34 -72.05 49.28
N ASP KB 74 -70.66 -71.98 49.26
CA ASP KB 74 -71.49 -72.89 49.99
C ASP KB 74 -71.68 -74.13 49.15
N THR KB 75 -71.65 -73.93 47.82
CA THR KB 75 -71.73 -75.04 46.90
C THR KB 75 -70.55 -75.96 47.15
N LEU KB 76 -69.36 -75.38 47.20
CA LEU KB 76 -68.17 -76.16 47.47
C LEU KB 76 -68.20 -76.77 48.84
N TRP KB 77 -68.66 -76.02 49.84
CA TRP KB 77 -68.77 -76.52 51.20
C TRP KB 77 -69.52 -77.84 51.22
N ALA KB 78 -70.72 -77.83 50.66
CA ALA KB 78 -71.58 -79.01 50.61
C ALA KB 78 -70.96 -80.14 49.81
N ARG KB 79 -70.28 -79.82 48.71
CA ARG KB 79 -69.65 -80.86 47.91
C ARG KB 79 -68.54 -81.54 48.71
N GLN KB 80 -67.81 -80.76 49.50
CA GLN KB 80 -66.77 -81.33 50.32
C GLN KB 80 -67.37 -82.22 51.37
N VAL KB 81 -68.53 -81.84 51.91
CA VAL KB 81 -69.22 -82.70 52.88
C VAL KB 81 -69.55 -84.05 52.28
N LEU KB 82 -70.10 -84.04 51.07
CA LEU KB 82 -70.46 -85.29 50.42
C LEU KB 82 -69.25 -86.17 50.13
N ALA KB 83 -68.12 -85.57 49.76
CA ALA KB 83 -66.91 -86.32 49.47
C ALA KB 83 -66.15 -86.74 50.73
N ARG KB 84 -66.17 -85.89 51.76
CA ARG KB 84 -65.47 -86.13 53.01
C ARG KB 84 -66.18 -87.09 53.92
N GLY KB 85 -67.43 -86.78 54.21
CA GLY KB 85 -68.24 -87.59 55.09
C GLY KB 85 -69.01 -88.61 54.29
N ASP KB 86 -70.16 -88.98 54.78
CA ASP KB 86 -70.92 -89.97 54.06
C ASP KB 86 -72.40 -89.85 54.37
N TYR KB 87 -73.17 -90.37 53.45
CA TYR KB 87 -74.61 -90.40 53.55
C TYR KB 87 -75.10 -91.45 52.57
N ASP KB 88 -75.65 -92.53 53.09
CA ASP KB 88 -76.10 -93.64 52.24
C ASP KB 88 -77.39 -93.32 51.48
N LYS KB 89 -77.26 -92.49 50.45
CA LYS KB 89 -78.38 -92.09 49.62
C LYS KB 89 -77.93 -91.14 48.53
N ASN KB 90 -78.55 -91.24 47.38
CA ASN KB 90 -78.25 -90.34 46.29
C ASN KB 90 -78.34 -88.91 46.78
N ALA KB 91 -77.39 -88.08 46.37
CA ALA KB 91 -77.40 -86.70 46.78
C ALA KB 91 -76.72 -85.82 45.74
N ARG KB 92 -77.13 -84.56 45.67
CA ARG KB 92 -76.56 -83.65 44.68
C ARG KB 92 -76.77 -82.19 45.04
N VAL KB 93 -75.69 -81.43 45.00
CA VAL KB 93 -75.73 -80.02 45.34
C VAL KB 93 -76.24 -79.16 44.19
N ILE KB 94 -77.19 -78.30 44.50
CA ILE KB 94 -77.82 -77.38 43.56
C ILE KB 94 -77.24 -75.97 43.62
N ASN KB 95 -76.96 -75.43 42.45
CA ASN KB 95 -76.45 -74.08 42.29
C ASN KB 95 -77.23 -73.35 41.23
N GLU KB 96 -77.93 -72.29 41.65
CA GLU KB 96 -78.79 -71.49 40.78
C GLU KB 96 -78.26 -71.23 39.38
N ASN KB 97 -77.02 -70.78 39.27
CA ASN KB 97 -76.45 -70.50 37.97
C ASN KB 97 -76.12 -71.76 37.20
N GLU KB 98 -75.64 -72.78 37.91
CA GLU KB 98 -75.29 -74.01 37.24
C GLU KB 98 -76.53 -74.70 36.69
N GLU KB 99 -77.63 -74.60 37.42
CA GLU KB 99 -78.87 -75.20 36.98
C GLU KB 99 -79.48 -74.42 35.86
N ASN KB 100 -79.35 -73.10 35.92
CA ASN KB 100 -79.87 -72.28 34.84
C ASN KB 100 -79.17 -72.68 33.55
N LYS KB 101 -77.85 -72.88 33.63
CA LYS KB 101 -77.07 -73.30 32.47
C LYS KB 101 -77.43 -74.70 31.99
N ARG KB 102 -77.52 -75.67 32.91
CA ARG KB 102 -77.85 -77.03 32.55
C ARG KB 102 -79.13 -77.09 31.74
N ILE KB 103 -80.13 -76.38 32.22
CA ILE KB 103 -81.40 -76.33 31.54
C ILE KB 103 -81.29 -75.68 30.19
N SER KB 104 -80.59 -74.54 30.11
CA SER KB 104 -80.47 -73.86 28.83
C SER KB 104 -79.83 -74.71 27.75
N ILE KB 105 -78.95 -75.62 28.14
CA ILE KB 105 -78.32 -76.51 27.17
C ILE KB 105 -79.34 -77.44 26.55
N TRP KB 106 -80.07 -78.14 27.41
CA TRP KB 106 -81.09 -79.07 26.96
C TRP KB 106 -82.14 -78.36 26.15
N LEU KB 107 -82.54 -77.21 26.67
CA LEU KB 107 -83.58 -76.41 26.09
C LEU KB 107 -83.22 -75.96 24.69
N ASP KB 108 -81.98 -75.53 24.47
CA ASP KB 108 -81.58 -75.14 23.12
C ASP KB 108 -81.67 -76.30 22.12
N THR KB 109 -81.28 -77.50 22.55
CA THR KB 109 -81.35 -78.67 21.67
C THR KB 109 -82.76 -79.08 21.27
N TYR KB 110 -83.66 -79.14 22.25
CA TYR KB 110 -85.01 -79.59 21.98
C TYR KB 110 -85.95 -78.48 21.57
N TYR KB 111 -85.71 -77.27 22.06
CA TYR KB 111 -86.49 -76.11 21.66
C TYR KB 111 -85.60 -74.98 21.13
N PRO KB 112 -84.95 -75.17 19.98
CA PRO KB 112 -84.08 -74.23 19.34
C PRO KB 112 -84.94 -73.07 18.91
N GLN KB 113 -84.32 -71.89 18.90
CA GLN KB 113 -84.98 -70.63 18.59
C GLN KB 113 -85.96 -70.14 19.67
N LEU KB 114 -86.10 -70.86 20.79
CA LEU KB 114 -86.98 -70.38 21.85
C LEU KB 114 -86.41 -69.10 22.45
N ALA KB 115 -87.23 -68.05 22.50
CA ALA KB 115 -86.75 -66.79 23.06
C ALA KB 115 -87.09 -66.70 24.54
N TYR KB 116 -86.09 -66.70 25.39
CA TYR KB 116 -86.34 -66.64 26.83
C TYR KB 116 -85.25 -65.89 27.55
N TYR KB 117 -85.48 -65.60 28.83
CA TYR KB 117 -84.57 -64.81 29.63
C TYR KB 117 -83.81 -65.60 30.68
N ARG KB 118 -84.44 -65.86 31.81
CA ARG KB 118 -83.74 -66.54 32.88
C ARG KB 118 -84.69 -67.21 33.84
N ILE KB 119 -84.27 -68.34 34.40
CA ILE KB 119 -85.10 -69.03 35.38
C ILE KB 119 -84.80 -68.53 36.76
N HIS KB 120 -85.84 -68.11 37.47
CA HIS KB 120 -85.73 -67.61 38.81
C HIS KB 120 -86.09 -68.71 39.76
N PHE KB 121 -85.09 -69.27 40.42
CA PHE KB 121 -85.34 -70.41 41.26
C PHE KB 121 -85.98 -70.05 42.58
N ASP KB 122 -85.53 -68.94 43.21
CA ASP KB 122 -86.08 -68.43 44.48
C ASP KB 122 -86.66 -69.49 45.39
N GLU KB 123 -87.94 -69.84 45.18
CA GLU KB 123 -88.59 -70.89 45.94
C GLU KB 123 -88.52 -72.21 45.19
N PRO KB 124 -87.42 -72.98 45.38
CA PRO KB 124 -87.12 -74.27 44.71
C PRO KB 124 -88.32 -74.99 44.09
N ARG KB 125 -89.35 -75.20 44.89
CA ARG KB 125 -90.57 -75.90 44.51
C ARG KB 125 -91.25 -75.40 43.24
N LYS KB 126 -91.27 -74.08 43.07
CA LYS KB 126 -91.93 -73.47 41.94
C LYS KB 126 -91.11 -72.34 41.33
N PRO KB 127 -90.09 -72.67 40.54
CA PRO KB 127 -89.22 -71.74 39.84
C PRO KB 127 -90.01 -71.05 38.75
N VAL KB 128 -89.61 -69.83 38.43
CA VAL KB 128 -90.30 -69.05 37.44
C VAL KB 128 -89.48 -68.93 36.17
N PHE KB 129 -90.10 -69.19 35.06
CA PHE KB 129 -89.42 -69.16 33.79
C PHE KB 129 -89.79 -67.93 32.98
N TRP KB 130 -88.88 -66.98 32.83
CA TRP KB 130 -89.22 -65.81 32.02
C TRP KB 130 -89.06 -66.13 30.54
N LEU KB 131 -90.13 -65.87 29.79
CA LEU KB 131 -90.25 -66.17 28.37
C LEU KB 131 -90.56 -64.90 27.58
N SER KB 132 -89.92 -64.69 26.43
CA SER KB 132 -90.21 -63.47 25.67
C SER KB 132 -91.63 -63.43 25.14
N ARG KB 133 -92.43 -62.53 25.70
CA ARG KB 133 -93.83 -62.36 25.31
C ARG KB 133 -93.99 -62.02 23.85
N GLN KB 134 -93.17 -61.12 23.36
CA GLN KB 134 -93.28 -60.63 22.01
C GLN KB 134 -92.67 -61.53 20.95
N ARG KB 135 -91.56 -62.19 21.24
CA ARG KB 135 -90.93 -63.02 20.23
C ARG KB 135 -91.51 -64.43 20.10
N ASN KB 136 -92.12 -64.96 21.15
CA ASN KB 136 -92.66 -66.31 21.04
C ASN KB 136 -94.13 -66.30 20.66
N THR KB 137 -94.49 -67.24 19.80
CA THR KB 137 -95.86 -67.38 19.32
C THR KB 137 -96.44 -68.75 19.64
N MET KB 138 -95.92 -69.38 20.69
CA MET KB 138 -96.38 -70.70 21.09
C MET KB 138 -97.80 -70.67 21.62
N SER KB 139 -98.55 -71.73 21.37
CA SER KB 139 -99.93 -71.81 21.84
C SER KB 139 -99.93 -72.20 23.30
N LYS KB 140 -101.06 -72.00 23.95
CA LYS KB 140 -101.20 -72.37 25.36
C LYS KB 140 -100.88 -73.83 25.61
N LYS KB 141 -101.33 -74.69 24.69
CA LYS KB 141 -101.10 -76.11 24.81
C LYS KB 141 -99.62 -76.42 24.67
N GLU KB 142 -98.96 -75.75 23.75
CA GLU KB 142 -97.54 -75.94 23.56
C GLU KB 142 -96.76 -75.51 24.79
N LEU KB 143 -97.20 -74.42 25.42
CA LEU KB 143 -96.56 -73.95 26.63
C LEU KB 143 -96.76 -74.93 27.77
N GLU KB 144 -97.92 -75.59 27.81
CA GLU KB 144 -98.15 -76.63 28.81
C GLU KB 144 -97.08 -77.69 28.69
N VAL KB 145 -96.89 -78.18 27.46
CA VAL KB 145 -95.92 -79.21 27.19
C VAL KB 145 -94.52 -78.78 27.58
N LEU KB 146 -94.17 -77.54 27.23
CA LEU KB 146 -92.89 -76.98 27.58
C LEU KB 146 -92.64 -77.05 29.07
N SER KB 147 -93.63 -76.60 29.86
CA SER KB 147 -93.45 -76.63 31.31
C SER KB 147 -93.29 -78.03 31.83
N GLN KB 148 -93.95 -78.99 31.18
CA GLN KB 148 -93.83 -80.37 31.59
C GLN KB 148 -92.44 -80.91 31.34
N LYS KB 149 -91.82 -80.49 30.25
CA LYS KB 149 -90.47 -80.92 29.97
C LYS KB 149 -89.52 -80.31 30.97
N LEU KB 150 -89.78 -79.07 31.37
CA LEU KB 150 -88.96 -78.42 32.35
C LEU KB 150 -89.10 -79.12 33.70
N ARG KB 151 -90.30 -79.59 34.02
CA ARG KB 151 -90.51 -80.33 35.26
C ARG KB 151 -89.66 -81.58 35.25
N ALA KB 152 -89.59 -82.24 34.10
CA ALA KB 152 -88.77 -83.44 33.96
C ALA KB 152 -87.30 -83.11 34.22
N LEU KB 153 -86.85 -81.95 33.76
CA LEU KB 153 -85.47 -81.52 33.98
C LEU KB 153 -85.15 -81.20 35.43
N MET KB 154 -86.16 -80.84 36.22
CA MET KB 154 -85.99 -80.50 37.63
C MET KB 154 -86.72 -81.44 38.60
N PRO KB 155 -86.08 -82.56 39.00
CA PRO KB 155 -86.53 -83.64 39.90
C PRO KB 155 -87.14 -83.16 41.20
N TYR KB 156 -86.71 -82.00 41.68
CA TYR KB 156 -87.22 -81.47 42.93
C TYR KB 156 -88.44 -80.59 42.75
N ALA KB 157 -88.40 -79.74 41.72
CA ALA KB 157 -89.48 -78.80 41.46
C ALA KB 157 -90.78 -79.55 41.29
N ASP KB 158 -91.84 -78.99 41.83
CA ASP KB 158 -93.15 -79.61 41.72
C ASP KB 158 -93.83 -79.14 40.47
N SER KB 159 -93.64 -77.87 40.13
CA SER KB 159 -94.22 -77.33 38.91
C SER KB 159 -93.39 -76.17 38.43
N VAL KB 160 -93.62 -75.74 37.19
CA VAL KB 160 -92.87 -74.63 36.63
C VAL KB 160 -93.80 -73.51 36.23
N ASN KB 161 -93.51 -72.31 36.70
CA ASN KB 161 -94.35 -71.18 36.37
C ASN KB 161 -93.80 -70.41 35.20
N ILE KB 162 -94.22 -70.77 34.00
CA ILE KB 162 -93.79 -70.03 32.82
C ILE KB 162 -94.60 -68.76 32.69
N THR KB 163 -93.92 -67.65 32.52
CA THR KB 163 -94.59 -66.37 32.37
C THR KB 163 -93.93 -65.56 31.29
N LEU KB 164 -94.73 -64.75 30.62
CA LEU KB 164 -94.25 -63.99 29.50
C LEU KB 164 -93.89 -62.56 29.89
N MET KB 165 -92.69 -62.14 29.51
CA MET KB 165 -92.18 -60.81 29.83
C MET KB 165 -92.10 -59.93 28.59
N ASP KB 166 -92.31 -58.64 28.77
CA ASP KB 166 -92.26 -57.72 27.63
C ASP KB 166 -90.85 -57.19 27.38
N ASP KB 167 -90.31 -57.58 26.22
CA ASP KB 167 -88.96 -57.20 25.78
C ASP KB 167 -88.65 -55.71 25.93
N VAL KB 168 -89.67 -54.88 25.73
CA VAL KB 168 -89.51 -53.44 25.82
C VAL KB 168 -89.14 -53.00 27.22
N THR KB 169 -89.74 -53.64 28.23
CA THR KB 169 -89.48 -53.23 29.59
C THR KB 169 -88.10 -53.68 30.02
N ALA KB 170 -87.63 -54.79 29.45
CA ALA KB 170 -86.28 -55.24 29.75
C ALA KB 170 -85.29 -54.22 29.26
N ALA KB 171 -85.44 -53.79 28.02
CA ALA KB 171 -84.55 -52.81 27.43
C ALA KB 171 -84.67 -51.47 28.13
N GLY KB 172 -85.90 -51.08 28.47
CA GLY KB 172 -86.15 -49.82 29.12
C GLY KB 172 -85.40 -49.71 30.43
N GLN KB 173 -85.45 -50.76 31.25
CA GLN KB 173 -84.75 -50.75 32.52
C GLN KB 173 -83.25 -50.69 32.33
N ALA KB 174 -82.74 -51.44 31.35
CA ALA KB 174 -81.32 -51.44 31.08
C ALA KB 174 -80.80 -50.04 30.80
N GLU KB 175 -81.47 -49.34 29.91
CA GLU KB 175 -81.01 -48.01 29.55
C GLU KB 175 -81.27 -47.00 30.65
N ALA KB 176 -82.44 -47.07 31.29
CA ALA KB 176 -82.79 -46.12 32.32
C ALA KB 176 -81.77 -46.09 33.45
N GLY KB 177 -81.42 -47.27 33.96
CA GLY KB 177 -80.46 -47.32 35.05
C GLY KB 177 -79.09 -46.86 34.59
N LEU KB 178 -78.71 -47.25 33.38
CA LEU KB 178 -77.43 -46.90 32.79
C LEU KB 178 -77.26 -45.38 32.74
N LYS KB 179 -78.27 -44.67 32.25
CA LYS KB 179 -78.17 -43.23 32.18
C LYS KB 179 -78.39 -42.56 33.54
N GLN KB 180 -79.10 -43.23 34.46
CA GLN KB 180 -79.24 -42.70 35.82
C GLN KB 180 -77.90 -42.56 36.49
N GLN KB 181 -77.02 -43.54 36.24
CA GLN KB 181 -75.66 -43.54 36.76
C GLN KB 181 -74.75 -42.51 36.09
N ALA KB 182 -75.27 -41.73 35.13
CA ALA KB 182 -74.55 -40.70 34.39
C ALA KB 182 -73.44 -41.29 33.55
N LEU KB 183 -73.65 -42.50 33.05
CA LEU KB 183 -72.64 -43.14 32.23
C LEU KB 183 -72.86 -42.82 30.77
N PRO KB 184 -71.79 -42.66 30.00
CA PRO KB 184 -71.76 -42.45 28.56
C PRO KB 184 -72.00 -43.79 27.90
N TYR KB 185 -72.75 -43.81 26.82
CA TYR KB 185 -72.98 -45.07 26.13
C TYR KB 185 -73.60 -44.85 24.78
N SER KB 186 -73.64 -45.90 23.99
CA SER KB 186 -74.31 -45.83 22.71
C SER KB 186 -75.09 -47.13 22.50
N ARG KB 187 -76.39 -46.98 22.33
CA ARG KB 187 -77.29 -48.11 22.19
C ARG KB 187 -77.25 -48.72 20.78
N ARG KB 188 -77.35 -50.04 20.73
CA ARG KB 188 -77.34 -50.78 19.47
C ARG KB 188 -78.52 -51.70 19.33
N ASN KB 189 -79.61 -51.19 18.78
CA ASN KB 189 -80.77 -52.04 18.58
C ASN KB 189 -80.56 -52.91 17.37
N HIS KB 190 -80.90 -54.19 17.48
CA HIS KB 190 -80.82 -55.07 16.34
C HIS KB 190 -81.86 -56.14 16.45
N LYS KB 191 -82.13 -56.85 15.38
CA LYS KB 191 -83.14 -57.87 15.48
C LYS KB 191 -82.70 -58.92 16.46
N GLY KB 192 -83.53 -59.18 17.45
CA GLY KB 192 -83.24 -60.19 18.45
C GLY KB 192 -82.54 -59.69 19.71
N GLY KB 193 -82.16 -58.41 19.79
CA GLY KB 193 -81.49 -57.96 21.01
C GLY KB 193 -81.02 -56.52 20.98
N VAL KB 194 -80.29 -56.14 22.02
CA VAL KB 194 -79.76 -54.79 22.09
C VAL KB 194 -78.44 -54.76 22.85
N THR KB 195 -77.48 -54.01 22.33
CA THR KB 195 -76.18 -53.90 22.97
C THR KB 195 -75.85 -52.47 23.38
N PHE KB 196 -75.33 -52.31 24.59
CA PHE KB 196 -74.97 -51.00 25.11
C PHE KB 196 -73.47 -50.83 25.17
N VAL KB 197 -72.96 -50.04 24.24
CA VAL KB 197 -71.54 -49.83 24.11
C VAL KB 197 -71.02 -48.67 24.94
N ILE KB 198 -70.02 -48.95 25.76
CA ILE KB 198 -69.41 -47.93 26.61
C ILE KB 198 -67.93 -47.80 26.29
N GLN KB 199 -67.55 -46.76 25.56
CA GLN KB 199 -66.15 -46.58 25.18
C GLN KB 199 -65.54 -45.30 25.70
N GLY KB 200 -64.23 -45.18 25.53
CA GLY KB 200 -63.47 -44.01 25.93
C GLY KB 200 -62.75 -44.24 27.24
N ALA KB 201 -61.97 -43.26 27.65
CA ALA KB 201 -61.29 -43.35 28.92
C ALA KB 201 -62.31 -43.17 30.02
N LEU KB 202 -62.17 -43.92 31.10
CA LEU KB 202 -63.14 -43.83 32.16
C LEU KB 202 -62.53 -43.50 33.52
N ASP KB 203 -63.25 -42.69 34.27
CA ASP KB 203 -62.87 -42.32 35.63
C ASP KB 203 -63.09 -43.50 36.54
N ASP KB 204 -62.18 -43.76 37.45
CA ASP KB 204 -62.32 -44.89 38.37
C ASP KB 204 -63.68 -44.95 39.07
N VAL KB 205 -64.29 -43.78 39.31
CA VAL KB 205 -65.56 -43.73 39.99
C VAL KB 205 -66.66 -44.26 39.08
N GLU KB 206 -66.70 -43.78 37.84
CA GLU KB 206 -67.72 -44.26 36.92
C GLU KB 206 -67.49 -45.69 36.51
N ILE KB 207 -66.25 -46.17 36.60
CA ILE KB 207 -66.00 -47.57 36.31
C ILE KB 207 -66.68 -48.44 37.35
N LEU KB 208 -66.51 -48.08 38.62
CA LEU KB 208 -67.14 -48.82 39.70
C LEU KB 208 -68.65 -48.83 39.53
N ARG KB 209 -69.23 -47.65 39.31
CA ARG KB 209 -70.66 -47.54 39.14
C ARG KB 209 -71.18 -48.38 38.00
N ALA KB 210 -70.46 -48.37 36.88
CA ALA KB 210 -70.86 -49.12 35.71
C ALA KB 210 -70.95 -50.59 36.01
N ARG KB 211 -69.92 -51.14 36.63
CA ARG KB 211 -69.95 -52.57 36.92
C ARG KB 211 -71.06 -52.95 37.87
N GLN KB 212 -71.27 -52.15 38.91
CA GLN KB 212 -72.32 -52.46 39.87
C GLN KB 212 -73.67 -52.58 39.18
N PHE KB 213 -73.96 -51.62 38.31
CA PHE KB 213 -75.19 -51.65 37.57
C PHE KB 213 -75.34 -52.86 36.69
N VAL KB 214 -74.30 -53.14 35.91
CA VAL KB 214 -74.32 -54.26 34.98
C VAL KB 214 -74.53 -55.59 35.68
N ASP KB 215 -73.80 -55.80 36.78
CA ASP KB 215 -73.95 -57.04 37.51
C ASP KB 215 -75.37 -57.25 37.99
N SER KB 216 -75.99 -56.19 38.49
CA SER KB 216 -77.36 -56.31 38.97
C SER KB 216 -78.35 -56.60 37.86
N TYR KB 217 -78.18 -55.94 36.72
CA TYR KB 217 -79.08 -56.16 35.59
C TYR KB 217 -78.99 -57.61 35.14
N TYR KB 218 -77.76 -58.09 35.02
CA TYR KB 218 -77.51 -59.45 34.64
C TYR KB 218 -78.17 -60.42 35.59
N ARG KB 219 -77.93 -60.23 36.89
CA ARG KB 219 -78.51 -61.09 37.91
C ARG KB 219 -80.02 -61.22 37.76
N THR KB 220 -80.70 -60.12 37.46
CA THR KB 220 -82.15 -60.15 37.31
C THR KB 220 -82.60 -60.72 35.97
N TRP KB 221 -82.30 -60.01 34.90
CA TRP KB 221 -82.79 -60.39 33.58
C TRP KB 221 -81.95 -61.42 32.85
N GLY KB 222 -80.65 -61.41 33.09
CA GLY KB 222 -79.76 -62.32 32.37
C GLY KB 222 -79.22 -61.62 31.14
N GLY KB 223 -78.24 -62.23 30.47
CA GLY KB 223 -77.61 -61.61 29.32
C GLY KB 223 -78.03 -62.18 27.96
N ARG KB 224 -79.28 -62.63 27.82
CA ARG KB 224 -79.70 -63.18 26.55
C ARG KB 224 -80.35 -62.17 25.61
N TYR KB 225 -80.74 -61.02 26.14
CA TYR KB 225 -81.37 -60.00 25.31
C TYR KB 225 -80.55 -58.73 25.33
N VAL KB 226 -80.19 -58.29 26.54
CA VAL KB 226 -79.37 -57.11 26.71
C VAL KB 226 -77.93 -57.48 26.94
N GLN KB 227 -77.07 -56.94 26.10
CA GLN KB 227 -75.64 -57.18 26.20
C GLN KB 227 -74.91 -55.89 26.47
N PHE KB 228 -74.09 -55.86 27.50
CA PHE KB 228 -73.33 -54.65 27.79
C PHE KB 228 -71.91 -54.83 27.28
N ALA KB 229 -71.28 -53.72 26.90
CA ALA KB 229 -69.94 -53.78 26.33
C ALA KB 229 -69.04 -52.68 26.83
N ILE KB 230 -68.42 -52.90 27.99
CA ILE KB 230 -67.52 -51.91 28.55
C ILE KB 230 -66.15 -52.04 27.93
N GLU KB 231 -65.67 -50.97 27.31
CA GLU KB 231 -64.38 -50.97 26.65
C GLU KB 231 -63.53 -49.77 27.06
N LEU KB 232 -62.60 -50.01 27.96
CA LEU KB 232 -61.71 -48.99 28.47
C LEU KB 232 -60.64 -48.66 27.42
N LYS KB 233 -60.74 -47.49 26.81
CA LYS KB 233 -59.82 -47.12 25.73
C LYS KB 233 -59.26 -45.71 25.85
N ASP KB 234 -58.13 -45.46 25.20
CA ASP KB 234 -57.51 -44.15 25.19
C ASP KB 234 -58.18 -43.21 24.21
N ASP KB 235 -58.20 -41.94 24.55
CA ASP KB 235 -58.80 -40.90 23.71
C ASP KB 235 -57.72 -39.94 23.19
#